data_2JU4
#
_entry.id   2JU4
#
loop_
_entity.id
_entity.type
_entity.pdbx_description
1 polymer "Retinal rod rhodopsin-sensitive cGMP 3',5'-cyclic phosphodiesterase subunit gamma"
2 non-polymer "(3'R)-1'-oxyl-2',2',5',5'-tetramethyl-1,3'-bipyrrolidine-2,5-dione"
#
_entity_poly.entity_id   1
_entity_poly.type   'polypeptide(L)'
_entity_poly.pdbx_seq_one_letter_code
;MNLEPPKAECRSATRVMGGPCTPRKGPPKCKQRQTRQCKSKPPKKGVQGCGDDIPGMEGCGTDITVICPWEACNHCELHE
LAQYGIC
;
_entity_poly.pdbx_strand_id   A
#
loop_
_chem_comp.id
_chem_comp.type
_chem_comp.name
_chem_comp.formula
RCY non-polymer (3'R)-1'-oxyl-2',2',5',5'-tetramethyl-1,3'-bipyrrolidine-2,5-dione 'C12 H19 N2 O3'
#
# COMPACT_ATOMS: atom_id res chain seq x y z
N MET A 1 20.40 24.88 -10.75
CA MET A 1 20.96 23.87 -9.82
C MET A 1 19.85 22.91 -9.37
N ASN A 2 19.87 21.70 -9.86
CA ASN A 2 18.83 20.71 -9.47
C ASN A 2 17.45 21.39 -9.40
N LEU A 3 16.51 20.77 -8.73
CA LEU A 3 15.16 21.38 -8.63
C LEU A 3 15.16 22.42 -7.50
N GLU A 4 14.16 23.26 -7.45
CA GLU A 4 14.10 24.29 -6.37
C GLU A 4 13.91 23.58 -5.02
N PRO A 5 14.40 24.19 -3.96
CA PRO A 5 14.29 23.61 -2.60
C PRO A 5 12.92 22.93 -2.37
N PRO A 6 12.91 21.65 -2.07
CA PRO A 6 11.64 20.90 -1.83
C PRO A 6 11.08 21.16 -0.43
N LYS A 7 9.80 20.93 -0.24
CA LYS A 7 9.20 21.17 1.11
C LYS A 7 9.54 20.00 2.03
N ALA A 8 10.79 19.84 2.36
CA ALA A 8 11.20 18.72 3.26
C ALA A 8 10.97 19.13 4.72
N GLU A 9 9.73 19.27 5.12
CA GLU A 9 9.45 19.66 6.53
C GLU A 9 7.98 19.40 6.85
N CYS A 10 7.09 20.17 6.29
CA CYS A 10 5.63 19.96 6.56
C CYS A 10 5.40 19.92 8.06
N ARG A 11 4.99 21.00 8.65
CA ARG A 11 4.74 21.03 10.11
C ARG A 11 3.38 20.39 10.40
N SER A 12 2.55 20.26 9.40
CA SER A 12 1.21 19.64 9.62
C SER A 12 1.35 18.37 10.46
N ALA A 13 2.33 17.56 10.17
CA ALA A 13 2.53 16.30 10.94
C ALA A 13 2.61 16.65 12.43
N THR A 14 2.68 15.65 13.28
CA THR A 14 2.77 15.91 14.74
C THR A 14 3.38 14.71 15.44
N ARG A 15 2.58 13.71 15.75
CA ARG A 15 3.10 12.50 16.44
C ARG A 15 3.09 11.31 15.47
N VAL A 16 2.65 11.54 14.26
CA VAL A 16 2.61 10.42 13.27
C VAL A 16 3.99 10.27 12.61
N MET A 17 5.03 10.24 13.40
CA MET A 17 6.39 10.10 12.82
C MET A 17 7.41 9.88 13.95
N GLY A 18 8.44 9.11 13.70
CA GLY A 18 9.46 8.87 14.75
C GLY A 18 9.06 7.64 15.57
N GLY A 19 9.74 7.40 16.66
CA GLY A 19 9.40 6.22 17.51
C GLY A 19 10.12 4.98 16.97
N PRO A 20 10.15 3.93 17.74
CA PRO A 20 10.82 2.65 17.33
C PRO A 20 10.53 2.28 15.87
N CYS A 21 11.45 2.55 15.00
CA CYS A 21 11.23 2.23 13.55
C CYS A 21 12.52 1.61 12.97
N THR A 22 12.41 0.45 12.39
CA THR A 22 13.61 -0.20 11.81
C THR A 22 13.21 -0.94 10.52
N PRO A 23 13.42 -0.32 9.38
CA PRO A 23 13.08 -0.94 8.06
C PRO A 23 13.62 -2.36 7.93
N ARG A 24 13.28 -3.04 6.87
CA ARG A 24 13.78 -4.44 6.67
C ARG A 24 14.07 -4.66 5.19
N LYS A 25 15.32 -4.83 4.84
CA LYS A 25 15.67 -5.05 3.40
C LYS A 25 15.05 -3.94 2.56
N GLY A 26 14.79 -2.81 3.15
CA GLY A 26 14.19 -1.68 2.37
C GLY A 26 12.86 -2.13 1.77
N PRO A 27 12.08 -1.21 1.28
CA PRO A 27 10.75 -1.51 0.66
C PRO A 27 10.83 -2.72 -0.29
N PRO A 28 9.72 -3.35 -0.55
CA PRO A 28 9.66 -4.52 -1.47
C PRO A 28 10.51 -4.32 -2.73
N LYS A 29 10.86 -5.39 -3.39
CA LYS A 29 11.69 -5.26 -4.63
C LYS A 29 10.77 -5.19 -5.85
N CYS A 30 10.43 -3.99 -6.27
CA CYS A 30 9.54 -3.85 -7.46
C CYS A 30 10.36 -4.01 -8.74
N LYS A 31 10.26 -3.07 -9.64
CA LYS A 31 11.02 -3.17 -10.92
C LYS A 31 10.74 -4.52 -11.58
N GLN A 32 9.70 -5.19 -11.17
CA GLN A 32 9.38 -6.52 -11.78
C GLN A 32 8.02 -7.00 -11.27
N ARG A 33 7.06 -6.13 -11.18
CA ARG A 33 5.72 -6.54 -10.68
C ARG A 33 5.26 -7.79 -11.44
N GLN A 34 5.11 -8.89 -10.76
CA GLN A 34 4.65 -10.13 -11.43
C GLN A 34 4.04 -11.09 -10.40
N THR A 35 4.87 -11.84 -9.72
CA THR A 35 4.33 -12.78 -8.69
C THR A 35 5.41 -13.05 -7.65
N ARG A 36 6.20 -12.06 -7.31
CA ARG A 36 7.26 -12.27 -6.29
C ARG A 36 6.73 -11.91 -4.90
N GLN A 37 5.59 -11.27 -4.85
CA GLN A 37 5.01 -10.88 -3.53
C GLN A 37 3.53 -11.29 -3.49
N CYS A 38 2.79 -10.97 -4.51
CA CYS A 38 1.34 -11.34 -4.53
C CYS A 38 1.21 -12.86 -4.66
N LYS A 39 0.86 -13.53 -3.59
CA LYS A 39 0.72 -15.01 -3.66
C LYS A 39 -0.29 -15.48 -2.60
N SER A 40 -1.12 -16.43 -2.94
CA SER A 40 -2.12 -16.92 -1.95
C SER A 40 -3.00 -17.99 -2.60
N LYS A 41 -4.04 -17.59 -3.28
CA LYS A 41 -4.93 -18.59 -3.95
C LYS A 41 -4.98 -18.29 -5.45
N PRO A 42 -5.24 -19.30 -6.25
CA PRO A 42 -5.30 -19.14 -7.73
C PRO A 42 -5.98 -17.81 -8.14
N PRO A 43 -5.69 -17.33 -9.32
CA PRO A 43 -6.27 -16.06 -9.83
C PRO A 43 -7.77 -16.19 -10.14
N LYS A 44 -8.56 -15.22 -9.76
CA LYS A 44 -10.02 -15.29 -10.03
C LYS A 44 -10.63 -13.88 -9.92
N LYS A 45 -11.63 -13.72 -9.12
CA LYS A 45 -12.26 -12.36 -8.99
C LYS A 45 -13.02 -12.29 -7.67
N GLY A 46 -12.87 -11.20 -6.95
CA GLY A 46 -13.59 -11.06 -5.66
C GLY A 46 -12.82 -11.82 -4.57
N VAL A 47 -13.07 -13.10 -4.44
CA VAL A 47 -12.36 -13.90 -3.40
C VAL A 47 -10.86 -13.61 -3.47
N GLN A 48 -10.25 -13.83 -4.60
CA GLN A 48 -8.78 -13.57 -4.73
C GLN A 48 -8.56 -12.07 -4.87
N GLY A 49 -8.84 -11.52 -6.02
CA GLY A 49 -8.63 -10.05 -6.22
C GLY A 49 -9.43 -9.59 -7.44
N CYS A 50 -8.78 -9.42 -8.55
CA CYS A 50 -9.50 -8.97 -9.78
C CYS A 50 -8.66 -9.28 -11.01
N GLY A 51 -7.36 -9.16 -10.91
CA GLY A 51 -6.49 -9.45 -12.08
C GLY A 51 -6.54 -8.28 -13.06
N ASP A 52 -6.17 -7.10 -12.62
CA ASP A 52 -6.21 -5.93 -13.54
C ASP A 52 -5.07 -6.03 -14.55
N ASP A 53 -4.39 -4.94 -14.82
CA ASP A 53 -3.27 -4.98 -15.79
C ASP A 53 -2.30 -3.84 -15.50
N ILE A 54 -2.78 -2.62 -15.49
CA ILE A 54 -1.89 -1.46 -15.20
C ILE A 54 -2.58 -0.51 -14.22
N PRO A 55 -2.56 -0.85 -12.96
CA PRO A 55 -3.19 -0.02 -11.88
C PRO A 55 -2.69 1.42 -11.90
N GLY A 56 -3.39 2.31 -11.26
CA GLY A 56 -2.95 3.74 -11.23
C GLY A 56 -3.43 4.45 -12.51
N MET A 57 -4.32 3.84 -13.24
CA MET A 57 -4.82 4.48 -14.49
C MET A 57 -6.22 3.94 -14.81
N GLU A 58 -6.59 2.84 -14.23
CA GLU A 58 -7.93 2.27 -14.51
C GLU A 58 -8.26 1.21 -13.45
N GLY A 59 -7.32 0.87 -12.61
CA GLY A 59 -7.58 -0.15 -11.57
C GLY A 59 -8.26 0.51 -10.37
N CYS A 60 -7.74 1.63 -9.92
CA CYS A 60 -8.36 2.32 -8.75
C CYS A 60 -8.17 3.83 -8.89
N GLY A 61 -8.70 4.59 -7.98
CA GLY A 61 -8.55 6.07 -8.07
C GLY A 61 -9.76 6.75 -7.42
N THR A 62 -10.86 6.06 -7.31
CA THR A 62 -12.07 6.67 -6.69
C THR A 62 -12.17 6.25 -5.22
N ASP A 63 -12.26 4.96 -4.97
CA ASP A 63 -12.36 4.49 -3.56
C ASP A 63 -11.03 4.70 -2.84
N ILE A 64 -10.23 5.61 -3.32
CA ILE A 64 -8.90 5.87 -2.66
C ILE A 64 -8.64 7.37 -2.61
N THR A 65 -8.84 8.05 -3.71
CA THR A 65 -8.60 9.53 -3.72
C THR A 65 -9.71 10.23 -2.95
N VAL A 66 -10.90 9.69 -2.97
CA VAL A 66 -12.04 10.33 -2.25
C VAL A 66 -12.24 9.64 -0.90
N ILE A 67 -12.33 8.33 -0.89
CA ILE A 67 -12.53 7.60 0.39
C ILE A 67 -11.58 6.40 0.45
N CYS A 68 -10.50 6.53 1.17
CA CYS A 68 -9.53 5.40 1.27
C CYS A 68 -9.79 4.63 2.57
N PRO A 69 -9.88 3.32 2.50
CA PRO A 69 -10.14 2.47 3.70
C PRO A 69 -9.34 2.94 4.92
N TRP A 70 -8.27 3.65 4.70
CA TRP A 70 -7.44 4.13 5.85
C TRP A 70 -8.27 5.10 6.70
N GLU A 71 -9.19 5.80 6.10
CA GLU A 71 -10.02 6.75 6.89
C GLU A 71 -11.04 5.97 7.72
N ALA A 72 -12.12 5.56 7.13
CA ALA A 72 -13.15 4.79 7.89
C ALA A 72 -12.66 3.36 8.09
N CYS A 73 -11.48 3.18 8.61
CA CYS A 73 -10.95 1.80 8.83
C CYS A 73 -11.90 1.04 9.75
N ASN A 74 -12.97 0.50 9.22
CA ASN A 74 -13.92 -0.26 10.08
C ASN A 74 -14.86 -1.07 9.18
N HIS A 75 -15.44 -0.46 8.19
CA HIS A 75 -16.36 -1.20 7.29
C HIS A 75 -15.62 -2.37 6.65
N CYS A 76 -15.02 -2.15 5.51
CA CYS A 76 -14.27 -3.25 4.82
C CYS A 76 -15.21 -4.43 4.57
N GLU A 77 -15.31 -4.86 3.34
CA GLU A 77 -16.21 -6.01 3.02
C GLU A 77 -15.66 -7.28 3.70
N LEU A 78 -14.66 -7.88 3.11
CA LEU A 78 -14.08 -9.12 3.71
C LEU A 78 -12.68 -8.81 4.28
N HIS A 79 -12.02 -9.81 4.79
CA HIS A 79 -10.65 -9.57 5.35
C HIS A 79 -10.72 -8.49 6.43
N GLU A 80 -11.50 -8.71 7.46
CA GLU A 80 -11.60 -7.69 8.53
C GLU A 80 -10.62 -8.03 9.65
N LEU A 81 -10.13 -9.25 9.69
CA LEU A 81 -9.17 -9.63 10.76
C LEU A 81 -7.81 -8.98 10.46
N ALA A 82 -7.60 -8.57 9.25
CA ALA A 82 -6.30 -7.94 8.89
C ALA A 82 -6.16 -6.59 9.60
N GLN A 83 -7.01 -6.33 10.55
CA GLN A 83 -6.92 -5.03 11.28
C GLN A 83 -5.82 -5.10 12.33
N TYR A 84 -5.50 -6.28 12.79
CA TYR A 84 -4.42 -6.41 13.82
C TYR A 84 -3.05 -6.19 13.17
N GLY A 85 -2.97 -6.32 11.88
CA GLY A 85 -1.66 -6.11 11.20
C GLY A 85 -0.79 -7.36 11.35
N ILE A 86 -1.34 -8.41 11.89
CA ILE A 86 -0.56 -9.66 12.09
C ILE A 86 -0.24 -10.25 10.70
N CYS A 87 -0.56 -9.55 9.66
CA CYS A 87 -0.28 -10.06 8.29
C CYS A 87 1.21 -10.41 8.18
C1C RCY B . 3.27 13.03 5.73
O1G RCY B . 2.25 14.51 3.16
O1H RCY B . 3.36 17.54 6.60
O1J RCY B . 4.73 14.19 8.09
C1L RCY B . 3.59 16.55 3.21
C1M RCY B . 1.23 15.60 7.43
C1P RCY B . 2.68 15.46 3.80
C1Q RCY B . 3.04 17.07 5.51
N1R RCY B . 2.37 15.72 5.28
C1S RCY B . 3.23 17.72 4.16
C1U RCY B . 1.60 14.85 6.27
C1V RCY B . 1.56 12.68 7.57
N1V RCY B . 3.32 14.45 7.80
C1W RCY B . 2.42 15.53 8.39
C1X RCY B . 2.43 13.70 6.82
C1Y RCY B . 1.97 15.14 9.80
C1Z RCY B . 3.18 16.86 8.41
H1S RCY B . 2.42 18.35 4.45
H1U RCY B . 0.71 14.46 5.79
C1C RCY C . 6.19 7.16 11.59
O1G RCY C . 8.49 6.89 8.23
O1H RCY C . 7.33 3.29 11.05
O1J RCY C . 6.79 9.28 9.54
C1L RCY C . 9.79 5.15 9.33
C1M RCY C . 5.47 5.96 8.17
C1P RCY C . 8.52 5.92 8.98
C1Q RCY C . 7.90 4.25 10.55
N1R RCY C . 7.29 5.34 9.67
C1S RCY C . 9.38 4.58 10.69
C1U RCY C . 5.82 5.73 9.54
C1V RCY C . 3.98 7.28 10.33
N1V RCY C . 6.10 8.03 9.24
C1W RCY C . 5.83 7.42 7.87
C1X RCY C . 5.49 7.05 10.23
C1Y RCY C . 4.67 8.14 7.18
C1Z RCY C . 7.11 7.51 7.02
H1S RCY C . 9.11 4.89 11.70
H1U RCY C . 5.20 4.94 9.95
C1C RCY D . 2.21 1.20 -10.11
O1G RCY D . 6.07 2.28 -9.93
O1H RCY D . 4.75 -1.59 -7.58
O1J RCY D . 0.62 3.39 -8.80
C1L RCY D . 7.07 0.07 -9.65
C1M RCY D . 3.93 2.46 -7.09
C1P RCY D . 6.02 1.16 -9.42
C1Q RCY D . 5.42 -0.68 -8.06
N1R RCY D . 4.92 0.70 -8.47
C1S RCY D . 6.90 -0.73 -8.35
C1U RCY D . 3.64 1.42 -8.04
C1V RCY D . 3.95 3.03 -9.98
N1V RCY D . 1.99 3.02 -8.42
C1W RCY D . 2.74 3.44 -7.16
C1X RCY D . 2.96 2.16 -9.19
C1Y RCY D . 3.24 4.88 -7.27
C1Z RCY D . 1.83 3.28 -5.95
H1S RCY D . 7.01 -0.64 -7.28
H1U RCY D . 2.95 0.71 -7.60
C1C RCY E . -1.39 -4.24 -9.25
O1G RCY E . 0.78 -6.76 -9.03
O1H RCY E . -2.97 -8.66 -6.86
O1J RCY E . -4.04 -3.49 -10.50
C1L RCY E . 0.53 -8.32 -7.16
C1M RCY E . -3.73 -7.11 -9.26
C1P RCY E . 0.04 -7.38 -8.26
C1Q RCY E . -1.87 -8.14 -7.08
N1R RCY E . -1.49 -7.30 -8.29
C1S RCY E . -0.65 -8.24 -6.18
C1U RCY E . -2.40 -6.56 -9.26
C1V RCY E . -3.00 -4.93 -7.42
N1V RCY E . -3.79 -4.75 -9.79
C1W RCY E . -4.65 -6.01 -9.80
C1X RCY E . -2.61 -5.09 -8.90
C1Y RCY E . -5.87 -5.83 -8.88
C1Z RCY E . -5.09 -6.31 -11.23
H1S RCY E . -1.18 -7.54 -5.56
H1U RCY E . -1.99 -6.63 -10.27
C1C RCY F . -5.67 -8.25 -4.72
O1G RCY F . -3.98 -9.47 -9.33
O1H RCY F . -6.60 -6.02 -7.46
O1J RCY F . -3.39 -7.21 -3.03
C1L RCY F . -5.95 -8.25 -10.12
C1M RCY F . -2.91 -6.94 -6.82
C1P RCY F . -4.85 -8.63 -9.12
C1Q RCY F . -6.25 -7.04 -8.06
N1R RCY F . -4.96 -7.83 -7.83
C1S RCY F . -7.03 -7.75 -9.14
C1U RCY F . -4.04 -7.80 -6.61
C1V RCY F . -5.39 -5.90 -5.65
N1V RCY F . -3.49 -7.02 -4.47
C1W RCY F . -2.39 -6.57 -5.43
C1X RCY F . -4.71 -7.24 -5.36
C1Y RCY F . -2.18 -5.06 -5.33
C1Z RCY F . -1.10 -7.32 -5.11
H1S RCY F . -7.66 -8.08 -8.34
H1U RCY F . -3.69 -8.81 -6.40
C1C RCY G . -1.48 1.08 -3.67
O1G RCY G . -2.21 0.37 -6.41
O1H RCY G . -6.50 2.15 -5.56
O1J RCY G . -1.56 2.88 -1.25
C1L RCY G . -4.41 -0.01 -7.42
C1M RCY G . -4.52 3.18 -3.67
C1P RCY G . -3.41 0.60 -6.43
C1Q RCY G . -5.58 1.38 -5.82
N1R RCY G . -4.11 1.54 -5.44
C1S RCY G . -5.69 0.07 -6.59
C1U RCY G . -3.51 2.43 -4.35
C1V RCY G . -3.75 0.51 -2.71
N1V RCY G . -2.67 2.71 -2.18
C1W RCY G . -3.93 3.56 -2.31
C1X RCY G . -2.84 1.62 -3.23
C1Y RCY G . -4.91 3.25 -1.18
C1Z RCY G . -3.53 5.04 -2.27
H1S RCY G . -6.15 -0.30 -5.68
H1U RCY G . -2.79 3.10 -4.78
C1C RCY H . -0.79 5.46 -0.61
O1G RCY H . -4.04 6.55 -1.73
O1H RCY H . -4.41 6.03 2.94
O1J RCY H . 1.49 6.72 0.92
C1L RCY H . -5.83 5.71 -0.28
C1M RCY H . -2.04 7.68 2.09
C1P RCY H . -4.43 6.27 -0.59
C1Q RCY H . -4.49 5.83 1.73
N1R RCY H . -3.58 6.43 0.67
C1S RCY H . -5.51 4.96 1.03
C1U RCY H . -2.19 7.03 0.82
C1V RCY H . -1.38 4.83 1.79
N1V RCY H . 0.08 6.80 1.33
C1W RCY H . -0.53 7.75 2.37
C1X RCY H . -1.08 5.98 0.81
C1Y RCY H . -0.23 7.25 3.78
C1Z RCY H . 0.01 9.15 2.16
H1S RCY H . -4.92 4.15 1.41
H1U RCY H . -2.01 7.74 0.03
C1C RCY I . -4.84 -0.64 3.79
O1G RCY I . -4.97 1.01 6.22
O1H RCY I . -7.89 -2.22 8.06
O1J RCY I . -4.75 -3.28 2.35
C1L RCY I . -6.66 1.09 7.98
C1M RCY I . -6.31 -3.34 5.86
C1P RCY I . -5.84 0.44 6.86
C1Q RCY I . -7.43 -1.17 7.62
N1R RCY I . -6.25 -1.02 6.65
C1S RCY I . -7.92 0.24 7.93
C1U RCY I . -5.65 -2.07 5.72
C1V RCY I . -7.27 -1.35 3.91
N1V RCY I . -5.47 -3.06 3.60
C1W RCY I . -6.04 -4.11 4.56
C1X RCY I . -5.82 -1.72 4.24
C1Y RCY I . -7.34 -4.69 4.00
C1Z RCY I . -5.00 -5.21 4.76
H1S RCY I . -8.75 -0.03 7.27
H1U RCY I . -4.60 -2.19 5.94
C1C RCY J . -5.79 -3.69 5.74
O1G RCY J . -7.60 -3.58 6.63
O1H RCY J . -9.84 -6.14 3.36
O1J RCY J . -5.53 -6.21 7.36
C1L RCY J . -9.95 -4.11 6.25
C1M RCY J . -6.71 -6.65 3.73
C1P RCY J . -8.45 -4.12 5.94
C1Q RCY J . -9.55 -5.25 4.16
N1R RCY J . -8.15 -4.90 4.66
C1S RCY J . -10.52 -4.29 4.84
C1U RCY J . -6.80 -5.26 4.03
C1V RCY J . -4.28 -5.07 4.25
N1V RCY J . -5.77 -6.18 5.92
C1W RCY J . -6.23 -7.33 5.03
C1X RCY J . -5.63 -5.00 4.97
C1Y RCY J . -5.06 -8.28 4.73
C1Z RCY J . -7.37 -8.08 5.72
H1S RCY J . -10.55 -3.81 3.86
H1U RCY J . -6.66 -4.68 3.12
C1C RCY K . 0.50 -8.18 3.92
O1G RCY K . -2.50 -6.78 6.87
O1H RCY K . -2.24 -7.77 6.67
O1J RCY K . -2.31 -7.98 2.84
C1L RCY K . -0.87 -6.97 4.99
C1M RCY K . -0.68 -4.67 3.92
C1P RCY K . -1.41 -7.06 6.42
C1Q RCY K . -1.58 -7.17 5.82
N1R RCY K . -0.35 -6.19 5.81
C1S RCY K . -0.49 -6.35 6.37
C1U RCY K . 0.14 -5.73 4.43
C1V RCY K . 0.80 -6.44 2.09
N1V RCY K . -1.46 -6.83 3.12
C1W RCY K . -1.87 -5.36 3.22
C1X RCY K . 0.05 -6.82 3.37
C1Y RCY K . -2.09 -4.76 1.82
C1Z RCY K . -3.14 -5.25 4.05
H1S RCY K . -1.13 -5.80 7.03
H1U RCY K . 1.15 -5.38 4.51
N MET A 1 13.56 14.75 3.67
CA MET A 1 14.47 15.93 3.52
C MET A 1 13.77 17.01 2.71
N ASN A 2 12.57 17.37 3.08
CA ASN A 2 11.84 18.43 2.32
C ASN A 2 10.52 18.74 3.02
N LEU A 3 10.45 18.50 4.30
CA LEU A 3 9.19 18.79 5.04
C LEU A 3 9.49 18.89 6.54
N GLU A 4 9.02 19.91 7.19
CA GLU A 4 9.28 20.07 8.65
C GLU A 4 8.92 18.76 9.37
N PRO A 5 9.87 18.12 9.99
CA PRO A 5 9.63 16.83 10.73
C PRO A 5 8.34 16.88 11.55
N PRO A 6 7.29 16.22 11.10
CA PRO A 6 5.99 16.20 11.83
C PRO A 6 5.98 15.17 12.96
N LYS A 7 5.12 15.36 13.94
CA LYS A 7 5.07 14.40 15.07
C LYS A 7 4.48 13.07 14.59
N ALA A 8 3.29 12.74 15.03
CA ALA A 8 2.68 11.45 14.58
C ALA A 8 3.68 10.31 14.78
N GLU A 9 4.22 10.17 15.96
CA GLU A 9 5.19 9.07 16.21
C GLU A 9 4.46 7.74 16.22
N CYS A 10 3.87 7.38 17.33
CA CYS A 10 3.15 6.08 17.41
C CYS A 10 4.12 4.94 17.14
N ARG A 11 4.39 4.11 18.12
CA ARG A 11 5.33 2.98 17.91
C ARG A 11 4.71 1.98 16.92
N SER A 12 5.53 1.21 16.26
CA SER A 12 5.00 0.22 15.29
C SER A 12 3.94 -0.65 15.97
N ALA A 13 3.85 -0.59 17.27
CA ALA A 13 2.85 -1.41 17.99
C ALA A 13 3.07 -2.89 17.69
N THR A 14 2.62 -3.77 18.55
CA THR A 14 2.82 -5.23 18.31
C THR A 14 1.68 -6.00 18.99
N ARG A 15 0.89 -6.69 18.23
CA ARG A 15 -0.23 -7.47 18.83
C ARG A 15 -0.67 -8.57 17.85
N VAL A 16 -1.82 -9.16 18.09
CA VAL A 16 -2.30 -10.23 17.18
C VAL A 16 -3.83 -10.19 17.12
N MET A 17 -4.41 -10.80 16.11
CA MET A 17 -5.90 -10.80 16.00
C MET A 17 -6.37 -9.38 15.64
N GLY A 18 -6.54 -9.12 14.36
CA GLY A 18 -7.00 -7.77 13.93
C GLY A 18 -8.38 -7.48 14.53
N GLY A 19 -8.92 -8.39 15.29
CA GLY A 19 -10.26 -8.17 15.89
C GLY A 19 -11.33 -8.25 14.80
N PRO A 20 -12.56 -8.04 15.17
CA PRO A 20 -13.71 -8.09 14.22
C PRO A 20 -13.43 -7.30 12.93
N CYS A 21 -13.35 -7.98 11.82
CA CYS A 21 -13.08 -7.28 10.53
C CYS A 21 -13.98 -7.86 9.43
N THR A 22 -14.84 -7.05 8.87
CA THR A 22 -15.75 -7.55 7.79
C THR A 22 -15.93 -6.46 6.74
N PRO A 23 -15.19 -6.53 5.66
CA PRO A 23 -15.29 -5.52 4.55
C PRO A 23 -16.73 -5.32 4.08
N ARG A 24 -17.03 -4.17 3.54
CA ARG A 24 -18.42 -3.92 3.06
C ARG A 24 -18.45 -2.67 2.18
N LYS A 25 -18.61 -2.84 0.90
CA LYS A 25 -18.64 -1.67 -0.01
C LYS A 25 -19.39 -2.04 -1.30
N GLY A 26 -19.46 -1.15 -2.24
CA GLY A 26 -20.18 -1.46 -3.51
C GLY A 26 -20.49 -0.16 -4.27
N PRO A 27 -21.24 0.72 -3.66
CA PRO A 27 -21.62 2.02 -4.29
C PRO A 27 -20.43 2.71 -4.96
N PRO A 28 -20.69 3.58 -5.90
CA PRO A 28 -19.62 4.32 -6.62
C PRO A 28 -18.49 4.77 -5.70
N LYS A 29 -17.26 4.48 -6.07
CA LYS A 29 -16.10 4.90 -5.22
C LYS A 29 -14.84 4.22 -5.78
N CYS A 30 -14.41 4.62 -6.94
CA CYS A 30 -13.19 4.02 -7.53
C CYS A 30 -13.35 2.50 -7.57
N LYS A 31 -13.66 1.94 -8.71
CA LYS A 31 -13.84 0.47 -8.82
C LYS A 31 -12.74 -0.25 -8.02
N GLN A 32 -13.04 -1.40 -7.49
CA GLN A 32 -12.02 -2.15 -6.70
C GLN A 32 -12.57 -3.53 -6.33
N ARG A 33 -13.74 -3.86 -6.81
CA ARG A 33 -14.33 -5.19 -6.48
C ARG A 33 -13.41 -6.29 -7.00
N GLN A 34 -13.83 -7.03 -7.98
CA GLN A 34 -12.97 -8.12 -8.52
C GLN A 34 -13.05 -8.13 -10.05
N THR A 35 -13.17 -6.98 -10.65
CA THR A 35 -13.26 -6.92 -12.14
C THR A 35 -11.85 -7.00 -12.74
N ARG A 36 -11.46 -6.03 -13.52
CA ARG A 36 -10.10 -6.06 -14.12
C ARG A 36 -9.82 -4.72 -14.81
N GLN A 37 -10.06 -3.64 -14.12
CA GLN A 37 -9.80 -2.30 -14.73
C GLN A 37 -8.34 -1.91 -14.49
N CYS A 38 -8.10 -0.81 -13.83
CA CYS A 38 -6.70 -0.38 -13.57
C CYS A 38 -5.91 -0.40 -14.88
N LYS A 39 -5.85 0.71 -15.57
CA LYS A 39 -5.10 0.75 -16.85
C LYS A 39 -3.62 1.02 -16.57
N SER A 40 -2.87 1.37 -17.57
CA SER A 40 -1.42 1.64 -17.36
C SER A 40 -0.81 0.51 -16.52
N LYS A 41 -0.89 -0.70 -17.00
CA LYS A 41 -0.31 -1.85 -16.23
C LYS A 41 1.15 -2.06 -16.65
N PRO A 42 2.08 -1.85 -15.75
CA PRO A 42 3.54 -2.03 -16.06
C PRO A 42 3.95 -3.50 -16.05
N PRO A 43 5.06 -3.82 -16.66
CA PRO A 43 5.58 -5.22 -16.73
C PRO A 43 6.11 -5.69 -15.37
N LYS A 44 5.67 -6.83 -14.91
CA LYS A 44 6.15 -7.35 -13.60
C LYS A 44 7.68 -7.30 -13.57
N LYS A 45 8.31 -7.45 -14.69
CA LYS A 45 9.80 -7.42 -14.72
C LYS A 45 10.29 -6.08 -14.16
N GLY A 46 10.63 -6.05 -12.90
CA GLY A 46 11.12 -4.78 -12.31
C GLY A 46 11.90 -5.09 -11.01
N VAL A 47 12.92 -4.32 -10.73
CA VAL A 47 13.71 -4.57 -9.50
C VAL A 47 14.20 -3.23 -8.93
N GLN A 48 14.59 -3.22 -7.69
CA GLN A 48 15.06 -1.94 -7.07
C GLN A 48 13.90 -0.94 -7.00
N GLY A 49 13.45 -0.46 -8.13
CA GLY A 49 12.32 0.51 -8.12
C GLY A 49 12.46 1.47 -9.31
N CYS A 50 11.44 2.23 -9.61
CA CYS A 50 11.53 3.18 -10.75
C CYS A 50 12.39 4.38 -10.35
N GLY A 51 11.81 5.32 -9.65
CA GLY A 51 12.60 6.51 -9.23
C GLY A 51 11.65 7.67 -8.92
N ASP A 52 11.30 7.85 -7.68
CA ASP A 52 10.37 8.96 -7.31
C ASP A 52 10.59 9.34 -5.85
N ASP A 53 10.10 10.48 -5.45
CA ASP A 53 10.27 10.91 -4.03
C ASP A 53 9.22 11.96 -3.69
N ILE A 54 8.10 11.95 -4.37
CA ILE A 54 7.02 12.95 -4.09
C ILE A 54 5.71 12.22 -3.83
N PRO A 55 5.55 11.71 -2.63
CA PRO A 55 4.33 10.95 -2.23
C PRO A 55 3.20 11.88 -1.78
N GLY A 56 1.99 11.60 -2.16
CA GLY A 56 0.84 12.46 -1.75
C GLY A 56 0.80 13.71 -2.63
N MET A 57 1.81 14.53 -2.57
CA MET A 57 1.83 15.76 -3.39
C MET A 57 1.44 15.42 -4.83
N GLU A 58 2.10 14.47 -5.43
CA GLU A 58 1.76 14.09 -6.83
C GLU A 58 2.28 12.69 -7.13
N GLY A 59 1.53 11.91 -7.87
CA GLY A 59 1.98 10.52 -8.20
C GLY A 59 2.26 9.75 -6.91
N CYS A 60 2.70 8.53 -7.03
CA CYS A 60 3.00 7.72 -5.82
C CYS A 60 4.02 6.63 -6.17
N GLY A 61 4.67 6.75 -7.29
CA GLY A 61 5.67 5.72 -7.69
C GLY A 61 6.59 5.42 -6.52
N THR A 62 6.63 6.29 -5.53
CA THR A 62 7.51 6.05 -4.36
C THR A 62 7.29 4.64 -3.84
N ASP A 63 8.06 3.69 -4.31
CA ASP A 63 7.89 2.29 -3.84
C ASP A 63 8.31 2.19 -2.37
N ILE A 64 8.56 3.30 -1.73
CA ILE A 64 8.97 3.26 -0.30
C ILE A 64 8.30 4.41 0.45
N THR A 65 8.24 5.57 -0.15
CA THR A 65 7.62 6.73 0.53
C THR A 65 8.21 6.82 1.94
N VAL A 66 9.51 6.84 2.04
CA VAL A 66 10.16 6.89 3.39
C VAL A 66 9.85 5.60 4.13
N ILE A 67 8.60 5.39 4.46
CA ILE A 67 8.19 4.15 5.17
C ILE A 67 6.90 3.61 4.54
N CYS A 68 7.02 2.74 3.58
CA CYS A 68 5.80 2.19 2.92
C CYS A 68 5.14 1.17 3.86
N PRO A 69 3.86 0.96 3.70
CA PRO A 69 3.09 0.00 4.55
C PRO A 69 3.53 -1.46 4.32
N TRP A 70 4.39 -1.68 3.35
CA TRP A 70 4.85 -3.07 3.09
C TRP A 70 5.52 -3.63 4.34
N GLU A 71 5.87 -2.77 5.27
CA GLU A 71 6.53 -3.25 6.52
C GLU A 71 5.71 -2.82 7.74
N ALA A 72 5.07 -1.69 7.66
CA ALA A 72 4.25 -1.22 8.81
C ALA A 72 2.92 -1.99 8.85
N CYS A 73 2.41 -2.35 7.71
CA CYS A 73 1.12 -3.11 7.69
C CYS A 73 1.38 -4.57 8.02
N ASN A 74 2.43 -5.14 7.47
CA ASN A 74 2.75 -6.57 7.76
C ASN A 74 4.01 -6.97 6.99
N HIS A 75 4.28 -8.24 6.91
CA HIS A 75 5.50 -8.70 6.19
C HIS A 75 5.10 -9.71 5.10
N CYS A 76 5.54 -9.51 3.90
CA CYS A 76 5.18 -10.45 2.80
C CYS A 76 6.20 -10.33 1.67
N GLU A 77 6.79 -11.43 1.28
CA GLU A 77 7.80 -11.38 0.17
C GLU A 77 7.08 -11.14 -1.15
N LEU A 78 7.53 -11.76 -2.21
CA LEU A 78 6.87 -11.56 -3.53
C LEU A 78 5.57 -12.36 -3.57
N HIS A 79 4.57 -11.93 -2.83
CA HIS A 79 3.27 -12.65 -2.83
C HIS A 79 2.25 -11.90 -3.69
N GLU A 80 1.22 -12.57 -4.14
CA GLU A 80 0.20 -11.91 -4.98
C GLU A 80 -1.19 -12.41 -4.60
N LEU A 81 -1.39 -13.70 -4.67
CA LEU A 81 -2.73 -14.28 -4.31
C LEU A 81 -2.76 -14.58 -2.81
N ALA A 82 -1.65 -14.97 -2.24
CA ALA A 82 -1.62 -15.28 -0.79
C ALA A 82 -1.92 -14.01 0.02
N GLN A 83 -1.82 -14.09 1.31
CA GLN A 83 -2.10 -12.90 2.17
C GLN A 83 -3.52 -12.40 1.91
N TYR A 84 -4.21 -11.99 2.95
CA TYR A 84 -5.60 -11.49 2.77
C TYR A 84 -6.41 -12.50 1.95
N GLY A 85 -6.45 -12.33 0.67
CA GLY A 85 -7.22 -13.28 -0.19
C GLY A 85 -7.48 -12.62 -1.55
N ILE A 86 -7.57 -13.41 -2.59
CA ILE A 86 -7.82 -12.84 -3.94
C ILE A 86 -8.90 -11.75 -3.86
N CYS A 87 -8.64 -10.61 -4.44
CA CYS A 87 -9.63 -9.50 -4.40
C CYS A 87 -10.91 -9.94 -5.12
C1C RCY B . 5.07 6.43 19.12
O1G RCY B . 2.20 2.35 20.70
O1H RCY B . 3.13 6.34 18.35
O1J RCY B . 3.73 8.24 21.12
C1L RCY B . 1.06 3.53 18.90
C1M RCY B . 4.16 4.58 22.20
C1P RCY B . 2.14 3.32 19.96
C1Q RCY B . 2.55 5.43 18.95
N1R RCY B . 3.15 4.47 19.97
C1S RCY B . 1.08 5.06 18.79
C1U RCY B . 4.43 4.63 20.79
C1V RCY B . 6.51 6.03 21.18
N1V RCY B . 4.16 6.87 21.42
C1W RCY B . 3.77 6.01 22.61
C1X RCY B . 5.09 5.99 20.59
C1Y RCY B . 4.54 6.44 23.86
C1Z RCY B . 2.26 6.12 22.84
H1S RCY B . 0.90 5.95 19.37
H1U RCY B . 5.13 3.85 20.53
C1C RCY C . -9.05 -2.80 5.93
O1G RCY C . -7.22 -4.07 10.59
O1H RCY C . -10.39 -4.12 7.10
O1J RCY C . -11.38 -1.18 6.95
C1L RCY C . -8.98 -5.64 9.96
C1M RCY C . -8.21 -1.09 9.11
C1P RCY C . -8.15 -4.36 9.84
C1Q RCY C . -9.85 -4.23 8.19
N1R RCY C . -8.63 -3.47 8.68
C1S RCY C . -10.29 -5.16 9.31
C1U RCY C . -8.04 -2.16 8.16
C1V RCY C . -7.97 -0.52 6.23
N1V RCY C . -10.03 -1.12 7.52
C1W RCY C . -9.61 -0.52 8.85
C1X RCY C . -8.74 -1.66 6.90
C1Y RCY C . -9.54 1.01 8.75
C1Z RCY C . -10.59 -0.95 9.94
H1S RCY C . -11.09 -4.45 9.45
H1U RCY C . -6.99 -2.30 7.95
C1C RCY D . -9.22 3.72 -7.36
O1G RCY D . -11.71 6.60 -7.73
O1H RCY D . -9.16 6.37 -8.57
O1J RCY D . -7.91 5.20 -9.64
C1L RCY D . -9.33 5.90 -7.38
C1M RCY D . -7.29 6.64 -6.15
C1P RCY D . -10.56 6.84 -7.42
C1Q RCY D . -10.06 6.65 -7.79
N1R RCY D . -9.72 6.33 -6.28
C1S RCY D . -10.27 6.56 -6.32
C1U RCY D . -8.36 5.68 -6.01
C1V RCY D . -6.80 3.78 -6.60
N1V RCY D . -7.65 5.47 -8.23
C1W RCY D . -6.94 6.68 -7.64
C1X RCY D . -8.01 4.61 -7.04
C1Y RCY D . -5.42 6.55 -7.83
C1Z RCY D . -7.46 7.95 -8.30
H1S RCY D . -10.51 7.61 -6.22
H1U RCY D . -8.35 5.26 -5.03
C1C RCY E . -4.33 -5.11 -8.62
O1G RCY E . -3.19 -1.87 -13.11
O1H RCY E . -1.57 -2.21 -12.52
O1J RCY E . -2.04 -5.95 -6.88
C1L RCY E . -2.28 -2.73 -10.99
C1M RCY E . -1.15 -3.67 -9.83
C1P RCY E . -3.14 -1.93 -11.90
C1Q RCY E . -2.33 -2.12 -11.59
N1R RCY E . -3.26 -3.17 -10.95
C1S RCY E . -3.77 -2.51 -11.48
C1U RCY E . -2.48 -4.13 -10.05
C1V RCY E . -3.32 -2.86 -8.03
N1V RCY E . -1.93 -4.93 -7.92
C1W RCY E . -0.67 -4.34 -8.53
C1X RCY E . -3.08 -4.23 -8.65
C1Y RCY E . -0.05 -3.31 -7.58
C1Z RCY E . 0.32 -5.47 -8.83
H1S RCY E . -4.01 -3.15 -12.31
H1U RCY E . -2.46 -5.11 -10.50
C1C RCY F . 8.73 -2.68 -8.11
O1G RCY F . 10.47 -0.88 -7.56
O1H RCY F . 6.87 2.10 -8.25
O1J RCY F . 10.25 -2.51 -5.51
C1L RCY F . 10.30 1.35 -8.56
C1M RCY F . 7.01 -0.46 -5.69
C1P RCY F . 9.77 0.07 -7.90
C1Q RCY F . 7.90 1.45 -8.41
N1R RCY F . 8.25 0.13 -7.72
C1S RCY F . 9.05 1.80 -9.33
C1U RCY F . 7.33 -0.87 -7.03
C1V RCY F . 6.92 -3.29 -6.44
N1V RCY F . 8.91 -1.96 -5.71
C1W RCY F . 8.16 -0.98 -4.81
C1X RCY F . 7.96 -2.24 -6.86
C1Y RCY F . 7.60 -1.71 -3.57
C1Z RCY F . 9.11 0.14 -4.39
H1S RCY F . 8.39 1.49 -10.12
H1U RCY F . 6.41 -0.96 -7.60
C1C RCY G . 1.24 5.80 -9.44
O1G RCY G . 1.22 4.78 -7.11
O1H RCY G . 2.51 3.22 -7.08
O1J RCY G . 0.00 6.90 -6.93
C1L RCY G . 3.63 4.37 -7.41
C1M RCY G . 3.69 7.79 -7.50
C1P RCY G . 2.39 4.98 -6.86
C1Q RCY G . 2.97 4.32 -6.86
N1R RCY G . 3.57 5.36 -7.81
C1S RCY G . 2.67 5.63 -7.49
C1U RCY G . 3.36 6.74 -8.43
C1V RCY G . 1.77 8.27 -9.68
N1V RCY G . 1.32 7.28 -7.42
C1W RCY G . 2.42 8.02 -6.67
C1X RCY G . 1.91 7.03 -8.81
C1Y RCY G . 2.10 9.52 -6.60
C1Z RCY G . 2.55 7.44 -5.27
H1S RCY G . 3.01 6.41 -6.82
H1U RCY G . 3.99 6.84 -9.31
C1C RCY H . -0.24 2.22 -3.16
O1G RCY H . 1.13 3.51 -1.24
O1H RCY H . 5.19 1.36 -2.34
O1J RCY H . -0.81 0.03 -5.14
C1L RCY H . 3.36 3.52 -0.23
C1M RCY H . 2.80 0.22 -3.85
C1P RCY H . 2.29 3.09 -1.24
C1Q RCY H . 4.25 1.83 -1.72
N1R RCY H . 2.83 2.07 -2.23
C1S RCY H . 4.27 2.28 -0.27
C1U RCY H . 2.15 1.45 -3.45
C1V RCY H . 0.60 0.18 -1.89
N1V RCY H . 0.44 0.15 -4.39
C1W RCY H . 1.76 -0.57 -4.65
C1X RCY H . 0.70 1.02 -3.17
C1Y RCY H . 1.68 -2.02 -4.15
C1Z RCY H . 2.07 -0.53 -6.15
H1S RCY H . 4.27 1.23 -0.04
H1U RCY H . 2.16 2.15 -4.28
C1C RCY I . -4.68 -5.05 1.85
O1G RCY I . -1.93 -7.76 3.08
O1H RCY I . -1.91 -3.05 3.51
O1J RCY I . -4.06 -2.10 1.81
C1L RCY I . -1.60 -6.25 4.98
C1M RCY I . -1.31 -4.41 0.47
C1P RCY I . -1.83 -6.61 3.51
C1Q RCY I . -1.63 -4.26 3.63
N1R RCY I . -1.94 -5.36 2.63
C1S RCY I . -0.92 -4.89 4.81
C1U RCY I . -2.26 -5.24 1.14
C1V RCY I . -4.03 -4.71 -0.59
N1V RCY I . -3.23 -3.11 1.17
C1W RCY I . -1.81 -2.97 0.65
C1X RCY I . -3.60 -4.56 0.88
C1Y RCY I . -1.81 -2.22 -0.69
C1Z RCY I . -0.97 -2.21 1.68
H1S RCY I . -0.03 -4.43 4.40
H1U RCY I . -2.25 -6.23 0.70
C1C RCY J . 0.15 -8.26 -4.11
O1G RCY J . 0.88 -11.50 -1.68
O1H RCY J . 1.34 -7.26 0.35
O1J RCY J . -2.45 -6.76 -4.33
C1L RCY J . 2.51 -10.56 -0.12
C1M RCY J . -1.55 -8.05 -0.83
C1P RCY J . 1.29 -10.53 -1.04
C1Q RCY J . 1.59 -8.32 -0.20
N1R RCY J . 0.63 -9.15 -1.05
C1S RCY J . 2.91 -9.07 -0.17
C1U RCY J . -0.66 -8.70 -1.75
C1V RCY J . 0.46 -6.50 -2.31
N1V RCY J . -1.84 -7.16 -3.06
C1W RCY J . -2.48 -7.18 -1.68
C1X RCY J . -0.41 -7.65 -2.82
C1Y RCY J . -2.57 -5.76 -1.10
C1Z RCY J . -3.88 -7.81 -1.78
H1S RCY J . 3.25 -8.31 -0.85
H1U RCY J . -1.15 -9.55 -2.18
C1C RCY K . -3.47 -7.54 -4.63
O1G RCY K . -5.19 -4.97 -7.89
O1H RCY K . -7.10 -7.53 -4.40
O1J RCY K . -1.84 -6.29 -6.83
C1L RCY K . -6.97 -6.64 -7.82
C1M RCY K . -4.42 -4.01 -5.16
C1P RCY K . -5.85 -5.77 -7.24
C1Q RCY K . -6.64 -7.17 -5.49
N1R RCY K . -5.66 -6.04 -5.74
C1S RCY K . -6.94 -7.81 -6.83
C1U RCY K . -4.73 -5.34 -4.74
C1V RCY K . -2.55 -5.50 -3.45
N1V RCY K . -2.73 -5.54 -5.94
C1W RCY K . -3.23 -4.11 -6.13
C1X RCY K . -3.36 -6.01 -4.65
C1Y RCY K . -2.14 -3.11 -5.76
C1Z RCY K . -3.68 -3.92 -7.58
H1S RCY K . -6.30 -8.61 -6.49
H1U RCY K . -5.19 -5.32 -3.77
N MET A 1 20.84 -7.53 3.52
CA MET A 1 20.22 -7.34 2.18
C MET A 1 20.03 -8.70 1.51
N ASN A 2 21.02 -9.55 1.55
CA ASN A 2 20.89 -10.89 0.92
C ASN A 2 20.22 -11.86 1.89
N LEU A 3 20.71 -11.90 3.11
CA LEU A 3 20.10 -12.83 4.11
C LEU A 3 18.58 -12.66 4.12
N GLU A 4 17.89 -13.41 4.93
CA GLU A 4 16.41 -13.31 4.98
C GLU A 4 16.02 -12.06 5.78
N PRO A 5 14.90 -11.46 5.45
CA PRO A 5 14.41 -10.24 6.15
C PRO A 5 14.67 -10.29 7.67
N PRO A 6 15.67 -9.58 8.14
CA PRO A 6 16.03 -9.56 9.58
C PRO A 6 15.15 -8.58 10.37
N LYS A 7 14.90 -8.87 11.62
CA LYS A 7 14.06 -7.96 12.45
C LYS A 7 14.76 -6.60 12.59
N ALA A 8 14.78 -5.82 11.54
CA ALA A 8 15.45 -4.49 11.61
C ALA A 8 14.45 -3.46 12.12
N GLU A 9 13.25 -3.46 11.58
CA GLU A 9 12.22 -2.48 12.03
C GLU A 9 12.75 -1.06 11.85
N CYS A 10 13.99 -0.90 11.47
CA CYS A 10 14.54 0.47 11.28
C CYS A 10 15.77 0.40 10.37
N ARG A 11 15.78 -0.50 9.42
CA ARG A 11 16.95 -0.59 8.51
C ARG A 11 17.32 0.80 7.98
N SER A 12 16.43 1.74 8.13
CA SER A 12 16.72 3.12 7.65
C SER A 12 17.28 3.06 6.23
N ALA A 13 18.04 4.05 5.84
CA ALA A 13 18.62 4.06 4.46
C ALA A 13 17.50 4.31 3.45
N THR A 14 16.37 3.71 3.63
CA THR A 14 15.25 3.91 2.68
C THR A 14 15.67 3.41 1.29
N ARG A 15 16.77 2.71 1.23
CA ARG A 15 17.26 2.20 -0.09
C ARG A 15 16.88 0.72 -0.21
N VAL A 16 17.85 -0.15 -0.11
CA VAL A 16 17.55 -1.61 -0.23
C VAL A 16 16.83 -1.88 -1.55
N MET A 17 16.70 -3.12 -1.92
CA MET A 17 16.01 -3.46 -3.21
C MET A 17 16.75 -2.79 -4.37
N GLY A 18 16.56 -1.51 -4.54
CA GLY A 18 17.25 -0.81 -5.66
C GLY A 18 17.33 0.69 -5.36
N GLY A 19 18.45 1.30 -5.62
CA GLY A 19 18.59 2.77 -5.35
C GLY A 19 18.04 3.57 -6.54
N PRO A 20 18.65 3.42 -7.68
CA PRO A 20 18.22 4.15 -8.92
C PRO A 20 16.70 4.11 -9.10
N CYS A 21 15.99 5.02 -8.49
CA CYS A 21 14.52 5.04 -8.63
C CYS A 21 14.05 6.49 -8.82
N THR A 22 13.34 6.77 -9.88
CA THR A 22 12.85 8.15 -10.12
C THR A 22 11.46 8.11 -10.76
N PRO A 23 10.42 8.24 -9.97
CA PRO A 23 9.02 8.21 -10.48
C PRO A 23 8.80 9.18 -11.65
N ARG A 24 8.17 8.73 -12.69
CA ARG A 24 7.94 9.62 -13.86
C ARG A 24 6.88 9.00 -14.78
N LYS A 25 5.86 8.40 -14.20
CA LYS A 25 4.80 7.79 -15.02
C LYS A 25 4.28 8.80 -16.04
N GLY A 26 3.59 9.81 -15.59
CA GLY A 26 3.07 10.83 -16.54
C GLY A 26 1.93 11.62 -15.86
N PRO A 27 1.52 12.70 -16.46
CA PRO A 27 0.42 13.55 -15.92
C PRO A 27 -0.78 12.71 -15.44
N PRO A 28 -1.58 13.26 -14.56
CA PRO A 28 -2.78 12.55 -14.02
C PRO A 28 -3.52 11.76 -15.11
N LYS A 29 -4.02 10.60 -14.79
CA LYS A 29 -4.75 9.79 -15.79
C LYS A 29 -5.50 8.67 -15.08
N CYS A 30 -4.95 8.16 -14.01
CA CYS A 30 -5.63 7.06 -13.27
C CYS A 30 -7.10 7.41 -13.06
N LYS A 31 -7.38 8.30 -12.15
CA LYS A 31 -8.80 8.69 -11.90
C LYS A 31 -9.64 7.44 -11.68
N GLN A 32 -10.42 7.06 -12.65
CA GLN A 32 -11.28 5.85 -12.49
C GLN A 32 -12.39 6.13 -11.48
N ARG A 33 -13.61 6.17 -11.92
CA ARG A 33 -14.74 6.44 -10.99
C ARG A 33 -16.02 5.79 -11.51
N GLN A 34 -15.91 4.58 -12.01
CA GLN A 34 -17.11 3.88 -12.55
C GLN A 34 -17.83 3.18 -11.40
N THR A 35 -17.27 3.21 -10.21
CA THR A 35 -17.93 2.55 -9.05
C THR A 35 -17.89 1.03 -9.24
N ARG A 36 -17.58 0.29 -8.20
CA ARG A 36 -17.52 -1.19 -8.33
C ARG A 36 -16.58 -1.56 -9.49
N GLN A 37 -15.37 -1.11 -9.45
CA GLN A 37 -14.41 -1.44 -10.54
C GLN A 37 -13.87 -2.85 -10.34
N CYS A 38 -14.25 -3.50 -9.27
CA CYS A 38 -13.76 -4.88 -9.02
C CYS A 38 -14.78 -5.64 -8.17
N LYS A 39 -15.27 -6.75 -8.66
CA LYS A 39 -16.26 -7.54 -7.87
C LYS A 39 -15.69 -7.85 -6.49
N SER A 40 -16.08 -7.09 -5.50
CA SER A 40 -15.57 -7.34 -4.12
C SER A 40 -16.11 -6.26 -3.18
N LYS A 41 -17.21 -6.53 -2.54
CA LYS A 41 -17.79 -5.52 -1.60
C LYS A 41 -16.79 -5.25 -0.46
N PRO A 42 -16.72 -4.04 0.01
CA PRO A 42 -15.80 -3.67 1.13
C PRO A 42 -16.28 -4.23 2.48
N PRO A 43 -15.38 -4.40 3.41
CA PRO A 43 -15.71 -4.93 4.77
C PRO A 43 -16.37 -3.88 5.66
N LYS A 44 -17.54 -4.17 6.17
CA LYS A 44 -18.22 -3.18 7.07
C LYS A 44 -18.19 -1.79 6.41
N LYS A 45 -18.12 -1.75 5.11
CA LYS A 45 -18.09 -0.43 4.40
C LYS A 45 -16.88 0.38 4.89
N GLY A 46 -16.48 1.38 4.15
CA GLY A 46 -15.31 2.20 4.57
C GLY A 46 -15.71 3.11 5.74
N VAL A 47 -16.20 2.53 6.81
CA VAL A 47 -16.62 3.35 7.99
C VAL A 47 -16.36 2.55 9.26
N GLN A 48 -16.39 1.25 9.18
CA GLN A 48 -16.15 0.41 10.39
C GLN A 48 -15.37 -0.84 10.00
N GLY A 49 -14.26 -0.67 9.32
CA GLY A 49 -13.45 -1.85 8.90
C GLY A 49 -11.99 -1.42 8.73
N CYS A 50 -11.08 -2.20 9.25
CA CYS A 50 -9.63 -1.86 9.12
C CYS A 50 -9.33 -0.62 9.98
N GLY A 51 -10.25 0.28 10.09
CA GLY A 51 -10.01 1.50 10.91
C GLY A 51 -11.35 2.09 11.37
N ASP A 52 -11.43 3.39 11.47
CA ASP A 52 -12.72 4.02 11.91
C ASP A 52 -12.75 5.47 11.46
N ASP A 53 -11.62 6.12 11.41
CA ASP A 53 -11.59 7.54 10.96
C ASP A 53 -11.82 7.61 9.45
N ILE A 54 -10.82 7.30 8.68
CA ILE A 54 -10.99 7.35 7.18
C ILE A 54 -10.23 6.17 6.55
N PRO A 55 -10.81 5.00 6.58
CA PRO A 55 -10.19 3.78 6.00
C PRO A 55 -10.36 3.71 4.48
N GLY A 56 -10.87 4.75 3.88
CA GLY A 56 -11.07 4.74 2.40
C GLY A 56 -12.23 5.67 2.04
N MET A 57 -12.53 6.62 2.88
CA MET A 57 -13.65 7.56 2.58
C MET A 57 -13.13 8.70 1.70
N GLU A 58 -12.06 9.33 2.10
CA GLU A 58 -11.51 10.45 1.29
C GLU A 58 -10.06 10.72 1.69
N GLY A 59 -9.85 11.46 2.75
CA GLY A 59 -8.46 11.76 3.19
C GLY A 59 -8.04 10.76 4.28
N CYS A 60 -7.15 9.85 3.96
CA CYS A 60 -6.70 8.86 4.97
C CYS A 60 -5.82 9.56 6.01
N GLY A 61 -6.34 9.76 7.19
CA GLY A 61 -5.53 10.44 8.25
C GLY A 61 -4.15 9.79 8.34
N THR A 62 -3.99 8.82 9.20
CA THR A 62 -2.67 8.16 9.35
C THR A 62 -2.54 7.05 8.30
N ASP A 63 -1.82 7.32 7.23
CA ASP A 63 -1.65 6.28 6.18
C ASP A 63 -0.76 5.15 6.70
N ILE A 64 -0.89 4.81 7.96
CA ILE A 64 -0.05 3.72 8.53
C ILE A 64 -0.89 2.86 9.46
N THR A 65 -2.03 3.36 9.88
CA THR A 65 -2.91 2.60 10.80
C THR A 65 -2.07 1.80 11.80
N VAL A 66 -0.95 2.34 12.20
CA VAL A 66 -0.07 1.64 13.17
C VAL A 66 0.50 0.38 12.53
N ILE A 67 -0.30 -0.34 11.80
CA ILE A 67 0.17 -1.59 11.13
C ILE A 67 -0.34 -1.60 9.69
N CYS A 68 0.42 -1.07 8.77
CA CYS A 68 -0.02 -1.06 7.35
C CYS A 68 0.52 -2.30 6.63
N PRO A 69 -0.27 -2.92 5.79
CA PRO A 69 0.15 -4.13 5.04
C PRO A 69 1.62 -4.09 4.61
N TRP A 70 2.19 -2.92 4.52
CA TRP A 70 3.62 -2.83 4.11
C TRP A 70 4.52 -3.28 5.27
N GLU A 71 3.98 -4.04 6.19
CA GLU A 71 4.80 -4.51 7.34
C GLU A 71 4.35 -5.92 7.74
N ALA A 72 3.08 -6.09 7.98
CA ALA A 72 2.57 -7.43 8.36
C ALA A 72 2.45 -8.33 7.13
N CYS A 73 1.40 -8.16 6.36
CA CYS A 73 1.22 -9.00 5.15
C CYS A 73 2.49 -8.98 4.30
N ASN A 74 2.66 -7.97 3.49
CA ASN A 74 3.88 -7.90 2.61
C ASN A 74 3.79 -8.97 1.53
N HIS A 75 3.83 -10.22 1.91
CA HIS A 75 3.76 -11.32 0.90
C HIS A 75 2.31 -11.75 0.71
N CYS A 76 1.45 -10.83 0.39
CA CYS A 76 0.01 -11.19 0.18
C CYS A 76 -0.21 -11.53 -1.29
N GLU A 77 0.56 -10.96 -2.18
CA GLU A 77 0.39 -11.26 -3.63
C GLU A 77 0.54 -12.77 -3.86
N LEU A 78 -0.32 -13.35 -4.65
CA LEU A 78 -0.22 -14.81 -4.93
C LEU A 78 1.03 -15.09 -5.77
N HIS A 79 0.90 -14.99 -7.06
CA HIS A 79 2.09 -15.24 -7.94
C HIS A 79 1.73 -14.87 -9.38
N GLU A 80 2.17 -13.71 -9.82
CA GLU A 80 1.85 -13.28 -11.21
C GLU A 80 2.99 -12.39 -11.73
N LEU A 81 2.74 -11.14 -11.95
CA LEU A 81 3.82 -10.23 -12.45
C LEU A 81 4.82 -9.94 -11.32
N ALA A 82 4.44 -10.20 -10.10
CA ALA A 82 5.35 -9.93 -8.96
C ALA A 82 6.61 -10.79 -9.11
N GLN A 83 6.77 -11.78 -8.29
CA GLN A 83 7.97 -12.65 -8.38
C GLN A 83 9.22 -11.81 -8.15
N TYR A 84 9.08 -10.63 -7.64
CA TYR A 84 10.27 -9.77 -7.40
C TYR A 84 9.86 -8.52 -6.61
N GLY A 85 8.97 -7.73 -7.14
CA GLY A 85 8.53 -6.50 -6.41
C GLY A 85 7.62 -6.90 -5.25
N ILE A 86 8.14 -7.66 -4.31
CA ILE A 86 7.34 -8.11 -3.12
C ILE A 86 5.84 -8.08 -3.43
N CYS A 87 5.24 -6.91 -3.43
CA CYS A 87 3.78 -6.82 -3.73
C CYS A 87 3.50 -7.51 -5.06
C1C RCY B . 9.49 6.88 11.67
O1G RCY B . 12.55 5.73 10.53
O1H RCY B . 11.93 3.86 14.82
O1J RCY B . 9.40 9.72 12.64
C1L RCY B . 13.09 3.55 11.50
C1M RCY B . 12.32 7.59 13.95
C1P RCY B . 12.56 5.00 11.51
C1Q RCY B . 12.41 4.17 13.73
N1R RCY B . 12.06 5.39 12.90
C1S RCY B . 13.47 3.40 12.97
C1U RCY B . 11.38 6.69 13.34
C1V RCY B . 11.82 7.66 11.05
N1V RCY B . 10.53 8.82 12.86
C1W RCY B . 11.69 8.99 13.84
C1X RCY B . 10.80 7.49 12.17
C1Y RCY B . 12.71 9.99 13.28
C1Z RCY B . 11.15 9.46 15.19
H1S RCY B . 14.15 3.80 13.71
H1U RCY B . 10.60 6.46 14.05
C1C RCY C . 8.89 7.67 -5.64
O1G RCY C . 12.38 5.18 -2.56
O1H RCY C . 10.46 6.61 -6.63
O1J RCY C . 7.06 5.61 -4.44
C1L RCY C . 12.67 4.49 -4.89
C1M RCY C . 9.88 6.87 -2.15
C1P RCY C . 12.06 5.30 -3.74
C1Q RCY C . 10.92 5.91 -5.73
N1R RCY C . 10.98 6.27 -4.25
C1S RCY C . 11.52 4.52 -5.89
C1U RCY C . 10.19 7.32 -3.48
C1V RCY C . 8.17 8.85 -3.52
N1V RCY C . 8.06 6.36 -3.68
C1W RCY C . 8.58 6.05 -2.28
C1X RCY C . 8.82 7.60 -4.12
C1Y RCY C . 7.57 6.49 -1.23
C1Z RCY C . 8.87 4.55 -2.16
H1S RCY C . 10.49 4.21 -6.02
H1U RCY C . 10.75 8.24 -3.43
C1C RCY D . 0.26 2.67 -10.17
O1G RCY D . -2.21 2.46 -11.34
O1H RCY D . -3.73 6.22 -8.91
O1J RCY D . 1.69 2.30 -7.54
C1L RCY D . -4.16 3.94 -11.57
C1M RCY D . -1.64 4.17 -7.38
C1P RCY D . -2.87 3.41 -10.91
C1Q RCY D . -3.70 5.17 -9.55
N1R RCY D . -2.51 4.22 -9.67
C1S RCY D . -4.83 4.56 -10.35
C1U RCY D . -1.28 4.10 -8.76
C1V RCY D . -1.56 1.58 -8.76
N1V RCY D . 0.33 2.81 -7.67
C1W RCY D . -0.50 3.51 -6.60
C1X RCY D . -0.58 2.75 -8.88
C1Y RCY D . -1.05 2.49 -5.59
C1Z RCY D . 0.37 4.55 -5.89
H1S RCY D . -5.25 4.31 -9.39
H1U RCY D . -0.58 4.89 -8.99
C1C RCY E . -6.60 -1.71 -4.83
O1G RCY E . -8.51 -1.14 -5.04
O1H RCY E . -10.08 -5.35 -6.51
O1J RCY E . -7.27 -2.88 -2.13
C1L RCY E . -10.71 -1.96 -5.72
C1M RCY E . -7.29 -5.34 -5.08
C1P RCY E . -9.20 -2.06 -5.47
C1Q RCY E . -9.89 -4.13 -6.39
N1R RCY E . -8.66 -3.45 -5.81
C1S RCY E . -10.87 -3.04 -6.80
C1U RCY E . -7.25 -4.02 -5.65
C1V RCY E . -4.94 -3.61 -4.70
N1V RCY E . -7.03 -3.67 -3.33
C1W RCY E . -7.36 -5.16 -3.55
C1X RCY E . -6.42 -3.22 -4.64
C1Y RCY E . -6.32 -6.04 -2.86
C1Z RCY E . -8.77 -5.44 -3.02
H1S RCY E . -10.56 -3.29 -7.81
H1U RCY E . -6.75 -4.04 -6.60
C1C RCY F . -6.83 -7.83 4.08
O1G RCY F . -9.77 -5.41 4.14
O1H RCY F . -5.78 -3.11 5.20
O1J RCY F . -4.67 -8.32 2.03
C1L RCY F . -9.21 -3.66 5.76
C1M RCY F . -5.73 -4.66 2.52
C1P RCY F . -8.91 -4.68 4.66
C1Q RCY F . -6.84 -3.70 5.29
N1R RCY F . -7.43 -4.68 4.28
C1S RCY F . -7.84 -3.58 6.44
C1U RCY F . -6.72 -5.47 3.19
C1V RCY F . -5.02 -6.25 4.89
N1V RCY F . -5.07 -6.99 2.51
C1W RCY F . -4.73 -5.64 1.89
C1X RCY F . -5.92 -6.66 3.73
C1Y RCY F . -3.29 -5.23 2.22
C1Z RCY F . -4.93 -5.72 0.38
H1S RCY F . -7.13 -4.19 6.97
H1U RCY F . -7.43 -5.82 2.46
C1C RCY G . -2.93 2.17 4.42
O1G RCY G . -1.46 5.40 5.42
O1H RCY G . -4.26 5.89 1.64
O1J RCY G . -0.88 0.33 3.20
C1L RCY G . -3.09 7.10 4.74
C1M RCY G . -0.78 3.98 2.01
C1P RCY G . -2.25 5.83 4.58
C1Q RCY G . -3.49 6.13 2.57
N1R RCY G . -2.54 5.14 3.24
C1S RCY G . -3.31 7.46 3.27
C1U RCY G . -2.02 3.80 2.71
C1V RCY G . -0.79 3.45 4.89
N1V RCY G . -0.89 1.78 3.02
C1W RCY G . -0.10 2.61 2.01
C1X RCY G . -1.68 2.81 3.81
C1Y RCY G . 1.36 2.74 2.45
C1Z RCY G . -0.19 1.93 0.64
H1S RCY G . -2.78 7.75 2.37
H1U RCY G . -2.76 3.37 2.04
C1C RCY H . -0.68 -2.90 1.07
O1G RCY H . 3.00 0.46 2.23
O1H RCY H . -1.55 -0.45 3.11
O1J RCY H . 0.26 -3.56 -1.72
C1L RCY H . 1.57 0.78 4.19
C1M RCY H . 1.57 -0.27 -0.24
C1P RCY H . 1.88 0.37 2.75
C1Q RCY H . -0.45 0.10 3.07
N1R RCY H . 0.64 -0.12 2.02
C1S RCY H . 0.09 1.11 4.06
C1U RCY H . 0.50 -0.70 0.62
C1V RCY H . 1.83 -2.73 1.36
N1V RCY H . 0.80 -2.47 -0.90
C1W RCY H . 1.66 -1.29 -1.37
C1X RCY H . 0.61 -2.23 0.58
C1Y RCY H . 3.12 -1.76 -1.57
C1Z RCY H . 1.09 -0.74 -2.68
H1S RCY H . -0.59 1.80 3.57
H1U RCY H . -0.44 -0.40 0.18
C1C RCY I . -2.04 -3.81 3.31
O1G RCY I . -5.94 -6.78 3.52
O1H RCY I . -1.76 -5.82 5.53
O1J RCY I . -3.62 -4.09 0.76
C1L RCY I . -4.09 -8.18 4.29
C1M RCY I . -5.68 -3.96 4.00
C1P RCY I . -4.81 -6.87 4.01
C1Q RCY I . -2.65 -6.32 4.82
N1R RCY I . -3.95 -5.66 4.41
C1S RCY I . -2.63 -7.71 4.22
C1U RCY I . -4.31 -4.17 4.38
C1V RCY I . -3.65 -1.88 3.53
N1V RCY I . -4.22 -3.83 2.06
C1W RCY I . -5.69 -3.95 2.47
C1X RCY I . -3.51 -3.39 3.34
C1Y RCY I . -6.47 -2.74 1.94
C1Z RCY I . -6.27 -5.24 1.89
H1S RCY I . -1.91 -7.29 3.53
H1U RCY I . -4.14 -3.74 5.36
C1C RCY J . -4.49 -4.03 -0.20
O1G RCY J . -2.53 -5.24 1.37
O1H RCY J . -2.41 -8.01 -2.45
O1J RCY J . -2.13 -2.74 1.17
C1L RCY J . -2.35 -7.66 1.06
C1M RCY J . -1.41 -4.41 -2.20
C1P RCY J . -2.50 -6.20 0.60
C1Q RCY J . -2.66 -7.56 -1.33
N1R RCY J . -2.63 -6.10 -0.92
C1S RCY J . -3.04 -8.38 -0.11
C1U RCY J . -2.72 -4.85 -1.80
C1V RCY J . -3.64 -2.51 -2.03
N1V RCY J . -2.10 -3.26 -0.20
C1W RCY J . -0.89 -3.53 -1.07
C1X RCY J . -3.29 -3.65 -1.06
C1Y RCY J . -0.33 -2.21 -1.63
C1Z RCY J . 0.17 -4.25 -0.24
H1S RCY J . -4.00 -8.47 -0.60
H1U RCY J . -3.31 -5.06 -2.68
C1C RCY K . -2.15 -0.35 -3.44
O1G RCY K . 0.60 -1.15 -4.91
O1H RCY K . 0.13 -5.02 -2.25
O1J RCY K . -5.01 -1.18 -2.94
C1L RCY K . 2.21 -2.67 -3.87
C1M RCY K . -2.46 -4.03 -3.18
C1P RCY K . 0.81 -2.13 -4.19
C1Q RCY K . 0.53 -3.95 -2.70
N1R RCY K . -0.28 -2.96 -3.53
C1S RCY K . 1.92 -3.36 -2.53
C1U RCY K . -1.80 -2.85 -3.66
C1V RCY K . -1.88 -1.80 -1.37
N1V RCY K . -3.87 -2.09 -2.87
C1W RCY K . -3.90 -3.62 -2.84
C1X RCY K . -2.39 -1.73 -2.82
C1Y RCY K . -4.29 -4.12 -1.45
C1Z RCY K . -4.88 -4.12 -3.89
H1S RCY K . 1.59 -3.15 -1.52
H1U RCY K . -2.06 -2.69 -4.71
N MET A 1 26.12 4.13 4.65
CA MET A 1 25.37 3.12 5.46
C MET A 1 26.36 2.13 6.07
N ASN A 2 26.67 2.28 7.33
CA ASN A 2 27.62 1.35 7.99
C ASN A 2 27.46 1.42 9.50
N LEU A 3 26.26 1.68 9.96
CA LEU A 3 26.02 1.76 11.43
C LEU A 3 24.53 1.60 11.72
N GLU A 4 23.75 1.28 10.73
CA GLU A 4 22.29 1.10 10.95
C GLU A 4 22.06 -0.09 11.90
N PRO A 5 21.29 0.11 12.95
CA PRO A 5 21.00 -0.99 13.93
C PRO A 5 20.73 -2.33 13.24
N PRO A 6 21.67 -3.24 13.27
CA PRO A 6 21.52 -4.58 12.63
C PRO A 6 20.20 -5.26 13.02
N LYS A 7 19.80 -6.26 12.30
CA LYS A 7 18.53 -6.97 12.61
C LYS A 7 17.40 -5.93 12.74
N ALA A 8 16.20 -6.39 12.98
CA ALA A 8 15.06 -5.43 13.13
C ALA A 8 15.00 -4.92 14.57
N GLU A 9 14.33 -5.63 15.44
CA GLU A 9 14.23 -5.19 16.84
C GLU A 9 13.68 -3.76 16.89
N CYS A 10 12.46 -3.57 16.48
CA CYS A 10 11.86 -2.21 16.50
C CYS A 10 11.64 -1.76 17.95
N ARG A 11 10.41 -1.65 18.37
CA ARG A 11 10.13 -1.23 19.77
C ARG A 11 10.91 0.06 20.08
N SER A 12 10.82 1.03 19.22
CA SER A 12 11.55 2.32 19.45
C SER A 12 10.58 3.35 20.04
N ALA A 13 9.31 3.17 19.83
CA ALA A 13 8.32 4.15 20.37
C ALA A 13 8.59 5.53 19.78
N THR A 14 7.76 5.98 18.88
CA THR A 14 7.97 7.32 18.27
C THR A 14 6.62 7.99 18.02
N ARG A 15 6.62 9.16 17.44
CA ARG A 15 5.34 9.86 17.17
C ARG A 15 4.78 9.43 15.81
N VAL A 16 3.48 9.42 15.66
CA VAL A 16 2.88 9.02 14.35
C VAL A 16 2.63 10.25 13.49
N MET A 17 2.55 10.07 12.19
CA MET A 17 2.30 11.23 11.30
C MET A 17 0.82 11.27 10.90
N GLY A 18 0.38 12.36 10.33
CA GLY A 18 -1.05 12.44 9.93
C GLY A 18 -1.95 11.99 11.08
N GLY A 19 -2.12 12.82 12.07
CA GLY A 19 -2.97 12.45 13.22
C GLY A 19 -4.42 12.24 12.75
N PRO A 20 -5.02 13.27 12.21
CA PRO A 20 -6.42 13.22 11.70
C PRO A 20 -6.69 11.97 10.84
N CYS A 21 -7.80 11.32 11.07
CA CYS A 21 -8.13 10.10 10.28
C CYS A 21 -9.62 10.13 9.91
N THR A 22 -9.92 10.40 8.66
CA THR A 22 -11.35 10.44 8.23
C THR A 22 -11.47 9.86 6.81
N PRO A 23 -11.85 8.61 6.69
CA PRO A 23 -12.00 7.95 5.36
C PRO A 23 -12.79 8.80 4.37
N ARG A 24 -12.12 9.45 3.45
CA ARG A 24 -12.84 10.30 2.47
C ARG A 24 -12.00 10.41 1.19
N LYS A 25 -12.60 10.86 0.12
CA LYS A 25 -11.85 11.01 -1.16
C LYS A 25 -12.27 12.30 -1.86
N GLY A 26 -11.74 12.56 -3.03
CA GLY A 26 -12.13 13.80 -3.75
C GLY A 26 -11.46 13.83 -5.13
N PRO A 27 -10.22 14.24 -5.21
CA PRO A 27 -9.48 14.32 -6.49
C PRO A 27 -9.69 13.05 -7.35
N PRO A 28 -10.20 13.21 -8.55
CA PRO A 28 -10.45 12.05 -9.47
C PRO A 28 -9.21 11.16 -9.61
N LYS A 29 -9.40 9.86 -9.61
CA LYS A 29 -8.22 8.94 -9.75
C LYS A 29 -7.91 8.73 -11.23
N CYS A 30 -6.70 8.39 -11.55
CA CYS A 30 -6.33 8.17 -12.97
C CYS A 30 -6.86 6.82 -13.45
N LYS A 31 -7.06 5.90 -12.54
CA LYS A 31 -7.57 4.57 -12.93
C LYS A 31 -8.95 4.72 -13.60
N GLN A 32 -9.81 3.75 -13.44
CA GLN A 32 -11.16 3.83 -14.05
C GLN A 32 -12.06 2.75 -13.45
N ARG A 33 -12.50 2.94 -12.24
CA ARG A 33 -13.37 1.92 -11.59
C ARG A 33 -12.65 0.57 -11.57
N GLN A 34 -12.26 0.12 -10.40
CA GLN A 34 -11.54 -1.18 -10.30
C GLN A 34 -12.55 -2.33 -10.40
N THR A 35 -12.44 -3.14 -11.42
CA THR A 35 -13.39 -4.27 -11.57
C THR A 35 -12.81 -5.30 -12.54
N ARG A 36 -11.60 -5.75 -12.30
CA ARG A 36 -10.98 -6.75 -13.21
C ARG A 36 -10.06 -7.67 -12.41
N GLN A 37 -9.93 -7.44 -11.13
CA GLN A 37 -9.04 -8.28 -10.29
C GLN A 37 -7.59 -8.16 -10.78
N CYS A 38 -7.31 -8.67 -11.95
CA CYS A 38 -5.92 -8.59 -12.50
C CYS A 38 -4.90 -8.77 -11.36
N LYS A 39 -5.25 -9.53 -10.36
CA LYS A 39 -4.31 -9.76 -9.22
C LYS A 39 -3.72 -11.16 -9.33
N SER A 40 -4.43 -12.16 -8.89
CA SER A 40 -3.91 -13.56 -8.97
C SER A 40 -2.47 -13.60 -8.46
N LYS A 41 -1.62 -14.34 -9.12
CA LYS A 41 -0.20 -14.43 -8.68
C LYS A 41 0.70 -14.62 -9.91
N PRO A 42 1.21 -13.55 -10.46
CA PRO A 42 2.09 -13.61 -11.66
C PRO A 42 3.52 -14.03 -11.30
N PRO A 43 4.28 -14.50 -12.26
CA PRO A 43 5.69 -14.93 -12.04
C PRO A 43 6.62 -13.75 -11.74
N LYS A 44 7.78 -14.02 -11.22
CA LYS A 44 8.73 -12.92 -10.90
C LYS A 44 8.03 -11.89 -10.02
N LYS A 45 8.05 -12.08 -8.73
CA LYS A 45 7.39 -11.12 -7.81
C LYS A 45 8.33 -10.80 -6.65
N GLY A 46 9.47 -11.42 -6.62
CA GLY A 46 10.44 -11.15 -5.51
C GLY A 46 11.30 -9.93 -5.86
N VAL A 47 12.34 -9.69 -5.10
CA VAL A 47 13.21 -8.52 -5.41
C VAL A 47 14.26 -8.92 -6.44
N GLN A 48 14.06 -10.02 -7.11
CA GLN A 48 15.05 -10.46 -8.14
C GLN A 48 15.07 -9.44 -9.29
N GLY A 49 13.93 -8.93 -9.67
CA GLY A 49 13.89 -7.94 -10.78
C GLY A 49 12.43 -7.62 -11.11
N CYS A 50 11.93 -6.50 -10.65
CA CYS A 50 10.53 -6.13 -10.95
C CYS A 50 10.35 -4.62 -10.75
N GLY A 51 11.16 -4.02 -9.92
CA GLY A 51 11.03 -2.56 -9.68
C GLY A 51 12.27 -2.06 -8.94
N ASP A 52 12.27 -2.17 -7.63
CA ASP A 52 13.45 -1.69 -6.85
C ASP A 52 13.87 -0.31 -7.34
N ASP A 53 13.14 0.72 -6.97
CA ASP A 53 13.49 2.09 -7.42
C ASP A 53 12.91 3.12 -6.45
N ILE A 54 11.77 2.82 -5.88
CA ILE A 54 11.14 3.77 -4.92
C ILE A 54 12.09 4.01 -3.74
N PRO A 55 12.36 5.25 -3.40
CA PRO A 55 13.27 5.59 -2.27
C PRO A 55 12.63 5.29 -0.89
N GLY A 56 11.73 6.12 -0.46
CA GLY A 56 11.08 5.89 0.88
C GLY A 56 9.57 6.11 0.76
N MET A 57 8.89 5.27 0.05
CA MET A 57 7.41 5.41 -0.09
C MET A 57 7.06 6.88 -0.36
N GLU A 58 8.00 7.65 -0.83
CA GLU A 58 7.72 9.09 -1.11
C GLU A 58 8.43 9.50 -2.40
N GLY A 59 8.13 8.83 -3.49
CA GLY A 59 8.78 9.18 -4.79
C GLY A 59 7.81 8.91 -5.93
N CYS A 60 8.31 8.50 -7.06
CA CYS A 60 7.41 8.22 -8.22
C CYS A 60 6.69 9.51 -8.63
N GLY A 61 5.73 9.92 -7.86
CA GLY A 61 4.99 11.17 -8.19
C GLY A 61 4.31 11.71 -6.95
N THR A 62 4.92 11.53 -5.80
CA THR A 62 4.33 12.03 -4.52
C THR A 62 2.80 11.93 -4.57
N ASP A 63 2.28 10.97 -5.28
CA ASP A 63 0.80 10.82 -5.36
C ASP A 63 0.26 10.46 -3.97
N ILE A 64 1.12 10.16 -3.04
CA ILE A 64 0.66 9.81 -1.67
C ILE A 64 0.29 11.09 -0.91
N THR A 65 1.23 11.70 -0.23
CA THR A 65 0.93 12.95 0.52
C THR A 65 -0.32 12.74 1.38
N VAL A 66 -0.24 11.89 2.36
CA VAL A 66 -1.42 11.65 3.24
C VAL A 66 -2.60 11.13 2.41
N ILE A 67 -2.44 11.07 1.11
CA ILE A 67 -3.55 10.57 0.24
C ILE A 67 -2.98 9.58 -0.77
N CYS A 68 -3.02 8.31 -0.44
CA CYS A 68 -2.48 7.28 -1.38
C CYS A 68 -3.65 6.48 -1.97
N PRO A 69 -3.52 6.01 -3.19
CA PRO A 69 -4.58 5.23 -3.88
C PRO A 69 -5.37 4.31 -2.93
N TRP A 70 -4.73 3.73 -1.96
CA TRP A 70 -5.48 2.83 -1.02
C TRP A 70 -6.57 3.64 -0.32
N GLU A 71 -6.61 4.92 -0.56
CA GLU A 71 -7.64 5.78 0.09
C GLU A 71 -8.83 5.98 -0.86
N ALA A 72 -8.57 6.12 -2.13
CA ALA A 72 -9.67 6.33 -3.11
C ALA A 72 -10.36 4.99 -3.39
N CYS A 73 -9.62 3.93 -3.52
CA CYS A 73 -10.24 2.61 -3.81
C CYS A 73 -10.97 2.10 -2.56
N ASN A 74 -11.76 2.93 -1.94
CA ASN A 74 -12.50 2.50 -0.72
C ASN A 74 -13.52 1.42 -1.10
N HIS A 75 -13.06 0.26 -1.46
CA HIS A 75 -14.01 -0.84 -1.84
C HIS A 75 -13.28 -2.18 -1.77
N CYS A 76 -12.09 -2.20 -1.23
CA CYS A 76 -11.32 -3.47 -1.13
C CYS A 76 -11.42 -4.01 0.30
N GLU A 77 -11.90 -3.21 1.21
CA GLU A 77 -12.02 -3.68 2.62
C GLU A 77 -13.04 -4.81 2.70
N LEU A 78 -12.59 -6.04 2.58
CA LEU A 78 -13.52 -7.19 2.66
C LEU A 78 -14.53 -7.11 1.51
N HIS A 79 -14.31 -7.88 0.47
CA HIS A 79 -15.24 -7.87 -0.69
C HIS A 79 -14.87 -8.98 -1.67
N GLU A 80 -15.02 -8.74 -2.95
CA GLU A 80 -14.67 -9.78 -3.95
C GLU A 80 -13.15 -9.93 -4.03
N LEU A 81 -12.43 -8.84 -4.01
CA LEU A 81 -10.95 -8.92 -4.07
C LEU A 81 -10.44 -9.76 -2.89
N ALA A 82 -10.97 -9.52 -1.72
CA ALA A 82 -10.53 -10.30 -0.53
C ALA A 82 -10.70 -11.80 -0.83
N GLN A 83 -11.68 -12.43 -0.23
CA GLN A 83 -11.89 -13.89 -0.49
C GLN A 83 -10.52 -14.59 -0.45
N TYR A 84 -9.83 -14.65 -1.55
CA TYR A 84 -8.49 -15.28 -1.54
C TYR A 84 -7.64 -14.55 -0.51
N GLY A 85 -7.95 -13.30 -0.27
CA GLY A 85 -7.18 -12.51 0.73
C GLY A 85 -7.22 -13.25 2.06
N ILE A 86 -6.08 -13.63 2.56
CA ILE A 86 -6.02 -14.38 3.85
C ILE A 86 -4.95 -13.77 4.76
N CYS A 87 -4.39 -12.66 4.35
CA CYS A 87 -3.34 -12.02 5.19
C CYS A 87 -3.90 -11.77 6.59
C1C RCY B . 9.74 1.92 10.19
O1G RCY B . 14.34 1.40 13.16
O1H RCY B . 10.30 -0.49 11.60
O1J RCY B . 10.74 3.49 7.83
C1L RCY B . 13.03 -0.55 13.84
C1M RCY B . 13.42 2.24 10.27
C1P RCY B . 13.33 0.70 13.02
C1Q RCY B . 11.20 -0.08 12.34
N1R RCY B . 12.23 0.99 12.00
C1S RCY B . 11.50 -0.57 13.74
C1U RCY B . 12.16 2.08 10.93
C1V RCY B . 11.45 0.31 9.25
N1V RCY B . 11.62 2.77 8.76
C1W RCY B . 13.12 2.89 8.91
C1X RCY B . 11.20 1.72 9.79
C1Y RCY B . 13.84 2.15 7.79
C1Z RCY B . 13.51 4.37 8.92
H1S RCY B . 10.62 0.00 14.02
H1U RCY B . 11.86 3.01 11.37
C1C RCY C . -1.63 10.40 6.73
O1G RCY C . -2.69 11.38 8.87
O1H RCY C . -6.06 8.32 7.59
O1J RCY C . -1.88 7.54 5.84
C1L RCY C . -4.13 9.85 10.13
C1M RCY C . -4.96 9.73 5.27
C1P RCY C . -3.60 10.56 8.87
C1Q RCY C . -5.42 9.19 8.20
N1R RCY C . -4.35 10.10 7.61
C1S RCY C . -5.56 9.53 9.66
C1U RCY C . -4.09 10.46 6.15
C1V RCY C . -2.35 10.70 4.32
N1V RCY C . -2.85 8.57 5.54
C1W RCY C . -4.28 8.39 5.01
C1X RCY C . -2.69 10.08 5.67
C1Y RCY C . -4.26 8.07 3.51
C1Z RCY C . -4.95 7.26 5.79
H1S RCY C . -6.48 10.01 9.36
H1U RCY C . -4.24 11.52 6.01
C1C RCY D . -1.24 4.62 -16.57
O1G RCY D . -3.87 2.43 -13.25
O1H RCY D . -4.00 6.92 -14.69
O1J RCY D . -2.17 4.21 -19.40
C1L RCY D . -4.11 4.56 -12.08
C1M RCY D . -4.90 4.04 -16.70
C1P RCY D . -3.91 3.66 -13.29
C1Q RCY D . -3.77 5.90 -14.05
N1R RCY D . -3.76 4.47 -14.57
C1S RCY D . -3.43 5.83 -12.56
C1U RCY D . -3.63 3.99 -16.03
C1V RCY D . -3.08 6.36 -16.73
N1V RCY D . -3.07 4.38 -18.26
C1W RCY D . -4.57 4.09 -18.20
C1X RCY D . -2.71 4.88 -16.87
C1Y RCY D . -5.36 5.22 -18.89
C1Z RCY D . -4.85 2.75 -18.88
H1S RCY D . -2.47 6.21 -12.88
H1U RCY D . -3.26 2.98 -16.04
C1C RCY E . -7.32 -4.14 -7.39
O1G RCY E . -4.14 -8.27 -7.92
O1H RCY E . -7.07 -4.86 -9.35
O1J RCY E . -9.75 -5.91 -7.53
C1L RCY E . -4.71 -7.37 -10.12
C1M RCY E . -6.64 -7.46 -5.89
C1P RCY E . -4.81 -7.49 -8.60
C1Q RCY E . -6.44 -5.91 -9.28
N1R RCY E . -5.85 -6.53 -8.02
C1S RCY E . -6.11 -6.83 -10.43
C1U RCY E . -6.21 -6.25 -6.56
C1V RCY E . -7.56 -4.81 -4.97
N1V RCY E . -8.54 -6.23 -6.77
C1W RCY E . -8.14 -7.59 -6.19
C1X RCY E . -7.40 -5.30 -6.41
C1Y RCY E . -8.93 -7.86 -4.90
C1Z RCY E . -8.41 -8.69 -7.22
H1S RCY E . -7.15 -7.11 -10.37
H1U RCY E . -5.36 -5.85 -6.04
C1C RCY F . 3.67 -3.23 -6.91
O1G RCY F . 5.02 -4.66 -9.39
O1H RCY F . 7.82 -6.55 -6.08
O1J RCY F . 2.34 -3.58 -4.23
C1L RCY F . 7.35 -5.42 -9.39
C1M RCY F . 5.10 -6.10 -5.07
C1P RCY F . 5.98 -5.13 -8.77
C1Q RCY F . 7.40 -5.88 -7.02
N1R RCY F . 5.95 -5.47 -7.28
C1S RCY F . 8.24 -5.30 -8.15
C1U RCY F . 4.78 -5.42 -6.29
C1V RCY F . 5.69 -3.24 -5.38
N1V RCY F . 3.54 -4.31 -4.66
C1W RCY F . 4.16 -5.54 -4.01
C1X RCY F . 4.45 -4.00 -5.85
C1Y RCY F . 4.93 -5.15 -2.74
C1Z RCY F . 3.05 -6.54 -3.67
H1S RCY F . 8.56 -4.58 -7.41
H1U RCY F . 3.92 -5.88 -6.75
C1C RCY G . 5.62 1.78 -7.03
O1G RCY G . 1.31 3.76 -9.24
O1H RCY G . 5.80 3.75 -7.75
O1J RCY G . 5.12 3.30 -4.48
C1L RCY G . 3.23 5.23 -9.67
C1M RCY G . 2.00 2.17 -6.39
C1P RCY G . 2.48 4.05 -9.01
C1Q RCY G . 4.67 4.11 -8.09
N1R RCY G . 3.39 3.28 -8.06
C1S RCY G . 4.29 5.49 -8.60
C1U RCY G . 3.11 1.99 -7.28
C1V RCY G . 4.09 0.18 -5.81
N1V RCY G . 4.08 2.62 -5.23
C1W RCY G . 2.57 2.78 -5.09
C1X RCY G . 4.27 1.60 -6.35
C1Y RCY G . 2.07 2.01 -3.87
C1Z RCY G . 2.22 4.26 -4.98
H1S RCY G . 4.40 5.80 -7.57
H1U RCY G . 2.91 1.19 -7.97
C1C RCY H . 2.89 5.78 0.14
O1G RCY H . 0.96 1.56 -0.70
O1H RCY H . 0.24 5.68 1.46
O1J RCY H . 2.10 6.74 2.88
C1L RCY H . -0.95 3.06 -0.58
C1M RCY H . 2.70 2.97 2.54
C1P RCY H . 0.47 2.58 -0.25
C1Q RCY H . 0.09 4.55 1.02
N1R RCY H . 1.18 3.54 0.71
C1S RCY H . -1.24 3.90 0.68
C1U RCY H . 2.63 3.50 1.21
C1V RCY H . 4.76 4.81 1.56
N1V RCY H . 2.55 5.39 2.59
C1W RCY H . 2.44 4.17 3.49
C1X RCY H . 3.25 4.89 1.33
C1Y RCY H . 3.50 4.21 4.59
C1Z RCY H . 1.03 4.10 4.08
H1S RCY H . -1.35 3.81 1.74
H1U RCY H . 3.23 2.89 0.55
C1C RCY I . -2.52 -0.47 -1.94
O1G RCY I . -4.35 4.37 -1.67
O1H RCY I . -5.44 0.03 -3.21
O1J RCY I . 0.40 0.23 -1.99
C1L RCY I . -6.46 3.15 -1.89
C1M RCY I . -2.02 3.08 -2.87
C1P RCY I . -4.95 3.35 -2.03
C1Q RCY I . -5.46 1.25 -3.00
N1R RCY I . -4.28 2.14 -2.66
C1S RCY I . -6.69 2.14 -3.03
C1U RCY I . -2.79 1.87 -2.89
C1V RCY I . -2.49 1.54 -0.40
N1V RCY I . -0.68 1.21 -2.11
C1W RCY I . -0.58 2.67 -2.55
C1X RCY I . -2.16 1.01 -1.79
C1Y RCY I . -0.01 3.54 -1.43
C1Z RCY I . 0.31 2.75 -3.79
H1S RCY I . -6.62 2.04 -4.10
H1U RCY I . -2.65 1.38 -3.84
C1C RCY J . -3.79 -3.61 3.97
O1G RCY J . -7.20 -2.98 4.07
O1H RCY J . -6.02 -3.26 -0.49
O1J RCY J . -2.00 -1.26 4.54
C1L RCY J . -8.31 -3.92 2.10
C1M RCY J . -4.85 -0.61 2.07
C1P RCY J . -7.20 -3.19 2.86
C1Q RCY J . -6.65 -3.12 0.56
N1R RCY J . -6.09 -2.72 1.91
C1S RCY J . -8.14 -3.30 0.71
C1U RCY J . -4.76 -2.04 2.23
C1V RCY J . -5.49 -1.85 4.65
N1V RCY J . -3.23 -1.17 3.79
C1W RCY J . -3.72 -0.01 2.91
C1X RCY J . -4.35 -2.21 3.70
C1Y RCY J . -4.25 1.13 3.78
C1Z RCY J . -2.57 0.47 2.04
H1S RCY J . -8.21 -2.35 0.19
H1U RCY J . -3.98 -2.43 1.59
C1C RCY K . -1.47 -5.39 0.78
O1G RCY K . -0.91 -7.23 1.41
O1H RCY K . -2.98 -6.82 5.63
O1J RCY K . -4.40 -5.86 0.36
C1L RCY K . -1.36 -8.82 3.21
C1M RCY K . -3.42 -4.44 3.79
C1P RCY K . -1.34 -7.44 2.53
C1Q RCY K . -2.21 -7.14 4.73
N1R RCY K . -1.94 -6.36 3.45
C1S RCY K . -1.35 -8.39 4.68
C1U RCY K . -2.21 -4.88 3.16
C1V RCY K . -2.41 -3.10 1.36
N1V RCY K . -3.85 -5.15 1.51
C1W RCY K . -4.55 -4.79 2.81
C1X RCY K . -2.44 -4.61 1.67
C1Y RCY K . -5.47 -3.58 2.61
C1Z RCY K . -5.35 -5.99 3.30
H1S RCY K . -0.74 -7.88 5.41
H1U RCY K . -1.38 -4.30 3.51
N MET A 1 21.81 5.13 5.13
CA MET A 1 21.74 5.00 3.64
C MET A 1 20.31 4.60 3.24
N ASN A 2 19.96 4.78 2.00
CA ASN A 2 18.58 4.42 1.55
C ASN A 2 17.58 5.43 2.10
N LEU A 3 17.66 5.74 3.37
CA LEU A 3 16.72 6.72 3.97
C LEU A 3 17.11 8.14 3.54
N GLU A 4 16.16 8.94 3.15
CA GLU A 4 16.47 10.33 2.71
C GLU A 4 16.36 11.27 3.92
N PRO A 5 17.10 12.36 3.92
CA PRO A 5 17.07 13.35 5.03
C PRO A 5 15.66 13.54 5.60
N PRO A 6 15.56 13.99 6.83
CA PRO A 6 14.24 14.21 7.50
C PRO A 6 13.48 15.39 6.89
N LYS A 7 12.18 15.43 7.10
CA LYS A 7 11.39 16.55 6.54
C LYS A 7 10.08 16.70 7.33
N ALA A 8 8.96 16.64 6.67
CA ALA A 8 7.66 16.78 7.40
C ALA A 8 7.02 15.40 7.57
N GLU A 9 6.96 14.91 8.77
CA GLU A 9 6.36 13.56 9.00
C GLU A 9 4.83 13.70 9.06
N CYS A 10 4.30 14.77 8.53
CA CYS A 10 2.83 14.96 8.56
C CYS A 10 2.32 14.80 10.00
N ARG A 11 2.98 15.42 10.94
CA ARG A 11 2.54 15.32 12.36
C ARG A 11 2.44 13.85 12.77
N SER A 12 1.36 13.19 12.44
CA SER A 12 1.20 11.76 12.81
C SER A 12 2.50 11.00 12.52
N ALA A 13 2.67 9.84 13.10
CA ALA A 13 3.91 9.07 12.85
C ALA A 13 5.13 9.91 13.25
N THR A 14 5.66 9.67 14.42
CA THR A 14 6.85 10.45 14.87
C THR A 14 7.98 10.29 13.84
N ARG A 15 8.18 9.11 13.34
CA ARG A 15 9.26 8.89 12.34
C ARG A 15 8.99 7.60 11.56
N VAL A 16 7.97 6.88 11.95
CA VAL A 16 7.65 5.60 11.23
C VAL A 16 6.13 5.40 11.23
N MET A 17 5.59 4.94 12.34
CA MET A 17 4.12 4.72 12.40
C MET A 17 3.71 4.39 13.84
N GLY A 18 2.63 4.96 14.31
CA GLY A 18 2.20 4.69 15.70
C GLY A 18 1.33 5.85 16.20
N GLY A 19 0.97 5.84 17.46
CA GLY A 19 0.14 6.93 18.02
C GLY A 19 -1.34 6.68 17.70
N PRO A 20 -2.20 7.55 18.14
CA PRO A 20 -3.66 7.43 17.90
C PRO A 20 -3.99 7.09 16.44
N CYS A 21 -4.66 6.00 16.21
CA CYS A 21 -5.01 5.62 14.81
C CYS A 21 -6.30 6.33 14.39
N THR A 22 -6.21 7.18 13.40
CA THR A 22 -7.42 7.91 12.94
C THR A 22 -7.56 7.78 11.42
N PRO A 23 -8.38 6.86 10.96
CA PRO A 23 -8.59 6.63 9.50
C PRO A 23 -8.91 7.93 8.75
N ARG A 24 -9.13 7.85 7.46
CA ARG A 24 -9.44 9.08 6.68
C ARG A 24 -10.03 8.69 5.33
N LYS A 25 -11.19 8.09 5.33
CA LYS A 25 -11.83 7.68 4.04
C LYS A 25 -11.78 8.85 3.05
N GLY A 26 -12.12 8.62 1.81
CA GLY A 26 -12.10 9.72 0.81
C GLY A 26 -11.96 9.13 -0.60
N PRO A 27 -12.24 9.92 -1.60
CA PRO A 27 -12.15 9.47 -3.02
C PRO A 27 -10.86 8.68 -3.30
N PRO A 28 -10.98 7.47 -3.81
CA PRO A 28 -9.79 6.63 -4.11
C PRO A 28 -8.69 7.41 -4.84
N LYS A 29 -7.50 6.86 -4.90
CA LYS A 29 -6.37 7.57 -5.58
C LYS A 29 -5.88 6.72 -6.76
N CYS A 30 -5.02 7.26 -7.57
CA CYS A 30 -4.50 6.48 -8.73
C CYS A 30 -5.67 5.93 -9.55
N LYS A 31 -6.87 6.31 -9.20
CA LYS A 31 -8.06 5.81 -9.96
C LYS A 31 -7.98 4.29 -10.07
N GLN A 32 -8.94 3.68 -10.71
CA GLN A 32 -8.93 2.20 -10.85
C GLN A 32 -7.94 1.81 -11.97
N ARG A 33 -8.16 0.70 -12.63
CA ARG A 33 -7.24 0.27 -13.71
C ARG A 33 -5.99 -0.37 -13.09
N GLN A 34 -4.96 -0.59 -13.86
CA GLN A 34 -3.72 -1.22 -13.32
C GLN A 34 -4.09 -2.51 -12.59
N THR A 35 -5.22 -3.08 -12.91
CA THR A 35 -5.63 -4.35 -12.24
C THR A 35 -4.94 -5.54 -12.92
N ARG A 36 -4.15 -6.28 -12.19
CA ARG A 36 -3.45 -7.45 -12.79
C ARG A 36 -4.27 -8.72 -12.56
N GLN A 37 -5.54 -8.57 -12.26
CA GLN A 37 -6.40 -9.77 -12.03
C GLN A 37 -5.79 -10.63 -10.91
N CYS A 38 -4.81 -11.43 -11.23
CA CYS A 38 -4.18 -12.28 -10.19
C CYS A 38 -5.27 -13.06 -9.44
N LYS A 39 -5.63 -14.21 -9.94
CA LYS A 39 -6.68 -15.02 -9.26
C LYS A 39 -6.22 -15.41 -7.85
N SER A 40 -6.55 -16.59 -7.41
CA SER A 40 -6.14 -17.03 -6.04
C SER A 40 -4.97 -18.02 -6.13
N LYS A 41 -4.76 -18.61 -7.27
CA LYS A 41 -3.63 -19.58 -7.41
C LYS A 41 -2.36 -18.97 -6.80
N PRO A 42 -1.66 -19.71 -5.96
CA PRO A 42 -0.41 -19.22 -5.30
C PRO A 42 0.78 -19.22 -6.27
N PRO A 43 1.80 -18.47 -5.94
CA PRO A 43 3.04 -18.39 -6.79
C PRO A 43 3.86 -19.68 -6.74
N LYS A 44 4.73 -19.87 -7.68
CA LYS A 44 5.56 -21.11 -7.69
C LYS A 44 6.79 -20.92 -6.81
N LYS A 45 6.86 -19.82 -6.09
CA LYS A 45 8.03 -19.58 -5.22
C LYS A 45 7.81 -20.27 -3.87
N GLY A 46 7.26 -19.57 -2.91
CA GLY A 46 7.02 -20.19 -1.58
C GLY A 46 6.38 -19.17 -0.64
N VAL A 47 6.45 -19.40 0.64
CA VAL A 47 5.85 -18.44 1.62
C VAL A 47 6.76 -17.21 1.76
N GLN A 48 7.51 -17.15 2.83
CA GLN A 48 8.41 -15.98 3.03
C GLN A 48 9.17 -15.68 1.73
N GLY A 49 8.64 -14.80 0.92
CA GLY A 49 9.32 -14.46 -0.36
C GLY A 49 8.30 -13.95 -1.37
N CYS A 50 8.74 -13.50 -2.51
CA CYS A 50 7.79 -12.98 -3.54
C CYS A 50 8.41 -13.16 -4.93
N GLY A 51 7.88 -12.48 -5.91
CA GLY A 51 8.44 -12.61 -7.29
C GLY A 51 8.03 -11.39 -8.11
N ASP A 52 7.59 -11.60 -9.32
CA ASP A 52 7.17 -10.45 -10.17
C ASP A 52 8.34 -9.46 -10.30
N ASP A 53 9.00 -9.44 -11.42
CA ASP A 53 10.13 -8.51 -11.60
C ASP A 53 11.06 -8.59 -10.39
N ILE A 54 10.99 -7.63 -9.50
CA ILE A 54 11.86 -7.65 -8.29
C ILE A 54 11.75 -9.03 -7.64
N PRO A 55 12.86 -9.69 -7.38
CA PRO A 55 12.86 -11.04 -6.74
C PRO A 55 12.50 -10.98 -5.25
N GLY A 56 11.62 -10.08 -4.88
CA GLY A 56 11.23 -9.98 -3.45
C GLY A 56 12.29 -9.18 -2.68
N MET A 57 12.66 -8.04 -3.18
CA MET A 57 13.69 -7.22 -2.48
C MET A 57 13.00 -6.35 -1.43
N GLU A 58 11.72 -6.13 -1.56
CA GLU A 58 11.00 -5.29 -0.57
C GLU A 58 11.68 -3.93 -0.46
N GLY A 59 11.97 -3.32 -1.57
CA GLY A 59 12.63 -1.98 -1.55
C GLY A 59 12.43 -1.28 -2.90
N CYS A 60 11.25 -0.79 -3.14
CA CYS A 60 10.97 -0.08 -4.42
C CYS A 60 11.26 1.41 -4.27
N GLY A 61 11.51 1.85 -3.06
CA GLY A 61 11.80 3.30 -2.83
C GLY A 61 11.04 3.76 -1.58
N THR A 62 11.37 3.20 -0.44
CA THR A 62 10.66 3.60 0.81
C THR A 62 9.15 3.54 0.61
N ASP A 63 8.71 3.08 -0.53
CA ASP A 63 7.25 2.99 -0.78
C ASP A 63 6.65 1.87 0.09
N ILE A 64 6.95 1.87 1.36
CA ILE A 64 6.42 0.82 2.25
C ILE A 64 6.12 1.42 3.64
N THR A 65 7.03 1.25 4.57
CA THR A 65 6.80 1.82 5.93
C THR A 65 6.65 3.33 5.84
N VAL A 66 7.70 4.04 5.55
CA VAL A 66 7.61 5.53 5.45
C VAL A 66 6.39 5.90 4.61
N ILE A 67 6.27 5.33 3.43
CA ILE A 67 5.10 5.63 2.57
C ILE A 67 4.55 4.32 2.00
N CYS A 68 3.60 3.72 2.68
CA CYS A 68 3.03 2.44 2.18
C CYS A 68 1.84 2.76 1.25
N PRO A 69 1.70 2.01 0.18
CA PRO A 69 0.59 2.22 -0.79
C PRO A 69 -0.73 2.56 -0.09
N TRP A 70 -0.89 2.11 1.13
CA TRP A 70 -2.16 2.40 1.87
C TRP A 70 -2.31 3.92 2.05
N GLU A 71 -1.29 4.66 1.75
CA GLU A 71 -1.38 6.14 1.90
C GLU A 71 -2.31 6.70 0.83
N ALA A 72 -2.12 6.31 -0.40
CA ALA A 72 -2.99 6.83 -1.49
C ALA A 72 -4.42 6.29 -1.30
N CYS A 73 -4.60 5.01 -1.46
CA CYS A 73 -5.96 4.42 -1.27
C CYS A 73 -6.31 4.39 0.22
N ASN A 74 -6.55 5.53 0.80
CA ASN A 74 -6.89 5.57 2.26
C ASN A 74 -8.03 4.60 2.54
N HIS A 75 -9.12 4.73 1.82
CA HIS A 75 -10.28 3.81 2.04
C HIS A 75 -9.78 2.38 2.13
N CYS A 76 -9.81 1.79 3.30
CA CYS A 76 -9.34 0.38 3.45
C CYS A 76 -10.55 -0.55 3.59
N GLU A 77 -11.08 -1.02 2.48
CA GLU A 77 -12.25 -1.93 2.55
C GLU A 77 -11.82 -3.30 3.07
N LEU A 78 -12.38 -4.36 2.55
CA LEU A 78 -11.99 -5.71 3.02
C LEU A 78 -12.26 -6.75 1.92
N HIS A 79 -13.26 -6.53 1.11
CA HIS A 79 -13.56 -7.50 0.01
C HIS A 79 -14.70 -6.96 -0.86
N GLU A 80 -15.71 -7.76 -1.09
CA GLU A 80 -16.84 -7.29 -1.93
C GLU A 80 -17.63 -6.21 -1.19
N LEU A 81 -17.45 -6.13 0.11
CA LEU A 81 -18.18 -5.10 0.89
C LEU A 81 -17.59 -3.73 0.58
N ALA A 82 -16.80 -3.65 -0.46
CA ALA A 82 -16.17 -2.34 -0.83
C ALA A 82 -17.27 -1.33 -1.16
N GLN A 83 -16.90 -0.19 -1.67
CA GLN A 83 -17.91 0.85 -2.02
C GLN A 83 -17.33 1.79 -3.08
N TYR A 84 -16.34 1.34 -3.80
CA TYR A 84 -15.73 2.21 -4.86
C TYR A 84 -15.08 1.33 -5.93
N GLY A 85 -14.10 0.56 -5.56
CA GLY A 85 -13.43 -0.32 -6.56
C GLY A 85 -13.10 -1.67 -5.93
N ILE A 86 -14.10 -2.42 -5.54
CA ILE A 86 -13.84 -3.74 -4.91
C ILE A 86 -12.74 -3.61 -3.86
N CYS A 87 -11.90 -4.59 -3.73
CA CYS A 87 -10.81 -4.52 -2.72
C CYS A 87 -9.65 -3.69 -3.29
C1C RCY B . 1.16 7.85 6.72
O1G RCY B . 2.22 9.10 4.53
O1H RCY B . 0.39 12.65 7.05
O1J RCY B . 0.86 9.00 9.48
C1L RCY B . 3.02 11.34 5.10
C1M RCY B . -1.50 10.42 6.81
C1P RCY B . 2.02 10.18 5.08
C1Q RCY B . 0.97 12.01 6.17
N1R RCY B . 0.73 10.55 5.81
C1S RCY B . 2.06 12.52 5.25
C1U RCY B . -0.49 9.67 6.12
C1V RCY B . -1.32 7.50 7.11
N1V RCY B . -0.06 9.26 8.38
C1W RCY B . -1.14 10.35 8.30
C1X RCY B . -0.18 8.52 7.05
C1Y RCY B . -2.37 9.95 9.13
C1Z RCY B . -0.56 11.67 8.79
H1S RCY B . 1.25 13.04 4.75
H1U RCY B . -0.90 9.29 5.19
C1C RCY C . -0.65 7.73 12.83
O1G RCY C . -0.16 4.28 11.15
O1H RCY C . -4.46 6.14 11.67
O1J RCY C . 1.83 6.39 11.80
C1L RCY C . -2.24 3.41 12.08
C1M RCY C . -1.01 6.80 9.26
C1P RCY C . -1.33 4.47 11.45
C1Q RCY C . -3.41 5.51 11.87
N1R RCY C . -2.06 5.79 11.23
C1S RCY C . -3.24 4.33 12.80
C1U RCY C . -1.57 7.08 10.56
C1V RCY C . -0.14 9.16 10.80
N1V RCY C . 0.73 6.81 10.95
C1W RCY C . 0.46 6.42 9.50
C1X RCY C . -0.42 7.75 11.32
C1Y RCY C . 1.38 7.19 8.55
C1Z RCY C . 0.66 4.92 9.34
H1S RCY C . -3.30 5.07 13.58
H1U RCY C . -2.39 7.78 10.46
C1C RCY D . -7.58 3.43 -6.25
O1G RCY D . -4.77 -0.30 -8.86
O1H RCY D . -5.62 4.31 -8.28
O1J RCY D . -9.68 1.61 -5.13
C1L RCY D . -3.45 1.70 -9.30
C1M RCY D . -7.42 0.09 -7.81
C1P RCY D . -4.69 0.92 -8.86
C1Q RCY D . -5.24 3.23 -8.74
N1R RCY D . -5.83 1.85 -8.43
C1S RCY D . -4.11 3.02 -9.72
C1U RCY D . -7.20 1.51 -7.85
C1V RCY D . -6.16 1.46 -5.53
N1V RCY D . -8.60 1.16 -6.01
C1W RCY D . -8.49 -0.16 -6.76
C1X RCY D . -7.35 1.93 -6.39
C1Y RCY D . -8.07 -1.28 -5.80
C1Z RCY D . -9.84 -0.49 -7.40
H1S RCY D . -4.80 3.43 -10.45
H1U RCY D . -7.97 1.97 -8.44
C1C RCY E . -1.53 -6.76 -5.09
O1G RCY E . -2.16 -9.14 -3.84
O1H RCY E . -3.97 -9.59 -8.18
O1J RCY E . -1.10 -6.31 -8.03
C1L RCY E . -2.17 -10.97 -5.46
C1M RCY E . -4.71 -7.01 -6.96
C1P RCY E . -2.53 -9.57 -4.93
C1Q RCY E . -3.63 -9.82 -7.02
N1R RCY E . -3.39 -8.79 -5.92
C1S RCY E . -3.36 -11.19 -6.42
C1U RCY E . -3.88 -7.34 -5.84
C1V RCY E . -3.21 -4.92 -5.55
N1V RCY E . -2.42 -6.39 -7.41
C1W RCY E . -3.76 -6.58 -8.10
C1X RCY E . -2.74 -6.32 -5.92
C1Y RCY E . -4.24 -5.27 -8.72
C1Z RCY E . -3.64 -7.67 -9.16
H1S RCY E . -4.43 -11.28 -6.43
H1U RCY E . -4.43 -7.20 -4.93
C1C RCY F . 2.28 -6.12 -2.22
O1G RCY F . 3.31 -7.43 -3.42
O1H RCY F . 5.54 -9.44 0.23
O1J RCY F . 0.41 -7.87 -0.62
C1L RCY F . 4.57 -9.51 -3.16
C1M RCY F . 3.79 -7.10 1.01
C1P RCY F . 3.99 -8.16 -2.70
C1Q RCY F . 5.26 -9.03 -0.90
N1R RCY F . 4.34 -7.87 -1.26
C1S RCY F . 5.77 -9.62 -2.21
C1U RCY F . 3.90 -6.71 -0.36
C1V RCY F . 2.19 -4.87 -0.02
N1V RCY F . 1.65 -7.30 -0.11
C1W RCY F . 2.39 -7.70 1.17
C1X RCY F . 2.50 -6.20 -0.70
C1Y RCY F . 1.69 -7.11 2.40
C1Z RCY F . 2.44 -9.23 1.26
H1S RCY F . 6.69 -9.13 -1.95
H1U RCY F . 4.60 -5.90 -0.45
C1C RCY G . 4.46 1.95 -5.62
O1G RCY G . 5.35 -0.53 -1.65
O1H RCY G . 6.63 -1.08 -6.16
O1J RCY G . 1.49 2.36 -5.28
C1L RCY G . 7.44 -1.20 -2.73
C1M RCY G . 2.94 -0.79 -3.64
C1P RCY G . 5.96 -0.78 -2.68
C1Q RCY G . 6.50 -1.24 -4.95
N1R RCY G . 5.35 -0.73 -4.08
C1S RCY G . 7.45 -1.99 -4.04
C1U RCY G . 3.96 -0.28 -4.52
C1V RCY G . 4.23 1.80 -3.09
N1V RCY G . 2.26 1.33 -4.57
C1W RCY G . 1.73 0.13 -3.80
C1X RCY G . 3.78 1.24 -4.44
C1Y RCY G . 1.20 0.56 -2.43
C1Z RCY G . 0.63 -0.55 -4.62
H1S RCY G . 7.03 -2.87 -4.50
H1U RCY G . 3.77 -0.62 -5.52
C1C RCY H . 4.95 0.42 -2.86
O1G RCY H . 1.42 -1.50 -1.10
O1H RCY H . 3.69 1.98 1.13
O1J RCY H . 4.69 2.84 -4.63
C1L RCY H . 2.08 -1.16 1.23
C1M RCY H . 2.12 2.55 -1.80
C1P RCY H . 1.99 -0.81 -0.26
C1Q RCY H . 3.30 0.87 0.77
N1R RCY H . 2.70 0.51 -0.58
C1S RCY H . 3.36 -0.40 1.60
C1U RCY H . 2.77 1.27 -1.89
C1V RCY H . 4.97 2.28 -1.14
N1V RCY H . 3.94 2.65 -3.40
C1W RCY H . 2.71 3.42 -2.91
C1X RCY H . 4.20 1.63 -2.29
C1Y RCY H . 3.13 4.79 -2.36
C1Z RCY H . 1.73 3.58 -4.07
H1S RCY H . 4.42 -0.37 1.38
H1U RCY H . 2.31 0.69 -2.68
C1C RCY I . 0.34 -0.83 -3.21
O1G RCY I . -1.15 0.79 -5.01
O1H RCY I . -3.58 2.58 -1.37
O1J RCY I . 1.54 -1.56 -0.55
C1L RCY I . -3.30 1.96 -4.83
C1M RCY I . -1.20 1.11 -0.46
C1P RCY I . -2.02 1.31 -4.29
C1Q RCY I . -3.29 2.01 -2.42
N1R RCY I . -1.95 1.39 -2.77
C1S RCY I . -4.21 1.80 -3.62
C1U RCY I . -0.82 0.96 -1.83
C1V RCY I . -1.74 -1.40 -1.88
N1V RCY I . 0.37 -0.72 -0.70
C1W RCY I . -0.30 0.17 0.34
C1X RCY I . -0.49 -0.52 -1.95
C1Y RCY I . -1.12 -0.66 1.32
C1Z RCY I . 0.80 0.95 1.10
H1S RCY I . -4.66 1.05 -3.00
H1U RCY I . 0.07 1.54 -2.03
C1C RCY J . -5.68 -2.70 -1.58
O1G RCY J . -8.13 -1.76 -0.57
O1H RCY J . -5.68 -3.17 3.22
O1J RCY J . -3.02 -2.81 -0.15
C1L RCY J . -7.76 -0.78 1.64
C1M RCY J . -5.71 -5.24 1.12
C1P RCY J . -7.64 -1.85 0.55
C1Q RCY J . -6.57 -2.70 2.49
N1R RCY J . -6.82 -3.05 1.03
C1S RCY J . -7.59 -1.65 2.89
C1U RCY J . -6.38 -4.30 0.25
C1V RCY J . -5.12 -5.17 -1.76
N1V RCY J . -4.11 -3.78 0.05
C1W RCY J . -4.24 -4.81 1.17
C1X RCY J . -5.34 -3.99 -0.82
C1Y RCY J . -3.32 -6.00 0.93
C1Z RCY J . -3.91 -4.14 2.51
H1S RCY J . -8.06 -2.47 3.42
H1U RCY J . -7.24 -4.77 -0.19
C1C RCY K . -4.50 -7.82 -4.09
O1G RCY K . -6.40 -8.88 -5.36
O1H RCY K . -8.78 -7.43 -1.54
O1J RCY K . -4.73 -5.28 -2.50
C1L RCY K . -8.63 -7.92 -5.03
C1M RCY K . -6.13 -8.42 -0.83
C1P RCY K . -7.27 -8.45 -4.58
C1Q RCY K . -8.50 -7.94 -2.63
N1R RCY K . -7.12 -8.41 -3.06
C1S RCY K . -9.46 -8.20 -3.77
C1U RCY K . -5.90 -8.76 -2.20
C1V RCY K . -3.40 -8.51 -1.92
N1V RCY K . -5.02 -6.61 -1.97
C1W RCY K . -5.76 -6.95 -0.67
C1X RCY K . -4.66 -7.96 -2.58
C1Y RCY K . -4.84 -6.74 0.54
C1Z RCY K . -7.01 -6.07 -0.56
H1S RCY K . -9.81 -9.01 -3.16
H1U RCY K . -5.69 -9.81 -2.29
N MET A 1 26.64 3.41 10.34
CA MET A 1 27.12 4.58 9.56
C MET A 1 26.20 4.80 8.36
N ASN A 2 26.23 3.92 7.40
CA ASN A 2 25.35 4.09 6.21
C ASN A 2 23.97 3.51 6.51
N LEU A 3 23.84 2.21 6.46
CA LEU A 3 22.52 1.58 6.74
C LEU A 3 22.24 1.62 8.25
N GLU A 4 21.61 2.67 8.71
CA GLU A 4 21.32 2.78 10.18
C GLU A 4 19.79 2.87 10.37
N PRO A 5 19.29 2.39 11.49
CA PRO A 5 17.84 2.44 11.79
C PRO A 5 17.19 3.77 11.38
N PRO A 6 15.97 3.73 10.89
CA PRO A 6 15.25 4.96 10.46
C PRO A 6 14.77 5.80 11.65
N LYS A 7 14.49 7.06 11.44
CA LYS A 7 14.02 7.92 12.56
C LYS A 7 12.64 7.43 13.02
N ALA A 8 12.58 6.84 14.18
CA ALA A 8 11.27 6.34 14.69
C ALA A 8 10.40 7.54 15.10
N GLU A 9 10.67 8.14 16.22
CA GLU A 9 9.85 9.29 16.67
C GLU A 9 8.39 8.87 16.75
N CYS A 10 8.09 7.82 17.46
CA CYS A 10 6.68 7.36 17.58
C CYS A 10 5.88 8.36 18.41
N ARG A 11 5.27 9.33 17.77
CA ARG A 11 4.47 10.34 18.52
C ARG A 11 3.72 11.22 17.53
N SER A 12 3.49 10.75 16.34
CA SER A 12 2.76 11.56 15.32
C SER A 12 1.34 11.84 15.82
N ALA A 13 0.92 13.08 15.80
CA ALA A 13 -0.46 13.41 16.26
C ALA A 13 -1.38 13.59 15.05
N THR A 14 -2.52 12.96 15.06
CA THR A 14 -3.47 13.10 13.91
C THR A 14 -4.87 12.71 14.34
N ARG A 15 -5.85 13.52 14.05
CA ARG A 15 -7.24 13.19 14.44
C ARG A 15 -7.80 12.11 13.51
N VAL A 16 -7.90 10.90 13.98
CA VAL A 16 -8.43 9.81 13.11
C VAL A 16 -9.88 10.10 12.74
N MET A 17 -10.19 10.16 11.48
CA MET A 17 -11.59 10.44 11.06
C MET A 17 -12.50 9.34 11.59
N GLY A 18 -12.08 8.11 11.50
CA GLY A 18 -12.93 6.98 11.99
C GLY A 18 -13.91 6.56 10.89
N GLY A 19 -15.15 6.96 11.00
CA GLY A 19 -16.15 6.58 9.97
C GLY A 19 -16.10 7.57 8.80
N PRO A 20 -16.35 8.82 9.07
CA PRO A 20 -16.33 9.89 8.04
C PRO A 20 -15.12 9.80 7.11
N CYS A 21 -15.17 8.93 6.14
CA CYS A 21 -14.03 8.79 5.19
C CYS A 21 -14.56 8.66 3.76
N THR A 22 -14.55 9.73 3.01
CA THR A 22 -15.05 9.67 1.61
C THR A 22 -14.19 10.56 0.71
N PRO A 23 -13.24 9.99 0.01
CA PRO A 23 -12.34 10.75 -0.90
C PRO A 23 -13.12 11.63 -1.88
N ARG A 24 -12.50 12.05 -2.94
CA ARG A 24 -13.21 12.92 -3.94
C ARG A 24 -13.05 12.33 -5.33
N LYS A 25 -12.11 12.81 -6.10
CA LYS A 25 -11.93 12.27 -7.48
C LYS A 25 -11.75 10.76 -7.42
N GLY A 26 -12.81 10.02 -7.64
CA GLY A 26 -12.72 8.54 -7.59
C GLY A 26 -13.18 7.89 -8.91
N PRO A 27 -13.54 8.66 -9.93
CA PRO A 27 -14.00 8.08 -11.23
C PRO A 27 -13.16 6.87 -11.66
N PRO A 28 -13.77 5.73 -11.86
CA PRO A 28 -13.05 4.49 -12.27
C PRO A 28 -12.03 4.77 -13.38
N LYS A 29 -11.07 3.89 -13.56
CA LYS A 29 -10.06 4.10 -14.62
C LYS A 29 -9.37 2.78 -14.93
N CYS A 30 -8.07 2.71 -14.80
CA CYS A 30 -7.34 1.45 -15.10
C CYS A 30 -6.42 1.11 -13.92
N LYS A 31 -6.00 -0.13 -13.83
CA LYS A 31 -5.09 -0.52 -12.71
C LYS A 31 -3.65 -0.18 -13.08
N GLN A 32 -3.44 0.35 -14.25
CA GLN A 32 -2.06 0.71 -14.68
C GLN A 32 -1.18 -0.55 -14.62
N ARG A 33 -1.58 -1.58 -15.30
CA ARG A 33 -0.79 -2.84 -15.29
C ARG A 33 -0.60 -3.34 -13.85
N GLN A 34 -0.48 -4.62 -13.65
CA GLN A 34 -0.30 -5.16 -12.28
C GLN A 34 0.70 -6.33 -12.32
N THR A 35 1.69 -6.23 -13.16
CA THR A 35 2.69 -7.34 -13.25
C THR A 35 3.38 -7.50 -11.90
N ARG A 36 4.58 -7.99 -11.89
CA ARG A 36 5.31 -8.17 -10.59
C ARG A 36 4.38 -8.84 -9.58
N GLN A 37 3.43 -9.59 -10.06
CA GLN A 37 2.47 -10.26 -9.13
C GLN A 37 3.24 -11.01 -8.03
N CYS A 38 4.54 -11.06 -8.12
CA CYS A 38 5.35 -11.77 -7.08
C CYS A 38 4.71 -13.12 -6.74
N LYS A 39 5.43 -14.19 -6.93
CA LYS A 39 4.87 -15.53 -6.63
C LYS A 39 4.18 -15.52 -5.27
N SER A 40 4.85 -15.97 -4.24
CA SER A 40 4.23 -15.99 -2.88
C SER A 40 4.84 -14.88 -2.03
N LYS A 41 4.75 -15.01 -0.73
CA LYS A 41 5.32 -13.97 0.17
C LYS A 41 6.01 -14.66 1.36
N PRO A 42 7.23 -15.08 1.18
CA PRO A 42 8.01 -15.76 2.26
C PRO A 42 8.38 -14.80 3.40
N PRO A 43 8.73 -15.33 4.54
CA PRO A 43 9.12 -14.51 5.73
C PRO A 43 10.22 -13.51 5.40
N LYS A 44 10.44 -12.55 6.26
CA LYS A 44 11.50 -11.53 6.02
C LYS A 44 11.00 -10.51 4.99
N LYS A 45 11.88 -10.00 4.17
CA LYS A 45 11.47 -9.01 3.14
C LYS A 45 12.73 -8.50 2.43
N GLY A 46 12.57 -7.75 1.36
CA GLY A 46 13.76 -7.23 0.63
C GLY A 46 14.40 -8.37 -0.16
N VAL A 47 15.43 -8.96 0.37
CA VAL A 47 16.11 -10.08 -0.36
C VAL A 47 15.05 -11.08 -0.82
N GLN A 48 14.02 -11.29 -0.04
CA GLN A 48 12.96 -12.25 -0.44
C GLN A 48 11.60 -11.72 0.05
N GLY A 49 10.71 -11.42 -0.85
CA GLY A 49 9.38 -10.91 -0.45
C GLY A 49 8.82 -10.01 -1.55
N CYS A 50 9.52 -9.91 -2.65
CA CYS A 50 9.03 -9.06 -3.77
C CYS A 50 9.87 -9.32 -5.02
N GLY A 51 9.48 -10.28 -5.82
CA GLY A 51 10.26 -10.59 -7.05
C GLY A 51 10.07 -9.47 -8.07
N ASP A 52 10.12 -8.25 -7.64
CA ASP A 52 9.94 -7.11 -8.60
C ASP A 52 11.29 -6.78 -9.25
N ASP A 53 12.36 -7.31 -8.73
CA ASP A 53 13.69 -7.02 -9.31
C ASP A 53 14.03 -5.53 -9.12
N ILE A 54 13.04 -4.73 -8.83
CA ILE A 54 13.28 -3.28 -8.62
C ILE A 54 12.29 -2.74 -7.58
N PRO A 55 12.57 -2.97 -6.32
CA PRO A 55 11.67 -2.50 -5.22
C PRO A 55 11.72 -0.99 -5.04
N GLY A 56 10.66 -0.41 -4.52
CA GLY A 56 10.64 1.07 -4.33
C GLY A 56 9.97 1.73 -5.54
N MET A 57 10.75 2.11 -6.51
CA MET A 57 10.16 2.76 -7.73
C MET A 57 9.62 4.15 -7.35
N GLU A 58 9.36 4.38 -6.09
CA GLU A 58 8.83 5.71 -5.66
C GLU A 58 7.60 6.05 -6.50
N GLY A 59 6.47 5.48 -6.17
CA GLY A 59 5.24 5.78 -6.95
C GLY A 59 5.38 5.21 -8.36
N CYS A 60 4.41 4.45 -8.80
CA CYS A 60 4.48 3.87 -10.18
C CYS A 60 4.08 4.92 -11.20
N GLY A 61 3.91 6.15 -10.78
CA GLY A 61 3.51 7.22 -11.75
C GLY A 61 2.69 8.28 -11.02
N THR A 62 2.85 8.39 -9.73
CA THR A 62 2.08 9.41 -8.96
C THR A 62 0.58 9.09 -9.02
N ASP A 63 0.15 8.44 -10.07
CA ASP A 63 -1.30 8.10 -10.18
C ASP A 63 -1.65 7.06 -9.12
N ILE A 64 -0.95 7.07 -8.02
CA ILE A 64 -1.23 6.08 -6.94
C ILE A 64 -1.03 6.74 -5.58
N THR A 65 -0.01 7.55 -5.45
CA THR A 65 0.24 8.22 -4.14
C THR A 65 -0.88 9.22 -3.84
N VAL A 66 -1.34 9.94 -4.83
CA VAL A 66 -2.44 10.92 -4.60
C VAL A 66 -3.77 10.29 -5.00
N ILE A 67 -3.80 9.55 -6.07
CA ILE A 67 -5.07 8.92 -6.52
C ILE A 67 -4.81 7.44 -6.85
N CYS A 68 -5.34 6.55 -6.06
CA CYS A 68 -5.13 5.10 -6.31
C CYS A 68 -6.48 4.40 -6.45
N PRO A 69 -6.55 3.35 -7.25
CA PRO A 69 -7.81 2.58 -7.46
C PRO A 69 -8.62 2.44 -6.17
N TRP A 70 -7.97 2.51 -5.04
CA TRP A 70 -8.70 2.36 -3.75
C TRP A 70 -9.65 3.55 -3.59
N GLU A 71 -9.23 4.72 -3.95
CA GLU A 71 -10.12 5.92 -3.81
C GLU A 71 -11.39 5.70 -4.62
N ALA A 72 -11.29 5.03 -5.75
CA ALA A 72 -12.51 4.79 -6.57
C ALA A 72 -13.33 3.65 -5.96
N CYS A 73 -12.67 2.70 -5.33
CA CYS A 73 -13.42 1.56 -4.72
C CYS A 73 -14.25 2.07 -3.54
N ASN A 74 -13.67 2.87 -2.69
CA ASN A 74 -14.43 3.39 -1.51
C ASN A 74 -14.63 2.26 -0.50
N HIS A 75 -15.25 2.55 0.61
CA HIS A 75 -15.48 1.49 1.64
C HIS A 75 -14.14 0.85 2.02
N CYS A 76 -14.02 -0.44 1.88
CA CYS A 76 -12.74 -1.11 2.24
C CYS A 76 -12.58 -1.13 3.76
N GLU A 77 -13.64 -0.89 4.48
CA GLU A 77 -13.55 -0.90 5.97
C GLU A 77 -13.15 -2.30 6.45
N LEU A 78 -13.59 -3.32 5.75
CA LEU A 78 -13.23 -4.70 6.18
C LEU A 78 -11.73 -4.80 6.41
N HIS A 79 -11.30 -5.67 7.28
CA HIS A 79 -9.83 -5.80 7.54
C HIS A 79 -9.56 -7.04 8.40
N GLU A 80 -10.42 -8.02 8.31
CA GLU A 80 -10.22 -9.26 9.12
C GLU A 80 -9.56 -10.33 8.25
N LEU A 81 -9.96 -10.42 7.00
CA LEU A 81 -9.38 -11.44 6.10
C LEU A 81 -7.85 -11.35 6.16
N ALA A 82 -7.32 -10.26 6.63
CA ALA A 82 -5.84 -10.12 6.72
C ALA A 82 -5.24 -11.37 7.36
N GLN A 83 -5.94 -11.97 8.27
CA GLN A 83 -5.40 -13.20 8.95
C GLN A 83 -4.89 -14.17 7.87
N TYR A 84 -5.45 -14.11 6.69
CA TYR A 84 -5.01 -15.04 5.62
C TYR A 84 -5.36 -14.45 4.25
N GLY A 85 -4.49 -14.59 3.29
CA GLY A 85 -4.78 -14.04 1.94
C GLY A 85 -5.87 -14.88 1.26
N ILE A 86 -7.05 -14.35 1.16
CA ILE A 86 -8.17 -15.12 0.51
C ILE A 86 -8.94 -14.19 -0.43
N CYS A 87 -9.30 -13.03 0.04
CA CYS A 87 -10.06 -12.08 -0.82
C CYS A 87 -9.09 -11.35 -1.75
C1C RCY B . 2.14 0.34 16.27
O1G RCY B . 4.36 1.57 15.55
O1H RCY B . 2.10 4.98 17.91
O1J RCY B . 0.60 0.81 18.82
C1L RCY B . 5.09 3.27 17.14
C1M RCY B . 0.29 3.53 16.14
C1P RCY B . 4.08 2.54 16.26
C1Q RCY B . 2.95 4.36 17.27
N1R RCY B . 2.69 3.16 16.37
C1S RCY B . 4.43 4.65 17.22
C1U RCY B . 1.38 2.70 15.74
C1V RCY B . -0.19 0.74 15.36
N1V RCY B . 0.46 1.62 17.61
C1W RCY B . -0.22 2.98 17.48
C1X RCY B . 0.95 1.30 16.21
C1Y RCY B . -1.74 2.82 17.46
C1Z RCY B . 0.22 3.88 18.64
H1S RCY B . 4.14 5.49 16.59
H1U RCY B . 1.46 2.70 14.66
C1C RCY C . -6.75 6.43 9.26
O1G RCY C . -9.59 4.12 7.99
O1H RCY C . -8.58 7.48 4.82
O1J RCY C . -3.81 6.46 8.58
C1L RCY C . -10.98 5.52 6.53
C1M RCY C . -6.20 5.67 5.69
C1P RCY C . -9.66 5.02 7.15
C1Q RCY C . -9.12 6.84 5.73
N1R RCY C . -8.46 5.80 6.62
C1S RCY C . -10.57 6.96 6.16
C1U RCY C . -6.97 5.57 6.89
C1V RCY C . -6.72 8.06 7.32
N1V RCY C . -4.88 6.38 7.59
C1W RCY C . -4.76 5.99 6.12
C1X RCY C . -6.37 6.64 7.80
C1Y RCY C . -4.20 7.16 5.30
C1Z RCY C . -3.86 4.77 5.99
H1S RCY C . -10.26 7.89 6.62
H1U RCY C . -6.82 4.61 7.34
C1C RCY D . -4.92 -3.44 -15.39
O1G RCY D . -3.97 -1.55 -20.36
O1H RCY D . -5.73 -0.54 -16.10
O1J RCY D . -2.23 -4.45 -14.47
C1L RCY D . -5.67 0.02 -19.58
C1M RCY D . -2.20 -2.22 -17.60
C1P RCY D . -4.63 -1.10 -19.43
C1Q RCY D . -5.62 -0.76 -17.30
N1R RCY D . -4.52 -1.57 -17.98
C1S RCY D . -6.57 -0.30 -18.38
C1U RCY D . -3.57 -2.58 -17.36
C1V RCY D . -3.61 -1.27 -15.21
N1V RCY D . -2.42 -3.44 -15.51
C1W RCY D . -1.37 -2.94 -16.52
C1X RCY D . -3.68 -2.66 -15.84
C1Y RCY D . -0.41 -1.96 -15.84
C1Z RCY D . -0.62 -4.13 -17.10
H1S RCY D . -7.23 -1.06 -18.00
H1U RCY D . -3.75 -3.56 -17.78
C1C RCY E . 2.70 -5.60 -6.81
O1G RCY E . 1.96 -10.93 -4.61
O1H RCY E . 1.22 -9.96 -4.14
O1J RCY E . 0.10 -4.14 -6.48
C1L RCY E . 1.62 -8.95 -5.57
C1M RCY E . 0.05 -7.87 -5.59
C1P RCY E . 2.56 -10.07 -5.27
C1Q RCY E . 1.75 -9.87 -5.22
N1R RCY E . 2.33 -8.67 -5.94
C1S RCY E . 3.13 -9.35 -5.60
C1U RCY E . 1.28 -7.62 -6.30
C1V RCY E . 2.14 -6.17 -4.41
N1V RCY E . 0.33 -5.50 -6.02
C1W RCY E . -0.70 -6.53 -5.57
C1X RCY E . 1.67 -6.21 -5.87
C1Y RCY E . -1.19 -6.21 -4.15
C1Z RCY E . -1.86 -6.53 -6.56
H1S RCY E . 3.40 -9.84 -6.53
H1U RCY E . 1.10 -7.64 -7.36
C1C RCY F . 1.75 -6.74 -3.34
O1G RCY F . 3.64 -8.33 -2.56
O1H RCY F . 5.72 -6.25 -6.25
O1J RCY F . 2.15 -3.98 -4.48
C1L RCY F . 5.91 -7.52 -2.96
C1M RCY F . 2.93 -6.90 -6.83
C1P RCY F . 4.45 -7.82 -3.34
C1Q RCY F . 5.50 -6.97 -5.28
N1R RCY F . 4.14 -7.42 -4.77
C1S RCY F . 6.55 -7.56 -4.35
C1U RCY F . 2.81 -7.45 -5.52
C1V RCY F . 0.35 -6.88 -5.44
N1V RCY F . 2.20 -5.21 -5.27
C1W RCY F . 2.74 -5.39 -6.68
C1X RCY F . 1.73 -6.60 -4.86
C1Y RCY F . 1.74 -4.86 -7.71
C1Z RCY F . 4.08 -4.65 -6.81
H1S RCY F . 6.74 -8.24 -5.18
H1U RCY F . 2.46 -8.48 -5.59
C1C RCY G . 4.03 -0.19 -3.28
O1G RCY G . 3.72 -1.81 -5.95
O1H RCY G . 3.43 2.58 -7.68
O1J RCY G . 1.76 0.49 -1.41
C1L RCY G . 4.39 -0.80 -8.08
C1M RCY G . 1.18 1.29 -5.12
C1P RCY G . 3.76 -0.81 -6.67
C1Q RCY G . 3.41 1.35 -7.57
N1R RCY G . 3.19 0.56 -6.29
C1S RCY G . 3.59 0.35 -8.70
C1U RCY G . 2.57 1.01 -4.97
C1V RCY G . 2.10 -1.41 -4.39
N1V RCY G . 1.66 0.54 -2.87
C1W RCY G . 0.57 1.18 -3.72
C1X RCY G . 2.63 -0.06 -3.88
C1Y RCY G . -0.69 0.32 -3.74
C1Z RCY G . 0.26 2.57 -3.14
H1S RCY G . 2.60 0.64 -8.98
H1U RCY G . 3.09 1.90 -4.62
C1C RCY H . -0.20 3.15 0.21
O1G RCY H . -1.87 4.88 0.38
O1H RCY H . -2.34 4.15 -4.27
O1J RCY H . -0.65 0.65 -1.41
C1L RCY H . -3.79 4.93 -1.14
C1M RCY H . 0.41 3.75 -3.40
C1P RCY H . -2.31 4.78 -0.77
C1Q RCY H . -2.46 4.61 -3.14
N1R RCY H . -1.44 4.51 -2.00
C1S RCY H . -3.64 5.39 -2.60
C1U RCY H . 0.05 4.20 -2.09
C1V RCY H . 2.00 2.97 -1.05
N1V RCY H . -0.06 1.87 -1.95
C1W RCY H . 0.16 2.24 -3.42
C1X RCY H . 0.48 3.06 -1.17
C1Y RCY H . 1.37 1.49 -3.98
C1Z RCY H . -1.10 1.90 -4.21
H1S RCY H . -3.26 6.19 -3.20
H1U RCY H . 0.61 5.09 -1.85
C1C RCY I . -9.31 0.66 -0.43
O1G RCY I . -6.91 0.90 -5.09
O1H RCY I . -10.75 -0.65 -2.83
O1J RCY I . -6.85 0.99 1.27
C1L RCY I . -9.22 0.50 -5.79
C1M RCY I . -6.23 0.10 -2.40
C1P RCY I . -8.04 0.51 -4.81
C1Q RCY I . -9.90 -0.46 -3.69
N1R RCY I . -8.45 -0.03 -3.44
C1S RCY I . -10.07 -0.62 -5.19
C1U RCY I . -7.63 -0.12 -2.16
C1V RCY I . -8.02 2.35 -1.79
N1V RCY I . -6.82 0.84 -0.18
C1W RCY I . -5.63 0.54 -1.06
C1X RCY I . -7.99 0.97 -1.15
C1Y RCY I . -4.76 1.78 -1.25
C1Z RCY I . -4.81 -0.59 -0.44
H1S RCY I . -10.04 -1.69 -4.97
H1U RCY I . -7.77 -1.09 -1.70
C1C RCY J . -4.44 0.10 1.62
O1G RCY J . -8.05 2.73 -0.71
O1H RCY J . -7.26 -1.65 0.87
O1J RCY J . -2.07 1.44 0.35
C1L RCY J . -9.49 1.04 0.30
C1M RCY J . -5.38 1.73 -1.56
C1P RCY J . -8.17 1.59 -0.27
C1Q RCY J . -7.78 -0.67 0.33
N1R RCY J . -7.05 0.57 -0.20
C1S RCY J . -9.25 -0.47 0.07
C1U RCY J . -5.57 0.72 -0.55
C1V RCY J . -5.34 2.44 1.29
N1V RCY J . -3.44 1.60 -0.11
C1W RCY J . -3.92 2.19 -1.43
C1X RCY J . -4.72 1.21 0.62
C1Y RCY J . -3.84 3.72 -1.41
C1Z RCY J . -3.06 1.62 -2.57
H1S RCY J . -9.10 -1.18 -0.73
H1U RCY J . -5.18 -0.22 -0.91
C1C RCY K . -5.48 -7.79 2.96
O1G RCY K . -7.60 -7.15 -1.10
O1H RCY K . -8.82 -8.57 3.24
O1J RCY K . -3.93 -7.32 0.42
C1L RCY K . -8.88 -9.06 -0.25
C1M RCY K . -7.01 -5.12 0.93
C1P RCY K . -8.04 -7.78 -0.14
C1Q RCY K . -8.45 -8.56 2.06
N1R RCY K . -7.80 -7.40 1.33
C1S RCY K . -8.56 -9.72 1.09
C1U RCY K . -7.10 -6.17 1.89
C1V RCY K . -5.05 -5.31 3.12
N1V RCY K . -5.00 -6.46 0.90
C1W RCY K . -5.76 -5.39 0.11
C1X RCY K . -5.64 -6.44 2.28
C1Y RCY K . -4.90 -4.13 -0.01
C1Z RCY K . -6.10 -5.93 -1.28
H1S RCY K . -7.73 -10.14 1.65
H1U RCY K . -7.64 -5.82 2.78
N MET A 1 22.38 16.67 4.56
CA MET A 1 21.07 17.36 4.46
C MET A 1 20.87 18.27 5.67
N ASN A 2 20.04 19.27 5.55
CA ASN A 2 19.81 20.20 6.70
C ASN A 2 18.79 19.57 7.65
N LEU A 3 18.54 18.30 7.51
CA LEU A 3 17.55 17.63 8.41
C LEU A 3 17.61 16.12 8.19
N GLU A 4 17.94 15.37 9.22
CA GLU A 4 18.01 13.88 9.06
C GLU A 4 16.69 13.25 9.52
N PRO A 5 16.32 12.14 8.94
CA PRO A 5 15.07 11.43 9.30
C PRO A 5 14.78 11.48 10.80
N PRO A 6 13.81 12.25 11.21
CA PRO A 6 13.45 12.38 12.66
C PRO A 6 12.56 11.22 13.14
N LYS A 7 12.47 11.01 14.42
CA LYS A 7 11.63 9.90 14.94
C LYS A 7 10.93 10.35 16.23
N ALA A 8 10.28 11.48 16.20
CA ALA A 8 9.58 11.96 17.42
C ALA A 8 8.84 13.26 17.10
N GLU A 9 7.89 13.21 16.20
CA GLU A 9 7.13 14.44 15.86
C GLU A 9 5.91 14.08 15.01
N CYS A 10 4.73 14.27 15.54
CA CYS A 10 3.50 13.92 14.76
C CYS A 10 2.33 14.76 15.27
N ARG A 11 1.77 14.40 16.39
CA ARG A 11 0.62 15.17 16.95
C ARG A 11 -0.46 15.34 15.87
N SER A 12 -1.33 14.39 15.76
CA SER A 12 -2.42 14.49 14.73
C SER A 12 -3.32 13.26 14.83
N ALA A 13 -4.61 13.44 14.76
CA ALA A 13 -5.54 12.28 14.85
C ALA A 13 -6.97 12.74 14.62
N THR A 14 -7.66 13.12 15.67
CA THR A 14 -9.08 13.57 15.52
C THR A 14 -9.88 12.48 14.82
N ARG A 15 -9.29 11.34 14.59
CA ARG A 15 -10.03 10.23 13.92
C ARG A 15 -10.78 10.78 12.70
N VAL A 16 -10.13 10.83 11.56
CA VAL A 16 -10.79 11.35 10.34
C VAL A 16 -11.44 10.18 9.57
N MET A 17 -10.85 9.79 8.47
CA MET A 17 -11.44 8.67 7.68
C MET A 17 -12.91 8.93 7.43
N GLY A 18 -13.22 9.77 6.47
CA GLY A 18 -14.65 10.08 6.16
C GLY A 18 -14.88 11.59 6.28
N GLY A 19 -14.56 12.35 5.27
CA GLY A 19 -14.76 13.82 5.34
C GLY A 19 -13.89 14.50 4.27
N PRO A 20 -13.01 15.39 4.67
CA PRO A 20 -12.13 16.10 3.70
C PRO A 20 -11.56 15.18 2.62
N CYS A 21 -11.49 13.91 2.90
CA CYS A 21 -10.95 12.95 1.90
C CYS A 21 -11.97 12.74 0.79
N THR A 22 -11.66 13.14 -0.41
CA THR A 22 -12.63 12.97 -1.54
C THR A 22 -12.72 11.47 -1.90
N PRO A 23 -13.87 10.86 -1.73
CA PRO A 23 -14.06 9.42 -2.05
C PRO A 23 -13.43 9.04 -3.39
N ARG A 24 -13.06 7.78 -3.56
CA ARG A 24 -12.44 7.35 -4.83
C ARG A 24 -11.30 8.31 -5.20
N LYS A 25 -11.44 9.00 -6.31
CA LYS A 25 -10.38 9.96 -6.72
C LYS A 25 -9.95 10.80 -5.52
N GLY A 26 -8.70 11.17 -5.47
CA GLY A 26 -8.21 12.00 -4.32
C GLY A 26 -6.71 11.82 -4.16
N PRO A 27 -6.27 10.61 -3.95
CA PRO A 27 -4.83 10.29 -3.77
C PRO A 27 -3.96 10.90 -4.88
N PRO A 28 -2.76 11.32 -4.56
CA PRO A 28 -1.83 11.92 -5.57
C PRO A 28 -1.88 11.19 -6.92
N LYS A 29 -1.40 11.81 -7.96
CA LYS A 29 -1.41 11.17 -9.30
C LYS A 29 0.02 10.79 -9.68
N CYS A 30 0.92 10.82 -8.74
CA CYS A 30 2.34 10.47 -9.05
C CYS A 30 2.44 8.98 -9.34
N LYS A 31 1.33 8.31 -9.51
CA LYS A 31 1.36 6.85 -9.79
C LYS A 31 0.37 6.52 -10.91
N GLN A 32 0.85 6.17 -12.07
CA GLN A 32 -0.07 5.84 -13.19
C GLN A 32 -0.76 4.51 -12.89
N ARG A 33 -1.52 4.44 -11.84
CA ARG A 33 -2.21 3.16 -11.50
C ARG A 33 -3.13 2.76 -12.65
N GLN A 34 -2.57 2.23 -13.71
CA GLN A 34 -3.41 1.81 -14.87
C GLN A 34 -2.54 1.05 -15.88
N THR A 35 -2.18 -0.17 -15.56
CA THR A 35 -1.34 -0.96 -16.51
C THR A 35 -1.50 -2.45 -16.20
N ARG A 36 -1.76 -2.79 -14.96
CA ARG A 36 -1.93 -4.22 -14.61
C ARG A 36 -0.78 -5.04 -15.20
N GLN A 37 0.26 -5.25 -14.44
CA GLN A 37 1.42 -6.04 -14.94
C GLN A 37 1.92 -6.98 -13.84
N CYS A 38 3.06 -6.71 -13.28
CA CYS A 38 3.61 -7.58 -12.20
C CYS A 38 3.33 -9.05 -12.54
N LYS A 39 3.13 -9.35 -13.79
CA LYS A 39 2.86 -10.76 -14.19
C LYS A 39 1.86 -11.38 -13.19
N SER A 40 0.71 -10.79 -13.05
CA SER A 40 -0.31 -11.33 -12.11
C SER A 40 0.36 -11.64 -10.77
N LYS A 41 0.56 -12.90 -10.47
CA LYS A 41 1.19 -13.28 -9.18
C LYS A 41 2.66 -13.67 -9.44
N PRO A 42 3.60 -12.84 -9.06
CA PRO A 42 5.05 -13.13 -9.27
C PRO A 42 5.60 -14.11 -8.22
N PRO A 43 6.72 -14.72 -8.51
CA PRO A 43 7.36 -15.70 -7.58
C PRO A 43 7.91 -15.01 -6.32
N LYS A 44 7.47 -15.44 -5.16
CA LYS A 44 7.96 -14.83 -3.90
C LYS A 44 9.15 -15.62 -3.36
N LYS A 45 10.18 -14.94 -2.94
CA LYS A 45 11.38 -15.66 -2.40
C LYS A 45 11.18 -15.91 -0.91
N GLY A 46 10.60 -14.98 -0.21
CA GLY A 46 10.37 -15.17 1.26
C GLY A 46 10.67 -13.86 1.99
N VAL A 47 11.10 -13.94 3.23
CA VAL A 47 11.41 -12.69 3.99
C VAL A 47 12.85 -12.27 3.70
N GLN A 48 13.03 -11.37 2.76
CA GLN A 48 14.40 -10.90 2.41
C GLN A 48 14.36 -9.41 2.06
N GLY A 49 13.19 -8.89 1.82
CA GLY A 49 13.08 -7.45 1.47
C GLY A 49 11.79 -7.21 0.70
N CYS A 50 11.83 -6.40 -0.33
CA CYS A 50 10.60 -6.13 -1.13
C CYS A 50 10.48 -7.16 -2.25
N GLY A 51 10.69 -6.74 -3.48
CA GLY A 51 10.57 -7.70 -4.61
C GLY A 51 11.81 -8.60 -4.65
N ASP A 52 12.70 -8.37 -5.58
CA ASP A 52 13.93 -9.20 -5.67
C ASP A 52 15.03 -8.43 -6.39
N ASP A 53 14.67 -7.44 -7.16
CA ASP A 53 15.70 -6.65 -7.88
C ASP A 53 15.03 -5.44 -8.56
N ILE A 54 13.81 -5.59 -8.97
CA ILE A 54 13.10 -4.45 -9.63
C ILE A 54 12.51 -3.52 -8.55
N PRO A 55 12.83 -2.25 -8.59
CA PRO A 55 12.32 -1.28 -7.60
C PRO A 55 10.85 -0.88 -7.85
N GLY A 56 10.03 -0.96 -6.84
CA GLY A 56 8.60 -0.59 -7.02
C GLY A 56 8.05 -1.19 -8.32
N MET A 57 8.24 -2.46 -8.52
CA MET A 57 7.73 -3.10 -9.77
C MET A 57 8.14 -2.27 -10.97
N GLU A 58 7.21 -1.89 -11.80
CA GLU A 58 7.55 -1.07 -13.00
C GLU A 58 6.29 -0.42 -13.57
N GLY A 59 5.13 -0.79 -13.07
CA GLY A 59 3.88 -0.19 -13.59
C GLY A 59 2.75 -0.38 -12.57
N CYS A 60 2.99 -1.15 -11.54
CA CYS A 60 1.92 -1.36 -10.52
C CYS A 60 0.64 -1.82 -11.20
N GLY A 61 -0.50 -1.44 -10.67
CA GLY A 61 -1.78 -1.85 -11.29
C GLY A 61 -2.86 -1.96 -10.19
N THR A 62 -3.43 -0.86 -9.80
CA THR A 62 -4.49 -0.91 -8.74
C THR A 62 -5.46 0.25 -8.94
N ASP A 63 -6.20 0.24 -10.01
CA ASP A 63 -7.18 1.34 -10.25
C ASP A 63 -8.32 1.22 -9.23
N ILE A 64 -8.04 0.68 -8.07
CA ILE A 64 -9.10 0.52 -7.04
C ILE A 64 -10.38 0.02 -7.70
N THR A 65 -10.43 -1.22 -8.07
CA THR A 65 -11.67 -1.74 -8.70
C THR A 65 -12.76 -1.82 -7.64
N VAL A 66 -12.90 -0.78 -6.87
CA VAL A 66 -13.93 -0.76 -5.80
C VAL A 66 -13.53 -1.76 -4.71
N ILE A 67 -12.63 -2.66 -5.02
CA ILE A 67 -12.20 -3.66 -4.00
C ILE A 67 -10.67 -3.81 -4.05
N CYS A 68 -9.96 -3.04 -3.27
CA CYS A 68 -8.48 -3.16 -3.26
C CYS A 68 -8.06 -4.17 -2.19
N PRO A 69 -6.87 -4.68 -2.28
CA PRO A 69 -6.34 -5.67 -1.30
C PRO A 69 -6.80 -5.36 0.12
N TRP A 70 -7.02 -4.11 0.42
CA TRP A 70 -7.49 -3.73 1.79
C TRP A 70 -8.84 -4.40 2.04
N GLU A 71 -9.37 -5.08 1.06
CA GLU A 71 -10.69 -5.75 1.23
C GLU A 71 -10.61 -7.16 0.63
N ALA A 72 -9.96 -7.29 -0.50
CA ALA A 72 -9.86 -8.63 -1.14
C ALA A 72 -8.81 -9.47 -0.40
N CYS A 73 -7.75 -8.86 0.05
CA CYS A 73 -6.69 -9.62 0.77
C CYS A 73 -7.33 -10.46 1.88
N ASN A 74 -7.36 -11.75 1.70
CA ASN A 74 -7.97 -12.63 2.74
C ASN A 74 -7.32 -14.01 2.68
N HIS A 75 -6.03 -14.06 2.45
CA HIS A 75 -5.33 -15.37 2.39
C HIS A 75 -3.82 -15.13 2.26
N CYS A 76 -3.11 -16.04 1.67
CA CYS A 76 -1.64 -15.86 1.52
C CYS A 76 -1.02 -15.55 2.88
N GLU A 77 -1.03 -14.31 3.27
CA GLU A 77 -0.43 -13.94 4.59
C GLU A 77 -1.23 -14.64 5.70
N LEU A 78 -0.66 -14.71 6.88
CA LEU A 78 -1.38 -15.38 8.00
C LEU A 78 -0.83 -14.87 9.34
N HIS A 79 -1.08 -13.63 9.65
CA HIS A 79 -0.56 -13.08 10.93
C HIS A 79 -1.23 -11.74 11.21
N GLU A 80 -0.92 -11.12 12.33
CA GLU A 80 -1.53 -9.81 12.66
C GLU A 80 -3.03 -9.84 12.36
N LEU A 81 -3.64 -8.70 12.33
CA LEU A 81 -5.10 -8.60 12.04
C LEU A 81 -5.42 -9.22 10.67
N ALA A 82 -4.54 -9.99 10.11
CA ALA A 82 -4.82 -10.59 8.77
C ALA A 82 -5.95 -11.62 8.90
N GLN A 83 -6.98 -11.30 9.62
CA GLN A 83 -8.10 -12.27 9.78
C GLN A 83 -9.36 -11.52 10.25
N TYR A 84 -9.19 -10.32 10.74
CA TYR A 84 -10.38 -9.54 11.21
C TYR A 84 -10.23 -8.09 10.75
N GLY A 85 -9.32 -7.83 9.85
CA GLY A 85 -9.14 -6.44 9.34
C GLY A 85 -8.50 -6.50 7.95
N ILE A 86 -8.02 -7.64 7.56
CA ILE A 86 -7.38 -7.80 6.21
C ILE A 86 -6.72 -6.49 5.79
N CYS A 87 -5.57 -6.19 6.31
CA CYS A 87 -4.87 -4.93 5.93
C CYS A 87 -4.43 -5.01 4.47
C1C RCY B . 3.69 6.16 15.01
O1G RCY B . 4.60 9.12 18.66
O1H RCY B . 2.60 9.09 14.39
O1J RCY B . 5.77 5.35 17.02
C1L RCY B . 4.75 10.61 16.73
C1M RCY B . 2.63 7.01 18.45
C1P RCY B . 4.28 9.37 17.51
C1Q RCY B . 3.40 9.21 15.30
N1R RCY B . 3.37 8.49 16.65
C1S RCY B . 4.64 10.09 15.30
C1U RCY B . 2.60 7.22 17.04
C1V RCY B . 2.31 4.75 16.60
N1V RCY B . 4.44 5.82 17.37
C1W RCY B . 3.94 6.26 18.75
C1X RCY B . 3.24 5.95 16.45
C1Y RCY B . 3.67 5.05 19.63
C1Z RCY B . 4.97 7.19 19.38
H1S RCY B . 5.05 9.34 14.64
H1U RCY B . 1.58 7.31 16.69
C1C RCY C . -5.79 7.77 0.09
O1G RCY C . -6.13 9.91 4.86
O1H RCY C . -7.80 8.41 0.71
O1J RCY C . -3.90 10.09 -0.19
C1L RCY C . -8.16 10.43 3.59
C1M RCY C . -4.05 8.46 3.27
C1P RCY C . -6.80 9.76 3.84
C1Q RCY C . -7.49 9.13 1.66
N1R RCY C . -6.38 8.87 2.67
C1S RCY C . -8.17 10.43 2.06
C1U RCY C . -5.16 7.95 2.53
C1V RCY C . -3.63 6.74 0.93
N1V RCY C . -3.95 9.23 0.98
C1W RCY C . -3.34 9.47 2.35
C1X RCY C . -4.65 7.87 1.10
C1Y RCY C . -1.84 9.19 2.32
C1Z RCY C . -3.62 10.90 2.79
H1S RCY C . -7.64 10.84 1.21
H1U RCY C . -5.42 6.96 2.88
C1C RCY D . 3.12 4.83 -9.73
O1G RCY D . 4.25 10.09 -8.83
O1H RCY D . 5.81 8.53 -10.56
O1J RCY D . 0.21 4.77 -9.01
C1L RCY D . 4.68 7.83 -9.77
C1M RCY D . 2.12 7.89 -7.90
C1P RCY D . 4.88 9.06 -8.90
C1Q RCY D . 4.81 8.51 -9.87
N1R RCY D . 4.41 7.59 -8.71
C1S RCY D . 4.67 8.50 -8.37
C1U RCY D . 3.10 6.92 -8.30
C1V RCY D . 2.33 7.04 -10.70
N1V RCY D . 1.05 5.95 -8.86
C1W RCY D . 0.76 7.21 -8.06
C1X RCY D . 2.44 6.17 -9.45
C1Y RCY D . -0.20 8.11 -8.83
C1Z RCY D . 0.18 6.82 -6.70
H1S RCY D . 3.66 8.74 -8.08
H1U RCY D . 3.29 6.24 -7.48
C1C RCY E . -0.88 -5.03 -10.57
O1G RCY E . 0.93 -4.18 -12.82
O1H RCY E . 3.16 -3.61 -12.79
O1J RCY E . -1.69 -5.34 -7.69
C1L RCY E . 3.12 -4.10 -11.60
C1M RCY E . 2.01 -4.55 -8.31
C1P RCY E . 1.80 -4.68 -12.12
C1Q RCY E . 2.28 -4.31 -12.30
N1R RCY E . 2.25 -4.32 -10.74
C1S RCY E . 1.83 -4.67 -10.95
C1U RCY E . 1.45 -4.92 -9.57
C1V RCY E . -0.02 -2.85 -9.59
N1V RCY E . -0.38 -4.85 -8.12
C1W RCY E . 0.88 -4.69 -7.28
C1X RCY E . 0.02 -4.38 -9.52
C1Y RCY E . 0.78 -3.45 -6.40
C1Z RCY E . 1.07 -5.95 -6.43
H1S RCY E . 0.81 -4.36 -11.13
H1U RCY E . 1.43 -5.99 -9.67
C1C RCY F . 7.24 -3.78 -4.66
O1G RCY F . 7.99 0.12 -2.64
O1H RCY F . 8.27 -4.48 -1.58
O1J RCY F . 6.64 -6.08 -2.82
C1L RCY F . 9.74 -1.26 -1.63
C1M RCY F . 5.12 -2.72 -1.82
C1P RCY F . 8.34 -0.98 -2.23
C1Q RCY F . 8.37 -3.25 -1.53
N1R RCY F . 7.48 -2.24 -2.25
C1S RCY F . 9.39 -2.46 -0.74
C1U RCY F . 6.08 -2.44 -2.84
C1V RCY F . 4.71 -3.68 -4.56
N1V RCY F . 6.00 -4.78 -2.72
C1W RCY F . 5.18 -4.23 -1.56
C1X RCY F . 6.01 -3.67 -3.76
C1Y RCY F . 3.77 -4.83 -1.56
C1Z RCY F . 5.90 -4.54 -0.25
H1S RCY F . 8.79 -2.74 0.12
H1U RCY F . 5.79 -1.56 -3.40
C1C RCY G . -0.40 3.73 -8.36
O1G RCY G . 2.48 0.70 -7.86
O1H RCY G . 0.13 1.75 -8.03
O1J RCY G . -0.10 4.28 -5.41
C1L RCY G . 1.58 3.01 -8.68
C1M RCY G . 2.90 5.22 -7.61
C1P RCY G . 1.72 1.53 -8.40
C1Q RCY G . 1.18 1.97 -8.61
N1R RCY G . 2.34 2.91 -8.24
C1S RCY G . 2.59 1.98 -8.09
C1U RCY G . 2.04 4.40 -8.43
C1V RCY G . 0.23 6.18 -8.39
N1V RCY G . 0.85 4.74 -6.43
C1W RCY G . 2.25 5.29 -6.23
C1X RCY G . 0.63 4.77 -7.94
C1Y RCY G . 2.19 6.74 -5.74
C1Z RCY G . 2.99 4.41 -5.22
H1S RCY G . 2.39 1.35 -7.25
H1U RCY G . 2.15 4.67 -9.46
C1C RCY H . -3.58 -0.99 -6.43
O1G RCY H . -6.94 -1.54 -3.57
O1H RCY H . -6.00 -3.25 -2.65
O1J RCY H . -0.58 -1.08 -6.65
C1L RCY H . -4.67 -2.51 -3.29
C1M RCY H . -2.01 -1.49 -3.12
C1P RCY H . -5.83 -1.80 -3.97
C1Q RCY H . -5.32 -2.67 -3.49
N1R RCY H . -4.43 -1.43 -3.37
C1S RCY H . -5.28 -1.21 -3.87
C1U RCY H . -3.09 -1.03 -3.95
C1V RCY H . -3.07 -3.19 -5.27
N1V RCY H . -1.32 -1.40 -5.44
C1W RCY H . -0.77 -1.55 -4.02
C1X RCY H . -2.81 -1.68 -5.31
C1Y RCY H . -0.06 -2.90 -3.86
C1Z RCY H . 0.18 -0.40 -3.73
H1S RCY H . -5.67 -0.60 -3.07
H1U RCY H . -3.03 0.04 -4.05
C1C RCY I . -4.10 -4.85 0.19
O1G RCY I . 0.21 -7.05 2.27
O1H RCY I . -4.16 -7.00 0.47
O1J RCY I . -4.05 -3.49 2.88
C1L RCY I . -1.65 -8.65 2.33
C1M RCY I . -0.63 -4.29 1.35
C1P RCY I . -0.96 -7.32 1.98
C1Q RCY I . -3.20 -7.17 1.22
N1R RCY I . -1.90 -6.39 1.21
C1S RCY I . -3.11 -8.19 2.34
C1U RCY I . -1.61 -5.02 0.59
C1V RCY I . -2.61 -2.87 -0.29
N1V RCY I . -2.87 -3.70 2.05
C1W RCY I . -1.40 -3.58 2.47
C1X RCY I . -2.82 -4.10 0.58
C1Y RCY I . -0.99 -2.10 2.53
C1Z RCY I . -1.21 -4.26 3.81
H1S RCY I . -3.78 -7.53 2.87
H1U RCY I . -1.24 -5.15 -0.42
C1C RCY J . 2.39 -11.38 -0.27
O1G RCY J . -1.78 -10.75 -3.72
O1H RCY J . 0.00 -13.09 -0.02
O1J RCY J . 3.02 -8.55 0.52
C1L RCY J . -2.27 -12.94 -2.73
C1M RCY J . -0.25 -9.05 -1.43
C1P RCY J . -1.52 -11.60 -2.87
C1Q RCY J . -0.46 -12.83 -1.14
N1R RCY J . -0.42 -11.47 -1.83
C1S RCY J . -1.17 -13.79 -2.08
C1U RCY J . 0.50 -10.28 -1.55
C1V RCY J . 0.25 -10.73 0.93
N1V RCY J . 1.75 -8.97 -0.05
C1W RCY J . 0.63 -8.09 -0.62
C1X RCY J . 1.22 -10.40 -0.20
C1Y RCY J . -0.17 -7.45 0.50
C1Z RCY J . 1.26 -7.02 -1.52
H1S RCY J . -0.18 -14.18 -2.25
H1U RCY J . 1.22 -10.19 -2.34
C1C RCY K . -4.68 -4.93 0.85
O1G RCY K . -4.71 -0.06 2.86
O1H RCY K . -2.53 -4.23 3.28
O1J RCY K . -3.93 -4.66 -2.05
C1L RCY K . -3.71 -1.24 4.75
C1M RCY K . -3.11 -1.65 0.19
C1P RCY K . -4.15 -1.06 3.30
C1Q RCY K . -3.25 -3.25 3.49
N1R RCY K . -3.81 -2.29 2.45
C1S RCY K . -3.73 -2.77 4.85
C1U RCY K . -3.99 -2.51 0.95
C1V RCY K . -2.23 -4.33 1.05
N1V RCY K . -3.52 -3.71 -1.00
C1W RCY K . -2.94 -2.32 -1.18
C1X RCY K . -3.60 -3.91 0.50
C1Y RCY K . -1.47 -2.40 -1.57
C1Z RCY K . -3.75 -1.57 -2.25
H1S RCY K . -4.41 -3.62 4.79
H1U RCY K . -5.00 -2.30 0.66
N MET A 1 10.76 -2.35 21.24
CA MET A 1 11.52 -2.74 22.45
C MET A 1 12.94 -3.13 22.07
N ASN A 2 13.34 -4.34 22.36
CA ASN A 2 14.72 -4.78 22.00
C ASN A 2 14.86 -4.83 20.48
N LEU A 3 13.81 -5.21 19.79
CA LEU A 3 13.88 -5.29 18.31
C LEU A 3 12.47 -5.39 17.74
N GLU A 4 11.49 -5.50 18.60
CA GLU A 4 10.07 -5.60 18.11
C GLU A 4 9.73 -4.33 17.31
N PRO A 5 8.85 -4.45 16.34
CA PRO A 5 8.43 -3.30 15.51
C PRO A 5 8.28 -2.01 16.32
N PRO A 6 8.49 -0.87 15.70
CA PRO A 6 8.38 0.44 16.39
C PRO A 6 6.92 0.83 16.66
N LYS A 7 6.62 1.26 17.86
CA LYS A 7 5.22 1.65 18.18
C LYS A 7 4.96 3.04 17.63
N ALA A 8 5.66 4.02 18.13
CA ALA A 8 5.47 5.41 17.64
C ALA A 8 3.99 5.78 17.74
N GLU A 9 3.18 4.93 18.30
CA GLU A 9 1.72 5.24 18.43
C GLU A 9 1.17 5.65 17.06
N CYS A 10 0.89 6.91 16.87
CA CYS A 10 0.34 7.37 15.56
C CYS A 10 1.41 8.21 14.84
N ARG A 11 1.63 9.42 15.27
CA ARG A 11 2.65 10.27 14.61
C ARG A 11 4.02 9.98 15.19
N SER A 12 4.87 10.97 15.28
CA SER A 12 6.23 10.74 15.85
C SER A 12 6.98 9.75 14.97
N ALA A 13 8.15 10.11 14.51
CA ALA A 13 8.94 9.19 13.64
C ALA A 13 10.40 9.64 13.60
N THR A 14 10.88 10.21 14.68
CA THR A 14 12.30 10.68 14.71
C THR A 14 12.53 11.65 13.54
N ARG A 15 12.78 11.14 12.37
CA ARG A 15 13.01 12.03 11.20
C ARG A 15 13.08 11.20 9.93
N VAL A 16 11.95 10.82 9.39
CA VAL A 16 11.95 10.01 8.14
C VAL A 16 11.86 10.94 6.93
N MET A 17 12.35 10.52 5.80
CA MET A 17 12.30 11.38 4.59
C MET A 17 12.54 10.53 3.34
N GLY A 18 12.28 11.08 2.19
CA GLY A 18 12.50 10.30 0.93
C GLY A 18 12.79 11.27 -0.22
N GLY A 19 13.42 12.38 0.07
CA GLY A 19 13.73 13.37 -1.01
C GLY A 19 12.50 14.23 -1.27
N PRO A 20 12.66 15.26 -2.07
CA PRO A 20 11.56 16.19 -2.43
C PRO A 20 10.23 15.46 -2.71
N CYS A 21 9.47 15.18 -1.68
CA CYS A 21 8.18 14.48 -1.89
C CYS A 21 7.03 15.50 -1.93
N THR A 22 6.63 15.90 -3.11
CA THR A 22 5.52 16.90 -3.22
C THR A 22 4.65 16.54 -4.43
N PRO A 23 3.47 15.99 -4.20
CA PRO A 23 2.54 15.61 -5.30
C PRO A 23 2.40 16.71 -6.36
N ARG A 24 2.78 16.44 -7.56
CA ARG A 24 2.67 17.47 -8.64
C ARG A 24 1.30 17.40 -9.30
N LYS A 25 1.25 17.09 -10.57
CA LYS A 25 -0.07 17.01 -11.27
C LYS A 25 -0.94 15.93 -10.64
N GLY A 26 -1.84 15.37 -11.40
CA GLY A 26 -2.73 14.30 -10.86
C GLY A 26 -3.96 14.94 -10.22
N PRO A 27 -4.84 15.48 -11.03
CA PRO A 27 -6.08 16.14 -10.56
C PRO A 27 -7.14 15.12 -10.09
N PRO A 28 -8.07 15.55 -9.27
CA PRO A 28 -9.14 14.66 -8.76
C PRO A 28 -9.78 13.81 -9.87
N LYS A 29 -9.86 12.51 -9.66
CA LYS A 29 -10.47 11.59 -10.68
C LYS A 29 -9.72 10.26 -10.64
N CYS A 30 -10.17 9.34 -9.83
CA CYS A 30 -9.47 8.02 -9.75
C CYS A 30 -10.19 7.01 -10.66
N LYS A 31 -9.46 6.40 -11.55
CA LYS A 31 -10.07 5.41 -12.48
C LYS A 31 -11.00 4.49 -11.69
N GLN A 32 -12.04 3.99 -12.30
CA GLN A 32 -12.98 3.08 -11.59
C GLN A 32 -13.82 2.32 -12.61
N ARG A 33 -13.27 1.32 -13.22
CA ARG A 33 -14.04 0.53 -14.23
C ARG A 33 -13.40 -0.85 -14.40
N GLN A 34 -12.17 -0.99 -13.99
CA GLN A 34 -11.48 -2.31 -14.12
C GLN A 34 -10.83 -2.68 -12.79
N THR A 35 -9.67 -3.28 -12.83
CA THR A 35 -8.99 -3.66 -11.56
C THR A 35 -9.93 -4.47 -10.69
N ARG A 36 -9.84 -5.78 -10.74
CA ARG A 36 -10.74 -6.62 -9.91
C ARG A 36 -10.08 -7.97 -9.63
N GLN A 37 -8.81 -8.08 -9.91
CA GLN A 37 -8.10 -9.37 -9.65
C GLN A 37 -7.76 -9.48 -8.16
N CYS A 38 -8.76 -9.53 -7.33
CA CYS A 38 -8.51 -9.64 -5.86
C CYS A 38 -9.72 -10.27 -5.18
N LYS A 39 -9.77 -10.23 -3.88
CA LYS A 39 -10.93 -10.83 -3.15
C LYS A 39 -11.05 -12.31 -3.51
N SER A 40 -10.27 -12.78 -4.44
CA SER A 40 -10.35 -14.22 -4.82
C SER A 40 -9.47 -15.04 -3.87
N LYS A 41 -8.41 -15.60 -4.37
CA LYS A 41 -7.52 -16.41 -3.47
C LYS A 41 -6.92 -15.49 -2.39
N PRO A 42 -7.24 -15.72 -1.15
CA PRO A 42 -6.72 -14.88 -0.02
C PRO A 42 -5.26 -15.22 0.34
N PRO A 43 -4.59 -14.32 1.01
CA PRO A 43 -3.17 -14.52 1.43
C PRO A 43 -3.05 -15.57 2.54
N LYS A 44 -1.87 -16.07 2.78
CA LYS A 44 -1.69 -17.09 3.84
C LYS A 44 -2.13 -16.52 5.20
N LYS A 45 -1.29 -15.74 5.83
CA LYS A 45 -1.68 -15.17 7.15
C LYS A 45 -0.54 -14.27 7.66
N GLY A 46 -0.86 -13.27 8.44
CA GLY A 46 0.20 -12.37 8.97
C GLY A 46 -0.29 -11.70 10.26
N VAL A 47 -0.49 -12.47 11.30
CA VAL A 47 -0.97 -11.88 12.58
C VAL A 47 -2.24 -11.06 12.31
N GLN A 48 -2.10 -9.77 12.17
CA GLN A 48 -3.30 -8.92 11.91
C GLN A 48 -3.97 -9.37 10.61
N GLY A 49 -4.95 -10.23 10.69
CA GLY A 49 -5.63 -10.71 9.46
C GLY A 49 -6.59 -9.63 8.95
N CYS A 50 -6.35 -9.11 7.78
CA CYS A 50 -7.25 -8.06 7.23
C CYS A 50 -8.29 -8.71 6.31
N GLY A 51 -8.40 -10.01 6.36
CA GLY A 51 -9.39 -10.71 5.49
C GLY A 51 -10.76 -10.02 5.62
N ASP A 52 -11.45 -9.86 4.53
CA ASP A 52 -12.79 -9.21 4.59
C ASP A 52 -13.54 -9.47 3.29
N ASP A 53 -14.08 -8.44 2.69
CA ASP A 53 -14.83 -8.63 1.42
C ASP A 53 -14.87 -7.30 0.66
N ILE A 54 -16.02 -6.93 0.15
CA ILE A 54 -16.12 -5.65 -0.61
C ILE A 54 -15.48 -4.53 0.21
N PRO A 55 -14.38 -3.98 -0.25
CA PRO A 55 -13.67 -2.88 0.47
C PRO A 55 -14.35 -1.52 0.26
N GLY A 56 -14.43 -1.08 -0.97
CA GLY A 56 -15.08 0.24 -1.24
C GLY A 56 -16.56 0.01 -1.54
N MET A 57 -16.87 -0.73 -2.57
CA MET A 57 -18.30 -0.99 -2.90
C MET A 57 -18.38 -1.97 -4.07
N GLU A 58 -17.29 -2.14 -4.77
CA GLU A 58 -17.29 -3.09 -5.93
C GLU A 58 -15.86 -3.28 -6.44
N GLY A 59 -15.16 -2.20 -6.66
CA GLY A 59 -13.75 -2.32 -7.15
C GLY A 59 -13.28 -0.96 -7.69
N CYS A 60 -12.20 -0.46 -7.17
CA CYS A 60 -11.68 0.86 -7.65
C CYS A 60 -11.09 0.69 -9.05
N GLY A 61 -10.17 1.55 -9.42
CA GLY A 61 -9.55 1.44 -10.77
C GLY A 61 -8.09 1.87 -10.70
N THR A 62 -7.21 1.10 -11.29
CA THR A 62 -5.76 1.47 -11.27
C THR A 62 -5.15 1.14 -12.62
N ASP A 63 -5.62 1.76 -13.67
CA ASP A 63 -5.05 1.49 -15.01
C ASP A 63 -3.59 1.94 -15.03
N ILE A 64 -2.75 1.28 -14.29
CA ILE A 64 -1.31 1.66 -14.24
C ILE A 64 -1.14 3.17 -14.36
N THR A 65 -1.10 3.85 -13.25
CA THR A 65 -0.93 5.33 -13.32
C THR A 65 0.49 5.61 -13.83
N VAL A 66 0.98 4.76 -14.69
CA VAL A 66 2.35 4.94 -15.25
C VAL A 66 3.40 4.56 -14.20
N ILE A 67 3.02 4.51 -12.95
CA ILE A 67 4.02 4.14 -11.89
C ILE A 67 3.39 3.15 -10.89
N CYS A 68 3.56 1.88 -11.12
CA CYS A 68 3.00 0.87 -10.18
C CYS A 68 4.14 -0.03 -9.68
N PRO A 69 4.00 -0.61 -8.52
CA PRO A 69 5.05 -1.50 -7.94
C PRO A 69 5.73 -2.38 -9.00
N TRP A 70 5.14 -2.48 -10.16
CA TRP A 70 5.74 -3.31 -11.23
C TRP A 70 6.93 -2.57 -11.85
N GLU A 71 7.05 -1.29 -11.57
CA GLU A 71 8.20 -0.50 -12.14
C GLU A 71 8.96 0.16 -11.00
N ALA A 72 8.28 0.91 -10.17
CA ALA A 72 8.98 1.58 -9.04
C ALA A 72 9.28 0.56 -7.94
N CYS A 73 8.73 0.76 -6.77
CA CYS A 73 8.96 -0.20 -5.65
C CYS A 73 8.69 -1.63 -6.13
N ASN A 74 9.69 -2.31 -6.60
CA ASN A 74 9.49 -3.71 -7.09
C ASN A 74 9.71 -4.69 -5.93
N HIS A 75 9.89 -4.18 -4.74
CA HIS A 75 10.12 -5.09 -3.57
C HIS A 75 8.81 -5.80 -3.22
N CYS A 76 8.76 -7.10 -3.38
CA CYS A 76 7.51 -7.84 -3.06
C CYS A 76 7.86 -9.29 -2.71
N GLU A 77 7.77 -10.17 -3.67
CA GLU A 77 8.09 -11.61 -3.40
C GLU A 77 9.59 -11.74 -3.12
N LEU A 78 10.07 -11.15 -2.08
CA LEU A 78 11.52 -11.23 -1.76
C LEU A 78 11.74 -10.86 -0.29
N HIS A 79 10.90 -10.00 0.24
CA HIS A 79 11.04 -9.59 1.67
C HIS A 79 9.75 -8.93 2.13
N GLU A 80 9.67 -7.63 2.03
CA GLU A 80 8.43 -6.91 2.46
C GLU A 80 8.42 -6.78 3.98
N LEU A 81 8.48 -7.89 4.68
CA LEU A 81 8.47 -7.82 6.17
C LEU A 81 9.80 -7.22 6.65
N ALA A 82 10.85 -7.40 5.91
CA ALA A 82 12.16 -6.84 6.33
C ALA A 82 12.10 -5.31 6.26
N GLN A 83 11.42 -4.77 5.28
CA GLN A 83 11.32 -3.29 5.17
C GLN A 83 10.46 -2.76 6.31
N TYR A 84 9.97 -3.63 7.16
CA TYR A 84 9.11 -3.18 8.29
C TYR A 84 9.34 -4.09 9.50
N GLY A 85 8.43 -4.98 9.76
CA GLY A 85 8.60 -5.90 10.92
C GLY A 85 7.42 -6.86 10.99
N ILE A 86 7.53 -8.00 10.39
CA ILE A 86 6.41 -8.98 10.42
C ILE A 86 5.12 -8.26 10.02
N CYS A 87 5.21 -7.32 9.12
CA CYS A 87 3.98 -6.59 8.69
C CYS A 87 2.92 -7.58 8.24
C1C RCY B . -5.06 5.78 19.95
O1G RCY B . -6.94 7.72 17.20
O1H RCY B . -2.28 7.83 17.94
O1J RCY B . -2.12 6.14 20.54
C1L RCY B . -5.00 7.39 15.74
C1M RCY B . -4.16 9.36 20.14
C1P RCY B . -5.71 7.71 17.06
C1Q RCY B . -3.39 7.98 17.43
N1R RCY B . -4.72 8.02 18.17
C1S RCY B . -3.69 8.15 15.96
C1U RCY B . -4.99 8.30 19.66
C1V RCY B . -5.16 7.30 21.97
N1V RCY B . -3.10 7.22 20.54
C1W RCY B . -2.83 8.73 20.55
C1X RCY B . -4.62 7.11 20.56
C1Y RCY B . -2.40 9.20 21.95
C1Z RCY B . -1.73 9.04 19.52
H1S RCY B . -3.31 9.15 16.10
H1U RCY B . -6.03 8.55 19.80
C1C RCY C . 7.67 12.52 7.43
O1G RCY C . 8.40 10.84 4.62
O1H RCY C . 6.41 14.85 3.11
O1J RCY C . 5.23 11.72 9.00
C1L RCY C . 8.80 12.29 2.69
C1M RCY C . 4.72 12.19 5.23
C1P RCY C . 8.08 11.83 3.96
C1Q RCY C . 6.91 13.73 3.14
N1R RCY C . 6.93 12.77 4.32
C1S RCY C . 7.67 13.07 2.00
C1U RCY C . 6.01 12.75 5.55
C1V RCY C . 6.93 10.47 6.15
N1V RCY C . 5.29 11.76 7.54
C1W RCY C . 4.13 11.71 6.55
C1X RCY C . 6.53 11.85 6.67
C1Y RCY C . 3.59 10.28 6.42
C1Z RCY C . 3.02 12.66 7.04
H1S RCY C . 6.68 12.91 1.58
H1U RCY C . 5.88 13.75 5.92
C1C RCY D . -6.53 4.52 -5.94
O1G RCY D . -11.57 3.23 -5.01
O1H RCY D . -8.66 6.66 -6.43
O1J RCY D . -5.28 2.38 -4.24
C1L RCY D . -11.85 5.16 -6.48
C1M RCY D . -9.03 2.98 -3.70
C1P RCY D . -11.09 4.24 -5.53
C1Q RCY D . -9.65 6.05 -6.05
N1R RCY D . -9.67 4.73 -5.27
C1S RCY D . -11.09 6.47 -6.25
C1U RCY D . -8.54 4.08 -4.47
C1V RCY D . -8.06 2.56 -6.44
N1V RCY D . -6.72 2.62 -4.33
C1W RCY D . -7.81 2.09 -3.40
C1X RCY D . -7.46 3.46 -5.35
C1Y RCY D . -8.12 0.63 -3.71
C1Z RCY D . -7.35 2.24 -1.94
H1S RCY D . -10.88 7.19 -5.48
H1U RCY D . -8.10 4.81 -3.82
C1C RCY E . -3.45 -6.84 -9.19
O1G RCY E . -6.21 -10.87 -9.24
O1H RCY E . -4.03 -7.58 -6.63
O1J RCY E . -1.45 -7.23 -6.96
C1L RCY E . -6.85 -9.64 -7.22
C1M RCY E . -2.44 -10.39 -8.89
C1P RCY E . -5.90 -10.05 -8.36
C1Q RCY E . -4.69 -8.56 -6.98
N1R RCY E . -4.56 -9.34 -8.29
C1S RCY E . -5.80 -9.21 -6.18
C1U RCY E . -3.38 -9.38 -9.26
C1V RCY E . -1.58 -8.03 -10.42
N1V RCY E . -1.81 -8.26 -7.93
C1W RCY E . -1.51 -9.75 -7.86
C1X RCY E . -2.56 -8.09 -9.24
C1Y RCY E . -0.04 -10.02 -8.22
C1Z RCY E . -1.82 -10.25 -6.44
H1S RCY E . -4.99 -9.60 -5.57
H1U RCY E . -3.75 -9.56 -10.25
C1C RCY F . -2.43 -5.43 4.06
O1G RCY F . -5.08 -1.39 4.15
O1H RCY F . -4.30 -5.37 6.58
O1J RCY F . -2.76 -3.92 1.48
C1L RCY F . -6.56 -3.03 5.20
C1M RCY F . -2.26 -1.77 4.61
C1P RCY F . -5.21 -2.45 4.76
C1Q RCY F . -4.77 -4.54 5.80
N1R RCY F . -4.05 -3.34 5.19
C1S RCY F . -6.18 -4.53 5.26
C1U RCY F . -2.53 -3.10 5.06
C1V RCY F . -0.36 -3.95 4.09
N1V RCY F . -2.36 -3.30 2.74
C1W RCY F . -2.35 -1.81 3.07
C1X RCY F . -1.89 -3.99 4.00
C1Y RCY F . -1.12 -1.14 2.45
C1Z RCY F . -3.64 -1.17 2.58
H1S RCY F . -5.85 -5.34 4.65
H1U RCY F . -2.07 -3.27 6.02
C1C RCY G . -4.96 3.74 -3.81
O1G RCY G . -6.27 1.10 -2.55
O1H RCY G . -6.36 0.73 -7.25
O1J RCY G . -4.33 2.19 -1.32
C1L RCY G . -8.01 0.45 -4.14
C1M RCY G . -3.39 0.49 -4.63
C1P RCY G . -6.62 0.94 -3.71
C1Q RCY G . -6.68 0.97 -6.09
N1R RCY G . -5.72 1.20 -4.92
C1S RCY G . -8.08 1.07 -5.54
C1U RCY G . -4.25 1.61 -4.95
C1V RCY G . -2.50 3.26 -4.16
N1V RCY G . -3.88 1.80 -2.65
C1W RCY G . -3.30 0.47 -3.10
C1X RCY G . -3.89 2.66 -3.92
C1Y RCY G . -1.83 0.35 -2.65
C1Z RCY G . -4.14 -0.67 -2.52
H1S RCY G . -8.10 2.03 -6.04
H1U RCY G . -3.99 1.97 -5.94
C1C RCY H . 2.67 0.37 -4.80
O1G RCY H . -0.66 0.76 -6.16
O1H RCY H . 2.53 2.18 -9.33
O1J RCY H . 3.33 2.40 -2.68
C1L RCY H . -0.49 0.52 -8.59
C1M RCY H . 1.65 3.78 -5.84
C1P RCY H . -0.05 1.01 -7.20
C1Q RCY H . 1.47 1.92 -8.78
N1R RCY H . 1.23 1.83 -7.28
C1S RCY H . 0.16 1.60 -9.46
C1U RCY H . 2.06 2.44 -6.14
C1V RCY H . 0.41 1.49 -4.47
N1V RCY H . 2.52 2.69 -3.86
C1W RCY H . 2.11 4.06 -4.41
C1X RCY H . 1.89 1.69 -4.82
C1Y RCY H . 0.98 4.66 -3.58
C1Z RCY H . 3.33 4.99 -4.39
H1S RCY H . 0.12 2.67 -9.65
H1U RCY H . 3.10 2.44 -6.42
C1C RCY I . 2.56 -3.53 -0.80
O1G RCY I . 5.54 -3.23 -1.59
O1H RCY I . 4.24 1.06 -3.10
O1J RCY I . 0.18 -2.40 0.65
C1L RCY I . 6.38 -1.74 -3.35
C1M RCY I . 2.60 0.17 -0.85
C1P RCY I . 5.44 -2.17 -2.22
C1Q RCY I . 4.62 -0.12 -3.07
N1R RCY I . 4.35 -1.13 -1.96
C1S RCY I . 5.44 -0.82 -4.13
C1U RCY I . 3.27 -1.10 -0.88
C1V RCY I . 1.60 -1.99 -2.58
N1V RCY I . 1.10 -1.60 -0.15
C1W RCY I . 1.24 -0.08 -0.17
C1X RCY I . 2.14 -2.09 -1.14
C1Y RCY I . 0.11 0.56 -0.99
C1Z RCY I . 1.24 0.45 1.27
H1S RCY I . 4.52 -0.82 -4.70
H1U RCY I . 3.71 -1.31 0.08
C1C RCY J . 1.53 -5.22 -1.29
O1G RCY J . 1.86 -9.67 -3.71
O1H RCY J . 4.04 -5.94 -1.78
O1J RCY J . -0.78 -5.56 -3.20
C1L RCY J . 3.84 -8.38 -4.33
C1M RCY J . 0.39 -8.74 -1.42
C1P RCY J . 2.61 -8.72 -3.49
C1Q RCY J . 3.55 -6.74 -2.60
N1R RCY J . 2.44 -7.73 -2.34
C1S RCY J . 3.95 -6.88 -4.05
C1U RCY J . 1.40 -7.75 -1.20
C1V RCY J . -0.18 -6.37 0.20
N1V RCY J . -0.32 -6.60 -2.29
C1W RCY J . -0.66 -8.08 -2.32
C1X RCY J . 0.62 -6.44 -1.10
C1Y RCY J . -2.06 -8.32 -1.75
C1Z RCY J . -0.57 -8.59 -3.75
H1S RCY J . 3.42 -5.95 -4.18
H1U RCY J . 1.91 -7.95 -0.26
C1C RCY K . -0.17 -6.74 1.58
O1G RCY K . 0.41 -2.62 4.77
O1H RCY K . 1.49 -7.19 4.19
O1J RCY K . -2.71 -5.81 0.25
C1L RCY K . 2.30 -4.00 5.48
C1M RCY K . -1.78 -4.02 3.51
C1P RCY K . 0.95 -3.73 4.82
C1Q RCY K . 1.35 -6.06 4.67
N1R RCY K . 0.34 -5.00 4.24
C1S RCY K . 2.14 -5.48 5.83
C1U RCY K . -0.94 -5.18 3.42
C1V RCY K . 0.26 -4.24 1.39
N1V RCY K . -2.08 -5.14 1.38
C1W RCY K . -2.69 -4.06 2.28
C1X RCY K . -0.68 -5.34 1.92
C1Y RCY K . -2.71 -2.71 1.57
C1Z RCY K . -4.12 -4.48 2.67
H1S RCY K . 1.54 -6.14 6.44
H1U RCY K . -1.48 -6.04 3.79
N MET A 1 -3.34 26.87 2.70
CA MET A 1 -2.23 25.96 3.08
C MET A 1 -2.32 25.64 4.57
N ASN A 2 -2.97 24.55 4.92
CA ASN A 2 -3.09 24.19 6.35
C ASN A 2 -3.74 22.80 6.48
N LEU A 3 -4.17 22.24 5.38
CA LEU A 3 -4.80 20.90 5.43
C LEU A 3 -3.74 19.84 5.69
N GLU A 4 -2.52 20.26 5.93
CA GLU A 4 -1.43 19.27 6.20
C GLU A 4 -1.83 18.36 7.35
N PRO A 5 -1.99 17.07 7.11
CA PRO A 5 -2.39 16.11 8.17
C PRO A 5 -1.62 16.34 9.48
N PRO A 6 -2.17 15.92 10.59
CA PRO A 6 -1.52 16.07 11.92
C PRO A 6 -0.28 15.17 12.08
N LYS A 7 0.54 15.43 13.06
CA LYS A 7 1.75 14.59 13.27
C LYS A 7 1.90 14.29 14.76
N ALA A 8 0.81 14.24 15.48
CA ALA A 8 0.88 13.95 16.94
C ALA A 8 -0.52 13.68 17.48
N GLU A 9 -1.48 13.52 16.61
CA GLU A 9 -2.87 13.27 17.07
C GLU A 9 -2.97 11.85 17.64
N CYS A 10 -1.97 11.04 17.44
CA CYS A 10 -2.01 9.65 17.97
C CYS A 10 -0.58 9.13 18.15
N ARG A 11 -0.04 9.22 19.33
CA ARG A 11 1.35 8.74 19.57
C ARG A 11 1.32 7.23 19.78
N SER A 12 0.17 6.62 19.61
CA SER A 12 0.07 5.15 19.79
C SER A 12 0.12 4.82 21.28
N ALA A 13 0.67 3.68 21.63
CA ALA A 13 0.75 3.30 23.07
C ALA A 13 1.91 2.31 23.28
N THR A 14 2.73 2.15 22.28
CA THR A 14 3.87 1.20 22.41
C THR A 14 4.80 1.35 21.20
N ARG A 15 4.41 2.15 20.24
CA ARG A 15 5.27 2.34 19.04
C ARG A 15 5.60 0.98 18.43
N VAL A 16 4.65 0.36 17.81
CA VAL A 16 4.91 -0.98 17.19
C VAL A 16 6.13 -0.87 16.26
N MET A 17 6.74 -1.98 15.95
CA MET A 17 7.93 -1.94 15.04
C MET A 17 7.60 -1.14 13.79
N GLY A 18 8.01 0.10 13.75
CA GLY A 18 7.72 0.94 12.54
C GLY A 18 7.98 2.41 12.88
N GLY A 19 8.87 2.67 13.79
CA GLY A 19 9.17 4.09 14.16
C GLY A 19 9.79 4.80 12.96
N PRO A 20 11.03 4.49 12.65
CA PRO A 20 11.75 5.11 11.51
C PRO A 20 10.87 5.24 10.26
N CYS A 21 9.83 4.45 10.16
CA CYS A 21 8.94 4.52 8.97
C CYS A 21 8.14 5.82 9.02
N THR A 22 8.43 6.74 8.14
CA THR A 22 7.68 8.03 8.13
C THR A 22 7.48 8.49 6.68
N PRO A 23 6.44 9.22 6.41
CA PRO A 23 6.14 9.73 5.04
C PRO A 23 7.41 10.18 4.31
N ARG A 24 7.64 9.67 3.13
CA ARG A 24 8.86 10.05 2.37
C ARG A 24 8.50 10.27 0.90
N LYS A 25 9.11 11.24 0.26
CA LYS A 25 8.80 11.49 -1.17
C LYS A 25 8.87 10.18 -1.96
N GLY A 26 10.03 9.63 -2.14
CA GLY A 26 10.16 8.36 -2.89
C GLY A 26 9.82 8.60 -4.37
N PRO A 27 9.91 7.58 -5.17
CA PRO A 27 9.60 7.68 -6.63
C PRO A 27 8.26 8.37 -6.89
N PRO A 28 8.08 8.91 -8.07
CA PRO A 28 6.82 9.61 -8.45
C PRO A 28 5.58 8.85 -7.97
N LYS A 29 4.44 9.49 -7.97
CA LYS A 29 3.19 8.81 -7.51
C LYS A 29 3.12 7.41 -8.13
N CYS A 30 3.85 7.18 -9.18
CA CYS A 30 3.81 5.83 -9.84
C CYS A 30 5.09 5.62 -10.63
N LYS A 31 5.33 4.41 -11.07
CA LYS A 31 6.57 4.13 -11.86
C LYS A 31 6.36 2.86 -12.69
N GLN A 32 5.47 2.91 -13.64
CA GLN A 32 5.21 1.72 -14.50
C GLN A 32 4.81 0.54 -13.62
N ARG A 33 3.59 0.10 -13.72
CA ARG A 33 3.12 -1.05 -12.90
C ARG A 33 2.77 -2.22 -13.81
N GLN A 34 3.61 -3.23 -13.86
CA GLN A 34 3.33 -4.40 -14.73
C GLN A 34 2.37 -5.36 -14.00
N THR A 35 1.35 -5.81 -14.67
CA THR A 35 0.39 -6.74 -14.02
C THR A 35 -0.55 -7.34 -15.07
N ARG A 36 -0.02 -8.14 -15.96
CA ARG A 36 -0.89 -8.75 -17.01
C ARG A 36 -1.33 -10.14 -16.55
N GLN A 37 -1.09 -10.48 -15.32
CA GLN A 37 -1.50 -11.81 -14.80
C GLN A 37 -2.80 -11.68 -13.99
N CYS A 38 -2.69 -11.28 -12.75
CA CYS A 38 -3.92 -11.13 -11.91
C CYS A 38 -4.72 -12.42 -11.95
N LYS A 39 -4.69 -13.19 -10.89
CA LYS A 39 -5.45 -14.47 -10.87
C LYS A 39 -4.99 -15.36 -12.03
N SER A 40 -3.91 -16.07 -11.86
CA SER A 40 -3.41 -16.96 -12.94
C SER A 40 -2.40 -17.95 -12.38
N LYS A 41 -1.49 -17.49 -11.57
CA LYS A 41 -0.47 -18.41 -10.98
C LYS A 41 -1.04 -19.07 -9.72
N PRO A 42 -0.73 -20.31 -9.48
CA PRO A 42 -1.22 -21.05 -8.28
C PRO A 42 -0.50 -20.60 -7.00
N PRO A 43 -1.08 -20.88 -5.85
CA PRO A 43 -0.49 -20.50 -4.54
C PRO A 43 0.67 -21.42 -4.15
N LYS A 44 1.77 -20.85 -3.70
CA LYS A 44 2.93 -21.70 -3.30
C LYS A 44 3.75 -20.96 -2.24
N LYS A 45 4.56 -20.01 -2.64
CA LYS A 45 5.39 -19.26 -1.66
C LYS A 45 6.37 -18.35 -2.40
N GLY A 46 6.10 -17.06 -2.43
CA GLY A 46 7.02 -16.13 -3.13
C GLY A 46 6.65 -16.05 -4.61
N VAL A 47 6.25 -17.15 -5.19
CA VAL A 47 5.87 -17.14 -6.64
C VAL A 47 4.97 -15.95 -6.92
N GLN A 48 5.27 -15.19 -7.94
CA GLN A 48 4.42 -14.01 -8.27
C GLN A 48 4.69 -13.57 -9.71
N GLY A 49 5.72 -14.10 -10.32
CA GLY A 49 6.04 -13.71 -11.71
C GLY A 49 6.82 -12.39 -11.72
N CYS A 50 6.55 -11.52 -10.79
CA CYS A 50 7.28 -10.23 -10.76
C CYS A 50 8.74 -10.47 -10.38
N GLY A 51 9.24 -9.78 -9.39
CA GLY A 51 10.66 -9.98 -8.99
C GLY A 51 11.57 -9.29 -10.01
N ASP A 52 11.01 -8.52 -10.90
CA ASP A 52 11.84 -7.81 -11.91
C ASP A 52 12.09 -6.37 -11.47
N ASP A 53 11.16 -5.80 -10.76
CA ASP A 53 11.34 -4.39 -10.29
C ASP A 53 12.39 -4.34 -9.19
N ILE A 54 12.41 -3.29 -8.42
CA ILE A 54 13.43 -3.17 -7.33
C ILE A 54 12.69 -2.93 -6.00
N PRO A 55 12.17 -3.98 -5.41
CA PRO A 55 11.45 -3.89 -4.11
C PRO A 55 12.39 -3.82 -2.91
N GLY A 56 11.93 -3.32 -1.81
CA GLY A 56 12.81 -3.21 -0.61
C GLY A 56 13.66 -1.95 -0.70
N MET A 57 13.27 -1.02 -1.52
CA MET A 57 14.07 0.24 -1.65
C MET A 57 13.21 1.31 -2.32
N GLU A 58 12.23 1.81 -1.62
CA GLU A 58 11.35 2.87 -2.22
C GLU A 58 10.66 3.64 -1.10
N GLY A 59 9.36 3.78 -1.19
CA GLY A 59 8.62 4.53 -0.13
C GLY A 59 7.30 5.05 -0.70
N CYS A 60 7.33 5.57 -1.90
CA CYS A 60 6.07 6.08 -2.51
C CYS A 60 5.38 7.05 -1.54
N GLY A 61 4.20 7.48 -1.88
CA GLY A 61 3.47 8.42 -0.99
C GLY A 61 2.03 8.59 -1.50
N THR A 62 1.89 9.15 -2.67
CA THR A 62 0.53 9.34 -3.25
C THR A 62 -0.41 9.93 -2.19
N ASP A 63 -0.63 11.22 -2.24
CA ASP A 63 -1.55 11.84 -1.25
C ASP A 63 -2.98 11.40 -1.54
N ILE A 64 -3.18 10.11 -1.67
CA ILE A 64 -4.54 9.59 -1.97
C ILE A 64 -5.07 10.23 -3.24
N THR A 65 -4.65 9.76 -4.38
CA THR A 65 -5.17 10.36 -5.64
C THR A 65 -6.69 10.29 -5.60
N VAL A 66 -7.22 9.43 -4.77
CA VAL A 66 -8.70 9.30 -4.65
C VAL A 66 -9.06 8.61 -3.33
N ILE A 67 -8.86 7.33 -3.25
CA ILE A 67 -9.18 6.57 -2.00
C ILE A 67 -8.08 5.55 -1.68
N CYS A 68 -7.14 5.90 -0.85
CA CYS A 68 -6.06 4.93 -0.50
C CYS A 68 -6.52 4.08 0.69
N PRO A 69 -5.91 2.96 0.92
CA PRO A 69 -6.28 2.06 2.05
C PRO A 69 -6.58 2.83 3.35
N TRP A 70 -6.15 4.05 3.44
CA TRP A 70 -6.42 4.84 4.66
C TRP A 70 -7.91 5.18 4.72
N GLU A 71 -8.62 4.92 3.66
CA GLU A 71 -10.08 5.22 3.64
C GLU A 71 -10.79 4.26 2.69
N ALA A 72 -10.09 3.30 2.16
CA ALA A 72 -10.73 2.33 1.22
C ALA A 72 -11.57 1.32 2.00
N CYS A 73 -11.06 0.81 3.08
CA CYS A 73 -11.82 -0.19 3.87
C CYS A 73 -13.23 0.36 4.13
N ASN A 74 -14.17 -0.02 3.30
CA ASN A 74 -15.57 0.47 3.48
C ASN A 74 -16.46 -0.17 2.41
N HIS A 75 -15.88 -0.71 1.38
CA HIS A 75 -16.69 -1.36 0.31
C HIS A 75 -15.80 -2.32 -0.48
N CYS A 76 -15.34 -1.91 -1.64
CA CYS A 76 -14.47 -2.80 -2.45
C CYS A 76 -15.13 -4.17 -2.59
N GLU A 77 -16.40 -4.20 -2.88
CA GLU A 77 -17.09 -5.50 -3.03
C GLU A 77 -16.67 -6.17 -4.35
N LEU A 78 -15.38 -6.27 -4.58
CA LEU A 78 -14.90 -6.90 -5.85
C LEU A 78 -14.34 -8.30 -5.53
N HIS A 79 -13.30 -8.36 -4.74
CA HIS A 79 -12.71 -9.68 -4.39
C HIS A 79 -13.63 -10.42 -3.41
N GLU A 80 -14.37 -11.39 -3.88
CA GLU A 80 -15.28 -12.14 -2.98
C GLU A 80 -14.62 -13.46 -2.58
N LEU A 81 -13.63 -13.89 -3.31
CA LEU A 81 -12.95 -15.17 -2.98
C LEU A 81 -11.92 -14.92 -1.88
N ALA A 82 -11.04 -13.99 -2.06
CA ALA A 82 -10.02 -13.70 -1.01
C ALA A 82 -10.72 -13.11 0.23
N GLN A 83 -10.79 -13.87 1.29
CA GLN A 83 -11.46 -13.36 2.52
C GLN A 83 -10.60 -13.66 3.74
N TYR A 84 -9.30 -13.53 3.63
CA TYR A 84 -8.42 -13.80 4.79
C TYR A 84 -7.06 -13.13 4.57
N GLY A 85 -6.70 -12.90 3.34
CA GLY A 85 -5.40 -12.24 3.05
C GLY A 85 -4.31 -13.29 2.83
N ILE A 86 -4.65 -14.39 2.20
CA ILE A 86 -3.62 -15.44 1.95
C ILE A 86 -2.78 -15.05 0.73
N CYS A 87 -1.49 -14.96 0.89
CA CYS A 87 -0.63 -14.58 -0.27
C CYS A 87 -0.63 -15.72 -1.30
C1C RCY B . 2.75 8.19 16.23
O1G RCY B . -0.19 4.34 14.29
O1H RCY B . -0.63 8.55 16.36
O1J RCY B . 4.27 9.40 13.94
C1L RCY B . -1.83 5.27 15.84
C1M RCY B . 1.18 7.35 12.99
C1P RCY B . -0.56 5.28 14.99
C1Q RCY B . -0.62 7.34 16.16
N1R RCY B . 0.20 6.60 15.11
C1S RCY B . -1.44 6.30 16.91
C1U RCY B . 1.44 7.07 14.38
C1V RCY B . 0.90 9.45 15.04
N1V RCY B . 2.97 8.76 13.81
C1W RCY B . 2.28 8.31 12.52
C1X RCY B . 2.00 8.39 14.92
C1Y RCY B . 1.68 9.51 11.79
C1Z RCY B . 3.29 7.58 11.64
H1S RCY B . -0.73 6.46 17.70
H1U RCY B . 2.22 6.31 14.44
C1C RCY C . 7.36 8.36 5.07
O1G RCY C . 10.35 4.07 3.31
O1H RCY C . 7.01 5.87 6.13
O1J RCY C . 7.59 10.15 2.65
C1L RCY C . 8.99 3.12 5.11
C1M RCY C . 9.28 6.71 2.37
C1P RCY C . 9.49 4.23 4.19
C1Q RCY C . 7.98 5.23 5.72
N1R RCY C . 8.83 5.57 4.49
C1S RCY C . 8.55 3.97 6.32
C1U RCY C . 8.95 6.90 3.76
C1V RCY C . 6.48 6.83 3.25
N1V RCY C . 7.99 8.74 2.68
C1W RCY C . 8.85 8.00 1.65
C1X RCY C . 7.65 7.70 3.73
C1Y RCY C . 8.04 7.66 0.41
C1Z RCY C . 10.06 8.86 1.29
H1S RCY C . 8.94 4.63 7.08
H1U RCY C . 9.72 7.50 4.23
C1C RCY D . -2.47 9.41 -8.19
O1G RCY D . -1.55 9.68 -10.01
O1H RCY D . 2.08 6.87 -8.90
O1J RCY D . -3.28 6.51 -8.15
C1L RCY D . 0.19 8.58 -11.34
C1M RCY D . 0.15 7.31 -6.63
C1P RCY D . -0.54 8.98 -10.05
C1Q RCY D . 1.38 7.74 -9.42
N1R RCY D . 0.15 8.40 -8.81
C1S RCY D . 1.60 8.36 -10.80
C1U RCY D . -0.27 8.47 -7.35
C1V RCY D . -2.18 8.86 -5.73
N1V RCY D . -2.11 7.04 -7.45
C1W RCY D . -0.95 6.26 -6.85
C1X RCY D . -1.78 8.50 -7.17
C1Y RCY D . -1.37 5.62 -5.52
C1Z RCY D . -0.50 5.18 -7.84
H1S RCY D . 2.41 8.88 -10.32
H1U RCY D . 0.17 9.35 -6.88
C1C RCY E . -6.04 -6.69 -7.16
O1G RCY E . -2.13 -8.28 -7.39
O1H RCY E . -4.51 -5.90 -10.71
O1J RCY E . -4.50 -8.12 -5.00
C1L RCY E . -2.62 -8.73 -9.75
C1M RCY E . -2.63 -5.29 -6.79
C1P RCY E . -2.69 -7.94 -8.44
C1Q RCY E . -4.06 -6.81 -10.00
N1R RCY E . -3.53 -6.68 -8.58
C1S RCY E . -3.92 -8.27 -10.40
C1U RCY E . -3.80 -5.57 -7.56
C1V RCY E . -5.31 -4.74 -5.71
N1V RCY E . -4.04 -6.90 -5.65
C1W RCY E . -2.65 -6.29 -5.62
C1X RCY E . -4.85 -5.95 -6.53
C1Y RCY E . -2.41 -5.57 -4.29
C1Z RCY E . -1.61 -7.40 -5.83
H1S RCY E . -4.99 -8.30 -10.27
H1U RCY E . -4.11 -4.67 -8.08
C1C RCY F . -0.46 -7.79 -8.77
O1G RCY F . 3.53 -9.48 -5.35
O1H RCY F . 2.08 -8.20 -9.66
O1J RCY F . -2.51 -7.01 -6.71
C1L RCY F . 4.69 -9.20 -7.48
C1M RCY F . 0.77 -8.43 -5.34
C1P RCY F . 3.47 -9.22 -6.55
C1Q RCY F . 2.66 -8.77 -8.74
N1R RCY F . 2.17 -8.89 -7.29
C1S RCY F . 3.99 -9.50 -8.82
C1U RCY F . 0.76 -8.71 -6.75
C1V RCY F . 0.90 -6.24 -7.30
N1V RCY F . -1.13 -7.38 -6.40
C1W RCY F . -0.56 -7.73 -5.02
C1X RCY F . 0.04 -7.50 -7.35
C1Y RCY F . -0.32 -6.47 -4.20
C1Z RCY F . -1.52 -8.68 -4.31
H1S RCY F . 3.43 -10.27 -9.32
H1U RCY F . 0.18 -9.60 -6.93
C1C RCY G . 4.71 -1.43 -7.56
O1G RCY G . 2.23 2.12 -7.39
O1H RCY G . 5.44 0.95 -4.13
O1J RCY G . 2.68 -3.66 -7.70
C1L RCY G . 3.92 3.40 -6.17
C1M RCY G . 1.71 -0.65 -5.53
C1P RCY G . 3.12 2.15 -6.54
C1Q RCY G . 4.57 1.55 -4.76
N1R RCY G . 3.56 0.94 -5.72
C1S RCY G . 4.31 3.04 -4.73
C1U RCY G . 3.10 -0.52 -5.82
C1V RCY G . 2.64 -0.16 -8.28
N1V RCY G . 2.42 -2.36 -7.10
C1W RCY G . 1.26 -1.97 -6.19
C1X RCY G . 3.25 -1.08 -7.23
C1Y RCY G . -0.01 -1.75 -7.01
C1Z RCY G . 1.05 -3.06 -5.14
H1S RCY G . 3.88 2.84 -3.75
H1U RCY G . 3.67 -1.13 -5.13
C1C RCY H . 1.38 1.51 -1.40
O1G RCY H . -0.74 2.57 0.22
O1H RCY H . -2.79 4.25 -3.69
O1J RCY H . 2.57 0.37 -3.92
C1L RCY H . -2.40 4.33 -0.18
C1M RCY H . -0.75 2.23 -4.33
C1P RCY H . -1.40 3.23 -0.58
C1Q RCY H . -2.25 4.17 -2.59
N1R RCY H . -1.34 3.05 -2.10
C1S RCY H . -2.37 5.18 -1.46
C1U RCY H . -0.57 2.02 -2.92
C1V RCY H . 1.45 3.56 -2.89
N1V RCY H . 1.43 1.26 -3.89
C1W RCY H . 0.44 1.56 -5.02
C1X RCY H . 0.95 2.12 -2.73
C1Y RCY H . 1.08 2.52 -6.04
C1Z RCY H . 0.04 0.25 -5.69
H1S RCY H . -1.72 5.78 -2.07
H1U RCY H . -0.90 1.03 -2.66
C1C RCY I . -7.63 -2.46 1.39
O1G RCY I . -5.87 -3.65 6.20
O1H RCY I . -9.02 -2.41 2.91
O1J RCY I . -6.67 0.34 1.92
C1L RCY I . -8.26 -3.14 6.28
C1M RCY I . -4.62 -2.47 3.53
C1P RCY I . -6.88 -3.30 5.61
C1Q RCY I . -8.38 -2.48 3.96
N1R RCY I . -6.94 -2.95 4.13
C1S RCY I . -8.90 -2.11 5.35
C1U RCY I . -5.85 -3.06 3.07
C1V RCY I . -5.21 -2.63 0.65
N1V RCY I . -5.92 -0.86 2.27
C1W RCY I . -4.72 -0.96 3.21
C1X RCY I . -6.17 -2.28 1.79
C1Y RCY I . -3.45 -0.48 2.51
C1Z RCY I . -5.00 -0.14 4.47
H1S RCY I . -8.78 -1.10 5.00
H1U RCY I . -5.67 -4.10 2.83
C1C RCY J . -6.91 -5.13 -3.83
O1G RCY J . -8.49 -4.70 -0.46
O1H RCY J . -9.57 -1.21 -3.43
O1J RCY J . -3.92 -4.74 -3.68
C1L RCY J . -10.55 -3.46 -0.91
C1M RCY J . -6.05 -2.20 -1.76
C1P RCY J . -9.06 -3.81 -1.07
C1Q RCY J . -9.51 -1.91 -2.43
N1R RCY J . -8.39 -2.89 -2.08
C1S RCY J . -10.53 -1.99 -1.31
C1U RCY J . -6.95 -2.92 -2.62
C1V RCY J . -6.56 -5.07 -1.33
N1V RCY J . -4.90 -4.01 -2.87
C1W RCY J . -4.65 -2.75 -2.04
C1X RCY J . -6.37 -4.33 -2.66
C1Y RCY J . -3.93 -3.09 -0.74
C1Z RCY J . -3.82 -1.75 -2.87
H1S RCY J . -10.12 -1.04 -1.02
H1U RCY J . -6.92 -2.49 -3.61
C1C RCY K . -3.44 -10.37 1.87
O1G RCY K . 1.78 -9.30 1.93
O1H RCY K . -1.39 -12.66 0.96
O1J RCY K . -4.64 -8.32 0.02
C1L RCY K . 1.85 -11.75 2.02
C1M RCY K . -0.85 -8.74 -0.20
C1P RCY K . 1.19 -10.38 1.80
C1Q RCY K . -0.49 -12.02 1.49
N1R RCY K . -0.27 -10.52 1.39
C1S RCY K . 0.60 -12.57 2.38
C1U RCY K . -1.27 -9.43 0.99
C1V RCY K . -2.53 -11.14 -0.37
N1V RCY K . -3.26 -8.77 -0.05
C1W RCY K . -2.11 -8.12 -0.81
C1X RCY K . -2.64 -9.98 0.62
C1Y RCY K . -2.20 -8.43 -2.30
C1Z RCY K . -2.14 -6.60 -0.58
H1S RCY K . -0.17 -12.66 3.11
H1U RCY K . -1.37 -8.71 1.79
N MET A 1 10.50 -0.86 19.72
CA MET A 1 11.59 0.11 19.99
C MET A 1 11.23 0.97 21.20
N ASN A 2 10.34 0.48 22.03
CA ASN A 2 9.92 1.25 23.24
C ASN A 2 9.81 2.74 22.89
N LEU A 3 9.50 3.06 21.66
CA LEU A 3 9.38 4.49 21.27
C LEU A 3 8.16 4.65 20.34
N GLU A 4 7.12 3.91 20.59
CA GLU A 4 5.91 4.03 19.72
C GLU A 4 5.43 5.48 19.71
N PRO A 5 5.49 6.14 18.57
CA PRO A 5 5.04 7.57 18.45
C PRO A 5 3.68 7.80 19.12
N PRO A 6 3.40 9.02 19.51
CA PRO A 6 2.11 9.38 20.17
C PRO A 6 0.95 9.43 19.17
N LYS A 7 -0.26 9.42 19.64
CA LYS A 7 -1.43 9.46 18.73
C LYS A 7 -1.66 10.92 18.29
N ALA A 8 -2.37 11.68 19.06
CA ALA A 8 -2.63 13.09 18.70
C ALA A 8 -3.11 13.17 17.25
N GLU A 9 -2.35 13.77 16.38
CA GLU A 9 -2.76 13.87 14.96
C GLU A 9 -1.60 14.43 14.13
N CYS A 10 -0.39 14.29 14.62
CA CYS A 10 0.78 14.81 13.86
C CYS A 10 0.54 16.28 13.48
N ARG A 11 0.81 17.18 14.39
CA ARG A 11 0.58 18.62 14.08
C ARG A 11 1.82 19.19 13.38
N SER A 12 2.62 18.34 12.78
CA SER A 12 3.84 18.83 12.08
C SER A 12 3.47 20.03 11.20
N ALA A 13 2.68 19.81 10.19
CA ALA A 13 2.29 20.94 9.29
C ALA A 13 1.21 20.46 8.32
N THR A 14 -0.03 20.51 8.74
CA THR A 14 -1.14 20.05 7.84
C THR A 14 -0.78 18.70 7.23
N ARG A 15 0.24 18.06 7.74
CA ARG A 15 0.65 16.73 7.19
C ARG A 15 0.73 16.81 5.66
N VAL A 16 1.79 17.38 5.16
CA VAL A 16 1.96 17.49 3.69
C VAL A 16 3.44 17.72 3.37
N MET A 17 4.30 16.94 3.96
CA MET A 17 5.76 17.11 3.69
C MET A 17 6.04 16.87 2.20
N GLY A 18 6.77 15.83 1.89
CA GLY A 18 7.08 15.56 0.46
C GLY A 18 5.88 14.87 -0.20
N GLY A 19 5.72 15.04 -1.49
CA GLY A 19 4.57 14.41 -2.18
C GLY A 19 3.28 15.12 -1.80
N PRO A 20 3.09 16.32 -2.28
CA PRO A 20 1.86 17.13 -2.00
C PRO A 20 0.57 16.31 -2.16
N CYS A 21 0.15 15.67 -1.11
CA CYS A 21 -1.10 14.86 -1.20
C CYS A 21 -2.32 15.77 -1.05
N THR A 22 -2.96 16.08 -2.14
CA THR A 22 -4.16 16.97 -2.05
C THR A 22 -5.14 16.40 -1.03
N PRO A 23 -6.04 17.21 -0.53
CA PRO A 23 -7.05 16.78 0.48
C PRO A 23 -7.99 15.71 -0.09
N ARG A 24 -7.47 14.55 -0.38
CA ARG A 24 -8.32 13.46 -0.93
C ARG A 24 -9.05 13.95 -2.18
N LYS A 25 -9.56 13.06 -2.98
CA LYS A 25 -10.28 13.47 -4.23
C LYS A 25 -11.78 13.52 -3.94
N GLY A 26 -12.59 13.42 -4.97
CA GLY A 26 -14.06 13.46 -4.76
C GLY A 26 -14.75 12.52 -5.77
N PRO A 27 -14.66 12.85 -7.02
CA PRO A 27 -15.28 12.02 -8.11
C PRO A 27 -14.89 10.54 -7.98
N PRO A 28 -15.63 9.66 -8.60
CA PRO A 28 -15.36 8.20 -8.54
C PRO A 28 -13.86 7.89 -8.64
N LYS A 29 -13.43 6.78 -8.10
CA LYS A 29 -11.99 6.43 -8.15
C LYS A 29 -11.84 4.94 -8.49
N CYS A 30 -10.67 4.39 -8.29
CA CYS A 30 -10.45 2.94 -8.59
C CYS A 30 -11.06 2.61 -9.96
N LYS A 31 -11.14 1.36 -10.30
CA LYS A 31 -11.72 0.97 -11.61
C LYS A 31 -11.13 1.85 -12.71
N GLN A 32 -9.82 1.90 -12.80
CA GLN A 32 -9.17 2.75 -13.85
C GLN A 32 -7.86 2.11 -14.29
N ARG A 33 -7.92 0.96 -14.88
CA ARG A 33 -6.66 0.28 -15.33
C ARG A 33 -5.85 1.25 -16.20
N GLN A 34 -4.58 0.99 -16.35
CA GLN A 34 -3.72 1.88 -17.18
C GLN A 34 -2.52 1.09 -17.70
N THR A 35 -1.42 1.13 -17.00
CA THR A 35 -0.22 0.37 -17.45
C THR A 35 0.84 0.38 -16.35
N ARG A 36 0.82 1.37 -15.49
CA ARG A 36 1.82 1.44 -14.40
C ARG A 36 1.46 0.41 -13.32
N GLN A 37 0.67 -0.58 -13.66
CA GLN A 37 0.29 -1.61 -12.65
C GLN A 37 1.43 -2.62 -12.49
N CYS A 38 2.32 -2.37 -11.55
CA CYS A 38 3.45 -3.31 -11.34
C CYS A 38 4.11 -3.64 -12.69
N LYS A 39 5.07 -4.52 -12.69
CA LYS A 39 5.75 -4.87 -13.98
C LYS A 39 5.13 -6.16 -14.54
N SER A 40 3.84 -6.19 -14.68
CA SER A 40 3.17 -7.41 -15.22
C SER A 40 3.50 -8.62 -14.34
N LYS A 41 4.70 -9.13 -14.42
CA LYS A 41 5.08 -10.30 -13.59
C LYS A 41 4.64 -10.07 -12.14
N PRO A 42 3.75 -10.88 -11.62
CA PRO A 42 3.26 -10.74 -10.22
C PRO A 42 4.27 -11.30 -9.20
N PRO A 43 4.15 -10.91 -7.97
CA PRO A 43 5.06 -11.39 -6.88
C PRO A 43 4.95 -12.90 -6.65
N LYS A 44 6.05 -13.59 -6.71
CA LYS A 44 6.01 -15.06 -6.50
C LYS A 44 5.50 -15.37 -5.09
N LYS A 45 6.18 -16.24 -4.38
CA LYS A 45 5.73 -16.58 -3.00
C LYS A 45 4.25 -16.99 -3.03
N GLY A 46 3.36 -16.04 -2.92
CA GLY A 46 1.91 -16.38 -2.94
C GLY A 46 1.53 -17.14 -1.67
N VAL A 47 1.61 -18.44 -1.72
CA VAL A 47 1.26 -19.27 -0.51
C VAL A 47 0.10 -18.61 0.26
N GLN A 48 0.10 -18.72 1.56
CA GLN A 48 -0.99 -18.10 2.36
C GLN A 48 -0.94 -16.58 2.19
N GLY A 49 -0.04 -16.09 1.38
CA GLY A 49 0.05 -14.61 1.18
C GLY A 49 -0.95 -14.17 0.11
N CYS A 50 -1.94 -14.98 -0.16
CA CYS A 50 -2.95 -14.61 -1.18
C CYS A 50 -2.27 -14.51 -2.55
N GLY A 51 -2.51 -15.45 -3.41
CA GLY A 51 -1.87 -15.42 -4.76
C GLY A 51 -2.61 -14.42 -5.65
N ASP A 52 -3.06 -14.84 -6.80
CA ASP A 52 -3.79 -13.92 -7.71
C ASP A 52 -4.74 -14.74 -8.60
N ASP A 53 -6.02 -14.58 -8.40
CA ASP A 53 -7.01 -15.34 -9.23
C ASP A 53 -7.55 -14.42 -10.33
N ILE A 54 -7.40 -13.13 -10.17
CA ILE A 54 -7.90 -12.18 -11.20
C ILE A 54 -6.99 -10.95 -11.26
N PRO A 55 -5.86 -11.08 -11.91
CA PRO A 55 -4.89 -9.96 -12.05
C PRO A 55 -5.25 -9.00 -13.18
N GLY A 56 -5.90 -7.92 -12.88
CA GLY A 56 -6.29 -6.95 -13.94
C GLY A 56 -7.54 -6.17 -13.52
N MET A 57 -8.62 -6.86 -13.27
CA MET A 57 -9.86 -6.16 -12.86
C MET A 57 -9.56 -5.23 -11.68
N GLU A 58 -8.70 -5.66 -10.78
CA GLU A 58 -8.35 -4.80 -9.61
C GLU A 58 -7.06 -4.04 -9.91
N GLY A 59 -6.63 -4.05 -11.15
CA GLY A 59 -5.39 -3.32 -11.51
C GLY A 59 -5.46 -1.90 -10.97
N CYS A 60 -4.32 -1.29 -10.72
CA CYS A 60 -4.33 0.11 -10.18
C CYS A 60 -3.02 0.80 -10.55
N GLY A 61 -3.09 2.02 -11.00
CA GLY A 61 -1.84 2.75 -11.37
C GLY A 61 -1.22 3.35 -10.11
N THR A 62 -0.14 2.78 -9.64
CA THR A 62 0.51 3.33 -8.41
C THR A 62 1.97 2.87 -8.37
N ASP A 63 2.75 3.25 -9.35
CA ASP A 63 4.18 2.84 -9.35
C ASP A 63 4.87 3.52 -8.16
N ILE A 64 4.55 3.10 -6.97
CA ILE A 64 5.15 3.73 -5.77
C ILE A 64 4.99 5.24 -5.83
N THR A 65 3.97 5.77 -5.22
CA THR A 65 3.79 7.24 -5.26
C THR A 65 5.12 7.91 -4.92
N VAL A 66 5.81 7.42 -3.93
CA VAL A 66 7.13 8.02 -3.56
C VAL A 66 7.86 7.08 -2.60
N ILE A 67 7.19 6.58 -1.59
CA ILE A 67 7.85 5.67 -0.61
C ILE A 67 6.94 4.48 -0.29
N CYS A 68 7.27 3.32 -0.78
CA CYS A 68 6.45 2.10 -0.48
C CYS A 68 7.35 1.03 0.15
N PRO A 69 6.78 0.12 0.90
CA PRO A 69 7.56 -0.96 1.57
C PRO A 69 8.68 -1.49 0.67
N TRP A 70 8.56 -1.33 -0.62
CA TRP A 70 9.63 -1.82 -1.53
C TRP A 70 10.93 -1.09 -1.19
N GLU A 71 10.88 -0.17 -0.27
CA GLU A 71 12.10 0.58 0.12
C GLU A 71 12.04 0.91 1.61
N ALA A 72 10.88 1.28 2.10
CA ALA A 72 10.76 1.61 3.54
C ALA A 72 10.73 0.32 4.37
N CYS A 73 9.57 -0.26 4.57
CA CYS A 73 9.49 -1.51 5.36
C CYS A 73 10.05 -2.67 4.53
N ASN A 74 9.23 -3.32 3.76
CA ASN A 74 9.72 -4.46 2.94
C ASN A 74 8.51 -5.19 2.32
N HIS A 75 7.97 -6.16 3.02
CA HIS A 75 6.80 -6.91 2.50
C HIS A 75 6.45 -8.04 3.46
N CYS A 76 5.44 -7.86 4.27
CA CYS A 76 5.05 -8.93 5.23
C CYS A 76 6.28 -9.41 5.99
N GLU A 77 7.34 -8.64 5.96
CA GLU A 77 8.57 -9.04 6.68
C GLU A 77 8.32 -8.95 8.19
N LEU A 78 7.79 -7.84 8.64
CA LEU A 78 7.51 -7.69 10.10
C LEU A 78 6.23 -8.45 10.45
N HIS A 79 5.84 -8.43 11.70
CA HIS A 79 4.59 -9.15 12.10
C HIS A 79 3.38 -8.26 11.83
N GLU A 80 3.28 -7.72 10.65
CA GLU A 80 2.13 -6.84 10.32
C GLU A 80 0.96 -7.70 9.81
N LEU A 81 1.21 -8.94 9.54
CA LEU A 81 0.12 -9.83 9.04
C LEU A 81 -0.86 -10.14 10.18
N ALA A 82 -0.40 -10.06 11.40
CA ALA A 82 -1.30 -10.35 12.55
C ALA A 82 -2.37 -9.26 12.67
N GLN A 83 -3.24 -9.17 11.70
CA GLN A 83 -4.31 -8.13 11.76
C GLN A 83 -5.60 -8.75 12.32
N TYR A 84 -6.47 -9.20 11.46
CA TYR A 84 -7.73 -9.81 11.95
C TYR A 84 -8.33 -10.69 10.84
N GLY A 85 -7.55 -10.99 9.83
CA GLY A 85 -8.04 -11.85 8.71
C GLY A 85 -6.97 -12.86 8.32
N ILE A 86 -6.21 -13.33 9.28
CA ILE A 86 -5.14 -14.33 8.98
C ILE A 86 -4.05 -13.69 8.10
N CYS A 87 -4.43 -12.85 7.18
CA CYS A 87 -3.43 -12.21 6.30
C CYS A 87 -2.78 -11.03 7.03
C1C RCY B . 4.44 7.77 13.46
O1G RCY B . 4.09 11.94 16.83
O1H RCY B . 1.82 9.49 13.49
O1J RCY B . 5.08 5.41 15.23
C1L RCY B . 2.37 12.53 15.21
C1M RCY B . 3.83 8.57 17.02
C1P RCY B . 3.37 11.60 15.89
C1Q RCY B . 2.41 10.38 14.10
N1R RCY B . 3.38 10.21 15.26
C1S RCY B . 2.30 11.87 13.83
C1U RCY B . 4.15 8.96 15.69
C1V RCY B . 2.27 7.53 14.76
N1V RCY B . 4.41 6.63 15.70
C1W RCY B . 4.18 7.08 17.13
C1X RCY B . 3.79 7.73 14.84
C1Y RCY B . 3.03 6.30 17.77
C1Z RCY B . 5.47 6.88 17.94
H1S RCY B . 2.91 11.65 12.96
H1U RCY B . 5.21 9.14 15.61
C1C RCY C . -1.96 11.74 4.57
O1G RCY C . -2.61 14.00 2.24
O1H RCY C . -0.86 12.72 3.04
O1J RCY C . -4.82 10.86 4.89
C1L RCY C . -1.36 11.82 2.27
C1M RCY C . -2.85 9.17 2.06
C1P RCY C . -2.11 13.03 1.69
C1Q RCY C . -1.68 12.87 2.14
N1R RCY C . -2.47 11.57 1.76
C1S RCY C . -2.65 12.03 1.42
C1U RCY C . -2.07 10.30 2.50
C1V RCY C . -1.67 9.22 4.76
N1V RCY C . -3.86 10.20 4.01
C1W RCY C . -4.14 9.20 2.89
C1X RCY C . -2.34 10.37 3.99
C1Y RCY C . -4.43 7.81 3.48
C1Z RCY C . -5.33 9.69 2.06
H1S RCY C . -3.50 12.66 1.65
H1U RCY C . -1.02 10.10 2.32
C1C RCY D . -12.50 8.80 -9.10
O1G RCY D . -14.38 6.68 -8.87
O1H RCY D . -10.75 3.68 -8.97
O1J RCY D . -10.96 10.09 -11.34
C1L RCY D . -14.10 4.37 -8.11
C1M RCY D . -10.84 6.27 -11.21
C1P RCY D . -13.66 5.69 -8.78
C1Q RCY D . -11.87 4.16 -9.04
N1R RCY D . -12.24 5.61 -9.31
C1S RCY D . -13.18 3.39 -8.85
C1U RCY D . -11.39 6.71 -9.96
C1V RCY D . -13.46 7.59 -11.11
N1V RCY D . -11.20 8.66 -11.24
C1W RCY D . -10.50 7.53 -12.00
C1X RCY D . -12.19 7.95 -10.33
C1Y RCY D . -11.05 7.44 -13.43
C1Z RCY D . -8.99 7.80 -12.02
H1S RCY D . -12.97 3.01 -9.84
H1U RCY D . -10.58 6.98 -9.29
C1C RCY E . -1.36 -7.53 -6.53
O1G RCY E . 0.70 -7.16 -6.05
O1H RCY E . 1.66 -6.46 -10.62
O1J RCY E . -2.64 -5.20 -7.95
C1L RCY E . 2.46 -5.92 -7.22
C1M RCY E . -0.95 -7.81 -10.19
C1P RCY E . 1.23 -6.82 -7.11
C1Q RCY E . 1.78 -6.68 -9.41
N1R RCY E . 0.72 -7.26 -8.48
C1S RCY E . 3.01 -6.40 -8.57
C1U RCY E . -0.52 -8.08 -8.85
C1V RCY E . -2.87 -8.73 -8.18
N1V RCY E . -2.12 -6.39 -8.62
C1W RCY E . -1.84 -6.56 -10.12
C1X RCY E . -1.74 -7.72 -8.00
C1Y RCY E . -3.15 -6.80 -10.88
C1Z RCY E . -1.13 -5.33 -10.64
H1S RCY E . 3.41 -7.27 -9.06
H1U RCY E . -0.31 -9.13 -8.75
C1C RCY F . -3.13 -10.21 -6.66
O1G RCY F . -3.47 -8.43 -2.44
O1H RCY F . -5.66 -12.17 -4.31
O1J RCY F . -3.55 -7.75 -8.34
C1L RCY F . -4.01 -10.66 -1.59
C1M RCY F . -5.37 -7.81 -4.97
C1P RCY F . -4.00 -9.52 -2.62
C1Q RCY F . -5.28 -11.30 -3.53
N1R RCY F . -4.74 -9.92 -3.89
C1S RCY F . -5.28 -11.40 -2.03
C1U RCY F . -4.91 -9.14 -5.20
C1V RCY F . -2.49 -8.39 -5.01
N1V RCY F . -3.99 -7.88 -6.95
C1W RCY F . -4.98 -6.99 -6.20
C1X RCY F . -3.58 -8.94 -5.94
C1Y RCY F . -4.30 -5.68 -5.77
C1Z RCY F . -6.18 -6.70 -7.08
H1S RCY F . -6.34 -11.28 -2.10
H1U RCY F . -5.60 -9.66 -5.84
C1C RCY G . -6.32 5.69 -8.86
O1G RCY G . -10.02 2.86 -7.85
O1H RCY G . -5.41 2.17 -7.05
O1J RCY G . -5.81 7.88 -6.85
C1L RCY G . -8.55 0.91 -8.07
C1M RCY G . -7.45 4.70 -5.47
C1P RCY G . -8.88 2.38 -7.77
C1Q RCY G . -6.53 2.13 -7.56
N1R RCY G . -7.64 3.16 -7.38
C1S RCY G . -7.08 1.05 -8.47
C1U RCY G . -7.52 4.62 -6.90
C1V RCY G . -5.00 4.44 -7.09
N1V RCY G . -6.24 6.54 -6.50
C1W RCY G . -6.79 6.05 -5.16
C1X RCY G . -6.24 5.30 -7.39
C1Y RCY G . -5.66 5.88 -4.14
C1Z RCY G . -7.82 7.07 -4.65
H1S RCY G . -6.43 1.51 -9.22
H1U RCY G . -8.38 5.18 -7.26
C1C RCY H . 0.83 -3.07 -1.31
O1G RCY H . 2.60 -1.87 -3.68
O1H RCY H . 1.91 2.01 -1.07
O1J RCY H . -2.15 -3.43 -1.50
C1L RCY H . 3.96 0.12 -3.23
C1M RCY H . -0.82 0.01 -2.53
C1P RCY H . 2.70 -0.77 -3.14
C1Q RCY H . 2.23 1.25 -1.97
N1R RCY H . 1.62 -0.11 -2.29
C1S RCY H . 3.33 1.50 -3.00
C1U RCY H . 0.26 -0.66 -1.86
C1V RCY H . 0.41 -2.38 -3.72
N1V RCY H . -1.43 -2.28 -2.03
C1W RCY H . -2.02 -0.93 -2.48
C1X RCY H . 0.07 -2.13 -2.24
C1Y RCY H . -2.66 -1.07 -3.86
C1Z RCY H . -3.05 -0.48 -1.44
H1S RCY H . 2.62 2.19 -3.43
H1U RCY H . 0.15 -0.55 -0.79
C1C RCY I . 2.91 1.82 2.74
O1G RCY I . 7.67 1.53 1.71
O1H RCY I . 4.94 -0.88 4.71
O1J RCY I . 1.17 0.48 0.68
C1L RCY I . 8.00 0.71 3.99
C1M RCY I . 4.73 -0.88 1.01
C1P RCY I . 7.22 0.95 2.70
C1Q RCY I . 5.74 -0.07 4.25
N1R RCY I . 5.80 0.41 2.80
C1S RCY I . 6.85 0.63 4.99
C1U RCY I . 4.70 0.36 1.73
C1V RCY I . 3.12 -0.60 3.44
N1V RCY I . 2.48 -0.02 1.09
C1W RCY I . 3.34 -1.06 0.39
C1X RCY I . 3.29 0.41 2.31
C1Y RCY I . 2.81 -2.47 0.68
C1Z RCY I . 3.35 -0.79 -1.11
H1S RCY I . 6.05 1.22 5.41
H1U RCY I . 4.84 1.18 1.03
C1C RCY J . 2.85 -5.70 5.72
O1G RCY J . 4.00 -9.57 3.91
O1H RCY J . 4.21 -6.98 3.18
O1J RCY J . 0.64 -3.65 5.80
C1L RCY J . 3.09 -7.23 3.77
C1M RCY J . 0.16 -6.53 3.31
C1P RCY J . 3.43 -8.66 3.32
C1Q RCY J . 3.66 -8.07 3.30
N1R RCY J . 2.12 -7.99 3.59
C1S RCY J . 2.29 -8.56 3.57
C1U RCY J . 1.53 -6.59 3.75
C1V RCY J . 0.82 -7.18 6.11
N1V RCY J . 0.55 -4.92 5.07
C1W RCY J . -0.46 -5.31 4.00
C1X RCY J . 1.47 -6.12 5.21
C1Y RCY J . -1.79 -5.69 4.65
C1Z RCY J . -0.64 -4.16 3.03
H1S RCY J . 2.25 -9.16 2.67
H1U RCY J . 2.12 -5.89 3.17
C1C RCY K . -4.40 -5.26 1.73
O1G RCY K . -1.09 -7.56 3.92
O1H RCY K . -5.73 -7.41 4.78
O1J RCY K . -3.22 -2.49 1.67
C1L RCY K . -2.74 -9.26 4.52
C1M RCY K . -2.27 -4.67 4.69
C1P RCY K . -2.26 -7.85 4.22
C1Q RCY K . -4.53 -7.68 4.84
N1R RCY K . -3.38 -6.83 4.34
C1S RCY K . -3.93 -8.95 5.43
C1U RCY K . -3.36 -5.32 4.03
C1V RCY K . -1.94 -5.79 1.99
N1V RCY K . -2.83 -3.53 2.63
C1W RCY K . -2.03 -3.37 3.91
C1X RCY K . -3.14 -5.02 2.55
C1Y RCY K . -0.54 -3.21 3.59
C1Z RCY K . -2.55 -2.15 4.68
H1S RCY K . -4.18 -8.49 6.38
H1U RCY K . -4.30 -4.88 4.36
N MET A 1 5.06 0.46 18.64
CA MET A 1 6.10 -0.28 19.42
C MET A 1 7.21 0.70 19.83
N ASN A 2 6.93 1.97 19.80
CA ASN A 2 7.97 2.97 20.19
C ASN A 2 8.04 3.05 21.72
N LEU A 3 7.50 4.09 22.30
CA LEU A 3 7.55 4.23 23.78
C LEU A 3 6.47 3.33 24.41
N GLU A 4 5.23 3.71 24.30
CA GLU A 4 4.15 2.88 24.89
C GLU A 4 3.63 1.89 23.84
N PRO A 5 3.21 0.72 24.25
CA PRO A 5 2.70 -0.32 23.31
C PRO A 5 1.31 0.04 22.77
N PRO A 6 0.95 -0.45 21.62
CA PRO A 6 -0.38 -0.17 20.99
C PRO A 6 -1.51 -0.95 21.66
N LYS A 7 -2.70 -0.42 21.64
CA LYS A 7 -3.85 -1.12 22.27
C LYS A 7 -4.95 -1.32 21.22
N ALA A 8 -5.94 -0.47 21.20
CA ALA A 8 -7.03 -0.62 20.20
C ALA A 8 -6.44 -0.88 18.83
N GLU A 9 -6.24 0.15 18.05
CA GLU A 9 -5.67 -0.03 16.68
C GLU A 9 -5.34 1.33 16.08
N CYS A 10 -6.32 2.19 15.97
CA CYS A 10 -6.07 3.54 15.38
C CYS A 10 -5.04 4.29 16.23
N ARG A 11 -4.70 5.48 15.85
CA ARG A 11 -3.70 6.26 16.63
C ARG A 11 -3.89 7.75 16.36
N SER A 12 -4.36 8.48 17.33
CA SER A 12 -4.58 9.94 17.14
C SER A 12 -5.47 10.16 15.92
N ALA A 13 -5.54 11.37 15.43
CA ALA A 13 -6.39 11.65 14.24
C ALA A 13 -5.62 11.31 12.97
N THR A 14 -4.58 12.06 12.67
CA THR A 14 -3.78 11.77 11.45
C THR A 14 -2.35 12.26 11.64
N ARG A 15 -2.19 13.42 12.24
CA ARG A 15 -0.82 13.98 12.48
C ARG A 15 0.12 13.57 11.34
N VAL A 16 -0.37 13.50 10.13
CA VAL A 16 0.50 13.11 9.00
C VAL A 16 1.22 11.79 9.33
N MET A 17 2.51 11.75 9.18
CA MET A 17 3.25 10.49 9.49
C MET A 17 3.67 10.49 10.97
N GLY A 18 4.31 9.46 11.41
CA GLY A 18 4.73 9.40 12.84
C GLY A 18 6.03 10.20 13.03
N GLY A 19 5.98 11.48 12.77
CA GLY A 19 7.21 12.32 12.93
C GLY A 19 8.02 12.30 11.64
N PRO A 20 9.15 12.96 11.64
CA PRO A 20 10.05 13.02 10.45
C PRO A 20 10.32 11.64 9.84
N CYS A 21 10.48 11.56 8.55
CA CYS A 21 10.74 10.26 7.89
C CYS A 21 11.84 10.43 6.83
N THR A 22 12.94 9.75 6.99
CA THR A 22 14.04 9.88 5.99
C THR A 22 13.47 9.62 4.58
N PRO A 23 14.12 10.15 3.57
CA PRO A 23 13.67 9.97 2.16
C PRO A 23 13.89 8.54 1.65
N ARG A 24 12.87 7.73 1.66
CA ARG A 24 13.04 6.32 1.18
C ARG A 24 12.70 6.24 -0.31
N LYS A 25 13.69 6.05 -1.14
CA LYS A 25 13.42 5.96 -2.60
C LYS A 25 13.13 4.51 -2.98
N GLY A 26 13.75 3.57 -2.30
CA GLY A 26 13.50 2.14 -2.60
C GLY A 26 13.95 1.82 -4.04
N PRO A 27 15.24 1.74 -4.25
CA PRO A 27 15.83 1.45 -5.58
C PRO A 27 15.53 0.01 -6.04
N PRO A 28 15.91 -0.33 -7.23
CA PRO A 28 15.67 -1.70 -7.79
C PRO A 28 16.03 -2.79 -6.78
N LYS A 29 15.14 -3.72 -6.56
CA LYS A 29 15.41 -4.83 -5.60
C LYS A 29 14.32 -5.89 -5.70
N CYS A 30 13.08 -5.50 -5.52
CA CYS A 30 11.97 -6.50 -5.61
C CYS A 30 12.13 -7.31 -6.90
N LYS A 31 11.51 -8.46 -6.96
CA LYS A 31 11.63 -9.30 -8.19
C LYS A 31 10.47 -8.97 -9.14
N GLN A 32 10.39 -7.74 -9.58
CA GLN A 32 9.30 -7.35 -10.51
C GLN A 32 9.25 -8.33 -11.69
N ARG A 33 8.09 -8.83 -12.02
CA ARG A 33 7.99 -9.79 -13.15
C ARG A 33 8.42 -9.09 -14.44
N GLN A 34 7.50 -8.91 -15.36
CA GLN A 34 7.85 -8.23 -16.65
C GLN A 34 6.56 -7.79 -17.34
N THR A 35 6.14 -6.57 -17.09
CA THR A 35 4.89 -6.06 -17.74
C THR A 35 4.99 -4.54 -17.89
N ARG A 36 5.53 -3.88 -16.91
CA ARG A 36 5.65 -2.39 -16.97
C ARG A 36 4.27 -1.77 -17.22
N GLN A 37 3.23 -2.57 -17.21
CA GLN A 37 1.87 -2.01 -17.44
C GLN A 37 0.82 -2.94 -16.82
N CYS A 38 1.18 -4.16 -16.53
CA CYS A 38 0.20 -5.11 -15.92
C CYS A 38 -1.03 -5.23 -16.82
N LYS A 39 -1.78 -6.29 -16.68
CA LYS A 39 -2.99 -6.48 -17.54
C LYS A 39 -4.24 -6.17 -16.72
N SER A 40 -5.39 -6.25 -17.32
CA SER A 40 -6.65 -5.96 -16.58
C SER A 40 -7.14 -7.23 -15.89
N LYS A 41 -7.10 -8.35 -16.58
CA LYS A 41 -7.56 -9.62 -15.96
C LYS A 41 -6.39 -10.26 -15.19
N PRO A 42 -6.50 -10.39 -13.88
CA PRO A 42 -5.42 -11.01 -13.06
C PRO A 42 -5.45 -12.54 -13.12
N PRO A 43 -4.36 -13.17 -12.77
CA PRO A 43 -4.25 -14.66 -12.79
C PRO A 43 -5.07 -15.31 -11.67
N LYS A 44 -5.93 -16.23 -12.01
CA LYS A 44 -6.76 -16.90 -10.97
C LYS A 44 -7.44 -15.84 -10.09
N LYS A 45 -8.69 -15.56 -10.37
CA LYS A 45 -9.41 -14.53 -9.55
C LYS A 45 -9.69 -15.10 -8.17
N GLY A 46 -9.45 -14.33 -7.13
CA GLY A 46 -9.70 -14.82 -5.76
C GLY A 46 -11.20 -14.75 -5.46
N VAL A 47 -11.91 -15.85 -5.62
CA VAL A 47 -13.37 -15.88 -5.35
C VAL A 47 -13.98 -14.48 -5.49
N GLN A 48 -13.62 -13.77 -6.52
CA GLN A 48 -14.18 -12.40 -6.72
C GLN A 48 -13.85 -11.54 -5.49
N GLY A 49 -14.16 -10.27 -5.55
CA GLY A 49 -13.87 -9.38 -4.39
C GLY A 49 -12.46 -8.79 -4.54
N CYS A 50 -11.52 -9.59 -4.94
CA CYS A 50 -10.13 -9.08 -5.10
C CYS A 50 -9.26 -10.18 -5.73
N GLY A 51 -8.66 -9.89 -6.86
CA GLY A 51 -7.79 -10.92 -7.52
C GLY A 51 -6.35 -10.76 -7.02
N ASP A 52 -5.41 -10.81 -7.91
CA ASP A 52 -3.99 -10.67 -7.49
C ASP A 52 -3.69 -11.62 -6.33
N ASP A 53 -3.69 -12.89 -6.58
CA ASP A 53 -3.42 -13.88 -5.49
C ASP A 53 -4.39 -13.63 -4.33
N ILE A 54 -4.44 -14.52 -3.38
CA ILE A 54 -5.37 -14.35 -2.23
C ILE A 54 -4.76 -13.33 -1.25
N PRO A 55 -5.46 -12.26 -0.95
CA PRO A 55 -4.96 -11.22 -0.01
C PRO A 55 -5.07 -11.66 1.45
N GLY A 56 -4.77 -12.89 1.73
CA GLY A 56 -4.84 -13.38 3.14
C GLY A 56 -6.30 -13.75 3.47
N MET A 57 -7.23 -13.25 2.71
CA MET A 57 -8.66 -13.56 2.98
C MET A 57 -8.96 -13.37 4.46
N GLU A 58 -8.88 -12.15 4.94
CA GLU A 58 -9.16 -11.90 6.38
C GLU A 58 -9.30 -10.39 6.61
N GLY A 59 -8.26 -9.64 6.37
CA GLY A 59 -8.33 -8.17 6.58
C GLY A 59 -6.93 -7.62 6.86
N CYS A 60 -6.02 -7.79 5.95
CA CYS A 60 -4.63 -7.28 6.16
C CYS A 60 -4.51 -5.86 5.61
N GLY A 61 -5.22 -5.57 4.55
CA GLY A 61 -5.15 -4.21 3.96
C GLY A 61 -6.43 -3.92 3.16
N THR A 62 -7.56 -4.34 3.66
CA THR A 62 -8.82 -4.10 2.93
C THR A 62 -9.96 -3.92 3.94
N ASP A 63 -9.76 -3.09 4.94
CA ASP A 63 -10.83 -2.87 5.96
C ASP A 63 -12.11 -2.45 5.24
N ILE A 64 -11.99 -1.71 4.16
CA ILE A 64 -13.20 -1.27 3.41
C ILE A 64 -13.35 -2.11 2.15
N THR A 65 -12.68 -1.73 1.11
CA THR A 65 -12.76 -2.47 -0.19
C THR A 65 -12.28 -1.53 -1.28
N VAL A 66 -12.83 -0.35 -1.31
CA VAL A 66 -12.42 0.65 -2.33
C VAL A 66 -11.47 1.66 -1.65
N ILE A 67 -11.87 2.18 -0.52
CA ILE A 67 -10.98 3.15 0.19
C ILE A 67 -10.93 2.84 1.70
N CYS A 68 -10.02 2.01 2.11
CA CYS A 68 -9.90 1.67 3.56
C CYS A 68 -9.12 2.78 4.28
N PRO A 69 -9.52 3.14 5.48
CA PRO A 69 -8.82 4.19 6.27
C PRO A 69 -7.29 4.06 6.16
N TRP A 70 -6.78 2.87 6.22
CA TRP A 70 -5.31 2.68 6.11
C TRP A 70 -4.88 2.94 4.67
N GLU A 71 -5.52 3.86 4.00
CA GLU A 71 -5.16 4.16 2.59
C GLU A 71 -5.16 5.67 2.37
N ALA A 72 -5.68 6.41 3.31
CA ALA A 72 -5.72 7.90 3.15
C ALA A 72 -4.31 8.47 3.34
N CYS A 73 -3.39 8.09 2.50
CA CYS A 73 -2.00 8.62 2.63
C CYS A 73 -1.92 10.01 2.01
N ASN A 74 -2.99 10.47 1.41
CA ASN A 74 -2.98 11.82 0.80
C ASN A 74 -1.79 11.94 -0.17
N HIS A 75 -0.86 12.80 0.14
CA HIS A 75 0.32 12.98 -0.76
C HIS A 75 0.94 11.61 -1.05
N CYS A 76 1.75 11.53 -2.08
CA CYS A 76 2.40 10.23 -2.43
C CYS A 76 3.49 10.48 -3.47
N GLU A 77 4.59 9.77 -3.35
CA GLU A 77 5.70 9.96 -4.33
C GLU A 77 5.15 9.81 -5.76
N LEU A 78 5.93 10.15 -6.74
CA LEU A 78 5.46 10.03 -8.15
C LEU A 78 4.23 10.92 -8.35
N HIS A 79 4.15 11.61 -9.45
CA HIS A 79 2.97 12.48 -9.71
C HIS A 79 2.75 12.63 -11.21
N GLU A 80 2.30 11.58 -11.85
CA GLU A 80 2.06 11.65 -13.32
C GLU A 80 0.69 11.04 -13.64
N LEU A 81 0.42 9.87 -13.13
CA LEU A 81 -0.89 9.22 -13.39
C LEU A 81 -1.82 9.45 -12.19
N ALA A 82 -1.26 9.70 -11.03
CA ALA A 82 -2.12 9.94 -9.83
C ALA A 82 -2.85 11.27 -9.98
N GLN A 83 -2.14 12.36 -9.81
CA GLN A 83 -2.79 13.70 -9.94
C GLN A 83 -4.03 13.76 -9.05
N TYR A 84 -4.23 12.76 -8.23
CA TYR A 84 -5.42 12.75 -7.32
C TYR A 84 -6.70 12.87 -8.16
N GLY A 85 -7.58 11.91 -8.05
CA GLY A 85 -8.86 11.96 -8.83
C GLY A 85 -8.96 10.72 -9.71
N ILE A 86 -7.85 10.12 -10.04
CA ILE A 86 -7.88 8.90 -10.90
C ILE A 86 -6.49 8.27 -10.96
N CYS A 87 -6.41 7.01 -11.28
CA CYS A 87 -5.07 6.34 -11.35
C CYS A 87 -4.37 6.76 -12.63
C1C RCY B . -1.42 3.79 18.00
O1G RCY B . -3.24 2.64 17.78
O1H RCY B . -5.79 6.58 18.35
O1J RCY B . -1.19 6.04 16.00
C1L RCY B . -5.49 3.30 17.08
C1M RCY B . -2.99 6.89 19.28
C1P RCY B . -4.15 3.48 17.79
C1Q RCY B . -5.45 5.40 18.28
N1R RCY B . -4.05 4.83 18.50
C1S RCY B . -6.36 4.23 17.93
C1U RCY B . -2.87 5.46 19.23
C1V RCY B . -0.35 5.60 19.42
N1V RCY B . -1.66 6.21 17.37
C1W RCY B . -2.39 7.42 17.97
C1X RCY B . -1.53 5.22 18.52
C1Y RCY B . -1.40 8.55 18.24
C1Z RCY B . -3.48 7.87 17.00
H1S RCY B . -6.73 4.36 18.94
H1U RCY B . -2.82 5.07 20.24
C1C RCY C . 10.90 8.65 0.30
O1G RCY C . 11.51 7.03 1.97
O1H RCY C . 7.76 8.51 4.44
O1J RCY C . 10.76 5.71 -0.32
C1L RCY C . 11.05 7.23 4.37
C1M RCY C . 7.57 7.26 1.13
C1P RCY C . 10.74 7.37 2.87
C1Q RCY C . 8.91 8.31 4.06
N1R RCY C . 9.36 7.98 2.64
C1S RCY C . 10.16 8.34 4.93
C1U RCY C . 8.62 8.22 1.33
C1V RCY C . 8.84 8.56 -1.18
N1V RCY C . 9.61 6.52 0.06
C1W RCY C . 8.23 6.04 0.49
C1X RCY C . 9.51 8.04 0.09
C1Y RCY C . 7.42 5.57 -0.72
C1Z RCY C . 8.38 4.89 1.50
H1S RCY C . 10.03 9.42 4.90
H1U RCY C . 8.20 9.22 1.32
C1C RCY D . 5.11 -2.62 -9.33
O1G RCY D . 5.81 -4.49 -9.38
O1H RCY D . 8.58 -4.02 -5.57
O1J RCY D . 3.08 -3.50 -7.28
C1L RCY D . 7.36 -6.01 -8.23
C1M RCY D . 6.28 -1.89 -5.91
C1P RCY D . 6.63 -4.68 -8.48
C1Q RCY D . 8.15 -4.32 -6.68
N1R RCY D . 7.05 -3.61 -7.47
C1S RCY D . 8.62 -5.49 -7.54
C1U RCY D . 6.53 -2.18 -7.29
C1V RCY D . 4.80 -0.48 -8.01
N1V RCY D . 4.27 -2.69 -6.98
C1W RCY D . 4.87 -2.41 -5.61
C1X RCY D . 5.17 -1.96 -7.95
C1Y RCY D . 4.06 -1.33 -4.87
C1Z RCY D . 4.91 -3.70 -4.79
H1S RCY D . 9.49 -4.87 -7.71
H1U RCY D . 7.25 -1.48 -7.68
C1C RCY E . -3.18 -2.59 -8.43
O1G RCY E . -4.51 -2.78 -10.66
O1H RCY E . -1.85 -6.63 -11.24
O1J RCY E . -6.17 -2.77 -8.66
C1L RCY E . -3.43 -3.79 -12.60
C1M RCY E . -4.30 -6.11 -8.59
C1P RCY E . -3.79 -3.66 -11.12
C1Q RCY E . -2.29 -5.49 -11.33
N1R RCY E . -3.14 -4.77 -10.29
C1S RCY E . -2.10 -4.54 -12.49
C1U RCY E . -3.32 -5.09 -8.80
C1V RCY E . -3.72 -4.14 -6.49
N1V RCY E . -5.30 -3.92 -8.41
C1W RCY E . -5.65 -5.40 -8.54
C1X RCY E . -3.84 -3.90 -8.00
C1Y RCY E . -6.45 -5.86 -7.32
C1Z RCY E . -6.45 -5.62 -9.83
H1S RCY E . -1.10 -4.44 -12.10
H1U RCY E . -2.37 -5.40 -8.39
C1C RCY F . -7.80 -8.33 2.44
O1G RCY F . -10.06 -8.11 1.31
O1H RCY F . -7.40 -5.67 -1.75
O1J RCY F . -5.18 -8.67 1.00
C1L RCY F . -10.05 -7.94 -1.13
C1M RCY F . -6.62 -5.12 1.02
C1P RCY F . -9.58 -7.59 0.29
C1Q RCY F . -8.37 -6.20 -1.19
N1R RCY F . -8.47 -6.55 0.29
C1S RCY F . -9.66 -6.64 -1.85
C1U RCY F . -7.66 -5.99 1.47
C1V RCY F . -6.38 -6.55 3.57
N1V RCY F . -5.79 -7.38 1.28
C1W RCY F . -5.43 -6.02 0.68
C1X RCY F . -6.93 -7.08 2.25
C1Y RCY F . -4.15 -5.48 1.32
C1Z RCY F . -5.25 -6.18 -0.83
H1S RCY F . -9.89 -5.58 -1.87
H1U RCY F . -8.32 -5.45 2.12
C1C RCY G . -4.72 -1.85 3.07
O1G RCY G . -4.93 -3.36 4.35
O1H RCY G . -3.34 -6.69 1.40
O1J RCY G . -1.78 -1.68 3.70
C1L RCY G . -4.61 -5.78 4.56
C1M RCY G . -2.71 -3.74 0.60
C1P RCY G . -4.61 -4.44 3.83
C1Q RCY G . -4.00 -6.10 2.25
N1R RCY G . -4.15 -4.58 2.39
C1S RCY G . -4.80 -6.73 3.38
C1U RCY G . -3.93 -3.50 1.33
C1V RCY G . -3.80 -1.01 0.86
N1V RCY G . -2.32 -2.24 2.47
C1W RCY G . -1.59 -3.09 1.43
C1X RCY G . -3.73 -2.11 1.93
C1Y RCY G . -0.69 -2.22 0.56
C1Z RCY G . -0.75 -4.15 2.16
H1S RCY G . -5.49 -6.98 2.60
H1U RCY G . -4.75 -3.49 0.63
C1C RCY H . -4.03 -3.50 1.40
O1G RCY H . -4.53 1.56 1.89
O1H RCY H . -7.09 -2.29 0.91
O1J RCY H . -1.22 -3.51 0.34
C1L RCY H . -6.84 0.92 2.38
C1M RCY H . -3.13 -0.20 -0.01
C1P RCY H . -5.44 0.74 1.78
C1Q RCY H . -6.74 -1.12 1.08
N1R RCY H . -5.32 -0.58 1.01
C1S RCY H . -7.65 0.05 1.41
C1U RCY H . -4.09 -1.20 0.34
C1V RCY H . -3.04 -1.51 2.62
N1V RCY H . -2.04 -2.31 0.47
C1W RCY H . -1.78 -0.93 -0.14
C1X RCY H . -3.33 -2.15 1.26
C1Y RCY H . -0.69 -0.20 0.64
C1Z RCY H . -1.37 -1.10 -1.59
H1S RCY H . -7.93 -0.02 0.36
H1U RCY H . -4.40 -1.73 -0.55
C1C RCY I . -1.46 -0.22 2.00
O1G RCY I . -2.92 2.85 -0.34
O1H RCY I . -1.68 3.64 4.15
O1J RCY I . -3.70 -2.24 2.13
C1L RCY I . -1.69 4.67 0.77
C1M RCY I . -4.76 1.44 2.28
C1P RCY I . -2.49 3.35 0.70
C1Q RCY I . -2.08 3.80 2.99
N1R RCY I . -2.69 2.75 2.09
C1S RCY I . -2.02 5.10 2.20
C1U RCY I . -3.34 1.41 2.48
C1V RCY I . -2.96 0.57 0.12
N1V RCY I . -3.90 -0.80 1.98
C1W RCY I . -5.20 -0.02 2.15
C1X RCY I . -2.87 0.25 1.60
C1Y RCY I . -6.10 -0.21 0.93
C1Z RCY I . -5.91 -0.50 3.43
H1S RCY I . -2.85 5.39 2.83
H1U RCY I . -3.12 1.20 3.52
C1C RCY J . -2.25 3.28 -1.94
O1G RCY J . 3.05 3.82 -1.03
O1H RCY J . -1.03 5.85 -2.25
O1J RCY J . -2.35 0.27 -1.82
C1L RCY J . 2.27 6.14 -1.05
C1M RCY J . 1.15 1.84 -1.84
C1P RCY J . 2.15 4.62 -1.29
C1Q RCY J . 0.16 5.62 -2.10
N1R RCY J . 0.81 4.25 -1.89
C1S RCY J . 1.28 6.64 -2.10
C1U RCY J . 0.23 2.88 -2.20
C1V RCY J . -0.82 2.83 0.10
N1V RCY J . -1.14 1.06 -1.63
C1W RCY J . 0.30 0.56 -1.66
C1X RCY J . -1.03 2.55 -1.40
C1Y RCY J . 0.65 -0.14 -0.35
C1Z RCY J . 0.49 -0.40 -2.84
H1S RCY J . 1.12 6.67 -3.17
H1U RCY J . 0.01 2.80 -3.25
C1C RCY K . -3.79 2.49 -5.74
O1G RCY K . -3.20 -0.92 -9.94
O1H RCY K . -4.04 3.46 -8.37
O1J RCY K . -3.54 0.45 -3.54
C1L RCY K . -3.16 1.28 -11.01
C1M RCY K . -3.71 -0.94 -7.10
C1P RCY K . -3.38 0.30 -9.85
C1Q RCY K . -4.00 2.45 -9.07
N1R RCY K . -3.85 1.01 -8.59
C1S RCY K . -4.12 2.40 -10.58
C1U RCY K . -4.10 0.44 -7.18
C1V RCY K . -1.76 1.18 -6.52
N1V RCY K . -3.42 0.13 -4.96
C1W RCY K . -3.47 -1.24 -5.63
C1X RCY K . -3.23 1.11 -6.11
C1Y RCY K . -2.13 -1.96 -5.44
C1Z RCY K . -4.61 -2.05 -5.03
H1S RCY K . -5.17 2.60 -10.40
H1U RCY K . -5.14 0.54 -6.94
N MET A 1 21.63 1.09 1.64
CA MET A 1 20.86 1.18 2.91
C MET A 1 20.28 2.58 3.05
N ASN A 2 19.50 3.01 2.10
CA ASN A 2 18.91 4.37 2.18
C ASN A 2 18.01 4.47 3.42
N LEU A 3 17.90 5.63 3.99
CA LEU A 3 17.05 5.79 5.20
C LEU A 3 17.72 5.07 6.39
N GLU A 4 18.18 5.81 7.35
CA GLU A 4 18.86 5.18 8.52
C GLU A 4 17.97 4.06 9.08
N PRO A 5 18.56 3.02 9.60
CA PRO A 5 17.81 1.87 10.19
C PRO A 5 16.57 2.32 10.98
N PRO A 6 15.59 1.45 11.13
CA PRO A 6 14.35 1.78 11.88
C PRO A 6 14.58 1.78 13.40
N LYS A 7 13.92 2.66 14.11
CA LYS A 7 14.08 2.72 15.59
C LYS A 7 12.89 2.03 16.26
N ALA A 8 12.48 2.52 17.40
CA ALA A 8 11.32 1.90 18.10
C ALA A 8 10.07 2.01 17.22
N GLU A 9 9.72 0.95 16.53
CA GLU A 9 8.52 0.99 15.66
C GLU A 9 7.92 -0.40 15.54
N CYS A 10 6.62 -0.51 15.55
CA CYS A 10 5.98 -1.84 15.45
C CYS A 10 4.48 -1.68 15.20
N ARG A 11 3.68 -1.82 16.22
CA ARG A 11 2.20 -1.66 16.04
C ARG A 11 1.52 -1.67 17.41
N SER A 12 1.39 -0.52 18.02
CA SER A 12 0.72 -0.46 19.36
C SER A 12 0.52 1.00 19.75
N ALA A 13 1.24 1.90 19.15
CA ALA A 13 1.08 3.35 19.49
C ALA A 13 1.66 4.21 18.36
N THR A 14 2.90 4.58 18.46
CA THR A 14 3.51 5.42 17.39
C THR A 14 2.63 6.64 17.14
N ARG A 15 2.22 7.32 18.17
CA ARG A 15 1.37 8.53 18.00
C ARG A 15 0.13 8.16 17.19
N VAL A 16 -0.85 9.03 17.15
CA VAL A 16 -2.09 8.74 16.37
C VAL A 16 -2.35 9.86 15.38
N MET A 17 -3.07 9.59 14.33
CA MET A 17 -3.34 10.65 13.32
C MET A 17 -4.60 10.29 12.51
N GLY A 18 -5.42 9.43 13.04
CA GLY A 18 -6.66 9.03 12.30
C GLY A 18 -7.75 10.08 12.54
N GLY A 19 -7.46 11.10 13.29
CA GLY A 19 -8.48 12.14 13.57
C GLY A 19 -8.50 13.16 12.43
N PRO A 20 -7.44 13.90 12.27
CA PRO A 20 -7.31 14.93 11.20
C PRO A 20 -7.87 14.44 9.86
N CYS A 21 -7.94 13.16 9.66
CA CYS A 21 -8.46 12.62 8.38
C CYS A 21 -9.97 12.37 8.51
N THR A 22 -10.74 12.84 7.57
CA THR A 22 -12.22 12.64 7.64
C THR A 22 -12.76 12.42 6.22
N PRO A 23 -13.83 11.67 6.09
CA PRO A 23 -14.46 11.38 4.77
C PRO A 23 -14.42 12.59 3.82
N ARG A 24 -13.35 12.75 3.09
CA ARG A 24 -13.23 13.91 2.15
C ARG A 24 -13.25 13.39 0.71
N LYS A 25 -14.17 12.52 0.39
CA LYS A 25 -14.24 11.98 -1.00
C LYS A 25 -15.19 12.86 -1.84
N GLY A 26 -15.44 12.47 -3.06
CA GLY A 26 -16.35 13.27 -3.91
C GLY A 26 -16.42 12.64 -5.31
N PRO A 27 -17.21 13.22 -6.18
CA PRO A 27 -17.38 12.71 -7.58
C PRO A 27 -16.04 12.41 -8.25
N PRO A 28 -16.03 11.60 -9.28
CA PRO A 28 -14.80 11.23 -10.01
C PRO A 28 -13.86 12.42 -10.19
N LYS A 29 -12.57 12.18 -10.14
CA LYS A 29 -11.60 13.31 -10.30
C LYS A 29 -10.28 12.77 -10.84
N CYS A 30 -10.33 11.87 -11.79
CA CYS A 30 -9.07 11.30 -12.35
C CYS A 30 -9.35 10.77 -13.76
N LYS A 31 -8.31 10.42 -14.48
CA LYS A 31 -8.51 9.90 -15.87
C LYS A 31 -8.73 8.40 -15.82
N GLN A 32 -8.50 7.79 -14.68
CA GLN A 32 -8.68 6.31 -14.57
C GLN A 32 -8.79 5.93 -13.09
N ARG A 33 -9.71 5.07 -12.75
CA ARG A 33 -9.87 4.65 -11.34
C ARG A 33 -10.66 3.33 -11.29
N GLN A 34 -11.27 2.96 -12.38
CA GLN A 34 -12.06 1.69 -12.39
C GLN A 34 -11.87 1.00 -13.75
N THR A 35 -12.94 0.54 -14.34
CA THR A 35 -12.82 -0.13 -15.66
C THR A 35 -11.70 -1.18 -15.60
N ARG A 36 -11.40 -1.68 -14.44
CA ARG A 36 -10.31 -2.69 -14.30
C ARG A 36 -10.89 -3.95 -13.63
N GLN A 37 -12.06 -3.85 -13.06
CA GLN A 37 -12.66 -5.03 -12.39
C GLN A 37 -11.64 -5.67 -11.43
N CYS A 38 -11.55 -5.13 -10.24
CA CYS A 38 -10.58 -5.69 -9.25
C CYS A 38 -11.31 -6.63 -8.29
N LYS A 39 -12.15 -7.49 -8.81
CA LYS A 39 -12.89 -8.43 -7.92
C LYS A 39 -11.91 -9.35 -7.20
N SER A 40 -12.24 -10.60 -7.06
CA SER A 40 -11.33 -11.55 -6.36
C SER A 40 -10.11 -11.83 -7.23
N LYS A 41 -9.56 -10.83 -7.86
CA LYS A 41 -8.37 -11.04 -8.73
C LYS A 41 -7.38 -11.98 -8.01
N PRO A 42 -7.25 -13.22 -8.44
CA PRO A 42 -6.33 -14.18 -7.81
C PRO A 42 -4.87 -13.98 -8.28
N PRO A 43 -3.93 -14.50 -7.53
CA PRO A 43 -2.48 -14.37 -7.86
C PRO A 43 -2.07 -15.25 -9.05
N LYS A 44 -1.08 -14.84 -9.80
CA LYS A 44 -0.63 -15.64 -10.97
C LYS A 44 -1.84 -16.18 -11.73
N LYS A 45 -2.54 -15.31 -12.42
CA LYS A 45 -3.74 -15.76 -13.20
C LYS A 45 -4.37 -14.54 -13.88
N GLY A 46 -4.82 -13.59 -13.11
CA GLY A 46 -5.44 -12.37 -13.73
C GLY A 46 -4.35 -11.48 -14.32
N VAL A 47 -3.28 -12.07 -14.79
CA VAL A 47 -2.19 -11.25 -15.38
C VAL A 47 -2.77 -10.29 -16.43
N GLN A 48 -2.18 -9.15 -16.58
CA GLN A 48 -2.69 -8.17 -17.58
C GLN A 48 -1.54 -7.27 -18.04
N GLY A 49 -0.32 -7.72 -17.86
CA GLY A 49 0.84 -6.90 -18.29
C GLY A 49 1.20 -5.91 -17.17
N CYS A 50 2.46 -5.69 -16.94
CA CYS A 50 2.87 -4.74 -15.87
C CYS A 50 4.33 -4.34 -16.08
N GLY A 51 4.68 -3.14 -15.72
CA GLY A 51 6.09 -2.69 -15.89
C GLY A 51 7.04 -3.78 -15.40
N ASP A 52 6.84 -4.25 -14.21
CA ASP A 52 7.72 -5.32 -13.66
C ASP A 52 9.18 -4.84 -13.67
N ASP A 53 10.01 -5.41 -12.84
CA ASP A 53 11.44 -4.99 -12.82
C ASP A 53 11.54 -3.54 -12.33
N ILE A 54 10.52 -2.76 -12.55
CA ILE A 54 10.55 -1.33 -12.11
C ILE A 54 9.13 -0.86 -11.80
N PRO A 55 8.63 -1.21 -10.64
CA PRO A 55 7.26 -0.81 -10.22
C PRO A 55 7.21 0.62 -9.70
N GLY A 56 6.63 1.52 -10.46
CA GLY A 56 6.56 2.94 -10.02
C GLY A 56 7.82 3.68 -10.47
N MET A 57 8.51 3.16 -11.45
CA MET A 57 9.74 3.82 -11.94
C MET A 57 10.73 3.97 -10.78
N GLU A 58 10.61 3.14 -9.78
CA GLU A 58 11.55 3.23 -8.63
C GLU A 58 11.62 4.69 -8.15
N GLY A 59 10.65 5.11 -7.39
CA GLY A 59 10.66 6.52 -6.88
C GLY A 59 9.50 6.72 -5.90
N CYS A 60 8.93 7.89 -5.87
CA CYS A 60 7.81 8.14 -4.93
C CYS A 60 8.19 7.66 -3.53
N GLY A 61 9.45 7.36 -3.31
CA GLY A 61 9.88 6.88 -1.98
C GLY A 61 11.21 6.14 -2.12
N THR A 62 11.42 5.47 -3.21
CA THR A 62 12.70 4.72 -3.41
C THR A 62 12.77 3.55 -2.43
N ASP A 63 12.43 3.78 -1.19
CA ASP A 63 12.48 2.68 -0.19
C ASP A 63 11.72 1.48 -0.72
N ILE A 64 10.82 1.70 -1.65
CA ILE A 64 10.04 0.55 -2.21
C ILE A 64 10.76 0.01 -3.45
N THR A 65 12.06 -0.06 -3.38
CA THR A 65 12.81 -0.59 -4.55
C THR A 65 12.17 -1.93 -4.95
N VAL A 66 11.71 -2.65 -3.96
CA VAL A 66 11.06 -3.96 -4.22
C VAL A 66 10.30 -4.35 -2.94
N ILE A 67 10.83 -3.99 -1.81
CA ILE A 67 10.16 -4.29 -0.51
C ILE A 67 10.26 -3.06 0.39
N CYS A 68 9.23 -2.28 0.48
CA CYS A 68 9.28 -1.08 1.34
C CYS A 68 9.42 -1.51 2.80
N PRO A 69 10.17 -0.78 3.59
CA PRO A 69 10.39 -1.11 5.04
C PRO A 69 9.11 -1.03 5.87
N TRP A 70 8.45 0.11 5.88
CA TRP A 70 7.20 0.22 6.68
C TRP A 70 6.10 -0.62 6.02
N GLU A 71 6.45 -1.77 5.51
CA GLU A 71 5.44 -2.64 4.85
C GLU A 71 6.13 -3.90 4.30
N ALA A 72 6.57 -4.76 5.18
CA ALA A 72 7.26 -5.99 4.72
C ALA A 72 6.23 -7.01 4.21
N CYS A 73 5.54 -6.67 3.14
CA CYS A 73 4.53 -7.60 2.59
C CYS A 73 5.16 -8.99 2.41
N ASN A 74 6.42 -9.03 2.05
CA ASN A 74 7.09 -10.34 1.86
C ASN A 74 6.21 -11.27 1.01
N HIS A 75 5.75 -10.79 -0.12
CA HIS A 75 4.90 -11.64 -0.99
C HIS A 75 3.66 -12.09 -0.21
N CYS A 76 2.96 -11.17 0.40
CA CYS A 76 1.74 -11.54 1.18
C CYS A 76 2.13 -12.53 2.29
N GLU A 77 1.92 -12.15 3.53
CA GLU A 77 2.26 -13.07 4.65
C GLU A 77 1.26 -14.24 4.67
N LEU A 78 0.11 -14.05 5.26
CA LEU A 78 -0.90 -15.14 5.30
C LEU A 78 -2.30 -14.56 5.45
N HIS A 79 -2.43 -13.27 5.34
CA HIS A 79 -3.77 -12.61 5.45
C HIS A 79 -4.20 -12.50 6.92
N GLU A 80 -3.99 -11.36 7.52
CA GLU A 80 -4.40 -11.17 8.95
C GLU A 80 -5.38 -10.00 9.03
N LEU A 81 -4.90 -8.80 9.12
CA LEU A 81 -5.81 -7.63 9.20
C LEU A 81 -6.11 -7.12 7.79
N ALA A 82 -5.46 -7.68 6.80
CA ALA A 82 -5.70 -7.23 5.40
C ALA A 82 -7.18 -7.35 5.07
N GLN A 83 -7.90 -8.17 5.78
CA GLN A 83 -9.35 -8.33 5.51
C GLN A 83 -10.11 -7.13 6.07
N TYR A 84 -11.41 -7.16 6.03
CA TYR A 84 -12.21 -6.00 6.55
C TYR A 84 -11.68 -4.71 5.93
N GLY A 85 -10.76 -4.07 6.58
CA GLY A 85 -10.20 -2.79 6.03
C GLY A 85 -10.14 -1.75 7.15
N ILE A 86 -9.03 -1.68 7.84
CA ILE A 86 -8.91 -0.68 8.95
C ILE A 86 -9.15 0.73 8.39
N CYS A 87 -9.37 0.84 7.11
CA CYS A 87 -9.61 2.19 6.52
C CYS A 87 -11.07 2.59 6.74
C1C RCY B . 7.96 -2.96 24.68
O1G RCY B . 8.04 -4.39 21.89
O1H RCY B . 4.91 -1.00 20.90
O1J RCY B . 6.19 -3.80 26.98
C1L RCY B . 7.51 -3.13 19.85
C1M RCY B . 4.45 -3.41 23.58
C1P RCY B . 7.34 -3.55 21.32
C1Q RCY B . 5.62 -1.99 20.83
N1R RCY B . 6.19 -2.79 21.99
C1S RCY B . 6.08 -2.67 19.55
C1U RCY B . 5.74 -2.81 23.45
C1V RCY B . 6.88 -5.05 23.73
N1V RCY B . 5.76 -3.78 25.58
C1W RCY B . 4.34 -3.88 25.04
C1X RCY B . 6.64 -3.67 24.34
C1Y RCY B . 3.84 -5.33 25.10
C1Z RCY B . 3.43 -2.97 25.85
H1S RCY B . 5.06 -3.03 19.49
H1U RCY B . 5.71 -1.80 23.83
C1C RCY C . -1.19 12.99 12.12
O1G RCY C . -4.70 13.24 12.24
O1H RCY C . -3.43 13.10 7.70
O1J RCY C . 0.29 15.53 12.76
C1L RCY C . -5.67 12.17 10.27
C1M RCY C . -2.65 15.87 10.32
C1P RCY C . -4.66 13.04 11.03
C1Q RCY C . -4.10 13.16 8.73
N1R RCY C . -3.61 13.63 10.10
C1S RCY C . -5.57 12.81 8.88
C1U RCY C . -2.38 14.46 10.44
C1V RCY C . -3.10 14.48 12.87
N1V RCY C . -0.97 15.48 12.01
C1W RCY C . -1.60 16.58 11.18
C1X RCY C . -1.93 14.31 11.89
C1Y RCY C . -2.28 17.62 12.09
C1Z RCY C . -0.53 17.25 10.31
H1S RCY C . -5.74 13.73 8.36
H1U RCY C . -1.56 14.20 9.77
C1C RCY D . -1.58 14.00 -10.32
O1G RCY D . -3.78 12.07 -8.06
O1H RCY D . -5.78 12.72 -12.28
O1J RCY D . -1.38 16.89 -9.48
C1L RCY D . -5.11 10.62 -9.52
C1M RCY D . -4.90 15.37 -9.44
C1P RCY D . -4.42 11.93 -9.10
C1Q RCY D . -5.57 12.37 -11.12
N1R RCY D . -4.64 13.04 -10.12
C1S RCY D . -6.21 11.19 -10.41
C1U RCY D . -4.06 14.46 -10.16
C1V RCY D . -2.74 13.93 -8.07
N1V RCY D . -2.58 16.08 -9.35
C1W RCY D . -4.00 16.56 -9.07
C1X RCY D . -2.71 14.56 -9.46
C1Y RCY D . -4.16 16.92 -7.58
C1Z RCY D . -4.30 17.78 -9.94
H1S RCY D . -7.10 11.83 -10.38
H1U RCY D . -3.97 14.78 -11.19
C1C RCY E . -10.42 -5.18 -0.39
O1G RCY E . -10.49 -6.59 -2.66
O1H RCY E . -8.37 -3.16 -5.12
O1J RCY E . -10.95 -2.64 1.15
C1L RCY E . -9.67 -6.45 -4.96
C1M RCY E . -9.81 -2.20 -2.49
C1P RCY E . -9.97 -5.92 -3.55
C1Q RCY E . -9.10 -4.10 -4.80
N1R RCY E . -9.56 -4.46 -3.39
C1S RCY E . -9.71 -5.12 -5.74
C1U RCY E . -9.58 -3.57 -2.15
C1V RCY E . -12.06 -4.01 -1.93
N1V RCY E . -10.70 -2.69 -0.29
C1W RCY E . -10.36 -1.52 -1.22
C1X RCY E . -10.72 -3.92 -1.19
C1Y RCY E . -11.61 -0.72 -1.55
C1Z RCY E . -9.30 -0.65 -0.56
H1S RCY E . -10.39 -4.32 -6.01
H1U RCY E . -8.64 -3.66 -1.62
C1C RCY F . -1.74 -0.71 -12.44
O1G RCY F . 2.94 -0.52 -13.03
O1H RCY F . -0.76 -2.92 -14.71
O1J RCY F . -0.02 0.72 -10.42
C1L RCY F . 2.51 -2.90 -13.40
C1M RCY F . 0.92 1.27 -14.10
C1P RCY F . 2.17 -1.41 -13.38
C1Q RCY F . 0.21 -2.58 -14.04
N1R RCY F . 0.73 -1.16 -13.84
C1S RCY F . 1.11 -3.50 -13.25
C1U RCY F . 0.00 0.17 -14.07
C1V RCY F . -1.88 1.68 -13.29
N1V RCY F . 0.05 0.95 -11.86
C1W RCY F . 1.14 1.69 -12.64
C1X RCY F . -0.95 0.52 -12.93
C1Y RCY F . 0.99 3.19 -12.48
C1Z RCY F . 2.52 1.23 -12.13
H1S RCY F . 0.28 -3.55 -12.56
H1U RCY F . -0.55 0.13 -14.99
C1C RCY G . 1.96 11.78 -1.67
O1G RCY G . 4.95 12.67 -6.18
O1H RCY G . 3.55 9.78 -2.73
O1J RCY G . 0.61 14.47 -1.54
C1L RCY G . 5.19 10.27 -5.82
C1M RCY G . 3.25 14.05 -4.29
C1P RCY G . 4.76 11.70 -5.46
C1Q RCY G . 4.21 10.32 -3.60
N1R RCY G . 4.07 11.76 -4.10
C1S RCY G . 5.33 9.68 -4.40
C1U RCY G . 3.41 12.95 -3.40
C1V RCY G . 1.14 12.02 -4.06
N1V RCY G . 1.49 14.05 -2.63
C1W RCY G . 2.13 14.92 -3.70
C1X RCY G . 1.98 12.64 -2.94
C1Y RCY G . 1.11 15.28 -4.79
C1Z RCY G . 2.69 16.19 -3.05
H1S RCY G . 5.91 9.79 -3.49
H1U RCY G . 4.01 13.24 -2.56
C1C RCY H . 3.37 3.15 -1.14
O1G RCY H . 4.75 -1.09 -4.04
O1H RCY H . 4.26 0.46 0.39
O1J RCY H . 0.54 3.79 -1.94
C1L RCY H . 5.87 -1.64 -1.94
C1M RCY H . 1.82 0.31 -2.92
C1P RCY H . 4.89 -0.89 -2.84
C1Q RCY H . 4.74 0.07 -0.67
N1R RCY H . 4.10 0.17 -2.05
C1S RCY H . 6.10 -0.59 -0.85
C1U RCY H . 2.97 1.07 -2.52
C1V RCY H . 2.13 1.18 -0.13
N1V RCY H . 1.14 2.46 -2.05
C1W RCY H . 0.62 1.26 -2.83
C1X RCY H . 2.43 1.98 -1.40
C1Y RCY H . -0.53 0.59 -2.06
C1Z RCY H . 0.16 1.71 -4.21
H1S RCY H . 6.49 0.40 -0.69
H1U RCY H . 3.30 1.68 -3.34
C1C RCY I . -3.19 -6.22 -0.35
O1G RCY I . -1.61 -7.19 0.39
O1H RCY I . 1.29 -3.47 0.33
O1J RCY I . -3.88 -4.78 2.20
C1L RCY I . 0.67 -6.83 1.20
C1M RCY I . -1.67 -2.84 -0.27
C1P RCY I . -0.64 -6.45 0.50
C1Q RCY I . 0.84 -4.61 0.27
N1R RCY I . -0.59 -5.02 -0.04
C1S RCY I . 1.63 -5.89 0.48
C1U RCY I . -1.69 -4.20 -0.72
C1V RCY I . -4.16 -4.05 -1.26
N1V RCY I . -3.22 -4.15 1.06
C1W RCY I . -2.50 -2.79 1.03
C1X RCY I . -3.10 -4.68 -0.35
C1Y RCY I . -3.52 -1.65 0.97
C1Z RCY I . -1.61 -2.68 2.25
H1S RCY I . 2.04 -5.68 -0.50
H1U RCY I . -1.57 -4.23 -1.79
C1C RCY J . -0.25 -11.86 -6.92
O1G RCY J . -3.59 -13.68 -2.99
O1H RCY J . 0.00 -10.85 -4.18
O1J RCY J . -2.16 -11.40 -9.20
C1L RCY J . -1.83 -12.57 -1.70
C1M RCY J . -3.77 -12.14 -5.81
C1P RCY J . -2.58 -12.98 -2.98
C1Q RCY J . -0.68 -11.72 -3.65
N1R RCY J . -1.92 -12.39 -4.23
C1S RCY J . -0.43 -12.34 -2.28
C1U RCY J . -2.38 -12.45 -5.68
C1V RCY J . -1.73 -10.03 -5.96
N1V RCY J . -2.56 -11.50 -7.81
C1W RCY J . -3.98 -11.69 -7.27
C1X RCY J . -1.68 -11.43 -6.57
C1Y RCY J . -4.76 -10.38 -7.32
C1Z RCY J . -4.68 -12.78 -8.08
H1S RCY J . 0.38 -12.86 -2.78
H1U RCY J . -2.20 -13.45 -6.07
C1C RCY K . -8.36 5.08 -0.62
O1G RCY K . -6.16 7.15 3.45
O1H RCY K . -6.89 2.78 1.82
O1J RCY K . -6.65 5.51 -3.06
C1L RCY K . -6.72 5.04 4.53
C1M RCY K . -4.83 5.66 0.31
C1P RCY K . -6.43 5.96 3.34
C1Q RCY K . -6.99 3.83 2.46
N1R RCY K . -6.52 5.21 2.01
C1S RCY K . -7.59 3.98 3.84
C1U RCY K . -6.23 5.70 0.60
C1V RCY K . -6.55 3.34 -0.26
N1V RCY K . -6.13 5.34 -1.71
C1W RCY K . -4.71 5.62 -1.22
C1X RCY K . -6.86 4.82 -0.48
C1Y RCY K . -3.76 4.51 -1.66
C1Z RCY K . -4.25 6.98 -1.78
H1S RCY K . -8.54 3.86 3.34
H1U RCY K . -6.59 6.71 0.49
N MET A 1 1.32 4.60 23.43
CA MET A 1 2.12 5.45 22.51
C MET A 1 3.14 4.58 21.77
N ASN A 2 2.79 4.10 20.62
CA ASN A 2 3.75 3.24 19.86
C ASN A 2 4.93 4.09 19.39
N LEU A 3 4.88 5.37 19.63
CA LEU A 3 6.00 6.26 19.20
C LEU A 3 6.28 6.01 17.71
N GLU A 4 5.64 6.77 16.85
CA GLU A 4 5.87 6.58 15.38
C GLU A 4 6.82 7.66 14.87
N PRO A 5 7.57 7.37 13.83
CA PRO A 5 8.52 8.34 13.24
C PRO A 5 7.96 9.77 13.20
N PRO A 6 8.81 10.76 13.15
CA PRO A 6 8.39 12.18 13.12
C PRO A 6 7.82 12.58 11.74
N LYS A 7 6.85 13.44 11.72
CA LYS A 7 6.25 13.87 10.42
C LYS A 7 5.31 15.05 10.64
N ALA A 8 5.53 16.14 9.97
CA ALA A 8 4.65 17.32 10.13
C ALA A 8 4.99 18.37 9.08
N GLU A 9 4.34 18.33 7.95
CA GLU A 9 4.64 19.33 6.88
C GLU A 9 3.36 19.64 6.10
N CYS A 10 2.42 18.73 6.10
CA CYS A 10 1.16 18.97 5.36
C CYS A 10 0.31 20.01 6.11
N ARG A 11 0.78 21.22 6.19
CA ARG A 11 0.00 22.27 6.90
C ARG A 11 -1.08 22.83 5.98
N SER A 12 -2.26 22.26 6.03
CA SER A 12 -3.36 22.76 5.15
C SER A 12 -4.71 22.51 5.83
N ALA A 13 -5.32 21.39 5.58
CA ALA A 13 -6.64 21.10 6.22
C ALA A 13 -6.95 19.61 6.08
N THR A 14 -7.69 19.24 5.07
CA THR A 14 -8.04 17.81 4.87
C THR A 14 -8.71 17.62 3.51
N ARG A 15 -8.34 18.42 2.54
CA ARG A 15 -8.97 18.27 1.19
C ARG A 15 -8.30 17.13 0.44
N VAL A 16 -9.08 16.25 -0.13
CA VAL A 16 -8.48 15.10 -0.88
C VAL A 16 -8.44 15.43 -2.37
N MET A 17 -7.90 16.57 -2.71
CA MET A 17 -7.83 16.96 -4.15
C MET A 17 -9.22 16.84 -4.78
N GLY A 18 -9.55 15.68 -5.28
CA GLY A 18 -10.89 15.50 -5.91
C GLY A 18 -10.83 15.92 -7.38
N GLY A 19 -11.11 17.17 -7.64
CA GLY A 19 -11.07 17.65 -9.06
C GLY A 19 -9.65 17.50 -9.61
N PRO A 20 -8.75 18.32 -9.15
CA PRO A 20 -7.33 18.28 -9.60
C PRO A 20 -6.82 16.86 -9.81
N CYS A 21 -7.34 15.92 -9.08
CA CYS A 21 -6.88 14.51 -9.23
C CYS A 21 -7.56 13.89 -10.46
N THR A 22 -6.78 13.53 -11.45
CA THR A 22 -7.38 12.92 -12.67
C THR A 22 -7.76 11.46 -12.38
N PRO A 23 -8.71 10.93 -13.11
CA PRO A 23 -9.16 9.53 -12.92
C PRO A 23 -7.99 8.57 -12.66
N ARG A 24 -8.25 7.49 -11.99
CA ARG A 24 -7.16 6.52 -11.71
C ARG A 24 -6.77 5.79 -13.00
N LYS A 25 -7.13 6.33 -14.13
CA LYS A 25 -6.78 5.68 -15.42
C LYS A 25 -5.27 5.69 -15.61
N GLY A 26 -4.81 5.49 -16.81
CA GLY A 26 -3.33 5.50 -17.06
C GLY A 26 -3.01 4.50 -18.18
N PRO A 27 -1.76 4.30 -18.44
CA PRO A 27 -1.28 3.37 -19.50
C PRO A 27 -2.05 2.04 -19.48
N PRO A 28 -2.53 1.58 -20.61
CA PRO A 28 -3.29 0.30 -20.70
C PRO A 28 -2.65 -0.81 -19.87
N LYS A 29 -3.45 -1.73 -19.36
CA LYS A 29 -2.89 -2.84 -18.55
C LYS A 29 -2.16 -2.27 -17.34
N CYS A 30 -2.15 -0.97 -17.18
CA CYS A 30 -1.46 -0.34 -16.02
C CYS A 30 -0.14 -1.09 -15.75
N LYS A 31 0.54 -1.51 -16.78
CA LYS A 31 1.82 -2.23 -16.60
C LYS A 31 1.57 -3.51 -15.79
N GLN A 32 2.17 -4.60 -16.20
CA GLN A 32 1.96 -5.88 -15.45
C GLN A 32 0.47 -6.21 -15.40
N ARG A 33 -0.01 -7.00 -16.32
CA ARG A 33 -1.46 -7.34 -16.31
C ARG A 33 -1.80 -8.16 -15.07
N GLN A 34 -2.73 -7.70 -14.27
CA GLN A 34 -3.11 -8.45 -13.04
C GLN A 34 -4.60 -8.25 -12.76
N THR A 35 -5.45 -8.86 -13.53
CA THR A 35 -6.91 -8.69 -13.30
C THR A 35 -7.32 -9.43 -12.02
N ARG A 36 -6.67 -10.52 -11.73
CA ARG A 36 -7.02 -11.29 -10.50
C ARG A 36 -5.94 -12.34 -10.23
N GLN A 37 -4.76 -12.15 -10.76
CA GLN A 37 -3.67 -13.15 -10.55
C GLN A 37 -2.98 -12.87 -9.22
N CYS A 38 -3.50 -13.40 -8.15
CA CYS A 38 -2.87 -13.19 -6.82
C CYS A 38 -3.33 -14.28 -5.85
N LYS A 39 -2.43 -14.80 -5.06
CA LYS A 39 -2.81 -15.86 -4.09
C LYS A 39 -3.97 -15.38 -3.22
N SER A 40 -4.28 -16.10 -2.18
CA SER A 40 -5.39 -15.68 -1.28
C SER A 40 -4.88 -14.64 -0.28
N LYS A 41 -5.76 -14.10 0.52
CA LYS A 41 -5.34 -13.09 1.52
C LYS A 41 -5.70 -13.58 2.93
N PRO A 42 -4.85 -14.40 3.51
CA PRO A 42 -5.08 -14.97 4.86
C PRO A 42 -4.64 -14.00 5.98
N PRO A 43 -5.13 -14.21 7.18
CA PRO A 43 -4.78 -13.35 8.35
C PRO A 43 -3.28 -13.33 8.63
N LYS A 44 -2.82 -12.41 9.43
CA LYS A 44 -1.37 -12.34 9.74
C LYS A 44 -0.86 -13.73 10.13
N LYS A 45 0.41 -13.84 10.44
CA LYS A 45 0.98 -15.17 10.81
C LYS A 45 0.66 -16.18 9.73
N GLY A 46 1.06 -15.93 8.52
CA GLY A 46 0.78 -16.88 7.40
C GLY A 46 1.85 -16.74 6.31
N VAL A 47 2.14 -17.79 5.61
CA VAL A 47 3.16 -17.71 4.54
C VAL A 47 4.49 -17.21 5.12
N GLN A 48 5.57 -17.40 4.41
CA GLN A 48 6.89 -16.93 4.92
C GLN A 48 7.06 -15.45 4.62
N GLY A 49 6.09 -14.65 4.98
CA GLY A 49 6.19 -13.18 4.72
C GLY A 49 5.47 -12.85 3.41
N CYS A 50 6.21 -12.55 2.38
CA CYS A 50 5.57 -12.22 1.07
C CYS A 50 6.62 -12.21 -0.03
N GLY A 51 6.62 -13.18 -0.89
CA GLY A 51 7.62 -13.22 -2.00
C GLY A 51 9.01 -12.92 -1.44
N ASP A 52 9.56 -13.80 -0.65
CA ASP A 52 10.92 -13.55 -0.07
C ASP A 52 11.99 -13.93 -1.11
N ASP A 53 11.60 -14.06 -2.35
CA ASP A 53 12.59 -14.43 -3.39
C ASP A 53 13.54 -13.25 -3.64
N ILE A 54 13.12 -12.30 -4.42
CA ILE A 54 14.00 -11.12 -4.70
C ILE A 54 13.41 -9.88 -4.01
N PRO A 55 14.15 -9.24 -3.13
CA PRO A 55 13.66 -8.04 -2.41
C PRO A 55 13.73 -6.78 -3.29
N GLY A 56 12.73 -6.57 -4.11
CA GLY A 56 12.73 -5.37 -4.99
C GLY A 56 13.38 -5.72 -6.33
N MET A 57 12.60 -5.93 -7.35
CA MET A 57 13.18 -6.27 -8.68
C MET A 57 14.22 -5.22 -9.07
N GLU A 58 13.80 -4.07 -9.50
CA GLU A 58 14.77 -3.01 -9.88
C GLU A 58 15.36 -2.37 -8.63
N GLY A 59 14.54 -2.15 -7.63
CA GLY A 59 15.05 -1.54 -6.37
C GLY A 59 14.01 -0.58 -5.80
N CYS A 60 12.87 -0.51 -6.43
CA CYS A 60 11.80 0.41 -5.93
C CYS A 60 11.07 -0.24 -4.75
N GLY A 61 11.02 -1.54 -4.72
CA GLY A 61 10.32 -2.23 -3.60
C GLY A 61 10.74 -1.60 -2.28
N THR A 62 12.02 -1.51 -2.02
CA THR A 62 12.51 -0.90 -0.76
C THR A 62 11.70 -1.44 0.43
N ASP A 63 12.30 -2.29 1.23
CA ASP A 63 11.57 -2.83 2.41
C ASP A 63 10.94 -1.67 3.18
N ILE A 64 11.64 -0.58 3.31
CA ILE A 64 11.08 0.58 4.04
C ILE A 64 12.05 1.75 3.95
N THR A 65 12.11 2.40 2.83
CA THR A 65 13.03 3.56 2.70
C THR A 65 12.56 4.63 3.69
N VAL A 66 11.31 4.60 4.05
CA VAL A 66 10.79 5.60 5.02
C VAL A 66 9.66 4.97 5.86
N ILE A 67 8.47 4.88 5.31
CA ILE A 67 7.34 4.29 6.09
C ILE A 67 6.52 3.35 5.19
N CYS A 68 6.78 2.08 5.26
CA CYS A 68 5.99 1.12 4.44
C CYS A 68 4.79 0.61 5.25
N PRO A 69 3.76 0.14 4.60
CA PRO A 69 2.53 -0.36 5.26
C PRO A 69 2.79 -0.99 6.63
N TRP A 70 3.71 -1.90 6.73
CA TRP A 70 3.99 -2.54 8.05
C TRP A 70 4.67 -1.51 8.96
N GLU A 71 4.27 -0.26 8.87
CA GLU A 71 4.90 0.79 9.73
C GLU A 71 4.00 2.03 9.73
N ALA A 72 3.28 2.25 8.67
CA ALA A 72 2.40 3.45 8.62
C ALA A 72 1.15 3.20 9.47
N CYS A 73 0.04 2.94 8.84
CA CYS A 73 -1.21 2.68 9.61
C CYS A 73 -1.10 1.33 10.33
N ASN A 74 -1.10 0.26 9.59
CA ASN A 74 -1.00 -1.09 10.22
C ASN A 74 -1.08 -2.17 9.14
N HIS A 75 -1.07 -3.41 9.52
CA HIS A 75 -1.14 -4.51 8.51
C HIS A 75 -2.59 -4.73 8.10
N CYS A 76 -3.27 -3.69 7.68
CA CYS A 76 -4.69 -3.83 7.25
C CYS A 76 -5.40 -4.87 8.13
N GLU A 77 -5.97 -4.45 9.23
CA GLU A 77 -6.67 -5.41 10.12
C GLU A 77 -7.84 -6.04 9.36
N LEU A 78 -8.82 -6.52 10.06
CA LEU A 78 -10.00 -7.15 9.38
C LEU A 78 -11.13 -6.11 9.30
N HIS A 79 -11.55 -5.78 8.11
CA HIS A 79 -12.65 -4.78 7.95
C HIS A 79 -12.46 -3.63 8.94
N GLU A 80 -11.75 -2.60 8.54
CA GLU A 80 -11.53 -1.45 9.45
C GLU A 80 -11.05 -0.25 8.64
N LEU A 81 -9.85 -0.31 8.12
CA LEU A 81 -9.32 0.83 7.32
C LEU A 81 -9.60 0.59 5.84
N ALA A 82 -10.53 -0.27 5.53
CA ALA A 82 -10.85 -0.53 4.09
C ALA A 82 -11.52 0.70 3.49
N GLN A 83 -11.03 1.87 3.80
CA GLN A 83 -11.63 3.12 3.25
C GLN A 83 -11.63 3.06 1.72
N TYR A 84 -12.76 3.32 1.10
CA TYR A 84 -12.84 3.29 -0.38
C TYR A 84 -12.12 2.03 -0.91
N GLY A 85 -11.89 1.07 -0.05
CA GLY A 85 -11.19 -0.17 -0.49
C GLY A 85 -12.12 -1.37 -0.33
N ILE A 86 -13.40 -1.19 -0.52
CA ILE A 86 -14.35 -2.33 -0.38
C ILE A 86 -14.42 -3.09 -1.71
N CYS A 87 -13.41 -2.94 -2.53
CA CYS A 87 -13.41 -3.65 -3.84
C CYS A 87 -13.52 -5.16 -3.61
C1C RCY B . -1.57 11.55 2.73
O1G RCY B . -0.51 13.44 1.44
O1H RCY B . -0.12 15.51 5.67
O1J RCY B . 0.94 11.25 1.11
C1L RCY B . -0.70 15.76 2.20
C1M RCY B . 1.42 12.38 4.74
C1P RCY B . -0.50 14.25 2.37
C1Q RCY B . -0.50 15.20 4.54
N1R RCY B . -0.30 13.87 3.84
C1S RCY B . -1.25 16.11 3.59
C1U RCY B . 0.02 12.50 4.45
C1V RCY B . -0.21 10.00 4.21
N1V RCY B . 0.92 11.48 2.55
C1W RCY B . 2.09 11.90 3.44
C1X RCY B . -0.26 11.34 3.50
C1Y RCY B . 3.01 10.72 3.72
C1Z RCY B . 2.85 13.04 2.76
H1S RCY B . -2.09 15.92 4.24
H1U RCY B . -0.56 12.37 5.35
C1C RCY C . -2.96 16.84 -5.33
O1G RCY C . -6.98 15.86 -7.11
O1H RCY C . -5.06 16.93 -6.46
O1J RCY C . -1.57 16.63 -2.67
C1L RCY C . -4.85 15.86 -5.79
C1M RCY C . -4.75 14.54 -3.05
C1P RCY C . -5.96 15.33 -6.72
C1Q RCY C . -5.63 15.86 -6.60
N1R RCY C . -5.55 14.92 -5.34
C1S RCY C . -5.86 14.66 -5.77
C1U RCY C . -4.73 15.45 -4.16
C1V RCY C . -2.68 14.33 -5.13
N1V RCY C . -2.67 15.77 -3.08
C1W RCY C . -3.51 14.85 -2.20
C1X RCY C . -3.24 15.60 -4.48
C1Y RCY C . -2.74 13.58 -1.87
C1Z RCY C . -3.91 15.60 -0.93
H1S RCY C . -6.93 14.70 -5.87
H1U RCY C . -5.13 16.41 -3.83
C1C RCY D . -7.48 0.32 -10.88
O1G RCY D . -4.87 -2.73 -9.71
O1H RCY D . -3.25 0.43 -12.82
O1J RCY D . -7.60 3.06 -9.62
C1L RCY D . -3.53 -2.92 -11.75
C1M RCY D . -4.12 1.47 -9.85
C1P RCY D . -4.34 -2.18 -10.68
C1Q RCY D . -3.73 -0.58 -12.32
N1R RCY D . -4.43 -0.68 -10.97
C1S RCY D . -3.73 -1.98 -12.93
C1U RCY D . -5.06 0.43 -10.14
C1V RCY D . -5.78 1.57 -12.28
N1V RCY D . -6.36 2.38 -9.97
C1W RCY D . -4.94 2.72 -9.54
C1X RCY D . -6.20 1.16 -10.87
C1Y RCY D . -4.41 3.93 -10.33
C1Z RCY D . -4.94 3.02 -8.04
H1S RCY D . -4.50 -1.58 -13.58
H1U RCY D . -5.44 0.02 -9.21
C1C RCY E . -4.72 -8.74 -0.48
O1G RCY E . -5.47 -7.29 -5.18
O1H RCY E . -4.94 -10.97 -2.28
O1J RCY E . -3.62 -6.00 -1.10
C1L RCY E . -4.24 -9.39 -5.36
C1M RCY E . -6.96 -6.88 -2.76
C1P RCY E . -5.12 -8.35 -4.66
C1Q RCY E . -4.71 -10.08 -3.09
N1R RCY E . -5.50 -8.79 -3.25
C1S RCY E . -3.61 -10.06 -4.13
C1U RCY E . -6.43 -8.10 -2.24
C1V RCY E . -6.70 -7.27 0.13
N1V RCY E . -4.96 -6.45 -1.48
C1W RCY E . -5.92 -5.79 -2.47
C1X RCY E . -5.71 -7.67 -0.96
C1Y RCY E . -6.58 -4.57 -1.84
C1Z RCY E . -5.14 -5.40 -3.73
H1S RCY E . -2.96 -9.86 -3.29
H1U RCY E . -7.24 -8.76 -2.00
C1C RCY F . 5.74 -8.66 -5.71
O1G RCY F . 7.42 -9.34 -3.66
O1H RCY F . 3.84 -9.71 -0.61
O1J RCY F . 3.13 -8.02 -7.06
C1L RCY F . 7.32 -9.57 -1.23
C1M RCY F . 2.90 -9.00 -3.37
C1P RCY F . 6.74 -9.42 -2.65
C1Q RCY F . 4.91 -9.40 -1.14
N1R RCY F . 5.21 -9.38 -2.63
C1S RCY F . 6.17 -8.96 -0.42
C1U RCY F . 4.23 -9.34 -3.80
C1V RCY F . 4.80 -6.90 -4.15
N1V RCY F . 3.28 -8.22 -5.62
C1W RCY F . 2.17 -8.46 -4.60
C1X RCY F . 4.56 -8.25 -4.82
C1Y RCY F . 1.47 -7.14 -4.26
C1Z RCY F . 1.17 -9.47 -5.15
H1S RCY F . 5.64 -8.03 -0.27
H1U RCY F . 4.21 -10.30 -4.30
C1C RCY G . 3.65 1.50 -7.85
O1G RCY G . 4.73 -0.25 -7.86
O1H RCY G . 8.68 1.72 -6.19
O1J RCY G . 2.96 0.30 -5.18
C1L RCY G . 7.06 -1.01 -7.72
C1M RCY G . 5.80 2.88 -5.17
C1P RCY G . 5.90 -0.02 -7.55
C1Q RCY G . 7.89 1.09 -6.90
N1R RCY G . 6.37 1.31 -6.96
C1S RCY G . 8.23 -0.04 -7.85
C1U RCY G . 5.56 2.53 -6.54
C1V RCY G . 3.26 3.60 -6.47
N1V RCY G . 3.87 1.43 -5.36
C1W RCY G . 4.85 2.01 -4.33
C1X RCY G . 4.06 2.29 -6.60
C1Y RCY G . 4.11 2.87 -3.31
C1Z RCY G . 5.59 0.87 -3.64
H1S RCY G . 8.61 0.75 -8.48
H1U RCY G . 5.82 3.37 -7.17
C1C RCY H . 5.32 2.93 -2.32
O1G RCY H . 3.61 -0.91 0.21
O1H RCY H . 6.41 2.70 1.40
O1J RCY H . 3.27 5.10 -2.67
C1L RCY H . 5.63 -0.74 1.59
C1M RCY H . 2.83 2.86 0.41
C1P RCY H . 4.52 -0.21 0.66
C1Q RCY H . 6.01 1.59 1.07
N1R RCY H . 4.69 1.28 0.36
C1S RCY H . 6.74 0.27 1.27
C1U RCY H . 3.79 2.21 -0.44
C1V RCY H . 5.46 4.08 -0.07
N1V RCY H . 3.39 4.28 -1.46
C1W RCY H . 2.38 4.12 -0.33
C1X RCY H . 4.55 3.37 -1.08
C1Y RCY H . 2.44 5.34 0.60
C1Z RCY H . 0.98 3.96 -0.91
H1S RCY H . 7.37 0.61 0.46
H1U RCY H . 3.27 1.65 -1.20
C1C RCY I . 0.08 -1.33 5.76
O1G RCY I . -1.15 1.59 2.60
O1H RCY I . 0.49 2.07 7.00
O1J RCY I . -1.17 -2.11 3.12
C1L RCY I . -1.90 2.88 4.52
C1M RCY I . 1.62 0.52 2.95
C1P RCY I . -1.00 1.89 3.77
C1Q RCY I . -0.25 1.94 6.03
N1R RCY I . 0.09 1.33 4.68
C1S RCY I . -1.70 2.38 5.96
C1U RCY I . 1.26 0.39 4.33
C1V RCY I . 2.13 -1.98 4.42
N1V RCY I . 0.03 -1.29 3.25
C1W RCY I . 0.70 -0.43 2.18
C1X RCY I . 0.89 -1.08 4.49
C1Y RCY I . 1.49 -1.31 1.21
C1Z RCY I . -0.39 0.36 1.43
H1S RCY I . -1.88 1.51 6.59
H1U RCY I . 2.11 0.63 4.96
C1C RCY J . 3.17 -3.33 5.57
O1G RCY J . 1.36 -4.88 6.82
O1H RCY J . -1.86 -4.33 3.41
O1J RCY J . 4.16 -1.27 3.61
C1L RCY J . -0.98 -5.57 6.59
C1M RCY J . 0.61 -2.59 2.99
C1P RCY J . 0.32 -4.88 6.16
C1Q RCY J . -1.31 -4.40 4.50
N1R RCY J . 0.17 -4.19 4.81
C1S RCY J . -2.00 -4.71 5.83
C1U RCY J . 1.22 -3.47 3.95
C1V RCY J . 1.30 -1.62 5.69
N1V RCY J . 2.78 -1.75 3.67
C1W RCY J . 1.67 -1.57 2.62
C1X RCY J . 2.12 -2.54 4.78
C1Y RCY J . 1.11 -0.15 2.70
C1Z RCY J . 2.25 -1.84 1.24
H1S RCY J . -2.37 -3.70 5.76
H1U RCY J . 1.83 -4.20 3.44
C1C RCY K . -5.39 -4.14 -5.80
O1G RCY K . -6.98 -3.81 -7.00
O1H RCY K . -10.23 -4.32 -3.62
O1J RCY K . -5.57 -1.17 -5.37
C1L RCY K . -9.42 -3.92 -7.04
C1M RCY K . -7.31 -3.34 -2.73
C1P RCY K . -8.03 -3.95 -6.39
C1Q RCY K . -9.61 -4.41 -4.67
N1R RCY K . -8.12 -4.19 -4.88
C1S RCY K . -10.20 -4.77 -6.03
C1U RCY K . -6.99 -4.20 -3.84
C1V RCY K . -4.52 -3.94 -3.42
N1V RCY K . -5.99 -2.17 -4.38
C1W RCY K . -6.84 -1.94 -3.14
C1X RCY K . -5.68 -3.65 -4.37
C1Y RCY K . -6.01 -1.30 -2.02
C1Z RCY K . -8.04 -1.05 -3.50
H1S RCY K . -10.25 -5.78 -5.62
H1U RCY K . -6.85 -5.21 -3.48
N MET A 1 -19.34 6.26 12.63
CA MET A 1 -19.43 7.69 13.02
C MET A 1 -18.50 8.52 12.13
N ASN A 2 -17.33 8.87 12.63
CA ASN A 2 -16.38 9.67 11.82
C ASN A 2 -14.95 9.29 12.20
N LEU A 3 -13.98 9.91 11.59
CA LEU A 3 -12.57 9.58 11.89
C LEU A 3 -12.10 10.39 13.10
N GLU A 4 -11.93 9.75 14.23
CA GLU A 4 -11.49 10.48 15.45
C GLU A 4 -9.95 10.48 15.52
N PRO A 5 -9.37 11.54 16.01
CA PRO A 5 -7.89 11.65 16.14
C PRO A 5 -7.22 10.33 16.56
N PRO A 6 -6.65 9.62 15.62
CA PRO A 6 -5.99 8.31 15.89
C PRO A 6 -4.52 8.50 16.30
N LYS A 7 -4.03 7.66 17.18
CA LYS A 7 -2.61 7.77 17.62
C LYS A 7 -1.73 6.96 16.67
N ALA A 8 -0.49 6.75 17.03
CA ALA A 8 0.42 5.96 16.14
C ALA A 8 1.79 5.82 16.82
N GLU A 9 2.02 6.54 17.89
CA GLU A 9 3.34 6.43 18.57
C GLU A 9 4.46 6.57 17.54
N CYS A 10 4.81 7.77 17.19
CA CYS A 10 5.89 7.97 16.19
C CYS A 10 7.12 7.14 16.59
N ARG A 11 8.16 7.17 15.79
CA ARG A 11 9.38 6.38 16.12
C ARG A 11 10.62 7.24 15.86
N SER A 12 10.65 7.95 14.76
CA SER A 12 11.83 8.81 14.46
C SER A 12 11.38 10.02 13.64
N ALA A 13 10.85 9.81 12.47
CA ALA A 13 10.40 10.94 11.64
C ALA A 13 11.57 11.91 11.41
N THR A 14 12.12 11.91 10.22
CA THR A 14 13.26 12.83 9.94
C THR A 14 13.39 13.02 8.43
N ARG A 15 13.15 11.99 7.67
CA ARG A 15 13.25 12.10 6.19
C ARG A 15 12.78 10.79 5.54
N VAL A 16 11.96 10.88 4.53
CA VAL A 16 11.47 9.65 3.86
C VAL A 16 12.67 8.88 3.27
N MET A 17 12.62 8.60 1.99
CA MET A 17 13.74 7.86 1.36
C MET A 17 13.95 8.36 -0.08
N GLY A 18 12.89 8.38 -0.86
CA GLY A 18 13.01 8.86 -2.26
C GLY A 18 12.76 10.37 -2.31
N GLY A 19 13.62 11.15 -1.71
CA GLY A 19 13.41 12.62 -1.72
C GLY A 19 13.08 13.09 -3.15
N PRO A 20 13.98 12.85 -4.07
CA PRO A 20 13.78 13.24 -5.50
C PRO A 20 12.41 12.83 -6.04
N CYS A 21 11.72 11.97 -5.32
CA CYS A 21 10.37 11.52 -5.77
C CYS A 21 9.34 11.81 -4.68
N THR A 22 8.41 12.69 -4.94
CA THR A 22 7.38 13.01 -3.90
C THR A 22 6.15 12.12 -4.14
N PRO A 23 5.42 11.83 -3.09
CA PRO A 23 4.20 10.97 -3.19
C PRO A 23 3.03 11.71 -3.87
N ARG A 24 2.40 11.08 -4.82
CA ARG A 24 1.26 11.74 -5.53
C ARG A 24 0.55 10.72 -6.42
N LYS A 25 -0.01 11.17 -7.52
CA LYS A 25 -0.71 10.21 -8.43
C LYS A 25 0.30 9.56 -9.36
N GLY A 26 0.24 9.86 -10.63
CA GLY A 26 1.19 9.25 -11.60
C GLY A 26 1.30 7.75 -11.34
N PRO A 27 0.27 7.02 -11.69
CA PRO A 27 0.21 5.54 -11.50
C PRO A 27 1.12 4.79 -12.48
N PRO A 28 1.53 3.60 -12.12
CA PRO A 28 2.42 2.76 -12.99
C PRO A 28 2.01 2.83 -14.47
N LYS A 29 2.87 2.39 -15.35
CA LYS A 29 2.54 2.42 -16.82
C LYS A 29 2.32 1.00 -17.32
N CYS A 30 2.58 0.01 -16.51
CA CYS A 30 2.38 -1.40 -16.95
C CYS A 30 1.01 -1.53 -17.62
N LYS A 31 0.08 -0.67 -17.26
CA LYS A 31 -1.28 -0.74 -17.90
C LYS A 31 -1.81 -2.17 -17.79
N GLN A 32 -1.49 -2.87 -16.73
CA GLN A 32 -1.98 -4.27 -16.54
C GLN A 32 -2.18 -4.94 -17.91
N ARG A 33 -3.36 -5.42 -18.18
CA ARG A 33 -3.62 -6.08 -19.48
C ARG A 33 -2.54 -7.14 -19.75
N GLN A 34 -2.60 -8.24 -19.05
CA GLN A 34 -1.58 -9.30 -19.26
C GLN A 34 -0.18 -8.76 -18.93
N THR A 35 0.18 -8.77 -17.67
CA THR A 35 1.52 -8.26 -17.29
C THR A 35 1.83 -8.67 -15.85
N ARG A 36 2.55 -9.74 -15.67
CA ARG A 36 2.89 -10.19 -14.28
C ARG A 36 1.61 -10.23 -13.45
N GLN A 37 0.48 -10.42 -14.08
CA GLN A 37 -0.80 -10.47 -13.33
C GLN A 37 -0.82 -11.69 -12.40
N CYS A 38 -1.99 -12.14 -12.02
CA CYS A 38 -2.08 -13.32 -11.13
C CYS A 38 -3.40 -14.05 -11.40
N LYS A 39 -3.71 -15.04 -10.60
CA LYS A 39 -4.98 -15.78 -10.81
C LYS A 39 -6.17 -14.84 -10.60
N SER A 40 -7.16 -15.26 -9.87
CA SER A 40 -8.34 -14.38 -9.63
C SER A 40 -9.08 -14.85 -8.37
N LYS A 41 -9.15 -16.14 -8.16
CA LYS A 41 -9.86 -16.67 -6.95
C LYS A 41 -9.61 -15.75 -5.75
N PRO A 42 -10.55 -14.91 -5.41
CA PRO A 42 -10.41 -13.97 -4.27
C PRO A 42 -10.83 -14.62 -2.94
N PRO A 43 -10.27 -14.16 -1.84
CA PRO A 43 -10.59 -14.70 -0.49
C PRO A 43 -11.94 -14.19 0.03
N LYS A 44 -12.48 -14.81 1.04
CA LYS A 44 -13.79 -14.35 1.58
C LYS A 44 -13.58 -13.08 2.42
N LYS A 45 -14.31 -12.93 3.48
CA LYS A 45 -14.16 -11.72 4.35
C LYS A 45 -14.47 -10.45 3.53
N GLY A 46 -14.60 -10.59 2.24
CA GLY A 46 -14.91 -9.39 1.40
C GLY A 46 -16.37 -8.97 1.62
N VAL A 47 -16.84 -8.02 0.86
CA VAL A 47 -18.25 -7.58 1.01
C VAL A 47 -18.47 -7.03 2.43
N GLN A 48 -17.50 -7.16 3.28
CA GLN A 48 -17.65 -6.65 4.68
C GLN A 48 -16.32 -6.74 5.40
N GLY A 49 -15.25 -6.35 4.76
CA GLY A 49 -13.91 -6.41 5.43
C GLY A 49 -13.04 -5.27 4.92
N CYS A 50 -13.13 -4.97 3.65
CA CYS A 50 -12.30 -3.86 3.10
C CYS A 50 -12.75 -3.56 1.66
N GLY A 51 -13.27 -4.54 0.99
CA GLY A 51 -13.73 -4.31 -0.42
C GLY A 51 -15.22 -3.99 -0.44
N ASP A 52 -15.83 -3.88 0.72
CA ASP A 52 -17.28 -3.55 0.76
C ASP A 52 -17.53 -2.20 0.10
N ASP A 53 -16.56 -1.34 0.12
CA ASP A 53 -16.73 0.01 -0.51
C ASP A 53 -16.43 -0.09 -2.01
N ILE A 54 -16.24 1.03 -2.66
CA ILE A 54 -15.93 1.02 -4.11
C ILE A 54 -14.52 1.55 -4.34
N PRO A 55 -13.53 0.69 -4.35
CA PRO A 55 -12.11 1.10 -4.56
C PRO A 55 -11.79 1.33 -6.04
N GLY A 56 -11.05 2.36 -6.35
CA GLY A 56 -10.69 2.64 -7.77
C GLY A 56 -11.62 3.71 -8.33
N MET A 57 -12.13 4.57 -7.49
CA MET A 57 -13.05 5.64 -7.97
C MET A 57 -12.27 6.96 -8.12
N GLU A 58 -11.08 7.00 -7.59
CA GLU A 58 -10.25 8.24 -7.70
C GLU A 58 -8.92 8.02 -6.97
N GLY A 59 -8.80 6.94 -6.26
CA GLY A 59 -7.54 6.66 -5.52
C GLY A 59 -7.66 5.32 -4.80
N CYS A 60 -7.86 5.34 -3.51
CA CYS A 60 -7.99 4.07 -2.76
C CYS A 60 -8.84 4.30 -1.50
N GLY A 61 -9.24 5.52 -1.26
CA GLY A 61 -10.06 5.82 -0.06
C GLY A 61 -9.47 5.13 1.16
N THR A 62 -8.17 5.02 1.23
CA THR A 62 -7.53 4.36 2.40
C THR A 62 -6.01 4.55 2.33
N ASP A 63 -5.56 5.76 2.44
CA ASP A 63 -4.09 6.01 2.39
C ASP A 63 -3.41 5.46 3.65
N ILE A 64 -4.09 4.63 4.39
CA ILE A 64 -3.48 4.07 5.63
C ILE A 64 -4.31 2.88 6.12
N THR A 65 -5.48 2.70 5.57
CA THR A 65 -6.33 1.57 6.02
C THR A 65 -6.13 1.38 7.53
N VAL A 66 -6.10 2.48 8.24
CA VAL A 66 -5.85 2.42 9.71
C VAL A 66 -4.41 2.00 9.94
N ILE A 67 -3.98 0.96 9.25
CA ILE A 67 -2.58 0.48 9.39
C ILE A 67 -2.06 0.10 8.00
N CYS A 68 -1.44 1.01 7.30
CA CYS A 68 -0.94 0.68 5.94
C CYS A 68 0.20 -0.34 6.06
N PRO A 69 0.12 -1.46 5.38
CA PRO A 69 1.18 -2.51 5.43
C PRO A 69 2.56 -1.95 5.06
N TRP A 70 2.62 -0.69 4.70
CA TRP A 70 3.94 -0.09 4.33
C TRP A 70 4.88 -0.22 5.53
N GLU A 71 4.34 -0.27 6.70
CA GLU A 71 5.19 -0.39 7.92
C GLU A 71 5.71 -1.82 8.03
N ALA A 72 4.83 -2.77 8.20
CA ALA A 72 5.28 -4.20 8.31
C ALA A 72 5.62 -4.73 6.92
N CYS A 73 5.78 -3.86 5.95
CA CYS A 73 6.12 -4.31 4.57
C CYS A 73 7.60 -4.69 4.51
N ASN A 74 8.34 -4.39 5.54
CA ASN A 74 9.80 -4.73 5.54
C ASN A 74 10.41 -4.43 4.17
N HIS A 75 10.13 -3.27 3.64
CA HIS A 75 10.70 -2.92 2.30
C HIS A 75 10.19 -3.91 1.25
N CYS A 76 9.54 -3.43 0.23
CA CYS A 76 9.02 -4.35 -0.82
C CYS A 76 10.19 -5.09 -1.48
N GLU A 77 11.38 -4.56 -1.35
CA GLU A 77 12.56 -5.23 -1.97
C GLU A 77 12.79 -6.59 -1.29
N LEU A 78 12.72 -6.62 0.01
CA LEU A 78 12.94 -7.90 0.74
C LEU A 78 11.62 -8.63 0.92
N HIS A 79 11.66 -9.90 1.26
CA HIS A 79 10.39 -10.65 1.46
C HIS A 79 10.62 -11.76 2.49
N GLU A 80 10.40 -11.47 3.75
CA GLU A 80 10.62 -12.50 4.81
C GLU A 80 9.58 -12.29 5.92
N LEU A 81 9.46 -11.10 6.42
CA LEU A 81 8.47 -10.84 7.51
C LEU A 81 7.07 -10.74 6.90
N ALA A 82 6.93 -11.07 5.64
CA ALA A 82 5.58 -11.00 5.00
C ALA A 82 4.55 -11.70 5.88
N GLN A 83 5.00 -12.61 6.71
CA GLN A 83 4.04 -13.33 7.61
C GLN A 83 3.82 -12.52 8.88
N TYR A 84 3.71 -11.22 8.76
CA TYR A 84 3.49 -10.38 9.96
C TYR A 84 2.03 -10.50 10.43
N GLY A 85 1.09 -10.25 9.55
CA GLY A 85 -0.34 -10.36 9.95
C GLY A 85 -1.21 -10.46 8.70
N ILE A 86 -0.63 -10.83 7.59
CA ILE A 86 -1.41 -10.96 6.32
C ILE A 86 -2.50 -9.87 6.24
N CYS A 87 -3.51 -10.07 5.46
CA CYS A 87 -4.59 -9.04 5.35
C CYS A 87 -5.39 -9.00 6.64
C1C RCY B . 2.09 7.90 19.47
O1G RCY B . 4.14 12.59 20.50
O1H RCY B . 4.44 9.10 17.34
O1J RCY B . -0.83 8.32 18.85
C1L RCY B . 5.98 11.69 19.18
C1M RCY B . 1.40 11.42 18.56
C1P RCY B . 4.55 11.76 19.69
C1Q RCY B . 4.69 9.87 18.26
N1R RCY B . 3.68 10.66 19.08
C1S RCY B . 6.06 10.20 18.81
C1U RCY B . 2.17 10.41 19.24
C1V RCY B . 2.22 8.96 17.18
N1V RCY B . 0.20 9.31 18.61
C1W RCY B . 0.02 10.80 18.31
C1X RCY B . 1.72 9.10 18.61
C1Y RCY B . -0.40 11.00 16.85
C1Z RCY B . -1.03 11.38 19.25
H1S RCY B . 6.01 9.21 19.25
H1U RCY B . 1.92 10.42 20.30
C1C RCY C . 6.21 7.87 -5.11
O1G RCY C . 7.29 6.27 -8.91
O1H RCY C . 8.15 10.37 -6.75
O1J RCY C . 6.39 10.85 -4.72
C1L RCY C . 9.34 7.54 -8.49
C1M RCY C . 5.00 9.69 -8.10
C1P RCY C . 7.83 7.28 -8.46
C1Q RCY C . 8.18 9.44 -7.55
N1R RCY C . 7.07 8.42 -7.80
C1S RCY C . 9.33 9.07 -8.46
C1U RCY C . 5.58 8.54 -7.48
C1V RCY C . 3.83 8.58 -5.64
N1V RCY C . 5.72 10.22 -5.84
C1W RCY C . 5.25 10.87 -7.14
C1X RCY C . 5.31 8.75 -5.99
C1Y RCY C . 3.96 11.66 -6.92
C1Z RCY C . 6.36 11.78 -7.67
H1S RCY C . 9.02 9.94 -9.03
H1U RCY C . 5.06 7.65 -7.82
C1C RCY D . -4.78 0.32 -14.05
O1G RCY D . -1.76 0.68 -13.89
O1H RCY D . -1.77 -3.99 -14.56
O1J RCY D . -6.69 -0.18 -11.78
C1L RCY D . -0.18 -0.86 -14.94
C1M RCY D . -3.60 -2.44 -11.90
C1P RCY D . -1.45 -0.47 -14.18
C1Q RCY D . -1.42 -2.84 -14.32
N1R RCY D . -2.30 -1.70 -13.83
C1S RCY D . 0.00 -2.30 -14.44
C1U RCY D . -3.67 -1.77 -13.16
C1V RCY D . -3.21 0.46 -12.07
N1V RCY D . -5.37 -0.80 -11.89
C1W RCY D . -4.83 -1.99 -11.10
C1X RCY D . -4.23 -0.40 -12.82
C1Y RCY D . -4.42 -1.55 -9.69
C1Z RCY D . -5.90 -3.08 -11.04
H1S RCY D . 0.19 -2.86 -13.53
H1U RCY D . -4.36 -2.29 -13.82
C1C RCY E . -1.41 -7.34 -5.09
O1G RCY E . 0.05 -8.33 -6.09
O1H RCY E . -2.91 -10.91 -8.73
O1J RCY E . -1.18 -5.44 -7.42
C1L RCY E . 0.37 -10.21 -7.63
C1M RCY E . -3.96 -8.07 -7.67
C1P RCY E . -0.44 -9.18 -6.85
C1Q RCY E . -1.99 -10.57 -7.99
N1R RCY E . -1.95 -9.33 -7.10
C1S RCY E . -0.68 -11.31 -7.79
C1U RCY E . -3.11 -8.47 -6.60
C1V RCY E . -3.78 -6.46 -5.23
N1V RCY E . -2.28 -6.38 -7.24
C1W RCY E . -3.33 -6.80 -8.26
C1X RCY E . -2.65 -7.16 -5.98
C1Y RCY E . -4.40 -5.70 -8.42
C1Z RCY E . -2.65 -7.08 -9.59
H1S RCY E . -1.27 -12.00 -7.22
H1U RCY E . -3.69 -9.03 -5.87
C1C RCY F . -4.70 -3.30 2.49
O1G RCY F . -7.51 -2.41 -1.74
O1H RCY F . -6.89 -3.56 2.80
O1J RCY F . -5.34 -6.24 2.70
C1L RCY F . -8.96 -2.31 0.24
C1M RCY F . -5.15 -4.81 -0.86
C1P RCY F . -7.67 -2.64 -0.54
C1Q RCY F . -7.38 -3.42 1.69
N1R RCY F . -6.62 -3.29 0.37
C1S RCY F . -8.86 -3.33 1.37
C1U RCY F . -5.19 -3.69 0.03
C1V RCY F . -2.92 -4.30 0.99
N1V RCY F . -5.03 -5.56 1.44
C1W RCY F . -5.26 -6.06 0.02
C1X RCY F . -4.41 -4.18 1.26
C1Y RCY F . -4.19 -7.09 -0.36
C1Z RCY F . -6.65 -6.69 -0.07
H1S RCY F . -8.85 -4.40 1.54
H1U RCY F . -4.66 -2.85 -0.40
C1C RCY G . -3.56 7.77 -1.56
O1G RCY G . -2.98 4.08 -4.87
O1H RCY G . -1.90 3.48 -2.91
O1J RCY G . -1.62 7.79 0.75
C1L RCY G . -2.96 3.97 -2.36
C1M RCY G . -2.32 4.36 -0.82
C1P RCY G . -3.51 3.85 -3.81
C1Q RCY G . -2.98 3.74 -3.46
N1R RCY G . -3.87 4.77 -2.67
C1S RCY G . -4.15 4.59 -3.17
C1U RCY G . -3.31 5.26 -1.33
C1V RCY G . -1.57 6.59 -2.59
N1V RCY G . -1.87 6.63 -0.11
C1W RCY G . -1.47 5.18 0.15
C1X RCY G . -2.59 6.59 -1.45
C1Y RCY G . 0.02 4.98 -0.12
C1Z RCY G . -1.79 4.82 1.61
H1S RCY G . -4.09 5.12 -4.11
H1U RCY G . -4.12 5.35 -0.62
C1C RCY H . -0.46 5.33 -1.10
O1G RCY H . 2.60 1.16 0.56
O1H RCY H . -1.54 3.39 0.95
O1J RCY H . -0.31 5.14 -4.11
C1L RCY H . 0.91 1.25 2.32
C1M RCY H . 1.01 2.10 -2.18
C1P RCY H . 1.54 1.61 0.96
C1Q RCY H . -0.44 2.90 1.20
N1R RCY H . 0.67 2.60 0.19
C1S RCY H . 0.08 2.51 2.57
C1U RCY H . 0.85 3.16 -1.22
C1V RCY H . -1.66 3.13 -1.51
N1V RCY H . -0.04 4.03 -3.20
C1W RCY H . 0.63 2.69 -3.54
C1X RCY H . -0.37 3.93 -1.72
C1Y RCY H . -0.34 1.77 -4.27
C1Z RCY H . 1.87 2.96 -4.39
H1S RCY H . 0.18 3.57 2.73
H1U RCY H . 1.72 3.80 -1.25
C1C RCY I . 4.30 1.30 -1.06
O1G RCY I . 3.87 -1.88 -1.64
O1H RCY I . 4.92 -1.20 2.92
O1J RCY I . 2.49 -0.18 -2.95
C1L RCY I . 5.46 -2.94 -0.11
C1M RCY I . 1.63 -0.48 0.76
C1P RCY I . 4.38 -1.93 -0.52
C1Q RCY I . 5.01 -1.42 1.71
N1R RCY I . 4.02 -1.00 0.63
C1S RCY I . 6.14 -2.15 1.02
C1U RCY I . 2.94 0.09 0.69
C1V RCY I . 2.03 2.20 -0.37
N1V RCY I . 2.22 -0.01 -1.53
C1W RCY I . 1.20 -0.76 -0.67
C1X RCY I . 2.90 0.96 -0.57
C1Y RCY I . -0.21 -0.21 -0.93
C1Z RCY I . 1.27 -2.25 -1.01
H1S RCY I . 6.70 -1.25 1.20
H1U RCY I . 3.11 0.72 1.56
C1C RCY J . 5.45 -0.33 0.33
O1G RCY J . 7.06 1.48 -4.41
O1H RCY J . 7.87 -1.55 -0.89
O1J RCY J . 3.66 1.99 1.03
C1L RCY J . 8.21 -0.68 -4.29
C1M RCY J . 6.01 2.52 -1.96
C1P RCY J . 7.45 0.53 -3.74
C1Q RCY J . 8.00 -0.85 -1.89
N1R RCY J . 7.24 0.42 -2.23
C1S RCY J . 8.97 -1.10 -3.04
C1U RCY J . 6.46 1.34 -1.28
C1V RCY J . 4.33 0.10 -1.90
N1V RCY J . 4.48 1.92 -0.18
C1W RCY J . 4.82 3.06 -1.14
C1X RCY J . 5.17 0.69 -0.76
C1Y RCY J . 3.64 3.37 -2.05
C1Z RCY J . 5.23 4.29 -0.33
H1S RCY J . 9.72 -0.76 -2.35
H1U RCY J . 7.08 1.61 -0.44
C1C RCY K . 1.07 -7.28 1.64
O1G RCY K . 0.16 -9.06 1.59
O1H RCY K . -4.05 -7.46 3.02
O1J RCY K . -0.08 -6.61 -1.06
C1L RCY K . -2.00 -10.14 2.02
C1M RCY K . -2.04 -5.30 1.96
C1P RCY K . -1.01 -8.97 1.96
C1Q RCY K . -3.04 -8.15 2.87
N1R RCY K . -1.66 -7.67 2.44
C1S RCY K . -2.94 -9.64 3.11
C1U RCY K . -1.09 -6.26 2.47
C1V RCY K . 0.85 -4.76 1.81
N1V RCY K . -0.57 -6.05 0.20
C1W RCY K . -1.87 -5.29 0.44
C1X RCY K . 0.12 -6.08 1.55
C1Y RCY K . -1.75 -3.85 -0.08
C1Z RCY K . -3.01 -6.01 -0.26
H1S RCY K . -2.97 -9.38 4.15
H1U RCY K . -0.82 -5.99 3.47
N MET A 1 12.64 -9.23 20.17
CA MET A 1 14.00 -8.92 19.63
C MET A 1 14.10 -7.43 19.32
N ASN A 2 14.89 -7.06 18.35
CA ASN A 2 15.02 -5.63 17.99
C ASN A 2 13.74 -5.15 17.30
N LEU A 3 12.60 -5.58 17.78
CA LEU A 3 11.31 -5.15 17.16
C LEU A 3 11.03 -3.70 17.54
N GLU A 4 12.04 -2.97 17.94
CA GLU A 4 11.82 -1.54 18.32
C GLU A 4 11.33 -0.76 17.09
N PRO A 5 10.25 -0.01 17.23
CA PRO A 5 9.70 0.79 16.10
C PRO A 5 10.55 2.04 15.81
N PRO A 6 10.41 2.60 14.64
CA PRO A 6 11.17 3.83 14.25
C PRO A 6 10.72 5.07 15.03
N LYS A 7 11.50 6.11 15.00
CA LYS A 7 11.12 7.35 15.74
C LYS A 7 11.77 8.56 15.09
N ALA A 8 11.50 8.78 13.82
CA ALA A 8 12.11 9.95 13.13
C ALA A 8 11.42 10.15 11.77
N GLU A 9 11.87 11.11 11.01
CA GLU A 9 11.24 11.36 9.68
C GLU A 9 9.74 11.63 9.87
N CYS A 10 9.31 11.78 11.09
CA CYS A 10 7.86 12.03 11.33
C CYS A 10 7.65 12.49 12.77
N ARG A 11 7.49 13.78 12.98
CA ARG A 11 7.27 14.28 14.37
C ARG A 11 5.78 14.25 14.69
N SER A 12 5.16 13.11 14.58
CA SER A 12 3.71 13.02 14.88
C SER A 12 2.93 14.01 14.02
N ALA A 13 3.61 14.68 13.12
CA ALA A 13 2.92 15.66 12.24
C ALA A 13 2.03 16.58 13.10
N THR A 14 1.11 17.26 12.49
CA THR A 14 0.21 18.17 13.28
C THR A 14 -1.03 18.50 12.45
N ARG A 15 -1.01 18.20 11.18
CA ARG A 15 -2.19 18.50 10.32
C ARG A 15 -2.06 17.76 8.99
N VAL A 16 -3.03 16.97 8.65
CA VAL A 16 -2.97 16.21 7.36
C VAL A 16 -4.40 15.95 6.86
N MET A 17 -4.92 16.82 6.02
CA MET A 17 -6.30 16.62 5.51
C MET A 17 -6.57 17.64 4.40
N GLY A 18 -6.60 17.20 3.18
CA GLY A 18 -6.85 18.14 2.04
C GLY A 18 -8.36 18.41 1.93
N GLY A 19 -8.78 19.00 0.86
CA GLY A 19 -10.23 19.30 0.68
C GLY A 19 -11.04 18.00 0.82
N PRO A 20 -12.26 18.01 0.37
CA PRO A 20 -13.15 16.82 0.43
C PRO A 20 -12.45 15.55 -0.07
N CYS A 21 -13.16 14.45 -0.09
CA CYS A 21 -12.55 13.17 -0.55
C CYS A 21 -13.35 12.62 -1.73
N THR A 22 -12.89 12.85 -2.94
CA THR A 22 -13.63 12.35 -4.13
C THR A 22 -12.62 11.90 -5.21
N PRO A 23 -12.32 10.63 -5.27
CA PRO A 23 -11.36 10.08 -6.27
C PRO A 23 -11.74 10.46 -7.71
N ARG A 24 -11.50 9.58 -8.65
CA ARG A 24 -11.84 9.88 -10.06
C ARG A 24 -11.78 8.61 -10.89
N LYS A 25 -11.78 8.72 -12.19
CA LYS A 25 -11.72 7.50 -13.05
C LYS A 25 -10.30 6.94 -13.04
N GLY A 26 -9.31 7.77 -13.19
CA GLY A 26 -7.90 7.28 -13.19
C GLY A 26 -7.67 6.37 -14.40
N PRO A 27 -6.47 5.90 -14.58
CA PRO A 27 -6.11 5.01 -15.73
C PRO A 27 -6.93 3.71 -15.72
N PRO A 28 -7.68 3.45 -16.76
CA PRO A 28 -8.50 2.20 -16.88
C PRO A 28 -7.65 0.93 -16.65
N LYS A 29 -8.30 -0.18 -16.44
CA LYS A 29 -7.59 -1.48 -16.21
C LYS A 29 -7.43 -1.72 -14.71
N CYS A 30 -7.35 -2.97 -14.30
CA CYS A 30 -7.20 -3.27 -12.86
C CYS A 30 -8.47 -2.86 -12.12
N LYS A 31 -9.46 -2.41 -12.83
CA LYS A 31 -10.74 -1.98 -12.18
C LYS A 31 -11.84 -2.97 -12.52
N GLN A 32 -11.53 -3.99 -13.27
CA GLN A 32 -12.56 -5.00 -13.64
C GLN A 32 -13.04 -5.72 -12.37
N ARG A 33 -12.60 -5.29 -11.23
CA ARG A 33 -13.03 -5.97 -9.97
C ARG A 33 -12.73 -7.47 -10.07
N GLN A 34 -11.63 -7.81 -10.68
CA GLN A 34 -11.28 -9.25 -10.82
C GLN A 34 -11.10 -9.87 -9.43
N THR A 35 -10.19 -10.79 -9.30
CA THR A 35 -9.97 -11.44 -7.97
C THR A 35 -8.77 -10.80 -7.28
N ARG A 36 -8.96 -10.26 -6.10
CA ARG A 36 -7.83 -9.61 -5.38
C ARG A 36 -7.24 -10.60 -4.37
N GLN A 37 -6.95 -11.80 -4.79
CA GLN A 37 -6.37 -12.80 -3.86
C GLN A 37 -4.91 -12.44 -3.57
N CYS A 38 -4.13 -12.23 -4.60
CA CYS A 38 -2.70 -11.88 -4.40
C CYS A 38 -2.08 -12.80 -3.35
N LYS A 39 -1.42 -12.25 -2.37
CA LYS A 39 -0.78 -13.09 -1.32
C LYS A 39 -1.86 -13.56 -0.33
N SER A 40 -2.32 -14.78 -0.46
CA SER A 40 -3.36 -15.31 0.47
C SER A 40 -2.70 -16.26 1.46
N LYS A 41 -2.13 -17.33 0.99
CA LYS A 41 -1.47 -18.30 1.91
C LYS A 41 -0.50 -17.54 2.82
N PRO A 42 -0.20 -18.07 3.99
CA PRO A 42 0.73 -17.43 4.94
C PRO A 42 1.91 -16.75 4.24
N PRO A 43 2.52 -15.78 4.87
CA PRO A 43 3.68 -15.04 4.29
C PRO A 43 4.95 -15.90 4.21
N LYS A 44 5.53 -16.02 3.05
CA LYS A 44 6.76 -16.84 2.89
C LYS A 44 7.80 -16.04 2.10
N LYS A 45 7.64 -15.96 0.81
CA LYS A 45 8.61 -15.20 -0.02
C LYS A 45 8.20 -13.73 -0.08
N GLY A 46 8.30 -13.03 1.02
CA GLY A 46 7.91 -11.59 1.03
C GLY A 46 8.34 -10.95 2.34
N VAL A 47 9.54 -11.22 2.78
CA VAL A 47 10.02 -10.62 4.06
C VAL A 47 10.15 -9.11 3.89
N GLN A 48 10.28 -8.64 2.68
CA GLN A 48 10.42 -7.18 2.45
C GLN A 48 9.74 -6.81 1.13
N GLY A 49 9.85 -7.66 0.14
CA GLY A 49 9.21 -7.35 -1.18
C GLY A 49 9.58 -8.45 -2.18
N CYS A 50 8.85 -9.54 -2.18
CA CYS A 50 9.16 -10.66 -3.13
C CYS A 50 10.67 -10.82 -3.26
N GLY A 51 11.41 -10.45 -2.24
CA GLY A 51 12.90 -10.58 -2.30
C GLY A 51 13.51 -9.21 -2.64
N ASP A 52 13.01 -8.17 -2.04
CA ASP A 52 13.56 -6.81 -2.32
C ASP A 52 14.65 -6.46 -1.30
N ASP A 53 15.03 -5.22 -1.23
CA ASP A 53 16.08 -4.81 -0.26
C ASP A 53 16.20 -3.28 -0.25
N ILE A 54 15.21 -2.60 -0.77
CA ILE A 54 15.27 -1.10 -0.80
C ILE A 54 13.84 -0.55 -0.71
N PRO A 55 13.28 -0.50 0.47
CA PRO A 55 11.90 0.02 0.70
C PRO A 55 11.87 1.55 0.74
N GLY A 56 12.05 2.19 -0.38
CA GLY A 56 12.03 3.68 -0.40
C GLY A 56 12.45 4.18 -1.79
N MET A 57 13.63 3.85 -2.22
CA MET A 57 14.10 4.30 -3.56
C MET A 57 13.27 3.61 -4.64
N GLU A 58 12.14 4.17 -4.98
CA GLU A 58 11.29 3.54 -6.03
C GLU A 58 11.80 3.93 -7.41
N GLY A 59 11.04 3.67 -8.45
CA GLY A 59 11.49 4.02 -9.82
C GLY A 59 10.29 4.06 -10.75
N CYS A 60 9.10 4.02 -10.21
CA CYS A 60 7.88 4.06 -11.07
C CYS A 60 7.74 5.45 -11.69
N GLY A 61 6.67 5.68 -12.40
CA GLY A 61 6.46 7.01 -13.04
C GLY A 61 5.93 8.00 -12.01
N THR A 62 6.50 7.99 -10.82
CA THR A 62 6.03 8.93 -9.77
C THR A 62 4.59 8.60 -9.40
N ASP A 63 4.15 7.41 -9.70
CA ASP A 63 2.73 7.03 -9.36
C ASP A 63 2.60 6.88 -7.85
N ILE A 64 3.46 7.52 -7.10
CA ILE A 64 3.37 7.40 -5.61
C ILE A 64 4.02 8.63 -4.97
N THR A 65 4.85 9.33 -5.70
CA THR A 65 5.51 10.53 -5.13
C THR A 65 4.56 11.73 -5.23
N VAL A 66 3.68 11.72 -6.19
CA VAL A 66 2.72 12.86 -6.36
C VAL A 66 1.33 12.30 -6.65
N ILE A 67 1.25 11.10 -7.14
CA ILE A 67 -0.08 10.50 -7.45
C ILE A 67 -0.11 9.05 -6.93
N CYS A 68 -0.55 8.86 -5.71
CA CYS A 68 -0.60 7.48 -5.15
C CYS A 68 -2.02 6.92 -5.29
N PRO A 69 -2.16 5.63 -5.31
CA PRO A 69 -3.48 4.95 -5.45
C PRO A 69 -4.62 5.68 -4.72
N TRP A 70 -4.34 6.38 -3.66
CA TRP A 70 -5.44 7.09 -2.94
C TRP A 70 -5.98 8.21 -3.83
N GLU A 71 -5.62 8.21 -5.08
CA GLU A 71 -6.10 9.27 -6.02
C GLU A 71 -6.50 8.62 -7.35
N ALA A 72 -5.98 7.47 -7.63
CA ALA A 72 -6.33 6.78 -8.91
C ALA A 72 -7.72 6.16 -8.79
N CYS A 73 -7.90 4.96 -9.27
CA CYS A 73 -9.25 4.32 -9.16
C CYS A 73 -9.42 3.73 -7.75
N ASN A 74 -8.36 3.65 -6.99
CA ASN A 74 -8.46 3.10 -5.62
C ASN A 74 -9.14 1.73 -5.65
N HIS A 75 -10.44 1.70 -5.67
CA HIS A 75 -11.17 0.39 -5.70
C HIS A 75 -10.53 -0.58 -4.70
N CYS A 76 -11.02 -0.62 -3.50
CA CYS A 76 -10.44 -1.54 -2.48
C CYS A 76 -11.44 -1.74 -1.34
N GLU A 77 -12.66 -1.32 -1.54
CA GLU A 77 -13.69 -1.48 -0.48
C GLU A 77 -14.06 -2.96 -0.35
N LEU A 78 -13.10 -3.83 -0.44
CA LEU A 78 -13.41 -5.29 -0.32
C LEU A 78 -12.22 -6.02 0.31
N HIS A 79 -12.46 -6.79 1.33
CA HIS A 79 -11.33 -7.53 1.99
C HIS A 79 -11.86 -8.82 2.61
N GLU A 80 -11.11 -9.89 2.52
CA GLU A 80 -11.57 -11.18 3.11
C GLU A 80 -10.37 -11.99 3.57
N LEU A 81 -9.35 -12.07 2.74
CA LEU A 81 -8.14 -12.85 3.13
C LEU A 81 -7.30 -12.03 4.11
N ALA A 82 -7.31 -10.73 3.98
CA ALA A 82 -6.51 -9.88 4.90
C ALA A 82 -6.98 -10.10 6.34
N GLN A 83 -6.35 -10.99 7.06
CA GLN A 83 -6.77 -11.24 8.46
C GLN A 83 -5.63 -11.94 9.22
N TYR A 84 -4.68 -12.48 8.52
CA TYR A 84 -3.54 -13.18 9.19
C TYR A 84 -2.25 -12.87 8.43
N GLY A 85 -2.25 -11.85 7.63
CA GLY A 85 -1.02 -11.51 6.86
C GLY A 85 -1.14 -10.10 6.27
N ILE A 86 -2.35 -9.63 6.07
CA ILE A 86 -2.55 -8.26 5.51
C ILE A 86 -1.59 -8.06 4.33
N CYS A 87 -0.56 -7.27 4.51
CA CYS A 87 0.40 -7.03 3.39
C CYS A 87 1.37 -8.20 3.29
C1C RCY B . 5.84 4.28 7.62
O1G RCY B . 5.13 6.63 8.68
O1H RCY B . 8.97 6.80 11.42
O1J RCY B . 6.64 1.40 7.99
C1L RCY B . 6.07 8.36 10.15
C1M RCY B . 8.05 3.88 10.55
C1P RCY B . 5.99 6.97 9.49
C1Q RCY B . 7.83 6.93 11.00
N1R RCY B . 7.14 6.06 9.94
C1S RCY B . 6.83 7.99 11.43
C1U RCY B . 7.51 4.66 9.47
C1V RCY B . 5.16 3.90 10.03
N1V RCY B . 6.90 2.46 8.96
C1W RCY B . 7.86 2.41 10.15
C1X RCY B . 6.30 3.86 9.01
C1Y RCY B . 7.24 1.61 11.30
C1Z RCY B . 9.18 1.78 9.71
H1S RCY B . 6.74 7.39 12.33
H1U RCY B . 8.24 4.72 8.68
C1C RCY C . -8.27 6.67 3.92
O1G RCY C . -11.22 7.37 4.03
O1H RCY C . -8.79 11.00 2.24
O1J RCY C . -6.10 7.97 2.29
C1L RCY C . -11.55 8.81 2.08
C1M RCY C . -7.77 10.20 4.94
C1P RCY C . -10.84 8.33 3.36
C1Q RCY C . -9.71 10.27 2.61
N1R RCY C . -9.63 9.19 3.68
C1S RCY C . -11.13 10.29 2.09
C1U RCY C . -8.59 9.02 4.80
C1V RCY C . -6.76 7.56 5.75
N1V RCY C . -6.72 8.58 3.46
C1W RCY C . -6.63 10.04 3.92
C1X RCY C . -7.59 7.91 4.51
C1Y RCY C . -5.28 10.32 4.58
C1Z RCY C . -6.84 10.96 2.71
H1S RCY C . -11.22 11.19 2.66
H1U RCY C . -9.10 8.82 5.73
C1C RCY D . -6.83 0.36 -12.54
O1G RCY D . -2.38 -1.90 -12.08
O1H RCY D . -3.45 -0.51 -10.60
O1J RCY D . -6.31 -0.02 -9.60
C1L RCY D . -4.16 -0.21 -11.63
C1M RCY D . -3.54 1.76 -11.57
C1P RCY D . -3.51 -1.49 -12.19
C1Q RCY D . -3.52 -1.12 -11.67
N1R RCY D . -4.04 -0.25 -12.87
C1S RCY D . -3.92 -0.81 -13.05
C1U RCY D . -4.43 1.19 -12.54
C1V RCY D . -6.31 2.73 -11.82
N1V RCY D . -5.48 0.80 -10.48
C1W RCY D . -4.09 1.35 -10.19
C1X RCY D . -5.81 1.29 -11.88
C1Y RCY D . -4.17 2.57 -9.26
C1Z RCY D . -3.22 0.26 -9.57
H1S RCY D . -2.98 -1.13 -13.47
H1U RCY D . -4.42 1.78 -13.44
C1C RCY E . -0.80 -2.89 -5.49
O1G RCY E . 0.20 -4.83 -3.88
O1H RCY E . -1.58 -8.28 -6.57
O1J RCY E . -2.42 -1.72 -7.75
C1L RCY E . 0.00 -7.26 -3.59
C1M RCY E . -2.28 -5.55 -7.60
C1P RCY E . -0.19 -5.92 -4.31
C1Q RCY E . -1.29 -7.58 -5.60
N1R RCY E . -0.94 -6.10 -5.63
C1S RCY E . -1.18 -8.04 -4.15
C1U RCY E . -1.28 -5.06 -6.71
C1V RCY E . -3.02 -4.07 -5.16
N1V RCY E . -2.41 -3.13 -7.40
C1W RCY E . -2.92 -4.30 -8.24
C1X RCY E . -1.87 -3.77 -6.13
C1Y RCY E . -4.44 -4.37 -8.17
C1Z RCY E . -2.45 -4.12 -9.69
H1S RCY E . -2.26 -8.05 -4.19
H1U RCY E . -0.38 -4.83 -7.27
C1C RCY F . 3.38 -7.53 -7.95
O1G RCY F . 5.68 -9.06 -8.64
O1H RCY F . 7.89 -7.04 -4.99
O1J RCY F . 2.45 -4.70 -8.40
C1L RCY F . 7.63 -9.69 -7.30
C1M RCY F . 6.02 -5.08 -7.08
C1P RCY F . 6.47 -8.78 -7.74
C1Q RCY F . 7.67 -7.63 -6.04
N1R RCY F . 6.42 -7.50 -6.91
C1S RCY F . 8.57 -8.64 -6.71
C1U RCY F . 5.39 -6.37 -6.94
C1V RCY F . 5.22 -6.63 -9.46
N1V RCY F . 3.82 -5.06 -8.09
C1W RCY F . 4.95 -4.15 -7.64
C1X RCY F . 4.45 -6.45 -8.14
C1Y RCY F . 5.51 -3.36 -8.84
C1Z RCY F . 4.43 -3.18 -6.57
H1S RCY F . 9.16 -7.77 -6.99
H1U RCY F . 4.81 -6.38 -6.03
C1C RCY G . -1.02 4.30 -8.07
O1G RCY G . 0.50 5.01 -10.13
O1H RCY G . 3.99 2.06 -8.91
O1J RCY G . -1.47 3.60 -5.16
C1L RCY G . 2.66 4.46 -11.14
C1M RCY G . 1.96 2.67 -6.61
C1P RCY G . 1.56 4.39 -10.07
C1Q RCY G . 3.37 3.04 -9.31
N1R RCY G . 1.94 3.44 -8.94
C1S RCY G . 3.88 4.09 -10.28
C1U RCY G . 1.11 3.00 -7.72
C1V RCY G . 0.98 5.42 -6.99
N1V RCY G . -0.18 3.51 -5.85
C1W RCY G . 1.08 2.79 -5.36
C1X RCY G . 0.21 4.11 -7.19
C1Y RCY G . 1.78 3.62 -4.29
C1Z RCY G . 0.69 1.42 -4.81
H1S RCY G . 4.46 4.44 -9.44
H1U RCY G . 0.52 2.13 -7.99
C1C RCY H . -0.98 2.60 1.41
O1G RCY H . 2.14 3.04 -2.98
O1H RCY H . -0.86 5.27 -0.10
O1J RCY H . 0.90 1.52 3.52
C1L RCY H . 0.63 4.94 -3.27
C1M RCY H . 2.55 2.85 0.33
C1P RCY H . 1.28 3.78 -2.50
C1Q RCY H . -0.36 4.73 -1.08
N1R RCY H . 0.72 3.67 -1.09
C1S RCY H . -0.70 5.03 -2.53
C1U RCY H . 1.15 2.73 0.05
C1V RCY H . 0.60 4.56 1.71
N1V RCY H . 1.33 2.24 2.33
C1W RCY H . 2.74 2.34 1.76
C1X RCY H . 0.48 3.08 1.37
C1Y RCY H . 3.59 3.33 2.57
C1Z RCY H . 3.38 0.95 1.77
H1S RCY H . -1.61 4.47 -2.32
H1U RCY H . 0.92 1.72 -0.22
C1C RCY I . -6.67 -1.99 -6.78
O1G RCY I . -6.93 2.36 -5.78
O1H RCY I . -6.04 0.45 -10.01
O1J RCY I . -4.64 -2.95 -4.77
C1L RCY I . -7.70 2.88 -8.05
C1M RCY I . -4.15 0.62 -6.07
C1P RCY I . -6.88 2.13 -6.99
C1Q RCY I . -6.24 1.25 -9.11
N1R RCY I . -6.01 1.04 -7.61
C1S RCY I . -6.80 2.66 -9.27
C1U RCY I . -5.11 0.01 -6.93
C1V RCY I . -6.79 -0.15 -5.05
N1V RCY I . -4.74 -1.56 -5.24
C1W RCY I . -3.72 -0.45 -5.06
C1X RCY I . -5.89 -0.93 -6.00
C1Y RCY I . -3.78 0.11 -3.63
C1Z RCY I . -2.32 -0.98 -5.38
H1S RCY I . -5.81 2.89 -9.64
H1U RCY I . -4.60 -0.58 -7.68
C1C RCY J . -5.61 -2.22 -0.15
O1G RCY J . -8.00 0.87 3.38
O1H RCY J . -7.14 -1.03 -0.86
O1J RCY J . -3.68 0.04 -0.69
C1L RCY J . -9.09 1.06 1.21
C1M RCY J . -4.99 -0.22 2.91
C1P RCY J . -8.02 0.58 2.18
C1Q RCY J . -7.43 -0.24 0.04
N1R RCY J . -6.99 -0.31 1.50
C1S RCY J . -8.30 0.99 -0.10
C1U RCY J . -5.82 -1.08 2.11
C1V RCY J . -3.86 -2.63 1.64
N1V RCY J . -4.14 -0.35 0.65
C1W RCY J . -4.00 0.45 1.94
C1X RCY J . -4.86 -1.64 1.05
C1Y RCY J . -2.57 0.34 2.49
C1Z RCY J . -4.37 1.90 1.68
H1S RCY J . -7.44 1.41 -0.59
H1U RCY J . -6.19 -1.89 2.71
C1C RCY K . -2.22 -8.94 0.65
O1G RCY K . -4.94 -4.87 2.85
O1H RCY K . -0.76 -7.00 2.30
O1J RCY K . -4.60 -10.59 -0.15
C1L RCY K . -2.62 -4.10 3.04
C1M RCY K . -5.32 -7.63 2.16
C1P RCY K . -3.74 -5.14 2.81
C1Q RCY K . -1.67 -6.29 2.73
N1R RCY K . -3.17 -6.52 2.54
C1S RCY K . -1.51 -5.03 3.53
C1U RCY K . -3.90 -7.81 2.17
C1V RCY K . -3.76 -7.15 -0.27
N1V RCY K . -4.69 -9.32 0.56
C1W RCY K . -5.90 -8.74 1.28
C1X RCY K . -3.59 -8.28 0.74
C1Y RCY K . -6.90 -8.16 0.27
C1Z RCY K . -6.56 -9.83 2.12
H1S RCY K . -1.26 -5.70 4.35
H1U RCY K . -3.63 -8.59 2.87
N MET A 1 28.07 6.35 -0.17
CA MET A 1 28.19 6.35 1.32
C MET A 1 26.82 6.04 1.94
N ASN A 2 25.94 5.44 1.19
CA ASN A 2 24.59 5.12 1.74
C ASN A 2 23.90 6.41 2.20
N LEU A 3 22.61 6.41 2.26
CA LEU A 3 21.88 7.62 2.71
C LEU A 3 20.49 7.24 3.23
N GLU A 4 20.43 6.62 4.37
CA GLU A 4 19.11 6.20 4.93
C GLU A 4 18.16 7.41 4.91
N PRO A 5 16.88 7.17 4.81
CA PRO A 5 15.87 8.27 4.78
C PRO A 5 15.88 9.10 6.07
N PRO A 6 15.29 10.27 6.03
CA PRO A 6 15.25 11.18 7.21
C PRO A 6 14.29 10.68 8.29
N LYS A 7 14.76 10.63 9.53
CA LYS A 7 13.91 10.15 10.67
C LYS A 7 12.73 9.33 10.15
N ALA A 8 11.53 9.75 10.42
CA ALA A 8 10.34 9.00 9.96
C ALA A 8 9.12 9.92 9.92
N GLU A 9 8.25 9.79 10.89
CA GLU A 9 7.05 10.67 10.93
C GLU A 9 6.31 10.48 12.26
N CYS A 10 6.75 9.56 13.07
CA CYS A 10 6.08 9.32 14.37
C CYS A 10 5.91 10.65 15.10
N ARG A 11 6.69 11.64 14.74
CA ARG A 11 6.57 12.96 15.41
C ARG A 11 5.11 13.40 15.43
N SER A 12 4.31 12.85 14.56
CA SER A 12 2.86 13.24 14.53
C SER A 12 2.22 12.94 15.88
N ALA A 13 0.91 12.96 15.96
CA ALA A 13 0.24 12.68 17.25
C ALA A 13 -1.22 12.30 16.99
N THR A 14 -1.44 11.27 16.22
CA THR A 14 -2.83 10.83 15.93
C THR A 14 -2.86 9.32 15.68
N ARG A 15 -2.83 8.55 16.72
CA ARG A 15 -2.85 7.06 16.54
C ARG A 15 -4.29 6.61 16.28
N VAL A 16 -5.26 7.41 16.66
CA VAL A 16 -6.68 7.02 16.43
C VAL A 16 -7.52 8.29 16.25
N MET A 17 -8.57 8.20 15.47
CA MET A 17 -9.44 9.39 15.26
C MET A 17 -8.62 10.50 14.58
N GLY A 18 -9.11 11.05 13.50
CA GLY A 18 -8.36 12.13 12.80
C GLY A 18 -9.34 13.04 12.08
N GLY A 19 -9.53 14.24 12.56
CA GLY A 19 -10.48 15.17 11.90
C GLY A 19 -9.83 15.76 10.64
N PRO A 20 -8.66 16.33 10.78
CA PRO A 20 -7.92 16.94 9.64
C PRO A 20 -7.69 15.95 8.49
N CYS A 21 -8.75 15.54 7.84
CA CYS A 21 -8.61 14.58 6.70
C CYS A 21 -9.55 15.00 5.57
N THR A 22 -9.03 15.61 4.55
CA THR A 22 -9.90 16.05 3.41
C THR A 22 -9.97 14.93 2.37
N PRO A 23 -11.08 14.80 1.68
CA PRO A 23 -11.26 13.75 0.63
C PRO A 23 -10.51 14.10 -0.66
N ARG A 24 -9.34 14.67 -0.56
CA ARG A 24 -8.57 15.02 -1.78
C ARG A 24 -7.07 14.82 -1.52
N LYS A 25 -6.58 13.63 -1.70
CA LYS A 25 -5.14 13.36 -1.46
C LYS A 25 -4.35 13.66 -2.75
N GLY A 26 -3.99 14.89 -2.97
CA GLY A 26 -3.24 15.24 -4.20
C GLY A 26 -4.22 15.39 -5.37
N PRO A 27 -3.72 15.71 -6.54
CA PRO A 27 -4.56 15.88 -7.75
C PRO A 27 -5.14 14.55 -8.26
N PRO A 28 -6.16 14.61 -9.06
CA PRO A 28 -6.82 13.40 -9.62
C PRO A 28 -5.81 12.31 -10.00
N LYS A 29 -6.19 11.06 -9.86
CA LYS A 29 -5.24 9.96 -10.22
C LYS A 29 -5.99 8.63 -10.17
N CYS A 30 -7.30 8.67 -10.18
CA CYS A 30 -8.08 7.40 -10.14
C CYS A 30 -8.13 6.79 -11.55
N LYS A 31 -7.41 7.35 -12.47
CA LYS A 31 -7.42 6.80 -13.85
C LYS A 31 -6.58 5.52 -13.88
N GLN A 32 -7.19 4.42 -14.24
CA GLN A 32 -6.43 3.13 -14.29
C GLN A 32 -7.18 2.13 -15.17
N ARG A 33 -6.47 1.22 -15.77
CA ARG A 33 -7.13 0.20 -16.64
C ARG A 33 -7.69 -0.93 -15.78
N GLN A 34 -8.04 -0.63 -14.55
CA GLN A 34 -8.58 -1.69 -13.65
C GLN A 34 -9.95 -2.15 -14.15
N THR A 35 -10.14 -2.20 -15.44
CA THR A 35 -11.45 -2.65 -16.00
C THR A 35 -11.42 -4.16 -16.19
N ARG A 36 -10.26 -4.75 -16.26
CA ARG A 36 -10.17 -6.21 -16.45
C ARG A 36 -10.14 -6.91 -15.08
N GLN A 37 -10.06 -6.15 -14.02
CA GLN A 37 -10.03 -6.78 -12.67
C GLN A 37 -8.90 -7.81 -12.61
N CYS A 38 -7.99 -7.75 -13.54
CA CYS A 38 -6.86 -8.72 -13.54
C CYS A 38 -7.41 -10.15 -13.69
N LYS A 39 -7.26 -10.74 -14.84
CA LYS A 39 -7.78 -12.12 -15.06
C LYS A 39 -6.62 -13.12 -14.97
N SER A 40 -5.69 -12.89 -14.08
CA SER A 40 -4.54 -13.82 -13.94
C SER A 40 -4.17 -13.98 -12.47
N LYS A 41 -2.92 -13.84 -12.14
CA LYS A 41 -2.49 -13.99 -10.72
C LYS A 41 -1.45 -12.91 -10.39
N PRO A 42 -1.37 -12.50 -9.15
CA PRO A 42 -0.40 -11.46 -8.70
C PRO A 42 1.05 -11.94 -8.82
N PRO A 43 1.99 -11.03 -8.80
CA PRO A 43 3.44 -11.37 -8.91
C PRO A 43 3.97 -12.06 -7.65
N LYS A 44 4.53 -13.23 -7.80
CA LYS A 44 5.07 -13.95 -6.61
C LYS A 44 6.60 -13.81 -6.58
N LYS A 45 7.17 -13.29 -7.62
CA LYS A 45 8.65 -13.12 -7.66
C LYS A 45 9.10 -12.32 -6.43
N GLY A 46 8.28 -11.41 -5.98
CA GLY A 46 8.66 -10.59 -4.79
C GLY A 46 10.05 -9.98 -5.01
N VAL A 47 10.21 -9.23 -6.07
CA VAL A 47 11.53 -8.60 -6.35
C VAL A 47 11.77 -7.47 -5.35
N GLN A 48 10.77 -7.10 -4.60
CA GLN A 48 10.95 -6.01 -3.60
C GLN A 48 11.41 -4.73 -4.32
N GLY A 49 10.56 -3.74 -4.40
CA GLY A 49 10.95 -2.48 -5.09
C GLY A 49 10.49 -2.53 -6.55
N CYS A 50 9.21 -2.72 -6.76
CA CYS A 50 8.71 -2.78 -8.17
C CYS A 50 9.05 -1.48 -8.89
N GLY A 51 8.47 -0.38 -8.47
CA GLY A 51 8.76 0.92 -9.14
C GLY A 51 8.46 0.80 -10.64
N ASP A 52 7.32 0.25 -10.98
CA ASP A 52 6.97 0.12 -12.42
C ASP A 52 6.47 1.46 -12.95
N ASP A 53 5.43 1.99 -12.37
CA ASP A 53 4.89 3.30 -12.84
C ASP A 53 4.22 4.02 -11.67
N ILE A 54 4.99 4.53 -10.75
CA ILE A 54 4.40 5.24 -9.58
C ILE A 54 3.31 6.21 -10.07
N PRO A 55 2.06 5.88 -9.84
CA PRO A 55 0.91 6.72 -10.27
C PRO A 55 0.53 7.77 -9.21
N GLY A 56 1.48 8.29 -8.49
CA GLY A 56 1.15 9.31 -7.45
C GLY A 56 2.38 10.17 -7.16
N MET A 57 3.53 9.56 -7.07
CA MET A 57 4.78 10.35 -6.78
C MET A 57 4.59 11.15 -5.50
N GLU A 58 3.65 10.77 -4.68
CA GLU A 58 3.42 11.50 -3.41
C GLU A 58 4.42 11.04 -2.35
N GLY A 59 4.96 9.86 -2.51
CA GLY A 59 5.95 9.35 -1.52
C GLY A 59 6.05 7.83 -1.61
N CYS A 60 5.12 7.20 -2.29
CA CYS A 60 5.17 5.71 -2.41
C CYS A 60 6.59 5.28 -2.81
N GLY A 61 7.18 4.41 -2.05
CA GLY A 61 8.56 3.95 -2.38
C GLY A 61 9.26 3.46 -1.12
N THR A 62 8.68 3.73 0.02
CA THR A 62 9.32 3.28 1.31
C THR A 62 8.23 3.07 2.36
N ASP A 63 7.24 3.93 2.39
CA ASP A 63 6.16 3.78 3.39
C ASP A 63 5.63 2.35 3.36
N ILE A 64 6.02 1.59 2.38
CA ILE A 64 5.53 0.17 2.30
C ILE A 64 6.41 -0.73 3.17
N THR A 65 7.64 -0.90 2.78
CA THR A 65 8.56 -1.78 3.56
C THR A 65 8.22 -3.24 3.30
N VAL A 66 8.33 -3.67 2.07
CA VAL A 66 8.00 -5.08 1.73
C VAL A 66 6.53 -5.35 2.03
N ILE A 67 6.16 -5.34 3.27
CA ILE A 67 4.74 -5.59 3.64
C ILE A 67 4.32 -4.55 4.69
N CYS A 68 3.56 -3.57 4.30
CA CYS A 68 3.13 -2.53 5.27
C CYS A 68 2.21 -3.16 6.33
N PRO A 69 2.29 -2.69 7.55
CA PRO A 69 1.48 -3.21 8.67
C PRO A 69 0.05 -3.60 8.24
N TRP A 70 -0.60 -2.76 7.48
CA TRP A 70 -1.98 -3.09 7.04
C TRP A 70 -1.94 -4.29 6.08
N GLU A 71 -0.84 -5.00 6.03
CA GLU A 71 -0.75 -6.18 5.12
C GLU A 71 0.11 -7.25 5.79
N ALA A 72 0.44 -7.09 7.04
CA ALA A 72 1.27 -8.10 7.74
C ALA A 72 0.47 -9.38 7.93
N CYS A 73 -0.35 -9.75 6.98
CA CYS A 73 -1.15 -10.99 7.11
C CYS A 73 -0.21 -12.19 7.13
N ASN A 74 0.69 -12.27 6.18
CA ASN A 74 1.65 -13.41 6.12
C ASN A 74 2.26 -13.48 4.72
N HIS A 75 3.11 -12.56 4.39
CA HIS A 75 3.74 -12.56 3.04
C HIS A 75 2.66 -12.80 1.97
N CYS A 76 1.51 -12.21 2.14
CA CYS A 76 0.40 -12.39 1.16
C CYS A 76 0.42 -13.83 0.62
N GLU A 77 -0.13 -14.75 1.34
CA GLU A 77 -0.14 -16.16 0.87
C GLU A 77 -1.13 -16.30 -0.30
N LEU A 78 -2.40 -16.24 -0.03
CA LEU A 78 -3.42 -16.37 -1.11
C LEU A 78 -4.51 -15.31 -0.92
N HIS A 79 -5.35 -15.12 -1.90
CA HIS A 79 -6.43 -14.10 -1.77
C HIS A 79 -7.70 -14.78 -1.28
N GLU A 80 -7.62 -15.52 -0.19
CA GLU A 80 -8.83 -16.21 0.34
C GLU A 80 -8.94 -15.95 1.84
N LEU A 81 -7.87 -16.10 2.57
CA LEU A 81 -7.92 -15.85 4.04
C LEU A 81 -8.37 -14.41 4.30
N ALA A 82 -8.58 -13.65 3.26
CA ALA A 82 -9.01 -12.23 3.45
C ALA A 82 -10.18 -12.18 4.44
N GLN A 83 -11.01 -13.18 4.42
CA GLN A 83 -12.17 -13.19 5.36
C GLN A 83 -11.67 -12.92 6.78
N TYR A 84 -10.45 -13.26 7.06
CA TYR A 84 -9.89 -13.02 8.41
C TYR A 84 -9.51 -11.54 8.53
N GLY A 85 -8.94 -10.98 7.50
CA GLY A 85 -8.54 -9.55 7.54
C GLY A 85 -9.79 -8.68 7.46
N ILE A 86 -10.82 -9.04 8.19
CA ILE A 86 -12.08 -8.25 8.15
C ILE A 86 -11.74 -6.75 8.18
N CYS A 87 -12.16 -6.01 7.19
CA CYS A 87 -11.85 -4.56 7.15
C CYS A 87 -12.43 -3.88 8.40
C1C RCY B . 8.40 1.20 13.56
O1G RCY B . 10.44 4.38 17.30
O1H RCY B . 7.65 4.12 13.49
O1J RCY B . 10.38 -1.04 13.87
C1L RCY B . 8.55 5.72 16.51
C1M RCY B . 11.32 2.27 15.58
C1P RCY B . 9.59 4.61 16.43
C1Q RCY B . 8.36 4.55 14.41
N1R RCY B . 9.45 3.80 15.14
C1S RCY B . 8.28 5.94 15.03
C1U RCY B . 10.22 2.55 14.70
C1V RCY B . 8.65 1.13 16.08
N1V RCY B . 10.45 0.22 14.60
C1W RCY B . 11.63 0.78 15.39
C1X RCY B . 9.38 1.29 14.74
C1Y RCY B . 11.76 0.08 16.75
C1Z RCY B . 12.92 0.59 14.57
H1S RCY B . 8.77 6.26 14.11
H1U RCY B . 10.60 2.70 13.69
C1C RCY C . -2.85 9.39 6.66
O1G RCY C . -3.49 12.85 7.79
O1H RCY C . -6.03 10.76 4.40
O1J RCY C . -4.31 7.98 4.44
C1L RCY C . -5.89 12.56 7.44
C1M RCY C . -3.01 11.49 3.62
C1P RCY C . -4.41 12.44 7.08
C1Q RCY C . -5.64 11.56 5.26
N1R RCY C . -4.21 11.75 5.74
C1S RCY C . -6.51 12.54 6.04
C1U RCY C . -2.91 11.34 5.04
C1V RCY C . -1.14 9.54 4.78
N1V RCY C . -3.58 9.23 4.27
C1W RCY C . -3.64 10.20 3.09
C1X RCY C . -2.58 9.86 5.23
C1Y RCY C . -2.84 9.65 1.91
C1Z RCY C . -5.10 10.42 2.69
H1S RCY C . -6.52 13.10 5.11
H1U RCY C . -2.08 11.94 5.41
C1C RCY D . -4.50 4.60 -8.28
O1G RCY D . -8.26 1.83 -7.84
O1H RCY D . -7.74 5.55 -10.71
O1J RCY D . -2.32 3.63 -10.12
C1L RCY D . -9.72 3.68 -8.47
C1M RCY D . -5.89 2.53 -11.01
C1P RCY D . -8.42 2.89 -8.47
C1Q RCY D . -8.04 4.84 -9.75
N1R RCY D . -7.35 3.55 -9.32
C1S RCY D . -9.18 5.08 -8.79
C1U RCY D . -5.94 3.06 -9.68
C1V RCY D . -5.38 5.38 -10.53
N1V RCY D . -3.75 3.48 -10.40
C1W RCY D . -4.42 2.59 -11.44
C1X RCY D . -4.91 4.18 -9.69
C1Y RCY D . -4.30 3.22 -12.83
C1Z RCY D . -3.77 1.21 -11.41
H1S RCY D . -8.53 5.85 -8.38
H1U RCY D . -5.64 2.30 -8.97
C1C RCY E . -2.05 -6.74 -7.05
O1G RCY E . -1.90 -4.72 -9.74
O1H RCY E . -4.22 -8.79 -10.31
O1J RCY E . -3.63 -9.29 -6.75
C1L RCY E . -4.11 -5.28 -10.64
C1M RCY E . -1.22 -9.16 -9.72
C1P RCY E . -2.73 -5.57 -10.04
C1Q RCY E . -3.77 -7.66 -10.48
N1R RCY E . -2.51 -7.07 -9.86
C1S RCY E . -4.36 -6.59 -11.38
C1U RCY E . -1.33 -7.81 -9.22
C1V RCY E . -0.19 -8.47 -7.06
N1V RCY E . -2.53 -9.12 -7.69
C1W RCY E . -2.16 -10.01 -8.87
C1X RCY E . -1.50 -8.00 -7.72
C1Y RCY E . -1.44 -11.27 -8.38
C1Z RCY E . -3.43 -10.38 -9.63
H1S RCY E . -3.97 -7.20 -12.20
H1U RCY E . -0.41 -7.28 -9.42
C1C RCY F . 6.21 0.59 -1.82
O1G RCY F . 8.03 -0.52 -3.65
O1H RCY F . 4.49 -2.49 -6.07
O1J RCY F . 3.52 1.51 -0.83
C1L RCY F . 7.93 -2.31 -5.31
C1M RCY F . 3.50 -0.58 -4.05
C1P RCY F . 7.36 -1.24 -4.38
C1Q RCY F . 5.53 -2.33 -5.42
N1R RCY F . 5.83 -1.17 -4.48
C1S RCY F . 6.72 -3.25 -5.41
C1U RCY F . 4.86 -0.20 -3.81
C1V RCY F . 4.95 -1.61 -1.70
N1V RCY F . 3.70 0.56 -1.91
C1W RCY F . 2.67 0.08 -2.93
C1X RCY F . 4.98 -0.19 -2.29
C1Y RCY F . 1.72 -0.94 -2.29
C1Z RCY F . 1.89 1.28 -3.45
H1S RCY F . 6.10 -3.89 -4.81
H1U RCY F . 5.03 0.80 -4.18
C1C RCY G . -0.99 1.68 -7.77
O1G RCY G . 1.68 1.14 -7.40
O1H RCY G . 1.92 4.10 -3.72
O1J RCY G . -3.68 2.90 -7.19
C1L RCY G . 3.54 2.11 -6.15
C1M RCY G . -0.86 3.86 -4.78
C1P RCY G . 2.08 1.89 -6.51
C1Q RCY G . 2.14 3.53 -4.79
N1R RCY G . 1.14 2.73 -5.62
C1S RCY G . 3.47 3.51 -5.53
C1U RCY G . -0.38 2.76 -5.56
C1V RCY G . -0.39 4.15 -7.68
N1V RCY G . -2.44 3.29 -6.52
C1W RCY G . -2.30 4.11 -5.25
C1X RCY G . -1.02 2.96 -6.93
C1Y RCY G . -2.51 5.60 -5.54
C1Z RCY G . -3.30 3.61 -4.20
H1S RCY G . 3.22 4.53 -5.79
H1U RCY G . -0.73 1.83 -5.13
C1C RCY H . 0.64 -4.62 1.38
O1G RCY H . -2.65 -0.29 2.08
O1H RCY H . 0.93 -2.97 3.59
O1J RCY H . -0.48 -5.56 -1.26
C1L RCY H . -0.95 0.00 3.82
C1M RCY H . -2.31 -2.62 0.39
C1P RCY H . -1.69 -0.75 2.70
C1Q RCY H . -0.03 -2.22 3.56
N1R RCY H . -1.08 -2.13 2.46
C1S RCY H . -0.40 -1.19 4.61
C1U RCY H . -1.44 -3.17 1.38
C1V RCY H . 0.60 -2.45 0.07
N1V RCY H . -0.91 -4.33 -0.57
C1W RCY H . -2.15 -3.50 -0.86
C1X RCY H . -0.22 -3.64 0.59
C1Y RCY H . -1.94 -2.63 -2.10
C1Z RCY H . -3.36 -4.42 -1.05
H1S RCY H . -0.71 -2.05 5.18
H1U RCY H . -1.91 -4.02 1.85
C1C RCY I . 1.25 -6.36 7.29
O1G RCY I . -3.15 -6.25 4.67
O1H RCY I . 0.76 -8.84 5.18
O1J RCY I . 1.62 -3.38 7.53
C1L RCY I . -2.70 -8.65 4.55
C1M RCY I . -0.77 -4.54 4.77
C1P RCY I . -2.34 -7.18 4.70
C1Q RCY I . -0.31 -8.41 4.77
N1R RCY I . -0.83 -6.99 4.93
C1S RCY I . -1.37 -9.21 4.03
C1U RCY I . -0.05 -5.70 5.22
C1V RCY I . -1.16 -5.59 7.49
N1V RCY I . 0.61 -4.01 6.68
C1W RCY I . -0.21 -3.37 5.57
C1X RCY I . 0.15 -5.46 6.70
C1Y RCY I . -1.35 -2.53 6.16
C1Z RCY I . 0.72 -2.50 4.71
H1S RCY I . -0.69 -9.12 3.19
H1U RCY I . 0.91 -5.75 4.72
C1C RCY J . 2.98 -4.59 0.40
O1G RCY J . 2.69 -6.56 -2.17
O1H RCY J . 0.83 -9.40 1.10
O1J RCY J . 1.45 -3.15 2.55
C1L RCY J . 2.66 -8.99 -1.88
C1M RCY J . 0.09 -6.58 1.54
C1P RCY J . 2.36 -7.53 -1.50
C1Q RCY J . 1.59 -8.90 0.28
N1R RCY J . 1.62 -7.44 -0.17
C1S RCY J . 2.68 -9.63 -0.49
C1U RCY J . 1.04 -6.21 0.54
C1V RCY J . 2.93 -6.35 2.23
N1V RCY J . 1.21 -4.54 2.17
C1W RCY J . 0.01 -5.41 2.52
C1X RCY J . 2.10 -5.44 1.32
C1Y RCY J . 0.12 -5.91 3.96
C1Z RCY J . -1.27 -4.60 2.32
H1S RCY J . 3.21 -9.61 0.45
H1U RCY J . 0.59 -5.56 -0.18
C1C RCY K . -6.21 -4.16 2.33
O1G RCY K . -7.52 -2.24 2.43
O1H RCY K . -9.16 -3.72 6.60
O1J RCY K . -4.80 -1.53 2.73
C1L RCY K . -9.65 -1.93 3.60
C1M RCY K . -5.77 -3.41 5.92
C1P RCY K . -8.23 -2.49 3.40
C1Q RCY K . -9.08 -3.42 5.41
N1R RCY K . -7.81 -3.38 4.58
C1S RCY K . -10.23 -3.02 4.51
C1U RCY K . -6.47 -4.05 4.85
C1V RCY K . -4.29 -4.86 3.83
N1V RCY K . -5.08 -2.49 3.80
C1W RCY K . -5.01 -2.24 5.30
C1X RCY K . -5.50 -3.94 3.66
C1Y RCY K . -3.54 -2.24 5.77
C1Z RCY K . -5.67 -0.90 5.63
H1S RCY K . -10.48 -4.06 4.53
H1U RCY K . -6.63 -5.09 5.08
N MET A 1 6.48 24.01 9.07
CA MET A 1 6.74 23.14 7.90
C MET A 1 5.77 21.97 7.88
N ASN A 2 6.25 20.78 8.17
CA ASN A 2 5.35 19.60 8.18
C ASN A 2 4.49 19.61 9.46
N LEU A 3 3.71 20.63 9.66
CA LEU A 3 2.86 20.70 10.88
C LEU A 3 1.79 19.61 10.81
N GLU A 4 2.17 18.38 11.02
CA GLU A 4 1.17 17.27 10.96
C GLU A 4 1.01 16.66 12.37
N PRO A 5 -0.20 16.57 12.87
CA PRO A 5 -0.47 16.00 14.22
C PRO A 5 0.34 14.72 14.47
N PRO A 6 1.35 14.78 15.31
CA PRO A 6 2.21 13.61 15.62
C PRO A 6 1.56 12.68 16.67
N LYS A 7 1.87 11.41 16.62
CA LYS A 7 1.27 10.45 17.60
C LYS A 7 2.35 9.51 18.11
N ALA A 8 3.28 10.02 18.89
CA ALA A 8 4.36 9.14 19.42
C ALA A 8 5.00 8.35 18.28
N GLU A 9 4.78 8.78 17.06
CA GLU A 9 5.36 8.07 15.89
C GLU A 9 6.87 7.95 16.08
N CYS A 10 7.55 7.37 15.13
CA CYS A 10 9.03 7.22 15.24
C CYS A 10 9.62 6.97 13.86
N ARG A 11 10.89 7.24 13.68
CA ARG A 11 11.53 7.00 12.35
C ARG A 11 11.68 5.50 12.11
N SER A 12 10.88 4.94 11.25
CA SER A 12 10.98 3.48 10.97
C SER A 12 11.01 2.71 12.29
N ALA A 13 11.32 1.45 12.24
CA ALA A 13 11.38 0.65 13.49
C ALA A 13 12.72 0.86 14.19
N THR A 14 13.72 0.11 13.82
CA THR A 14 15.06 0.28 14.46
C THR A 14 16.16 -0.02 13.44
N ARG A 15 15.82 -0.04 12.18
CA ARG A 15 16.84 -0.33 11.13
C ARG A 15 16.37 0.27 9.80
N VAL A 16 17.20 1.05 9.17
CA VAL A 16 16.81 1.66 7.87
C VAL A 16 16.97 0.63 6.74
N MET A 17 16.08 0.64 5.80
CA MET A 17 16.17 -0.34 4.67
C MET A 17 17.06 0.24 3.57
N GLY A 18 16.48 0.53 2.43
CA GLY A 18 17.30 1.10 1.32
C GLY A 18 17.58 2.58 1.58
N GLY A 19 18.36 2.87 2.59
CA GLY A 19 18.67 4.29 2.91
C GLY A 19 17.42 4.97 3.50
N PRO A 20 17.55 6.22 3.85
CA PRO A 20 16.42 7.00 4.44
C PRO A 20 15.12 6.86 3.63
N CYS A 21 14.10 6.32 4.23
CA CYS A 21 12.82 6.14 3.50
C CYS A 21 12.06 7.49 3.49
N THR A 22 11.90 8.06 2.32
CA THR A 22 11.18 9.37 2.22
C THR A 22 9.85 9.17 1.48
N PRO A 23 8.76 9.05 2.21
CA PRO A 23 7.41 8.86 1.60
C PRO A 23 7.14 9.87 0.48
N ARG A 24 7.63 11.07 0.61
CA ARG A 24 7.41 12.10 -0.44
C ARG A 24 8.34 11.82 -1.62
N LYS A 25 7.99 10.90 -2.47
CA LYS A 25 8.85 10.59 -3.63
C LYS A 25 8.98 11.82 -4.53
N GLY A 26 7.95 12.14 -5.28
CA GLY A 26 8.02 13.32 -6.17
C GLY A 26 7.04 13.13 -7.34
N PRO A 27 7.20 13.92 -8.38
CA PRO A 27 6.32 13.85 -9.59
C PRO A 27 6.20 12.42 -10.12
N PRO A 28 5.20 12.16 -10.92
CA PRO A 28 4.97 10.81 -11.50
C PRO A 28 6.29 10.11 -11.88
N LYS A 29 6.47 8.89 -11.44
CA LYS A 29 7.72 8.16 -11.78
C LYS A 29 7.59 6.70 -11.35
N CYS A 30 6.54 6.03 -11.78
CA CYS A 30 6.36 4.60 -11.40
C CYS A 30 7.22 3.72 -12.29
N LYS A 31 7.80 2.68 -11.74
CA LYS A 31 8.66 1.77 -12.56
C LYS A 31 8.30 0.32 -12.25
N GLN A 32 7.18 -0.14 -12.74
CA GLN A 32 6.76 -1.55 -12.47
C GLN A 32 5.89 -2.05 -13.62
N ARG A 33 6.42 -2.89 -14.46
CA ARG A 33 5.62 -3.42 -15.61
C ARG A 33 4.86 -4.67 -15.17
N GLN A 34 3.67 -4.86 -15.67
CA GLN A 34 2.89 -6.06 -15.29
C GLN A 34 3.50 -7.30 -15.92
N THR A 35 2.93 -8.46 -15.69
CA THR A 35 3.49 -9.71 -16.28
C THR A 35 2.37 -10.53 -16.91
N ARG A 36 1.35 -10.83 -16.16
CA ARG A 36 0.21 -11.63 -16.71
C ARG A 36 -1.12 -10.99 -16.33
N GLN A 37 -1.22 -9.69 -16.49
CA GLN A 37 -2.49 -8.99 -16.14
C GLN A 37 -2.82 -9.25 -14.67
N CYS A 38 -4.09 -9.22 -14.33
CA CYS A 38 -4.48 -9.47 -12.91
C CYS A 38 -6.00 -9.53 -12.80
N LYS A 39 -6.60 -10.61 -13.24
CA LYS A 39 -8.08 -10.73 -13.16
C LYS A 39 -8.51 -12.14 -13.53
N SER A 40 -7.57 -12.97 -13.91
CA SER A 40 -7.93 -14.37 -14.29
C SER A 40 -8.35 -15.13 -13.03
N LYS A 41 -7.92 -14.69 -11.88
CA LYS A 41 -8.29 -15.38 -10.61
C LYS A 41 -8.65 -14.35 -9.54
N PRO A 42 -9.87 -13.86 -9.57
CA PRO A 42 -10.34 -12.84 -8.59
C PRO A 42 -10.87 -13.48 -7.30
N PRO A 43 -10.95 -12.71 -6.24
CA PRO A 43 -11.44 -13.19 -4.92
C PRO A 43 -12.65 -14.13 -5.07
N LYS A 44 -12.98 -14.85 -4.03
CA LYS A 44 -14.15 -15.77 -4.11
C LYS A 44 -15.41 -15.03 -3.65
N LYS A 45 -15.26 -14.07 -2.78
CA LYS A 45 -16.45 -13.31 -2.28
C LYS A 45 -16.53 -11.96 -3.00
N GLY A 46 -15.69 -11.04 -2.62
CA GLY A 46 -15.71 -9.70 -3.27
C GLY A 46 -15.53 -9.85 -4.78
N VAL A 47 -16.59 -10.08 -5.50
CA VAL A 47 -16.47 -10.23 -6.99
C VAL A 47 -15.86 -8.96 -7.58
N GLN A 48 -15.90 -8.81 -8.87
CA GLN A 48 -15.33 -7.60 -9.51
C GLN A 48 -16.41 -6.52 -9.62
N GLY A 49 -16.02 -5.28 -9.61
CA GLY A 49 -17.02 -4.18 -9.70
C GLY A 49 -16.53 -2.97 -8.92
N CYS A 50 -15.26 -2.67 -8.99
CA CYS A 50 -14.72 -1.51 -8.25
C CYS A 50 -13.36 -1.12 -8.84
N GLY A 51 -12.61 -0.30 -8.15
CA GLY A 51 -11.29 0.12 -8.67
C GLY A 51 -11.44 0.70 -10.08
N ASP A 52 -12.00 1.87 -10.18
CA ASP A 52 -12.19 2.50 -11.53
C ASP A 52 -12.22 4.02 -11.39
N ASP A 53 -12.63 4.52 -10.25
CA ASP A 53 -12.67 5.99 -10.06
C ASP A 53 -11.27 6.50 -9.70
N ILE A 54 -11.13 7.76 -9.42
CA ILE A 54 -9.79 8.30 -9.07
C ILE A 54 -9.46 7.92 -7.62
N PRO A 55 -8.27 7.42 -7.37
CA PRO A 55 -7.84 7.02 -6.00
C PRO A 55 -7.51 8.23 -5.11
N GLY A 56 -6.66 9.10 -5.58
CA GLY A 56 -6.30 10.30 -4.77
C GLY A 56 -5.64 11.33 -5.67
N MET A 57 -6.41 11.96 -6.53
CA MET A 57 -5.85 13.00 -7.45
C MET A 57 -4.51 12.52 -8.03
N GLU A 58 -4.22 11.26 -7.92
CA GLU A 58 -2.93 10.74 -8.47
C GLU A 58 -1.76 11.47 -7.81
N GLY A 59 -0.60 10.89 -7.83
CA GLY A 59 0.59 11.56 -7.21
C GLY A 59 0.80 11.02 -5.80
N CYS A 60 0.04 10.03 -5.41
CA CYS A 60 0.21 9.45 -4.04
C CYS A 60 0.24 10.58 -3.01
N GLY A 61 0.95 10.39 -1.93
CA GLY A 61 1.01 11.46 -0.89
C GLY A 61 -0.31 11.48 -0.12
N THR A 62 -1.40 11.46 -0.83
CA THR A 62 -2.73 11.48 -0.17
C THR A 62 -2.74 10.47 0.98
N ASP A 63 -3.16 10.89 2.13
CA ASP A 63 -3.17 9.99 3.32
C ASP A 63 -3.83 8.65 2.95
N ILE A 64 -4.93 8.67 2.24
CA ILE A 64 -5.59 7.39 1.85
C ILE A 64 -4.52 6.39 1.43
N THR A 65 -3.39 6.86 1.01
CA THR A 65 -2.31 5.93 0.59
C THR A 65 -1.79 5.16 1.82
N VAL A 66 -1.68 5.82 2.94
CA VAL A 66 -1.19 5.12 4.17
C VAL A 66 -2.36 4.44 4.88
N ILE A 67 -3.41 5.17 5.14
CA ILE A 67 -4.59 4.58 5.83
C ILE A 67 -5.87 4.99 5.08
N CYS A 68 -6.45 4.08 4.35
CA CYS A 68 -7.69 4.41 3.58
C CYS A 68 -8.90 3.82 4.31
N PRO A 69 -10.04 4.47 4.20
CA PRO A 69 -11.30 3.99 4.85
C PRO A 69 -11.47 2.47 4.79
N TRP A 70 -11.08 1.85 3.71
CA TRP A 70 -11.24 0.37 3.61
C TRP A 70 -10.13 -0.33 4.40
N GLU A 71 -9.06 0.36 4.69
CA GLU A 71 -7.96 -0.29 5.47
C GLU A 71 -8.40 -0.47 6.92
N ALA A 72 -9.56 0.02 7.27
CA ALA A 72 -10.04 -0.14 8.67
C ALA A 72 -10.34 -1.62 8.94
N CYS A 73 -10.06 -2.47 7.99
CA CYS A 73 -10.34 -3.92 8.19
C CYS A 73 -9.71 -4.38 9.51
N ASN A 74 -8.67 -3.73 9.94
CA ASN A 74 -8.01 -4.13 11.22
C ASN A 74 -7.36 -5.50 11.06
N HIS A 75 -7.95 -6.37 10.28
CA HIS A 75 -7.35 -7.72 10.09
C HIS A 75 -6.29 -7.66 9.00
N CYS A 76 -6.70 -7.60 7.76
CA CYS A 76 -5.71 -7.53 6.64
C CYS A 76 -4.93 -8.84 6.57
N GLU A 77 -4.75 -9.51 7.68
CA GLU A 77 -3.99 -10.78 7.66
C GLU A 77 -4.56 -11.71 6.59
N LEU A 78 -5.41 -12.62 6.96
CA LEU A 78 -5.99 -13.56 5.96
C LEU A 78 -4.87 -14.40 5.35
N HIS A 79 -5.02 -15.70 5.37
CA HIS A 79 -3.94 -16.59 4.81
C HIS A 79 -4.28 -16.95 3.36
N GLU A 80 -3.50 -16.49 2.42
CA GLU A 80 -3.75 -16.81 0.99
C GLU A 80 -2.41 -16.99 0.28
N LEU A 81 -1.88 -15.95 -0.29
CA LEU A 81 -0.57 -16.06 -1.00
C LEU A 81 0.55 -15.60 -0.05
N ALA A 82 0.24 -14.71 0.85
CA ALA A 82 1.28 -14.23 1.81
C ALA A 82 1.72 -15.38 2.71
N GLN A 83 2.02 -15.10 3.94
CA GLN A 83 2.46 -16.18 4.87
C GLN A 83 3.84 -16.70 4.44
N TYR A 84 4.11 -16.71 3.16
CA TYR A 84 5.42 -17.21 2.68
C TYR A 84 6.34 -16.01 2.37
N GLY A 85 6.00 -15.25 1.37
CA GLY A 85 6.87 -14.08 1.02
C GLY A 85 6.58 -12.91 1.98
N ILE A 86 6.28 -13.20 3.22
CA ILE A 86 5.99 -12.12 4.18
C ILE A 86 5.03 -11.11 3.55
N CYS A 87 5.55 -10.08 2.93
CA CYS A 87 4.67 -9.06 2.30
C CYS A 87 4.19 -9.58 0.94
C1C RCY B . 5.08 11.41 16.15
O1G RCY B . 6.65 10.34 15.54
O1H RCY B . 6.76 7.48 19.30
O1J RCY B . 3.25 9.27 15.09
C1L RCY B . 8.11 8.49 16.19
C1M RCY B . 4.08 9.06 18.83
C1P RCY B . 6.96 9.49 16.37
C1Q RCY B . 7.09 8.22 18.37
N1R RCY B . 6.24 9.29 17.71
C1S RCY B . 8.44 8.21 17.67
C1U RCY B . 5.00 10.00 18.25
C1V RCY B . 3.12 11.62 17.74
N1V RCY B . 3.52 9.48 16.51
C1W RCY B . 3.22 8.54 17.67
C1X RCY B . 4.18 10.69 17.16
C1Y RCY B . 1.74 8.59 18.03
C1Z RCY B . 3.63 7.12 17.28
H1S RCY B . 8.80 8.70 18.56
H1U RCY B . 5.29 10.72 19.00
C1C RCY C . 5.92 8.14 2.30
O1G RCY C . 8.60 8.69 2.88
O1H RCY C . 8.55 5.21 6.07
O1J RCY C . 3.19 8.58 3.49
C1L RCY C . 10.36 7.40 3.98
C1M RCY C . 5.86 7.22 5.88
C1P RCY C . 8.92 7.83 3.70
C1Q RCY C . 8.84 6.23 5.44
N1R RCY C . 7.92 7.06 4.57
C1S RCY C . 10.21 6.89 5.42
C1U RCY C . 6.40 7.10 4.55
C1V RCY C . 6.49 9.61 4.27
N1V RCY C . 4.39 8.26 4.26
C1W RCY C . 4.45 7.80 5.72
C1X RCY C . 5.84 8.31 3.81
C1Y RCY C . 4.24 8.99 6.67
C1Z RCY C . 3.39 6.73 5.95
H1S RCY C . 9.96 7.23 6.41
H1U RCY C . 6.01 6.19 4.10
C1C RCY D . -1.19 7.83 -12.20
O1G RCY D . 0.02 6.10 -14.98
O1H RCY D . 2.21 4.00 -11.36
O1J RCY D . -2.96 7.31 -9.83
C1L RCY D . 2.26 5.16 -14.69
C1M RCY D . -0.70 4.40 -10.88
C1P RCY D . 0.85 5.56 -14.25
C1Q RCY D . 1.98 4.70 -12.34
N1R RCY D . 0.61 5.22 -12.77
C1S RCY D . 2.99 5.21 -13.34
C1U RCY D . -0.67 5.36 -11.95
C1V RCY D . 0.52 7.05 -10.47
N1V RCY D . -1.90 6.41 -10.26
C1W RCY D . -1.67 4.97 -9.83
C1X RCY D . -0.77 6.71 -11.24
C1Y RCY D . -1.05 4.92 -8.43
C1Z RCY D . -3.01 4.22 -9.85
H1S RCY D . 3.27 5.90 -12.56
H1U RCY D . -1.53 5.22 -12.58
C1C RCY E . -1.59 -4.13 -6.53
O1G RCY E . -2.90 -4.17 -8.21
O1H RCY E . -4.16 -8.65 -7.44
O1J RCY E . -4.17 -2.81 -5.74
C1L RCY E . -3.90 -5.90 -9.63
C1M RCY E . -3.87 -6.53 -4.88
C1P RCY E . -3.29 -5.32 -8.34
C1Q RCY E . -3.72 -7.63 -7.96
N1R RCY E . -3.23 -6.38 -7.23
C1S RCY E . -3.56 -7.37 -9.45
C1U RCY E . -2.79 -6.23 -5.77
C1V RCY E . -1.70 -4.72 -4.06
N1V RCY E . -3.78 -4.16 -5.33
C1W RCY E . -4.67 -5.24 -4.72
C1X RCY E . -2.41 -4.79 -5.42
C1Y RCY E . -4.93 -4.95 -3.23
C1Z RCY E . -5.98 -5.31 -5.49
H1S RCY E . -2.71 -8.05 -9.36
H1U RCY E . -1.96 -6.89 -5.58
C1C RCY F . -7.82 -4.00 -8.93
O1G RCY F . -10.26 -2.79 -9.36
O1H RCY F . -11.91 -4.30 -5.21
O1J RCY F . -5.70 -5.48 -7.39
C1L RCY F . -12.51 -2.91 -8.40
C1M RCY F . -9.04 -4.98 -5.57
C1P RCY F . -10.99 -3.13 -8.43
C1Q RCY F . -11.78 -4.08 -6.41
N1R RCY F . -10.48 -3.80 -7.15
C1S RCY F . -12.90 -4.02 -7.43
C1U RCY F . -9.05 -4.11 -6.72
C1V RCY F . -9.06 -6.11 -8.28
N1V RCY F . -7.08 -5.36 -6.95
C1W RCY F . -7.66 -5.66 -5.58
C1X RCY F . -8.27 -4.90 -7.78
C1Y RCY F . -7.81 -7.17 -5.37
C1Z RCY F . -6.74 -5.06 -4.51
H1S RCY F . -12.90 -5.10 -7.33
H1U RCY F . -8.52 -3.20 -6.50
C1C RCY G . 2.58 1.58 -3.63
O1G RCY G . -1.38 3.63 -4.32
O1H RCY G . 2.66 4.94 -6.38
O1J RCY G . 3.33 -0.78 -5.35
C1L RCY G . -0.35 5.81 -4.76
C1M RCY G . 1.18 1.90 -7.04
C1P RCY G . -0.42 4.28 -4.75
C1Q RCY G . 1.71 4.88 -5.61
N1R RCY G . 0.83 3.65 -5.36
C1S RCY G . 1.17 6.00 -4.75
C1U RCY G . 1.15 2.18 -5.63
C1V RCY G . 3.62 2.75 -5.63
N1V RCY G . 2.69 0.43 -5.85
C1W RCY G . 2.02 0.63 -7.21
C1X RCY G . 2.54 1.77 -5.15
C1Y RCY G . 3.06 0.83 -8.30
C1Z RCY G . 1.13 -0.57 -7.51
H1S RCY G . 2.04 5.81 -4.14
H1U RCY G . 0.41 1.56 -5.15
C1C RCY H . -2.15 -0.78 1.58
O1G RCY H . -3.95 3.25 -1.52
O1H RCY H . -4.88 0.15 1.92
O1J RCY H . 0.40 -1.30 0.06
C1L RCY H . -5.63 3.17 0.26
C1M RCY H . -2.10 1.07 -1.63
C1P RCY H . -4.45 2.65 -0.57
C1Q RCY H . -4.99 0.96 1.01
N1R RCY H . -3.98 1.28 -0.08
C1S RCY H . -6.21 1.84 0.76
C1U RCY H . -2.79 0.43 -0.55
C1V RCY H . -1.34 1.59 1.17
N1V RCY H . -0.58 -0.29 -0.32
C1W RCY H . -0.69 0.47 -1.64
C1X RCY H . -1.73 0.25 0.53
C1Y RCY H . 0.37 1.57 -1.71
C1Z RCY H . -0.51 -0.52 -2.78
H1S RCY H . -6.67 0.94 0.41
H1U RCY H . -3.15 -0.54 -0.87
C1C RCY I . -6.02 -6.04 3.62
O1G RCY I . -6.96 -1.11 3.81
O1H RCY I . -7.79 -5.39 5.60
O1J RCY I . -5.86 -4.78 0.90
C1L RCY I . -8.98 -2.21 4.65
C1M RCY I . -4.56 -2.65 3.80
C1P RCY I . -7.50 -2.12 4.27
C1Q RCY I . -7.90 -4.34 4.96
N1R RCY I . -6.77 -3.42 4.53
C1S RCY I . -9.20 -3.72 4.49
C1U RCY I . -5.27 -3.76 4.38
C1V RCY I . -3.57 -5.41 3.52
N1V RCY I . -5.25 -4.22 2.09
C1W RCY I . -4.69 -2.81 2.28
C1X RCY I . -5.02 -4.91 3.42
C1Y RCY I . -3.32 -2.68 1.60
C1Z RCY I . -5.68 -1.80 1.71
H1S RCY I . -9.18 -4.51 3.74
H1U RCY I . -4.87 -3.98 5.35
C1C RCY J . 0.38 -3.13 4.84
O1G RCY J . -1.49 -7.55 2.84
O1H RCY J . -2.50 -4.41 6.21
O1J RCY J . 0.14 -0.99 2.74
C1L RCY J . -2.49 -7.75 5.06
C1M RCY J . -2.09 -4.06 2.26
C1P RCY J . -1.83 -7.01 3.88
C1Q RCY J . -2.14 -5.42 5.62
N1R RCY J . -1.66 -5.52 4.17
C1S RCY J . -2.09 -6.83 6.21
C1U RCY J . -1.14 -4.41 3.27
C1V RCY J . -2.13 -2.70 4.87
N1V RCY J . -0.76 -2.14 2.84
C1W RCY J . -1.75 -2.65 1.80
C1X RCY J . -0.91 -3.09 4.02
C1Y RCY J . -3.00 -1.77 1.78
C1Z RCY J . -1.07 -2.65 0.43
H1S RCY J . -1.22 -6.47 6.73
H1U RCY J . -0.23 -4.72 2.80
C1C RCY K . -0.83 -4.57 1.36
O1G RCY K . 1.27 -3.52 3.95
O1H RCY K . 4.20 -5.71 0.97
O1J RCY K . -1.33 -3.90 -1.54
C1L RCY K . 3.25 -4.92 4.27
C1M RCY K . 2.33 -3.83 -0.40
C1P RCY K . 2.16 -4.20 3.46
C1Q RCY K . 3.48 -5.46 1.94
N1R RCY K . 2.32 -4.46 1.96
C1S RCY K . 3.58 -6.07 3.32
C1U RCY K . 1.53 -3.88 0.79
C1V RCY K . 0.72 -6.21 0.21
N1V RCY K . 0.00 -4.12 -0.96
C1W RCY K . 1.35 -3.77 -1.58
C1X RCY K . 0.34 -4.73 0.39
C1Y RCY K . 1.73 -4.79 -2.65
C1Z RCY K . 1.28 -2.37 -2.18
H1S RCY K . 3.14 -6.94 2.84
H1U RCY K . 1.20 -2.88 1.04
N MET A 1 -4.52 15.07 21.84
CA MET A 1 -5.68 15.40 22.71
C MET A 1 -6.04 16.88 22.54
N ASN A 2 -5.09 17.71 22.24
CA ASN A 2 -5.38 19.16 22.07
C ASN A 2 -5.93 19.40 20.67
N LEU A 3 -5.16 19.13 19.66
CA LEU A 3 -5.66 19.35 18.26
C LEU A 3 -7.03 18.70 18.10
N GLU A 4 -7.72 19.00 17.03
CA GLU A 4 -9.07 18.40 16.82
C GLU A 4 -8.93 17.07 16.08
N PRO A 5 -9.81 16.12 16.35
CA PRO A 5 -9.77 14.79 15.70
C PRO A 5 -9.34 14.86 14.23
N PRO A 6 -8.09 14.55 13.95
CA PRO A 6 -7.55 14.58 12.56
C PRO A 6 -7.83 13.28 11.80
N LYS A 7 -8.16 13.37 10.54
CA LYS A 7 -8.45 12.14 9.75
C LYS A 7 -8.66 12.51 8.28
N ALA A 8 -8.84 13.78 8.00
CA ALA A 8 -9.04 14.20 6.58
C ALA A 8 -9.15 15.72 6.52
N GLU A 9 -8.55 16.33 5.54
CA GLU A 9 -8.61 17.82 5.42
C GLU A 9 -8.77 18.21 3.95
N CYS A 10 -9.89 17.89 3.36
CA CYS A 10 -10.10 18.24 1.93
C CYS A 10 -10.16 19.76 1.78
N ARG A 11 -9.01 20.39 1.75
CA ARG A 11 -8.99 21.87 1.61
C ARG A 11 -7.56 22.34 1.32
N SER A 12 -6.84 21.59 0.51
CA SER A 12 -5.44 22.00 0.18
C SER A 12 -4.95 21.18 -1.02
N ALA A 13 -5.85 20.63 -1.78
CA ALA A 13 -5.43 19.83 -2.96
C ALA A 13 -4.89 20.76 -4.04
N THR A 14 -4.25 20.21 -5.04
CA THR A 14 -3.69 21.07 -6.13
C THR A 14 -3.34 20.19 -7.34
N ARG A 15 -2.15 20.35 -7.87
CA ARG A 15 -1.75 19.53 -9.04
C ARG A 15 -1.43 18.10 -8.59
N VAL A 16 -1.88 17.74 -7.41
CA VAL A 16 -1.62 16.36 -6.91
C VAL A 16 -0.14 16.01 -7.12
N MET A 17 0.72 16.53 -6.29
CA MET A 17 2.17 16.22 -6.44
C MET A 17 2.94 16.78 -5.23
N GLY A 18 4.15 16.35 -5.04
CA GLY A 18 4.96 16.85 -3.89
C GLY A 18 6.19 15.95 -3.70
N GLY A 19 7.34 16.54 -3.54
CA GLY A 19 8.56 15.71 -3.36
C GLY A 19 8.98 15.12 -4.70
N PRO A 20 9.60 15.91 -5.54
CA PRO A 20 10.06 15.46 -6.89
C PRO A 20 10.79 14.12 -6.85
N CYS A 21 10.07 13.03 -6.77
CA CYS A 21 10.73 11.70 -6.74
C CYS A 21 11.14 11.29 -8.15
N THR A 22 12.01 10.32 -8.27
CA THR A 22 12.45 9.88 -9.63
C THR A 22 12.63 8.36 -9.65
N PRO A 23 11.64 7.63 -10.11
CA PRO A 23 11.71 6.14 -10.19
C PRO A 23 12.94 5.66 -10.96
N ARG A 24 12.99 4.39 -11.28
CA ARG A 24 14.16 3.85 -12.03
C ARG A 24 13.87 2.42 -12.46
N LYS A 25 14.39 1.45 -11.75
CA LYS A 25 14.12 0.03 -12.13
C LYS A 25 14.28 -0.86 -10.89
N GLY A 26 13.91 -2.11 -11.00
CA GLY A 26 14.03 -3.01 -9.82
C GLY A 26 13.92 -4.47 -10.28
N PRO A 27 13.94 -5.39 -9.35
CA PRO A 27 13.84 -6.85 -9.66
C PRO A 27 12.46 -7.23 -10.22
N PRO A 28 12.29 -8.46 -10.62
CA PRO A 28 11.00 -8.96 -11.18
C PRO A 28 9.81 -8.56 -10.30
N LYS A 29 8.61 -8.68 -10.81
CA LYS A 29 7.41 -8.32 -10.02
C LYS A 29 7.53 -8.93 -8.61
N CYS A 30 8.34 -9.93 -8.46
CA CYS A 30 8.50 -10.57 -7.11
C CYS A 30 9.64 -11.60 -7.16
N LYS A 31 10.64 -11.43 -6.33
CA LYS A 31 11.77 -12.40 -6.32
C LYS A 31 12.66 -12.13 -5.11
N GLN A 32 12.48 -11.02 -4.45
CA GLN A 32 13.33 -10.72 -3.26
C GLN A 32 12.79 -11.48 -2.04
N ARG A 33 11.71 -11.02 -1.48
CA ARG A 33 11.12 -11.70 -0.29
C ARG A 33 12.00 -11.48 0.94
N GLN A 34 11.64 -10.52 1.74
CA GLN A 34 12.41 -10.24 2.98
C GLN A 34 11.68 -9.16 3.79
N THR A 35 10.42 -8.95 3.48
CA THR A 35 9.64 -7.92 4.21
C THR A 35 9.90 -8.02 5.72
N ARG A 36 9.61 -6.96 6.41
CA ARG A 36 9.83 -6.95 7.89
C ARG A 36 8.59 -7.51 8.58
N GLN A 37 7.63 -7.98 7.82
CA GLN A 37 6.38 -8.53 8.41
C GLN A 37 5.41 -7.39 8.74
N CYS A 38 4.69 -6.92 7.77
CA CYS A 38 3.73 -5.80 8.02
C CYS A 38 2.32 -6.38 8.20
N LYS A 39 1.82 -6.37 9.41
CA LYS A 39 0.45 -6.91 9.67
C LYS A 39 0.37 -8.37 9.18
N SER A 40 -0.06 -9.26 10.04
CA SER A 40 -0.17 -10.69 9.63
C SER A 40 -1.21 -11.39 10.52
N LYS A 41 -1.68 -10.73 11.53
CA LYS A 41 -2.69 -11.35 12.43
C LYS A 41 -4.09 -11.17 11.82
N PRO A 42 -4.99 -12.09 12.06
CA PRO A 42 -6.38 -12.01 11.52
C PRO A 42 -6.91 -10.57 11.53
N PRO A 43 -7.88 -10.29 10.69
CA PRO A 43 -8.49 -8.93 10.60
C PRO A 43 -9.29 -8.58 11.85
N LYS A 44 -8.96 -7.49 12.50
CA LYS A 44 -9.70 -7.09 13.72
C LYS A 44 -10.77 -6.05 13.35
N LYS A 45 -10.36 -4.89 12.95
CA LYS A 45 -11.35 -3.84 12.55
C LYS A 45 -11.68 -3.97 11.07
N GLY A 46 -10.75 -4.43 10.29
CA GLY A 46 -11.00 -4.58 8.83
C GLY A 46 -12.02 -5.69 8.59
N VAL A 47 -13.22 -5.53 9.09
CA VAL A 47 -14.25 -6.57 8.89
C VAL A 47 -14.88 -6.41 7.51
N GLN A 48 -14.18 -5.76 6.61
CA GLN A 48 -14.74 -5.56 5.25
C GLN A 48 -13.63 -5.06 4.31
N GLY A 49 -13.53 -5.64 3.14
CA GLY A 49 -12.47 -5.21 2.18
C GLY A 49 -11.13 -5.83 2.58
N CYS A 50 -11.16 -7.02 3.11
CA CYS A 50 -9.88 -7.68 3.52
C CYS A 50 -10.09 -9.20 3.58
N GLY A 51 -11.30 -9.64 3.77
CA GLY A 51 -11.55 -11.11 3.83
C GLY A 51 -11.26 -11.74 2.47
N ASP A 52 -10.19 -12.47 2.37
CA ASP A 52 -9.85 -13.12 1.06
C ASP A 52 -8.97 -14.34 1.31
N ASP A 53 -8.63 -15.06 0.27
CA ASP A 53 -7.78 -16.26 0.44
C ASP A 53 -6.33 -15.83 0.66
N ILE A 54 -6.11 -14.59 0.99
CA ILE A 54 -4.71 -14.10 1.20
C ILE A 54 -4.70 -13.08 2.35
N PRO A 55 -4.72 -13.54 3.57
CA PRO A 55 -4.72 -12.66 4.76
C PRO A 55 -3.30 -12.21 5.13
N GLY A 56 -2.72 -11.32 4.36
CA GLY A 56 -1.34 -10.85 4.66
C GLY A 56 -0.37 -12.02 4.54
N MET A 57 0.17 -12.24 3.38
CA MET A 57 1.13 -13.37 3.19
C MET A 57 2.45 -13.02 3.89
N GLU A 58 2.39 -12.58 5.11
CA GLU A 58 3.65 -12.24 5.84
C GLU A 58 4.47 -11.27 4.99
N GLY A 59 3.82 -10.48 4.18
CA GLY A 59 4.57 -9.51 3.33
C GLY A 59 4.98 -10.19 2.03
N CYS A 60 5.66 -9.48 1.17
CA CYS A 60 6.09 -10.08 -0.13
C CYS A 60 7.37 -9.40 -0.61
N GLY A 61 8.29 -9.17 0.28
CA GLY A 61 9.56 -8.50 -0.13
C GLY A 61 9.32 -7.00 -0.32
N THR A 62 8.64 -6.37 0.60
CA THR A 62 8.37 -4.92 0.45
C THR A 62 8.10 -4.30 1.82
N ASP A 63 9.13 -4.02 2.56
CA ASP A 63 8.93 -3.39 3.89
C ASP A 63 8.44 -1.96 3.68
N ILE A 64 7.96 -1.67 2.49
CA ILE A 64 7.47 -0.30 2.16
C ILE A 64 8.35 0.73 2.86
N THR A 65 9.59 0.38 3.06
CA THR A 65 10.56 1.32 3.72
C THR A 65 11.70 1.57 2.75
N VAL A 66 11.92 0.66 1.85
CA VAL A 66 13.01 0.82 0.86
C VAL A 66 12.63 0.09 -0.42
N ILE A 67 11.62 -0.75 -0.36
CA ILE A 67 11.20 -1.51 -1.58
C ILE A 67 9.67 -1.49 -1.70
N CYS A 68 9.13 -0.52 -2.38
CA CYS A 68 7.65 -0.45 -2.52
C CYS A 68 7.24 -1.10 -3.85
N PRO A 69 6.13 -1.78 -3.88
CA PRO A 69 5.64 -2.46 -5.11
C PRO A 69 5.84 -1.61 -6.37
N TRP A 70 5.64 -0.32 -6.27
CA TRP A 70 5.81 0.56 -7.45
C TRP A 70 7.24 0.47 -7.98
N GLU A 71 8.15 -0.03 -7.19
CA GLU A 71 9.57 -0.15 -7.65
C GLU A 71 9.72 -1.39 -8.52
N ALA A 72 9.34 -2.53 -8.02
CA ALA A 72 9.46 -3.78 -8.82
C ALA A 72 8.42 -3.78 -9.94
N CYS A 73 7.25 -3.28 -9.68
CA CYS A 73 6.19 -3.26 -10.73
C CYS A 73 6.45 -2.08 -11.68
N ASN A 74 7.30 -1.17 -11.30
CA ASN A 74 7.59 0.00 -12.16
C ASN A 74 6.30 0.50 -12.83
N HIS A 75 6.26 0.50 -14.14
CA HIS A 75 5.03 0.96 -14.84
C HIS A 75 3.82 0.18 -14.32
N CYS A 76 2.65 0.75 -14.37
CA CYS A 76 1.45 0.04 -13.89
C CYS A 76 0.20 0.60 -14.58
N GLU A 77 -0.51 -0.22 -15.29
CA GLU A 77 -1.73 0.26 -16.00
C GLU A 77 -2.78 0.67 -14.98
N LEU A 78 -3.37 1.82 -15.17
CA LEU A 78 -4.43 2.29 -14.22
C LEU A 78 -5.66 1.39 -14.35
N HIS A 79 -5.80 0.71 -15.46
CA HIS A 79 -6.98 -0.18 -15.65
C HIS A 79 -6.58 -1.39 -16.50
N GLU A 80 -6.83 -2.57 -16.00
CA GLU A 80 -6.47 -3.80 -16.76
C GLU A 80 -7.36 -4.95 -16.29
N LEU A 81 -7.13 -5.45 -15.11
CA LEU A 81 -7.96 -6.57 -14.59
C LEU A 81 -9.19 -6.01 -13.87
N ALA A 82 -9.21 -4.73 -13.62
CA ALA A 82 -10.37 -4.11 -12.92
C ALA A 82 -11.62 -4.25 -13.81
N GLN A 83 -12.78 -4.03 -13.25
CA GLN A 83 -14.02 -4.14 -14.06
C GLN A 83 -15.18 -3.49 -13.30
N TYR A 84 -15.26 -3.67 -12.02
CA TYR A 84 -16.36 -3.06 -11.24
C TYR A 84 -16.04 -3.13 -9.74
N GLY A 85 -14.82 -2.82 -9.38
CA GLY A 85 -14.45 -2.86 -7.94
C GLY A 85 -14.46 -4.31 -7.43
N ILE A 86 -13.69 -5.18 -8.03
CA ILE A 86 -13.67 -6.60 -7.58
C ILE A 86 -12.97 -6.69 -6.22
N CYS A 87 -12.99 -5.62 -5.47
CA CYS A 87 -12.32 -5.63 -4.14
C CYS A 87 -12.86 -6.80 -3.31
C1C RCY B . -7.37 14.83 -0.38
O1G RCY B . -7.15 20.34 -0.46
O1H RCY B . -9.66 16.34 -0.30
O1J RCY B . -4.42 14.29 -0.05
C1L RCY B . -9.53 19.86 -0.15
C1M RCY B . -5.43 17.99 -0.39
C1P RCY B . -8.06 19.51 -0.41
C1Q RCY B . -9.30 17.49 -0.53
N1R RCY B . -7.86 18.00 -0.58
C1S RCY B . -10.21 18.67 -0.83
C1U RCY B . -6.57 17.20 -0.76
C1V RCY B . -6.83 16.33 1.60
N1V RCY B . -5.02 15.63 0.00
C1W RCY B . -4.31 16.98 -0.08
C1X RCY B . -6.50 15.98 0.14
C1Y RCY B . -3.65 17.31 1.26
C1Z RCY B . -3.27 16.93 -1.19
H1S RCY B . -10.33 18.20 -1.80
H1U RCY B . -6.48 16.90 -1.80
C1C RCY C . 4.06 11.16 -1.68
O1G RCY C . 6.85 6.80 -3.42
O1H RCY C . 6.86 11.45 -2.55
O1J RCY C . 2.73 10.11 0.81
C1L RCY C . 8.25 8.65 -4.21
C1M RCY C . 5.40 7.85 -0.73
C1P RCY C . 7.10 8.01 -3.44
C1Q RCY C . 6.93 10.36 -3.12
N1R RCY C . 6.27 9.05 -2.67
C1S RCY C . 7.68 10.06 -4.40
C1U RCY C . 5.11 8.85 -1.70
C1V RCY C . 6.07 10.66 -0.22
N1V RCY C . 3.89 9.51 0.19
C1W RCY C . 4.47 8.11 0.46
C1X RCY C . 4.81 10.09 -0.87
C1Y RCY C . 5.25 8.11 1.78
C1Z RCY C . 3.33 7.09 0.51
H1S RCY C . 6.87 10.59 -4.88
H1U RCY C . 4.22 8.57 -2.26
C1C RCY D . 5.19 -5.44 -3.38
O1G RCY D . 6.52 -6.41 -4.81
O1H RCY D . 6.24 -10.40 -2.30
O1J RCY D . 2.55 -6.83 -3.06
C1L RCY D . 6.79 -8.77 -5.39
C1M RCY D . 5.38 -8.03 -0.75
C1P RCY D . 6.54 -7.59 -4.44
C1Q RCY D . 6.60 -9.54 -3.10
N1R RCY D . 6.35 -8.04 -3.01
C1S RCY D . 7.37 -9.79 -4.38
C1U RCY D . 5.99 -7.21 -1.77
C1V RCY D . 4.81 -5.15 -0.90
N1V RCY D . 3.68 -7.01 -2.15
C1W RCY D . 3.89 -8.09 -1.09
C1X RCY D . 4.94 -6.14 -2.06
C1Y RCY D . 3.03 -7.79 0.15
C1Z RCY D . 3.50 -9.44 -1.68
H1S RCY D . 8.22 -9.94 -3.73
H1U RCY D . 6.88 -6.75 -1.37
C1C RCY E . 0.49 -4.81 1.02
O1G RCY E . 1.98 -4.03 2.07
O1H RCY E . 0.07 -4.90 6.30
O1J RCY E . 1.42 -7.64 1.50
C1L RCY E . 2.76 -3.67 4.37
C1M RCY E . -1.27 -6.33 3.90
C1P RCY E . 1.76 -4.09 3.28
C1Q RCY E . 0.67 -4.36 5.37
N1R RCY E . 0.45 -4.60 3.88
C1S RCY E . 1.79 -3.34 5.50
C1U RCY E . -0.77 -5.20 3.18
C1V RCY E . -1.71 -6.06 1.00
N1V RCY E . 0.27 -7.03 2.17
C1W RCY E . -0.46 -7.54 3.41
C1X RCY E . -0.45 -5.74 1.79
C1Y RCY E . -1.39 -8.70 3.03
C1Z RCY E . 0.56 -7.99 4.45
H1S RCY E . 0.99 -2.66 5.77
H1U RCY E . -1.55 -4.44 3.11
C1C RCY F . -5.75 -8.82 -0.07
O1G RCY F . -5.34 -4.85 1.44
O1H RCY F . -5.45 -8.94 3.80
O1J RCY F . -5.66 -6.26 -1.67
C1L RCY F . -6.64 -5.64 3.36
C1M RCY F . -2.91 -6.68 0.98
C1P RCY F . -5.62 -5.76 2.21
C1Q RCY F . -5.79 -7.90 3.23
N1R RCY F . -5.01 -7.15 2.16
C1S RCY F . -7.06 -7.11 3.49
C1U RCY F . -3.90 -7.69 1.24
C1V RCY F . -3.37 -8.87 -0.94
N1V RCY F . -4.60 -6.70 -0.77
C1W RCY F . -3.44 -5.86 -0.21
C1X RCY F . -4.41 -8.08 -0.15
C1Y RCY F . -2.35 -5.70 -1.27
C1Z RCY F . -3.97 -4.50 0.24
H1S RCY F . -7.54 -7.91 2.94
H1U RCY F . -3.43 -8.54 1.70
C1C RCY G . 0.09 -6.01 1.31
O1G RCY G . 4.93 -7.25 3.23
O1H RCY G . 2.01 -7.81 -0.45
O1J RCY G . 0.01 -3.00 1.30
C1L RCY G . 4.65 -9.03 1.57
C1M RCY G . 3.48 -4.58 1.69
C1P RCY G . 4.32 -7.70 2.25
C1Q RCY G . 2.70 -8.03 0.55
N1R RCY G . 3.13 -7.00 1.59
C1S RCY G . 3.28 -9.37 0.97
C1U RCY G . 2.52 -5.64 1.89
C1V RCY G . 1.77 -5.49 -0.52
N1V RCY G . 1.24 -3.78 1.25
C1W RCY G . 2.67 -3.30 1.46
C1X RCY G . 1.38 -5.27 0.94
C1Y RCY G . 3.18 -2.55 0.23
C1Z RCY G . 2.71 -2.40 2.70
H1S RCY G . 2.26 -9.60 1.26
H1U RCY G . 2.17 -5.61 2.91
C1C RCY H . 1.74 2.63 1.83
O1G RCY H . 3.61 -0.28 0.96
O1H RCY H . 2.99 2.35 -2.91
O1J RCY H . -1.18 2.10 2.36
C1L RCY H . 5.04 0.27 -0.94
C1M RCY H . 0.28 0.47 -0.79
C1P RCY H . 3.75 0.28 -0.12
C1Q RCY H . 3.32 1.45 -2.15
N1R RCY H . 2.65 1.08 -0.82
C1S RCY H . 4.48 0.48 -2.35
C1U RCY H . 1.24 1.43 -0.34
C1V RCY H . 1.69 0.10 1.77
N1V RCY H . -0.40 1.42 1.33
C1W RCY H . -0.91 0.57 0.17
C1X RCY H . 1.12 1.40 1.19
C1Y RCY H . -1.33 -0.81 0.67
C1Z RCY H . -2.09 1.30 -0.49
H1S RCY H . 3.83 0.02 -3.08
H1U RCY H . 0.97 2.41 -0.70
C1C RCY I . 7.55 -2.52 -4.46
O1G RCY I . 2.92 -4.45 -4.26
O1H RCY I . 5.89 -2.65 -7.45
O1J RCY I . 7.52 -1.10 -1.81
C1L RCY I . 3.38 -4.97 -6.60
C1M RCY I . 4.09 -1.86 -3.35
C1P RCY I . 3.53 -4.19 -5.30
C1Q RCY I . 4.90 -3.12 -6.92
N1R RCY I . 4.54 -3.05 -5.44
C1S RCY I . 3.79 -3.90 -7.61
C1U RCY I . 5.07 -2.08 -4.38
C1V RCY I . 6.04 -4.04 -3.12
N1V RCY I . 6.33 -1.64 -2.46
C1W RCY I . 4.87 -1.37 -2.13
C1X RCY I . 6.28 -2.63 -3.63
C1Y RCY I . 4.45 -2.14 -0.87
C1Z RCY I . 4.68 0.14 -1.91
H1S RCY I . 3.49 -2.93 -7.98
H1U RCY I . 5.31 -1.14 -4.85
C1C RCY J . -1.18 0.97 -6.03
O1G RCY J . -1.30 0.47 -7.97
O1H RCY J . 2.29 3.22 -9.33
O1J RCY J . 1.25 -0.70 -5.43
C1L RCY J . -0.13 0.76 -10.10
C1M RCY J . 1.91 2.97 -6.28
C1P RCY J . -0.44 1.06 -8.63
C1Q RCY J . 1.23 2.60 -9.32
N1R RCY J . 0.45 2.16 -8.07
C1S RCY J . 0.44 2.12 -10.52
C1U RCY J . 0.55 2.71 -6.64
C1V RCY J . -0.08 2.35 -4.22
N1V RCY J . 1.27 0.75 -5.58
C1W RCY J . 2.49 1.65 -5.76
C1X RCY J . 0.09 1.70 -5.59
C1Y RCY J . 3.21 1.86 -4.43
C1Z RCY J . 3.43 1.02 -6.80
H1S RCY J . 0.18 3.16 -10.62
H1U RCY J . -0.04 3.61 -6.56
C1C RCY K . -7.32 -6.07 -0.04
O1G RCY K . -7.31 -2.13 -3.52
O1H RCY K . -9.22 -5.05 -0.33
O1J RCY K . -6.54 -7.56 -2.54
C1L RCY K . -9.62 -2.77 -3.00
C1M RCY K . -5.27 -3.95 -2.26
C1P RCY K . -8.10 -2.82 -2.85
C1Q RCY K . -8.99 -4.44 -1.37
N1R RCY K . -7.66 -3.82 -1.77
C1S RCY K . -9.97 -4.17 -2.49
C1U RCY K . -6.26 -4.11 -1.24
C1V RCY K . -4.81 -5.78 0.00
N1V RCY K . -6.00 -6.25 -2.16
C1W RCY K . -5.20 -5.28 -3.03
C1X RCY K . -6.09 -5.57 -0.80
C1Y RCY K . -3.76 -5.75 -3.18
C1Z RCY K . -5.88 -5.16 -4.39
H1S RCY K . -9.83 -5.21 -2.73
H1U RCY K . -6.04 -3.46 -0.41
N MET A 1 -11.61 17.12 9.10
CA MET A 1 -10.60 16.13 9.55
C MET A 1 -9.76 16.72 10.68
N ASN A 2 -10.37 17.11 11.75
CA ASN A 2 -9.61 17.70 12.89
C ASN A 2 -10.56 18.00 14.05
N LEU A 3 -11.45 18.95 13.88
CA LEU A 3 -12.41 19.28 14.96
C LEU A 3 -11.63 19.47 16.27
N GLU A 4 -11.81 18.60 17.21
CA GLU A 4 -11.08 18.73 18.51
C GLU A 4 -9.66 18.18 18.35
N PRO A 5 -8.71 18.72 19.09
CA PRO A 5 -7.29 18.26 19.02
C PRO A 5 -7.18 16.74 18.89
N PRO A 6 -6.41 16.25 17.94
CA PRO A 6 -6.23 14.79 17.73
C PRO A 6 -5.28 14.17 18.77
N LYS A 7 -5.43 12.91 19.05
CA LYS A 7 -4.54 12.26 20.05
C LYS A 7 -3.12 12.19 19.50
N ALA A 8 -2.48 13.32 19.34
CA ALA A 8 -1.09 13.32 18.81
C ALA A 8 -0.10 13.26 19.97
N GLU A 9 0.11 12.09 20.52
CA GLU A 9 1.06 11.97 21.66
C GLU A 9 1.61 10.55 21.71
N CYS A 10 2.90 10.39 21.55
CA CYS A 10 3.49 9.03 21.58
C CYS A 10 5.02 9.14 21.69
N ARG A 11 5.69 8.05 21.92
CA ARG A 11 7.18 8.09 22.03
C ARG A 11 7.79 8.04 20.64
N SER A 12 8.66 8.96 20.33
CA SER A 12 9.31 8.96 18.98
C SER A 12 10.24 7.75 18.86
N ALA A 13 11.50 7.98 18.63
CA ALA A 13 12.46 6.84 18.50
C ALA A 13 12.22 6.13 17.16
N THR A 14 11.19 6.50 16.46
CA THR A 14 10.91 5.85 15.15
C THR A 14 10.47 6.91 14.13
N ARG A 15 11.41 7.57 13.51
CA ARG A 15 11.06 8.62 12.51
C ARG A 15 12.22 8.78 11.52
N VAL A 16 12.93 7.72 11.27
CA VAL A 16 14.09 7.79 10.31
C VAL A 16 14.80 9.14 10.44
N MET A 17 15.31 9.66 9.35
CA MET A 17 16.01 10.98 9.42
C MET A 17 15.73 11.76 8.13
N GLY A 18 14.66 11.43 7.45
CA GLY A 18 14.33 12.16 6.19
C GLY A 18 13.17 11.44 5.48
N GLY A 19 13.16 11.46 4.18
CA GLY A 19 12.06 10.79 3.44
C GLY A 19 11.94 11.39 2.04
N PRO A 20 12.92 11.15 1.21
CA PRO A 20 12.94 11.69 -0.18
C PRO A 20 11.61 11.46 -0.92
N CYS A 21 10.84 12.49 -1.10
CA CYS A 21 9.53 12.34 -1.79
C CYS A 21 9.34 13.50 -2.78
N THR A 22 9.65 13.29 -4.02
CA THR A 22 9.49 14.36 -5.04
C THR A 22 8.36 13.98 -6.01
N PRO A 23 7.21 14.58 -5.87
CA PRO A 23 6.04 14.29 -6.75
C PRO A 23 6.43 14.24 -8.23
N ARG A 24 6.93 13.13 -8.69
CA ARG A 24 7.33 13.01 -10.12
C ARG A 24 7.49 11.53 -10.49
N LYS A 25 8.52 10.90 -10.01
CA LYS A 25 8.73 9.47 -10.33
C LYS A 25 8.77 9.28 -11.86
N GLY A 26 9.24 8.15 -12.31
CA GLY A 26 9.30 7.91 -13.78
C GLY A 26 7.97 7.30 -14.25
N PRO A 27 7.82 7.13 -15.54
CA PRO A 27 6.58 6.55 -16.14
C PRO A 27 6.16 5.25 -15.43
N PRO A 28 4.92 4.87 -15.55
CA PRO A 28 4.38 3.63 -14.91
C PRO A 28 5.35 2.45 -15.05
N LYS A 29 5.23 1.46 -14.20
CA LYS A 29 6.13 0.28 -14.29
C LYS A 29 5.41 -0.95 -13.74
N CYS A 30 4.72 -1.68 -14.58
CA CYS A 30 4.00 -2.89 -14.09
C CYS A 30 4.99 -3.83 -13.39
N LYS A 31 4.56 -4.50 -12.36
CA LYS A 31 5.48 -5.42 -11.63
C LYS A 31 4.92 -6.84 -11.68
N GLN A 32 5.17 -7.64 -10.67
CA GLN A 32 4.65 -9.03 -10.67
C GLN A 32 3.19 -9.04 -10.22
N ARG A 33 2.50 -7.95 -10.38
CA ARG A 33 1.07 -7.89 -9.95
C ARG A 33 0.35 -9.17 -10.40
N GLN A 34 -0.64 -9.59 -9.66
CA GLN A 34 -1.39 -10.82 -10.03
C GLN A 34 -2.60 -10.46 -10.90
N THR A 35 -3.78 -10.59 -10.37
CA THR A 35 -4.99 -10.26 -11.17
C THR A 35 -5.16 -8.74 -11.23
N ARG A 36 -5.80 -8.16 -10.25
CA ARG A 36 -6.00 -6.67 -10.26
C ARG A 36 -5.67 -6.11 -8.87
N GLN A 37 -5.95 -6.87 -7.84
CA GLN A 37 -5.67 -6.39 -6.46
C GLN A 37 -5.88 -7.52 -5.47
N CYS A 38 -5.34 -8.67 -5.74
CA CYS A 38 -5.52 -9.82 -4.81
C CYS A 38 -7.01 -9.96 -4.45
N LYS A 39 -7.86 -9.32 -5.20
CA LYS A 39 -9.33 -9.41 -4.91
C LYS A 39 -9.90 -10.65 -5.60
N SER A 40 -10.66 -11.44 -4.89
CA SER A 40 -11.26 -12.65 -5.51
C SER A 40 -11.95 -13.48 -4.43
N LYS A 41 -11.24 -14.40 -3.82
CA LYS A 41 -11.86 -15.24 -2.76
C LYS A 41 -11.65 -14.56 -1.40
N PRO A 42 -12.50 -14.85 -0.45
CA PRO A 42 -12.41 -14.24 0.92
C PRO A 42 -11.09 -14.58 1.62
N PRO A 43 -10.76 -13.87 2.65
CA PRO A 43 -9.51 -14.08 3.43
C PRO A 43 -9.20 -15.57 3.63
N LYS A 44 -7.96 -15.96 3.49
CA LYS A 44 -7.59 -17.39 3.67
C LYS A 44 -7.00 -17.59 5.08
N LYS A 45 -5.71 -17.77 5.17
CA LYS A 45 -5.07 -17.97 6.50
C LYS A 45 -3.57 -17.75 6.39
N GLY A 46 -3.16 -16.77 5.62
CA GLY A 46 -1.70 -16.51 5.47
C GLY A 46 -1.21 -15.68 6.66
N VAL A 47 -0.37 -14.71 6.40
CA VAL A 47 0.16 -13.87 7.52
C VAL A 47 -0.97 -12.98 8.05
N GLN A 48 -2.03 -12.85 7.32
CA GLN A 48 -3.16 -11.99 7.77
C GLN A 48 -4.40 -12.26 6.92
N GLY A 49 -4.37 -11.84 5.67
CA GLY A 49 -5.54 -12.07 4.78
C GLY A 49 -5.37 -11.27 3.49
N CYS A 50 -6.45 -10.83 2.92
CA CYS A 50 -6.35 -10.04 1.65
C CYS A 50 -5.51 -10.81 0.62
N GLY A 51 -5.15 -12.03 0.94
CA GLY A 51 -4.33 -12.84 -0.01
C GLY A 51 -5.24 -13.78 -0.80
N ASP A 52 -5.11 -13.81 -2.10
CA ASP A 52 -5.97 -14.69 -2.93
C ASP A 52 -5.29 -16.06 -3.09
N ASP A 53 -4.32 -16.14 -3.97
CA ASP A 53 -3.62 -17.44 -4.19
C ASP A 53 -2.24 -17.40 -3.52
N ILE A 54 -1.24 -16.98 -4.24
CA ILE A 54 0.14 -16.91 -3.67
C ILE A 54 0.80 -15.59 -4.08
N PRO A 55 0.96 -14.66 -3.16
CA PRO A 55 1.59 -13.34 -3.47
C PRO A 55 3.12 -13.42 -3.47
N GLY A 56 3.74 -13.03 -2.40
CA GLY A 56 5.24 -13.07 -2.34
C GLY A 56 5.69 -14.32 -1.60
N MET A 57 4.82 -15.28 -1.43
CA MET A 57 5.22 -16.53 -0.71
C MET A 57 5.88 -16.16 0.61
N GLU A 58 5.51 -15.07 1.20
CA GLU A 58 6.12 -14.66 2.49
C GLU A 58 5.30 -13.54 3.13
N GLY A 59 4.71 -12.70 2.32
CA GLY A 59 3.89 -11.58 2.87
C GLY A 59 3.50 -10.63 1.74
N CYS A 60 4.46 -10.12 1.02
CA CYS A 60 4.13 -9.19 -0.09
C CYS A 60 5.38 -8.98 -0.96
N GLY A 61 5.41 -7.93 -1.73
CA GLY A 61 6.59 -7.66 -2.59
C GLY A 61 7.77 -7.25 -1.72
N THR A 62 8.68 -6.49 -2.26
CA THR A 62 9.86 -6.05 -1.46
C THR A 62 10.82 -5.26 -2.37
N ASP A 63 10.77 -5.51 -3.65
CA ASP A 63 11.68 -4.77 -4.57
C ASP A 63 11.58 -3.27 -4.27
N ILE A 64 10.44 -2.82 -3.82
CA ILE A 64 10.28 -1.38 -3.50
C ILE A 64 11.04 -1.06 -2.22
N THR A 65 10.48 -1.40 -1.08
CA THR A 65 11.15 -1.12 0.22
C THR A 65 10.91 0.33 0.64
N VAL A 66 10.62 1.21 -0.28
CA VAL A 66 10.38 2.63 0.10
C VAL A 66 9.22 3.23 -0.70
N ILE A 67 9.43 3.55 -1.95
CA ILE A 67 8.32 4.16 -2.76
C ILE A 67 7.96 3.27 -3.95
N CYS A 68 6.80 2.69 -3.91
CA CYS A 68 6.36 1.81 -5.05
C CYS A 68 5.86 2.69 -6.20
N PRO A 69 5.98 2.22 -7.42
CA PRO A 69 5.53 3.00 -8.61
C PRO A 69 4.01 3.15 -8.62
N TRP A 70 3.32 2.43 -7.79
CA TRP A 70 1.84 2.54 -7.73
C TRP A 70 1.46 3.77 -6.91
N GLU A 71 2.35 4.22 -6.07
CA GLU A 71 2.04 5.42 -5.23
C GLU A 71 1.42 6.51 -6.11
N ALA A 72 2.01 6.80 -7.23
CA ALA A 72 1.45 7.84 -8.14
C ALA A 72 0.09 7.36 -8.65
N CYS A 73 -0.90 7.34 -7.79
CA CYS A 73 -2.25 6.89 -8.23
C CYS A 73 -2.93 7.99 -9.05
N ASN A 74 -2.70 8.02 -10.33
CA ASN A 74 -3.34 9.07 -11.18
C ASN A 74 -4.79 8.67 -11.44
N HIS A 75 -5.24 7.60 -10.84
CA HIS A 75 -6.64 7.15 -11.05
C HIS A 75 -6.95 6.01 -10.09
N CYS A 76 -8.05 6.09 -9.39
CA CYS A 76 -8.41 5.00 -8.43
C CYS A 76 -9.92 4.94 -8.28
N GLU A 77 -10.65 5.17 -9.34
CA GLU A 77 -12.13 5.12 -9.25
C GLU A 77 -12.60 3.67 -9.10
N LEU A 78 -12.18 2.80 -9.98
CA LEU A 78 -12.62 1.38 -9.88
C LEU A 78 -14.12 1.34 -9.66
N HIS A 79 -14.56 1.05 -8.46
CA HIS A 79 -16.01 0.99 -8.15
C HIS A 79 -16.23 0.05 -6.96
N GLU A 80 -15.18 -0.59 -6.51
CA GLU A 80 -15.32 -1.53 -5.35
C GLU A 80 -15.22 -0.75 -4.04
N LEU A 81 -14.34 -1.15 -3.17
CA LEU A 81 -14.21 -0.43 -1.86
C LEU A 81 -13.27 0.76 -2.02
N ALA A 82 -13.15 1.27 -3.21
CA ALA A 82 -12.25 2.45 -3.43
C ALA A 82 -12.82 3.66 -2.70
N GLN A 83 -13.69 3.45 -1.74
CA GLN A 83 -14.27 4.60 -0.99
C GLN A 83 -14.95 5.55 -1.99
N TYR A 84 -14.20 6.42 -2.60
CA TYR A 84 -14.79 7.37 -3.58
C TYR A 84 -13.79 7.62 -4.72
N GLY A 85 -12.53 7.50 -4.45
CA GLY A 85 -11.52 7.73 -5.53
C GLY A 85 -10.22 8.24 -4.92
N ILE A 86 -9.88 7.79 -3.74
CA ILE A 86 -8.61 8.26 -3.10
C ILE A 86 -8.03 7.15 -2.22
N CYS A 87 -8.84 6.51 -1.43
CA CYS A 87 -8.33 5.42 -0.55
C CYS A 87 -8.19 4.13 -1.36
C1C RCY B . 4.31 3.27 19.79
O1G RCY B . 8.59 6.63 19.53
O1H RCY B . 3.92 6.19 20.04
O1J RCY B . 5.28 1.12 21.66
C1L RCY B . 6.72 8.17 19.21
C1M RCY B . 7.48 4.26 21.42
C1P RCY B . 7.37 6.83 19.53
C1Q RCY B . 5.03 6.50 19.61
N1R RCY B . 6.34 5.76 19.87
C1S RCY B . 5.34 7.69 18.72
C1U RCY B . 6.54 4.32 20.34
C1V RCY B . 4.60 4.59 21.94
N1V RCY B . 5.86 2.46 21.57
C1W RCY B . 7.20 2.93 22.15
C1X RCY B . 5.28 3.68 20.90
C1Y RCY B . 7.08 3.16 23.66
C1Z RCY B . 8.27 1.90 21.84
H1S RCY B . 4.88 7.10 17.95
H1U RCY B . 6.91 3.73 19.51
C1C RCY C . 4.80 12.40 5.27
O1G RCY C . 5.71 13.82 3.32
O1H RCY C . 5.73 9.69 1.04
O1J RCY C . 3.38 14.75 4.05
C1L RCY C . 7.24 12.82 1.70
C1M RCY C . 2.79 11.37 2.35
C1P RCY C . 6.02 12.86 2.62
C1Q RCY C . 6.09 10.69 1.65
N1R RCY C . 5.23 11.55 2.56
C1S RCY C . 7.49 11.30 1.65
C1U RCY C . 3.90 11.20 3.24
C1V RCY C . 2.41 11.57 5.25
N1V RCY C . 3.14 13.37 3.67
C1W RCY C . 2.39 12.84 2.45
C1X RCY C . 3.57 12.11 4.41
C1Y RCY C . 0.88 12.99 2.64
C1Z RCY C . 2.85 13.63 1.22
H1S RCY C . 7.74 10.46 2.28
H1U RCY C . 3.93 10.17 3.58
C1C RCY D . 4.42 1.39 -15.13
O1G RCY D . 3.21 0.13 -19.70
O1H RCY D . 3.29 -1.41 -15.24
O1J RCY D . 5.83 2.91 -17.33
C1L RCY D . 3.87 -1.98 -18.67
C1M RCY D . 2.11 2.11 -17.93
C1P RCY D . 3.38 -0.52 -18.68
C1Q RCY D . 3.60 -1.19 -16.41
N1R RCY D . 3.12 -0.02 -17.26
C1S RCY D . 4.51 -2.04 -17.27
C1U RCY D . 2.53 1.32 -16.81
C1V RCY D . 2.89 3.39 -15.40
N1V RCY D . 4.38 2.68 -17.28
C1W RCY D . 3.36 2.87 -18.41
C1X RCY D . 3.55 2.20 -16.10
C1Y RCY D . 3.05 4.36 -18.59
C1Z RCY D . 3.92 2.27 -19.69
H1S RCY D . 5.30 -1.60 -16.68
H1U RCY D . 1.69 1.14 -16.16
C1C RCY E . -3.15 -4.36 -8.39
O1G RCY E . -2.71 -7.31 -8.41
O1H RCY E . -4.82 -7.41 -4.18
O1J RCY E . -4.88 -1.95 -7.84
C1L RCY E . -2.58 -8.85 -6.51
C1M RCY E . -5.62 -5.05 -5.71
C1P RCY E . -3.05 -7.59 -7.26
C1Q RCY E . -3.98 -7.49 -5.08
N1R RCY E . -3.99 -6.75 -6.41
C1S RCY E . -2.74 -8.36 -5.07
C1U RCY E . -4.76 -5.48 -6.78
C1V RCY E . -2.84 -4.09 -5.89
N1V RCY E . -4.87 -3.15 -7.01
C1W RCY E . -5.89 -3.56 -5.95
C1X RCY E . -3.85 -4.28 -7.03
C1Y RCY E . -5.66 -2.76 -4.66
C1Z RCY E . -7.30 -3.33 -6.49
H1S RCY E . -2.35 -7.61 -4.38
H1U RCY E . -5.35 -5.66 -7.67
C1C RCY F . -4.08 -3.97 -2.23
O1G RCY F . -5.16 -3.65 -0.39
O1H RCY F . -6.47 -8.20 -0.38
O1J RCY F . -1.97 -6.10 -1.97
C1L RCY F . -5.84 -5.20 1.38
C1M RCY F . -5.45 -7.31 -3.02
C1P RCY F . -5.56 -4.78 -0.07
C1Q RCY F . -6.40 -6.99 -0.14
N1R RCY F . -5.84 -5.92 -1.05
C1S RCY F . -6.87 -6.31 1.13
C1U RCY F . -5.61 -5.97 -2.56
C1V RCY F . -4.23 -5.09 -4.49
N1V RCY F . -3.29 -6.32 -2.54
C1W RCY F . -3.96 -7.67 -2.83
C1X RCY F . -4.30 -5.29 -2.98
C1Y RCY F . -3.39 -8.30 -4.10
C1Z RCY F . -3.76 -8.59 -1.63
H1S RCY F . -7.86 -6.47 0.73
H1U RCY F . -6.43 -5.50 -3.07
C1C RCY G . 2.43 -4.06 -2.97
O1G RCY G . 7.14 -4.50 -2.04
O1H RCY G . 3.19 -5.10 0.47
O1J RCY G . 2.51 -1.48 -4.52
C1L RCY G . 6.46 -6.15 -0.37
C1M RCY G . 5.34 -2.00 -1.99
C1P RCY G . 6.29 -4.90 -1.24
C1Q RCY G . 4.38 -5.04 0.14
N1R RCY G . 4.96 -4.21 -1.00
C1S RCY G . 5.52 -5.77 0.80
C1U RCY G . 4.34 -3.00 -1.71
C1V RCY G . 4.77 -4.14 -3.93
N1V RCY G . 3.59 -1.95 -3.66
C1W RCY G . 4.78 -1.15 -3.14
C1X RCY G . 3.77 -3.35 -3.08
C1Y RCY G . 5.83 -0.98 -4.23
C1Z RCY G . 4.30 0.20 -2.63
H1S RCY G . 5.41 -5.05 1.58
H1U RCY G . 3.58 -2.57 -1.09
C1C RCY H . -1.89 -1.71 -5.09
O1G RCY H . 1.98 -3.05 -4.89
O1H RCY H . 1.21 1.19 -2.98
O1J RCY H . -3.97 -1.95 -2.91
C1L RCY H . 3.22 -0.94 -4.94
C1M RCY H . -0.37 -1.31 -1.73
C1P RCY H . 2.04 -1.87 -4.57
C1Q RCY H . 1.52 0.30 -3.76
N1R RCY H . 0.98 -1.13 -3.76
C1S RCY H . 2.50 0.41 -4.90
C1U RCY H . -0.29 -1.67 -3.12
C1V RCY H . -1.50 0.44 -3.80
N1V RCY H . -2.59 -1.51 -2.68
C1W RCY H . -1.85 -1.40 -1.35
C1X RCY H . -1.56 -1.08 -3.72
C1Y RCY H . -2.30 -0.13 -0.61
C1Z RCY H . -2.14 -2.65 -0.51
H1S RCY H . 1.71 0.97 -5.39
H1U RCY H . -0.31 -2.75 -3.21
C1C RCY I . 0.09 4.28 -2.83
O1G RCY I . -4.11 4.07 -2.68
O1H RCY I . -1.13 7.61 -3.64
O1J RCY I . 1.42 6.98 -2.77
C1L RCY I . -3.96 5.68 -4.52
C1M RCY I . -1.54 6.54 -0.38
C1P RCY I . -3.55 5.04 -3.18
C1Q RCY I . -2.16 6.93 -3.52
N1R RCY I . -2.36 5.77 -2.56
C1S RCY I . -3.45 7.10 -4.30
C1U RCY I . -1.57 5.43 -1.29
C1V RCY I . 0.59 4.52 -0.36
N1V RCY I . 0.41 6.55 -1.81
C1W RCY I . -0.36 7.41 -0.82
C1X RCY I . -0.10 5.14 -1.57
C1Y RCY I . 0.52 7.77 0.39
C1Z RCY I . -0.85 8.68 -1.53
H1S RCY I . -3.59 7.97 -3.67
H1U RCY I . -2.02 4.57 -0.81
C1C RCY J . -4.45 7.66 -1.17
O1G RCY J . -4.23 6.38 -3.58
O1H RCY J . -8.59 4.62 -3.14
O1J RCY J . -4.63 7.20 1.81
C1L RCY J . -5.77 5.32 -5.15
C1M RCY J . -6.82 4.93 -0.38
C1P RCY J . -5.31 5.83 -3.78
C1Q RCY J . -7.41 4.79 -3.46
N1R RCY J . -6.36 5.57 -2.70
C1S RCY J . -6.75 4.23 -4.70
C1U RCY J . -6.35 5.99 -1.22
C1V RCY J . -3.96 5.17 -1.03
N1V RCY J . -5.24 6.32 0.80
C1W RCY J . -6.27 5.22 1.02
C1X RCY J . -4.95 6.29 -0.70
C1Y RCY J . -5.62 3.98 1.61
C1Z RCY J . -7.36 5.75 1.95
H1S RCY J . -6.77 3.28 -4.17
H1U RCY J . -6.99 6.86 -1.09
C1C RCY K . -7.85 -0.30 2.36
O1G RCY K . -6.44 1.76 4.33
O1H RCY K . -7.70 3.74 0.23
O1J RCY K . -9.41 0.29 -0.15
C1L RCY K . -7.63 3.81 3.76
C1M RCY K . -5.76 1.44 -0.13
C1P RCY K . -6.87 2.53 3.46
C1Q RCY K . -7.30 3.58 1.38
N1R RCY K . -6.70 2.30 1.95
C1S RCY K . -7.31 4.60 2.49
C1U RCY K . -6.09 1.10 1.22
C1V RCY K . -6.35 -1.33 0.61
N1V RCY K . -7.97 0.47 -0.01
C1W RCY K . -7.04 1.24 -0.95
C1X RCY K . -7.05 -0.06 1.08
C1Y RCY K . -6.74 0.42 -2.21
C1Z RCY K . -7.69 2.57 -1.32
H1S RCY K . -6.47 5.04 1.95
H1U RCY K . -5.20 0.78 1.74
N MET A 1 -5.55 -9.84 15.94
CA MET A 1 -6.20 -10.74 16.93
C MET A 1 -7.61 -10.22 17.22
N ASN A 2 -8.10 -10.43 18.43
CA ASN A 2 -9.46 -9.95 18.77
C ASN A 2 -9.52 -8.42 18.60
N LEU A 3 -10.55 -7.80 19.12
CA LEU A 3 -10.67 -6.31 18.97
C LEU A 3 -9.32 -5.65 19.26
N GLU A 4 -8.82 -4.88 18.33
CA GLU A 4 -7.52 -4.19 18.54
C GLU A 4 -7.78 -2.74 18.96
N PRO A 5 -6.88 -2.14 19.70
CA PRO A 5 -7.03 -0.73 20.14
C PRO A 5 -7.66 0.16 19.06
N PRO A 6 -8.40 1.17 19.45
CA PRO A 6 -9.06 2.10 18.49
C PRO A 6 -8.04 3.03 17.80
N LYS A 7 -8.15 3.17 16.51
CA LYS A 7 -7.19 4.05 15.78
C LYS A 7 -7.36 5.49 16.26
N ALA A 8 -8.57 5.97 16.27
CA ALA A 8 -8.83 7.37 16.73
C ALA A 8 -7.76 8.31 16.17
N GLU A 9 -8.01 8.90 15.03
CA GLU A 9 -7.00 9.83 14.44
C GLU A 9 -6.51 10.80 15.51
N CYS A 10 -5.53 11.61 15.20
CA CYS A 10 -5.01 12.57 16.21
C CYS A 10 -4.45 13.81 15.49
N ARG A 11 -3.27 13.71 14.94
CA ARG A 11 -2.67 14.87 14.23
C ARG A 11 -2.39 14.50 12.77
N SER A 12 -3.35 13.90 12.11
CA SER A 12 -3.15 13.52 10.69
C SER A 12 -3.85 14.52 9.78
N ALA A 13 -3.77 14.33 8.50
CA ALA A 13 -4.44 15.28 7.56
C ALA A 13 -3.93 16.69 7.80
N THR A 14 -2.70 16.83 8.23
CA THR A 14 -2.15 18.19 8.48
C THR A 14 -2.44 19.09 7.28
N ARG A 15 -1.86 18.81 6.16
CA ARG A 15 -2.11 19.65 4.96
C ARG A 15 -1.52 18.95 3.72
N VAL A 16 -1.84 17.70 3.52
CA VAL A 16 -1.30 16.98 2.33
C VAL A 16 -2.31 17.06 1.18
N MET A 17 -3.57 16.99 1.47
CA MET A 17 -4.59 17.06 0.38
C MET A 17 -5.93 17.55 0.96
N GLY A 18 -6.63 16.71 1.66
CA GLY A 18 -7.94 17.13 2.24
C GLY A 18 -8.37 16.12 3.31
N GLY A 19 -9.38 16.43 4.07
CA GLY A 19 -9.85 15.50 5.13
C GLY A 19 -10.83 14.49 4.54
N PRO A 20 -12.02 14.94 4.23
CA PRO A 20 -13.09 14.07 3.64
C PRO A 20 -12.53 13.14 2.56
N CYS A 21 -12.69 11.85 2.73
CA CYS A 21 -12.17 10.89 1.72
C CYS A 21 -13.35 10.20 1.02
N THR A 22 -13.70 10.66 -0.15
CA THR A 22 -14.83 10.02 -0.89
C THR A 22 -14.29 8.87 -1.77
N PRO A 23 -14.79 7.68 -1.60
CA PRO A 23 -14.35 6.50 -2.39
C PRO A 23 -14.18 6.83 -3.89
N ARG A 24 -13.43 6.03 -4.60
CA ARG A 24 -13.22 6.30 -6.05
C ARG A 24 -14.59 6.24 -6.76
N LYS A 25 -14.77 5.31 -7.66
CA LYS A 25 -16.07 5.21 -8.39
C LYS A 25 -16.49 3.73 -8.46
N GLY A 26 -15.65 2.90 -8.98
CA GLY A 26 -15.99 1.44 -9.09
C GLY A 26 -15.55 0.93 -10.46
N PRO A 27 -16.09 1.49 -11.50
CA PRO A 27 -15.76 1.09 -12.90
C PRO A 27 -14.24 1.03 -13.12
N PRO A 28 -13.80 0.36 -14.17
CA PRO A 28 -12.36 0.24 -14.48
C PRO A 28 -11.59 1.54 -14.22
N LYS A 29 -10.48 1.46 -13.53
CA LYS A 29 -9.69 2.69 -13.24
C LYS A 29 -8.97 3.15 -14.51
N CYS A 30 -8.42 2.24 -15.26
CA CYS A 30 -7.70 2.62 -16.51
C CYS A 30 -7.02 1.39 -17.09
N LYS A 31 -6.45 0.56 -16.26
CA LYS A 31 -5.76 -0.66 -16.76
C LYS A 31 -5.37 -1.54 -15.57
N GLN A 32 -4.92 -2.74 -15.83
CA GLN A 32 -4.53 -3.64 -14.71
C GLN A 32 -5.67 -3.71 -13.69
N ARG A 33 -6.77 -4.31 -14.04
CA ARG A 33 -7.91 -4.41 -13.09
C ARG A 33 -8.73 -5.67 -13.40
N GLN A 34 -8.35 -6.41 -14.40
CA GLN A 34 -9.11 -7.64 -14.74
C GLN A 34 -8.63 -8.78 -13.85
N THR A 35 -8.35 -8.51 -12.61
CA THR A 35 -7.87 -9.58 -11.68
C THR A 35 -6.45 -9.99 -12.10
N ARG A 36 -5.67 -9.06 -12.58
CA ARG A 36 -4.28 -9.39 -13.00
C ARG A 36 -3.44 -9.68 -11.76
N GLN A 37 -3.85 -10.62 -10.95
CA GLN A 37 -3.07 -10.96 -9.73
C GLN A 37 -1.60 -11.18 -10.10
N CYS A 38 -1.30 -11.22 -11.37
CA CYS A 38 0.11 -11.43 -11.81
C CYS A 38 0.52 -12.87 -11.52
N LYS A 39 1.60 -13.32 -12.10
CA LYS A 39 2.06 -14.72 -11.86
C LYS A 39 2.23 -14.94 -10.35
N SER A 40 2.90 -15.99 -9.97
CA SER A 40 3.09 -16.26 -8.53
C SER A 40 3.89 -15.11 -7.88
N LYS A 41 5.16 -15.30 -7.69
CA LYS A 41 6.00 -14.23 -7.07
C LYS A 41 7.31 -14.09 -7.87
N PRO A 42 7.88 -12.91 -7.90
CA PRO A 42 9.15 -12.66 -8.64
C PRO A 42 10.32 -13.45 -8.04
N PRO A 43 11.30 -13.77 -8.84
CA PRO A 43 12.49 -14.54 -8.36
C PRO A 43 13.46 -13.67 -7.55
N LYS A 44 13.74 -14.07 -6.34
CA LYS A 44 14.68 -13.28 -5.49
C LYS A 44 14.14 -11.86 -5.31
N LYS A 45 14.91 -11.01 -4.68
CA LYS A 45 14.45 -9.61 -4.46
C LYS A 45 15.65 -8.67 -4.51
N GLY A 46 15.87 -7.91 -3.47
CA GLY A 46 17.04 -6.97 -3.45
C GLY A 46 16.96 -6.07 -2.22
N VAL A 47 17.85 -6.25 -1.29
CA VAL A 47 17.82 -5.40 -0.06
C VAL A 47 17.69 -3.92 -0.46
N GLN A 48 17.94 -3.61 -1.70
CA GLN A 48 17.82 -2.19 -2.15
C GLN A 48 17.56 -2.15 -3.66
N GLY A 49 17.19 -3.26 -4.23
CA GLY A 49 16.92 -3.29 -5.70
C GLY A 49 15.67 -4.14 -5.97
N CYS A 50 14.97 -3.86 -7.03
CA CYS A 50 13.73 -4.64 -7.34
C CYS A 50 13.23 -4.25 -8.74
N GLY A 51 13.50 -3.04 -9.16
CA GLY A 51 13.04 -2.59 -10.50
C GLY A 51 12.38 -1.21 -10.38
N ASP A 52 13.00 -0.31 -9.68
CA ASP A 52 12.40 1.04 -9.52
C ASP A 52 12.00 1.59 -10.89
N ASP A 53 12.84 1.42 -11.88
CA ASP A 53 12.50 1.93 -13.24
C ASP A 53 12.18 3.42 -13.15
N ILE A 54 11.21 3.88 -13.89
CA ILE A 54 10.85 5.33 -13.85
C ILE A 54 9.34 5.48 -14.03
N PRO A 55 8.59 5.26 -12.99
CA PRO A 55 7.12 5.39 -13.00
C PRO A 55 6.67 6.82 -12.69
N GLY A 56 6.96 7.28 -11.51
CA GLY A 56 6.56 8.67 -11.11
C GLY A 56 7.80 9.43 -10.64
N MET A 57 8.96 8.86 -10.85
CA MET A 57 10.22 9.53 -10.42
C MET A 57 10.36 9.44 -8.90
N GLU A 58 9.27 9.22 -8.19
CA GLU A 58 9.36 9.12 -6.70
C GLU A 58 8.21 8.27 -6.17
N GLY A 59 7.73 8.58 -4.99
CA GLY A 59 6.61 7.79 -4.42
C GLY A 59 7.13 6.46 -3.88
N CYS A 60 8.34 6.12 -4.19
CA CYS A 60 8.90 4.83 -3.69
C CYS A 60 10.39 4.74 -4.03
N GLY A 61 11.24 5.11 -3.10
CA GLY A 61 12.70 5.04 -3.37
C GLY A 61 13.48 5.51 -2.13
N THR A 62 12.81 6.16 -1.22
CA THR A 62 13.50 6.64 0.02
C THR A 62 12.54 6.55 1.20
N ASP A 63 11.38 7.13 1.09
CA ASP A 63 10.41 7.08 2.21
C ASP A 63 9.92 5.65 2.42
N ILE A 64 10.53 4.70 1.75
CA ILE A 64 10.09 3.28 1.92
C ILE A 64 10.65 2.73 3.22
N THR A 65 11.84 3.15 3.58
CA THR A 65 12.48 2.65 4.84
C THR A 65 12.03 1.22 5.11
N VAL A 66 11.91 0.41 4.08
CA VAL A 66 11.47 -1.01 4.26
C VAL A 66 10.02 -1.03 4.75
N ILE A 67 9.64 -0.08 5.55
CA ILE A 67 8.23 -0.03 6.05
C ILE A 67 7.72 1.42 6.00
N CYS A 68 7.13 1.79 4.90
CA CYS A 68 6.62 3.19 4.76
C CYS A 68 5.42 3.38 5.70
N PRO A 69 5.21 4.56 6.19
CA PRO A 69 4.06 4.85 7.11
C PRO A 69 2.71 4.57 6.44
N TRP A 70 2.70 4.47 5.13
CA TRP A 70 1.41 4.20 4.43
C TRP A 70 1.09 2.71 4.54
N GLU A 71 1.85 1.98 5.32
CA GLU A 71 1.59 0.52 5.47
C GLU A 71 0.41 0.33 6.44
N ALA A 72 0.34 1.13 7.46
CA ALA A 72 -0.78 0.99 8.44
C ALA A 72 -2.07 1.52 7.80
N CYS A 73 -2.21 1.35 6.51
CA CYS A 73 -3.45 1.84 5.83
C CYS A 73 -4.58 0.84 6.04
N ASN A 74 -4.91 0.54 7.26
CA ASN A 74 -6.01 -0.43 7.52
C ASN A 74 -5.65 -1.76 6.85
N HIS A 75 -4.42 -1.92 6.45
CA HIS A 75 -3.99 -3.18 5.79
C HIS A 75 -5.03 -3.62 4.75
N CYS A 76 -5.96 -2.75 4.42
CA CYS A 76 -6.99 -3.12 3.40
C CYS A 76 -7.65 -4.45 3.80
N GLU A 77 -8.89 -4.41 4.17
CA GLU A 77 -9.60 -5.68 4.56
C GLU A 77 -9.45 -6.71 3.45
N LEU A 78 -10.48 -6.89 2.66
CA LEU A 78 -10.41 -7.88 1.55
C LEU A 78 -10.50 -9.31 2.13
N HIS A 79 -9.38 -9.94 2.39
CA HIS A 79 -9.43 -11.32 2.96
C HIS A 79 -8.03 -11.79 3.35
N GLU A 80 -7.57 -12.86 2.75
CA GLU A 80 -6.22 -13.40 3.10
C GLU A 80 -5.12 -12.43 2.65
N LEU A 81 -5.47 -11.23 2.30
CA LEU A 81 -4.43 -10.26 1.86
C LEU A 81 -4.01 -9.41 3.07
N ALA A 82 -4.96 -8.91 3.81
CA ALA A 82 -4.64 -8.08 4.99
C ALA A 82 -3.98 -8.93 6.09
N GLN A 83 -3.65 -10.16 5.78
CA GLN A 83 -3.03 -11.02 6.82
C GLN A 83 -1.59 -10.56 7.07
N TYR A 84 -1.43 -9.51 7.84
CA TYR A 84 -0.05 -9.00 8.14
C TYR A 84 0.48 -8.23 6.92
N GLY A 85 -0.23 -8.22 5.84
CA GLY A 85 0.26 -7.51 4.63
C GLY A 85 1.74 -7.82 4.44
N ILE A 86 2.06 -9.07 4.28
CA ILE A 86 3.49 -9.50 4.11
C ILE A 86 4.26 -8.47 3.25
N CYS A 87 4.75 -7.43 3.85
CA CYS A 87 5.52 -6.41 3.08
C CYS A 87 6.96 -6.90 2.88
C1C RCY B . 0.60 6.82 14.00
O1G RCY B . -2.03 6.48 15.04
O1H RCY B . -2.45 11.16 15.49
O1J RCY B . 2.81 8.31 12.60
C1L RCY B . -3.51 7.91 16.36
C1M RCY B . -0.14 10.44 13.81
C1P RCY B . -2.35 7.62 15.39
C1Q RCY B . -2.40 9.96 15.73
N1R RCY B . -1.67 8.90 14.92
C1S RCY B . -3.04 9.26 16.92
C1U RCY B . -0.56 9.07 13.90
C1V RCY B . 1.14 8.61 15.71
N1V RCY B . 1.70 8.96 13.30
C1W RCY B . 1.28 10.42 13.22
C1X RCY B . 0.72 8.33 14.27
C1Y RCY B . 2.21 11.30 14.05
C1Z RCY B . 1.28 10.87 11.75
H1S RCY B . -2.24 9.71 17.49
H1U RCY B . -0.90 8.74 12.92
C1C RCY C . -4.10 8.22 -1.01
O1G RCY C . -5.81 7.53 0.96
O1H RCY C . -9.40 9.78 -1.12
O1J RCY C . -2.77 10.41 -2.60
C1L RCY C . -8.21 7.62 1.41
C1M RCY C . -6.48 10.94 -1.77
C1P RCY C . -6.91 7.99 0.68
C1Q RCY C . -8.65 9.30 -0.28
N1R RCY C . -7.17 9.00 -0.44
C1S RCY C . -9.03 8.88 1.13
C1U RCY C . -6.19 9.56 -1.48
C1V RCY C . -4.65 10.25 0.41
N1V RCY C . -4.12 10.51 -2.02
C1W RCY C . -5.19 11.55 -2.34
C1X RCY C . -4.75 9.60 -0.97
C1Y RCY C . -4.88 12.87 -1.64
C1Z RCY C . -5.28 11.74 -3.85
H1S RCY C . -9.04 9.94 1.33
H1U RCY C . -6.24 8.98 -2.38
C1C RCY D . -5.69 1.37 -11.86
O1G RCY D . -1.41 2.00 -14.52
O1H RCY D . -6.09 1.80 -15.16
O1J RCY D . -4.59 -0.52 -9.78
C1L RCY D . -2.95 3.15 -16.05
C1M RCY D . -2.60 -0.28 -13.06
C1P RCY D . -2.56 2.16 -14.94
C1Q RCY D . -4.87 1.87 -15.36
N1R RCY D . -3.77 1.37 -14.44
C1S RCY D . -4.20 2.46 -16.59
C1U RCY D . -3.86 0.36 -13.29
C1V RCY D . -3.31 2.21 -11.66
N1V RCY D . -3.88 -0.14 -11.00
C1W RCY D . -2.65 -0.81 -11.62
C1X RCY D . -4.21 1.00 -11.95
C1Y RCY D . -1.39 -0.41 -10.85
C1Z RCY D . -2.83 -2.33 -11.59
H1S RCY D . -4.53 1.55 -17.08
H1U RCY D . -4.60 -0.39 -13.53
C1C RCY E . -1.41 -6.49 -4.94
O1G RCY E . 0.17 -8.04 -5.71
O1H RCY E . -2.51 -8.22 -9.60
O1J RCY E . -2.33 -4.25 -6.73
C1L RCY E . 0.68 -8.37 -8.08
C1M RCY E . -4.09 -7.61 -7.22
C1P RCY E . -0.23 -8.17 -6.87
C1Q RCY E . -1.64 -8.45 -8.76
N1R RCY E . -1.70 -8.14 -7.27
C1S RCY E . -0.29 -9.10 -9.02
C1U RCY E . -2.94 -7.87 -6.41
C1V RCY E . -3.91 -6.51 -4.51
N1V RCY E . -3.00 -5.54 -6.63
C1W RCY E . -4.06 -6.11 -7.56
C1X RCY E . -2.80 -6.61 -5.56
C1Y RCY E . -5.42 -5.47 -7.30
C1Z RCY E . -3.63 -5.89 -9.01
H1S RCY E . -0.86 -10.02 -9.10
H1U RCY E . -3.13 -8.71 -5.77
C1C RCY F . 6.68 -6.93 -3.17
O1G RCY F . 7.42 -2.42 -6.00
O1H RCY F . 8.83 -6.90 -5.44
O1J RCY F . 3.74 -7.53 -3.46
C1L RCY F . 9.53 -3.58 -6.44
C1M RCY F . 5.17 -4.96 -5.91
C1P RCY F . 8.08 -3.46 -5.95
C1Q RCY F . 8.81 -5.67 -5.46
N1R RCY F . 7.56 -4.79 -5.39
C1S RCY F . 10.00 -4.74 -5.56
C1U RCY F . 6.16 -5.15 -4.89
C1V RCY F . 6.56 -7.54 -5.63
N1V RCY F . 4.51 -6.74 -4.41
C1W RCY F . 3.98 -5.83 -5.52
C1X RCY F . 6.03 -6.62 -4.52
C1Y RCY F . 3.51 -6.67 -6.72
C1Z RCY F . 2.82 -4.99 -4.97
H1S RCY F . 10.17 -5.02 -4.53
H1U RCY F . 5.92 -4.53 -4.03
C1C RCY G . 1.01 4.70 -6.05
O1G RCY G . 3.16 4.36 -7.59
O1H RCY G . 6.09 4.10 -3.89
O1J RCY G . -0.46 5.87 -3.69
C1L RCY G . 5.57 4.01 -7.38
C1M RCY G . 3.31 5.32 -3.22
C1P RCY G . 4.15 4.27 -6.86
C1Q RCY G . 5.61 4.35 -5.00
N1R RCY G . 4.13 4.43 -5.34
C1S RCY G . 6.39 4.66 -6.26
C1U RCY G . 2.93 4.62 -4.42
C1V RCY G . 2.39 6.78 -5.60
N1V RCY G . 0.99 5.76 -3.78
C1W RCY G . 2.02 5.92 -2.65
C1X RCY G . 1.83 5.48 -5.02
C1Y RCY G . 2.21 7.41 -2.32
C1Z RCY G . 1.54 5.15 -1.42
H1S RCY G . 6.58 5.62 -5.80
H1U RCY G . 2.53 3.65 -4.15
C1C RCY H . -0.86 4.15 1.95
O1G RCY H . 2.96 4.84 -1.11
O1H RCY H . 2.02 1.63 2.23
O1J RCY H . -3.22 2.92 0.56
C1L RCY H . 4.33 3.75 0.59
C1M RCY H . 0.20 2.18 -1.00
C1P RCY H . 3.03 4.07 -0.16
C1Q RCY H . 2.47 2.61 1.63
N1R RCY H . 1.84 3.31 0.43
C1S RCY H . 3.76 3.34 1.95
C1U RCY H . 0.39 3.25 -0.06
C1V RCY H . -0.16 1.71 1.88
N1V RCY H . -1.84 2.61 0.24
C1W RCY H . -1.30 1.87 -0.99
C1X RCY H . -0.60 2.94 1.05
C1Y RCY H . -1.53 0.37 -0.86
C1Z RCY H . -2.00 2.42 -2.24
H1S RCY H . 3.19 3.75 2.79
H1U RCY H . 0.13 4.20 -0.52
C1C RCY I . -1.12 4.57 -1.92
O1G RCY I . -0.94 2.50 -0.28
O1H RCY I . -5.27 3.90 0.95
O1J RCY I . -0.54 1.72 -2.71
C1L RCY I . -2.11 2.63 1.87
C1M RCY I . -4.25 2.63 -2.33
C1P RCY I . -1.94 2.82 0.35
C1Q RCY I . -4.05 3.73 0.94
N1R RCY I . -3.19 3.44 -0.27
C1S RCY I . -3.14 3.73 2.16
C1U RCY I . -3.50 3.71 -1.76
C1V RCY I . -2.54 4.35 -4.01
N1V RCY I . -1.87 2.31 -2.70
C1W RCY I . -3.22 1.59 -2.79
C1X RCY I . -2.24 3.79 -2.62
C1Y RCY I . -3.50 1.15 -4.23
C1Z RCY I . -3.20 0.38 -1.85
H1S RCY I . -3.26 4.80 2.12
H1U RCY I . -4.06 4.63 -1.84
C1C RCY J . -3.00 -0.11 5.94
O1G RCY J . -1.34 0.32 0.76
O1H RCY J . -4.58 -1.13 3.88
O1J RCY J . -0.61 1.19 7.23
C1L RCY J . -3.66 -0.44 0.54
C1M RCY J . -0.36 0.59 3.44
C1P RCY J . -2.35 -0.12 1.29
C1Q RCY J . -3.88 -1.04 2.87
N1R RCY J . -2.49 -0.42 2.78
C1S RCY J . -4.25 -1.50 1.47
C1U RCY J . -1.48 -0.16 3.91
C1V RCY J . -2.74 1.96 4.49
N1V RCY J . -0.79 1.06 5.78
C1W RCY J . 0.26 1.25 4.69
C1X RCY J . -2.06 0.70 5.04
C1Y RCY J . 0.51 2.74 4.44
C1Z RCY J . 1.55 0.54 5.11
H1S RCY J . -4.05 -2.49 1.87
H1U RCY J . -1.15 -1.11 4.32
C1C RCY K . 1.25 -7.89 2.12
O1G RCY K . 2.01 -4.16 -0.75
O1H RCY K . 3.35 -5.17 3.67
O1J RCY K . -1.71 -8.23 1.68
C1L RCY K . 4.11 -3.84 0.48
C1M RCY K . -0.36 -4.68 1.22
C1P RCY K . 2.64 -4.26 0.30
C1Q RCY K . 3.20 -4.61 2.59
N1R RCY K . 2.05 -4.82 1.60
C1S RCY K . 4.12 -3.56 1.98
C1U RCY K . 0.68 -5.43 1.86
C1V RCY K . 0.98 -6.89 -0.19
N1V RCY K . -0.98 -7.01 1.37
C1W RCY K . -1.55 -5.63 1.06
C1X RCY K . 0.54 -6.83 1.27
C1Y RCY K . -2.09 -5.58 -0.37
C1Z RCY K . -2.65 -5.31 2.06
H1S RCY K . 3.68 -2.90 2.72
H1U RCY K . 0.49 -5.46 2.92
N MET A 1 5.07 -9.79 26.20
CA MET A 1 6.50 -9.36 26.19
C MET A 1 6.62 -8.01 25.48
N ASN A 2 6.00 -7.87 24.33
CA ASN A 2 6.07 -6.59 23.58
C ASN A 2 4.66 -6.01 23.43
N LEU A 3 3.78 -6.31 24.34
CA LEU A 3 2.40 -5.78 24.24
C LEU A 3 2.40 -4.30 24.64
N GLU A 4 3.53 -3.65 24.52
CA GLU A 4 3.59 -2.20 24.89
C GLU A 4 2.99 -1.36 23.75
N PRO A 5 2.39 -0.24 24.08
CA PRO A 5 1.77 0.65 23.07
C PRO A 5 2.61 0.74 21.78
N PRO A 6 1.99 1.08 20.68
CA PRO A 6 2.70 1.21 19.37
C PRO A 6 3.63 2.42 19.33
N LYS A 7 4.68 2.34 18.56
CA LYS A 7 5.63 3.49 18.48
C LYS A 7 4.92 4.70 17.85
N ALA A 8 4.32 5.53 18.66
CA ALA A 8 3.61 6.72 18.11
C ALA A 8 4.62 7.84 17.82
N GLU A 9 5.54 8.07 18.72
CA GLU A 9 6.55 9.14 18.51
C GLU A 9 5.85 10.46 18.18
N CYS A 10 5.59 10.72 16.92
CA CYS A 10 4.92 11.99 16.55
C CYS A 10 3.44 11.94 16.97
N ARG A 11 3.10 12.56 18.06
CA ARG A 11 1.69 12.55 18.52
C ARG A 11 1.12 11.13 18.43
N SER A 12 -0.18 11.00 18.44
CA SER A 12 -0.79 9.64 18.35
C SER A 12 -0.76 9.17 16.89
N ALA A 13 -1.86 9.26 16.20
CA ALA A 13 -1.89 8.82 14.78
C ALA A 13 -3.19 9.27 14.13
N THR A 14 -3.76 10.35 14.59
CA THR A 14 -5.03 10.85 13.99
C THR A 14 -4.72 11.94 12.96
N ARG A 15 -4.88 13.18 13.33
CA ARG A 15 -4.58 14.29 12.38
C ARG A 15 -5.38 14.07 11.09
N VAL A 16 -6.39 14.88 10.86
CA VAL A 16 -7.19 14.71 9.62
C VAL A 16 -7.62 13.25 9.48
N MET A 17 -8.19 12.69 10.51
CA MET A 17 -8.63 11.27 10.43
C MET A 17 -9.92 11.09 11.26
N GLY A 18 -11.00 11.67 10.81
CA GLY A 18 -12.28 11.53 11.57
C GLY A 18 -13.41 12.19 10.77
N GLY A 19 -13.38 13.49 10.65
CA GLY A 19 -14.47 14.17 9.89
C GLY A 19 -14.33 13.84 8.39
N PRO A 20 -15.42 13.82 7.68
CA PRO A 20 -15.41 13.50 6.22
C PRO A 20 -14.26 14.19 5.48
N CYS A 21 -13.23 13.45 5.17
CA CYS A 21 -12.07 14.05 4.43
C CYS A 21 -12.35 14.00 2.93
N THR A 22 -11.75 14.87 2.17
CA THR A 22 -11.97 14.88 0.69
C THR A 22 -10.63 14.86 -0.04
N PRO A 23 -10.39 13.90 -0.90
CA PRO A 23 -9.11 13.79 -1.66
C PRO A 23 -9.03 14.79 -2.82
N ARG A 24 -9.69 14.51 -3.90
CA ARG A 24 -9.66 15.43 -5.07
C ARG A 24 -8.27 15.37 -5.74
N LYS A 25 -7.31 16.07 -5.20
CA LYS A 25 -5.95 16.04 -5.81
C LYS A 25 -5.16 14.86 -5.22
N GLY A 26 -3.86 14.86 -5.40
CA GLY A 26 -3.05 13.73 -4.86
C GLY A 26 -3.00 12.58 -5.85
N PRO A 27 -2.69 11.40 -5.39
CA PRO A 27 -2.61 10.19 -6.26
C PRO A 27 -3.82 10.04 -7.19
N PRO A 28 -3.71 9.27 -8.24
CA PRO A 28 -4.81 9.06 -9.21
C PRO A 28 -6.18 8.97 -8.53
N LYS A 29 -7.22 9.34 -9.23
CA LYS A 29 -8.58 9.29 -8.63
C LYS A 29 -9.23 7.94 -8.95
N CYS A 30 -10.41 7.95 -9.52
CA CYS A 30 -11.09 6.68 -9.86
C CYS A 30 -11.25 5.84 -8.60
N LYS A 31 -11.79 4.65 -8.72
CA LYS A 31 -11.97 3.78 -7.52
C LYS A 31 -11.67 2.32 -7.91
N GLN A 32 -11.02 2.13 -9.03
CA GLN A 32 -10.69 0.74 -9.46
C GLN A 32 -11.97 -0.09 -9.58
N ARG A 33 -12.28 -0.56 -10.76
CA ARG A 33 -13.52 -1.37 -10.95
C ARG A 33 -13.18 -2.68 -11.66
N GLN A 34 -13.35 -3.79 -10.98
CA GLN A 34 -13.04 -5.11 -11.60
C GLN A 34 -11.56 -5.15 -12.01
N THR A 35 -10.83 -4.11 -11.74
CA THR A 35 -9.38 -4.09 -12.09
C THR A 35 -8.57 -4.65 -10.94
N ARG A 36 -9.23 -5.10 -9.90
CA ARG A 36 -8.50 -5.67 -8.74
C ARG A 36 -8.34 -7.18 -8.92
N GLN A 37 -7.80 -7.59 -10.03
CA GLN A 37 -7.60 -9.05 -10.27
C GLN A 37 -6.37 -9.27 -11.15
N CYS A 38 -5.47 -10.12 -10.73
CA CYS A 38 -4.25 -10.38 -11.55
C CYS A 38 -3.81 -11.84 -11.35
N LYS A 39 -2.65 -12.05 -10.78
CA LYS A 39 -2.16 -13.44 -10.56
C LYS A 39 -2.12 -13.71 -9.05
N SER A 40 -3.10 -14.40 -8.54
CA SER A 40 -3.11 -14.70 -7.07
C SER A 40 -1.94 -15.60 -6.72
N LYS A 41 -1.21 -16.06 -7.70
CA LYS A 41 -0.04 -16.94 -7.41
C LYS A 41 1.02 -16.15 -6.65
N PRO A 42 1.81 -16.80 -5.84
CA PRO A 42 2.88 -16.13 -5.04
C PRO A 42 4.02 -15.62 -5.93
N PRO A 43 4.81 -14.71 -5.42
CA PRO A 43 5.96 -14.13 -6.17
C PRO A 43 7.11 -15.14 -6.34
N LYS A 44 8.02 -14.86 -7.23
CA LYS A 44 9.16 -15.79 -7.43
C LYS A 44 10.13 -15.69 -6.25
N LYS A 45 9.61 -15.73 -5.05
CA LYS A 45 10.49 -15.64 -3.85
C LYS A 45 11.39 -14.41 -3.98
N GLY A 46 10.96 -13.29 -3.46
CA GLY A 46 11.78 -12.04 -3.55
C GLY A 46 11.81 -11.37 -2.17
N VAL A 47 12.44 -11.97 -1.21
CA VAL A 47 12.51 -11.36 0.14
C VAL A 47 12.93 -9.90 0.02
N GLN A 48 13.72 -9.58 -0.96
CA GLN A 48 14.17 -8.16 -1.14
C GLN A 48 14.23 -7.84 -2.63
N GLY A 49 13.29 -8.33 -3.38
CA GLY A 49 13.29 -8.05 -4.85
C GLY A 49 11.86 -8.16 -5.39
N CYS A 50 10.91 -8.36 -4.51
CA CYS A 50 9.48 -8.48 -4.94
C CYS A 50 9.40 -9.28 -6.25
N GLY A 51 9.63 -10.56 -6.18
CA GLY A 51 9.56 -11.40 -7.42
C GLY A 51 10.36 -10.74 -8.55
N ASP A 52 11.13 -9.73 -8.23
CA ASP A 52 11.92 -9.05 -9.29
C ASP A 52 11.05 -8.79 -10.52
N ASP A 53 9.75 -8.85 -10.36
CA ASP A 53 8.86 -8.61 -11.52
C ASP A 53 8.65 -7.11 -11.72
N ILE A 54 8.16 -6.72 -12.87
CA ILE A 54 7.93 -5.26 -13.12
C ILE A 54 6.76 -5.09 -14.09
N PRO A 55 5.55 -5.11 -13.59
CA PRO A 55 4.33 -4.96 -14.43
C PRO A 55 4.05 -3.50 -14.78
N GLY A 56 4.11 -2.63 -13.81
CA GLY A 56 3.85 -1.19 -14.08
C GLY A 56 5.07 -0.55 -14.74
N MET A 57 6.01 -1.36 -15.16
CA MET A 57 7.24 -0.80 -15.80
C MET A 57 7.79 0.34 -14.94
N GLU A 58 7.44 0.37 -13.69
CA GLU A 58 7.94 1.46 -12.80
C GLU A 58 7.79 2.80 -13.51
N GLY A 59 6.70 3.48 -13.30
CA GLY A 59 6.49 4.80 -13.96
C GLY A 59 5.43 5.60 -13.20
N CYS A 60 5.78 6.13 -12.07
CA CYS A 60 4.80 6.92 -11.27
C CYS A 60 5.55 7.91 -10.37
N GLY A 61 6.57 7.45 -9.72
CA GLY A 61 7.36 8.34 -8.82
C GLY A 61 8.66 7.64 -8.43
N THR A 62 8.62 6.34 -8.31
CA THR A 62 9.85 5.58 -7.94
C THR A 62 10.31 5.95 -6.53
N ASP A 63 10.76 7.16 -6.34
CA ASP A 63 11.23 7.58 -4.99
C ASP A 63 10.18 7.21 -3.93
N ILE A 64 10.37 6.11 -3.24
CA ILE A 64 9.40 5.71 -2.18
C ILE A 64 8.03 5.37 -2.79
N THR A 65 7.63 6.10 -3.80
CA THR A 65 6.31 5.84 -4.43
C THR A 65 6.15 4.36 -4.76
N VAL A 66 6.86 3.87 -5.74
CA VAL A 66 6.73 2.44 -6.13
C VAL A 66 7.08 1.53 -4.95
N ILE A 67 8.19 1.74 -4.31
CA ILE A 67 8.56 0.87 -3.15
C ILE A 67 9.10 1.72 -2.01
N CYS A 68 8.36 1.82 -0.95
CA CYS A 68 8.85 2.62 0.20
C CYS A 68 9.56 1.67 1.20
N PRO A 69 10.67 2.09 1.74
CA PRO A 69 11.47 1.23 2.69
C PRO A 69 10.73 0.91 3.99
N TRP A 70 9.78 1.70 4.40
CA TRP A 70 9.07 1.39 5.68
C TRP A 70 8.00 0.31 5.42
N GLU A 71 7.86 -0.16 4.21
CA GLU A 71 6.83 -1.22 3.94
C GLU A 71 7.37 -2.21 2.92
N ALA A 72 8.66 -2.45 2.92
CA ALA A 72 9.23 -3.42 1.95
C ALA A 72 8.54 -4.77 2.12
N CYS A 73 8.25 -5.45 1.04
CA CYS A 73 7.58 -6.78 1.16
C CYS A 73 8.32 -7.63 2.19
N ASN A 74 7.74 -7.82 3.34
CA ASN A 74 8.41 -8.64 4.40
C ASN A 74 7.37 -9.47 5.15
N HIS A 75 6.73 -8.90 6.12
CA HIS A 75 5.70 -9.66 6.90
C HIS A 75 4.34 -9.54 6.21
N CYS A 76 4.31 -9.64 4.91
CA CYS A 76 3.01 -9.55 4.18
C CYS A 76 3.07 -10.42 2.92
N GLU A 77 4.02 -11.30 2.85
CA GLU A 77 4.14 -12.19 1.64
C GLU A 77 2.79 -12.85 1.38
N LEU A 78 1.93 -12.91 2.36
CA LEU A 78 0.60 -13.55 2.16
C LEU A 78 -0.37 -12.51 1.60
N HIS A 79 -1.02 -12.81 0.51
CA HIS A 79 -1.99 -11.84 -0.08
C HIS A 79 -3.35 -12.52 -0.25
N GLU A 80 -3.36 -13.81 -0.49
CA GLU A 80 -4.64 -14.56 -0.65
C GLU A 80 -5.73 -13.66 -1.26
N LEU A 81 -6.98 -13.94 -0.96
CA LEU A 81 -8.09 -13.11 -1.53
C LEU A 81 -8.55 -12.09 -0.49
N ALA A 82 -7.69 -11.73 0.42
CA ALA A 82 -8.08 -10.75 1.47
C ALA A 82 -8.56 -9.46 0.80
N GLN A 83 -9.70 -8.95 1.19
CA GLN A 83 -10.21 -7.68 0.59
C GLN A 83 -11.44 -7.21 1.36
N TYR A 84 -12.07 -6.16 0.90
CA TYR A 84 -13.29 -5.64 1.58
C TYR A 84 -12.90 -4.95 2.89
N GLY A 85 -11.82 -5.36 3.51
CA GLY A 85 -11.42 -4.72 4.79
C GLY A 85 -9.91 -4.86 4.99
N ILE A 86 -9.43 -6.07 5.11
CA ILE A 86 -7.97 -6.28 5.32
C ILE A 86 -7.17 -5.31 4.44
N CYS A 87 -7.15 -5.54 3.16
CA CYS A 87 -6.40 -4.63 2.24
C CYS A 87 -7.21 -3.34 2.04
C1C RCY B . -1.39 12.46 13.03
O1G RCY B . 0.51 12.26 12.44
O1H RCY B . 2.41 13.98 16.40
O1J RCY B . -1.00 9.73 14.23
C1L RCY B . 2.80 12.81 13.10
C1M RCY B . -0.50 12.69 16.61
C1P RCY B . 1.28 12.71 13.28
C1Q RCY B . 2.16 13.76 15.22
N1R RCY B . 0.85 13.24 14.65
C1S RCY B . 3.10 13.97 14.05
C1U RCY B . -0.54 13.23 15.29
C1V RCY B . -2.97 12.57 15.02
N1V RCY B . -1.05 10.97 15.01
C1W RCY B . -0.63 11.17 16.46
C1X RCY B . -1.54 12.33 14.55
C1Y RCY B . -1.69 10.61 17.41
C1Z RCY B . 0.72 10.48 16.70
H1S RCY B . 2.89 15.02 14.20
H1U RCY B . -0.92 14.24 15.32
C1C RCY C . -4.73 10.01 4.68
O1G RCY C . -6.24 10.51 2.70
O1H RCY C . -8.83 12.88 5.87
O1J RCY C . -3.84 11.50 2.22
C1L RCY C . -8.65 10.82 2.99
C1M RCY C . -5.41 13.64 4.99
C1P RCY C . -7.17 10.98 3.35
C1Q RCY C . -8.42 12.02 5.08
N1R RCY C . -6.98 11.80 4.63
C1S RCY C . -9.27 10.97 4.38
C1U RCY C . -5.69 12.27 5.31
C1V RCY C . -3.24 11.79 5.71
N1V RCY C . -4.28 12.15 3.46
C1W RCY C . -4.65 13.61 3.65
C1X RCY C . -4.46 11.51 4.82
C1Y RCY C . -3.39 14.49 3.73
C1Z RCY C . -5.55 14.06 2.50
H1S RCY C . -9.31 10.50 5.36
H1U RCY C . -5.79 12.16 6.38
C1C RCY D . -4.48 8.95 -8.69
O1G RCY D . -7.83 7.68 -6.79
O1H RCY D . -6.37 6.10 -11.00
O1J RCY D . -5.44 9.57 -5.91
C1L RCY D . -8.93 7.44 -8.97
C1M RCY D . -5.23 5.85 -6.82
C1P RCY D . -7.76 7.38 -7.99
C1Q RCY D . -6.91 6.77 -10.12
N1R RCY D . -6.47 6.89 -8.66
C1S RCY D . -8.16 7.62 -10.29
C1U RCY D . -5.11 6.59 -8.05
C1V RCY D . -2.89 7.56 -7.31
N1V RCY D . -5.11 8.23 -6.38
C1W RCY D . -5.45 6.89 -5.72
C1X RCY D . -4.35 7.85 -7.64
C1Y RCY D . -4.51 6.63 -4.54
C1Z RCY D . -6.90 6.92 -5.25
H1S RCY D . -7.50 8.30 -10.79
H1U RCY D . -4.52 6.02 -8.75
C1C RCY E . -1.79 -5.77 -6.30
O1G RCY E . -4.92 -4.64 -7.96
O1H RCY E . -3.29 -8.95 -8.97
O1J RCY E . -3.73 -3.57 -5.63
C1L RCY E . -4.47 -5.80 -10.07
C1M RCY E . -5.20 -7.09 -5.73
C1P RCY E . -4.51 -5.63 -8.54
C1Q RCY E . -3.50 -7.73 -8.99
N1R RCY E . -3.96 -6.87 -7.82
C1S RCY E . -3.33 -6.81 -10.19
C1U RCY E . -3.90 -7.18 -6.33
C1V RCY E . -2.77 -6.63 -4.13
N1V RCY E . -4.04 -4.98 -5.53
C1W RCY E . -5.42 -5.62 -5.37
C1X RCY E . -3.07 -6.15 -5.55
C1Y RCY E . -5.92 -5.48 -3.92
C1Z RCY E . -6.40 -4.96 -6.33
H1S RCY E . -2.27 -6.93 -10.00
H1U RCY E . -3.50 -8.16 -6.18
C1C RCY F . 5.13 -7.36 -9.56
O1G RCY F . 7.01 -3.45 -9.81
O1H RCY F . 6.83 -6.90 -6.59
O1J RCY F . 4.72 -8.52 -6.80
C1L RCY F . 8.73 -4.62 -8.51
C1M RCY F . 4.07 -4.75 -7.16
C1P RCY F . 7.29 -4.28 -8.95
C1Q RCY F . 7.14 -5.87 -7.19
N1R RCY F . 6.27 -5.11 -8.18
C1S RCY F . 8.45 -5.12 -7.09
C1U RCY F . 4.74 -5.16 -8.35
C1V RCY F . 2.77 -6.58 -9.06
N1V RCY F . 4.34 -7.16 -7.19
C1W RCY F . 3.97 -6.00 -6.26
C1X RCY F . 4.23 -6.58 -8.60
C1Y RCY F . 2.54 -6.17 -5.74
C1Z RCY F . 4.96 -5.93 -5.11
H1S RCY F . 8.08 -4.79 -6.13
H1U RCY F . 4.45 -4.53 -9.18
C1C RCY G . 2.10 2.18 -5.90
O1G RCY G . -0.76 1.93 -9.66
O1H RCY G . 3.90 2.65 -9.54
O1J RCY G . 3.03 -0.47 -4.80
C1L RCY G . 0.73 3.44 -10.88
C1M RCY G . 2.27 -0.39 -8.55
C1P RCY G . 0.37 2.37 -9.84
C1Q RCY G . 2.69 2.84 -9.60
N1R RCY G . 1.60 1.91 -9.06
C1S RCY G . 1.98 4.02 -10.24
C1U RCY G . 1.73 0.81 -7.99
C1V RCY G . 4.05 1.67 -7.44
N1V RCY G . 2.87 -0.18 -6.22
C1W RCY G . 2.85 -1.18 -7.38
C1X RCY G . 2.70 1.18 -6.88
C1Y RCY G . 4.26 -1.65 -7.70
C1Z RCY G . 1.96 -2.36 -7.00
H1S RCY G . 2.31 4.55 -9.36
H1U RCY G . 0.75 0.61 -7.57
C1C RCY H . 1.66 -1.34 0.35
O1G RCY H . 5.00 0.25 -3.19
O1H RCY H . 3.60 1.18 1.23
O1J RCY H . -0.51 -2.23 -1.55
C1L RCY H . 6.17 1.04 -1.19
C1M RCY H . 2.07 0.23 -2.98
C1P RCY H . 4.95 0.60 -2.00
C1Q RCY H . 4.16 1.24 0.14
N1R RCY H . 3.67 0.65 -1.18
C1S RCY H . 5.48 1.93 -0.14
C1U RCY H . 2.25 0.22 -1.56
C1V RCY H . 3.04 -2.19 -1.61
N1V RCY H . 0.66 -1.46 -1.95
C1W RCY H . 0.89 -0.72 -3.27
C1X RCY H . 1.94 -1.22 -1.15
C1Y RCY H . 1.25 -1.70 -4.38
C1Z RCY H . -0.37 0.07 -3.62
H1S RCY H . 4.91 2.84 -0.06
H1U RCY H . 1.53 0.88 -1.10
C1C RCY I . 5.27 -1.79 -3.15
O1G RCY I . 8.57 -1.32 -0.88
O1H RCY I . 5.72 -5.06 -1.24
O1J RCY I . 3.40 -4.11 -2.74
C1L RCY I . 8.97 -3.69 -1.30
C1M RCY I . 4.61 -2.36 0.44
C1P RCY I . 8.12 -2.46 -0.99
C1Q RCY I . 6.67 -4.33 -0.97
N1R RCY I . 6.64 -2.82 -0.84
C1S RCY I . 8.08 -4.78 -0.68
C1U RCY I . 5.44 -1.90 -0.63
C1V RCY I . 3.48 -0.72 -1.71
N1V RCY I . 3.81 -3.21 -1.68
C1W RCY I . 3.64 -3.39 -0.18
C1X RCY I . 4.50 -1.85 -1.84
C1Y RCY I . 2.21 -3.11 0.24
C1Z RCY I . 4.05 -4.82 0.19
H1S RCY I . 7.68 -5.11 0.27
H1U RCY I . 5.78 -0.90 -0.40
C1C RCY J . 0.72 -2.75 4.13
O1G RCY J . 2.75 -7.44 6.37
O1H RCY J . 0.15 -6.79 6.65
O1J RCY J . -2.25 -2.65 3.61
C1L RCY J . 0.62 -6.43 5.51
C1M RCY J . -0.85 -6.04 4.72
C1P RCY J . 1.96 -6.52 6.28
C1Q RCY J . 1.33 -6.60 6.37
N1R RCY J . 1.54 -5.70 5.09
C1S RCY J . 2.06 -5.87 5.32
C1U RCY J . 0.27 -5.23 4.38
C1V RCY J . -0.19 -3.66 6.32
N1V RCY J . -1.56 -3.78 4.22
C1W RCY J . -2.10 -5.20 4.43
C1X RCY J . -0.16 -3.82 4.79
C1Y RCY J . -3.06 -5.23 5.62
C1Z RCY J . -2.81 -5.66 3.15
H1S RCY J . 2.64 -5.30 6.02
H1U RCY J . 0.43 -5.26 3.31
C1C RCY K . -3.46 -3.26 -5.59
O1G RCY K . -5.16 -4.76 -4.08
O1H RCY K . -2.09 -4.79 -0.50
O1J RCY K . -0.82 -3.32 -7.04
C1L RCY K . -5.36 -5.35 -1.72
C1M RCY K . -0.84 -4.85 -3.53
C1P RCY K . -4.62 -4.90 -2.99
C1Q RCY K . -3.00 -5.09 -1.28
N1R RCY K . -3.14 -4.66 -2.73
C1S RCY K . -4.19 -5.99 -0.95
C1U RCY K . -2.07 -4.12 -3.67
C1V RCY K . -2.88 -5.72 -5.46
N1V RCY K . -1.07 -4.02 -5.79
C1W RCY K . -0.06 -4.63 -4.84
C1X RCY K . -2.43 -4.30 -5.14
C1Y RCY K . 0.45 -5.97 -5.39
C1Z RCY K . 1.10 -3.65 -4.64
H1S RCY K . -3.47 -6.78 -1.01
H1U RCY K . -1.89 -3.08 -3.46
N MET A 1 0.81 14.16 22.10
CA MET A 1 -0.35 13.82 22.98
C MET A 1 -0.40 12.31 23.20
N ASN A 2 -0.28 11.54 22.17
CA ASN A 2 -0.33 10.06 22.31
C ASN A 2 0.31 9.40 21.09
N LEU A 3 0.28 10.06 19.96
CA LEU A 3 0.88 9.47 18.74
C LEU A 3 1.16 10.58 17.72
N GLU A 4 2.33 11.16 17.76
CA GLU A 4 2.67 12.25 16.80
C GLU A 4 3.24 11.65 15.51
N PRO A 5 2.58 11.82 14.40
CA PRO A 5 3.06 11.26 13.09
C PRO A 5 4.57 11.49 12.90
N PRO A 6 5.20 10.68 12.08
CA PRO A 6 6.67 10.79 11.82
C PRO A 6 7.01 12.08 11.04
N LYS A 7 8.25 12.45 11.03
CA LYS A 7 8.65 13.69 10.29
C LYS A 7 8.57 13.43 8.79
N ALA A 8 7.55 12.74 8.35
CA ALA A 8 7.42 12.46 6.89
C ALA A 8 8.70 11.77 6.39
N GLU A 9 8.88 11.72 5.10
CA GLU A 9 10.10 11.07 4.55
C GLU A 9 10.29 11.51 3.09
N CYS A 10 11.52 11.59 2.65
CA CYS A 10 11.78 12.02 1.24
C CYS A 10 13.14 11.51 0.79
N ARG A 11 14.19 12.19 1.17
CA ARG A 11 15.55 11.74 0.75
C ARG A 11 15.57 11.51 -0.76
N SER A 12 14.54 11.92 -1.45
CA SER A 12 14.49 11.72 -2.93
C SER A 12 14.46 13.09 -3.62
N ALA A 13 13.57 13.95 -3.21
CA ALA A 13 13.47 15.30 -3.84
C ALA A 13 13.38 15.15 -5.36
N THR A 14 14.50 15.06 -6.03
CA THR A 14 14.48 14.93 -7.52
C THR A 14 15.46 13.84 -7.94
N ARG A 15 15.15 12.60 -7.68
CA ARG A 15 16.06 11.49 -8.06
C ARG A 15 15.31 10.16 -7.96
N VAL A 16 14.03 10.21 -7.70
CA VAL A 16 13.25 8.95 -7.60
C VAL A 16 13.16 8.28 -8.97
N MET A 17 14.06 7.39 -9.26
CA MET A 17 14.04 6.70 -10.58
C MET A 17 15.09 5.58 -10.58
N GLY A 18 14.84 4.53 -9.86
CA GLY A 18 15.83 3.41 -9.81
C GLY A 18 16.82 3.64 -8.67
N GLY A 19 18.08 3.76 -8.98
CA GLY A 19 19.11 4.01 -7.92
C GLY A 19 18.71 3.29 -6.62
N PRO A 20 18.13 4.00 -5.68
CA PRO A 20 17.69 3.43 -4.39
C PRO A 20 17.16 2.00 -4.54
N CYS A 21 16.32 1.77 -5.52
CA CYS A 21 15.77 0.40 -5.72
C CYS A 21 15.78 0.07 -7.22
N THR A 22 16.50 -0.94 -7.61
CA THR A 22 16.55 -1.30 -9.06
C THR A 22 15.31 -2.15 -9.41
N PRO A 23 14.54 -1.73 -10.39
CA PRO A 23 13.31 -2.48 -10.82
C PRO A 23 13.53 -3.99 -10.91
N ARG A 24 13.29 -4.58 -12.04
CA ARG A 24 13.49 -6.05 -12.18
C ARG A 24 12.76 -6.76 -11.05
N LYS A 25 11.46 -6.67 -11.01
CA LYS A 25 10.69 -7.34 -9.92
C LYS A 25 11.08 -8.83 -9.86
N GLY A 26 11.31 -9.34 -8.68
CA GLY A 26 11.70 -10.77 -8.56
C GLY A 26 12.24 -11.03 -7.14
N PRO A 27 13.29 -10.35 -6.78
CA PRO A 27 13.93 -10.51 -5.44
C PRO A 27 12.90 -10.42 -4.31
N PRO A 28 12.79 -11.42 -3.48
CA PRO A 28 11.82 -11.44 -2.35
C PRO A 28 11.82 -10.10 -1.58
N LYS A 29 10.66 -9.54 -1.37
CA LYS A 29 10.58 -8.24 -0.63
C LYS A 29 9.13 -7.93 -0.30
N CYS A 30 8.24 -8.85 -0.58
CA CYS A 30 6.80 -8.61 -0.29
C CYS A 30 6.17 -9.90 0.27
N LYS A 31 6.94 -10.96 0.31
CA LYS A 31 6.42 -12.25 0.83
C LYS A 31 7.40 -12.79 1.88
N GLN A 32 7.65 -12.03 2.90
CA GLN A 32 8.60 -12.49 3.96
C GLN A 32 8.56 -11.50 5.13
N ARG A 33 7.99 -10.35 4.94
CA ARG A 33 7.92 -9.35 6.04
C ARG A 33 7.03 -9.89 7.17
N GLN A 34 6.26 -9.04 7.79
CA GLN A 34 5.38 -9.49 8.89
C GLN A 34 4.46 -8.33 9.31
N THR A 35 3.96 -7.60 8.35
CA THR A 35 3.07 -6.45 8.69
C THR A 35 2.01 -6.88 9.69
N ARG A 36 0.82 -7.20 9.23
CA ARG A 36 -0.25 -7.62 10.17
C ARG A 36 -1.37 -8.29 9.37
N GLN A 37 -1.04 -8.93 8.29
CA GLN A 37 -2.10 -9.59 7.46
C GLN A 37 -3.17 -8.57 7.07
N CYS A 38 -4.03 -8.93 6.16
CA CYS A 38 -5.10 -7.97 5.73
C CYS A 38 -6.13 -7.83 6.85
N LYS A 39 -5.98 -6.84 7.69
CA LYS A 39 -6.96 -6.64 8.80
C LYS A 39 -7.73 -5.34 8.57
N SER A 40 -7.26 -4.51 7.68
CA SER A 40 -7.98 -3.23 7.40
C SER A 40 -9.47 -3.51 7.23
N LYS A 41 -10.31 -2.74 7.87
CA LYS A 41 -11.78 -2.97 7.74
C LYS A 41 -12.16 -2.93 6.25
N PRO A 42 -13.13 -3.72 5.86
CA PRO A 42 -13.59 -3.77 4.44
C PRO A 42 -14.38 -2.51 4.05
N PRO A 43 -14.51 -2.26 2.77
CA PRO A 43 -15.25 -1.07 2.26
C PRO A 43 -16.77 -1.22 2.45
N LYS A 44 -17.50 -0.15 2.33
CA LYS A 44 -18.98 -0.24 2.50
C LYS A 44 -19.58 -1.03 1.34
N LYS A 45 -18.94 -1.00 0.21
CA LYS A 45 -19.47 -1.75 -0.97
C LYS A 45 -18.44 -1.72 -2.10
N GLY A 46 -17.18 -1.72 -1.77
CA GLY A 46 -16.13 -1.69 -2.83
C GLY A 46 -15.79 -3.11 -3.27
N VAL A 47 -16.20 -4.09 -2.50
CA VAL A 47 -15.89 -5.50 -2.87
C VAL A 47 -16.65 -5.87 -4.16
N GLN A 48 -17.57 -6.77 -4.08
CA GLN A 48 -18.34 -7.16 -5.31
C GLN A 48 -17.36 -7.53 -6.41
N GLY A 49 -16.75 -8.68 -6.33
CA GLY A 49 -15.78 -9.11 -7.38
C GLY A 49 -15.33 -10.54 -7.12
N CYS A 50 -14.22 -10.71 -6.45
CA CYS A 50 -13.73 -12.08 -6.15
C CYS A 50 -12.82 -12.04 -4.92
N GLY A 51 -13.19 -11.27 -3.93
CA GLY A 51 -12.35 -11.20 -2.70
C GLY A 51 -12.56 -12.46 -1.87
N ASP A 52 -12.09 -13.59 -2.34
CA ASP A 52 -12.27 -14.86 -1.57
C ASP A 52 -11.12 -15.81 -1.92
N ASP A 53 -9.94 -15.30 -2.11
CA ASP A 53 -8.79 -16.19 -2.45
C ASP A 53 -7.48 -15.50 -2.06
N ILE A 54 -7.40 -15.01 -0.85
CA ILE A 54 -6.15 -14.32 -0.41
C ILE A 54 -4.92 -15.17 -0.81
N PRO A 55 -4.16 -14.72 -1.78
CA PRO A 55 -2.95 -15.46 -2.24
C PRO A 55 -1.73 -15.20 -1.36
N GLY A 56 -1.57 -14.00 -0.87
CA GLY A 56 -0.40 -13.69 0.00
C GLY A 56 -0.73 -12.48 0.87
N MET A 57 -1.86 -12.49 1.53
CA MET A 57 -2.22 -11.34 2.39
C MET A 57 -2.07 -10.04 1.60
N GLU A 58 -1.41 -9.07 2.18
CA GLU A 58 -1.22 -7.77 1.47
C GLU A 58 -0.40 -6.83 2.36
N GLY A 59 0.70 -6.31 1.87
CA GLY A 59 1.51 -5.39 2.70
C GLY A 59 2.89 -5.20 2.06
N CYS A 60 3.83 -4.69 2.81
CA CYS A 60 5.20 -4.48 2.25
C CYS A 60 6.18 -4.27 3.39
N GLY A 61 6.97 -3.23 3.34
CA GLY A 61 7.96 -2.98 4.43
C GLY A 61 7.32 -2.08 5.50
N THR A 62 7.32 -0.80 5.28
CA THR A 62 6.71 0.14 6.27
C THR A 62 6.07 1.31 5.53
N ASP A 63 5.71 1.13 4.29
CA ASP A 63 5.08 2.23 3.52
C ASP A 63 3.67 2.49 4.06
N ILE A 64 3.52 2.46 5.36
CA ILE A 64 2.17 2.70 5.97
C ILE A 64 1.18 1.64 5.47
N THR A 65 1.16 0.51 6.11
CA THR A 65 0.20 -0.53 5.68
C THR A 65 -1.21 -0.04 6.01
N VAL A 66 -2.01 -0.87 6.63
CA VAL A 66 -3.40 -0.45 6.98
C VAL A 66 -3.97 0.45 5.87
N ILE A 67 -3.80 1.74 6.00
CA ILE A 67 -4.31 2.67 4.95
C ILE A 67 -3.26 3.75 4.64
N CYS A 68 -2.39 3.48 3.70
CA CYS A 68 -1.36 4.49 3.33
C CYS A 68 -2.05 5.72 2.72
N PRO A 69 -1.48 6.88 2.87
CA PRO A 69 -2.07 8.14 2.31
C PRO A 69 -2.20 8.07 0.78
N TRP A 70 -1.66 7.04 0.18
CA TRP A 70 -1.76 6.91 -1.30
C TRP A 70 -3.14 6.36 -1.66
N GLU A 71 -3.87 5.89 -0.67
CA GLU A 71 -5.21 5.33 -0.95
C GLU A 71 -6.26 6.44 -0.82
N ALA A 72 -5.97 7.45 -0.05
CA ALA A 72 -6.95 8.57 0.13
C ALA A 72 -7.25 9.20 -1.22
N CYS A 73 -6.55 8.79 -2.25
CA CYS A 73 -6.80 9.36 -3.60
C CYS A 73 -8.12 8.83 -4.15
N ASN A 74 -8.37 7.56 -3.98
CA ASN A 74 -9.64 6.96 -4.50
C ASN A 74 -10.24 6.05 -3.42
N HIS A 75 -11.53 5.89 -3.43
CA HIS A 75 -12.17 5.00 -2.40
C HIS A 75 -11.83 3.55 -2.71
N CYS A 76 -10.68 3.30 -3.26
CA CYS A 76 -10.30 1.90 -3.59
C CYS A 76 -11.33 1.30 -4.56
N GLU A 77 -12.28 2.09 -4.98
CA GLU A 77 -13.30 1.59 -5.93
C GLU A 77 -12.62 1.08 -7.20
N LEU A 78 -13.36 0.46 -8.07
CA LEU A 78 -12.75 -0.05 -9.34
C LEU A 78 -13.82 -0.09 -10.43
N HIS A 79 -14.98 0.44 -10.15
CA HIS A 79 -16.07 0.44 -11.17
C HIS A 79 -16.30 1.88 -11.66
N GLU A 80 -16.22 2.83 -10.78
CA GLU A 80 -16.44 4.26 -11.19
C GLU A 80 -15.08 4.94 -11.39
N LEU A 81 -14.22 4.88 -10.42
CA LEU A 81 -12.88 5.52 -10.56
C LEU A 81 -11.94 4.59 -11.34
N ALA A 82 -12.48 3.73 -12.15
CA ALA A 82 -11.62 2.81 -12.94
C ALA A 82 -10.74 3.63 -13.90
N GLN A 83 -9.76 4.32 -13.37
CA GLN A 83 -8.88 5.14 -14.25
C GLN A 83 -8.49 4.30 -15.47
N TYR A 84 -7.55 3.41 -15.31
CA TYR A 84 -7.16 2.53 -16.45
C TYR A 84 -8.00 1.26 -16.38
N GLY A 85 -8.14 0.72 -15.20
CA GLY A 85 -8.96 -0.53 -15.04
C GLY A 85 -8.64 -1.52 -16.15
N ILE A 86 -9.67 -1.98 -16.84
CA ILE A 86 -9.48 -2.97 -17.95
C ILE A 86 -8.15 -3.74 -17.76
N CYS A 87 -7.95 -4.29 -16.60
CA CYS A 87 -6.68 -5.04 -16.33
C CYS A 87 -6.62 -6.26 -17.26
C1C RCY B . 12.74 10.68 -1.55
O1G RCY B . 8.99 13.41 -3.97
O1H RCY B . 11.61 11.94 -0.33
O1J RCY B . 10.75 8.65 -0.60
C1L RCY B . 9.25 14.20 -1.67
C1M RCY B . 10.02 10.25 -4.00
C1P RCY B . 9.50 13.26 -2.86
C1Q RCY B . 10.68 12.37 -1.00
N1R RCY B . 10.46 12.14 -2.50
C1S RCY B . 9.53 13.23 -0.51
C1U RCY B . 11.05 11.04 -3.38
C1V RCY B . 12.68 9.12 -3.53
N1V RCY B . 10.75 9.22 -1.95
C1W RCY B . 9.64 9.17 -2.99
C1X RCY B . 11.87 10.02 -2.61
C1Y RCY B . 9.62 7.79 -3.66
C1Z RCY B . 8.30 9.47 -2.32
H1S RCY B . 9.17 12.32 -0.06
H1U RCY B . 11.66 11.49 -4.15
C1C RCY C . 8.53 4.98 -4.08
O1G RCY C . 11.18 2.24 -1.64
O1H RCY C . 12.42 4.15 -5.78
O1J RCY C . 8.59 7.94 -3.53
C1L RCY C . 12.34 1.36 -3.62
C1M RCY C . 11.89 6.06 -2.96
C1P RCY C . 11.60 2.42 -2.79
C1Q RCY C . 12.02 3.37 -4.92
N1R RCY C . 11.44 3.73 -3.56
C1S RCY C . 12.00 1.86 -5.03
C1U RCY C . 10.86 5.06 -3.10
C1V RCY C . 10.49 5.70 -5.52
N1V RCY C . 9.78 7.09 -3.56
C1W RCY C . 11.18 7.42 -3.05
C1X RCY C . 9.89 5.67 -4.11
C1Y RCY C . 11.91 8.34 -4.03
C1Z RCY C . 11.06 8.08 -1.67
H1S RCY C . 11.18 2.01 -5.70
H1U RCY C . 10.36 4.93 -2.15
C1C RCY D . 3.86 -1.08 -2.74
O1G RCY D . 5.57 -1.95 -1.66
O1H RCY D . 4.07 -6.24 -2.90
O1J RCY D . 3.64 -1.92 -5.62
C1L RCY D . 6.72 -4.08 -1.99
C1M RCY D . 1.93 -4.22 -3.08
C1P RCY D . 5.50 -3.14 -1.92
C1Q RCY D . 4.67 -5.32 -2.35
N1R RCY D . 4.20 -3.89 -2.21
C1S RCY D . 6.04 -5.42 -1.68
C1U RCY D . 2.78 -3.33 -2.33
C1V RCY D . 1.36 -1.34 -2.97
N1V RCY D . 2.90 -2.54 -4.53
C1W RCY D . 2.14 -3.87 -4.55
C1X RCY D . 2.71 -2.02 -3.11
C1Y RCY D . 0.80 -3.71 -5.27
C1Z RCY D . 3.00 -4.93 -5.26
H1S RCY D . 5.50 -5.93 -0.90
H1U RCY D . 2.37 -3.18 -1.34
C1C RCY E . -2.31 -4.53 -1.37
O1G RCY E . -3.41 -6.90 -0.40
O1H RCY E . -6.56 -4.50 2.18
O1J RCY E . -2.15 -1.56 -1.90
C1L RCY E . -4.88 -7.52 1.45
C1M RCY E . -5.01 -2.71 0.38
C1P RCY E . -4.24 -6.56 0.44
C1Q RCY E . -5.66 -5.27 1.84
N1R RCY E . -4.77 -5.13 0.61
C1S RCY E . -5.23 -6.53 2.57
C1U RCY E . -4.48 -3.89 -0.23
C1V RCY E . -2.28 -3.61 1.00
N1V RCY E . -3.04 -2.18 -0.91
C1W RCY E . -4.22 -1.53 -0.20
C1X RCY E . -2.99 -3.59 -0.36
C1Y RCY E . -3.74 -0.60 0.92
C1Z RCY E . -5.06 -0.75 -1.22
H1S RCY E . -4.78 -5.85 3.27
H1U RCY E . -4.91 -4.01 -1.22
C1C RCY F . -6.73 -11.15 -4.15
O1G RCY F . -9.18 -11.51 -3.68
O1H RCY F . -9.55 -9.42 -7.90
O1J RCY F . -5.48 -11.50 -6.86
C1L RCY F . -10.66 -11.85 -5.59
C1M RCY F . -7.40 -8.23 -6.31
C1P RCY F . -9.54 -11.16 -4.81
C1Q RCY F . -9.82 -9.95 -6.82
N1R RCY F . -8.93 -9.99 -5.58
C1S RCY F . -11.11 -10.68 -6.49
C1U RCY F . -7.75 -9.10 -5.22
C1V RCY F . -5.38 -9.02 -4.32
N1V RCY F . -6.08 -10.25 -6.40
C1W RCY F . -6.47 -9.03 -7.22
C1X RCY F . -6.46 -9.89 -4.96
C1Y RCY F . -5.22 -8.20 -7.57
C1Z RCY F . -7.19 -9.49 -8.49
H1S RCY F . -11.53 -9.69 -6.44
H1U RCY F . -7.99 -8.51 -4.35
C1C RCY G . 3.58 -2.56 -5.84
O1G RCY G . 3.51 -4.41 -3.43
O1H RCY G . 5.54 -0.86 -1.07
O1J RCY G . 3.10 0.15 -7.06
C1L RCY G . 4.97 -4.32 -1.46
C1M RCY G . 3.97 0.13 -3.33
C1P RCY G . 4.18 -3.74 -2.64
C1Q RCY G . 5.34 -1.94 -1.62
N1R RCY G . 4.34 -2.22 -2.74
C1S RCY G . 6.05 -3.24 -1.31
C1U RCY G . 3.67 -1.23 -3.69
C1V RCY G . 5.71 -1.35 -5.19
N1V RCY G . 3.63 -0.06 -5.72
C1W RCY G . 3.75 0.97 -4.60
C1X RCY G . 4.18 -1.35 -5.13
C1Y RCY G . 4.95 1.89 -4.84
C1Z RCY G . 2.46 1.77 -4.52
H1S RCY G . 6.88 -2.80 -1.84
H1U RCY G . 2.60 -1.38 -3.67
C1C RCY H . -3.29 9.43 -2.72
O1G RCY H . -1.61 7.24 -2.86
O1H RCY H . -2.71 6.10 1.59
O1J RCY H . -3.49 12.16 -1.47
C1L RCY H . -1.35 5.20 -1.54
C1M RCY H . -2.39 9.33 0.86
C1P RCY H . -1.74 6.66 -1.78
C1Q RCY H . -2.12 6.20 0.51
N1R RCY H . -2.30 7.32 -0.52
C1S RCY H . -1.09 5.24 -0.04
C1U RCY H . -2.89 8.71 -0.32
C1V RCY H . -0.99 9.66 -1.69
N1V RCY H . -2.91 11.00 -0.81
C1W RCY H . -2.58 10.83 0.67
C1X RCY H . -2.50 9.68 -1.44
C1Y RCY H . -1.29 11.59 1.02
C1Z RCY H . -3.75 11.36 1.50
H1S RCY H . -0.43 5.69 0.71
H1U RCY H . -3.98 8.64 -0.28
C1C RCY I . -10.54 6.17 -3.91
O1G RCY I . -10.80 7.85 -6.89
O1H RCY I . -7.68 9.48 -3.72
O1J RCY I . -8.57 6.68 -1.68
C1L RCY I . -8.43 8.45 -7.02
C1M RCY I . -10.64 9.70 -2.80
C1P RCY I . -9.79 8.29 -6.33
C1Q RCY I . -8.32 9.30 -4.76
N1R RCY I . -9.74 8.75 -4.87
C1S RCY I . -7.84 9.58 -6.17
C1U RCY I . -10.83 8.68 -3.80
C1V RCY I . -12.04 7.20 -2.15
N1V RCY I . -9.58 7.64 -2.12
C1W RCY I . -9.66 9.13 -1.78
C1X RCY I . -10.79 7.38 -3.00
C1Y RCY I . -10.18 9.33 -0.36
C1Z RCY I . -8.27 9.74 -1.94
H1S RCY I . -8.00 10.62 -5.91
H1U RCY I . -11.79 8.79 -4.26
C1C RCY J . -4.26 3.40 -0.15
O1G RCY J . -6.59 -0.62 2.43
O1H RCY J . -6.89 2.36 -1.23
O1J RCY J . -2.49 4.30 2.11
C1L RCY J . -7.69 -0.75 0.24
C1M RCY J . -5.30 1.87 3.06
C1P RCY J . -6.88 -0.08 1.36
C1Q RCY J . -7.17 1.52 -0.37
N1R RCY J . -6.47 1.34 0.98
C1S RCY J . -8.27 0.48 -0.45
C1U RCY J . -5.58 2.33 1.74
C1V RCY J . -3.54 1.17 0.82
N1V RCY J . -3.48 3.23 2.23
C1W RCY J . -4.03 2.60 3.51
C1X RCY J . -4.21 2.51 1.10
C1Y RCY J . -3.01 1.61 4.09
C1Z RCY J . -4.34 3.70 4.51
H1S RCY J . -8.93 1.33 -0.26
H1U RCY J . -6.09 3.29 1.79
C1C RCY K . -0.67 -6.85 -11.89
O1G RCY K . -3.91 -3.53 -10.92
O1H RCY K . -3.67 -7.97 -12.50
O1J RCY K . 0.20 -3.99 -11.58
C1L RCY K . -4.96 -4.69 -12.81
C1M RCY K . -2.45 -5.22 -9.09
C1P RCY K . -4.04 -4.56 -11.58
C1Q RCY K . -3.73 -6.74 -12.45
N1R RCY K . -3.30 -5.86 -11.29
C1S RCY K . -4.23 -5.82 -13.56
C1U RCY K . -2.37 -6.20 -10.12
C1V RCY K . 0.00 -6.81 -9.44
N1V RCY K . -0.64 -4.70 -10.62
C1W RCY K . -1.47 -4.10 -9.48
C1X RCY K . -0.89 -6.19 -10.53
C1Y RCY K . -0.57 -3.73 -8.29
C1Z RCY K . -2.22 -2.86 -9.99
H1S RCY K . -3.30 -6.06 -14.04
H1U RCY K . -2.62 -7.18 -9.72
N MET A 1 -6.22 7.61 27.77
CA MET A 1 -5.49 8.53 26.84
C MET A 1 -4.65 7.71 25.87
N ASN A 2 -3.49 7.28 26.28
CA ASN A 2 -2.62 6.48 25.38
C ASN A 2 -2.34 7.27 24.10
N LEU A 3 -2.82 8.48 24.03
CA LEU A 3 -2.57 9.30 22.81
C LEU A 3 -1.27 10.09 22.98
N GLU A 4 -0.19 9.58 22.47
CA GLU A 4 1.12 10.30 22.60
C GLU A 4 1.23 11.36 21.50
N PRO A 5 1.94 12.43 21.75
CA PRO A 5 2.13 13.52 20.76
C PRO A 5 2.95 13.06 19.54
N PRO A 6 2.89 13.80 18.47
CA PRO A 6 3.65 13.48 17.22
C PRO A 6 5.16 13.63 17.41
N LYS A 7 5.94 13.09 16.52
CA LYS A 7 7.42 13.21 16.66
C LYS A 7 8.09 12.98 15.29
N ALA A 8 9.39 12.99 15.26
CA ALA A 8 10.11 12.78 13.98
C ALA A 8 11.55 12.33 14.27
N GLU A 9 11.70 11.24 14.97
CA GLU A 9 13.06 10.75 15.31
C GLU A 9 13.89 10.60 14.03
N CYS A 10 13.26 10.24 12.95
CA CYS A 10 14.01 10.05 11.67
C CYS A 10 14.14 11.41 10.96
N ARG A 11 13.12 11.83 10.27
CA ARG A 11 13.19 13.15 9.55
C ARG A 11 11.84 13.45 8.90
N SER A 12 11.48 14.69 8.79
CA SER A 12 10.18 15.04 8.16
C SER A 12 10.13 14.45 6.75
N ALA A 13 10.61 15.17 5.77
CA ALA A 13 10.59 14.64 4.38
C ALA A 13 11.70 13.60 4.21
N THR A 14 11.89 13.10 3.03
CA THR A 14 12.95 12.08 2.81
C THR A 14 13.23 11.93 1.31
N ARG A 15 13.95 12.86 0.73
CA ARG A 15 14.26 12.77 -0.72
C ARG A 15 12.98 12.47 -1.49
N VAL A 16 12.95 11.39 -2.23
CA VAL A 16 11.73 11.05 -3.01
C VAL A 16 11.64 9.54 -3.20
N MET A 17 12.75 8.90 -3.48
CA MET A 17 12.72 7.42 -3.67
C MET A 17 14.01 6.81 -3.09
N GLY A 18 15.04 6.70 -3.89
CA GLY A 18 16.31 6.11 -3.37
C GLY A 18 17.26 5.86 -4.55
N GLY A 19 18.55 5.98 -4.31
CA GLY A 19 19.53 5.75 -5.41
C GLY A 19 19.99 4.28 -5.39
N PRO A 20 20.48 3.83 -4.27
CA PRO A 20 20.98 2.43 -4.12
C PRO A 20 19.98 1.39 -4.64
N CYS A 21 18.71 1.63 -4.46
CA CYS A 21 17.69 0.66 -4.95
C CYS A 21 16.53 1.41 -5.61
N THR A 22 16.03 0.91 -6.70
CA THR A 22 14.90 1.59 -7.40
C THR A 22 13.94 0.53 -7.99
N PRO A 23 12.88 0.23 -7.29
CA PRO A 23 11.88 -0.78 -7.76
C PRO A 23 11.43 -0.52 -9.20
N ARG A 24 10.40 -1.19 -9.63
CA ARG A 24 9.90 -1.00 -11.03
C ARG A 24 8.60 -0.19 -11.00
N LYS A 25 8.60 0.95 -11.64
CA LYS A 25 7.37 1.80 -11.64
C LYS A 25 7.24 2.50 -13.00
N GLY A 26 8.28 3.15 -13.44
CA GLY A 26 8.20 3.86 -14.76
C GLY A 26 7.01 4.81 -14.76
N PRO A 27 6.67 5.32 -15.92
CA PRO A 27 5.53 6.27 -16.08
C PRO A 27 4.25 5.74 -15.41
N PRO A 28 3.69 6.50 -14.49
CA PRO A 28 2.45 6.08 -13.77
C PRO A 28 1.39 5.51 -14.72
N LYS A 29 0.85 4.36 -14.41
CA LYS A 29 -0.17 3.75 -15.30
C LYS A 29 -0.57 2.38 -14.75
N CYS A 30 -1.84 2.07 -14.74
CA CYS A 30 -2.28 0.74 -14.22
C CYS A 30 -2.26 -0.29 -15.36
N LYS A 31 -1.12 -0.88 -15.61
CA LYS A 31 -1.04 -1.89 -16.70
C LYS A 31 0.34 -2.54 -16.66
N GLN A 32 1.27 -1.96 -15.94
CA GLN A 32 2.63 -2.56 -15.86
C GLN A 32 2.52 -4.01 -15.43
N ARG A 33 2.75 -4.29 -14.18
CA ARG A 33 2.66 -5.70 -13.69
C ARG A 33 1.20 -6.03 -13.37
N GLN A 34 0.78 -7.24 -13.68
CA GLN A 34 -0.63 -7.63 -13.39
C GLN A 34 -0.69 -9.15 -13.20
N THR A 35 -1.65 -9.64 -12.47
CA THR A 35 -1.75 -11.10 -12.25
C THR A 35 -3.13 -11.46 -11.69
N ARG A 36 -3.40 -11.12 -10.46
CA ARG A 36 -4.73 -11.46 -9.87
C ARG A 36 -4.78 -10.98 -8.42
N GLN A 37 -5.62 -10.02 -8.12
CA GLN A 37 -5.71 -9.53 -6.71
C GLN A 37 -6.85 -8.51 -6.55
N CYS A 38 -7.82 -8.51 -7.42
CA CYS A 38 -8.93 -7.52 -7.26
C CYS A 38 -9.92 -7.65 -8.42
N LYS A 39 -10.99 -8.38 -8.24
CA LYS A 39 -12.02 -8.51 -9.31
C LYS A 39 -13.16 -9.40 -8.81
N SER A 40 -14.29 -8.82 -8.52
CA SER A 40 -15.45 -9.62 -8.03
C SER A 40 -15.02 -10.49 -6.85
N LYS A 41 -15.45 -10.15 -5.67
CA LYS A 41 -15.07 -10.97 -4.48
C LYS A 41 -16.22 -10.94 -3.45
N PRO A 42 -16.49 -12.04 -2.80
CA PRO A 42 -17.58 -12.14 -1.79
C PRO A 42 -17.20 -11.45 -0.47
N PRO A 43 -18.17 -10.99 0.28
CA PRO A 43 -17.93 -10.31 1.58
C PRO A 43 -17.58 -11.30 2.69
N LYS A 44 -16.45 -11.13 3.33
CA LYS A 44 -16.06 -12.07 4.43
C LYS A 44 -15.38 -11.27 5.54
N LYS A 45 -14.10 -11.48 5.74
CA LYS A 45 -13.39 -10.73 6.81
C LYS A 45 -11.88 -10.76 6.54
N GLY A 46 -11.44 -11.64 5.68
CA GLY A 46 -9.98 -11.72 5.38
C GLY A 46 -9.66 -13.07 4.73
N VAL A 47 -10.04 -14.14 5.38
CA VAL A 47 -9.76 -15.49 4.81
C VAL A 47 -10.48 -15.64 3.46
N GLN A 48 -9.99 -15.00 2.44
CA GLN A 48 -10.65 -15.12 1.11
C GLN A 48 -9.67 -14.68 0.02
N GLY A 49 -9.79 -15.24 -1.16
CA GLY A 49 -8.87 -14.84 -2.26
C GLY A 49 -9.11 -13.38 -2.63
N CYS A 50 -9.34 -13.10 -3.89
CA CYS A 50 -9.59 -11.70 -4.31
C CYS A 50 -10.37 -11.69 -5.63
N GLY A 51 -9.69 -11.72 -6.74
CA GLY A 51 -10.40 -11.72 -8.05
C GLY A 51 -9.44 -12.13 -9.16
N ASP A 52 -9.15 -11.24 -10.08
CA ASP A 52 -8.22 -11.60 -11.19
C ASP A 52 -7.63 -10.32 -11.79
N ASP A 53 -7.19 -9.41 -10.96
CA ASP A 53 -6.61 -8.14 -11.50
C ASP A 53 -5.93 -7.38 -10.36
N ILE A 54 -4.85 -6.70 -10.64
CA ILE A 54 -4.15 -5.94 -9.57
C ILE A 54 -4.79 -4.54 -9.45
N PRO A 55 -4.95 -4.04 -8.25
CA PRO A 55 -5.56 -2.71 -8.01
C PRO A 55 -4.58 -1.57 -8.31
N GLY A 56 -3.80 -1.70 -9.35
CA GLY A 56 -2.82 -0.62 -9.69
C GLY A 56 -1.80 -0.49 -8.57
N MET A 57 -0.78 -1.32 -8.58
CA MET A 57 0.26 -1.25 -7.52
C MET A 57 0.63 0.21 -7.26
N GLU A 58 0.80 0.99 -8.29
CA GLU A 58 1.17 2.42 -8.09
C GLU A 58 0.86 3.21 -9.37
N GLY A 59 0.42 4.43 -9.23
CA GLY A 59 0.11 5.26 -10.43
C GLY A 59 -0.14 6.70 -10.02
N CYS A 60 -0.03 7.00 -8.75
CA CYS A 60 -0.25 8.40 -8.29
C CYS A 60 0.64 8.68 -7.07
N GLY A 61 0.24 9.60 -6.24
CA GLY A 61 1.05 9.92 -5.03
C GLY A 61 0.51 9.13 -3.85
N THR A 62 0.23 9.77 -2.75
CA THR A 62 -0.31 9.05 -1.57
C THR A 62 -0.41 9.99 -0.37
N ASP A 63 -0.35 11.27 -0.61
CA ASP A 63 -0.46 12.24 0.53
C ASP A 63 -1.85 12.08 1.16
N ILE A 64 -2.08 10.98 1.84
CA ILE A 64 -3.40 10.74 2.48
C ILE A 64 -4.51 11.36 1.65
N THR A 65 -4.80 10.78 0.51
CA THR A 65 -5.90 11.34 -0.32
C THR A 65 -7.16 11.38 0.54
N VAL A 66 -7.18 10.57 1.56
CA VAL A 66 -8.33 10.51 2.49
C VAL A 66 -7.86 9.86 3.80
N ILE A 67 -7.74 8.56 3.79
CA ILE A 67 -7.24 7.86 5.01
C ILE A 67 -6.27 6.74 4.57
N CYS A 68 -4.99 7.01 4.55
CA CYS A 68 -4.04 5.95 4.12
C CYS A 68 -4.07 4.81 5.14
N PRO A 69 -3.62 3.64 4.76
CA PRO A 69 -3.61 2.47 5.69
C PRO A 69 -2.98 2.80 7.04
N TRP A 70 -2.36 3.95 7.15
CA TRP A 70 -1.72 4.31 8.45
C TRP A 70 -2.78 4.85 9.42
N GLU A 71 -4.03 4.81 9.04
CA GLU A 71 -5.11 5.30 9.94
C GLU A 71 -6.25 4.28 9.96
N ALA A 72 -6.89 4.06 8.84
CA ALA A 72 -8.02 3.08 8.80
C ALA A 72 -7.45 1.66 8.76
N CYS A 73 -6.64 1.30 9.72
CA CYS A 73 -6.06 -0.07 9.72
C CYS A 73 -7.14 -1.08 10.12
N ASN A 74 -8.07 -1.35 9.24
CA ASN A 74 -9.15 -2.33 9.59
C ASN A 74 -8.59 -3.75 9.47
N HIS A 75 -9.19 -4.56 8.64
CA HIS A 75 -8.71 -5.95 8.48
C HIS A 75 -7.58 -6.00 7.44
N CYS A 76 -6.67 -6.91 7.57
CA CYS A 76 -5.56 -6.99 6.58
C CYS A 76 -4.75 -8.28 6.82
N GLU A 77 -5.42 -9.38 7.01
CA GLU A 77 -4.70 -10.66 7.24
C GLU A 77 -4.05 -11.14 5.93
N LEU A 78 -3.16 -12.09 6.00
CA LEU A 78 -2.50 -12.61 4.76
C LEU A 78 -1.92 -11.43 3.97
N HIS A 79 -1.76 -11.57 2.68
CA HIS A 79 -1.19 -10.46 1.86
C HIS A 79 0.20 -10.11 2.39
N GLU A 80 0.81 -11.00 3.12
CA GLU A 80 2.17 -10.73 3.67
C GLU A 80 3.14 -10.39 2.52
N LEU A 81 4.17 -11.16 2.35
CA LEU A 81 5.15 -10.87 1.26
C LEU A 81 4.77 -11.66 0.00
N ALA A 82 3.66 -12.33 0.04
CA ALA A 82 3.24 -13.12 -1.16
C ALA A 82 2.86 -12.17 -2.30
N GLN A 83 1.63 -11.72 -2.34
CA GLN A 83 1.21 -10.81 -3.43
C GLN A 83 1.65 -11.41 -4.77
N TYR A 84 0.85 -12.29 -5.31
CA TYR A 84 1.19 -12.95 -6.60
C TYR A 84 1.75 -11.93 -7.60
N GLY A 85 3.05 -11.73 -7.62
CA GLY A 85 3.65 -10.78 -8.60
C GLY A 85 3.96 -9.43 -7.93
N ILE A 86 4.00 -9.38 -6.62
CA ILE A 86 4.31 -8.09 -5.95
C ILE A 86 5.05 -8.34 -4.64
N CYS A 87 5.59 -7.32 -4.03
CA CYS A 87 6.32 -7.52 -2.75
C CYS A 87 5.38 -8.12 -1.71
C1C RCY B . 8.65 6.06 8.56
O1G RCY B . 11.72 4.21 11.44
O1H RCY B . 12.38 7.16 7.81
O1J RCY B . 7.15 3.60 7.71
C1L RCY B . 13.14 6.17 11.12
C1M RCY B . 10.85 3.08 8.55
C1P RCY B . 12.13 5.10 10.70
C1Q RCY B . 12.57 6.43 8.79
N1R RCY B . 11.70 5.27 9.24
C1S RCY B . 13.74 6.51 9.75
C1U RCY B . 10.64 4.50 8.45
C1V RCY B . 9.15 4.49 10.49
N1V RCY B . 8.50 3.58 8.25
C1W RCY B . 9.50 2.43 8.22
C1X RCY B . 9.23 4.70 8.98
C1Y RCY B . 9.14 1.38 9.28
C1Z RCY B . 9.51 1.81 6.83
H1S RCY B . 14.31 6.08 8.94
H1U RCY B . 10.69 4.79 7.41
C1C RCY C . 13.81 6.17 -6.39
O1G RCY C . 13.87 2.63 -7.12
O1H RCY C . 13.95 2.98 -2.41
O1J RCY C . 11.78 8.11 -5.31
C1L RCY C . 15.03 1.38 -5.36
C1M RCY C . 11.78 4.62 -3.70
C1P RCY C . 14.13 2.49 -5.92
C1Q RCY C . 14.29 2.83 -3.58
N1R RCY C . 13.59 3.38 -4.80
C1S RCY C . 15.50 2.05 -4.07
C1U RCY C . 12.59 4.53 -4.89
C1V RCY C . 14.33 6.08 -3.91
N1V RCY C . 12.07 6.81 -4.70
C1W RCY C . 11.26 6.06 -3.65
C1X RCY C . 13.26 5.90 -4.99
C1Y RCY C . 11.48 6.68 -2.26
C1Z RCY C . 9.77 6.13 -4.03
H1S RCY C . 16.06 2.90 -3.71
H1U RCY C . 11.94 4.39 -5.75
C1C RCY D . -8.18 2.19 -7.94
O1G RCY D . -6.62 1.27 -8.82
O1H RCY D . -5.81 4.67 -12.00
O1J RCY D . -6.13 3.64 -6.28
C1L RCY D . -5.06 1.47 -10.68
C1M RCY D . -7.39 5.51 -9.38
C1P RCY D . -6.20 1.92 -9.78
C1Q RCY D . -5.97 3.57 -11.47
N1R RCY D . -6.76 3.28 -10.19
C1S RCY D . -5.42 2.24 -11.96
C1U RCY D . -7.82 4.14 -9.51
C1V RCY D . -9.37 4.37 -7.52
N1V RCY D . -6.87 4.25 -7.38
C1W RCY D . -6.58 5.57 -8.09
C1X RCY D . -8.11 3.71 -8.08
C1Y RCY D . -7.03 6.75 -7.22
C1Z RCY D . -5.08 5.66 -8.37
H1S RCY D . -6.20 2.33 -12.71
H1U RCY D . -8.73 4.10 -10.09
C1C RCY E . -2.43 -3.47 -5.20
O1G RCY E . -4.15 -7.17 -3.72
O1H RCY E . -6.19 -4.86 -7.30
O1J RCY E . -0.43 -3.43 -7.45
C1L RCY E . -6.48 -6.66 -4.27
C1M RCY E . -3.13 -6.15 -7.66
C1P RCY E . -4.95 -6.62 -4.47
C1Q RCY E . -5.92 -5.29 -6.17
N1R RCY E . -4.57 -5.82 -5.71
C1S RCY E . -6.86 -5.36 -5.00
C1U RCY E . -3.18 -5.61 -6.33
C1V RCY E . -3.97 -3.37 -7.21
N1V RCY E . -1.63 -4.26 -7.44
C1W RCY E . -1.97 -5.42 -8.37
C1X RCY E . -2.84 -4.14 -6.53
C1Y RCY E . -2.42 -4.92 -9.74
C1Z RCY E . -0.75 -6.33 -8.49
H1S RCY E . -6.72 -4.29 -4.95
H1U RCY E . -2.43 -6.09 -5.72
C1C RCY F . -8.21 -4.33 -4.35
O1G RCY F . -8.55 -6.18 -0.51
O1H RCY F . -5.92 -8.26 -3.84
O1J RCY F . -5.99 -2.43 -5.07
C1L RCY F . -8.29 -8.51 -1.24
C1M RCY F . -5.04 -5.29 -2.70
C1P RCY F . -8.04 -6.99 -1.28
C1Q RCY F . -6.85 -7.96 -3.09
N1R RCY F . -7.08 -6.62 -2.41
C1S RCY F . -8.01 -8.87 -2.70
C1U RCY F . -6.47 -5.26 -2.75
C1V RCY F . -6.45 -5.95 -5.19
N1V RCY F . -5.80 -3.68 -4.34
C1W RCY F . -4.56 -4.13 -3.57
C1X RCY F . -6.77 -4.83 -4.20
C1Y RCY F . -3.46 -4.60 -4.54
C1Z RCY F . -4.06 -2.96 -2.71
H1S RCY F . -8.36 -8.69 -3.70
H1U RCY F . -6.85 -4.51 -2.08
C1C RCY G . -6.12 3.23 -4.35
O1G RCY G . -6.34 4.44 -6.85
O1H RCY G . -1.75 5.55 -6.84
O1J RCY G . -4.72 2.12 -1.94
C1L RCY G . -4.98 5.96 -8.20
C1M RCY G . -2.47 3.85 -4.52
C1P RCY G . -5.24 4.95 -7.08
C1Q RCY G . -2.97 5.62 -6.90
N1R RCY G . -3.97 4.66 -6.29
C1S RCY G . -3.78 6.70 -7.61
C1U RCY G . -3.75 3.65 -5.14
C1V RCY G . -4.85 5.28 -3.54
N1V RCY G . -4.08 2.97 -2.93
C1W RCY G . -2.58 3.22 -3.12
C1X RCY G . -4.75 3.82 -4.00
C1Y RCY G . -2.06 4.18 -2.06
C1Z RCY G . -1.84 1.88 -3.05
H1S RCY G . -3.48 7.32 -6.78
H1U RCY G . -3.81 2.65 -5.54
C1C RCY H . -0.12 2.88 -0.23
O1G RCY H . 2.35 5.73 1.62
O1H RCY H . -2.04 4.49 2.85
O1J RCY H . 2.71 3.58 -0.93
C1L RCY H . 0.31 7.00 2.07
C1M RCY H . 2.04 2.86 2.77
C1P RCY H . 1.15 5.73 1.90
C1Q RCY H . -1.08 5.04 2.31
N1R RCY H . 0.31 4.47 2.11
C1S RCY H . -1.08 6.45 1.73
C1U RCY H . 0.76 3.00 2.14
C1V RCY H . 1.13 0.91 0.77
N1V RCY H . 2.29 3.09 0.37
C1W RCY H . 3.09 3.11 1.69
C1X RCY H . 0.97 2.43 0.74
C1Y RCY H . 4.15 2.01 1.69
C1Z RCY H . 3.74 4.48 1.85
H1S RCY H . -1.64 6.00 0.92
H1U RCY H . 0.03 2.41 2.67
C1C RCY I . -2.60 -5.04 5.59
O1G RCY I . -4.80 -0.76 5.62
O1H RCY I . -1.93 -2.77 8.78
O1J RCY I . -0.08 -5.11 3.94
C1L RCY I . -4.82 -0.86 8.06
C1M RCY I . -1.02 -1.70 5.41
C1P RCY I . -4.29 -1.17 6.66
C1Q RCY I . -2.94 -2.37 8.20
N1R RCY I . -3.06 -2.07 6.71
C1S RCY I . -4.29 -2.08 8.82
C1U RCY I . -2.16 -2.55 5.56
C1V RCY I . -0.93 -4.04 7.20
N1V RCY I . -0.49 -3.97 4.73
C1W RCY I . 0.04 -2.54 4.68
C1X RCY I . -1.57 -3.94 5.82
C1Y RCY I . 1.40 -2.45 5.39
C1Z RCY I . 0.17 -2.11 3.21
H1S RCY I . -4.39 -3.15 8.86
H1U RCY I . -2.73 -2.56 4.64
C1C RCY J . 0.18 -2.70 2.18
O1G RCY J . -0.52 -2.17 7.65
O1H RCY J . -1.42 -4.42 3.59
O1J RCY J . 2.84 -1.32 1.88
C1L RCY J . -2.01 -4.02 7.06
C1M RCY J . 1.50 -1.62 5.47
C1P RCY J . -0.98 -2.91 6.78
C1Q RCY J . -1.55 -3.88 4.68
N1R RCY J . -0.62 -2.84 5.29
C1S RCY J . -2.68 -4.11 5.68
C1U RCY J . 0.41 -1.95 4.60
C1V RCY J . 1.61 -4.04 3.80
N1V RCY J . 2.25 -1.71 3.17
C1W RCY J . 2.68 -1.24 4.56
C1X RCY J . 1.09 -2.65 3.41
C1Y RCY J . 3.95 -1.98 5.01
C1Z RCY J . 2.91 0.26 4.55
H1S RCY J . -3.27 -3.52 4.99
H1U RCY J . -0.06 -1.05 4.25
C1C RCY K . 2.23 -4.98 -2.37
O1G RCY K . 3.35 -4.21 1.70
O1H RCY K . 4.78 -7.27 -1.59
O1J RCY K . 2.95 -7.65 -3.55
C1L RCY K . 5.55 -4.82 0.84
C1M RCY K . 1.72 -7.71 0.08
C1P RCY K . 4.03 -4.91 0.96
C1Q RCY K . 4.70 -6.60 -0.56
N1R RCY K . 3.45 -5.98 0.03
C1S RCY K . 5.86 -6.25 0.36
C1U RCY K . 1.98 -6.34 -0.24
C1V RCY K . 0.09 -6.30 -1.93
N1V RCY K . 2.28 -7.48 -2.26
C1W RCY K . 2.09 -8.52 -1.16
C1X RCY K . 1.61 -6.23 -1.71
C1Y RCY K . 0.98 -9.50 -1.53
C1Z RCY K . 3.42 -9.27 -0.95
H1S RCY K . 5.79 -7.28 0.68
H1U RCY K . 1.34 -5.70 0.34
N MET A 1 -7.99 7.13 22.39
CA MET A 1 -6.80 6.60 21.68
C MET A 1 -6.08 7.76 20.98
N ASN A 2 -6.57 8.96 21.13
CA ASN A 2 -5.92 10.13 20.48
C ASN A 2 -5.67 9.82 19.00
N LEU A 3 -4.61 10.33 18.45
CA LEU A 3 -4.30 10.05 17.01
C LEU A 3 -3.71 8.65 16.88
N GLU A 4 -2.48 8.55 16.46
CA GLU A 4 -1.85 7.21 16.30
C GLU A 4 -0.59 7.14 17.18
N PRO A 5 -0.23 5.96 17.62
CA PRO A 5 0.97 5.77 18.49
C PRO A 5 2.15 6.65 18.06
N PRO A 6 2.53 7.60 18.88
CA PRO A 6 3.67 8.53 18.56
C PRO A 6 5.03 7.88 18.82
N LYS A 7 6.03 8.27 18.08
CA LYS A 7 7.38 7.66 18.30
C LYS A 7 8.44 8.58 17.67
N ALA A 8 9.11 8.11 16.65
CA ALA A 8 10.15 8.96 15.99
C ALA A 8 10.68 8.25 14.76
N GLU A 9 11.10 8.98 13.76
CA GLU A 9 11.62 8.35 12.53
C GLU A 9 12.40 9.38 11.71
N CYS A 10 13.25 8.93 10.82
CA CYS A 10 14.04 9.88 10.00
C CYS A 10 13.11 10.90 9.36
N ARG A 11 12.55 10.58 8.21
CA ARG A 11 11.63 11.54 7.54
C ARG A 11 10.81 10.79 6.49
N SER A 12 11.37 9.81 5.85
CA SER A 12 10.62 9.05 4.82
C SER A 12 11.27 7.68 4.61
N ALA A 13 12.25 7.34 5.41
CA ALA A 13 12.92 6.03 5.25
C ALA A 13 13.46 5.89 3.82
N THR A 14 13.36 6.93 3.04
CA THR A 14 13.86 6.85 1.64
C THR A 14 13.65 8.20 0.94
N ARG A 15 12.60 8.90 1.30
CA ARG A 15 12.33 10.22 0.66
C ARG A 15 12.17 10.03 -0.86
N VAL A 16 13.25 9.87 -1.57
CA VAL A 16 13.16 9.68 -3.04
C VAL A 16 14.53 9.25 -3.59
N MET A 17 15.06 8.18 -3.09
CA MET A 17 16.39 7.70 -3.58
C MET A 17 16.36 7.62 -5.10
N GLY A 18 15.43 6.91 -5.65
CA GLY A 18 15.35 6.79 -7.13
C GLY A 18 16.34 5.71 -7.62
N GLY A 19 16.90 4.97 -6.71
CA GLY A 19 17.87 3.90 -7.11
C GLY A 19 17.19 2.94 -8.09
N PRO A 20 17.79 1.80 -8.32
CA PRO A 20 17.23 0.77 -9.25
C PRO A 20 15.75 0.48 -8.98
N CYS A 21 15.25 0.93 -7.86
CA CYS A 21 13.81 0.68 -7.52
C CYS A 21 12.96 1.79 -8.13
N THR A 22 12.06 1.45 -9.02
CA THR A 22 11.19 2.48 -9.64
C THR A 22 10.41 3.21 -8.54
N PRO A 23 10.50 4.51 -8.46
CA PRO A 23 9.77 5.31 -7.44
C PRO A 23 8.29 5.49 -7.79
N ARG A 24 7.65 6.47 -7.22
CA ARG A 24 6.21 6.70 -7.51
C ARG A 24 6.00 6.73 -9.03
N LYS A 25 6.32 7.82 -9.66
CA LYS A 25 6.13 7.91 -11.13
C LYS A 25 4.65 7.69 -11.46
N GLY A 26 4.32 7.58 -12.73
CA GLY A 26 2.90 7.38 -13.11
C GLY A 26 2.17 8.73 -13.15
N PRO A 27 1.94 9.24 -14.33
CA PRO A 27 1.25 10.55 -14.52
C PRO A 27 -0.14 10.56 -13.86
N PRO A 28 -0.86 11.65 -13.98
CA PRO A 28 -2.22 11.78 -13.37
C PRO A 28 -3.16 10.63 -13.77
N LYS A 29 -4.26 10.49 -13.07
CA LYS A 29 -5.23 9.39 -13.39
C LYS A 29 -4.77 8.10 -12.72
N CYS A 30 -5.63 7.11 -12.67
CA CYS A 30 -5.26 5.82 -12.03
C CYS A 30 -5.13 4.73 -13.10
N LYS A 31 -4.97 5.13 -14.34
CA LYS A 31 -4.83 4.13 -15.44
C LYS A 31 -5.86 3.02 -15.25
N GLN A 32 -7.12 3.35 -15.28
CA GLN A 32 -8.18 2.31 -15.10
C GLN A 32 -8.11 1.30 -16.25
N ARG A 33 -8.40 0.06 -15.96
CA ARG A 33 -8.37 -0.98 -17.04
C ARG A 33 -8.84 -2.33 -16.46
N GLN A 34 -10.06 -2.37 -15.99
CA GLN A 34 -10.58 -3.66 -15.42
C GLN A 34 -9.66 -4.14 -14.31
N THR A 35 -10.04 -5.20 -13.63
CA THR A 35 -9.19 -5.73 -12.53
C THR A 35 -9.34 -7.25 -12.45
N ARG A 36 -9.06 -7.93 -13.53
CA ARG A 36 -9.20 -9.41 -13.53
C ARG A 36 -10.61 -9.80 -13.05
N GLN A 37 -10.74 -10.12 -11.79
CA GLN A 37 -12.09 -10.51 -11.26
C GLN A 37 -12.01 -10.67 -9.75
N CYS A 38 -10.91 -11.18 -9.25
CA CYS A 38 -10.77 -11.36 -7.77
C CYS A 38 -11.96 -12.16 -7.24
N LYS A 39 -11.88 -13.46 -7.25
CA LYS A 39 -13.01 -14.28 -6.73
C LYS A 39 -13.15 -14.06 -5.22
N SER A 40 -13.90 -13.07 -4.83
CA SER A 40 -14.07 -12.81 -3.37
C SER A 40 -12.70 -12.84 -2.68
N LYS A 41 -12.68 -12.96 -1.38
CA LYS A 41 -11.38 -12.99 -0.65
C LYS A 41 -11.44 -14.06 0.45
N PRO A 42 -10.81 -15.19 0.24
CA PRO A 42 -10.80 -16.29 1.24
C PRO A 42 -9.78 -16.05 2.36
N PRO A 43 -9.94 -16.72 3.47
CA PRO A 43 -9.02 -16.58 4.64
C PRO A 43 -7.66 -17.23 4.38
N LYS A 44 -6.64 -16.79 5.08
CA LYS A 44 -5.29 -17.38 4.88
C LYS A 44 -4.93 -17.37 3.39
N LYS A 45 -4.12 -16.43 2.99
CA LYS A 45 -3.73 -16.36 1.54
C LYS A 45 -3.25 -17.74 1.09
N GLY A 46 -4.07 -18.46 0.37
CA GLY A 46 -3.66 -19.81 -0.11
C GLY A 46 -2.61 -19.67 -1.22
N VAL A 47 -3.06 -19.60 -2.44
CA VAL A 47 -2.09 -19.47 -3.58
C VAL A 47 -2.75 -18.69 -4.71
N GLN A 48 -3.30 -17.54 -4.43
CA GLN A 48 -3.96 -16.74 -5.49
C GLN A 48 -2.92 -16.32 -6.53
N GLY A 49 -1.97 -15.51 -6.14
CA GLY A 49 -0.93 -15.06 -7.11
C GLY A 49 -1.47 -13.90 -7.95
N CYS A 50 -0.66 -13.34 -8.80
CA CYS A 50 -1.12 -12.20 -9.64
C CYS A 50 -0.35 -12.20 -10.96
N GLY A 51 -0.30 -11.09 -11.62
CA GLY A 51 0.43 -11.02 -12.92
C GLY A 51 -0.43 -11.59 -14.04
N ASP A 52 -1.73 -11.51 -13.89
CA ASP A 52 -2.63 -12.06 -14.95
C ASP A 52 -2.78 -11.02 -16.07
N ASP A 53 -2.80 -9.76 -15.72
CA ASP A 53 -2.94 -8.70 -16.76
C ASP A 53 -2.55 -7.34 -16.15
N ILE A 54 -2.30 -7.31 -14.87
CA ILE A 54 -1.92 -6.03 -14.21
C ILE A 54 -0.42 -6.06 -13.87
N PRO A 55 0.40 -5.38 -14.63
CA PRO A 55 1.87 -5.34 -14.38
C PRO A 55 2.25 -4.33 -13.29
N GLY A 56 1.51 -4.28 -12.23
CA GLY A 56 1.83 -3.33 -11.13
C GLY A 56 1.66 -1.89 -11.63
N MET A 57 0.47 -1.51 -12.00
CA MET A 57 0.24 -0.13 -12.49
C MET A 57 0.38 0.85 -11.33
N GLU A 58 1.19 1.87 -11.48
CA GLU A 58 1.38 2.87 -10.39
C GLU A 58 0.77 4.21 -10.82
N GLY A 59 0.86 5.21 -9.99
CA GLY A 59 0.29 6.55 -10.34
C GLY A 59 -0.77 6.93 -9.31
N CYS A 60 -0.49 6.78 -8.05
CA CYS A 60 -1.50 7.13 -7.00
C CYS A 60 -0.81 7.19 -5.64
N GLY A 61 0.49 7.32 -5.62
CA GLY A 61 1.21 7.36 -4.31
C GLY A 61 1.29 8.81 -3.82
N THR A 62 0.72 9.74 -4.56
CA THR A 62 0.76 11.16 -4.14
C THR A 62 -0.65 11.62 -3.73
N ASP A 63 -1.63 11.24 -4.50
CA ASP A 63 -3.03 11.66 -4.16
C ASP A 63 -3.51 10.92 -2.92
N ILE A 64 -2.63 10.24 -2.22
CA ILE A 64 -3.04 9.51 -1.00
C ILE A 64 -2.01 9.76 0.10
N THR A 65 -0.96 10.47 -0.20
CA THR A 65 0.08 10.75 0.82
C THR A 65 -0.57 11.11 2.15
N VAL A 66 -1.51 12.03 2.13
CA VAL A 66 -2.19 12.43 3.40
C VAL A 66 -2.45 11.19 4.25
N ILE A 67 -3.22 10.27 3.77
CA ILE A 67 -3.51 9.03 4.55
C ILE A 67 -3.41 7.80 3.63
N CYS A 68 -2.25 7.22 3.56
CA CYS A 68 -2.06 5.99 2.71
C CYS A 68 -1.76 4.80 3.63
N PRO A 69 -2.25 3.62 3.29
CA PRO A 69 -2.05 2.40 4.11
C PRO A 69 -0.81 2.43 5.01
N TRP A 70 0.36 2.68 4.48
CA TRP A 70 1.56 2.70 5.36
C TRP A 70 1.40 3.76 6.44
N GLU A 71 0.29 4.46 6.43
CA GLU A 71 0.05 5.52 7.45
C GLU A 71 -0.93 5.00 8.51
N ALA A 72 -2.17 4.84 8.14
CA ALA A 72 -3.17 4.33 9.12
C ALA A 72 -3.02 2.82 9.29
N CYS A 73 -3.17 2.07 8.23
CA CYS A 73 -3.04 0.59 8.35
C CYS A 73 -1.66 0.25 8.94
N ASN A 74 -0.69 1.09 8.74
CA ASN A 74 0.66 0.82 9.29
C ASN A 74 1.25 -0.44 8.62
N HIS A 75 0.72 -1.59 8.94
CA HIS A 75 1.24 -2.85 8.32
C HIS A 75 0.18 -3.44 7.39
N CYS A 76 0.59 -4.00 6.29
CA CYS A 76 -0.39 -4.59 5.33
C CYS A 76 -0.68 -6.04 5.72
N GLU A 77 0.33 -6.86 5.76
CA GLU A 77 0.11 -8.29 6.13
C GLU A 77 -0.64 -8.36 7.45
N LEU A 78 -0.90 -9.56 7.93
CA LEU A 78 -1.63 -9.69 9.22
C LEU A 78 -3.10 -9.28 9.01
N HIS A 79 -3.84 -9.11 10.07
CA HIS A 79 -5.27 -8.72 9.92
C HIS A 79 -5.78 -8.17 11.25
N GLU A 80 -5.19 -7.12 11.74
CA GLU A 80 -5.65 -6.52 13.03
C GLU A 80 -5.08 -5.11 13.18
N LEU A 81 -3.93 -4.87 12.61
CA LEU A 81 -3.32 -3.51 12.72
C LEU A 81 -4.00 -2.56 11.74
N ALA A 82 -5.06 -3.01 11.11
CA ALA A 82 -5.77 -2.13 10.13
C ALA A 82 -6.45 -0.97 10.88
N GLN A 83 -6.10 -0.76 12.11
CA GLN A 83 -6.73 0.35 12.89
C GLN A 83 -8.25 0.22 12.82
N TYR A 84 -8.86 0.74 11.79
CA TYR A 84 -10.34 0.66 11.65
C TYR A 84 -10.80 -0.77 11.96
N GLY A 85 -10.36 -1.73 11.18
CA GLY A 85 -10.78 -3.14 11.43
C GLY A 85 -10.32 -4.01 10.26
N ILE A 86 -10.15 -3.43 9.10
CA ILE A 86 -9.71 -4.22 7.93
C ILE A 86 -9.10 -3.29 6.88
N CYS A 87 -9.63 -2.11 6.75
CA CYS A 87 -9.09 -1.15 5.75
C CYS A 87 -7.86 -0.45 6.33
C1C RCY B . 20.06 11.78 8.27
O1G RCY B . 18.47 11.43 13.27
O1H RCY B . 18.57 10.41 8.66
O1J RCY B . 17.98 13.92 7.86
C1L RCY B . 17.31 9.78 11.89
C1M RCY B . 19.57 13.77 11.34
C1P RCY B . 18.25 10.95 12.16
C1Q RCY B . 18.18 10.61 9.81
N1R RCY B . 18.88 11.47 10.86
C1S RCY B . 16.92 10.06 10.44
C1U RCY B . 19.94 12.56 10.67
C1V RCY B . 21.34 13.84 8.99
N1V RCY B . 18.83 13.82 9.04
C1W RCY B . 18.67 14.54 10.38
C1X RCY B . 20.09 12.98 9.21
C1Y RCY B . 19.12 16.00 10.25
C1Z RCY B . 17.20 14.46 10.80
H1S RCY B . 16.42 10.80 9.83
H1U RCY B . 20.89 12.21 11.05
C1C RCY C . 12.23 -3.02 0.89
O1G RCY C . 12.73 -0.78 -0.54
O1H RCY C . 10.65 -2.52 -4.42
O1J RCY C . 11.43 -5.89 1.37
C1L RCY C . 12.58 0.01 -2.85
C1M RCY C . 10.74 -4.52 -2.14
C1P RCY C . 12.34 -0.97 -1.69
C1Q RCY C . 11.46 -1.98 -3.66
N1R RCY C . 11.57 -2.21 -2.15
C1S RCY C . 12.53 -0.97 -4.03
C1U RCY C . 11.05 -3.39 -1.31
C1V RCY C . 13.43 -4.18 -1.02
N1V RCY C . 11.42 -5.24 0.05
C1W RCY C . 10.77 -5.74 -1.23
C1X RCY C . 12.09 -3.92 -0.34
C1Y RCY C . 11.61 -6.86 -1.86
C1Z RCY C . 9.36 -6.24 -0.91
H1S RCY C . 13.04 -1.83 -4.45
H1U RCY C . 10.16 -3.08 -0.78
C1C RCY D . -10.29 7.51 -7.81
O1G RCY D . -9.08 2.96 -6.22
O1H RCY D . -8.33 5.64 -10.04
O1J RCY D . -13.12 7.58 -6.75
C1L RCY D . -7.16 3.27 -7.70
C1M RCY D . -11.65 4.09 -7.34
C1P RCY D . -8.60 3.49 -7.21
C1Q RCY D . -8.34 4.70 -9.25
N1R RCY D . -9.36 4.45 -8.13
C1S RCY D . -7.32 3.57 -9.19
C1U RCY D . -10.77 5.03 -7.99
C1V RCY D . -10.09 6.02 -5.76
N1V RCY D . -12.32 6.37 -6.85
C1W RCY D . -12.80 4.92 -6.76
C1X RCY D . -10.81 6.26 -7.09
C1Y RCY D . -13.05 4.53 -5.30
C1Z RCY D . -14.07 4.76 -7.60
H1S RCY D . -7.84 3.21 -10.07
H1U RCY D . -11.15 5.27 -8.96
C1C RCY E . -7.77 -3.90 -3.89
O1G RCY E . -7.11 -6.23 -3.60
O1H RCY E . -10.81 -7.03 -6.42
O1J RCY E . -8.63 -2.78 -6.55
C1L RCY E . -7.54 -7.86 -5.38
C1M RCY E . -11.30 -4.76 -4.63
C1P RCY E . -7.89 -6.70 -4.43
C1Q RCY E . -9.85 -7.18 -5.68
N1R RCY E . -9.32 -6.21 -4.64
C1S RCY E . -8.94 -8.41 -5.63
C1U RCY E . -10.04 -5.02 -3.99
C1V RCY E . -9.86 -2.62 -3.23
N1V RCY E . -9.55 -3.40 -5.59
C1W RCY E . -10.98 -3.85 -5.83
C1X RCY E . -9.27 -3.72 -4.13
C1Y RCY E . -11.93 -2.66 -5.85
C1Z RCY E . -11.05 -4.62 -7.14
H1S RCY E . -9.78 -8.88 -5.12
H1U RCY E . -10.21 -5.24 -2.94
C1C RCY F . 2.63 -10.13 -3.31
O1G RCY F . 0.88 -6.79 -5.47
O1H RCY F . -0.96 -10.96 -4.23
O1J RCY F . 4.03 -7.57 -4.05
C1L RCY F . -0.32 -8.53 -6.71
C1M RCY F . 0.56 -7.18 -2.47
C1P RCY F . 0.35 -7.90 -5.47
C1Q RCY F . -0.38 -10.07 -4.85
N1R RCY F . 0.26 -8.82 -4.26
C1S RCY F . -0.18 -10.01 -6.35
C1U RCY F . 0.70 -8.56 -2.82
C1V RCY F . 2.55 -8.88 -1.11
N1V RCY F . 2.80 -7.63 -3.27
C1W RCY F . 1.84 -6.48 -2.94
C1X RCY F . 2.19 -8.85 -2.59
C1Y RCY F . 2.42 -5.61 -1.82
C1Z RCY F . 1.60 -5.65 -4.20
H1S RCY F . 0.56 -10.77 -6.17
H1U RCY F . 0.11 -9.17 -2.15
C1C RCY G . -0.18 0.15 -1.98
O1G RCY G . -1.67 2.58 -2.50
O1H RCY G . 0.44 2.63 -6.72
O1J RCY G . 2.60 -0.41 -0.99
C1L RCY G . -2.27 3.57 -4.67
C1M RCY G . 2.32 2.13 -3.85
C1P RCY G . -1.37 2.79 -3.67
C1Q RCY G . -0.18 2.96 -5.71
N1R RCY G . -0.08 2.34 -4.33
C1S RCY G . -1.20 4.09 -5.63
C1U RCY G . 1.04 1.47 -3.76
C1V RCY G . 0.62 2.50 -1.48
N1V RCY G . 2.27 0.66 -1.93
C1W RCY G . 3.22 1.48 -2.80
C1X RCY G . 0.88 1.21 -2.25
C1Y RCY G . 3.93 2.55 -1.97
C1Z RCY G . 4.24 0.53 -3.45
H1S RCY G . -0.34 4.73 -5.67
H1U RCY G . 1.09 0.53 -4.29
C1C RCY H . 1.78 9.50 -1.76
O1G RCY H . 2.26 4.98 -3.52
O1H RCY H . 0.78 7.71 0.04
O1J RCY H . 2.50 9.34 1.17
C1L RCY H . 0.27 4.94 -2.08
C1M RCY H . 4.47 7.02 -1.17
C1P RCY H . 1.63 5.45 -2.57
C1Q RCY H . 1.03 6.73 -0.66
N1R RCY H . 2.12 6.64 -1.73
C1S RCY H . 0.33 5.40 -0.62
C1U RCY H . 3.35 7.52 -1.93
C1V RCY H . 4.29 9.87 -1.86
N1V RCY H . 3.26 8.69 0.10
C1W RCY H . 4.32 7.61 0.24
C1X RCY H . 3.16 8.95 -1.40
C1Y RCY H . 5.65 8.22 0.71
C1Z RCY H . 3.84 6.56 1.23
H1S RCY H . 0.89 5.25 0.29
H1U RCY H . 3.62 7.56 -2.97
C1C RCY I . -6.13 5.39 2.87
O1G RCY I . -5.50 3.39 2.64
O1H RCY I . -6.95 2.09 6.94
O1J RCY I . -8.33 3.98 1.38
C1L RCY I . -4.97 1.48 4.08
C1M RCY I . -8.78 4.20 5.17
C1P RCY I . -5.64 2.82 3.72
C1Q RCY I . -6.25 2.31 5.95
N1R RCY I . -6.52 3.34 4.86
C1S RCY I . -4.95 1.61 5.60
C1U RCY I . -7.42 4.57 4.90
C1V RCY I . -8.17 6.66 3.69
N1V RCY I . -8.41 4.34 2.79
C1W RCY I . -9.41 3.83 3.82
C1X RCY I . -7.50 5.28 3.55
C1Y RCY I . -10.76 4.54 3.65
C1Z RCY I . -9.57 2.32 3.68
H1S RCY I . -4.52 2.21 6.40
H1U RCY I . -7.08 5.25 5.65
C1C RCY J . 4.35 -0.68 1.81
O1G RCY J . 5.78 -3.33 6.43
O1H RCY J . 3.06 -2.96 2.58
O1J RCY J . 6.79 1.05 1.50
C1L RCY J . 3.96 -4.71 5.51
C1M RCY J . 6.76 -1.28 4.53
C1P RCY J . 4.92 -3.51 5.56
C1Q RCY J . 3.44 -3.16 3.73
N1R RCY J . 4.67 -2.54 4.40
C1S RCY J . 2.79 -4.09 4.75
C1U RCY J . 5.43 -1.27 4.02
C1V RCY J . 6.19 -2.42 1.89
N1V RCY J . 6.67 -0.04 2.47
C1W RCY J . 7.57 -0.31 3.67
C1X RCY J . 5.63 -1.15 2.50
C1Y RCY J . 8.88 -0.97 3.22
C1Z RCY J . 7.85 1.00 4.40
H1S RCY J . 2.05 -3.30 4.82
H1U RCY J . 4.90 -0.40 4.39
C1C RCY K . -13.02 3.18 1.19
O1G RCY K . -14.01 3.21 6.02
O1H RCY K . -12.85 0.74 2.16
O1J RCY K . -14.55 0.82 0.10
C1L RCY K . -12.49 1.33 5.63
C1M RCY K . -16.21 2.72 3.00
C1P RCY K . -13.54 2.38 5.24
C1Q RCY K . -13.14 1.06 3.31
N1R RCY K . -13.93 2.28 3.76
C1S RCY K . -12.79 0.26 4.56
C1U RCY K . -14.85 3.18 2.93
C1V RCY K . -15.26 4.26 0.68
N1V RCY K . -15.09 1.79 1.07
C1W RCY K . -16.36 1.65 1.92
C1X RCY K . -14.52 3.15 1.45
C1Y RCY K . -17.60 1.91 1.07
C1Z RCY K . -16.41 0.25 2.53
H1S RCY K . -13.57 -0.41 4.23
H1U RCY K . -14.78 4.19 3.30
N MET A 1 -2.96 26.93 -4.99
CA MET A 1 -1.50 26.78 -4.74
C MET A 1 -1.20 27.11 -3.28
N ASN A 2 -1.87 26.46 -2.36
CA ASN A 2 -1.62 26.74 -0.92
C ASN A 2 -1.97 25.49 -0.10
N LEU A 3 -1.29 24.40 -0.34
CA LEU A 3 -1.59 23.16 0.44
C LEU A 3 -0.91 23.22 1.80
N GLU A 4 -1.57 22.77 2.83
CA GLU A 4 -0.97 22.79 4.19
C GLU A 4 -1.10 21.40 4.82
N PRO A 5 -0.22 21.06 5.73
CA PRO A 5 -0.24 19.74 6.40
C PRO A 5 -1.67 19.27 6.71
N PRO A 6 -1.92 17.98 6.59
CA PRO A 6 -3.28 17.41 6.86
C PRO A 6 -3.59 17.34 8.35
N LYS A 7 -4.79 17.70 8.73
CA LYS A 7 -5.16 17.65 10.17
C LYS A 7 -5.06 16.22 10.67
N ALA A 8 -4.92 16.02 11.95
CA ALA A 8 -4.82 14.63 12.49
C ALA A 8 -5.14 14.65 13.99
N GLU A 9 -6.24 14.05 14.38
CA GLU A 9 -6.60 14.02 15.82
C GLU A 9 -5.88 12.86 16.50
N CYS A 10 -5.61 11.82 15.77
CA CYS A 10 -4.90 10.65 16.37
C CYS A 10 -4.38 9.74 15.25
N ARG A 11 -3.14 9.89 14.87
CA ARG A 11 -2.58 9.03 13.78
C ARG A 11 -1.96 7.77 14.39
N SER A 12 -2.61 7.17 15.34
CA SER A 12 -2.05 5.94 15.97
C SER A 12 -0.70 6.26 16.62
N ALA A 13 -0.46 5.75 17.80
CA ALA A 13 0.83 6.03 18.49
C ALA A 13 1.08 7.54 18.53
N THR A 14 2.17 7.95 19.12
CA THR A 14 2.47 9.41 19.20
C THR A 14 2.38 10.02 17.80
N ARG A 15 3.11 9.49 16.86
CA ARG A 15 3.07 10.05 15.49
C ARG A 15 3.98 9.23 14.57
N VAL A 16 3.88 7.92 14.66
CA VAL A 16 4.73 7.03 13.82
C VAL A 16 6.09 7.68 13.55
N MET A 17 6.40 7.98 12.32
CA MET A 17 7.71 8.61 12.00
C MET A 17 8.82 7.88 12.77
N GLY A 18 8.86 6.57 12.66
CA GLY A 18 9.91 5.80 13.39
C GLY A 18 11.28 6.37 13.04
N GLY A 19 12.34 5.72 13.49
CA GLY A 19 13.71 6.23 13.19
C GLY A 19 14.42 5.23 12.27
N PRO A 20 14.71 4.06 12.77
CA PRO A 20 15.40 2.99 11.98
C PRO A 20 14.75 2.77 10.60
N CYS A 21 13.44 2.80 10.55
CA CYS A 21 12.75 2.59 9.24
C CYS A 21 11.59 3.58 9.12
N THR A 22 11.73 4.58 8.28
CA THR A 22 10.64 5.57 8.10
C THR A 22 10.57 6.00 6.63
N PRO A 23 9.43 5.87 5.99
CA PRO A 23 9.25 6.25 4.56
C PRO A 23 9.89 7.59 4.21
N ARG A 24 9.18 8.44 3.52
CA ARG A 24 9.76 9.77 3.15
C ARG A 24 8.65 10.68 2.62
N LYS A 25 7.53 10.12 2.25
CA LYS A 25 6.41 10.96 1.74
C LYS A 25 6.91 11.81 0.57
N GLY A 26 7.03 11.23 -0.60
CA GLY A 26 7.52 12.00 -1.78
C GLY A 26 6.36 12.82 -2.36
N PRO A 27 6.68 13.76 -3.23
CA PRO A 27 5.65 14.63 -3.88
C PRO A 27 4.44 13.82 -4.38
N PRO A 28 3.24 14.31 -4.15
CA PRO A 28 2.00 13.62 -4.60
C PRO A 28 2.13 13.09 -6.03
N LYS A 29 1.77 11.85 -6.26
CA LYS A 29 1.86 11.30 -7.63
C LYS A 29 1.23 9.89 -7.67
N CYS A 30 0.10 9.73 -7.03
CA CYS A 30 -0.57 8.40 -7.04
C CYS A 30 0.46 7.30 -6.73
N LYS A 31 1.01 6.69 -7.72
CA LYS A 31 2.01 5.62 -7.49
C LYS A 31 2.84 5.37 -8.75
N GLN A 32 2.51 6.05 -9.83
CA GLN A 32 3.28 5.86 -11.09
C GLN A 32 3.45 4.37 -11.36
N ARG A 33 2.66 3.81 -12.23
CA ARG A 33 2.78 2.36 -12.54
C ARG A 33 4.03 2.10 -13.39
N GLN A 34 5.10 2.81 -13.14
CA GLN A 34 6.34 2.59 -13.94
C GLN A 34 6.67 1.10 -13.92
N THR A 35 7.54 0.68 -13.03
CA THR A 35 7.86 -0.76 -12.94
C THR A 35 6.76 -1.43 -12.13
N ARG A 36 7.08 -2.18 -11.12
CA ARG A 36 6.01 -2.80 -10.30
C ARG A 36 5.03 -3.51 -11.24
N GLN A 37 5.48 -3.90 -12.40
CA GLN A 37 4.58 -4.60 -13.37
C GLN A 37 3.70 -5.61 -12.62
N CYS A 38 4.27 -6.71 -12.21
CA CYS A 38 3.47 -7.73 -11.47
C CYS A 38 2.28 -8.16 -12.32
N LYS A 39 1.72 -9.31 -12.04
CA LYS A 39 0.55 -9.80 -12.83
C LYS A 39 0.82 -9.59 -14.33
N SER A 40 1.30 -10.61 -14.98
CA SER A 40 1.59 -10.48 -16.45
C SER A 40 0.75 -11.52 -17.21
N LYS A 41 -0.22 -12.10 -16.56
CA LYS A 41 -1.08 -13.12 -17.24
C LYS A 41 -2.54 -12.69 -17.17
N PRO A 42 -3.35 -13.02 -18.15
CA PRO A 42 -4.79 -12.66 -18.17
C PRO A 42 -5.49 -13.00 -16.83
N PRO A 43 -6.60 -12.37 -16.57
CA PRO A 43 -7.37 -12.62 -15.32
C PRO A 43 -8.10 -13.96 -15.35
N LYS A 44 -7.86 -14.81 -14.39
CA LYS A 44 -8.54 -16.14 -14.38
C LYS A 44 -8.31 -16.82 -13.02
N LYS A 45 -7.11 -17.26 -12.76
CA LYS A 45 -6.81 -17.93 -11.47
C LYS A 45 -5.47 -17.45 -10.93
N GLY A 46 -5.47 -16.44 -10.11
CA GLY A 46 -4.18 -15.94 -9.56
C GLY A 46 -3.67 -16.90 -8.49
N VAL A 47 -2.78 -17.78 -8.85
CA VAL A 47 -2.24 -18.75 -7.86
C VAL A 47 -1.12 -18.09 -7.05
N GLN A 48 -0.22 -18.87 -6.53
CA GLN A 48 0.89 -18.28 -5.73
C GLN A 48 1.83 -17.51 -6.66
N GLY A 49 2.89 -16.96 -6.13
CA GLY A 49 3.83 -16.18 -6.98
C GLY A 49 3.31 -14.77 -7.18
N CYS A 50 3.97 -13.99 -7.98
CA CYS A 50 3.52 -12.59 -8.22
C CYS A 50 3.94 -12.15 -9.62
N GLY A 51 5.11 -12.55 -10.04
CA GLY A 51 5.60 -12.15 -11.39
C GLY A 51 6.93 -12.84 -11.67
N ASP A 52 8.00 -12.30 -11.16
CA ASP A 52 9.34 -12.92 -11.39
C ASP A 52 10.31 -12.48 -10.29
N ASP A 53 9.98 -11.45 -9.56
CA ASP A 53 10.88 -10.97 -8.47
C ASP A 53 10.15 -9.95 -7.61
N ILE A 54 10.72 -8.78 -7.43
CA ILE A 54 10.05 -7.74 -6.59
C ILE A 54 10.49 -6.35 -7.07
N PRO A 55 9.91 -5.90 -8.16
CA PRO A 55 10.20 -4.57 -8.74
C PRO A 55 9.28 -3.47 -8.20
N GLY A 56 9.28 -3.25 -6.91
CA GLY A 56 8.39 -2.20 -6.34
C GLY A 56 8.96 -1.72 -5.00
N MET A 57 9.90 -2.43 -4.45
CA MET A 57 10.48 -2.01 -3.15
C MET A 57 9.36 -1.66 -2.17
N GLU A 58 9.29 -0.43 -1.74
CA GLU A 58 8.21 -0.03 -0.79
C GLU A 58 8.27 1.49 -0.58
N GLY A 59 8.57 2.23 -1.61
CA GLY A 59 8.66 3.71 -1.47
C GLY A 59 7.27 4.35 -1.62
N CYS A 60 6.74 4.37 -2.80
CA CYS A 60 5.40 5.00 -3.00
C CYS A 60 5.39 6.37 -2.31
N GLY A 61 4.94 6.43 -1.09
CA GLY A 61 4.91 7.72 -0.35
C GLY A 61 3.47 8.09 0.01
N THR A 62 2.56 8.01 -0.92
CA THR A 62 1.14 8.38 -0.62
C THR A 62 0.39 7.17 -0.06
N ASP A 63 0.50 6.92 1.22
CA ASP A 63 -0.22 5.77 1.82
C ASP A 63 -1.72 6.08 1.82
N ILE A 64 -2.08 7.27 1.46
CA ILE A 64 -3.52 7.67 1.42
C ILE A 64 -3.62 9.08 0.85
N THR A 65 -3.37 9.24 -0.42
CA THR A 65 -3.45 10.60 -1.02
C THR A 65 -4.74 11.28 -0.54
N VAL A 66 -5.71 10.49 -0.18
CA VAL A 66 -7.00 11.06 0.32
C VAL A 66 -7.71 9.99 1.16
N ILE A 67 -8.25 8.99 0.51
CA ILE A 67 -8.94 7.90 1.26
C ILE A 67 -8.53 6.56 0.67
N CYS A 68 -7.50 5.94 1.20
CA CYS A 68 -7.05 4.63 0.66
C CYS A 68 -8.14 3.58 0.93
N PRO A 69 -8.43 2.75 -0.04
CA PRO A 69 -9.46 1.68 0.12
C PRO A 69 -9.40 1.01 1.49
N TRP A 70 -8.31 1.13 2.18
CA TRP A 70 -8.20 0.49 3.53
C TRP A 70 -9.28 1.05 4.46
N GLU A 71 -10.12 1.92 3.95
CA GLU A 71 -11.21 2.50 4.80
C GLU A 71 -12.54 2.40 4.06
N ALA A 72 -12.57 2.81 2.82
CA ALA A 72 -13.84 2.73 2.04
C ALA A 72 -14.24 1.27 1.86
N CYS A 73 -13.61 0.58 0.95
CA CYS A 73 -13.96 -0.85 0.71
C CYS A 73 -13.40 -1.71 1.84
N ASN A 74 -13.51 -1.26 3.06
CA ASN A 74 -12.96 -2.05 4.19
C ASN A 74 -13.95 -3.16 4.57
N HIS A 75 -14.94 -3.39 3.76
CA HIS A 75 -15.93 -4.45 4.07
C HIS A 75 -15.39 -5.81 3.64
N CYS A 76 -14.49 -5.83 2.70
CA CYS A 76 -13.93 -7.12 2.23
C CYS A 76 -12.78 -7.56 3.16
N GLU A 77 -12.62 -6.88 4.26
CA GLU A 77 -11.53 -7.25 5.20
C GLU A 77 -11.82 -8.63 5.81
N LEU A 78 -12.08 -8.68 7.09
CA LEU A 78 -12.37 -9.99 7.74
C LEU A 78 -11.26 -10.99 7.41
N HIS A 79 -11.49 -11.85 6.45
CA HIS A 79 -10.46 -12.85 6.09
C HIS A 79 -11.03 -13.83 5.07
N GLU A 80 -11.59 -13.34 4.01
CA GLU A 80 -12.15 -14.26 2.97
C GLU A 80 -11.01 -14.85 2.15
N LEU A 81 -10.56 -14.15 1.14
CA LEU A 81 -9.45 -14.67 0.31
C LEU A 81 -8.18 -14.74 1.16
N ALA A 82 -8.29 -14.49 2.43
CA ALA A 82 -7.09 -14.53 3.32
C ALA A 82 -6.58 -15.96 3.45
N GLN A 83 -6.80 -16.79 2.45
CA GLN A 83 -6.31 -18.19 2.52
C GLN A 83 -4.86 -18.20 3.01
N TYR A 84 -4.13 -17.16 2.69
CA TYR A 84 -2.70 -17.09 3.14
C TYR A 84 -2.11 -15.77 2.62
N GLY A 85 -2.88 -15.01 1.88
CA GLY A 85 -2.37 -13.72 1.34
C GLY A 85 -2.49 -12.65 2.43
N ILE A 86 -1.98 -12.91 3.60
CA ILE A 86 -2.06 -11.91 4.70
C ILE A 86 -0.74 -11.13 4.75
N CYS A 87 -0.81 -9.87 5.10
CA CYS A 87 0.45 -9.07 5.16
C CYS A 87 1.24 -9.44 6.41
C1C RCY B . -2.89 16.00 23.73
O1G RCY B . -2.14 10.91 22.85
O1H RCY B . -6.53 11.59 21.62
O1J RCY B . -5.67 17.54 22.97
C1L RCY B . -3.08 11.19 20.68
C1M RCY B . -5.49 13.94 24.48
C1P RCY B . -2.94 11.54 22.14
C1Q RCY B . -5.28 11.59 21.63
N1R RCY B . -4.26 12.28 22.68
C1S RCY B . -4.52 10.69 20.64
C1U RCY B . -4.42 13.81 23.45
C1V RCY B . -3.74 15.70 21.38
N1V RCY B . -5.36 16.16 23.35
C1W RCY B . -6.30 15.22 24.22
C1X RCY B . -4.05 15.37 22.93
C1Y RCY B . -7.56 14.99 23.37
C1Z RCY B . -6.80 15.82 25.60
H1S RCY B . -5.55 10.97 20.53
H1U RCY B . -3.60 13.73 24.13
C1C RCY C . 15.61 -0.04 1.32
O1G RCY C . 12.73 2.27 2.76
O1H RCY C . 11.81 -1.31 5.43
O1J RCY C . 18.28 1.08 2.24
C1L RCY C . 11.78 2.25 4.98
C1M RCY C . 15.80 0.45 5.17
C1P RCY C . 12.63 1.71 3.86
C1Q RCY C . 12.26 -0.15 5.30
N1R RCY C . 13.34 0.33 4.19
C1S RCY C . 11.31 1.04 5.72
C1U RCY C . 15.00 -0.19 4.10
C1V RCY C . 16.51 -1.79 2.71
N1V RCY C . 17.21 0.69 3.14
C1W RCY C . 17.04 1.21 4.61
C1X RCY C . 16.03 -0.30 2.80
C1Y RCY C . 18.32 1.02 5.51
C1Z RCY C . 16.83 2.73 4.56
H1S RCY C . 10.57 0.27 5.56
H1U RCY C . 15.00 -1.22 4.39
C1C RCY D . -3.46 13.22 -14.27
O1G RCY D . -3.43 7.19 -12.94
O1H RCY D . -2.02 10.69 -11.46
O1J RCY D . -4.36 12.97 -17.10
C1L RCY D . -4.33 8.07 -10.90
C1M RCY D . -5.32 9.84 -15.07
C1P RCY D . -3.99 8.17 -12.41
C1Q RCY D . -3.02 10.00 -11.53
N1R RCY D . -3.74 9.66 -12.91
C1S RCY D . -3.67 9.31 -10.28
C1U RCY D . -4.79 10.63 -13.94
C1V RCY D . -5.92 12.99 -14.13
N1V RCY D . -4.58 11.94 -16.10
C1W RCY D . -4.85 10.42 -16.41
C1X RCY D . -4.65 12.19 -14.54
C1Y RCY D . -5.93 10.24 -17.52
C1Z RCY D . -3.57 9.71 -16.91
H1S RCY D . -3.95 10.34 -10.07
H1U RCY D . -5.69 10.77 -13.36
C1C RCY E . -5.30 -9.18 -5.76
O1G RCY E . 0.28 -10.49 -6.16
O1H RCY E . -2.06 -7.62 -7.79
O1J RCY E . -5.98 -8.18 -2.73
C1L RCY E . 0.99 -8.22 -6.38
C1M RCY E . -2.46 -9.60 -3.58
C1P RCY E . 0.04 -9.30 -5.83
C1Q RCY E . -1.17 -8.10 -7.14
N1R RCY E . -1.37 -8.65 -5.71
C1S RCY E . 0.26 -7.71 -7.66
C1U RCY E . -2.81 -9.17 -4.94
C1V RCY E . -4.73 -6.83 -5.07
N1V RCY E . -4.76 -8.67 -3.34
C1W RCY E . -3.55 -9.30 -2.56
C1X RCY E . -4.35 -8.40 -4.82
C1Y RCY E . -2.90 -8.45 -1.51
C1Z RCY E . -4.04 -10.50 -1.77
H1S RCY E . -0.53 -7.06 -8.06
H1U RCY E . -3.06 -10.06 -5.51
C1C RCY F . 7.10 -12.11 0.31
O1G RCY F . 4.37 -9.18 -1.34
O1H RCY F . 2.90 -13.12 -3.30
O1J RCY F . 6.78 -13.93 2.80
C1L RCY F . 3.78 -10.10 -3.49
C1M RCY F . 3.79 -13.82 0.33
C1P RCY F . 3.99 -10.17 -1.98
C1Q RCY F . 3.84 -12.39 -2.89
N1R RCY F . 3.96 -11.69 -1.43
C1S RCY F . 4.42 -11.44 -3.93
C1U RCY F . 4.24 -12.37 0.14
C1V RCY F . 5.51 -11.11 2.04
N1V RCY F . 5.78 -13.64 1.77
C1W RCY F . 4.65 -14.64 1.33
C1X RCY F . 5.67 -12.26 0.99
C1Y RCY F . 5.16 -15.96 0.66
C1Z RCY F . 3.84 -15.17 2.58
H1S RCY F . 5.32 -12.03 -3.80
H1U RCY F . 3.54 -11.77 0.74
C1C RCY G . 4.99 0.28 4.02
O1G RCY G . 3.18 -0.57 -0.65
O1H RCY G . 3.04 3.61 1.10
O1J RCY G . 3.49 -0.88 6.33
C1L RCY G . 1.78 1.31 -1.58
C1M RCY G . 1.58 1.08 3.60
C1P RCY G . 2.65 0.52 -0.40
C1Q RCY G . 2.67 2.59 0.49
N1R RCY G . 2.93 1.18 1.04
C1S RCY G . 1.94 2.94 -1.17
C1U RCY G . 2.88 0.77 2.81
C1V RCY G . 3.92 -1.78 3.09
N1V RCY G . 2.92 -0.34 5.10
C1W RCY G . 1.57 0.45 5.04
C1X RCY G . 3.63 -0.35 3.66
C1Y RCY G . 0.38 -0.49 5.25
C1Z RCY G . 1.39 1.51 6.24
H1S RCY G . 1.33 3.40 -0.77
H1U RCY G . 3.65 1.43 3.17
C1C RCY H . -8.65 6.80 -4.17
O1G RCY H . -2.85 5.81 -5.27
O1H RCY H . -4.86 3.61 -3.74
O1J RCY H . -10.06 7.51 -6.52
C1L RCY H . -2.79 4.75 -3.14
C1M RCY H . -6.20 7.02 -6.91
C1P RCY H . -3.42 5.66 -4.42
C1Q RCY H . -4.77 4.82 -3.46
N1R RCY H . -4.94 5.66 -4.62
C1S RCY H . -3.79 5.22 -2.17
C1U RCY H . -6.32 6.60 -5.40
C1V RCY H . -8.52 4.70 -5.60
N1V RCY H . -8.64 7.17 -6.50
C1W RCY H . -7.61 7.63 -7.54
C1X RCY H . -7.98 6.21 -5.39
C1Y RCY H . -8.08 7.16 -9.01
C1Z RCY H . -7.66 9.21 -7.77
H1S RCY H . -4.36 6.05 -2.16
H1U RCY H . -6.25 7.47 -4.74
C1C RCY I . -20.51 -6.44 -5.02
O1G RCY I . -18.28 -1.46 -4.94
O1H RCY I . -16.12 -4.83 -2.89
O1J RCY I . -23.16 -4.78 -5.51
C1L RCY I . -16.56 -1.56 -3.25
C1M RCY I . -20.62 -3.75 -2.78
C1P RCY I . -17.85 -2.04 -3.93
C1Q RCY I . -16.91 -3.89 -2.68
N1R RCY I . -18.22 -3.56 -3.54
C1S RCY I . -16.42 -2.54 -2.11
C1U RCY I . -19.65 -4.49 -3.65
C1V RCY I . -20.09 -4.61 -6.53
N1V RCY I . -21.99 -4.45 -4.71
C1W RCY I . -22.01 -3.57 -3.40
C1X RCY I . -20.51 -4.88 -5.01
C1Y RCY I . -22.28 -2.08 -3.70
C1Z RCY I . -23.13 -4.04 -2.43
H1S RCY I . -16.95 -2.93 -1.24
H1U RCY I . -19.48 -5.43 -3.15
C1C RCY J . -5.67 -5.26 6.23
O1G RCY J . -7.10 -7.79 0.97
O1H RCY J . -9.00 -4.36 3.58
O1J RCY J . -6.62 -7.51 8.33
C1L RCY J . -8.98 -6.18 0.58
C1M RCY J . -5.80 -8.55 4.60
C1P RCY J . -7.87 -6.98 1.52
C1Q RCY J . -8.76 -5.14 2.74
N1R RCY J . -7.57 -6.43 3.01
C1S RCY J . -9.88 -5.19 1.44
C1U RCY J . -6.15 -7.03 4.38
C1V RCY J . -4.40 -6.53 6.99
N1V RCY J . -6.39 -7.59 6.89
C1W RCY J . -6.35 -8.88 6.08
C1X RCY J . -5.65 -6.60 6.04
C1Y RCY J . -6.59 -10.11 7.01
C1Z RCY J . -7.48 -9.37 5.55
H1S RCY J . -9.87 -4.17 1.65
H1U RCY J . -5.49 -6.59 4.02
C1C RCY K . -2.14 -0.21 1.62
O1G RCY K . -4.26 -5.54 0.97
O1H RCY K . -2.18 -3.34 4.33
O1J RCY K . 0.28 -1.82 1.40
C1L RCY K . -2.32 -6.22 2.18
C1M RCY K . -1.75 -3.21 -0.86
C1P RCY K . -3.14 -5.19 1.42
C1Q RCY K . -2.15 -4.10 3.38
N1R RCY K . -2.68 -3.76 1.77
C1S RCY K . -1.81 -5.59 3.41
C1U RCY K . -2.46 -2.64 0.40
C1V RCY K . -2.75 -0.29 -0.68
N1V RCY K . -0.47 -1.63 0.19
C1W RCY K . -0.29 -2.80 -0.87
C1X RCY K . -1.99 -1.15 0.40
C1Y RCY K . 0.34 -2.73 -2.35
C1Z RCY K . 0.70 -3.82 -0.24
H1S RCY K . -2.06 -5.21 4.31
H1U RCY K . -3.46 -2.44 0.05
N MET A 1 -2.87 15.86 16.48
CA MET A 1 -2.80 17.26 15.98
C MET A 1 -1.40 17.82 16.21
N ASN A 2 -0.60 17.14 16.98
CA ASN A 2 0.77 17.63 17.25
C ASN A 2 1.57 16.55 18.01
N LEU A 3 2.68 16.92 18.58
CA LEU A 3 3.48 15.92 19.34
C LEU A 3 2.67 15.39 20.53
N GLU A 4 1.42 15.76 20.62
CA GLU A 4 0.59 15.27 21.75
C GLU A 4 0.74 13.75 21.86
N PRO A 5 1.08 13.24 23.02
CA PRO A 5 1.26 11.78 23.23
C PRO A 5 0.19 10.95 22.51
N PRO A 6 0.49 9.72 22.19
CA PRO A 6 -0.45 8.81 21.47
C PRO A 6 -1.58 8.31 22.38
N LYS A 7 -2.70 7.97 21.83
CA LYS A 7 -3.84 7.46 22.66
C LYS A 7 -4.98 7.03 21.75
N ALA A 8 -4.87 7.27 20.47
CA ALA A 8 -5.94 6.87 19.53
C ALA A 8 -5.99 5.35 19.42
N GLU A 9 -7.14 4.76 19.60
CA GLU A 9 -7.25 3.27 19.50
C GLU A 9 -6.94 2.82 18.07
N CYS A 10 -6.50 3.72 17.24
CA CYS A 10 -6.18 3.34 15.83
C CYS A 10 -7.40 2.64 15.22
N ARG A 11 -8.48 3.36 15.01
CA ARG A 11 -9.68 2.72 14.42
C ARG A 11 -9.50 2.62 12.90
N SER A 12 -9.63 3.71 12.20
CA SER A 12 -9.47 3.67 10.71
C SER A 12 -9.25 5.09 10.19
N ALA A 13 -9.54 6.08 10.98
CA ALA A 13 -9.36 7.48 10.52
C ALA A 13 -7.88 7.71 10.16
N THR A 14 -7.60 8.72 9.39
CA THR A 14 -6.19 8.99 9.01
C THR A 14 -5.42 9.50 10.24
N ARG A 15 -4.54 10.44 10.04
CA ARG A 15 -3.75 10.98 11.20
C ARG A 15 -3.23 12.36 10.86
N VAL A 16 -2.33 12.45 9.91
CA VAL A 16 -1.78 13.79 9.52
C VAL A 16 -1.08 13.68 8.16
N MET A 17 -1.84 13.69 7.10
CA MET A 17 -1.23 13.59 5.75
C MET A 17 -0.18 12.47 5.74
N GLY A 18 1.06 12.80 5.98
CA GLY A 18 2.12 11.76 5.99
C GLY A 18 3.49 12.42 5.83
N GLY A 19 3.83 13.32 6.73
CA GLY A 19 5.15 14.01 6.63
C GLY A 19 6.25 12.97 6.38
N PRO A 20 6.41 12.04 7.29
CA PRO A 20 7.44 10.97 7.17
C PRO A 20 7.45 10.31 5.79
N CYS A 21 6.48 10.61 4.98
CA CYS A 21 6.42 10.01 3.61
C CYS A 21 6.04 11.09 2.60
N THR A 22 7.00 11.67 1.94
CA THR A 22 6.69 12.73 0.93
C THR A 22 5.67 12.19 -0.07
N PRO A 23 4.47 12.70 -0.07
CA PRO A 23 3.40 12.24 -1.01
C PRO A 23 3.52 12.88 -2.39
N ARG A 24 2.97 12.26 -3.39
CA ARG A 24 3.04 12.84 -4.77
C ARG A 24 4.51 12.98 -5.19
N LYS A 25 4.85 12.51 -6.35
CA LYS A 25 6.27 12.62 -6.82
C LYS A 25 6.27 13.12 -8.27
N GLY A 26 5.61 12.42 -9.15
CA GLY A 26 5.57 12.85 -10.57
C GLY A 26 4.30 12.30 -11.24
N PRO A 27 4.21 12.42 -12.53
CA PRO A 27 3.03 11.92 -13.29
C PRO A 27 2.66 10.48 -12.91
N PRO A 28 1.43 10.10 -13.12
CA PRO A 28 0.94 8.72 -12.79
C PRO A 28 1.97 7.65 -13.16
N LYS A 29 2.09 6.62 -12.36
CA LYS A 29 3.07 5.55 -12.66
C LYS A 29 2.53 4.21 -12.15
N CYS A 30 2.23 3.30 -13.04
CA CYS A 30 1.70 1.97 -12.61
C CYS A 30 2.17 0.91 -13.60
N LYS A 31 2.28 1.25 -14.85
CA LYS A 31 2.73 0.26 -15.87
C LYS A 31 2.00 -1.07 -15.65
N GLN A 32 2.53 -2.14 -16.19
CA GLN A 32 1.87 -3.46 -16.02
C GLN A 32 2.56 -4.22 -14.88
N ARG A 33 2.36 -5.51 -14.81
CA ARG A 33 3.00 -6.31 -13.72
C ARG A 33 2.76 -7.80 -13.98
N GLN A 34 3.70 -8.48 -14.56
CA GLN A 34 3.52 -9.93 -14.82
C GLN A 34 4.86 -10.54 -15.25
N THR A 35 5.39 -11.46 -14.48
CA THR A 35 6.68 -12.09 -14.85
C THR A 35 6.89 -13.34 -14.00
N ARG A 36 5.88 -13.79 -13.32
CA ARG A 36 6.02 -15.00 -12.46
C ARG A 36 7.10 -14.76 -11.41
N GLN A 37 7.36 -13.53 -11.08
CA GLN A 37 8.40 -13.23 -10.05
C GLN A 37 8.51 -11.70 -9.89
N CYS A 38 8.35 -11.22 -8.69
CA CYS A 38 8.45 -9.74 -8.47
C CYS A 38 9.77 -9.24 -9.05
N LYS A 39 10.88 -9.63 -8.46
CA LYS A 39 12.20 -9.17 -8.99
C LYS A 39 13.30 -10.10 -8.46
N SER A 40 13.06 -10.73 -7.34
CA SER A 40 14.10 -11.65 -6.77
C SER A 40 13.63 -12.14 -5.39
N LYS A 41 12.52 -11.63 -4.92
CA LYS A 41 12.02 -12.06 -3.58
C LYS A 41 10.55 -12.45 -3.71
N PRO A 42 10.27 -13.66 -4.12
CA PRO A 42 8.88 -14.17 -4.29
C PRO A 42 8.27 -14.62 -2.96
N PRO A 43 6.95 -14.70 -2.90
CA PRO A 43 6.23 -15.14 -1.68
C PRO A 43 6.41 -16.65 -1.42
N LYS A 44 6.73 -17.02 -0.21
CA LYS A 44 6.91 -18.46 0.11
C LYS A 44 5.53 -19.13 0.21
N LYS A 45 4.49 -18.35 0.25
CA LYS A 45 3.12 -18.93 0.35
C LYS A 45 2.94 -19.98 -0.74
N GLY A 46 2.62 -19.57 -1.93
CA GLY A 46 2.43 -20.57 -3.03
C GLY A 46 1.89 -19.85 -4.27
N VAL A 47 0.70 -19.32 -4.21
CA VAL A 47 0.12 -18.62 -5.38
C VAL A 47 1.16 -17.65 -5.95
N GLN A 48 1.59 -17.86 -7.17
CA GLN A 48 2.60 -16.96 -7.78
C GLN A 48 2.26 -16.72 -9.25
N GLY A 49 1.80 -15.55 -9.58
CA GLY A 49 1.44 -15.25 -10.99
C GLY A 49 1.47 -13.74 -11.21
N CYS A 50 2.55 -13.10 -10.87
CA CYS A 50 2.64 -11.62 -11.05
C CYS A 50 4.06 -11.25 -11.50
N GLY A 51 4.46 -10.02 -11.31
CA GLY A 51 5.83 -9.62 -11.73
C GLY A 51 5.96 -8.09 -11.61
N ASP A 52 7.16 -7.61 -11.47
CA ASP A 52 7.37 -6.14 -11.34
C ASP A 52 8.82 -5.79 -11.71
N ASP A 53 9.29 -6.30 -12.81
CA ASP A 53 10.69 -6.00 -13.23
C ASP A 53 10.79 -4.55 -13.69
N ILE A 54 9.83 -3.74 -13.32
CA ILE A 54 9.86 -2.31 -13.73
C ILE A 54 10.13 -1.44 -12.50
N PRO A 55 11.35 -1.01 -12.29
CA PRO A 55 11.72 -0.16 -11.13
C PRO A 55 11.33 1.31 -11.34
N GLY A 56 10.19 1.54 -11.91
CA GLY A 56 9.75 2.95 -12.15
C GLY A 56 9.69 3.70 -10.83
N MET A 57 8.65 3.51 -10.06
CA MET A 57 8.55 4.22 -8.75
C MET A 57 7.27 3.77 -8.03
N GLU A 58 6.99 2.50 -8.06
CA GLU A 58 5.75 1.99 -7.38
C GLU A 58 4.53 2.67 -7.99
N GLY A 59 4.26 3.90 -7.62
CA GLY A 59 3.08 4.61 -8.18
C GLY A 59 2.47 5.51 -7.10
N CYS A 60 1.32 5.14 -6.60
CA CYS A 60 0.64 5.96 -5.55
C CYS A 60 0.86 7.45 -5.84
N GLY A 61 0.01 8.03 -6.62
CA GLY A 61 0.16 9.48 -6.95
C GLY A 61 -0.11 10.31 -5.70
N THR A 62 -1.35 10.60 -5.41
CA THR A 62 -1.68 11.41 -4.19
C THR A 62 -3.00 10.92 -3.59
N ASP A 63 -4.04 10.90 -4.38
CA ASP A 63 -5.36 10.44 -3.85
C ASP A 63 -5.21 9.06 -3.23
N ILE A 64 -4.49 8.18 -3.86
CA ILE A 64 -4.31 6.81 -3.31
C ILE A 64 -3.39 6.87 -2.09
N THR A 65 -2.25 7.47 -2.24
CA THR A 65 -1.28 7.57 -1.10
C THR A 65 -2.04 7.74 0.23
N VAL A 66 -3.21 8.33 0.20
CA VAL A 66 -3.98 8.52 1.47
C VAL A 66 -5.38 7.90 1.31
N ILE A 67 -5.95 7.98 0.13
CA ILE A 67 -7.30 7.40 -0.11
C ILE A 67 -7.27 6.62 -1.42
N CYS A 68 -7.04 5.34 -1.34
CA CYS A 68 -6.96 4.51 -2.58
C CYS A 68 -8.25 3.69 -2.74
N PRO A 69 -8.54 3.29 -3.95
CA PRO A 69 -9.78 2.51 -4.26
C PRO A 69 -10.13 1.50 -3.17
N TRP A 70 -9.16 0.94 -2.51
CA TRP A 70 -9.46 -0.05 -1.44
C TRP A 70 -10.32 0.62 -0.36
N GLU A 71 -9.86 1.71 0.19
CA GLU A 71 -10.64 2.40 1.25
C GLU A 71 -12.07 2.68 0.77
N ALA A 72 -12.22 3.19 -0.42
CA ALA A 72 -13.58 3.50 -0.94
C ALA A 72 -14.28 2.22 -1.41
N CYS A 73 -13.55 1.27 -1.92
CA CYS A 73 -14.19 0.02 -2.40
C CYS A 73 -14.59 -0.85 -1.21
N ASN A 74 -13.68 -1.11 -0.31
CA ASN A 74 -14.02 -1.96 0.86
C ASN A 74 -12.88 -1.94 1.88
N HIS A 75 -13.09 -2.50 3.04
CA HIS A 75 -12.02 -2.51 4.07
C HIS A 75 -11.15 -3.75 3.88
N CYS A 76 -9.95 -3.73 4.42
CA CYS A 76 -9.05 -4.90 4.27
C CYS A 76 -8.16 -5.01 5.50
N GLU A 77 -8.08 -3.97 6.28
CA GLU A 77 -7.22 -4.01 7.50
C GLU A 77 -7.84 -4.98 8.52
N LEU A 78 -9.10 -5.28 8.37
CA LEU A 78 -9.76 -6.22 9.32
C LEU A 78 -8.97 -7.53 9.36
N HIS A 79 -8.91 -8.23 8.26
CA HIS A 79 -8.15 -9.51 8.22
C HIS A 79 -6.71 -9.24 7.82
N GLU A 80 -5.90 -10.26 7.70
CA GLU A 80 -4.48 -10.07 7.30
C GLU A 80 -4.33 -10.29 5.80
N LEU A 81 -3.66 -11.33 5.41
CA LEU A 81 -3.48 -11.60 3.95
C LEU A 81 -4.79 -12.18 3.38
N ALA A 82 -5.74 -12.45 4.22
CA ALA A 82 -7.03 -13.00 3.72
C ALA A 82 -7.76 -11.96 2.88
N GLN A 83 -8.26 -10.93 3.50
CA GLN A 83 -8.99 -9.87 2.74
C GLN A 83 -9.98 -10.54 1.78
N TYR A 84 -11.13 -10.89 2.25
CA TYR A 84 -12.14 -11.55 1.36
C TYR A 84 -11.48 -12.75 0.67
N GLY A 85 -10.34 -13.16 1.14
CA GLY A 85 -9.64 -14.32 0.51
C GLY A 85 -8.70 -13.83 -0.59
N ILE A 86 -9.24 -13.10 -1.54
CA ILE A 86 -8.38 -12.58 -2.64
C ILE A 86 -8.86 -11.18 -3.04
N CYS A 87 -8.38 -10.67 -4.14
CA CYS A 87 -8.82 -9.31 -4.58
C CYS A 87 -10.25 -9.39 -5.14
C1C RCY B . 1.54 2.90 19.51
O1G RCY B . -0.19 -0.62 15.95
O1H RCY B . -1.40 3.01 18.74
O1J RCY B . 4.00 1.38 20.35
C1L RCY B . -1.94 1.09 15.82
C1M RCY B . 1.42 -0.61 18.33
C1P RCY B . -0.76 0.35 16.46
C1Q RCY B . -1.45 2.03 17.99
N1R RCY B . -0.38 0.96 17.81
C1S RCY B . -2.61 1.67 17.08
C1U RCY B . 0.78 0.61 18.74
C1V RCY B . 2.33 1.98 17.29
N1V RCY B . 3.00 0.86 19.42
C1W RCY B . 2.83 -0.57 18.94
C1X RCY B . 1.90 1.64 18.71
C1Y RCY B . 3.88 -0.92 17.89
C1Z RCY B . 2.95 -1.52 20.14
H1S RCY B . -3.10 1.36 17.98
H1U RCY B . 0.41 0.50 19.75
C1C RCY C . 6.14 12.71 8.68
O1G RCY C . 9.57 10.01 7.40
O1H RCY C . 5.60 10.65 4.93
O1J RCY C . 6.25 15.62 7.92
C1L RCY C . 8.10 8.49 6.17
C1M RCY C . 7.90 13.20 5.46
C1P RCY C . 8.56 9.84 6.75
C1Q RCY C . 6.46 10.18 5.69
N1R RCY C . 7.57 10.95 6.39
C1S RCY C . 6.59 8.73 6.10
C1U RCY C . 7.66 12.46 6.67
C1V RCY C . 5.15 12.63 6.34
N1V RCY C . 6.64 14.53 7.04
C1W RCY C . 7.43 14.63 5.74
C1X RCY C . 6.36 13.05 7.20
C1Y RCY C . 6.54 15.13 4.60
C1Z RCY C . 8.62 15.57 5.94
H1S RCY C . 5.73 8.93 6.72
H1U RCY C . 8.45 12.64 7.38
C1C RCY D . -3.53 5.00 -17.82
O1G RCY D . -0.76 6.55 -16.14
O1H RCY D . -0.89 2.13 -14.49
O1J RCY D . -3.88 2.93 -19.97
C1L RCY D . -0.35 5.58 -13.93
C1M RCY D . -1.03 2.29 -17.49
C1P RCY D . -0.74 5.55 -15.41
C1Q RCY D . -1.01 3.34 -14.60
N1R RCY D . -1.10 4.15 -15.89
C1S RCY D . -1.12 4.34 -13.45
C1U RCY D . -1.45 3.65 -17.29
C1V RCY D . -3.70 2.88 -16.42
N1V RCY D . -2.98 2.77 -18.83
C1W RCY D . -1.88 1.74 -18.65
C1X RCY D . -2.95 3.60 -17.55
C1Y RCY D . -2.46 0.38 -18.27
C1Z RCY D . -1.07 1.65 -19.94
H1S RCY D . -2.11 3.95 -13.34
H1U RCY D . -0.98 4.28 -18.03
C1C RCY E . 3.36 -5.00 -5.94
O1G RCY E . 4.66 -8.24 -10.21
O1H RCY E . 5.82 -6.20 -6.12
O1J RCY E . 0.41 -4.77 -6.46
C1L RCY E . 6.63 -8.38 -8.77
C1M RCY E . 2.40 -6.81 -9.03
C1P RCY E . 5.26 -7.85 -9.21
C1Q RCY E . 5.88 -6.65 -7.25
N1R RCY E . 4.71 -6.82 -8.22
C1S RCY E . 7.12 -7.18 -7.95
C1U RCY E . 3.36 -6.11 -8.22
C1V RCY E . 2.71 -7.45 -6.17
N1V RCY E . 1.30 -5.66 -7.20
C1W RCY E . 1.02 -6.37 -8.52
C1X RCY E . 2.72 -6.07 -6.83
C1Y RCY E . 0.12 -7.59 -8.29
C1Z RCY E . 0.36 -5.41 -9.49
H1S RCY E . 7.38 -6.14 -8.04
H1U RCY E . 3.47 -5.10 -8.60
C1C RCY F . -0.42 -12.47 -4.60
O1G RCY F . 1.36 -13.53 -8.13
O1H RCY F . -0.25 -11.93 -7.78
O1J RCY F . -1.89 -10.04 -3.59
C1L RCY F . 0.72 -11.29 -7.23
C1M RCY F . 0.92 -9.36 -6.10
C1P RCY F . 1.56 -12.35 -7.96
C1Q RCY F . 0.96 -12.17 -7.87
N1R RCY F . 1.82 -11.56 -6.71
C1S RCY F . 2.17 -11.85 -7.09
C1U RCY F . 1.07 -10.73 -5.67
C1V RCY F . -1.12 -11.38 -6.77
N1V RCY F . -0.94 -10.02 -4.69
C1W RCY F . -0.27 -8.79 -5.32
C1X RCY F . -0.37 -11.20 -5.45
C1Y RCY F . -1.24 -8.08 -6.26
C1Z RCY F . 0.21 -7.85 -4.21
H1S RCY F . 2.45 -12.89 -6.99
H1U RCY F . 1.60 -10.75 -4.74
C1C RCY G . 2.16 -0.48 -1.26
O1G RCY G . 1.61 1.43 -1.27
O1H RCY G . 4.17 2.64 -5.04
O1J RCY G . 0.24 -1.19 -3.47
C1L RCY G . 1.86 3.52 -2.52
C1M RCY G . 3.83 -0.41 -4.56
C1P RCY G . 2.15 2.05 -2.17
C1Q RCY G . 3.61 2.67 -3.95
N1R RCY G . 3.20 1.45 -3.11
C1S RCY G . 3.19 3.90 -3.18
C1U RCY G . 3.72 0.02 -3.20
C1V RCY G . 3.42 -2.37 -2.40
N1V RCY G . 1.68 -1.05 -3.65
C1W RCY G . 2.45 -0.93 -4.97
C1X RCY G . 2.77 -0.99 -2.57
C1Y RCY G . 2.57 -2.31 -5.64
C1Z RCY G . 1.73 0.05 -5.88
H1S RCY G . 4.24 4.00 -2.96
H1U RCY G . 4.68 -0.05 -2.71
C1C RCY H . 0.88 1.22 1.16
O1G RCY H . 0.33 4.19 -1.23
O1H RCY H . -3.39 1.33 -0.76
O1J RCY H . 2.90 -0.66 -0.04
C1L RCY H . -2.08 4.59 -1.01
C1M RCY H . 0.26 0.73 -2.45
C1P RCY H . -0.81 3.73 -1.13
C1Q RCY H . -2.67 2.25 -1.10
N1R RCY H . -1.14 2.24 -1.12
C1S RCY H . -3.11 3.61 -1.59
C1U RCY H . -0.20 1.04 -1.12
C1V RCY H . 1.75 2.62 -0.76
N1V RCY H . 1.94 0.12 -0.83
C1W RCY H . 1.56 -0.06 -2.28
C1X RCY H . 1.10 1.30 -0.35
C1Y RCY H . 2.65 0.52 -3.20
C1Z RCY H . 1.34 -1.54 -2.57
H1S RCY H . -3.37 3.10 -2.50
H1U RCY H . -0.70 0.19 -0.71
C1C RCY I . -7.12 -0.68 -4.68
O1G RCY I . -9.75 3.10 -2.03
O1H RCY I . -10.30 -1.09 -4.13
O1J RCY I . -4.97 -1.65 -2.80
C1L RCY I . -11.62 2.04 -3.20
C1M RCY I . -7.83 0.34 -1.20
C1P RCY I . -10.19 2.14 -2.66
C1Q RCY I . -10.34 0.10 -3.88
N1R RCY I . -9.37 0.89 -3.01
C1S RCY I . -11.41 1.08 -4.37
C1U RCY I . -7.94 0.53 -2.62
C1V RCY I . -8.51 -1.91 -2.95
N1V RCY I . -6.23 -1.06 -2.36
C1W RCY I . -6.59 -0.53 -0.98
C1X RCY I . -7.48 -0.81 -3.20
C1Y RCY I . -6.91 -1.70 -0.03
C1Z RCY I . -5.42 0.30 -0.44
H1S RCY I . -10.88 1.00 -5.32
H1U RCY I . -7.27 1.31 -2.93
C1C RCY J . -1.28 -5.12 0.18
O1G RCY J . -3.78 -3.60 -0.36
O1H RCY J . -4.94 -7.75 1.57
O1J RCY J . -0.87 -7.42 2.08
C1L RCY J . -5.31 -4.25 1.44
C1M RCY J . -3.25 -8.09 -0.86
C1P RCY J . -4.30 -4.49 0.32
C1Q RCY J . -5.00 -6.62 1.11
N1R RCY J . -4.03 -5.98 0.12
C1S RCY J . -6.06 -5.58 1.42
C1U RCY J . -3.03 -6.67 -0.81
C1V RCY J . -0.59 -6.96 -1.42
N1V RCY J . -1.57 -7.53 0.80
C1W RCY J . -2.47 -8.67 0.33
C1X RCY J . -1.59 -6.53 -0.34
C1Y RCY J . -1.62 -9.86 -0.12
C1Z RCY J . -3.41 -9.08 1.47
H1S RCY J . -6.70 -6.18 0.78
H1U RCY J . -3.12 -6.26 -1.81
C1C RCY K . -2.22 -4.89 -5.51
O1G RCY K . -4.65 -6.58 -0.95
O1H RCY K . -4.34 -6.76 -5.66
O1J RCY K . -0.42 -2.84 -4.25
C1L RCY K . -5.49 -8.15 -2.63
C1M RCY K . -3.02 -4.43 -1.94
C1P RCY K . -4.77 -6.88 -2.13
C1Q RCY K . -4.77 -6.82 -4.50
N1R RCY K . -4.24 -6.06 -3.30
C1S RCY K . -5.91 -7.69 -4.02
C1U RCY K . -3.39 -4.78 -3.27
C1V RCY K . -1.31 -6.20 -3.53
N1V RCY K . -1.33 -3.69 -3.50
C1W RCY K . -1.79 -3.53 -2.05
C1X RCY K . -2.05 -4.94 -4.00
C1Y RCY K . -0.68 -4.00 -1.09
C1Z RCY K . -2.13 -2.07 -1.80
H1S RCY K . -6.54 -6.96 -4.52
H1U RCY K . -3.95 -3.96 -3.72
N MET A 1 8.43 28.05 2.17
CA MET A 1 9.03 26.79 2.66
C MET A 1 8.64 25.65 1.72
N ASN A 2 7.37 25.49 1.47
CA ASN A 2 6.93 24.38 0.56
C ASN A 2 7.19 24.78 -0.88
N LEU A 3 6.47 24.21 -1.81
CA LEU A 3 6.68 24.55 -3.25
C LEU A 3 5.32 24.69 -3.93
N GLU A 4 4.61 23.60 -4.08
CA GLU A 4 3.27 23.67 -4.73
C GLU A 4 2.23 24.12 -3.69
N PRO A 5 1.44 25.12 -4.00
CA PRO A 5 0.39 25.64 -3.07
C PRO A 5 -0.34 24.50 -2.35
N PRO A 6 -0.43 24.56 -1.04
CA PRO A 6 -1.12 23.50 -0.25
C PRO A 6 -2.65 23.64 -0.31
N LYS A 7 -3.36 22.57 -0.05
CA LYS A 7 -4.85 22.63 -0.09
C LYS A 7 -5.42 21.87 1.12
N ALA A 8 -6.59 22.23 1.55
CA ALA A 8 -7.20 21.53 2.72
C ALA A 8 -7.27 20.03 2.42
N GLU A 9 -7.21 19.21 3.44
CA GLU A 9 -7.29 17.74 3.21
C GLU A 9 -7.80 17.04 4.47
N CYS A 10 -6.91 16.66 5.35
CA CYS A 10 -7.35 15.97 6.60
C CYS A 10 -6.42 16.36 7.75
N ARG A 11 -5.32 15.67 7.90
CA ARG A 11 -4.37 16.00 9.00
C ARG A 11 -3.20 16.82 8.43
N SER A 12 -2.17 17.02 9.21
CA SER A 12 -1.00 17.81 8.71
C SER A 12 -0.01 16.86 8.04
N ALA A 13 -0.08 15.59 8.34
CA ALA A 13 0.87 14.62 7.72
C ALA A 13 2.30 15.06 8.00
N THR A 14 2.98 14.34 8.86
CA THR A 14 4.39 14.72 9.19
C THR A 14 5.16 15.01 7.91
N ARG A 15 4.68 14.54 6.78
CA ARG A 15 5.38 14.78 5.50
C ARG A 15 6.84 14.31 5.63
N VAL A 16 7.11 13.11 5.21
CA VAL A 16 8.50 12.58 5.31
C VAL A 16 8.58 11.24 4.57
N MET A 17 7.47 10.71 4.15
CA MET A 17 7.47 9.42 3.43
C MET A 17 8.31 9.55 2.14
N GLY A 18 8.24 10.68 1.49
CA GLY A 18 9.03 10.86 0.24
C GLY A 18 8.70 12.21 -0.39
N GLY A 19 8.64 13.25 0.38
CA GLY A 19 8.32 14.59 -0.19
C GLY A 19 6.99 14.52 -0.94
N PRO A 20 6.76 15.45 -1.84
CA PRO A 20 5.50 15.51 -2.64
C PRO A 20 5.14 14.15 -3.24
N CYS A 21 3.87 13.89 -3.43
CA CYS A 21 3.45 12.58 -4.02
C CYS A 21 3.44 12.68 -5.55
N THR A 22 4.49 12.26 -6.19
CA THR A 22 4.54 12.33 -7.68
C THR A 22 3.78 11.14 -8.27
N PRO A 23 3.22 11.30 -9.45
CA PRO A 23 2.45 10.22 -10.14
C PRO A 23 3.07 8.83 -9.97
N ARG A 24 3.42 8.20 -11.07
CA ARG A 24 4.00 6.83 -10.98
C ARG A 24 5.43 6.90 -10.42
N LYS A 25 6.40 6.93 -11.28
CA LYS A 25 7.82 7.00 -10.81
C LYS A 25 8.14 5.79 -9.93
N GLY A 26 9.13 5.03 -10.30
CA GLY A 26 9.49 3.83 -9.50
C GLY A 26 8.42 2.75 -9.69
N PRO A 27 8.28 2.26 -10.90
CA PRO A 27 7.28 1.22 -11.24
C PRO A 27 7.63 -0.14 -10.61
N PRO A 28 6.83 -1.15 -10.86
CA PRO A 28 7.09 -2.51 -10.30
C PRO A 28 8.50 -3.00 -10.60
N LYS A 29 9.20 -3.47 -9.60
CA LYS A 29 10.58 -3.96 -9.81
C LYS A 29 10.68 -5.43 -9.36
N CYS A 30 9.62 -5.94 -8.79
CA CYS A 30 9.66 -7.35 -8.32
C CYS A 30 10.95 -7.61 -7.56
N LYS A 31 11.01 -7.20 -6.32
CA LYS A 31 12.25 -7.42 -5.52
C LYS A 31 12.16 -8.78 -4.83
N GLN A 32 11.63 -9.77 -5.51
CA GLN A 32 11.51 -11.13 -4.92
C GLN A 32 11.38 -11.05 -3.40
N ARG A 33 10.64 -10.10 -2.90
CA ARG A 33 10.48 -9.96 -1.43
C ARG A 33 9.41 -10.95 -0.95
N GLN A 34 8.45 -10.48 -0.21
CA GLN A 34 7.37 -11.38 0.29
C GLN A 34 8.00 -12.66 0.87
N THR A 35 8.83 -12.51 1.85
CA THR A 35 9.48 -13.72 2.46
C THR A 35 8.40 -14.75 2.80
N ARG A 36 7.34 -14.33 3.44
CA ARG A 36 6.25 -15.27 3.79
C ARG A 36 5.00 -14.47 4.17
N GLN A 37 4.33 -13.91 3.21
CA GLN A 37 3.10 -13.11 3.52
C GLN A 37 3.39 -12.17 4.69
N CYS A 38 2.68 -12.30 5.77
CA CYS A 38 2.91 -11.42 6.94
C CYS A 38 2.50 -12.14 8.23
N LYS A 39 3.45 -12.42 9.09
CA LYS A 39 3.11 -13.12 10.36
C LYS A 39 2.68 -12.10 11.41
N SER A 40 1.73 -11.25 11.07
CA SER A 40 1.27 -10.22 12.05
C SER A 40 -0.21 -9.93 11.82
N LYS A 41 -1.08 -10.78 12.30
CA LYS A 41 -2.55 -10.55 12.10
C LYS A 41 -3.24 -10.53 13.46
N PRO A 42 -3.23 -9.41 14.13
CA PRO A 42 -3.87 -9.25 15.46
C PRO A 42 -5.37 -8.96 15.34
N PRO A 43 -6.11 -9.17 16.41
CA PRO A 43 -7.58 -8.91 16.42
C PRO A 43 -7.91 -7.45 16.08
N LYS A 44 -8.71 -7.23 15.07
CA LYS A 44 -9.06 -5.84 14.69
C LYS A 44 -10.45 -5.82 14.04
N LYS A 45 -10.72 -6.79 13.20
CA LYS A 45 -12.05 -6.84 12.52
C LYS A 45 -12.54 -8.29 12.47
N GLY A 46 -12.02 -9.07 11.57
CA GLY A 46 -12.45 -10.50 11.47
C GLY A 46 -12.61 -10.89 10.00
N VAL A 47 -13.81 -11.16 9.57
CA VAL A 47 -14.03 -11.55 8.14
C VAL A 47 -14.90 -10.49 7.46
N GLN A 48 -15.78 -9.87 8.20
CA GLN A 48 -16.67 -8.82 7.59
C GLN A 48 -17.54 -9.46 6.51
N GLY A 49 -16.96 -9.81 5.39
CA GLY A 49 -17.76 -10.43 4.30
C GLY A 49 -16.84 -10.90 3.18
N CYS A 50 -15.80 -10.15 2.88
CA CYS A 50 -14.87 -10.57 1.80
C CYS A 50 -13.90 -11.63 2.33
N GLY A 51 -14.15 -12.88 2.05
CA GLY A 51 -13.25 -13.96 2.54
C GLY A 51 -12.34 -14.43 1.39
N ASP A 52 -12.78 -15.39 0.63
CA ASP A 52 -11.94 -15.89 -0.50
C ASP A 52 -10.58 -16.33 0.03
N ASP A 53 -10.35 -17.62 0.13
CA ASP A 53 -9.05 -18.12 0.64
C ASP A 53 -8.78 -17.52 2.03
N ILE A 54 -7.87 -18.10 2.76
CA ILE A 54 -7.55 -17.57 4.13
C ILE A 54 -6.05 -17.35 4.24
N PRO A 55 -5.56 -16.26 3.71
CA PRO A 55 -4.12 -15.92 3.75
C PRO A 55 -3.75 -15.18 5.05
N GLY A 56 -4.73 -14.66 5.74
CA GLY A 56 -4.46 -13.93 7.01
C GLY A 56 -5.74 -13.25 7.49
N MET A 57 -6.75 -14.03 7.80
CA MET A 57 -8.05 -13.46 8.28
C MET A 57 -8.30 -12.10 7.62
N GLU A 58 -8.21 -11.04 8.37
CA GLU A 58 -8.45 -9.70 7.77
C GLU A 58 -8.11 -8.61 8.79
N GLY A 59 -6.94 -8.69 9.38
CA GLY A 59 -6.54 -7.67 10.39
C GLY A 59 -5.45 -6.77 9.78
N CYS A 60 -4.26 -7.28 9.66
CA CYS A 60 -3.16 -6.47 9.07
C CYS A 60 -1.94 -7.36 8.83
N GLY A 61 -0.77 -6.78 8.71
CA GLY A 61 0.44 -7.62 8.47
C GLY A 61 1.70 -6.79 8.73
N THR A 62 1.53 -5.55 9.12
CA THR A 62 2.72 -4.69 9.40
C THR A 62 3.71 -4.78 8.24
N ASP A 63 3.32 -5.41 7.16
CA ASP A 63 4.23 -5.51 6.00
C ASP A 63 4.37 -4.12 5.38
N ILE A 64 3.60 -3.18 5.85
CA ILE A 64 3.69 -1.79 5.30
C ILE A 64 3.97 -0.82 6.44
N THR A 65 5.09 -0.93 7.09
CA THR A 65 5.40 0.05 8.17
C THR A 65 5.02 1.42 7.62
N VAL A 66 5.28 1.60 6.35
CA VAL A 66 4.92 2.88 5.66
C VAL A 66 4.91 2.61 4.15
N ILE A 67 5.96 2.03 3.63
CA ILE A 67 6.03 1.73 2.17
C ILE A 67 6.65 0.35 1.96
N CYS A 68 5.88 -0.65 1.65
CA CYS A 68 6.47 -2.00 1.43
C CYS A 68 7.15 -2.04 0.05
N PRO A 69 8.32 -2.61 -0.04
CA PRO A 69 9.06 -2.70 -1.33
C PRO A 69 8.15 -3.01 -2.51
N TRP A 70 7.46 -4.13 -2.48
CA TRP A 70 6.56 -4.48 -3.61
C TRP A 70 5.34 -3.55 -3.59
N GLU A 71 5.58 -2.26 -3.68
CA GLU A 71 4.45 -1.30 -3.66
C GLU A 71 4.86 -0.05 -4.46
N ALA A 72 6.09 0.01 -4.86
CA ALA A 72 6.57 1.19 -5.63
C ALA A 72 5.69 1.37 -6.87
N CYS A 73 4.81 0.45 -7.14
CA CYS A 73 3.93 0.58 -8.33
C CYS A 73 2.95 1.73 -8.11
N ASN A 74 3.42 2.83 -7.56
CA ASN A 74 2.51 3.98 -7.31
C ASN A 74 1.68 4.27 -8.58
N HIS A 75 2.06 3.68 -9.67
CA HIS A 75 1.30 3.91 -10.94
C HIS A 75 -0.18 3.60 -10.71
N CYS A 76 -0.49 2.42 -10.25
CA CYS A 76 -1.91 2.05 -10.00
C CYS A 76 -2.74 2.41 -11.23
N GLU A 77 -2.70 1.58 -12.24
CA GLU A 77 -3.48 1.88 -13.48
C GLU A 77 -4.95 2.15 -13.11
N LEU A 78 -5.75 2.54 -14.06
CA LEU A 78 -7.18 2.84 -13.77
C LEU A 78 -7.85 1.58 -13.22
N HIS A 79 -8.89 1.74 -12.44
CA HIS A 79 -9.59 0.56 -11.87
C HIS A 79 -10.76 0.17 -12.79
N GLU A 80 -10.74 0.60 -14.01
CA GLU A 80 -11.86 0.26 -14.94
C GLU A 80 -11.79 -1.22 -15.31
N LEU A 81 -10.85 -1.93 -14.75
CA LEU A 81 -10.73 -3.39 -15.06
C LEU A 81 -11.43 -4.21 -13.98
N ALA A 82 -12.21 -3.57 -13.15
CA ALA A 82 -12.92 -4.31 -12.08
C ALA A 82 -13.96 -5.25 -12.70
N GLN A 83 -14.15 -6.40 -12.12
CA GLN A 83 -15.14 -7.37 -12.68
C GLN A 83 -15.51 -8.39 -11.60
N TYR A 84 -15.77 -7.93 -10.40
CA TYR A 84 -16.14 -8.87 -9.31
C TYR A 84 -15.15 -10.04 -9.29
N GLY A 85 -13.90 -9.76 -9.58
CA GLY A 85 -12.87 -10.86 -9.59
C GLY A 85 -11.54 -10.30 -9.07
N ILE A 86 -11.51 -9.04 -8.69
CA ILE A 86 -10.24 -8.45 -8.18
C ILE A 86 -10.33 -8.27 -6.67
N CYS A 87 -10.51 -7.06 -6.21
CA CYS A 87 -10.61 -6.83 -4.74
C CYS A 87 -12.04 -7.15 -4.27
C1C RCY B . -5.61 7.46 5.40
O1G RCY B . -6.47 9.40 3.77
O1H RCY B . -7.26 12.41 7.33
O1J RCY B . -5.54 5.89 7.97
C1L RCY B . -7.36 11.68 3.88
C1M RCY B . -6.80 9.50 8.25
C1P RCY B . -6.82 10.37 4.46
C1Q RCY B . -7.38 11.76 6.30
N1R RCY B . -6.75 10.41 5.99
C1S RCY B . -8.19 12.17 5.07
C1U RCY B . -6.19 9.37 6.95
C1V RCY B . -8.00 7.76 6.21
N1V RCY B . -6.17 7.20 7.83
C1W RCY B . -6.61 8.14 8.95
C1X RCY B . -6.51 7.93 6.55
C1Y RCY B . -7.93 7.67 9.55
C1Z RCY B . -5.52 8.20 10.02
H1S RCY B . -9.04 11.90 5.67
H1U RCY B . -5.13 9.49 7.04
C1C RCY C . 3.60 6.63 0.74
O1G RCY C . 6.10 10.51 -0.96
O1H RCY C . 1.50 9.47 -0.88
O1J RCY C . 3.28 6.68 3.73
C1L RCY C . 4.29 10.82 -2.57
C1M RCY C . 3.72 10.10 2.03
C1P RCY C . 4.93 10.34 -1.26
C1Q RCY C . 2.66 9.61 -1.25
N1R RCY C . 3.91 9.65 -0.36
C1S RCY C . 3.13 9.81 -2.68
C1U RCY C . 4.07 9.10 1.06
C1V RCY C . 1.68 8.27 0.99
N1V RCY C . 3.26 7.88 2.89
C1W RCY C . 3.39 9.34 3.33
C1X RCY C . 3.12 7.95 1.37
C1Y RCY C . 2.07 9.83 3.92
C1Z RCY C . 4.51 9.46 4.35
H1S RCY C . 2.93 8.76 -2.78
H1U RCY C . 5.09 8.79 1.21
C1C RCY D . 8.34 -3.12 -8.84
O1G RCY D . 7.07 -5.42 -6.03
O1H RCY D . 6.85 -6.36 -10.66
O1J RCY D . 7.89 -3.66 -11.78
C1L RCY D . 7.75 -7.34 -7.40
C1M RCY D . 4.82 -4.05 -9.53
C1P RCY D . 7.12 -5.96 -7.13
C1Q RCY D . 6.80 -6.47 -9.44
N1R RCY D . 6.58 -5.35 -8.42
C1S RCY D . 6.97 -7.76 -8.64
C1U RCY D . 5.96 -3.97 -8.66
C1V RCY D . 6.39 -1.57 -9.34
N1V RCY D . 6.83 -3.56 -10.79
C1W RCY D . 5.37 -3.99 -10.96
C1X RCY D . 6.91 -3.01 -9.38
C1Y RCY D . 4.60 -2.96 -11.79
C1Z RCY D . 5.32 -5.37 -11.63
H1S RCY D . 5.98 -7.98 -8.99
H1U RCY D . 5.67 -3.55 -7.72
C1C RCY E . -1.17 -5.28 2.05
O1G RCY E . 0.81 -5.62 4.81
O1H RCY E . 0.65 -10.06 3.22
O1J RCY E . -1.02 -5.53 -0.95
C1L RCY E . 0.77 -7.79 5.93
C1M RCY E . 1.04 -8.09 1.04
C1P RCY E . 0.74 -6.84 4.72
C1Q RCY E . 0.45 -9.04 3.88
N1R RCY E . 0.61 -7.60 3.40
C1S RCY E . 0.01 -8.98 5.33
C1U RCY E . 0.63 -7.07 1.97
C1V RCY E . -1.80 -7.72 1.73
N1V RCY E . -0.48 -6.51 -0.01
C1W RCY E . 0.50 -7.66 -0.33
C1X RCY E . -0.75 -6.64 1.47
C1Y RCY E . -0.23 -8.81 -1.02
C1Z RCY E . 1.62 -7.12 -1.22
H1S RCY E . -0.95 -9.26 4.95
H1U RCY E . 1.32 -6.24 1.91
C1C RCY F . -10.55 -9.00 -3.14
O1G RCY F . -8.66 -8.72 0.58
O1H RCY F . -13.13 -7.32 -0.02
O1J RCY F . -8.90 -7.29 -4.98
C1L RCY F . -10.69 -8.99 1.91
C1M RCY F . -9.36 -5.96 -1.41
C1P RCY F . -9.85 -8.48 0.73
C1Q RCY F . -12.04 -7.58 0.48
N1R RCY F . -10.70 -7.64 -0.24
C1S RCY F . -11.78 -7.91 1.94
C1U RCY F . -10.30 -7.03 -1.58
C1V RCY F . -8.43 -8.73 -1.78
N1V RCY F . -9.03 -7.06 -3.54
C1W RCY F . -8.64 -5.81 -2.76
C1X RCY F . -9.58 -8.01 -2.50
C1Y RCY F . -7.12 -5.75 -2.56
C1Z RCY F . -9.12 -4.58 -3.51
H1S RCY F . -11.92 -6.85 2.10
H1U RCY F . -11.19 -6.65 -2.08
C1C RCY G . 0.88 -7.77 4.01
O1G RCY G . 0.42 -8.28 7.28
O1H RCY G . -2.85 -4.97 6.47
O1J RCY G . -0.52 -8.03 1.35
C1L RCY G . -0.45 -6.43 8.61
C1M RCY G . -2.72 -6.96 4.30
C1P RCY G . -0.32 -7.30 7.36
C1Q RCY G . -1.82 -5.54 6.84
N1R RCY G . -1.22 -6.81 6.23
C1S RCY G . -0.92 -5.12 7.97
C1U RCY G . -1.48 -7.43 4.85
C1V RCY G . -0.22 -5.50 3.80
N1V RCY G . -1.13 -7.46 2.54
C1W RCY G . -2.61 -7.17 2.78
C1X RCY G . -0.45 -7.01 3.83
C1Y RCY G . -3.04 -5.89 2.04
C1Z RCY G . -3.44 -8.36 2.32
H1S RCY G . -0.59 -4.35 7.29
H1U RCY G . -1.51 -8.50 4.94
C1C RCY H . 3.68 4.11 1.96
O1G RCY H . 3.93 1.40 -1.51
O1H RCY H . 2.03 0.02 2.58
O1J RCY H . 1.27 5.88 2.37
C1L RCY H . 4.09 -0.65 -0.19
C1M RCY H . 0.59 2.47 0.74
C1P RCY H . 3.63 0.78 -0.50
C1Q RCY H . 2.82 0.21 1.66
N1R RCY H . 2.76 1.33 0.63
C1S RCY H . 4.03 -0.63 1.34
C1U RCY H . 2.02 2.67 0.71
C1V RCY H . 2.14 2.55 3.23
N1V RCY H . 1.20 4.48 1.95
C1W RCY H . -0.01 3.74 1.36
C1X RCY H . 2.30 3.43 2.00
C1Y RCY H . -1.01 3.38 2.46
C1Z RCY H . -0.66 4.63 0.29
H1S RCY H . 4.47 -0.15 2.19
H1U RCY H . 2.28 3.28 -0.14
C1C RCY I . -1.13 1.42 -3.19
O1G RCY I . 1.87 3.97 -5.49
O1H RCY I . 1.07 -0.56 -4.40
O1J RCY I . 0.04 -1.13 -2.12
C1L RCY I . 1.84 1.91 -6.81
C1M RCY I . 2.34 1.93 -2.01
C1P RCY I . 1.75 2.75 -5.52
C1Q RCY I . 1.55 0.47 -4.90
N1R RCY I . 1.49 1.87 -4.30
C1S RCY I . 2.28 0.57 -6.22
C1U RCY I . 1.23 2.28 -2.85
C1V RCY I . -0.37 2.16 -0.89
N1V RCY I . 0.67 0.17 -1.99
C1W RCY I . 2.12 0.48 -1.59
C1X RCY I . 0.05 1.54 -2.23
C1Y RCY I . 2.30 0.33 -0.07
C1Z RCY I . 3.06 -0.46 -2.34
H1S RCY I . 3.10 0.11 -5.68
H1U RCY I . 1.06 3.35 -2.81
C1C RCY J . -4.34 -3.10 -4.22
O1G RCY J . -4.79 -2.36 -7.00
O1H RCY J . -3.51 1.56 -4.71
O1J RCY J . -2.65 -1.66 -2.18
C1L RCY J . -3.21 -0.56 -7.51
C1M RCY J . -5.78 0.21 -3.38
C1P RCY J . -4.28 -1.29 -6.68
C1Q RCY J . -3.82 0.77 -5.59
N1R RCY J . -4.64 -0.51 -5.43
C1S RCY J . -3.47 0.88 -7.07
C1U RCY J . -5.58 -0.89 -4.28
C1V RCY J . -6.07 -2.56 -2.45
N1V RCY J . -3.97 -1.21 -2.61
C1W RCY J . -4.61 0.16 -2.37
C1X RCY J . -5.01 -2.00 -3.40
C1Y RCY J . -5.13 0.27 -0.94
C1Z RCY J . -3.59 1.25 -2.66
H1S RCY J . -4.23 1.66 -7.08
H1U RCY J . -6.53 -1.20 -4.67
C1C RCY K . -7.36 -0.63 0.28
O1G RCY K . -9.88 -4.50 1.12
O1H RCY K . -6.50 -3.91 -2.12
O1J RCY K . -4.94 -0.21 2.03
C1L RCY K . -9.66 -5.19 -1.22
C1M RCY K . -5.93 -3.86 1.39
C1P RCY K . -9.23 -4.49 0.07
C1Q RCY K . -7.59 -3.99 -1.57
N1R RCY K . -7.88 -3.78 -0.09
C1S RCY K . -8.91 -4.33 -2.25
C1U RCY K . -7.03 -3.05 0.95
C1V RCY K . -5.64 -2.06 -0.92
N1V RCY K . -5.36 -1.51 1.50
C1W RCY K . -4.88 -2.89 1.95
C1X RCY K . -6.37 -1.80 0.40
C1Y RCY K . -3.50 -3.20 1.39
C1Z RCY K . -4.86 -2.94 3.48
H1S RCY K . -8.85 -3.32 -2.63
H1U RCY K . -7.65 -2.80 1.80
N MET A 1 22.30 13.79 -1.79
CA MET A 1 22.44 13.86 -0.31
C MET A 1 21.10 14.30 0.31
N ASN A 2 20.02 13.98 -0.34
CA ASN A 2 18.68 14.37 0.21
C ASN A 2 18.18 13.27 1.14
N LEU A 3 18.84 12.14 1.16
CA LEU A 3 18.40 11.02 2.04
C LEU A 3 18.77 11.34 3.49
N GLU A 4 17.88 11.93 4.25
CA GLU A 4 18.20 12.28 5.66
C GLU A 4 17.74 11.13 6.57
N PRO A 5 18.53 10.76 7.54
CA PRO A 5 18.19 9.66 8.49
C PRO A 5 16.71 9.71 8.93
N PRO A 6 15.92 8.77 8.51
CA PRO A 6 14.47 8.71 8.87
C PRO A 6 14.23 8.14 10.26
N LYS A 7 13.23 8.62 10.95
CA LYS A 7 12.94 8.10 12.32
C LYS A 7 11.94 6.95 12.22
N ALA A 8 12.35 5.84 11.66
CA ALA A 8 11.42 4.69 11.53
C ALA A 8 11.23 4.03 12.90
N GLU A 9 10.09 4.25 13.52
CA GLU A 9 9.83 3.63 14.85
C GLU A 9 8.32 3.53 15.07
N CYS A 10 7.90 2.80 16.07
CA CYS A 10 6.43 2.67 16.33
C CYS A 10 5.89 4.00 16.88
N ARG A 11 6.21 5.09 16.25
CA ARG A 11 5.71 6.41 16.73
C ARG A 11 4.19 6.37 16.83
N SER A 12 3.57 7.49 17.06
CA SER A 12 2.08 7.51 17.18
C SER A 12 1.63 6.40 18.12
N ALA A 13 1.28 5.25 17.60
CA ALA A 13 0.84 4.13 18.46
C ALA A 13 -0.32 4.60 19.35
N THR A 14 -1.52 4.24 19.01
CA THR A 14 -2.69 4.66 19.82
C THR A 14 -3.91 3.80 19.46
N ARG A 15 -4.34 3.87 18.23
CA ARG A 15 -5.52 3.07 17.82
C ARG A 15 -5.50 2.87 16.31
N VAL A 16 -6.13 1.82 15.83
CA VAL A 16 -6.15 1.55 14.36
C VAL A 16 -4.86 2.03 13.71
N MET A 17 -4.86 3.22 13.16
CA MET A 17 -3.62 3.73 12.51
C MET A 17 -3.71 5.26 12.39
N GLY A 18 -4.69 5.85 13.02
CA GLY A 18 -4.83 7.34 12.94
C GLY A 18 -6.29 7.72 13.16
N GLY A 19 -6.77 7.62 14.37
CA GLY A 19 -8.19 7.98 14.65
C GLY A 19 -8.48 9.38 14.11
N PRO A 20 -7.82 10.37 14.67
CA PRO A 20 -8.00 11.79 14.23
C PRO A 20 -7.99 11.94 12.71
N CYS A 21 -7.48 10.94 12.02
CA CYS A 21 -7.44 11.03 10.53
C CYS A 21 -8.80 10.62 9.96
N THR A 22 -9.55 11.55 9.45
CA THR A 22 -10.88 11.22 8.87
C THR A 22 -10.71 10.91 7.38
N PRO A 23 -11.59 10.10 6.83
CA PRO A 23 -11.55 9.73 5.39
C PRO A 23 -11.17 10.92 4.49
N ARG A 24 -10.85 10.66 3.26
CA ARG A 24 -10.47 11.76 2.33
C ARG A 24 -11.74 12.48 1.85
N LYS A 25 -11.61 13.34 0.87
CA LYS A 25 -12.79 14.08 0.34
C LYS A 25 -14.00 13.14 0.25
N GLY A 26 -13.85 12.01 -0.39
CA GLY A 26 -14.99 11.06 -0.51
C GLY A 26 -14.50 9.71 -1.03
N PRO A 27 -15.40 8.82 -1.33
CA PRO A 27 -15.07 7.46 -1.85
C PRO A 27 -14.06 7.53 -3.01
N PRO A 28 -13.06 6.68 -3.00
CA PRO A 28 -12.02 6.64 -4.07
C PRO A 28 -12.64 6.80 -5.47
N LYS A 29 -11.89 7.29 -6.41
CA LYS A 29 -12.43 7.46 -7.79
C LYS A 29 -11.30 7.88 -8.74
N CYS A 30 -11.53 8.84 -9.59
CA CYS A 30 -10.48 9.30 -10.53
C CYS A 30 -10.00 8.11 -11.38
N LYS A 31 -10.59 6.96 -11.19
CA LYS A 31 -10.17 5.78 -11.98
C LYS A 31 -10.42 6.04 -13.47
N GLN A 32 -9.99 5.15 -14.32
CA GLN A 32 -10.20 5.35 -15.78
C GLN A 32 -10.32 4.00 -16.47
N ARG A 33 -10.23 2.93 -15.72
CA ARG A 33 -10.35 1.57 -16.33
C ARG A 33 -9.30 1.44 -17.45
N GLN A 34 -8.27 0.68 -17.20
CA GLN A 34 -7.21 0.49 -18.24
C GLN A 34 -6.59 -0.90 -18.10
N THR A 35 -5.29 -0.97 -18.02
CA THR A 35 -4.62 -2.30 -17.88
C THR A 35 -3.29 -2.13 -17.17
N ARG A 36 -3.17 -2.64 -15.98
CA ARG A 36 -1.87 -2.50 -15.24
C ARG A 36 -0.72 -2.90 -16.16
N GLN A 37 0.15 -1.97 -16.46
CA GLN A 37 1.30 -2.29 -17.37
C GLN A 37 2.37 -3.05 -16.59
N CYS A 38 2.88 -2.47 -15.53
CA CYS A 38 3.93 -3.16 -14.73
C CYS A 38 3.36 -4.45 -14.14
N LYS A 39 3.87 -5.59 -14.56
CA LYS A 39 3.36 -6.87 -14.03
C LYS A 39 4.25 -8.02 -14.52
N SER A 40 5.07 -7.76 -15.50
CA SER A 40 5.96 -8.84 -16.04
C SER A 40 7.08 -9.11 -15.02
N LYS A 41 6.74 -9.30 -13.78
CA LYS A 41 7.78 -9.57 -12.75
C LYS A 41 7.90 -11.09 -12.55
N PRO A 42 9.10 -11.60 -12.41
CA PRO A 42 9.33 -13.06 -12.21
C PRO A 42 8.99 -13.50 -10.78
N PRO A 43 8.79 -14.78 -10.57
CA PRO A 43 8.45 -15.33 -9.23
C PRO A 43 9.65 -15.28 -8.27
N LYS A 44 9.41 -15.11 -7.00
CA LYS A 44 10.54 -15.06 -6.03
C LYS A 44 10.06 -15.59 -4.68
N LYS A 45 10.12 -14.79 -3.65
CA LYS A 45 9.68 -15.25 -2.31
C LYS A 45 8.32 -15.94 -2.43
N GLY A 46 7.28 -15.19 -2.72
CA GLY A 46 5.93 -15.81 -2.86
C GLY A 46 5.63 -16.02 -4.34
N VAL A 47 4.85 -17.02 -4.67
CA VAL A 47 4.53 -17.28 -6.10
C VAL A 47 3.89 -16.03 -6.71
N GLN A 48 4.59 -15.37 -7.60
CA GLN A 48 4.03 -14.13 -8.22
C GLN A 48 3.50 -13.21 -7.12
N GLY A 49 4.35 -12.42 -6.53
CA GLY A 49 3.91 -11.49 -5.47
C GLY A 49 5.05 -10.53 -5.13
N CYS A 50 6.20 -10.74 -5.71
CA CYS A 50 7.37 -9.85 -5.44
C CYS A 50 7.68 -9.84 -3.94
N GLY A 51 8.93 -9.85 -3.59
CA GLY A 51 9.31 -9.84 -2.15
C GLY A 51 9.85 -8.47 -1.76
N ASP A 52 11.06 -8.41 -1.27
CA ASP A 52 11.65 -7.10 -0.87
C ASP A 52 11.85 -6.23 -2.11
N ASP A 53 11.38 -6.67 -3.24
CA ASP A 53 11.56 -5.87 -4.48
C ASP A 53 11.17 -4.41 -4.20
N ILE A 54 12.11 -3.57 -3.89
CA ILE A 54 11.79 -2.15 -3.61
C ILE A 54 10.84 -1.61 -4.69
N PRO A 55 9.82 -0.89 -4.31
CA PRO A 55 8.84 -0.31 -5.26
C PRO A 55 9.39 0.94 -5.98
N GLY A 56 9.63 0.84 -7.26
CA GLY A 56 10.16 2.01 -8.02
C GLY A 56 11.26 2.70 -7.20
N MET A 57 12.20 1.93 -6.70
CA MET A 57 13.31 2.54 -5.90
C MET A 57 12.71 3.32 -4.72
N GLU A 58 12.47 2.65 -3.63
CA GLU A 58 11.90 3.34 -2.44
C GLU A 58 10.61 4.05 -2.84
N GLY A 59 9.48 3.51 -2.47
CA GLY A 59 8.19 4.16 -2.84
C GLY A 59 7.09 3.71 -1.88
N CYS A 60 7.12 4.22 -0.66
CA CYS A 60 6.08 3.83 0.32
C CYS A 60 6.22 2.35 0.67
N GLY A 61 7.40 1.81 0.58
CA GLY A 61 7.59 0.37 0.89
C GLY A 61 9.06 0.06 1.11
N THR A 62 9.89 0.42 0.17
CA THR A 62 11.34 0.16 0.30
C THR A 62 11.56 -1.34 0.48
N ASP A 63 12.31 -1.72 1.46
CA ASP A 63 12.58 -3.17 1.70
C ASP A 63 11.32 -3.86 2.22
N ILE A 64 10.71 -3.30 3.24
CA ILE A 64 9.49 -3.93 3.82
C ILE A 64 8.36 -3.99 2.79
N THR A 65 8.58 -3.48 1.61
CA THR A 65 7.51 -3.51 0.56
C THR A 65 6.37 -4.43 0.96
N VAL A 66 6.66 -5.70 1.14
CA VAL A 66 5.60 -6.68 1.54
C VAL A 66 4.54 -5.98 2.39
N ILE A 67 4.85 -5.68 3.63
CA ILE A 67 3.85 -4.98 4.48
C ILE A 67 4.52 -3.85 5.28
N CYS A 68 4.57 -2.68 4.72
CA CYS A 68 5.18 -1.52 5.43
C CYS A 68 4.27 -1.13 6.60
N PRO A 69 4.84 -0.65 7.68
CA PRO A 69 4.05 -0.25 8.87
C PRO A 69 2.98 0.82 8.55
N TRP A 70 3.25 1.70 7.63
CA TRP A 70 2.23 2.73 7.29
C TRP A 70 1.18 2.13 6.36
N GLU A 71 0.81 0.89 6.57
CA GLU A 71 -0.22 0.25 5.71
C GLU A 71 -0.80 -0.96 6.41
N ALA A 72 -0.94 -0.92 7.71
CA ALA A 72 -1.52 -2.08 8.44
C ALA A 72 -3.03 -2.12 8.21
N CYS A 73 -3.46 -2.16 6.98
CA CYS A 73 -4.92 -2.21 6.70
C CYS A 73 -5.44 -3.64 6.91
N ASN A 74 -6.26 -3.84 7.89
CA ASN A 74 -6.80 -5.21 8.16
C ASN A 74 -7.99 -5.50 7.24
N HIS A 75 -8.31 -4.59 6.36
CA HIS A 75 -9.47 -4.82 5.45
C HIS A 75 -9.68 -3.59 4.57
N CYS A 76 -8.85 -2.59 4.71
CA CYS A 76 -9.01 -1.36 3.88
C CYS A 76 -10.36 -0.72 4.20
N GLU A 77 -10.38 0.56 4.44
CA GLU A 77 -11.67 1.24 4.75
C GLU A 77 -12.69 0.90 3.67
N LEU A 78 -12.24 0.58 2.48
CA LEU A 78 -13.18 0.24 1.38
C LEU A 78 -13.32 -1.28 1.29
N HIS A 79 -14.43 -1.76 0.81
CA HIS A 79 -14.64 -3.23 0.70
C HIS A 79 -15.69 -3.51 -0.36
N GLU A 80 -15.27 -3.83 -1.55
CA GLU A 80 -16.25 -4.12 -2.65
C GLU A 80 -16.08 -5.56 -3.12
N LEU A 81 -15.06 -5.82 -3.90
CA LEU A 81 -14.84 -7.22 -4.38
C LEU A 81 -14.09 -8.02 -3.32
N ALA A 82 -13.96 -7.50 -2.13
CA ALA A 82 -13.25 -8.24 -1.05
C ALA A 82 -13.79 -9.66 -0.98
N GLN A 83 -12.97 -10.64 -1.30
CA GLN A 83 -13.44 -12.06 -1.25
C GLN A 83 -12.49 -12.90 -0.41
N TYR A 84 -11.20 -12.80 -0.63
CA TYR A 84 -10.23 -13.60 0.17
C TYR A 84 -8.87 -13.60 -0.53
N GLY A 85 -7.97 -12.75 -0.12
CA GLY A 85 -6.63 -12.69 -0.75
C GLY A 85 -6.44 -11.29 -1.31
N ILE A 86 -7.52 -10.63 -1.60
CA ILE A 86 -7.46 -9.25 -2.13
C ILE A 86 -7.23 -8.28 -0.96
N CYS A 87 -7.62 -7.04 -1.12
CA CYS A 87 -7.42 -6.06 -0.03
C CYS A 87 -8.54 -6.21 1.00
C1C RCY B . 6.47 -4.41 21.62
O1G RCY B . 6.82 -4.28 19.56
O1H RCY B . 7.72 0.35 19.68
O1J RCY B . 9.36 -5.22 21.27
C1L RCY B . 6.91 -2.54 17.84
C1M RCY B . 8.73 -1.55 22.17
C1P RCY B . 6.97 -3.09 19.27
C1Q RCY B . 7.22 -0.74 19.41
N1R RCY B . 7.24 -1.99 20.28
C1S RCY B . 6.49 -1.10 18.13
C1U RCY B . 7.47 -2.09 21.80
C1V RCY B . 7.46 -3.63 23.81
N1V RCY B . 8.92 -3.93 21.80
C1W RCY B . 9.76 -2.66 21.99
C1X RCY B . 7.53 -3.54 22.29
C1Y RCY B . 10.65 -2.80 23.23
C1Z RCY B . 10.61 -2.43 20.74
H1S RCY B . 5.69 -0.52 18.54
H1U RCY B . 6.67 -1.58 22.32
C1C RCY C . -2.77 16.41 10.49
O1G RCY C . -5.32 15.33 9.96
O1H RCY C . -3.49 10.97 9.92
O1J RCY C . 0.09 16.37 11.43
C1L RCY C . -6.12 13.18 9.10
C1M RCY C . -1.58 12.95 10.99
C1P RCY C . -5.12 14.13 9.76
C1Q RCY C . -4.08 12.00 9.59
N1R RCY C . -3.83 13.40 10.16
C1S RCY C . -5.15 12.13 8.54
C1U RCY C . -2.62 13.93 10.93
C1V RCY C . -1.72 14.88 8.77
N1V RCY C . -0.66 15.19 11.01
C1W RCY C . -0.28 13.72 11.25
C1X RCY C . -1.97 15.13 10.25
C1Y RCY C . 0.82 13.29 10.27
C1Z RCY C . 0.19 13.55 12.70
H1S RCY C . -4.34 12.02 7.84
H1U RCY C . -2.92 14.19 11.94
C1C RCY D . -6.04 14.58 -5.97
O1G RCY D . -7.64 13.64 -6.70
O1H RCY D . -5.33 11.41 -10.16
O1J RCY D . -5.38 12.09 -4.42
C1L RCY D . -8.35 12.13 -8.50
C1M RCY D . -3.58 12.50 -7.78
C1P RCY D . -7.35 12.97 -7.69
C1Q RCY D . -6.17 12.04 -9.53
N1R RCY D . -5.94 12.88 -8.28
C1S RCY D . -7.65 12.12 -9.86
C1U RCY D . -4.63 13.47 -7.76
C1V RCY D . -3.52 14.73 -5.87
N1V RCY D . -4.66 12.52 -5.61
C1W RCY D . -3.69 11.71 -6.47
C1X RCY D . -4.72 13.89 -6.29
C1Y RCY D . -2.32 11.61 -5.78
C1Z RCY D . -4.28 10.32 -6.71
H1S RCY D . -7.33 12.78 -10.66
H1U RCY D . -4.35 14.33 -8.36
C1C RCY E . 5.73 1.45 -7.13
O1G RCY E . 6.43 -1.30 -7.75
O1H RCY E . 5.97 -0.26 -12.34
O1J RCY E . 5.68 4.41 -7.68
C1L RCY E . 6.02 -2.66 -9.74
C1M RCY E . 6.27 2.16 -10.72
C1P RCY E . 6.24 -1.36 -8.97
C1Q RCY E . 5.81 -0.76 -11.22
N1R RCY E . 6.18 -0.14 -9.89
C1S RCY E . 5.21 -2.13 -10.93
C1U RCY E . 6.43 1.33 -9.57
C1V RCY E . 3.99 1.58 -8.96
N1V RCY E . 5.70 3.39 -8.72
C1W RCY E . 5.99 3.58 -10.20
C1X RCY E . 5.43 1.90 -8.56
C1Y RCY E . 4.77 4.18 -10.91
C1Z RCY E . 7.20 4.48 -10.37
H1S RCY E . 4.27 -1.66 -11.17
H1U RCY E . 7.44 1.45 -9.18
C1C RCY F . -0.43 -5.82 -5.30
O1G RCY F . 1.27 -7.74 -3.59
O1H RCY F . 4.52 -6.73 -6.87
O1J RCY F . -2.27 -6.57 -7.55
C1L RCY F . 3.71 -7.61 -3.55
C1M RCY F . 1.26 -8.06 -7.70
C1P RCY F . 2.32 -7.56 -4.20
C1Q RCY F . 3.93 -7.25 -5.92
N1R RCY F . 2.42 -7.26 -5.69
C1S RCY F . 4.56 -8.00 -4.77
C1U RCY F . 1.29 -7.03 -6.71
C1V RCY F . -0.27 -8.34 -5.21
N1V RCY F . -0.96 -7.19 -7.32
C1W RCY F . -0.15 -8.05 -8.29
C1X RCY F . -0.10 -7.08 -6.07
C1Y RCY F . -0.72 -9.47 -8.33
C1Z RCY F . -0.18 -7.42 -9.68
H1S RCY F . 4.70 -8.79 -5.49
H1U RCY F . 1.43 -6.07 -7.18
C1C RCY G . 6.01 10.82 0.27
O1G RCY G . 9.65 7.11 -1.49
O1H RCY G . 5.14 8.44 -1.03
O1J RCY G . 7.43 13.40 -0.38
C1L RCY G . 7.53 5.92 -1.68
C1M RCY G . 9.08 10.20 -1.70
C1P RCY G . 8.43 7.13 -1.41
C1Q RCY G . 6.20 7.80 -0.97
N1R RCY G . 7.62 8.36 -1.02
C1S RCY G . 6.31 6.29 -0.83
C1U RCY G . 8.08 9.79 -0.75
C1V RCY G . 6.22 10.64 -2.25
N1V RCY G . 7.78 12.11 -0.95
C1W RCY G . 9.06 11.73 -1.70
C1X RCY G . 6.97 10.82 -0.92
C1Y RCY G . 9.00 12.26 -3.14
C1Z RCY G . 10.27 12.30 -0.97
H1S RCY G . 6.02 6.46 0.20
H1U RCY G . 8.49 9.86 0.24
C1C RCY H . 5.31 6.12 2.94
O1G RCY H . 4.22 4.09 6.74
O1H RCY H . 3.18 2.63 2.36
O1J RCY H . 4.17 8.88 3.36
C1L RCY H . 4.27 1.90 5.64
C1M RCY H . 2.20 5.99 4.94
C1P RCY H . 4.00 3.41 5.74
C1Q RCY H . 3.28 2.69 3.59
N1R RCY H . 3.45 3.96 4.42
C1S RCY H . 3.26 1.52 4.55
C1U RCY H . 3.14 5.41 4.03
C1V RCY H . 5.08 6.17 5.46
N1V RCY H . 3.69 7.69 4.04
C1W RCY H . 2.38 7.52 4.82
C1X RCY H . 4.36 6.31 4.12
C1Y RCY H . 2.51 8.15 6.20
C1Z RCY H . 1.24 8.15 4.03
H1S RCY H . 2.20 1.50 4.34
H1U RCY H . 2.74 5.43 3.04
C1C RCY I . -6.83 3.89 1.05
O1G RCY I . -9.12 2.22 5.17
O1H RCY I . -4.63 2.64 3.79
O1J RCY I . -6.90 6.90 0.90
C1L RCY I . -7.14 0.81 5.46
C1M RCY I . -7.20 5.37 4.42
C1P RCY I . -7.93 2.02 4.94
C1Q RCY I . -5.73 2.18 4.06
N1R RCY I . -7.04 2.95 4.11
C1S RCY I . -6.04 0.73 4.39
C1U RCY I . -7.39 4.30 3.48
C1V RCY I . -4.99 4.49 2.67
N1V RCY I . -6.80 6.14 2.14
C1W RCY I . -7.02 6.64 3.58
C1X RCY I . -6.47 4.66 2.31
C1Y RCY I . -5.80 7.43 4.05
C1Z RCY I . -8.27 7.52 3.61
H1S RCY I . -5.90 0.57 3.33
H1U RCY I . -8.42 4.29 3.14
C1C RCY J . -4.31 3.24 0.07
O1G RCY J . -7.62 3.87 3.15
O1H RCY J . -6.48 0.95 -0.37
O1J RCY J . -5.28 1.89 -2.44
C1L RCY J . -7.58 1.44 2.95
C1M RCY J . -7.70 4.40 -0.85
C1P RCY J . -7.43 2.88 2.46
C1Q RCY J . -7.04 1.46 0.60
N1R RCY J . -7.02 2.94 0.99
C1S RCY J . -7.89 0.73 1.63
C1U RCY J . -6.68 4.15 0.12
C1V RCY J . -4.93 5.25 -1.35
N1V RCY J . -5.97 3.01 -1.80
C1W RCY J . -7.39 3.51 -2.05
C1X RCY J . -5.42 3.94 -0.72
C1Y RCY J . -7.44 4.32 -3.36
C1Z RCY J . -8.33 2.31 -2.12
H1S RCY J . -8.63 0.70 0.83
H1U RCY J . -6.55 5.01 0.74
C1C RCY K . -4.10 -0.08 -5.16
O1G RCY K . -2.94 -1.41 -0.24
O1H RCY K . -4.75 -3.27 -4.19
O1J RCY K . -1.50 0.56 -6.55
C1L RCY K . -4.66 -3.10 -0.66
C1M RCY K . -1.23 -1.54 -3.35
C1P RCY K . -3.62 -2.04 -1.05
C1Q RCY K . -4.63 -2.80 -3.06
N1R RCY K . -3.52 -1.88 -2.56
C1S RCY K . -5.57 -3.03 -1.89
C1U RCY K . -2.57 -1.02 -3.38
C1V RCY K . -3.11 -2.40 -5.43
N1V RCY K . -1.64 -0.38 -5.44
C1W RCY K . -0.52 -0.97 -4.59
C1X RCY K . -2.92 -0.99 -4.87
C1Y RCY K . 0.21 -2.09 -5.34
C1Z RCY K . 0.46 0.14 -4.20
H1S RCY K . -6.23 -2.36 -2.43
H1U RCY K . -2.57 -0.01 -2.99
N MET A 1 -9.06 14.17 15.28
CA MET A 1 -9.62 12.80 15.38
C MET A 1 -8.63 11.90 16.14
N ASN A 2 -8.63 10.63 15.87
CA ASN A 2 -7.69 9.71 16.57
C ASN A 2 -6.39 9.61 15.77
N LEU A 3 -5.29 9.99 16.35
CA LEU A 3 -3.99 9.91 15.62
C LEU A 3 -2.84 10.02 16.62
N GLU A 4 -1.68 9.55 16.23
CA GLU A 4 -0.51 9.61 17.14
C GLU A 4 0.69 10.24 16.40
N PRO A 5 1.61 10.82 17.12
CA PRO A 5 2.81 11.46 16.52
C PRO A 5 3.33 10.68 15.30
N PRO A 6 3.09 11.17 14.11
CA PRO A 6 3.54 10.51 12.86
C PRO A 6 5.01 10.80 12.54
N LYS A 7 5.79 9.79 12.25
CA LYS A 7 7.22 10.01 11.93
C LYS A 7 7.39 10.17 10.42
N ALA A 8 7.45 11.39 9.95
CA ALA A 8 7.62 11.62 8.48
C ALA A 8 8.22 13.01 8.24
N GLU A 9 7.69 13.74 7.31
CA GLU A 9 8.22 15.10 7.04
C GLU A 9 7.25 15.87 6.14
N CYS A 10 7.32 17.17 6.15
CA CYS A 10 6.40 17.98 5.30
C CYS A 10 6.96 18.09 3.89
N ARG A 11 6.73 19.18 3.22
CA ARG A 11 7.25 19.35 1.83
C ARG A 11 6.67 18.24 0.94
N SER A 12 5.63 17.60 1.38
CA SER A 12 5.01 16.52 0.55
C SER A 12 3.81 17.08 -0.22
N ALA A 13 3.23 16.30 -1.09
CA ALA A 13 2.05 16.79 -1.86
C ALA A 13 2.42 18.11 -2.56
N THR A 14 3.60 18.19 -3.10
CA THR A 14 4.01 19.45 -3.79
C THR A 14 3.66 19.34 -5.28
N ARG A 15 3.94 18.23 -5.89
CA ARG A 15 3.61 18.08 -7.35
C ARG A 15 3.45 16.59 -7.67
N VAL A 16 4.53 15.86 -7.73
CA VAL A 16 4.46 14.40 -8.04
C VAL A 16 3.45 14.16 -9.17
N MET A 17 3.19 12.92 -9.49
CA MET A 17 2.21 12.62 -10.59
C MET A 17 2.60 13.41 -11.83
N GLY A 18 3.88 13.62 -12.05
CA GLY A 18 4.32 14.38 -13.25
C GLY A 18 5.72 14.94 -13.02
N GLY A 19 6.73 14.22 -13.41
CA GLY A 19 8.13 14.71 -13.21
C GLY A 19 9.09 13.52 -13.13
N PRO A 20 10.36 13.79 -13.02
CA PRO A 20 11.41 12.74 -12.93
C PRO A 20 11.02 11.62 -11.95
N CYS A 21 10.26 10.66 -12.41
CA CYS A 21 9.85 9.54 -11.51
C CYS A 21 11.08 8.69 -11.17
N THR A 22 11.59 8.82 -9.98
CA THR A 22 12.78 8.02 -9.59
C THR A 22 12.42 6.52 -9.60
N PRO A 23 13.04 5.74 -10.45
CA PRO A 23 12.76 4.28 -10.53
C PRO A 23 12.69 3.62 -9.14
N ARG A 24 12.15 2.43 -9.06
CA ARG A 24 12.06 1.75 -7.74
C ARG A 24 13.47 1.40 -7.24
N LYS A 25 13.65 1.32 -5.96
CA LYS A 25 15.00 0.98 -5.42
C LYS A 25 15.20 -0.53 -5.47
N GLY A 26 15.67 -1.04 -6.58
CA GLY A 26 15.88 -2.51 -6.70
C GLY A 26 16.00 -2.90 -8.17
N PRO A 27 16.13 -4.17 -8.44
CA PRO A 27 16.26 -4.69 -9.83
C PRO A 27 15.17 -4.11 -10.75
N PRO A 28 15.39 -4.14 -12.04
CA PRO A 28 14.42 -3.62 -13.03
C PRO A 28 12.97 -4.00 -12.68
N LYS A 29 12.08 -3.04 -12.67
CA LYS A 29 10.67 -3.33 -12.33
C LYS A 29 10.60 -4.05 -10.97
N CYS A 30 10.78 -5.34 -10.98
CA CYS A 30 10.72 -6.10 -9.68
C CYS A 30 10.89 -7.59 -9.96
N LYS A 31 9.83 -8.35 -9.83
CA LYS A 31 9.91 -9.82 -10.10
C LYS A 31 8.65 -10.28 -10.82
N GLN A 32 8.51 -11.56 -11.05
CA GLN A 32 7.30 -12.07 -11.75
C GLN A 32 6.22 -12.40 -10.73
N ARG A 33 6.36 -13.51 -10.05
CA ARG A 33 5.33 -13.91 -9.04
C ARG A 33 3.96 -13.98 -9.70
N GLN A 34 3.03 -14.67 -9.08
CA GLN A 34 1.67 -14.77 -9.67
C GLN A 34 0.71 -15.35 -8.63
N THR A 35 1.15 -16.32 -7.89
CA THR A 35 0.28 -16.94 -6.86
C THR A 35 -0.92 -17.60 -7.53
N ARG A 36 -1.12 -17.34 -8.80
CA ARG A 36 -2.27 -17.95 -9.53
C ARG A 36 -3.59 -17.54 -8.87
N GLN A 37 -3.55 -17.10 -7.65
CA GLN A 37 -4.81 -16.69 -6.96
C GLN A 37 -4.47 -16.12 -5.57
N CYS A 38 -5.37 -15.36 -4.99
CA CYS A 38 -5.09 -14.78 -3.65
C CYS A 38 -6.30 -15.06 -2.74
N LYS A 39 -7.23 -15.86 -3.19
CA LYS A 39 -8.43 -16.18 -2.36
C LYS A 39 -9.42 -15.01 -2.44
N SER A 40 -10.65 -15.27 -2.72
CA SER A 40 -11.67 -14.18 -2.79
C SER A 40 -12.05 -13.74 -1.38
N LYS A 41 -11.87 -14.60 -0.41
CA LYS A 41 -12.24 -14.23 0.98
C LYS A 41 -11.27 -14.94 1.95
N PRO A 42 -10.12 -14.36 2.16
CA PRO A 42 -9.09 -14.94 3.08
C PRO A 42 -9.34 -14.51 4.53
N PRO A 43 -8.87 -15.29 5.48
CA PRO A 43 -9.03 -14.99 6.92
C PRO A 43 -8.11 -13.86 7.39
N LYS A 44 -8.66 -12.81 7.93
CA LYS A 44 -7.82 -11.68 8.41
C LYS A 44 -8.70 -10.62 9.07
N LYS A 45 -9.90 -10.44 8.60
CA LYS A 45 -10.81 -9.43 9.20
C LYS A 45 -10.79 -9.59 10.72
N GLY A 46 -10.23 -8.64 11.43
CA GLY A 46 -10.18 -8.73 12.91
C GLY A 46 -8.96 -7.96 13.43
N VAL A 47 -8.60 -6.89 12.78
CA VAL A 47 -7.42 -6.09 13.23
C VAL A 47 -6.19 -6.99 13.27
N GLN A 48 -6.04 -7.77 14.31
CA GLN A 48 -4.85 -8.67 14.41
C GLN A 48 -4.79 -9.56 13.18
N GLY A 49 -3.92 -9.25 12.25
CA GLY A 49 -3.80 -10.09 11.02
C GLY A 49 -2.74 -9.49 10.10
N CYS A 50 -1.74 -10.27 9.75
CA CYS A 50 -0.67 -9.75 8.85
C CYS A 50 0.14 -10.92 8.31
N GLY A 51 -0.43 -11.68 7.41
CA GLY A 51 0.32 -12.84 6.84
C GLY A 51 0.71 -13.80 7.96
N ASP A 52 1.74 -13.50 8.70
CA ASP A 52 2.17 -14.40 9.80
C ASP A 52 2.81 -13.57 10.92
N ASP A 53 4.02 -13.14 10.73
CA ASP A 53 4.70 -12.32 11.78
C ASP A 53 5.88 -11.58 11.17
N ILE A 54 5.68 -10.93 10.06
CA ILE A 54 6.78 -10.17 9.41
C ILE A 54 6.45 -8.67 9.40
N PRO A 55 7.02 -7.91 10.30
CA PRO A 55 6.77 -6.45 10.39
C PRO A 55 7.60 -5.65 9.38
N GLY A 56 7.38 -5.85 8.11
CA GLY A 56 8.17 -5.11 7.09
C GLY A 56 9.57 -5.72 6.96
N MET A 57 9.71 -6.73 6.16
CA MET A 57 11.06 -7.36 5.99
C MET A 57 12.02 -6.35 5.37
N GLU A 58 11.51 -5.45 4.56
CA GLU A 58 12.39 -4.45 3.92
C GLU A 58 11.53 -3.23 3.52
N GLY A 59 12.06 -2.37 2.70
CA GLY A 59 11.27 -1.17 2.28
C GLY A 59 9.85 -1.60 1.89
N CYS A 60 8.91 -1.43 2.76
CA CYS A 60 7.51 -1.82 2.45
C CYS A 60 6.54 -0.84 3.10
N GLY A 61 6.78 0.44 2.95
CA GLY A 61 5.88 1.45 3.56
C GLY A 61 5.80 1.22 5.07
N THR A 62 6.87 0.78 5.66
CA THR A 62 6.85 0.54 7.14
C THR A 62 6.80 1.89 7.87
N ASP A 63 7.08 2.96 7.19
CA ASP A 63 7.04 4.29 7.84
C ASP A 63 5.72 4.43 8.60
N ILE A 64 4.76 3.59 8.31
CA ILE A 64 3.45 3.66 9.01
C ILE A 64 2.98 2.25 9.35
N THR A 65 3.14 1.33 8.45
CA THR A 65 2.71 -0.07 8.72
C THR A 65 1.19 -0.14 8.88
N VAL A 66 0.67 0.28 10.01
CA VAL A 66 -0.80 0.22 10.21
C VAL A 66 -1.51 0.75 8.96
N ILE A 67 -1.61 2.05 8.81
CA ILE A 67 -2.30 2.60 7.61
C ILE A 67 -1.49 3.75 7.00
N CYS A 68 -0.60 3.45 6.10
CA CYS A 68 0.21 4.54 5.46
C CYS A 68 -0.71 5.41 4.61
N PRO A 69 -0.45 6.70 4.57
CA PRO A 69 -1.28 7.66 3.77
C PRO A 69 -1.70 7.08 2.41
N TRP A 70 -0.86 6.31 1.80
CA TRP A 70 -1.21 5.73 0.46
C TRP A 70 -2.22 4.59 0.65
N GLU A 71 -3.08 4.69 1.62
CA GLU A 71 -4.09 3.61 1.84
C GLU A 71 -5.43 4.25 2.24
N ALA A 72 -5.40 5.50 2.63
CA ALA A 72 -6.67 6.17 3.04
C ALA A 72 -7.49 6.52 1.79
N CYS A 73 -7.04 6.07 0.64
CA CYS A 73 -7.80 6.38 -0.61
C CYS A 73 -9.23 5.85 -0.48
N ASN A 74 -10.13 6.67 0.00
CA ASN A 74 -11.54 6.22 0.15
C ASN A 74 -11.59 5.00 1.07
N HIS A 75 -12.61 4.20 0.96
CA HIS A 75 -12.73 2.99 1.82
C HIS A 75 -12.69 1.73 0.95
N CYS A 76 -12.48 0.59 1.53
CA CYS A 76 -12.42 -0.67 0.73
C CYS A 76 -12.83 -1.85 1.60
N GLU A 77 -13.29 -1.59 2.79
CA GLU A 77 -13.71 -2.71 3.69
C GLU A 77 -14.66 -3.64 2.94
N LEU A 78 -15.71 -3.10 2.36
CA LEU A 78 -16.66 -3.95 1.61
C LEU A 78 -16.10 -4.25 0.21
N HIS A 79 -15.09 -3.52 -0.20
CA HIS A 79 -14.48 -3.75 -1.53
C HIS A 79 -15.46 -3.34 -2.64
N GLU A 80 -16.60 -3.97 -2.69
CA GLU A 80 -17.59 -3.60 -3.76
C GLU A 80 -17.94 -2.12 -3.63
N LEU A 81 -17.51 -1.48 -2.58
CA LEU A 81 -17.82 -0.03 -2.41
C LEU A 81 -16.75 0.80 -3.13
N ALA A 82 -15.60 0.22 -3.38
CA ALA A 82 -14.52 0.95 -4.09
C ALA A 82 -15.09 1.63 -5.33
N GLN A 83 -14.35 2.51 -5.93
CA GLN A 83 -14.85 3.20 -7.15
C GLN A 83 -13.67 3.61 -8.05
N TYR A 84 -12.53 3.86 -7.47
CA TYR A 84 -11.35 4.26 -8.29
C TYR A 84 -11.20 3.28 -9.45
N GLY A 85 -11.67 2.08 -9.30
CA GLY A 85 -11.55 1.09 -10.41
C GLY A 85 -11.51 -0.33 -9.85
N ILE A 86 -12.30 -0.59 -8.83
CA ILE A 86 -12.31 -1.96 -8.23
C ILE A 86 -10.91 -2.34 -7.75
N CYS A 87 -10.02 -2.64 -8.66
CA CYS A 87 -8.63 -3.01 -8.27
C CYS A 87 -8.04 -1.90 -7.39
C1C RCY B . 6.91 14.30 11.38
O1G RCY B . 7.52 15.01 9.30
O1H RCY B . 3.63 17.68 9.37
O1J RCY B . 6.21 16.38 13.45
C1L RCY B . 6.95 17.17 8.30
C1M RCY B . 3.37 15.33 11.09
C1P RCY B . 6.69 15.89 9.10
C1Q RCY B . 4.65 17.10 9.00
N1R RCY B . 5.25 15.85 9.63
C1S RCY B . 5.54 17.49 7.84
C1U RCY B . 4.59 14.81 10.53
C1V RCY B . 4.89 13.23 12.48
N1V RCY B . 5.23 15.71 12.60
C1W RCY B . 3.77 16.10 12.36
C1X RCY B . 5.43 14.45 11.75
C1Y RCY B . 2.90 15.70 13.55
C1Z RCY B . 3.70 17.62 12.12
H1S RCY B . 4.73 17.10 7.22
H1U RCY B . 4.36 13.91 9.97
C1C RCY C . 4.36 11.38 -6.98
O1G RCY C . 7.73 12.71 -8.33
O1H RCY C . 6.36 8.19 -8.28
O1J RCY C . 3.73 8.44 -6.70
C1L RCY C . 7.64 10.97 -10.05
C1M RCY C . 7.15 9.54 -5.39
C1P RCY C . 7.49 11.54 -8.63
C1Q RCY C . 6.99 9.23 -8.51
N1R RCY C . 7.01 10.48 -7.65
C1S RCY C . 7.88 9.49 -9.71
C1U RCY C . 6.64 10.64 -6.17
C1V RCY C . 4.77 11.02 -4.50
N1V RCY C . 4.89 9.09 -6.10
C1W RCY C . 6.12 8.42 -5.49
C1X RCY C . 5.14 10.58 -5.93
C1Y RCY C . 5.80 7.86 -4.10
C1Z RCY C . 6.59 7.30 -6.42
H1S RCY C . 8.57 8.84 -9.21
H1U RCY C . 7.03 11.56 -5.79
C1C RCY D . 5.40 -3.69 -14.08
O1G RCY D . 10.42 -2.75 -13.61
O1H RCY D . 6.25 -4.31 -12.09
O1J RCY D . 4.47 -1.84 -11.89
C1L RCY D . 9.77 -4.42 -11.97
C1M RCY D . 7.58 -0.71 -13.83
C1P RCY D . 9.53 -3.32 -13.01
C1Q RCY D . 7.41 -3.93 -12.13
N1R RCY D . 8.04 -3.03 -13.19
C1S RCY D . 8.50 -4.27 -11.12
C1U RCY D . 7.36 -2.09 -14.17
C1V RCY D . 5.19 -1.50 -15.34
N1V RCY D . 5.51 -1.51 -12.86
C1W RCY D . 6.51 -0.34 -12.80
C1X RCY D . 5.84 -2.22 -14.17
C1Y RCY D . 5.83 0.97 -13.18
C1Z RCY D . 7.09 -0.27 -11.39
H1S RCY D . 7.98 -3.57 -10.49
H1U RCY D . 7.73 -2.28 -15.17
C1C RCY E . -1.64 -8.22 -0.92
O1G RCY E . -2.43 -10.03 -0.65
O1H RCY E . -5.65 -9.62 -4.08
O1J RCY E . -0.07 -8.99 -3.38
C1L RCY E . -4.07 -11.59 -1.60
C1M RCY E . -3.51 -7.39 -4.00
C1P RCY E . -3.35 -10.23 -1.44
C1Q RCY E . -5.09 -9.91 -3.02
N1R RCY E . -3.92 -9.17 -2.38
C1S RCY E . -5.42 -11.09 -2.13
C1U RCY E . -3.46 -7.73 -2.61
C1V RCY E . -1.64 -6.04 -2.20
N1V RCY E . -1.30 -8.20 -3.41
C1W RCY E . -2.18 -7.88 -4.61
C1X RCY E . -1.99 -7.51 -2.23
C1Y RCY E . -1.55 -6.76 -5.46
C1Z RCY E . -2.38 -9.14 -5.44
H1S RCY E . -6.27 -10.50 -1.85
H1U RCY E . -4.08 -7.06 -2.05
C1C RCY F . 3.89 -8.74 2.93
O1G RCY F . 0.85 -5.38 4.67
O1H RCY F . 2.15 -9.73 5.98
O1J RCY F . 3.20 -8.50 0.01
C1L RCY F . 1.30 -6.41 6.85
C1M RCY F . 0.44 -7.48 2.47
C1P RCY F . 1.14 -6.38 5.32
C1Q RCY F . 1.60 -8.63 5.94
N1R RCY F . 1.39 -7.76 4.71
C1S RCY F . 0.99 -7.89 7.12
C1U RCY F . 1.44 -8.17 3.23
C1V RCY F . 3.12 -6.32 2.81
N1V RCY F . 2.37 -7.98 1.09
C1W RCY F . 0.91 -7.52 1.01
C1X RCY F . 2.75 -7.79 2.55
C1Y RCY F . 0.82 -6.12 0.39
C1Z RCY F . 0.11 -8.53 0.19
H1S RCY F . 0.20 -8.62 7.03
H1U RCY F . 1.29 -9.23 3.15
C1C RCY G . 4.52 -3.90 -3.44
O1G RCY G . 5.41 -5.55 -2.20
O1H RCY G . 5.80 -2.63 1.49
O1J RCY G . 2.52 -5.96 -2.54
C1L RCY G . 6.89 -5.50 -0.26
C1M RCY G . 2.89 -2.89 -0.28
C1P RCY G . 5.78 -4.99 -1.18
C1Q RCY G . 6.07 -3.39 0.55
N1R RCY G . 5.18 -3.68 -0.65
C1S RCY G . 7.35 -4.19 0.38
C1U RCY G . 4.00 -2.87 -1.19
C1V RCY G . 2.46 -2.47 -3.15
N1V RCY G . 2.67 -4.65 -1.93
C1W RCY G . 2.10 -4.17 -0.59
C1X RCY G . 3.43 -3.44 -2.48
C1Y RCY G . 0.60 -3.85 -0.73
C1Z RCY G . 2.33 -5.24 0.47
H1S RCY G . 7.79 -3.24 0.12
H1U RCY G . 4.31 -1.84 -1.36
C1C RCY H . -4.64 1.99 0.22
O1G RCY H . -4.55 3.59 3.37
O1H RCY H . -0.82 1.06 1.94
O1J RCY H . -2.42 0.38 -1.04
C1L RCY H . -2.14 4.07 3.24
C1M RCY H . -3.40 -0.63 2.53
C1P RCY H . -3.41 3.20 3.11
C1Q RCY H . -1.55 1.83 2.57
N1R RCY H . -3.07 1.79 2.63
C1S RCY H . -1.10 2.98 3.45
C1U RCY H . -4.01 0.64 2.27
C1V RCY H . -5.52 -0.37 0.51
N1V RCY H . -3.07 0.03 0.23
C1W RCY H . -2.59 -0.97 1.28
C1X RCY H . -4.37 0.59 0.79
C1Y RCY H . -2.88 -2.40 0.81
C1Z RCY H . -1.09 -0.78 1.51
H1S RCY H . -0.81 2.19 4.14
H1U RCY H . -4.92 0.73 2.86
C1C RCY I . -10.81 0.42 1.62
O1G RCY I . -10.39 1.32 -0.25
O1H RCY I . -5.86 2.08 0.86
O1J RCY I . -10.34 -1.80 -0.37
C1L RCY I . -8.68 2.82 -1.15
C1M RCY I . -7.31 -0.76 1.74
C1P RCY I . -9.24 1.77 -0.19
C1Q RCY I . -7.04 2.26 0.53
N1R RCY I . -8.20 1.33 0.84
C1S RCY I . -7.59 3.43 -0.25
C1U RCY I . -8.31 0.25 1.92
C1V RCY I . -9.83 -1.38 3.12
N1V RCY I . -9.38 -1.40 0.66
C1W RCY I . -7.90 -1.77 0.73
C1X RCY I . -9.63 -0.52 1.87
C1Y RCY I . -7.73 -3.20 1.25
C1Z RCY I . -7.27 -1.62 -0.65
H1S RCY I . -7.46 3.98 0.67
H1U RCY I . -8.19 0.70 2.90
C1C RCY J . -8.15 -5.51 -3.67
O1G RCY J . -7.42 -4.77 1.40
O1H RCY J . -10.07 -4.60 -2.51
O1J RCY J . -5.43 -4.23 -3.37
C1L RCY J . -9.23 -3.28 0.65
C1M RCY J . -6.44 -6.65 -0.59
C1P RCY J . -8.23 -4.44 0.53
C1Q RCY J . -9.38 -4.27 -1.54
N1R RCY J . -8.35 -5.14 -0.83
C1S RCY J . -9.42 -2.94 -0.82
C1U RCY J . -7.63 -6.38 -1.35
C1V RCY J . -6.67 -7.55 -3.38
N1V RCY J . -5.91 -5.32 -2.54
C1W RCY J . -5.34 -5.81 -1.21
C1X RCY J . -7.12 -6.22 -2.78
C1Y RCY J . -4.09 -6.66 -1.46
C1Z RCY J . -5.00 -4.60 -0.34
H1S RCY J . -8.88 -2.57 -1.69
H1U RCY J . -8.30 -7.23 -1.30
C1C RCY K . -4.04 -3.87 -2.99
O1G RCY K . -7.83 -5.46 -4.75
O1H RCY K . -3.96 -4.61 -7.32
O1J RCY K . -1.98 -5.78 -1.91
C1L RCY K . -7.46 -4.43 -6.94
C1M RCY K . -4.02 -7.04 -4.90
C1P RCY K . -7.04 -5.07 -5.61
C1Q RCY K . -5.06 -4.49 -6.77
N1R RCY K . -5.53 -5.20 -5.51
C1S RCY K . -6.21 -3.62 -7.24
C1U RCY K . -4.69 -5.86 -4.42
C1V RCY K . -2.73 -4.40 -5.09
N1V RCY K . -2.71 -5.99 -3.16
C1W RCY K . -2.83 -7.27 -3.96
C1X RCY K . -3.54 -4.97 -3.93
C1Y RCY K . -1.56 -7.51 -4.77
C1Z RCY K . -3.10 -8.44 -3.01
H1S RCY K . -5.60 -2.80 -6.86
H1U RCY K . -5.32 -6.12 -3.58
N MET A 1 15.37 8.07 12.36
CA MET A 1 14.43 7.66 13.45
C MET A 1 13.46 8.81 13.73
N ASN A 2 13.32 9.73 12.81
CA ASN A 2 12.39 10.87 13.03
C ASN A 2 11.85 11.34 11.68
N LEU A 3 12.16 10.65 10.62
CA LEU A 3 11.66 11.07 9.28
C LEU A 3 10.13 11.19 9.33
N GLU A 4 9.44 10.09 9.47
CA GLU A 4 7.95 10.16 9.51
C GLU A 4 7.51 11.00 10.72
N PRO A 5 6.36 11.60 10.64
CA PRO A 5 5.81 12.45 11.74
C PRO A 5 5.61 11.65 13.04
N PRO A 6 5.45 12.34 14.14
CA PRO A 6 5.25 11.71 15.48
C PRO A 6 3.92 10.94 15.55
N LYS A 7 3.76 10.11 16.54
CA LYS A 7 2.49 9.34 16.66
C LYS A 7 2.22 9.06 18.15
N ALA A 8 1.27 9.74 18.73
CA ALA A 8 0.96 9.52 20.17
C ALA A 8 0.13 8.24 20.32
N GLU A 9 -0.77 8.00 19.40
CA GLU A 9 -1.61 6.78 19.49
C GLU A 9 -2.40 6.61 18.19
N CYS A 10 -3.53 7.26 18.10
CA CYS A 10 -4.36 7.13 16.86
C CYS A 10 -3.72 7.95 15.74
N ARG A 11 -2.42 7.98 15.67
CA ARG A 11 -1.74 8.76 14.59
C ARG A 11 -2.27 10.20 14.59
N SER A 12 -1.53 11.11 15.17
CA SER A 12 -2.00 12.53 15.19
C SER A 12 -3.45 12.58 15.69
N ALA A 13 -4.27 13.38 15.05
CA ALA A 13 -5.69 13.48 15.49
C ALA A 13 -6.54 13.99 14.32
N THR A 14 -5.95 14.19 13.18
CA THR A 14 -6.74 14.69 12.02
C THR A 14 -5.99 14.34 10.72
N ARG A 15 -5.41 13.18 10.65
CA ARG A 15 -4.68 12.79 9.41
C ARG A 15 -3.73 13.91 9.01
N VAL A 16 -2.48 13.81 9.38
CA VAL A 16 -1.50 14.87 9.03
C VAL A 16 -1.66 15.25 7.55
N MET A 17 -2.32 14.42 6.78
CA MET A 17 -2.50 14.74 5.33
C MET A 17 -3.57 13.83 4.74
N GLY A 18 -4.74 14.35 4.49
CA GLY A 18 -5.82 13.51 3.91
C GLY A 18 -6.90 14.41 3.31
N GLY A 19 -6.54 15.31 2.43
CA GLY A 19 -7.56 16.21 1.82
C GLY A 19 -8.41 15.42 0.83
N PRO A 20 -9.26 16.09 0.10
CA PRO A 20 -10.16 15.46 -0.90
C PRO A 20 -9.41 14.46 -1.79
N CYS A 21 -9.36 13.22 -1.41
CA CYS A 21 -8.65 12.21 -2.24
C CYS A 21 -9.33 12.11 -3.61
N THR A 22 -8.81 12.79 -4.58
CA THR A 22 -9.42 12.73 -5.95
C THR A 22 -8.66 11.71 -6.80
N PRO A 23 -9.31 11.10 -7.76
CA PRO A 23 -8.68 10.09 -8.64
C PRO A 23 -7.24 10.48 -9.03
N ARG A 24 -7.09 11.42 -9.91
CA ARG A 24 -5.72 11.86 -10.33
C ARG A 24 -4.93 10.67 -10.86
N LYS A 25 -3.99 10.90 -11.73
CA LYS A 25 -3.18 9.79 -12.28
C LYS A 25 -2.05 10.36 -13.15
N GLY A 26 -2.37 11.28 -14.01
CA GLY A 26 -1.33 11.88 -14.89
C GLY A 26 -0.56 10.79 -15.64
N PRO A 27 0.34 11.18 -16.50
CA PRO A 27 1.16 10.23 -17.31
C PRO A 27 1.68 9.05 -16.46
N PRO A 28 1.36 7.83 -16.85
CA PRO A 28 1.83 6.62 -16.10
C PRO A 28 3.31 6.71 -15.73
N LYS A 29 3.63 6.47 -14.49
CA LYS A 29 5.05 6.53 -14.04
C LYS A 29 5.15 6.07 -12.59
N CYS A 30 6.25 5.47 -12.22
CA CYS A 30 6.40 4.99 -10.82
C CYS A 30 7.81 4.43 -10.62
N LYS A 31 8.52 4.91 -9.64
CA LYS A 31 9.90 4.40 -9.40
C LYS A 31 9.82 2.96 -8.90
N GLN A 32 10.15 2.74 -7.65
CA GLN A 32 10.09 1.36 -7.09
C GLN A 32 11.01 0.44 -7.90
N ARG A 33 11.50 -0.61 -7.30
CA ARG A 33 12.39 -1.54 -8.02
C ARG A 33 12.65 -2.79 -7.16
N GLN A 34 11.88 -2.95 -6.12
CA GLN A 34 12.08 -4.14 -5.23
C GLN A 34 11.52 -5.39 -5.92
N THR A 35 11.90 -6.55 -5.48
CA THR A 35 11.39 -7.80 -6.11
C THR A 35 9.86 -7.86 -5.94
N ARG A 36 9.36 -8.93 -5.41
CA ARG A 36 7.88 -9.04 -5.22
C ARG A 36 7.56 -10.23 -4.32
N GLN A 37 8.43 -10.54 -3.40
CA GLN A 37 8.18 -11.69 -2.48
C GLN A 37 7.19 -11.27 -1.40
N CYS A 38 6.71 -12.21 -0.64
CA CYS A 38 5.73 -11.86 0.44
C CYS A 38 5.34 -13.14 1.19
N LYS A 39 5.87 -13.34 2.37
CA LYS A 39 5.52 -14.56 3.15
C LYS A 39 4.37 -14.24 4.11
N SER A 40 4.09 -12.98 4.33
CA SER A 40 2.98 -12.61 5.24
C SER A 40 1.67 -13.22 4.74
N LYS A 41 0.87 -13.74 5.63
CA LYS A 41 -0.43 -14.35 5.22
C LYS A 41 -1.52 -13.94 6.22
N PRO A 42 -2.26 -12.90 5.93
CA PRO A 42 -3.35 -12.42 6.83
C PRO A 42 -4.62 -13.25 6.69
N PRO A 43 -5.49 -13.18 7.68
CA PRO A 43 -6.78 -13.94 7.68
C PRO A 43 -7.80 -13.35 6.70
N LYS A 44 -8.28 -14.14 5.78
CA LYS A 44 -9.29 -13.63 4.80
C LYS A 44 -10.06 -14.82 4.21
N LYS A 45 -9.55 -15.43 3.19
CA LYS A 45 -10.25 -16.59 2.58
C LYS A 45 -9.28 -17.36 1.68
N GLY A 46 -8.85 -16.77 0.60
CA GLY A 46 -7.89 -17.48 -0.31
C GLY A 46 -6.48 -17.35 0.25
N VAL A 47 -5.70 -18.39 0.15
CA VAL A 47 -4.30 -18.33 0.67
C VAL A 47 -3.42 -17.57 -0.32
N GLN A 48 -2.26 -18.09 -0.62
CA GLN A 48 -1.36 -17.39 -1.59
C GLN A 48 -0.15 -18.28 -1.89
N GLY A 49 0.97 -17.97 -1.30
CA GLY A 49 2.19 -18.79 -1.56
C GLY A 49 3.06 -18.09 -2.60
N CYS A 50 2.73 -16.87 -2.94
CA CYS A 50 3.53 -16.13 -3.95
C CYS A 50 4.67 -15.39 -3.25
N GLY A 51 5.69 -16.10 -2.86
CA GLY A 51 6.84 -15.45 -2.17
C GLY A 51 7.34 -16.35 -1.04
N ASP A 52 8.29 -15.90 -0.27
CA ASP A 52 8.81 -16.73 0.85
C ASP A 52 9.64 -15.87 1.80
N ASP A 53 9.49 -14.57 1.73
CA ASP A 53 10.28 -13.69 2.63
C ASP A 53 9.75 -12.25 2.52
N ILE A 54 10.23 -11.36 3.35
CA ILE A 54 9.77 -9.94 3.29
C ILE A 54 10.80 -9.11 2.52
N PRO A 55 10.48 -8.67 1.33
CA PRO A 55 11.41 -7.86 0.50
C PRO A 55 11.41 -6.39 0.91
N GLY A 56 10.27 -5.86 1.28
CA GLY A 56 10.21 -4.44 1.69
C GLY A 56 10.92 -4.25 3.03
N MET A 57 10.55 -5.02 4.03
CA MET A 57 11.20 -4.89 5.35
C MET A 57 11.23 -3.42 5.77
N GLU A 58 10.09 -2.86 6.08
CA GLU A 58 10.05 -1.42 6.48
C GLU A 58 10.88 -0.59 5.50
N GLY A 59 10.81 -0.92 4.23
CA GLY A 59 11.59 -0.16 3.22
C GLY A 59 10.77 -0.05 1.93
N CYS A 60 9.71 0.70 1.94
CA CYS A 60 8.88 0.84 0.72
C CYS A 60 7.87 1.98 0.91
N GLY A 61 8.20 2.94 1.75
CA GLY A 61 7.26 4.06 1.99
C GLY A 61 7.38 5.09 0.86
N THR A 62 7.95 4.70 -0.25
CA THR A 62 8.11 5.65 -1.39
C THR A 62 6.88 5.56 -2.29
N ASP A 63 6.31 4.39 -2.42
CA ASP A 63 5.11 4.23 -3.28
C ASP A 63 3.91 4.92 -2.63
N ILE A 64 4.16 5.95 -1.86
CA ILE A 64 3.07 6.70 -1.18
C ILE A 64 3.02 8.11 -1.74
N THR A 65 4.16 8.70 -1.94
CA THR A 65 4.20 10.08 -2.50
C THR A 65 4.02 9.99 -4.00
N VAL A 66 4.31 8.85 -4.57
CA VAL A 66 4.19 8.69 -6.04
C VAL A 66 2.86 8.02 -6.41
N ILE A 67 2.54 6.89 -5.81
CA ILE A 67 1.25 6.21 -6.19
C ILE A 67 0.47 5.70 -4.97
N CYS A 68 -0.39 6.52 -4.43
CA CYS A 68 -1.25 6.09 -3.28
C CYS A 68 -2.71 6.41 -3.64
N PRO A 69 -3.66 6.10 -2.79
CA PRO A 69 -5.10 6.34 -3.10
C PRO A 69 -5.37 7.71 -3.74
N TRP A 70 -4.55 8.69 -3.46
CA TRP A 70 -4.79 10.03 -4.09
C TRP A 70 -4.24 10.03 -5.52
N GLU A 71 -3.73 8.92 -5.99
CA GLU A 71 -3.19 8.86 -7.38
C GLU A 71 -3.41 7.46 -7.95
N ALA A 72 -3.94 6.57 -7.16
CA ALA A 72 -4.18 5.18 -7.64
C ALA A 72 -5.42 5.16 -8.54
N CYS A 73 -6.17 4.10 -8.50
CA CYS A 73 -7.39 4.00 -9.35
C CYS A 73 -8.45 4.97 -8.83
N ASN A 74 -8.69 4.95 -7.55
CA ASN A 74 -9.71 5.89 -6.97
C ASN A 74 -9.75 5.67 -5.46
N HIS A 75 -10.77 5.02 -4.96
CA HIS A 75 -10.85 4.79 -3.49
C HIS A 75 -9.89 3.66 -3.10
N CYS A 76 -10.36 2.66 -2.42
CA CYS A 76 -9.46 1.54 -2.02
C CYS A 76 -10.29 0.41 -1.41
N GLU A 77 -10.70 -0.53 -2.22
CA GLU A 77 -11.51 -1.66 -1.69
C GLU A 77 -10.62 -2.58 -0.86
N LEU A 78 -10.78 -3.86 -1.04
CA LEU A 78 -9.94 -4.84 -0.28
C LEU A 78 -10.20 -6.24 -0.82
N HIS A 79 -11.42 -6.71 -0.71
CA HIS A 79 -11.76 -8.07 -1.23
C HIS A 79 -13.26 -8.28 -1.13
N GLU A 80 -13.99 -7.26 -0.80
CA GLU A 80 -15.47 -7.39 -0.68
C GLU A 80 -16.13 -6.96 -2.00
N LEU A 81 -15.96 -5.72 -2.39
CA LEU A 81 -16.57 -5.24 -3.66
C LEU A 81 -15.63 -5.55 -4.83
N ALA A 82 -14.38 -5.75 -4.55
CA ALA A 82 -13.42 -6.07 -5.65
C ALA A 82 -13.84 -7.36 -6.34
N GLN A 83 -12.89 -8.13 -6.79
CA GLN A 83 -13.24 -9.41 -7.49
C GLN A 83 -14.12 -9.10 -8.70
N TYR A 84 -14.40 -7.85 -8.94
CA TYR A 84 -15.25 -7.48 -10.11
C TYR A 84 -14.50 -6.44 -10.94
N GLY A 85 -13.41 -5.93 -10.42
CA GLY A 85 -12.62 -4.91 -11.17
C GLY A 85 -11.15 -5.06 -10.78
N ILE A 86 -10.79 -6.17 -10.19
CA ILE A 86 -9.38 -6.39 -9.79
C ILE A 86 -8.49 -6.37 -11.04
N CYS A 87 -7.70 -7.39 -11.23
CA CYS A 87 -6.81 -7.43 -12.43
C CYS A 87 -7.68 -7.50 -13.69
C1C RCY B . -6.83 4.85 12.06
O1G RCY B . -7.96 3.07 14.42
O1H RCY B . -4.67 6.12 15.89
O1J RCY B . -5.19 7.37 12.25
C1L RCY B . -7.85 4.65 16.29
C1M RCY B . -3.62 4.23 13.79
C1P RCY B . -7.32 3.91 15.05
C1Q RCY B . -5.56 5.27 15.87
N1R RCY B . -5.88 4.33 14.72
C1S RCY B . -6.53 4.97 17.00
C1U RCY B . -5.00 3.93 13.54
C1V RCY B . -4.65 4.08 11.04
N1V RCY B . -4.70 6.05 12.59
C1W RCY B . -3.43 5.69 13.37
C1X RCY B . -5.32 4.70 12.26
C1Y RCY B . -2.20 5.84 12.48
C1Z RCY B . -3.32 6.61 14.60
H1S RCY B . -5.69 4.49 17.47
H1U RCY B . -5.11 2.86 13.36
C1C RCY C . -5.24 15.24 -2.21
O1G RCY C . -8.47 13.08 -1.52
O1H RCY C . -6.50 13.40 -2.68
O1J RCY C . -2.24 15.33 -2.13
C1L RCY C . -5.97 12.92 -1.61
C1M RCY C . -3.88 12.57 -0.04
C1P RCY C . -7.43 12.50 -1.33
C1Q RCY C . -7.07 12.80 -1.77
N1R RCY C . -6.29 12.79 -0.41
C1S RCY C . -6.80 12.50 -0.35
C1U RCY C . -4.92 13.48 -0.42
C1V RCY C . -4.67 12.86 -2.86
N1V RCY C . -3.03 14.25 -1.57
C1W RCY C . -2.57 13.16 -0.61
C1X RCY C . -4.50 13.95 -1.81
C1Y RCY C . -1.78 12.08 -1.36
C1Z RCY C . -1.72 13.78 0.50
H1S RCY C . -7.72 12.94 0.00
H1U RCY C . -4.93 14.32 0.26
C1C RCY D . 0.25 -0.17 -11.44
O1G RCY D . 2.79 -1.02 -8.28
O1H RCY D . 3.31 3.21 -10.31
O1J RCY D . -2.34 1.34 -11.24
C1L RCY D . 4.75 0.30 -8.92
C1M RCY D . 0.47 2.53 -8.92
C1P RCY D . 3.25 0.00 -8.80
C1Q RCY D . 3.45 2.03 -10.01
N1R RCY D . 2.40 1.11 -9.42
C1S RCY D . 4.74 1.22 -10.14
C1U RCY D . 0.87 1.26 -9.45
C1V RCY D . 1.05 2.21 -11.79
N1V RCY D . -1.10 1.75 -10.59
C1W RCY D . -0.92 2.80 -9.49
C1X RCY D . 0.30 1.25 -10.86
C1Y RCY D . -1.01 4.21 -10.07
C1Z RCY D . -2.01 2.59 -8.43
H1S RCY D . 4.49 1.22 -11.20
H1U RCY D . 0.42 0.47 -8.86
C1C RCY E . -1.83 -9.15 1.28
O1G RCY E . 0.65 -8.97 -2.86
O1H RCY E . 0.14 -11.57 1.04
O1J RCY E . -1.67 -6.50 -0.13
C1L RCY E . 2.25 -10.00 -1.31
C1M RCY E . -2.12 -9.57 -2.39
C1P RCY E . 0.86 -9.62 -1.84
C1Q RCY E . 0.55 -10.75 0.23
N1R RCY E . -0.25 -10.13 -0.92
C1S RCY E . 1.94 -10.15 0.18
C1U RCY E . -1.76 -10.06 -1.09
C1V RCY E . -3.95 -9.22 -0.11
N1V RCY E . -2.04 -7.76 -0.79
C1W RCY E . -2.10 -8.04 -2.29
C1X RCY E . -2.43 -9.06 -0.13
C1Y RCY E . -3.38 -7.44 -2.89
C1Z RCY E . -0.87 -7.44 -2.96
H1S RCY E . 1.62 -9.57 1.04
H1U RCY E . -2.20 -11.04 -0.95
C1C RCY F . 5.22 -7.54 -5.73
O1G RCY F . 4.94 -10.00 -2.48
O1H RCY F . 2.73 -11.21 -6.48
O1J RCY F . 3.92 -4.95 -4.92
C1L RCY F . 4.70 -12.12 -3.69
C1M RCY F . 2.19 -8.14 -3.68
C1P RCY F . 4.46 -10.63 -3.43
C1Q RCY F . 3.17 -11.21 -5.33
N1R RCY F . 3.56 -10.00 -4.50
C1S RCY F . 3.43 -12.45 -4.48
C1U RCY F . 3.14 -8.54 -4.68
C1V RCY F . 5.08 -7.84 -3.21
N1V RCY F . 3.53 -6.26 -4.39
C1W RCY F . 2.27 -6.61 -3.61
C1X RCY F . 4.30 -7.57 -4.51
C1Y RCY F . 2.40 -6.15 -2.15
C1Z RCY F . 1.07 -5.95 -4.28
H1S RCY F . 2.35 -12.48 -4.38
H1U RCY F . 2.70 -8.41 -5.66
C1C RCY G . 5.61 1.70 -5.39
O1G RCY G . 3.84 1.87 -0.99
O1H RCY G . 8.02 1.50 -3.17
O1J RCY G . 2.66 1.24 -4.95
C1L RCY G . 5.76 0.39 -0.69
C1M RCY G . 4.25 4.05 -2.87
C1P RCY G . 4.96 1.51 -1.36
C1Q RCY G . 6.95 1.23 -2.61
N1R RCY G . 5.71 2.11 -2.54
C1S RCY G . 6.64 -0.05 -1.86
C1U RCY G . 5.33 3.29 -3.44
C1V RCY G . 4.69 4.03 -5.78
N1V RCY G . 3.40 2.37 -4.41
C1W RCY G . 2.96 3.35 -3.31
C1X RCY G . 4.79 2.85 -4.80
C1Y RCY G . 1.97 4.37 -3.88
C1Z RCY G . 2.33 2.56 -2.17
H1S RCY G . 6.56 -0.49 -2.85
H1U RCY G . 6.18 3.93 -3.58
C1C RCY H . 4.15 5.98 -3.67
O1G RCY H . 1.54 2.82 -4.25
O1H RCY H . 2.25 5.62 -0.51
O1J RCY H . 4.69 7.02 -0.90
C1L RCY H . 0.04 4.15 -2.84
C1M RCY H . 4.55 3.21 -1.25
C1P RCY H . 1.40 3.56 -3.28
C1Q RCY H . 1.77 4.79 -1.29
N1R RCY H . 2.53 4.01 -2.36
C1S RCY H . 0.32 4.35 -1.36
C1U RCY H . 4.03 3.75 -2.47
C1V RCY H . 6.28 4.73 -3.08
N1V RCY H . 4.79 5.61 -1.28
C1W RCY H . 4.88 4.40 -0.35
C1X RCY H . 4.84 5.03 -2.68
C1Y RCY H . 6.29 4.27 0.24
C1Z RCY H . 3.84 4.54 0.77
H1S RCY H . 0.55 3.81 -0.44
H1U RCY H . 4.21 3.07 -3.28
C1C RCY I . -5.95 2.75 -3.12
O1G RCY I . -3.06 2.42 -7.51
O1H RCY I . -6.98 2.49 -4.88
O1J RCY I . -5.70 -0.25 -2.85
C1L RCY I . -5.44 2.35 -8.05
C1M RCY I . -2.70 1.55 -4.42
C1P RCY I . -4.23 2.39 -7.12
C1Q RCY I . -6.15 2.22 -5.75
N1R RCY I . -4.64 2.38 -5.65
C1S RCY I . -6.46 1.67 -7.13
C1U RCY I . -3.78 2.50 -4.39
C1V RCY I . -3.75 2.55 -1.86
N1V RCY I . -4.60 0.64 -3.23
C1W RCY I . -3.26 0.24 -3.85
C1X RCY I . -4.54 2.15 -3.11
C1Y RCY I . -2.33 -0.33 -2.78
C1Z RCY I . -3.50 -0.79 -4.96
H1S RCY I . -6.65 0.74 -6.61
H1U RCY I . -3.37 3.49 -4.32
C1C RCY J . -4.16 -1.01 5.05
O1G RCY J . -6.39 0.11 3.89
O1H RCY J . -4.12 0.42 -0.24
O1J RCY J . -1.36 -0.37 5.95
C1L RCY J . -7.14 0.49 1.59
C1M RCY J . -2.34 0.94 2.48
C1P RCY J . -6.10 0.26 2.70
C1Q RCY J . -4.90 0.61 0.68
N1R RCY J . -4.68 0.27 2.15
C1S RCY J . -6.28 1.26 0.58
C1U RCY J . -3.36 0.00 2.87
C1V RCY J . -4.12 1.51 4.76
N1V RCY J . -1.99 0.19 4.76
C1W RCY J . -1.31 0.95 3.61
C1X RCY J . -3.46 0.18 4.39
C1Y RCY J . -0.98 2.38 4.04
C1Z RCY J . -0.04 0.20 3.21
H1S RCY J . -5.73 2.18 0.46
H1U RCY J . -3.03 -1.00 2.65
C1C RCY K . -4.13 -5.54 -6.68
O1G RCY K . -7.57 -4.73 -9.58
O1H RCY K . -4.80 -8.43 -8.58
O1J RCY K . -5.27 -2.78 -7.12
C1L RCY K . -6.26 -6.27 -10.96
C1M RCY K . -7.83 -5.62 -6.77
C1P RCY K . -6.79 -5.68 -9.64
C1Q RCY K . -5.25 -7.39 -9.08
N1R RCY K . -6.23 -6.42 -8.43
C1S RCY K . -4.94 -6.87 -10.46
C1U RCY K . -6.56 -6.24 -6.95
C1V RCY K . -5.74 -5.35 -4.72
N1V RCY K . -6.08 -3.95 -6.77
C1W RCY K . -7.59 -4.11 -6.86
C1X RCY K . -5.58 -5.30 -6.24
C1Y RCY K . -8.27 -3.39 -5.69
C1Z RCY K . -8.08 -3.54 -8.18
H1S RCY K . -3.99 -6.59 -10.03
H1U RCY K . -6.55 -7.20 -6.45
N MET A 1 -9.84 1.17 14.28
CA MET A 1 -8.62 1.47 15.07
C MET A 1 -8.06 0.19 15.67
N ASN A 2 -7.78 0.18 16.94
CA ASN A 2 -7.22 -1.05 17.59
C ASN A 2 -7.08 -0.81 19.09
N LEU A 3 -6.71 -1.83 19.82
CA LEU A 3 -6.54 -1.67 21.30
C LEU A 3 -5.08 -1.36 21.61
N GLU A 4 -4.38 -0.75 20.70
CA GLU A 4 -2.95 -0.42 20.97
C GLU A 4 -2.87 0.91 21.72
N PRO A 5 -2.04 0.99 22.74
CA PRO A 5 -1.89 2.23 23.55
C PRO A 5 -1.92 3.51 22.69
N PRO A 6 -3.04 4.19 22.68
CA PRO A 6 -3.21 5.44 21.88
C PRO A 6 -2.66 6.67 22.62
N LYS A 7 -2.00 7.56 21.92
CA LYS A 7 -1.47 8.79 22.57
C LYS A 7 -1.86 10.01 21.75
N ALA A 8 -1.20 11.11 21.94
CA ALA A 8 -1.55 12.35 21.17
C ALA A 8 -1.26 12.10 19.69
N GLU A 9 -2.05 11.28 19.05
CA GLU A 9 -1.83 11.01 17.60
C GLU A 9 -2.47 12.12 16.77
N CYS A 10 -1.71 12.74 15.91
CA CYS A 10 -2.28 13.84 15.07
C CYS A 10 -3.56 13.34 14.40
N ARG A 11 -4.20 14.19 13.63
CA ARG A 11 -5.46 13.78 12.95
C ARG A 11 -6.60 13.72 13.98
N SER A 12 -7.52 12.83 13.79
CA SER A 12 -8.65 12.71 14.76
C SER A 12 -9.32 11.35 14.64
N ALA A 13 -10.35 11.24 13.84
CA ALA A 13 -11.03 9.93 13.67
C ALA A 13 -11.95 9.98 12.45
N THR A 14 -11.49 10.58 11.38
CA THR A 14 -12.33 10.66 10.15
C THR A 14 -11.91 9.57 9.17
N ARG A 15 -12.27 8.34 9.46
CA ARG A 15 -11.90 7.23 8.54
C ARG A 15 -12.98 6.14 8.59
N VAL A 16 -13.63 6.00 9.70
CA VAL A 16 -14.70 4.96 9.82
C VAL A 16 -15.70 5.13 8.68
N MET A 17 -15.46 4.52 7.56
CA MET A 17 -16.40 4.65 6.40
C MET A 17 -16.60 6.13 6.08
N GLY A 18 -15.62 6.75 5.49
CA GLY A 18 -15.76 8.20 5.15
C GLY A 18 -14.41 8.74 4.67
N GLY A 19 -14.20 10.01 4.79
CA GLY A 19 -12.90 10.60 4.33
C GLY A 19 -12.92 10.78 2.82
N PRO A 20 -13.68 11.73 2.34
CA PRO A 20 -13.80 12.01 0.88
C PRO A 20 -12.43 12.08 0.19
N CYS A 21 -12.29 11.40 -0.92
CA CYS A 21 -11.00 11.40 -1.65
C CYS A 21 -11.18 12.04 -3.03
N THR A 22 -10.88 13.30 -3.16
CA THR A 22 -11.04 13.96 -4.49
C THR A 22 -9.99 13.42 -5.46
N PRO A 23 -10.27 13.44 -6.74
CA PRO A 23 -9.32 12.94 -7.78
C PRO A 23 -8.11 13.88 -7.94
N ARG A 24 -7.34 14.05 -6.90
CA ARG A 24 -6.15 14.93 -6.99
C ARG A 24 -5.02 14.38 -6.13
N LYS A 25 -4.41 13.31 -6.55
CA LYS A 25 -3.30 12.70 -5.76
C LYS A 25 -2.07 12.52 -6.64
N GLY A 26 -2.06 13.13 -7.80
CA GLY A 26 -0.89 12.99 -8.71
C GLY A 26 -0.75 11.54 -9.15
N PRO A 27 -1.51 11.14 -10.13
CA PRO A 27 -1.49 9.75 -10.67
C PRO A 27 -0.15 9.42 -11.34
N PRO A 28 0.13 8.16 -11.54
CA PRO A 28 1.40 7.71 -12.16
C PRO A 28 1.84 8.60 -13.32
N LYS A 29 3.10 8.94 -13.38
CA LYS A 29 3.59 9.82 -14.48
C LYS A 29 5.12 9.79 -14.50
N CYS A 30 5.74 9.78 -13.35
CA CYS A 30 7.23 9.75 -13.31
C CYS A 30 7.72 8.35 -13.67
N LYS A 31 6.95 7.62 -14.43
CA LYS A 31 7.38 6.24 -14.82
C LYS A 31 7.76 5.46 -13.56
N GLN A 32 8.39 4.33 -13.73
CA GLN A 32 8.79 3.50 -12.54
C GLN A 32 10.32 3.54 -12.39
N ARG A 33 10.96 4.51 -12.98
CA ARG A 33 12.44 4.61 -12.85
C ARG A 33 12.79 5.18 -11.48
N GLN A 34 12.25 4.62 -10.44
CA GLN A 34 12.55 5.13 -9.07
C GLN A 34 13.98 4.74 -8.69
N THR A 35 14.93 5.05 -9.54
CA THR A 35 16.36 4.72 -9.24
C THR A 35 16.54 3.20 -9.28
N ARG A 36 15.89 2.49 -8.40
CA ARG A 36 16.03 1.00 -8.39
C ARG A 36 14.65 0.36 -8.17
N GLN A 37 13.91 0.17 -9.22
CA GLN A 37 12.56 -0.44 -9.07
C GLN A 37 12.65 -1.69 -8.19
N CYS A 38 13.10 -2.78 -8.73
CA CYS A 38 13.22 -4.03 -7.92
C CYS A 38 13.57 -5.20 -8.84
N LYS A 39 12.83 -5.38 -9.90
CA LYS A 39 13.11 -6.50 -10.84
C LYS A 39 13.22 -7.80 -10.05
N SER A 40 12.12 -8.45 -9.80
CA SER A 40 12.15 -9.73 -9.03
C SER A 40 10.98 -10.62 -9.48
N LYS A 41 10.41 -11.35 -8.56
CA LYS A 41 9.26 -12.24 -8.93
C LYS A 41 8.19 -12.18 -7.82
N PRO A 42 6.98 -11.80 -8.17
CA PRO A 42 5.87 -11.71 -7.19
C PRO A 42 5.30 -13.08 -6.81
N PRO A 43 4.60 -13.16 -5.71
CA PRO A 43 3.99 -14.44 -5.23
C PRO A 43 3.07 -15.07 -6.29
N LYS A 44 3.05 -16.37 -6.37
CA LYS A 44 2.18 -17.04 -7.37
C LYS A 44 0.75 -16.52 -7.26
N LYS A 45 0.42 -15.51 -8.02
CA LYS A 45 -0.96 -14.95 -7.96
C LYS A 45 -1.32 -14.57 -6.52
N GLY A 46 -1.62 -13.32 -6.29
CA GLY A 46 -1.97 -12.88 -4.90
C GLY A 46 -3.37 -13.39 -4.56
N VAL A 47 -3.79 -14.47 -5.16
CA VAL A 47 -5.14 -15.02 -4.86
C VAL A 47 -6.19 -13.92 -5.04
N GLN A 48 -6.00 -13.06 -6.00
CA GLN A 48 -6.97 -11.96 -6.24
C GLN A 48 -6.90 -11.53 -7.71
N GLY A 49 -5.73 -11.29 -8.21
CA GLY A 49 -5.58 -10.85 -9.63
C GLY A 49 -4.72 -9.59 -9.69
N CYS A 50 -3.50 -9.71 -10.10
CA CYS A 50 -2.61 -8.51 -10.18
C CYS A 50 -2.85 -7.78 -11.50
N GLY A 51 -4.03 -7.21 -11.67
CA GLY A 51 -4.32 -6.49 -12.94
C GLY A 51 -5.83 -6.46 -13.18
N ASP A 52 -6.54 -5.66 -12.42
CA ASP A 52 -8.02 -5.58 -12.61
C ASP A 52 -8.33 -4.73 -13.83
N ASP A 53 -7.93 -3.48 -13.81
CA ASP A 53 -8.20 -2.60 -14.98
C ASP A 53 -7.09 -2.77 -16.02
N ILE A 54 -5.92 -2.23 -15.75
CA ILE A 54 -4.78 -2.35 -16.71
C ILE A 54 -3.67 -3.20 -16.07
N PRO A 55 -3.39 -4.36 -16.61
CA PRO A 55 -2.32 -5.26 -16.06
C PRO A 55 -0.92 -4.80 -16.48
N GLY A 56 -0.19 -4.23 -15.57
CA GLY A 56 1.19 -3.76 -15.91
C GLY A 56 1.83 -3.10 -14.68
N MET A 57 2.03 -1.82 -14.72
CA MET A 57 2.64 -1.12 -13.56
C MET A 57 2.23 0.35 -13.57
N GLU A 58 1.06 0.65 -14.07
CA GLU A 58 0.60 2.07 -14.11
C GLU A 58 -0.93 2.10 -14.14
N GLY A 59 -1.50 3.27 -14.23
CA GLY A 59 -2.99 3.38 -14.26
C GLY A 59 -3.53 3.32 -12.83
N CYS A 60 -4.43 2.41 -12.56
CA CYS A 60 -5.01 2.30 -11.20
C CYS A 60 -5.73 3.60 -10.85
N GLY A 61 -6.82 3.51 -10.13
CA GLY A 61 -7.58 4.73 -9.75
C GLY A 61 -8.53 4.42 -8.60
N THR A 62 -9.25 3.34 -8.70
CA THR A 62 -10.20 2.97 -7.62
C THR A 62 -9.49 3.07 -6.27
N ASP A 63 -9.99 3.87 -5.38
CA ASP A 63 -9.35 4.02 -4.04
C ASP A 63 -9.08 2.63 -3.45
N ILE A 64 -9.67 1.61 -4.02
CA ILE A 64 -9.46 0.23 -3.50
C ILE A 64 -8.26 -0.40 -4.20
N THR A 65 -7.92 0.06 -5.37
CA THR A 65 -6.76 -0.52 -6.09
C THR A 65 -6.82 -2.04 -5.97
N VAL A 66 -8.01 -2.57 -6.06
CA VAL A 66 -8.22 -4.04 -5.93
C VAL A 66 -8.13 -4.44 -4.46
N ILE A 67 -7.01 -4.23 -3.82
CA ILE A 67 -6.88 -4.59 -2.38
C ILE A 67 -6.19 -3.47 -1.61
N CYS A 68 -6.93 -2.66 -0.89
CA CYS A 68 -6.32 -1.56 -0.10
C CYS A 68 -6.49 -1.87 1.39
N PRO A 69 -5.61 -1.38 2.23
CA PRO A 69 -5.67 -1.61 3.69
C PRO A 69 -7.11 -1.63 4.22
N TRP A 70 -7.94 -0.73 3.77
CA TRP A 70 -9.35 -0.70 4.25
C TRP A 70 -10.18 -1.75 3.50
N GLU A 71 -9.60 -2.88 3.20
CA GLU A 71 -10.37 -3.94 2.47
C GLU A 71 -9.88 -5.32 2.92
N ALA A 72 -8.69 -5.69 2.54
CA ALA A 72 -8.16 -7.03 2.94
C ALA A 72 -7.88 -7.04 4.44
N CYS A 73 -6.67 -6.76 4.84
CA CYS A 73 -6.33 -6.77 6.29
C CYS A 73 -7.36 -5.94 7.05
N ASN A 74 -7.06 -4.69 7.30
CA ASN A 74 -8.02 -3.82 8.04
C ASN A 74 -7.49 -2.38 8.07
N HIS A 75 -6.27 -2.21 8.52
CA HIS A 75 -5.70 -0.83 8.57
C HIS A 75 -4.17 -0.92 8.44
N CYS A 76 -3.44 -0.57 9.46
CA CYS A 76 -1.96 -0.65 9.38
C CYS A 76 -1.46 -1.80 10.25
N GLU A 77 -1.17 -2.92 9.66
CA GLU A 77 -0.68 -4.08 10.45
C GLU A 77 0.73 -3.80 10.97
N LEU A 78 1.11 -4.44 12.04
CA LEU A 78 2.47 -4.21 12.60
C LEU A 78 3.51 -4.84 11.69
N HIS A 79 4.42 -4.05 11.18
CA HIS A 79 5.47 -4.61 10.27
C HIS A 79 6.06 -5.88 10.89
N GLU A 80 6.69 -6.70 10.09
CA GLU A 80 7.28 -7.96 10.63
C GLU A 80 8.48 -8.35 9.77
N LEU A 81 8.45 -8.04 8.50
CA LEU A 81 9.59 -8.39 7.61
C LEU A 81 10.50 -7.17 7.43
N ALA A 82 10.23 -6.11 8.15
CA ALA A 82 11.07 -4.89 8.01
C ALA A 82 12.50 -5.20 8.47
N GLN A 83 13.47 -4.86 7.67
CA GLN A 83 14.88 -5.15 8.07
C GLN A 83 15.84 -4.36 7.17
N TYR A 84 15.81 -3.06 7.27
CA TYR A 84 16.72 -2.22 6.42
C TYR A 84 16.54 -2.61 4.95
N GLY A 85 15.67 -1.94 4.25
CA GLY A 85 15.45 -2.25 2.81
C GLY A 85 14.05 -2.82 2.62
N ILE A 86 13.44 -3.28 3.69
CA ILE A 86 12.06 -3.86 3.60
C ILE A 86 11.90 -4.66 2.30
N CYS A 87 10.68 -4.92 1.90
CA CYS A 87 10.46 -5.69 0.65
C CYS A 87 10.62 -4.78 -0.56
C1C RCY B . 4.49 15.01 10.50
O1G RCY B . 4.47 14.38 13.35
O1H RCY B . -0.07 13.98 12.11
O1J RCY B . 6.31 13.23 12.11
C1L RCY B . 2.37 15.13 14.38
C1M RCY B . 2.90 11.74 11.19
C1P RCY B . 3.25 14.47 13.30
C1Q RCY B . 1.00 14.41 12.54
N1R RCY B . 2.40 13.94 12.15
C1S RCY B . 1.17 15.55 13.54
C1U RCY B . 2.83 13.15 10.92
C1V RCY B . 4.54 12.92 9.06
N1V RCY B . 5.07 12.78 11.50
C1W RCY B . 4.29 11.50 11.78
C1X RCY B . 4.24 13.50 10.44
C1Y RCY B . 4.96 10.31 11.10
C1Z RCY B . 4.22 11.28 13.30
H1S RCY B . 0.89 16.18 12.71
H1U RCY B . 2.13 13.32 10.11
C1C RCY C . -4.42 10.16 2.26
O1G RCY C . -7.73 14.26 0.64
O1H RCY C . -6.77 9.64 0.97
O1J RCY C . -2.51 11.79 3.93
C1L RCY C . -9.00 12.25 0.08
C1M RCY C . -5.27 13.77 2.14
C1P RCY C . -7.77 13.03 0.57
C1Q RCY C . -7.17 10.74 0.56
N1R RCY C . -6.62 12.11 0.96
C1S RCY C . -8.31 10.96 -0.42
C1U RCY C . -5.26 12.45 1.56
C1V RCY C . -6.03 11.43 3.76
N1V RCY C . -3.73 12.32 3.33
C1W RCY C . -4.13 13.79 3.16
C1X RCY C . -4.90 11.54 2.73
C1Y RCY C . -4.61 14.36 4.49
C1Z RCY C . -2.93 14.58 2.64
H1S RCY C . -7.60 10.62 -1.15
H1U RCY C . -4.50 12.39 0.81
C1C RCY D . 0.69 9.02 -13.02
O1G RCY D . 2.70 9.07 -13.72
O1H RCY D . 4.46 7.65 -9.57
O1J RCY D . 1.19 6.47 -14.55
C1L RCY D . 4.93 9.21 -12.72
C1M RCY D . 1.69 6.26 -10.75
C1P RCY D . 3.44 8.86 -12.75
C1Q RCY D . 4.21 8.32 -10.58
N1R RCY D . 2.96 8.23 -11.44
C1S RCY D . 5.12 9.38 -11.21
C1U RCY D . 1.59 7.66 -11.08
C1V RCY D . -0.83 7.40 -11.78
N1V RCY D . 1.14 6.55 -13.10
C1W RCY D . 1.59 5.51 -12.08
C1X RCY D . 0.60 7.70 -12.24
C1Y RCY D . 0.57 4.37 -11.99
C1Z RCY D . 2.96 4.96 -12.51
H1S RCY D . 4.80 9.98 -10.38
H1U RCY D . 1.19 8.20 -10.24
C1C RCY E . 5.40 -5.41 -4.78
O1G RCY E . 6.26 -2.93 -5.51
O1H RCY E . 8.18 -5.50 -8.99
O1J RCY E . 3.73 -2.93 -5.19
C1L RCY E . 8.44 -2.86 -6.65
C1M RCY E . 4.57 -4.94 -8.36
C1P RCY E . 7.04 -3.42 -6.35
C1Q RCY E . 8.03 -4.86 -7.95
N1R RCY E . 6.72 -4.64 -7.21
C1S RCY E . 9.11 -4.13 -7.17
C1U RCY E . 5.42 -5.44 -7.30
C1V RCY E . 3.42 -6.36 -6.05
N1V RCY E . 3.99 -3.93 -6.23
C1W RCY E . 3.76 -3.80 -7.74
C1X RCY E . 4.56 -5.33 -6.05
C1Y RCY E . 2.27 -3.95 -8.06
C1Z RCY E . 4.27 -2.43 -8.20
H1S RCY E . 9.41 -5.12 -6.86
H1U RCY E . 5.65 -6.48 -7.50
C1C RCY F . -1.92 -7.19 -3.52
O1G RCY F . -2.40 -4.84 -7.33
O1H RCY F . -2.79 -9.42 -6.22
O1J RCY F . -1.26 -4.26 -3.77
C1L RCY F . -1.48 -6.89 -8.30
C1M RCY F . -4.57 -5.37 -5.36
C1P RCY F . -2.28 -6.06 -7.29
C1Q RCY F . -2.34 -8.33 -6.57
N1R RCY F . -2.90 -6.95 -6.21
C1S RCY F . -1.12 -8.11 -7.44
C1U RCY F . -3.83 -6.57 -5.06
C1V RCY F . -4.03 -6.14 -2.57
N1V RCY F . -2.55 -4.84 -4.13
C1W RCY F . -3.67 -4.21 -4.95
C1X RCY F . -3.08 -6.23 -3.77
C1Y RCY F . -4.45 -3.19 -4.11
C1Z RCY F . -3.06 -3.53 -6.19
H1S RCY F . -0.56 -8.38 -6.56
H1U RCY F . -4.52 -7.38 -4.87
C1C RCY G . -3.10 1.94 -5.30
O1G RCY G . 0.08 -1.93 -7.62
O1H RCY G . -2.72 1.85 -8.06
O1J RCY G . -1.69 2.28 -2.66
C1L RCY G . -0.95 -0.83 -9.55
C1M RCY G . 0.01 -0.06 -5.17
C1P RCY G . -0.66 -1.04 -8.05
C1Q RCY G . -2.22 0.73 -8.20
N1R RCY G . -1.39 -0.03 -7.18
C1S RCY G . -2.32 -0.14 -9.44
C1U RCY G . -1.31 0.18 -5.66
C1V RCY G . -0.78 2.63 -6.07
N1V RCY G . -1.12 1.60 -3.81
C1W RCY G . 0.11 0.69 -3.84
C1X RCY G . -1.60 1.63 -5.25
C1Y RCY G . 1.40 1.53 -3.78
C1Z RCY G . 0.05 -0.27 -2.66
H1S RCY G . -3.34 -0.32 -9.11
H1U RCY G . -2.00 -0.48 -5.17
C1C RCY H . -0.70 2.21 -2.30
O1G RCY H . -2.30 1.15 0.95
O1H RCY H . -3.83 -0.74 -3.10
O1J RCY H . 0.20 2.50 0.57
C1L RCY H . -4.53 0.88 -0.04
C1M RCY H . -0.43 -1.08 -0.63
C1P RCY H . -3.00 0.78 0.01
C1Q RCY H . -3.69 0.01 -2.13
N1R RCY H . -2.44 0.16 -1.27
C1S RCY H . -4.75 0.94 -1.56
C1U RCY H . -0.99 -0.21 -1.62
C1V RCY H . 1.30 0.66 -2.25
N1V RCY H . 0.10 1.23 -0.13
C1W RCY H . 0.12 -0.18 0.48
C1X RCY H . -0.05 0.99 -1.63
C1Y RCY H . 1.55 -0.57 0.85
C1Z RCY H . -0.78 -0.19 1.71
H1S RCY H . -4.52 1.54 -2.43
H1U RCY H . -0.97 -0.70 -2.58
C1C RCY I . -4.07 -6.28 0.49
O1G RCY I . -0.70 -7.15 3.79
O1H RCY I . -4.34 -4.40 2.60
O1J RCY I . -4.42 -3.30 0.27
C1L RCY I . -2.60 -6.26 5.04
C1M RCY I . -0.84 -4.51 0.94
C1P RCY I . -1.71 -6.45 3.81
C1Q RCY I . -3.41 -4.90 3.21
N1R RCY I . -2.23 -5.66 2.61
C1S RCY I . -3.21 -4.89 4.72
C1U RCY I . -1.71 -5.64 1.16
C1V RCY I . -2.34 -5.72 -1.29
N1V RCY I . -3.13 -3.97 0.33
C1W RCY I . -1.76 -3.33 0.59
C1X RCY I . -2.83 -5.45 0.14
C1Y RCY I . -1.25 -2.62 -0.66
C1Z RCY I . -1.88 -2.35 1.76
H1S RCY I . -2.93 -3.86 4.57
H1U RCY I . -1.18 -6.55 0.96
C1C RCY J . 0.39 -1.62 3.79
O1G RCY J . -0.71 -3.70 7.25
O1H RCY J . -1.41 0.87 6.30
O1J RCY J . 0.70 -4.56 4.35
C1L RCY J . -0.23 -1.64 8.48
C1M RCY J . -2.78 -3.09 5.00
C1P RCY J . -0.73 -2.47 7.29
C1Q RCY J . -0.92 -0.19 6.68
N1R RCY J . -1.24 -1.58 6.16
C1S RCY J . 0.14 -0.35 7.76
C1U RCY J . -1.89 -1.98 4.83
C1V RCY J . -1.51 -2.57 2.40
N1V RCY J . -0.58 -3.86 4.35
C1W RCY J . -1.92 -4.35 4.90
C1X RCY J . -0.88 -2.47 3.79
C1Y RCY J . -2.56 -5.35 3.93
C1Z RCY J . -1.70 -4.98 6.27
H1S RCY J . 0.82 0.05 7.02
H1U RCY J . -2.43 -1.12 4.43
C1C RCY K . 3.67 -2.75 2.32
O1G RCY K . 4.09 -6.22 1.81
O1H RCY K . 6.63 -3.93 -1.44
O1J RCY K . 0.99 -1.66 1.45
C1L RCY K . 6.29 -6.62 0.81
C1M RCY K . 2.75 -4.00 -1.04
C1P RCY K . 4.95 -5.89 1.00
C1Q RCY K . 6.10 -4.82 -0.78
N1R RCY K . 4.82 -4.70 0.05
C1S RCY K . 6.59 -6.24 -0.63
C1U RCY K . 3.72 -3.65 -0.04
C1V RCY K . 2.44 -4.89 1.75
N1V RCY K . 1.73 -2.70 0.74
C1W RCY K . 1.47 -3.23 -0.67
C1X RCY K . 2.91 -3.52 1.25
C1Y RCY K . 0.26 -4.17 -0.69
C1Z RCY K . 1.25 -2.05 -1.61
H1S RCY K . 6.22 -6.37 -1.64
H1U RCY K . 4.16 -2.68 -0.28
N MET A 1 16.62 -12.63 14.78
CA MET A 1 15.54 -12.97 15.74
C MET A 1 15.69 -12.11 17.00
N ASN A 2 16.82 -11.47 17.16
CA ASN A 2 17.04 -10.62 18.36
C ASN A 2 17.11 -9.15 17.94
N LEU A 3 17.83 -8.87 16.88
CA LEU A 3 17.94 -7.45 16.41
C LEU A 3 16.57 -6.95 15.95
N GLU A 4 16.26 -5.72 16.23
CA GLU A 4 14.95 -5.16 15.80
C GLU A 4 15.08 -4.54 14.40
N PRO A 5 14.18 -4.86 13.50
CA PRO A 5 14.22 -4.32 12.11
C PRO A 5 14.61 -2.83 12.08
N PRO A 6 15.47 -2.44 11.18
CA PRO A 6 15.91 -1.02 11.05
C PRO A 6 14.85 -0.14 10.38
N LYS A 7 14.77 1.11 10.74
CA LYS A 7 13.77 2.01 10.11
C LYS A 7 14.23 3.46 10.22
N ALA A 8 14.90 3.80 11.28
CA ALA A 8 15.39 5.20 11.44
C ALA A 8 14.27 6.17 11.06
N GLU A 9 13.13 6.07 11.67
CA GLU A 9 11.99 6.99 11.34
C GLU A 9 11.34 7.48 12.63
N CYS A 10 11.97 8.42 13.29
CA CYS A 10 11.38 8.95 14.56
C CYS A 10 9.92 9.32 14.33
N ARG A 11 9.64 10.00 13.24
CA ARG A 11 8.23 10.39 12.96
C ARG A 11 7.38 9.14 12.73
N SER A 12 6.92 8.53 13.78
CA SER A 12 6.08 7.31 13.63
C SER A 12 5.49 6.93 14.98
N ALA A 13 6.29 6.40 15.86
CA ALA A 13 5.77 6.00 17.21
C ALA A 13 4.53 5.13 17.04
N THR A 14 3.93 4.71 18.12
CA THR A 14 2.72 3.85 18.03
C THR A 14 1.47 4.74 18.04
N ARG A 15 1.11 5.26 19.18
CA ARG A 15 -0.10 6.13 19.27
C ARG A 15 -1.27 5.44 18.60
N VAL A 16 -2.00 6.14 17.77
CA VAL A 16 -3.16 5.52 17.07
C VAL A 16 -3.51 6.35 15.83
N MET A 17 -4.46 7.24 15.93
CA MET A 17 -4.84 8.06 14.75
C MET A 17 -5.67 9.27 15.20
N GLY A 18 -5.85 10.24 14.34
CA GLY A 18 -6.64 11.44 14.71
C GLY A 18 -5.77 12.69 14.59
N GLY A 19 -5.66 13.46 15.64
CA GLY A 19 -4.82 14.69 15.57
C GLY A 19 -5.25 15.54 14.37
N PRO A 20 -4.45 16.52 14.03
CA PRO A 20 -4.74 17.42 12.89
C PRO A 20 -4.80 16.67 11.56
N CYS A 21 -5.11 15.40 11.59
CA CYS A 21 -5.18 14.60 10.33
C CYS A 21 -6.56 13.96 10.21
N THR A 22 -7.17 14.09 9.07
CA THR A 22 -8.53 13.49 8.86
C THR A 22 -8.64 12.99 7.41
N PRO A 23 -8.40 11.73 7.18
CA PRO A 23 -8.47 11.13 5.81
C PRO A 23 -9.77 11.45 5.08
N ARG A 24 -10.85 11.60 5.80
CA ARG A 24 -12.15 11.91 5.14
C ARG A 24 -12.46 10.86 4.07
N LYS A 25 -13.42 10.00 4.33
CA LYS A 25 -13.77 8.93 3.32
C LYS A 25 -15.17 9.20 2.78
N GLY A 26 -16.13 9.38 3.65
CA GLY A 26 -17.53 9.64 3.17
C GLY A 26 -17.89 8.63 2.08
N PRO A 27 -19.02 8.84 1.44
CA PRO A 27 -19.51 7.95 0.35
C PRO A 27 -18.46 7.72 -0.74
N PRO A 28 -18.60 6.67 -1.52
CA PRO A 28 -17.64 6.34 -2.61
C PRO A 28 -17.22 7.59 -3.41
N LYS A 29 -15.95 7.73 -3.66
CA LYS A 29 -15.46 8.91 -4.43
C LYS A 29 -14.96 8.44 -5.80
N CYS A 30 -13.74 8.78 -6.14
CA CYS A 30 -13.19 8.35 -7.46
C CYS A 30 -12.58 6.95 -7.32
N LYS A 31 -12.86 6.27 -6.24
CA LYS A 31 -12.29 4.91 -6.04
C LYS A 31 -13.21 3.88 -6.71
N GLN A 32 -14.47 4.20 -6.84
CA GLN A 32 -15.43 3.25 -7.48
C GLN A 32 -15.89 3.82 -8.83
N ARG A 33 -14.98 4.07 -9.73
CA ARG A 33 -15.40 4.63 -11.06
C ARG A 33 -14.21 4.60 -12.01
N GLN A 34 -13.00 4.56 -11.49
CA GLN A 34 -11.79 4.54 -12.38
C GLN A 34 -11.04 3.22 -12.20
N THR A 35 -11.76 2.13 -12.05
CA THR A 35 -11.09 0.81 -11.89
C THR A 35 -11.89 -0.27 -12.62
N ARG A 36 -11.56 -0.51 -13.87
CA ARG A 36 -12.30 -1.55 -14.65
C ARG A 36 -11.43 -2.78 -14.80
N GLN A 37 -10.59 -3.05 -13.84
CA GLN A 37 -9.70 -4.26 -13.94
C GLN A 37 -9.10 -4.56 -12.57
N CYS A 38 -9.62 -5.54 -11.88
CA CYS A 38 -9.07 -5.90 -10.55
C CYS A 38 -9.89 -7.06 -9.97
N LYS A 39 -9.44 -8.27 -10.18
CA LYS A 39 -10.19 -9.45 -9.65
C LYS A 39 -9.50 -9.98 -8.39
N SER A 40 -8.78 -11.06 -8.51
CA SER A 40 -8.09 -11.64 -7.32
C SER A 40 -6.94 -12.52 -7.78
N LYS A 41 -6.54 -12.41 -9.02
CA LYS A 41 -5.42 -13.24 -9.55
C LYS A 41 -4.34 -12.32 -10.12
N PRO A 42 -3.49 -11.80 -9.27
CA PRO A 42 -2.40 -10.89 -9.69
C PRO A 42 -1.14 -11.65 -10.12
N PRO A 43 -0.28 -11.01 -10.87
CA PRO A 43 0.98 -11.64 -11.36
C PRO A 43 1.98 -11.85 -10.22
N LYS A 44 2.42 -13.06 -10.00
CA LYS A 44 3.39 -13.32 -8.90
C LYS A 44 4.82 -13.31 -9.47
N LYS A 45 4.96 -13.51 -10.74
CA LYS A 45 6.31 -13.50 -11.35
C LYS A 45 6.72 -12.06 -11.68
N GLY A 46 6.75 -11.21 -10.70
CA GLY A 46 7.13 -9.79 -10.96
C GLY A 46 8.41 -9.75 -11.80
N VAL A 47 8.33 -9.25 -13.00
CA VAL A 47 9.54 -9.18 -13.87
C VAL A 47 10.36 -7.95 -13.48
N GLN A 48 9.76 -6.79 -13.47
CA GLN A 48 10.51 -5.56 -13.10
C GLN A 48 9.56 -4.37 -13.05
N GLY A 49 8.99 -4.09 -11.91
CA GLY A 49 8.05 -2.93 -11.79
C GLY A 49 6.63 -3.39 -12.12
N CYS A 50 6.35 -3.68 -13.37
CA CYS A 50 5.00 -4.12 -13.76
C CYS A 50 5.08 -5.05 -14.97
N GLY A 51 4.40 -6.17 -14.93
CA GLY A 51 4.44 -7.12 -16.08
C GLY A 51 3.04 -7.28 -16.68
N ASP A 52 2.02 -6.92 -15.95
CA ASP A 52 0.63 -7.04 -16.48
C ASP A 52 -0.30 -6.12 -15.70
N ASP A 53 -1.49 -5.90 -16.19
CA ASP A 53 -2.45 -5.02 -15.47
C ASP A 53 -1.74 -3.71 -15.08
N ILE A 54 -1.01 -3.13 -15.98
CA ILE A 54 -0.31 -1.87 -15.66
C ILE A 54 -1.31 -0.85 -15.10
N PRO A 55 -0.88 0.03 -14.23
CA PRO A 55 -1.77 1.06 -13.62
C PRO A 55 -2.16 2.14 -14.63
N GLY A 56 -1.25 2.53 -15.48
CA GLY A 56 -1.58 3.59 -16.48
C GLY A 56 -0.42 3.72 -17.48
N MET A 57 0.78 3.49 -17.04
CA MET A 57 1.95 3.61 -17.96
C MET A 57 3.22 3.17 -17.24
N GLU A 58 3.09 2.46 -16.16
CA GLU A 58 4.28 1.99 -15.39
C GLU A 58 5.31 3.11 -15.28
N GLY A 59 6.42 2.84 -14.67
CA GLY A 59 7.48 3.88 -14.51
C GLY A 59 6.84 5.19 -14.04
N CYS A 60 6.35 5.21 -12.83
CA CYS A 60 5.72 6.44 -12.30
C CYS A 60 6.69 7.17 -11.37
N GLY A 61 6.40 7.19 -10.10
CA GLY A 61 7.30 7.88 -9.13
C GLY A 61 7.95 6.83 -8.22
N THR A 62 8.79 6.00 -8.76
CA THR A 62 9.46 4.95 -7.94
C THR A 62 9.74 5.47 -6.53
N ASP A 63 8.99 5.04 -5.57
CA ASP A 63 9.20 5.51 -4.17
C ASP A 63 10.68 5.34 -3.81
N ILE A 64 11.21 4.16 -3.98
CA ILE A 64 12.64 3.91 -3.65
C ILE A 64 13.42 3.73 -4.96
N THR A 65 12.98 2.81 -5.77
CA THR A 65 13.65 2.55 -7.07
C THR A 65 12.69 1.72 -7.91
N VAL A 66 11.82 1.01 -7.24
CA VAL A 66 10.82 0.16 -7.92
C VAL A 66 9.93 -0.47 -6.85
N ILE A 67 10.53 -1.09 -5.86
CA ILE A 67 9.74 -1.72 -4.77
C ILE A 67 10.37 -1.37 -3.41
N CYS A 68 9.89 -0.33 -2.76
CA CYS A 68 10.46 0.04 -1.44
C CYS A 68 10.19 -1.09 -0.44
N PRO A 69 11.05 -1.27 0.54
CA PRO A 69 10.89 -2.33 1.55
C PRO A 69 9.43 -2.50 1.98
N TRP A 70 8.68 -1.44 2.02
CA TRP A 70 7.25 -1.54 2.42
C TRP A 70 6.44 -2.10 1.24
N GLU A 71 6.87 -1.82 0.04
CA GLU A 71 6.11 -2.35 -1.15
C GLU A 71 6.56 -3.79 -1.42
N ALA A 72 7.43 -4.30 -0.59
CA ALA A 72 7.89 -5.70 -0.80
C ALA A 72 6.74 -6.67 -0.53
N CYS A 73 6.79 -7.84 -1.10
CA CYS A 73 5.69 -8.83 -0.89
C CYS A 73 5.83 -9.44 0.50
N ASN A 74 6.19 -8.64 1.48
CA ASN A 74 6.34 -9.18 2.86
C ASN A 74 6.57 -8.03 3.85
N HIS A 75 7.32 -8.28 4.89
CA HIS A 75 7.58 -7.19 5.89
C HIS A 75 6.26 -6.84 6.60
N CYS A 76 5.16 -6.93 5.91
CA CYS A 76 3.86 -6.60 6.55
C CYS A 76 2.72 -7.05 5.63
N GLU A 77 3.04 -7.73 4.56
CA GLU A 77 1.98 -8.18 3.61
C GLU A 77 0.94 -9.02 4.36
N LEU A 78 1.38 -9.90 5.22
CA LEU A 78 0.42 -10.76 5.97
C LEU A 78 -0.75 -9.90 6.47
N HIS A 79 -1.95 -10.39 6.36
CA HIS A 79 -3.13 -9.60 6.83
C HIS A 79 -3.13 -9.58 8.36
N GLU A 80 -2.19 -8.91 8.96
CA GLU A 80 -2.14 -8.84 10.45
C GLU A 80 -2.69 -7.49 10.92
N LEU A 81 -2.09 -6.41 10.48
CA LEU A 81 -2.57 -5.08 10.90
C LEU A 81 -3.87 -4.75 10.17
N ALA A 82 -4.55 -5.74 9.65
CA ALA A 82 -5.82 -5.49 8.92
C ALA A 82 -6.89 -5.00 9.90
N GLN A 83 -6.79 -3.79 10.35
CA GLN A 83 -7.80 -3.26 11.31
C GLN A 83 -9.14 -3.08 10.57
N TYR A 84 -9.22 -2.08 9.73
CA TYR A 84 -10.49 -1.85 8.98
C TYR A 84 -10.63 -2.92 7.89
N GLY A 85 -9.62 -3.08 7.08
CA GLY A 85 -9.67 -4.08 5.98
C GLY A 85 -9.65 -3.33 4.66
N ILE A 86 -9.44 -4.03 3.58
CA ILE A 86 -9.40 -3.33 2.27
C ILE A 86 -8.41 -2.17 2.35
N CYS A 87 -7.15 -2.47 2.36
CA CYS A 87 -6.12 -1.39 2.46
C CYS A 87 -6.36 -0.36 1.37
C1C RCY B . 7.39 14.12 13.66
O1G RCY B . 7.39 8.90 13.76
O1H RCY B . 9.31 13.16 14.45
O1J RCY B . 6.63 13.38 10.84
C1L RCY B . 9.71 9.70 13.87
C1M RCY B . 5.35 11.03 13.59
C1P RCY B . 8.17 9.84 13.88
C1Q RCY B . 9.08 12.03 14.02
N1R RCY B . 7.74 11.30 14.04
C1S RCY B . 10.09 11.10 13.38
C1U RCY B . 6.34 11.88 14.20
C1V RCY B . 4.87 13.92 13.88
N1V RCY B . 6.08 12.74 12.03
C1W RCY B . 5.30 11.42 12.11
C1X RCY B . 6.16 13.22 13.47
C1Y RCY B . 3.85 11.63 11.66
C1Z RCY B . 6.00 10.38 11.23
H1S RCY B . 10.00 11.75 12.52
H1U RCY B . 6.12 12.01 15.24
C1C RCY C . -3.84 13.13 2.93
O1G RCY C . -4.08 15.59 5.10
O1H RCY C . -5.90 11.48 6.56
O1J RCY C . -4.41 10.20 3.38
C1L RCY C . -3.84 14.29 7.15
C1M RCY C . -7.31 12.61 4.09
C1P RCY C . -4.40 14.60 5.76
C1Q RCY C . -5.50 12.64 6.53
N1R RCY C . -5.40 13.54 5.30
C1S RCY C . -4.99 13.45 7.71
C1U RCY C . -6.13 13.41 3.96
C1V RCY C . -5.92 12.82 1.51
N1V RCY C . -5.44 11.25 3.40
C1W RCY C . -6.86 11.16 3.94
C1X RCY C . -5.30 12.69 2.91
C1Y RCY C . -7.75 10.42 2.94
C1Z RCY C . -6.85 10.43 5.28
H1S RCY C . -6.03 13.51 7.99
H1U RCY C . -6.40 14.39 3.60
C1C RCY D . -6.03 6.53 -11.05
O1G RCY D . -8.97 5.80 -10.09
O1H RCY D . -7.75 8.91 -6.74
O1J RCY D . -3.61 4.90 -10.36
C1L RCY D . -10.23 7.45 -8.78
C1M RCY D . -5.91 5.81 -7.42
C1P RCY D . -8.99 6.66 -9.20
C1Q RCY D . -8.36 8.06 -7.39
N1R RCY D . -7.76 7.07 -8.39
C1S RCY D . -9.85 7.80 -7.34
C1U RCY D . -6.31 6.62 -8.53
C1V RCY D . -7.10 4.58 -9.81
N1V RCY D . -4.70 5.18 -9.43
C1W RCY D . -4.71 4.99 -7.91
C1X RCY D . -6.08 5.73 -9.75
C1Y RCY D . -4.88 3.51 -7.56
C1Z RCY D . -3.38 5.52 -7.33
H1S RCY D . -9.64 7.33 -6.39
H1U RCY D . -5.66 7.49 -8.59
C1C RCY E . -5.48 -8.83 -6.80
O1G RCY E . -4.79 -4.11 -5.73
O1H RCY E . -8.12 -7.43 -6.22
O1J RCY E . -2.92 -7.60 -7.80
C1L RCY E . -6.98 -4.14 -6.82
C1M RCY E . -4.05 -6.50 -4.30
C1P RCY E . -5.80 -4.74 -6.04
C1Q RCY E . -7.34 -6.50 -6.44
N1R RCY E . -6.03 -6.22 -5.72
C1S RCY E . -7.53 -5.41 -7.48
C1U RCY E . -5.16 -7.18 -4.91
C1V RCY E . -3.90 -9.38 -4.90
N1V RCY E . -3.41 -7.46 -6.43
C1W RCY E . -2.94 -6.48 -5.36
C1X RCY E . -4.52 -8.27 -5.76
C1Y RCY E . -1.61 -6.94 -4.75
C1Z RCY E . -2.79 -5.09 -5.98
H1S RCY E . -7.27 -6.18 -8.19
H1U RCY E . -5.77 -7.64 -4.13
C1C RCY F . 4.77 -3.51 -6.65
O1G RCY F . 5.73 -2.45 -8.05
O1H RCY F . 2.58 -3.28 -11.46
O1J RCY F . 2.66 -1.43 -6.13
C1L RCY F . 5.50 -1.64 -10.34
C1M RCY F . 1.72 -4.18 -8.64
C1P RCY F . 5.12 -2.48 -9.12
C1Q RCY F . 3.63 -3.08 -10.86
N1R RCY F . 3.90 -3.36 -9.39
C1S RCY F . 4.90 -2.51 -11.45
C1U RCY F . 3.14 -4.27 -8.43
C1V RCY F . 2.80 -4.97 -6.02
N1V RCY F . 2.43 -2.66 -6.90
C1W RCY F . 1.24 -2.99 -7.79
C1X RCY F . 3.32 -3.89 -6.97
C1Y RCY F . 0.02 -3.37 -6.95
C1Z RCY F . 0.93 -1.77 -8.67
H1S RCY F . 5.01 -3.50 -11.90
H1U RCY F . 3.45 -5.29 -8.57
C1C RCY G . -0.54 3.67 -6.77
O1G RCY G . -0.60 5.20 -9.32
O1H RCY G . 4.12 4.94 -9.30
O1J RCY G . 0.54 1.44 -5.04
C1L RCY G . 1.17 6.58 -10.32
C1M RCY G . 2.94 2.80 -7.71
C1P RCY G . 0.60 5.43 -9.47
C1Q RCY G . 2.98 5.37 -9.27
N1R RCY G . 1.72 4.59 -8.85
C1S RCY G . 2.53 6.77 -9.63
C1U RCY G . 1.64 3.31 -8.03
C1V RCY G . 1.61 4.71 -5.92
N1V RCY G . 1.35 2.22 -5.98
C1W RCY G . 2.76 1.90 -6.48
C1X RCY G . 0.98 3.53 -6.66
C1Y RCY G . 3.79 2.24 -5.41
C1Z RCY G . 2.83 0.42 -6.85
H1S RCY G . 2.97 7.05 -8.69
H1U RCY G . 1.08 2.56 -8.57
C1C RCY H . 2.10 0.22 -2.80
O1G RCY H . 5.31 1.78 -4.36
O1H RCY H . 5.29 1.48 0.36
O1J RCY H . -0.21 2.09 -3.30
C1L RCY H . 7.01 1.15 -2.70
C1M RCY H . 3.08 3.75 -2.24
C1P RCY H . 5.63 1.64 -3.17
C1Q RCY H . 5.63 1.71 -0.81
N1R RCY H . 4.71 1.93 -1.99
C1S RCY H . 7.05 1.79 -1.32
C1U RCY H . 3.23 2.34 -2.00
C1V RCY H . 3.13 1.83 -4.46
N1V RCY H . 1.16 2.52 -3.08
C1W RCY H . 1.65 3.94 -2.76
C1X RCY H . 2.43 1.68 -3.12
C1Y RCY H . 1.66 4.80 -4.03
C1Z RCY H . 0.74 4.55 -1.69
H1S RCY H . 7.06 2.76 -0.83
H1U RCY H . 2.78 2.09 -1.04
C1C RCY I . 0.99 -5.06 1.03
O1G RCY I . 3.04 -6.77 1.01
O1H RCY I . 1.84 -8.58 -3.19
O1J RCY I . -1.84 -4.21 0.47
C1L RCY I . 4.00 -8.52 -0.40
C1M RCY I . -0.40 -6.89 -1.87
C1P RCY I . 2.97 -7.45 -0.02
C1Q RCY I . 2.21 -8.46 -2.03
N1R RCY I . 1.87 -7.34 -1.07
C1S RCY I . 3.12 -9.43 -1.29
C1U RCY I . 0.70 -6.35 -1.13
C1V RCY I . -0.20 -7.30 1.03
N1V RCY I . -1.19 -5.34 -0.18
C1W RCY I . -1.64 -6.11 -1.41
C1X RCY I . 0.11 -6.03 0.23
C1Y RCY I . -2.78 -7.07 -1.06
C1Z RCY I . -2.09 -5.11 -2.49
H1S RCY I . 2.25 -10.06 -1.24
H1U RCY I . 1.04 -5.44 -1.60
C1C RCY J . -1.83 -1.90 3.46
O1G RCY J . 1.40 -0.69 3.00
O1H RCY J . 2.07 -5.32 3.70
O1J RCY J . -3.81 -3.66 2.02
C1L RCY J . 3.15 -1.98 4.14
C1M RCY J . -0.14 -4.74 1.79
C1P RCY J . 1.83 -1.80 3.37
C1Q RCY J . 2.01 -4.11 3.86
N1R RCY J . 1.13 -3.12 3.11
C1S RCY J . 2.83 -3.30 4.87
C1U RCY J . -0.14 -3.40 2.31
C1V RCY J . -1.27 -4.18 4.44
N1V RCY J . -2.41 -4.00 2.21
C1W RCY J . -1.61 -5.09 1.51
C1X RCY J . -1.40 -3.35 3.16
C1Y RCY J . -1.95 -6.46 2.10
C1Z RCY J . -1.92 -5.06 0.01
H1S RCY J . 2.15 -3.73 5.59
H1U RCY J . -0.22 -2.70 1.49
C1C RCY K . -2.16 -1.03 -1.74
O1G RCY K . -3.18 -6.16 -1.43
O1H RCY K . -2.88 -2.17 1.08
O1J RCY K . -0.46 -1.14 -4.21
C1L RCY K . -4.30 -5.37 0.60
C1M RCY K . -1.04 -4.49 -2.44
C1P RCY K . -3.31 -5.29 -0.57
C1Q RCY K . -2.98 -3.36 0.77
N1R RCY K . -2.50 -3.99 -0.53
C1S RCY K . -3.60 -4.46 1.61
C1U RCY K . -1.47 -3.46 -1.54
C1V RCY K . -3.38 -2.81 -3.08
N1V RCY K . -0.95 -2.32 -3.51
C1W RCY K . -0.50 -3.76 -3.68
C1X RCY K . -2.04 -2.38 -2.45
C1Y RCY K . -1.08 -4.37 -4.96
C1Z RCY K . 1.03 -3.80 -3.72
H1S RCY K . -2.69 -4.38 2.18
H1U RCY K . -0.62 -3.07 -1.00
N MET A 1 25.57 4.95 -1.46
CA MET A 1 25.26 4.87 -0.02
C MET A 1 24.75 6.23 0.48
N ASN A 2 25.54 6.91 1.26
CA ASN A 2 25.11 8.24 1.78
C ASN A 2 23.63 8.21 2.16
N LEU A 3 23.32 7.80 3.36
CA LEU A 3 21.89 7.74 3.78
C LEU A 3 21.39 9.18 4.04
N GLU A 4 20.13 9.42 3.81
CA GLU A 4 19.59 10.78 4.05
C GLU A 4 19.21 10.94 5.53
N PRO A 5 19.28 12.13 6.06
CA PRO A 5 18.93 12.41 7.47
C PRO A 5 17.72 11.59 7.95
N PRO A 6 17.95 10.59 8.77
CA PRO A 6 16.85 9.72 9.28
C PRO A 6 16.13 10.36 10.46
N LYS A 7 14.82 10.41 10.42
CA LYS A 7 14.04 11.01 11.54
C LYS A 7 12.55 10.98 11.20
N ALA A 8 11.75 10.42 12.07
CA ALA A 8 10.28 10.36 11.78
C ALA A 8 9.54 9.89 13.02
N GLU A 9 8.64 8.95 12.87
CA GLU A 9 7.86 8.46 14.05
C GLU A 9 7.44 7.01 13.79
N CYS A 10 6.97 6.32 14.81
CA CYS A 10 6.55 4.92 14.61
C CYS A 10 5.60 4.51 15.74
N ARG A 11 5.20 5.45 16.57
CA ARG A 11 4.28 5.12 17.70
C ARG A 11 3.16 4.20 17.19
N SER A 12 3.28 2.92 17.42
CA SER A 12 2.23 1.97 16.95
C SER A 12 2.60 0.55 17.38
N ALA A 13 1.94 0.03 18.37
CA ALA A 13 2.25 -1.35 18.83
C ALA A 13 1.24 -1.78 19.89
N THR A 14 0.13 -1.08 20.00
CA THR A 14 -0.89 -1.46 21.01
C THR A 14 -1.87 -2.46 20.41
N ARG A 15 -2.87 -1.99 19.71
CA ARG A 15 -3.85 -2.93 19.10
C ARG A 15 -4.44 -2.29 17.83
N VAL A 16 -5.70 -2.45 17.60
CA VAL A 16 -6.33 -1.86 16.38
C VAL A 16 -7.82 -1.60 16.65
N MET A 17 -8.28 -0.41 16.38
CA MET A 17 -9.72 -0.09 16.60
C MET A 17 -10.12 1.11 15.77
N GLY A 18 -9.22 2.02 15.53
CA GLY A 18 -9.56 3.22 14.73
C GLY A 18 -10.15 4.30 15.64
N GLY A 19 -11.28 4.03 16.24
CA GLY A 19 -11.90 5.04 17.14
C GLY A 19 -12.37 6.24 16.32
N PRO A 20 -12.60 7.35 16.96
CA PRO A 20 -13.06 8.60 16.29
C PRO A 20 -12.20 8.96 15.08
N CYS A 21 -11.20 8.17 14.78
CA CYS A 21 -10.34 8.47 13.61
C CYS A 21 -11.17 8.42 12.33
N THR A 22 -11.44 9.55 11.73
CA THR A 22 -12.26 9.57 10.48
C THR A 22 -11.36 9.24 9.28
N PRO A 23 -11.92 8.71 8.23
CA PRO A 23 -11.16 8.36 6.99
C PRO A 23 -10.15 9.45 6.59
N ARG A 24 -9.46 9.26 5.50
CA ARG A 24 -8.48 10.29 5.05
C ARG A 24 -9.10 11.68 5.15
N LYS A 25 -8.51 12.56 5.89
CA LYS A 25 -9.05 13.93 6.02
C LYS A 25 -8.99 14.65 4.68
N GLY A 26 -8.16 14.17 3.78
CA GLY A 26 -8.06 14.83 2.44
C GLY A 26 -9.23 14.37 1.56
N PRO A 27 -10.00 15.30 1.03
CA PRO A 27 -11.15 14.97 0.15
C PRO A 27 -10.71 14.16 -1.08
N PRO A 28 -11.64 13.79 -1.93
CA PRO A 28 -11.33 13.00 -3.16
C PRO A 28 -10.24 13.66 -4.02
N LYS A 29 -9.66 12.93 -4.93
CA LYS A 29 -8.61 13.52 -5.79
C LYS A 29 -8.73 12.95 -7.21
N CYS A 30 -9.19 11.74 -7.34
CA CYS A 30 -9.33 11.12 -8.68
C CYS A 30 -9.64 9.63 -8.53
N LYS A 31 -10.64 9.14 -9.20
CA LYS A 31 -11.01 7.70 -9.11
C LYS A 31 -11.02 7.09 -10.51
N GLN A 32 -10.97 7.90 -11.52
CA GLN A 32 -10.99 7.36 -12.92
C GLN A 32 -9.62 7.58 -13.56
N ARG A 33 -8.74 6.62 -13.42
CA ARG A 33 -7.38 6.75 -14.02
C ARG A 33 -7.34 6.03 -15.37
N GLN A 34 -6.24 5.39 -15.68
CA GLN A 34 -6.16 4.66 -16.98
C GLN A 34 -4.86 3.84 -17.01
N THR A 35 -4.73 2.88 -16.13
CA THR A 35 -3.50 2.04 -16.11
C THR A 35 -3.75 0.75 -16.89
N ARG A 36 -2.85 0.41 -17.79
CA ARG A 36 -3.02 -0.84 -18.58
C ARG A 36 -2.18 -1.96 -17.98
N GLN A 37 -1.93 -1.89 -16.70
CA GLN A 37 -1.10 -2.95 -16.05
C GLN A 37 -1.68 -3.27 -14.67
N CYS A 38 -2.18 -2.29 -13.97
CA CYS A 38 -2.75 -2.56 -12.62
C CYS A 38 -4.16 -3.15 -12.77
N LYS A 39 -4.54 -3.48 -13.98
CA LYS A 39 -5.89 -4.06 -14.19
C LYS A 39 -5.84 -5.57 -13.90
N SER A 40 -6.38 -6.38 -14.78
CA SER A 40 -6.36 -7.84 -14.55
C SER A 40 -6.83 -8.14 -13.12
N LYS A 41 -8.10 -8.40 -12.94
CA LYS A 41 -8.61 -8.70 -11.57
C LYS A 41 -9.44 -9.98 -11.59
N PRO A 42 -8.79 -11.11 -11.52
CA PRO A 42 -9.48 -12.44 -11.52
C PRO A 42 -10.33 -12.63 -10.25
N PRO A 43 -11.20 -13.60 -10.25
CA PRO A 43 -12.09 -13.88 -9.09
C PRO A 43 -11.30 -14.44 -7.90
N LYS A 44 -11.38 -13.80 -6.77
CA LYS A 44 -10.64 -14.28 -5.57
C LYS A 44 -9.17 -14.51 -5.93
N LYS A 45 -8.84 -15.62 -6.54
CA LYS A 45 -7.43 -15.88 -6.91
C LYS A 45 -6.86 -14.67 -7.64
N GLY A 46 -5.57 -14.45 -7.54
CA GLY A 46 -4.95 -13.29 -8.23
C GLY A 46 -3.56 -13.67 -8.72
N VAL A 47 -3.33 -13.61 -10.00
CA VAL A 47 -1.98 -13.96 -10.54
C VAL A 47 -0.96 -12.92 -10.09
N GLN A 48 -0.37 -12.21 -11.01
CA GLN A 48 0.64 -11.17 -10.63
C GLN A 48 0.64 -10.06 -11.68
N GLY A 49 1.39 -10.24 -12.74
CA GLY A 49 1.44 -9.19 -13.80
C GLY A 49 2.31 -8.02 -13.33
N CYS A 50 2.87 -7.28 -14.24
CA CYS A 50 3.73 -6.13 -13.84
C CYS A 50 4.81 -6.61 -12.86
N GLY A 51 5.05 -7.90 -12.82
CA GLY A 51 6.09 -8.42 -11.89
C GLY A 51 7.48 -8.00 -12.37
N ASP A 52 7.54 -7.27 -13.45
CA ASP A 52 8.87 -6.83 -13.98
C ASP A 52 8.68 -5.53 -14.79
N ASP A 53 9.00 -4.41 -14.20
CA ASP A 53 8.84 -3.13 -14.93
C ASP A 53 9.48 -1.99 -14.11
N ILE A 54 8.71 -1.01 -13.74
CA ILE A 54 9.28 0.13 -12.95
C ILE A 54 8.76 0.03 -11.49
N PRO A 55 9.65 -0.15 -10.54
CA PRO A 55 9.25 -0.27 -9.11
C PRO A 55 8.96 1.10 -8.47
N GLY A 56 7.95 1.78 -8.93
CA GLY A 56 7.61 3.11 -8.33
C GLY A 56 8.35 4.23 -9.05
N MET A 57 7.73 4.85 -10.02
CA MET A 57 8.39 5.96 -10.77
C MET A 57 8.82 7.05 -9.77
N GLU A 58 8.55 6.87 -8.50
CA GLU A 58 8.93 7.89 -7.50
C GLU A 58 9.70 7.22 -6.35
N GLY A 59 9.32 6.04 -5.98
CA GLY A 59 10.03 5.33 -4.88
C GLY A 59 9.34 5.66 -3.54
N CYS A 60 8.29 6.43 -3.59
CA CYS A 60 7.57 6.79 -2.34
C CYS A 60 8.50 7.62 -1.44
N GLY A 61 8.28 7.59 -0.16
CA GLY A 61 9.15 8.38 0.77
C GLY A 61 10.30 7.50 1.27
N THR A 62 10.10 6.78 2.34
CA THR A 62 11.18 5.91 2.87
C THR A 62 10.56 4.66 3.49
N ASP A 63 9.81 4.81 4.55
CA ASP A 63 9.18 3.63 5.20
C ASP A 63 8.21 2.98 4.21
N ILE A 64 8.12 3.52 3.01
CA ILE A 64 7.20 2.94 2.00
C ILE A 64 7.95 2.77 0.68
N THR A 65 9.20 2.41 0.74
CA THR A 65 9.99 2.23 -0.51
C THR A 65 9.63 0.88 -1.12
N VAL A 66 8.51 0.80 -1.78
CA VAL A 66 8.09 -0.49 -2.40
C VAL A 66 7.72 -1.49 -1.29
N ILE A 67 8.16 -1.24 -0.09
CA ILE A 67 7.84 -2.17 1.04
C ILE A 67 7.41 -1.36 2.25
N CYS A 68 6.15 -1.44 2.61
CA CYS A 68 5.65 -0.68 3.80
C CYS A 68 5.33 -1.66 4.93
N PRO A 69 5.36 -1.21 6.15
CA PRO A 69 5.08 -2.06 7.34
C PRO A 69 3.74 -2.80 7.21
N TRP A 70 2.74 -2.13 6.71
CA TRP A 70 1.41 -2.78 6.56
C TRP A 70 1.43 -3.73 5.36
N GLU A 71 2.58 -3.97 4.79
CA GLU A 71 2.66 -4.88 3.61
C GLU A 71 4.08 -5.41 3.46
N ALA A 72 4.54 -6.20 4.39
CA ALA A 72 5.93 -6.75 4.29
C ALA A 72 5.94 -7.86 3.24
N CYS A 73 7.04 -8.01 2.54
CA CYS A 73 7.12 -9.07 1.49
C CYS A 73 7.42 -10.42 2.15
N ASN A 74 6.65 -10.80 3.14
CA ASN A 74 6.91 -12.10 3.82
C ASN A 74 5.66 -12.56 4.58
N HIS A 75 4.49 -12.19 4.13
CA HIS A 75 3.26 -12.63 4.85
C HIS A 75 2.02 -12.29 4.01
N CYS A 76 2.16 -11.40 3.06
CA CYS A 76 0.98 -11.03 2.22
C CYS A 76 0.92 -11.95 0.99
N GLU A 77 2.05 -12.35 0.49
CA GLU A 77 2.07 -13.24 -0.70
C GLU A 77 1.61 -14.64 -0.29
N LEU A 78 1.12 -14.79 0.92
CA LEU A 78 0.65 -16.12 1.39
C LEU A 78 -0.58 -15.93 2.29
N HIS A 79 -1.76 -16.01 1.73
CA HIS A 79 -2.99 -15.83 2.55
C HIS A 79 -4.22 -15.81 1.64
N GLU A 80 -5.37 -16.10 2.18
CA GLU A 80 -6.60 -16.10 1.33
C GLU A 80 -7.08 -14.67 1.12
N LEU A 81 -8.24 -14.35 1.61
CA LEU A 81 -8.76 -12.95 1.45
C LEU A 81 -8.32 -12.10 2.63
N ALA A 82 -7.71 -12.70 3.61
CA ALA A 82 -7.25 -11.93 4.79
C ALA A 82 -6.22 -10.88 4.36
N GLN A 83 -5.04 -10.92 4.95
CA GLN A 83 -3.97 -9.94 4.59
C GLN A 83 -4.56 -8.64 4.03
N TYR A 84 -5.59 -8.13 4.67
CA TYR A 84 -6.22 -6.87 4.17
C TYR A 84 -6.76 -6.05 5.35
N GLY A 85 -8.04 -5.81 5.38
CA GLY A 85 -8.63 -5.02 6.49
C GLY A 85 -9.98 -4.45 6.06
N ILE A 86 -10.94 -5.31 5.82
CA ILE A 86 -12.29 -4.84 5.38
C ILE A 86 -12.14 -3.65 4.43
N CYS A 87 -11.20 -3.71 3.52
CA CYS A 87 -11.00 -2.58 2.56
C CYS A 87 -12.26 -2.41 1.71
C1C RCY B . 2.13 3.96 17.77
O1G RCY B . 5.23 6.52 19.40
O1H RCY B . 5.75 4.56 15.12
O1J RCY B . -0.09 5.05 16.04
C1L RCY B . 7.12 5.44 18.27
C1M RCY B . 3.32 6.78 15.68
C1P RCY B . 5.67 5.92 18.41
C1Q RCY B . 5.82 4.78 16.34
N1R RCY B . 4.84 5.59 17.18
C1S RCY B . 6.91 4.28 17.28
C1U RCY B . 3.38 5.96 16.85
C1V RCY B . 3.20 3.85 15.47
N1V RCY B . 1.31 5.43 15.91
C1W RCY B . 1.88 6.62 15.13
C1X RCY B . 2.53 4.74 16.51
C1Y RCY B . 1.90 6.32 13.64
C1Z RCY B . 1.04 7.86 15.44
H1S RCY B . 6.41 3.33 17.18
H1U RCY B . 2.95 6.49 17.69
C1C RCY C . -1.65 7.03 14.94
O1G RCY C . -4.29 7.40 15.54
O1H RCY C . -5.36 7.93 10.98
O1J RCY C . 0.80 8.38 13.87
C1L RCY C . -6.40 7.40 14.30
C1M RCY C . -2.44 9.06 11.95
C1P RCY C . -4.89 7.53 14.47
C1Q RCY C . -5.38 8.00 12.20
N1R RCY C . -4.20 7.84 13.14
C1S RCY C . -6.61 8.28 13.06
C1U RCY C . -2.70 7.96 12.83
C1V RCY C . -2.42 9.44 14.86
N1V RCY C . -0.55 8.67 13.41
C1W RCY C . -0.96 9.43 12.15
C1X RCY C . -1.86 8.27 14.07
C1Y RCY C . -0.80 10.93 12.36
C1Z RCY C . -0.11 8.94 10.98
H1S RCY C . -6.50 9.29 12.71
H1U RCY C . -2.35 7.05 12.37
C1C RCY D . -3.00 9.51 -12.44
O1G RCY D . -4.79 6.01 -9.17
O1H RCY D . -4.91 10.19 -11.36
O1J RCY D . -2.53 11.74 -10.47
C1L RCY D . -6.61 7.53 -9.78
C1M RCY D . -2.00 8.19 -9.14
C1P RCY D . -5.15 7.08 -9.66
C1Q RCY D . -5.13 9.27 -10.58
N1R RCY D . -4.19 8.13 -10.23
C1S RCY D . -6.41 9.06 -9.79
C1U RCY D . -2.67 8.06 -10.41
C1V RCY D . -0.66 8.97 -11.65
N1V RCY D . -2.20 10.34 -10.22
C1W RCY D . -1.84 9.69 -8.89
C1X RCY D . -2.11 9.21 -11.24
C1Y RCY D . -0.41 10.04 -8.48
C1Z RCY D . -2.83 10.17 -7.82
H1S RCY D . -6.05 9.87 -9.18
H1U RCY D . -2.40 7.12 -10.86
C1C RCY E . 3.91 -1.93 -8.41
O1G RCY E . 1.42 -1.93 -7.46
O1H RCY E . -0.51 -1.66 -11.75
O1J RCY E . 6.06 -0.87 -10.22
C1L RCY E . -0.90 -1.94 -8.25
C1M RCY E . 2.49 -0.76 -11.62
C1P RCY E . 0.64 -1.85 -8.40
C1Q RCY E . -0.29 -1.50 -10.56
N1R RCY E . 1.06 -1.65 -9.85
C1S RCY E . -1.31 -1.15 -9.50
C1U RCY E . 2.46 -1.60 -10.45
C1V RCY E . 3.00 0.37 -8.95
N1V RCY E . 4.63 -0.74 -10.48
C1W RCY E . 3.96 -0.33 -11.79
C1X RCY E . 3.48 -0.96 -9.52
C1Y RCY E . 4.06 1.18 -12.01
C1Z RCY E . 4.62 -1.09 -12.95
H1S RCY E . -1.26 -0.15 -9.93
H1U RCY E . 2.77 -2.59 -10.71
C1C RCY F . 0.28 -2.43 -7.92
O1G RCY F . 0.01 -0.21 -11.90
O1H RCY F . 1.59 -4.62 -11.37
O1J RCY F . -2.15 -3.94 -6.96
C1L RCY F . 1.91 -1.43 -12.85
C1M RCY F . -1.70 -3.74 -10.76
C1P RCY F . 0.67 -1.24 -11.95
C1Q RCY F . 1.54 -3.41 -11.50
N1R RCY F . 0.37 -2.50 -11.13
C1S RCY F . 2.64 -2.51 -12.06
C1U RCY F . -0.79 -2.79 -10.19
C1V RCY F . 0.57 -4.65 -9.13
N1V RCY F . -1.69 -3.92 -8.35
C1W RCY F . -2.47 -4.36 -9.59
C1X RCY F . -0.36 -3.44 -8.88
C1Y RCY F . -2.49 -5.89 -9.70
C1Z RCY F . -3.90 -3.81 -9.51
H1S RCY F . 3.12 -2.69 -11.10
H1U RCY F . -1.32 -1.87 -9.97
C1C RCY G . 1.99 8.15 -5.94
O1G RCY G . 2.05 5.40 -4.40
O1H RCY G . 6.08 7.13 -2.62
O1J RCY G . 2.04 11.15 -5.73
C1L RCY G . 4.13 4.35 -3.61
C1M RCY G . 4.12 9.24 -3.13
C1P RCY G . 3.20 5.53 -3.95
C1Q RCY G . 5.26 6.45 -3.26
N1R RCY G . 3.86 6.87 -3.67
C1S RCY G . 5.49 5.04 -3.78
C1U RCY G . 3.27 8.28 -3.77
C1V RCY G . 4.49 8.59 -5.97
N1V RCY G . 2.91 10.26 -4.97
C1W RCY G . 3.77 10.60 -3.75
C1X RCY G . 3.17 8.78 -5.21
C1Y RCY G . 5.03 11.35 -4.18
C1Z RCY G . 2.94 11.45 -2.78
H1S RCY G . 6.10 5.52 -4.52
H1U RCY G . 2.30 8.30 -3.31
C1C RCY H . -0.86 3.40 1.20
O1G RCY H . -1.73 -0.67 3.07
O1H RCY H . 1.48 2.40 4.65
O1J RCY H . -2.53 5.76 2.08
C1L RCY H . 0.56 -0.92 3.89
C1M RCY H . -1.94 3.04 4.72
C1P RCY H . -0.70 -0.15 3.48
C1Q RCY H . 0.94 1.46 4.08
N1R RCY H . -0.52 1.36 3.66
C1S RCY H . 1.61 0.17 3.65
C1U RCY H . -1.53 2.49 3.46
C1V RCY H . 0.38 4.13 3.28
N1V RCY H . -2.03 4.72 2.98
C1W RCY H . -2.48 4.45 4.42
C1X RCY H . -0.96 3.69 2.70
C1Y RCY H . -1.86 5.47 5.37
C1Z RCY H . -4.00 4.49 4.49
H1S RCY H . 2.05 0.77 2.88
H1U RCY H . -2.40 2.11 2.94
C1C RCY I . 2.86 -6.54 -1.52
O1G RCY I . 3.74 -11.09 1.47
O1H RCY I . 5.41 -7.57 -1.19
O1J RCY I . 0.39 -5.48 -0.16
C1L RCY I . 5.94 -10.61 0.51
C1M RCY I . 1.97 -8.61 1.41
C1P RCY I . 4.45 -10.37 0.78
C1Q RCY I . 5.18 -8.68 -0.73
N1R RCY I . 3.95 -9.10 0.06
C1S RCY I . 6.09 -9.90 -0.83
C1U RCY I . 2.57 -8.43 0.12
C1V RCY I . 3.69 -6.29 0.86
N1V RCY I . 1.25 -6.53 0.39
C1W RCY I . 0.93 -7.49 1.54
C1X RCY I . 2.65 -6.92 -0.06
C1Y RCY I . 1.07 -6.76 2.89
C1Z RCY I . -0.50 -8.02 1.37
H1S RCY I . 5.75 -9.93 -1.86
H1U RCY I . 1.93 -8.86 -0.64
C1C RCY J . -0.98 -5.45 -0.54
O1G RCY J . -1.39 -9.70 -3.23
O1H RCY J . -0.10 -7.64 0.82
O1J RCY J . -0.63 -4.93 -3.48
C1L RCY J . 0.49 -10.03 -1.70
C1M RCY J . -3.23 -7.60 -2.55
C1P RCY J . -0.78 -9.35 -2.22
C1Q RCY J . -0.08 -8.16 -0.29
N1R RCY J . -1.21 -8.21 -1.30
C1S RCY J . 1.11 -8.86 -0.92
C1U RCY J . -2.46 -7.33 -1.36
C1V RCY J . -3.38 -4.97 -1.24
N1V RCY J . -1.69 -5.76 -2.92
C1W RCY J . -2.61 -6.73 -3.66
C1X RCY J . -2.14 -5.83 -1.46
C1Y RCY J . -3.71 -5.97 -4.42
C1Z RCY J . -1.78 -7.57 -4.63
H1S RCY J . 1.51 -7.87 -1.05
H1U RCY J . -3.08 -7.51 -0.50
C1C RCY K . -5.86 -4.06 -2.78
O1G RCY K . -3.57 -2.88 1.53
O1H RCY K . -7.94 -3.07 -0.24
O1J RCY K . -3.76 -2.99 -4.66
C1L RCY K . -5.74 -3.49 2.48
C1M RCY K . -3.75 -1.52 -1.12
C1P RCY K . -4.79 -2.99 1.38
C1Q RCY K . -6.99 -2.88 0.51
N1R RCY K . -5.54 -2.67 0.09
C1S RCY K . -7.04 -2.82 2.03
C1U RCY K . -4.99 -2.23 -1.27
C1V RCY K . -3.75 -4.44 -1.42
N1V RCY K . -3.80 -2.71 -3.23
C1W RCY K . -3.03 -1.63 -2.47
C1X RCY K . -4.61 -3.42 -2.15
C1Y RCY K . -1.57 -2.04 -2.27
C1Z RCY K . -3.11 -0.31 -3.25
H1S RCY K . -7.48 -1.85 1.86
H1U RCY K . -5.71 -1.62 -1.76
N MET A 1 21.34 -3.67 5.58
CA MET A 1 21.88 -4.69 6.52
C MET A 1 21.71 -4.20 7.96
N ASN A 2 22.38 -3.14 8.32
CA ASN A 2 22.26 -2.61 9.71
C ASN A 2 20.80 -2.22 9.97
N LEU A 3 20.50 -1.74 11.15
CA LEU A 3 19.11 -1.34 11.47
C LEU A 3 19.12 -0.30 12.58
N GLU A 4 19.17 0.96 12.22
CA GLU A 4 19.19 2.04 13.26
C GLU A 4 17.77 2.59 13.43
N PRO A 5 17.42 3.01 14.62
CA PRO A 5 16.06 3.57 14.90
C PRO A 5 15.86 4.95 14.24
N PRO A 6 14.97 5.06 13.28
CA PRO A 6 14.70 6.35 12.58
C PRO A 6 13.73 7.23 13.36
N LYS A 7 13.66 8.49 13.04
CA LYS A 7 12.73 9.40 13.76
C LYS A 7 11.29 8.93 13.53
N ALA A 8 10.37 9.37 14.35
CA ALA A 8 8.95 8.94 14.17
C ALA A 8 8.01 10.04 14.68
N GLU A 9 8.22 10.50 15.88
CA GLU A 9 7.36 11.58 16.46
C GLU A 9 5.99 11.61 15.76
N CYS A 10 5.28 10.51 15.81
CA CYS A 10 3.94 10.46 15.16
C CYS A 10 3.02 9.54 15.97
N ARG A 11 2.79 9.85 17.22
CA ARG A 11 1.91 9.00 18.06
C ARG A 11 0.45 9.47 17.88
N SER A 12 -0.48 8.55 18.00
CA SER A 12 -1.92 8.94 17.83
C SER A 12 -2.78 8.07 18.73
N ALA A 13 -2.19 7.43 19.71
CA ALA A 13 -2.99 6.56 20.61
C ALA A 13 -3.72 5.49 19.80
N THR A 14 -2.99 4.71 19.04
CA THR A 14 -3.65 3.65 18.21
C THR A 14 -2.89 2.33 18.40
N ARG A 15 -3.57 1.30 18.80
CA ARG A 15 -2.90 -0.02 19.00
C ARG A 15 -3.85 -1.15 18.61
N VAL A 16 -4.95 -0.83 17.98
CA VAL A 16 -5.91 -1.89 17.57
C VAL A 16 -6.81 -1.37 16.45
N MET A 17 -7.01 -0.07 16.39
CA MET A 17 -7.87 0.50 15.32
C MET A 17 -9.23 -0.20 15.33
N GLY A 18 -10.18 0.33 14.61
CA GLY A 18 -11.53 -0.30 14.57
C GLY A 18 -12.60 0.77 14.35
N GLY A 19 -13.76 0.59 14.90
CA GLY A 19 -14.84 1.61 14.72
C GLY A 19 -15.40 1.50 13.30
N PRO A 20 -16.70 1.35 13.15
CA PRO A 20 -17.35 1.25 11.82
C PRO A 20 -16.76 2.23 10.80
N CYS A 21 -16.87 1.94 9.53
CA CYS A 21 -16.33 2.85 8.49
C CYS A 21 -17.32 2.97 7.34
N THR A 22 -17.91 4.11 7.16
CA THR A 22 -18.90 4.29 6.06
C THR A 22 -18.19 4.89 4.84
N PRO A 23 -18.07 4.15 3.76
CA PRO A 23 -17.39 4.64 2.53
C PRO A 23 -17.86 6.04 2.12
N ARG A 24 -16.96 6.84 1.59
CA ARG A 24 -17.34 8.22 1.17
C ARG A 24 -16.78 8.48 -0.24
N LYS A 25 -16.02 9.52 -0.41
CA LYS A 25 -15.43 9.83 -1.74
C LYS A 25 -14.00 10.33 -1.57
N GLY A 26 -13.83 11.50 -1.00
CA GLY A 26 -12.47 12.04 -0.78
C GLY A 26 -11.95 12.68 -2.07
N PRO A 27 -10.89 13.45 -1.98
CA PRO A 27 -10.28 14.13 -3.16
C PRO A 27 -10.18 13.20 -4.38
N PRO A 28 -10.67 13.63 -5.52
CA PRO A 28 -10.61 12.82 -6.77
C PRO A 28 -9.23 12.16 -6.97
N LYS A 29 -9.16 11.19 -7.83
CA LYS A 29 -7.84 10.51 -8.06
C LYS A 29 -7.03 11.31 -9.09
N CYS A 30 -5.85 11.73 -8.74
CA CYS A 30 -5.01 12.50 -9.69
C CYS A 30 -4.61 11.60 -10.86
N LYS A 31 -3.45 11.82 -11.42
CA LYS A 31 -3.00 10.97 -12.55
C LYS A 31 -1.47 10.94 -12.60
N GLN A 32 -0.83 10.59 -11.53
CA GLN A 32 0.66 10.55 -11.51
C GLN A 32 1.21 11.90 -12.00
N ARG A 33 1.40 12.82 -11.10
CA ARG A 33 1.93 14.15 -11.52
C ARG A 33 3.40 14.02 -11.94
N GLN A 34 4.07 13.01 -11.45
CA GLN A 34 5.50 12.81 -11.82
C GLN A 34 5.92 11.39 -11.46
N THR A 35 6.58 10.71 -12.35
CA THR A 35 7.02 9.32 -12.06
C THR A 35 8.33 9.36 -11.27
N ARG A 36 8.25 9.45 -9.98
CA ARG A 36 9.50 9.49 -9.16
C ARG A 36 10.11 8.09 -9.09
N GLN A 37 9.45 7.12 -9.68
CA GLN A 37 9.99 5.72 -9.66
C GLN A 37 10.24 5.29 -8.22
N CYS A 38 9.96 6.14 -7.27
CA CYS A 38 10.18 5.77 -5.84
C CYS A 38 11.53 5.05 -5.69
N LYS A 39 12.56 5.58 -6.29
CA LYS A 39 13.90 4.92 -6.19
C LYS A 39 14.46 5.16 -4.78
N SER A 40 14.73 4.11 -4.06
CA SER A 40 15.28 4.26 -2.69
C SER A 40 15.37 2.88 -2.02
N LYS A 41 14.78 1.88 -2.62
CA LYS A 41 14.83 0.51 -2.03
C LYS A 41 15.78 -0.36 -2.86
N PRO A 42 16.44 -1.31 -2.23
CA PRO A 42 17.39 -2.22 -2.94
C PRO A 42 16.67 -3.13 -3.94
N PRO A 43 17.40 -3.71 -4.85
CA PRO A 43 16.83 -4.63 -5.88
C PRO A 43 16.30 -5.93 -5.27
N LYS A 44 15.05 -6.23 -5.48
CA LYS A 44 14.48 -7.49 -4.91
C LYS A 44 13.02 -7.60 -5.32
N LYS A 45 12.74 -8.40 -6.32
CA LYS A 45 11.33 -8.56 -6.78
C LYS A 45 11.24 -9.74 -7.75
N GLY A 46 10.07 -10.00 -8.27
CA GLY A 46 9.92 -11.13 -9.24
C GLY A 46 8.44 -11.52 -9.35
N VAL A 47 8.06 -12.60 -8.74
CA VAL A 47 6.64 -13.04 -8.80
C VAL A 47 5.93 -12.65 -7.50
N GLN A 48 6.41 -13.12 -6.38
CA GLN A 48 5.76 -12.76 -5.08
C GLN A 48 4.27 -13.09 -5.16
N GLY A 49 3.85 -13.75 -6.21
CA GLY A 49 2.40 -14.09 -6.34
C GLY A 49 1.62 -12.85 -6.76
N CYS A 50 2.13 -12.12 -7.72
CA CYS A 50 1.41 -10.90 -8.19
C CYS A 50 2.16 -10.30 -9.38
N GLY A 51 1.48 -9.54 -10.19
CA GLY A 51 2.14 -8.92 -11.37
C GLY A 51 1.88 -9.77 -12.62
N ASP A 52 2.80 -10.60 -13.00
CA ASP A 52 2.60 -11.45 -14.20
C ASP A 52 2.20 -10.56 -15.38
N ASP A 53 2.32 -9.27 -15.23
CA ASP A 53 1.95 -8.34 -16.34
C ASP A 53 2.69 -7.02 -16.16
N ILE A 54 2.17 -5.95 -16.69
CA ILE A 54 2.84 -4.62 -16.55
C ILE A 54 1.89 -3.64 -15.85
N PRO A 55 1.79 -3.72 -14.55
CA PRO A 55 0.91 -2.83 -13.75
C PRO A 55 1.60 -1.51 -13.37
N GLY A 56 0.84 -0.50 -13.04
CA GLY A 56 1.44 0.81 -12.67
C GLY A 56 1.48 1.74 -13.88
N MET A 57 1.00 1.30 -15.00
CA MET A 57 1.02 2.16 -16.22
C MET A 57 0.07 3.35 -16.00
N GLU A 58 -1.21 3.09 -15.92
CA GLU A 58 -2.19 4.19 -15.72
C GLU A 58 -3.61 3.63 -15.76
N GLY A 59 -3.94 2.74 -14.85
CA GLY A 59 -5.31 2.16 -14.84
C GLY A 59 -5.28 0.78 -14.18
N CYS A 60 -6.41 0.31 -13.73
CA CYS A 60 -6.46 -1.04 -13.08
C CYS A 60 -7.82 -1.68 -13.33
N GLY A 61 -8.84 -1.19 -12.68
CA GLY A 61 -10.20 -1.77 -12.89
C GLY A 61 -11.04 -1.56 -11.62
N THR A 62 -11.04 -2.52 -10.73
CA THR A 62 -11.83 -2.39 -9.48
C THR A 62 -11.66 -0.98 -8.91
N ASP A 63 -12.65 -0.13 -9.09
CA ASP A 63 -12.55 1.24 -8.55
C ASP A 63 -12.57 1.15 -7.02
N ILE A 64 -11.58 0.51 -6.47
CA ILE A 64 -11.51 0.33 -4.99
C ILE A 64 -12.91 0.20 -4.41
N THR A 65 -13.50 -0.95 -4.53
CA THR A 65 -14.85 -1.12 -3.94
C THR A 65 -14.67 -1.15 -2.43
N VAL A 66 -13.95 -0.17 -1.92
CA VAL A 66 -13.69 -0.11 -0.45
C VAL A 66 -12.61 -1.15 -0.12
N ILE A 67 -12.62 -2.25 -0.82
CA ILE A 67 -11.60 -3.31 -0.57
C ILE A 67 -11.12 -3.86 -1.91
N CYS A 68 -9.92 -3.55 -2.33
CA CYS A 68 -9.43 -4.08 -3.63
C CYS A 68 -9.11 -5.57 -3.49
N PRO A 69 -9.71 -6.41 -4.30
CA PRO A 69 -9.50 -7.89 -4.24
C PRO A 69 -8.02 -8.27 -4.08
N TRP A 70 -7.24 -8.14 -5.11
CA TRP A 70 -5.79 -8.52 -5.02
C TRP A 70 -5.05 -7.53 -4.11
N GLU A 71 -5.62 -7.20 -2.98
CA GLU A 71 -4.94 -6.25 -2.05
C GLU A 71 -5.20 -6.69 -0.61
N ALA A 72 -6.02 -7.69 -0.41
CA ALA A 72 -6.30 -8.16 0.97
C ALA A 72 -5.06 -8.82 1.55
N CYS A 73 -3.90 -8.40 1.14
CA CYS A 73 -2.66 -9.01 1.68
C CYS A 73 -2.73 -9.06 3.21
N ASN A 74 -2.66 -10.24 3.77
CA ASN A 74 -2.73 -10.38 5.26
C ASN A 74 -2.06 -9.19 5.95
N HIS A 75 -2.40 -8.94 7.19
CA HIS A 75 -1.81 -7.78 7.92
C HIS A 75 -2.48 -6.49 7.46
N CYS A 76 -3.74 -6.57 7.12
CA CYS A 76 -4.46 -5.35 6.66
C CYS A 76 -5.96 -5.51 6.92
N GLU A 77 -6.76 -5.45 5.90
CA GLU A 77 -8.23 -5.59 6.07
C GLU A 77 -8.58 -7.04 6.42
N LEU A 78 -8.28 -7.97 5.54
CA LEU A 78 -8.60 -9.39 5.83
C LEU A 78 -7.49 -10.31 5.30
N HIS A 79 -7.82 -11.20 4.41
CA HIS A 79 -6.78 -12.13 3.87
C HIS A 79 -7.36 -12.86 2.65
N GLU A 80 -6.59 -12.98 1.59
CA GLU A 80 -7.10 -13.69 0.38
C GLU A 80 -5.94 -14.45 -0.28
N LEU A 81 -5.22 -13.81 -1.15
CA LEU A 81 -4.09 -14.49 -1.85
C LEU A 81 -2.76 -14.15 -1.17
N ALA A 82 -2.80 -13.80 0.09
CA ALA A 82 -1.54 -13.46 0.82
C ALA A 82 -0.48 -14.53 0.52
N GLN A 83 0.76 -14.13 0.42
CA GLN A 83 1.84 -15.12 0.13
C GLN A 83 3.18 -14.56 0.62
N TYR A 84 3.72 -13.58 -0.07
CA TYR A 84 5.02 -12.99 0.35
C TYR A 84 4.84 -11.48 0.55
N GLY A 85 3.76 -10.93 0.06
CA GLY A 85 3.51 -9.47 0.23
C GLY A 85 3.01 -9.21 1.66
N ILE A 86 3.46 -10.01 2.60
CA ILE A 86 3.02 -9.85 4.03
C ILE A 86 2.18 -8.59 4.22
N CYS A 87 2.75 -7.43 4.01
CA CYS A 87 1.97 -6.17 4.19
C CYS A 87 0.75 -6.20 3.28
C1C RCY B . 5.33 7.51 9.43
O1G RCY B . 4.24 12.63 9.29
O1H RCY B . 3.99 8.20 10.88
O1J RCY B . 2.75 6.85 8.00
C1L RCY B . 3.34 11.63 11.33
C1M RCY B . 4.39 10.18 7.04
C1P RCY B . 4.00 11.62 9.95
C1Q RCY B . 3.72 9.36 10.61
N1R RCY B . 4.32 10.20 9.50
C1S RCY B . 2.71 10.24 11.34
C1U RCY B . 5.05 9.72 8.23
C1V RCY B . 6.04 7.75 7.01
N1V RCY B . 3.63 7.97 7.65
C1W RCY B . 3.30 9.15 6.74
C1X RCY B . 5.07 8.21 8.09
C1Y RCY B . 3.35 8.72 5.26
C1Z RCY B . 1.91 9.69 7.09
H1S RCY B . 1.97 9.63 10.82
H1U RCY B . 6.07 10.10 8.25
C1C RCY C . -11.47 6.03 3.29
O1G RCY C . -14.27 2.07 2.37
O1H RCY C . -11.81 4.64 5.48
O1J RCY C . -9.21 4.98 4.99
C1L RCY C . -14.64 2.67 4.71
C1M RCY C . -10.54 2.58 2.30
C1P RCY C . -13.87 2.63 3.40
C1Q RCY C . -12.51 3.75 4.97
N1R RCY C . -12.54 3.37 3.50
C1S RCY C . -13.49 2.85 5.70
C1U RCY C . -11.50 3.65 2.41
C1V RCY C . -9.82 5.32 1.51
N1V RCY C . -9.73 4.31 3.80
C1W RCY C . -9.46 2.86 3.36
C1X RCY C . -10.64 4.88 2.72
C1Y RCY C . -8.06 2.74 2.73
C1Z RCY C . -9.60 1.94 4.56
H1S RCY C . -12.60 2.36 6.06
H1U RCY C . -12.00 3.79 1.46
C1C RCY D . -1.44 9.13 -7.13
O1G RCY D . -5.96 10.55 -4.28
O1H RCY D . -2.77 11.47 -7.64
O1J RCY D . -1.47 6.17 -6.65
C1L RCY D . -5.60 12.45 -5.78
C1M RCY D . -4.38 8.15 -5.12
C1P RCY D . -5.28 11.09 -5.16
C1Q RCY D . -3.55 11.59 -6.69
N1R RCY D . -4.02 10.48 -5.76
C1S RCY D . -4.20 12.88 -6.22
C1U RCY D . -3.39 9.10 -5.52
C1V RCY D . -3.76 8.54 -7.96
N1V RCY D . -2.58 7.06 -6.32
C1W RCY D . -3.79 6.77 -5.43
C1X RCY D . -2.78 8.49 -6.79
C1Y RCY D . -4.81 5.90 -6.19
C1Z RCY D . -3.32 6.04 -4.16
H1S RCY D . -3.22 13.11 -5.83
H1U RCY D . -2.63 9.18 -4.75
C1C RCY E . 5.32 0.06 -4.28
O1G RCY E . 3.23 2.58 -5.82
O1H RCY E . 7.80 2.66 -6.97
O1J RCY E . 2.35 0.19 -4.74
C1L RCY E . 4.92 4.35 -5.86
C1M RCY E . 4.54 0.25 -7.89
C1P RCY E . 4.39 2.92 -6.01
C1Q RCY E . 6.73 2.85 -6.40
N1R RCY E . 5.50 1.96 -6.43
C1S RCY E . 6.39 4.07 -5.54
C1U RCY E . 5.42 0.47 -6.77
C1V RCY E . 4.99 -1.86 -5.89
N1V RCY E . 3.33 0.01 -5.80
C1W RCY E . 3.12 0.14 -7.31
C1X RCY E . 4.80 -0.37 -5.65
C1Y RCY E . 2.40 -1.08 -7.86
C1Z RCY E . 2.32 1.42 -7.59
H1S RCY E . 7.02 3.59 -4.81
H1U RCY E . 6.40 0.09 -7.01
C1C RCY F . -5.08 -8.14 -4.02
O1G RCY F . -3.86 -6.59 -6.48
O1H RCY F . -1.09 -10.40 -6.83
O1J RCY F . -6.34 -10.68 -3.02
C1L RCY F . -1.57 -6.93 -7.30
C1M RCY F . -3.74 -11.09 -5.81
C1P RCY F . -2.91 -7.35 -6.67
C1Q RCY F . -1.49 -9.26 -6.63
N1R RCY F . -2.92 -8.84 -6.30
C1S RCY F . -0.65 -7.99 -6.68
C1U RCY F . -4.05 -9.70 -5.74
C1V RCY F . -3.02 -9.51 -3.44
N1V RCY F . -5.20 -10.63 -3.93
C1W RCY F . -4.62 -11.79 -4.77
C1X RCY F . -4.31 -9.45 -4.26
C1Y RCY F . -3.80 -12.73 -3.89
C1Z RCY F . -5.78 -12.54 -5.43
H1S RCY F . -0.27 -8.34 -5.73
H1U RCY F . -4.96 -9.50 -6.30
C1C RCY G . -3.49 -2.20 -8.15
O1G RCY G . -6.36 1.37 -5.98
O1H RCY G . -5.69 -1.61 -9.57
O1J RCY G . -1.79 -0.19 -6.68
C1L RCY G . -6.76 1.54 -8.38
C1M RCY G . -5.14 -1.05 -5.03
C1P RCY G . -6.28 0.86 -7.09
C1Q RCY G . -5.74 -0.59 -8.89
N1R RCY G . -5.69 -0.52 -7.36
C1S RCY G . -5.85 0.83 -9.40
C1U RCY G . -5.19 -1.58 -6.38
C1V RCY G . -3.37 -3.25 -5.85
N1V RCY G . -3.00 -0.79 -6.14
C1W RCY G . -3.78 -0.34 -4.90
C1X RCY G . -3.75 -2.01 -6.65
C1Y RCY G . -3.08 -0.77 -3.62
C1Z RCY G . -3.95 1.18 -4.94
H1S RCY G . -4.82 0.70 -9.66
H1U RCY G . -5.84 -2.44 -6.39
C1C RCY H . -6.34 3.65 -1.95
O1G RCY H . -5.68 2.29 -5.22
O1H RCY H . -7.42 -1.10 -2.45
O1J RCY H . -3.85 4.16 -0.34
C1L RCY H . -7.25 0.47 -5.61
C1M RCY H . -3.99 0.79 -2.14
C1P RCY H . -6.27 1.31 -4.79
C1Q RCY H . -6.97 -0.50 -3.41
N1R RCY H . -6.12 0.77 -3.36
C1S RCY H . -7.13 -0.87 -4.87
C1U RCY H . -5.32 1.34 -2.19
C1V RCY H . -4.54 3.22 -3.69
N1V RCY H . -4.01 3.04 -1.25
C1W RCY H . -3.14 1.78 -1.34
C1X RCY H . -5.09 2.85 -2.31
C1Y RCY H . -1.84 2.09 -2.08
C1Z RCY H . -2.85 1.27 0.06
H1S RCY H . -6.42 -1.65 -4.65
H1U RCY H . -5.83 1.13 -1.27
C1C RCY I . -1.65 -2.84 2.09
O1G RCY I . -5.34 -5.09 -0.54
O1H RCY I . -0.66 -5.37 0.07
O1J RCY I . -2.78 -0.06 2.06
C1L RCY I . -3.76 -6.96 -0.51
C1M RCY I . -4.06 -2.42 -0.68
C1P RCY I . -4.17 -5.48 -0.46
C1Q RCY I . -1.80 -5.55 -0.34
N1R RCY I . -2.97 -4.57 -0.27
C1S RCY I . -2.32 -6.81 -1.01
C1U RCY I . -2.92 -3.05 -0.08
C1V RCY I . -4.14 -3.32 2.12
N1V RCY I . -3.28 -1.15 1.24
C1W RCY I . -4.20 -1.05 0.03
C1X RCY I . -2.99 -2.64 1.38
C1Y RCY I . -5.65 -0.84 0.48
C1Z RCY I . -3.75 0.08 -0.88
H1S RCY I . -1.75 -6.46 -1.86
H1U RCY I . -2.01 -2.66 -0.53
C1C RCY J . -0.94 -6.41 -1.81
O1G RCY J . -2.92 -5.03 -0.24
O1H RCY J . 0.11 -4.90 3.37
O1J RCY J . 1.86 -7.12 -2.62
C1L RCY J . -3.19 -4.73 2.17
C1M RCY J . 1.48 -5.56 0.85
C1P RCY J . -2.41 -4.98 0.88
C1Q RCY J . -0.88 -5.13 2.68
N1R RCY J . -0.92 -5.17 1.16
C1S RCY J . -2.27 -5.41 3.19
C1U RCY J . 0.23 -5.35 0.18
C1V RCY J . -0.23 -7.85 0.15
N1V RCY J . 1.48 -6.70 -1.28
C1W RCY J . 2.41 -6.26 -0.14
C1X RCY J . 0.08 -6.60 -0.69
C1Y RCY J . 3.08 -7.47 0.51
C1Z RCY J . 3.45 -5.29 -0.70
H1S RCY J . -1.88 -6.38 3.45
H1U RCY J . 0.30 -4.48 -0.46
C1C RCY K . -3.81 -3.58 3.36
O1G RCY K . -2.59 -3.52 6.53
O1H RCY K . 0.25 -5.24 3.17
O1J RCY K . -2.34 -4.33 0.83
C1L RCY K . -0.27 -3.07 5.90
C1M RCY K . -2.29 -6.95 3.64
C1P RCY K . -1.63 -3.78 5.81
C1Q RCY K . -0.18 -4.82 4.25
N1R RCY K . -1.63 -4.85 4.71
C1S RCY K . 0.64 -4.17 5.33
C1U RCY K . -2.78 -5.72 4.22
C1V RCY K . -4.88 -5.82 2.82
N1V RCY K . -2.60 -5.26 1.93
C1W RCY K . -1.97 -6.62 2.18
C1X RCY K . -3.58 -5.07 3.09
C1Y RCY K . -2.58 -7.68 1.24
C1Z RCY K . -0.46 -6.52 1.95
H1S RCY K . 0.99 -5.17 5.54
H1U RCY K . -3.44 -5.95 5.05
N MET A 1 7.73 -22.95 10.80
CA MET A 1 6.55 -22.05 10.81
C MET A 1 5.81 -22.19 12.14
N ASN A 2 5.73 -21.13 12.90
CA ASN A 2 5.02 -21.21 14.21
C ASN A 2 4.97 -19.82 14.84
N LEU A 3 5.67 -19.62 15.92
CA LEU A 3 5.67 -18.29 16.60
C LEU A 3 4.23 -17.87 16.91
N GLU A 4 3.86 -17.86 18.16
CA GLU A 4 2.48 -17.47 18.54
C GLU A 4 2.14 -16.12 17.87
N PRO A 5 0.88 -15.87 17.66
CA PRO A 5 0.42 -14.60 17.01
C PRO A 5 0.84 -13.36 17.82
N PRO A 6 0.81 -12.21 17.21
CA PRO A 6 1.20 -10.93 17.86
C PRO A 6 0.15 -10.47 18.89
N LYS A 7 0.59 -9.90 19.98
CA LYS A 7 -0.37 -9.43 21.01
C LYS A 7 -1.29 -8.37 20.40
N ALA A 8 -1.88 -7.53 21.22
CA ALA A 8 -2.79 -6.47 20.70
C ALA A 8 -2.38 -5.11 21.27
N GLU A 9 -1.36 -4.52 20.71
CA GLU A 9 -0.89 -3.19 21.22
C GLU A 9 -0.50 -2.31 20.03
N CYS A 10 -1.11 -1.16 19.90
CA CYS A 10 -0.76 -0.26 18.77
C CYS A 10 0.35 0.70 19.20
N ARG A 11 0.97 1.37 18.27
CA ARG A 11 2.06 2.32 18.62
C ARG A 11 3.05 1.63 19.57
N SER A 12 3.99 0.91 19.03
CA SER A 12 4.99 0.21 19.89
C SER A 12 6.13 1.18 20.24
N ALA A 13 6.53 1.98 19.29
CA ALA A 13 7.64 2.95 19.55
C ALA A 13 7.78 3.91 18.38
N THR A 14 6.73 4.61 18.05
CA THR A 14 6.80 5.56 16.91
C THR A 14 7.36 4.85 15.68
N ARG A 15 6.57 4.01 15.07
CA ARG A 15 7.05 3.27 13.86
C ARG A 15 7.70 4.27 12.89
N VAL A 16 8.42 3.76 11.92
CA VAL A 16 9.07 4.67 10.94
C VAL A 16 8.05 5.68 10.41
N MET A 17 8.31 6.95 10.58
CA MET A 17 7.35 7.98 10.09
C MET A 17 8.07 9.31 9.92
N GLY A 18 9.15 9.51 10.63
CA GLY A 18 9.90 10.79 10.50
C GLY A 18 8.97 11.97 10.84
N GLY A 19 9.29 13.14 10.37
CA GLY A 19 8.43 14.32 10.66
C GLY A 19 7.24 14.33 9.70
N PRO A 20 6.51 15.42 9.67
CA PRO A 20 5.32 15.57 8.79
C PRO A 20 5.60 15.15 7.35
N CYS A 21 4.59 14.73 6.63
CA CYS A 21 4.80 14.31 5.23
C CYS A 21 4.85 15.55 4.33
N THR A 22 5.74 15.56 3.38
CA THR A 22 5.84 16.75 2.47
C THR A 22 6.17 16.27 1.04
N PRO A 23 5.17 16.16 0.20
CA PRO A 23 5.36 15.72 -1.21
C PRO A 23 5.72 16.88 -2.14
N ARG A 24 4.76 17.43 -2.83
CA ARG A 24 5.05 18.56 -3.76
C ARG A 24 6.16 18.16 -4.72
N LYS A 25 6.39 16.89 -4.88
CA LYS A 25 7.47 16.44 -5.81
C LYS A 25 7.03 16.67 -7.25
N GLY A 26 5.76 16.51 -7.53
CA GLY A 26 5.26 16.72 -8.91
C GLY A 26 4.92 15.36 -9.54
N PRO A 27 4.16 15.37 -10.61
CA PRO A 27 3.75 14.12 -11.32
C PRO A 27 4.93 13.14 -11.50
N PRO A 28 4.82 11.95 -10.97
CA PRO A 28 5.89 10.92 -11.09
C PRO A 28 6.34 10.72 -12.54
N LYS A 29 7.46 10.08 -12.75
CA LYS A 29 7.94 9.85 -14.14
C LYS A 29 7.45 8.48 -14.63
N CYS A 30 8.22 7.46 -14.41
CA CYS A 30 7.80 6.10 -14.85
C CYS A 30 8.81 5.06 -14.35
N LYS A 31 9.01 5.01 -13.05
CA LYS A 31 9.98 4.03 -12.48
C LYS A 31 9.38 3.40 -11.22
N GLN A 32 8.36 2.61 -11.37
CA GLN A 32 7.73 1.98 -10.17
C GLN A 32 6.94 0.74 -10.59
N ARG A 33 7.58 -0.40 -10.64
CA ARG A 33 6.86 -1.65 -11.04
C ARG A 33 5.90 -2.04 -9.92
N GLN A 34 5.59 -3.31 -9.79
CA GLN A 34 4.66 -3.73 -8.71
C GLN A 34 4.68 -5.25 -8.57
N THR A 35 5.19 -5.75 -7.47
CA THR A 35 5.24 -7.23 -7.28
C THR A 35 5.35 -7.54 -5.79
N ARG A 36 4.38 -8.22 -5.23
CA ARG A 36 4.44 -8.55 -3.78
C ARG A 36 3.11 -9.17 -3.35
N GLN A 37 2.03 -8.74 -3.95
CA GLN A 37 0.69 -9.29 -3.59
C GLN A 37 0.27 -8.75 -2.22
N CYS A 38 0.53 -9.48 -1.16
CA CYS A 38 0.12 -8.99 0.19
C CYS A 38 0.66 -9.95 1.25
N LYS A 39 0.23 -11.18 1.22
CA LYS A 39 0.69 -12.17 2.23
C LYS A 39 -0.16 -13.44 2.08
N SER A 40 0.11 -14.22 1.06
CA SER A 40 -0.69 -15.46 0.85
C SER A 40 -2.18 -15.09 0.73
N LYS A 41 -2.97 -15.97 0.16
CA LYS A 41 -4.42 -15.67 0.02
C LYS A 41 -4.95 -15.00 1.29
N PRO A 42 -5.22 -13.72 1.24
CA PRO A 42 -5.73 -12.96 2.41
C PRO A 42 -7.22 -13.21 2.66
N PRO A 43 -7.70 -12.90 3.83
CA PRO A 43 -9.13 -13.10 4.21
C PRO A 43 -10.08 -12.83 3.03
N LYS A 44 -11.31 -13.25 3.16
CA LYS A 44 -12.31 -13.06 2.06
C LYS A 44 -11.92 -11.85 1.20
N LYS A 45 -11.75 -12.06 -0.08
CA LYS A 45 -11.37 -10.93 -0.99
C LYS A 45 -12.51 -10.68 -1.97
N GLY A 46 -13.71 -10.55 -1.47
CA GLY A 46 -14.87 -10.30 -2.38
C GLY A 46 -14.88 -8.84 -2.82
N VAL A 47 -15.51 -7.98 -2.06
CA VAL A 47 -15.58 -6.53 -2.41
C VAL A 47 -15.54 -6.35 -3.93
N GLN A 48 -16.62 -6.62 -4.60
CA GLN A 48 -16.66 -6.47 -6.07
C GLN A 48 -15.56 -7.32 -6.71
N GLY A 49 -15.32 -8.48 -6.18
CA GLY A 49 -14.26 -9.37 -6.75
C GLY A 49 -12.99 -8.56 -7.01
N CYS A 50 -12.31 -8.15 -5.97
CA CYS A 50 -11.06 -7.36 -6.16
C CYS A 50 -9.88 -8.31 -6.41
N GLY A 51 -9.50 -8.50 -7.63
CA GLY A 51 -8.36 -9.41 -7.92
C GLY A 51 -7.94 -9.27 -9.38
N ASP A 52 -6.81 -9.82 -9.75
CA ASP A 52 -6.35 -9.73 -11.16
C ASP A 52 -5.58 -10.99 -11.53
N ASP A 53 -6.27 -12.10 -11.66
CA ASP A 53 -5.59 -13.38 -12.01
C ASP A 53 -4.49 -13.67 -10.98
N ILE A 54 -3.26 -13.49 -11.36
CA ILE A 54 -2.13 -13.75 -10.40
C ILE A 54 -1.23 -12.51 -10.34
N PRO A 55 -1.65 -11.51 -9.61
CA PRO A 55 -0.89 -10.25 -9.45
C PRO A 55 0.11 -10.31 -8.29
N GLY A 56 0.88 -9.28 -8.10
CA GLY A 56 1.86 -9.28 -6.98
C GLY A 56 3.03 -10.21 -7.31
N MET A 57 2.76 -11.46 -7.59
CA MET A 57 3.87 -12.40 -7.91
C MET A 57 4.87 -12.42 -6.75
N GLU A 58 5.71 -11.44 -6.65
CA GLU A 58 6.71 -11.39 -5.54
C GLU A 58 7.78 -10.34 -5.86
N GLY A 59 8.04 -9.44 -4.96
CA GLY A 59 9.07 -8.39 -5.23
C GLY A 59 8.77 -7.13 -4.41
N CYS A 60 9.03 -5.98 -4.97
CA CYS A 60 8.77 -4.70 -4.23
C CYS A 60 9.47 -4.75 -2.87
N GLY A 61 8.88 -5.40 -1.90
CA GLY A 61 9.51 -5.46 -0.55
C GLY A 61 9.06 -4.24 0.25
N THR A 62 8.01 -3.60 -0.19
CA THR A 62 7.50 -2.39 0.53
C THR A 62 8.64 -1.41 0.80
N ASP A 63 9.82 -1.68 0.30
CA ASP A 63 10.94 -0.74 0.53
C ASP A 63 10.70 0.54 -0.27
N ILE A 64 9.53 1.12 -0.15
CA ILE A 64 9.23 2.36 -0.93
C ILE A 64 9.47 2.08 -2.41
N THR A 65 9.85 0.87 -2.73
CA THR A 65 10.13 0.52 -4.15
C THR A 65 10.66 1.75 -4.89
N VAL A 66 11.58 2.45 -4.28
CA VAL A 66 12.16 3.67 -4.90
C VAL A 66 11.10 4.77 -4.93
N ILE A 67 9.95 4.50 -5.50
CA ILE A 67 8.88 5.53 -5.56
C ILE A 67 7.52 4.92 -5.21
N CYS A 68 7.14 4.94 -3.96
CA CYS A 68 5.81 4.36 -3.58
C CYS A 68 4.74 5.42 -3.80
N PRO A 69 3.53 5.01 -4.09
CA PRO A 69 2.39 5.95 -4.32
C PRO A 69 2.02 6.73 -3.06
N TRP A 70 2.71 6.49 -1.98
CA TRP A 70 2.40 7.21 -0.71
C TRP A 70 3.03 8.60 -0.74
N GLU A 71 3.78 8.91 -1.77
CA GLU A 71 4.42 10.25 -1.86
C GLU A 71 4.22 10.80 -3.27
N ALA A 72 3.75 9.98 -4.17
CA ALA A 72 3.52 10.45 -5.57
C ALA A 72 2.45 11.54 -5.56
N CYS A 73 1.41 11.38 -6.34
CA CYS A 73 0.34 12.41 -6.37
C CYS A 73 -0.56 12.24 -5.15
N ASN A 74 -0.31 12.98 -4.10
CA ASN A 74 -1.15 12.87 -2.89
C ASN A 74 -2.55 13.42 -3.17
N HIS A 75 -3.03 13.24 -4.37
CA HIS A 75 -4.40 13.75 -4.71
C HIS A 75 -5.44 12.69 -4.35
N CYS A 76 -5.04 11.66 -3.66
CA CYS A 76 -6.00 10.59 -3.27
C CYS A 76 -6.86 11.07 -2.10
N GLU A 77 -7.42 12.25 -2.20
CA GLU A 77 -8.26 12.77 -1.09
C GLU A 77 -9.59 12.00 -1.05
N LEU A 78 -9.56 10.73 -1.36
CA LEU A 78 -10.82 9.93 -1.34
C LEU A 78 -11.11 9.49 0.09
N HIS A 79 -12.34 9.17 0.40
CA HIS A 79 -12.66 8.74 1.79
C HIS A 79 -14.07 8.13 1.83
N GLU A 80 -14.91 8.49 0.91
CA GLU A 80 -16.30 7.93 0.92
C GLU A 80 -16.84 7.86 -0.51
N LEU A 81 -16.14 8.41 -1.47
CA LEU A 81 -16.63 8.34 -2.87
C LEU A 81 -16.06 7.10 -3.54
N ALA A 82 -15.01 6.54 -3.00
CA ALA A 82 -14.41 5.31 -3.59
C ALA A 82 -15.37 4.13 -3.41
N GLN A 83 -16.56 4.40 -2.95
CA GLN A 83 -17.55 3.30 -2.74
C GLN A 83 -18.09 2.82 -4.09
N TYR A 84 -17.26 2.81 -5.10
CA TYR A 84 -17.71 2.36 -6.44
C TYR A 84 -16.54 1.71 -7.17
N GLY A 85 -15.35 1.86 -6.65
CA GLY A 85 -14.17 1.24 -7.33
C GLY A 85 -13.80 2.06 -8.58
N ILE A 86 -14.77 2.60 -9.25
CA ILE A 86 -14.47 3.40 -10.48
C ILE A 86 -14.13 4.84 -10.07
N CYS A 87 -13.27 4.98 -9.10
CA CYS A 87 -12.89 6.35 -8.65
C CYS A 87 -12.36 7.16 -9.85
C1C RCY B . 1.34 4.62 14.60
O1G RCY B . -0.97 5.48 19.01
O1H RCY B . 0.74 2.35 15.91
O1J RCY B . -0.41 7.07 14.44
C1L RCY B . -1.74 3.29 18.25
C1M RCY B . 1.41 6.52 17.78
C1P RCY B . -0.81 4.51 18.27
C1Q RCY B . -0.02 3.06 16.56
N1R RCY B . 0.33 4.37 17.27
C1S RCY B . -1.49 2.80 16.81
C1U RCY B . 1.52 5.29 17.02
C1V RCY B . 2.98 6.43 15.30
N1V RCY B . 0.50 6.78 15.54
C1W RCY B . 0.55 7.46 16.92
C1X RCY B . 1.64 5.76 15.58
C1Y RCY B . 1.22 8.84 16.82
C1Z RCY B . -0.87 7.58 17.46
H1S RCY B . -1.62 3.11 15.79
H1U RCY B . 2.44 4.79 17.31
C1C RCY C . 0.06 13.68 2.69
O1G RCY C . -0.98 9.66 5.95
O1H RCY C . 1.50 13.27 4.19
O1J RCY C . 0.32 11.43 0.70
C1L RCY C . 1.31 10.43 6.26
C1M RCY C . -2.28 10.91 3.47
C1P RCY C . -0.09 10.46 5.65
C1Q RCY C . 1.18 12.17 4.59
N1R RCY C . -0.24 11.59 4.64
C1S RCY C . 2.11 11.10 5.14
C1U RCY C . -1.48 12.04 3.86
C1V RCY C . -2.35 13.42 1.93
N1V RCY C . -0.73 11.51 1.70
C1W RCY C . -1.69 10.41 2.15
C1X RCY C . -1.12 12.72 2.54
C1Y RCY C . -2.80 10.21 1.11
C1Z RCY C . -0.89 9.12 2.35
H1S RCY C . 2.40 10.97 4.12
H1U RCY C . -2.07 12.71 4.47
C1C RCY D . 3.17 1.60 -13.42
O1G RCY D . 2.93 4.83 -14.50
O1H RCY D . 5.47 2.13 -17.43
O1J RCY D . 1.07 3.72 -13.03
C1L RCY D . 5.13 5.10 -15.55
C1M RCY D . 1.50 2.43 -16.62
C1P RCY D . 3.82 4.37 -15.21
C1Q RCY D . 5.14 2.89 -16.51
N1R RCY D . 3.77 2.99 -15.86
C1S RCY D . 6.04 3.91 -15.82
C1U RCY D . 2.64 1.96 -15.87
C1V RCY D . 1.16 0.47 -14.46
N1V RCY D . 1.26 2.97 -14.28
C1W RCY D . 0.68 3.28 -15.65
C1X RCY D . 2.07 1.70 -14.48
C1Y RCY D . -0.80 2.88 -15.72
C1Z RCY D . 0.84 4.78 -15.93
H1S RCY D . 6.47 3.05 -15.34
H1U RCY D . 3.00 1.04 -16.30
C1C RCY E . -4.60 -3.90 -1.79
O1G RCY E . -4.24 -4.09 0.60
O1H RCY E . -3.73 -8.68 -0.40
O1J RCY E . -2.91 -5.38 -3.79
C1L RCY E . -2.80 -5.85 1.50
C1M RCY E . -5.71 -7.41 -2.14
C1P RCY E . -3.90 -5.27 0.60
C1Q RCY E . -3.82 -7.61 0.20
N1R RCY E . -4.52 -6.35 -0.29
C1S RCY E . -3.26 -7.31 1.58
C1U RCY E . -5.58 -6.20 -1.39
C1V RCY E . -6.39 -4.82 -3.35
N1V RCY E . -4.13 -5.91 -3.21
C1W RCY E . -4.63 -7.35 -3.24
C1X RCY E . -5.21 -5.15 -2.43
C1Y RCY E . -5.23 -7.69 -4.61
C1Z RCY E . -3.46 -8.29 -2.91
H1S RCY E . -4.08 -7.92 1.93
H1U RCY E . -6.53 -5.96 -0.95
C1C RCY F . -7.20 -1.03 -6.60
O1G RCY F . -8.99 -1.48 -2.86
O1H RCY F . -9.12 -5.21 -5.75
O1J RCY F . -4.38 -1.83 -7.27
C1L RCY F . -10.72 -3.11 -3.41
C1M RCY F . -6.21 -4.11 -4.80
C1P RCY F . -9.34 -2.46 -3.52
C1Q RCY F . -9.42 -4.19 -5.14
N1R RCY F . -8.46 -3.16 -4.55
C1S RCY F . -10.83 -3.73 -4.81
C1U RCY F . -7.00 -2.90 -4.92
C1V RCY F . -7.54 -3.43 -7.34
N1V RCY F . -5.31 -2.66 -6.51
C1W RCY F . -4.98 -3.90 -5.67
C1X RCY F . -6.81 -2.49 -6.38
C1Y RCY F . -4.75 -5.12 -6.58
C1Z RCY F . -3.74 -3.62 -4.83
H1S RCY F . -10.87 -3.46 -5.86
H1U RCY F . -6.60 -2.15 -4.27
C1C RCY G . 2.76 1.13 -4.10
O1G RCY G . 5.83 -0.89 -7.30
O1H RCY G . 4.08 -2.45 -3.20
O1J RCY G . -0.13 0.95 -4.95
C1L RCY G . 6.81 -2.13 -5.43
C1M RCY G . 2.19 -1.77 -6.32
C1P RCY G . 5.69 -1.38 -6.18
C1Q RCY G . 4.83 -1.96 -4.05
N1R RCY G . 4.40 -1.31 -5.37
C1S RCY G . 6.34 -1.91 -3.99
C1U RCY G . 3.04 -0.76 -5.77
C1V RCY G . 2.20 -1.25 -3.42
N1V RCY G . 0.87 -0.09 -5.19
C1W RCY G . 0.75 -1.28 -6.15
C1X RCY G . 2.24 -0.23 -4.56
C1Y RCY G . -0.13 -2.37 -5.54
C1Z RCY G . 0.17 -0.79 -7.48
H1S RCY G . 6.17 -1.12 -3.26
H1U RCY G . 3.16 0.04 -6.48
C1C RCY H . 2.44 -1.07 1.44
O1G RCY H . 1.77 -0.28 -3.80
O1H RCY H . 4.05 1.03 0.12
O1J RCY H . -0.07 -2.67 1.90
C1L RCY H . 3.92 0.81 -3.41
C1M RCY H . 0.19 -0.89 -1.49
C1P RCY H . 2.58 0.19 -3.00
C1Q RCY H . 3.58 1.01 -1.02
N1R RCY H . 2.37 0.24 -1.49
C1S RCY H . 4.14 1.76 -2.22
C1U RCY H . 1.23 -0.35 -0.65
C1V RCY H . 2.44 -2.57 -0.61
N1V RCY H . 0.31 -2.09 0.62
C1W RCY H . -0.57 -1.90 -0.61
C1X RCY H . 1.66 -1.52 0.21
C1Y RCY H . -0.75 -3.23 -1.36
C1Z RCY H . -1.93 -1.34 -0.19
H1S RCY H . 3.70 2.63 -1.75
H1U RCY H . 0.81 0.43 -0.03
C1C RCY I . -1.16 10.15 -3.44
O1G RCY I . 3.40 10.29 -4.67
O1H RCY I . -0.95 9.42 -6.30
O1J RCY I . -2.57 7.96 -4.95
C1L RCY I . 2.20 10.94 -6.71
C1M RCY I . 1.05 7.22 -3.91
C1P RCY I . 2.38 10.22 -5.37
C1Q RCY I . 0.26 9.60 -6.23
N1R RCY I . 1.14 9.42 -4.99
C1S RCY I . 1.17 10.02 -7.37
C1U RCY I . 0.85 8.63 -3.71
C1V RCY I . -0.83 8.19 -1.87
N1V RCY I . -1.27 7.81 -4.30
C1W RCY I . -0.26 6.68 -4.50
C1X RCY I . -0.62 8.73 -3.28
C1Y RCY I . -0.70 5.43 -3.74
C1Z RCY I . -0.12 6.38 -5.99
H1S RCY I . 1.04 9.01 -7.72
H1U RCY I . 1.48 8.98 -2.92
C1C RCY J . -5.22 4.48 2.44
O1G RCY J . -1.37 6.07 0.84
O1H RCY J . -5.69 6.91 -0.85
O1J RCY J . -4.70 1.51 2.46
C1L RCY J . -2.48 8.09 0.02
C1M RCY J . -3.03 3.49 -0.38
C1P RCY J . -2.36 6.59 0.35
C1Q RCY J . -4.47 6.92 -0.68
N1R RCY J . -3.64 5.83 -0.01
C1S RCY J . -3.53 8.03 -1.10
C1U RCY J . -4.00 4.36 0.22
C1V RCY J . -2.69 4.43 2.39
N1V RCY J . -4.00 2.46 1.59
C1W RCY J . -3.15 2.15 0.36
C1X RCY J . -3.97 3.97 1.70
C1Y RCY J . -1.77 1.64 0.79
C1Z RCY J . -3.87 1.11 -0.50
H1S RCY J . -3.68 7.64 -2.09
H1U RCY J . -4.97 4.16 -0.19
C1C RCY K . -7.83 0.95 -7.41
O1G RCY K . -7.23 4.38 -4.80
O1H RCY K . -11.15 1.96 -5.87
O1J RCY K . -5.22 2.38 -6.94
C1L RCY K . -9.46 5.05 -5.56
C1M RCY K . -7.24 1.51 -3.80
C1P RCY K . -8.36 4.06 -5.17
C1Q RCY K . -10.23 2.79 -5.89
N1R RCY K . -8.84 2.61 -5.29
C1S RCY K . -10.29 4.16 -6.51
C1U RCY K . -8.11 1.31 -4.92
C1V RCY K . -6.70 -0.61 -5.76
N1V RCY K . -6.03 1.79 -5.88
C1W RCY K . -5.91 2.03 -4.38
C1X RCY K . -7.19 0.82 -6.03
C1Y RCY K . -4.74 1.25 -3.80
C1Z RCY K . -5.75 3.53 -4.12
H1S RCY K . -10.22 3.63 -7.45
H1U RCY K . -8.84 0.55 -4.69
N MET A 1 21.30 -5.37 18.87
CA MET A 1 22.39 -4.45 18.43
C MET A 1 22.40 -4.34 16.91
N ASN A 2 22.40 -5.46 16.23
CA ASN A 2 22.40 -5.42 14.74
C ASN A 2 21.08 -4.83 14.25
N LEU A 3 19.98 -5.49 14.49
CA LEU A 3 18.67 -4.95 14.03
C LEU A 3 18.43 -3.59 14.69
N GLU A 4 17.96 -2.63 13.94
CA GLU A 4 17.72 -1.28 14.53
C GLU A 4 16.61 -1.38 15.58
N PRO A 5 16.59 -0.50 16.54
CA PRO A 5 15.56 -0.49 17.62
C PRO A 5 14.13 -0.41 17.06
N PRO A 6 13.15 -0.70 17.86
CA PRO A 6 11.72 -0.67 17.44
C PRO A 6 11.25 0.75 17.12
N LYS A 7 10.23 0.87 16.31
CA LYS A 7 9.72 2.23 15.95
C LYS A 7 9.29 2.97 17.22
N ALA A 8 9.41 4.27 17.23
CA ALA A 8 9.02 5.06 18.43
C ALA A 8 7.57 5.54 18.26
N GLU A 9 7.28 6.73 18.73
CA GLU A 9 5.90 7.26 18.60
C GLU A 9 5.78 8.09 17.32
N CYS A 10 4.73 8.86 17.19
CA CYS A 10 4.57 9.71 15.97
C CYS A 10 5.32 11.03 16.14
N ARG A 11 6.41 11.21 15.45
CA ARG A 11 7.17 12.48 15.58
C ARG A 11 6.71 13.46 14.51
N SER A 12 5.75 13.08 13.71
CA SER A 12 5.26 13.99 12.63
C SER A 12 6.44 14.53 11.83
N ALA A 13 7.01 15.62 12.24
CA ALA A 13 8.17 16.19 11.49
C ALA A 13 7.69 16.79 10.17
N THR A 14 6.61 16.28 9.63
CA THR A 14 6.09 16.82 8.35
C THR A 14 4.62 16.45 8.20
N ARG A 15 3.85 16.61 9.23
CA ARG A 15 2.40 16.27 9.15
C ARG A 15 2.25 14.86 8.57
N VAL A 16 1.04 14.40 8.42
CA VAL A 16 0.84 13.02 7.87
C VAL A 16 1.67 12.86 6.60
N MET A 17 1.15 13.24 5.48
CA MET A 17 1.92 13.10 4.20
C MET A 17 1.60 14.29 3.29
N GLY A 18 2.57 14.76 2.55
CA GLY A 18 2.32 15.92 1.65
C GLY A 18 1.72 17.07 2.44
N GLY A 19 1.28 18.11 1.78
CA GLY A 19 0.68 19.27 2.50
C GLY A 19 -0.54 18.80 3.29
N PRO A 20 -1.36 19.72 3.71
CA PRO A 20 -2.59 19.41 4.50
C PRO A 20 -3.40 18.26 3.88
N CYS A 21 -3.05 17.05 4.18
CA CYS A 21 -3.79 15.88 3.61
C CYS A 21 -5.11 15.72 4.36
N THR A 22 -6.16 15.34 3.67
CA THR A 22 -7.48 15.16 4.33
C THR A 22 -8.20 13.96 3.71
N PRO A 23 -8.82 13.12 4.52
CA PRO A 23 -9.55 11.93 4.03
C PRO A 23 -10.32 12.21 2.73
N ARG A 24 -10.23 11.33 1.77
CA ARG A 24 -10.95 11.54 0.48
C ARG A 24 -11.76 10.28 0.15
N LYS A 25 -13.02 10.26 0.49
CA LYS A 25 -13.86 9.06 0.20
C LYS A 25 -14.59 9.26 -1.14
N GLY A 26 -15.41 8.33 -1.51
CA GLY A 26 -16.16 8.47 -2.80
C GLY A 26 -17.29 7.43 -2.85
N PRO A 27 -18.28 7.67 -3.66
CA PRO A 27 -19.45 6.76 -3.80
C PRO A 27 -19.01 5.28 -3.86
N PRO A 28 -19.49 4.46 -2.95
CA PRO A 28 -19.14 3.01 -2.92
C PRO A 28 -19.26 2.36 -4.30
N LYS A 29 -18.24 1.67 -4.74
CA LYS A 29 -18.30 1.01 -6.08
C LYS A 29 -17.06 0.14 -6.28
N CYS A 30 -15.95 0.54 -5.70
CA CYS A 30 -14.71 -0.27 -5.86
C CYS A 30 -14.90 -1.66 -5.24
N LYS A 31 -15.39 -2.60 -6.01
CA LYS A 31 -15.61 -3.97 -5.48
C LYS A 31 -14.41 -4.85 -5.83
N GLN A 32 -13.65 -4.46 -6.80
CA GLN A 32 -12.47 -5.27 -7.21
C GLN A 32 -12.85 -6.73 -7.34
N ARG A 33 -13.12 -7.19 -8.53
CA ARG A 33 -13.51 -8.61 -8.73
C ARG A 33 -12.35 -9.51 -8.32
N GLN A 34 -12.48 -10.80 -8.50
CA GLN A 34 -11.38 -11.73 -8.11
C GLN A 34 -10.06 -11.22 -8.69
N THR A 35 -9.66 -11.71 -9.82
CA THR A 35 -8.38 -11.26 -10.44
C THR A 35 -8.51 -11.25 -11.96
N ARG A 36 -9.02 -10.20 -12.52
CA ARG A 36 -9.19 -10.14 -14.00
C ARG A 36 -7.91 -10.64 -14.68
N GLN A 37 -6.78 -10.30 -14.13
CA GLN A 37 -5.49 -10.76 -14.74
C GLN A 37 -4.32 -10.04 -14.05
N CYS A 38 -4.55 -9.43 -12.93
CA CYS A 38 -3.45 -8.71 -12.23
C CYS A 38 -2.59 -9.70 -11.46
N LYS A 39 -3.20 -10.63 -10.77
CA LYS A 39 -2.41 -11.62 -9.99
C LYS A 39 -1.69 -12.56 -10.96
N SER A 40 -1.22 -13.68 -10.47
CA SER A 40 -0.50 -14.64 -11.36
C SER A 40 0.77 -13.98 -11.89
N LYS A 41 0.64 -13.03 -12.79
CA LYS A 41 1.84 -12.36 -13.34
C LYS A 41 2.28 -11.24 -12.38
N PRO A 42 3.53 -11.23 -11.98
CA PRO A 42 4.07 -10.20 -11.05
C PRO A 42 4.33 -8.86 -11.76
N PRO A 43 4.43 -7.80 -11.01
CA PRO A 43 4.70 -6.43 -11.57
C PRO A 43 6.11 -6.33 -12.16
N LYS A 44 6.35 -5.31 -12.95
CA LYS A 44 7.71 -5.15 -13.56
C LYS A 44 7.95 -3.68 -13.87
N LYS A 45 7.36 -3.18 -14.93
CA LYS A 45 7.56 -1.75 -15.29
C LYS A 45 9.06 -1.46 -15.40
N GLY A 46 9.51 -0.36 -14.87
CA GLY A 46 10.96 -0.03 -14.95
C GLY A 46 11.20 1.42 -14.53
N VAL A 47 10.52 2.35 -15.13
CA VAL A 47 10.72 3.79 -14.77
C VAL A 47 10.72 3.94 -13.24
N GLN A 48 10.29 2.94 -12.53
CA GLN A 48 10.27 3.03 -11.04
C GLN A 48 10.01 1.64 -10.45
N GLY A 49 9.25 0.84 -11.12
CA GLY A 49 8.95 -0.53 -10.60
C GLY A 49 7.65 -0.51 -9.80
N CYS A 50 6.55 -0.78 -10.45
CA CYS A 50 5.23 -0.78 -9.73
C CYS A 50 4.30 -1.80 -10.38
N GLY A 51 3.83 -1.51 -11.57
CA GLY A 51 2.91 -2.47 -12.24
C GLY A 51 2.89 -2.18 -13.75
N ASP A 52 2.04 -2.83 -14.48
CA ASP A 52 1.99 -2.60 -15.96
C ASP A 52 1.25 -1.30 -16.23
N ASP A 53 0.85 -0.59 -15.21
CA ASP A 53 0.12 0.69 -15.43
C ASP A 53 0.29 1.58 -14.20
N ILE A 54 0.32 2.87 -14.39
CA ILE A 54 0.49 3.82 -13.24
C ILE A 54 -0.85 4.50 -12.95
N PRO A 55 -1.53 4.10 -11.90
CA PRO A 55 -2.84 4.70 -11.52
C PRO A 55 -2.68 6.04 -10.78
N GLY A 56 -1.48 6.37 -10.39
CA GLY A 56 -1.26 7.65 -9.67
C GLY A 56 -1.02 8.77 -10.68
N MET A 57 -1.01 8.44 -11.96
CA MET A 57 -0.78 9.47 -13.01
C MET A 57 0.27 10.48 -12.55
N GLU A 58 1.13 10.08 -11.65
CA GLU A 58 2.18 11.03 -11.16
C GLU A 58 3.14 10.27 -10.23
N GLY A 59 2.80 10.15 -8.99
CA GLY A 59 3.69 9.44 -8.03
C GLY A 59 3.00 9.34 -6.67
N CYS A 60 2.95 8.16 -6.10
CA CYS A 60 2.28 8.00 -4.79
C CYS A 60 3.31 8.12 -3.67
N GLY A 61 4.57 8.13 -3.99
CA GLY A 61 5.62 8.25 -2.94
C GLY A 61 6.86 7.45 -3.34
N THR A 62 7.24 7.52 -4.59
CA THR A 62 8.46 6.77 -5.06
C THR A 62 8.67 5.51 -4.22
N ASP A 63 9.58 5.54 -3.28
CA ASP A 63 9.82 4.34 -2.43
C ASP A 63 8.58 4.08 -1.57
N ILE A 64 8.13 5.08 -0.87
CA ILE A 64 6.93 4.91 -0.01
C ILE A 64 5.84 4.18 -0.80
N THR A 65 5.71 4.49 -2.06
CA THR A 65 4.67 3.81 -2.89
C THR A 65 4.92 2.30 -2.89
N VAL A 66 6.16 1.89 -2.92
CA VAL A 66 6.47 0.44 -2.91
C VAL A 66 6.48 -0.08 -1.47
N ILE A 67 7.24 0.53 -0.62
CA ILE A 67 7.30 0.07 0.81
C ILE A 67 7.20 1.29 1.73
N CYS A 68 6.07 1.49 2.35
CA CYS A 68 5.92 2.66 3.28
C CYS A 68 5.98 2.17 4.73
N PRO A 69 6.60 2.93 5.60
CA PRO A 69 6.73 2.55 7.04
C PRO A 69 5.48 1.83 7.56
N TRP A 70 4.33 2.37 7.34
CA TRP A 70 3.08 1.72 7.83
C TRP A 70 2.69 0.60 6.86
N GLU A 71 3.63 -0.24 6.48
CA GLU A 71 3.31 -1.36 5.55
C GLU A 71 3.91 -2.66 6.09
N ALA A 72 4.81 -2.56 7.03
CA ALA A 72 5.43 -3.78 7.60
C ALA A 72 4.47 -4.44 8.58
N CYS A 73 3.30 -3.87 8.76
CA CYS A 73 2.32 -4.47 9.71
C CYS A 73 1.98 -5.89 9.25
N ASN A 74 1.66 -6.06 7.99
CA ASN A 74 1.32 -7.41 7.47
C ASN A 74 0.37 -8.10 8.45
N HIS A 75 -0.81 -7.56 8.63
CA HIS A 75 -1.78 -8.20 9.58
C HIS A 75 -3.12 -7.45 9.52
N CYS A 76 -4.12 -8.06 8.94
CA CYS A 76 -5.46 -7.41 8.86
C CYS A 76 -6.55 -8.46 9.12
N GLU A 77 -7.76 -8.13 8.83
CA GLU A 77 -8.87 -9.10 9.03
C GLU A 77 -8.78 -10.19 7.96
N LEU A 78 -9.59 -11.22 8.06
CA LEU A 78 -9.55 -12.32 7.05
C LEU A 78 -8.17 -12.99 7.04
N HIS A 79 -7.14 -12.23 6.77
CA HIS A 79 -5.75 -12.79 6.73
C HIS A 79 -5.63 -13.81 5.59
N GLU A 80 -6.69 -14.50 5.27
CA GLU A 80 -6.64 -15.48 4.14
C GLU A 80 -5.33 -16.28 4.19
N LEU A 81 -4.58 -16.26 3.12
CA LEU A 81 -3.29 -17.01 3.10
C LEU A 81 -2.12 -16.06 3.37
N ALA A 82 -2.40 -14.82 3.68
CA ALA A 82 -1.31 -13.85 3.95
C ALA A 82 -0.59 -14.22 5.24
N GLN A 83 0.45 -15.02 5.15
CA GLN A 83 1.19 -15.40 6.40
C GLN A 83 2.28 -14.37 6.68
N TYR A 84 3.33 -14.38 5.92
CA TYR A 84 4.43 -13.39 6.14
C TYR A 84 4.20 -12.19 5.21
N GLY A 85 2.99 -11.98 4.79
CA GLY A 85 2.71 -10.83 3.89
C GLY A 85 2.89 -11.25 2.44
N ILE A 86 4.02 -11.85 2.12
CA ILE A 86 4.26 -12.29 0.72
C ILE A 86 3.96 -11.13 -0.23
N CYS A 87 4.93 -10.31 -0.51
CA CYS A 87 4.71 -9.17 -1.43
C CYS A 87 4.78 -9.66 -2.88
C1C RCY B . -2.87 9.50 15.34
O1G RCY B . -0.85 8.36 20.30
O1H RCY B . -0.45 10.79 16.27
O1J RCY B . -5.83 9.70 15.91
C1L RCY B . 1.01 9.54 19.23
C1M RCY B . -3.55 9.44 18.98
C1P RCY B . -0.42 9.00 19.34
C1Q RCY B . -0.23 10.04 17.21
N1R RCY B . -1.26 9.36 18.11
C1S RCY B . 1.14 9.61 17.71
C1U RCY B . -2.74 9.11 17.84
C1V RCY B . -2.94 11.48 16.94
N1V RCY B . -4.79 9.78 16.94
C1W RCY B . -4.97 9.69 18.45
C1X RCY B . -3.30 10.00 16.73
C1Y RCY B . -5.52 11.00 19.01
C1Z RCY B . -5.89 8.53 18.78
H1S RCY B . 1.15 8.98 16.83
H1U RCY B . -2.89 8.07 17.58
C1C RCY C . 1.13 10.09 4.89
O1G RCY C . -2.49 10.37 8.33
O1H RCY C . -1.04 12.73 4.52
O1J RCY C . 3.33 9.09 6.68
C1L RCY C . -3.67 11.55 6.55
C1M RCY C . 0.44 10.91 8.42
C1P RCY C . -2.44 11.05 7.31
C1Q RCY C . -1.65 12.39 5.53
N1R RCY C . -1.14 11.51 6.65
C1S RCY C . -3.07 12.79 5.88
C1U RCY C . 0.30 11.16 7.02
C1V RCY C . -0.19 8.72 6.57
N1V RCY C . 2.06 9.64 7.16
C1W RCY C . 1.72 10.07 8.58
C1X RCY C . 0.79 9.88 6.36
C1Y RCY C . 1.45 8.86 9.48
C1Z RCY C . 2.86 10.91 9.14
H1S RCY C . -2.65 13.76 6.11
H1U RCY C . 0.95 11.98 6.73
C1C RCY D . -8.37 -1.50 -5.38
O1G RCY D . -9.67 -0.92 -1.06
O1H RCY D . -11.44 1.05 -4.97
O1J RCY D . -5.41 -0.96 -5.17
C1L RCY D . -11.95 -0.47 -1.82
C1M RCY D . -7.65 0.99 -2.74
C1P RCY D . -10.41 -0.45 -1.92
C1Q RCY D . -11.24 0.73 -3.80
N1R RCY D . -9.94 0.25 -3.20
C1S RCY D . -12.28 0.75 -2.69
C1U RCY D . -8.52 0.41 -3.73
C1V RCY D . -7.98 -1.93 -2.92
N1V RCY D . -6.40 -0.47 -4.22
C1W RCY D . -6.22 0.61 -3.15
C1X RCY D . -7.85 -0.92 -4.07
C1Y RCY D . -5.45 0.05 -1.95
C1Z RCY D . -5.48 1.79 -3.76
H1S RCY D . -12.15 1.83 -2.73
H1U RCY D . -8.54 1.04 -4.61
C1C RCY E . -0.28 -9.71 -5.93
O1G RCY E . -0.53 -11.40 -10.88
O1H RCY E . -2.20 -7.96 -8.11
O1J RCY E . 2.56 -8.86 -5.42
C1L RCY E . -2.65 -10.18 -10.82
C1M RCY E . 1.52 -9.10 -9.11
C1P RCY E . -1.24 -10.56 -10.33
C1Q RCY E . -2.11 -8.98 -8.80
N1R RCY E . -0.85 -9.76 -9.10
C1S RCY E . -3.26 -9.68 -9.50
C1U RCY E . 0.49 -9.75 -8.34
C1V RCY E . -0.18 -7.56 -7.26
N1V RCY E . 1.91 -8.82 -6.73
C1W RCY E . 2.58 -8.65 -8.09
C1X RCY E . 0.43 -8.95 -7.05
C1Y RCY E . 2.97 -7.20 -8.33
C1Z RCY E . 3.81 -9.55 -8.17
H1S RCY E . -3.52 -10.01 -8.51
H1U RCY E . 0.79 -10.76 -8.12
C1C RCY F . 2.54 -4.49 -9.28
O1G RCY F . 0.44 -1.26 -7.00
O1H RCY F . 5.07 -1.57 -7.92
O1J RCY F . 1.64 -6.96 -7.82
C1L RCY F . 2.12 0.38 -7.70
C1M RCY F . 2.06 -3.80 -5.67
C1P RCY F . 1.62 -1.01 -7.27
C1Q RCY F . 3.97 -1.17 -7.53
N1R RCY F . 2.75 -2.03 -7.22
C1S RCY F . 3.59 0.28 -7.25
C1U RCY F . 2.69 -3.53 -6.94
C1V RCY F . 0.46 -3.63 -8.12
N1V RCY F . 1.67 -5.62 -7.22
C1W RCY F . 1.56 -5.25 -5.75
C1X RCY F . 1.83 -4.29 -7.95
C1Y RCY F . 0.11 -5.33 -5.27
C1Z RCY F . 2.46 -6.19 -4.93
H1S RCY F . 4.19 0.15 -6.35
H1U RCY F . 3.69 -3.94 -6.94
C1C RCY G . 1.57 1.13 -10.02
O1G RCY G . -0.26 2.95 -9.34
O1H RCY G . 2.69 5.24 -6.46
O1J RCY G . 4.06 -0.54 -9.66
C1L RCY G . -0.53 4.85 -7.82
C1M RCY G . 3.82 2.59 -7.46
C1P RCY G . 0.22 3.71 -8.49
C1Q RCY G . 1.69 4.70 -6.91
N1R RCY G . 1.67 3.62 -8.00
C1S RCY G . 0.26 4.96 -6.52
C1U RCY G . 2.80 2.71 -8.47
C1V RCY G . 1.55 0.73 -7.51
N1V RCY G . 3.69 0.57 -8.80
C1W RCY G . 4.57 1.29 -7.77
C1X RCY G . 2.34 1.27 -8.70
C1Y RCY G . 4.72 0.44 -6.50
C1Z RCY G . 5.94 1.56 -8.40
H1S RCY G . 0.51 4.40 -5.63
H1U RCY G . 3.23 3.10 -9.38
C1C RCY H . 6.44 -2.30 6.83
O1G RCY H . 5.50 0.03 7.87
O1H RCY H . 2.55 -0.42 4.20
O1J RCY H . 5.55 -1.79 9.66
C1L RCY H . 4.57 1.62 6.26
C1M RCY H . 2.77 -2.63 7.16
C1P RCY H . 4.80 0.23 6.88
C1Q RCY H . 3.49 -0.08 4.92
N1R RCY H . 4.07 -0.86 6.09
C1S RCY H . 4.27 1.22 4.81
C1U RCY H . 3.95 -2.35 6.39
C1V RCY H . 5.12 -4.40 7.31
N1V RCY H . 4.67 -2.31 8.62
C1W RCY H . 3.15 -2.41 8.63
C1X RCY H . 5.09 -2.87 7.26
C1Y RCY H . 2.71 -3.60 9.49
C1Z RCY H . 2.57 -1.11 9.16
H1S RCY H . 4.73 0.75 3.95
H1U RCY H . 3.92 -2.90 5.46
C1C RCY I . -2.84 -2.90 4.35
O1G RCY I . -1.69 -0.22 5.25
O1H RCY I . 1.59 -3.44 6.34
O1J RCY I . -2.88 -0.19 3.04
C1L RCY I . -0.34 -0.62 7.25
C1M RCY I . 0.46 -2.07 2.89
C1P RCY I . -0.86 -0.92 5.84
C1Q RCY I . 0.63 -2.67 6.41
N1R RCY I . -0.21 -2.17 5.25
C1S RCY I . 0.08 -2.04 7.67
C1U RCY I . -0.36 -2.76 3.84
C1V RCY I . -1.98 -3.47 2.03
N1V RCY I . -1.77 -1.14 2.93
C1W RCY I . -0.36 -0.87 2.41
C1X RCY I . -1.78 -2.62 3.28
C1Y RCY I . -0.35 -0.79 0.89
C1Z RCY I . 0.15 0.43 3.03
H1S RCY I . -0.33 -3.02 7.85
H1U RCY I . -0.08 -3.81 3.86
C1C RCY J . -3.96 -5.50 0.19
O1G RCY J . -3.69 -4.60 1.95
O1H RCY J . -4.56 -8.44 4.56
O1J RCY J . -1.27 -6.87 0.22
C1L RCY J . -3.59 -5.04 4.35
C1M RCY J . -4.22 -8.95 1.51
C1P RCY J . -3.86 -5.39 2.88
C1Q RCY J . -4.51 -7.27 4.16
N1R RCY J . -4.38 -6.81 2.71
C1S RCY J . -4.56 -6.03 5.02
C1U RCY J . -4.68 -7.59 1.43
C1V RCY J . -4.48 -7.63 -1.10
N1V RCY J . -2.54 -7.54 0.49
C1W RCY J . -2.74 -8.93 1.10
C1X RCY J . -3.95 -7.03 0.21
C1Y RCY J . -2.46 -10.02 0.06
C1Z RCY J . -1.82 -9.07 2.31
H1S RCY J . -5.61 -6.26 5.11
H1U RCY J . -5.75 -7.58 1.25
C1C RCY K . 1.83 -6.26 1.93
O1G RCY K . 1.96 -3.37 -2.40
O1H RCY K . 3.35 -7.62 -0.85
O1J RCY K . -1.05 -6.97 2.47
C1L RCY K . 3.91 -4.78 -2.88
C1M RCY K . -0.24 -5.90 -1.13
C1P RCY K . 2.60 -4.41 -2.18
C1Q RCY K . 3.34 -6.45 -1.22
N1R RCY K . 2.17 -5.47 -1.18
C1S RCY K . 4.52 -5.69 -1.81
C1U RCY K . 0.90 -5.55 -0.32
C1V RCY K . 1.40 -7.99 0.13
N1V RCY K . -0.51 -6.72 1.14
C1W RCY K . -1.28 -6.49 -0.16
C1X RCY K . 0.95 -6.66 0.73
C1Y RCY K . -1.83 -7.80 -0.70
C1Z RCY K . -2.41 -5.50 0.10
H1S RCY K . 4.89 -5.68 -0.80
H1U RCY K . 0.73 -4.60 0.16
N MET A 1 10.68 4.05 17.43
CA MET A 1 11.03 3.03 18.46
C MET A 1 12.10 2.09 17.90
N ASN A 2 12.84 1.43 18.76
CA ASN A 2 13.91 0.50 18.29
C ASN A 2 14.84 1.24 17.32
N LEU A 3 15.95 0.65 16.99
CA LEU A 3 16.89 1.32 16.05
C LEU A 3 17.13 2.75 16.52
N GLU A 4 17.52 3.63 15.63
CA GLU A 4 17.76 5.04 16.03
C GLU A 4 16.49 5.86 15.78
N PRO A 5 16.02 6.60 16.76
CA PRO A 5 14.80 7.44 16.62
C PRO A 5 14.71 8.13 15.26
N PRO A 6 13.89 7.62 14.36
CA PRO A 6 13.73 8.21 13.01
C PRO A 6 12.79 9.42 13.01
N LYS A 7 13.17 10.49 12.36
CA LYS A 7 12.31 11.70 12.33
C LYS A 7 12.21 12.21 10.88
N ALA A 8 13.13 11.80 10.04
CA ALA A 8 13.11 12.26 8.63
C ALA A 8 12.83 11.06 7.71
N GLU A 9 13.14 11.19 6.45
CA GLU A 9 12.90 10.06 5.50
C GLU A 9 13.55 10.39 4.15
N CYS A 10 14.51 11.30 4.15
CA CYS A 10 15.18 11.66 2.87
C CYS A 10 14.13 11.89 1.79
N ARG A 11 13.42 12.98 1.86
CA ARG A 11 12.38 13.27 0.83
C ARG A 11 13.02 14.02 -0.34
N SER A 12 14.29 13.82 -0.58
CA SER A 12 14.96 14.53 -1.70
C SER A 12 14.74 13.74 -2.99
N ALA A 13 14.35 14.41 -4.05
CA ALA A 13 14.12 13.71 -5.34
C ALA A 13 15.22 14.08 -6.33
N THR A 14 14.93 14.05 -7.61
CA THR A 14 15.97 14.40 -8.61
C THR A 14 15.31 14.64 -9.97
N ARG A 15 14.42 13.77 -10.37
CA ARG A 15 13.74 13.96 -11.68
C ARG A 15 12.44 13.15 -11.71
N VAL A 16 12.45 11.97 -11.17
CA VAL A 16 11.22 11.13 -11.17
C VAL A 16 10.38 11.47 -9.92
N MET A 17 9.18 11.95 -10.12
CA MET A 17 8.31 12.30 -8.96
C MET A 17 9.06 13.30 -8.07
N GLY A 18 8.64 14.53 -8.07
CA GLY A 18 9.32 15.56 -7.23
C GLY A 18 8.32 16.65 -6.84
N GLY A 19 8.79 17.68 -6.20
CA GLY A 19 7.88 18.79 -5.79
C GLY A 19 7.40 18.55 -4.35
N PRO A 20 7.19 19.61 -3.59
CA PRO A 20 6.72 19.50 -2.17
C PRO A 20 5.59 18.48 -2.01
N CYS A 21 5.12 18.30 -0.80
CA CYS A 21 4.02 17.34 -0.54
C CYS A 21 2.99 17.99 0.41
N THR A 22 1.72 17.84 0.13
CA THR A 22 0.68 18.45 1.00
C THR A 22 -0.47 17.47 1.22
N PRO A 23 -0.46 16.77 2.33
CA PRO A 23 -1.53 15.79 2.67
C PRO A 23 -2.93 16.44 2.66
N ARG A 24 -3.72 16.13 1.67
CA ARG A 24 -5.09 16.73 1.61
C ARG A 24 -5.81 16.18 0.36
N LYS A 25 -5.12 15.41 -0.43
CA LYS A 25 -5.76 14.85 -1.65
C LYS A 25 -6.65 13.67 -1.25
N GLY A 26 -7.70 13.43 -2.01
CA GLY A 26 -8.61 12.29 -1.67
C GLY A 26 -9.27 12.56 -0.31
N PRO A 27 -10.45 13.12 -0.32
CA PRO A 27 -11.21 13.44 0.93
C PRO A 27 -11.45 12.19 1.78
N PRO A 28 -12.11 12.35 2.91
CA PRO A 28 -12.40 11.21 3.83
C PRO A 28 -13.31 10.16 3.18
N LYS A 29 -12.92 8.91 3.22
CA LYS A 29 -13.74 7.81 2.63
C LYS A 29 -12.82 6.65 2.26
N CYS A 30 -12.78 5.62 3.06
CA CYS A 30 -11.91 4.46 2.74
C CYS A 30 -12.47 3.19 3.39
N LYS A 31 -12.36 3.07 4.68
CA LYS A 31 -12.89 1.86 5.36
C LYS A 31 -14.37 1.69 5.01
N GLN A 32 -15.07 0.82 5.69
CA GLN A 32 -16.52 0.59 5.38
C GLN A 32 -16.75 0.64 3.86
N ARG A 33 -15.87 0.05 3.10
CA ARG A 33 -16.02 0.07 1.62
C ARG A 33 -17.48 -0.20 1.24
N GLN A 34 -17.92 0.34 0.14
CA GLN A 34 -19.33 0.12 -0.30
C GLN A 34 -19.33 -0.19 -1.80
N THR A 35 -18.44 0.40 -2.54
CA THR A 35 -18.38 0.14 -4.00
C THR A 35 -17.16 -0.74 -4.31
N ARG A 36 -16.00 -0.28 -3.94
CA ARG A 36 -14.77 -1.08 -4.20
C ARG A 36 -14.99 -2.52 -3.73
N GLN A 37 -14.95 -2.73 -2.44
CA GLN A 37 -15.16 -4.10 -1.90
C GLN A 37 -14.21 -5.07 -2.61
N CYS A 38 -14.50 -6.34 -2.54
CA CYS A 38 -13.62 -7.35 -3.21
C CYS A 38 -14.34 -8.70 -3.25
N LYS A 39 -15.37 -8.86 -2.46
CA LYS A 39 -16.12 -10.14 -2.44
C LYS A 39 -15.22 -11.25 -1.90
N SER A 40 -13.99 -10.93 -1.58
CA SER A 40 -13.06 -11.95 -1.04
C SER A 40 -13.03 -11.87 0.49
N LYS A 41 -12.80 -12.98 1.15
CA LYS A 41 -12.75 -12.94 2.64
C LYS A 41 -11.55 -12.11 3.09
N PRO A 42 -11.57 -11.59 4.29
CA PRO A 42 -10.46 -10.77 4.84
C PRO A 42 -9.20 -11.60 5.10
N PRO A 43 -8.07 -10.97 5.19
CA PRO A 43 -6.78 -11.65 5.45
C PRO A 43 -6.65 -12.13 6.90
N LYS A 44 -6.08 -13.29 7.11
CA LYS A 44 -5.93 -13.80 8.49
C LYS A 44 -4.72 -14.75 8.54
N LYS A 45 -4.55 -15.54 7.52
CA LYS A 45 -3.39 -16.48 7.48
C LYS A 45 -2.99 -16.72 6.02
N GLY A 46 -2.25 -15.82 5.45
CA GLY A 46 -1.82 -15.98 4.03
C GLY A 46 -3.01 -15.70 3.11
N VAL A 47 -3.71 -16.72 2.71
CA VAL A 47 -4.89 -16.51 1.82
C VAL A 47 -4.50 -15.58 0.67
N GLN A 48 -4.06 -16.12 -0.43
CA GLN A 48 -3.66 -15.28 -1.59
C GLN A 48 -4.14 -15.95 -2.88
N GLY A 49 -3.46 -15.70 -3.97
CA GLY A 49 -3.87 -16.32 -5.26
C GLY A 49 -5.18 -15.69 -5.74
N CYS A 50 -5.59 -14.63 -5.12
CA CYS A 50 -6.86 -13.97 -5.54
C CYS A 50 -6.85 -13.74 -7.05
N GLY A 51 -5.70 -13.46 -7.61
CA GLY A 51 -5.62 -13.25 -9.08
C GLY A 51 -6.74 -12.30 -9.53
N ASP A 52 -6.51 -11.01 -9.47
CA ASP A 52 -7.57 -10.04 -9.88
C ASP A 52 -7.68 -10.04 -11.41
N ASP A 53 -8.54 -9.21 -11.94
CA ASP A 53 -8.69 -9.17 -13.43
C ASP A 53 -9.34 -7.85 -13.84
N ILE A 54 -9.07 -6.79 -13.11
CA ILE A 54 -9.67 -5.46 -13.45
C ILE A 54 -8.55 -4.47 -13.79
N PRO A 55 -8.14 -4.44 -15.03
CA PRO A 55 -7.05 -3.53 -15.49
C PRO A 55 -7.57 -2.13 -15.82
N GLY A 56 -8.59 -1.67 -15.14
CA GLY A 56 -9.13 -0.32 -15.42
C GLY A 56 -8.26 0.74 -14.75
N MET A 57 -7.34 0.32 -13.92
CA MET A 57 -6.46 1.32 -13.24
C MET A 57 -5.30 1.68 -14.15
N GLU A 58 -5.58 2.37 -15.23
CA GLU A 58 -4.49 2.76 -16.17
C GLU A 58 -3.38 3.47 -15.40
N GLY A 59 -3.70 4.06 -14.27
CA GLY A 59 -2.67 4.77 -13.48
C GLY A 59 -1.46 3.86 -13.27
N CYS A 60 -0.28 4.32 -13.59
CA CYS A 60 0.95 3.49 -13.40
C CYS A 60 0.90 2.30 -14.35
N GLY A 61 -0.27 1.84 -14.71
CA GLY A 61 -0.36 0.68 -15.64
C GLY A 61 -0.05 -0.62 -14.89
N THR A 62 -0.97 -1.54 -14.88
CA THR A 62 -0.72 -2.83 -14.17
C THR A 62 -0.28 -3.89 -15.18
N ASP A 63 0.99 -4.05 -15.38
CA ASP A 63 1.47 -5.07 -16.34
C ASP A 63 1.16 -6.47 -15.81
N ILE A 64 0.84 -6.57 -14.54
CA ILE A 64 0.52 -7.90 -13.94
C ILE A 64 -0.83 -7.84 -13.23
N THR A 65 -1.07 -6.79 -12.49
CA THR A 65 -2.35 -6.68 -11.74
C THR A 65 -2.21 -7.45 -10.43
N VAL A 66 -1.71 -8.66 -10.51
CA VAL A 66 -1.52 -9.46 -9.28
C VAL A 66 -0.20 -9.05 -8.62
N ILE A 67 0.90 -9.32 -9.29
CA ILE A 67 2.23 -8.93 -8.73
C ILE A 67 3.10 -8.31 -9.82
N CYS A 68 3.04 -7.01 -9.97
CA CYS A 68 3.87 -6.33 -11.00
C CYS A 68 5.35 -6.50 -10.65
N PRO A 69 6.21 -6.48 -11.64
CA PRO A 69 7.69 -6.67 -11.44
C PRO A 69 8.30 -5.62 -10.49
N TRP A 70 8.05 -4.37 -10.73
CA TRP A 70 8.63 -3.32 -9.85
C TRP A 70 8.07 -3.47 -8.43
N GLU A 71 7.16 -4.38 -8.24
CA GLU A 71 6.58 -4.60 -6.88
C GLU A 71 7.16 -5.88 -6.28
N ALA A 72 7.77 -6.69 -7.09
CA ALA A 72 8.35 -7.97 -6.58
C ALA A 72 9.49 -7.70 -5.61
N CYS A 73 9.41 -6.63 -4.85
CA CYS A 73 10.51 -6.35 -3.88
C CYS A 73 10.78 -7.60 -3.05
N ASN A 74 9.79 -8.45 -2.92
CA ASN A 74 9.96 -9.70 -2.14
C ASN A 74 8.64 -10.46 -2.16
N HIS A 75 8.66 -11.76 -1.96
CA HIS A 75 7.38 -12.53 -1.96
C HIS A 75 6.38 -11.78 -1.08
N CYS A 76 6.78 -11.44 0.12
CA CYS A 76 5.86 -10.69 1.02
C CYS A 76 6.60 -10.36 2.33
N GLU A 77 7.06 -9.14 2.47
CA GLU A 77 7.80 -8.76 3.71
C GLU A 77 6.96 -9.14 4.93
N LEU A 78 7.58 -9.25 6.08
CA LEU A 78 6.83 -9.61 7.32
C LEU A 78 5.86 -10.76 6.99
N HIS A 79 4.61 -10.61 7.34
CA HIS A 79 3.63 -11.71 7.05
C HIS A 79 2.21 -11.21 7.33
N GLU A 80 1.47 -11.89 8.17
CA GLU A 80 0.08 -11.47 8.46
C GLU A 80 0.08 -10.41 9.58
N LEU A 81 1.24 -10.04 10.06
CA LEU A 81 1.29 -9.01 11.15
C LEU A 81 1.39 -7.63 10.51
N ALA A 82 1.84 -7.57 9.28
CA ALA A 82 1.96 -6.26 8.59
C ALA A 82 0.59 -5.60 8.51
N GLN A 83 -0.46 -6.35 8.72
CA GLN A 83 -1.83 -5.76 8.66
C GLN A 83 -1.86 -4.41 9.37
N TYR A 84 -0.93 -4.19 10.26
CA TYR A 84 -0.90 -2.89 11.01
C TYR A 84 -0.54 -1.76 10.04
N GLY A 85 0.14 -0.76 10.51
CA GLY A 85 0.51 0.39 9.62
C GLY A 85 1.18 -0.12 8.34
N ILE A 86 2.28 -0.81 8.46
CA ILE A 86 2.97 -1.30 7.23
C ILE A 86 2.11 -2.35 6.53
N CYS A 87 0.90 -1.99 6.18
CA CYS A 87 -0.01 -2.95 5.49
C CYS A 87 0.67 -3.49 4.23
C1C RCY B . 11.07 12.54 0.82
O1G RCY B . 13.65 14.19 -1.62
O1H RCY B . 14.60 12.09 2.50
O1J RCY B . 11.81 11.58 3.58
C1L RCY B . 15.23 12.44 -0.96
C1M RCY B . 13.13 15.05 2.61
C1P RCY B . 14.14 13.50 -0.74
C1Q RCY B . 14.72 12.62 1.39
N1R RCY B . 13.74 13.59 0.74
C1S RCY B . 15.88 12.42 0.43
C1U RCY B . 12.66 14.43 1.40
C1V RCY B . 10.27 14.48 2.23
N1V RCY B . 12.04 12.95 3.09
C1W RCY B . 12.93 14.02 3.72
C1X RCY B . 11.46 13.60 1.85
C1Y RCY B . 12.25 14.65 4.93
C1Z RCY B . 14.27 13.39 4.12
H1S RCY B . 16.42 13.06 1.11
H1U RCY B . 12.32 15.20 0.71
C1C RCY C . 8.18 13.02 -3.01
O1G RCY C . 5.06 9.82 0.09
O1H RCY C . 6.10 14.15 -1.49
O1J RCY C . 10.13 10.89 -3.90
C1L RCY C . 3.83 11.94 0.08
C1M RCY C . 7.62 9.83 -1.20
C1P RCY C . 5.03 11.02 -0.18
C1Q RCY C . 5.68 13.22 -0.80
N1R RCY C . 6.20 11.79 -0.80
C1S RCY C . 4.54 13.29 0.21
C1U RCY C . 7.55 11.27 -1.29
C1V RCY C . 6.60 11.13 -3.64
N1V RCY C . 8.99 10.64 -3.04
C1W RCY C . 8.72 9.39 -2.19
C1X RCY C . 7.79 11.55 -2.78
C1Y RCY C . 8.21 8.25 -3.07
C1Z RCY C . 9.99 9.00 -1.46
H1S RCY C . 5.27 13.80 0.83
H1U RCY C . 8.35 11.71 -0.71
C1C RCY D . -9.17 1.58 0.41
O1G RCY D . -5.02 4.54 1.57
O1H RCY D . -9.55 3.25 1.86
O1J RCY D . -8.27 2.50 -2.31
C1L RCY D . -7.06 5.73 2.21
C1M RCY D . -5.50 1.91 0.27
C1P RCY D . -6.23 4.53 1.71
C1Q RCY D . -8.53 3.89 1.65
N1R RCY D . -7.13 3.32 1.41
C1S RCY D . -8.41 5.40 1.56
C1U RCY D . -6.73 1.91 0.99
C1V RCY D . -7.48 -0.21 -0.17
N1V RCY D . -7.36 2.04 -1.26
C1W RCY D . -5.84 2.20 -1.20
C1X RCY D . -7.73 1.29 0.02
C1Y RCY D . -5.16 1.19 -2.12
C1Z RCY D . -5.49 3.63 -1.59
H1S RCY D . -8.88 5.29 0.60
H1U RCY D . -6.64 1.28 1.87
C1C RCY E . -7.07 -9.33 -3.03
O1G RCY E . -8.32 -9.41 1.27
O1H RCY E . -10.20 -6.81 -2.20
O1J RCY E . -4.13 -8.74 -2.80
C1L RCY E . -10.62 -8.84 0.66
C1M RCY E . -6.37 -7.15 -0.13
C1P RCY E . -9.08 -8.80 0.53
C1Q RCY E . -9.97 -7.32 -1.10
N1R RCY E . -8.65 -7.90 -0.62
C1S RCY E . -10.97 -7.50 0.03
C1U RCY E . -7.24 -7.63 -1.15
C1V RCY E . -6.63 -10.03 -0.63
N1V RCY E . -5.12 -8.40 -1.77
C1W RCY E . -4.94 -7.45 -0.60
C1X RCY E . -6.55 -8.90 -1.65
C1Y RCY E . -4.13 -8.12 0.52
C1Z RCY E . -4.23 -6.18 -1.07
H1S RCY E . -10.84 -6.44 0.17
H1U RCY E . -7.29 -6.91 -1.95
C1C RCY F . -5.22 -8.17 -5.64
O1G RCY F . -4.61 -9.70 -0.60
O1H RCY F . -7.10 -10.27 -4.56
O1J RCY F . -3.72 -5.56 -5.42
C1L RCY F . -5.90 -11.57 -1.50
C1M RCY F . -4.65 -7.25 -2.10
C1P RCY F . -5.33 -10.15 -1.49
C1Q RCY F . -6.74 -10.31 -3.39
N1R RCY F . -5.80 -9.34 -2.70
C1S RCY F . -7.16 -11.34 -2.35
C1U RCY F . -5.40 -7.92 -3.13
C1V RCY F . -3.28 -8.86 -4.15
N1V RCY F . -3.99 -6.46 -4.28
C1W RCY F . -3.86 -6.14 -2.80
C1X RCY F . -4.46 -7.90 -4.33
C1Y RCY F . -2.40 -6.17 -2.37
C1Z RCY F . -4.48 -4.77 -2.52
H1S RCY F . -8.10 -10.80 -2.35
H1U RCY F . -6.30 -7.35 -3.35
C1C RCY G . 4.61 1.33 -7.33
O1G RCY G . 0.05 0.19 -7.78
O1H RCY G . 2.43 4.18 -8.62
O1J RCY G . 5.13 0.22 -4.59
C1L RCY G . -0.06 1.87 -9.56
C1M RCY G . 1.54 1.36 -5.28
C1P RCY G . 0.45 1.26 -8.26
C1Q RCY G . 1.53 3.35 -8.51
N1R RCY G . 1.51 2.13 -7.60
C1S RCY G . 0.22 3.34 -9.30
C1U RCY G . 2.34 1.88 -6.34
C1V RCY G . 2.82 -0.47 -7.19
N1V RCY G . 3.80 0.52 -5.11
C1W RCY G . 2.49 0.63 -4.32
C1X RCY G . 3.41 0.79 -6.55
C1Y RCY G . 1.96 -0.75 -3.97
C1Z RCY G . 2.74 1.45 -3.06
H1S RCY G . -0.05 4.15 -8.63
H1U RCY G . 2.82 2.79 -6.02
C1C RCY H . 2.52 -1.57 -4.20
O1G RCY H . 0.79 -2.29 -6.10
O1H RCY H . 4.09 -4.49 -8.66
O1J RCY H . 5.23 -0.79 -3.10
C1L RCY H . 0.75 -3.44 -8.26
C1M RCY H . 5.26 -2.78 -6.39
C1P RCY H . 1.40 -2.88 -6.99
C1Q RCY H . 3.13 -3.79 -8.33
N1R RCY H . 2.89 -3.16 -6.96
C1S RCY H . 1.95 -3.41 -9.21
C1U RCY H . 3.92 -2.87 -5.86
C1V RCY H . 3.54 -0.39 -6.21
N1V RCY H . 5.02 -1.37 -4.43
C1W RCY H . 6.06 -1.97 -5.36
C1X RCY H . 3.70 -1.52 -5.18
C1Y RCY H . 6.85 -0.87 -6.07
C1Z RCY H . 6.99 -2.88 -4.56
H1S RCY H . 2.65 -2.74 -9.68
H1U RCY H . 3.88 -3.65 -5.12
C1C RCY I . 3.95 -0.54 -4.37
O1G RCY I . 6.77 0.13 -2.84
O1H RCY I . 7.22 -4.47 -3.81
O1J RCY I . 1.43 -1.06 -2.81
C1L RCY I . 8.68 -1.28 -3.44
C1M RCY I . 4.54 -2.99 -1.65
C1P RCY I . 7.21 -0.99 -3.10
C1Q RCY I . 7.42 -3.33 -3.38
N1R RCY I . 6.37 -2.26 -3.13
C1S RCY I . 8.76 -2.75 -3.01
C1U RCY I . 4.86 -2.42 -2.94
C1V RCY I . 4.75 -0.08 -2.01
N1V RCY I . 2.76 -1.54 -2.41
C1W RCY I . 3.09 -2.60 -1.36
C1X RCY I . 4.11 -1.10 -2.95
C1Y RCY I . 2.96 -2.01 0.05
C1Z RCY I . 2.15 -3.79 -1.55
H1S RCY I . 8.68 -3.38 -2.13
H1U RCY I . 4.46 -3.06 -3.71
C1C RCY J . 2.55 -7.57 -4.90
O1G RCY J . 5.39 -8.50 -3.75
O1H RCY J . 1.97 -8.54 -0.48
O1J RCY J . -0.16 -7.84 -3.60
C1L RCY J . 4.66 -10.16 -2.10
C1M RCY J . 2.44 -5.79 -1.65
C1P RCY J . 4.64 -8.81 -2.81
C1Q RCY J . 3.04 -8.69 -1.06
N1R RCY J . 3.58 -7.87 -2.23
C1S RCY J . 4.10 -9.75 -0.74
C1U RCY J . 3.15 -6.48 -2.69
C1V RCY J . 1.97 -5.14 -4.49
N1V RCY J . 0.89 -6.94 -3.12
C1W RCY J . 0.97 -6.23 -1.77
C1X RCY J . 2.16 -6.52 -3.85
C1Y RCY J . 0.04 -5.01 -1.76
C1Z RCY J . 0.59 -7.21 -0.66
H1S RCY J . 4.30 -9.12 0.12
H1U RCY J . 4.02 -5.92 -2.98
C1C RCY K . -6.47 -3.57 0.16
O1G RCY K . -1.63 -0.96 -0.39
O1H RCY K . -4.46 -3.85 2.05
O1J RCY K . -7.23 -3.86 -2.73
C1L RCY K . -1.47 -1.99 1.83
C1M RCY K . -3.78 -2.33 -2.06
C1P RCY K . -2.14 -1.66 0.49
C1Q RCY K . -3.69 -2.95 1.74
N1R RCY K . -3.52 -2.31 0.37
C1S RCY K . -2.71 -2.25 2.69
C1U RCY K . -4.49 -2.33 -0.80
C1V RCY K . -4.48 -4.87 -0.73
N1V RCY K . -5.90 -3.49 -2.27
C1W RCY K . -4.76 -2.90 -3.10
C1X RCY K . -5.34 -3.60 -0.87
C1Y RCY K . -4.08 -3.99 -3.93
C1Z RCY K . -5.31 -1.80 -4.00
H1S RCY K . -3.60 -1.76 3.08
H1U RCY K . -5.13 -1.47 -0.76
N MET A 1 -18.90 -6.93 10.09
CA MET A 1 -18.33 -5.57 10.27
C MET A 1 -18.21 -5.27 11.77
N ASN A 2 -18.97 -4.34 12.26
CA ASN A 2 -18.90 -3.99 13.71
C ASN A 2 -20.19 -3.29 14.13
N LEU A 3 -20.83 -2.61 13.22
CA LEU A 3 -22.10 -1.90 13.58
C LEU A 3 -21.84 -0.95 14.75
N GLU A 4 -20.92 -0.04 14.60
CA GLU A 4 -20.61 0.92 15.70
C GLU A 4 -20.63 2.36 15.15
N PRO A 5 -21.21 3.27 15.87
CA PRO A 5 -21.29 4.70 15.43
C PRO A 5 -19.98 5.19 14.80
N PRO A 6 -20.05 6.20 13.98
CA PRO A 6 -18.84 6.77 13.31
C PRO A 6 -17.94 7.53 14.30
N LYS A 7 -16.73 7.82 13.91
CA LYS A 7 -15.81 8.55 14.82
C LYS A 7 -15.14 9.71 14.07
N ALA A 8 -15.84 10.29 13.13
CA ALA A 8 -15.25 11.42 12.36
C ALA A 8 -14.05 10.93 11.54
N GLU A 9 -12.98 10.56 12.20
CA GLU A 9 -11.79 10.06 11.46
C GLU A 9 -11.04 11.25 10.84
N CYS A 10 -11.29 12.44 11.34
CA CYS A 10 -10.60 13.65 10.78
C CYS A 10 -9.49 14.07 11.74
N ARG A 11 -9.13 15.33 11.72
CA ARG A 11 -8.06 15.82 12.64
C ARG A 11 -8.32 15.32 14.05
N SER A 12 -7.31 15.27 14.88
CA SER A 12 -7.50 14.79 16.27
C SER A 12 -6.13 14.66 16.96
N ALA A 13 -5.17 14.12 16.27
CA ALA A 13 -3.81 13.97 16.88
C ALA A 13 -2.76 13.90 15.78
N THR A 14 -2.88 14.74 14.78
CA THR A 14 -1.89 14.72 13.66
C THR A 14 -1.86 16.09 12.98
N ARG A 15 -1.75 17.15 13.75
CA ARG A 15 -1.72 18.50 13.15
C ARG A 15 -0.71 18.53 11.99
N VAL A 16 0.48 18.05 12.23
CA VAL A 16 1.50 18.05 11.13
C VAL A 16 2.51 16.93 11.40
N MET A 17 2.96 16.27 10.37
CA MET A 17 3.94 15.16 10.56
C MET A 17 5.24 15.72 11.16
N GLY A 18 6.30 15.71 10.42
CA GLY A 18 7.59 16.24 10.94
C GLY A 18 8.37 16.91 9.80
N GLY A 19 8.92 18.07 10.05
CA GLY A 19 9.68 18.78 8.98
C GLY A 19 8.75 19.07 7.80
N PRO A 20 9.16 19.97 6.94
CA PRO A 20 8.35 20.35 5.74
C PRO A 20 8.28 19.22 4.70
N CYS A 21 7.44 19.36 3.72
CA CYS A 21 7.32 18.30 2.68
C CYS A 21 7.23 18.94 1.29
N THR A 22 8.15 18.62 0.42
CA THR A 22 8.13 19.21 -0.96
C THR A 22 7.63 18.16 -1.95
N PRO A 23 6.43 18.31 -2.45
CA PRO A 23 5.84 17.33 -3.43
C PRO A 23 6.78 17.02 -4.60
N ARG A 24 6.23 16.64 -5.72
CA ARG A 24 7.07 16.31 -6.90
C ARG A 24 7.73 14.94 -6.71
N LYS A 25 8.85 14.71 -7.34
CA LYS A 25 9.53 13.40 -7.19
C LYS A 25 8.53 12.27 -7.46
N GLY A 26 7.80 12.36 -8.55
CA GLY A 26 6.81 11.30 -8.87
C GLY A 26 7.53 9.95 -9.04
N PRO A 27 6.93 8.88 -8.59
CA PRO A 27 7.53 7.52 -8.72
C PRO A 27 8.05 7.25 -10.13
N PRO A 28 8.93 6.29 -10.29
CA PRO A 28 9.50 5.93 -11.61
C PRO A 28 8.44 5.96 -12.73
N LYS A 29 8.86 5.96 -13.97
CA LYS A 29 7.88 6.00 -15.09
C LYS A 29 6.74 5.02 -14.81
N CYS A 30 5.66 5.49 -14.24
CA CYS A 30 4.51 4.59 -13.94
C CYS A 30 3.57 4.54 -15.15
N LYS A 31 3.40 3.38 -15.73
CA LYS A 31 2.50 3.27 -16.92
C LYS A 31 1.11 2.84 -16.46
N GLN A 32 0.80 3.02 -15.20
CA GLN A 32 -0.54 2.62 -14.70
C GLN A 32 -1.56 3.72 -15.06
N ARG A 33 -2.80 3.50 -14.72
CA ARG A 33 -3.84 4.53 -15.04
C ARG A 33 -5.05 4.33 -14.12
N GLN A 34 -5.05 3.27 -13.36
CA GLN A 34 -6.19 3.01 -12.44
C GLN A 34 -5.89 1.78 -11.59
N THR A 35 -6.47 0.65 -11.92
CA THR A 35 -6.21 -0.58 -11.13
C THR A 35 -6.65 -1.81 -11.93
N ARG A 36 -7.21 -2.78 -11.28
CA ARG A 36 -7.67 -4.00 -12.01
C ARG A 36 -6.50 -4.56 -12.84
N GLN A 37 -5.31 -4.51 -12.32
CA GLN A 37 -4.14 -5.04 -13.08
C GLN A 37 -3.10 -5.58 -12.10
N CYS A 38 -1.97 -6.00 -12.59
CA CYS A 38 -0.90 -6.53 -11.68
C CYS A 38 -1.41 -7.81 -11.01
N LYS A 39 -1.39 -8.91 -11.71
CA LYS A 39 -1.87 -10.19 -11.13
C LYS A 39 -1.11 -11.36 -11.75
N SER A 40 -0.54 -12.22 -10.94
CA SER A 40 0.22 -13.38 -11.48
C SER A 40 1.01 -14.04 -10.35
N LYS A 41 2.05 -13.38 -9.88
CA LYS A 41 2.85 -13.97 -8.78
C LYS A 41 1.96 -14.20 -7.55
N PRO A 42 1.80 -15.43 -7.13
CA PRO A 42 0.93 -15.76 -5.95
C PRO A 42 1.65 -15.46 -4.62
N PRO A 43 0.89 -15.32 -3.55
CA PRO A 43 1.46 -15.03 -2.21
C PRO A 43 2.14 -16.26 -1.58
N LYS A 44 2.92 -16.06 -0.55
CA LYS A 44 3.61 -17.21 0.10
C LYS A 44 4.67 -17.78 -0.84
N LYS A 45 5.61 -16.97 -1.24
CA LYS A 45 6.69 -17.45 -2.14
C LYS A 45 7.86 -16.48 -2.11
N GLY A 46 7.76 -15.38 -2.81
CA GLY A 46 8.87 -14.38 -2.82
C GLY A 46 10.08 -14.97 -3.56
N VAL A 47 10.38 -14.45 -4.72
CA VAL A 47 11.54 -14.98 -5.48
C VAL A 47 12.83 -14.75 -4.69
N GLN A 48 12.72 -14.15 -3.53
CA GLN A 48 13.94 -13.89 -2.73
C GLN A 48 14.91 -13.02 -3.52
N GLY A 49 14.41 -12.26 -4.45
CA GLY A 49 15.29 -11.38 -5.28
C GLY A 49 14.72 -9.97 -5.30
N CYS A 50 13.93 -9.65 -6.31
CA CYS A 50 13.33 -8.29 -6.40
C CYS A 50 14.33 -7.24 -5.87
N GLY A 51 14.14 -6.80 -4.66
CA GLY A 51 15.06 -5.80 -4.07
C GLY A 51 15.19 -4.59 -5.02
N ASP A 52 16.03 -4.69 -6.01
CA ASP A 52 16.22 -3.56 -6.97
C ASP A 52 14.85 -2.98 -7.34
N ASP A 53 14.82 -1.73 -7.73
CA ASP A 53 13.53 -1.10 -8.12
C ASP A 53 13.15 -1.51 -9.53
N ILE A 54 13.03 -2.79 -9.78
CA ILE A 54 12.67 -3.26 -11.14
C ILE A 54 11.47 -2.43 -11.66
N PRO A 55 11.69 -1.58 -12.63
CA PRO A 55 10.61 -0.72 -13.20
C PRO A 55 9.71 -1.50 -14.18
N GLY A 56 8.91 -2.39 -13.68
CA GLY A 56 8.02 -3.17 -14.57
C GLY A 56 6.92 -3.85 -13.74
N MET A 57 7.26 -4.33 -12.58
CA MET A 57 6.24 -5.00 -11.72
C MET A 57 5.51 -6.06 -12.54
N GLU A 58 4.38 -5.73 -13.11
CA GLU A 58 3.62 -6.73 -13.91
C GLU A 58 3.24 -7.91 -13.02
N GLY A 59 2.89 -7.65 -11.79
CA GLY A 59 2.50 -8.76 -10.87
C GLY A 59 2.59 -8.28 -9.43
N CYS A 60 1.56 -8.47 -8.65
CA CYS A 60 1.59 -8.01 -7.24
C CYS A 60 0.64 -8.88 -6.40
N GLY A 61 -0.63 -8.57 -6.42
CA GLY A 61 -1.60 -9.38 -5.63
C GLY A 61 -2.80 -8.51 -5.24
N THR A 62 -3.57 -8.07 -6.21
CA THR A 62 -4.75 -7.23 -5.89
C THR A 62 -5.84 -8.09 -5.26
N ASP A 63 -5.67 -8.47 -4.01
CA ASP A 63 -6.71 -9.30 -3.36
C ASP A 63 -8.08 -8.67 -3.59
N ILE A 64 -8.21 -7.39 -3.37
CA ILE A 64 -9.52 -6.71 -3.60
C ILE A 64 -9.47 -6.01 -4.96
N THR A 65 -8.95 -4.82 -5.00
CA THR A 65 -8.85 -4.06 -6.27
C THR A 65 -8.25 -2.69 -5.95
N VAL A 66 -8.70 -2.11 -4.86
CA VAL A 66 -8.17 -0.79 -4.44
C VAL A 66 -8.00 -0.81 -2.92
N ILE A 67 -8.85 -1.53 -2.22
CA ILE A 67 -8.73 -1.58 -0.73
C ILE A 67 -8.88 -3.02 -0.20
N CYS A 68 -7.80 -3.75 -0.13
CA CYS A 68 -7.85 -5.14 0.42
C CYS A 68 -7.85 -5.07 1.95
N PRO A 69 -8.45 -6.03 2.62
CA PRO A 69 -8.49 -6.05 4.11
C PRO A 69 -7.09 -6.05 4.72
N TRP A 70 -6.09 -6.31 3.92
CA TRP A 70 -4.69 -6.31 4.43
C TRP A 70 -4.19 -4.87 4.55
N GLU A 71 -4.99 -3.93 4.11
CA GLU A 71 -4.55 -2.50 4.18
C GLU A 71 -4.69 -2.00 5.62
N ALA A 72 -5.72 -2.42 6.31
CA ALA A 72 -5.89 -1.96 7.72
C ALA A 72 -4.68 -2.37 8.54
N CYS A 73 -3.96 -1.41 9.08
CA CYS A 73 -2.76 -1.75 9.90
C CYS A 73 -3.15 -2.76 10.98
N ASN A 74 -3.10 -4.03 10.66
CA ASN A 74 -3.46 -5.06 11.67
C ASN A 74 -2.18 -5.57 12.35
N HIS A 75 -1.47 -4.69 13.02
CA HIS A 75 -0.21 -5.11 13.70
C HIS A 75 0.87 -5.39 12.65
N CYS A 76 0.85 -4.68 11.55
CA CYS A 76 1.86 -4.91 10.49
C CYS A 76 3.02 -3.93 10.66
N GLU A 77 2.87 -2.98 11.55
CA GLU A 77 3.96 -1.99 11.77
C GLU A 77 5.13 -2.66 12.49
N LEU A 78 4.85 -3.65 13.31
CA LEU A 78 5.95 -4.34 14.03
C LEU A 78 6.70 -5.25 13.08
N HIS A 79 6.60 -4.99 11.80
CA HIS A 79 7.31 -5.84 10.80
C HIS A 79 8.77 -6.05 11.24
N GLU A 80 9.51 -6.85 10.52
CA GLU A 80 10.93 -7.10 10.89
C GLU A 80 11.84 -6.18 10.07
N LEU A 81 11.59 -6.07 8.79
CA LEU A 81 12.46 -5.19 7.94
C LEU A 81 12.01 -3.74 8.09
N ALA A 82 11.20 -3.46 9.09
CA ALA A 82 10.73 -2.06 9.29
C ALA A 82 11.94 -1.14 9.46
N GLN A 83 12.50 -0.67 8.37
CA GLN A 83 13.69 0.23 8.46
C GLN A 83 13.72 1.16 7.25
N TYR A 84 12.79 1.01 6.35
CA TYR A 84 12.76 1.89 5.14
C TYR A 84 11.32 2.28 4.81
N GLY A 85 10.50 2.46 5.82
CA GLY A 85 9.08 2.84 5.57
C GLY A 85 8.19 2.29 6.68
N ILE A 86 8.80 1.75 7.72
CA ILE A 86 7.99 1.20 8.84
C ILE A 86 6.82 0.37 8.27
N CYS A 87 7.13 -0.70 7.61
CA CYS A 87 6.04 -1.54 7.01
C CYS A 87 5.45 -2.46 8.09
C1C RCY B . -5.71 13.01 9.00
O1G RCY B . -5.98 16.13 10.92
O1H RCY B . -9.85 13.44 10.58
O1J RCY B . -3.63 14.75 10.29
C1L RCY B . -8.29 16.60 10.28
C1M RCY B . -6.24 13.25 12.65
C1P RCY B . -7.11 15.72 10.71
C1Q RCY B . -8.98 14.29 10.36
N1R RCY B . -7.54 14.25 10.84
C1S RCY B . -9.16 15.56 9.56
C1U RCY B . -6.72 13.05 11.32
C1V RCY B . -4.82 11.46 10.79
N1V RCY B . -4.57 13.94 11.03
C1W RCY B . -4.92 14.02 12.51
C1X RCY B . -5.45 12.81 10.49
C1Y RCY B . -3.82 13.36 13.36
C1Z RCY B . -5.09 15.48 12.91
H1S RCY B . -9.14 14.91 8.69
H1U RCY B . -7.33 12.16 11.28
C1C RCY C . 1.64 14.79 5.34
O1G RCY C . 1.80 13.09 1.47
O1H RCY C . 5.41 14.52 4.17
O1J RCY C . -0.65 13.78 3.68
C1L RCY C . 3.71 14.57 1.07
C1M RCY C . 2.33 11.39 4.01
C1P RCY C . 2.80 13.66 1.91
C1Q RCY C . 4.49 14.51 3.36
N1R RCY C . 3.30 13.54 3.35
C1S RCY C . 4.30 15.45 2.17
C1U RCY C . 2.76 12.67 4.49
C1V RCY C . 1.18 12.56 6.46
N1V RCY C . 0.47 12.96 4.08
C1W RCY C . 0.87 11.59 3.54
C1X RCY C . 1.52 13.27 5.14
C1Y RCY C . -0.02 10.49 4.11
C1Z RCY C . 0.79 11.61 2.01
H1S RCY C . 4.02 16.17 2.93
H1U RCY C . 3.53 12.54 5.23
C1C RCY D . 0.05 5.83 -8.08
O1G RCY D . -0.50 8.96 -10.23
O1H RCY D . 1.05 4.95 -12.19
O1J RCY D . -1.44 8.39 -7.51
C1L RCY D . 1.38 8.43 -11.69
C1M RCY D . -2.59 6.43 -10.60
C1P RCY D . 0.15 8.12 -10.84
C1Q RCY D . 1.00 6.06 -11.63
N1R RCY D . -0.16 6.62 -10.83
C1S RCY D . 2.11 7.08 -11.61
C1U RCY D . -1.34 5.87 -10.20
C1V RCY D . -2.35 5.01 -8.05
N1V RCY D . -1.85 7.42 -8.52
C1W RCY D . -2.87 7.60 -9.64
C1X RCY D . -1.36 5.98 -8.67
C1Y RCY D . -4.29 7.52 -9.09
C1Z RCY D . -2.62 8.95 -10.31
H1S RCY D . 2.59 6.42 -10.91
H1U RCY D . -1.30 4.83 -10.48
C1C RCY E . -6.48 -2.11 -8.12
O1G RCY E . -5.84 -4.25 -10.94
O1H RCY E . -1.79 -4.09 -8.53
O1J RCY E . -6.85 -2.50 -5.17
C1L RCY E . -3.49 -4.18 -11.62
C1M RCY E . -4.20 -4.72 -6.82
C1P RCY E . -4.66 -4.18 -10.62
C1Q RCY E . -2.67 -3.90 -9.37
N1R RCY E . -4.17 -4.07 -9.19
C1S RCY E . -2.44 -3.43 -10.80
C1U RCY E . -4.97 -4.12 -7.89
C1V RCY E . -4.10 -1.81 -7.30
N1V RCY E . -5.76 -3.09 -5.93
C1W RCY E . -4.83 -4.22 -5.52
C1X RCY E . -5.32 -2.74 -7.34
C1Y RCY E . -3.75 -3.69 -4.56
C1Z RCY E . -5.65 -5.33 -4.84
H1S RCY E . -2.26 -2.47 -10.34
H1U RCY E . -5.87 -4.70 -8.03
C1C RCY F . 9.25 -5.16 -3.18
O1G RCY F . 8.45 -9.68 -0.66
O1H RCY F . 10.49 -6.75 -3.75
O1J RCY F . 7.66 -6.11 -5.54
C1L RCY F . 10.49 -9.80 -1.99
C1M RCY F . 6.51 -7.42 -2.13
C1P RCY F . 9.19 -9.17 -1.50
C1Q RCY F . 10.06 -7.76 -3.19
N1R RCY F . 8.92 -7.83 -2.18
C1S RCY F . 10.58 -9.17 -3.38
C1U RCY F . 7.80 -6.82 -1.93
C1V RCY F . 6.91 -4.52 -2.47
N1V RCY F . 7.27 -6.33 -4.16
C1W RCY F . 6.21 -7.30 -3.62
C1X RCY F . 7.83 -5.65 -2.92
C1Y RCY F . 4.81 -6.73 -3.86
C1Z RCY F . 6.37 -8.65 -4.32
H1S RCY F . 10.07 -9.12 -4.34
H1U RCY F . 7.88 -6.44 -0.92
C1C RCY G . -0.87 0.48 -5.88
O1G RCY G . -1.19 -2.03 -6.75
O1H RCY G . 3.41 -3.02 -6.38
O1J RCY G . 0.62 3.05 -5.39
C1L RCY G . 0.14 -3.99 -7.32
C1M RCY G . 2.79 -0.05 -6.00
C1P RCY G . -0.09 -2.57 -6.81
C1Q RCY G . 2.25 -2.94 -6.80
N1R RCY G . 1.22 -1.90 -6.41
C1S RCY G . 1.59 -3.87 -7.80
C1U RCY G . 1.45 -0.51 -5.78
C1V RCY G . 0.64 0.56 -7.92
N1V RCY G . 1.25 1.82 -5.83
C1W RCY G . 2.74 1.47 -5.84
C1X RCY G . 0.57 0.57 -6.38
C1Y RCY G . 3.44 2.15 -7.03
C1Z RCY G . 3.37 1.91 -4.52
H1S RCY G . 2.20 -3.35 -8.53
H1U RCY G . 1.26 -0.58 -4.71
C1C RCY H . -4.62 1.78 1.10
O1G RCY H . -5.62 -0.41 2.30
O1H RCY H . -3.33 -3.35 -0.59
O1J RCY H . -3.36 3.37 -1.12
C1L RCY H . -5.65 -2.84 2.03
C1M RCY H . -3.08 -0.44 -1.43
C1P RCY H . -5.22 -1.40 1.69
C1Q RCY H . -4.20 -2.82 0.09
N1R RCY H . -4.25 -1.36 0.52
C1S RCY H . -5.43 -3.49 0.66
C1U RCY H . -3.52 -0.16 -0.09
C1V RCY H . -5.73 0.74 -0.92
N1V RCY H . -3.54 1.92 -1.15
C1W RCY H . -2.88 0.93 -2.10
C1X RCY H . -4.41 1.08 -0.24
C1Y RCY H . -3.57 0.96 -3.47
C1Z RCY H . -1.39 1.27 -2.24
H1S RCY H . -5.80 -3.46 -0.36
H1U RCY H . -2.66 0.08 0.52
C1C RCY I . -1.69 -5.37 6.32
O1G RCY I . -0.84 -4.98 8.62
O1H RCY I . -0.07 -0.66 6.88
O1J RCY I . -3.31 -3.36 4.77
C1L RCY I . -1.05 -2.73 9.57
C1M RCY I . 0.47 -2.73 4.89
C1P RCY I . -0.71 -3.77 8.49
C1Q RCY I . -0.11 -1.64 7.64
N1R RCY I . -0.18 -3.11 7.22
C1S RCY I . -0.10 -1.60 9.15
C1U RCY I . 0.19 -3.73 5.87
C1V RCY I . -0.49 -5.39 4.08
N1V RCY I . -1.86 -3.41 4.77
C1W RCY I . -0.88 -2.34 4.28
C1X RCY I . -0.96 -4.54 5.27
C1Y RCY I . -0.81 -2.34 2.75
C1Z RCY I . -1.34 -0.97 4.79
H1S RCY I . 0.94 -1.37 9.04
H1U RCY I . 1.05 -4.37 5.99
C1C RCY J . -0.40 -3.15 2.80
O1G RCY J . 2.82 -2.98 3.58
O1H RCY J . 0.88 -6.87 5.41
O1J RCY J . 1.97 -2.01 1.35
C1L RCY J . 2.87 -3.98 5.80
C1M RCY J . 1.90 -5.83 1.67
C1P RCY J . 2.44 -3.87 4.34
C1Q RCY J . 1.28 -5.71 5.26
N1R RCY J . 1.49 -4.99 3.94
C1S RCY J . 1.67 -4.75 6.37
C1U RCY J . 0.90 -5.32 2.56
C1V RCY J . -0.49 -4.45 0.63
N1V RCY J . 1.66 -3.44 1.41
C1W RCY J . 2.56 -4.60 1.04
C1X RCY J . 0.36 -4.08 1.85
C1Y RCY J . 2.64 -4.76 -0.48
C1Z RCY J . 3.96 -4.36 1.63
H1S RCY J . 0.60 -4.66 6.52
H1U RCY J . 0.10 -6.04 2.68
C1C RCY K . 5.05 -6.31 0.63
O1G RCY K . 7.93 -2.43 0.70
O1H RCY K . 4.15 -4.54 2.56
O1J RCY K . 2.24 -5.34 1.00
C1L RCY K . 7.12 -2.68 2.99
C1M RCY K . 4.54 -3.04 -1.02
C1P RCY K . 7.06 -2.84 1.47
C1Q RCY K . 5.05 -3.73 2.33
N1R RCY K . 5.80 -3.57 1.02
C1S RCY K . 5.61 -2.73 3.31
C1U RCY K . 5.38 -4.02 -0.39
C1V RCY K . 4.37 -5.88 -1.77
N1V RCY K . 3.20 -4.71 0.11
C1W RCY K . 3.11 -3.33 -0.56
C1X RCY K . 4.53 -5.29 -0.37
C1Y RCY K . 2.15 -3.38 -1.75
C1Z RCY K . 2.65 -2.31 0.48
H1S RCY K . 4.70 -2.18 3.13
H1U RCY K . 6.26 -4.18 -0.99
N MET A 1 25.19 4.13 6.33
CA MET A 1 26.31 4.57 7.21
C MET A 1 25.80 4.72 8.65
N ASN A 2 25.09 5.77 8.93
CA ASN A 2 24.56 5.98 10.31
C ASN A 2 23.10 5.53 10.37
N LEU A 3 22.17 6.42 10.09
CA LEU A 3 20.72 6.06 10.13
C LEU A 3 20.48 4.86 11.04
N GLU A 4 21.01 4.89 12.24
CA GLU A 4 20.82 3.74 13.16
C GLU A 4 19.32 3.51 13.36
N PRO A 5 18.91 2.28 13.60
CA PRO A 5 17.48 1.95 13.81
C PRO A 5 16.74 3.03 14.60
N PRO A 6 15.55 3.40 14.17
CA PRO A 6 14.73 4.44 14.86
C PRO A 6 14.12 3.92 16.17
N LYS A 7 13.64 4.81 17.00
CA LYS A 7 13.02 4.36 18.29
C LYS A 7 12.16 3.12 18.05
N ALA A 8 10.93 3.32 17.67
CA ALA A 8 10.02 2.17 17.42
C ALA A 8 8.82 2.63 16.60
N GLU A 9 7.64 2.55 17.15
CA GLU A 9 6.43 2.99 16.39
C GLU A 9 5.21 2.94 17.32
N CYS A 10 4.87 4.04 17.92
CA CYS A 10 3.70 4.06 18.83
C CYS A 10 2.42 4.27 18.02
N ARG A 11 1.68 5.31 18.32
CA ARG A 11 0.41 5.61 17.57
C ARG A 11 -0.22 4.29 17.08
N SER A 12 -0.43 3.36 17.96
CA SER A 12 -1.03 2.06 17.55
C SER A 12 -1.46 1.28 18.79
N ALA A 13 -1.49 -0.02 18.70
CA ALA A 13 -1.88 -0.84 19.88
C ALA A 13 -3.39 -0.68 20.14
N THR A 14 -3.93 0.47 19.82
CA THR A 14 -5.39 0.69 20.05
C THR A 14 -6.19 -0.07 18.99
N ARG A 15 -5.65 -1.13 18.47
CA ARG A 15 -6.37 -1.92 17.43
C ARG A 15 -6.66 -1.03 16.22
N VAL A 16 -7.63 -0.17 16.32
CA VAL A 16 -7.96 0.73 15.18
C VAL A 16 -8.83 1.89 15.68
N MET A 17 -8.91 2.95 14.94
CA MET A 17 -9.74 4.12 15.37
C MET A 17 -11.12 3.61 15.83
N GLY A 18 -11.95 3.22 14.90
CA GLY A 18 -13.29 2.72 15.28
C GLY A 18 -14.00 2.14 14.06
N GLY A 19 -15.23 1.72 14.21
CA GLY A 19 -15.97 1.13 13.06
C GLY A 19 -16.75 2.24 12.33
N PRO A 20 -17.44 3.07 13.06
CA PRO A 20 -18.24 4.18 12.47
C PRO A 20 -17.45 4.99 11.43
N CYS A 21 -17.42 4.52 10.21
CA CYS A 21 -16.68 5.25 9.14
C CYS A 21 -17.50 5.25 7.86
N THR A 22 -17.38 6.28 7.05
CA THR A 22 -18.17 6.33 5.78
C THR A 22 -17.30 6.89 4.66
N PRO A 23 -16.71 6.02 3.86
CA PRO A 23 -15.83 6.44 2.72
C PRO A 23 -16.61 7.29 1.69
N ARG A 24 -15.92 7.82 0.71
CA ARG A 24 -16.62 8.65 -0.30
C ARG A 24 -15.64 8.98 -1.44
N LYS A 25 -14.76 9.92 -1.22
CA LYS A 25 -13.79 10.28 -2.28
C LYS A 25 -14.53 10.56 -3.59
N GLY A 26 -13.85 10.56 -4.70
CA GLY A 26 -14.52 10.82 -6.00
C GLY A 26 -15.70 9.87 -6.18
N PRO A 27 -16.26 9.84 -7.36
CA PRO A 27 -17.42 8.96 -7.70
C PRO A 27 -17.17 7.50 -7.31
N PRO A 28 -18.21 6.70 -7.22
CA PRO A 28 -18.09 5.26 -6.86
C PRO A 28 -16.89 4.60 -7.53
N LYS A 29 -16.46 3.47 -7.02
CA LYS A 29 -15.29 2.75 -7.62
C LYS A 29 -14.04 3.62 -7.50
N CYS A 30 -14.19 4.91 -7.54
CA CYS A 30 -13.00 5.81 -7.42
C CYS A 30 -12.01 5.50 -8.55
N LYS A 31 -11.75 6.45 -9.40
CA LYS A 31 -10.79 6.22 -10.52
C LYS A 31 -9.98 7.50 -10.75
N GLN A 32 -9.03 7.46 -11.66
CA GLN A 32 -8.21 8.67 -11.92
C GLN A 32 -8.18 8.94 -13.43
N ARG A 33 -7.22 8.36 -14.12
CA ARG A 33 -7.12 8.58 -15.59
C ARG A 33 -6.81 7.24 -16.27
N GLN A 34 -6.34 6.27 -15.53
CA GLN A 34 -6.02 4.95 -16.15
C GLN A 34 -6.07 3.86 -15.07
N THR A 35 -7.08 3.03 -15.11
CA THR A 35 -7.18 1.93 -14.11
C THR A 35 -6.51 0.68 -14.69
N ARG A 36 -5.21 0.67 -14.76
CA ARG A 36 -4.49 -0.50 -15.33
C ARG A 36 -4.91 -1.76 -14.57
N GLN A 37 -6.00 -2.36 -14.94
CA GLN A 37 -6.46 -3.59 -14.24
C GLN A 37 -5.47 -4.72 -14.50
N CYS A 38 -4.46 -4.47 -15.29
CA CYS A 38 -3.45 -5.52 -15.59
C CYS A 38 -4.17 -6.82 -15.98
N LYS A 39 -3.42 -7.85 -16.27
CA LYS A 39 -4.06 -9.14 -16.66
C LYS A 39 -4.64 -9.82 -15.42
N SER A 40 -3.80 -10.18 -14.49
CA SER A 40 -4.29 -10.85 -13.26
C SER A 40 -3.12 -11.14 -12.31
N LYS A 41 -2.46 -12.25 -12.50
CA LYS A 41 -1.31 -12.59 -11.62
C LYS A 41 -0.02 -12.62 -12.47
N PRO A 42 0.58 -11.48 -12.69
CA PRO A 42 1.83 -11.39 -13.50
C PRO A 42 3.05 -11.93 -12.72
N PRO A 43 4.11 -12.25 -13.42
CA PRO A 43 5.35 -12.79 -12.80
C PRO A 43 6.02 -11.78 -11.86
N LYS A 44 6.54 -12.24 -10.75
CA LYS A 44 7.20 -11.30 -9.80
C LYS A 44 8.52 -10.81 -10.40
N LYS A 45 9.54 -11.63 -10.36
CA LYS A 45 10.85 -11.21 -10.94
C LYS A 45 11.49 -10.15 -10.04
N GLY A 46 10.78 -9.07 -9.79
CA GLY A 46 11.35 -8.00 -8.92
C GLY A 46 11.22 -8.42 -7.45
N VAL A 47 12.33 -8.70 -6.82
CA VAL A 47 12.28 -9.10 -5.38
C VAL A 47 11.72 -7.95 -4.55
N GLN A 48 12.29 -6.78 -4.67
CA GLN A 48 11.79 -5.62 -3.88
C GLN A 48 11.92 -4.35 -4.72
N GLY A 49 12.13 -4.48 -6.01
CA GLY A 49 12.25 -3.28 -6.87
C GLY A 49 10.95 -2.50 -6.85
N CYS A 50 10.51 -2.03 -7.99
CA CYS A 50 9.23 -1.26 -8.05
C CYS A 50 8.58 -1.44 -9.43
N GLY A 51 9.24 -2.14 -10.31
CA GLY A 51 8.67 -2.34 -11.67
C GLY A 51 8.83 -1.06 -12.49
N ASP A 52 9.21 -1.18 -13.74
CA ASP A 52 9.41 0.03 -14.59
C ASP A 52 10.16 1.10 -13.81
N ASP A 53 10.90 0.69 -12.80
CA ASP A 53 11.67 1.68 -11.98
C ASP A 53 10.70 2.46 -11.08
N ILE A 54 11.16 2.86 -9.92
CA ILE A 54 10.27 3.63 -9.00
C ILE A 54 9.54 4.73 -9.77
N PRO A 55 8.25 4.59 -9.98
CA PRO A 55 7.44 5.60 -10.71
C PRO A 55 7.00 6.77 -9.82
N GLY A 56 6.57 6.49 -8.62
CA GLY A 56 6.11 7.58 -7.71
C GLY A 56 6.71 7.39 -6.32
N MET A 57 7.63 8.25 -5.94
CA MET A 57 8.27 8.14 -4.59
C MET A 57 8.11 9.46 -3.84
N GLU A 58 6.91 9.98 -3.79
CA GLU A 58 6.68 11.27 -3.07
C GLU A 58 5.30 11.25 -2.41
N GLY A 59 4.42 10.39 -2.86
CA GLY A 59 3.06 10.33 -2.26
C GLY A 59 3.12 9.54 -0.95
N CYS A 60 2.87 10.18 0.16
CA CYS A 60 2.92 9.45 1.46
C CYS A 60 4.17 8.57 1.51
N GLY A 61 5.13 8.84 0.67
CA GLY A 61 6.37 8.02 0.65
C GLY A 61 6.85 7.76 2.08
N THR A 62 7.11 8.80 2.83
CA THR A 62 7.59 8.61 4.22
C THR A 62 6.78 7.51 4.92
N ASP A 63 5.48 7.52 4.74
CA ASP A 63 4.64 6.48 5.40
C ASP A 63 5.04 5.10 4.88
N ILE A 64 6.07 5.02 4.09
CA ILE A 64 6.52 3.69 3.56
C ILE A 64 7.99 3.78 3.15
N THR A 65 8.30 4.73 2.33
CA THR A 65 9.71 4.91 1.86
C THR A 65 10.11 3.72 0.99
N VAL A 66 9.98 2.53 1.50
CA VAL A 66 10.35 1.32 0.70
C VAL A 66 9.45 0.16 1.14
N ILE A 67 9.41 -0.10 2.42
CA ILE A 67 8.54 -1.19 2.93
C ILE A 67 7.78 -0.67 4.14
N CYS A 68 6.59 -0.21 3.95
CA CYS A 68 5.80 0.32 5.09
C CYS A 68 5.50 -0.83 6.07
N PRO A 69 6.03 -0.76 7.27
CA PRO A 69 5.81 -1.83 8.28
C PRO A 69 4.35 -1.93 8.70
N TRP A 70 3.54 -1.04 8.20
CA TRP A 70 2.10 -1.08 8.54
C TRP A 70 1.41 -2.13 7.68
N GLU A 71 2.00 -2.52 6.58
CA GLU A 71 1.36 -3.55 5.71
C GLU A 71 2.42 -4.23 4.84
N ALA A 72 3.58 -4.45 5.37
CA ALA A 72 4.64 -5.11 4.55
C ALA A 72 4.13 -6.48 4.08
N CYS A 73 4.57 -6.96 2.96
CA CYS A 73 4.10 -8.27 2.47
C CYS A 73 4.31 -9.33 3.56
N ASN A 74 3.37 -9.48 4.45
CA ASN A 74 3.52 -10.49 5.53
C ASN A 74 3.25 -11.88 4.97
N HIS A 75 4.25 -12.52 4.43
CA HIS A 75 4.05 -13.88 3.86
C HIS A 75 2.87 -13.84 2.89
N CYS A 76 2.45 -12.67 2.49
CA CYS A 76 1.30 -12.57 1.55
C CYS A 76 0.02 -13.03 2.25
N GLU A 77 -1.07 -12.35 2.00
CA GLU A 77 -2.35 -12.74 2.65
C GLU A 77 -2.64 -14.23 2.42
N LEU A 78 -3.43 -14.55 1.44
CA LEU A 78 -3.76 -15.98 1.17
C LEU A 78 -4.39 -16.11 -0.22
N HIS A 79 -5.62 -15.70 -0.36
CA HIS A 79 -6.31 -15.81 -1.68
C HIS A 79 -6.27 -14.45 -2.39
N GLU A 80 -7.01 -14.31 -3.46
CA GLU A 80 -7.03 -13.01 -4.20
C GLU A 80 -8.34 -12.29 -3.90
N LEU A 81 -9.35 -13.02 -3.51
CA LEU A 81 -10.66 -12.40 -3.20
C LEU A 81 -10.66 -11.96 -1.72
N ALA A 82 -10.07 -12.74 -0.87
CA ALA A 82 -10.03 -12.38 0.57
C ALA A 82 -9.24 -11.08 0.76
N GLN A 83 -8.09 -11.15 1.38
CA GLN A 83 -7.29 -9.91 1.60
C GLN A 83 -8.15 -8.86 2.28
N TYR A 84 -8.54 -9.10 3.51
CA TYR A 84 -9.38 -8.12 4.25
C TYR A 84 -10.80 -8.17 3.68
N GLY A 85 -10.93 -8.17 2.38
CA GLY A 85 -12.29 -8.21 1.77
C GLY A 85 -12.53 -6.91 0.99
N ILE A 86 -11.62 -6.53 0.15
CA ILE A 86 -11.81 -5.28 -0.64
C ILE A 86 -11.18 -5.44 -2.04
N CYS A 87 -10.44 -6.49 -2.25
CA CYS A 87 -9.81 -6.69 -3.58
C CYS A 87 -10.84 -7.24 -4.57
C1C RCY B . 2.98 7.05 16.34
O1G RCY B . -0.19 9.41 19.81
O1H RCY B . 2.81 6.15 18.18
O1J RCY B . 0.68 5.31 15.47
C1L RCY B . 0.98 7.54 20.86
C1M RCY B . -0.24 8.86 16.59
C1P RCY B . 0.56 8.44 19.70
C1Q RCY B . 1.90 6.71 18.79
N1R RCY B . 1.19 7.99 18.37
C1S RCY B . 1.27 6.24 20.10
C1U RCY B . 1.12 8.64 17.00
C1V RCY B . 1.88 8.52 14.58
N1V RCY B . 0.57 6.74 15.74
C1W RCY B . -0.71 7.55 15.95
C1X RCY B . 1.69 7.75 15.89
C1Y RCY B . -1.39 7.82 14.60
C1Z RCY B . -1.66 6.78 16.87
H1S RCY B . 0.80 5.49 19.49
H1U RCY B . 1.64 9.58 17.01
C1C RCY C . -9.93 6.93 4.08
O1G RCY C . -12.80 2.72 4.16
O1H RCY C . -11.48 6.30 6.94
O1J RCY C . -7.82 5.92 2.18
C1L RCY C . -13.93 3.97 5.93
C1M RCY C . -9.91 3.24 3.93
C1P RCY C . -12.76 3.60 5.02
C1Q RCY C . -11.98 5.26 6.52
N1R RCY C . -11.52 4.44 5.32
C1S RCY C . -13.17 4.53 7.13
C1U RCY C . -10.17 4.47 4.61
C1V RCY C . -11.31 5.43 2.57
N1V RCY C . -8.83 5.08 2.78
C1W RCY C . -8.88 3.55 2.84
C1X RCY C . -10.10 5.52 3.50
C1Y RCY C . -9.31 2.97 1.50
C1Z RCY C . -7.49 3.03 3.23
H1S RCY C . -12.47 4.24 7.90
H1U RCY C . -9.39 4.65 5.33
C1C RCY D . -7.92 2.73 -8.03
O1G RCY D . -6.71 7.76 -7.86
O1H RCY D . -9.47 4.67 -5.58
O1J RCY D . -5.50 1.15 -7.22
C1L RCY D . -8.91 7.94 -6.82
C1M RCY D . -5.55 4.82 -6.12
C1P RCY D . -7.64 7.22 -7.28
C1Q RCY D . -9.08 5.58 -6.32
N1R RCY D . -7.68 5.74 -6.91
C1S RCY D . -9.90 6.76 -6.81
C1U RCY D . -6.60 4.67 -7.09
C1V RCY D . -7.89 3.14 -5.54
N1V RCY D . -5.80 2.49 -6.74
C1W RCY D . -4.86 3.45 -6.01
C1X RCY D . -7.11 3.25 -6.84
C1Y RCY D . -4.70 3.04 -4.54
C1Z RCY D . -3.50 3.46 -6.71
H1S RCY D . -10.35 6.03 -7.47
H1U RCY D . -6.17 4.74 -8.08
C1C RCY E . -4.48 -7.27 -7.62
O1G RCY E . -4.29 -4.95 -8.96
O1H RCY E . -1.86 -6.98 -12.47
O1J RCY E . -3.07 -9.58 -6.29
C1L RCY E . -3.58 -4.17 -11.17
C1M RCY E . -1.55 -8.36 -9.60
C1P RCY E . -3.69 -5.17 -10.01
C1Q RCY E . -2.29 -6.16 -11.66
N1R RCY E . -2.94 -6.47 -10.31
C1S RCY E . -2.26 -4.65 -11.80
C1U RCY E . -2.86 -7.76 -9.49
C1V RCY E . -2.11 -6.38 -7.49
N1V RCY E . -2.55 -8.85 -7.45
C1W RCY E . -1.40 -9.26 -8.36
C1X RCY E . -3.02 -7.51 -7.99
C1Y RCY E . -0.05 -9.01 -7.69
C1Z RCY E . -1.56 -10.74 -8.74
H1S RCY E . -1.21 -4.74 -11.60
H1U RCY E . -3.61 -8.45 -9.83
C1C RCY F . 4.42 -3.19 -4.79
O1G RCY F . 5.22 -0.23 -5.12
O1H RCY F . 9.55 -2.04 -4.59
O1J RCY F . 3.68 -4.57 -2.22
C1L RCY F . 7.41 0.42 -5.96
C1M RCY F . 6.93 -2.55 -2.16
C1P RCY F . 6.43 -0.43 -5.15
C1Q RCY F . 8.60 -1.26 -4.69
N1R RCY F . 7.15 -1.54 -4.39
C1S RCY F . 8.69 0.19 -5.14
C1U RCY F . 6.55 -2.67 -3.54
C1V RCY F . 4.49 -1.25 -3.16
N1V RCY F . 4.76 -3.60 -2.35
C1W RCY F . 5.89 -3.32 -1.35
C1X RCY F . 5.02 -2.65 -3.50
C1Y RCY F . 5.37 -2.48 -0.18
C1Z RCY F . 6.46 -4.65 -0.85
H1S RCY F . 9.11 0.36 -4.17
H1U RCY F . 6.88 -3.62 -3.92
C1C RCY G . 2.71 3.22 0.85
O1G RCY G . 2.82 5.90 -2.83
O1H RCY G . 0.00 6.17 0.95
O1J RCY G . 2.51 0.50 -0.43
C1L RCY G . 2.02 7.76 -1.48
C1M RCY G . 0.83 3.37 -2.34
C1P RCY G . 2.12 6.29 -1.90
C1Q RCY G . 0.55 6.41 -0.14
N1R RCY G . 1.26 5.39 -1.02
C1S RCY G . 0.63 7.76 -0.83
C1U RCY G . 1.13 3.87 -1.03
C1V RCY G . 3.63 3.71 -1.47
N1V RCY G . 2.11 1.74 -1.09
C1W RCY G . 1.28 1.90 -2.35
C1X RCY G . 2.44 3.17 -0.65
C1Y RCY G . 2.13 1.61 -3.59
C1Z RCY G . 0.07 0.96 -2.28
H1S RCY G . -0.41 7.59 -1.06
H1U RCY G . 0.36 3.57 -0.34
C1C RCY H . 0.52 0.93 -1.57
O1G RCY H . -0.17 2.95 3.41
O1H RCY H . 2.90 1.18 0.30
O1J RCY H . -0.80 2.96 -3.34
C1L RCY H . 1.98 1.83 3.64
C1M RCY H . -0.22 4.04 0.29
C1P RCY H . 0.78 2.38 2.88
C1Q RCY H . 2.19 1.33 1.29
N1R RCY H . 0.91 2.15 1.37
C1S RCY H . 2.43 0.74 2.67
C1U RCY H . 0.00 2.62 0.24
C1V RCY H . 2.04 2.92 -1.23
N1V RCY H . -0.32 3.25 -2.00
C1W RCY H . -0.63 4.46 -1.13
C1X RCY H . 0.61 2.39 -1.14
C1Y RCY H . 0.18 5.67 -1.58
C1Z RCY H . -2.13 4.75 -1.20
H1S RCY H . 2.10 -0.19 2.22
H1U RCY H . -0.95 2.11 0.30
C1C RCY I . 1.52 -5.23 0.44
O1G RCY I . 6.32 -3.28 -0.46
O1H RCY I . 3.91 -6.75 1.65
O1J RCY I . 0.00 -2.67 0.00
C1L RCY I . 6.87 -5.60 0.10
C1M RCY I . 3.78 -2.31 0.49
C1P RCY I . 5.99 -4.35 0.06
C1Q RCY I . 4.81 -5.99 1.31
N1R RCY I . 4.65 -4.58 0.76
C1S RCY I . 6.30 -6.28 1.35
C1U RCY I . 3.44 -3.64 0.88
C1V RCY I . 2.79 -4.23 -1.51
N1V RCY I . 1.45 -2.76 0.02
C1W RCY I . 2.46 -1.61 0.11
C1X RCY I . 2.30 -4.02 -0.07
C1Y RCY I . 2.59 -0.91 -1.24
C1Z RCY I . 2.01 -0.65 1.20
H1S RCY I . 6.19 -6.14 2.42
H1U RCY I . 3.08 -3.65 1.89
C1C RCY J . -0.11 -8.11 1.64
O1G RCY J . -2.76 -11.89 2.50
O1H RCY J . -0.06 -9.85 -0.78
O1J RCY J . -0.28 -7.35 -1.27
C1L RCY J . -1.01 -12.74 1.02
C1M RCY J . -3.51 -8.69 0.30
C1P RCY J . -1.96 -11.68 1.59
C1Q RCY J . -0.77 -10.65 -0.18
N1R RCY J . -1.79 -10.32 0.92
C1S RCY J . -0.80 -12.15 -0.38
C1U RCY J . -2.45 -8.98 1.23
C1V RCY J . -2.08 -6.51 1.67
N1V RCY J . -1.43 -7.70 -0.44
C1W RCY J . -2.84 -8.03 -0.91
C1X RCY J . -1.50 -7.80 1.07
C1Y RCY J . -3.60 -6.75 -1.30
C1Z RCY J . -2.78 -8.99 -2.09
H1S RCY J . -1.33 -11.91 -1.29
H1U RCY J . -2.84 -9.00 2.24
C1C RCY K . -4.00 -8.19 -9.15
O1G RCY K . -9.33 -9.46 -8.73
O1H RCY K . -5.37 -7.74 -6.80
O1J RCY K . -3.66 -8.87 -12.06
C1L RCY K . -8.87 -8.27 -6.64
C1M RCY K . -7.10 -9.64 -10.57
C1P RCY K . -8.50 -8.94 -7.96
C1Q RCY K . -6.47 -8.28 -6.95
N1R RCY K . -7.00 -8.90 -8.23
C1S RCY K . -7.54 -8.45 -5.89
C1U RCY K . -6.22 -9.37 -9.46
C1V RCY K . -5.97 -6.95 -10.17
N1V RCY K . -4.93 -8.90 -11.37
C1W RCY K . -6.24 -9.55 -11.83
C1X RCY K . -5.27 -8.30 -10.00
C1Y RCY K . -6.92 -8.66 -12.88
C1Z RCY K . -5.94 -10.92 -12.41
H1S RCY K . -6.88 -9.21 -5.50
H1U RCY K . -5.66 -10.27 -9.23
N MET A 1 15.94 18.39 7.62
CA MET A 1 15.88 17.17 8.48
C MET A 1 14.43 16.69 8.59
N ASN A 2 14.04 15.76 7.77
CA ASN A 2 12.64 15.25 7.83
C ASN A 2 11.66 16.42 7.77
N LEU A 3 11.31 16.86 6.60
CA LEU A 3 10.36 18.00 6.48
C LEU A 3 9.14 17.74 7.37
N GLU A 4 8.43 16.67 7.12
CA GLU A 4 7.25 16.35 7.96
C GLU A 4 7.64 16.44 9.44
N PRO A 5 7.02 17.31 10.20
CA PRO A 5 7.33 17.47 11.65
C PRO A 5 7.48 16.12 12.35
N PRO A 6 8.23 16.09 13.42
CA PRO A 6 8.46 14.83 14.20
C PRO A 6 7.23 14.43 15.03
N LYS A 7 7.13 13.17 15.37
CA LYS A 7 5.96 12.71 16.17
C LYS A 7 6.15 11.25 16.56
N ALA A 8 7.38 10.82 16.75
CA ALA A 8 7.62 9.40 17.13
C ALA A 8 6.78 9.05 18.36
N GLU A 9 5.57 8.61 18.15
CA GLU A 9 4.70 8.26 19.30
C GLU A 9 3.62 7.28 18.85
N CYS A 10 3.41 6.22 19.58
CA CYS A 10 2.37 5.23 19.18
C CYS A 10 1.00 5.73 19.66
N ARG A 11 0.85 7.01 19.84
CA ARG A 11 -0.46 7.54 20.31
C ARG A 11 -1.59 6.92 19.48
N SER A 12 -2.18 5.87 19.98
CA SER A 12 -3.28 5.21 19.22
C SER A 12 -3.95 4.16 20.11
N ALA A 13 -5.24 4.27 20.31
CA ALA A 13 -5.94 3.28 21.16
C ALA A 13 -7.46 3.44 20.99
N THR A 14 -7.90 4.64 20.72
CA THR A 14 -9.37 4.86 20.55
C THR A 14 -9.81 4.30 19.19
N ARG A 15 -9.14 3.28 18.72
CA ARG A 15 -9.52 2.70 17.40
C ARG A 15 -9.70 3.82 16.37
N VAL A 16 -10.85 3.93 15.76
CA VAL A 16 -11.08 5.00 14.75
C VAL A 16 -10.53 6.33 15.29
N MET A 17 -9.35 6.71 14.87
CA MET A 17 -8.77 7.99 15.35
C MET A 17 -9.37 9.16 14.58
N GLY A 18 -9.11 9.25 13.31
CA GLY A 18 -9.66 10.38 12.51
C GLY A 18 -8.91 11.67 12.85
N GLY A 19 -9.63 12.75 13.06
CA GLY A 19 -8.94 14.03 13.39
C GLY A 19 -7.83 14.30 12.37
N PRO A 20 -6.62 14.49 12.81
CA PRO A 20 -5.46 14.77 11.89
C PRO A 20 -5.49 13.86 10.66
N CYS A 21 -5.47 12.57 10.85
CA CYS A 21 -5.49 11.64 9.68
C CYS A 21 -6.80 11.83 8.91
N THR A 22 -6.77 12.59 7.85
CA THR A 22 -8.02 12.81 7.06
C THR A 22 -7.67 12.88 5.56
N PRO A 23 -7.94 11.82 4.83
CA PRO A 23 -7.64 11.78 3.37
C PRO A 23 -8.15 13.03 2.63
N ARG A 24 -8.09 13.04 1.33
CA ARG A 24 -8.57 14.22 0.57
C ARG A 24 -10.03 14.49 0.92
N LYS A 25 -10.94 14.28 -0.01
CA LYS A 25 -12.38 14.52 0.27
C LYS A 25 -13.09 13.16 0.36
N GLY A 26 -12.60 12.16 -0.35
CA GLY A 26 -13.24 10.82 -0.31
C GLY A 26 -13.94 10.46 -1.63
N PRO A 27 -13.65 11.15 -2.73
CA PRO A 27 -14.29 10.84 -4.03
C PRO A 27 -14.25 9.35 -4.36
N PRO A 28 -15.33 8.79 -4.84
CA PRO A 28 -15.39 7.34 -5.20
C PRO A 28 -14.10 6.87 -5.89
N LYS A 29 -13.58 5.75 -5.50
CA LYS A 29 -12.32 5.26 -6.13
C LYS A 29 -11.30 6.40 -6.14
N CYS A 30 -11.01 6.95 -7.30
CA CYS A 30 -10.03 8.06 -7.37
C CYS A 30 -9.73 8.38 -8.84
N LYS A 31 -8.62 7.91 -9.34
CA LYS A 31 -8.27 8.20 -10.76
C LYS A 31 -7.00 7.43 -11.15
N GLN A 32 -6.93 6.17 -10.82
CA GLN A 32 -5.72 5.36 -11.18
C GLN A 32 -6.15 4.05 -11.84
N ARG A 33 -6.06 3.99 -13.15
CA ARG A 33 -6.46 2.74 -13.87
C ARG A 33 -5.65 2.63 -15.17
N GLN A 34 -4.48 2.08 -15.10
CA GLN A 34 -3.64 1.96 -16.34
C GLN A 34 -3.47 0.48 -16.70
N THR A 35 -4.06 -0.40 -15.94
CA THR A 35 -3.94 -1.85 -16.24
C THR A 35 -5.24 -2.55 -15.84
N ARG A 36 -6.35 -1.86 -15.93
CA ARG A 36 -7.65 -2.49 -15.55
C ARG A 36 -7.54 -3.11 -14.16
N GLN A 37 -7.10 -4.32 -14.08
CA GLN A 37 -6.97 -4.98 -12.74
C GLN A 37 -6.26 -6.33 -12.91
N CYS A 38 -5.58 -6.52 -14.01
CA CYS A 38 -4.86 -7.81 -14.22
C CYS A 38 -5.82 -8.97 -13.93
N LYS A 39 -6.47 -9.48 -14.94
CA LYS A 39 -7.42 -10.60 -14.73
C LYS A 39 -6.77 -11.66 -13.82
N SER A 40 -5.49 -11.85 -13.95
CA SER A 40 -4.81 -12.86 -13.09
C SER A 40 -3.30 -12.81 -13.32
N LYS A 41 -2.85 -11.95 -14.21
CA LYS A 41 -1.39 -11.84 -14.49
C LYS A 41 -0.60 -12.00 -13.19
N PRO A 42 -0.05 -13.16 -12.94
CA PRO A 42 0.74 -13.42 -11.70
C PRO A 42 2.21 -13.03 -11.85
N PRO A 43 2.90 -12.84 -10.76
CA PRO A 43 4.35 -12.46 -10.78
C PRO A 43 5.24 -13.61 -11.24
N LYS A 44 6.46 -13.34 -11.58
CA LYS A 44 7.37 -14.43 -12.03
C LYS A 44 7.25 -15.64 -11.10
N LYS A 45 8.07 -15.73 -10.09
CA LYS A 45 7.99 -16.89 -9.16
C LYS A 45 9.00 -16.71 -8.03
N GLY A 46 8.95 -15.59 -7.34
CA GLY A 46 9.92 -15.37 -6.23
C GLY A 46 9.89 -13.89 -5.83
N VAL A 47 10.00 -13.62 -4.55
CA VAL A 47 10.00 -12.20 -4.08
C VAL A 47 11.23 -11.95 -3.22
N GLN A 48 12.04 -10.99 -3.59
CA GLN A 48 13.26 -10.70 -2.79
C GLN A 48 13.91 -9.42 -3.31
N GLY A 49 13.30 -8.76 -4.26
CA GLY A 49 13.88 -7.51 -4.80
C GLY A 49 12.99 -6.98 -5.93
N CYS A 50 12.04 -7.76 -6.37
CA CYS A 50 11.15 -7.30 -7.46
C CYS A 50 12.00 -6.80 -8.63
N GLY A 51 12.23 -5.52 -8.71
CA GLY A 51 13.04 -4.97 -9.83
C GLY A 51 13.01 -3.45 -9.78
N ASP A 52 12.43 -2.88 -8.76
CA ASP A 52 12.38 -1.40 -8.66
C ASP A 52 11.73 -0.82 -9.92
N ASP A 53 10.81 -1.54 -10.50
CA ASP A 53 10.14 -1.04 -11.74
C ASP A 53 9.19 0.11 -11.38
N ILE A 54 9.72 1.20 -10.89
CA ILE A 54 8.86 2.35 -10.52
C ILE A 54 9.65 3.66 -10.71
N PRO A 55 9.30 4.45 -11.70
CA PRO A 55 10.01 5.74 -11.98
C PRO A 55 9.58 6.85 -11.02
N GLY A 56 8.79 6.53 -10.03
CA GLY A 56 8.35 7.57 -9.06
C GLY A 56 9.42 7.77 -8.00
N MET A 57 9.73 6.75 -7.25
CA MET A 57 10.78 6.88 -6.20
C MET A 57 10.49 8.12 -5.34
N GLU A 58 9.53 8.02 -4.47
CA GLU A 58 9.18 9.18 -3.60
C GLU A 58 9.48 8.83 -2.14
N GLY A 59 9.03 7.70 -1.69
CA GLY A 59 9.29 7.30 -0.27
C GLY A 59 8.27 6.26 0.17
N CYS A 60 7.35 5.91 -0.69
CA CYS A 60 6.32 4.89 -0.31
C CYS A 60 7.00 3.54 -0.07
N GLY A 61 7.62 3.38 1.06
CA GLY A 61 8.31 2.09 1.36
C GLY A 61 9.80 2.25 1.07
N THR A 62 10.27 1.79 -0.05
CA THR A 62 11.70 1.93 -0.39
C THR A 62 12.53 1.06 0.55
N ASP A 63 12.16 0.98 1.80
CA ASP A 63 12.92 0.14 2.76
C ASP A 63 12.73 -1.33 2.40
N ILE A 64 11.55 -1.70 1.97
CA ILE A 64 11.31 -3.12 1.58
C ILE A 64 10.40 -3.17 0.35
N THR A 65 9.52 -2.23 0.21
CA THR A 65 8.61 -2.22 -0.97
C THR A 65 8.00 -3.61 -1.17
N VAL A 66 8.77 -4.54 -1.66
CA VAL A 66 8.26 -5.92 -1.90
C VAL A 66 7.36 -6.36 -0.75
N ILE A 67 7.92 -6.76 0.37
CA ILE A 67 7.06 -7.19 1.51
C ILE A 67 7.56 -6.56 2.82
N CYS A 68 7.11 -5.37 3.12
CA CYS A 68 7.53 -4.69 4.37
C CYS A 68 6.88 -5.38 5.57
N PRO A 69 7.48 -5.27 6.74
CA PRO A 69 6.95 -5.91 7.98
C PRO A 69 5.48 -5.58 8.25
N TRP A 70 5.13 -4.33 8.28
CA TRP A 70 3.70 -3.97 8.55
C TRP A 70 2.85 -4.36 7.34
N GLU A 71 3.09 -5.51 6.77
CA GLU A 71 2.30 -5.96 5.59
C GLU A 71 2.02 -7.46 5.72
N ALA A 72 2.59 -8.09 6.71
CA ALA A 72 2.37 -9.55 6.90
C ALA A 72 0.92 -9.81 7.30
N CYS A 73 -0.01 -9.11 6.71
CA CYS A 73 -1.45 -9.33 7.07
C CYS A 73 -1.89 -10.71 6.57
N ASN A 74 -0.96 -11.51 6.12
CA ASN A 74 -1.30 -12.87 5.63
C ASN A 74 -2.30 -12.75 4.47
N HIS A 75 -2.91 -13.84 4.08
CA HIS A 75 -3.88 -13.79 2.95
C HIS A 75 -3.20 -13.21 1.71
N CYS A 76 -1.90 -13.24 1.67
CA CYS A 76 -1.18 -12.68 0.49
C CYS A 76 -1.55 -13.51 -0.76
N GLU A 77 -2.19 -14.62 -0.57
CA GLU A 77 -2.58 -15.47 -1.73
C GLU A 77 -3.50 -14.68 -2.66
N LEU A 78 -2.94 -13.84 -3.49
CA LEU A 78 -3.79 -13.05 -4.42
C LEU A 78 -4.55 -14.00 -5.35
N HIS A 79 -5.85 -13.99 -5.28
CA HIS A 79 -6.66 -14.89 -6.15
C HIS A 79 -8.03 -14.27 -6.38
N GLU A 80 -9.05 -14.86 -5.81
CA GLU A 80 -10.43 -14.31 -6.00
C GLU A 80 -10.79 -13.45 -4.78
N LEU A 81 -10.24 -13.76 -3.64
CA LEU A 81 -10.54 -12.96 -2.43
C LEU A 81 -10.16 -11.50 -2.66
N ALA A 82 -9.11 -11.27 -3.41
CA ALA A 82 -8.69 -9.86 -3.68
C ALA A 82 -9.74 -9.17 -4.54
N GLN A 83 -10.72 -9.88 -5.00
CA GLN A 83 -11.78 -9.26 -5.84
C GLN A 83 -12.71 -8.43 -4.95
N TYR A 84 -12.96 -8.90 -3.75
CA TYR A 84 -13.86 -8.15 -2.84
C TYR A 84 -13.18 -6.86 -2.40
N GLY A 85 -12.92 -6.71 -1.13
CA GLY A 85 -12.26 -5.47 -0.64
C GLY A 85 -11.38 -5.80 0.58
N ILE A 86 -11.29 -7.05 0.95
CA ILE A 86 -10.46 -7.42 2.12
C ILE A 86 -8.99 -7.19 1.78
N CYS A 87 -8.29 -6.44 2.60
CA CYS A 87 -6.85 -6.17 2.32
C CYS A 87 -6.09 -7.50 2.25
C1C RCY B . 6.47 1.52 13.84
O1G RCY B . 8.21 4.03 18.24
O1H RCY B . 4.48 2.44 15.83
O1J RCY B . 9.02 1.77 12.24
C1L RCY B . 5.95 3.38 18.90
C1M RCY B . 8.83 3.87 15.44
C1P RCY B . 7.09 3.64 17.91
C1Q RCY B . 5.19 3.04 16.63
N1R RCY B . 6.67 3.37 16.47
C1S RCY B . 4.75 3.60 17.96
C1U RCY B . 7.50 3.41 15.19
C1V RCY B . 8.20 1.01 15.62
N1V RCY B . 8.83 2.33 13.58
C1W RCY B . 9.70 3.36 14.29
C1X RCY B . 7.72 2.02 14.58
C1Y RCY B . 10.98 2.71 14.83
C1Z RCY B . 10.05 4.49 13.31
H1S RCY B . 4.27 4.37 17.37
H1U RCY B . 7.03 4.05 14.47
C1C RCY C . -1.51 7.90 5.26
O1G RCY C . -3.22 12.86 5.69
O1H RCY C . -2.47 8.38 7.01
O1J RCY C . -4.16 7.19 4.02
C1L RCY C . -3.67 11.63 7.76
C1M RCY C . -2.86 10.73 3.29
C1P RCY C . -3.20 11.79 6.31
C1Q RCY C . -2.98 9.50 6.85
N1R RCY C . -2.68 10.48 5.73
C1S RCY C . -4.02 10.14 7.74
C1U RCY C . -2.06 10.20 4.36
C1V RCY C . -1.06 8.44 2.83
N1V RCY C . -3.40 8.40 3.71
C1W RCY C . -3.90 9.65 2.97
C1X RCY C . -1.95 8.71 4.04
C1Y RCY C . -3.96 9.39 1.46
C1Z RCY C . -5.28 10.04 3.51
H1S RCY C . -4.71 9.43 7.29
H1U RCY C . -1.07 10.64 4.33
C1C RCY D . -1.90 5.06 -9.09
O1G RCY D . -3.42 5.00 -6.40
O1H RCY D . -7.24 4.27 -9.07
O1J RCY D . -1.31 3.74 -11.73
C1L RCY D . -5.79 5.53 -6.11
C1M RCY D . -4.83 3.18 -10.32
C1P RCY D . -4.57 5.00 -6.85
C1Q RCY D . -6.41 4.78 -8.32
N1R RCY D . -4.94 4.44 -8.23
C1S RCY D . -6.69 5.87 -7.31
C1U RCY D . -4.05 3.74 -9.26
C1V RCY D . -3.82 5.92 -10.51
N1V RCY D . -2.63 3.80 -11.13
C1W RCY D . -3.88 3.00 -11.51
C1X RCY D . -3.09 4.69 -9.98
C1Y RCY D . -4.51 3.57 -12.78
C1Z RCY D . -3.49 1.54 -11.71
H1S RCY D . -6.73 6.52 -8.17
H1U RCY D . -3.48 2.95 -8.77
C1C RCY E . -2.25 -6.43 -7.70
O1G RCY E . -0.50 -5.06 -9.58
O1H RCY E . -2.12 -8.93 -11.74
O1J RCY E . -4.46 -8.38 -8.30
C1L RCY E . -1.42 -5.48 -11.82
C1M RCY E . -0.90 -9.57 -9.12
C1P RCY E . -0.94 -5.86 -10.41
C1Q RCY E . -1.55 -7.87 -11.52
N1R RCY E . -1.09 -7.36 -10.15
C1S RCY E . -1.20 -6.81 -12.53
C1U RCY E . -0.83 -8.16 -8.87
C1V RCY E . -1.44 -8.47 -6.44
N1V RCY E . -3.04 -8.71 -8.36
C1W RCY E . -2.39 -9.95 -8.99
C1X RCY E . -1.88 -7.91 -7.79
C1Y RCY E . -2.56 -11.17 -8.09
C1Z RCY E . -3.02 -10.19 -10.36
H1S RCY E . -0.41 -7.50 -12.83
H1U RCY E . 0.16 -7.92 -8.49
C1C RCY F . 6.09 -0.07 -5.28
O1G RCY F . 7.24 -0.77 -8.02
O1H RCY F . 6.91 -5.27 -6.60
O1J RCY F . 4.01 -0.52 -3.15
C1L RCY F . 8.47 -2.81 -8.59
C1M RCY F . 4.92 -3.58 -5.28
C1P RCY F . 7.43 -1.98 -7.84
C1Q RCY F . 7.36 -4.17 -6.94
N1R RCY F . 6.65 -2.82 -6.84
C1S RCY F . 8.72 -3.93 -7.57
C1U RCY F . 5.48 -2.44 -5.94
C1V RCY F . 7.10 -2.04 -4.04
N1V RCY F . 4.63 -1.59 -3.93
C1W RCY F . 4.17 -3.04 -4.05
C1X RCY F . 5.88 -1.51 -4.81
C1Y RCY F . 4.56 -3.84 -2.80
C1Z RCY F . 2.66 -3.08 -4.27
H1S RCY F . 9.10 -4.08 -6.56
H1U RCY F . 4.71 -1.97 -6.55
C1C RCY G . 0.68 1.66 -6.59
O1G RCY G . 3.19 2.91 -6.94
O1H RCY G . 3.27 3.75 -2.30
O1J RCY G . -2.19 2.52 -6.24
C1L RCY G . 4.99 3.40 -5.37
C1M RCY G . 0.38 4.29 -4.01
C1P RCY G . 3.53 3.19 -5.79
C1Q RCY G . 3.49 3.80 -3.51
N1R RCY G . 2.56 3.37 -4.63
C1S RCY G . 4.77 4.32 -4.16
C1U RCY G . 1.05 3.16 -4.59
C1V RCY G . 0.88 4.17 -6.90
N1V RCY G . -1.05 3.20 -5.64
C1W RCY G . -1.07 4.24 -4.51
C1X RCY G . 0.43 3.04 -5.98
C1Y RCY G . -1.50 5.60 -5.06
C1Z RCY G . -2.01 3.77 -3.41
H1S RCY G . 4.39 5.30 -3.89
H1U RCY G . 0.83 2.28 -4.01
C1C RCY H . 2.07 -1.91 -0.37
O1G RCY H . 2.25 -5.75 1.94
O1H RCY H . 3.07 -1.52 3.87
O1J RCY H . -0.55 -0.44 -0.61
C1L RCY H . 3.92 -4.92 3.52
C1M RCY H . -0.02 -2.38 2.65
C1P RCY H . 2.73 -4.81 2.56
C1Q RCY H . 3.23 -2.62 3.35
N1R RCY H . 2.22 -3.37 2.48
C1S RCY H . 4.46 -3.49 3.46
C1U RCY H . 1.00 -2.81 1.74
C1V RCY H . 2.09 -0.53 1.76
N1V RCY H . -0.07 -1.07 0.60
C1W RCY H . -0.88 -1.38 1.88
C1X RCY H . 1.33 -1.56 0.93
C1Y RCY H . -1.09 -0.11 2.70
C1Z RCY H . -2.22 -1.99 1.48
H1S RCY H . 4.90 -2.79 2.76
H1U RCY H . 0.60 -3.58 1.09
C1C RCY I . 0.78 -2.12 10.62
O1G RCY I . -0.79 -4.58 10.45
O1H RCY I . -0.60 -3.95 5.77
O1J RCY I . 0.03 0.79 10.65
C1L RCY I . -0.95 -6.11 8.54
C1M RCY I . -1.52 -1.32 7.85
C1P RCY I . -0.82 -4.74 9.22
C1Q RCY I . -0.91 -4.34 6.89
N1R RCY I . -0.71 -3.60 8.20
C1S RCY I . -1.58 -5.67 7.21
C1U RCY I . -0.48 -2.11 8.44
C1V RCY I . -1.74 -2.29 10.62
N1V RCY I . -0.60 -0.22 9.79
C1W RCY I . -1.51 0.02 8.58
C1X RCY I . -0.50 -1.73 9.91
C1Y RCY I . -2.91 0.41 9.03
C1Z RCY I . -0.89 1.12 7.71
H1S RCY I . -2.46 -5.21 6.81
H1U RCY I . 0.48 -1.83 8.01
C1C RCY J . -0.40 -5.08 0.34
O1G RCY J . -0.65 -7.89 4.18
O1H RCY J . -0.53 -8.76 -0.46
O1J RCY J . -2.47 -3.03 1.09
C1L RCY J . 0.48 -9.58 2.83
C1M RCY J . -2.96 -6.53 2.58
C1P RCY J . -0.44 -8.38 3.07
C1Q RCY J . -0.58 -8.90 0.76
N1R RCY J . -1.07 -7.87 1.78
C1S RCY J . -0.15 -10.13 1.54
C1U RCY J . -1.98 -6.66 1.54
C1V RCY J . -0.34 -5.24 2.86
N1V RCY J . -2.37 -4.36 1.71
C1W RCY J . -3.40 -5.07 2.58
C1X RCY J . -1.21 -5.34 1.61
C1Y RCY J . -3.39 -4.50 4.00
C1Z RCY J . -4.79 -4.91 1.94
H1S RCY J . -1.06 -10.56 1.16
H1U RCY J . -2.46 -6.75 0.59
C1C RCY K . -2.27 -2.23 1.23
O1G RCY K . -3.60 -0.39 5.19
O1H RCY K . -4.28 -4.52 3.01
O1J RCY K . -1.81 0.67 1.93
C1L RCY K . -5.60 -1.73 4.71
C1M RCY K . -1.07 -1.87 4.71
C1P RCY K . -4.09 -1.39 4.67
C1Q RCY K . -4.41 -3.36 3.39
N1R RCY K . -3.30 -2.45 3.91
C1S RCY K . -5.71 -2.58 3.44
C1U RCY K . -1.80 -2.57 3.69
C1V RCY K . 0.12 -2.31 2.07
N1V RCY K . -1.40 -0.45 2.78
C1W RCY K . -0.98 -0.40 4.25
C1X RCY K . -1.32 -1.92 2.39
C1Y RCY K . 0.46 0.10 4.37
C1Z RCY K . -1.93 0.49 5.02
H1S RCY K . -5.59 -2.52 2.37
H1U RCY K . -1.51 -3.61 3.70
N MET A 1 -2.67 3.37 17.31
CA MET A 1 -1.38 3.81 17.89
C MET A 1 -0.93 5.12 17.24
N ASN A 2 -0.65 6.13 18.03
CA ASN A 2 -0.21 7.43 17.47
C ASN A 2 -1.27 7.95 16.49
N LEU A 3 -1.80 9.13 16.75
CA LEU A 3 -2.83 9.70 15.83
C LEU A 3 -2.60 11.21 15.69
N GLU A 4 -1.50 11.70 16.18
CA GLU A 4 -1.22 13.16 16.07
C GLU A 4 -0.71 13.47 14.66
N PRO A 5 -0.93 14.67 14.18
CA PRO A 5 -0.48 15.09 12.84
C PRO A 5 0.91 14.54 12.48
N PRO A 6 1.04 13.81 11.39
CA PRO A 6 2.34 13.23 10.97
C PRO A 6 3.26 14.28 10.31
N LYS A 7 4.54 14.17 10.52
CA LYS A 7 5.47 15.16 9.91
C LYS A 7 6.80 14.46 9.59
N ALA A 8 7.04 13.31 10.16
CA ALA A 8 8.30 12.59 9.89
C ALA A 8 8.36 12.18 8.42
N GLU A 9 7.32 12.49 7.67
CA GLU A 9 7.31 12.12 6.23
C GLU A 9 7.72 13.33 5.38
N CYS A 10 7.95 14.45 6.00
CA CYS A 10 8.34 15.66 5.23
C CYS A 10 9.80 15.51 4.78
N ARG A 11 10.63 14.91 5.58
CA ARG A 11 12.05 14.74 5.19
C ARG A 11 12.13 13.93 3.89
N SER A 12 12.76 14.47 2.88
CA SER A 12 12.86 13.73 1.59
C SER A 12 13.46 12.35 1.84
N ALA A 13 14.63 12.30 2.43
CA ALA A 13 15.27 10.98 2.70
C ALA A 13 16.20 11.09 3.92
N THR A 14 15.96 10.31 4.94
CA THR A 14 16.82 10.38 6.15
C THR A 14 18.13 9.64 5.89
N ARG A 15 18.06 8.37 5.57
CA ARG A 15 19.30 7.59 5.30
C ARG A 15 18.93 6.20 4.80
N VAL A 16 17.70 6.00 4.42
CA VAL A 16 17.26 4.67 3.92
C VAL A 16 17.03 4.74 2.40
N MET A 17 15.92 5.29 1.99
CA MET A 17 15.64 5.39 0.52
C MET A 17 16.14 6.74 0.00
N GLY A 18 16.59 6.79 -1.22
CA GLY A 18 17.09 8.07 -1.80
C GLY A 18 18.21 7.79 -2.80
N GLY A 19 18.55 8.75 -3.60
CA GLY A 19 19.64 8.53 -4.61
C GLY A 19 19.08 7.78 -5.81
N PRO A 20 19.96 7.27 -6.64
CA PRO A 20 19.55 6.51 -7.86
C PRO A 20 18.50 5.43 -7.57
N CYS A 21 17.24 5.80 -7.58
CA CYS A 21 16.17 4.80 -7.29
C CYS A 21 15.67 4.20 -8.62
N THR A 22 16.18 3.05 -8.98
CA THR A 22 15.74 2.42 -10.25
C THR A 22 14.79 1.25 -9.94
N PRO A 23 13.65 1.18 -10.59
CA PRO A 23 12.66 0.09 -10.36
C PRO A 23 13.34 -1.28 -10.22
N ARG A 24 12.79 -2.14 -9.41
CA ARG A 24 13.40 -3.49 -9.23
C ARG A 24 12.78 -4.46 -10.24
N LYS A 25 13.56 -5.41 -10.73
CA LYS A 25 13.02 -6.38 -11.71
C LYS A 25 14.09 -7.44 -12.01
N GLY A 26 14.24 -8.40 -11.13
CA GLY A 26 15.27 -9.46 -11.36
C GLY A 26 14.78 -10.77 -10.72
N PRO A 27 15.21 -11.06 -9.51
CA PRO A 27 14.79 -12.31 -8.81
C PRO A 27 13.30 -12.63 -9.05
N PRO A 28 12.98 -13.85 -9.38
CA PRO A 28 11.57 -14.25 -9.64
C PRO A 28 10.60 -13.65 -8.61
N LYS A 29 9.57 -13.01 -9.07
CA LYS A 29 8.57 -12.40 -8.14
C LYS A 29 7.53 -11.65 -8.96
N CYS A 30 7.87 -11.23 -10.15
CA CYS A 30 6.91 -10.49 -11.01
C CYS A 30 6.46 -11.38 -12.17
N LYS A 31 5.63 -10.86 -13.03
CA LYS A 31 5.16 -11.68 -14.19
C LYS A 31 4.73 -13.06 -13.70
N GLN A 32 4.56 -13.23 -12.42
CA GLN A 32 4.13 -14.55 -11.89
C GLN A 32 2.73 -14.87 -12.38
N ARG A 33 1.90 -13.86 -12.51
CA ARG A 33 0.51 -14.08 -12.99
C ARG A 33 -0.12 -15.26 -12.21
N GLN A 34 -0.92 -14.94 -11.23
CA GLN A 34 -1.56 -16.03 -10.43
C GLN A 34 -3.05 -15.72 -10.27
N THR A 35 -3.73 -16.43 -9.41
CA THR A 35 -5.18 -16.18 -9.20
C THR A 35 -5.43 -14.68 -9.05
N ARG A 36 -5.73 -14.01 -10.14
CA ARG A 36 -5.99 -12.55 -10.06
C ARG A 36 -6.94 -12.26 -8.91
N GLN A 37 -7.68 -13.25 -8.47
CA GLN A 37 -8.62 -13.03 -7.34
C GLN A 37 -7.85 -13.05 -6.02
N CYS A 38 -8.49 -13.47 -4.96
CA CYS A 38 -7.79 -13.50 -3.65
C CYS A 38 -8.69 -14.18 -2.60
N LYS A 39 -8.13 -15.02 -1.78
CA LYS A 39 -8.96 -15.71 -0.74
C LYS A 39 -10.23 -16.26 -1.39
N SER A 40 -11.37 -15.80 -0.96
CA SER A 40 -12.65 -16.29 -1.55
C SER A 40 -13.82 -15.90 -0.63
N LYS A 41 -13.61 -14.96 0.26
CA LYS A 41 -14.70 -14.55 1.17
C LYS A 41 -15.51 -13.43 0.52
N PRO A 42 -16.79 -13.36 0.78
CA PRO A 42 -17.68 -12.32 0.20
C PRO A 42 -17.44 -10.94 0.84
N PRO A 43 -17.69 -9.88 0.12
CA PRO A 43 -17.50 -8.49 0.62
C PRO A 43 -18.63 -8.06 1.57
N LYS A 44 -18.36 -7.17 2.48
CA LYS A 44 -19.42 -6.70 3.42
C LYS A 44 -20.07 -5.43 2.87
N LYS A 45 -19.32 -4.64 2.15
CA LYS A 45 -19.90 -3.38 1.60
C LYS A 45 -18.98 -2.85 0.49
N GLY A 46 -17.75 -3.25 0.48
CA GLY A 46 -16.81 -2.78 -0.58
C GLY A 46 -17.13 -3.47 -1.90
N VAL A 47 -18.37 -3.82 -2.12
CA VAL A 47 -18.75 -4.50 -3.39
C VAL A 47 -17.76 -5.63 -3.68
N GLN A 48 -17.67 -6.06 -4.91
CA GLN A 48 -16.72 -7.16 -5.24
C GLN A 48 -15.35 -6.84 -4.65
N GLY A 49 -15.08 -7.30 -3.46
CA GLY A 49 -13.75 -7.02 -2.82
C GLY A 49 -12.80 -8.18 -3.12
N CYS A 50 -13.18 -9.08 -4.00
CA CYS A 50 -12.30 -10.24 -4.33
C CYS A 50 -11.57 -10.71 -3.08
N GLY A 51 -12.15 -10.51 -1.92
CA GLY A 51 -11.50 -10.94 -0.66
C GLY A 51 -11.62 -9.83 0.39
N ASP A 52 -12.02 -10.18 1.59
CA ASP A 52 -12.17 -9.15 2.65
C ASP A 52 -11.20 -9.44 3.79
N ASP A 53 -11.56 -9.09 5.01
CA ASP A 53 -10.66 -9.35 6.16
C ASP A 53 -9.29 -8.72 5.91
N ILE A 54 -8.52 -8.52 6.93
CA ILE A 54 -7.18 -7.90 6.75
C ILE A 54 -6.13 -9.01 6.57
N PRO A 55 -5.43 -9.02 5.45
CA PRO A 55 -4.40 -10.06 5.17
C PRO A 55 -3.09 -9.80 5.93
N GLY A 56 -3.19 -9.50 7.20
CA GLY A 56 -1.96 -9.25 8.00
C GLY A 56 -1.33 -7.93 7.55
N MET A 57 -1.78 -6.82 8.07
CA MET A 57 -1.20 -5.51 7.67
C MET A 57 0.32 -5.60 7.74
N GLU A 58 0.87 -5.68 8.93
CA GLU A 58 2.35 -5.76 9.06
C GLU A 58 2.89 -6.83 8.11
N GLY A 59 3.58 -6.43 7.08
CA GLY A 59 4.12 -7.44 6.12
C GLY A 59 5.23 -6.80 5.27
N CYS A 60 6.06 -5.99 5.88
CA CYS A 60 7.16 -5.33 5.12
C CYS A 60 7.75 -4.21 5.97
N GLY A 61 7.18 -3.03 5.88
CA GLY A 61 7.70 -1.87 6.67
C GLY A 61 6.67 -1.53 7.76
N THR A 62 6.81 -2.12 8.92
CA THR A 62 5.85 -1.83 10.03
C THR A 62 6.03 -0.38 10.48
N ASP A 63 6.34 0.52 9.57
CA ASP A 63 6.53 1.94 9.96
C ASP A 63 5.18 2.55 10.34
N ILE A 64 4.13 1.77 10.33
CA ILE A 64 2.79 2.32 10.69
C ILE A 64 1.92 1.23 11.32
N THR A 65 1.98 0.03 10.79
CA THR A 65 1.15 -1.09 11.33
C THR A 65 -0.19 -1.14 10.61
N VAL A 66 -0.66 -0.03 10.09
CA VAL A 66 -1.98 -0.03 9.40
C VAL A 66 -1.88 0.69 8.04
N ILE A 67 -1.84 2.00 8.04
CA ILE A 67 -1.76 2.76 6.75
C ILE A 67 -0.72 3.87 6.83
N CYS A 68 0.46 3.63 6.34
CA CYS A 68 1.53 4.67 6.37
C CYS A 68 1.10 5.87 5.51
N PRO A 69 1.55 7.05 5.85
CA PRO A 69 1.19 8.28 5.09
C PRO A 69 1.71 8.23 3.64
N TRP A 70 2.54 7.27 3.33
CA TRP A 70 3.08 7.17 1.95
C TRP A 70 2.03 6.50 1.06
N GLU A 71 0.81 6.43 1.52
CA GLU A 71 -0.27 5.79 0.72
C GLU A 71 -1.08 6.89 0.00
N ALA A 72 -1.00 8.10 0.48
CA ALA A 72 -1.76 9.21 -0.16
C ALA A 72 -1.37 9.33 -1.63
N CYS A 73 -0.16 9.02 -1.97
CA CYS A 73 0.26 9.13 -3.40
C CYS A 73 -0.75 8.39 -4.28
N ASN A 74 -1.60 9.13 -4.96
CA ASN A 74 -2.61 8.48 -5.83
C ASN A 74 -2.02 8.25 -7.23
N HIS A 75 -2.25 9.18 -8.12
CA HIS A 75 -1.70 9.03 -9.50
C HIS A 75 -2.29 7.77 -10.16
N CYS A 76 -2.95 7.93 -11.27
CA CYS A 76 -3.56 6.75 -11.96
C CYS A 76 -4.77 6.25 -11.16
N GLU A 77 -4.69 6.31 -9.86
CA GLU A 77 -5.84 5.84 -9.03
C GLU A 77 -6.98 6.84 -9.13
N LEU A 78 -8.15 6.39 -9.53
CA LEU A 78 -9.30 7.32 -9.64
C LEU A 78 -9.98 7.46 -8.27
N HIS A 79 -9.21 7.66 -7.24
CA HIS A 79 -9.81 7.79 -5.88
C HIS A 79 -8.72 8.25 -4.91
N GLU A 80 -8.34 9.50 -4.98
CA GLU A 80 -7.28 10.04 -4.06
C GLU A 80 -7.93 10.42 -2.74
N LEU A 81 -9.21 10.22 -2.61
CA LEU A 81 -9.92 10.58 -1.34
C LEU A 81 -10.14 9.32 -0.51
N ALA A 82 -10.98 8.43 -0.96
CA ALA A 82 -11.24 7.18 -0.19
C ALA A 82 -10.00 6.30 -0.20
N GLN A 83 -8.84 6.90 -0.23
CA GLN A 83 -7.58 6.08 -0.24
C GLN A 83 -7.55 5.18 1.00
N TYR A 84 -7.78 5.74 2.15
CA TYR A 84 -7.75 4.91 3.40
C TYR A 84 -9.15 4.37 3.68
N GLY A 85 -9.99 4.33 2.68
CA GLY A 85 -11.38 3.82 2.87
C GLY A 85 -11.70 2.80 1.78
N ILE A 86 -10.97 2.85 0.69
CA ILE A 86 -11.21 1.89 -0.42
C ILE A 86 -10.17 2.14 -1.52
N CYS A 87 -10.13 1.30 -2.53
CA CYS A 87 -9.15 1.52 -3.62
C CYS A 87 -9.63 2.64 -4.54
C1C RCY B . 3.42 16.93 5.03
O1G RCY B . 4.67 21.17 3.84
O1H RCY B . 6.17 17.54 6.48
O1J RCY B . 4.46 16.11 7.74
C1L RCY B . 6.83 20.03 4.07
C1M RCY B . 3.36 19.77 7.40
C1P RCY B . 5.36 20.30 4.39
C1Q RCY B . 6.11 18.62 5.88
N1R RCY B . 4.85 19.38 5.50
C1S RCY B . 7.29 19.44 5.40
C1U RCY B . 3.44 19.23 6.07
C1V RCY B . 1.51 17.66 6.51
N1V RCY B . 3.81 17.39 7.45
C1W RCY B . 3.80 18.64 8.34
C1X RCY B . 3.01 17.78 6.22
C1Y RCY B . 2.81 18.48 9.48
C1Z RCY B . 5.21 18.89 8.87
H1S RCY B . 7.41 19.69 6.44
H1U RCY B . 2.74 19.75 5.42
C1C RCY C . 10.79 8.59 -3.45
O1G RCY C . 8.92 5.69 -5.53
O1H RCY C . 13.01 5.10 -3.24
O1J RCY C . 8.05 8.60 -4.69
C1L RCY C . 11.09 4.79 -6.20
C1M RCY C . 8.82 5.67 -2.34
C1P RCY C . 10.09 5.45 -5.24
C1Q RCY C . 12.17 5.35 -4.11
N1R RCY C . 10.71 5.75 -3.88
C1S RCY C . 12.40 5.33 -5.61
C1U RCY C . 10.06 6.32 -2.61
C1V RCY C . 9.33 8.40 -1.38
N1V RCY C . 8.46 7.69 -3.63
C1W RCY C . 7.76 6.41 -3.16
C1X RCY C . 9.70 7.79 -2.74
C1Y RCY C . 6.55 6.76 -2.28
C1Z RCY C . 7.32 5.61 -4.38
H1S RCY C . 12.93 6.25 -5.43
H1U RCY C . 10.74 6.18 -1.77
C1C RCY D . 1.44 -5.23 -11.29
O1G RCY D . 5.92 -4.90 -8.18
O1H RCY D . 3.63 -6.90 -11.81
O1J RCY D . -0.18 -3.14 -9.86
C1L RCY D . 6.64 -6.34 -10.03
C1M RCY D . 3.17 -4.06 -8.23
C1P RCY D . 5.62 -5.57 -9.18
C1Q RCY D . 4.40 -6.70 -10.86
N1R RCY D . 4.20 -5.72 -9.72
C1S RCY D . 5.71 -7.41 -10.62
C1U RCY D . 2.91 -5.06 -9.23
C1V RCY D . 3.14 -3.35 -11.09
N1V RCY D . 1.19 -3.48 -9.51
C1W RCY D . 1.96 -3.11 -8.24
C1X RCY D . 2.19 -4.29 -10.34
C1Y RCY D . 2.41 -1.65 -8.30
C1Z RCY D . 1.06 -3.36 -7.03
H1S RCY D . 5.10 -8.25 -10.33
H1U RCY D . 2.24 -5.80 -8.82
C1C RCY E . -4.06 -9.82 -8.67
O1G RCY E . -3.08 -11.36 -6.48
O1H RCY E . -6.72 -9.73 -3.96
O1J RCY E . -3.89 -6.94 -9.52
C1L RCY E . -4.23 -12.17 -4.47
C1M RCY E . -4.89 -7.55 -5.87
C1P RCY E . -3.95 -11.19 -5.62
C1Q RCY E . -5.64 -10.23 -4.27
N1R RCY E . -4.87 -9.98 -5.56
C1S RCY E . -4.83 -11.21 -3.44
C1U RCY E . -4.99 -8.81 -6.55
C1V RCY E . -2.50 -8.89 -6.91
N1V RCY E . -4.06 -7.38 -8.13
C1W RCY E . -4.48 -6.52 -6.94
C1X RCY E . -3.87 -8.77 -7.57
C1Y RCY E . -3.30 -5.68 -6.44
C1Z RCY E . -5.66 -5.64 -7.34
H1S RCY E . -4.58 -10.35 -2.85
H1U RCY E . -5.95 -8.87 -7.05
C1C RCY F . -3.90 -10.19 -6.88
O1G RCY F . -6.30 -11.08 -6.10
O1H RCY F . -8.02 -6.70 -5.62
O1J RCY F . -1.48 -8.43 -6.46
C1L RCY F . -8.52 -10.20 -5.59
C1M RCY F . -4.86 -6.92 -5.44
C1P RCY F . -7.02 -10.11 -5.89
C1Q RCY F . -7.79 -7.90 -5.46
N1R RCY F . -6.54 -8.66 -5.88
C1S RCY F . -8.71 -8.90 -4.79
C1U RCY F . -5.15 -8.10 -6.21
C1V RCY F . -4.16 -9.60 -4.43
N1V RCY F . -2.83 -8.13 -5.96
C1W RCY F . -3.33 -6.79 -5.43
C1X RCY F . -4.02 -9.06 -5.86
C1Y RCY F . -2.83 -6.56 -4.00
C1Z RCY F . -2.87 -5.67 -6.35
H1S RCY F . -8.41 -8.42 -3.87
H1U RCY F . -5.10 -7.86 -7.27
C1C RCY G . 6.91 -3.70 -3.60
O1G RCY G . 8.89 -4.23 -2.02
O1H RCY G . 5.39 -3.72 1.12
O1J RCY G . 4.06 -4.57 -3.18
C1L RCY G . 8.28 -5.43 0.03
C1M RCY G . 5.26 -1.67 -0.98
C1P RCY G . 8.14 -4.34 -1.04
C1Q RCY G . 6.49 -3.91 0.60
N1R RCY G . 6.98 -3.39 -0.74
C1S RCY G . 7.63 -4.71 1.22
C1U RCY G . 6.43 -2.25 -1.58
C1V RCY G . 5.67 -1.49 -3.88
N1V RCY G . 4.64 -3.37 -2.59
C1W RCY G . 4.07 -2.52 -1.45
C1X RCY G . 5.95 -2.69 -2.96
C1Y RCY G . 2.94 -1.63 -1.97
C1Z RCY G . 3.57 -3.44 -0.33
H1S RCY G . 7.75 -3.85 1.87
H1U RCY G . 7.18 -1.48 -1.69
C1C RCY H . 2.04 0.58 -0.30
O1G RCY H . 2.65 -1.23 3.93
O1H RCY H . 3.50 2.66 1.41
O1J RCY H . 4.27 2.48 -1.02
C1L RCY H . 2.36 1.15 4.39
C1M RCY H . 5.30 -0.61 1.00
C1P RCY H . 2.79 -0.07 3.56
C1Q RCY H . 3.42 1.86 2.33
N1R RCY H . 3.40 0.34 2.22
C1S RCY H . 3.32 2.20 3.81
C1U RCY H . 3.87 -0.53 1.06
C1V RCY H . 3.69 -0.99 -1.42
N1V RCY H . 4.48 1.16 -0.43
C1W RCY H . 5.75 0.61 0.20
C1X RCY H . 3.47 0.03 -0.31
C1Y RCY H . 6.75 0.20 -0.88
C1Z RCY H . 6.36 1.68 1.12
H1S RCY H . 4.37 2.43 3.73
H1U RCY H . 3.45 -1.53 1.17
C1C RCY I . -1.71 2.09 -2.77
O1G RCY I . 1.59 3.50 -6.06
O1H RCY I . 1.20 4.35 -1.43
O1J RCY I . -1.31 -0.73 -1.81
C1L RCY I . 1.96 5.49 -4.69
C1M RCY I . 1.84 1.09 -3.03
C1P RCY I . 1.56 4.03 -4.96
C1Q RCY I . 1.16 4.47 -2.66
N1R RCY I . 1.11 3.33 -3.67
C1S RCY I . 1.12 5.77 -3.44
C1U RCY I . 0.72 1.87 -3.45
C1V RCY I . 0.12 2.43 -1.06
N1V RCY I . -0.22 0.19 -2.12
C1W RCY I . 1.26 -0.14 -2.32
C1X RCY I . -0.30 1.69 -2.33
C1Y RCY I . 1.94 -0.37 -0.97
C1Z RCY I . 1.38 -1.39 -3.20
H1S RCY I . 0.10 5.83 -3.10
H1U RCY I . 0.32 1.46 -4.37
C1C RCY J . 0.13 -0.62 -9.80
O1G RCY J . 2.00 4.24 -8.95
O1H RCY J . -2.04 1.84 -9.41
O1J RCY J . 1.07 -2.30 -7.47
C1L RCY J . -0.21 4.83 -9.84
C1M RCY J . 1.18 1.50 -6.95
C1P RCY J . 0.85 3.90 -9.23
C1Q RCY J . -1.09 2.59 -9.62
N1R RCY J . 0.30 2.50 -9.01
C1S RCY J . -1.08 3.80 -10.55
C1U RCY J . 0.97 1.28 -8.36
C1V RCY J . -1.32 0.29 -7.93
N1V RCY J . 0.85 -0.85 -7.41
C1W RCY J . 1.31 0.11 -6.32
C1X RCY J . 0.11 0.02 -8.42
C1Y RCY J . 0.41 -0.01 -5.08
C1Z RCY J . 2.76 -0.21 -5.96
H1S RCY J . -1.05 3.06 -11.34
H1U RCY J . 1.92 1.09 -8.83
C1C RCY K . -5.69 -4.19 0.87
O1G RCY K . -8.34 -3.02 -0.45
O1H RCY K . -5.57 -2.65 -4.25
O1J RCY K . -3.55 -6.29 0.70
C1L RCY K . -8.29 -1.46 -2.34
C1M RCY K . -4.90 -5.01 -2.65
C1P RCY K . -7.80 -2.64 -1.49
C1Q RCY K . -6.26 -2.38 -3.27
N1R RCY K . -6.55 -3.29 -2.08
C1S RCY K . -6.97 -1.06 -3.02
C1U RCY K . -5.80 -4.54 -1.64
C1V RCY K . -4.01 -3.05 -0.65
N1V RCY K . -4.05 -5.55 -0.44
C1W RCY K . -3.84 -5.85 -1.93
C1X RCY K . -4.90 -4.28 -0.43
C1Y RCY K . -2.43 -5.45 -2.37
C1Z RCY K . -4.07 -7.35 -2.16
H1S RCY K . -5.98 -0.69 -2.79
H1U RCY K . -6.51 -5.32 -1.39
N MET A 1 -8.20 20.99 -1.46
CA MET A 1 -9.50 21.71 -1.61
C MET A 1 -10.63 20.86 -1.03
N ASN A 2 -11.70 21.49 -0.61
CA ASN A 2 -12.85 20.73 -0.03
C ASN A 2 -12.32 19.60 0.86
N LEU A 3 -11.23 19.81 1.53
CA LEU A 3 -10.66 18.75 2.42
C LEU A 3 -10.89 19.15 3.88
N GLU A 4 -11.96 18.71 4.46
CA GLU A 4 -12.23 19.06 5.88
C GLU A 4 -11.54 18.03 6.80
N PRO A 5 -11.08 18.46 7.95
CA PRO A 5 -10.40 17.56 8.91
C PRO A 5 -11.01 16.16 8.95
N PRO A 6 -10.41 15.21 8.29
CA PRO A 6 -10.91 13.81 8.25
C PRO A 6 -10.44 12.99 9.46
N LYS A 7 -11.35 12.31 10.12
CA LYS A 7 -10.95 11.49 11.29
C LYS A 7 -10.26 10.21 10.81
N ALA A 8 -8.99 10.28 10.54
CA ALA A 8 -8.26 9.07 10.06
C ALA A 8 -6.76 9.33 10.10
N GLU A 9 -6.35 10.49 10.55
CA GLU A 9 -4.89 10.79 10.60
C GLU A 9 -4.28 10.12 11.83
N CYS A 10 -5.06 9.90 12.86
CA CYS A 10 -4.51 9.26 14.09
C CYS A 10 -4.97 7.80 14.15
N ARG A 11 -4.26 6.98 14.88
CA ARG A 11 -4.63 5.54 14.97
C ARG A 11 -4.06 4.96 16.28
N SER A 12 -2.87 5.35 16.63
CA SER A 12 -2.25 4.83 17.88
C SER A 12 -1.17 5.81 18.37
N ALA A 13 -0.22 6.12 17.53
CA ALA A 13 0.85 7.07 17.94
C ALA A 13 1.51 6.58 19.23
N THR A 14 1.60 5.29 19.41
CA THR A 14 2.25 4.76 20.64
C THR A 14 2.69 3.31 20.41
N ARG A 15 2.38 2.76 19.27
CA ARG A 15 2.78 1.36 18.99
C ARG A 15 2.77 1.11 17.48
N VAL A 16 3.92 1.00 16.88
CA VAL A 16 3.99 0.77 15.41
C VAL A 16 5.27 0.00 15.08
N MET A 17 5.91 0.33 13.98
CA MET A 17 7.16 -0.38 13.61
C MET A 17 7.91 0.42 12.54
N GLY A 18 7.78 1.72 12.57
CA GLY A 18 8.46 2.57 11.56
C GLY A 18 9.55 3.40 12.25
N GLY A 19 10.73 2.87 12.37
CA GLY A 19 11.83 3.63 13.03
C GLY A 19 12.08 4.93 12.27
N PRO A 20 13.25 5.49 12.40
CA PRO A 20 13.63 6.76 11.72
C PRO A 20 13.60 6.62 10.19
N CYS A 21 12.55 6.08 9.64
CA CYS A 21 12.47 5.92 8.17
C CYS A 21 11.96 7.22 7.54
N THR A 22 12.19 7.41 6.27
CA THR A 22 11.73 8.65 5.59
C THR A 22 10.53 8.31 4.69
N PRO A 23 9.66 9.26 4.45
CA PRO A 23 8.45 9.05 3.59
C PRO A 23 8.82 8.74 2.14
N ARG A 24 7.94 8.11 1.41
CA ARG A 24 8.25 7.76 -0.01
C ARG A 24 7.73 8.89 -0.92
N LYS A 25 8.46 9.95 -1.04
CA LYS A 25 8.02 11.07 -1.92
C LYS A 25 6.57 11.44 -1.57
N GLY A 26 5.80 11.86 -2.54
CA GLY A 26 4.39 12.25 -2.27
C GLY A 26 3.69 12.60 -3.58
N PRO A 27 4.08 13.68 -4.19
CA PRO A 27 3.49 14.14 -5.48
C PRO A 27 3.41 13.00 -6.52
N PRO A 28 2.82 13.24 -7.65
CA PRO A 28 2.70 12.21 -8.73
C PRO A 28 4.06 11.74 -9.22
N LYS A 29 4.23 10.45 -9.41
CA LYS A 29 5.54 9.95 -9.90
C LYS A 29 5.42 8.46 -10.24
N CYS A 30 4.26 8.02 -10.64
CA CYS A 30 4.09 6.58 -10.99
C CYS A 30 5.09 6.20 -12.08
N LYS A 31 6.24 5.71 -11.69
CA LYS A 31 7.27 5.32 -12.71
C LYS A 31 7.33 3.79 -12.81
N GLN A 32 6.34 3.11 -12.29
CA GLN A 32 6.36 1.62 -12.36
C GLN A 32 5.91 1.16 -13.75
N ARG A 33 6.22 -0.05 -14.12
CA ARG A 33 5.83 -0.56 -15.45
C ARG A 33 5.28 -1.99 -15.30
N GLN A 34 4.97 -2.39 -14.10
CA GLN A 34 4.44 -3.77 -13.88
C GLN A 34 5.38 -4.80 -14.50
N THR A 35 6.64 -4.48 -14.62
CA THR A 35 7.60 -5.46 -15.21
C THR A 35 7.48 -6.79 -14.48
N ARG A 36 7.44 -6.76 -13.17
CA ARG A 36 7.32 -8.02 -12.40
C ARG A 36 5.92 -8.61 -12.60
N GLN A 37 4.93 -7.78 -12.75
CA GLN A 37 3.54 -8.28 -12.96
C GLN A 37 3.26 -9.42 -11.98
N CYS A 38 2.85 -10.55 -12.49
CA CYS A 38 2.55 -11.71 -11.59
C CYS A 38 2.73 -13.01 -12.38
N LYS A 39 2.52 -12.96 -13.66
CA LYS A 39 2.68 -14.19 -14.51
C LYS A 39 2.02 -15.39 -13.82
N SER A 40 1.13 -15.14 -12.89
CA SER A 40 0.46 -16.28 -12.20
C SER A 40 -0.58 -15.74 -11.21
N LYS A 41 -1.84 -15.94 -11.50
CA LYS A 41 -2.91 -15.45 -10.57
C LYS A 41 -3.70 -16.66 -10.03
N PRO A 42 -3.21 -17.28 -9.00
CA PRO A 42 -3.88 -18.46 -8.39
C PRO A 42 -5.08 -18.07 -7.52
N PRO A 43 -5.97 -18.99 -7.28
CA PRO A 43 -7.17 -18.75 -6.43
C PRO A 43 -6.82 -18.59 -4.96
N LYS A 44 -7.74 -18.10 -4.17
CA LYS A 44 -7.46 -17.90 -2.71
C LYS A 44 -6.02 -17.48 -2.48
N LYS A 45 -5.25 -18.27 -1.78
CA LYS A 45 -3.83 -17.91 -1.52
C LYS A 45 -2.90 -18.96 -2.15
N GLY A 46 -1.85 -18.52 -2.80
CA GLY A 46 -0.90 -19.48 -3.43
C GLY A 46 0.43 -19.45 -2.69
N VAL A 47 1.39 -18.75 -3.21
CA VAL A 47 2.71 -18.66 -2.52
C VAL A 47 2.55 -17.90 -1.21
N GLN A 48 3.54 -17.14 -0.83
CA GLN A 48 3.44 -16.37 0.44
C GLN A 48 4.25 -15.07 0.31
N GLY A 49 4.23 -14.47 -0.85
CA GLY A 49 4.99 -13.21 -1.06
C GLY A 49 4.67 -12.63 -2.43
N CYS A 50 4.21 -13.46 -3.34
CA CYS A 50 3.86 -12.96 -4.70
C CYS A 50 5.11 -12.34 -5.34
N GLY A 51 6.25 -12.51 -4.74
CA GLY A 51 7.50 -11.92 -5.32
C GLY A 51 7.90 -12.69 -6.57
N ASP A 52 7.27 -12.43 -7.68
CA ASP A 52 7.63 -13.15 -8.94
C ASP A 52 9.13 -13.00 -9.17
N ASP A 53 9.78 -12.16 -8.43
CA ASP A 53 11.24 -11.97 -8.60
C ASP A 53 11.83 -11.36 -7.33
N ILE A 54 11.88 -10.05 -7.26
CA ILE A 54 12.44 -9.38 -6.05
C ILE A 54 11.53 -8.21 -5.65
N PRO A 55 10.67 -8.42 -4.69
CA PRO A 55 9.73 -7.35 -4.22
C PRO A 55 10.38 -6.41 -3.20
N GLY A 56 9.70 -5.34 -2.86
CA GLY A 56 10.27 -4.39 -1.88
C GLY A 56 11.53 -3.73 -2.45
N MET A 57 11.64 -3.66 -3.75
CA MET A 57 12.84 -3.04 -4.37
C MET A 57 12.63 -1.53 -4.50
N GLU A 58 11.75 -0.98 -3.70
CA GLU A 58 11.47 0.49 -3.78
C GLU A 58 10.48 0.77 -4.91
N GLY A 59 10.03 -0.26 -5.57
CA GLY A 59 9.06 -0.08 -6.69
C GLY A 59 7.96 0.89 -6.28
N CYS A 60 7.69 1.00 -5.00
CA CYS A 60 6.62 1.92 -4.54
C CYS A 60 7.22 3.31 -4.29
N GLY A 61 6.88 4.28 -5.10
CA GLY A 61 7.44 5.64 -4.91
C GLY A 61 6.44 6.50 -4.11
N THR A 62 5.44 7.01 -4.76
CA THR A 62 4.44 7.85 -4.04
C THR A 62 3.57 6.98 -3.13
N ASP A 63 3.94 6.83 -1.89
CA ASP A 63 3.13 5.99 -0.97
C ASP A 63 1.78 6.68 -0.72
N ILE A 64 1.55 7.79 -1.39
CA ILE A 64 0.26 8.52 -1.21
C ILE A 64 -0.39 8.71 -2.58
N THR A 65 0.40 8.75 -3.63
CA THR A 65 -0.17 8.92 -5.00
C THR A 65 -1.15 10.10 -4.99
N VAL A 66 -0.96 11.02 -4.09
CA VAL A 66 -1.87 12.21 -4.03
C VAL A 66 -3.28 11.75 -3.62
N ILE A 67 -3.69 10.58 -4.05
CA ILE A 67 -5.06 10.09 -3.69
C ILE A 67 -4.97 8.64 -3.24
N CYS A 68 -4.81 8.42 -1.96
CA CYS A 68 -4.73 7.03 -1.43
C CYS A 68 -6.02 6.72 -0.67
N PRO A 69 -6.57 5.54 -0.82
CA PRO A 69 -7.83 5.14 -0.16
C PRO A 69 -8.12 5.89 1.14
N TRP A 70 -7.14 6.07 2.00
CA TRP A 70 -7.42 6.81 3.26
C TRP A 70 -7.73 8.28 2.95
N GLU A 71 -8.24 8.57 1.77
CA GLU A 71 -8.57 9.98 1.43
C GLU A 71 -9.84 10.01 0.57
N ALA A 72 -9.76 9.54 -0.64
CA ALA A 72 -10.96 9.55 -1.52
C ALA A 72 -11.91 8.40 -1.14
N CYS A 73 -11.67 7.23 -1.64
CA CYS A 73 -12.56 6.07 -1.33
C CYS A 73 -12.65 5.89 0.19
N ASN A 74 -11.55 5.62 0.84
CA ASN A 74 -11.58 5.41 2.32
C ASN A 74 -12.68 4.41 2.67
N HIS A 75 -13.15 3.65 1.72
CA HIS A 75 -14.22 2.66 2.01
C HIS A 75 -13.59 1.27 2.19
N CYS A 76 -12.33 1.22 2.52
CA CYS A 76 -11.65 -0.09 2.70
C CYS A 76 -11.62 -0.44 4.20
N GLU A 77 -12.46 -1.36 4.61
CA GLU A 77 -12.48 -1.73 6.06
C GLU A 77 -11.07 -2.05 6.52
N LEU A 78 -10.68 -1.54 7.66
CA LEU A 78 -9.31 -1.80 8.18
C LEU A 78 -9.07 -3.32 8.27
N HIS A 79 -8.10 -3.72 9.04
CA HIS A 79 -7.80 -5.18 9.17
C HIS A 79 -6.93 -5.64 7.99
N GLU A 80 -5.64 -5.68 8.17
CA GLU A 80 -4.75 -6.10 7.05
C GLU A 80 -4.98 -7.57 6.72
N LEU A 81 -5.23 -8.38 7.72
CA LEU A 81 -5.47 -9.84 7.45
C LEU A 81 -6.68 -9.99 6.53
N ALA A 82 -7.26 -8.90 6.12
CA ALA A 82 -8.44 -8.98 5.22
C ALA A 82 -8.01 -9.53 3.86
N GLN A 83 -7.51 -10.74 3.82
CA GLN A 83 -7.08 -11.31 2.51
C GLN A 83 -8.18 -11.07 1.47
N TYR A 84 -9.41 -10.91 1.92
CA TYR A 84 -10.53 -10.68 0.96
C TYR A 84 -11.64 -9.87 1.65
N GLY A 85 -11.30 -9.02 2.59
CA GLY A 85 -12.36 -8.22 3.26
C GLY A 85 -13.27 -7.59 2.20
N ILE A 86 -12.67 -7.05 1.17
CA ILE A 86 -13.48 -6.43 0.08
C ILE A 86 -12.91 -6.85 -1.28
N CYS A 87 -12.35 -5.93 -2.00
CA CYS A 87 -11.78 -6.28 -3.33
C CYS A 87 -10.60 -7.24 -3.15
C1C RCY B . -4.57 14.45 10.09
O1G RCY B . -3.20 14.38 12.97
O1H RCY B . -5.31 10.23 12.25
O1J RCY B . -1.99 15.62 11.12
C1L RCY B . -4.69 13.00 14.35
C1M RCY B . -2.04 11.81 10.71
C1P RCY B . -3.90 13.37 13.08
C1Q RCY B . -5.09 11.38 12.59
N1R RCY B . -4.07 12.34 11.98
C1S RCY B . -5.78 12.13 13.71
C1U RCY B . -3.40 12.25 10.60
C1V RCY B . -2.90 13.48 8.44
N1V RCY B . -2.15 14.23 10.72
C1W RCY B . -1.20 13.06 10.99
C1X RCY B . -3.29 13.62 9.91
C1Y RCY B . 0.01 13.13 10.06
C1Z RCY B . -0.76 13.12 12.46
H1S RCY B . -6.62 12.20 13.02
H1U RCY B . -3.95 11.57 9.97
C1C RCY C . 7.64 6.94 3.81
O1G RCY C . 5.60 4.08 6.17
O1H RCY C . 8.60 7.44 7.59
O1J RCY C . 5.67 4.87 2.87
C1L RCY C . 7.59 4.05 7.58
C1M RCY C . 4.58 6.99 5.88
C1P RCY C . 6.54 4.69 6.66
C1Q RCY C . 8.13 6.38 7.19
N1R RCY C . 6.81 6.17 6.45
C1S RCY C . 8.77 5.00 7.34
C1U RCY C . 5.97 7.21 5.70
C1V RCY C . 5.57 8.36 3.47
N1V RCY C . 5.36 5.90 3.86
C1W RCY C . 4.17 5.95 4.82
C1X RCY C . 6.17 7.14 4.18
C1Y RCY C . 2.91 6.42 4.07
C1Z RCY C . 3.95 4.57 5.44
H1S RCY C . 9.44 5.35 6.55
H1U RCY C . 6.22 8.20 6.05
C1C RCY D . -2.90 7.13 -14.57
O1G RCY D . -0.83 3.46 -15.85
O1H RCY D . -0.37 5.16 -11.47
O1J RCY D . -5.66 7.01 -13.35
C1L RCY D . 1.08 3.73 -14.35
C1M RCY D . -3.35 4.03 -12.59
C1P RCY D . -0.38 3.85 -14.77
C1Q RCY D . -0.18 4.90 -12.66
N1R RCY D . -1.22 4.53 -13.69
C1S RCY D . 1.18 4.89 -13.37
C1U RCY D . -2.74 4.77 -13.65
C1V RCY D . -2.33 6.75 -12.13
N1V RCY D . -4.57 6.08 -13.03
C1W RCY D . -4.67 4.74 -12.28
C1X RCY D . -3.09 6.23 -13.35
C1Y RCY D . -4.84 4.98 -10.78
C1Z RCY D . -5.87 3.96 -12.84
H1S RCY D . 1.09 5.97 -13.30
H1U RCY D . -3.17 4.48 -14.60
C1C RCY E . -0.31 -6.57 -6.18
O1G RCY E . -0.40 -6.09 -8.48
O1H RCY E . -1.31 -10.66 -9.25
O1J RCY E . -2.60 -4.91 -7.22
C1L RCY E . 0.10 -7.61 -10.33
C1M RCY E . -3.21 -8.69 -7.09
C1P RCY E . -0.45 -7.22 -8.95
C1Q RCY E . -0.74 -9.57 -9.20
N1R RCY E . -1.06 -8.43 -8.24
C1S RCY E . 0.39 -9.10 -10.10
C1U RCY E . -1.80 -8.49 -6.90
C1V RCY E . -2.20 -7.35 -4.67
N1V RCY E . -2.70 -6.33 -6.91
C1W RCY E . -3.81 -7.29 -7.31
C1X RCY E . -1.72 -7.18 -6.12
C1Y RCY E . -5.04 -7.10 -6.42
C1Z RCY E . -4.16 -7.07 -8.78
H1S RCY E . 1.00 -9.76 -9.50
H1U RCY E . -1.40 -9.29 -6.30
C1C RCY F . 3.40 -7.38 -4.21
O1G RCY F . 4.61 -9.61 -0.12
O1H RCY F . 1.51 -9.38 -3.67
O1J RCY F . 0.40 -7.13 -4.26
C1L RCY F . 3.48 -11.31 -1.47
C1M RCY F . 2.05 -6.79 -0.82
C1P RCY F . 3.80 -9.88 -1.01
C1Q RCY F . 2.09 -9.72 -2.65
N1R RCY F . 2.99 -8.85 -1.79
C1S RCY F . 2.06 -11.10 -2.01
C1U RCY F . 3.05 -7.32 -1.71
C1V RCY F . 3.09 -5.16 -3.04
N1V RCY F . 1.23 -6.84 -3.09
C1W RCY F . 0.77 -6.66 -1.65
C1X RCY F . 2.74 -6.66 -3.04
C1Y RCY F . 0.14 -5.28 -1.45
C1Z RCY F . -0.23 -7.76 -1.30
H1S RCY F . 1.08 -10.82 -1.70
H1U RCY F . 4.03 -7.01 -1.37
C1C RCY G . 3.35 -3.23 0.42
O1G RCY G . 5.30 -2.13 1.22
O1H RCY G . 5.89 -0.87 -3.28
O1J RCY G . 1.48 -1.86 -1.49
C1L RCY G . 6.21 -0.14 0.15
C1M RCY G . 4.57 -3.47 -3.07
C1P RCY G . 5.60 -1.55 0.19
C1Q RCY G . 6.07 -1.04 -2.09
N1R RCY G . 5.44 -2.13 -1.22
C1S RCY G . 6.97 -0.21 -1.18
C1U RCY G . 4.80 -3.44 -1.65
C1V RCY G . 2.91 -5.09 -1.25
N1V RCY G . 2.60 -2.69 -1.90
C1W RCY G . 3.21 -2.79 -3.29
C1X RCY G . 3.41 -3.66 -1.05
C1Y RCY G . 2.33 -3.65 -4.21
C1Z RCY G . 3.39 -1.39 -3.87
H1S RCY G . 7.77 -0.73 -1.67
H1U RCY G . 5.44 -4.27 -1.37
C1C RCY H . -5.53 1.35 3.57
O1G RCY H . -7.75 3.18 -0.69
O1H RCY H . -3.40 2.51 0.99
O1J RCY H . -5.98 -1.63 3.70
C1L RCY H . -5.67 4.44 -0.90
C1M RCY H . -6.30 -0.03 0.22
C1P RCY H . -6.57 3.31 -0.39
C1Q RCY H . -4.45 3.03 0.64
N1R RCY H . -5.81 2.35 0.52
C1S RCY H . -4.64 4.48 0.25
C1U RCY H . -6.29 1.05 1.17
C1V RCY H . -3.89 0.54 1.82
N1V RCY H . -5.86 -0.87 2.45
C1W RCY H . -6.23 -1.33 1.04
C1X RCY H . -5.34 0.56 2.27
C1Y RCY H . -5.15 -2.26 0.49
C1Z RCY H . -7.58 -2.03 1.08
H1S RCY H . -4.56 4.68 1.30
H1U RCY H . -7.28 1.18 1.57
C1C RCY I . -7.15 2.42 -0.83
O1G RCY I . -7.00 3.46 -4.06
O1H RCY I . -11.29 2.44 -2.35
O1J RCY I . -9.62 1.91 0.82
C1L RCY I . -9.13 4.66 -4.06
C1M RCY I . -9.40 0.00 -2.50
C1P RCY I . -8.20 3.48 -3.77
C1Q RCY I . -10.37 2.84 -3.07
N1R RCY I . -8.94 2.33 -3.09
C1S RCY I . -10.47 3.92 -4.13
C1U RCY I . -8.38 1.01 -2.55
C1V RCY I . -7.11 -0.10 -0.66
N1V RCY I . -9.26 1.14 -0.37
C1W RCY I . -10.14 0.18 -1.18
C1X RCY I . -7.91 1.12 -1.10
C1Y RCY I . -10.28 -1.15 -0.44
C1Z RCY I . -11.51 0.83 -1.39
H1S RCY I . -11.00 3.18 -4.71
H1U RCY I . -7.56 0.68 -3.16
C1C RCY J . -2.64 -2.07 3.82
O1G RCY J . -4.76 -0.13 3.53
O1H RCY J . -7.26 -3.54 1.44
O1J RCY J . -0.46 -3.07 2.00
C1L RCY J . -7.16 -0.50 3.22
C1M RCY J . -3.98 -2.99 0.49
C1P RCY J . -5.66 -0.81 3.06
C1Q RCY J . -6.86 -2.44 1.82
N1R RCY J . -5.44 -2.08 2.23
C1S RCY J . -7.71 -1.19 1.97
C1U RCY J . -4.14 -2.81 1.91
C1V RCY J . -2.96 -0.57 1.80
N1V RCY J . -1.82 -2.79 1.56
C1W RCY J . -2.48 -3.20 0.24
C1X RCY J . -2.90 -2.01 2.31
C1Y RCY J . -2.00 -2.30 -0.90
C1Z RCY J . -2.16 -4.66 -0.04
H1S RCY J . -7.66 -1.15 0.89
H1U RCY J . -4.13 -3.76 2.41
C1C RCY K . -5.15 -3.18 -2.01
O1G RCY K . -5.28 -4.99 -3.85
O1H RCY K . -9.79 -4.87 -2.44
O1J RCY K . -7.29 -1.16 -1.40
C1L RCY K . -7.41 -5.11 -5.05
C1M RCY K . -7.96 -4.73 -0.16
C1P RCY K . -6.51 -5.03 -3.80
C1Q RCY K . -8.74 -5.16 -3.03
N1R RCY K . -7.32 -4.98 -2.51
C1S RCY K . -8.65 -5.77 -4.42
C1U RCY K . -6.85 -4.80 -1.07
C1V RCY K . -5.39 -3.47 0.50
N1V RCY K . -7.27 -2.51 -0.86
C1W RCY K . -8.40 -3.26 -0.16
C1X RCY K . -6.10 -3.49 -0.85
C1Y RCY K . -8.55 -2.75 1.29
C1Z RCY K . -9.69 -3.06 -0.93
H1S RCY K . -8.97 -6.68 -3.94
H1U RCY K . -6.21 -5.63 -0.79
N MET A 1 -20.50 8.01 7.55
CA MET A 1 -19.02 8.03 7.44
C MET A 1 -18.57 9.36 6.83
N ASN A 2 -19.48 10.09 6.23
CA ASN A 2 -19.11 11.40 5.63
C ASN A 2 -17.99 11.18 4.61
N LEU A 3 -17.54 12.22 3.97
CA LEU A 3 -16.45 12.08 2.96
C LEU A 3 -15.17 11.62 3.66
N GLU A 4 -14.30 12.54 3.97
CA GLU A 4 -13.03 12.17 4.66
C GLU A 4 -13.32 11.87 6.14
N PRO A 5 -12.97 10.71 6.62
CA PRO A 5 -13.21 10.34 8.05
C PRO A 5 -12.87 11.48 9.01
N PRO A 6 -13.52 11.53 10.15
CA PRO A 6 -13.28 12.60 11.17
C PRO A 6 -11.94 12.40 11.91
N LYS A 7 -11.21 13.46 12.12
CA LYS A 7 -9.91 13.33 12.84
C LYS A 7 -10.17 13.05 14.32
N ALA A 8 -9.15 12.67 15.04
CA ALA A 8 -9.35 12.37 16.49
C ALA A 8 -7.98 12.29 17.17
N GLU A 9 -7.53 11.10 17.46
CA GLU A 9 -6.21 10.94 18.12
C GLU A 9 -5.77 9.48 18.07
N CYS A 10 -4.49 9.22 18.17
CA CYS A 10 -4.02 7.81 18.11
C CYS A 10 -4.13 7.18 19.51
N ARG A 11 -3.78 7.92 20.53
CA ARG A 11 -3.86 7.36 21.91
C ARG A 11 -3.10 6.04 21.97
N SER A 12 -2.43 5.67 20.92
CA SER A 12 -1.66 4.39 20.90
C SER A 12 -0.17 4.69 21.06
N ALA A 13 0.28 5.79 20.51
CA ALA A 13 1.73 6.13 20.62
C ALA A 13 2.57 4.91 20.24
N THR A 14 2.21 4.22 19.20
CA THR A 14 2.99 3.02 18.78
C THR A 14 4.29 3.47 18.13
N ARG A 15 5.19 4.03 18.90
CA ARG A 15 6.49 4.48 18.32
C ARG A 15 7.16 3.32 17.59
N VAL A 16 7.39 2.23 18.29
CA VAL A 16 8.04 1.04 17.64
C VAL A 16 6.96 0.01 17.31
N MET A 17 7.09 -0.63 16.18
CA MET A 17 6.06 -1.65 15.79
C MET A 17 6.48 -3.03 16.31
N GLY A 18 7.44 -3.65 15.69
CA GLY A 18 7.89 -5.00 16.14
C GLY A 18 9.25 -4.88 16.84
N GLY A 19 9.26 -4.49 18.08
CA GLY A 19 10.56 -4.36 18.80
C GLY A 19 11.54 -3.56 17.95
N PRO A 20 12.80 -3.62 18.28
CA PRO A 20 13.87 -2.89 17.54
C PRO A 20 13.78 -3.11 16.02
N CYS A 21 13.21 -2.17 15.32
CA CYS A 21 13.07 -2.32 13.84
C CYS A 21 13.48 -1.01 13.16
N THR A 22 14.52 -1.03 12.37
CA THR A 22 14.97 0.22 11.68
C THR A 22 13.99 0.53 10.54
N PRO A 23 13.71 1.80 10.31
CA PRO A 23 12.79 2.23 9.23
C PRO A 23 12.95 1.39 7.96
N ARG A 24 14.11 1.44 7.35
CA ARG A 24 14.34 0.65 6.10
C ARG A 24 15.84 0.40 5.92
N LYS A 25 16.23 -0.83 5.75
CA LYS A 25 17.67 -1.14 5.57
C LYS A 25 18.17 -0.54 4.25
N GLY A 26 17.64 -0.99 3.15
CA GLY A 26 18.08 -0.45 1.83
C GLY A 26 16.89 -0.40 0.87
N PRO A 27 17.16 -0.31 -0.41
CA PRO A 27 16.08 -0.25 -1.45
C PRO A 27 15.50 -1.63 -1.74
N PRO A 28 14.33 -1.68 -2.33
CA PRO A 28 13.66 -2.96 -2.68
C PRO A 28 14.64 -4.03 -3.18
N LYS A 29 14.48 -5.24 -2.75
CA LYS A 29 15.39 -6.33 -3.21
C LYS A 29 14.56 -7.45 -3.83
N CYS A 30 14.09 -7.25 -5.03
CA CYS A 30 13.26 -8.30 -5.70
C CYS A 30 13.67 -8.41 -7.17
N LYS A 31 12.97 -9.20 -7.93
CA LYS A 31 13.32 -9.36 -9.38
C LYS A 31 12.44 -8.42 -10.22
N GLN A 32 12.68 -7.14 -10.15
CA GLN A 32 11.87 -6.18 -10.95
C GLN A 32 10.39 -6.31 -10.57
N ARG A 33 9.64 -5.25 -10.74
CA ARG A 33 8.19 -5.31 -10.40
C ARG A 33 7.38 -5.50 -11.68
N GLN A 34 7.58 -6.60 -12.35
CA GLN A 34 6.82 -6.85 -13.61
C GLN A 34 7.00 -8.31 -14.05
N THR A 35 6.21 -9.19 -13.52
CA THR A 35 6.34 -10.63 -13.91
C THR A 35 5.10 -11.40 -13.44
N ARG A 36 4.14 -10.71 -12.88
CA ARG A 36 2.91 -11.40 -12.40
C ARG A 36 1.75 -10.40 -12.33
N GLN A 37 2.05 -9.12 -12.39
CA GLN A 37 0.97 -8.10 -12.33
C GLN A 37 0.04 -8.40 -11.15
N CYS A 38 -1.02 -7.65 -11.00
CA CYS A 38 -1.95 -7.91 -9.85
C CYS A 38 -3.36 -7.42 -10.20
N LYS A 39 -4.36 -8.13 -9.76
CA LYS A 39 -5.77 -7.74 -10.03
C LYS A 39 -6.70 -8.66 -9.24
N SER A 40 -7.75 -9.14 -9.84
CA SER A 40 -8.66 -10.06 -9.11
C SER A 40 -7.84 -11.28 -8.67
N LYS A 41 -8.00 -12.40 -9.33
CA LYS A 41 -7.19 -13.59 -8.97
C LYS A 41 -6.92 -14.41 -10.22
N PRO A 42 -6.00 -13.97 -11.02
CA PRO A 42 -5.60 -14.64 -12.28
C PRO A 42 -4.26 -15.38 -12.13
N PRO A 43 -3.96 -16.27 -13.03
CA PRO A 43 -2.68 -17.02 -12.99
C PRO A 43 -1.55 -16.18 -13.56
N LYS A 44 -0.51 -15.95 -12.79
CA LYS A 44 0.61 -15.12 -13.30
C LYS A 44 0.06 -13.78 -13.80
N LYS A 45 -0.14 -13.66 -15.09
CA LYS A 45 -0.69 -12.38 -15.64
C LYS A 45 -2.21 -12.51 -15.77
N GLY A 46 -2.92 -11.41 -15.68
CA GLY A 46 -4.41 -11.47 -15.80
C GLY A 46 -4.88 -10.56 -16.93
N VAL A 47 -5.82 -9.69 -16.66
CA VAL A 47 -6.33 -8.78 -17.72
C VAL A 47 -5.28 -7.72 -18.04
N GLN A 48 -5.64 -6.47 -17.99
CA GLN A 48 -4.66 -5.38 -18.29
C GLN A 48 -3.39 -5.61 -17.46
N GLY A 49 -3.54 -5.95 -16.20
CA GLY A 49 -2.35 -6.19 -15.34
C GLY A 49 -2.36 -5.21 -14.16
N CYS A 50 -1.87 -4.03 -14.35
CA CYS A 50 -1.86 -3.03 -13.25
C CYS A 50 -3.03 -2.06 -13.41
N GLY A 51 -2.90 -1.08 -14.26
CA GLY A 51 -4.02 -0.12 -14.46
C GLY A 51 -3.50 1.09 -15.25
N ASP A 52 -2.37 0.95 -15.89
CA ASP A 52 -1.81 2.08 -16.67
C ASP A 52 -0.81 1.54 -17.70
N ASP A 53 0.37 2.10 -17.73
CA ASP A 53 1.39 1.61 -18.71
C ASP A 53 2.79 2.06 -18.24
N ILE A 54 2.92 2.44 -17.00
CA ILE A 54 4.25 2.89 -16.49
C ILE A 54 4.47 2.31 -15.08
N PRO A 55 4.85 1.06 -15.01
CA PRO A 55 5.09 0.37 -13.71
C PRO A 55 6.50 0.65 -13.17
N GLY A 56 6.69 0.51 -11.88
CA GLY A 56 8.03 0.76 -11.29
C GLY A 56 8.26 2.27 -11.13
N MET A 57 7.81 3.05 -12.08
CA MET A 57 7.99 4.53 -11.99
C MET A 57 9.47 4.85 -11.75
N GLU A 58 9.79 5.45 -10.64
CA GLU A 58 11.21 5.80 -10.35
C GLU A 58 11.34 6.19 -8.88
N GLY A 59 11.86 5.31 -8.07
CA GLY A 59 12.02 5.64 -6.61
C GLY A 59 10.73 5.27 -5.87
N CYS A 60 9.69 4.96 -6.59
CA CYS A 60 8.41 4.59 -5.93
C CYS A 60 7.98 5.71 -4.99
N GLY A 61 8.68 6.81 -4.99
CA GLY A 61 8.30 7.93 -4.08
C GLY A 61 6.79 8.14 -4.14
N THR A 62 6.28 8.48 -5.30
CA THR A 62 4.81 8.68 -5.45
C THR A 62 4.23 9.32 -4.19
N ASP A 63 5.00 10.11 -3.49
CA ASP A 63 4.47 10.75 -2.26
C ASP A 63 3.24 11.59 -2.63
N ILE A 64 2.12 10.95 -2.88
CA ILE A 64 0.89 11.69 -3.27
C ILE A 64 1.29 12.83 -4.22
N THR A 65 2.37 12.66 -4.91
CA THR A 65 2.81 13.70 -5.88
C THR A 65 1.60 14.10 -6.72
N VAL A 66 0.60 13.27 -6.70
CA VAL A 66 -0.63 13.56 -7.49
C VAL A 66 -1.85 12.99 -6.74
N ILE A 67 -2.11 11.71 -6.88
CA ILE A 67 -3.28 11.10 -6.20
C ILE A 67 -2.92 9.74 -5.61
N CYS A 68 -2.49 9.66 -4.39
CA CYS A 68 -2.16 8.33 -3.81
C CYS A 68 -3.42 7.73 -3.19
N PRO A 69 -3.83 6.56 -3.62
CA PRO A 69 -5.06 5.89 -3.10
C PRO A 69 -5.20 6.01 -1.58
N TRP A 70 -4.16 6.42 -0.90
CA TRP A 70 -4.23 6.55 0.57
C TRP A 70 -5.16 7.71 0.93
N GLU A 71 -5.72 8.36 -0.06
CA GLU A 71 -6.64 9.50 0.22
C GLU A 71 -7.78 9.50 -0.81
N ALA A 72 -7.52 9.07 -2.00
CA ALA A 72 -8.59 9.05 -3.04
C ALA A 72 -9.52 7.86 -2.80
N CYS A 73 -9.01 6.67 -2.91
CA CYS A 73 -9.87 5.47 -2.69
C CYS A 73 -10.63 5.63 -1.38
N ASN A 74 -9.93 5.76 -0.28
CA ASN A 74 -10.61 5.92 1.03
C ASN A 74 -11.53 4.72 1.27
N HIS A 75 -11.81 4.42 2.51
CA HIS A 75 -12.71 3.26 2.82
C HIS A 75 -12.01 1.96 2.45
N CYS A 76 -11.63 1.80 1.21
CA CYS A 76 -10.95 0.55 0.78
C CYS A 76 -11.79 -0.66 1.20
N GLU A 77 -12.58 -1.18 0.30
CA GLU A 77 -13.44 -2.35 0.64
C GLU A 77 -12.57 -3.58 0.85
N LEU A 78 -13.09 -4.74 0.54
CA LEU A 78 -12.30 -6.00 0.71
C LEU A 78 -11.91 -6.16 2.18
N HIS A 79 -12.03 -7.36 2.69
CA HIS A 79 -11.67 -7.60 4.12
C HIS A 79 -12.13 -9.00 4.51
N GLU A 80 -11.22 -9.90 4.77
CA GLU A 80 -11.62 -11.29 5.17
C GLU A 80 -10.54 -11.87 6.09
N LEU A 81 -9.30 -11.78 5.70
CA LEU A 81 -8.21 -12.33 6.55
C LEU A 81 -7.56 -11.20 7.35
N ALA A 82 -7.45 -10.04 6.77
CA ALA A 82 -6.84 -8.90 7.50
C ALA A 82 -7.74 -8.50 8.67
N GLN A 83 -8.82 -7.83 8.39
CA GLN A 83 -9.73 -7.40 9.49
C GLN A 83 -8.92 -6.77 10.62
N TYR A 84 -8.11 -5.81 10.31
CA TYR A 84 -7.30 -5.15 11.36
C TYR A 84 -6.53 -6.21 12.15
N GLY A 85 -5.54 -6.82 11.54
CA GLY A 85 -4.76 -7.86 12.26
C GLY A 85 -3.34 -7.92 11.70
N ILE A 86 -2.70 -6.79 11.56
CA ILE A 86 -1.31 -6.78 11.01
C ILE A 86 -1.31 -7.40 9.61
N CYS A 87 -0.45 -6.92 8.75
CA CYS A 87 -0.39 -7.48 7.37
C CYS A 87 0.12 -8.92 7.42
C1C RCY B . 1.80 2.58 17.88
O1G RCY B . -0.29 3.19 18.28
O1H RCY B . 1.35 7.37 19.76
O1J RCY B . 3.37 4.42 16.09
C1L RCY B . -1.24 5.45 18.33
C1M RCY B . 3.42 5.27 19.83
C1P RCY B . -0.17 4.38 18.59
C1Q RCY B . 0.62 6.41 19.53
N1R RCY B . 1.05 4.97 19.28
C1S RCY B . -0.90 6.44 19.45
C1U RCY B . 2.38 4.30 19.64
C1V RCY B . 4.07 2.52 19.00
N1V RCY B . 3.42 4.45 17.54
C1W RCY B . 3.99 5.55 18.43
C1X RCY B . 2.92 3.41 18.52
C1Y RCY B . 5.52 5.49 18.45
C1Z RCY B . 3.53 6.92 17.91
H1S RCY B . -0.85 6.52 20.52
H1U RCY B . 2.26 3.71 20.54
C1C RCY C . 11.84 3.77 10.42
O1G RCY C . 13.06 1.75 9.44
O1H RCY C . 9.25 -0.65 10.90
O1J RCY C . 12.63 3.52 7.52
C1L RCY C . 12.74 -0.49 10.39
C1M RCY C . 9.23 2.03 8.46
C1P RCY C . 12.29 0.91 9.92
C1Q RCY C . 10.38 -0.17 10.82
N1R RCY C . 10.79 1.11 10.10
C1S RCY C . 11.64 -0.78 11.42
C1U RCY C . 9.91 2.29 9.69
C1V RCY C . 9.82 4.79 9.28
N1V RCY C . 11.30 3.19 8.04
C1W RCY C . 10.19 2.41 7.34
C1X RCY C . 10.72 3.56 9.40
C1Y RCY C . 9.49 3.29 6.31
C1Z RCY C . 10.80 1.17 6.67
H1S RCY C . 11.24 -0.42 12.36
H1U RCY C . 9.19 2.49 10.47
C1C RCY D . 5.25 -6.63 -7.66
O1G RCY D . 7.02 -5.88 -5.57
O1H RCY D . 9.95 -8.06 -8.55
O1J RCY D . 5.57 -3.96 -6.30
C1L RCY D . 8.85 -7.48 -5.25
C1M RCY D . 8.15 -4.77 -9.02
C1P RCY D . 7.88 -6.60 -6.07
C1Q RCY D . 9.20 -7.82 -7.62
N1R RCY D . 8.13 -6.74 -7.56
C1S RCY D . 9.15 -8.56 -6.29
C1U RCY D . 7.46 -6.00 -8.73
C1V RCY D . 5.29 -5.07 -9.66
N1V RCY D . 6.33 -4.37 -7.48
C1W RCY D . 7.57 -3.71 -8.07
C1X RCY D . 6.04 -5.54 -8.41
C1Y RCY D . 7.20 -2.44 -8.84
C1Z RCY D . 8.55 -3.40 -6.94
H1S RCY D . 8.68 -9.34 -6.87
H1U RCY D . 7.45 -6.63 -9.60
C1C RCY E . -0.62 -4.15 -6.83
O1G RCY E . 0.75 -9.22 -6.99
O1H RCY E . -0.50 -9.47 -6.50
O1J RCY E . -3.19 -3.08 -5.68
C1L RCY E . -0.34 -7.94 -5.51
C1M RCY E . -2.24 -6.64 -4.63
C1P RCY E . 0.61 -8.03 -6.71
C1Q RCY E . 0.20 -8.59 -6.06
N1R RCY E . -0.11 -7.11 -5.72
C1S RCY E . 0.46 -7.18 -6.58
C1U RCY E . -1.38 -6.30 -5.74
C1V RCY E . -0.22 -4.52 -4.36
N1V RCY E . -2.55 -4.32 -5.26
C1W RCY E . -3.17 -5.45 -4.42
C1X RCY E . -1.14 -4.80 -5.56
C1Y RCY E . -3.20 -5.05 -2.94
C1Z RCY E . -4.58 -5.74 -4.94
H1S RCY E . 1.53 -7.26 -6.68
H1U RCY E . -1.91 -6.46 -6.67
C1C RCY F . -0.94 -4.61 -6.41
O1G RCY F . -0.54 -6.41 -8.60
O1H RCY F . -1.42 -2.18 -10.49
O1J RCY F . -0.56 -1.63 -6.38
C1L RCY F . 0.49 -5.14 -10.43
C1M RCY F . -3.48 -2.92 -8.51
C1P RCY F . -0.54 -5.40 -9.32
C1Q RCY F . -1.14 -3.36 -10.36
N1R RCY F . -1.54 -4.26 -9.20
C1S RCY F . -0.34 -4.21 -11.32
C1U RCY F . -2.67 -4.06 -8.18
C1V RCY F . -3.25 -3.84 -5.72
N1V RCY F . -1.72 -2.30 -6.96
C1W RCY F . -2.77 -1.71 -7.90
C1X RCY F . -2.14 -3.75 -6.77
C1Y RCY F . -3.76 -0.84 -7.11
C1Z RCY F . -2.07 -0.88 -8.97
H1S RCY F . -1.23 -4.19 -11.94
H1U RCY F . -3.29 -4.95 -8.14
C1C RCY G . 4.70 -2.84 -4.96
O1G RCY G . 7.33 -2.26 -4.78
O1H RCY G . 6.65 2.30 -5.81
O1J RCY G . 1.81 -2.39 -5.70
C1L RCY G . 8.85 -0.39 -5.22
C1M RCY G . 4.10 0.67 -5.98
C1P RCY G . 7.49 -1.08 -5.07
C1Q RCY G . 7.09 1.15 -5.79
N1R RCY G . 6.34 -0.10 -5.36
C1S RCY G . 8.49 0.72 -6.20
C1U RCY G . 4.83 -0.32 -5.25
C1V RCY G . 4.93 -1.83 -7.29
N1V RCY G . 2.87 -1.42 -5.93
C1W RCY G . 2.72 0.07 -6.27
C1X RCY G . 4.37 -1.65 -5.87
C1Y RCY G . 2.35 0.24 -7.75
C1Z RCY G . 1.65 0.69 -5.37
H1S RCY G . 8.13 0.89 -7.21
H1U RCY G . 4.53 -0.29 -4.21
C1C RCY H . 0.50 3.13 0.33
O1G RCY H . 1.17 5.35 0.60
O1H RCY H . 1.12 5.54 -4.12
O1J RCY H . -1.74 2.46 -1.57
C1L RCY H . 0.66 7.13 -1.00
C1M RCY H . 1.72 2.84 -3.15
C1P RCY H . 1.09 5.73 -0.57
C1Q RCY H . 1.29 5.83 -2.93
N1R RCY H . 1.43 4.84 -1.77
C1S RCY H . 1.38 7.23 -2.35
C1U RCY H . 1.82 3.37 -1.82
C1V RCY H . 1.43 1.07 -0.82
N1V RCY H . -0.33 2.46 -1.93
C1W RCY H . 0.27 2.42 -3.35
C1X RCY H . 0.87 2.48 -1.01
C1Y RCY H . 0.19 1.01 -3.92
C1Z RCY H . -0.48 3.41 -4.23
H1S RCY H . 2.36 7.23 -2.79
H1U RCY H . 2.83 3.25 -1.45
C1C RCY I . -7.23 0.37 0.93
O1G RCY I . -5.20 0.67 -4.18
O1H RCY I . -8.43 1.99 -1.00
O1J RCY I . -4.68 -0.05 2.50
C1L RCY I . -7.32 1.90 -4.35
C1M RCY I . -4.25 0.62 -1.25
C1P RCY I . -6.21 1.12 -3.63
C1Q RCY I . -7.89 1.57 -2.02
N1R RCY I . -6.51 0.96 -2.14
C1S RCY I . -8.49 1.59 -3.42
C1U RCY I . -5.64 0.34 -1.04
C1V RCY I . -5.93 2.46 0.33
N1V RCY I . -4.73 0.41 1.12
C1W RCY I . -3.57 0.47 0.12
C1X RCY I . -5.94 0.93 0.35
C1Y RCY I . -2.68 1.67 0.42
C1Z RCY I . -2.77 -0.84 0.21
H1S RCY I . -9.10 0.77 -3.05
H1U RCY I . -5.80 -0.73 -1.01
C1C RCY J . -2.92 0.31 1.25
O1G RCY J . -5.82 0.42 -3.26
O1H RCY J . -5.55 2.01 1.17
O1J RCY J . -0.17 1.21 0.41
C1L RCY J . -7.51 1.12 -1.63
C1M RCY J . -2.99 1.87 -2.11
C1P RCY J . -6.09 0.81 -2.13
C1Q RCY J . -5.92 1.42 0.16
N1R RCY J . -5.05 1.06 -1.03
C1S RCY J . -7.32 0.89 -0.13
C1U RCY J . -3.52 0.97 -1.12
C1V RCY J . -3.36 2.74 0.69
N1V RCY J . -1.40 1.54 -0.31
C1W RCY J . -1.53 2.10 -1.72
C1X RCY J . -2.83 1.39 0.18
C1Y RCY J . -1.21 3.61 -1.73
C1Z RCY J . -0.58 1.35 -2.66
H1S RCY J . -7.06 0.13 0.59
H1U RCY J . -3.23 -0.05 -1.36
C1C RCY K . -0.16 -0.55 3.10
O1G RCY K . -0.78 -4.32 2.12
O1H RCY K . -1.48 -2.69 6.50
O1J RCY K . -0.29 -1.87 0.39
C1L RCY K . -0.02 -5.06 4.33
C1M RCY K . -3.33 -2.39 2.65
C1P RCY K . -0.74 -4.13 3.34
C1Q RCY K . -0.96 -3.16 5.49
N1R RCY K . -1.41 -2.96 4.06
C1S RCY K . 0.26 -4.07 5.46
C1U RCY K . -2.30 -1.85 3.48
C1V RCY K . -2.36 0.35 2.22
N1V RCY K . -1.42 -1.78 1.31
C1W RCY K . -2.74 -2.57 1.26
C1X RCY K . -1.55 -0.90 2.54
C1Y RCY K . -3.66 -1.98 0.19
C1Z RCY K . -2.43 -4.04 0.95
H1S RCY K . 0.82 -3.16 5.67
H1U RCY K . -2.74 -1.29 4.29
N MET A 1 18.07 10.75 13.56
CA MET A 1 16.88 11.12 12.76
C MET A 1 15.81 10.04 12.90
N ASN A 2 16.15 8.80 12.65
CA ASN A 2 15.16 7.71 12.77
C ASN A 2 15.11 7.22 14.21
N LEU A 3 16.20 7.31 14.92
CA LEU A 3 16.21 6.85 16.34
C LEU A 3 15.66 5.42 16.41
N GLU A 4 15.64 4.85 17.58
CA GLU A 4 15.12 3.46 17.72
C GLU A 4 13.70 3.39 17.15
N PRO A 5 13.28 2.25 16.68
CA PRO A 5 11.92 2.07 16.10
C PRO A 5 10.81 2.33 17.12
N PRO A 6 9.67 2.81 16.69
CA PRO A 6 8.53 3.10 17.60
C PRO A 6 7.83 1.83 18.10
N LYS A 7 7.28 1.86 19.29
CA LYS A 7 6.60 0.66 19.84
C LYS A 7 5.09 0.80 19.59
N ALA A 8 4.29 0.14 20.37
CA ALA A 8 2.81 0.23 20.20
C ALA A 8 2.47 0.09 18.71
N GLU A 9 1.89 1.12 18.13
CA GLU A 9 1.53 1.05 16.68
C GLU A 9 0.93 2.39 16.24
N CYS A 10 0.28 3.09 17.14
CA CYS A 10 -0.32 4.39 16.77
C CYS A 10 0.70 5.51 16.98
N ARG A 11 1.84 5.42 16.33
CA ARG A 11 2.87 6.48 16.50
C ARG A 11 2.69 7.54 15.41
N SER A 12 2.06 8.63 15.74
CA SER A 12 1.85 9.71 14.73
C SER A 12 0.99 10.82 15.33
N ALA A 13 -0.28 10.84 14.99
CA ALA A 13 -1.18 11.90 15.55
C ALA A 13 -2.63 11.56 15.20
N THR A 14 -3.23 12.32 14.33
CA THR A 14 -4.65 12.05 13.96
C THR A 14 -4.91 12.58 12.54
N ARG A 15 -4.28 13.66 12.17
CA ARG A 15 -4.48 14.22 10.81
C ARG A 15 -5.98 14.49 10.58
N VAL A 16 -6.30 15.34 9.64
CA VAL A 16 -7.72 15.65 9.37
C VAL A 16 -8.22 14.77 8.21
N MET A 17 -8.49 13.52 8.48
CA MET A 17 -8.98 12.62 7.40
C MET A 17 -10.47 12.86 7.17
N GLY A 18 -10.81 13.48 6.07
CA GLY A 18 -12.25 13.75 5.77
C GLY A 18 -12.45 15.25 5.54
N GLY A 19 -13.66 15.73 5.72
CA GLY A 19 -13.92 17.19 5.52
C GLY A 19 -13.61 17.56 4.06
N PRO A 20 -12.64 18.40 3.82
CA PRO A 20 -12.26 18.82 2.44
C PRO A 20 -12.22 17.64 1.46
N CYS A 21 -11.79 16.49 1.91
CA CYS A 21 -11.72 15.32 1.00
C CYS A 21 -13.11 14.69 0.87
N THR A 22 -13.32 13.87 -0.14
CA THR A 22 -14.63 13.21 -0.32
C THR A 22 -14.42 11.79 -0.86
N PRO A 23 -15.25 10.86 -0.48
CA PRO A 23 -15.13 9.44 -0.95
C PRO A 23 -15.52 9.28 -2.42
N ARG A 24 -14.64 9.67 -3.31
CA ARG A 24 -14.94 9.56 -4.76
C ARG A 24 -13.79 10.19 -5.55
N LYS A 25 -13.81 10.06 -6.87
CA LYS A 25 -12.72 10.65 -7.70
C LYS A 25 -13.29 11.79 -8.55
N GLY A 26 -12.54 12.85 -8.70
CA GLY A 26 -13.03 14.00 -9.52
C GLY A 26 -12.56 13.83 -10.96
N PRO A 27 -11.30 14.05 -11.20
CA PRO A 27 -10.69 13.92 -12.56
C PRO A 27 -10.59 12.46 -13.00
N PRO A 28 -10.42 12.23 -14.28
CA PRO A 28 -10.31 10.84 -14.84
C PRO A 28 -9.45 9.94 -13.96
N LYS A 29 -9.54 8.65 -14.16
CA LYS A 29 -8.73 7.71 -13.35
C LYS A 29 -7.27 7.76 -13.83
N CYS A 30 -7.07 8.05 -15.09
CA CYS A 30 -5.68 8.12 -15.64
C CYS A 30 -4.82 6.99 -15.06
N LYS A 31 -4.53 5.99 -15.85
CA LYS A 31 -3.69 4.87 -15.34
C LYS A 31 -2.85 4.30 -16.49
N GLN A 32 -3.21 4.63 -17.72
CA GLN A 32 -2.44 4.12 -18.89
C GLN A 32 -1.97 2.69 -18.63
N ARG A 33 -0.71 2.53 -18.32
CA ARG A 33 -0.17 1.17 -18.04
C ARG A 33 0.93 1.28 -16.98
N GLN A 34 1.49 0.17 -16.57
CA GLN A 34 2.57 0.20 -15.54
C GLN A 34 3.72 -0.71 -15.97
N THR A 35 4.33 -0.42 -17.09
CA THR A 35 5.46 -1.26 -17.57
C THR A 35 4.99 -2.71 -17.71
N ARG A 36 3.73 -2.97 -17.46
CA ARG A 36 3.22 -4.36 -17.57
C ARG A 36 4.15 -5.32 -16.81
N GLN A 37 4.71 -4.86 -15.72
CA GLN A 37 5.64 -5.73 -14.93
C GLN A 37 4.81 -6.65 -14.03
N CYS A 38 3.92 -7.42 -14.59
CA CYS A 38 3.09 -8.34 -13.78
C CYS A 38 3.00 -9.70 -14.47
N LYS A 39 1.92 -10.42 -14.24
CA LYS A 39 1.75 -11.77 -14.88
C LYS A 39 3.10 -12.46 -15.06
N SER A 40 4.06 -12.13 -14.25
CA SER A 40 5.40 -12.78 -14.38
C SER A 40 5.34 -14.19 -13.78
N LYS A 41 5.20 -14.29 -12.49
CA LYS A 41 5.13 -15.63 -11.84
C LYS A 41 4.14 -15.56 -10.67
N PRO A 42 3.60 -16.68 -10.26
CA PRO A 42 2.61 -16.74 -9.14
C PRO A 42 3.28 -16.50 -7.78
N PRO A 43 2.50 -16.10 -6.80
CA PRO A 43 3.02 -15.84 -5.42
C PRO A 43 3.30 -17.13 -4.65
N LYS A 44 4.23 -17.10 -3.75
CA LYS A 44 4.55 -18.33 -2.96
C LYS A 44 4.41 -18.02 -1.47
N LYS A 45 4.02 -16.82 -1.13
CA LYS A 45 3.86 -16.46 0.31
C LYS A 45 5.21 -16.61 1.02
N GLY A 46 5.44 -15.81 2.03
CA GLY A 46 6.74 -15.91 2.77
C GLY A 46 7.68 -14.79 2.31
N VAL A 47 8.50 -15.07 1.32
CA VAL A 47 9.44 -14.04 0.83
C VAL A 47 8.76 -13.15 -0.22
N GLN A 48 8.86 -11.86 -0.08
CA GLN A 48 8.22 -10.94 -1.06
C GLN A 48 9.27 -10.45 -2.05
N GLY A 49 9.47 -9.16 -2.14
CA GLY A 49 10.49 -8.62 -3.08
C GLY A 49 10.76 -7.15 -2.76
N CYS A 50 10.47 -6.74 -1.56
CA CYS A 50 10.71 -5.32 -1.18
C CYS A 50 12.16 -5.16 -0.69
N GLY A 51 12.49 -5.72 0.44
CA GLY A 51 13.88 -5.59 0.96
C GLY A 51 14.33 -4.14 0.86
N ASP A 52 13.41 -3.21 0.91
CA ASP A 52 13.80 -1.78 0.81
C ASP A 52 14.72 -1.58 -0.40
N ASP A 53 14.19 -1.70 -1.58
CA ASP A 53 15.03 -1.52 -2.80
C ASP A 53 14.20 -0.85 -3.90
N ILE A 54 12.91 -1.05 -3.88
CA ILE A 54 12.05 -0.42 -4.92
C ILE A 54 12.44 1.05 -5.09
N PRO A 55 12.59 1.53 -6.30
CA PRO A 55 12.98 2.95 -6.55
C PRO A 55 11.88 3.93 -6.10
N GLY A 56 10.94 3.47 -5.32
CA GLY A 56 9.86 4.37 -4.86
C GLY A 56 10.43 5.39 -3.87
N MET A 57 10.84 4.93 -2.71
CA MET A 57 11.44 5.84 -1.68
C MET A 57 10.96 7.29 -1.91
N GLU A 58 9.81 7.62 -1.40
CA GLU A 58 9.29 9.02 -1.59
C GLU A 58 8.53 9.45 -0.34
N GLY A 59 7.44 8.81 -0.04
CA GLY A 59 6.65 9.17 1.17
C GLY A 59 5.77 8.00 1.56
N CYS A 60 6.28 6.80 1.48
CA CYS A 60 5.47 5.61 1.85
C CYS A 60 6.37 4.37 1.86
N GLY A 61 7.54 4.47 1.30
CA GLY A 61 8.46 3.30 1.28
C GLY A 61 9.06 3.12 2.69
N THR A 62 8.90 4.10 3.53
CA THR A 62 9.44 3.99 4.92
C THR A 62 8.28 3.99 5.92
N ASP A 63 7.36 4.91 5.77
CA ASP A 63 6.20 4.95 6.70
C ASP A 63 5.37 3.68 6.54
N ILE A 64 5.81 2.77 5.70
CA ILE A 64 5.04 1.52 5.50
C ILE A 64 5.61 0.41 6.38
N THR A 65 6.90 0.21 6.34
CA THR A 65 7.53 -0.86 7.15
C THR A 65 7.15 -2.23 6.55
N VAL A 66 6.89 -2.24 5.27
CA VAL A 66 6.51 -3.51 4.58
C VAL A 66 5.07 -3.85 4.98
N ILE A 67 4.69 -3.50 6.18
CA ILE A 67 3.29 -3.78 6.64
C ILE A 67 2.75 -2.56 7.37
N CYS A 68 2.03 -1.71 6.69
CA CYS A 68 1.48 -0.50 7.35
C CYS A 68 0.14 -0.86 8.01
N PRO A 69 -0.22 -0.19 9.08
CA PRO A 69 -1.49 -0.46 9.79
C PRO A 69 -2.64 -0.70 8.80
N TRP A 70 -2.57 -0.05 7.67
CA TRP A 70 -3.63 -0.22 6.64
C TRP A 70 -3.47 -1.62 6.02
N GLU A 71 -2.25 -2.09 5.93
CA GLU A 71 -2.00 -3.44 5.35
C GLU A 71 -2.52 -4.52 6.29
N ALA A 72 -3.50 -4.22 7.10
CA ALA A 72 -4.03 -5.24 8.03
C ALA A 72 -4.47 -6.47 7.24
N CYS A 73 -4.70 -6.31 5.96
CA CYS A 73 -5.11 -7.46 5.13
C CYS A 73 -3.88 -8.29 4.75
N ASN A 74 -3.00 -8.51 5.69
CA ASN A 74 -1.77 -9.30 5.41
C ASN A 74 -2.13 -10.55 4.59
N HIS A 75 -3.05 -11.34 5.07
CA HIS A 75 -3.43 -12.57 4.32
C HIS A 75 -3.57 -12.25 2.83
N CYS A 76 -4.11 -11.10 2.52
CA CYS A 76 -4.27 -10.72 1.10
C CYS A 76 -5.41 -11.52 0.46
N GLU A 77 -6.56 -11.53 1.09
CA GLU A 77 -7.71 -12.29 0.51
C GLU A 77 -7.97 -11.81 -0.92
N LEU A 78 -9.05 -12.23 -1.50
CA LEU A 78 -9.35 -11.80 -2.90
C LEU A 78 -10.78 -12.18 -3.27
N HIS A 79 -11.56 -12.59 -2.30
CA HIS A 79 -12.98 -12.97 -2.58
C HIS A 79 -13.92 -12.11 -1.72
N GLU A 80 -13.48 -11.69 -0.58
CA GLU A 80 -14.35 -10.85 0.29
C GLU A 80 -14.18 -9.37 -0.06
N LEU A 81 -12.99 -8.86 0.02
CA LEU A 81 -12.76 -7.43 -0.30
C LEU A 81 -12.85 -7.23 -1.82
N ALA A 82 -13.57 -8.08 -2.50
CA ALA A 82 -13.70 -7.95 -3.97
C ALA A 82 -14.22 -6.55 -4.33
N GLN A 83 -14.45 -5.72 -3.34
CA GLN A 83 -14.96 -4.35 -3.62
C GLN A 83 -14.04 -3.32 -2.94
N TYR A 84 -14.07 -2.10 -3.40
CA TYR A 84 -13.19 -1.06 -2.77
C TYR A 84 -11.74 -1.53 -2.82
N GLY A 85 -11.49 -2.66 -3.45
CA GLY A 85 -10.10 -3.17 -3.54
C GLY A 85 -9.88 -3.81 -4.91
N ILE A 86 -10.95 -4.12 -5.60
CA ILE A 86 -10.83 -4.74 -6.95
C ILE A 86 -10.41 -6.21 -6.83
N CYS A 87 -9.64 -6.55 -5.83
CA CYS A 87 -9.22 -7.97 -5.68
C CYS A 87 -10.38 -8.79 -5.11
C1C RCY B . 1.70 8.02 15.67
O1G RCY B . 3.90 4.49 18.54
O1H RCY B . -0.20 6.81 18.20
O1J RCY B . 4.16 9.65 15.10
C1L RCY B . 1.57 3.84 18.95
C1M RCY B . 4.32 7.39 18.20
C1P RCY B . 2.71 4.81 18.59
C1Q RCY B . 0.70 6.07 18.60
N1R RCY B . 2.19 6.21 18.29
C1S RCY B . 0.54 4.85 19.48
C1U RCY B . 2.96 7.45 17.79
C1V RCY B . 3.48 6.21 15.64
N1V RCY B . 4.09 8.60 16.11
C1W RCY B . 5.08 8.32 17.23
C1X RCY B . 3.02 7.53 16.27
C1Y RCY B . 6.33 7.61 16.69
C1Z RCY B . 5.47 9.64 17.91
H1S RCY B . 0.39 5.57 20.27
H1U RCY B . 2.49 8.33 18.20
C1C RCY C . -4.75 13.55 -2.18
O1G RCY C . -8.51 10.80 -2.33
O1H RCY C . -6.23 13.85 0.47
O1J RCY C . -3.69 13.79 0.62
C1L RCY C . -9.25 12.69 -0.96
C1M RCY C . -5.09 10.35 -0.34
C1P RCY C . -8.23 11.69 -1.53
C1Q RCY C . -7.08 13.07 0.01
N1R RCY C . -6.83 11.96 -1.00
C1S RCY C . -8.55 13.05 0.36
C1U RCY C . -5.50 11.27 -1.36
C1V RCY C . -3.11 11.62 -2.11
N1V RCY C . -4.08 12.53 0.00
C1W RCY C . -4.32 11.19 0.70
C1X RCY C . -4.34 12.26 -1.47
C1Y RCY C . -2.99 10.52 1.04
C1Z RCY C . -5.15 11.42 1.96
H1S RCY C . -8.22 12.62 1.29
H1U RCY C . -5.62 10.74 -2.29
C1C RCY D . -3.72 6.88 -8.59
O1G RCY D . -0.75 6.45 -13.21
O1H RCY D . -4.40 8.27 -10.85
O1J RCY D . -1.83 5.49 -6.71
C1L RCY D . -2.43 8.13 -13.77
C1M RCY D . -0.73 5.66 -10.39
C1P RCY D . -1.75 7.08 -12.89
C1Q RCY D . -3.69 7.81 -11.73
N1R RCY D . -2.48 6.90 -11.55
C1S RCY D . -3.86 8.04 -13.23
C1U RCY D . -2.11 6.03 -10.35
C1V RCY D . -1.57 8.14 -9.05
N1V RCY D . -1.51 5.83 -8.10
C1W RCY D . -0.34 5.31 -8.95
C1X RCY D . -2.26 6.77 -9.02
C1Y RCY D . 0.96 6.02 -8.55
C1Z RCY D . -0.21 3.80 -8.75
H1S RCY D . -4.69 7.36 -13.14
H1U RCY D . -2.72 5.14 -10.34
C1C RCY E . -3.30 -3.53 -9.54
O1G RCY E . -0.78 -2.94 -10.55
O1H RCY E . -0.57 -7.25 -12.44
O1J RCY E . -4.58 -5.13 -7.34
C1L RCY E . 0.60 -3.92 -12.31
C1M RCY E . -1.89 -6.94 -9.39
C1P RCY E . -0.46 -3.92 -11.20
C1Q RCY E . -0.26 -6.16 -11.98
N1R RCY E . -1.08 -5.31 -11.01
C1S RCY E . 1.03 -5.40 -12.26
C1U RCY E . -2.22 -5.75 -10.11
C1V RCY E . -1.25 -4.30 -8.26
N1V RCY E . -3.41 -5.57 -8.09
C1W RCY E . -2.81 -6.98 -8.16
C1X RCY E . -2.52 -4.73 -9.00
C1Y RCY E . -2.00 -7.27 -6.89
C1Z RCY E . -3.94 -7.99 -8.32
H1S RCY E . 1.49 -6.13 -11.62
H1U RCY E . -3.12 -5.91 -10.69
C1C RCY F . 3.94 -6.42 -3.88
O1G RCY F . 6.01 -4.75 -4.05
O1H RCY F . 7.15 -5.27 0.50
O1J RCY F . 1.50 -7.54 -2.51
C1L RCY F . 7.81 -3.86 -2.66
C1M RCY F . 4.24 -6.18 -0.20
C1P RCY F . 6.53 -4.65 -2.94
C1Q RCY F . 6.95 -4.79 -0.61
N1R RCY F . 6.00 -5.32 -1.67
C1S RCY F . 7.60 -3.55 -1.18
C1U RCY F . 4.81 -6.28 -1.51
C1V RCY F . 3.28 -4.47 -2.39
N1V RCY F . 2.56 -6.81 -1.82
C1W RCY F . 2.81 -6.71 -0.32
C1X RCY F . 3.66 -5.96 -2.45
C1Y RCY F . 1.82 -5.75 0.33
C1Z RCY F . 2.69 -8.11 0.30
H1S RCY F . 6.94 -3.02 -0.50
H1U RCY F . 5.15 -7.30 -1.68
C1C RCY G . 0.55 7.43 3.07
O1G RCY G . 0.01 7.38 -2.42
O1H RCY G . 2.64 6.73 1.44
O1J RCY G . -2.36 7.29 3.84
C1L RCY G . 2.34 6.74 -2.07
C1M RCY G . -1.62 7.23 0.08
C1P RCY G . 0.93 7.17 -1.65
C1Q RCY G . 2.26 7.05 0.31
N1R RCY G . 0.83 7.31 -0.13
C1S RCY G . 3.15 7.27 -0.89
C1U RCY G . -0.39 7.62 0.73
C1V RCY G . -0.18 5.36 1.82
N1V RCY G . -1.86 7.09 2.49
C1W RCY G . -2.66 7.06 1.18
C1X RCY G . -0.42 6.85 2.05
C1Y RCY G . -3.39 5.73 1.03
C1Z RCY G . -3.65 8.23 1.19
H1S RCY G . 3.43 8.19 -0.39
H1U RCY G . -0.43 8.69 0.94
C1C RCY H . -0.21 4.83 0.01
O1G RCY H . -0.14 1.90 0.42
O1H RCY H . -1.67 2.67 4.81
O1J RCY H . -1.45 7.54 0.39
C1L RCY H . 0.01 0.61 2.49
C1M RCY H . -2.30 4.93 3.07
C1P RCY H . -0.37 1.82 1.63
C1Q RCY H . -0.98 2.34 3.85
N1R RCY H . -1.07 2.90 2.44
C1S RCY H . 0.12 1.30 3.85
C1U RCY H . -1.69 4.22 1.97
C1V RCY H . 0.53 5.38 2.38
N1V RCY H . -1.49 6.47 1.39
C1W RCY H . -2.37 6.40 2.63
C1X RCY H . -0.65 5.20 1.43
C1Y RCY H . -1.83 7.31 3.73
C1Z RCY H . -3.80 6.80 2.26
H1S RCY H . 0.69 2.05 4.38
H1U RCY H . -2.43 4.02 1.21
C1C RCY I . -5.60 -0.25 1.06
O1G RCY I . -6.26 -1.18 3.99
O1H RCY I . -5.20 -5.47 2.33
O1J RCY I . -3.62 -0.24 -1.20
C1L RCY I . -7.01 -3.43 4.57
C1M RCY I . -3.64 -3.38 0.99
C1P RCY I . -6.22 -2.38 3.77
C1Q RCY I . -5.81 -4.49 2.76
N1R RCY I . -5.40 -3.03 2.66
C1S RCY I . -7.13 -4.54 3.52
C1U RCY I . -4.40 -2.39 1.69
C1V RCY I . -6.19 -2.43 -0.11
N1V RCY I . -3.91 -1.41 -0.38
C1W RCY I . -3.12 -2.71 -0.28
C1X RCY I . -5.09 -1.61 0.57
C1Y RCY I . -3.38 -3.60 -1.50
C1Z RCY I . -1.62 -2.38 -0.17
H1S RCY I . -7.56 -4.74 2.54
H1U RCY I . -3.73 -1.74 2.23
C1C RCY J . -0.39 -6.44 4.41
O1G RCY J . -0.91 -6.03 2.36
O1H RCY J . -1.03 -10.67 1.46
O1J RCY J . -2.40 -8.18 5.82
C1L RCY J . -2.07 -7.39 0.69
C1M RCY J . 0.41 -10.03 3.98
C1P RCY J . -1.13 -7.13 1.87
C1Q RCY J . -0.99 -9.44 1.33
N1R RCY J . -0.48 -8.43 2.35
C1S RCY J . -1.45 -8.66 0.11
C1U RCY J . 0.45 -8.66 3.54
C1V RCY J . 1.13 -7.88 5.85
N1V RCY J . -1.16 -8.68 5.24
C1W RCY J . -0.78 -10.13 4.94
C1X RCY J . 0.04 -7.86 4.77
C1Y RCY J . -0.37 -10.84 6.23
C1Z RCY J . -1.97 -10.83 4.29
H1S RCY J . -0.55 -9.03 -0.34
H1U RCY J . 1.47 -8.40 3.27
C1C RCY K . -5.27 -6.71 -7.48
O1G RCY K . -4.10 -4.00 -3.31
O1H RCY K . -7.04 -6.55 -6.00
O1J RCY K . -7.56 -5.03 -8.47
C1L RCY K . -6.01 -5.45 -2.80
C1M RCY K . -4.74 -3.14 -6.70
C1P RCY K . -5.02 -4.72 -3.71
C1Q RCY K . -6.59 -5.82 -5.12
N1R RCY K . -5.31 -4.98 -5.18
C1S RCY K . -7.21 -5.57 -3.76
C1U RCY K . -4.53 -4.54 -6.43
C1V RCY K . -4.03 -4.99 -8.87
N1V RCY K . -6.31 -4.49 -7.95
C1W RCY K . -6.02 -3.05 -7.52
C1X RCY K . -5.00 -5.23 -7.71
C1Y RCY K . -5.81 -2.16 -8.76
C1Z RCY K . -7.19 -2.53 -6.69
H1S RCY K . -7.92 -4.98 -4.30
H1U RCY K . -3.48 -4.73 -6.28
N MET A 1 -24.27 1.09 14.21
CA MET A 1 -22.80 0.98 14.00
C MET A 1 -22.06 1.74 15.10
N ASN A 2 -20.76 1.83 15.02
CA ASN A 2 -19.98 2.55 16.06
C ASN A 2 -18.60 2.90 15.52
N LEU A 3 -17.57 2.33 16.09
CA LEU A 3 -16.19 2.62 15.60
C LEU A 3 -15.81 4.05 16.02
N GLU A 4 -15.22 4.19 17.17
CA GLU A 4 -14.81 5.55 17.64
C GLU A 4 -13.46 5.91 17.01
N PRO A 5 -13.15 7.19 16.95
CA PRO A 5 -11.87 7.67 16.37
C PRO A 5 -10.69 6.74 16.71
N PRO A 6 -9.94 6.31 15.72
CA PRO A 6 -8.77 5.40 15.94
C PRO A 6 -7.55 6.15 16.48
N LYS A 7 -6.70 5.47 17.19
CA LYS A 7 -5.48 6.13 17.75
C LYS A 7 -4.38 6.11 16.70
N ALA A 8 -3.31 6.83 16.93
CA ALA A 8 -2.20 6.84 15.93
C ALA A 8 -0.96 7.51 16.53
N GLU A 9 -0.76 7.38 17.82
CA GLU A 9 0.42 8.00 18.46
C GLU A 9 1.69 7.53 17.73
N CYS A 10 2.25 6.43 18.16
CA CYS A 10 3.47 5.91 17.49
C CYS A 10 3.63 4.42 17.80
N ARG A 11 4.82 3.91 17.74
CA ARG A 11 5.03 2.46 18.03
C ARG A 11 6.53 2.17 18.10
N SER A 12 7.29 2.69 17.17
CA SER A 12 8.75 2.46 17.18
C SER A 12 9.41 3.35 16.12
N ALA A 13 10.63 3.06 15.77
CA ALA A 13 11.32 3.90 14.75
C ALA A 13 11.47 5.33 15.28
N THR A 14 12.66 5.85 15.28
CA THR A 14 12.88 7.24 15.79
C THR A 14 13.83 7.98 14.85
N ARG A 15 14.37 7.31 13.87
CA ARG A 15 15.30 7.97 12.92
C ARG A 15 15.51 7.08 11.70
N VAL A 16 14.76 7.30 10.66
CA VAL A 16 14.91 6.47 9.44
C VAL A 16 14.43 7.26 8.22
N MET A 17 13.88 8.43 8.44
CA MET A 17 13.39 9.25 7.29
C MET A 17 14.47 10.26 6.89
N GLY A 18 14.10 11.32 6.22
CA GLY A 18 15.10 12.33 5.80
C GLY A 18 14.44 13.72 5.74
N GLY A 19 15.20 14.75 5.55
CA GLY A 19 14.62 16.12 5.49
C GLY A 19 14.39 16.52 4.03
N PRO A 20 15.45 16.67 3.28
CA PRO A 20 15.37 17.05 1.84
C PRO A 20 14.25 16.31 1.10
N CYS A 21 13.05 16.83 1.15
CA CYS A 21 11.92 16.16 0.45
C CYS A 21 11.05 17.22 -0.25
N THR A 22 11.03 17.21 -1.56
CA THR A 22 10.20 18.22 -2.29
C THR A 22 9.58 17.56 -3.53
N PRO A 23 8.34 17.14 -3.44
CA PRO A 23 7.62 16.50 -4.58
C PRO A 23 7.64 17.38 -5.84
N ARG A 24 7.47 16.78 -6.99
CA ARG A 24 7.47 17.59 -8.24
C ARG A 24 7.25 16.67 -9.44
N LYS A 25 6.05 16.64 -9.97
CA LYS A 25 5.76 15.76 -11.15
C LYS A 25 4.98 16.55 -12.19
N GLY A 26 3.73 16.83 -11.93
CA GLY A 26 2.92 17.60 -12.92
C GLY A 26 1.44 17.36 -12.64
N PRO A 27 0.58 17.92 -13.46
CA PRO A 27 -0.89 17.78 -13.32
C PRO A 27 -1.30 16.32 -13.05
N PRO A 28 -2.10 16.06 -12.04
CA PRO A 28 -2.54 14.68 -11.71
C PRO A 28 -2.92 13.88 -12.95
N LYS A 29 -2.39 12.70 -13.09
CA LYS A 29 -2.72 11.85 -14.27
C LYS A 29 -2.80 10.38 -13.84
N CYS A 30 -2.69 9.47 -14.76
CA CYS A 30 -2.76 8.03 -14.40
C CYS A 30 -4.05 7.76 -13.62
N LYS A 31 -5.19 7.96 -14.25
CA LYS A 31 -6.48 7.70 -13.54
C LYS A 31 -6.89 6.26 -13.78
N GLN A 32 -7.64 6.02 -14.81
CA GLN A 32 -8.10 4.63 -15.11
C GLN A 32 -6.93 3.66 -14.95
N ARG A 33 -7.20 2.40 -14.72
CA ARG A 33 -6.10 1.41 -14.56
C ARG A 33 -6.47 0.12 -15.30
N GLN A 34 -6.56 0.19 -16.60
CA GLN A 34 -6.92 -1.02 -17.39
C GLN A 34 -5.64 -1.70 -17.91
N THR A 35 -5.31 -2.84 -17.38
CA THR A 35 -4.08 -3.54 -17.84
C THR A 35 -4.24 -5.05 -17.64
N ARG A 36 -3.92 -5.54 -16.47
CA ARG A 36 -4.06 -7.00 -16.20
C ARG A 36 -5.31 -7.25 -15.36
N GLN A 37 -6.01 -6.21 -14.99
CA GLN A 37 -7.23 -6.39 -14.16
C GLN A 37 -6.86 -7.06 -12.84
N CYS A 38 -7.61 -6.82 -11.79
CA CYS A 38 -7.28 -7.44 -10.49
C CYS A 38 -8.32 -7.02 -9.44
N LYS A 39 -9.44 -6.51 -9.88
CA LYS A 39 -10.49 -6.07 -8.92
C LYS A 39 -10.77 -7.20 -7.92
N SER A 40 -10.40 -8.41 -8.26
CA SER A 40 -10.64 -9.56 -7.33
C SER A 40 -9.40 -10.45 -7.29
N LYS A 41 -8.88 -10.70 -6.11
CA LYS A 41 -7.67 -11.57 -5.99
C LYS A 41 -7.93 -12.63 -4.91
N PRO A 42 -7.26 -13.75 -4.99
CA PRO A 42 -7.43 -14.86 -4.00
C PRO A 42 -6.71 -14.56 -2.68
N PRO A 43 -7.18 -15.12 -1.59
CA PRO A 43 -6.56 -14.91 -0.24
C PRO A 43 -5.29 -15.73 -0.06
N LYS A 44 -4.24 -15.12 0.40
CA LYS A 44 -2.95 -15.85 0.60
C LYS A 44 -2.53 -16.52 -0.71
N LYS A 45 -1.42 -16.13 -1.25
CA LYS A 45 -0.95 -16.74 -2.52
C LYS A 45 0.48 -16.28 -2.83
N GLY A 46 0.76 -15.01 -2.66
CA GLY A 46 2.13 -14.50 -2.95
C GLY A 46 2.97 -14.53 -1.67
N VAL A 47 4.24 -14.78 -1.79
CA VAL A 47 5.13 -14.84 -0.58
C VAL A 47 6.53 -14.39 -0.98
N GLN A 48 7.12 -13.49 -0.23
CA GLN A 48 8.49 -13.02 -0.58
C GLN A 48 8.50 -12.52 -2.01
N GLY A 49 7.58 -11.66 -2.36
CA GLY A 49 7.52 -11.12 -3.75
C GLY A 49 6.08 -10.76 -4.09
N CYS A 50 5.48 -11.50 -4.99
CA CYS A 50 4.07 -11.20 -5.38
C CYS A 50 3.41 -12.48 -5.91
N GLY A 51 2.86 -12.42 -7.10
CA GLY A 51 2.21 -13.63 -7.68
C GLY A 51 2.19 -13.50 -9.20
N ASP A 52 3.14 -12.80 -9.75
CA ASP A 52 3.19 -12.64 -11.23
C ASP A 52 4.65 -12.53 -11.69
N ASP A 53 5.35 -11.55 -11.20
CA ASP A 53 6.78 -11.39 -11.61
C ASP A 53 7.37 -10.14 -10.94
N ILE A 54 7.94 -10.31 -9.77
CA ILE A 54 8.54 -9.14 -9.06
C ILE A 54 9.39 -8.31 -10.04
N PRO A 55 8.93 -7.14 -10.41
CA PRO A 55 9.68 -6.26 -11.35
C PRO A 55 10.76 -5.44 -10.66
N GLY A 56 10.54 -5.07 -9.42
CA GLY A 56 11.56 -4.26 -8.69
C GLY A 56 12.77 -5.13 -8.36
N MET A 57 12.58 -6.17 -7.60
CA MET A 57 13.72 -7.06 -7.23
C MET A 57 14.64 -6.32 -6.25
N GLU A 58 14.31 -5.10 -5.92
CA GLU A 58 15.16 -4.34 -4.96
C GLU A 58 14.25 -3.59 -3.98
N GLY A 59 14.43 -3.79 -2.71
CA GLY A 59 13.56 -3.10 -1.71
C GLY A 59 12.13 -3.64 -1.84
N CYS A 60 11.98 -4.77 -2.48
CA CYS A 60 10.63 -5.36 -2.65
C CYS A 60 10.57 -6.72 -1.95
N GLY A 61 11.48 -6.96 -1.03
CA GLY A 61 11.49 -8.27 -0.32
C GLY A 61 12.09 -8.08 1.07
N THR A 62 12.97 -7.14 1.23
CA THR A 62 13.61 -6.91 2.57
C THR A 62 12.75 -5.93 3.37
N ASP A 63 12.61 -4.72 2.90
CA ASP A 63 11.79 -3.72 3.65
C ASP A 63 10.36 -4.23 3.79
N ILE A 64 9.89 -4.99 2.84
CA ILE A 64 8.49 -5.51 2.92
C ILE A 64 8.48 -6.83 3.67
N THR A 65 9.60 -7.51 3.70
CA THR A 65 9.67 -8.84 4.39
C THR A 65 8.29 -9.51 4.37
N VAL A 66 7.56 -9.29 3.31
CA VAL A 66 6.20 -9.87 3.20
C VAL A 66 5.30 -9.25 4.27
N ILE A 67 5.89 -8.73 5.32
CA ILE A 67 5.08 -8.10 6.41
C ILE A 67 5.76 -6.80 6.86
N CYS A 68 5.39 -5.70 6.26
CA CYS A 68 6.02 -4.40 6.67
C CYS A 68 5.06 -3.66 7.60
N PRO A 69 5.57 -2.71 8.36
CA PRO A 69 4.74 -1.90 9.29
C PRO A 69 3.47 -1.39 8.62
N TRP A 70 3.56 -1.04 7.36
CA TRP A 70 2.36 -0.54 6.64
C TRP A 70 1.50 -1.73 6.21
N GLU A 71 1.92 -2.92 6.55
CA GLU A 71 1.13 -4.12 6.15
C GLU A 71 0.02 -4.35 7.18
N ALA A 72 0.29 -4.10 8.43
CA ALA A 72 -0.75 -4.30 9.47
C ALA A 72 -1.75 -3.13 9.43
N CYS A 73 -1.78 -2.41 8.34
CA CYS A 73 -2.72 -1.26 8.25
C CYS A 73 -4.15 -1.78 8.09
N ASN A 74 -4.31 -2.94 7.49
CA ASN A 74 -5.67 -3.50 7.31
C ASN A 74 -6.59 -2.42 6.73
N HIS A 75 -7.81 -2.36 7.20
CA HIS A 75 -8.75 -1.33 6.67
C HIS A 75 -8.66 -1.29 5.14
N CYS A 76 -8.22 -2.36 4.54
CA CYS A 76 -8.11 -2.40 3.05
C CYS A 76 -8.36 -3.83 2.56
N GLU A 77 -8.60 -4.74 3.46
CA GLU A 77 -8.86 -6.15 3.04
C GLU A 77 -9.95 -6.15 1.97
N LEU A 78 -10.59 -5.04 1.75
CA LEU A 78 -11.67 -4.98 0.72
C LEU A 78 -11.61 -3.61 0.03
N HIS A 79 -11.58 -3.59 -1.27
CA HIS A 79 -11.53 -2.29 -1.99
C HIS A 79 -12.84 -1.52 -1.78
N GLU A 80 -12.73 -0.26 -1.44
CA GLU A 80 -13.97 0.55 -1.21
C GLU A 80 -13.77 1.94 -1.82
N LEU A 81 -13.65 2.96 -1.00
CA LEU A 81 -13.44 4.33 -1.53
C LEU A 81 -11.96 4.54 -1.82
N ALA A 82 -11.24 3.47 -2.07
CA ALA A 82 -9.78 3.60 -2.36
C ALA A 82 -9.55 4.38 -3.66
N GLN A 83 -10.54 5.12 -4.11
CA GLN A 83 -10.35 5.90 -5.37
C GLN A 83 -9.03 6.66 -5.30
N TYR A 84 -8.90 7.56 -4.37
CA TYR A 84 -7.62 8.33 -4.23
C TYR A 84 -7.66 9.15 -2.94
N GLY A 85 -6.67 8.98 -2.10
CA GLY A 85 -6.65 9.75 -0.82
C GLY A 85 -5.86 8.95 0.22
N ILE A 86 -6.12 7.68 0.33
CA ILE A 86 -5.38 6.84 1.33
C ILE A 86 -5.42 5.38 0.90
N CYS A 87 -5.10 5.10 -0.33
CA CYS A 87 -5.11 3.69 -0.81
C CYS A 87 -4.23 2.84 0.11
C1C RCY B . 8.27 0.86 22.57
O1G RCY B . 8.47 2.85 20.67
O1H RCY B . 3.97 4.07 21.46
O1J RCY B . 7.02 -1.85 23.02
C1L RCY B . 7.15 4.84 20.13
C1M RCY B . 4.72 0.83 21.52
C1P RCY B . 7.38 3.43 20.69
C1Q RCY B . 5.07 3.91 20.93
N1R RCY B . 6.10 2.84 21.26
C1S RCY B . 5.65 4.76 19.81
C1U RCY B . 5.89 1.52 22.00
C1V RCY B . 7.34 0.37 20.27
N1V RCY B . 6.38 -0.77 22.29
C1W RCY B . 4.91 -0.65 21.88
C1X RCY B . 7.02 0.52 21.75
C1Y RCY B . 4.62 -1.54 20.66
C1Z RCY B . 4.04 -1.05 23.07
H1S RCY B . 4.95 4.23 19.18
H1U RCY B . 5.79 1.69 23.05
C1C RCY C . 6.63 12.15 6.52
O1G RCY C . 9.16 12.64 5.29
O1H RCY C . 7.11 15.73 2.37
O1J RCY C . 3.82 12.86 7.37
C1L RCY C . 9.80 13.59 3.13
C1M RCY C . 5.35 15.07 4.64
C1P RCY C . 8.88 13.36 4.34
C1Q RCY C . 7.72 14.77 2.81
N1R RCY C . 7.58 14.15 4.20
C1S RCY C . 8.77 13.95 2.06
C1U RCY C . 6.42 14.29 5.19
C1V RCY C . 5.43 12.15 4.29
N1V RCY C . 4.50 13.45 6.22
C1W RCY C . 4.10 14.69 5.44
C1X RCY C . 5.77 12.96 5.54
C1Y RCY C . 2.93 14.37 4.49
C1Z RCY C . 3.70 15.80 6.41
H1S RCY C . 7.91 13.55 1.53
H1U RCY C . 6.78 14.77 6.09
C1C RCY D . -5.20 7.46 -17.81
O1G RCY D . -2.48 3.10 -16.95
O1H RCY D . -3.17 7.36 -15.03
O1J RCY D . -8.11 6.81 -17.48
C1L RCY D . -1.03 4.64 -15.73
C1M RCY D . -5.66 4.36 -15.85
C1P RCY D . -2.33 4.19 -16.40
C1Q RCY D . -2.67 6.40 -15.63
N1R RCY D . -3.42 5.25 -16.29
C1S RCY D . -1.19 6.16 -15.85
C1U RCY D . -4.88 5.19 -16.73
C1V RCY D . -5.36 7.23 -15.28
N1V RCY D . -7.03 6.11 -16.78
C1W RCY D . -7.12 4.79 -16.02
C1X RCY D . -5.58 6.56 -16.65
C1Y RCY D . -7.77 5.00 -14.65
C1Z RCY D . -7.91 3.79 -16.85
H1S RCY D . -1.27 6.95 -16.58
H1U RCY D . -4.95 4.82 -17.74
C1C RCY E . -6.01 -0.32 -7.60
O1G RCY E . -9.54 -3.84 -8.07
O1H RCY E . -5.59 -2.46 -10.25
O1J RCY E . -7.78 1.92 -6.64
C1L RCY E . -7.73 -5.05 -9.20
C1M RCY E . -9.53 -0.90 -8.58
C1P RCY E . -8.49 -3.81 -8.72
C1Q RCY E . -6.63 -3.06 -9.97
N1R RCY E . -7.78 -2.53 -9.12
C1S RCY E . -7.00 -4.46 -10.41
C1U RCY E . -8.12 -1.08 -8.78
C1V RCY E . -7.77 -1.62 -6.32
N1V RCY E . -8.27 0.67 -7.22
C1W RCY E . -9.69 0.36 -7.72
C1X RCY E . -7.50 -0.62 -7.46
C1Y RCY E . -10.63 0.10 -6.54
C1Z RCY E . -10.18 1.54 -8.56
H1S RCY E . -7.18 -4.01 -11.37
H1U RCY E . -7.79 -0.43 -9.57
C1C RCY F . -0.25 -8.09 -5.80
O1G RCY F . 2.61 -5.85 -9.59
O1H RCY F . 1.80 -8.82 -6.01
O1J RCY F . -0.25 -5.23 -4.87
C1L RCY F . 4.08 -7.10 -8.09
C1M RCY F . -0.25 -5.75 -8.67
C1P RCY F . 2.74 -6.60 -8.63
C1Q RCY F . 2.27 -7.93 -6.71
N1R RCY F . 1.56 -7.17 -7.83
C1S RCY F . 3.69 -7.38 -6.63
C1U RCY F . 0.06 -7.02 -8.07
C1V RCY F . -2.25 -7.18 -7.05
N1V RCY F . -0.45 -5.64 -6.25
C1W RCY F . -0.39 -4.76 -7.50
C1X RCY F . -0.75 -7.03 -6.78
C1Y RCY F . -1.67 -3.94 -7.64
C1Z RCY F . 0.84 -3.84 -7.41
H1S RCY F . 3.33 -6.88 -5.74
H1U RCY F . -0.28 -7.81 -8.71
C1C RCY G . 6.64 -0.66 -4.73
O1G RCY G . 11.63 0.40 -2.97
O1H RCY G . 9.01 -2.33 -5.79
O1J RCY G . 5.62 2.00 -5.70
C1L RCY G . 11.92 -1.85 -3.85
C1M RCY G . 9.40 1.79 -5.04
C1P RCY G . 11.18 -0.53 -3.63
C1Q RCY G . 9.75 -1.94 -4.89
N1R RCY G . 9.83 -0.53 -4.33
C1S RCY G . 10.73 -2.79 -4.10
C1U RCY G . 8.81 0.62 -4.46
C1V RCY G . 8.14 -0.27 -6.73
N1V RCY G . 7.04 1.65 -5.58
C1W RCY G . 8.24 2.60 -5.62
C1X RCY G . 7.65 0.27 -5.39
C1Y RCY G . 8.54 3.03 -7.06
C1Z RCY G . 7.94 3.82 -4.75
H1S RCY G . 9.85 -3.19 -3.62
H1U RCY G . 8.42 0.87 -3.48
C1C RCY H . 3.50 2.42 1.78
O1G RCY H . 4.41 0.98 3.84
O1H RCY H . 4.62 -3.01 1.34
O1J RCY H . 2.06 2.86 -0.83
C1L RCY H . 4.99 -1.33 4.42
C1M RCY H . 3.15 -0.75 -0.11
C1P RCY H . 4.53 -0.19 3.49
C1Q RCY H . 4.42 -2.20 2.24
N1R RCY H . 4.23 -0.70 2.09
C1S RCY H . 4.33 -2.52 3.73
C1U RCY H . 3.84 0.09 0.84
C1V RCY H . 1.65 0.70 1.96
N1V RCY H . 2.38 1.54 -0.28
C1W RCY H . 2.35 0.20 -1.00
C1X RCY H . 2.84 1.20 1.13
C1Y RCY H . 0.90 -0.29 -1.15
C1Z RCY H . 3.00 0.35 -2.38
H1S RCY H . 3.35 -2.92 3.47
H1U RCY H . 4.72 0.51 0.38
C1C RCY I . 0.76 -0.92 1.91
O1G RCY I . -0.51 2.90 3.59
O1H RCY I . -2.53 -1.31 2.86
O1J RCY I . -1.41 -2.77 0.95
C1L RCY I . -1.80 1.39 5.02
C1M RCY I . -1.93 0.95 0.19
C1P RCY I . -1.15 1.85 3.71
C1Q RCY I . -2.31 -0.16 3.24
N1R RCY I . -1.40 0.85 2.58
C1S RCY I . -2.93 0.51 4.46
C1U RCY I . -0.86 0.86 1.14
C1V RCY I . 0.64 -0.28 -0.54
N1V RCY I . -1.33 -1.36 0.59
C1W RCY I . -2.40 -0.49 -0.04
C1X RCY I . -0.14 -0.43 0.78
C1Y RCY I . -2.51 -0.78 -1.55
C1Z RCY I . -3.74 -0.76 0.65
H1S RCY I . -3.82 0.56 3.85
H1U RCY I . -0.20 1.70 1.01
C1C RCY J . -0.78 -6.00 2.65
O1G RCY J . -5.22 -6.87 4.99
O1H RCY J . -3.78 -5.10 0.85
O1J RCY J . 0.46 -8.61 1.81
C1L RCY J . -6.02 -5.04 3.58
C1M RCY J . -3.33 -8.65 2.34
C1P RCY J . -5.08 -6.18 3.98
C1Q RCY J . -4.20 -5.20 2.00
N1R RCY J . -3.95 -6.36 2.96
C1S RCY J . -5.07 -4.19 2.73
C1U RCY J . -2.85 -7.43 2.90
C1V RCY J . -2.18 -6.56 0.62
N1V RCY J . -0.97 -8.37 1.88
C1W RCY J . -2.10 -9.40 1.84
C1X RCY J . -1.69 -7.03 2.00
C1Y RCY J . -2.32 -9.89 0.40
C1Z RCY J . -1.74 -10.57 2.76
H1S RCY J . -4.15 -3.62 2.81
H1U RCY J . -2.48 -7.60 3.91
C1C RCY K . -9.22 2.48 -3.62
O1G RCY K . -6.80 -1.51 -0.68
O1H RCY K . -6.53 2.75 -2.73
O1J RCY K . -12.02 2.38 -2.52
C1L RCY K . -4.93 -0.03 -1.25
C1M RCY K . -9.45 0.18 -0.73
C1P RCY K . -6.40 -0.45 -1.20
C1Q RCY K . -6.31 1.58 -2.41
N1R RCY K . -7.31 0.58 -1.86
C1S RCY K . -4.96 0.88 -2.49
C1U RCY K . -8.84 0.61 -1.95
C1V RCY K . -8.81 3.02 -1.18
N1V RCY K . -10.86 1.78 -1.87
C1W RCY K . -10.86 0.75 -0.73
C1X RCY K . -9.39 2.01 -2.17
C1Y RCY K . -11.17 1.45 0.60
C1Z RCY K . -11.91 -0.32 -1.01
H1S RCY K . -5.15 0.85 -3.55
H1U RCY K . -9.17 -0.04 -2.75
N MET A 1 2.09 24.74 8.44
CA MET A 1 1.85 26.01 9.19
C MET A 1 2.22 25.81 10.66
N ASN A 2 1.28 25.40 11.46
CA ASN A 2 1.57 25.18 12.91
C ASN A 2 2.57 24.04 13.06
N LEU A 3 2.38 22.96 12.35
CA LEU A 3 3.32 21.82 12.45
C LEU A 3 3.11 20.88 11.26
N GLU A 4 2.90 19.61 11.51
CA GLU A 4 2.69 18.65 10.39
C GLU A 4 1.19 18.59 10.05
N PRO A 5 0.83 18.83 8.81
CA PRO A 5 -0.60 18.79 8.36
C PRO A 5 -1.37 17.63 8.99
N PRO A 6 -2.19 17.91 9.98
CA PRO A 6 -3.01 16.87 10.66
C PRO A 6 -4.30 16.55 9.90
N LYS A 7 -4.58 15.30 9.68
CA LYS A 7 -5.82 14.93 8.95
C LYS A 7 -6.98 14.81 9.94
N ALA A 8 -8.17 15.14 9.53
CA ALA A 8 -9.34 15.05 10.44
C ALA A 8 -9.56 13.59 10.84
N GLU A 9 -10.79 13.14 10.81
CA GLU A 9 -11.07 11.73 11.19
C GLU A 9 -10.61 11.48 12.63
N CYS A 10 -11.18 10.51 13.28
CA CYS A 10 -10.77 10.22 14.68
C CYS A 10 -9.40 9.55 14.68
N ARG A 11 -8.40 10.24 14.21
CA ARG A 11 -7.03 9.65 14.17
C ARG A 11 -6.02 10.72 13.76
N SER A 12 -5.25 11.22 14.70
CA SER A 12 -4.24 12.26 14.36
C SER A 12 -2.91 11.59 14.03
N ALA A 13 -2.10 12.22 13.20
CA ALA A 13 -0.79 11.62 12.85
C ALA A 13 0.15 11.70 14.05
N THR A 14 -0.04 10.84 15.02
CA THR A 14 0.84 10.86 16.22
C THR A 14 2.29 10.55 15.79
N ARG A 15 2.59 9.30 15.54
CA ARG A 15 3.97 8.95 15.12
C ARG A 15 3.93 7.66 14.29
N VAL A 16 4.18 7.77 13.01
CA VAL A 16 4.15 6.57 12.13
C VAL A 16 5.08 6.80 10.93
N MET A 17 5.00 7.96 10.33
CA MET A 17 5.88 8.25 9.15
C MET A 17 7.21 8.81 9.65
N GLY A 18 7.18 9.73 10.57
CA GLY A 18 8.45 10.31 11.10
C GLY A 18 8.85 9.57 12.38
N GLY A 19 9.78 8.66 12.28
CA GLY A 19 10.21 7.91 13.51
C GLY A 19 10.87 6.60 13.09
N PRO A 20 10.75 5.58 13.88
CA PRO A 20 11.35 4.24 13.58
C PRO A 20 11.02 3.76 12.17
N CYS A 21 10.23 4.53 11.45
CA CYS A 21 9.88 4.14 10.06
C CYS A 21 9.94 5.37 9.16
N THR A 22 10.99 5.53 8.41
CA THR A 22 11.12 6.72 7.52
C THR A 22 11.43 6.26 6.08
N PRO A 23 10.47 6.33 5.19
CA PRO A 23 10.67 5.92 3.77
C PRO A 23 11.98 6.48 3.20
N ARG A 24 12.34 6.11 2.00
CA ARG A 24 13.61 6.65 1.43
C ARG A 24 13.81 6.16 0.00
N LYS A 25 12.90 6.47 -0.88
CA LYS A 25 13.06 6.02 -2.29
C LYS A 25 13.95 7.01 -3.05
N GLY A 26 13.38 8.06 -3.59
CA GLY A 26 14.18 9.07 -4.32
C GLY A 26 13.88 8.98 -5.82
N PRO A 27 14.72 8.33 -6.59
CA PRO A 27 14.51 8.18 -8.05
C PRO A 27 13.04 7.97 -8.40
N PRO A 28 12.66 8.15 -9.65
CA PRO A 28 11.26 7.97 -10.10
C PRO A 28 10.54 6.87 -9.32
N LYS A 29 9.28 7.06 -9.01
CA LYS A 29 8.53 6.02 -8.24
C LYS A 29 7.08 5.97 -8.71
N CYS A 30 6.85 5.89 -9.99
CA CYS A 30 5.45 5.81 -10.49
C CYS A 30 4.94 4.38 -10.33
N LYS A 31 5.17 3.78 -9.19
CA LYS A 31 4.70 2.38 -8.98
C LYS A 31 5.23 1.52 -10.12
N GLN A 32 6.45 1.08 -10.03
CA GLN A 32 7.05 0.24 -11.10
C GLN A 32 6.04 -0.82 -11.57
N ARG A 33 5.84 -0.93 -12.86
CA ARG A 33 4.86 -1.93 -13.38
C ARG A 33 5.63 -3.15 -13.88
N GLN A 34 6.86 -3.31 -13.48
CA GLN A 34 7.66 -4.48 -13.94
C GLN A 34 6.89 -5.77 -13.65
N THR A 35 5.76 -5.67 -12.99
CA THR A 35 4.97 -6.88 -12.66
C THR A 35 5.79 -7.81 -11.78
N ARG A 36 6.79 -8.46 -12.33
CA ARG A 36 7.63 -9.39 -11.51
C ARG A 36 6.74 -10.44 -10.84
N GLN A 37 5.45 -10.33 -11.01
CA GLN A 37 4.52 -11.32 -10.39
C GLN A 37 3.10 -11.01 -10.86
N CYS A 38 2.69 -11.59 -11.95
CA CYS A 38 1.31 -11.31 -12.47
C CYS A 38 0.91 -12.40 -13.47
N LYS A 39 0.55 -13.55 -12.99
CA LYS A 39 0.14 -14.66 -13.91
C LYS A 39 -1.38 -14.72 -14.02
N SER A 40 -2.05 -13.64 -13.73
CA SER A 40 -3.54 -13.64 -13.83
C SER A 40 -4.09 -14.90 -13.15
N LYS A 41 -3.55 -15.27 -12.02
CA LYS A 41 -4.04 -16.48 -11.33
C LYS A 41 -5.55 -16.36 -11.05
N PRO A 42 -6.31 -17.39 -11.28
CA PRO A 42 -7.78 -17.38 -11.05
C PRO A 42 -8.12 -17.46 -9.56
N PRO A 43 -9.33 -17.10 -9.20
CA PRO A 43 -9.80 -17.13 -7.78
C PRO A 43 -9.88 -18.56 -7.24
N LYS A 44 -9.35 -18.80 -6.07
CA LYS A 44 -9.40 -20.17 -5.48
C LYS A 44 -8.84 -20.14 -4.06
N LYS A 45 -7.56 -20.31 -3.92
CA LYS A 45 -6.94 -20.29 -2.56
C LYS A 45 -5.50 -19.78 -2.66
N GLY A 46 -5.27 -18.56 -2.29
CA GLY A 46 -3.89 -18.00 -2.37
C GLY A 46 -2.98 -18.72 -1.36
N VAL A 47 -2.33 -19.77 -1.78
CA VAL A 47 -1.44 -20.52 -0.84
C VAL A 47 -0.07 -19.85 -0.80
N GLN A 48 0.35 -19.27 -1.89
CA GLN A 48 1.69 -18.59 -1.93
C GLN A 48 1.51 -17.16 -2.45
N GLY A 49 0.96 -17.01 -3.62
CA GLY A 49 0.75 -15.65 -4.18
C GLY A 49 2.10 -15.06 -4.58
N CYS A 50 2.99 -14.90 -3.64
CA CYS A 50 4.33 -14.33 -3.97
C CYS A 50 5.08 -15.29 -4.90
N GLY A 51 5.09 -14.99 -6.18
CA GLY A 51 5.80 -15.89 -7.14
C GLY A 51 7.26 -16.06 -6.72
N ASP A 52 7.64 -15.50 -5.61
CA ASP A 52 9.05 -15.63 -5.13
C ASP A 52 9.96 -14.73 -5.97
N ASP A 53 9.40 -13.79 -6.68
CA ASP A 53 10.24 -12.88 -7.51
C ASP A 53 10.76 -11.74 -6.64
N ILE A 54 10.71 -10.53 -7.13
CA ILE A 54 11.20 -9.37 -6.32
C ILE A 54 10.16 -8.24 -6.37
N PRO A 55 9.12 -8.36 -5.59
CA PRO A 55 8.03 -7.34 -5.54
C PRO A 55 8.41 -6.14 -4.66
N GLY A 56 8.98 -5.13 -5.24
CA GLY A 56 9.37 -3.94 -4.43
C GLY A 56 10.42 -4.34 -3.40
N MET A 57 11.66 -4.00 -3.64
CA MET A 57 12.73 -4.37 -2.67
C MET A 57 12.56 -3.55 -1.38
N GLU A 58 11.41 -3.65 -0.76
CA GLU A 58 11.18 -2.88 0.50
C GLU A 58 11.67 -1.44 0.33
N GLY A 59 10.81 -0.57 -0.10
CA GLY A 59 11.21 0.86 -0.28
C GLY A 59 9.98 1.70 -0.61
N CYS A 60 9.92 2.23 -1.81
CA CYS A 60 8.74 3.05 -2.20
C CYS A 60 8.50 4.13 -1.14
N GLY A 61 7.43 4.86 -1.27
CA GLY A 61 7.11 5.93 -0.28
C GLY A 61 5.87 6.68 -0.74
N THR A 62 5.34 6.32 -1.87
CA THR A 62 4.12 7.00 -2.39
C THR A 62 2.88 6.42 -1.70
N ASP A 63 2.99 6.09 -0.45
CA ASP A 63 1.81 5.52 0.27
C ASP A 63 0.59 6.40 0.04
N ILE A 64 0.78 7.71 0.05
CA ILE A 64 -0.37 8.63 -0.18
C ILE A 64 0.05 9.72 -1.15
N THR A 65 0.63 9.39 -2.26
CA THR A 65 1.04 10.45 -3.21
C THR A 65 -0.09 11.48 -3.30
N VAL A 66 -1.30 11.03 -3.14
CA VAL A 66 -2.46 11.94 -3.18
C VAL A 66 -3.69 11.20 -2.67
N ILE A 67 -3.82 9.94 -3.02
CA ILE A 67 -5.00 9.15 -2.57
C ILE A 67 -4.56 7.74 -2.18
N CYS A 68 -4.55 7.44 -0.90
CA CYS A 68 -4.14 6.06 -0.49
C CYS A 68 -5.37 5.15 -0.50
N PRO A 69 -5.39 4.14 -1.32
CA PRO A 69 -6.54 3.21 -1.40
C PRO A 69 -7.10 2.90 -0.02
N TRP A 70 -6.29 3.03 0.99
CA TRP A 70 -6.74 2.77 2.38
C TRP A 70 -7.52 3.98 2.91
N GLU A 71 -8.04 4.79 2.03
CA GLU A 71 -8.79 6.01 2.48
C GLU A 71 -10.14 6.10 1.75
N ALA A 72 -10.14 6.60 0.55
CA ALA A 72 -11.42 6.72 -0.21
C ALA A 72 -12.06 5.34 -0.35
N CYS A 73 -11.70 4.60 -1.36
CA CYS A 73 -12.30 3.26 -1.55
C CYS A 73 -11.73 2.29 -0.51
N ASN A 74 -11.79 2.65 0.75
CA ASN A 74 -11.26 1.75 1.80
C ASN A 74 -12.29 0.66 2.10
N HIS A 75 -13.25 0.96 2.93
CA HIS A 75 -14.29 -0.05 3.27
C HIS A 75 -13.62 -1.36 3.70
N CYS A 76 -13.33 -2.24 2.77
CA CYS A 76 -12.69 -3.53 3.14
C CYS A 76 -13.58 -4.29 4.12
N GLU A 77 -14.01 -5.46 3.77
CA GLU A 77 -14.90 -6.24 4.68
C GLU A 77 -14.20 -6.43 6.03
N LEU A 78 -13.73 -7.61 6.30
CA LEU A 78 -13.04 -7.86 7.59
C LEU A 78 -12.37 -9.24 7.56
N HIS A 79 -11.26 -9.36 6.88
CA HIS A 79 -10.56 -10.66 6.80
C HIS A 79 -9.18 -10.46 6.15
N GLU A 80 -8.22 -11.28 6.49
CA GLU A 80 -6.88 -11.14 5.89
C GLU A 80 -6.89 -11.75 4.48
N LEU A 81 -7.60 -12.83 4.31
CA LEU A 81 -7.64 -13.47 2.96
C LEU A 81 -8.37 -12.53 1.99
N ALA A 82 -8.72 -11.36 2.44
CA ALA A 82 -9.42 -10.40 1.54
C ALA A 82 -8.45 -9.91 0.46
N GLN A 83 -7.54 -10.76 0.04
CA GLN A 83 -6.57 -10.35 -1.01
C GLN A 83 -7.32 -9.75 -2.19
N TYR A 84 -8.43 -10.34 -2.55
CA TYR A 84 -9.22 -9.79 -3.70
C TYR A 84 -10.71 -9.83 -3.35
N GLY A 85 -11.19 -8.82 -2.68
CA GLY A 85 -12.64 -8.77 -2.30
C GLY A 85 -13.25 -7.49 -2.84
N ILE A 86 -12.53 -6.40 -2.77
CA ILE A 86 -13.07 -5.11 -3.28
C ILE A 86 -12.02 -4.01 -3.10
N CYS A 87 -10.85 -4.36 -2.62
CA CYS A 87 -9.77 -3.35 -2.43
C CYS A 87 -9.56 -2.59 -3.74
C1C RCY B . -10.44 14.18 20.84
O1G RCY B . -12.62 14.79 17.99
O1H RCY B . -9.60 11.16 18.05
O1J RCY B . -8.43 11.95 21.07
C1L RCY B . -12.87 12.38 17.57
C1M RCY B . -8.25 14.04 17.86
C1P RCY B . -12.10 13.68 17.89
C1Q RCY B . -10.50 11.92 17.74
N1R RCY B . -10.61 13.41 18.08
C1S RCY B . -11.74 11.56 16.94
C1U RCY B . -9.49 14.36 18.50
C1V RCY B . -8.29 15.44 20.45
N1V RCY B . -8.40 12.98 20.03
C1W RCY B . -7.60 12.96 18.74
C1X RCY B . -9.17 14.28 20.00
C1Y RCY B . -6.12 13.31 19.02
C1Z RCY B . -7.70 11.58 18.10
H1S RCY B . -11.06 11.55 16.09
H1U RCY B . -9.77 15.37 18.25
C1C RCY C . 10.49 0.95 17.21
O1G RCY C . 8.99 2.44 15.52
O1H RCY C . 9.65 -0.56 11.92
O1J RCY C . 12.40 -1.23 18.03
C1L RCY C . 8.44 2.53 13.13
C1M RCY C . 11.16 -1.37 14.41
C1P RCY C . 9.04 1.92 14.40
C1Q RCY C . 9.57 0.47 12.60
N1R RCY C . 9.69 0.57 14.12
C1S RCY C . 9.34 1.87 12.08
C1U RCY C . 10.32 -0.43 15.09
C1V RCY C . 12.27 1.16 15.41
N1V RCY C . 11.97 -1.00 16.65
C1W RCY C . 12.13 -1.92 15.45
C1X RCY C . 11.26 0.24 16.09
C1Y RCY C . 13.57 -1.88 14.94
C1Z RCY C . 11.75 -3.35 15.87
H1S RCY C . 10.37 1.81 11.76
H1U RCY C . 9.55 -0.96 15.62
C1C RCY D . 4.96 13.62 -14.29
O1G RCY D . 8.40 10.35 -14.41
O1H RCY D . 4.48 10.79 -11.82
O1J RCY D . 6.65 16.11 -14.28
C1L RCY D . 6.71 8.75 -13.65
C1M RCY D . 8.26 12.99 -12.74
C1P RCY D . 7.38 10.13 -13.76
C1Q RCY D . 5.54 10.37 -12.29
N1R RCY D . 6.62 11.19 -12.97
C1S RCY D . 6.00 8.92 -12.30
C1U RCY D . 6.87 12.70 -12.90
C1V RCY D . 7.07 12.77 -15.41
N1V RCY D . 7.14 14.78 -13.93
C1W RCY D . 8.46 14.44 -13.22
C1X RCY D . 6.47 13.44 -14.17
C1Y RCY D . 9.63 14.53 -14.19
C1Z RCY D . 8.66 15.39 -12.04
H1S RCY D . 6.19 9.09 -11.25
H1U RCY D . 6.32 13.12 -12.06
C1C RCY E . -4.34 -5.06 -14.10
O1G RCY E . 0.54 -5.16 -16.09
O1H RCY E . -2.37 -7.09 -12.92
O1J RCY E . -5.04 -2.26 -14.97
C1L RCY E . 0.41 -7.37 -15.06
C1M RCY E . -1.32 -3.19 -15.13
C1P RCY E . 0.00 -5.92 -15.29
C1Q RCY E . -1.37 -6.78 -13.55
N1R RCY E . -1.18 -5.52 -14.40
C1S RCY E . -0.08 -7.56 -13.62
C1U RCY E . -1.97 -4.21 -14.36
C1V RCY E . -3.27 -4.99 -16.39
N1V RCY E . -3.72 -2.87 -15.15
C1W RCY E . -2.41 -2.17 -15.48
C1X RCY E . -3.35 -4.34 -15.02
C1Y RCY E . -2.36 -1.82 -16.97
C1Z RCY E . -2.28 -0.90 -14.64
H1S RCY E . 0.08 -7.20 -12.62
H1U RCY E . -2.08 -3.88 -13.34
C1C RCY F . 3.23 -9.91 2.77
O1G RCY F . 1.38 -9.91 -2.09
O1H RCY F . 2.86 -12.95 1.20
O1J RCY F . 1.03 -8.97 4.59
C1L RCY F . 2.58 -12.03 -2.19
C1M RCY F . -0.08 -10.28 1.17
C1P RCY F . 1.90 -10.85 -1.49
C1Q RCY F . 2.81 -12.25 0.20
N1R RCY F . 1.96 -10.99 0.03
C1S RCY F . 3.56 -12.46 -1.11
C1U RCY F . 1.33 -10.10 1.10
C1V RCY F . 1.72 -11.94 2.79
N1V RCY F . 0.81 -9.68 3.34
C1W RCY F . -0.50 -9.81 2.57
C1X RCY F . 1.82 -10.45 2.51
C1Y RCY F . -1.41 -10.85 3.24
C1Z RCY F . -1.20 -8.45 2.52
H1S RCY F . 4.42 -12.11 -0.54
H1U RCY F . 1.56 -9.06 0.89
C1C RCY G . 2.67 5.34 -4.11
O1G RCY G . 3.98 2.76 -6.90
O1H RCY G . 6.95 3.96 -3.43
O1J RCY G . 2.14 7.95 -5.53
C1L RCY G . 5.56 1.49 -5.53
C1M RCY G . 5.31 6.06 -6.61
C1P RCY G . 4.85 2.75 -6.03
C1Q RCY G . 6.46 3.44 -4.43
N1R RCY G . 5.35 4.00 -5.29
C1S RCY G . 6.87 2.11 -5.03
C1U RCY G . 4.85 5.44 -5.40
C1V RCY G . 2.75 4.61 -6.54
N1V RCY G . 3.18 7.00 -5.92
C1W RCY G . 4.35 7.23 -6.88
C1X RCY G . 3.33 5.55 -5.48
C1Y RCY G . 3.86 7.20 -8.34
C1Z RCY G . 4.99 8.57 -6.56
H1S RCY G . 7.75 2.64 -5.37
H1U RCY G . 5.20 6.01 -4.56
C1C RCY H . -1.60 5.19 8.40
O1G RCY H . -3.78 4.16 6.83
O1H RCY H . -1.00 4.25 3.01
O1J RCY H . 1.32 5.56 9.08
C1L RCY H . -4.24 4.19 4.43
C1M RCY H . 0.57 4.46 5.48
C1P RCY H . -3.35 4.22 5.68
C1Q RCY H . -1.92 4.46 3.80
N1R RCY H . -1.87 4.31 5.32
C1S RCY H . -3.33 4.92 3.44
C1U RCY H . -0.64 4.28 6.23
C1V RCY H . -0.87 6.78 6.57
N1V RCY H . 0.81 5.34 7.73
C1W RCY H . 1.62 4.96 6.49
C1X RCY H . -0.63 5.42 7.24
C1Y RCY H . 2.36 6.17 5.93
C1Z RCY H . 2.61 3.84 6.85
H1S RCY H . -2.85 5.88 3.28
H1U RCY H . -0.61 3.34 6.75
C1C RCY I . -13.43 1.74 -9.10
O1G RCY I . -11.30 -0.42 -6.91
O1H RCY I . -10.57 4.17 -6.14
O1J RCY I . -12.54 1.58 -11.97
C1L RCY I . -10.96 0.90 -4.89
C1M RCY I . -9.74 1.91 -9.36
C1P RCY I . -11.07 0.67 -6.39
C1Q RCY I . -10.51 2.95 -6.08
N1R RCY I . -10.86 1.96 -7.18
C1S RCY I . -10.06 2.13 -4.88
C1U RCY I . -10.97 2.21 -8.69
C1V RCY I . -11.77 -0.17 -8.98
N1V RCY I . -11.63 1.52 -10.83
C1W RCY I . -10.11 1.66 -10.83
C1X RCY I . -11.99 1.29 -9.36
C1Y RCY I . -9.45 0.37 -11.33
C1Z RCY I . -9.72 2.84 -11.71
H1S RCY I . -9.07 2.46 -5.15
H1U RCY I . -11.25 3.24 -8.85
C1C RCY J . -6.10 -6.51 7.17
O1G RCY J . -6.24 -6.14 5.18
O1H RCY J . -10.62 -4.39 5.51
O1J RCY J . -5.94 -3.74 8.33
C1L RCY J . -7.66 -4.87 3.63
C1M RCY J . -9.45 -5.29 8.16
C1P RCY J . -7.33 -5.61 4.94
C1Q RCY J . -9.59 -4.93 5.08
N1R RCY J . -8.51 -5.59 5.91
C1S RCY J . -9.18 -5.05 3.63
C1U RCY J . -8.60 -6.11 7.35
C1V RCY J . -7.28 -6.85 9.39
N1V RCY J . -7.14 -4.58 8.36
C1W RCY J . -8.57 -4.14 8.66
C1X RCY J . -7.24 -6.07 8.07
C1Y RCY J . -8.75 -3.95 10.18
C1Z RCY J . -8.87 -2.84 7.92
H1S RCY J . -9.95 -5.80 3.58
H1U RCY J . -8.97 -7.12 7.34
C1C RCY K . -1.34 -4.67 -1.13
O1G RCY K . -3.45 -3.18 -2.24
O1H RCY K . -5.79 -7.23 -2.92
O1J RCY K . 0.94 -6.37 -2.10
C1L RCY K . -5.81 -3.71 -2.60
C1M RCY K . -2.49 -7.13 -3.64
C1P RCY K . -4.33 -4.03 -2.47
C1Q RCY K . -5.42 -6.06 -3.01
N1R RCY K . -4.04 -5.52 -2.65
C1S RCY K . -6.25 -4.89 -3.48
C1U RCY K . -2.72 -6.27 -2.51
C1V RCY K . -1.53 -4.35 -3.64
N1V RCY K . -0.39 -6.37 -2.71
C1W RCY K . -0.98 -7.39 -3.68
C1X RCY K . -1.51 -5.36 -2.49
C1Y RCY K . -0.42 -7.15 -5.09
C1Z RCY K . -0.64 -8.79 -3.20
H1S RCY K . -6.10 -5.31 -4.47
H1U RCY K . -2.74 -6.87 -1.61
N MET A 1 14.72 -7.57 19.62
CA MET A 1 14.82 -7.84 18.15
C MET A 1 13.90 -9.01 17.79
N ASN A 2 13.51 -9.80 18.75
CA ASN A 2 12.62 -10.96 18.46
C ASN A 2 11.17 -10.56 18.73
N LEU A 3 10.95 -9.49 19.45
CA LEU A 3 9.55 -9.06 19.74
C LEU A 3 8.85 -8.65 18.44
N GLU A 4 7.75 -9.28 18.14
CA GLU A 4 7.02 -8.94 16.88
C GLU A 4 6.04 -7.79 17.16
N PRO A 5 5.79 -6.95 16.19
CA PRO A 5 4.87 -5.79 16.33
C PRO A 5 3.68 -6.12 17.24
N PRO A 6 3.74 -5.71 18.49
CA PRO A 6 2.65 -5.96 19.47
C PRO A 6 1.57 -4.88 19.42
N LYS A 7 0.32 -5.28 19.41
CA LYS A 7 -0.77 -4.27 19.37
C LYS A 7 -0.94 -3.64 20.75
N ALA A 8 -0.59 -2.39 20.89
CA ALA A 8 -0.73 -1.71 22.21
C ALA A 8 -1.39 -0.34 22.02
N GLU A 9 -2.66 -0.33 21.79
CA GLU A 9 -3.37 0.98 21.59
C GLU A 9 -2.73 1.73 20.42
N CYS A 10 -3.42 2.70 19.89
CA CYS A 10 -2.85 3.48 18.75
C CYS A 10 -2.15 4.74 19.29
N ARG A 11 -1.42 4.61 20.35
CA ARG A 11 -0.72 5.79 20.91
C ARG A 11 0.48 6.15 20.03
N SER A 12 0.24 6.79 18.91
CA SER A 12 1.36 7.17 18.00
C SER A 12 1.74 8.62 18.25
N ALA A 13 1.48 9.12 19.43
CA ALA A 13 1.82 10.54 19.73
C ALA A 13 0.81 11.47 19.05
N THR A 14 0.46 11.17 17.83
CA THR A 14 -0.52 12.02 17.10
C THR A 14 -1.46 11.14 16.30
N ARG A 15 -1.72 11.47 15.06
CA ARG A 15 -2.62 10.63 14.22
C ARG A 15 -1.82 9.90 13.15
N VAL A 16 -0.96 9.01 13.57
CA VAL A 16 -0.12 8.22 12.61
C VAL A 16 0.34 9.09 11.43
N MET A 17 0.36 10.40 11.61
CA MET A 17 0.81 11.27 10.48
C MET A 17 0.90 12.72 10.97
N GLY A 18 1.82 13.00 11.86
CA GLY A 18 1.97 14.40 12.37
C GLY A 18 0.59 14.98 12.66
N GLY A 19 0.01 15.67 11.71
CA GLY A 19 -1.33 16.27 11.94
C GLY A 19 -2.01 16.56 10.59
N PRO A 20 -1.73 17.69 10.01
CA PRO A 20 -2.31 18.10 8.70
C PRO A 20 -2.36 16.93 7.70
N CYS A 21 -3.38 16.10 7.78
CA CYS A 21 -3.49 14.95 6.84
C CYS A 21 -4.61 15.22 5.84
N THR A 22 -4.28 15.71 4.68
CA THR A 22 -5.33 15.99 3.65
C THR A 22 -4.79 15.65 2.26
N PRO A 23 -5.08 14.47 1.76
CA PRO A 23 -4.62 14.04 0.41
C PRO A 23 -5.17 14.94 -0.69
N ARG A 24 -5.35 14.41 -1.88
CA ARG A 24 -5.89 15.22 -3.00
C ARG A 24 -7.30 14.73 -3.34
N LYS A 25 -8.15 14.65 -2.35
CA LYS A 25 -9.54 14.18 -2.60
C LYS A 25 -10.34 15.27 -3.30
N GLY A 26 -9.77 15.87 -4.31
CA GLY A 26 -10.49 16.96 -5.04
C GLY A 26 -11.26 16.35 -6.22
N PRO A 27 -10.90 16.71 -7.44
CA PRO A 27 -11.57 16.17 -8.66
C PRO A 27 -11.84 14.66 -8.57
N PRO A 28 -12.79 14.17 -9.33
CA PRO A 28 -13.14 12.72 -9.34
C PRO A 28 -11.89 11.82 -9.29
N LYS A 29 -12.06 10.56 -9.00
CA LYS A 29 -10.89 9.65 -8.93
C LYS A 29 -11.30 8.23 -9.36
N CYS A 30 -11.98 8.10 -10.47
CA CYS A 30 -12.41 6.76 -10.96
C CYS A 30 -12.81 5.87 -9.77
N LYS A 31 -14.09 5.70 -9.55
CA LYS A 31 -14.54 4.85 -8.42
C LYS A 31 -14.95 3.46 -8.96
N GLN A 32 -14.96 3.30 -10.25
CA GLN A 32 -15.35 1.99 -10.84
C GLN A 32 -14.20 1.00 -10.68
N ARG A 33 -13.61 0.57 -11.76
CA ARG A 33 -12.48 -0.40 -11.68
C ARG A 33 -11.32 0.10 -12.54
N GLN A 34 -10.88 -0.70 -13.49
CA GLN A 34 -9.74 -0.27 -14.36
C GLN A 34 -9.98 -0.79 -15.79
N THR A 35 -8.94 -0.90 -16.56
CA THR A 35 -9.09 -1.40 -17.95
C THR A 35 -9.71 -2.80 -17.94
N ARG A 36 -8.97 -3.79 -17.56
CA ARG A 36 -9.52 -5.17 -17.53
C ARG A 36 -8.71 -6.03 -16.54
N GLN A 37 -9.06 -5.98 -15.29
CA GLN A 37 -8.31 -6.79 -14.28
C GLN A 37 -6.82 -6.52 -14.43
N CYS A 38 -5.99 -7.33 -13.81
CA CYS A 38 -4.52 -7.12 -13.91
C CYS A 38 -3.81 -8.46 -13.79
N LYS A 39 -4.41 -9.43 -13.16
CA LYS A 39 -3.75 -10.76 -13.01
C LYS A 39 -3.18 -11.20 -14.36
N SER A 40 -3.58 -10.57 -15.43
CA SER A 40 -3.05 -10.96 -16.76
C SER A 40 -1.62 -10.45 -16.93
N LYS A 41 -0.77 -10.69 -15.95
CA LYS A 41 0.64 -10.22 -16.06
C LYS A 41 1.58 -11.21 -15.36
N PRO A 42 2.76 -11.43 -15.90
CA PRO A 42 3.75 -12.37 -15.31
C PRO A 42 4.43 -11.78 -14.06
N PRO A 43 5.01 -12.62 -13.25
CA PRO A 43 5.70 -12.18 -12.00
C PRO A 43 6.94 -11.32 -12.29
N LYS A 44 7.16 -10.27 -11.54
CA LYS A 44 8.33 -9.39 -11.77
C LYS A 44 9.41 -9.70 -10.73
N LYS A 45 10.44 -8.90 -10.67
CA LYS A 45 11.52 -9.15 -9.67
C LYS A 45 10.91 -9.25 -8.27
N GLY A 46 9.76 -8.66 -8.07
CA GLY A 46 9.12 -8.73 -6.73
C GLY A 46 9.82 -7.74 -5.79
N VAL A 47 11.09 -7.92 -5.56
CA VAL A 47 11.82 -7.00 -4.65
C VAL A 47 11.51 -5.55 -5.02
N GLN A 48 11.57 -4.64 -4.09
CA GLN A 48 11.28 -3.22 -4.39
C GLN A 48 12.11 -2.79 -5.61
N GLY A 49 11.48 -2.21 -6.60
CA GLY A 49 12.24 -1.77 -7.81
C GLY A 49 11.53 -0.56 -8.43
N CYS A 50 10.30 -0.71 -8.83
CA CYS A 50 9.56 0.42 -9.44
C CYS A 50 9.56 1.60 -8.47
N GLY A 51 8.60 1.66 -7.58
CA GLY A 51 8.54 2.78 -6.58
C GLY A 51 9.22 4.03 -7.13
N ASP A 52 8.97 4.37 -8.37
CA ASP A 52 9.61 5.59 -8.95
C ASP A 52 8.77 6.11 -10.12
N ASP A 53 7.99 5.26 -10.72
CA ASP A 53 7.14 5.71 -11.87
C ASP A 53 6.30 6.91 -11.43
N ILE A 54 5.35 7.31 -12.24
CA ILE A 54 4.48 8.46 -11.87
C ILE A 54 3.01 8.06 -12.02
N PRO A 55 2.49 7.36 -11.05
CA PRO A 55 1.08 6.89 -11.05
C PRO A 55 0.12 7.93 -10.45
N GLY A 56 0.46 8.48 -9.31
CA GLY A 56 -0.45 9.48 -8.67
C GLY A 56 -0.03 10.89 -9.12
N MET A 57 1.23 11.11 -9.30
CA MET A 57 1.70 12.47 -9.71
C MET A 57 1.57 13.43 -8.54
N GLU A 58 1.97 13.01 -7.37
CA GLU A 58 1.87 13.89 -6.18
C GLU A 58 2.63 13.27 -5.00
N GLY A 59 2.53 11.98 -4.85
CA GLY A 59 3.25 11.31 -3.72
C GLY A 59 2.53 11.61 -2.41
N CYS A 60 2.26 10.60 -1.62
CA CYS A 60 1.57 10.82 -0.33
C CYS A 60 2.59 11.27 0.72
N GLY A 61 3.85 10.96 0.52
CA GLY A 61 4.89 11.36 1.49
C GLY A 61 6.11 10.45 1.33
N THR A 62 6.54 10.24 0.12
CA THR A 62 7.72 9.37 -0.13
C THR A 62 7.52 8.01 0.57
N ASP A 63 6.40 7.83 1.21
CA ASP A 63 6.15 6.53 1.91
C ASP A 63 5.92 5.43 0.86
N ILE A 64 6.71 5.42 -0.18
CA ILE A 64 6.55 4.39 -1.24
C ILE A 64 7.59 4.61 -2.32
N THR A 65 7.94 5.82 -2.57
CA THR A 65 8.96 6.11 -3.62
C THR A 65 10.14 5.16 -3.42
N VAL A 66 10.22 4.51 -2.28
CA VAL A 66 11.34 3.58 -2.03
C VAL A 66 10.90 2.50 -1.02
N ILE A 67 10.31 2.89 0.08
CA ILE A 67 9.87 1.89 1.09
C ILE A 67 8.49 2.24 1.62
N CYS A 68 7.48 1.52 1.22
CA CYS A 68 6.10 1.82 1.72
C CYS A 68 5.77 0.86 2.87
N PRO A 69 4.92 1.28 3.77
CA PRO A 69 4.50 0.46 4.94
C PRO A 69 4.47 -1.05 4.63
N TRP A 70 4.17 -1.41 3.42
CA TRP A 70 4.13 -2.86 3.08
C TRP A 70 5.53 -3.46 3.27
N GLU A 71 6.52 -2.93 2.60
CA GLU A 71 7.90 -3.47 2.75
C GLU A 71 8.25 -3.55 4.24
N ALA A 72 7.78 -2.61 5.02
CA ALA A 72 8.09 -2.63 6.48
C ALA A 72 7.23 -3.68 7.19
N CYS A 73 5.95 -3.70 6.91
CA CYS A 73 5.07 -4.70 7.57
C CYS A 73 5.67 -6.10 7.45
N ASN A 74 6.04 -6.50 6.26
CA ASN A 74 6.62 -7.86 6.07
C ASN A 74 5.55 -8.93 6.31
N HIS A 75 4.52 -8.60 7.04
CA HIS A 75 3.44 -9.59 7.30
C HIS A 75 2.69 -9.86 5.99
N CYS A 76 3.20 -9.37 4.90
CA CYS A 76 2.52 -9.60 3.59
C CYS A 76 2.71 -11.06 3.17
N GLU A 77 3.91 -11.44 2.85
CA GLU A 77 4.15 -12.86 2.43
C GLU A 77 3.81 -13.81 3.59
N LEU A 78 2.56 -14.18 3.71
CA LEU A 78 2.17 -15.10 4.81
C LEU A 78 0.72 -15.55 4.59
N HIS A 79 -0.13 -14.63 4.19
CA HIS A 79 -1.56 -14.98 3.95
C HIS A 79 -2.22 -13.81 3.24
N GLU A 80 -1.53 -12.71 3.12
CA GLU A 80 -2.11 -11.52 2.44
C GLU A 80 -1.86 -11.64 0.94
N LEU A 81 -0.87 -12.38 0.54
CA LEU A 81 -0.59 -12.53 -0.90
C LEU A 81 -1.85 -13.01 -1.62
N ALA A 82 -2.88 -13.31 -0.88
CA ALA A 82 -4.15 -13.78 -1.51
C ALA A 82 -4.50 -12.86 -2.66
N GLN A 83 -5.15 -13.37 -3.67
CA GLN A 83 -5.53 -12.52 -4.83
C GLN A 83 -6.07 -11.18 -4.32
N TYR A 84 -7.10 -11.23 -3.53
CA TYR A 84 -7.69 -9.97 -2.98
C TYR A 84 -8.51 -10.32 -1.72
N GLY A 85 -8.23 -11.44 -1.12
CA GLY A 85 -8.98 -11.84 0.10
C GLY A 85 -8.89 -10.74 1.15
N ILE A 86 -7.71 -10.31 1.50
CA ILE A 86 -7.57 -9.24 2.51
C ILE A 86 -7.69 -7.87 1.85
N CYS A 87 -8.85 -7.55 1.31
CA CYS A 87 -9.03 -6.22 0.66
C CYS A 87 -9.25 -5.15 1.74
C1C RCY B . -3.71 7.78 11.90
O1G RCY B . -0.02 7.79 16.02
O1H RCY B . -3.52 5.68 13.67
O1J RCY B . -2.29 9.60 9.95
C1L RCY B . -1.31 5.75 16.42
C1M RCY B . -0.38 8.78 13.18
C1P RCY B . -0.91 7.04 15.67
C1Q RCY B . -2.82 6.12 14.57
N1R RCY B . -1.81 7.27 14.46
C1S RCY B . -2.77 5.64 16.01
C1U RCY B . -1.73 8.36 13.39
C1V RCY B . -1.50 6.56 11.62
N1V RCY B . -1.66 9.01 11.14
C1W RCY B . -0.33 9.41 11.78
C1X RCY B . -2.18 7.88 12.01
C1Y RCY B . 0.85 8.86 10.97
C1Z RCY B . -0.25 10.94 11.86
H1S RCY B . -3.73 6.16 16.10
H1U RCY B . -2.33 9.21 13.69
C1C RCY C . -6.89 7.52 8.01
O1G RCY C . -8.61 11.21 7.92
O1H RCY C . -5.01 9.84 5.19
O1J RCY C . -9.36 8.51 9.43
C1L RCY C . -6.41 12.17 7.45
C1M RCY C . -9.26 9.10 5.64
C1P RCY C . -7.53 11.12 7.36
C1Q RCY C . -5.67 10.29 6.13
N1R RCY C . -7.11 9.94 6.47
C1S RCY C . -5.19 11.29 7.16
C1U RCY C . -7.94 8.73 6.03
C1V RCY C . -8.71 6.39 6.65
N1V RCY C . -9.22 8.46 7.98
C1W RCY C . -10.10 9.14 6.92
C1X RCY C . -8.16 7.73 7.17
C1Y RCY C . -11.41 8.38 6.74
C1Z RCY C . -10.36 10.59 7.36
H1S RCY C . -4.64 10.46 7.57
H1U RCY C . -7.43 8.23 5.21
C1C RCY D . -5.72 2.88 -9.97
O1G RCY D . -7.38 4.71 -14.79
O1H RCY D . -8.39 4.33 -10.19
O1J RCY D . -2.93 3.97 -9.72
C1L RCY D . -9.48 4.72 -13.52
C1M RCY D . -5.07 5.47 -12.52
C1P RCY D . -7.95 4.61 -13.71
C1Q RCY D . -8.42 4.22 -11.41
N1R RCY D . -7.25 4.37 -12.37
C1S RCY D . -9.65 3.89 -12.24
C1U RCY D . -5.75 4.30 -12.06
C1V RCY D . -6.19 5.36 -9.82
N1V RCY D . -3.95 4.54 -10.58
C1W RCY D . -3.77 5.55 -11.72
C1X RCY D . -5.45 4.25 -10.57
C1Y RCY D . -3.57 6.96 -11.15
C1Z RCY D . -2.55 5.14 -12.56
H1S RCY D . -9.52 2.89 -11.86
H1U RCY D . -5.33 3.42 -12.54
C1C RCY E . -2.88 -3.56 -6.13
O1G RCY E . -5.73 -4.20 -7.44
O1H RCY E . -3.06 -6.04 -10.86
O1J RCY E . -0.27 -4.72 -5.18
C1L RCY E . -6.03 -4.43 -9.85
C1M RCY E . -1.84 -6.43 -8.22
C1P RCY E . -5.28 -4.55 -8.52
C1Q RCY E . -3.81 -5.31 -10.23
N1R RCY E . -3.89 -5.18 -8.71
C1S RCY E . -4.84 -4.36 -10.82
C1U RCY E . -2.86 -5.57 -7.66
C1V RCY E . -1.52 -3.50 -8.27
N1V RCY E . -0.93 -5.09 -6.42
C1W RCY E . -0.62 -6.30 -7.31
C1X RCY E . -2.07 -4.37 -7.14
C1Y RCY E . 0.65 -6.06 -8.14
C1Z RCY E . -0.46 -7.55 -6.44
H1S RCY E . -3.99 -3.75 -11.07
H1U RCY E . -3.34 -6.08 -6.85
C1C RCY F . 2.37 -1.36 -7.26
O1G RCY F . 7.44 -0.98 -9.69
O1H RCY F . 5.62 -0.45 -10.68
O1J RCY F . 2.00 -3.40 -5.09
C1L RCY F . 5.01 -1.49 -9.55
C1M RCY F . 5.40 -3.44 -6.85
C1P RCY F . 6.51 -1.74 -9.49
C1Q RCY F . 5.55 -1.46 -10.00
N1R RCY F . 5.32 -1.63 -8.49
C1S RCY F . 6.29 -1.82 -8.73
C1U RCY F . 4.54 -2.62 -7.65
C1V RCY F . 4.40 -0.88 -5.80
N1V RCY F . 3.28 -3.13 -5.74
C1W RCY F . 4.55 -3.96 -5.70
C1X RCY F . 3.64 -1.93 -6.62
C1Y RCY F . 5.28 -3.77 -4.35
C1Z RCY F . 4.19 -5.43 -5.89
H1S RCY F . 6.64 -0.93 -8.23
H1U RCY F . 3.93 -3.25 -8.29
C1C RCY G . -0.48 3.86 -3.96
O1G RCY G . -0.21 7.40 -4.94
O1H RCY G . 0.92 7.11 -0.37
O1J RCY G . 1.52 1.68 -3.39
C1L RCY G . -0.67 8.83 -3.01
C1M RCY G . 2.46 5.19 -2.16
C1P RCY G . -0.11 7.59 -3.73
C1Q RCY G . 0.30 7.30 -1.41
N1R RCY G . 0.57 6.64 -2.76
C1S RCY G . -0.87 8.25 -1.61
C1U RCY G . 1.35 5.35 -3.05
C1V RCY G . -0.19 4.11 -1.47
N1V RCY G . 1.60 3.03 -2.84
C1W RCY G . 2.79 3.69 -2.15
C1X RCY G . 0.51 4.09 -2.83
C1Y RCY G . 2.92 3.18 -0.71
C1Z RCY G . 4.05 3.40 -2.95
H1S RCY G . -1.43 7.49 -1.07
H1U RCY G . 1.71 5.36 -4.08
C1C RCY H . 0.72 3.30 -0.46
O1G RCY H . 1.44 -1.53 -3.03
O1H RCY H . 3.04 1.87 -0.18
O1J RCY H . -2.28 3.48 -0.64
C1L RCY H . 3.54 -1.21 -1.82
C1M RCY H . -0.69 0.34 -2.17
C1P RCY H . 2.14 -0.83 -2.31
C1Q RCY H . 2.97 1.01 -1.05
N1R RCY H . 1.71 0.54 -1.78
C1S RCY H . 4.13 0.19 -1.58
C1U RCY H . 0.38 1.27 -1.93
C1V RCY H . 0.03 1.09 0.58
N1V RCY H . -1.51 2.30 -0.98
C1W RCY H . -1.99 1.07 -1.76
C1X RCY H . -0.05 1.99 -0.65
C1Y RCY H . -2.83 0.16 -0.86
C1Z RCY H . -2.79 1.52 -2.98
H1S RCY H . 4.39 1.10 -2.11
H1U RCY H . 0.43 1.98 -2.74
C1C RCY I . -1.14 -2.85 1.71
O1G RCY I . 0.30 -1.39 3.56
O1H RCY I . 2.17 -5.31 5.41
O1J RCY I . -2.04 -5.30 0.20
C1L RCY I . 1.52 -1.84 5.63
C1M RCY I . 0.50 -5.90 3.01
C1P RCY I . 0.84 -2.21 4.30
C1Q RCY I . 1.59 -4.24 5.28
N1R RCY I . 0.93 -3.71 4.01
C1S RCY I . 1.40 -3.19 6.36
C1U RCY I . 0.48 -4.49 2.78
C1V RCY I . -1.91 -4.33 3.61
N1V RCY I . -1.23 -5.34 1.42
C1W RCY I . -0.46 -6.52 1.99
C1X RCY I . -0.98 -4.20 2.41
C1Y RCY I . -1.41 -7.50 2.68
C1Z RCY I . 0.30 -7.21 0.87
H1S RCY I . 0.66 -3.87 6.75
H1U RCY I . 1.11 -4.24 1.94
C1C RCY J . -1.15 -5.10 3.69
O1G RCY J . -1.96 -8.22 3.13
O1H RCY J . 1.37 -6.50 0.25
O1J RCY J . 1.14 -3.53 2.53
C1L RCY J . 0.25 -9.03 2.43
C1M RCY J . -1.30 -5.04 0.00
C1P RCY J . -0.95 -8.07 2.44
C1Q RCY J . 0.61 -7.26 0.83
N1R RCY J . -0.72 -6.89 1.50
C1S RCY J . 0.80 -8.75 1.02
C1U RCY J . -1.59 -5.66 1.26
C1V RCY J . -2.39 -3.45 2.21
N1V RCY J . 0.01 -4.01 1.76
C1W RCY J . -0.11 -4.11 0.23
C1X RCY J . -1.32 -4.54 2.27
C1Y RCY J . -0.39 -2.72 -0.37
C1Z RCY J . 1.18 -4.69 -0.34
H1S RCY J . 0.54 -8.82 -0.02
H1U RCY J . -2.64 -5.93 1.29
C1C RCY K . -3.20 -7.10 -4.43
O1G RCY K . -4.96 -8.60 -2.44
O1H RCY K . -7.63 -4.72 -2.78
O1J RCY K . -0.91 -5.24 -3.80
C1L RCY K . -7.36 -8.20 -2.23
C1M RCY K . -4.17 -4.58 -1.90
C1P RCY K . -5.90 -7.80 -2.44
C1Q RCY K . -7.17 -5.80 -2.41
N1R RCY K . -5.74 -6.30 -2.63
C1S RCY K . -7.91 -6.89 -1.66
C1U RCY K . -4.49 -5.49 -2.96
C1V RCY K . -3.08 -7.30 -1.90
N1V RCY K . -2.16 -5.28 -3.05
C1W RCY K . -2.67 -4.25 -2.05
C1X RCY K . -3.24 -6.35 -3.09
C1Y RCY K . -1.95 -4.39 -0.71
C1Z RCY K . -2.47 -2.84 -2.63
H1S RCY K . -7.82 -6.22 -0.81
H1U RCY K . -4.64 -4.93 -3.87
N MET A 1 -18.22 18.21 7.05
CA MET A 1 -17.66 17.09 7.85
C MET A 1 -18.73 16.01 8.04
N ASN A 2 -18.38 14.77 7.82
CA ASN A 2 -19.37 13.67 7.98
C ASN A 2 -18.78 12.58 8.89
N LEU A 3 -18.84 11.35 8.47
CA LEU A 3 -18.27 10.25 9.32
C LEU A 3 -16.85 10.62 9.76
N GLU A 4 -16.57 10.49 11.02
CA GLU A 4 -15.21 10.82 11.53
C GLU A 4 -14.29 9.60 11.41
N PRO A 5 -13.02 9.80 11.17
CA PRO A 5 -12.05 8.68 11.04
C PRO A 5 -12.32 7.54 12.03
N PRO A 6 -12.40 6.32 11.56
CA PRO A 6 -12.66 5.14 12.44
C PRO A 6 -11.41 4.71 13.21
N LYS A 7 -11.53 4.53 14.50
CA LYS A 7 -10.36 4.11 15.31
C LYS A 7 -9.17 5.02 14.97
N ALA A 8 -7.98 4.63 15.35
CA ALA A 8 -6.79 5.47 15.05
C ALA A 8 -7.02 6.88 15.60
N GLU A 9 -7.04 7.02 16.90
CA GLU A 9 -7.26 8.36 17.50
C GLU A 9 -5.92 8.98 17.88
N CYS A 10 -4.99 9.01 16.97
CA CYS A 10 -3.65 9.60 17.28
C CYS A 10 -2.77 9.55 16.03
N ARG A 11 -2.27 10.67 15.60
CA ARG A 11 -1.40 10.68 14.39
C ARG A 11 -0.57 11.96 14.36
N SER A 12 0.20 12.21 15.39
CA SER A 12 1.03 13.44 15.43
C SER A 12 2.35 13.18 14.69
N ALA A 13 2.89 11.99 14.81
CA ALA A 13 4.16 11.66 14.12
C ALA A 13 4.19 10.18 13.76
N THR A 14 5.32 9.66 13.38
CA THR A 14 5.39 8.21 13.02
C THR A 14 6.85 7.78 12.95
N ARG A 15 7.70 8.36 13.75
CA ARG A 15 9.14 7.97 13.74
C ARG A 15 9.74 8.26 12.37
N VAL A 16 10.64 7.43 11.93
CA VAL A 16 11.29 7.64 10.62
C VAL A 16 11.95 9.02 10.60
N MET A 17 12.96 9.19 9.77
CA MET A 17 13.64 10.52 9.70
C MET A 17 14.64 10.50 8.54
N GLY A 18 14.30 9.85 7.46
CA GLY A 18 15.23 9.80 6.29
C GLY A 18 15.36 11.20 5.69
N GLY A 19 15.98 12.11 6.39
CA GLY A 19 16.14 13.49 5.86
C GLY A 19 14.78 14.01 5.38
N PRO A 20 14.76 15.18 4.81
CA PRO A 20 13.51 15.80 4.29
C PRO A 20 12.77 14.89 3.31
N CYS A 21 12.13 15.46 2.32
CA CYS A 21 11.38 14.63 1.33
C CYS A 21 11.88 14.97 -0.07
N THR A 22 12.71 14.12 -0.63
CA THR A 22 13.24 14.38 -2.01
C THR A 22 13.22 13.07 -2.81
N PRO A 23 12.40 12.96 -3.82
CA PRO A 23 12.32 11.74 -4.66
C PRO A 23 13.70 11.20 -5.02
N ARG A 24 13.99 9.99 -4.62
CA ARG A 24 15.33 9.40 -4.92
C ARG A 24 15.35 8.91 -6.38
N LYS A 25 14.95 7.70 -6.62
CA LYS A 25 14.97 7.19 -8.02
C LYS A 25 14.01 8.01 -8.88
N GLY A 26 14.33 8.20 -10.13
CA GLY A 26 13.46 9.00 -11.03
C GLY A 26 13.52 8.43 -12.46
N PRO A 27 14.70 8.24 -12.97
CA PRO A 27 14.90 7.69 -14.35
C PRO A 27 14.11 6.38 -14.53
N PRO A 28 14.21 5.76 -15.68
CA PRO A 28 13.45 4.51 -15.96
C PRO A 28 13.50 3.52 -14.79
N LYS A 29 12.36 3.04 -14.37
CA LYS A 29 12.32 2.09 -13.22
C LYS A 29 10.85 1.83 -12.85
N CYS A 30 10.54 0.65 -12.39
CA CYS A 30 9.13 0.34 -12.01
C CYS A 30 8.22 0.54 -13.23
N LYS A 31 8.78 0.99 -14.33
CA LYS A 31 7.96 1.19 -15.57
C LYS A 31 6.53 1.57 -15.20
N GLN A 32 5.58 1.13 -15.97
CA GLN A 32 4.15 1.47 -15.67
C GLN A 32 3.24 0.76 -16.67
N ARG A 33 1.95 0.83 -16.47
CA ARG A 33 1.00 0.16 -17.42
C ARG A 33 -0.16 1.10 -17.69
N GLN A 34 0.08 2.20 -18.35
CA GLN A 34 -1.02 3.17 -18.66
C GLN A 34 -1.97 2.55 -19.68
N THR A 35 -1.92 1.26 -19.87
CA THR A 35 -2.83 0.61 -20.85
C THR A 35 -3.89 -0.21 -20.11
N ARG A 36 -3.48 -0.98 -19.14
CA ARG A 36 -4.46 -1.80 -18.38
C ARG A 36 -4.82 -1.08 -17.07
N GLN A 37 -3.83 -0.58 -16.39
CA GLN A 37 -4.11 0.14 -15.11
C GLN A 37 -5.05 -0.68 -14.24
N CYS A 38 -5.28 -1.91 -14.60
CA CYS A 38 -6.20 -2.79 -13.80
C CYS A 38 -7.62 -2.22 -13.85
N LYS A 39 -7.76 -0.92 -13.91
CA LYS A 39 -9.12 -0.31 -13.95
C LYS A 39 -10.02 -0.97 -12.91
N SER A 40 -11.10 -1.56 -13.34
CA SER A 40 -12.02 -2.23 -12.38
C SER A 40 -11.23 -3.18 -11.47
N LYS A 41 -11.89 -3.86 -10.58
CA LYS A 41 -11.17 -4.80 -9.67
C LYS A 41 -12.07 -6.01 -9.39
N PRO A 42 -11.47 -7.13 -9.04
CA PRO A 42 -12.22 -8.38 -8.74
C PRO A 42 -12.90 -8.35 -7.37
N PRO A 43 -13.86 -9.20 -7.15
CA PRO A 43 -14.60 -9.30 -5.86
C PRO A 43 -13.66 -9.65 -4.69
N LYS A 44 -14.13 -9.51 -3.48
CA LYS A 44 -13.27 -9.83 -2.30
C LYS A 44 -12.57 -11.18 -2.50
N LYS A 45 -12.59 -12.02 -1.50
CA LYS A 45 -11.93 -13.35 -1.63
C LYS A 45 -10.41 -13.16 -1.71
N GLY A 46 -9.96 -12.31 -2.60
CA GLY A 46 -8.49 -12.08 -2.73
C GLY A 46 -7.78 -13.42 -2.92
N VAL A 47 -8.36 -14.31 -3.68
CA VAL A 47 -7.70 -15.63 -3.91
C VAL A 47 -6.26 -15.40 -4.35
N GLN A 48 -5.31 -15.91 -3.61
CA GLN A 48 -3.88 -15.72 -3.99
C GLN A 48 -3.63 -16.35 -5.37
N GLY A 49 -3.56 -15.55 -6.39
CA GLY A 49 -3.32 -16.11 -7.75
C GLY A 49 -1.82 -16.12 -8.04
N CYS A 50 -1.00 -16.04 -7.03
CA CYS A 50 0.47 -16.04 -7.24
C CYS A 50 1.15 -16.84 -6.12
N GLY A 51 0.96 -16.42 -4.89
CA GLY A 51 1.60 -17.13 -3.74
C GLY A 51 2.71 -16.24 -3.17
N ASP A 52 2.41 -15.52 -2.12
CA ASP A 52 3.44 -14.62 -1.52
C ASP A 52 4.23 -15.37 -0.45
N ASP A 53 5.27 -14.76 0.04
CA ASP A 53 6.11 -15.41 1.10
C ASP A 53 7.39 -14.60 1.27
N ILE A 54 8.23 -14.58 0.26
CA ILE A 54 9.50 -13.81 0.34
C ILE A 54 9.59 -12.92 -0.91
N PRO A 55 8.91 -11.80 -0.91
CA PRO A 55 8.90 -10.85 -2.05
C PRO A 55 10.16 -9.98 -2.10
N GLY A 56 10.18 -8.90 -1.37
CA GLY A 56 11.37 -8.00 -1.39
C GLY A 56 12.49 -8.62 -0.55
N MET A 57 12.15 -9.34 0.48
CA MET A 57 13.20 -9.97 1.35
C MET A 57 14.27 -8.94 1.68
N GLU A 58 14.03 -7.69 1.40
CA GLU A 58 15.05 -6.64 1.71
C GLU A 58 14.57 -5.29 1.17
N GLY A 59 13.89 -5.29 0.06
CA GLY A 59 13.40 -4.02 -0.53
C GLY A 59 12.49 -3.31 0.47
N CYS A 60 11.59 -4.03 1.09
CA CYS A 60 10.67 -3.39 2.07
C CYS A 60 11.34 -3.37 3.45
N GLY A 61 11.45 -4.50 4.07
CA GLY A 61 12.09 -4.56 5.42
C GLY A 61 11.36 -5.61 6.27
N THR A 62 10.80 -6.61 5.65
CA THR A 62 10.09 -7.66 6.41
C THR A 62 8.95 -7.03 7.22
N ASP A 63 8.81 -5.73 7.15
CA ASP A 63 7.72 -5.07 7.91
C ASP A 63 6.37 -5.47 7.32
N ILE A 64 6.38 -6.40 6.40
CA ILE A 64 5.10 -6.85 5.77
C ILE A 64 4.78 -8.27 6.25
N THR A 65 5.17 -9.25 5.48
CA THR A 65 4.92 -10.68 5.84
C THR A 65 3.51 -11.08 5.42
N VAL A 66 3.25 -11.10 4.14
CA VAL A 66 1.89 -11.49 3.64
C VAL A 66 0.87 -10.45 4.11
N ILE A 67 0.83 -10.19 5.39
CA ILE A 67 -0.12 -9.18 5.93
C ILE A 67 0.68 -8.20 6.79
N CYS A 68 0.83 -6.99 6.34
CA CYS A 68 1.61 -6.00 7.15
C CYS A 68 0.86 -5.71 8.44
N PRO A 69 1.52 -5.80 9.58
CA PRO A 69 0.88 -5.55 10.90
C PRO A 69 0.64 -4.06 11.15
N TRP A 70 1.39 -3.21 10.50
CA TRP A 70 1.20 -1.75 10.71
C TRP A 70 -0.02 -1.29 9.88
N GLU A 71 -0.58 -2.18 9.10
CA GLU A 71 -1.76 -1.79 8.28
C GLU A 71 -2.59 -3.04 7.96
N ALA A 72 -3.19 -3.63 8.97
CA ALA A 72 -4.01 -4.84 8.72
C ALA A 72 -5.36 -4.45 8.14
N CYS A 73 -5.37 -3.93 6.94
CA CYS A 73 -6.66 -3.53 6.31
C CYS A 73 -7.62 -4.72 6.28
N ASN A 74 -7.15 -5.87 6.68
CA ASN A 74 -8.04 -7.07 6.68
C ASN A 74 -8.60 -7.29 5.27
N HIS A 75 -7.80 -7.81 4.39
CA HIS A 75 -8.28 -8.05 3.00
C HIS A 75 -8.95 -6.78 2.46
N CYS A 76 -8.29 -5.66 2.59
CA CYS A 76 -8.84 -4.36 2.09
C CYS A 76 -10.35 -4.30 2.37
N GLU A 77 -10.76 -3.49 3.30
CA GLU A 77 -12.22 -3.36 3.59
C GLU A 77 -12.95 -2.88 2.35
N LEU A 78 -13.48 -3.78 1.57
CA LEU A 78 -14.21 -3.38 0.33
C LEU A 78 -13.40 -2.33 -0.43
N HIS A 79 -13.88 -1.11 -0.47
CA HIS A 79 -13.13 -0.05 -1.20
C HIS A 79 -13.82 1.31 -0.97
N GLU A 80 -13.93 1.72 0.27
CA GLU A 80 -14.59 3.02 0.57
C GLU A 80 -13.52 4.08 0.85
N LEU A 81 -12.30 3.66 1.05
CA LEU A 81 -11.21 4.64 1.32
C LEU A 81 -10.64 5.16 0.00
N ALA A 82 -11.25 4.81 -1.10
CA ALA A 82 -10.74 5.28 -2.42
C ALA A 82 -10.95 6.79 -2.55
N GLN A 83 -11.11 7.48 -1.45
CA GLN A 83 -11.32 8.96 -1.51
C GLN A 83 -10.24 9.60 -2.39
N TYR A 84 -9.02 9.13 -2.30
CA TYR A 84 -7.92 9.71 -3.12
C TYR A 84 -6.80 8.69 -3.27
N GLY A 85 -7.04 7.47 -2.86
CA GLY A 85 -5.97 6.43 -2.97
C GLY A 85 -5.77 6.04 -4.43
N ILE A 86 -5.51 6.99 -5.28
CA ILE A 86 -5.30 6.66 -6.72
C ILE A 86 -4.03 5.83 -6.87
N CYS A 87 -4.11 4.72 -7.56
CA CYS A 87 -2.90 3.87 -7.74
C CYS A 87 -2.04 4.44 -8.87
C1C RCY B . 1.50 8.47 15.27
O1G RCY B . 2.34 10.76 19.09
O1H RCY B . -1.80 10.07 16.94
O1J RCY B . 3.46 9.75 13.38
C1L RCY B . 0.11 10.21 19.91
C1M RCY B . 2.03 12.04 16.10
C1P RCY B . 1.16 10.56 18.84
C1Q RCY B . -0.94 10.42 17.74
N1R RCY B . 0.54 10.63 17.45
C1S RCY B . -1.16 10.74 19.21
C1U RCY B . 1.23 10.85 16.10
C1V RCY B . 3.18 9.46 16.90
N1V RCY B . 2.96 10.39 14.59
C1W RCY B . 3.06 11.86 14.97
C1X RCY B . 2.21 9.74 15.75
C1Y RCY B . 4.46 12.20 15.48
C1Z RCY B . 2.70 12.73 13.77
H1S RCY B . -1.61 11.65 18.84
H1U RCY B . 0.48 10.92 15.32
C1C RCY C . 8.72 10.26 -3.18
O1G RCY C . 11.59 9.86 -0.71
O1H RCY C . 7.33 11.18 0.83
O1J RCY C . 11.39 8.90 -3.45
C1L RCY C . 10.81 11.70 0.71
C1M RCY C . 9.16 7.63 -0.61
C1P RCY C . 10.66 10.46 -0.18
C1Q RCY C . 8.48 11.19 0.39
N1R RCY C . 9.19 10.07 -0.35
C1S RCY C . 9.45 12.35 0.50
C1U RCY C . 8.58 8.87 -1.06
C1V RCY C . 8.01 7.83 -3.31
N1V RCY C . 10.33 8.44 -2.57
C1W RCY C . 10.43 7.42 -1.43
C1X RCY C . 8.87 8.87 -2.57
C1Y RCY C . 10.48 5.99 -1.99
C1Z RCY C . 11.68 7.73 -0.61
H1S RCY C . 8.84 12.80 -0.27
H1U RCY C . 7.51 8.85 -0.91
C1C RCY D . 4.78 -0.04 -7.43
O1G RCY D . 7.74 4.14 -5.94
O1H RCY D . 7.04 1.04 -9.43
O1J RCY D . 1.94 0.94 -7.36
C1L RCY D . 9.22 3.16 -7.63
C1M RCY D . 4.64 3.66 -7.32
C1P RCY D . 7.89 3.36 -6.88
C1Q RCY D . 7.53 1.65 -8.49
N1R RCY D . 6.79 2.47 -7.44
C1S RCY D . 9.01 1.73 -8.16
C1U RCY D . 5.31 2.41 -7.06
C1V RCY D . 4.78 1.56 -9.39
N1V RCY D . 3.10 1.81 -7.55
C1W RCY D . 3.15 3.33 -7.44
C1X RCY D . 4.52 1.40 -7.89
C1Y RCY D . 2.56 3.98 -8.70
C1Z RCY D . 2.39 3.78 -6.20
H1S RCY D . 8.88 0.72 -7.80
H1U RCY D . 5.21 2.17 -6.02
C1C RCY E . -3.86 -3.95 -6.12
O1G RCY E . -2.74 -5.54 -9.05
O1H RCY E . -7.35 -4.67 -8.53
O1J RCY E . -6.69 -3.13 -5.49
C1L RCY E . -4.41 -4.47 -10.47
C1M RCY E . -6.20 -6.78 -6.53
C1P RCY E . -3.91 -5.21 -9.22
C1Q RCY E . -6.26 -4.97 -9.01
N1R RCY E . -5.04 -5.48 -8.24
C1S RCY E . -5.87 -4.92 -10.47
C1U RCY E . -4.98 -6.09 -6.84
C1V RCY E . -4.51 -5.69 -4.39
N1V RCY E . -6.27 -4.51 -5.71
C1W RCY E . -7.16 -5.73 -5.96
C1X RCY E . -4.85 -5.05 -5.74
C1Y RCY E . -7.80 -6.21 -4.66
C1Z RCY E . -8.24 -5.36 -6.99
H1S RCY E . -6.49 -5.80 -10.56
H1U RCY E . -4.16 -6.79 -6.79
C1C RCY F . -1.11 -12.99 -1.80
O1G RCY F . -2.69 -14.06 -3.67
O1H RCY F . 0.12 -11.24 -6.22
O1J RCY F . 1.77 -12.17 -2.16
C1L RCY F . -1.55 -14.33 -5.83
C1M RCY F . -0.83 -9.89 -3.80
C1P RCY F . -1.98 -13.58 -4.56
C1Q RCY F . -0.74 -12.05 -5.89
N1R RCY F . -1.43 -12.16 -4.53
C1S RCY F . -1.34 -13.14 -6.77
C1U RCY F . -1.52 -11.09 -3.43
C1V RCY F . -1.17 -10.60 -0.97
N1V RCY F . 0.63 -11.35 -2.54
C1W RCY F . 0.64 -10.09 -3.42
C1X RCY F . -0.82 -11.53 -2.13
C1Y RCY F . 1.16 -8.89 -2.64
C1Z RCY F . 1.50 -10.36 -4.65
H1S RCY F . -1.87 -12.32 -7.24
H1U RCY F . -2.55 -10.88 -3.23
C1C RCY G . 3.82 -4.06 3.58
O1G RCY G . 4.94 -6.84 3.05
O1H RCY G . 6.86 -3.75 0.05
O1J RCY G . 4.96 -1.40 2.73
C1L RCY G . 7.23 -6.40 2.33
C1M RCY G . 3.88 -3.75 -0.11
C1P RCY G . 5.72 -6.21 2.34
C1Q RCY G . 6.61 -4.77 0.67
N1R RCY G . 5.29 -5.12 1.35
C1S RCY G . 7.56 -5.93 0.92
C1U RCY G . 3.91 -4.53 1.09
C1V RCY G . 1.98 -3.21 2.06
N1V RCY G . 4.32 -2.35 1.82
C1W RCY G . 4.34 -2.35 0.29
C1X RCY G . 3.47 -3.55 2.18
C1Y RCY G . 3.40 -1.28 -0.27
C1Z RCY G . 5.78 -2.08 -0.18
H1S RCY G . 7.38 -6.16 -0.12
H1U RCY G . 3.18 -5.34 1.01
C1C RCY H . -0.59 -3.14 0.05
O1G RCY H . 3.28 -0.93 3.22
O1H RCY H . -0.55 -3.66 2.78
O1J RCY H . 0.32 -1.93 -2.56
C1L RCY H . 2.19 -2.55 4.70
C1M RCY H . 2.19 -0.74 0.57
C1P RCY H . 2.35 -1.71 3.43
C1Q RCY H . 0.31 -2.91 3.24
N1R RCY H . 1.21 -1.98 2.44
C1S RCY H . 0.67 -2.74 4.70
C1U RCY H . 1.02 -1.43 1.02
C1V RCY H . 1.90 -3.63 0.12
N1V RCY H . 1.02 -1.77 -1.30
C1W RCY H . 2.11 -0.75 -0.97
C1X RCY H . 0.82 -2.55 -0.01
C1Y RCY H . 3.45 -1.19 -1.56
C1Z RCY H . 1.71 0.62 -1.51
H1S RCY H . -0.26 -2.19 4.76
H1U RCY H . 0.16 -0.77 1.00
C1C RCY I . -1.84 -3.40 -0.71
O1G RCY I . -0.97 -4.75 2.24
O1H RCY I . -4.86 -2.08 2.24
O1J RCY I . -4.35 -1.89 -1.38
C1L RCY I . -3.24 -5.09 3.08
C1M RCY I . -2.31 -0.51 1.55
C1P RCY I . -2.10 -4.31 2.43
C1Q RCY I . -3.97 -2.85 2.58
N1R RCY I . -2.56 -2.90 2.02
C1S RCY I . -4.08 -3.94 3.63
C1U RCY I . -1.78 -1.81 1.26
C1V RCY I . -0.93 -1.05 -1.00
N1V RCY I . -3.35 -1.42 -0.43
C1W RCY I . -3.47 -0.29 0.59
C1X RCY I . -1.93 -1.95 -0.25
C1Y RCY I . -3.35 1.07 -0.10
C1Z RCY I . -4.82 -0.42 1.30
H1S RCY I . -4.04 -3.11 4.34
H1U RCY I . -0.74 -1.86 1.54
C1C RCY J . -6.90 -1.05 -2.25
O1G RCY J . -9.61 -3.47 -5.00
O1H RCY J . -7.05 -4.02 -1.06
O1J RCY J . -4.84 -2.73 -0.83
C1L RCY J . -10.09 -4.47 -2.82
C1M RCY J . -5.61 -3.74 -4.45
C1P RCY J . -9.21 -3.79 -3.88
C1Q RCY J . -7.83 -4.22 -2.00
N1R RCY J . -7.79 -3.54 -3.37
C1S RCY J . -9.00 -5.18 -2.01
C1U RCY J . -6.63 -2.82 -4.05
C1V RCY J . -4.96 -0.92 -3.88
N1V RCY J . -5.12 -2.82 -2.25
C1W RCY J . -4.71 -3.93 -3.22
C1X RCY J . -5.91 -1.85 -3.11
C1Y RCY J . -3.23 -3.78 -3.60
C1Z RCY J . -4.95 -5.29 -2.55
H1S RCY J . -8.25 -5.94 -2.09
H1U RCY J . -7.00 -2.29 -4.92
C1C RCY K . -3.96 -0.11 -3.73
O1G RCY K . -0.84 -2.96 -6.93
O1H RCY K . -3.64 0.82 -6.59
O1J RCY K . -4.42 -2.25 -1.66
C1L RCY K . -0.92 -0.84 -8.12
C1M RCY K . -2.90 -3.43 -4.99
C1P RCY K . -1.39 -1.88 -7.11
C1Q RCY K . -2.95 -0.10 -7.04
N1R RCY K . -2.63 -1.41 -6.35
C1S RCY K . -2.24 -0.11 -8.39
C1U RCY K . -3.37 -2.09 -5.20
C1V RCY K . -1.66 -1.16 -3.59
N1V RCY K . -3.68 -2.46 -2.91
C1W RCY K . -3.27 -3.78 -3.54
C1X RCY K . -3.14 -1.40 -3.86
C1Y RCY K . -2.07 -4.38 -2.81
C1Z RCY K . -4.46 -4.75 -3.50
H1S RCY K . -3.24 -0.28 -8.79
H1U RCY K . -4.43 -2.12 -5.41
N MET A 1 3.89 22.31 15.41
CA MET A 1 3.02 21.18 15.84
C MET A 1 3.84 19.88 15.81
N ASN A 2 3.90 19.18 16.90
CA ASN A 2 4.68 17.91 16.93
C ASN A 2 4.22 17.06 18.12
N LEU A 3 5.04 16.93 19.12
CA LEU A 3 4.66 16.11 20.31
C LEU A 3 4.59 14.64 19.91
N GLU A 4 4.81 13.75 20.83
CA GLU A 4 4.75 12.30 20.50
C GLU A 4 3.45 12.00 19.72
N PRO A 5 3.55 11.48 18.53
CA PRO A 5 2.36 11.15 17.70
C PRO A 5 1.24 10.48 18.53
N PRO A 6 0.14 11.16 18.74
CA PRO A 6 -0.99 10.60 19.54
C PRO A 6 -1.86 9.64 18.71
N LYS A 7 -2.14 8.49 19.24
CA LYS A 7 -2.98 7.51 18.49
C LYS A 7 -3.36 6.36 19.43
N ALA A 8 -2.46 5.93 20.26
CA ALA A 8 -2.76 4.82 21.20
C ALA A 8 -1.49 4.44 21.95
N GLU A 9 -0.85 3.36 21.57
CA GLU A 9 0.39 2.94 22.27
C GLU A 9 1.29 2.19 21.29
N CYS A 10 0.81 1.96 20.09
CA CYS A 10 1.64 1.24 19.08
C CYS A 10 2.70 2.18 18.52
N ARG A 11 3.44 1.73 17.55
CA ARG A 11 4.51 2.60 16.95
C ARG A 11 5.68 2.73 17.91
N SER A 12 6.74 3.35 17.47
CA SER A 12 7.93 3.51 18.36
C SER A 12 8.79 4.66 17.82
N ALA A 13 9.52 4.42 16.77
CA ALA A 13 10.38 5.49 16.18
C ALA A 13 10.99 5.00 14.87
N THR A 14 10.33 5.24 13.76
CA THR A 14 10.87 4.78 12.46
C THR A 14 10.18 5.53 11.32
N ARG A 15 10.20 6.83 11.36
CA ARG A 15 9.53 7.63 10.29
C ARG A 15 8.02 7.57 10.46
N VAL A 16 7.38 8.70 10.53
CA VAL A 16 5.90 8.71 10.71
C VAL A 16 5.38 10.15 10.56
N MET A 17 4.35 10.34 9.78
CA MET A 17 3.80 11.71 9.60
C MET A 17 3.09 12.14 10.87
N GLY A 18 2.01 11.48 11.21
CA GLY A 18 1.26 11.85 12.45
C GLY A 18 0.31 13.01 12.16
N GLY A 19 -0.92 12.90 12.56
CA GLY A 19 -1.90 14.00 12.31
C GLY A 19 -3.27 13.39 12.01
N PRO A 20 -4.33 14.11 12.28
CA PRO A 20 -5.72 13.64 12.03
C PRO A 20 -5.86 12.90 10.69
N CYS A 21 -5.59 11.63 10.67
CA CYS A 21 -5.69 10.86 9.40
C CYS A 21 -7.17 10.74 9.01
N THR A 22 -7.56 11.41 7.95
CA THR A 22 -8.99 11.34 7.51
C THR A 22 -9.08 10.47 6.25
N PRO A 23 -9.60 9.26 6.37
CA PRO A 23 -9.73 8.34 5.21
C PRO A 23 -10.30 9.03 3.97
N ARG A 24 -9.46 9.44 3.06
CA ARG A 24 -9.96 10.14 1.85
C ARG A 24 -10.69 9.13 0.95
N LYS A 25 -11.98 9.03 1.09
CA LYS A 25 -12.76 8.07 0.25
C LYS A 25 -12.50 8.37 -1.23
N GLY A 26 -12.35 9.60 -1.58
CA GLY A 26 -12.11 9.97 -3.01
C GLY A 26 -13.39 9.77 -3.81
N PRO A 27 -13.37 10.11 -5.07
CA PRO A 27 -14.55 9.97 -5.97
C PRO A 27 -15.23 8.59 -5.82
N PRO A 28 -16.53 8.55 -5.66
CA PRO A 28 -17.27 7.26 -5.50
C PRO A 28 -16.77 6.19 -6.47
N LYS A 29 -16.46 5.02 -5.96
CA LYS A 29 -15.95 3.92 -6.83
C LYS A 29 -15.34 2.83 -5.95
N CYS A 30 -16.15 1.97 -5.40
CA CYS A 30 -15.61 0.89 -4.52
C CYS A 30 -16.41 -0.39 -4.72
N LYS A 31 -16.91 -0.97 -3.66
CA LYS A 31 -17.71 -2.22 -3.81
C LYS A 31 -16.91 -3.24 -4.61
N GLN A 32 -17.57 -4.22 -5.17
CA GLN A 32 -16.83 -5.23 -5.98
C GLN A 32 -16.39 -4.60 -7.29
N ARG A 33 -16.46 -3.31 -7.40
CA ARG A 33 -16.05 -2.62 -8.66
C ARG A 33 -14.56 -2.29 -8.59
N GLN A 34 -13.78 -2.85 -9.47
CA GLN A 34 -12.32 -2.57 -9.46
C GLN A 34 -12.03 -1.41 -10.44
N THR A 35 -11.62 -1.73 -11.64
CA THR A 35 -11.32 -0.67 -12.63
C THR A 35 -10.93 -1.32 -13.96
N ARG A 36 -11.02 -2.62 -14.05
CA ARG A 36 -10.65 -3.32 -15.31
C ARG A 36 -9.32 -2.76 -15.82
N GLN A 37 -8.26 -3.00 -15.10
CA GLN A 37 -6.93 -2.48 -15.54
C GLN A 37 -5.83 -3.44 -15.10
N CYS A 38 -4.59 -3.10 -15.33
CA CYS A 38 -3.48 -4.00 -14.92
C CYS A 38 -3.77 -5.42 -15.42
N LYS A 39 -2.93 -6.36 -15.08
CA LYS A 39 -3.15 -7.77 -15.53
C LYS A 39 -4.07 -8.48 -14.55
N SER A 40 -4.24 -9.76 -14.70
CA SER A 40 -5.13 -10.51 -13.76
C SER A 40 -4.31 -11.06 -12.60
N LYS A 41 -3.82 -12.27 -12.73
CA LYS A 41 -3.01 -12.88 -11.63
C LYS A 41 -1.75 -13.52 -12.22
N PRO A 42 -0.72 -12.73 -12.45
CA PRO A 42 0.55 -13.23 -13.03
C PRO A 42 1.46 -13.86 -11.96
N PRO A 43 2.40 -14.65 -12.37
CA PRO A 43 3.35 -15.33 -11.45
C PRO A 43 4.19 -14.33 -10.65
N LYS A 44 4.52 -14.65 -9.42
CA LYS A 44 5.33 -13.71 -8.59
C LYS A 44 6.40 -14.50 -7.82
N LYS A 45 7.62 -14.04 -7.84
CA LYS A 45 8.70 -14.76 -7.11
C LYS A 45 10.00 -13.95 -7.21
N GLY A 46 10.04 -12.80 -6.58
CA GLY A 46 11.28 -11.97 -6.63
C GLY A 46 11.20 -10.89 -5.56
N VAL A 47 12.05 -10.97 -4.56
CA VAL A 47 12.03 -9.95 -3.47
C VAL A 47 12.84 -8.73 -3.90
N GLN A 48 12.48 -7.56 -3.43
CA GLN A 48 13.23 -6.33 -3.80
C GLN A 48 13.45 -6.30 -5.31
N GLY A 49 12.42 -6.56 -6.07
CA GLY A 49 12.57 -6.54 -7.56
C GLY A 49 11.19 -6.49 -8.22
N CYS A 50 11.04 -5.65 -9.21
CA CYS A 50 9.73 -5.56 -9.91
C CYS A 50 9.94 -5.05 -11.34
N GLY A 51 8.93 -4.51 -11.95
CA GLY A 51 9.09 -3.99 -13.35
C GLY A 51 10.35 -3.14 -13.42
N ASP A 52 10.41 -2.07 -12.67
CA ASP A 52 11.61 -1.20 -12.70
C ASP A 52 11.31 0.07 -11.89
N ASP A 53 10.07 0.45 -11.81
CA ASP A 53 9.71 1.68 -11.05
C ASP A 53 8.23 2.01 -11.32
N ILE A 54 7.64 1.39 -12.30
CA ILE A 54 6.21 1.67 -12.61
C ILE A 54 5.33 0.94 -11.59
N PRO A 55 4.49 1.66 -10.88
CA PRO A 55 3.58 1.05 -9.85
C PRO A 55 2.35 0.39 -10.49
N GLY A 56 2.51 -0.16 -11.67
CA GLY A 56 1.35 -0.82 -12.34
C GLY A 56 0.52 0.24 -13.06
N MET A 57 1.14 1.29 -13.51
CA MET A 57 0.40 2.35 -14.24
C MET A 57 -0.39 3.22 -13.24
N GLU A 58 0.27 3.71 -12.22
CA GLU A 58 -0.42 4.55 -11.21
C GLU A 58 0.48 5.73 -10.83
N GLY A 59 0.85 5.83 -9.58
CA GLY A 59 1.72 6.97 -9.15
C GLY A 59 0.85 8.17 -8.81
N CYS A 60 0.22 8.15 -7.67
CA CYS A 60 -0.65 9.29 -7.27
C CYS A 60 0.19 10.34 -6.55
N GLY A 61 0.44 10.15 -5.29
CA GLY A 61 1.25 11.15 -4.53
C GLY A 61 2.71 11.05 -4.97
N THR A 62 3.01 10.11 -5.83
CA THR A 62 4.41 9.94 -6.31
C THR A 62 5.36 9.76 -5.12
N ASP A 63 4.84 9.80 -3.92
CA ASP A 63 5.72 9.60 -2.73
C ASP A 63 6.19 8.14 -2.70
N ILE A 64 6.06 7.45 -3.80
CA ILE A 64 6.48 6.02 -3.85
C ILE A 64 7.62 5.85 -4.87
N THR A 65 7.31 5.47 -6.07
CA THR A 65 8.34 5.26 -7.13
C THR A 65 8.87 3.84 -7.03
N VAL A 66 9.11 3.37 -5.84
CA VAL A 66 9.63 1.97 -5.68
C VAL A 66 9.19 1.43 -4.32
N ILE A 67 9.26 2.23 -3.30
CA ILE A 67 8.84 1.77 -1.94
C ILE A 67 7.89 2.79 -1.34
N CYS A 68 6.61 2.53 -1.38
CA CYS A 68 5.62 3.48 -0.81
C CYS A 68 5.69 3.43 0.72
N PRO A 69 5.82 4.56 1.37
CA PRO A 69 5.90 4.63 2.85
C PRO A 69 4.96 3.64 3.52
N TRP A 70 3.76 3.49 3.00
CA TRP A 70 2.79 2.54 3.61
C TRP A 70 3.13 1.12 3.17
N GLU A 71 4.39 0.78 3.06
CA GLU A 71 4.75 -0.61 2.64
C GLU A 71 6.13 -0.96 3.21
N ALA A 72 6.84 0.00 3.73
CA ALA A 72 8.18 -0.29 4.29
C ALA A 72 8.07 -1.38 5.36
N CYS A 73 6.88 -1.77 5.70
CA CYS A 73 6.72 -2.83 6.73
C CYS A 73 7.61 -4.02 6.37
N ASN A 74 7.76 -4.29 5.11
CA ASN A 74 8.61 -5.43 4.67
C ASN A 74 8.22 -6.70 5.43
N HIS A 75 8.86 -7.79 5.14
CA HIS A 75 8.53 -9.07 5.85
C HIS A 75 7.09 -9.45 5.54
N CYS A 76 6.35 -8.60 4.88
CA CYS A 76 4.93 -8.95 4.56
C CYS A 76 4.88 -9.76 3.27
N GLU A 77 5.83 -9.57 2.41
CA GLU A 77 5.85 -10.34 1.13
C GLU A 77 5.78 -11.84 1.44
N LEU A 78 5.94 -12.21 2.69
CA LEU A 78 5.90 -13.64 3.07
C LEU A 78 4.70 -14.33 2.40
N HIS A 79 4.95 -15.21 1.47
CA HIS A 79 3.83 -15.92 0.78
C HIS A 79 3.15 -16.86 1.77
N GLU A 80 3.03 -16.48 3.01
CA GLU A 80 2.37 -17.36 4.01
C GLU A 80 0.87 -17.11 4.02
N LEU A 81 0.45 -15.92 3.67
CA LEU A 81 -1.00 -15.60 3.67
C LEU A 81 -1.56 -15.75 2.24
N ALA A 82 -0.71 -15.80 1.26
CA ALA A 82 -1.21 -15.96 -0.14
C ALA A 82 -1.87 -17.32 -0.31
N GLN A 83 -1.90 -17.84 -1.50
CA GLN A 83 -2.55 -19.16 -1.74
C GLN A 83 -3.99 -19.14 -1.25
N TYR A 84 -4.40 -18.06 -0.62
CA TYR A 84 -5.80 -17.97 -0.12
C TYR A 84 -6.05 -16.56 0.44
N GLY A 85 -5.61 -15.55 -0.26
CA GLY A 85 -5.82 -14.15 0.22
C GLY A 85 -6.29 -13.29 -0.95
N ILE A 86 -7.25 -13.76 -1.70
CA ILE A 86 -7.74 -12.96 -2.87
C ILE A 86 -7.98 -11.51 -2.44
N CYS A 87 -7.71 -10.58 -3.30
CA CYS A 87 -7.91 -9.15 -2.93
C CYS A 87 -9.39 -8.78 -3.09
C1C RCY B . -0.45 2.25 13.97
O1G RCY B . -3.57 -1.32 14.64
O1H RCY B . 0.69 0.37 15.76
O1J RCY B . 2.32 1.07 13.90
C1L RCY B . -2.34 -1.14 16.75
C1M RCY B . -0.46 -1.08 12.36
C1P RCY B . -2.55 -1.00 15.24
C1Q RCY B . -0.32 -0.32 15.72
N1R RCY B . -1.31 -0.42 14.56
C1S RCY B . -0.81 -1.26 16.80
C1U RCY B . -1.10 -0.03 13.09
C1V RCY B . -0.21 1.73 11.50
N1V RCY B . 1.18 0.51 13.20
C1W RCY B . 1.05 -0.88 12.58
C1X RCY B . -0.17 1.18 12.93
C1Y RCY B . 1.80 -0.94 11.23
C1Z RCY B . 1.61 -1.92 13.55
H1S RCY B . 0.00 -1.89 16.48
H1U RCY B . -2.05 0.19 12.65
C1C RCY C . -3.02 7.47 3.37
O1G RCY C . -0.54 8.58 7.11
O1H RCY C . -4.62 6.35 6.22
O1J RCY C . -0.66 9.35 3.22
C1L RCY C . -2.80 8.77 8.03
C1M RCY C . -0.17 6.22 5.38
C1P RCY C . -1.72 8.22 7.10
C1Q RCY C . -3.78 7.22 6.47
N1R RCY C . -2.30 7.18 6.14
C1S RCY C . -4.04 8.54 7.18
C1U RCY C . -1.58 6.31 5.10
C1V RCY C . -1.17 5.89 2.64
N1V RCY C . -0.61 8.02 3.83
C1W RCY C . 0.48 7.45 4.73
C1X RCY C . -1.64 6.90 3.69
C1Y RCY C . 1.70 7.04 3.91
C1Z RCY C . 0.85 8.50 5.78
H1S RCY C . -4.50 8.83 6.24
H1U RCY C . -2.01 5.32 5.10
C1C RCY D . -8.34 0.60 -1.55
O1G RCY D . -9.66 2.78 -3.64
O1H RCY D . -13.39 0.21 -2.30
O1J RCY D . -6.93 -1.84 -2.61
C1L RCY D . -12.01 3.32 -3.24
C1M RCY D . -10.38 -1.11 -4.12
C1P RCY D . -10.80 2.40 -3.34
C1Q RCY D . -12.68 1.03 -2.87
N1R RCY D . -11.16 0.95 -3.05
C1S RCY D . -13.14 2.32 -3.53
C1U RCY D . -10.26 -0.28 -2.95
C1V RCY D . -8.39 1.06 -4.04
N1V RCY D . -8.15 -1.29 -3.18
C1W RCY D . -9.10 -1.94 -4.18
C1X RCY D . -8.77 0.08 -2.92
C1Y RCY D . -8.50 -1.90 -5.59
C1Z RCY D . -9.35 -3.39 -3.75
H1S RCY D . -13.51 1.66 -4.30
H1U RCY D . -10.51 -0.85 -2.07
C1C RCY E . -0.55 -1.42 -6.19
O1G RCY E . -0.52 -3.18 -8.31
O1H RCY E . -3.68 -0.52 -10.60
O1J RCY E . -2.27 -0.50 -3.91
C1L RCY E . -1.25 -3.08 -10.65
C1M RCY E . -4.01 -0.79 -7.32
C1P RCY E . -1.25 -2.69 -9.16
C1Q RCY E . -3.00 -1.48 -10.22
N1R RCY E . -2.31 -1.62 -8.87
C1S RCY E . -2.69 -2.72 -11.02
C1U RCY E . -2.60 -0.88 -7.56
C1V RCY E . -2.46 -3.09 -6.32
N1V RCY E . -2.79 -0.86 -5.23
C1W RCY E . -4.17 -0.57 -5.81
C1X RCY E . -2.05 -1.61 -6.34
C1Y RCY E . -5.21 -1.52 -5.22
C1Z RCY E . -4.54 0.89 -5.50
H1S RCY E . -3.72 -2.99 -10.80
H1U RCY E . -2.18 0.12 -7.60
C1C RCY F . 2.34 -6.27 -5.23
O1G RCY F . 4.68 -8.94 -7.50
O1H RCY F . 5.51 -4.29 -7.49
O1J RCY F . -0.45 -6.63 -6.31
C1L RCY F . 6.73 -7.61 -7.39
C1M RCY F . 2.37 -6.79 -8.90
C1P RCY F . 5.22 -7.83 -7.51
C1Q RCY F . 5.59 -5.49 -7.71
N1R RCY F . 4.46 -6.51 -7.64
C1S RCY F . 6.85 -6.26 -8.10
C1U RCY F . 2.95 -6.26 -7.70
C1V RCY F . 2.58 -8.47 -6.49
N1V RCY F . 0.76 -6.85 -7.09
C1W RCY F . 0.88 -6.99 -8.61
C1X RCY F . 2.18 -6.99 -6.58
C1Y RCY F . 0.43 -8.39 -9.06
C1Z RCY F . 0.03 -5.91 -9.27
H1S RCY F . 6.70 -5.79 -9.06
H1U RCY F . 2.75 -5.20 -7.63
C1C RCY G . -0.77 1.70 -5.92
O1G RCY G . -2.16 2.72 -6.91
O1H RCY G . -0.49 6.98 -5.73
O1J RCY G . 1.26 2.09 -8.10
C1L RCY G . -2.84 5.00 -7.48
C1M RCY G . 1.42 4.59 -5.19
C1P RCY G . -2.00 3.94 -6.77
C1Q RCY G . -1.24 6.05 -5.99
N1R RCY G . -0.93 4.56 -5.88
C1S RCY G . -2.68 6.16 -6.49
C1U RCY G . 0.18 3.88 -5.06
C1V RCY G . 1.39 1.71 -4.58
N1V RCY G . 1.28 2.81 -6.82
C1W RCY G . 2.09 4.05 -6.47
C1X RCY G . 0.50 2.48 -5.56
C1Y RCY G . 3.55 3.68 -6.19
C1Z RCY G . 1.99 5.06 -7.61
H1S RCY G . -2.90 6.44 -5.47
H1U RCY G . -0.12 3.84 -4.03
C1C RCY H . -0.96 3.58 -3.58
O1G RCY H . -0.43 0.32 0.48
O1H RCY H . 2.07 3.42 -2.05
O1J RCY H . -2.94 5.69 -2.77
C1L RCY H . 1.92 0.43 -0.19
C1M RCY H . -1.31 3.73 0.10
C1P RCY H . 0.46 0.89 -0.14
C1Q RCY H . 1.62 2.38 -1.58
N1R RCY H . 0.25 2.17 -0.96
C1S RCY H . 2.34 1.04 -1.52
C1U RCY H . -1.02 3.02 -1.11
C1V RCY H . 0.43 4.93 -1.94
N1V RCY H . -2.07 4.98 -1.84
C1W RCY H . -2.19 4.93 -0.31
C1X RCY H . -0.85 4.13 -2.16
C1Y RCY H . -1.67 6.22 0.31
C1Z RCY H . -3.65 4.69 0.06
H1S RCY H . 2.14 1.01 -2.58
H1U RCY H . -1.85 2.40 -1.38
C1C RCY I . -0.56 -2.15 2.18
O1G RCY I . 1.53 -3.79 2.53
O1H RCY I . 2.98 0.18 4.64
O1J RCY I . -1.46 0.03 4.05
C1L RCY I . 2.72 -3.34 4.62
C1M RCY I . 1.74 0.74 2.05
C1P RCY I . 2.04 -2.97 3.30
C1Q RCY I . 2.93 -0.97 4.21
N1R RCY I . 2.09 -1.47 3.04
C1S RCY I . 3.69 -2.17 4.75
C1U RCY I . 1.46 -0.66 1.90
C1V RCY I . -0.65 -0.17 0.60
N1V RCY I . -0.39 0.19 3.07
C1W RCY I . 0.66 1.30 2.98
C1X RCY I . -0.06 -0.73 1.89
C1Y RCY I . 0.03 2.57 2.39
C1Z RCY I . 1.21 1.57 4.38
H1S RCY I . 4.55 -1.71 4.27
H1U RCY I . 1.85 -1.00 0.96
C1C RCY J . 0.73 -2.39 0.24
O1G RCY J . 0.50 -5.92 1.22
O1H RCY J . 3.65 -3.89 4.10
O1J RCY J . -0.27 0.19 1.43
C1L RCY J . 2.63 -6.67 2.17
C1M RCY J . 0.99 -2.43 3.93
C1P RCY J . 1.49 -5.67 1.91
C1Q RCY J . 3.13 -4.54 3.19
N1R RCY J . 1.75 -4.34 2.59
C1S RCY J . 3.78 -5.70 2.44
C1U RCY J . 0.85 -3.10 2.67
C1V RCY J . 2.71 -1.72 1.67
N1V RCY J . 0.43 -0.85 2.19
C1W RCY J . 0.52 -0.99 3.71
C1X RCY J . 1.21 -2.03 1.65
C1Y RCY J . 1.54 0.01 4.28
C1Z RCY J . -0.86 -0.75 4.32
H1S RCY J . 4.37 -4.92 1.95
H1U RCY J . -0.19 -3.40 2.53
C1C RCY K . -1.84 -8.59 -8.44
O1G RCY K . -4.46 -5.98 -7.89
O1H RCY K . -2.43 -8.00 -4.13
O1J RCY K . -2.98 -6.49 -10.27
C1L RCY K . -5.35 -7.04 -5.87
C1M RCY K . -1.32 -5.19 -7.06
C1P RCY K . -4.25 -6.57 -6.83
C1Q RCY K . -3.19 -7.75 -5.06
N1R RCY K . -2.86 -6.95 -6.32
C1S RCY K . -4.64 -8.20 -5.19
C1U RCY K . -1.49 -6.61 -6.90
C1V RCY K . 0.17 -7.08 -8.76
N1V RCY K . -2.14 -6.20 -9.12
C1W RCY K . -1.93 -4.84 -8.43
C1X RCY K . -1.29 -7.17 -8.31
C1Y RCY K . -0.98 -3.98 -9.25
C1Z RCY K . -3.29 -4.16 -8.26
H1S RCY K . -4.20 -9.17 -5.41
H1U RCY K . -0.71 -6.99 -6.25
N MET A 1 -7.98 15.20 -2.22
CA MET A 1 -7.63 16.64 -2.03
C MET A 1 -8.85 17.38 -1.44
N ASN A 2 -9.87 17.55 -2.23
CA ASN A 2 -11.08 18.26 -1.72
C ASN A 2 -11.59 17.57 -0.45
N LEU A 3 -12.67 18.04 0.11
CA LEU A 3 -13.22 17.41 1.34
C LEU A 3 -13.69 15.99 1.02
N GLU A 4 -12.79 15.05 0.93
CA GLU A 4 -13.21 13.65 0.63
C GLU A 4 -13.60 12.94 1.92
N PRO A 5 -14.80 12.38 1.98
CA PRO A 5 -15.29 11.67 3.19
C PRO A 5 -14.19 10.83 3.87
N PRO A 6 -13.62 11.33 4.94
CA PRO A 6 -12.54 10.61 5.68
C PRO A 6 -13.10 9.62 6.70
N LYS A 7 -12.62 8.41 6.70
CA LYS A 7 -13.11 7.41 7.69
C LYS A 7 -12.25 7.46 8.94
N ALA A 8 -11.08 8.02 8.84
CA ALA A 8 -10.18 8.11 10.02
C ALA A 8 -10.40 9.44 10.72
N GLU A 9 -10.96 9.41 11.90
CA GLU A 9 -11.21 10.68 12.65
C GLU A 9 -10.63 10.56 14.07
N CYS A 10 -9.40 10.14 14.17
CA CYS A 10 -8.77 9.99 15.53
C CYS A 10 -7.26 10.18 15.41
N ARG A 11 -6.81 10.85 14.39
CA ARG A 11 -5.35 11.07 14.21
C ARG A 11 -4.75 11.54 15.54
N SER A 12 -3.45 11.50 15.65
CA SER A 12 -2.79 11.95 16.92
C SER A 12 -3.23 11.04 18.06
N ALA A 13 -3.75 9.88 17.76
CA ALA A 13 -4.19 8.96 18.84
C ALA A 13 -2.98 8.18 19.37
N THR A 14 -2.53 7.19 18.64
CA THR A 14 -1.35 6.40 19.11
C THR A 14 -0.06 7.14 18.73
N ARG A 15 0.71 6.59 17.83
CA ARG A 15 1.97 7.27 17.43
C ARG A 15 2.47 6.67 16.11
N VAL A 16 1.62 6.59 15.12
CA VAL A 16 2.04 6.01 13.82
C VAL A 16 2.76 7.08 13.00
N MET A 17 2.08 8.13 12.63
CA MET A 17 2.72 9.20 11.83
C MET A 17 4.02 9.64 12.52
N GLY A 18 5.11 9.66 11.80
CA GLY A 18 6.40 10.08 12.40
C GLY A 18 6.54 11.59 12.31
N GLY A 19 7.36 12.18 13.14
CA GLY A 19 7.53 13.66 13.09
C GLY A 19 8.25 14.05 11.79
N PRO A 20 9.53 14.34 11.86
CA PRO A 20 10.32 14.72 10.66
C PRO A 20 9.97 13.88 9.43
N CYS A 21 9.29 12.78 9.62
CA CYS A 21 8.92 11.91 8.47
C CYS A 21 8.00 12.70 7.53
N THR A 22 8.55 13.27 6.48
CA THR A 22 7.72 14.05 5.54
C THR A 22 7.29 13.14 4.37
N PRO A 23 6.00 12.99 4.15
CA PRO A 23 5.48 12.13 3.05
C PRO A 23 6.26 12.32 1.74
N ARG A 24 6.93 11.30 1.29
CA ARG A 24 7.71 11.43 0.02
C ARG A 24 8.74 12.55 0.17
N LYS A 25 10.01 12.21 0.25
CA LYS A 25 11.06 13.25 0.39
C LYS A 25 10.80 14.37 -0.61
N GLY A 26 10.64 14.02 -1.87
CA GLY A 26 10.39 15.07 -2.90
C GLY A 26 10.87 14.57 -4.26
N PRO A 27 12.07 14.92 -4.66
CA PRO A 27 12.65 14.49 -5.97
C PRO A 27 12.30 13.03 -6.30
N PRO A 28 11.64 12.78 -7.41
CA PRO A 28 11.27 11.41 -7.83
C PRO A 28 12.47 10.44 -7.76
N LYS A 29 12.25 9.25 -7.27
CA LYS A 29 13.37 8.27 -7.18
C LYS A 29 12.83 6.87 -7.50
N CYS A 30 13.57 6.09 -8.24
CA CYS A 30 13.08 4.72 -8.57
C CYS A 30 14.18 3.97 -9.34
N LYS A 31 14.38 2.72 -9.02
CA LYS A 31 15.42 1.92 -9.72
C LYS A 31 15.04 0.43 -9.67
N GLN A 32 15.76 -0.40 -10.38
CA GLN A 32 15.44 -1.84 -10.38
C GLN A 32 15.60 -2.41 -8.96
N ARG A 33 14.65 -3.18 -8.51
CA ARG A 33 14.75 -3.76 -7.13
C ARG A 33 15.50 -5.08 -7.20
N GLN A 34 16.43 -5.30 -6.29
CA GLN A 34 17.19 -6.58 -6.30
C GLN A 34 16.22 -7.76 -6.27
N THR A 35 14.97 -7.49 -6.02
CA THR A 35 13.96 -8.59 -5.97
C THR A 35 13.54 -8.95 -7.40
N ARG A 36 14.48 -9.27 -8.23
CA ARG A 36 14.14 -9.62 -9.64
C ARG A 36 13.03 -10.69 -9.65
N GLN A 37 12.73 -11.25 -8.51
CA GLN A 37 11.67 -12.30 -8.46
C GLN A 37 10.30 -11.64 -8.69
N CYS A 38 10.22 -10.73 -9.62
CA CYS A 38 8.93 -10.06 -9.90
C CYS A 38 8.29 -10.67 -11.15
N LYS A 39 7.63 -11.78 -11.00
CA LYS A 39 6.99 -12.44 -12.17
C LYS A 39 6.21 -11.41 -12.99
N SER A 40 6.12 -11.63 -14.27
CA SER A 40 5.38 -10.67 -15.14
C SER A 40 3.89 -10.99 -15.10
N LYS A 41 3.44 -11.93 -15.89
CA LYS A 41 1.99 -12.27 -15.89
C LYS A 41 1.56 -12.65 -14.46
N PRO A 42 0.56 -11.99 -13.91
CA PRO A 42 0.08 -12.29 -12.54
C PRO A 42 -0.82 -13.54 -12.49
N PRO A 43 -0.99 -14.12 -11.34
CA PRO A 43 -1.84 -15.33 -11.16
C PRO A 43 -3.34 -15.01 -11.21
N LYS A 44 -4.06 -15.66 -12.07
CA LYS A 44 -5.53 -15.39 -12.17
C LYS A 44 -5.77 -13.92 -12.48
N LYS A 45 -6.91 -13.60 -13.04
CA LYS A 45 -7.21 -12.17 -13.37
C LYS A 45 -7.85 -11.50 -12.17
N GLY A 46 -8.47 -10.37 -12.37
CA GLY A 46 -9.14 -9.68 -11.22
C GLY A 46 -10.47 -10.34 -10.91
N VAL A 47 -11.55 -9.66 -11.12
CA VAL A 47 -12.89 -10.26 -10.85
C VAL A 47 -12.94 -10.71 -9.39
N GLN A 48 -12.05 -10.22 -8.56
CA GLN A 48 -12.07 -10.63 -7.13
C GLN A 48 -11.16 -9.70 -6.33
N GLY A 49 -11.67 -9.11 -5.28
CA GLY A 49 -10.84 -8.19 -4.46
C GLY A 49 -10.35 -7.03 -5.32
N CYS A 50 -10.79 -5.83 -5.01
CA CYS A 50 -10.35 -4.66 -5.83
C CYS A 50 -10.81 -4.84 -7.27
N GLY A 51 -11.40 -3.83 -7.85
CA GLY A 51 -11.87 -3.95 -9.26
C GLY A 51 -10.67 -3.92 -10.21
N ASP A 52 -10.63 -4.82 -11.16
CA ASP A 52 -9.50 -4.84 -12.12
C ASP A 52 -9.21 -3.41 -12.61
N ASP A 53 -9.98 -2.93 -13.55
CA ASP A 53 -9.76 -1.56 -14.06
C ASP A 53 -9.66 -0.58 -12.89
N ILE A 54 -9.18 0.60 -13.13
CA ILE A 54 -9.05 1.60 -12.02
C ILE A 54 -10.34 1.62 -11.19
N PRO A 55 -10.32 1.08 -10.00
CA PRO A 55 -11.52 1.04 -9.12
C PRO A 55 -11.68 2.33 -8.32
N GLY A 56 -10.67 2.72 -7.58
CA GLY A 56 -10.76 3.97 -6.78
C GLY A 56 -10.79 5.18 -7.72
N MET A 57 -10.97 4.94 -9.00
CA MET A 57 -11.01 6.07 -9.96
C MET A 57 -9.78 6.96 -9.76
N GLU A 58 -8.66 6.37 -9.44
CA GLU A 58 -7.43 7.17 -9.23
C GLU A 58 -6.20 6.33 -9.60
N GLY A 59 -6.32 5.03 -9.55
CA GLY A 59 -5.17 4.15 -9.89
C GLY A 59 -4.10 4.25 -8.80
N CYS A 60 -4.19 5.24 -7.96
CA CYS A 60 -3.19 5.39 -6.87
C CYS A 60 -3.92 5.57 -5.53
N GLY A 61 -4.86 6.47 -5.49
CA GLY A 61 -5.61 6.70 -4.23
C GLY A 61 -6.00 5.35 -3.61
N THR A 62 -7.16 4.84 -3.95
CA THR A 62 -7.59 3.53 -3.38
C THR A 62 -7.15 3.41 -1.92
N ASP A 63 -7.25 4.48 -1.18
CA ASP A 63 -6.81 4.43 0.24
C ASP A 63 -7.75 3.53 1.04
N ILE A 64 -8.45 2.65 0.38
CA ILE A 64 -9.38 1.72 1.10
C ILE A 64 -9.31 0.33 0.48
N THR A 65 -9.50 0.25 -0.82
CA THR A 65 -9.49 -1.07 -1.51
C THR A 65 -10.03 -2.14 -0.57
N VAL A 66 -11.00 -1.80 0.22
CA VAL A 66 -11.58 -2.77 1.20
C VAL A 66 -10.53 -3.03 2.28
N ILE A 67 -9.33 -3.34 1.88
CA ILE A 67 -8.24 -3.60 2.86
C ILE A 67 -6.96 -2.90 2.39
N CYS A 68 -6.73 -1.67 2.79
CA CYS A 68 -5.50 -0.96 2.34
C CYS A 68 -4.31 -1.44 3.19
N PRO A 69 -3.31 -2.01 2.56
CA PRO A 69 -2.10 -2.54 3.27
C PRO A 69 -1.70 -1.77 4.53
N TRP A 70 -1.44 -0.50 4.45
CA TRP A 70 -1.03 0.24 5.69
C TRP A 70 -2.13 0.14 6.74
N GLU A 71 -3.21 -0.53 6.41
CA GLU A 71 -4.32 -0.67 7.40
C GLU A 71 -4.32 -2.10 7.96
N ALA A 72 -3.94 -3.06 7.16
CA ALA A 72 -3.91 -4.47 7.64
C ALA A 72 -2.67 -4.69 8.50
N CYS A 73 -1.51 -4.65 7.92
CA CYS A 73 -0.26 -4.85 8.71
C CYS A 73 -0.03 -3.65 9.61
N ASN A 74 -0.51 -2.49 9.23
CA ASN A 74 -0.33 -1.28 10.08
C ASN A 74 1.17 -0.95 10.16
N HIS A 75 2.00 -1.78 9.61
CA HIS A 75 3.47 -1.51 9.65
C HIS A 75 4.15 -2.26 8.50
N CYS A 76 4.70 -1.54 7.56
CA CYS A 76 5.37 -2.21 6.41
C CYS A 76 6.38 -3.22 6.93
N GLU A 77 6.64 -3.21 8.22
CA GLU A 77 7.61 -4.18 8.80
C GLU A 77 7.00 -5.58 8.79
N LEU A 78 5.86 -5.75 9.40
CA LEU A 78 5.21 -7.10 9.43
C LEU A 78 5.20 -7.68 8.01
N HIS A 79 5.52 -8.93 7.86
CA HIS A 79 5.52 -9.55 6.51
C HIS A 79 4.95 -10.97 6.59
N GLU A 80 5.61 -11.84 7.29
CA GLU A 80 5.11 -13.25 7.41
C GLU A 80 3.81 -13.25 8.22
N LEU A 81 3.42 -12.11 8.74
CA LEU A 81 2.16 -12.06 9.54
C LEU A 81 1.01 -11.63 8.62
N ALA A 82 1.23 -11.71 7.34
CA ALA A 82 0.16 -11.32 6.38
C ALA A 82 -1.11 -12.08 6.70
N GLN A 83 -1.93 -11.55 7.57
CA GLN A 83 -3.20 -12.26 7.93
C GLN A 83 -3.93 -12.63 6.64
N TYR A 84 -3.49 -12.09 5.52
CA TYR A 84 -4.15 -12.40 4.22
C TYR A 84 -3.37 -11.71 3.09
N GLY A 85 -2.35 -10.97 3.44
CA GLY A 85 -1.55 -10.23 2.40
C GLY A 85 -1.62 -10.97 1.06
N ILE A 86 -1.27 -12.23 1.04
CA ILE A 86 -1.29 -13.00 -0.25
C ILE A 86 -0.48 -12.23 -1.28
N CYS A 87 -1.05 -11.20 -1.87
CA CYS A 87 -0.29 -10.40 -2.86
C CYS A 87 1.02 -9.93 -2.24
C1C RCY B . -2.97 7.91 16.94
O1G RCY B . -5.50 11.96 14.73
O1H RCY B . -5.08 7.71 16.76
O1J RCY B . -1.90 7.60 14.15
C1L RCY B . -7.03 10.06 14.98
C1M RCY B . -2.59 11.20 15.30
C1P RCY B . -5.70 10.81 15.12
C1Q RCY B . -5.36 8.63 15.98
N1R RCY B . -4.64 9.95 15.82
C1S RCY B . -6.51 8.62 14.99
C1U RCY B . -3.23 10.32 16.25
C1V RCY B . -0.96 9.46 17.02
N1V RCY B . -2.04 8.89 14.84
C1W RCY B . -1.98 10.29 14.23
C1X RCY B . -2.28 9.12 16.32
C1Y RCY B . -0.52 10.68 13.95
C1Z RCY B . -2.81 10.31 12.94
H1S RCY B . -5.89 7.93 14.42
H1U RCY B . -3.25 10.81 17.21
C1C RCY C . 13.36 7.93 4.57
O1G RCY C . 12.23 11.66 5.15
O1H RCY C . 9.59 7.77 5.58
O1J RCY C . 11.41 5.63 4.51
C1L RCY C . 10.77 10.81 6.93
C1M RCY C . 10.40 8.74 2.51
C1P RCY C . 11.44 10.80 5.55
C1Q RCY C . 9.98 8.94 5.63
N1R RCY C . 11.02 9.58 4.72
C1S RCY C . 9.52 10.00 6.61
C1U RCY C . 11.50 9.13 3.35
C1V RCY C . 13.08 7.60 2.09
N1V RCY C . 11.31 6.82 3.67
C1W RCY C . 10.10 7.27 2.85
C1X RCY C . 12.37 7.88 3.41
C1Y RCY C . 9.99 6.44 1.56
C1Z RCY C . 8.84 7.14 3.69
H1S RCY C . 8.62 10.03 6.01
H1U RCY C . 12.05 9.93 2.88
C1C RCY D . 6.59 7.14 -8.97
O1G RCY D . 7.48 3.29 -7.03
O1H RCY D . 9.07 4.69 -11.24
O1J RCY D . 3.58 7.16 -9.01
C1L RCY D . 9.66 3.13 -8.13
C1M RCY D . 5.23 3.73 -9.46
C1P RCY D . 8.16 3.49 -8.02
C1Q RCY D . 8.86 4.03 -10.22
N1R RCY D . 7.65 4.13 -9.32
C1S RCY D . 9.78 2.96 -9.65
C1U RCY D . 6.27 4.72 -9.62
C1V RCY D . 6.07 5.41 -7.19
N1V RCY D . 4.39 5.94 -8.97
C1W RCY D . 3.93 4.51 -9.24
C1X RCY D . 5.88 5.83 -8.65
C1Y RCY D . 3.17 3.96 -8.03
C1Z RCY D . 3.05 4.49 -10.48
H1S RCY D . 9.41 2.36 -10.46
H1U RCY D . 6.26 5.09 -10.63
C1C RCY E . 8.80 -5.92 -6.71
O1G RCY E . 10.58 -8.98 -8.16
O1H RCY E . 9.48 -10.00 -8.94
O1J RCY E . 7.89 -5.88 -9.58
C1L RCY E . 8.35 -9.85 -7.42
C1M RCY E . 6.07 -8.35 -7.29
C1P RCY E . 9.37 -8.91 -8.10
C1Q RCY E . 8.75 -9.82 -7.96
N1R RCY E . 8.44 -8.75 -6.89
C1S RCY E . 9.02 -8.46 -7.35
C1U RCY E . 7.23 -7.91 -6.58
C1V RCY E . 6.30 -5.55 -6.43
N1V RCY E . 7.21 -6.60 -8.52
C1W RCY E . 6.13 -7.68 -8.67
C1X RCY E . 7.39 -6.45 -7.02
C1Y RCY E . 4.77 -7.04 -9.01
C1Z RCY E . 6.55 -8.67 -9.75
H1S RCY E . 8.32 -7.73 -7.74
H1U RCY E . 7.03 -7.93 -5.51
C1C RCY F . -4.74 -6.48 -5.74
O1G RCY F . -4.11 -1.95 -3.40
O1H RCY F . -6.87 -5.29 -5.27
O1J RCY F . -2.41 -5.12 -7.05
C1L RCY F . -6.24 -1.88 -4.58
C1M RCY F . -2.79 -4.53 -3.29
C1P RCY F . -5.00 -2.55 -3.99
C1Q RCY F . -6.24 -4.25 -5.09
N1R RCY F . -5.00 -4.06 -4.23
C1S RCY F . -6.58 -2.88 -5.68
C1U RCY F . -4.02 -5.13 -3.74
C1V RCY F . -2.84 -7.30 -4.29
N1V RCY F . -2.61 -5.18 -5.61
C1W RCY F . -1.91 -4.36 -4.53
C1X RCY F . -3.58 -6.08 -4.85
C1Y RCY F . -0.50 -4.90 -4.27
C1Z RCY F . -1.86 -2.90 -4.97
H1S RCY F . -6.19 -3.31 -6.60
H1U RCY F . -4.46 -5.69 -2.93
C1C RCY G . -0.66 1.43 -6.71
O1G RCY G . 2.86 5.50 -7.23
O1H RCY G . -1.44 3.77 -8.18
O1J RCY G . 1.25 -0.56 -5.51
C1L RCY G . 0.74 6.54 -7.91
C1M RCY G . 2.82 2.67 -6.86
C1P RCY G . 1.68 5.37 -7.57
C1Q RCY G . -0.40 4.44 -8.23
N1R RCY G . 0.96 4.03 -7.68
C1S RCY G . -0.24 5.82 -8.83
C1U RCY G . 1.48 2.63 -7.35
C1V RCY G . 0.54 2.88 -5.01
N1V RCY G . 1.62 0.79 -5.90
C1W RCY G . 3.02 1.37 -6.06
C1X RCY G . 0.69 1.96 -6.22
C1Y RCY G . 3.65 1.67 -4.69
C1Z RCY G . 3.88 0.37 -6.84
H1S RCY G . -0.30 5.31 -9.78
H1U RCY G . 1.44 2.00 -8.24
C1C RCY H . -3.02 5.45 -1.16
O1G RCY H . -1.54 0.91 -1.99
O1H RCY H . -4.03 3.79 0.81
O1J RCY H . -2.87 5.89 1.81
C1L RCY H . -3.72 0.71 -0.88
C1M RCY H . -0.14 3.65 0.31
C1P RCY H . -2.39 1.39 -1.24
C1Q RCY H . -3.50 2.79 0.32
N1R RCY H . -2.25 2.75 -0.55
C1S RCY H . -3.99 1.35 0.47
C1U RCY H . -1.15 3.80 -0.70
C1V RCY H . -0.64 6.27 -0.92
N1V RCY H . -1.82 5.23 1.03
C1W RCY H . -0.65 4.41 1.55
C1X RCY H . -1.66 5.22 -0.48
C1Y RCY H . 0.44 5.31 2.10
C1Z RCY H . -1.15 3.44 2.62
H1S RCY H . -3.58 1.44 1.47
H1U RCY H . -0.70 3.73 -1.68
C1C RCY I . -2.18 1.70 6.19
O1G RCY I . -0.59 0.66 5.58
O1H RCY I . -2.10 -3.46 7.34
O1J RCY I . -4.01 0.70 4.02
C1L RCY I . 0.27 -1.63 5.46
C1M RCY I . -4.18 -1.18 7.36
C1P RCY I . -0.70 -0.52 5.91
C1Q RCY I . -1.38 -2.52 6.98
N1R RCY I . -1.80 -1.08 6.82
C1S RCY I . 0.09 -2.61 6.62
C1U RCY I . -3.01 -0.35 7.41
C1V RCY I . -4.41 1.75 7.38
N1V RCY I . -4.06 0.25 5.41
C1W RCY I . -4.80 -0.97 5.97
C1X RCY I . -3.40 0.90 6.62
C1Y RCY I . -6.30 -0.69 6.08
C1Z RCY I . -4.53 -2.17 5.06
H1S RCY I . 0.24 -2.71 7.68
H1U RCY I . -2.80 -0.08 8.43
C1C RCY J . 8.73 -1.13 -1.24
O1G RCY J . 7.73 0.83 0.47
O1H RCY J . 6.70 -2.41 3.75
O1J RCY J . 9.75 -3.86 -2.02
C1L RCY J . 6.31 0.85 2.47
C1M RCY J . 8.28 -3.56 1.51
C1P RCY J . 7.24 0.22 1.43
C1Q RCY J . 6.61 -1.50 2.92
N1R RCY J . 7.52 -1.24 1.73
C1S RCY J . 5.56 -0.40 2.93
C1U RCY J . 8.47 -2.23 1.02
C1V RCY J . 6.70 -2.57 -0.76
N1V RCY J . 8.98 -3.58 -0.80
C1W RCY J . 8.81 -4.49 0.42
C1X RCY J . 8.18 -2.34 -0.48
C1Y RCY J . 7.81 -5.60 0.12
C1Z RCY J . 10.18 -5.08 0.79
H1S RCY J . 4.90 -1.18 2.57
H1U RCY J . 9.48 -1.92 1.18
C1C RCY K . -4.23 -4.08 -6.41
O1G RCY K . -5.74 -7.33 -5.01
O1H RCY K . -1.34 -6.04 -3.87
O1J RCY K . -7.07 -5.05 -6.34
C1L RCY K . -3.59 -8.48 -5.07
C1M RCY K . -5.31 -4.81 -2.95
C1P RCY K . -4.52 -7.29 -4.84
C1Q RCY K . -2.31 -6.53 -4.45
N1R RCY K . -3.75 -6.05 -4.38
C1S RCY K . -2.27 -7.74 -5.37
C1U RCY K . -4.29 -4.68 -3.96
C1V RCY K . -5.25 -2.47 -4.74
N1V RCY K . -6.30 -4.71 -5.15
C1W RCY K . -6.62 -5.04 -3.70
C1X RCY K . -4.99 -3.94 -5.09
C1Y RCY K . -7.71 -4.10 -3.16
C1Z RCY K . -7.07 -6.50 -3.59
H1S RCY K . -1.83 -7.07 -6.08
H1U RCY K . -3.47 -4.08 -3.58
N MET A 1 13.25 6.26 9.71
CA MET A 1 14.64 6.46 10.22
C MET A 1 14.58 7.24 11.54
N ASN A 2 15.70 7.73 11.99
CA ASN A 2 15.72 8.49 13.27
C ASN A 2 15.37 9.96 13.00
N LEU A 3 14.18 10.23 12.55
CA LEU A 3 13.78 11.64 12.27
C LEU A 3 13.40 12.33 13.57
N GLU A 4 12.60 13.36 13.50
CA GLU A 4 12.19 14.07 14.74
C GLU A 4 11.69 13.04 15.77
N PRO A 5 12.05 13.19 17.02
CA PRO A 5 11.63 12.26 18.10
C PRO A 5 10.18 11.76 17.92
N PRO A 6 10.02 10.57 17.38
CA PRO A 6 8.68 9.98 17.14
C PRO A 6 8.16 9.21 18.36
N LYS A 7 6.90 9.33 18.65
CA LYS A 7 6.34 8.60 19.83
C LYS A 7 6.35 7.09 19.56
N ALA A 8 5.20 6.49 19.44
CA ALA A 8 5.14 5.03 19.17
C ALA A 8 3.69 4.54 19.26
N GLU A 9 2.89 4.86 18.28
CA GLU A 9 1.46 4.42 18.30
C GLU A 9 1.31 3.16 17.47
N CYS A 10 0.13 2.90 16.96
CA CYS A 10 -0.08 1.68 16.14
C CYS A 10 -1.46 1.74 15.47
N ARG A 11 -2.19 2.79 15.72
CA ARG A 11 -3.54 2.92 15.09
C ARG A 11 -3.85 4.41 14.85
N SER A 12 -4.12 5.13 15.90
CA SER A 12 -4.44 6.58 15.74
C SER A 12 -5.66 6.74 14.82
N ALA A 13 -6.80 6.95 15.40
CA ALA A 13 -8.04 7.12 14.58
C ALA A 13 -9.23 7.43 15.48
N THR A 14 -10.27 8.00 14.94
CA THR A 14 -11.45 8.33 15.77
C THR A 14 -12.63 8.70 14.85
N ARG A 15 -13.64 7.88 14.79
CA ARG A 15 -14.79 8.19 13.92
C ARG A 15 -14.29 8.51 12.51
N VAL A 16 -13.42 7.68 11.98
CA VAL A 16 -12.86 7.91 10.61
C VAL A 16 -12.97 9.38 10.22
N MET A 17 -11.97 10.16 10.53
CA MET A 17 -12.00 11.61 10.18
C MET A 17 -10.65 12.24 10.52
N GLY A 18 -9.69 12.08 9.64
CA GLY A 18 -8.34 12.67 9.89
C GLY A 18 -8.22 14.01 9.16
N GLY A 19 -8.39 15.09 9.86
CA GLY A 19 -8.29 16.42 9.22
C GLY A 19 -9.15 16.44 7.95
N PRO A 20 -9.11 17.52 7.22
CA PRO A 20 -9.90 17.68 5.96
C PRO A 20 -9.52 16.63 4.90
N CYS A 21 -9.86 16.88 3.67
CA CYS A 21 -9.52 15.91 2.59
C CYS A 21 -9.02 16.68 1.36
N THR A 22 -7.73 16.80 1.21
CA THR A 22 -7.17 17.53 0.04
C THR A 22 -6.36 16.58 -0.84
N PRO A 23 -6.95 16.06 -1.89
CA PRO A 23 -6.26 15.12 -2.83
C PRO A 23 -4.96 15.71 -3.39
N ARG A 24 -3.96 14.89 -3.59
CA ARG A 24 -2.68 15.41 -4.14
C ARG A 24 -2.61 15.12 -5.65
N LYS A 25 -3.06 16.04 -6.46
CA LYS A 25 -3.03 15.82 -7.93
C LYS A 25 -1.59 15.61 -8.38
N GLY A 26 -1.40 15.28 -9.64
CA GLY A 26 -0.02 15.05 -10.15
C GLY A 26 0.60 13.84 -9.45
N PRO A 27 0.14 12.67 -9.79
CA PRO A 27 0.64 11.39 -9.19
C PRO A 27 2.03 11.01 -9.75
N PRO A 28 2.61 9.96 -9.23
CA PRO A 28 3.94 9.47 -9.69
C PRO A 28 4.01 9.34 -11.22
N LYS A 29 5.20 9.25 -11.76
CA LYS A 29 5.33 9.12 -13.23
C LYS A 29 5.14 7.65 -13.63
N CYS A 30 4.33 7.40 -14.62
CA CYS A 30 4.10 5.98 -15.05
C CYS A 30 3.81 5.94 -16.55
N LYS A 31 3.88 4.79 -17.14
CA LYS A 31 3.61 4.67 -18.60
C LYS A 31 2.15 4.27 -18.81
N GLN A 32 1.91 3.04 -19.16
CA GLN A 32 0.50 2.59 -19.37
C GLN A 32 0.48 1.07 -19.58
N ARG A 33 -0.38 0.37 -18.89
CA ARG A 33 -0.45 -1.11 -19.05
C ARG A 33 -1.52 -1.46 -20.09
N GLN A 34 -2.60 -2.04 -19.66
CA GLN A 34 -3.68 -2.40 -20.61
C GLN A 34 -4.94 -2.82 -19.85
N THR A 35 -4.76 -3.47 -18.73
CA THR A 35 -5.93 -3.91 -17.92
C THR A 35 -5.46 -4.37 -16.53
N ARG A 36 -6.00 -5.46 -16.05
CA ARG A 36 -5.57 -5.97 -14.72
C ARG A 36 -5.77 -7.48 -14.67
N GLN A 37 -4.82 -8.23 -15.18
CA GLN A 37 -4.96 -9.72 -15.17
C GLN A 37 -4.89 -10.23 -13.73
N CYS A 38 -4.22 -11.32 -13.52
CA CYS A 38 -4.11 -11.90 -12.14
C CYS A 38 -5.50 -12.33 -11.66
N LYS A 39 -6.50 -11.53 -11.89
CA LYS A 39 -7.88 -11.90 -11.44
C LYS A 39 -7.86 -12.24 -9.95
N SER A 40 -7.52 -13.45 -9.60
CA SER A 40 -7.48 -13.84 -8.16
C SER A 40 -6.25 -14.71 -7.90
N LYS A 41 -5.62 -15.18 -8.94
CA LYS A 41 -4.40 -16.03 -8.75
C LYS A 41 -3.36 -15.24 -7.96
N PRO A 42 -2.53 -15.92 -7.19
CA PRO A 42 -1.48 -15.25 -6.38
C PRO A 42 -0.31 -14.76 -7.24
N PRO A 43 0.44 -13.80 -6.76
CA PRO A 43 1.60 -13.24 -7.51
C PRO A 43 2.80 -14.20 -7.50
N LYS A 44 3.59 -14.18 -8.55
CA LYS A 44 4.77 -15.09 -8.60
C LYS A 44 5.70 -14.79 -7.41
N LYS A 45 6.88 -15.32 -7.43
CA LYS A 45 7.83 -15.07 -6.31
C LYS A 45 8.24 -13.59 -6.30
N GLY A 46 7.51 -12.76 -5.61
CA GLY A 46 7.87 -11.32 -5.56
C GLY A 46 9.33 -11.17 -5.17
N VAL A 47 9.69 -11.63 -4.00
CA VAL A 47 11.12 -11.53 -3.56
C VAL A 47 11.67 -10.14 -3.88
N GLN A 48 11.34 -9.17 -3.08
CA GLN A 48 11.83 -7.77 -3.31
C GLN A 48 12.14 -7.55 -4.79
N GLY A 49 11.14 -7.30 -5.59
CA GLY A 49 11.37 -7.07 -7.05
C GLY A 49 10.54 -8.06 -7.86
N CYS A 50 9.29 -7.75 -8.09
CA CYS A 50 8.42 -8.68 -8.88
C CYS A 50 9.05 -8.91 -10.26
N GLY A 51 8.78 -8.04 -11.19
CA GLY A 51 9.35 -8.20 -12.56
C GLY A 51 10.55 -7.25 -12.73
N ASP A 52 10.31 -6.06 -13.20
CA ASP A 52 11.42 -5.08 -13.39
C ASP A 52 10.86 -3.66 -13.39
N ASP A 53 9.57 -3.52 -13.26
CA ASP A 53 8.97 -2.15 -13.25
C ASP A 53 8.74 -1.70 -11.80
N ILE A 54 9.72 -1.13 -11.18
CA ILE A 54 9.56 -0.66 -9.77
C ILE A 54 10.13 0.74 -9.63
N PRO A 55 9.38 1.74 -10.06
CA PRO A 55 9.80 3.16 -10.00
C PRO A 55 9.43 3.85 -8.68
N GLY A 56 8.17 4.16 -8.50
CA GLY A 56 7.74 4.85 -7.25
C GLY A 56 7.72 3.89 -6.06
N MET A 57 7.81 2.61 -6.31
CA MET A 57 7.79 1.64 -5.17
C MET A 57 9.19 1.54 -4.55
N GLU A 58 9.43 2.24 -3.49
CA GLU A 58 10.78 2.19 -2.85
C GLU A 58 10.73 2.92 -1.51
N GLY A 59 9.90 3.91 -1.40
CA GLY A 59 9.80 4.67 -0.11
C GLY A 59 9.03 3.84 0.91
N CYS A 60 9.10 2.55 0.81
CA CYS A 60 8.37 1.68 1.78
C CYS A 60 8.85 1.98 3.20
N GLY A 61 8.06 2.67 3.97
CA GLY A 61 8.46 2.99 5.36
C GLY A 61 7.68 4.22 5.85
N THR A 62 6.70 4.65 5.10
CA THR A 62 5.90 5.83 5.51
C THR A 62 4.42 5.44 5.57
N ASP A 63 4.03 4.77 6.62
CA ASP A 63 2.60 4.36 6.76
C ASP A 63 1.71 5.59 6.88
N ILE A 64 1.90 6.57 6.04
CA ILE A 64 1.06 7.81 6.11
C ILE A 64 0.92 8.40 4.71
N THR A 65 1.72 7.95 3.77
CA THR A 65 1.65 8.50 2.39
C THR A 65 1.56 7.33 1.39
N VAL A 66 2.52 7.19 0.52
CA VAL A 66 2.48 6.06 -0.45
C VAL A 66 2.11 4.78 0.32
N ILE A 67 2.35 4.78 1.60
CA ILE A 67 1.99 3.61 2.43
C ILE A 67 1.09 4.10 3.57
N CYS A 68 -0.08 3.54 3.69
CA CYS A 68 -1.02 3.98 4.77
C CYS A 68 -1.39 2.77 5.63
N PRO A 69 -1.83 3.01 6.85
CA PRO A 69 -2.22 1.93 7.79
C PRO A 69 -2.90 0.75 7.07
N TRP A 70 -3.51 0.98 5.96
CA TRP A 70 -4.18 -0.13 5.23
C TRP A 70 -3.10 -1.03 4.61
N GLU A 71 -1.89 -0.95 5.11
CA GLU A 71 -0.79 -1.80 4.58
C GLU A 71 -0.04 -2.45 5.73
N ALA A 72 -0.41 -2.12 6.95
CA ALA A 72 0.29 -2.72 8.12
C ALA A 72 -0.05 -4.21 8.21
N CYS A 73 -0.57 -4.80 7.16
CA CYS A 73 -0.91 -6.25 7.20
C CYS A 73 0.37 -7.07 7.34
N ASN A 74 1.39 -6.72 6.59
CA ASN A 74 2.67 -7.49 6.68
C ASN A 74 2.38 -8.97 6.38
N HIS A 75 1.50 -9.24 5.46
CA HIS A 75 1.18 -10.66 5.14
C HIS A 75 0.57 -10.74 3.74
N CYS A 76 0.81 -11.81 3.04
CA CYS A 76 0.25 -11.96 1.68
C CYS A 76 -1.14 -12.60 1.76
N GLU A 77 -2.08 -11.92 2.37
CA GLU A 77 -3.45 -12.49 2.49
C GLU A 77 -4.13 -12.45 1.12
N LEU A 78 -5.31 -13.02 1.02
CA LEU A 78 -6.03 -13.01 -0.27
C LEU A 78 -7.51 -13.37 -0.05
N HIS A 79 -7.96 -13.31 1.18
CA HIS A 79 -9.39 -13.62 1.49
C HIS A 79 -9.87 -12.73 2.63
N GLU A 80 -9.08 -12.59 3.66
CA GLU A 80 -9.49 -11.73 4.81
C GLU A 80 -9.80 -10.31 4.31
N LEU A 81 -8.93 -9.76 3.52
CA LEU A 81 -9.17 -8.37 3.00
C LEU A 81 -10.31 -8.41 1.98
N ALA A 82 -10.54 -9.54 1.39
CA ALA A 82 -11.65 -9.65 0.38
C ALA A 82 -12.99 -9.49 1.09
N GLN A 83 -13.03 -8.83 2.21
CA GLN A 83 -14.32 -8.66 2.93
C GLN A 83 -15.14 -7.55 2.25
N TYR A 84 -14.50 -6.47 1.88
CA TYR A 84 -15.24 -5.37 1.21
C TYR A 84 -14.25 -4.36 0.63
N GLY A 85 -13.11 -4.83 0.18
CA GLY A 85 -12.10 -3.90 -0.40
C GLY A 85 -12.67 -3.24 -1.65
N ILE A 86 -13.33 -4.00 -2.48
CA ILE A 86 -13.92 -3.42 -3.72
C ILE A 86 -12.84 -2.66 -4.49
N CYS A 87 -12.10 -3.32 -5.33
CA CYS A 87 -11.03 -2.63 -6.10
C CYS A 87 -11.67 -1.80 -7.22
C1C RCY B . -2.73 5.74 16.04
O1G RCY B . -1.53 5.29 19.91
O1H RCY B . -0.23 2.49 16.33
O1J RCY B . -3.18 7.56 18.40
C1L RCY B . -1.56 2.87 19.58
C1M RCY B . 0.46 6.53 17.77
C1P RCY B . -1.32 4.33 19.18
C1Q RCY B . -0.85 2.99 17.28
N1R RCY B . -0.81 4.43 17.74
C1S RCY B . -1.80 2.24 18.21
C1U RCY B . -0.36 5.67 16.96
C1V RCY B . -1.10 7.63 15.53
N1V RCY B . -1.86 7.22 17.88
C1W RCY B . -0.50 7.42 18.55
C1X RCY B . -1.53 6.57 16.54
C1Y RCY B . -0.08 8.90 18.44
C1Z RCY B . -0.60 7.00 20.02
H1S RCY B . -2.48 2.28 17.37
H1U RCY B . 0.19 5.36 16.08
C1C RCY C . -6.18 14.95 5.99
O1G RCY C . -8.47 10.53 4.20
O1H RCY C . -8.69 15.24 3.84
O1J RCY C . -3.31 14.85 5.07
C1L RCY C . -10.31 12.10 3.83
C1M RCY C . -5.75 12.51 3.24
C1P RCY C . -8.85 11.70 4.10
C1Q RCY C . -8.95 14.06 4.13
N1R RCY C . -7.95 12.92 4.23
C1S RCY C . -10.31 13.50 4.44
C1U RCY C . -6.43 12.99 4.40
C1V RCY C . -6.46 15.36 3.50
N1V RCY C . -4.42 14.19 4.37
C1W RCY C . -4.34 13.12 3.29
C1X RCY C . -5.91 14.41 4.58
C1Y RCY C . -3.97 13.76 1.94
C1Z RCY C . -3.30 12.07 3.70
H1S RCY C . -10.19 14.01 5.39
H1U RCY C . -6.14 12.39 5.26
C1C RCY D . -1.14 5.75 -12.43
O1G RCY D . 2.71 4.69 -13.74
O1H RCY D . 1.10 4.59 -14.20
O1J RCY D . -2.75 6.09 -9.91
C1L RCY D . 1.16 3.39 -12.81
C1M RCY D . 0.07 3.50 -9.75
C1P RCY D . 2.23 4.45 -12.64
C1Q RCY D . 1.61 3.90 -13.34
N1R RCY D . 1.15 3.55 -11.94
C1S RCY D . 2.02 4.26 -11.90
C1U RCY D . -0.11 3.83 -11.14
C1V RCY D . 0.69 6.20 -10.74
N1V RCY D . -1.52 5.31 -9.99
C1W RCY D . -0.98 4.30 -8.98
C1X RCY D . -0.49 5.30 -11.11
C1Y RCY D . -0.35 5.02 -7.79
C1Z RCY D . -2.13 3.40 -8.51
H1S RCY D . 1.49 5.16 -11.61
H1U RCY D . -0.92 3.25 -11.54
C1C RCY E . -1.85 -10.40 -4.17
O1G RCY E . -0.39 -13.16 -7.89
O1H RCY E . -2.91 -9.17 -7.74
O1J RCY E . 0.31 -8.60 -3.09
C1L RCY E . -2.35 -12.38 -9.12
C1M RCY E . 0.64 -9.59 -6.78
C1P RCY E . -1.24 -12.29 -8.08
C1Q RCY E . -2.59 -10.35 -7.82
N1R RCY E . -1.31 -10.99 -7.27
C1S RCY E . -3.40 -11.46 -8.46
C1U RCY E . -0.36 -10.45 -6.20
C1V RCY E . -1.93 -8.50 -5.84
N1V RCY E . 0.14 -8.93 -4.50
C1W RCY E . 1.14 -8.70 -5.64
C1X RCY E . -1.06 -9.56 -5.18
C1Y RCY E . 1.16 -7.23 -6.06
C1Z RCY E . 2.53 -9.13 -5.17
H1S RCY E . -4.02 -11.38 -7.59
H1U RCY E . 0.13 -11.27 -5.71
C1C RCY F . 3.10 -5.14 -5.20
O1G RCY F . 2.25 -4.93 -9.05
O1H RCY F . 5.55 -7.83 -7.33
O1J RCY F . 0.81 -3.78 -6.60
C1L RCY F . 4.58 -5.32 -9.63
C1M RCY F . 1.27 -7.51 -7.37
C1P RCY F . 3.30 -5.51 -8.82
C1Q RCY F . 4.98 -6.84 -7.80
N1R RCY F . 3.49 -6.52 -7.69
C1S RCY F . 5.63 -5.71 -8.57
C1U RCY F . 2.46 -7.08 -6.70
C1V RCY F . 1.18 -6.65 -4.56
N1V RCY F . 1.04 -5.22 -6.61
C1W RCY F . 0.39 -6.26 -7.52
C1X RCY F . 1.97 -6.02 -5.71
C1Y RCY F . -1.04 -6.56 -7.06
C1Z RCY F . 0.39 -5.75 -8.96
H1S RCY F . 6.01 -5.40 -7.61
H1U RCY F . 2.89 -7.90 -6.16
C1C RCY G . 7.60 3.56 -5.00
O1G RCY G . 9.64 5.16 -0.74
O1H RCY G . 9.65 1.05 -3.06
O1J RCY G . 9.09 4.61 -7.39
C1L RCY G . 9.52 2.82 -0.02
C1M RCY G . 11.11 4.37 -4.15
C1P RCY G . 9.59 3.97 -1.04
C1Q RCY G . 9.40 1.94 -2.26
N1R RCY G . 9.58 3.44 -2.47
C1S RCY G . 8.83 1.76 -0.86
C1U RCY G . 9.73 4.20 -3.78
C1V RCY G . 9.60 2.02 -5.04
N1V RCY G . 9.72 4.26 -6.12
C1W RCY G . 11.13 4.62 -5.65
C1X RCY G . 9.12 3.46 -4.97
C1Y RCY G . 12.17 3.72 -6.34
C1Z RCY G . 11.40 6.09 -5.98
H1S RCY G . 7.90 1.55 -1.38
H1U RCY G . 9.26 5.18 -3.69
C1C RCY H . 1.93 0.66 0.23
O1G RCY H . -1.18 0.57 0.16
O1H RCY H . 0.06 5.13 0.18
O1J RCY H . 0.02 -1.15 -1.23
C1L RCY H . -1.96 2.51 1.42
C1M RCY H . 0.34 2.41 -2.62
C1P RCY H . -1.08 1.76 0.42
C1Q RCY H . -0.28 4.00 0.53
N1R RCY H . -0.04 2.70 -0.22
C1S RCY H . -1.01 3.65 1.81
C1U RCY H . 0.97 2.41 -1.33
C1V RCY H . 2.80 0.86 -2.14
N1V RCY H . 0.43 0.17 -1.71
C1W RCY H . -0.21 0.99 -2.82
C1X RCY H . 1.59 1.01 -1.22
C1Y RCY H . 0.19 0.44 -4.20
C1Z RCY H . -1.73 0.97 -2.66
H1S RCY H . -0.05 3.83 2.29
H1U RCY H . 1.76 3.16 -1.31
C1C RCY I . -5.20 -8.96 3.27
O1G RCY I . -0.74 -8.27 1.08
O1H RCY I . -4.31 -6.70 3.74
O1J RCY I . -6.71 -6.51 2.38
C1L RCY I . -0.85 -6.80 3.02
C1M RCY I . -4.19 -7.91 -0.14
C1P RCY I . -1.42 -7.68 1.91
C1Q RCY I . -3.26 -6.76 3.10
N1R RCY I . -2.95 -7.74 1.97
C1S RCY I . -2.04 -5.87 3.27
C1U RCY I . -3.92 -8.56 1.12
C1V RCY I . -6.15 -9.75 1.05
N1V RCY I . -5.85 -7.30 1.50
C1W RCY I . -5.32 -6.92 0.12
C1X RCY I . -5.30 -8.70 1.76
C1Y RCY I . -6.42 -7.07 -0.93
C1Z RCY I . -4.81 -5.49 0.17
H1S RCY I . -2.65 -5.12 2.78
H1U RCY I . -3.51 -9.54 0.94
C1C RCY J . 0.36 -8.40 -1.28
O1G RCY J . 3.85 -7.42 2.43
O1H RCY J . 1.05 -10.16 -0.21
O1J RCY J . -1.84 -9.14 0.64
C1L RCY J . 3.86 -9.82 1.90
C1M RCY J . 0.61 -6.46 1.86
C1P RCY J . 3.32 -8.38 1.88
C1Q RCY J . 1.76 -9.74 0.69
N1R RCY J . 2.02 -8.29 1.06
C1S RCY J . 2.56 -10.60 1.67
C1U RCY J . 1.19 -7.05 0.69
C1V RCY J . -0.63 -6.12 -0.79
N1V RCY J . -0.93 -8.01 0.83
C1W RCY J . -0.70 -7.21 2.10
C1X RCY J . 0.00 -7.38 -0.19
C1Y RCY J . -1.85 -6.22 2.32
C1Z RCY J . -0.58 -8.16 3.29
H1S RCY J . 1.60 -10.79 2.13
H1U RCY J . 1.82 -6.33 0.20
C1C RCY K . -6.93 1.11 -2.19
O1G RCY K . -10.61 -1.43 -1.52
O1H RCY K . -6.67 -2.97 -3.62
O1J RCY K . -4.85 1.26 -0.02
C1L RCY K . -10.19 -2.82 -3.49
C1M RCY K . -6.75 -2.05 -0.29
C1P RCY K . -9.81 -1.94 -2.29
C1Q RCY K . -7.80 -2.52 -3.43
N1R RCY K . -8.29 -1.80 -2.17
C1S RCY K . -8.96 -2.60 -4.39
C1U RCY K . -7.47 -1.10 -1.09
C1V RCY K . -5.53 -0.94 -2.71
N1V RCY K . -5.54 0.03 -0.41
C1W RCY K . -5.59 -1.28 0.35
C1X RCY K . -6.37 -0.21 -1.67
C1Y RCY K . -4.27 -2.06 0.17
C1Z RCY K . -5.85 -1.00 1.83
H1S RCY K . -8.44 -1.83 -4.93
H1U RCY K . -8.12 -0.52 -0.46
N MET A 1 -7.07 -17.37 24.08
CA MET A 1 -7.83 -17.72 22.84
C MET A 1 -7.05 -17.21 21.61
N ASN A 2 -6.06 -17.94 21.19
CA ASN A 2 -5.27 -17.49 20.00
C ASN A 2 -4.80 -16.04 20.21
N LEU A 3 -4.03 -15.54 19.29
CA LEU A 3 -3.54 -14.13 19.43
C LEU A 3 -3.59 -13.45 18.05
N GLU A 4 -4.66 -13.66 17.33
CA GLU A 4 -4.77 -13.02 15.98
C GLU A 4 -4.42 -11.53 16.09
N PRO A 5 -3.93 -10.94 15.03
CA PRO A 5 -3.56 -9.50 15.03
C PRO A 5 -4.79 -8.58 15.19
N PRO A 6 -4.81 -7.76 16.21
CA PRO A 6 -5.96 -6.85 16.46
C PRO A 6 -5.93 -5.62 15.56
N LYS A 7 -7.07 -5.06 15.27
CA LYS A 7 -7.11 -3.85 14.39
C LYS A 7 -6.27 -2.74 15.02
N ALA A 8 -6.86 -1.98 15.91
CA ALA A 8 -6.10 -0.88 16.57
C ALA A 8 -6.97 -0.23 17.64
N GLU A 9 -6.49 -0.18 18.85
CA GLU A 9 -7.30 0.44 19.94
C GLU A 9 -7.31 1.96 19.76
N CYS A 10 -7.64 2.43 18.59
CA CYS A 10 -7.66 3.90 18.34
C CYS A 10 -8.84 4.23 17.42
N ARG A 11 -9.42 5.39 17.57
CA ARG A 11 -10.57 5.78 16.71
C ARG A 11 -10.05 6.28 15.36
N SER A 12 -10.90 6.35 14.37
CA SER A 12 -10.47 6.83 13.03
C SER A 12 -11.49 7.86 12.51
N ALA A 13 -12.71 7.44 12.32
CA ALA A 13 -13.75 8.38 11.83
C ALA A 13 -13.26 9.08 10.56
N THR A 14 -13.80 8.70 9.41
CA THR A 14 -13.37 9.34 8.14
C THR A 14 -14.48 9.20 7.10
N ARG A 15 -15.14 10.28 6.77
CA ARG A 15 -16.22 10.21 5.76
C ARG A 15 -15.64 9.84 4.38
N VAL A 16 -15.09 8.66 4.27
CA VAL A 16 -14.50 8.22 2.97
C VAL A 16 -13.76 9.39 2.30
N MET A 17 -13.39 10.38 3.05
CA MET A 17 -12.66 11.55 2.46
C MET A 17 -12.50 12.63 3.53
N GLY A 18 -11.84 13.72 3.20
CA GLY A 18 -11.65 14.80 4.20
C GLY A 18 -11.33 16.11 3.49
N GLY A 19 -11.76 17.21 4.05
CA GLY A 19 -11.49 18.54 3.40
C GLY A 19 -10.02 18.90 3.59
N PRO A 20 -9.53 18.76 4.80
CA PRO A 20 -8.11 19.09 5.14
C PRO A 20 -7.12 18.19 4.39
N CYS A 21 -7.34 17.98 3.12
CA CYS A 21 -6.43 17.11 2.33
C CYS A 21 -6.14 17.77 0.98
N THR A 22 -4.90 17.94 0.63
CA THR A 22 -4.57 18.59 -0.68
C THR A 22 -4.53 17.52 -1.77
N PRO A 23 -5.09 17.80 -2.93
CA PRO A 23 -5.09 16.84 -4.06
C PRO A 23 -3.71 16.74 -4.74
N ARG A 24 -3.34 15.55 -5.16
CA ARG A 24 -2.00 15.36 -5.82
C ARG A 24 -1.38 16.71 -6.19
N LYS A 25 -0.69 17.32 -5.26
CA LYS A 25 -0.06 18.64 -5.53
C LYS A 25 1.17 18.44 -6.43
N GLY A 26 1.85 17.34 -6.28
CA GLY A 26 3.06 17.09 -7.12
C GLY A 26 2.63 16.83 -8.56
N PRO A 27 3.57 16.45 -9.39
CA PRO A 27 3.30 16.16 -10.83
C PRO A 27 2.12 15.20 -11.01
N PRO A 28 1.53 15.15 -12.18
CA PRO A 28 0.38 14.25 -12.47
C PRO A 28 0.58 12.87 -11.85
N LYS A 29 -0.41 12.37 -11.15
CA LYS A 29 -0.28 11.03 -10.51
C LYS A 29 0.26 10.03 -11.55
N CYS A 30 -0.54 9.68 -12.52
CA CYS A 30 -0.08 8.71 -13.56
C CYS A 30 -1.11 8.63 -14.67
N LYS A 31 -2.29 9.16 -14.44
CA LYS A 31 -3.34 9.14 -15.49
C LYS A 31 -3.38 7.77 -16.18
N GLN A 32 -4.24 6.89 -15.72
CA GLN A 32 -4.32 5.55 -16.36
C GLN A 32 -5.52 4.79 -15.79
N ARG A 33 -5.87 5.07 -14.56
CA ARG A 33 -7.02 4.39 -13.89
C ARG A 33 -7.24 2.98 -14.45
N GLN A 34 -7.04 1.98 -13.64
CA GLN A 34 -7.24 0.58 -14.11
C GLN A 34 -6.37 0.32 -15.35
N THR A 35 -5.17 -0.16 -15.14
CA THR A 35 -4.28 -0.44 -16.30
C THR A 35 -4.70 -1.76 -16.95
N ARG A 36 -3.88 -2.77 -16.84
CA ARG A 36 -4.26 -4.08 -17.44
C ARG A 36 -5.56 -4.58 -16.81
N GLN A 37 -5.50 -4.96 -15.56
CA GLN A 37 -6.72 -5.45 -14.87
C GLN A 37 -6.49 -5.44 -13.36
N CYS A 38 -5.45 -6.08 -12.90
CA CYS A 38 -5.16 -6.11 -11.44
C CYS A 38 -6.45 -6.41 -10.68
N LYS A 39 -7.27 -7.29 -11.20
CA LYS A 39 -8.55 -7.63 -10.51
C LYS A 39 -8.27 -7.88 -9.02
N SER A 40 -7.61 -8.95 -8.70
CA SER A 40 -7.31 -9.25 -7.27
C SER A 40 -6.43 -10.50 -7.18
N LYS A 41 -6.75 -11.52 -7.92
CA LYS A 41 -5.93 -12.77 -7.87
C LYS A 41 -4.43 -12.39 -7.98
N PRO A 42 -3.63 -12.78 -7.02
CA PRO A 42 -2.17 -12.46 -7.02
C PRO A 42 -1.39 -13.38 -7.98
N PRO A 43 -0.22 -12.97 -8.38
CA PRO A 43 0.64 -13.76 -9.30
C PRO A 43 1.18 -15.04 -8.64
N LYS A 44 1.21 -16.12 -9.37
CA LYS A 44 1.71 -17.40 -8.78
C LYS A 44 3.05 -17.15 -8.10
N LYS A 45 3.95 -16.46 -8.76
CA LYS A 45 5.28 -16.20 -8.15
C LYS A 45 5.13 -15.18 -7.00
N GLY A 46 6.21 -14.83 -6.38
CA GLY A 46 6.13 -13.85 -5.24
C GLY A 46 7.23 -14.17 -4.23
N VAL A 47 7.88 -15.29 -4.37
CA VAL A 47 8.96 -15.66 -3.40
C VAL A 47 10.30 -15.12 -3.91
N GLN A 48 10.44 -14.96 -5.20
CA GLN A 48 11.73 -14.43 -5.75
C GLN A 48 11.43 -13.56 -6.97
N GLY A 49 11.75 -12.29 -6.89
CA GLY A 49 11.50 -11.38 -8.03
C GLY A 49 12.20 -10.05 -7.80
N CYS A 50 12.42 -9.70 -6.56
CA CYS A 50 13.09 -8.40 -6.25
C CYS A 50 13.51 -8.39 -4.78
N GLY A 51 14.27 -7.42 -4.38
CA GLY A 51 14.71 -7.35 -2.96
C GLY A 51 15.88 -6.35 -2.83
N ASP A 52 16.41 -5.91 -3.93
CA ASP A 52 17.54 -4.94 -3.86
C ASP A 52 17.82 -4.37 -5.26
N ASP A 53 17.41 -3.16 -5.51
CA ASP A 53 17.65 -2.55 -6.85
C ASP A 53 17.25 -1.07 -6.81
N ILE A 54 17.44 -0.36 -7.88
CA ILE A 54 17.08 1.08 -7.91
C ILE A 54 15.97 1.30 -8.95
N PRO A 55 14.73 1.30 -8.52
CA PRO A 55 13.57 1.50 -9.43
C PRO A 55 13.26 2.97 -9.66
N GLY A 56 13.62 3.81 -8.72
CA GLY A 56 13.35 5.27 -8.89
C GLY A 56 13.92 6.02 -7.69
N MET A 57 15.17 6.40 -7.76
CA MET A 57 15.80 7.14 -6.62
C MET A 57 15.12 8.50 -6.46
N GLU A 58 13.83 8.52 -6.24
CA GLU A 58 13.12 9.81 -6.07
C GLU A 58 11.86 9.58 -5.22
N GLY A 59 12.03 9.24 -3.97
CA GLY A 59 10.86 9.01 -3.08
C GLY A 59 10.79 7.53 -2.71
N CYS A 60 11.57 6.71 -3.36
CA CYS A 60 11.55 5.25 -3.04
C CYS A 60 12.76 4.57 -3.69
N GLY A 61 13.78 4.32 -2.93
CA GLY A 61 14.99 3.65 -3.49
C GLY A 61 15.80 3.02 -2.35
N THR A 62 15.92 3.71 -1.25
CA THR A 62 16.69 3.16 -0.09
C THR A 62 15.76 3.02 1.12
N ASP A 63 15.12 4.09 1.50
CA ASP A 63 14.19 4.03 2.67
C ASP A 63 12.96 3.21 2.30
N ILE A 64 13.15 2.01 1.84
CA ILE A 64 11.98 1.16 1.46
C ILE A 64 12.47 -0.26 1.17
N THR A 65 13.77 -0.45 1.13
CA THR A 65 14.32 -1.81 0.86
C THR A 65 13.43 -2.87 1.51
N VAL A 66 12.92 -2.57 2.68
CA VAL A 66 12.04 -3.55 3.38
C VAL A 66 11.02 -2.79 4.23
N ILE A 67 11.40 -1.66 4.78
CA ILE A 67 10.45 -0.87 5.61
C ILE A 67 10.58 0.61 5.25
N CYS A 68 9.56 1.17 4.66
CA CYS A 68 9.61 2.61 4.28
C CYS A 68 8.86 3.44 5.34
N PRO A 69 9.18 4.70 5.46
CA PRO A 69 8.50 5.58 6.45
C PRO A 69 6.98 5.55 6.26
N TRP A 70 6.52 5.78 5.07
CA TRP A 70 5.05 5.73 4.81
C TRP A 70 4.63 4.27 4.63
N GLU A 71 5.03 3.41 5.52
CA GLU A 71 4.66 1.97 5.40
C GLU A 71 4.61 1.36 6.81
N ALA A 72 5.14 2.04 7.77
CA ALA A 72 5.12 1.51 9.16
C ALA A 72 3.72 1.68 9.74
N CYS A 73 2.90 2.50 9.12
CA CYS A 73 1.52 2.71 9.63
C CYS A 73 0.82 1.35 9.77
N ASN A 74 0.85 0.55 8.74
CA ASN A 74 0.19 -0.79 8.82
C ASN A 74 0.76 -1.69 7.72
N HIS A 75 -0.08 -2.40 7.01
CA HIS A 75 0.41 -3.30 5.93
C HIS A 75 -0.72 -3.57 4.93
N CYS A 76 -1.76 -4.24 5.39
CA CYS A 76 -2.91 -4.55 4.50
C CYS A 76 -2.39 -4.96 3.11
N GLU A 77 -2.07 -6.21 2.92
CA GLU A 77 -1.59 -6.66 1.59
C GLU A 77 -2.73 -6.53 0.57
N LEU A 78 -3.94 -6.69 1.02
CA LEU A 78 -5.11 -6.57 0.12
C LEU A 78 -6.39 -6.68 0.95
N HIS A 79 -6.70 -7.86 1.42
CA HIS A 79 -7.93 -8.05 2.25
C HIS A 79 -8.06 -9.52 2.64
N GLU A 80 -6.96 -10.18 2.94
CA GLU A 80 -7.05 -11.61 3.33
C GLU A 80 -5.69 -12.11 3.84
N LEU A 81 -4.66 -12.05 3.03
CA LEU A 81 -3.32 -12.53 3.49
C LEU A 81 -2.55 -11.38 4.12
N ALA A 82 -3.22 -10.36 4.57
CA ALA A 82 -2.50 -9.21 5.19
C ALA A 82 -1.79 -9.68 6.47
N GLN A 83 -2.28 -9.26 7.61
CA GLN A 83 -1.63 -9.66 8.89
C GLN A 83 -0.25 -9.03 8.99
N TYR A 84 0.50 -9.03 7.91
CA TYR A 84 1.86 -8.43 7.93
C TYR A 84 2.18 -7.89 6.53
N GLY A 85 1.70 -8.55 5.51
CA GLY A 85 1.96 -8.09 4.11
C GLY A 85 3.44 -7.73 3.93
N ILE A 86 4.21 -8.61 3.35
CA ILE A 86 5.65 -8.33 3.13
C ILE A 86 5.83 -7.58 1.81
N CYS A 87 5.91 -6.27 1.88
CA CYS A 87 6.08 -5.48 0.63
C CYS A 87 7.55 -5.49 0.22
C1C RCY B . -5.48 6.00 13.60
O1G RCY B . -1.09 4.90 16.25
O1H RCY B . -5.65 5.96 15.66
O1J RCY B . -4.93 8.94 13.93
C1L RCY B . -3.00 5.00 17.78
C1M RCY B . -1.85 6.68 13.62
C1P RCY B . -2.28 5.14 16.43
C1Q RCY B . -4.51 5.87 16.12
N1R RCY B . -3.23 5.63 15.34
C1S RCY B . -4.13 6.01 17.59
C1U RCY B . -2.97 5.81 13.85
C1V RCY B . -3.98 6.44 11.61
N1V RCY B . -3.91 7.95 13.60
C1W RCY B . -2.39 8.11 13.65
C1X RCY B . -4.13 6.52 13.13
C1Y RCY B . -1.89 8.91 12.45
C1Z RCY B . -2.00 8.82 14.96
H1S RCY B . -4.31 7.06 17.43
H1U RCY B . -2.80 4.86 13.38
C1C RCY C . -3.64 15.19 -0.97
O1G RCY C . -6.68 11.93 2.01
O1H RCY C . -4.48 11.30 2.27
O1J RCY C . -1.21 13.79 -2.08
C1L RCY C . -4.25 12.54 2.03
C1M RCY C . -2.90 12.09 0.92
C1P RCY C . -5.75 12.66 2.32
C1Q RCY C . -5.28 12.23 2.29
N1R RCY C . -4.83 13.49 1.48
C1S RCY C . -5.37 13.58 1.72
C1U RCY C . -3.45 13.42 0.82
C1V RCY C . -4.56 12.87 -1.38
N1V RCY C . -2.10 13.22 -1.08
C1W RCY C . -1.85 12.00 -0.20
C1X RCY C . -3.48 13.70 -0.68
C1Y RCY C . -2.04 10.70 -0.99
C1Z RCY C . -0.43 12.07 0.38
H1S RCY C . -6.32 13.40 1.23
H1U RCY C . -2.79 14.12 1.31
C1C RCY D . 0.51 0.06 -11.03
O1G RCY D . 1.32 2.40 -12.55
O1H RCY D . -1.54 5.03 -9.86
O1J RCY D . -0.41 -1.36 -8.55
C1L RCY D . 0.28 4.58 -12.86
C1M RCY D . -0.99 2.43 -8.61
C1P RCY D . 0.57 3.27 -12.12
C1Q RCY D . -1.02 4.46 -10.82
N1R RCY D . -0.18 3.19 -10.79
C1S RCY D . -1.10 4.90 -12.28
C1U RCY D . -0.10 2.13 -9.70
C1V RCY D . -1.91 0.83 -10.90
N1V RCY D . -0.71 0.03 -8.86
C1W RCY D . -1.26 1.10 -7.90
C1X RCY D . -0.56 0.75 -10.18
C1Y RCY D . -2.75 0.90 -7.67
C1Z RCY D . -0.49 1.01 -6.57
H1S RCY D . -2.12 4.53 -12.22
H1U RCY D . 0.91 2.06 -9.33
C1C RCY E . -1.97 -9.36 -5.84
O1G RCY E . -4.01 -10.02 -8.91
O1H RCY E . -4.14 -5.94 -6.53
O1J RCY E . -2.11 -6.86 -4.18
C1L RCY E . -3.77 -7.69 -9.58
C1M RCY E . -5.48 -8.48 -5.05
C1P RCY E . -4.02 -8.84 -8.59
C1Q RCY E . -4.30 -6.81 -7.40
N1R RCY E . -4.29 -8.32 -7.18
C1S RCY E . -4.53 -6.56 -8.88
C1U RCY E . -4.50 -9.10 -5.89
C1V RCY E . -3.37 -10.16 -3.88
N1V RCY E . -3.26 -7.72 -4.45
C1W RCY E . -4.73 -7.41 -4.24
C1X RCY E . -3.24 -9.14 -5.01
C1Y RCY E . -5.09 -7.53 -2.75
C1Z RCY E . -5.04 -6.01 -4.76
H1S RCY E . -5.53 -6.27 -8.56
H1U RCY E . -4.81 -10.11 -6.12
C1C RCY F . 7.07 -4.58 -7.06
O1G RCY F . 8.07 -9.42 -9.35
O1H RCY F . 9.78 -5.76 -6.92
O1J RCY F . 4.50 -5.07 -5.58
C1L RCY F . 10.33 -8.56 -9.01
C1M RCY F . 6.25 -8.19 -6.97
C1P RCY F . 8.80 -8.57 -8.87
C1Q RCY F . 9.59 -6.60 -7.79
N1R RCY F . 8.30 -7.38 -8.04
C1S RCY F . 10.60 -7.05 -8.84
C1U RCY F . 6.88 -7.05 -7.58
C1V RCY F . 7.83 -6.30 -5.35
N1V RCY F . 5.41 -6.14 -6.01
C1W RCY F . 5.14 -7.64 -6.08
C1X RCY F . 6.85 -5.98 -6.49
C1Y RCY F . 5.19 -8.26 -4.69
C1Z RCY F . 3.76 -7.86 -6.72
H1S RCY F . 10.39 -6.10 -9.30
H1U RCY F . 6.29 -6.73 -8.42
C1C RCY G . 4.38 3.06 -7.01
O1G RCY G . 6.27 1.63 -4.89
O1H RCY G . 7.35 6.22 -4.95
O1J RCY G . 3.89 0.80 -5.09
C1L RCY G . 8.39 2.85 -5.00
C1M RCY G . 4.23 4.28 -3.52
C1P RCY G . 6.87 2.70 -4.95
C1Q RCY G . 7.34 5.02 -5.18
N1R RCY G . 6.17 4.06 -4.99
C1S RCY G . 8.50 4.20 -5.72
C1U RCY G . 4.68 4.39 -4.88
C1V RCY G . 2.35 3.92 -5.76
N1V RCY G . 3.85 2.21 -4.71
C1W RCY G . 3.87 2.80 -3.31
C1X RCY G . 3.79 3.41 -5.64
C1Y RCY G . 2.49 2.67 -2.65
C1Z RCY G . 4.93 2.09 -2.47
H1S RCY G . 8.28 4.68 -6.65
H1U RCY G . 4.50 5.40 -5.23
C1C RCY H . 3.94 5.98 -0.82
O1G RCY H . 3.54 1.86 -0.04
O1H RCY H . 7.14 4.87 0.48
O1J RCY H . 6.71 7.17 -1.01
C1L RCY H . 5.04 2.37 1.83
C1M RCY H . 6.24 3.76 -2.69
C1P RCY H . 4.50 2.49 0.39
C1Q RCY H . 6.43 3.86 0.53
N1R RCY H . 5.31 3.48 -0.43
C1S RCY H . 6.50 2.78 1.59
C1U RCY H . 5.08 3.97 -1.86
C1V RCY H . 4.34 5.91 -3.31
N1V RCY H . 6.27 5.98 -1.74
C1W RCY H . 7.15 4.97 -2.47
C1X RCY H . 4.85 5.48 -1.94
C1Y RCY H . 7.61 5.54 -3.81
C1Z RCY H . 8.34 4.61 -1.59
H1S RCY H . 7.40 2.47 1.07
H1U RCY H . 4.23 3.46 -2.29
C1C RCY I . -3.97 2.80 3.93
O1G RCY I . -1.40 0.41 5.29
O1H RCY I . 0.30 4.78 4.72
O1J RCY I . -4.62 2.15 1.06
C1L RCY I . 0.08 1.82 6.63
C1M RCY I . -0.89 2.07 2.00
C1P RCY I . -0.79 1.46 5.42
C1Q RCY I . 0.20 3.57 4.99
N1R RCY I . -0.79 2.59 4.38
C1S RCY I . 1.05 2.81 5.99
C1U RCY I . -1.58 2.71 3.08
C1V RCY I . -2.80 0.57 3.67
N1V RCY I . -3.29 1.98 1.66
C1W RCY I . -1.97 1.75 0.94
C1X RCY I . -2.93 2.00 3.14
C1Y RCY I . -1.85 0.30 0.47
C1Z RCY I . -1.87 2.71 -0.25
H1S RCY I . 1.81 2.88 5.23
H1U RCY I . -1.73 3.76 2.84
C1C RCY J . -0.71 2.75 7.90
O1G RCY J . -2.97 0.85 7.58
O1H RCY J . -1.47 0.51 3.11
O1J RCY J . -0.56 5.72 7.44
C1L RCY J . -3.12 -0.91 5.89
C1M RCY J . -2.07 3.65 4.58
C1P RCY J . -2.75 0.47 6.43
C1Q RCY J . -2.16 0.43 4.13
N1R RCY J . -2.06 1.33 5.36
C1S RCY J . -3.25 -0.59 4.39
C1U RCY J . -1.45 2.72 5.47
C1V RCY J . -3.12 3.26 7.30
N1V RCY J . -1.28 4.79 6.57
C1W RCY J . -1.80 5.04 5.15
C1X RCY J . -1.65 3.34 6.85
C1Y RCY J . -3.09 5.87 5.20
C1Z RCY J . -0.73 5.78 4.35
H1S RCY J . -3.82 0.01 3.70
H1U RCY J . -0.39 2.66 5.27
C1C RCY K . -0.01 -1.92 -2.30
O1G RCY K . 2.60 -5.15 -3.54
O1H RCY K . 0.92 -4.04 0.74
O1J RCY K . 0.99 -2.42 -5.09
C1L RCY K . 3.66 -4.83 -1.35
C1M RCY K . -0.42 -5.47 -3.24
C1P RCY K . 2.49 -4.86 -2.35
C1Q RCY K . 1.63 -4.09 -0.27
N1R RCY K . 1.17 -4.47 -1.68
C1S RCY K . 3.12 -3.82 -0.34
C1U RCY K . -0.24 -4.44 -2.26
C1V RCY K . -2.04 -3.03 -3.35
N1V RCY K . 0.24 -3.39 -4.30
C1W RCY K . 0.09 -4.89 -4.57
C1X RCY K . -0.55 -3.16 -3.02
C1Y RCY K . -0.93 -5.13 -5.69
C1Z RCY K . 1.45 -5.48 -4.94
H1S RCY K . 2.83 -2.79 -0.26
H1U RCY K . -0.96 -4.57 -1.46
N MET A 1 0.20 1.30 21.19
CA MET A 1 -0.66 2.25 20.44
C MET A 1 -2.05 2.27 21.07
N ASN A 2 -2.37 1.29 21.88
CA ASN A 2 -3.71 1.24 22.52
C ASN A 2 -3.54 1.24 24.04
N LEU A 3 -4.50 0.69 24.75
CA LEU A 3 -4.39 0.66 26.24
C LEU A 3 -4.60 2.07 26.80
N GLU A 4 -3.82 3.02 26.37
CA GLU A 4 -3.97 4.41 26.88
C GLU A 4 -5.05 5.15 26.05
N PRO A 5 -5.77 6.05 26.66
CA PRO A 5 -6.82 6.83 25.96
C PRO A 5 -6.41 7.24 24.54
N PRO A 6 -7.13 6.82 23.53
CA PRO A 6 -6.80 7.16 22.13
C PRO A 6 -7.26 8.57 21.75
N LYS A 7 -6.53 9.24 20.89
CA LYS A 7 -6.93 10.63 20.49
C LYS A 7 -6.75 10.78 18.98
N ALA A 8 -6.28 11.92 18.54
CA ALA A 8 -6.08 12.14 17.09
C ALA A 8 -4.90 11.28 16.59
N GLU A 9 -4.28 10.56 17.48
CA GLU A 9 -3.12 9.70 17.09
C GLU A 9 -2.35 10.32 15.91
N CYS A 10 -1.89 11.53 16.07
CA CYS A 10 -1.14 12.20 14.97
C CYS A 10 -0.17 13.21 15.57
N ARG A 11 -0.40 13.64 16.77
CA ARG A 11 0.51 14.63 17.41
C ARG A 11 1.91 14.04 17.52
N SER A 12 2.93 14.84 17.33
CA SER A 12 4.32 14.32 17.42
C SER A 12 4.48 13.52 18.72
N ALA A 13 4.43 12.22 18.62
CA ALA A 13 4.58 11.36 19.84
C ALA A 13 5.59 10.25 19.56
N THR A 14 6.14 10.24 18.38
CA THR A 14 7.14 9.19 18.02
C THR A 14 7.92 9.64 16.79
N ARG A 15 8.63 8.74 16.16
CA ARG A 15 9.42 9.13 14.95
C ARG A 15 9.50 7.93 14.00
N VAL A 16 9.44 8.16 12.72
CA VAL A 16 9.53 7.04 11.75
C VAL A 16 10.20 7.53 10.45
N MET A 17 9.82 8.69 9.99
CA MET A 17 10.43 9.23 8.74
C MET A 17 11.60 10.15 9.10
N GLY A 18 12.66 10.11 8.35
CA GLY A 18 13.82 10.99 8.64
C GLY A 18 15.07 10.46 7.93
N GLY A 19 15.97 9.86 8.65
CA GLY A 19 17.21 9.32 8.02
C GLY A 19 16.95 7.87 7.55
N PRO A 20 16.62 7.00 8.46
CA PRO A 20 16.36 5.57 8.14
C PRO A 20 15.44 5.41 6.93
N CYS A 21 14.34 6.12 6.90
CA CYS A 21 13.41 6.00 5.73
C CYS A 21 13.79 7.04 4.68
N THR A 22 14.54 6.64 3.68
CA THR A 22 14.94 7.60 2.62
C THR A 22 13.67 8.25 2.04
N PRO A 23 13.75 9.51 1.66
CA PRO A 23 12.59 10.24 1.08
C PRO A 23 12.12 9.65 -0.24
N ARG A 24 10.94 9.99 -0.68
CA ARG A 24 10.42 9.45 -1.96
C ARG A 24 11.53 9.51 -3.03
N LYS A 25 11.86 10.69 -3.48
CA LYS A 25 12.93 10.82 -4.51
C LYS A 25 14.17 10.05 -4.06
N GLY A 26 14.28 8.81 -4.44
CA GLY A 26 15.47 7.99 -4.03
C GLY A 26 15.56 6.75 -4.90
N PRO A 27 15.88 5.61 -4.33
CA PRO A 27 16.00 4.33 -5.09
C PRO A 27 14.81 4.11 -6.03
N PRO A 28 14.97 3.29 -7.03
CA PRO A 28 13.89 3.00 -8.01
C PRO A 28 12.52 2.87 -7.34
N LYS A 29 11.50 3.34 -7.99
CA LYS A 29 10.13 3.25 -7.38
C LYS A 29 9.07 3.30 -8.48
N CYS A 30 9.49 3.39 -9.72
CA CYS A 30 8.50 3.44 -10.83
C CYS A 30 9.21 3.17 -12.16
N LYS A 31 9.34 4.18 -12.98
CA LYS A 31 10.03 3.98 -14.29
C LYS A 31 9.24 3.00 -15.16
N GLN A 32 8.37 2.23 -14.55
CA GLN A 32 7.56 1.25 -15.33
C GLN A 32 6.13 1.77 -15.47
N ARG A 33 5.19 0.90 -15.70
CA ARG A 33 3.79 1.36 -15.86
C ARG A 33 2.84 0.15 -15.92
N GLN A 34 3.37 -1.03 -16.08
CA GLN A 34 2.48 -2.24 -16.15
C GLN A 34 3.35 -3.50 -16.20
N THR A 35 3.31 -4.29 -15.16
CA THR A 35 4.13 -5.55 -15.15
C THR A 35 3.31 -6.67 -15.79
N ARG A 36 2.85 -7.61 -15.02
CA ARG A 36 2.04 -8.72 -15.60
C ARG A 36 1.42 -9.56 -14.48
N GLN A 37 0.63 -8.96 -13.63
CA GLN A 37 -0.01 -9.72 -12.53
C GLN A 37 -1.17 -8.89 -11.95
N CYS A 38 -2.15 -9.56 -11.40
CA CYS A 38 -3.31 -8.83 -10.82
C CYS A 38 -4.10 -8.13 -11.94
N LYS A 39 -4.39 -8.84 -13.00
CA LYS A 39 -5.16 -8.21 -14.11
C LYS A 39 -6.66 -8.44 -13.89
N SER A 40 -7.04 -8.74 -12.68
CA SER A 40 -8.48 -8.99 -12.39
C SER A 40 -8.75 -8.79 -10.89
N LYS A 41 -8.43 -9.77 -10.10
CA LYS A 41 -8.66 -9.65 -8.63
C LYS A 41 -7.30 -9.60 -7.91
N PRO A 42 -7.27 -9.03 -6.73
CA PRO A 42 -6.02 -8.92 -5.92
C PRO A 42 -5.47 -10.30 -5.52
N PRO A 43 -4.21 -10.35 -5.14
CA PRO A 43 -3.54 -11.61 -4.70
C PRO A 43 -3.95 -12.04 -3.30
N LYS A 44 -3.66 -13.26 -2.92
CA LYS A 44 -4.02 -13.74 -1.56
C LYS A 44 -5.51 -14.09 -1.53
N LYS A 45 -6.13 -13.98 -0.39
CA LYS A 45 -7.58 -14.33 -0.29
C LYS A 45 -8.43 -13.16 -0.81
N GLY A 46 -8.42 -12.93 -2.10
CA GLY A 46 -9.23 -11.81 -2.67
C GLY A 46 -10.21 -12.36 -3.70
N VAL A 47 -9.72 -13.08 -4.68
CA VAL A 47 -10.60 -13.67 -5.74
C VAL A 47 -11.89 -12.85 -5.90
N GLN A 48 -11.79 -11.54 -5.90
CA GLN A 48 -13.01 -10.70 -6.05
C GLN A 48 -12.99 -10.03 -7.42
N GLY A 49 -12.27 -8.95 -7.55
CA GLY A 49 -12.23 -8.25 -8.88
C GLY A 49 -11.76 -6.80 -8.68
N CYS A 50 -11.37 -6.15 -9.75
CA CYS A 50 -10.91 -4.74 -9.63
C CYS A 50 -11.10 -4.03 -10.98
N GLY A 51 -10.18 -4.19 -11.88
CA GLY A 51 -10.30 -3.54 -13.21
C GLY A 51 -10.49 -2.03 -13.02
N ASP A 52 -11.71 -1.56 -13.11
CA ASP A 52 -11.97 -0.10 -12.94
C ASP A 52 -11.20 0.69 -13.99
N ASP A 53 -11.87 1.57 -14.69
CA ASP A 53 -11.17 2.37 -15.73
C ASP A 53 -10.42 1.45 -16.68
N ILE A 54 -9.24 1.84 -17.11
CA ILE A 54 -8.45 0.99 -18.04
C ILE A 54 -7.26 0.36 -17.28
N PRO A 55 -7.34 -0.91 -16.95
CA PRO A 55 -6.25 -1.61 -16.22
C PRO A 55 -5.12 -2.05 -17.16
N GLY A 56 -4.13 -1.22 -17.34
CA GLY A 56 -3.00 -1.58 -18.25
C GLY A 56 -2.13 -0.37 -18.51
N MET A 57 -2.73 0.76 -18.79
CA MET A 57 -1.94 1.98 -19.07
C MET A 57 -1.31 2.50 -17.76
N GLU A 58 -1.49 1.78 -16.69
CA GLU A 58 -0.90 2.23 -15.39
C GLU A 58 -1.03 1.11 -14.36
N GLY A 59 0.07 0.51 -13.97
CA GLY A 59 0.02 -0.58 -12.97
C GLY A 59 1.41 -0.82 -12.40
N CYS A 60 2.41 -0.86 -13.24
CA CYS A 60 3.80 -1.09 -12.75
C CYS A 60 3.89 -2.46 -12.08
N GLY A 61 4.61 -2.54 -10.99
CA GLY A 61 4.75 -3.85 -10.28
C GLY A 61 4.81 -3.60 -8.77
N THR A 62 5.71 -4.27 -8.10
CA THR A 62 5.83 -4.07 -6.63
C THR A 62 7.28 -4.25 -6.21
N ASP A 63 7.82 -3.30 -5.49
CA ASP A 63 9.23 -3.40 -5.05
C ASP A 63 9.49 -4.77 -4.43
N ILE A 64 8.67 -5.18 -3.48
CA ILE A 64 8.91 -6.52 -2.85
C ILE A 64 8.35 -7.62 -3.76
N THR A 65 7.11 -7.49 -4.15
CA THR A 65 6.44 -8.50 -5.04
C THR A 65 4.98 -8.62 -4.62
N VAL A 66 4.68 -8.23 -3.40
CA VAL A 66 3.27 -8.31 -2.90
C VAL A 66 3.06 -7.20 -1.86
N ILE A 67 3.61 -7.36 -0.68
CA ILE A 67 3.44 -6.32 0.39
C ILE A 67 4.80 -6.02 1.04
N CYS A 68 5.45 -4.98 0.60
CA CYS A 68 6.78 -4.63 1.19
C CYS A 68 6.60 -4.28 2.67
N PRO A 69 7.62 -4.51 3.47
CA PRO A 69 7.57 -4.23 4.94
C PRO A 69 7.67 -2.74 5.30
N TRP A 70 8.42 -1.97 4.56
CA TRP A 70 8.54 -0.52 4.90
C TRP A 70 7.18 0.16 4.76
N GLU A 71 6.12 -0.60 4.74
CA GLU A 71 4.76 0.00 4.62
C GLU A 71 3.72 -1.01 5.11
N ALA A 72 4.12 -1.90 5.97
CA ALA A 72 3.17 -2.91 6.50
C ALA A 72 2.08 -2.21 7.32
N CYS A 73 0.88 -2.14 6.80
CA CYS A 73 -0.21 -1.46 7.54
C CYS A 73 -0.64 -2.34 8.72
N ASN A 74 0.24 -2.56 9.67
CA ASN A 74 -0.12 -3.40 10.83
C ASN A 74 -0.72 -4.72 10.35
N HIS A 75 -2.01 -4.77 10.15
CA HIS A 75 -2.66 -6.01 9.68
C HIS A 75 -3.98 -5.68 8.99
N CYS A 76 -3.98 -4.71 8.12
CA CYS A 76 -5.25 -4.34 7.42
C CYS A 76 -6.38 -4.21 8.44
N GLU A 77 -6.44 -3.11 9.14
CA GLU A 77 -7.51 -2.93 10.15
C GLU A 77 -8.88 -3.11 9.48
N LEU A 78 -9.77 -3.82 10.12
CA LEU A 78 -11.12 -4.05 9.52
C LEU A 78 -11.00 -4.93 8.28
N HIS A 79 -10.32 -4.46 7.26
CA HIS A 79 -10.15 -5.28 6.03
C HIS A 79 -11.51 -5.73 5.50
N GLU A 80 -12.58 -5.34 6.14
CA GLU A 80 -13.93 -5.75 5.66
C GLU A 80 -14.56 -4.62 4.82
N LEU A 81 -14.01 -3.44 4.89
CA LEU A 81 -14.56 -2.31 4.08
C LEU A 81 -13.87 -2.27 2.73
N ALA A 82 -12.87 -3.10 2.54
CA ALA A 82 -12.14 -3.12 1.24
C ALA A 82 -13.05 -3.66 0.14
N GLN A 83 -13.02 -4.94 -0.09
CA GLN A 83 -13.88 -5.53 -1.15
C GLN A 83 -13.58 -4.82 -2.47
N TYR A 84 -14.19 -3.69 -2.70
CA TYR A 84 -13.93 -2.92 -3.96
C TYR A 84 -13.52 -1.50 -3.58
N GLY A 85 -12.65 -1.38 -2.60
CA GLY A 85 -12.20 -0.03 -2.14
C GLY A 85 -12.06 0.92 -3.34
N ILE A 86 -12.80 1.99 -3.34
CA ILE A 86 -12.70 2.97 -4.47
C ILE A 86 -11.53 3.91 -4.22
N CYS A 87 -10.74 4.16 -5.22
CA CYS A 87 -9.57 5.08 -5.05
C CYS A 87 -10.05 6.53 -5.13
C1C RCY B . 1.04 9.41 16.83
O1G RCY B . -1.60 6.74 13.31
O1H RCY B . -0.12 11.18 13.99
O1J RCY B . 3.91 8.52 16.76
C1L RCY B . -2.57 8.93 12.81
C1M RCY B . 1.88 7.82 13.59
C1P RCY B . -1.52 7.97 13.37
C1Q RCY B . -0.82 10.17 13.91
N1R RCY B . -0.36 8.72 14.01
C1S RCY B . -2.32 10.15 13.70
C1U RCY B . 0.94 8.18 14.61
C1V RCY B . 1.85 10.54 14.71
N1V RCY B . 3.03 8.52 15.60
C1W RCY B . 3.26 7.83 14.26
C1X RCY B . 1.70 9.21 15.45
C1Y RCY B . 4.26 8.62 13.40
C1Z RCY B . 3.77 6.41 14.50
H1S RCY B . -2.37 10.46 14.73
H1U RCY B . 0.72 7.31 15.23
C1C RCY C . 8.51 10.24 7.36
O1G RCY C . 5.93 7.07 5.68
O1H RCY C . 10.24 6.97 7.59
O1J RCY C . 5.84 10.71 6.05
C1L RCY C . 8.05 6.11 4.95
C1M RCY C . 5.97 7.84 8.59
C1P RCY C . 7.12 6.89 5.88
C1Q RCY C . 9.31 7.06 6.79
N1R RCY C . 7.87 7.46 7.10
C1S RCY C . 9.39 6.78 5.30
C1U RCY C . 7.33 8.21 8.31
C1V RCY C . 7.01 10.48 9.39
N1V RCY C . 6.05 9.80 7.17
C1W RCY C . 5.09 8.73 7.70
C1X RCY C . 7.26 9.72 8.08
C1Y RCY C . 3.97 9.36 8.52
C1Z RCY C . 4.53 7.95 6.53
H1S RCY C . 9.90 7.73 5.26
H1U RCY C . 7.95 8.00 9.17
C1C RCY D . 5.26 7.12 -13.97
O1G RCY D . 7.81 11.01 -11.58
O1H RCY D . 6.71 6.53 -12.59
O1J RCY D . 3.46 6.75 -11.58
C1L RCY D . 8.89 8.87 -11.08
C1M RCY D . 4.63 10.33 -12.26
C1P RCY D . 7.79 9.78 -11.65
C1Q RCY D . 7.10 7.55 -12.01
N1R RCY D . 6.67 8.98 -12.30
C1S RCY D . 8.07 7.60 -10.85
C1U RCY D . 5.44 9.47 -13.07
C1V RCY D . 3.44 8.81 -14.46
N1V RCY D . 3.85 8.05 -12.11
C1W RCY D . 3.70 9.41 -11.45
C1X RCY D . 4.50 8.34 -13.47
C1Y RCY D . 2.25 9.90 -11.53
C1Z RCY D . 4.16 9.30 -9.99
H1S RCY D . 7.25 7.22 -10.27
H1U RCY D . 5.76 10.01 -13.96
C1C RCY E . -6.57 -6.30 -6.08
O1G RCY E . -2.83 -8.09 -3.99
O1H RCY E . -4.36 -8.51 -8.43
O1J RCY E . -8.69 -7.05 -4.09
C1L RCY E . -1.70 -8.06 -6.16
C1M RCY E . -5.70 -9.43 -4.31
C1P RCY E . -2.90 -8.19 -5.21
C1Q RCY E . -3.69 -8.61 -7.41
N1R RCY E . -4.18 -8.46 -5.98
C1S RCY E . -2.21 -8.91 -7.34
C1U RCY E . -5.62 -8.57 -5.45
C1V RCY E . -5.18 -6.55 -3.97
N1V RCY E . -7.39 -7.71 -4.18
C1W RCY E . -6.98 -9.03 -3.55
C1X RCY E . -6.16 -7.23 -4.94
C1Y RCY E . -6.68 -8.85 -2.06
C1Z RCY E . -8.08 -10.06 -3.76
H1S RCY E . -2.50 -9.91 -7.59
H1U RCY E . -6.26 -8.94 -6.22
C1C RCY F . -5.11 -1.99 -4.34
O1G RCY F . -5.69 -4.44 -5.61
O1H RCY F . -6.28 -1.40 -9.18
O1J RCY F . -3.52 -4.54 -4.32
C1L RCY F . -7.36 -4.24 -7.38
C1M RCY F . -3.09 -2.32 -7.42
C1P RCY F . -6.13 -3.82 -6.59
C1Q RCY F . -6.50 -2.15 -8.22
N1R RCY F . -5.50 -2.54 -7.13
C1S RCY F . -7.80 -2.88 -7.93
C1U RCY F . -4.22 -1.82 -6.71
C1V RCY F . -2.78 -1.11 -4.76
N1V RCY F . -3.35 -3.48 -5.30
C1W RCY F . -2.60 -3.55 -6.64
C1X RCY F . -3.87 -2.05 -5.23
C1Y RCY F . -1.08 -3.47 -6.40
C1Z RCY F . -2.97 -4.84 -7.36
H1S RCY F . -8.14 -1.91 -7.61
H1U RCY F . -4.33 -0.76 -6.89
C1C RCY G . 4.45 3.10 -6.80
O1G RCY G . 0.08 0.46 -8.59
O1H RCY G . 4.06 2.80 -9.60
O1J RCY G . 3.69 3.17 -3.90
C1L RCY G . 1.49 0.59 -10.59
C1M RCY G . 0.99 1.93 -6.30
C1P RCY G . 1.06 0.94 -9.16
C1Q RCY G . 2.94 2.29 -9.69
N1R RCY G . 2.00 1.96 -8.53
C1S RCY G . 2.23 1.87 -10.97
C1U RCY G . 2.02 2.52 -7.11
C1V RCY G . 3.67 0.72 -6.45
N1V RCY G . 2.88 2.56 -4.93
C1W RCY G . 1.43 2.11 -4.85
C1X RCY G . 3.31 2.20 -6.35
C1Y RCY G . 1.32 0.78 -4.08
C1Z RCY G . 0.61 3.20 -4.16
H1S RCY G . 2.09 2.93 -11.11
H1U RCY G . 1.86 3.59 -7.14
C1C RCY H . 0.28 -4.12 0.35
O1G RCY H . 1.28 -2.14 1.44
O1H RCY H . 4.85 -2.70 -1.61
O1J RCY H . -1.03 -1.41 0.25
C1L RCY H . 3.69 -1.77 1.60
C1M RCY H . 1.46 -2.17 -2.57
C1P RCY H . 2.39 -2.21 0.91
C1Q RCY H . 4.17 -2.70 -0.58
N1R RCY H . 2.65 -2.73 -0.49
C1S RCY H . 4.69 -2.66 0.85
C1U RCY H . 1.65 -3.18 -1.56
C1V RCY H . -0.66 -4.12 -2.00
N1V RCY H . -0.21 -1.96 -0.82
C1W RCY H . 0.38 -1.22 -2.01
C1X RCY H . 0.25 -3.41 -1.00
C1Y RCY H . -0.69 -0.96 -3.07
C1Z RCY H . 1.00 0.10 -1.53
H1S RCY H . 4.95 -3.69 0.67
H1U RCY H . 2.00 -4.09 -2.03
C1C RCY I . -0.44 0.57 1.48
O1G RCY I . -2.96 2.94 2.84
O1H RCY I . -2.28 -1.39 4.60
O1J RCY I . -0.01 -2.25 2.44
C1L RCY I . -2.55 2.10 5.10
C1M RCY I . -3.64 -1.26 1.70
C1P RCY I . -2.79 1.98 3.59
C1Q RCY I . -2.65 -0.23 4.46
N1R RCY I . -2.78 0.52 3.14
C1S RCY I . -3.07 0.73 5.55
C1U RCY I . -2.89 -0.05 1.72
C1V RCY I . -1.60 -0.75 -0.35
N1V RCY I . -1.29 -1.75 1.92
C1W RCY I . -2.66 -2.39 2.03
C1X RCY I . -1.52 -0.46 1.15
C1Y RCY I . -2.80 -3.54 1.03
C1Z RCY I . -2.86 -2.90 3.47
H1S RCY I . -3.98 0.13 5.59
H1U RCY I . -3.35 0.68 1.07
C1C RCY J . 0.44 -8.38 3.00
O1G RCY J . -3.14 -10.50 6.22
O1H RCY J . -1.47 -6.45 4.47
O1J RCY J . 2.40 -10.67 3.05
C1L RCY J . -4.16 -8.32 5.78
C1M RCY J . -0.29 -10.69 5.79
C1P RCY J . -3.01 -9.34 5.85
C1Q RCY J . -2.08 -7.27 5.14
N1R RCY J . -1.69 -8.72 5.38
C1S RCY J . -3.36 -7.02 5.92
C1U RCY J . -0.33 -9.39 5.19
C1V RCY J . -1.14 -10.36 3.00
N1V RCY J . 1.19 -10.60 3.88
C1W RCY J . 0.84 -11.46 5.09
C1X RCY J . 0.01 -9.66 3.72
C1Y RCY J . 0.36 -12.85 4.66
C1Z RCY J . 2.07 -11.58 5.99
H1S RCY J . -2.73 -6.49 6.61
H1U RCY J . 0.45 -8.77 5.63
C1C RCY K . -4.19 -1.26 -6.64
O1G RCY K . -7.39 -0.54 -3.24
O1H RCY K . -5.77 2.21 -6.73
O1J RCY K . -1.97 -2.45 -4.99
C1L RCY K . -8.47 1.03 -4.78
C1M RCY K . -4.29 -0.01 -3.15
C1P RCY K . -7.29 0.29 -4.15
C1Q RCY K . -6.39 1.79 -5.75
N1R RCY K . -5.96 0.69 -4.80
C1S RCY K . -7.76 2.29 -5.27
C1U RCY K . -4.56 0.14 -4.55
C1V RCY K . -5.49 -2.21 -4.69
N1V RCY K . -3.06 -1.66 -4.43
C1W RCY K . -3.16 -1.04 -3.05
C1X RCY K . -4.36 -1.27 -5.11
C1Y RCY K . -3.50 -2.10 -1.99
C1Z RCY K . -1.83 -0.37 -2.70
H1S RCY K . -7.20 3.15 -4.92
H1U RCY K . -3.83 0.80 -5.00
N MET A 1 30.13 -1.27 2.85
CA MET A 1 29.30 -0.70 3.96
C MET A 1 27.93 -1.39 3.98
N ASN A 2 26.99 -0.80 4.65
CA ASN A 2 25.62 -1.41 4.71
C ASN A 2 24.57 -0.30 4.80
N LEU A 3 23.31 -0.66 4.75
CA LEU A 3 22.24 0.37 4.82
C LEU A 3 21.08 -0.17 5.68
N GLU A 4 21.10 0.11 6.95
CA GLU A 4 20.00 -0.38 7.84
C GLU A 4 18.79 0.55 7.70
N PRO A 5 17.63 0.07 8.02
CA PRO A 5 16.37 0.87 7.94
C PRO A 5 16.50 2.21 8.69
N PRO A 6 15.59 3.12 8.46
CA PRO A 6 15.58 4.45 9.11
C PRO A 6 15.34 4.36 10.62
N LYS A 7 15.68 5.38 11.35
CA LYS A 7 15.47 5.37 12.83
C LYS A 7 14.64 6.59 13.23
N ALA A 8 15.29 7.68 13.55
CA ALA A 8 14.55 8.89 13.94
C ALA A 8 13.56 8.55 15.06
N GLU A 9 12.83 9.52 15.55
CA GLU A 9 11.85 9.25 16.64
C GLU A 9 10.50 8.88 16.02
N CYS A 10 9.46 9.59 16.37
CA CYS A 10 8.12 9.28 15.81
C CYS A 10 7.41 10.59 15.43
N ARG A 11 8.12 11.68 15.48
CA ARG A 11 7.51 12.99 15.13
C ARG A 11 7.50 13.16 13.61
N SER A 12 8.40 12.52 12.92
CA SER A 12 8.44 12.65 11.43
C SER A 12 8.82 14.08 11.07
N ALA A 13 8.33 14.58 9.96
CA ALA A 13 8.67 15.98 9.56
C ALA A 13 7.67 16.48 8.52
N THR A 14 6.62 15.75 8.28
CA THR A 14 5.61 16.20 7.27
C THR A 14 4.23 15.69 7.68
N ARG A 15 3.26 16.57 7.76
CA ARG A 15 1.89 16.14 8.14
C ARG A 15 1.24 15.40 6.96
N VAL A 16 0.06 14.88 7.17
CA VAL A 16 -0.62 14.15 6.06
C VAL A 16 -1.68 15.05 5.42
N MET A 17 -1.92 16.20 6.01
CA MET A 17 -2.94 17.13 5.43
C MET A 17 -4.27 16.40 5.30
N GLY A 18 -4.61 15.59 6.27
CA GLY A 18 -5.90 14.83 6.21
C GLY A 18 -6.69 15.08 7.50
N GLY A 19 -7.92 15.53 7.39
CA GLY A 19 -8.75 15.78 8.60
C GLY A 19 -9.67 14.57 8.84
N PRO A 20 -10.91 14.81 9.18
CA PRO A 20 -11.89 13.71 9.44
C PRO A 20 -11.85 12.63 8.35
N CYS A 21 -12.52 11.54 8.55
CA CYS A 21 -12.52 10.46 7.53
C CYS A 21 -13.88 10.42 6.82
N THR A 22 -13.91 10.81 5.57
CA THR A 22 -15.20 10.80 4.81
C THR A 22 -15.12 9.76 3.69
N PRO A 23 -15.65 8.58 3.91
CA PRO A 23 -15.62 7.48 2.89
C PRO A 23 -16.11 7.95 1.52
N ARG A 24 -16.06 7.10 0.55
CA ARG A 24 -16.52 7.49 -0.82
C ARG A 24 -16.55 6.26 -1.72
N LYS A 25 -16.96 5.13 -1.18
CA LYS A 25 -17.00 3.88 -2.00
C LYS A 25 -17.68 4.17 -3.34
N GLY A 26 -16.91 4.22 -4.40
CA GLY A 26 -17.50 4.49 -5.74
C GLY A 26 -17.49 3.19 -6.55
N PRO A 27 -18.42 3.03 -7.47
CA PRO A 27 -18.50 1.82 -8.32
C PRO A 27 -17.12 1.32 -8.76
N PRO A 28 -16.89 0.02 -8.72
CA PRO A 28 -15.59 -0.57 -9.13
C PRO A 28 -15.02 0.08 -10.39
N LYS A 29 -13.72 0.11 -10.53
CA LYS A 29 -13.10 0.72 -11.74
C LYS A 29 -12.27 -0.35 -12.45
N CYS A 30 -11.97 -1.42 -11.78
CA CYS A 30 -11.16 -2.49 -12.41
C CYS A 30 -10.69 -3.48 -11.33
N LYS A 31 -11.22 -3.36 -10.14
CA LYS A 31 -10.80 -4.28 -9.04
C LYS A 31 -11.75 -5.48 -9.00
N GLN A 32 -12.18 -5.95 -10.14
CA GLN A 32 -13.12 -7.10 -10.19
C GLN A 32 -12.34 -8.41 -9.99
N ARG A 33 -11.17 -8.35 -9.39
CA ARG A 33 -10.39 -9.59 -9.17
C ARG A 33 -9.13 -9.29 -8.36
N GLN A 34 -8.62 -10.27 -7.65
CA GLN A 34 -7.39 -10.05 -6.83
C GLN A 34 -6.33 -11.06 -7.26
N THR A 35 -6.73 -12.26 -7.56
CA THR A 35 -5.76 -13.31 -7.99
C THR A 35 -4.71 -13.52 -6.90
N ARG A 36 -4.46 -14.76 -6.53
CA ARG A 36 -3.45 -15.02 -5.48
C ARG A 36 -2.05 -14.83 -6.06
N GLN A 37 -1.87 -13.83 -6.88
CA GLN A 37 -0.53 -13.58 -7.49
C GLN A 37 0.45 -13.15 -6.40
N CYS A 38 1.69 -13.55 -6.52
CA CYS A 38 2.71 -13.17 -5.50
C CYS A 38 2.30 -13.72 -4.14
N LYS A 39 3.22 -14.30 -3.42
CA LYS A 39 2.88 -14.86 -2.08
C LYS A 39 4.13 -14.83 -1.19
N SER A 40 4.93 -15.86 -1.23
CA SER A 40 6.16 -15.89 -0.38
C SER A 40 6.92 -14.57 -0.57
N LYS A 41 7.89 -14.55 -1.45
CA LYS A 41 8.66 -13.29 -1.67
C LYS A 41 8.07 -12.56 -2.88
N PRO A 42 8.10 -11.25 -2.89
CA PRO A 42 7.55 -10.43 -4.01
C PRO A 42 8.46 -10.52 -5.25
N PRO A 43 7.91 -10.35 -6.42
CA PRO A 43 8.69 -10.40 -7.69
C PRO A 43 9.46 -9.10 -7.94
N LYS A 44 10.77 -9.20 -8.06
CA LYS A 44 11.61 -7.98 -8.31
C LYS A 44 13.06 -8.33 -7.99
N LYS A 45 13.33 -8.73 -6.77
CA LYS A 45 14.72 -9.10 -6.39
C LYS A 45 14.68 -10.04 -5.18
N GLY A 46 13.78 -9.79 -4.26
CA GLY A 46 13.68 -10.68 -3.06
C GLY A 46 13.53 -9.82 -1.80
N VAL A 47 14.48 -8.98 -1.52
CA VAL A 47 14.39 -8.13 -0.30
C VAL A 47 13.08 -7.34 -0.32
N GLN A 48 13.14 -6.06 -0.62
CA GLN A 48 11.90 -5.25 -0.66
C GLN A 48 12.01 -4.16 -1.73
N GLY A 49 12.77 -3.14 -1.46
CA GLY A 49 12.92 -2.04 -2.47
C GLY A 49 11.62 -1.25 -2.56
N CYS A 50 10.99 -1.25 -3.70
CA CYS A 50 9.71 -0.50 -3.85
C CYS A 50 9.92 0.97 -3.47
N GLY A 51 10.00 1.25 -2.20
CA GLY A 51 10.19 2.66 -1.75
C GLY A 51 11.56 3.17 -2.19
N ASP A 52 11.91 3.02 -3.44
CA ASP A 52 13.23 3.51 -3.91
C ASP A 52 13.09 4.97 -4.37
N ASP A 53 12.06 5.65 -3.91
CA ASP A 53 11.85 7.06 -4.30
C ASP A 53 11.36 7.14 -5.76
N ILE A 54 11.08 6.02 -6.38
CA ILE A 54 10.59 6.05 -7.78
C ILE A 54 9.15 6.55 -7.80
N PRO A 55 8.79 7.33 -8.79
CA PRO A 55 7.40 7.89 -8.91
C PRO A 55 6.38 6.79 -9.23
N GLY A 56 5.99 6.02 -8.24
CA GLY A 56 5.00 4.94 -8.48
C GLY A 56 4.83 4.11 -7.21
N MET A 57 5.45 4.52 -6.14
CA MET A 57 5.34 3.76 -4.85
C MET A 57 5.08 4.73 -3.70
N GLU A 58 5.73 5.86 -3.72
CA GLU A 58 5.52 6.86 -2.64
C GLU A 58 5.23 8.24 -3.25
N GLY A 59 4.29 8.30 -4.15
CA GLY A 59 3.95 9.59 -4.80
C GLY A 59 3.36 9.31 -6.18
N CYS A 60 2.43 8.40 -6.27
CA CYS A 60 1.82 8.06 -7.59
C CYS A 60 0.89 9.20 -8.02
N GLY A 61 -0.39 9.03 -7.86
CA GLY A 61 -1.35 10.10 -8.26
C GLY A 61 -2.24 10.46 -7.08
N THR A 62 -3.21 9.64 -6.76
CA THR A 62 -4.11 9.94 -5.61
C THR A 62 -4.55 8.63 -4.95
N ASP A 63 -4.31 7.52 -5.60
CA ASP A 63 -4.71 6.21 -5.00
C ASP A 63 -3.81 5.91 -3.80
N ILE A 64 -3.81 6.78 -2.82
CA ILE A 64 -2.96 6.57 -1.62
C ILE A 64 -3.58 7.34 -0.45
N THR A 65 -4.36 8.33 -0.74
CA THR A 65 -5.02 9.12 0.35
C THR A 65 -6.49 9.35 0.00
N VAL A 66 -6.75 9.71 -1.23
CA VAL A 66 -8.17 9.96 -1.63
C VAL A 66 -8.85 8.62 -1.93
N ILE A 67 -8.19 7.75 -2.64
CA ILE A 67 -8.80 6.41 -2.96
C ILE A 67 -7.85 5.28 -2.53
N CYS A 68 -8.01 4.81 -1.33
CA CYS A 68 -7.14 3.69 -0.84
C CYS A 68 -8.01 2.44 -0.68
N PRO A 69 -7.40 1.28 -0.66
CA PRO A 69 -8.11 -0.02 -0.54
C PRO A 69 -9.39 0.07 0.30
N TRP A 70 -9.41 0.90 1.31
CA TRP A 70 -10.64 1.01 2.14
C TRP A 70 -11.67 1.91 1.43
N GLU A 71 -11.60 1.99 0.13
CA GLU A 71 -12.56 2.85 -0.62
C GLU A 71 -12.90 2.17 -1.95
N ALA A 72 -11.95 2.09 -2.85
CA ALA A 72 -12.21 1.45 -4.17
C ALA A 72 -12.22 -0.08 -4.03
N CYS A 73 -11.16 -0.65 -3.52
CA CYS A 73 -11.11 -2.13 -3.38
C CYS A 73 -12.09 -2.58 -2.30
N ASN A 74 -13.10 -1.79 -2.03
CA ASN A 74 -14.10 -2.17 -0.98
C ASN A 74 -13.40 -2.80 0.22
N HIS A 75 -12.42 -2.13 0.77
CA HIS A 75 -11.69 -2.68 1.96
C HIS A 75 -11.46 -4.18 1.79
N CYS A 76 -11.06 -4.84 2.85
CA CYS A 76 -10.81 -6.31 2.76
C CYS A 76 -11.08 -6.94 4.13
N GLU A 77 -12.21 -6.66 4.73
CA GLU A 77 -12.52 -7.25 6.06
C GLU A 77 -12.33 -8.77 6.01
N LEU A 78 -12.13 -9.31 4.83
CA LEU A 78 -11.93 -10.79 4.71
C LEU A 78 -10.89 -11.23 5.74
N HIS A 79 -10.71 -12.52 5.90
CA HIS A 79 -9.71 -13.03 6.89
C HIS A 79 -9.24 -14.42 6.47
N GLU A 80 -9.89 -15.02 5.51
CA GLU A 80 -9.48 -16.38 5.06
C GLU A 80 -8.15 -16.29 4.34
N LEU A 81 -8.12 -15.66 3.20
CA LEU A 81 -6.85 -15.54 2.44
C LEU A 81 -5.94 -14.50 3.13
N ALA A 82 -6.52 -13.46 3.65
CA ALA A 82 -5.70 -12.43 4.34
C ALA A 82 -5.12 -13.01 5.63
N GLN A 83 -4.27 -14.00 5.52
CA GLN A 83 -3.68 -14.60 6.74
C GLN A 83 -2.33 -15.24 6.39
N TYR A 84 -1.69 -14.77 5.35
CA TYR A 84 -0.37 -15.35 4.94
C TYR A 84 0.75 -14.42 5.41
N GLY A 85 0.58 -13.15 5.22
CA GLY A 85 1.63 -12.17 5.66
C GLY A 85 1.07 -10.76 5.54
N ILE A 86 0.42 -10.45 4.46
CA ILE A 86 -0.16 -9.07 4.30
C ILE A 86 -1.08 -8.79 5.49
N CYS A 87 -2.37 -8.76 5.29
CA CYS A 87 -3.29 -8.48 6.43
C CYS A 87 -3.43 -9.75 7.27
C1C RCY B . 2.49 4.07 17.91
O1G RCY B . 1.93 7.64 19.99
O1H RCY B . 4.16 7.91 15.83
O1J RCY B . 0.66 3.02 15.76
C1L RCY B . 3.89 8.88 19.22
C1M RCY B . 1.09 6.83 15.87
C1P RCY B . 2.73 7.90 19.08
C1Q RCY B . 3.93 7.84 17.04
N1R RCY B . 2.68 7.27 17.69
C1S RCY B . 4.84 8.32 18.16
C1U RCY B . 1.64 6.32 17.10
C1V RCY B . 3.50 5.13 15.84
N1V RCY B . 1.11 4.41 15.85
C1W RCY B . 0.54 5.62 15.12
C1X RCY B . 2.24 4.96 16.70
C1Y RCY B . 1.02 5.63 13.66
C1Z RCY B . -0.98 5.57 15.17
H1S RCY B . 5.42 7.44 17.92
H1U RCY B . 0.85 6.16 17.81
C1C RCY C . -6.55 7.45 13.57
O1G RCY C . -9.13 8.02 12.75
O1H RCY C . -7.61 8.58 8.31
O1J RCY C . -3.88 8.75 14.04
C1L RCY C . -10.27 8.09 10.59
C1M RCY C . -5.64 9.67 10.76
C1P RCY C . -9.06 8.17 11.53
C1Q RCY C . -8.27 8.66 9.34
N1R RCY C . -7.77 8.46 10.77
C1S RCY C . -9.76 8.96 9.43
C1U RCY C . -6.33 8.53 11.29
C1V RCY C . -7.15 9.89 13.27
N1V RCY C . -4.79 9.11 12.95
C1W RCY C . -4.48 9.96 11.72
C1X RCY C . -6.26 8.74 12.80
C1Y RCY C . -4.44 11.44 12.08
C1Z RCY C . -3.15 9.51 11.13
H1S RCY C . -9.46 9.97 9.21
H1U RCY C . -5.81 7.62 11.02
C1C RCY D . -7.40 4.08 -15.08
O1G RCY D . -8.45 2.75 -16.32
O1H RCY D . -8.10 -0.72 -13.14
O1J RCY D . -8.96 4.49 -12.54
C1L RCY D . -9.71 0.68 -15.95
C1M RCY D . -6.40 1.65 -12.48
C1P RCY D . -8.59 1.71 -15.67
C1Q RCY D . -8.24 -0.10 -14.19
N1R RCY D . -7.70 1.27 -14.51
C1S RCY D . -9.03 -0.58 -15.40
C1U RCY D . -6.55 2.03 -13.85
C1V RCY D . -5.52 4.30 -13.39
N1V RCY D . -7.81 3.60 -12.66
C1W RCY D . -7.37 2.52 -11.68
C1X RCY D . -6.78 3.54 -13.78
C1Y RCY D . -6.66 3.14 -10.47
C1Z RCY D . -8.59 1.71 -11.23
H1S RCY D . -8.18 -1.22 -15.57
H1U RCY D . -5.63 1.84 -14.39
C1C RCY E . 4.61 -5.09 -6.40
O1G RCY E . 2.62 -5.94 -4.18
O1H RCY E . 2.56 -9.91 -6.75
O1J RCY E . 3.91 -3.59 -8.91
C1L RCY E . 2.29 -8.30 -3.62
C1M RCY E . 1.75 -6.66 -8.14
C1P RCY E . 2.51 -7.11 -4.56
C1Q RCY E . 2.29 -9.04 -5.91
N1R RCY E . 2.59 -7.56 -6.01
C1S RCY E . 1.59 -9.28 -4.58
C1U RCY E . 2.89 -6.73 -7.27
C1V RCY E . 2.14 -4.65 -6.03
N1V RCY E . 3.10 -4.66 -8.34
C1W RCY E . 1.95 -5.42 -9.01
C1X RCY E . 3.20 -5.27 -6.95
C1Y RCY E . 0.68 -4.56 -9.03
C1Z RCY E . 2.37 -5.80 -10.44
H1S RCY E . 0.71 -9.39 -5.17
H1U RCY E . 3.73 -7.16 -7.80
C1C RCY F . 2.61 -2.26 -4.27
O1G RCY F . 6.40 0.10 -7.46
O1H RCY F . 5.20 -1.62 -3.23
O1J RCY F . 1.35 -4.22 -6.19
C1L RCY F . 7.37 0.33 -5.22
C1M RCY F . 4.49 -2.42 -7.45
C1P RCY F . 6.33 -0.15 -6.25
C1Q RCY F . 5.57 -0.87 -4.13
N1R RCY F . 5.23 -0.98 -5.61
C1S RCY F . 6.48 0.34 -3.97
C1U RCY F . 4.06 -1.73 -6.27
C1V RCY F . 4.59 -3.74 -4.82
N1V RCY F . 2.65 -3.58 -6.40
C1W RCY F . 3.46 -3.53 -7.69
C1X RCY F . 3.49 -2.83 -5.38
C1Y RCY F . 4.16 -4.87 -7.94
C1Z RCY F . 2.53 -3.18 -8.86
H1S RCY F . 5.61 0.80 -3.54
H1U RCY F . 3.28 -1.03 -6.52
C1C RCY G . -2.68 3.90 -4.40
O1G RCY G . -0.85 1.43 -8.61
O1H RCY G . -0.21 5.41 -6.18
O1J RCY G . -1.97 2.23 -2.00
C1L RCY G . -0.24 3.70 -9.27
C1M RCY G . 0.06 1.54 -5.18
C1P RCY G . -0.65 2.60 -8.29
C1Q RCY G . -0.53 4.61 -7.04
N1R RCY G . -0.78 3.11 -6.86
C1S RCY G . -0.78 4.93 -8.51
C1U RCY G . -1.06 2.35 -5.57
C1V RCY G . -0.20 4.33 -4.24
N1V RCY G . -1.19 2.26 -3.23
C1W RCY G . -0.10 1.29 -3.67
C1X RCY G . -1.29 3.27 -4.37
C1Y RCY G . 1.21 1.59 -2.93
C1Z RCY G . -0.56 -0.14 -3.40
H1S RCY G . -1.71 5.37 -8.15
H1U RCY G . -1.92 1.72 -5.71
C1C RCY H . 0.01 5.70 1.23
O1G RCY H . -2.21 1.22 2.58
O1H RCY H . -2.18 5.69 1.08
O1J RCY H . -1.06 7.25 3.58
C1L RCY H . -3.80 2.57 1.31
C1M RCY H . -0.28 3.55 4.22
C1P RCY H . -2.51 2.30 2.10
C1Q RCY H . -2.53 4.61 1.54
N1R RCY H . -1.65 3.56 2.20
C1S RCY H . -3.95 4.07 1.55
C1U RCY H . -0.26 3.74 2.81
C1V RCY H . 1.79 5.23 2.97
N1V RCY H . -0.52 5.89 3.68
C1W RCY H . -0.66 4.91 4.83
C1X RCY H . 0.29 5.15 2.62
C1Y RCY H . 0.30 5.28 5.97
C1Z RCY H . -2.10 4.91 5.32
H1S RCY H . -4.11 4.80 2.34
H1U RCY H . 0.42 3.03 2.35
C1C RCY I . -4.34 -3.62 -3.26
O1G RCY I . -6.58 -7.26 -0.41
O1H RCY I . -6.54 -4.43 -4.19
O1J RCY I . -3.97 -2.91 -0.35
C1L RCY I . -8.35 -6.12 -1.67
C1M RCY I . -3.87 -6.65 -1.18
C1P RCY I . -6.91 -6.50 -1.33
C1Q RCY I . -6.81 -4.93 -3.10
N1R RCY I . -5.91 -5.82 -2.27
C1S RCY I . -8.11 -4.75 -2.33
C1U RCY I . -4.39 -5.98 -2.34
C1V RCY I . -2.17 -4.83 -2.74
N1V RCY I . -3.77 -4.25 -0.91
C1W RCY I . -3.65 -5.56 -0.13
C1X RCY I . -3.64 -4.65 -2.36
C1Y RCY I . -2.26 -5.68 0.50
C1Z RCY I . -4.72 -5.60 0.95
H1S RCY I . -7.73 -3.77 -2.12
H1U RCY I . -4.13 -6.55 -3.23
C1C RCY J . -3.46 -4.57 0.06
O1G RCY J . -5.56 -8.45 -1.29
O1H RCY J . -6.81 -3.95 -0.58
O1J RCY J . -2.13 -7.25 0.28
C1L RCY J . -7.40 -7.39 -0.08
C1M RCY J . -4.03 -6.59 -2.99
C1P RCY J . -6.12 -7.42 -0.91
C1Q RCY J . -6.59 -5.14 -0.41
N1R RCY J . -5.61 -6.00 -1.20
C1S RCY J . -7.24 -6.04 0.62
C1U RCY J . -4.42 -5.56 -2.06
C1V RCY J . -2.09 -4.59 -2.06
N1V RCY J . -2.73 -6.74 -0.95
C1W RCY J . -3.07 -7.50 -2.22
C1X RCY J . -3.15 -5.31 -1.24
C1Y RCY J . -1.81 -7.77 -3.04
C1Z RCY J . -3.76 -8.82 -1.84
H1S RCY J . -6.60 -5.52 1.32
H1U RCY J . -4.69 -4.66 -2.60
C1C RCY K . -5.70 -5.87 -0.97
O1G RCY K . -3.24 -7.19 0.98
O1H RCY K . -5.60 -4.21 3.79
O1J RCY K . -4.92 -3.71 -2.92
C1L RCY K . -3.86 -7.25 3.35
C1M RCY K . -3.62 -3.28 0.67
C1P RCY K . -3.77 -6.63 1.95
C1Q RCY K . -4.78 -5.01 3.36
N1R RCY K . -4.40 -5.24 1.91
C1S RCY K . -3.95 -5.97 4.19
C1U RCY K . -4.62 -4.31 0.70
C1V RCY K . -3.17 -5.85 -0.69
N1V RCY K . -4.36 -3.83 -1.57
C1W RCY K . -3.57 -2.78 -0.79
C1X RCY K . -4.46 -5.02 -0.63
C1Y RCY K . -2.13 -2.73 -1.29
C1Z RCY K . -4.25 -1.42 -0.93
H1S RCY K . -3.38 -5.09 4.45
H1U RCY K . -5.60 -3.86 0.76
N MET A 1 22.72 8.06 0.27
CA MET A 1 22.07 8.50 1.53
C MET A 1 22.72 9.79 2.03
N ASN A 2 22.21 10.92 1.62
CA ASN A 2 22.80 12.21 2.06
C ASN A 2 22.39 12.50 3.51
N LEU A 3 21.54 13.47 3.71
CA LEU A 3 21.10 13.79 5.10
C LEU A 3 19.77 14.55 5.05
N GLU A 4 18.69 13.87 5.35
CA GLU A 4 17.36 14.54 5.31
C GLU A 4 17.05 15.14 6.70
N PRO A 5 16.22 16.14 6.75
CA PRO A 5 15.84 16.80 8.04
C PRO A 5 15.67 15.78 9.17
N PRO A 6 15.80 16.23 10.40
CA PRO A 6 15.65 15.35 11.60
C PRO A 6 14.23 14.84 11.77
N LYS A 7 14.04 13.84 12.59
CA LYS A 7 12.66 13.29 12.79
C LYS A 7 12.49 12.91 14.27
N ALA A 8 12.13 13.85 15.10
CA ALA A 8 11.94 13.53 16.54
C ALA A 8 10.91 14.49 17.14
N GLU A 9 9.70 14.46 16.64
CA GLU A 9 8.64 15.36 17.17
C GLU A 9 7.32 15.08 16.45
N CYS A 10 7.26 14.02 15.70
CA CYS A 10 6.00 13.69 14.97
C CYS A 10 4.87 13.47 15.97
N ARG A 11 3.79 12.87 15.54
CA ARG A 11 2.65 12.62 16.48
C ARG A 11 2.14 13.97 17.02
N SER A 12 0.95 14.36 16.63
CA SER A 12 0.41 15.65 17.13
C SER A 12 -1.07 15.77 16.74
N ALA A 13 -1.39 15.49 15.50
CA ALA A 13 -2.81 15.58 15.07
C ALA A 13 -3.61 14.43 15.67
N THR A 14 -3.00 13.66 16.53
CA THR A 14 -3.72 12.51 17.16
C THR A 14 -4.11 11.51 16.07
N ARG A 15 -3.95 10.24 16.33
CA ARG A 15 -4.30 9.21 15.31
C ARG A 15 -5.77 9.37 14.92
N VAL A 16 -6.03 9.73 13.69
CA VAL A 16 -7.43 9.90 13.24
C VAL A 16 -7.92 8.62 12.54
N MET A 17 -9.02 8.08 12.97
CA MET A 17 -9.54 6.84 12.33
C MET A 17 -11.07 6.83 12.41
N GLY A 18 -11.72 7.78 11.79
CA GLY A 18 -13.20 7.84 11.82
C GLY A 18 -13.75 7.33 10.49
N GLY A 19 -15.03 7.07 10.43
CA GLY A 19 -15.64 6.58 9.15
C GLY A 19 -15.68 7.72 8.14
N PRO A 20 -16.35 8.79 8.48
CA PRO A 20 -16.47 9.97 7.57
C PRO A 20 -15.12 10.39 6.98
N CYS A 21 -14.92 10.13 5.72
CA CYS A 21 -13.63 10.50 5.07
C CYS A 21 -13.91 11.21 3.74
N THR A 22 -13.13 12.20 3.41
CA THR A 22 -13.36 12.93 2.13
C THR A 22 -13.31 11.93 0.97
N PRO A 23 -14.40 11.72 0.28
CA PRO A 23 -14.46 10.77 -0.87
C PRO A 23 -13.24 10.89 -1.79
N ARG A 24 -12.34 9.95 -1.73
CA ARG A 24 -11.13 10.01 -2.59
C ARG A 24 -11.55 10.17 -4.06
N LYS A 25 -11.18 11.25 -4.68
CA LYS A 25 -11.56 11.47 -6.12
C LYS A 25 -10.30 11.83 -6.91
N GLY A 26 -10.01 11.09 -7.95
CA GLY A 26 -8.81 11.41 -8.77
C GLY A 26 -8.91 10.72 -10.13
N PRO A 27 -8.19 11.21 -11.11
CA PRO A 27 -8.20 10.63 -12.49
C PRO A 27 -8.14 9.10 -12.47
N PRO A 28 -9.10 8.43 -13.06
CA PRO A 28 -9.12 6.94 -13.10
C PRO A 28 -7.75 6.35 -13.45
N LYS A 29 -7.32 5.34 -12.76
CA LYS A 29 -6.00 4.72 -13.06
C LYS A 29 -6.12 3.20 -13.02
N CYS A 30 -6.03 2.56 -14.16
CA CYS A 30 -6.13 1.08 -14.20
C CYS A 30 -7.49 0.64 -13.63
N LYS A 31 -8.25 1.57 -13.12
CA LYS A 31 -9.58 1.21 -12.54
C LYS A 31 -9.43 -0.01 -11.63
N GLN A 32 -10.45 -0.84 -11.57
CA GLN A 32 -10.37 -2.06 -10.71
C GLN A 32 -10.97 -3.24 -11.45
N ARG A 33 -10.29 -4.36 -11.47
CA ARG A 33 -10.84 -5.54 -12.19
C ARG A 33 -9.94 -6.75 -11.94
N GLN A 34 -9.75 -7.12 -10.70
CA GLN A 34 -8.88 -8.29 -10.40
C GLN A 34 -9.28 -9.47 -11.30
N THR A 35 -8.41 -9.86 -12.18
CA THR A 35 -8.73 -11.00 -13.10
C THR A 35 -8.84 -12.29 -12.29
N ARG A 36 -7.84 -12.61 -11.52
CA ARG A 36 -7.89 -13.87 -10.73
C ARG A 36 -6.71 -13.91 -9.75
N GLN A 37 -6.74 -13.10 -8.72
CA GLN A 37 -5.62 -13.09 -7.75
C GLN A 37 -4.29 -13.01 -8.49
N CYS A 38 -3.46 -14.00 -8.35
CA CYS A 38 -2.14 -13.98 -9.05
C CYS A 38 -1.31 -15.20 -8.61
N LYS A 39 -1.14 -15.38 -7.33
CA LYS A 39 -0.35 -16.53 -6.83
C LYS A 39 1.08 -16.43 -7.37
N SER A 40 2.05 -16.82 -6.58
CA SER A 40 3.46 -16.77 -7.04
C SER A 40 4.35 -17.48 -6.01
N LYS A 41 3.92 -17.53 -4.78
CA LYS A 41 4.71 -18.21 -3.73
C LYS A 41 3.77 -19.03 -2.83
N PRO A 42 4.23 -20.13 -2.29
CA PRO A 42 3.40 -21.00 -1.42
C PRO A 42 2.98 -20.27 -0.12
N PRO A 43 1.92 -20.73 0.50
CA PRO A 43 1.41 -20.11 1.76
C PRO A 43 2.37 -20.33 2.94
N LYS A 44 2.81 -19.27 3.56
CA LYS A 44 3.74 -19.40 4.71
C LYS A 44 4.02 -18.02 5.29
N LYS A 45 5.27 -17.67 5.45
CA LYS A 45 5.61 -16.32 6.00
C LYS A 45 6.97 -15.89 5.44
N GLY A 46 6.98 -15.39 4.23
CA GLY A 46 8.26 -14.95 3.62
C GLY A 46 8.77 -13.70 4.33
N VAL A 47 9.63 -13.87 5.30
CA VAL A 47 10.18 -12.70 6.03
C VAL A 47 11.12 -11.91 5.11
N GLN A 48 11.54 -12.52 4.04
CA GLN A 48 12.46 -11.83 3.08
C GLN A 48 11.82 -10.51 2.63
N GLY A 49 10.89 -10.58 1.73
CA GLY A 49 10.22 -9.33 1.24
C GLY A 49 9.61 -9.60 -0.14
N CYS A 50 10.35 -9.41 -1.18
CA CYS A 50 9.81 -9.64 -2.54
C CYS A 50 10.96 -9.85 -3.53
N GLY A 51 11.73 -8.82 -3.77
CA GLY A 51 12.87 -8.95 -4.72
C GLY A 51 12.39 -9.61 -6.01
N ASP A 52 11.20 -9.28 -6.45
CA ASP A 52 10.67 -9.88 -7.70
C ASP A 52 11.53 -9.41 -8.89
N ASP A 53 11.08 -8.42 -9.60
CA ASP A 53 11.86 -7.92 -10.76
C ASP A 53 12.77 -6.77 -10.30
N ILE A 54 12.19 -5.76 -9.68
CA ILE A 54 13.01 -4.62 -9.20
C ILE A 54 12.56 -4.26 -7.77
N PRO A 55 13.46 -3.76 -6.96
CA PRO A 55 13.15 -3.38 -5.55
C PRO A 55 12.34 -2.08 -5.48
N GLY A 56 11.10 -2.11 -5.89
CA GLY A 56 10.26 -0.88 -5.84
C GLY A 56 11.07 0.31 -6.34
N MET A 57 11.82 0.13 -7.39
CA MET A 57 12.64 1.26 -7.93
C MET A 57 13.59 1.76 -6.83
N GLU A 58 13.10 2.58 -5.94
CA GLU A 58 13.98 3.11 -4.86
C GLU A 58 13.94 2.14 -3.66
N GLY A 59 12.83 1.48 -3.47
CA GLY A 59 12.72 0.53 -2.32
C GLY A 59 11.28 0.09 -2.15
N CYS A 60 11.07 -1.11 -1.67
CA CYS A 60 9.67 -1.61 -1.47
C CYS A 60 8.84 -0.53 -0.78
N GLY A 61 9.43 0.23 0.09
CA GLY A 61 8.67 1.30 0.79
C GLY A 61 7.90 2.13 -0.24
N THR A 62 8.50 2.40 -1.37
CA THR A 62 7.81 3.21 -2.42
C THR A 62 6.99 4.33 -1.78
N ASP A 63 7.65 5.32 -1.23
CA ASP A 63 6.91 6.44 -0.58
C ASP A 63 6.19 7.28 -1.65
N ILE A 64 5.93 6.70 -2.80
CA ILE A 64 5.23 7.43 -3.91
C ILE A 64 5.68 6.87 -5.25
N THR A 65 5.28 5.69 -5.58
CA THR A 65 5.66 5.14 -6.90
C THR A 65 4.83 5.89 -7.94
N VAL A 66 4.64 7.16 -7.70
CA VAL A 66 3.82 8.00 -8.62
C VAL A 66 2.35 7.62 -8.44
N ILE A 67 2.10 6.50 -7.82
CA ILE A 67 0.68 6.05 -7.60
C ILE A 67 0.51 5.48 -6.19
N CYS A 68 -0.02 6.24 -5.27
CA CYS A 68 -0.25 5.71 -3.90
C CYS A 68 -1.74 5.85 -3.56
N PRO A 69 -2.24 5.01 -2.69
CA PRO A 69 -3.68 5.02 -2.29
C PRO A 69 -4.33 6.40 -2.37
N TRP A 70 -3.62 7.44 -2.06
CA TRP A 70 -4.24 8.80 -2.15
C TRP A 70 -4.23 9.26 -3.61
N GLU A 71 -4.32 8.34 -4.53
CA GLU A 71 -4.32 8.72 -5.97
C GLU A 71 -5.27 7.80 -6.74
N ALA A 72 -4.87 6.57 -6.97
CA ALA A 72 -5.73 5.62 -7.72
C ALA A 72 -6.87 5.10 -6.83
N CYS A 73 -6.53 4.56 -5.69
CA CYS A 73 -7.60 4.01 -4.80
C CYS A 73 -8.71 5.05 -4.62
N ASN A 74 -9.83 4.82 -5.25
CA ASN A 74 -10.96 5.79 -5.12
C ASN A 74 -11.85 5.35 -3.95
N HIS A 75 -12.09 4.07 -3.82
CA HIS A 75 -12.94 3.58 -2.69
C HIS A 75 -13.23 2.10 -2.91
N CYS A 76 -12.72 1.24 -2.05
CA CYS A 76 -12.96 -0.22 -2.21
C CYS A 76 -12.66 -0.93 -0.89
N GLU A 77 -13.17 -0.43 0.20
CA GLU A 77 -12.92 -1.09 1.52
C GLU A 77 -13.27 -2.58 1.42
N LEU A 78 -14.53 -2.89 1.43
CA LEU A 78 -14.96 -4.32 1.33
C LEU A 78 -14.29 -5.14 2.44
N HIS A 79 -14.84 -6.28 2.75
CA HIS A 79 -14.25 -7.13 3.82
C HIS A 79 -14.56 -8.60 3.53
N GLU A 80 -13.88 -9.20 2.59
CA GLU A 80 -14.16 -10.63 2.27
C GLU A 80 -12.87 -11.28 1.74
N LEU A 81 -12.09 -10.53 1.01
CA LEU A 81 -10.82 -11.08 0.46
C LEU A 81 -9.72 -10.93 1.52
N ALA A 82 -10.09 -10.74 2.76
CA ALA A 82 -9.08 -10.58 3.84
C ALA A 82 -8.01 -11.68 3.70
N GLN A 83 -8.33 -12.90 4.04
CA GLN A 83 -7.33 -13.99 3.94
C GLN A 83 -6.13 -13.63 4.82
N TYR A 84 -5.51 -14.60 5.43
CA TYR A 84 -4.35 -14.29 6.31
C TYR A 84 -4.81 -13.37 7.43
N GLY A 85 -5.05 -12.12 7.12
CA GLY A 85 -5.51 -11.16 8.15
C GLY A 85 -5.16 -9.73 7.72
N ILE A 86 -4.11 -9.57 6.96
CA ILE A 86 -3.71 -8.21 6.51
C ILE A 86 -2.68 -8.33 5.38
N CYS A 87 -3.05 -8.94 4.29
CA CYS A 87 -2.08 -9.09 3.16
C CYS A 87 -1.64 -7.70 2.68
C1C RCY B . 9.56 6.28 11.34
O1G RCY B . 7.18 8.88 10.61
O1H RCY B . 9.50 10.34 14.45
O1J RCY B . 12.55 5.96 11.12
C1L RCY B . 6.49 10.06 12.63
C1M RCY B . 11.31 9.42 12.22
C1P RCY B . 7.48 9.34 11.71
C1Q RCY B . 8.65 9.87 13.70
N1R RCY B . 8.87 9.26 12.33
C1S RCY B . 7.15 9.80 13.99
C1U RCY B . 10.17 8.71 11.73
C1V RCY B . 10.30 7.05 13.64
N1V RCY B . 11.89 7.12 11.71
C1W RCY B . 12.51 8.48 12.03
C1X RCY B . 10.44 7.26 12.13
C1Y RCY B . 13.34 8.41 13.32
C1Z RCY B . 13.38 8.93 10.86
H1S RCY B . 7.42 9.00 14.65
H1U RCY B . 10.13 8.79 10.66
C1C RCY C . -6.03 7.36 5.63
O1G RCY C . -7.71 9.08 4.00
O1H RCY C . -9.91 9.12 8.18
O1J RCY C . -5.27 9.61 3.77
C1L RCY C . -10.06 8.90 4.67
C1M RCY C . -6.56 10.65 7.23
C1P RCY C . -8.55 9.02 4.90
C1Q RCY C . -9.58 8.84 7.03
N1R RCY C . -8.22 9.06 6.39
C1S RCY C . -10.48 8.23 5.98
C1U RCY C . -6.87 9.26 7.08
C1V RCY C . -4.41 8.66 7.08
N1V RCY C . -5.59 9.79 5.18
C1W RCY C . -5.91 11.09 5.91
C1X RCY C . -5.70 8.72 6.26
C1Y RCY C . -4.61 11.87 6.18
C1Z RCY C . -6.86 11.92 5.07
H1S RCY C . -10.35 7.31 6.54
H1U RCY C . -6.88 8.79 8.04
C1C RCY D . -6.87 2.91 -17.10
O1G RCY D . -9.44 -1.79 -16.05
O1H RCY D . -5.60 0.92 -15.63
O1J RCY D . -9.07 4.21 -18.71
C1L RCY D . -7.45 -1.91 -14.62
C1M RCY D . -9.67 0.56 -17.70
C1P RCY D . -8.35 -1.33 -15.72
C1Q RCY D . -6.35 -0.05 -15.69
N1R RCY D . -7.71 -0.10 -16.37
C1S RCY D . -6.09 -1.42 -15.12
C1U RCY D . -8.28 0.84 -17.44
C1V RCY D . -8.88 2.48 -15.62
N1V RCY D . -9.19 2.91 -18.07
C1W RCY D . -10.26 1.84 -18.30
C1X RCY D . -8.27 2.31 -17.01
C1Y RCY D . -11.56 2.22 -17.61
C1Z RCY D . -10.48 1.68 -19.81
H1S RCY D . -5.40 -1.53 -15.94
H1U RCY D . -7.71 0.73 -18.36
C1C RCY E . -4.74 -7.85 -7.08
O1G RCY E . 0.10 -6.68 -9.48
O1H RCY E . -3.45 -9.69 -8.65
O1J RCY E . -5.75 -5.05 -6.63
C1L RCY E . -0.31 -9.01 -10.12
C1M RCY E . -2.38 -5.35 -8.41
C1P RCY E . -0.62 -7.68 -9.41
C1Q RCY E . -2.33 -9.21 -8.80
N1R RCY E . -1.93 -7.75 -8.63
C1S RCY E . -1.08 -9.97 -9.20
C1U RCY E . -2.66 -6.64 -7.87
C1V RCY E . -4.64 -6.93 -9.43
N1V RCY E . -4.59 -5.38 -7.46
C1W RCY E . -3.53 -4.43 -7.99
C1X RCY E . -4.19 -6.75 -7.98
C1Y RCY E . -4.06 -3.64 -9.18
C1Z RCY E . -3.09 -3.49 -6.86
H1S RCY E . -1.10 -10.33 -8.18
H1U RCY E . -2.37 -6.67 -6.83
C1C RCY F . 2.97 -9.66 -6.27
O1G RCY F . 3.87 -8.35 -2.31
O1H RCY F . 6.20 -7.48 -6.32
O1J RCY F . 1.39 -10.23 -3.76
C1L RCY F . 6.21 -8.56 -2.96
C1M RCY F . 2.37 -6.56 -4.34
C1P RCY F . 4.72 -8.26 -3.18
C1Q RCY F . 5.82 -7.99 -5.27
N1R RCY F . 4.45 -7.83 -4.63
C1S RCY F . 6.62 -8.93 -4.39
C1U RCY F . 3.14 -7.35 -5.26
C1V RCY F . 1.06 -8.03 -6.52
N1V RCY F . 1.69 -8.89 -4.26
C1W RCY F . 1.55 -7.57 -3.50
C1X RCY F . 2.21 -8.50 -5.64
C1Y RCY F . 0.08 -7.14 -3.45
C1Z RCY F . 2.13 -7.73 -2.10
H1S RCY F . 6.44 -9.66 -5.16
H1U RCY F . 3.36 -6.76 -6.14
C1C RCY G . 6.02 -2.61 -5.63
O1G RCY G . 7.02 0.77 -2.95
O1H RCY G . 6.03 -3.66 -1.64
O1J RCY G . 3.70 -1.49 -7.21
C1L RCY G . 8.01 -0.75 -1.30
C1M RCY G . 3.97 -0.34 -3.56
C1P RCY G . 7.00 -0.32 -2.38
C1Q RCY G . 6.34 -2.47 -1.62
N1R RCY G . 5.98 -1.42 -2.66
C1S RCY G . 7.15 -1.77 -0.54
C1U RCY G . 4.86 -1.46 -3.70
C1V RCY G . 6.34 -0.13 -5.28
N1V RCY G . 4.09 -1.04 -5.88
C1W RCY G . 3.28 -0.17 -4.91
C1X RCY G . 5.38 -1.31 -5.14
C1Y RCY G . 3.33 1.30 -5.35
C1Z RCY G . 1.83 -0.67 -4.88
H1S RCY G . 6.25 -1.85 0.05
H1U RCY G . 4.31 -2.37 -3.61
C1C RCY H . 1.35 -0.49 -0.62
O1G RCY H . 3.01 0.78 -3.59
O1H RCY H . 0.08 4.05 -1.85
O1J RCY H . -0.72 -2.58 -1.26
C1L RCY H . 3.17 3.21 -3.33
C1M RCY H . -0.78 0.55 -3.47
C1P RCY H . 2.49 1.84 -3.25
C1Q RCY H . 0.90 3.46 -2.56
N1R RCY H . 1.07 1.96 -2.69
C1S RCY H . 1.94 4.11 -3.45
C1U RCY H . 0.07 0.85 -2.36
C1V RCY H . 1.77 -0.87 -3.10
N1V RCY H . -0.45 -1.42 -2.10
C1W RCY H . -1.31 -0.88 -3.24
C1X RCY H . 0.74 -0.49 -2.03
C1Y RCY H . -1.14 -1.73 -4.50
C1Z RCY H . -2.78 -0.84 -2.79
H1S RCY H . 1.10 4.33 -4.09
H1U RCY H . -0.54 1.15 -1.51
C1C RCY I . -5.29 -0.93 -2.24
O1G RCY I . -7.25 1.00 2.25
O1H RCY I . -6.90 0.48 -2.43
O1J RCY I . -2.86 0.56 -1.25
C1L RCY I . -8.09 2.30 0.35
C1M RCY I . -5.10 -1.00 1.45
C1P RCY I . -7.31 1.16 1.02
C1Q RCY I . -6.94 0.96 -1.31
N1R RCY I . -6.63 0.26 0.01
C1S RCY I . -7.31 2.40 -0.97
C1U RCY I . -5.85 -1.04 0.23
C1V RCY I . -4.21 -2.69 -0.77
N1V RCY I . -3.73 -0.26 -0.40
C1W RCY I . -3.77 -0.29 1.13
C1X RCY I . -4.78 -1.27 -0.84
C1Y RCY I . -2.59 -1.10 1.68
C1Z RCY I . -3.76 1.14 1.66
H1S RCY I . -6.32 2.63 -1.35
H1U RCY I . -6.53 -1.88 0.24
C1C RCY J . -8.93 -1.11 3.51
O1G RCY J . -11.35 -0.42 2.32
O1H RCY J . -8.12 0.25 -1.07
O1J RCY J . -6.46 -2.17 2.15
C1L RCY J . -11.28 -0.96 -0.07
C1M RCY J . -7.30 1.51 1.47
C1P RCY J . -10.75 -0.36 1.25
C1Q RCY J . -9.19 0.17 -0.45
N1R RCY J . -9.39 0.30 1.05
C1S RCY J . -10.55 -0.07 -1.08
C1U RCY J . -8.46 0.93 2.09
C1V RCY J . -7.20 0.59 4.26
N1V RCY J . -6.84 -0.76 2.17
C1W RCY J . -6.29 0.38 1.32
C1X RCY J . -7.88 -0.09 3.06
C1Y RCY J . -4.91 0.81 1.83
C1Z RCY J . -6.19 -0.09 -0.14
H1S RCY J . -10.47 0.96 -1.40
H1U RCY J . -9.00 1.69 2.64
C1C RCY K . -4.91 -3.93 -2.18
O1G RCY K . -4.65 -7.41 -2.84
O1H RCY K . -6.47 -7.16 1.51
O1J RCY K . -7.11 -1.91 -1.90
C1L RCY K . -4.33 -8.74 -0.81
C1M RCY K . -7.85 -5.38 -0.45
C1P RCY K . -4.90 -7.59 -1.64
C1Q RCY K . -5.69 -7.31 0.57
N1R RCY K . -5.82 -6.70 -0.81
C1S RCY K . -4.41 -8.12 0.58
C1U RCY K . -6.67 -5.51 -1.26
C1V RCY K . -5.35 -4.03 0.32
N1V RCY K . -7.12 -3.21 -1.25
C1W RCY K . -8.30 -3.92 -0.59
C1X RCY K . -5.95 -4.17 -1.08
C1Y RCY K . -8.58 -3.31 0.79
C1Z RCY K . -9.53 -3.79 -1.49
H1S RCY K . -4.01 -7.30 1.17
H1U RCY K . -6.95 -5.64 -2.29
N MET A 1 25.28 -7.94 -0.74
CA MET A 1 25.32 -6.83 0.25
C MET A 1 24.09 -5.95 0.08
N ASN A 2 23.33 -5.75 1.13
CA ASN A 2 22.11 -4.90 1.03
C ASN A 2 21.61 -4.55 2.42
N LEU A 3 21.65 -3.29 2.79
CA LEU A 3 21.18 -2.90 4.15
C LEU A 3 19.68 -2.58 4.08
N GLU A 4 18.90 -3.16 4.95
CA GLU A 4 17.43 -2.89 4.95
C GLU A 4 16.98 -2.51 6.37
N PRO A 5 16.36 -1.36 6.54
CA PRO A 5 15.87 -0.91 7.87
C PRO A 5 15.22 -2.04 8.66
N PRO A 6 15.88 -2.56 9.66
CA PRO A 6 15.33 -3.67 10.50
C PRO A 6 14.35 -3.17 11.56
N LYS A 7 13.30 -3.90 11.81
CA LYS A 7 12.30 -3.48 12.84
C LYS A 7 13.03 -3.21 14.16
N ALA A 8 13.32 -1.98 14.45
CA ALA A 8 14.01 -1.65 15.73
C ALA A 8 14.14 -0.14 15.86
N GLU A 9 13.38 0.60 15.11
CA GLU A 9 13.44 2.08 15.20
C GLU A 9 12.13 2.69 14.69
N CYS A 10 11.45 3.43 15.51
CA CYS A 10 10.16 4.05 15.08
C CYS A 10 9.69 5.04 16.14
N ARG A 11 10.59 5.83 16.68
CA ARG A 11 10.18 6.82 17.71
C ARG A 11 9.13 7.77 17.13
N SER A 12 8.80 7.60 15.87
CA SER A 12 7.79 8.50 15.25
C SER A 12 8.38 9.90 15.05
N ALA A 13 8.87 10.50 16.10
CA ALA A 13 9.46 11.86 15.97
C ALA A 13 8.51 12.76 15.19
N THR A 14 9.03 13.58 14.32
CA THR A 14 8.16 14.49 13.53
C THR A 14 7.42 13.67 12.46
N ARG A 15 6.34 13.03 12.83
CA ARG A 15 5.59 12.22 11.83
C ARG A 15 5.07 13.13 10.72
N VAL A 16 3.77 13.21 10.54
CA VAL A 16 3.23 14.08 9.47
C VAL A 16 1.70 14.13 9.57
N MET A 17 1.09 13.05 9.98
CA MET A 17 -0.40 13.02 10.11
C MET A 17 -0.80 12.38 11.43
N GLY A 18 -1.85 12.85 12.04
CA GLY A 18 -2.29 12.27 13.34
C GLY A 18 -3.82 12.41 13.47
N GLY A 19 -4.27 13.21 14.40
CA GLY A 19 -5.74 13.39 14.57
C GLY A 19 -6.32 12.17 15.29
N PRO A 20 -6.53 12.27 16.58
CA PRO A 20 -7.09 11.14 17.39
C PRO A 20 -8.32 10.52 16.73
N CYS A 21 -8.13 9.42 16.04
CA CYS A 21 -9.27 8.74 15.36
C CYS A 21 -9.16 7.24 15.57
N THR A 22 -10.24 6.52 15.38
CA THR A 22 -10.19 5.04 15.56
C THR A 22 -11.05 4.36 14.48
N PRO A 23 -10.67 3.19 14.03
CA PRO A 23 -11.42 2.45 12.99
C PRO A 23 -12.94 2.52 13.20
N ARG A 24 -13.66 2.86 12.16
CA ARG A 24 -15.14 2.95 12.29
C ARG A 24 -15.75 3.38 10.95
N LYS A 25 -15.02 4.13 10.18
CA LYS A 25 -15.55 4.57 8.85
C LYS A 25 -15.90 3.35 8.02
N GLY A 26 -15.47 2.20 8.43
CA GLY A 26 -15.78 0.95 7.66
C GLY A 26 -15.37 1.14 6.20
N PRO A 27 -15.49 0.10 5.41
CA PRO A 27 -15.13 0.14 3.97
C PRO A 27 -15.76 1.34 3.23
N PRO A 28 -14.97 2.14 2.56
CA PRO A 28 -15.49 3.32 1.81
C PRO A 28 -16.77 3.01 1.03
N LYS A 29 -17.46 4.01 0.57
CA LYS A 29 -18.73 3.76 -0.19
C LYS A 29 -18.45 2.80 -1.35
N CYS A 30 -18.27 1.54 -1.07
CA CYS A 30 -18.00 0.55 -2.15
C CYS A 30 -18.41 -0.84 -1.67
N LYS A 31 -18.40 -1.81 -2.54
CA LYS A 31 -18.79 -3.18 -2.14
C LYS A 31 -17.90 -4.19 -2.89
N GLN A 32 -17.16 -4.99 -2.16
CA GLN A 32 -16.25 -6.00 -2.81
C GLN A 32 -15.66 -5.43 -4.10
N ARG A 33 -15.25 -6.27 -5.00
CA ARG A 33 -14.66 -5.76 -6.28
C ARG A 33 -15.77 -5.21 -7.16
N GLN A 34 -15.78 -3.93 -7.38
CA GLN A 34 -16.85 -3.33 -8.25
C GLN A 34 -16.35 -1.98 -8.80
N THR A 35 -17.19 -0.98 -8.76
CA THR A 35 -16.78 0.36 -9.28
C THR A 35 -16.21 0.21 -10.69
N ARG A 36 -14.92 0.02 -10.81
CA ARG A 36 -14.30 -0.13 -12.16
C ARG A 36 -14.04 -1.61 -12.44
N GLN A 37 -14.41 -2.47 -11.54
CA GLN A 37 -14.20 -3.93 -11.75
C GLN A 37 -12.69 -4.22 -11.90
N CYS A 38 -12.11 -3.80 -12.99
CA CYS A 38 -10.65 -4.04 -13.21
C CYS A 38 -10.35 -5.53 -13.11
N LYS A 39 -9.95 -6.13 -14.20
CA LYS A 39 -9.65 -7.59 -14.21
C LYS A 39 -8.99 -8.01 -12.90
N SER A 40 -9.47 -9.06 -12.29
CA SER A 40 -8.86 -9.52 -11.01
C SER A 40 -7.34 -9.63 -11.18
N LYS A 41 -6.90 -10.31 -12.20
CA LYS A 41 -5.43 -10.44 -12.43
C LYS A 41 -4.89 -9.09 -12.93
N PRO A 42 -3.91 -8.53 -12.26
CA PRO A 42 -3.32 -7.23 -12.67
C PRO A 42 -2.39 -7.36 -13.88
N PRO A 43 -2.26 -6.32 -14.67
CA PRO A 43 -1.39 -6.32 -15.87
C PRO A 43 0.10 -6.20 -15.51
N LYS A 44 0.97 -6.47 -16.43
CA LYS A 44 2.42 -6.36 -16.13
C LYS A 44 2.81 -4.89 -16.05
N LYS A 45 4.02 -4.56 -16.40
CA LYS A 45 4.45 -3.13 -16.35
C LYS A 45 4.18 -2.46 -17.69
N GLY A 46 2.95 -2.04 -17.92
CA GLY A 46 2.62 -1.38 -19.22
C GLY A 46 2.62 0.14 -19.03
N VAL A 47 1.69 0.82 -19.64
CA VAL A 47 1.63 2.31 -19.52
C VAL A 47 0.17 2.75 -19.47
N GLN A 48 -0.68 1.97 -18.88
CA GLN A 48 -2.12 2.35 -18.80
C GLN A 48 -2.25 3.80 -18.32
N GLY A 49 -3.45 4.31 -18.27
CA GLY A 49 -3.63 5.72 -17.82
C GLY A 49 -3.51 5.79 -16.29
N CYS A 50 -3.25 4.70 -15.64
CA CYS A 50 -3.12 4.72 -14.16
C CYS A 50 -1.82 5.43 -13.77
N GLY A 51 -0.87 5.48 -14.66
CA GLY A 51 0.42 6.15 -14.34
C GLY A 51 1.39 5.14 -13.73
N ASP A 52 2.30 4.61 -14.51
CA ASP A 52 3.27 3.63 -13.97
C ASP A 52 4.68 4.23 -14.00
N ASP A 53 4.82 5.46 -13.63
CA ASP A 53 6.16 6.11 -13.63
C ASP A 53 6.19 7.24 -12.61
N ILE A 54 5.06 7.82 -12.31
CA ILE A 54 5.03 8.93 -11.32
C ILE A 54 5.13 8.36 -9.91
N PRO A 55 5.92 8.97 -9.05
CA PRO A 55 6.09 8.50 -7.64
C PRO A 55 4.88 8.85 -6.77
N GLY A 56 3.70 8.67 -7.29
CA GLY A 56 2.48 9.00 -6.47
C GLY A 56 2.61 10.41 -5.92
N MET A 57 2.54 11.41 -6.76
CA MET A 57 2.66 12.81 -6.28
C MET A 57 1.45 13.15 -5.39
N GLU A 58 1.38 12.57 -4.23
CA GLU A 58 0.23 12.86 -3.31
C GLU A 58 0.72 13.62 -2.09
N GLY A 59 1.49 12.98 -1.25
CA GLY A 59 2.02 13.66 -0.04
C GLY A 59 2.65 12.64 0.89
N CYS A 60 2.34 11.38 0.71
CA CYS A 60 2.93 10.32 1.58
C CYS A 60 4.45 10.32 1.42
N GLY A 61 4.95 9.55 0.49
CA GLY A 61 6.43 9.52 0.27
C GLY A 61 6.84 8.13 -0.27
N THR A 62 6.86 7.98 -1.56
CA THR A 62 7.27 6.67 -2.14
C THR A 62 8.79 6.54 -2.08
N ASP A 63 9.30 5.92 -1.05
CA ASP A 63 10.78 5.77 -0.92
C ASP A 63 11.30 4.79 -1.98
N ILE A 64 10.43 4.06 -2.63
CA ILE A 64 10.90 3.08 -3.66
C ILE A 64 10.15 3.31 -4.97
N THR A 65 9.01 3.94 -4.92
CA THR A 65 8.21 4.17 -6.16
C THR A 65 7.36 2.94 -6.45
N VAL A 66 7.97 1.77 -6.48
CA VAL A 66 7.17 0.54 -6.74
C VAL A 66 6.69 -0.05 -5.41
N ILE A 67 7.59 -0.44 -4.54
CA ILE A 67 7.15 -1.02 -3.23
C ILE A 67 7.98 -0.46 -2.07
N CYS A 68 7.54 0.64 -1.51
CA CYS A 68 8.27 1.24 -0.35
C CYS A 68 8.17 0.29 0.84
N PRO A 69 9.09 0.38 1.78
CA PRO A 69 9.10 -0.49 2.99
C PRO A 69 7.79 -0.39 3.78
N TRP A 70 7.12 0.72 3.71
CA TRP A 70 5.83 0.86 4.44
C TRP A 70 4.77 -0.02 3.77
N GLU A 71 5.08 -1.26 3.53
CA GLU A 71 4.12 -2.18 2.88
C GLU A 71 4.06 -3.50 3.66
N ALA A 72 5.16 -3.90 4.24
CA ALA A 72 5.17 -5.17 5.02
C ALA A 72 4.35 -4.99 6.30
N CYS A 73 3.39 -4.12 6.28
CA CYS A 73 2.55 -3.88 7.49
C CYS A 73 1.51 -4.99 7.61
N ASN A 74 0.92 -5.39 6.53
CA ASN A 74 -0.11 -6.47 6.59
C ASN A 74 -1.16 -6.12 7.65
N HIS A 75 -1.51 -7.06 8.50
CA HIS A 75 -2.52 -6.77 9.55
C HIS A 75 -3.78 -6.20 8.91
N CYS A 76 -4.67 -7.05 8.49
CA CYS A 76 -5.93 -6.57 7.86
C CYS A 76 -6.79 -7.77 7.48
N GLU A 77 -8.04 -7.53 7.20
CA GLU A 77 -8.95 -8.66 6.84
C GLU A 77 -8.57 -9.24 5.47
N LEU A 78 -7.31 -9.41 5.22
CA LEU A 78 -6.88 -9.99 3.91
C LEU A 78 -5.38 -10.30 3.96
N HIS A 79 -4.98 -11.47 3.54
CA HIS A 79 -3.54 -11.82 3.57
C HIS A 79 -3.35 -13.25 3.08
N GLU A 80 -3.40 -13.47 1.80
CA GLU A 80 -3.21 -14.85 1.27
C GLU A 80 -1.72 -15.10 1.03
N LEU A 81 -1.23 -14.71 -0.12
CA LEU A 81 0.22 -14.93 -0.43
C LEU A 81 0.98 -13.61 -0.17
N ALA A 82 0.46 -12.78 0.70
CA ALA A 82 1.14 -11.48 0.99
C ALA A 82 2.63 -11.73 1.24
N GLN A 83 3.42 -11.71 0.20
CA GLN A 83 4.87 -11.95 0.37
C GLN A 83 5.64 -11.28 -0.77
N TYR A 84 5.38 -11.66 -1.99
CA TYR A 84 6.10 -11.04 -3.13
C TYR A 84 5.30 -11.25 -4.42
N GLY A 85 4.22 -10.55 -4.61
CA GLY A 85 3.42 -10.73 -5.85
C GLY A 85 2.03 -10.11 -5.67
N ILE A 86 1.31 -10.56 -4.68
CA ILE A 86 -0.07 -10.00 -4.46
C ILE A 86 0.06 -8.57 -3.90
N CYS A 87 -0.60 -8.27 -2.82
CA CYS A 87 -0.51 -6.89 -2.26
C CYS A 87 0.94 -6.62 -1.82
C1C RCY B . 4.07 2.79 14.54
O1G RCY B . 4.76 -0.15 18.18
O1H RCY B . 6.75 3.68 16.24
O1J RCY B . 2.62 0.15 14.62
C1L RCY B . 7.07 0.43 17.57
C1M RCY B . 2.86 2.03 17.96
C1P RCY B . 5.56 0.65 17.68
C1Q RCY B . 6.47 2.52 16.51
N1R RCY B . 5.15 2.01 17.08
C1S RCY B . 7.39 1.31 16.36
C1U RCY B . 3.77 2.68 17.05
C1V RCY B . 1.87 3.48 15.60
N1V RCY B . 2.65 1.10 15.73
C1W RCY B . 2.25 0.86 17.18
C1X RCY B . 3.09 2.56 15.69
C1Y RCY B . 0.72 0.85 17.32
C1Z RCY B . 2.84 -0.48 17.64
H1S RCY B . 7.18 1.42 15.31
H1U RCY B . 3.87 3.72 17.32
C1C RCY C . -7.41 6.71 8.40
O1G RCY C . -9.97 11.20 9.30
O1H RCY C . -7.82 7.17 10.48
O1J RCY C . -10.00 6.14 6.96
C1L RCY C . -9.98 9.83 11.33
C1M RCY C . -8.81 9.79 6.90
C1P RCY C . -9.60 10.19 9.88
C1Q RCY C . -8.66 8.06 10.35
N1R RCY C . -8.70 9.12 9.25
C1S RCY C . -9.84 8.30 11.26
C1U RCY C . -8.02 9.11 7.89
C1V RCY C . -6.92 7.68 6.11
N1V RCY C . -9.29 7.41 6.89
C1W RCY C . -9.80 8.75 6.37
C1X RCY C . -7.85 7.70 7.32
C1Y RCY C . -9.82 8.76 4.84
C1Z RCY C . -11.21 8.99 6.92
H1S RCY C . -10.27 7.44 10.77
H1U RCY C . -7.06 9.58 7.96
C1C RCY D . -9.55 0.74 -5.32
O1G RCY D . -11.57 -0.38 -3.36
O1H RCY D . -14.78 2.12 -5.77
O1J RCY D . -8.72 1.38 -8.14
C1L RCY D . -13.74 0.60 -2.76
C1M RCY D . -12.49 1.43 -7.44
C1P RCY D . -12.56 0.29 -3.68
C1Q RCY D . -14.04 1.71 -4.88
N1R RCY D . -12.75 0.92 -5.07
C1S RCY D . -14.24 1.90 -3.38
C1U RCY D . -11.88 0.81 -6.32
C1V RCY D . -10.72 2.96 -5.66
N1V RCY D . -10.08 1.54 -7.63
C1W RCY D . -11.37 1.75 -8.43
C1X RCY D . -10.54 1.53 -6.18
C1Y RCY D . -11.45 3.19 -8.92
C1Z RCY D . -11.37 0.78 -9.62
H1S RCY D . -13.93 2.92 -3.58
H1U RCY D . -11.70 -0.24 -6.54
C1C RCY E . -4.61 -0.71 -8.83
O1G RCY E . -5.70 0.64 -10.48
O1H RCY E . -7.74 -3.44 -11.73
O1J RCY E . -6.12 -2.76 -7.22
C1L RCY E . -7.93 0.07 -11.33
C1M RCY E . -5.03 -3.86 -10.73
C1P RCY E . -6.48 -0.21 -10.90
C1Q RCY E . -7.39 -2.25 -11.70
N1R RCY E . -6.12 -1.69 -11.06
C1S RCY E . -8.14 -1.08 -12.31
C1U RCY E . -4.85 -2.43 -10.67
C1V RCY E . -3.01 -2.68 -8.94
N1V RCY E . -5.45 -3.04 -8.48
C1W RCY E . -5.62 -4.27 -9.38
C1X RCY E . -4.43 -2.18 -9.22
C1Y RCY E . -4.86 -5.46 -8.80
C1Z RCY E . -7.11 -4.60 -9.50
H1S RCY E . -7.77 -1.47 -13.25
H1U RCY E . -4.04 -2.14 -11.33
C1C RCY F . -2.60 -2.79 -10.42
O1G RCY F . -0.62 -1.90 -12.76
O1H RCY F . -1.14 1.75 -9.81
O1J RCY F . -0.47 -4.30 -11.94
C1L RCY F . -1.08 0.48 -13.10
C1M RCY F . 0.79 -1.68 -9.43
C1P RCY F . -0.84 -0.80 -12.28
C1Q RCY F . -1.29 0.97 -10.75
N1R RCY F . -0.89 -0.51 -10.78
C1S RCY F . -1.90 1.29 -12.10
C1U RCY F . -0.62 -1.45 -9.60
C1V RCY F . -1.17 -3.67 -8.52
N1V RCY F . -0.21 -3.41 -10.81
C1W RCY F . 1.15 -2.83 -10.37
C1X RCY F . -1.20 -2.84 -9.81
C1Y RCY F . 1.97 -3.89 -9.64
C1Z RCY F . 1.90 -2.33 -11.61
H1S RCY F . -2.83 1.28 -11.56
H1U RCY F . -1.03 -1.02 -8.70
C1C RCY G . 2.55 5.94 -4.66
O1G RCY G . 1.50 8.93 -3.87
O1H RCY G . 0.13 6.38 -0.14
O1J RCY G . 0.95 4.18 -6.51
C1L RCY G . 1.32 9.42 -1.48
C1M RCY G . -1.01 5.82 -3.65
C1P RCY G . 1.19 8.56 -2.74
C1Q RCY G . 0.29 7.31 -0.93
N1R RCY G . 0.60 7.18 -2.42
C1S RCY G . 0.24 8.79 -0.61
C1U RCY G . 0.38 5.98 -3.35
C1V RCY G . 0.69 7.52 -5.34
N1V RCY G . 0.36 5.04 -5.49
C1W RCY G . -1.07 5.01 -4.95
C1X RCY G . 1.04 6.17 -4.72
C1Y RCY G . -2.03 5.65 -5.95
C1Z RCY G . -1.47 3.55 -4.69
H1S RCY G . -0.83 8.63 -0.56
H1U RCY G . 0.76 5.09 -2.88
C1C RCY H . 1.21 5.91 -0.58
O1G RCY H . 2.76 1.90 1.92
O1H RCY H . 3.83 4.16 -2.08
O1J RCY H . -1.73 5.62 -0.03
C1L RCY H . 4.88 2.35 0.76
C1M RCY H . 0.34 2.41 0.22
C1P RCY H . 3.36 2.38 0.95
C1Q RCY H . 3.82 3.34 -1.17
N1R RCY H . 2.66 3.06 -0.23
C1S RCY H . 4.96 2.43 -0.77
C1U RCY H . 1.17 3.39 -0.42
C1V RCY H . 1.24 4.78 1.69
N1V RCY H . -0.75 4.57 0.20
C1W RCY H . -1.02 3.09 0.45
C1X RCY H . 0.76 4.70 0.25
C1Y RCY H . -1.48 2.86 1.89
C1Z RCY H . -2.07 2.58 -0.54
H1S RCY H . 4.69 1.88 -1.65
H1U RCY H . 0.94 3.43 -1.47
C1C RCY I . -0.36 -4.10 1.07
O1G RCY I . -1.67 -4.60 2.96
O1H RCY I . 2.19 -3.47 5.43
O1J RCY I . 1.32 -1.60 0.99
C1L RCY I . -1.32 -3.54 5.14
C1M RCY I . 2.87 -4.60 2.82
C1P RCY I . -0.90 -4.22 3.83
C1Q RCY I . 1.06 -3.86 5.12
N1R RCY I . 0.63 -4.38 3.76
C1S RCY I . -0.15 -3.92 6.04
C1U RCY I . 1.49 -4.92 2.61
C1V RCY I . 1.81 -5.01 0.11
N1V RCY I . 1.80 -2.90 1.46
C1W RCY I . 3.08 -3.19 2.25
C1X RCY I . 1.16 -4.27 1.26
C1Y RCY I . 4.31 -3.15 1.33
C1Z RCY I . 3.21 -2.16 3.38
H1S RCY I . 0.35 -4.78 6.47
H1U RCY I . 1.36 -5.98 2.54
C1C RCY J . -2.73 -5.14 0.60
O1G RCY J . -4.72 -4.72 1.05
O1H RCY J . -4.48 -7.12 5.11
O1J RCY J . -1.00 -3.86 2.71
C1L RCY J . -6.09 -4.71 3.09
C1M RCY J . -2.07 -7.48 3.38
C1P RCY J . -4.95 -5.18 2.17
C1Q RCY J . -4.91 -6.56 4.10
N1R RCY J . -4.14 -6.31 2.81
C1S RCY J . -6.30 -5.98 3.92
C1U RCY J . -2.88 -7.01 2.30
C1V RCY J . -0.86 -6.83 0.79
N1V RCY J . -1.35 -5.27 2.68
C1W RCY J . -1.19 -6.30 3.80
C1X RCY J . -1.96 -6.07 1.53
C1Y RCY J . 0.27 -6.74 3.93
C1Z RCY J . -1.67 -5.68 5.12
H1S RCY J . -6.60 -7.01 3.82
H1U RCY J . -3.16 -7.83 1.67
C1C RCY K . -1.82 -3.52 5.38
O1G RCY K . -0.06 -8.56 4.13
O1H RCY K . -0.83 -4.11 2.74
O1J RCY K . -0.73 -3.17 8.15
C1L RCY K . -0.21 -7.49 1.93
C1M RCY K . 0.45 -6.29 6.27
C1P RCY K . -0.26 -7.54 3.46
C1Q RCY K . -0.85 -5.34 2.81
N1R RCY K . -0.59 -6.18 4.06
C1S RCY K . -1.15 -6.30 1.68
C1U RCY K . -0.65 -5.75 5.52
C1V RCY K . 0.67 -3.67 4.93
N1V RCY K . -0.26 -4.17 7.21
C1W RCY K . 0.62 -5.39 7.51
C1X RCY K . -0.52 -4.25 5.72
C1Y RCY K . 2.08 -4.97 7.68
C1Z RCY K . 0.10 -6.08 8.77
H1S RCY K . -2.17 -5.99 1.81
H1U RCY K . -1.57 -6.09 5.97
N MET A 1 -25.18 9.01 7.07
CA MET A 1 -26.51 8.86 6.42
C MET A 1 -26.32 8.45 4.96
N ASN A 2 -25.51 9.17 4.24
CA ASN A 2 -25.27 8.83 2.80
C ASN A 2 -24.36 7.61 2.72
N LEU A 3 -23.08 7.81 2.64
CA LEU A 3 -22.14 6.65 2.55
C LEU A 3 -22.43 5.68 3.70
N GLU A 4 -21.66 4.64 3.81
CA GLU A 4 -21.91 3.65 4.91
C GLU A 4 -21.53 4.29 6.25
N PRO A 5 -22.24 3.96 7.31
CA PRO A 5 -21.98 4.52 8.66
C PRO A 5 -20.47 4.71 8.94
N PRO A 6 -19.98 5.93 8.82
CA PRO A 6 -18.55 6.23 9.05
C PRO A 6 -18.25 6.47 10.54
N LYS A 7 -17.00 6.45 10.91
CA LYS A 7 -16.64 6.66 12.35
C LYS A 7 -15.23 7.24 12.44
N ALA A 8 -14.48 6.85 13.44
CA ALA A 8 -13.10 7.38 13.59
C ALA A 8 -12.37 7.31 12.24
N GLU A 9 -12.90 6.57 11.31
CA GLU A 9 -12.24 6.46 9.97
C GLU A 9 -12.34 7.81 9.25
N CYS A 10 -11.70 8.83 9.75
CA CYS A 10 -11.76 10.16 9.09
C CYS A 10 -10.59 10.30 8.11
N ARG A 11 -9.70 11.22 8.37
CA ARG A 11 -8.53 11.40 7.46
C ARG A 11 -7.34 11.94 8.25
N SER A 12 -7.27 11.64 9.52
CA SER A 12 -6.13 12.13 10.33
C SER A 12 -6.12 11.41 11.69
N ALA A 13 -5.01 11.43 12.38
CA ALA A 13 -4.95 10.75 13.70
C ALA A 13 -3.58 11.03 14.35
N THR A 14 -3.13 12.25 14.28
CA THR A 14 -1.82 12.61 14.90
C THR A 14 -0.68 11.92 14.14
N ARG A 15 -1.00 11.27 13.05
CA ARG A 15 0.06 10.57 12.25
C ARG A 15 0.62 9.40 13.06
N VAL A 16 0.91 8.31 12.40
CA VAL A 16 1.45 7.11 13.13
C VAL A 16 2.91 6.89 12.73
N MET A 17 3.33 7.45 11.63
CA MET A 17 4.75 7.28 11.18
C MET A 17 5.68 7.63 12.34
N GLY A 18 6.89 7.14 12.30
CA GLY A 18 7.86 7.46 13.39
C GLY A 18 7.87 6.31 14.40
N GLY A 19 8.59 6.46 15.49
CA GLY A 19 8.64 5.37 16.50
C GLY A 19 9.31 4.13 15.91
N PRO A 20 9.02 2.97 16.44
CA PRO A 20 9.61 1.70 15.94
C PRO A 20 9.44 1.54 14.42
N CYS A 21 8.86 2.52 13.78
CA CYS A 21 8.67 2.44 12.30
C CYS A 21 9.11 3.76 11.67
N THR A 22 10.32 3.83 11.17
CA THR A 22 10.81 5.10 10.54
C THR A 22 11.03 4.86 9.04
N PRO A 23 10.76 5.85 8.23
CA PRO A 23 10.94 5.74 6.75
C PRO A 23 12.25 5.04 6.37
N ARG A 24 12.24 4.26 5.33
CA ARG A 24 13.48 3.55 4.90
C ARG A 24 14.25 4.44 3.92
N LYS A 25 14.04 5.73 3.99
CA LYS A 25 14.75 6.66 3.07
C LYS A 25 16.21 6.23 2.93
N GLY A 26 16.71 6.22 1.72
CA GLY A 26 18.13 5.82 1.50
C GLY A 26 18.45 5.93 0.00
N PRO A 27 18.84 4.85 -0.64
CA PRO A 27 19.16 4.86 -2.11
C PRO A 27 18.06 5.60 -2.90
N PRO A 28 18.23 5.74 -4.18
CA PRO A 28 17.22 6.44 -5.04
C PRO A 28 15.81 5.94 -4.78
N LYS A 29 14.82 6.70 -5.16
CA LYS A 29 13.40 6.27 -4.92
C LYS A 29 13.26 4.78 -5.24
N CYS A 30 12.73 4.02 -4.32
CA CYS A 30 12.56 2.55 -4.54
C CYS A 30 13.87 1.83 -4.26
N LYS A 31 13.81 0.71 -3.60
CA LYS A 31 15.05 -0.05 -3.29
C LYS A 31 15.74 -0.47 -4.59
N GLN A 32 16.25 -1.67 -4.66
CA GLN A 32 16.93 -2.13 -5.90
C GLN A 32 16.81 -3.65 -6.02
N ARG A 33 16.23 -4.29 -5.03
CA ARG A 33 16.09 -5.77 -5.09
C ARG A 33 15.55 -6.17 -6.46
N GLN A 34 14.26 -6.10 -6.63
CA GLN A 34 13.66 -6.48 -7.94
C GLN A 34 12.17 -6.12 -7.94
N THR A 35 11.84 -4.92 -7.54
CA THR A 35 10.41 -4.50 -7.52
C THR A 35 9.83 -4.55 -8.93
N ARG A 36 10.67 -4.68 -9.92
CA ARG A 36 10.18 -4.73 -11.32
C ARG A 36 9.87 -6.18 -11.70
N GLN A 37 10.15 -7.10 -10.82
CA GLN A 37 9.87 -8.54 -11.13
C GLN A 37 8.36 -8.73 -11.28
N CYS A 38 7.94 -9.44 -12.30
CA CYS A 38 6.48 -9.66 -12.49
C CYS A 38 6.26 -11.06 -13.06
N LYS A 39 6.01 -12.03 -12.21
CA LYS A 39 5.79 -13.41 -12.71
C LYS A 39 4.93 -14.19 -11.71
N SER A 40 5.13 -15.48 -11.59
CA SER A 40 4.33 -16.29 -10.64
C SER A 40 2.85 -15.92 -10.79
N LYS A 41 2.05 -16.19 -9.79
CA LYS A 41 0.60 -15.86 -9.89
C LYS A 41 0.08 -15.43 -8.52
N PRO A 42 -0.85 -14.51 -8.49
CA PRO A 42 -1.44 -14.01 -7.21
C PRO A 42 -2.35 -15.05 -6.56
N PRO A 43 -2.65 -14.88 -5.30
CA PRO A 43 -3.52 -15.82 -4.54
C PRO A 43 -4.89 -15.98 -5.21
N LYS A 44 -5.51 -17.12 -5.04
CA LYS A 44 -6.85 -17.33 -5.66
C LYS A 44 -6.72 -17.29 -7.19
N LYS A 45 -7.48 -16.44 -7.85
CA LYS A 45 -7.38 -16.36 -9.34
C LYS A 45 -7.24 -14.91 -9.77
N GLY A 46 -6.19 -14.25 -9.34
CA GLY A 46 -5.99 -12.83 -9.73
C GLY A 46 -5.20 -12.75 -11.04
N VAL A 47 -5.31 -13.76 -11.87
CA VAL A 47 -4.56 -13.77 -13.15
C VAL A 47 -3.06 -13.62 -12.89
N GLN A 48 -2.24 -14.14 -13.76
CA GLN A 48 -0.77 -14.03 -13.56
C GLN A 48 -0.41 -12.57 -13.29
N GLY A 49 0.52 -12.34 -12.39
CA GLY A 49 0.93 -10.93 -12.08
C GLY A 49 1.29 -10.81 -10.59
N CYS A 50 2.27 -11.56 -10.15
CA CYS A 50 2.67 -11.47 -8.72
C CYS A 50 3.97 -12.26 -8.50
N GLY A 51 4.99 -11.95 -9.26
CA GLY A 51 6.28 -12.68 -9.09
C GLY A 51 6.64 -12.76 -7.61
N ASP A 52 6.50 -11.68 -6.89
CA ASP A 52 6.83 -11.71 -5.44
C ASP A 52 8.25 -12.25 -5.25
N ASP A 53 8.39 -13.55 -5.12
CA ASP A 53 9.75 -14.14 -4.95
C ASP A 53 10.35 -13.67 -3.61
N ILE A 54 10.68 -12.41 -3.51
CA ILE A 54 11.28 -11.90 -2.25
C ILE A 54 10.19 -11.16 -1.45
N PRO A 55 9.75 -11.73 -0.34
CA PRO A 55 8.71 -11.10 0.51
C PRO A 55 9.28 -10.03 1.45
N GLY A 56 9.61 -8.89 0.92
CA GLY A 56 10.18 -7.80 1.78
C GLY A 56 9.60 -6.45 1.36
N MET A 57 10.32 -5.70 0.58
CA MET A 57 9.80 -4.37 0.14
C MET A 57 9.24 -3.62 1.35
N GLU A 58 10.09 -3.14 2.22
CA GLU A 58 9.61 -2.39 3.41
C GLU A 58 8.57 -1.36 2.99
N GLY A 59 8.96 -0.40 2.19
CA GLY A 59 8.01 0.65 1.73
C GLY A 59 8.79 1.84 1.19
N CYS A 60 9.99 1.61 0.72
CA CYS A 60 10.82 2.72 0.18
C CYS A 60 10.59 4.00 0.98
N GLY A 61 10.80 5.12 0.35
CA GLY A 61 10.59 6.43 1.05
C GLY A 61 9.56 7.23 0.27
N THR A 62 9.51 8.51 0.49
CA THR A 62 8.54 9.40 -0.23
C THR A 62 7.27 8.61 -0.58
N ASP A 63 6.85 7.72 0.28
CA ASP A 63 5.62 6.93 -0.01
C ASP A 63 4.40 7.85 0.05
N ILE A 64 4.51 8.96 0.73
CA ILE A 64 3.36 9.90 0.83
C ILE A 64 3.86 11.34 0.65
N THR A 65 4.99 11.52 0.03
CA THR A 65 5.50 12.90 -0.18
C THR A 65 4.36 13.75 -0.75
N VAL A 66 3.30 13.11 -1.19
CA VAL A 66 2.15 13.87 -1.75
C VAL A 66 0.86 13.10 -1.49
N ILE A 67 0.65 12.00 -2.18
CA ILE A 67 -0.60 11.21 -1.99
C ILE A 67 -0.29 9.71 -1.95
N CYS A 68 -0.18 9.14 -0.78
CA CYS A 68 0.09 7.67 -0.72
C CYS A 68 -1.17 6.92 -1.15
N PRO A 69 -1.08 6.06 -2.13
CA PRO A 69 -2.26 5.29 -2.62
C PRO A 69 -3.14 4.77 -1.48
N TRP A 70 -2.56 4.40 -0.38
CA TRP A 70 -3.37 3.88 0.76
C TRP A 70 -4.00 5.03 1.55
N GLU A 71 -3.52 6.23 1.34
CA GLU A 71 -4.08 7.39 2.10
C GLU A 71 -5.29 7.97 1.37
N ALA A 72 -5.06 8.63 0.26
CA ALA A 72 -6.20 9.25 -0.49
C ALA A 72 -7.08 8.18 -1.14
N CYS A 73 -6.66 7.65 -2.25
CA CYS A 73 -7.50 6.62 -2.94
C CYS A 73 -7.94 5.54 -1.95
N ASN A 74 -9.04 5.76 -1.29
CA ASN A 74 -9.58 4.76 -0.32
C ASN A 74 -8.43 4.13 0.49
N HIS A 75 -8.70 3.06 1.17
CA HIS A 75 -7.66 2.37 1.98
C HIS A 75 -7.85 0.86 1.85
N CYS A 76 -6.99 0.09 2.47
CA CYS A 76 -7.12 -1.39 2.38
C CYS A 76 -6.31 -2.04 3.50
N GLU A 77 -6.71 -1.85 4.73
CA GLU A 77 -5.97 -2.45 5.86
C GLU A 77 -6.21 -3.97 5.92
N LEU A 78 -7.28 -4.45 5.34
CA LEU A 78 -7.55 -5.92 5.38
C LEU A 78 -8.21 -6.37 4.07
N HIS A 79 -9.48 -6.11 3.90
CA HIS A 79 -10.16 -6.53 2.64
C HIS A 79 -9.58 -5.74 1.46
N GLU A 80 -8.34 -5.98 1.13
CA GLU A 80 -7.72 -5.24 0.01
C GLU A 80 -8.31 -5.71 -1.32
N LEU A 81 -9.24 -6.63 -1.26
CA LEU A 81 -9.86 -7.14 -2.52
C LEU A 81 -11.19 -6.43 -2.74
N ALA A 82 -12.15 -6.69 -1.90
CA ALA A 82 -13.48 -6.05 -2.06
C ALA A 82 -13.41 -4.55 -1.73
N GLN A 83 -12.47 -4.14 -0.91
CA GLN A 83 -12.38 -2.67 -0.57
C GLN A 83 -12.56 -1.86 -1.85
N TYR A 84 -12.36 -2.48 -2.98
CA TYR A 84 -12.54 -1.78 -4.28
C TYR A 84 -12.30 -2.78 -5.40
N GLY A 85 -12.36 -4.05 -5.09
CA GLY A 85 -12.13 -5.10 -6.13
C GLY A 85 -10.68 -4.98 -6.62
N ILE A 86 -10.36 -3.90 -7.25
CA ILE A 86 -8.98 -3.69 -7.78
C ILE A 86 -8.80 -2.20 -8.09
N CYS A 87 -8.63 -1.38 -7.09
CA CYS A 87 -8.44 0.07 -7.34
C CYS A 87 -7.32 0.28 -8.37
C1C RCY B . -5.06 8.43 11.16
O1G RCY B . -8.65 8.26 7.32
O1H RCY B . -7.46 10.74 11.16
O1J RCY B . -2.39 8.95 9.84
C1L RCY B . -9.94 9.49 8.99
C1M RCY B . -5.50 9.78 7.74
C1P RCY B . -8.67 8.92 8.36
C1Q RCY B . -8.04 9.99 10.38
N1R RCY B . -7.43 9.27 9.18
C1S RCY B . -9.49 9.57 10.46
C1U RCY B . -5.95 9.00 8.87
C1V RCY B . -5.32 10.85 10.48
N1V RCY B . -3.68 9.38 9.29
C1W RCY B . -3.97 9.87 7.88
C1X RCY B . -5.02 9.43 10.01
C1Y RCY B . -3.50 11.31 7.71
C1Z RCY B . -3.28 8.95 6.88
H1S RCY B . -9.18 8.96 11.28
H1U RCY B . -5.81 7.95 8.66
C1C RCY C . 7.22 3.68 6.77
O1G RCY C . 2.57 1.86 9.15
O1H RCY C . 7.26 2.42 9.22
O1J RCY C . 6.09 5.93 5.12
C1L RCY C . 4.34 1.05 10.65
C1M RCY C . 3.59 4.12 7.39
C1P RCY C . 3.77 1.79 9.43
C1Q RCY C . 6.14 1.93 9.30
N1R RCY C . 4.88 2.41 8.59
C1S RCY C . 5.74 0.72 10.13
C1U RCY C . 4.77 3.31 7.35
C1V RCY C . 6.12 5.08 8.57
N1V RCY C . 5.36 5.25 6.18
C1W RCY C . 3.86 5.31 6.46
C1X RCY C . 5.91 4.32 7.25
C1Y RCY C . 3.50 6.63 7.16
C1Z RCY C . 3.09 5.17 5.15
H1S RCY C . 6.25 0.15 9.37
H1U RCY C . 4.76 2.70 6.46
C1C RCY D . 8.20 2.34 -9.03
O1G RCY D . 11.79 -1.68 -10.17
O1H RCY D . 10.61 2.10 -7.62
O1J RCY D . 5.60 0.93 -9.59
C1L RCY D . 13.03 -0.26 -8.62
C1M RCY D . 8.75 -1.25 -9.78
C1P RCY D . 11.81 -0.70 -9.44
C1Q RCY D . 11.23 1.31 -8.33
N1R RCY D . 10.62 0.23 -9.22
C1S RCY D . 12.72 1.24 -8.49
C1U RCY D . 9.19 0.12 -9.76
C1V RCY D . 8.33 0.41 -7.39
N1V RCY D . 6.88 0.25 -9.43
C1W RCY D . 7.21 -1.21 -9.78
C1X RCY D . 8.17 0.82 -8.85
C1Y RCY D . 6.65 -2.16 -8.73
C1Z RCY D . 6.64 -1.53 -11.16
H1S RCY D . 12.61 2.14 -9.07
H1U RCY D . 9.14 0.53 -10.75
C1C RCY E . 2.72 -8.11 -6.53
O1G RCY E . 4.39 -7.76 -7.78
O1H RCY E . 2.09 -9.54 -11.50
O1J RCY E . 0.33 -6.57 -7.51
C1L RCY E . 4.66 -7.49 -10.20
C1M RCY E . 0.73 -10.11 -8.92
C1P RCY E . 4.04 -8.06 -8.93
C1Q RCY E . 2.98 -9.13 -10.75
N1R RCY E . 2.92 -9.05 -9.24
C1S RCY E . 4.35 -8.64 -11.18
C1U RCY E . 1.97 -9.78 -8.28
C1V RCY E . 0.85 -9.74 -6.01
N1V RCY E . 0.56 -7.99 -7.77
C1W RCY E . -0.17 -8.87 -8.78
C1X RCY E . 1.55 -8.91 -7.09
C1Y RCY E . -1.56 -9.26 -8.28
C1Z RCY E . -0.27 -8.12 -10.12
H1S RCY E . 4.56 -9.68 -11.35
H1U RCY E . 2.44 -10.68 -7.91
C1C RCY F . 0.87 -6.22 -3.53
O1G RCY F . 1.61 -6.52 -7.17
O1H RCY F . 2.93 -9.76 -4.00
O1J RCY F . 1.79 -8.16 -1.42
C1L RCY F . 1.34 -8.95 -7.05
C1M RCY F . 4.49 -6.95 -3.87
C1P RCY F . 1.83 -7.57 -6.59
C1Q RCY F . 2.69 -9.19 -5.06
N1R RCY F . 2.64 -7.68 -5.28
C1S RCY F . 2.41 -9.84 -6.40
C1U RCY F . 3.23 -6.56 -4.42
C1V RCY F . 2.81 -4.95 -2.51
N1V RCY F . 2.69 -7.44 -2.31
C1W RCY F . 4.18 -7.72 -2.58
C1X RCY F . 2.37 -6.23 -3.20
C1Y RCY F . 5.02 -7.19 -1.41
C1Z RCY F . 4.38 -9.21 -2.76
H1S RCY F . 3.47 -10.05 -6.40
H1U RCY F . 3.35 -5.67 -5.02
C1C RCY G . 3.73 -0.60 -0.44
O1G RCY G . 6.27 -0.95 -0.21
O1H RCY G . 6.22 2.86 -3.00
O1J RCY G . 2.38 2.09 -0.55
C1L RCY G . 7.64 1.07 -0.31
C1M RCY G . 4.14 0.96 -3.77
C1P RCY G . 6.53 0.11 -0.76
C1Q RCY G . 6.60 1.90 -2.32
N1R RCY G . 5.80 0.65 -2.00
C1S RCY G . 7.95 1.77 -1.64
C1U RCY G . 4.58 0.08 -2.72
C1V RCY G . 2.26 -0.88 -2.48
N1V RCY G . 2.93 1.40 -1.72
C1W RCY G . 3.21 1.98 -3.10
C1X RCY G . 3.36 -0.05 -1.82
C1Y RCY G . 1.91 2.11 -3.90
C1Z RCY G . 3.89 3.34 -2.95
H1S RCY G . 8.31 1.58 -2.63
H1U RCY G . 4.83 -0.88 -3.15
C1C RCY H . -4.46 3.45 -1.14
O1G RCY H . -4.49 8.27 0.10
O1H RCY H . -1.84 4.58 -1.20
O1J RCY H . -6.73 4.21 0.70
C1L RCY H . -2.31 7.44 0.82
C1M RCY H . -5.80 6.80 -1.97
C1P RCY H . -3.61 7.42 0.01
C1Q RCY H . -2.42 5.44 -0.53
N1R RCY H . -3.68 6.20 -0.91
C1S RCY H . -1.98 5.94 0.84
C1U RCY H . -4.74 5.84 -1.95
C1V RCY H . -6.28 4.02 -2.81
N1V RCY H . -6.35 4.96 -0.49
C1W RCY H . -6.79 6.37 -0.88
C1X RCY H . -5.44 4.52 -1.62
C1Y RCY H . -8.22 6.36 -1.42
C1Z RCY H . -6.68 7.28 0.35
H1S RCY H . -2.36 5.00 1.20
H1U RCY H . -4.29 5.77 -2.92
C1C RCY I . -3.27 3.31 -9.30
O1G RCY I . -2.23 5.43 -7.64
O1H RCY I . -6.19 4.19 -5.38
O1J RCY I . -0.48 3.76 -8.28
C1L RCY I . -4.04 6.71 -6.59
C1M RCY I . -2.96 2.23 -5.78
C1P RCY I . -3.32 5.44 -7.05
C1Q RCY I . -5.39 4.77 -6.11
N1R RCY I . -4.11 4.18 -6.70
C1S RCY I . -5.49 6.20 -6.58
C1U RCY I . -3.73 2.71 -6.89
C1V RCY I . -2.70 1.00 -8.43
N1V RCY I . -1.51 3.02 -7.55
C1W RCY I . -1.49 2.60 -6.08
C1X RCY I . -2.82 2.49 -8.10
C1Y RCY I . -0.58 1.39 -5.87
C1Z RCY I . -1.03 3.78 -5.23
H1S RCY I . -6.25 5.82 -7.24
H1U RCY I . -4.62 2.12 -6.98
C1C RCY J . -1.37 -0.26 -0.26
O1G RCY J . -4.42 -0.99 1.84
O1H RCY J . -1.90 -1.94 1.68
O1J RCY J . 0.04 -1.92 1.82
C1L RCY J . -2.45 -1.79 0.52
C1M RCY J . -1.84 -3.87 -0.90
C1P RCY J . -3.74 -1.87 1.37
C1Q RCY J . -3.10 -1.88 1.42
N1R RCY J . -3.46 -2.22 -0.07
C1S RCY J . -3.94 -2.10 0.24
C1U RCY J . -2.27 -2.50 -1.00
C1V RCY J . 0.04 -1.77 -1.73
N1V RCY J . -0.57 -2.46 0.60
C1W RCY J . -0.87 -3.93 0.28
C1X RCY J . -1.02 -1.70 -0.63
C1Y RCY J . 0.41 -4.67 -0.10
C1Z RCY J . -1.52 -4.58 1.51
H1S RCY J . -4.57 -2.84 0.72
H1U RCY J . -2.56 -2.29 -2.02
C1C RCY K . -2.05 -2.86 -8.73
O1G RCY K . -4.38 -1.31 -8.88
O1H RCY K . -4.58 -1.01 -4.17
O1J RCY K . 0.38 -4.06 -7.43
C1L RCY K . -6.15 -0.67 -7.31
C1M RCY K . -2.03 -2.23 -5.09
C1P RCY K . -4.76 -1.17 -7.72
C1Q RCY K . -4.86 -1.22 -5.35
N1R RCY K . -3.89 -1.47 -6.49
C1S RCY K . -6.26 -1.31 -5.92
C1U RCY K . -2.41 -1.89 -6.42
C1V RCY K . -3.11 -4.27 -6.91
N1V RCY K . -0.74 -3.50 -6.69
C1W RCY K . -0.80 -3.14 -5.21
C1X RCY K . -2.12 -3.15 -7.23
C1Y RCY K . -0.96 -4.40 -4.35
C1Z RCY K . 0.47 -2.38 -4.83
H1S RCY K . -6.29 -2.28 -5.43
H1U RCY K . -1.79 -1.08 -6.78
N MET A 1 11.50 7.44 16.50
CA MET A 1 12.61 8.09 17.25
C MET A 1 13.95 7.49 16.81
N ASN A 2 14.61 8.12 15.88
CA ASN A 2 15.91 7.58 15.40
C ASN A 2 16.63 8.66 14.57
N LEU A 3 17.71 8.31 13.93
CA LEU A 3 18.44 9.31 13.11
C LEU A 3 17.64 9.60 11.83
N GLU A 4 17.29 8.58 11.10
CA GLU A 4 16.50 8.80 9.85
C GLU A 4 15.30 9.68 10.16
N PRO A 5 14.84 10.45 9.20
CA PRO A 5 13.66 11.36 9.38
C PRO A 5 12.56 10.72 10.24
N PRO A 6 12.45 11.11 11.48
CA PRO A 6 11.41 10.56 12.39
C PRO A 6 10.04 11.22 12.19
N LYS A 7 9.01 10.44 12.05
CA LYS A 7 7.65 11.01 11.84
C LYS A 7 6.96 11.21 13.20
N ALA A 8 5.85 10.56 13.40
CA ALA A 8 5.13 10.69 14.70
C ALA A 8 4.02 9.63 14.78
N GLU A 9 4.16 8.71 15.70
CA GLU A 9 3.13 7.64 15.83
C GLU A 9 1.92 8.20 16.58
N CYS A 10 1.32 9.25 16.09
CA CYS A 10 0.14 9.84 16.77
C CYS A 10 -0.70 10.62 15.76
N ARG A 11 -0.40 10.50 14.50
CA ARG A 11 -1.18 11.24 13.47
C ARG A 11 -1.27 12.71 13.86
N SER A 12 -1.96 13.50 13.08
CA SER A 12 -2.08 14.95 13.40
C SER A 12 -0.70 15.54 13.66
N ALA A 13 0.33 14.90 13.15
CA ALA A 13 1.71 15.43 13.37
C ALA A 13 2.57 15.10 12.15
N THR A 14 2.11 15.42 10.97
CA THR A 14 2.90 15.13 9.75
C THR A 14 2.45 16.06 8.62
N ARG A 15 3.37 16.59 7.86
CA ARG A 15 2.99 17.50 6.74
C ARG A 15 2.64 16.66 5.50
N VAL A 16 1.81 15.67 5.65
CA VAL A 16 1.44 14.82 4.49
C VAL A 16 0.04 14.25 4.69
N MET A 17 -0.36 14.07 5.93
CA MET A 17 -1.72 13.52 6.21
C MET A 17 -2.55 14.56 6.95
N GLY A 18 -3.82 14.31 7.12
CA GLY A 18 -4.69 15.30 7.84
C GLY A 18 -4.58 16.66 7.15
N GLY A 19 -5.54 17.01 6.34
CA GLY A 19 -5.51 18.33 5.64
C GLY A 19 -5.65 18.10 4.13
N PRO A 20 -5.59 19.16 3.37
CA PRO A 20 -5.71 19.08 1.89
C PRO A 20 -4.88 17.94 1.29
N CYS A 21 -5.49 17.09 0.51
CA CYS A 21 -4.74 15.95 -0.10
C CYS A 21 -5.14 15.81 -1.57
N THR A 22 -4.27 16.20 -2.47
CA THR A 22 -4.59 16.09 -3.92
C THR A 22 -3.42 15.36 -4.62
N PRO A 23 -3.70 14.39 -5.45
CA PRO A 23 -2.65 13.63 -6.18
C PRO A 23 -1.52 14.53 -6.67
N ARG A 24 -0.36 14.44 -6.08
CA ARG A 24 0.77 15.29 -6.53
C ARG A 24 1.04 15.05 -8.01
N LYS A 25 2.12 14.40 -8.34
CA LYS A 25 2.42 14.14 -9.77
C LYS A 25 1.21 13.47 -10.42
N GLY A 26 1.27 13.21 -11.69
CA GLY A 26 0.11 12.57 -12.38
C GLY A 26 0.17 11.05 -12.16
N PRO A 27 -0.96 10.41 -11.98
CA PRO A 27 -1.03 8.94 -11.76
C PRO A 27 -0.15 8.17 -12.77
N PRO A 28 0.78 7.36 -12.29
CA PRO A 28 1.67 6.57 -13.18
C PRO A 28 0.91 5.93 -14.34
N LYS A 29 1.46 6.00 -15.52
CA LYS A 29 0.76 5.40 -16.70
C LYS A 29 0.39 3.94 -16.39
N CYS A 30 -0.66 3.46 -16.97
CA CYS A 30 -1.07 2.04 -16.73
C CYS A 30 -2.17 1.65 -17.73
N LYS A 31 -1.80 1.40 -18.96
CA LYS A 31 -2.81 1.01 -19.98
C LYS A 31 -3.43 -0.34 -19.61
N GLN A 32 -4.22 -0.38 -18.57
CA GLN A 32 -4.87 -1.67 -18.17
C GLN A 32 -6.31 -1.70 -18.67
N ARG A 33 -7.24 -2.04 -17.83
CA ARG A 33 -8.66 -2.09 -18.26
C ARG A 33 -9.56 -1.90 -17.04
N GLN A 34 -9.80 -2.95 -16.29
CA GLN A 34 -10.67 -2.82 -15.09
C GLN A 34 -10.39 -4.00 -14.14
N THR A 35 -9.19 -4.09 -13.63
CA THR A 35 -8.84 -5.19 -12.68
C THR A 35 -9.68 -6.44 -12.97
N ARG A 36 -9.23 -7.28 -13.86
CA ARG A 36 -10.01 -8.51 -14.18
C ARG A 36 -9.20 -9.40 -15.13
N GLN A 37 -7.98 -9.03 -15.42
CA GLN A 37 -7.14 -9.85 -16.34
C GLN A 37 -5.96 -10.45 -15.55
N CYS A 38 -6.05 -10.50 -14.26
CA CYS A 38 -4.94 -11.07 -13.44
C CYS A 38 -5.21 -12.55 -13.17
N LYS A 39 -6.44 -12.91 -12.94
CA LYS A 39 -6.77 -14.33 -12.66
C LYS A 39 -5.90 -14.85 -11.52
N SER A 40 -4.71 -15.31 -11.81
CA SER A 40 -3.82 -15.82 -10.74
C SER A 40 -2.37 -15.85 -11.23
N LYS A 41 -1.45 -16.26 -10.39
CA LYS A 41 -0.03 -16.31 -10.80
C LYS A 41 0.60 -17.61 -10.27
N PRO A 42 1.85 -17.85 -10.59
CA PRO A 42 2.58 -19.07 -10.13
C PRO A 42 2.69 -19.11 -8.60
N PRO A 43 2.95 -20.27 -8.04
CA PRO A 43 3.09 -20.44 -6.57
C PRO A 43 4.29 -19.65 -6.02
N LYS A 44 4.06 -18.79 -5.07
CA LYS A 44 5.17 -17.98 -4.49
C LYS A 44 5.03 -17.92 -2.97
N LYS A 45 4.66 -19.01 -2.35
CA LYS A 45 4.51 -19.01 -0.86
C LYS A 45 3.49 -17.93 -0.47
N GLY A 46 3.92 -16.69 -0.44
CA GLY A 46 2.98 -15.59 -0.06
C GLY A 46 2.29 -15.94 1.26
N VAL A 47 1.17 -16.60 1.20
CA VAL A 47 0.45 -16.96 2.46
C VAL A 47 -0.34 -18.26 2.24
N GLN A 48 -1.48 -18.16 1.61
CA GLN A 48 -2.29 -19.39 1.36
C GLN A 48 -3.46 -19.04 0.45
N GLY A 49 -3.25 -18.16 -0.50
CA GLY A 49 -4.36 -17.77 -1.42
C GLY A 49 -5.16 -16.63 -0.79
N CYS A 50 -6.18 -16.16 -1.48
CA CYS A 50 -7.01 -15.05 -0.92
C CYS A 50 -8.47 -15.32 -1.22
N GLY A 51 -9.22 -14.30 -1.55
CA GLY A 51 -10.67 -14.49 -1.85
C GLY A 51 -11.11 -13.48 -2.91
N ASP A 52 -10.20 -13.04 -3.74
CA ASP A 52 -10.57 -12.06 -4.80
C ASP A 52 -11.25 -10.84 -4.17
N ASP A 53 -10.59 -9.72 -4.15
CA ASP A 53 -11.19 -8.50 -3.55
C ASP A 53 -12.49 -8.15 -4.29
N ILE A 54 -13.13 -7.08 -3.92
CA ILE A 54 -14.40 -6.69 -4.60
C ILE A 54 -14.08 -6.10 -5.98
N PRO A 55 -14.93 -6.33 -6.95
CA PRO A 55 -14.72 -5.80 -8.33
C PRO A 55 -15.03 -4.30 -8.42
N GLY A 56 -14.30 -3.49 -7.70
CA GLY A 56 -14.54 -2.03 -7.75
C GLY A 56 -13.68 -1.33 -6.70
N MET A 57 -14.22 -1.13 -5.52
CA MET A 57 -13.44 -0.45 -4.45
C MET A 57 -14.36 -0.19 -3.24
N GLU A 58 -14.47 -1.14 -2.36
CA GLU A 58 -15.34 -0.96 -1.16
C GLU A 58 -14.61 -1.47 0.08
N GLY A 59 -13.86 -2.53 -0.07
CA GLY A 59 -13.10 -3.08 1.09
C GLY A 59 -11.76 -2.36 1.21
N CYS A 60 -11.52 -1.39 0.36
CA CYS A 60 -10.23 -0.64 0.41
C CYS A 60 -10.49 0.84 0.06
N GLY A 61 -11.47 1.43 0.67
CA GLY A 61 -11.78 2.86 0.39
C GLY A 61 -12.31 3.52 1.66
N THR A 62 -12.07 2.90 2.78
CA THR A 62 -12.55 3.46 4.07
C THR A 62 -11.88 2.72 5.22
N ASP A 63 -12.19 1.47 5.40
CA ASP A 63 -11.56 0.68 6.50
C ASP A 63 -10.06 0.62 6.27
N ILE A 64 -9.63 0.86 5.07
CA ILE A 64 -8.16 0.82 4.77
C ILE A 64 -7.45 1.88 5.61
N THR A 65 -8.21 2.66 6.32
CA THR A 65 -7.62 3.75 7.18
C THR A 65 -6.22 4.11 6.67
N VAL A 66 -6.09 4.32 5.39
CA VAL A 66 -4.75 4.65 4.82
C VAL A 66 -3.89 3.40 4.87
N ILE A 67 -3.98 2.66 5.95
CA ILE A 67 -3.21 1.39 6.09
C ILE A 67 -4.16 0.34 6.66
N CYS A 68 -4.72 -0.49 5.82
CA CYS A 68 -5.65 -1.52 6.33
C CYS A 68 -4.87 -2.50 7.23
N PRO A 69 -5.44 -2.89 8.35
CA PRO A 69 -4.78 -3.82 9.32
C PRO A 69 -4.66 -5.26 8.81
N TRP A 70 -5.53 -5.68 7.94
CA TRP A 70 -5.44 -7.08 7.43
C TRP A 70 -4.34 -7.17 6.38
N GLU A 71 -3.69 -6.08 6.07
CA GLU A 71 -2.59 -6.10 5.08
C GLU A 71 -1.67 -4.90 5.32
N ALA A 72 -1.20 -4.75 6.53
CA ALA A 72 -0.30 -3.60 6.84
C ALA A 72 0.95 -3.69 5.96
N CYS A 73 1.17 -2.71 5.12
CA CYS A 73 2.37 -2.73 4.25
C CYS A 73 3.63 -2.73 5.11
N ASN A 74 3.47 -2.72 6.40
CA ASN A 74 4.65 -2.73 7.30
C ASN A 74 5.02 -4.17 7.68
N HIS A 75 4.03 -4.99 7.92
CA HIS A 75 4.32 -6.41 8.30
C HIS A 75 4.41 -7.27 7.04
N CYS A 76 3.28 -7.62 6.46
CA CYS A 76 3.30 -8.47 5.24
C CYS A 76 4.05 -9.77 5.53
N GLU A 77 3.52 -10.88 5.08
CA GLU A 77 4.19 -12.18 5.34
C GLU A 77 5.66 -12.09 4.90
N LEU A 78 5.91 -11.51 3.76
CA LEU A 78 7.32 -11.40 3.29
C LEU A 78 8.02 -10.27 4.04
N HIS A 79 8.06 -10.36 5.35
CA HIS A 79 8.73 -9.29 6.14
C HIS A 79 10.21 -9.23 5.76
N GLU A 80 10.61 -9.99 4.77
CA GLU A 80 12.04 -9.98 4.36
C GLU A 80 12.38 -8.66 3.66
N LEU A 81 12.16 -8.57 2.38
CA LEU A 81 12.49 -7.32 1.64
C LEU A 81 11.46 -6.23 1.97
N ALA A 82 10.49 -6.53 2.79
CA ALA A 82 9.48 -5.50 3.14
C ALA A 82 10.17 -4.32 3.85
N GLN A 83 9.83 -4.08 5.08
CA GLN A 83 10.47 -2.96 5.83
C GLN A 83 9.89 -1.61 5.37
N TYR A 84 9.94 -1.34 4.09
CA TYR A 84 9.40 -0.04 3.58
C TYR A 84 8.63 -0.27 2.28
N GLY A 85 8.84 -1.38 1.63
CA GLY A 85 8.12 -1.63 0.36
C GLY A 85 8.63 -0.67 -0.72
N ILE A 86 8.82 -1.15 -1.91
CA ILE A 86 9.35 -0.26 -3.00
C ILE A 86 8.18 0.51 -3.64
N CYS A 87 7.10 0.69 -2.94
CA CYS A 87 5.96 1.43 -3.53
C CYS A 87 6.43 2.81 -4.01
C1C RCY B . -2.62 13.87 15.00
O1G RCY B . -5.06 12.40 17.87
O1H RCY B . -0.91 10.75 16.36
O1J RCY B . -0.31 12.27 13.93
C1L RCY B . -3.00 11.76 19.02
C1M RCY B . -3.60 10.35 14.38
C1P RCY B . -3.92 11.95 17.81
C1Q RCY B . -1.93 10.93 17.02
N1R RCY B . -3.25 11.50 16.51
C1S RCY B . -2.10 10.62 18.49
C1U RCY B . -3.75 11.60 15.07
C1V RCY B . -3.64 12.89 12.89
N1V RCY B . -1.68 11.78 13.99
C1W RCY B . -2.17 10.34 13.82
C1X RCY B . -2.95 12.58 14.22
C1Y RCY B . -2.17 9.93 12.35
C1Z RCY B . -1.27 9.41 14.64
H1S RCY B . -2.14 9.59 18.17
H1U RCY B . -4.79 11.88 15.07
C1C RCY C . 0.05 13.94 -1.80
O1G RCY C . -3.55 17.13 -3.52
O1H RCY C . -2.10 13.11 -1.54
O1J RCY C . -0.58 11.57 -3.54
C1L RCY C . -4.56 15.60 -1.91
C1M RCY C . -1.17 15.02 -5.12
C1P RCY C . -3.48 16.09 -2.88
C1Q RCY C . -2.79 13.97 -2.07
N1R RCY C . -2.31 15.11 -2.95
C1S RCY C . -4.30 14.09 -1.95
C1U RCY C . -0.99 15.23 -3.71
C1V RCY C . 1.43 14.48 -3.85
N1V RCY C . -0.55 12.96 -4.02
C1W RCY C . -1.10 13.50 -5.33
C1X RCY C . 0.04 14.17 -3.31
C1Y RCY C . -0.15 13.17 -6.49
C1Z RCY C . -2.48 12.91 -5.58
H1S RCY C . -4.32 13.25 -2.63
H1U RCY C . -0.57 16.21 -3.54
C1C RCY D . -3.64 -3.51 -10.90
O1G RCY D . -6.66 0.38 -13.40
O1H RCY D . -2.64 -2.09 -13.09
O1J RCY D . -5.81 -5.39 -10.00
C1L RCY D . -4.46 0.61 -14.46
C1M RCY D . -6.94 -2.45 -12.18
C1P RCY D . -5.51 -0.02 -13.52
C1Q RCY D . -3.45 -1.17 -13.17
N1R RCY D . -4.91 -1.19 -12.74
C1S RCY D . -3.18 0.22 -13.73
C1U RCY D . -5.60 -2.15 -11.76
C1V RCY D . -4.71 -4.10 -13.11
N1V RCY D . -6.01 -4.33 -10.98
C1W RCY D . -7.33 -3.77 -11.51
C1X RCY D . -4.94 -3.53 -11.72
C1Y RCY D . -7.94 -4.73 -12.54
C1Z RCY D . -8.28 -3.55 -10.34
H1S RCY D . -2.65 0.37 -12.79
H1U RCY D . -5.62 -1.73 -10.77
C1C RCY E . -3.08 -9.60 -7.33
O1G RCY E . -6.42 -6.19 -8.40
O1H RCY E . -4.52 -10.24 -9.91
O1J RCY E . -2.66 -6.90 -6.07
C1L RCY E . -5.66 -6.96 -10.58
C1M RCY E . -6.28 -8.10 -6.26
C1P RCY E . -5.90 -7.06 -9.08
C1Q RCY E . -4.76 -9.04 -9.75
N1R RCY E . -5.41 -8.40 -8.53
C1S RCY E . -4.48 -7.93 -10.74
C1U RCY E . -5.52 -8.98 -7.11
C1V RCY E . -4.27 -9.91 -5.12
N1V RCY E . -3.93 -7.61 -6.06
C1W RCY E . -5.31 -7.07 -5.71
C1X RCY E . -4.17 -9.08 -6.40
C1Y RCY E . -5.46 -6.92 -4.19
C1Z RCY E . -5.50 -5.71 -6.40
H1S RCY E . -3.45 -8.06 -10.44
H1U RCY E . -5.99 -9.95 -7.15
C1C RCY F . -2.10 -7.85 1.66
O1G RCY F . -3.61 -8.63 -0.41
O1H RCY F . -6.11 -11.67 2.20
O1J RCY F . -0.69 -8.20 4.29
C1L RCY F . -5.40 -10.21 -0.93
C1M RCY F . -3.62 -10.59 3.64
C1P RCY F . -4.39 -9.50 -0.02
C1Q RCY F . -5.47 -11.16 1.29
N1R RCY F . -4.45 -10.03 1.41
C1S RCY F . -5.55 -11.54 -0.18
C1U RCY F . -3.69 -9.55 2.65
C1V RCY F . -1.53 -10.32 1.58
N1V RCY F . -1.68 -9.12 3.78
C1W RCY F . -2.42 -10.23 4.54
C1X RCY F . -2.24 -9.21 2.36
C1Y RCY F . -1.51 -11.44 4.73
C1Z RCY F . -2.89 -9.68 5.88
H1S RCY F . -4.98 -12.41 0.12
H1U RCY F . -4.20 -8.69 3.07
C1C RCY G . -3.27 -4.79 -0.91
O1G RCY G . -4.53 -2.81 -2.00
O1H RCY G . -7.55 -3.46 1.57
O1J RCY G . -2.11 -2.05 -1.38
C1L RCY G . -6.97 -2.67 -1.82
C1M RCY G . -4.05 -2.50 1.89
C1P RCY G . -5.54 -2.93 -1.31
C1Q RCY G . -7.03 -3.47 0.46
N1R RCY G . -5.54 -3.37 0.15
C1S RCY G . -7.76 -3.58 -0.87
C1U RCY G . -4.35 -3.64 1.07
C1V RCY G . -1.95 -4.45 1.23
N1V RCY G . -2.71 -2.48 -0.12
C1W RCY G . -3.14 -1.60 1.05
C1X RCY G . -3.05 -3.90 0.32
C1Y RCY G . -1.91 -1.17 1.87
C1Z RCY G . -3.89 -0.38 0.53
H1S RCY G . -7.88 -4.62 -0.59
H1U RCY G . -4.57 -4.49 1.71
C1C RCY H . -3.49 3.75 2.42
O1G RCY H . -0.93 -0.68 4.21
O1H RCY H . -4.84 1.03 2.20
O1J RCY H . -1.45 5.06 0.64
C1L RCY H . -3.23 -1.47 4.10
C1M RCY H . -0.67 1.46 1.70
C1P RCY H . -2.08 -0.49 3.85
C1Q RCY H . -4.06 0.51 2.99
N1R RCY H . -2.56 0.74 3.08
C1S RCY H . -4.42 -0.50 4.06
C1U RCY H . -1.74 1.91 2.54
C1V RCY H . -3.31 2.05 0.56
N1V RCY H . -1.43 3.65 1.00
C1W RCY H . -0.29 2.66 0.81
C1X RCY H . -2.54 2.84 1.62
C1Y RCY H . -0.19 2.21 -0.66
C1Z RCY H . 1.02 3.30 1.26
H1S RCY H . -4.83 0.35 4.58
H1U RCY H . -1.34 2.49 3.36
C1C RCY I . 3.68 3.15 -1.72
O1G RCY I . 3.28 3.77 1.08
O1H RCY I . 1.54 -0.59 1.52
O1J RCY I . 1.87 3.24 -4.14
C1L RCY I . 3.07 2.23 2.97
C1M RCY I . 0.45 1.46 -1.06
C1P RCY I . 2.89 2.69 1.52
C1Q RCY I . 1.82 0.59 1.72
N1R RCY I . 2.17 1.64 0.68
C1S RCY I . 1.90 1.25 3.08
C1U RCY I . 1.85 1.64 -0.82
C1V RCY I . 1.57 4.16 -0.72
N1V RCY I . 1.45 2.79 -2.81
C1W RCY I . 0.18 2.01 -2.47
C1X RCY I . 2.17 2.97 -1.49
C1Y RCY I . -1.03 2.95 -2.45
C1Z RCY I . -0.01 0.89 -3.48
H1S RCY I . 0.82 1.22 3.05
H1U RCY I . 2.41 0.86 -1.30
C1C RCY J . 1.98 -3.97 -1.87
O1G RCY J . 1.83 -6.60 -1.19
O1H RCY J . 4.04 -5.87 2.92
O1J RCY J . 2.76 -1.07 -1.60
C1L RCY J . 2.77 -8.11 0.49
C1M RCY J . 3.72 -3.34 1.33
C1P RCY J . 2.45 -6.75 -0.14
C1Q RCY J . 3.72 -6.32 1.81
N1R RCY J . 2.97 -5.59 0.72
C1S RCY J . 4.02 -7.73 1.31
C1U RCY J . 2.80 -4.08 0.52
C1V RCY J . 4.46 -4.17 -1.39
N1V RCY J . 3.20 -2.12 -0.69
C1W RCY J . 3.84 -1.96 0.67
C1X RCY J . 3.11 -3.63 -0.90
C1Y RCY J . 5.32 -1.57 0.53
C1Z RCY J . 3.09 -0.90 1.47
H1S RCY J . 5.03 -7.37 1.20
H1U RCY J . 1.78 -3.80 0.78
C1C RCY K . 1.07 -0.85 -5.51
O1G RCY K . -0.17 0.75 -1.92
O1H RCY K . 3.61 -1.88 -2.99
O1J RCY K . 3.20 -2.98 -5.58
C1L RCY K . 2.22 1.00 -1.49
C1M RCY K . 0.53 -3.37 -2.85
C1P RCY K . 0.97 0.30 -2.01
C1Q RCY K . 2.81 -1.16 -2.39
N1R RCY K . 1.31 -1.04 -2.66
C1S RCY K . 3.13 -0.21 -1.25
C1U RCY K . 0.39 -2.03 -3.38
C1V RCY K . -0.35 -2.94 -5.63
N1V RCY K . 1.99 -3.04 -4.76
C1W RCY K . 1.72 -3.99 -3.59
C1X RCY K . 0.75 -2.19 -4.86
C1Y RCY K . 1.34 -5.39 -4.11
C1Z RCY K . 2.95 -4.06 -2.69
H1S RCY K . 3.21 -1.11 -0.66
H1U RCY K . -0.64 -1.71 -3.29
N MET A 1 -0.26 2.75 24.09
CA MET A 1 -1.09 3.95 23.77
C MET A 1 -0.18 5.09 23.33
N ASN A 2 0.83 4.80 22.55
CA ASN A 2 1.75 5.88 22.09
C ASN A 2 2.40 6.55 23.30
N LEU A 3 3.70 6.44 23.43
CA LEU A 3 4.39 7.07 24.60
C LEU A 3 5.87 7.25 24.26
N GLU A 4 6.48 6.26 23.68
CA GLU A 4 7.93 6.38 23.33
C GLU A 4 8.07 7.23 22.06
N PRO A 5 9.06 8.09 22.01
CA PRO A 5 9.30 8.97 20.84
C PRO A 5 9.08 8.23 19.51
N PRO A 6 8.77 8.96 18.47
CA PRO A 6 8.53 8.35 17.11
C PRO A 6 9.84 7.95 16.44
N LYS A 7 9.79 7.04 15.51
CA LYS A 7 11.04 6.61 14.80
C LYS A 7 11.19 7.40 13.50
N ALA A 8 10.54 8.54 13.42
CA ALA A 8 10.65 9.36 12.18
C ALA A 8 12.08 9.89 12.03
N GLU A 9 12.88 9.76 13.06
CA GLU A 9 14.29 10.24 12.98
C GLU A 9 14.99 9.55 11.81
N CYS A 10 14.67 8.31 11.56
CA CYS A 10 15.33 7.58 10.45
C CYS A 10 14.97 8.26 9.11
N ARG A 11 15.76 9.21 8.69
CA ARG A 11 15.46 9.91 7.41
C ARG A 11 15.41 8.88 6.27
N SER A 12 14.38 8.91 5.47
CA SER A 12 14.27 7.95 4.34
C SER A 12 15.06 8.47 3.14
N ALA A 13 16.02 9.32 3.38
CA ALA A 13 16.83 9.87 2.25
C ALA A 13 16.01 10.91 1.49
N THR A 14 15.38 11.82 2.19
CA THR A 14 14.56 12.85 1.51
C THR A 14 14.20 13.95 2.52
N ARG A 15 12.95 14.28 2.63
CA ARG A 15 12.54 15.34 3.60
C ARG A 15 11.01 15.39 3.68
N VAL A 16 10.39 14.37 4.21
CA VAL A 16 8.90 14.37 4.32
C VAL A 16 8.29 14.49 2.92
N MET A 17 7.15 13.89 2.72
CA MET A 17 6.50 13.98 1.37
C MET A 17 6.13 15.43 1.08
N GLY A 18 7.01 16.14 0.41
CA GLY A 18 6.72 17.58 0.08
C GLY A 18 6.80 17.77 -1.43
N GLY A 19 6.02 18.68 -1.96
CA GLY A 19 6.04 18.92 -3.43
C GLY A 19 4.64 19.36 -3.90
N PRO A 20 4.51 20.58 -4.35
CA PRO A 20 3.20 21.10 -4.84
C PRO A 20 2.46 20.09 -5.72
N CYS A 21 3.11 19.03 -6.12
CA CYS A 21 2.44 18.02 -6.97
C CYS A 21 1.28 17.39 -6.20
N THR A 22 0.16 17.18 -6.85
CA THR A 22 -1.01 16.57 -6.16
C THR A 22 -1.49 15.35 -6.96
N PRO A 23 -1.82 14.27 -6.29
CA PRO A 23 -2.30 13.03 -6.96
C PRO A 23 -3.27 13.34 -8.10
N ARG A 24 -3.07 12.73 -9.24
CA ARG A 24 -4.00 12.98 -10.39
C ARG A 24 -5.43 12.72 -9.93
N LYS A 25 -6.10 13.72 -9.43
CA LYS A 25 -7.51 13.54 -8.96
C LYS A 25 -7.54 12.40 -7.94
N GLY A 26 -7.30 12.72 -6.70
CA GLY A 26 -7.30 11.67 -5.63
C GLY A 26 -8.52 11.79 -4.71
N PRO A 27 -9.21 12.91 -4.69
CA PRO A 27 -10.40 13.08 -3.81
C PRO A 27 -11.31 11.84 -3.77
N PRO A 28 -11.92 11.56 -2.65
CA PRO A 28 -12.82 10.38 -2.49
C PRO A 28 -13.70 10.14 -3.73
N LYS A 29 -13.71 8.93 -4.23
CA LYS A 29 -14.55 8.59 -5.42
C LYS A 29 -13.88 7.41 -6.16
N CYS A 30 -14.49 6.26 -6.12
CA CYS A 30 -13.89 5.10 -6.83
C CYS A 30 -14.03 5.29 -8.34
N LYS A 31 -12.96 5.22 -9.07
CA LYS A 31 -13.03 5.41 -10.55
C LYS A 31 -13.39 4.08 -11.21
N GLN A 32 -13.28 4.00 -12.51
CA GLN A 32 -13.62 2.73 -13.21
C GLN A 32 -13.20 2.84 -14.67
N ARG A 33 -11.96 3.20 -14.92
CA ARG A 33 -11.49 3.32 -16.33
C ARG A 33 -10.97 1.97 -16.83
N GLN A 34 -9.68 1.82 -16.94
CA GLN A 34 -9.11 0.53 -17.43
C GLN A 34 -9.01 -0.45 -16.27
N THR A 35 -8.22 -1.49 -16.40
CA THR A 35 -8.08 -2.48 -15.31
C THR A 35 -9.46 -2.91 -14.81
N ARG A 36 -9.98 -3.98 -15.34
CA ARG A 36 -11.33 -4.46 -14.90
C ARG A 36 -11.20 -5.85 -14.29
N GLN A 37 -10.07 -6.47 -14.45
CA GLN A 37 -9.88 -7.84 -13.90
C GLN A 37 -9.41 -7.74 -12.44
N CYS A 38 -10.32 -7.47 -11.54
CA CYS A 38 -9.93 -7.35 -10.10
C CYS A 38 -10.17 -8.70 -9.40
N LYS A 39 -11.39 -9.08 -9.25
CA LYS A 39 -11.69 -10.37 -8.57
C LYS A 39 -11.55 -11.53 -9.58
N SER A 40 -11.16 -12.67 -9.11
CA SER A 40 -11.00 -13.84 -10.03
C SER A 40 -10.32 -14.98 -9.26
N LYS A 41 -9.04 -14.86 -9.00
CA LYS A 41 -8.32 -15.92 -8.25
C LYS A 41 -7.62 -15.30 -7.04
N PRO A 42 -8.34 -15.12 -5.96
CA PRO A 42 -7.80 -14.51 -4.72
C PRO A 42 -7.05 -15.52 -3.86
N PRO A 43 -6.21 -15.05 -2.96
CA PRO A 43 -5.41 -15.92 -2.06
C PRO A 43 -6.29 -16.63 -1.03
N LYS A 44 -5.76 -17.63 -0.38
CA LYS A 44 -6.56 -18.38 0.65
C LYS A 44 -7.35 -17.39 1.51
N LYS A 45 -6.73 -16.84 2.51
CA LYS A 45 -7.45 -15.86 3.39
C LYS A 45 -6.43 -15.09 4.23
N GLY A 46 -5.17 -15.44 4.15
CA GLY A 46 -4.15 -14.72 4.96
C GLY A 46 -4.45 -14.92 6.45
N VAL A 47 -4.46 -13.85 7.20
CA VAL A 47 -4.76 -13.97 8.66
C VAL A 47 -5.42 -12.68 9.15
N GLN A 48 -5.05 -11.56 8.59
CA GLN A 48 -5.66 -10.28 9.02
C GLN A 48 -7.04 -10.12 8.40
N GLY A 49 -7.14 -9.42 7.30
CA GLY A 49 -8.46 -9.24 6.64
C GLY A 49 -8.28 -8.48 5.33
N CYS A 50 -8.06 -7.20 5.38
CA CYS A 50 -7.88 -6.40 4.13
C CYS A 50 -9.20 -6.32 3.38
N GLY A 51 -9.91 -7.42 3.27
CA GLY A 51 -11.21 -7.39 2.54
C GLY A 51 -11.97 -8.69 2.83
N ASP A 52 -11.32 -9.63 3.46
CA ASP A 52 -12.00 -10.92 3.77
C ASP A 52 -13.21 -10.65 4.67
N ASP A 53 -13.43 -9.41 5.03
CA ASP A 53 -14.59 -9.08 5.91
C ASP A 53 -15.08 -7.66 5.60
N ILE A 54 -14.19 -6.70 5.60
CA ILE A 54 -14.59 -5.30 5.30
C ILE A 54 -13.50 -4.63 4.45
N PRO A 55 -13.78 -4.33 3.21
CA PRO A 55 -12.78 -3.69 2.31
C PRO A 55 -12.65 -2.18 2.57
N GLY A 56 -11.75 -1.79 3.42
CA GLY A 56 -11.57 -0.34 3.73
C GLY A 56 -11.35 -0.16 5.23
N MET A 57 -11.13 -1.23 5.93
CA MET A 57 -10.92 -1.13 7.40
C MET A 57 -9.60 -0.41 7.67
N GLU A 58 -8.96 0.10 6.65
CA GLU A 58 -7.67 0.81 6.84
C GLU A 58 -7.82 2.28 6.46
N GLY A 59 -8.48 2.55 5.35
CA GLY A 59 -8.67 3.96 4.93
C GLY A 59 -7.36 4.50 4.35
N CYS A 60 -6.83 5.55 4.89
CA CYS A 60 -5.55 6.11 4.38
C CYS A 60 -4.80 6.80 5.52
N GLY A 61 -3.66 6.28 5.88
CA GLY A 61 -2.88 6.89 6.98
C GLY A 61 -2.06 5.80 7.66
N THR A 62 -2.60 4.62 7.77
CA THR A 62 -1.85 3.50 8.41
C THR A 62 -1.02 2.78 7.35
N ASP A 63 0.10 3.34 6.98
CA ASP A 63 0.95 2.69 5.95
C ASP A 63 1.53 1.38 6.51
N ILE A 64 0.98 0.90 7.59
CA ILE A 64 1.49 -0.37 8.19
C ILE A 64 0.35 -1.39 8.25
N THR A 65 -0.87 -0.93 8.19
CA THR A 65 -2.04 -1.86 8.26
C THR A 65 -1.69 -3.06 9.15
N VAL A 66 -0.92 -2.82 10.18
CA VAL A 66 -0.53 -3.93 11.11
C VAL A 66 0.41 -4.89 10.38
N ILE A 67 0.10 -5.23 9.14
CA ILE A 67 0.97 -6.17 8.39
C ILE A 67 1.18 -5.66 6.96
N CYS A 68 2.28 -5.00 6.71
CA CYS A 68 2.56 -4.49 5.33
C CYS A 68 3.84 -5.15 4.81
N PRO A 69 4.00 -5.23 3.51
CA PRO A 69 5.19 -5.84 2.88
C PRO A 69 6.45 -5.71 3.74
N TRP A 70 6.56 -4.64 4.48
CA TRP A 70 7.77 -4.45 5.35
C TRP A 70 7.69 -5.41 6.54
N GLU A 71 6.84 -6.39 6.47
CA GLU A 71 6.71 -7.35 7.62
C GLU A 71 6.44 -8.77 7.07
N ALA A 72 5.23 -9.01 6.63
CA ALA A 72 4.89 -10.36 6.10
C ALA A 72 5.46 -10.54 4.70
N CYS A 73 4.81 -10.00 3.71
CA CYS A 73 5.32 -10.14 2.32
C CYS A 73 6.81 -9.77 2.28
N ASN A 74 7.30 -9.17 3.34
CA ASN A 74 8.74 -8.80 3.37
C ASN A 74 9.06 -7.87 2.20
N HIS A 75 10.29 -7.86 1.76
CA HIS A 75 10.66 -6.99 0.62
C HIS A 75 9.98 -7.47 -0.66
N CYS A 76 9.13 -8.45 -0.56
CA CYS A 76 8.43 -8.96 -1.77
C CYS A 76 9.42 -9.74 -2.63
N GLU A 77 8.92 -10.54 -3.52
CA GLU A 77 9.83 -11.34 -4.40
C GLU A 77 10.87 -10.41 -5.03
N LEU A 78 12.02 -10.93 -5.34
CA LEU A 78 13.10 -10.09 -5.96
C LEU A 78 12.52 -9.13 -6.98
N HIS A 79 11.50 -9.54 -7.70
CA HIS A 79 10.89 -8.62 -8.73
C HIS A 79 10.82 -7.20 -8.17
N GLU A 80 10.85 -6.21 -9.03
CA GLU A 80 10.80 -4.80 -8.54
C GLU A 80 9.72 -4.03 -9.30
N LEU A 81 10.07 -2.93 -9.94
CA LEU A 81 9.05 -2.14 -10.68
C LEU A 81 8.61 -2.90 -11.93
N ALA A 82 8.83 -4.19 -11.96
CA ALA A 82 8.42 -4.99 -13.14
C ALA A 82 6.93 -4.73 -13.44
N GLN A 83 6.61 -4.44 -14.67
CA GLN A 83 5.18 -4.18 -15.01
C GLN A 83 4.36 -5.45 -14.75
N TYR A 84 4.55 -6.45 -15.56
CA TYR A 84 3.79 -7.72 -15.37
C TYR A 84 4.71 -8.76 -14.71
N GLY A 85 5.17 -8.47 -13.52
CA GLY A 85 6.06 -9.42 -12.81
C GLY A 85 5.72 -9.42 -11.32
N ILE A 86 5.09 -8.38 -10.84
CA ILE A 86 4.71 -8.33 -9.40
C ILE A 86 3.19 -8.51 -9.26
N CYS A 87 2.73 -8.83 -8.09
CA CYS A 87 1.27 -9.04 -7.90
C CYS A 87 0.51 -7.82 -8.40
C1C RCY B . 10.86 5.45 7.95
O1G RCY B . 13.86 0.84 8.13
O1H RCY B . 13.39 5.46 8.96
O1J RCY B . 8.18 4.22 7.35
C1L RCY B . 15.30 2.50 9.19
C1M RCY B . 11.13 1.78 7.63
C1P RCY B . 14.05 2.01 8.46
C1Q RCY B . 13.86 4.36 8.67
N1R RCY B . 13.08 3.14 8.17
C1S RCY B . 15.32 3.97 8.73
C1U RCY B . 11.68 3.10 7.55
C1V RCY B . 10.70 3.72 9.79
N1V RCY B . 9.37 3.45 7.69
C1W RCY B . 9.61 1.95 7.51
C1X RCY B . 10.67 3.97 8.29
C1Y RCY B . 8.89 1.17 8.62
C1Z RCY B . 9.10 1.52 6.14
H1S RCY B . 15.42 4.57 7.84
H1U RCY B . 11.74 3.40 6.52
C1C RCY C . 7.57 13.50 -7.53
O1G RCY C . 3.13 14.80 -5.93
O1H RCY C . 2.23 13.25 -7.12
O1J RCY C . 7.44 15.05 -4.95
C1L RCY C . 3.71 13.33 -7.84
C1M RCY C . 4.91 12.20 -5.31
C1P RCY C . 3.67 14.58 -6.98
C1Q RCY C . 3.22 13.76 -7.60
N1R RCY C . 4.71 13.48 -7.37
C1S RCY C . 4.44 14.35 -6.94
C1U RCY C . 5.48 12.41 -6.61
C1V RCY C . 7.75 11.63 -5.82
N1V RCY C . 6.71 13.82 -5.20
C1W RCY C . 5.55 13.24 -4.39
C1X RCY C . 6.92 12.81 -6.32
C1Y RCY C . 6.06 12.59 -3.10
C1Z RCY C . 4.57 14.36 -4.06
H1S RCY C . 4.55 13.95 -5.94
H1U RCY C . 5.46 11.50 -7.17
C1C RCY D . -9.39 6.30 -5.73
O1G RCY D . -8.48 2.54 -6.81
O1H RCY D . -12.39 4.81 -8.18
O1J RCY D . -6.84 4.75 -5.31
C1L RCY D . -10.85 1.95 -6.76
C1M RCY D . -8.13 4.91 -8.92
C1P RCY D . -9.64 2.86 -7.03
C1Q RCY D . -11.58 4.12 -7.54
N1R RCY D . -10.06 4.21 -7.59
C1S RCY D . -11.93 3.02 -6.55
C1U RCY D . -9.19 5.38 -8.07
C1V RCY D . -7.87 7.42 -7.41
N1V RCY D . -7.39 5.09 -6.62
C1W RCY D . -6.99 4.52 -7.97
C1X RCY D . -8.49 6.10 -6.94
C1Y RCY D . -5.66 5.13 -8.45
C1Z RCY D . -6.87 3.00 -7.86
H1S RCY D . -12.20 3.83 -5.89
H1U RCY D . -9.80 6.08 -8.63
C1C RCY E . -4.39 -4.89 -6.26
O1G RCY E . -6.80 -3.57 -6.52
O1H RCY E . -8.45 -6.89 -9.46
O1J RCY E . -2.39 -7.12 -6.61
C1L RCY E . -8.73 -3.68 -8.02
C1M RCY E . -5.77 -7.61 -8.37
C1P RCY E . -7.45 -4.20 -7.36
C1Q RCY E . -8.12 -5.80 -8.97
N1R RCY E . -7.07 -5.58 -7.89
C1S RCY E . -8.68 -4.45 -9.34
C1U RCY E . -5.93 -6.50 -7.45
C1V RCY E . -4.31 -5.09 -8.79
N1V RCY E . -3.65 -7.02 -7.35
C1W RCY E . -4.33 -8.11 -8.18
C1X RCY E . -4.56 -5.81 -7.46
C1Y RCY E . -3.64 -8.27 -9.53
C1Z RCY E . -4.31 -9.42 -7.40
H1S RCY E . -8.09 -4.56 -10.24
H1U RCY E . -6.12 -6.89 -6.47
C1C RCY F . -8.42 -5.02 -3.74
O1G RCY F . -8.33 -3.36 0.08
O1H RCY F . -6.08 -7.46 -0.52
O1J RCY F . -6.28 -4.64 -5.82
C1L RCY F . -8.19 -5.40 1.42
C1M RCY F . -5.06 -4.87 -2.20
C1P RCY F . -7.92 -4.51 0.21
C1Q RCY F . -6.93 -6.61 -0.24
N1R RCY F . -7.06 -5.22 -0.84
C1S RCY F . -8.05 -6.78 0.77
C1U RCY F . -6.48 -4.69 -2.15
C1V RCY F . -6.87 -6.95 -3.21
N1V RCY F . -6.01 -4.94 -4.42
C1W RCY F . -4.68 -4.83 -3.68
C1X RCY F . -7.00 -5.44 -3.38
C1Y RCY F . -3.77 -6.02 -4.04
C1Z RCY F . -4.01 -3.51 -4.06
H1S RCY F . -8.50 -7.41 0.02
H1U RCY F . -6.71 -3.63 -2.24
C1C RCY G . -4.17 3.48 -2.15
O1G RCY G . -4.12 8.56 -1.45
O1H RCY G . -4.92 4.67 1.12
O1J RCY G . -1.35 2.52 -2.58
C1L RCY G . -5.68 8.03 0.37
C1M RCY G . -1.72 5.89 -0.78
C1P RCY G . -4.58 7.74 -0.65
C1Q RCY G . -5.07 5.70 0.46
N1R RCY G . -4.12 6.28 -0.58
C1S RCY G . -6.27 6.63 0.54
C1U RCY G . -3.00 5.57 -1.34
C1V RCY G . -3.25 3.58 0.22
N1V RCY G . -1.70 3.67 -1.75
C1W RCY G . -0.78 4.75 -1.21
C1X RCY G . -3.08 4.05 -1.23
C1Y RCY G . 0.02 4.23 -0.01
C1Z RCY G . 0.17 5.21 -2.32
H1S RCY G . -6.79 5.86 0.00
H1U RCY G . -3.03 5.86 -2.37
C1C RCY H . 1.42 0.33 -0.07
O1G RCY H . 1.54 2.14 2.79
O1H RCY H . 3.21 -2.24 3.38
O1J RCY H . 1.72 3.28 0.45
C1L RCY H . 1.11 0.40 4.45
C1M RCY H . 4.65 1.08 1.56
C1P RCY H . 1.74 1.00 3.19
C1Q RCY H . 2.45 -1.26 3.33
N1R RCY H . 2.66 0.00 2.49
C1S RCY H . 1.15 -1.09 4.09
C1U RCY H . 3.56 0.20 1.27
C1V RCY H . 3.65 0.80 -1.19
N1V RCY H . 2.79 2.30 0.62
C1W RCY H . 4.12 2.50 1.35
C1X RCY H . 2.84 0.87 0.11
C1Y RCY H . 5.10 3.31 0.48
C1Z RCY H . 3.87 3.21 2.68
H1S RCY H . 0.75 -1.80 3.36
H1U RCY H . 3.94 -0.76 0.95
C1C RCY I . -0.63 -6.49 1.95
O1G RCY I . -0.61 -7.90 -1.23
O1H RCY I . 3.51 -7.35 1.04
O1J RCY I . 1.72 -6.10 3.79
C1L RCY I . 1.26 -9.40 -0.76
C1M RCY I . 2.10 -4.67 0.25
C1P RCY I . 0.52 -8.07 -0.75
C1Q RCY I . 2.65 -7.68 0.22
N1R RCY I . 1.34 -6.97 -0.07
C1S RCY I . 2.71 -8.89 -0.69
C1U RCY I . 0.95 -5.52 0.24
C1V RCY I . -0.31 -3.97 1.80
N1V RCY I . 1.60 -5.47 2.49
C1W RCY I . 2.68 -4.77 1.67
C1X RCY I . 0.34 -5.35 1.63
C1Y RCY I . 2.96 -3.37 2.24
C1Z RCY I . 3.95 -5.62 1.70
H1S RCY I . 3.44 -8.32 -1.24
H1U RCY I . 0.26 -5.16 -0.51
C1C RCY J . 3.05 -2.45 -3.66
O1G RCY J . 2.26 -6.87 -2.37
O1H RCY J . 5.71 -4.01 -0.86
O1J RCY J . 1.47 -0.33 -2.21
C1L RCY J . 4.65 -7.20 -1.94
C1M RCY J . 2.26 -3.50 -0.20
C1P RCY J . 3.35 -6.40 -2.04
C1Q RCY J . 5.09 -4.87 -1.48
N1R RCY J . 3.58 -4.92 -1.69
C1S RCY J . 5.68 -6.09 -2.16
C1U RCY J . 2.56 -3.80 -1.58
C1V RCY J . 4.46 -2.13 -1.59
N1V RCY J . 2.04 -1.51 -1.57
C1W RCY J . 1.71 -2.06 -0.19
C1X RCY J . 3.08 -2.47 -2.13
C1Y RCY J . 2.41 -1.23 0.90
C1Z RCY J . 0.20 -2.04 0.02
H1S RCY J . 6.00 -5.38 -2.91
H1U RCY J . 1.65 -4.07 -2.09
C1C RCY K . -2.63 -6.07 -9.52
O1G RCY K . -1.22 -4.87 -5.04
O1H RCY K . -2.71 -8.32 -7.91
O1J RCY K . -4.92 -8.01 -9.24
C1L RCY K . -0.55 -7.21 -5.35
C1M RCY K . -4.73 -5.25 -6.58
C1P RCY K . -1.39 -5.95 -5.61
C1Q RCY K . -2.31 -7.70 -6.92
N1R RCY K . -2.47 -6.21 -6.65
C1S RCY K . -1.57 -8.29 -5.74
C1U RCY K . -3.47 -5.23 -7.28
C1V RCY K . -4.60 -4.48 -9.42
N1V RCY K . -4.78 -6.78 -8.45
C1W RCY K . -5.54 -6.39 -7.19
C1X RCY K . -3.84 -5.61 -8.72
C1Y RCY K . -6.96 -5.92 -7.54
C1Z RCY K . -5.59 -7.59 -6.25
H1S RCY K . -2.52 -8.70 -5.46
H1U RCY K . -3.06 -4.24 -7.27
N MET A 1 25.32 4.33 5.67
CA MET A 1 25.48 5.58 4.88
C MET A 1 24.23 6.45 5.03
N ASN A 2 23.28 5.99 5.81
CA ASN A 2 22.03 6.78 6.00
C ASN A 2 21.52 6.55 7.43
N LEU A 3 21.97 5.51 8.08
CA LEU A 3 21.53 5.24 9.47
C LEU A 3 20.00 5.20 9.53
N GLU A 4 19.39 4.38 8.73
CA GLU A 4 17.90 4.29 8.75
C GLU A 4 17.43 4.06 10.20
N PRO A 5 16.28 4.56 10.55
CA PRO A 5 15.71 4.41 11.92
C PRO A 5 16.10 3.06 12.56
N PRO A 6 17.14 3.07 13.36
CA PRO A 6 17.62 1.84 14.05
C PRO A 6 16.92 1.61 15.39
N LYS A 7 16.62 0.38 15.71
CA LYS A 7 15.95 0.09 17.00
C LYS A 7 14.58 0.78 17.04
N ALA A 8 13.55 0.07 17.38
CA ALA A 8 12.19 0.69 17.43
C ALA A 8 12.27 1.99 18.24
N GLU A 9 12.41 3.10 17.58
CA GLU A 9 12.48 4.40 18.30
C GLU A 9 11.10 4.74 18.87
N CYS A 10 10.59 3.92 19.74
CA CYS A 10 9.25 4.19 20.32
C CYS A 10 8.24 4.36 19.17
N ARG A 11 8.49 3.71 18.06
CA ARG A 11 7.56 3.82 16.90
C ARG A 11 7.75 5.16 16.20
N SER A 12 7.21 6.22 16.74
CA SER A 12 7.37 7.55 16.10
C SER A 12 6.93 8.64 17.08
N ALA A 13 7.27 9.87 16.82
CA ALA A 13 6.87 10.96 17.75
C ALA A 13 7.38 12.31 17.21
N THR A 14 8.65 12.54 17.30
CA THR A 14 9.23 13.82 16.80
C THR A 14 9.93 13.58 15.47
N ARG A 15 9.31 12.86 14.57
CA ARG A 15 9.96 12.59 13.26
C ARG A 15 8.94 11.92 12.32
N VAL A 16 8.33 12.66 11.45
CA VAL A 16 7.33 12.07 10.51
C VAL A 16 8.02 11.75 9.18
N MET A 17 9.03 10.93 9.22
CA MET A 17 9.75 10.57 7.95
C MET A 17 10.34 11.83 7.34
N GLY A 18 11.57 11.76 6.86
CA GLY A 18 12.20 12.96 6.24
C GLY A 18 13.68 12.67 5.97
N GLY A 19 14.51 13.67 6.07
CA GLY A 19 15.97 13.46 5.81
C GLY A 19 16.15 12.73 4.48
N PRO A 20 17.35 12.29 4.20
CA PRO A 20 17.66 11.57 2.94
C PRO A 20 16.65 10.47 2.62
N CYS A 21 15.70 10.74 1.77
CA CYS A 21 14.67 9.72 1.42
C CYS A 21 14.41 9.74 -0.09
N THR A 22 15.04 8.86 -0.82
CA THR A 22 14.84 8.82 -2.29
C THR A 22 14.10 7.53 -2.68
N PRO A 23 12.93 7.64 -3.28
CA PRO A 23 12.14 6.44 -3.68
C PRO A 23 13.01 5.36 -4.34
N ARG A 24 12.78 4.12 -4.01
CA ARG A 24 13.60 3.03 -4.61
C ARG A 24 13.11 2.76 -6.04
N LYS A 25 13.86 1.99 -6.79
CA LYS A 25 13.44 1.69 -8.19
C LYS A 25 13.27 3.00 -8.96
N GLY A 26 13.22 2.94 -10.27
CA GLY A 26 13.05 4.18 -11.08
C GLY A 26 11.57 4.44 -11.31
N PRO A 27 11.25 5.17 -12.36
CA PRO A 27 9.83 5.50 -12.69
C PRO A 27 8.95 4.24 -12.78
N PRO A 28 7.70 4.39 -13.10
CA PRO A 28 6.75 3.24 -13.20
C PRO A 28 7.28 2.13 -14.10
N LYS A 29 6.97 0.90 -13.80
CA LYS A 29 7.46 -0.23 -14.64
C LYS A 29 6.44 -1.37 -14.62
N CYS A 30 5.28 -1.14 -15.20
CA CYS A 30 4.25 -2.21 -15.23
C CYS A 30 4.89 -3.53 -15.66
N LYS A 31 5.16 -4.40 -14.73
CA LYS A 31 5.78 -5.71 -15.10
C LYS A 31 4.72 -6.64 -15.67
N GLN A 32 3.93 -7.24 -14.82
CA GLN A 32 2.86 -8.16 -15.31
C GLN A 32 1.70 -8.16 -14.32
N ARG A 33 0.81 -7.21 -14.44
CA ARG A 33 -0.36 -7.17 -13.51
C ARG A 33 -1.33 -6.08 -13.97
N GLN A 34 -2.15 -6.39 -14.94
CA GLN A 34 -3.13 -5.38 -15.44
C GLN A 34 -2.41 -4.05 -15.66
N THR A 35 -1.95 -3.81 -16.86
CA THR A 35 -1.24 -2.53 -17.14
C THR A 35 -2.24 -1.38 -17.14
N ARG A 36 -3.46 -1.63 -17.51
CA ARG A 36 -4.49 -0.54 -17.53
C ARG A 36 -5.85 -1.11 -17.12
N GLN A 37 -5.93 -2.40 -16.93
CA GLN A 37 -7.24 -3.00 -16.53
C GLN A 37 -7.61 -2.53 -15.11
N CYS A 38 -8.58 -1.66 -15.01
CA CYS A 38 -8.99 -1.16 -13.66
C CYS A 38 -10.32 -0.43 -13.79
N LYS A 39 -11.30 -1.06 -14.38
CA LYS A 39 -12.63 -0.40 -14.54
C LYS A 39 -13.47 -0.65 -13.29
N SER A 40 -14.19 -1.74 -13.25
CA SER A 40 -15.04 -2.04 -12.06
C SER A 40 -14.27 -2.91 -11.07
N LYS A 41 -14.53 -2.76 -9.80
CA LYS A 41 -13.82 -3.57 -8.78
C LYS A 41 -14.75 -3.83 -7.60
N PRO A 42 -15.60 -4.83 -7.71
CA PRO A 42 -16.57 -5.18 -6.63
C PRO A 42 -15.94 -6.08 -5.56
N PRO A 43 -16.43 -6.02 -4.35
CA PRO A 43 -15.91 -6.85 -3.23
C PRO A 43 -16.47 -8.28 -3.25
N LYS A 44 -15.61 -9.26 -3.17
CA LYS A 44 -16.10 -10.68 -3.18
C LYS A 44 -16.19 -11.18 -1.74
N LYS A 45 -16.64 -10.35 -0.84
CA LYS A 45 -16.74 -10.77 0.58
C LYS A 45 -15.41 -11.39 1.03
N GLY A 46 -14.33 -10.67 0.83
CA GLY A 46 -13.00 -11.21 1.24
C GLY A 46 -12.70 -12.48 0.46
N VAL A 47 -11.47 -12.66 0.05
CA VAL A 47 -11.11 -13.88 -0.73
C VAL A 47 -9.66 -14.24 -0.44
N GLN A 48 -8.74 -13.69 -1.19
CA GLN A 48 -7.30 -13.99 -0.96
C GLN A 48 -6.45 -12.91 -1.64
N GLY A 49 -7.04 -11.80 -1.99
CA GLY A 49 -6.27 -10.71 -2.65
C GLY A 49 -6.30 -10.92 -4.17
N CYS A 50 -7.16 -10.20 -4.86
CA CYS A 50 -7.25 -10.34 -6.35
C CYS A 50 -7.05 -11.80 -6.75
N GLY A 51 -8.11 -12.52 -6.97
CA GLY A 51 -7.99 -13.95 -7.37
C GLY A 51 -7.03 -14.10 -8.55
N ASP A 52 -6.56 -12.99 -9.09
CA ASP A 52 -5.63 -13.07 -10.24
C ASP A 52 -4.50 -14.06 -9.93
N ASP A 53 -3.35 -13.56 -9.56
CA ASP A 53 -2.21 -14.48 -9.25
C ASP A 53 -1.07 -13.67 -8.63
N ILE A 54 -1.38 -12.83 -7.68
CA ILE A 54 -0.32 -12.00 -7.03
C ILE A 54 -0.38 -12.21 -5.51
N PRO A 55 0.44 -13.10 -4.98
CA PRO A 55 0.47 -13.38 -3.53
C PRO A 55 1.37 -12.41 -2.74
N GLY A 56 0.91 -11.20 -2.55
CA GLY A 56 1.73 -10.22 -1.79
C GLY A 56 3.00 -9.87 -2.58
N MET A 57 3.27 -10.60 -3.63
CA MET A 57 4.49 -10.33 -4.44
C MET A 57 5.74 -10.74 -3.65
N GLU A 58 5.70 -10.58 -2.34
CA GLU A 58 6.88 -10.96 -1.52
C GLU A 58 7.99 -9.93 -1.70
N GLY A 59 7.74 -8.70 -1.34
CA GLY A 59 8.77 -7.64 -1.50
C GLY A 59 8.63 -6.62 -0.37
N CYS A 60 7.51 -6.66 0.32
CA CYS A 60 7.29 -5.70 1.43
C CYS A 60 6.49 -6.40 2.53
N GLY A 61 7.05 -7.43 3.11
CA GLY A 61 6.33 -8.17 4.19
C GLY A 61 5.62 -9.37 3.56
N THR A 62 4.36 -9.20 3.25
CA THR A 62 3.59 -10.32 2.62
C THR A 62 2.09 -10.01 2.76
N ASP A 63 1.32 -10.95 3.19
CA ASP A 63 -0.15 -10.73 3.35
C ASP A 63 -0.41 -9.80 4.55
N ILE A 64 0.48 -8.90 4.83
CA ILE A 64 0.25 -7.99 5.99
C ILE A 64 1.11 -6.73 5.86
N THR A 65 2.22 -6.81 5.18
CA THR A 65 3.10 -5.61 5.06
C THR A 65 3.12 -4.92 6.41
N VAL A 66 2.99 -5.71 7.45
CA VAL A 66 2.95 -5.16 8.83
C VAL A 66 1.60 -4.49 9.04
N ILE A 67 1.14 -3.79 8.04
CA ILE A 67 -0.19 -3.11 8.14
C ILE A 67 -0.94 -3.22 6.81
N CYS A 68 -1.94 -4.05 6.73
CA CYS A 68 -2.71 -4.17 5.46
C CYS A 68 -4.16 -3.71 5.70
N PRO A 69 -4.82 -3.22 4.70
CA PRO A 69 -6.23 -2.73 4.82
C PRO A 69 -7.07 -3.57 5.77
N TRP A 70 -7.12 -4.86 5.55
CA TRP A 70 -7.95 -5.73 6.44
C TRP A 70 -7.36 -5.75 7.86
N GLU A 71 -6.65 -4.72 8.24
CA GLU A 71 -6.06 -4.67 9.60
C GLU A 71 -6.10 -3.23 10.12
N ALA A 72 -5.57 -2.30 9.38
CA ALA A 72 -5.58 -0.87 9.84
C ALA A 72 -6.97 -0.27 9.61
N CYS A 73 -7.15 0.41 8.52
CA CYS A 73 -8.47 1.04 8.24
C CYS A 73 -9.45 -0.02 7.72
N ASN A 74 -9.31 -1.24 8.17
CA ASN A 74 -10.22 -2.33 7.70
C ASN A 74 -10.51 -2.17 6.21
N HIS A 75 -11.76 -2.25 5.82
CA HIS A 75 -12.11 -2.11 4.38
C HIS A 75 -12.32 -0.63 4.05
N CYS A 76 -13.00 -0.34 2.96
CA CYS A 76 -13.23 1.08 2.59
C CYS A 76 -14.61 1.20 1.93
N GLU A 77 -15.44 2.07 2.42
CA GLU A 77 -16.79 2.23 1.82
C GLU A 77 -16.66 2.92 0.45
N LEU A 78 -16.91 4.20 0.39
CA LEU A 78 -16.79 4.92 -0.91
C LEU A 78 -15.37 5.46 -1.07
N HIS A 79 -15.06 6.00 -2.22
CA HIS A 79 -13.69 6.54 -2.44
C HIS A 79 -13.61 7.96 -1.87
N GLU A 80 -14.71 8.50 -1.44
CA GLU A 80 -14.70 9.89 -0.89
C GLU A 80 -14.35 9.83 0.60
N LEU A 81 -14.45 8.67 1.20
CA LEU A 81 -14.10 8.56 2.64
C LEU A 81 -12.61 8.24 2.77
N ALA A 82 -11.89 8.26 1.68
CA ALA A 82 -10.43 7.96 1.73
C ALA A 82 -9.71 9.10 2.46
N GLN A 83 -10.23 9.52 3.58
CA GLN A 83 -9.59 10.63 4.34
C GLN A 83 -9.40 11.85 3.45
N TYR A 84 -8.27 11.95 2.78
CA TYR A 84 -8.02 13.12 1.89
C TYR A 84 -8.29 12.73 0.43
N GLY A 85 -8.91 11.61 0.21
CA GLY A 85 -9.19 11.19 -1.19
C GLY A 85 -7.91 11.26 -2.02
N ILE A 86 -6.82 10.82 -1.45
CA ILE A 86 -5.52 10.86 -2.18
C ILE A 86 -5.68 10.19 -3.55
N CYS A 87 -6.78 9.55 -3.80
CA CYS A 87 -6.99 8.90 -5.11
C CYS A 87 -7.04 9.96 -6.21
C1C RCY B . 5.94 1.08 19.19
O1G RCY B . 6.21 0.70 22.49
O1H RCY B . 9.50 3.42 20.47
O1J RCY B . 7.51 2.94 17.41
C1L RCY B . 7.09 2.93 22.99
C1M RCY B . 9.59 0.49 19.52
C1P RCY B . 7.01 1.61 22.23
C1Q RCY B . 8.80 2.84 21.31
N1R RCY B . 8.04 1.55 21.10
C1S RCY B . 8.54 3.31 22.73
C1U RCY B . 8.24 0.46 20.04
C1V RCY B . 7.37 -0.58 17.91
N1V RCY B . 8.10 1.82 18.14
C1W RCY B . 9.58 1.54 18.40
C1X RCY B . 7.36 0.66 18.82
C1Y RCY B . 10.24 0.97 17.14
C1Z RCY B . 10.26 2.83 18.83
H1S RCY B . 9.55 2.96 22.91
H1U RCY B . 8.05 -0.51 20.48
C1C RCY C . 9.28 12.66 0.69
O1G RCY C . 8.83 8.22 -1.77
O1H RCY C . 10.01 10.60 2.14
O1J RCY C . 10.00 13.03 -2.21
C1L RCY C . 10.60 7.93 -0.10
C1M RCY C . 7.17 10.55 -1.49
C1P RCY C . 9.40 8.63 -0.75
C1Q RCY C . 10.06 9.96 1.08
N1R RCY C . 8.99 9.88 0.01
C1S RCY C . 11.23 9.13 0.61
C1U RCY C . 7.81 10.83 -0.23
C1V RCY C . 7.02 13.23 -0.29
N1V RCY C . 8.83 12.28 -1.74
C1W RCY C . 7.94 11.33 -2.55
C1X RCY C . 8.22 12.29 -0.34
C1Y RCY C . 6.99 12.12 -3.44
C1Z RCY C . 8.83 10.41 -3.38
H1S RCY C . 11.71 10.08 0.41
H1U RCY C . 7.09 10.71 0.57
C1C RCY D . -0.88 0.13 -10.54
O1G RCY D . 0.99 -0.73 -11.24
O1H RCY D . 1.19 2.24 -14.89
O1J RCY D . 1.42 1.14 -8.88
C1L RCY D . 2.14 -0.81 -13.39
C1M RCY D . 0.37 3.36 -11.83
C1P RCY D . 1.22 -0.21 -12.32
C1Q RCY D . 1.12 1.23 -14.21
N1R RCY D . 0.61 1.12 -12.78
C1S RCY D . 1.53 -0.18 -14.65
C1U RCY D . -0.28 2.09 -12.01
C1V RCY D . -1.70 2.45 -9.94
N1V RCY D . 0.76 1.92 -9.92
C1W RCY D . 1.23 3.22 -10.56
C1X RCY D . -0.58 1.63 -10.59
C1Y RCY D . 1.00 4.40 -9.62
C1Z RCY D . 2.71 3.08 -10.91
H1S RCY D . 0.62 -0.15 -15.23
H1U RCY D . -1.21 2.24 -12.55
C1C RCY E . -8.39 -2.91 -6.30
O1G RCY E . -5.30 -4.48 -10.56
O1H RCY E . -8.44 -1.50 -8.67
O1J RCY E . -7.38 -4.92 -4.30
C1L RCY E . -6.24 -2.34 -11.29
C1M RCY E . -6.01 -5.27 -7.86
C1P RCY E . -6.09 -3.55 -10.36
C1Q RCY E . -7.81 -2.19 -9.46
N1R RCY E . -7.01 -3.45 -9.15
C1S RCY E . -7.68 -1.93 -10.96
C1U RCY E . -7.11 -4.36 -7.94
C1V RCY E . -5.88 -2.64 -6.56
N1V RCY E . -6.84 -4.76 -5.65
C1W RCY E . -5.91 -5.71 -6.40
C1X RCY E . -7.06 -3.60 -6.61
C1Y RCY E . -4.48 -5.59 -5.88
C1Z RCY E . -6.43 -7.15 -6.23
H1S RCY E . -8.69 -2.30 -11.01
H1U RCY E . -8.04 -4.93 -7.99
C1C RCY F . -1.78 -3.98 -5.40
O1G RCY F . -1.28 -6.10 -5.17
O1H RCY F . -4.78 -7.42 -8.03
O1J RCY F . 0.61 -4.70 -7.09
C1L RCY F . -2.51 -8.18 -5.44
C1M RCY F . -2.79 -4.84 -8.85
C1P RCY F . -2.17 -6.72 -5.73
C1Q RCY F . -4.07 -7.27 -7.05
N1R RCY F . -3.10 -6.13 -6.79
C1S RCY F . -3.99 -8.19 -5.84
C1U RCY F . -3.06 -4.74 -7.45
C1V RCY F . -2.09 -2.41 -7.35
N1V RCY F . -0.74 -4.49 -7.61
C1W RCY F . -1.26 -4.89 -8.99
C1X RCY F . -1.93 -3.87 -6.92
C1Y RCY F . -0.78 -3.89 -10.05
C1Z RCY F . -0.78 -6.30 -9.33
H1S RCY F . -4.94 -7.77 -5.58
H1U RCY F . -4.01 -4.25 -7.29
C1C RCY G . 2.54 -1.55 -4.68
O1G RCY G . 3.56 -3.63 -3.23
O1H RCY G . 7.17 -0.98 -1.74
O1J RCY G . 3.02 0.29 -7.01
C1L RCY G . 5.24 -3.92 -1.49
C1M RCY G . 6.04 -0.34 -4.72
C1P RCY G . 4.56 -3.20 -2.65
C1Q RCY G . 6.47 -1.94 -2.08
N1R RCY G . 5.27 -1.90 -3.01
C1S RCY G . 6.66 -3.37 -1.64
C1U RCY G . 4.88 -0.83 -4.04
C1V RCY G . 4.56 -2.66 -5.76
N1V RCY G . 4.07 -0.23 -6.15
C1W RCY G . 5.52 0.27 -6.04
C1X RCY G . 3.99 -1.37 -5.15
C1Y RCY G . 6.35 -0.24 -7.23
C1Z RCY G . 5.52 1.79 -6.00
H1S RCY G . 7.50 -3.36 -2.32
H1U RCY G . 4.38 -0.01 -3.53
C1C RCY H . 1.75 -4.36 0.07
O1G RCY H . -1.73 -1.41 2.00
O1H RCY H . 1.34 -4.88 2.90
O1J RCY H . -0.27 -3.36 -1.92
C1L RCY H . -1.87 -3.48 3.30
C1M RCY H . 0.80 -0.84 0.77
C1P RCY H . -1.20 -2.45 2.38
C1Q RCY H . 0.31 -4.27 2.64
N1R RCY H . 0.22 -2.88 2.01
C1S RCY H . -1.11 -4.75 2.89
C1U RCY H . 1.28 -2.14 1.19
C1V RCY H . 2.89 -2.25 -0.76
N1V RCY H . 0.40 -2.50 -0.95
C1W RCY H . 0.03 -1.09 -0.53
C1X RCY H . 1.63 -2.84 -0.11
C1Y RCY H . 0.48 -0.09 -1.60
C1Z RCY H . -1.48 -1.00 -0.31
H1S RCY H . -0.94 -5.38 2.05
H1U RCY H . 2.17 -2.01 1.79
C1C RCY I . -1.67 -0.19 4.42
O1G RCY I . -3.20 2.89 5.89
O1H RCY I . -6.31 0.38 3.37
O1J RCY I . 0.27 0.52 2.23
C1L RCY I . -5.55 2.31 6.23
C1M RCY I . -3.06 2.43 2.20
C1P RCY I . -4.22 2.34 5.47
C1Q RCY I . -5.79 1.25 4.07
N1R RCY I . -4.31 1.62 4.13
C1S RCY I . -6.52 2.16 5.05
C1U RCY I . -3.22 1.33 3.11
C1V RCY I . -1.52 2.33 4.70
N1V RCY I . -0.96 1.26 2.51
C1W RCY I . -1.64 2.29 1.61
C1X RCY I . -1.84 1.18 3.74
C1Y RCY I . -0.90 3.63 1.68
C1Z RCY I . -1.68 1.77 0.18
H1S RCY I . -6.86 2.67 4.16
H1U RCY I . -3.47 0.44 2.55
C1C RCY J . -4.78 1.86 2.79
O1G RCY J . -7.67 2.92 -1.58
O1H RCY J . -7.67 1.24 2.83
O1J RCY J . -2.07 2.05 1.50
C1L RCY J . -9.41 2.69 0.13
C1M RCY J . -5.07 1.95 -0.89
C1P RCY J . -8.00 2.54 -0.45
C1Q RCY J . -7.99 1.50 1.68
N1R RCY J . -7.06 1.84 0.53
C1S RCY J . -9.41 1.53 1.13
C1U RCY J . -5.56 1.57 0.40
C1V RCY J . -5.10 3.89 1.32
N1V RCY J . -3.33 2.20 0.79
C1W RCY J . -3.55 2.16 -0.73
C1X RCY J . -4.73 2.41 1.37
C1Y RCY J . -3.13 3.50 -1.36
C1Z RCY J . -2.76 1.01 -1.33
H1S RCY J . -9.34 0.45 1.17
H1U RCY J . -5.36 0.53 0.58
C1C RCY K . -2.89 5.19 -0.86
O1G RCY K . -3.96 7.36 -2.51
O1H RCY K . -7.91 4.81 -3.02
O1J RCY K . -3.15 3.00 1.18
C1L RCY K . -5.73 7.35 -4.19
C1M RCY K . -6.36 3.94 -0.69
C1P RCY K . -5.00 6.87 -2.94
C1Q RCY K . -6.86 5.43 -3.25
N1R RCY K . -5.73 5.69 -2.28
C1S RCY K . -6.47 6.05 -4.58
C1U RCY K . -5.41 4.97 -0.96
C1V RCY K . -3.94 3.36 -2.26
N1V RCY K . -4.20 3.37 0.23
C1W RCY K . -5.68 2.96 0.27
C1X RCY K . -4.07 4.23 -1.01
C1Y RCY K . -5.85 1.52 -0.21
C1Z RCY K . -6.19 3.12 1.70
H1S RCY K . -6.29 5.04 -4.89
H1U RCY K . -5.40 5.69 -0.15
N MET A 1 -22.65 8.16 8.67
CA MET A 1 -21.31 7.54 8.44
C MET A 1 -20.82 7.89 7.03
N ASN A 2 -19.58 8.29 6.91
CA ASN A 2 -19.05 8.64 5.57
C ASN A 2 -17.51 8.69 5.62
N LEU A 3 -16.93 9.74 5.12
CA LEU A 3 -15.44 9.84 5.14
C LEU A 3 -14.96 9.92 6.60
N GLU A 4 -14.03 10.79 6.87
CA GLU A 4 -13.51 10.93 8.27
C GLU A 4 -14.17 12.16 8.93
N PRO A 5 -14.82 11.98 10.06
CA PRO A 5 -15.49 13.11 10.78
C PRO A 5 -14.60 14.36 10.83
N PRO A 6 -15.20 15.53 10.90
CA PRO A 6 -14.46 16.81 10.97
C PRO A 6 -13.25 16.74 11.93
N LYS A 7 -12.24 17.54 11.68
CA LYS A 7 -11.03 17.57 12.55
C LYS A 7 -10.86 16.24 13.31
N ALA A 8 -9.99 15.40 12.84
CA ALA A 8 -9.77 14.08 13.54
C ALA A 8 -8.73 14.26 14.65
N GLU A 9 -7.82 13.33 14.77
CA GLU A 9 -6.78 13.44 15.82
C GLU A 9 -5.46 12.87 15.29
N CYS A 10 -5.24 12.98 14.01
CA CYS A 10 -3.98 12.44 13.41
C CYS A 10 -3.57 13.30 12.22
N ARG A 11 -3.78 14.59 12.31
CA ARG A 11 -3.40 15.48 11.17
C ARG A 11 -1.90 15.40 10.92
N SER A 12 -1.27 16.50 10.63
CA SER A 12 0.19 16.49 10.39
C SER A 12 0.70 17.93 10.27
N ALA A 13 1.34 18.26 9.18
CA ALA A 13 1.87 19.64 9.01
C ALA A 13 2.95 19.92 10.05
N THR A 14 3.12 19.03 11.00
CA THR A 14 4.16 19.23 12.05
C THR A 14 5.45 18.51 11.64
N ARG A 15 5.50 17.22 11.83
CA ARG A 15 6.72 16.46 11.45
C ARG A 15 6.46 14.96 11.63
N VAL A 16 5.22 14.57 11.71
CA VAL A 16 4.89 13.13 11.88
C VAL A 16 5.64 12.58 13.09
N MET A 17 5.32 11.37 13.51
CA MET A 17 6.01 10.78 14.68
C MET A 17 7.52 10.81 14.45
N GLY A 18 8.07 9.79 13.83
CA GLY A 18 9.54 9.77 13.59
C GLY A 18 10.26 9.43 14.89
N GLY A 19 10.84 10.41 15.53
CA GLY A 19 11.57 10.15 16.81
C GLY A 19 12.68 9.13 16.57
N PRO A 20 12.59 7.96 17.16
CA PRO A 20 13.64 6.90 17.01
C PRO A 20 13.58 6.22 15.63
N CYS A 21 13.10 6.90 14.63
CA CYS A 21 13.01 6.30 13.27
C CYS A 21 13.45 7.33 12.23
N THR A 22 14.24 6.92 11.27
CA THR A 22 14.71 7.87 10.23
C THR A 22 13.74 7.87 9.04
N PRO A 23 13.01 8.95 8.82
CA PRO A 23 12.05 9.04 7.70
C PRO A 23 12.73 9.39 6.37
N ARG A 24 11.97 9.64 5.35
CA ARG A 24 12.56 9.99 4.03
C ARG A 24 13.42 8.83 3.52
N LYS A 25 13.28 8.47 2.27
CA LYS A 25 14.07 7.34 1.71
C LYS A 25 15.32 7.90 1.01
N GLY A 26 16.48 7.44 1.40
CA GLY A 26 17.73 7.94 0.75
C GLY A 26 17.72 7.58 -0.74
N PRO A 27 18.29 6.46 -1.10
CA PRO A 27 18.34 6.00 -2.52
C PRO A 27 17.01 6.23 -3.24
N PRO A 28 17.04 6.36 -4.54
CA PRO A 28 15.80 6.58 -5.34
C PRO A 28 14.65 5.67 -4.87
N LYS A 29 13.50 6.23 -4.64
CA LYS A 29 12.34 5.40 -4.18
C LYS A 29 11.62 4.81 -5.39
N CYS A 30 11.69 5.47 -6.51
CA CYS A 30 11.01 4.94 -7.73
C CYS A 30 11.50 3.53 -8.01
N LYS A 31 12.66 3.41 -8.60
CA LYS A 31 13.20 2.05 -8.90
C LYS A 31 13.98 1.55 -7.67
N GLN A 32 15.12 0.94 -7.88
CA GLN A 32 15.91 0.44 -6.72
C GLN A 32 14.99 -0.31 -5.75
N ARG A 33 14.68 -1.54 -6.04
CA ARG A 33 13.79 -2.32 -5.14
C ARG A 33 13.99 -3.82 -5.40
N GLN A 34 14.97 -4.16 -6.19
CA GLN A 34 15.23 -5.60 -6.49
C GLN A 34 13.99 -6.22 -7.12
N THR A 35 13.79 -6.01 -8.40
CA THR A 35 12.59 -6.59 -9.07
C THR A 35 12.73 -6.40 -10.59
N ARG A 36 12.49 -5.21 -11.07
CA ARG A 36 12.60 -4.96 -12.54
C ARG A 36 11.88 -6.08 -13.30
N GLN A 37 10.85 -6.62 -12.72
CA GLN A 37 10.10 -7.73 -13.40
C GLN A 37 8.60 -7.55 -13.13
N CYS A 38 8.04 -8.39 -12.32
CA CYS A 38 6.58 -8.26 -12.01
C CYS A 38 5.78 -8.35 -13.31
N LYS A 39 5.13 -9.47 -13.54
CA LYS A 39 4.32 -9.62 -14.79
C LYS A 39 2.84 -9.35 -14.48
N SER A 40 2.02 -10.36 -14.49
CA SER A 40 0.57 -10.15 -14.20
C SER A 40 -0.07 -11.47 -13.74
N LYS A 41 0.72 -12.39 -13.25
CA LYS A 41 0.15 -13.69 -12.80
C LYS A 41 0.54 -13.94 -11.32
N PRO A 42 -0.19 -13.35 -10.42
CA PRO A 42 0.07 -13.51 -8.96
C PRO A 42 -0.67 -14.71 -8.36
N PRO A 43 -0.24 -15.17 -7.22
CA PRO A 43 -0.88 -16.34 -6.54
C PRO A 43 -2.29 -16.00 -6.04
N LYS A 44 -3.24 -16.86 -6.28
CA LYS A 44 -4.63 -16.58 -5.83
C LYS A 44 -5.12 -15.29 -6.48
N LYS A 45 -6.15 -15.37 -7.30
CA LYS A 45 -6.68 -14.14 -7.96
C LYS A 45 -7.96 -13.67 -7.26
N GLY A 46 -8.20 -12.39 -7.24
CA GLY A 46 -9.43 -11.87 -6.58
C GLY A 46 -10.43 -11.41 -7.64
N VAL A 47 -11.40 -12.23 -7.95
CA VAL A 47 -12.40 -11.85 -8.98
C VAL A 47 -13.19 -10.62 -8.52
N GLN A 48 -13.78 -10.70 -7.36
CA GLN A 48 -14.57 -9.53 -6.85
C GLN A 48 -13.65 -8.59 -6.07
N GLY A 49 -12.43 -8.98 -5.86
CA GLY A 49 -11.48 -8.10 -5.10
C GLY A 49 -11.22 -6.81 -5.91
N CYS A 50 -10.67 -6.94 -7.08
CA CYS A 50 -10.37 -5.74 -7.91
C CYS A 50 -11.55 -4.76 -7.84
N GLY A 51 -11.38 -3.68 -7.14
CA GLY A 51 -12.48 -2.68 -7.02
C GLY A 51 -12.70 -1.98 -8.37
N ASP A 52 -12.60 -2.70 -9.45
CA ASP A 52 -12.82 -2.07 -10.78
C ASP A 52 -11.81 -0.95 -11.00
N ASP A 53 -10.58 -1.14 -10.62
CA ASP A 53 -9.56 -0.08 -10.80
C ASP A 53 -10.04 1.24 -10.20
N ILE A 54 -11.17 1.24 -9.54
CA ILE A 54 -11.70 2.48 -8.92
C ILE A 54 -12.06 2.21 -7.47
N PRO A 55 -11.08 2.20 -6.60
CA PRO A 55 -11.27 1.93 -5.15
C PRO A 55 -11.65 3.19 -4.37
N GLY A 56 -10.69 3.84 -3.77
CA GLY A 56 -10.99 5.06 -2.97
C GLY A 56 -11.36 6.22 -3.91
N MET A 57 -11.22 6.02 -5.19
CA MET A 57 -11.58 7.12 -6.15
C MET A 57 -10.90 8.41 -5.71
N GLU A 58 -9.59 8.48 -5.80
CA GLU A 58 -8.88 9.71 -5.38
C GLU A 58 -7.60 9.88 -6.21
N GLY A 59 -7.20 8.83 -6.89
CA GLY A 59 -5.96 8.90 -7.72
C GLY A 59 -4.85 8.11 -7.04
N CYS A 60 -4.74 8.23 -5.75
CA CYS A 60 -3.68 7.47 -5.03
C CYS A 60 -4.07 7.29 -3.56
N GLY A 61 -5.04 8.04 -3.10
CA GLY A 61 -5.48 7.91 -1.68
C GLY A 61 -5.67 6.43 -1.36
N THR A 62 -6.47 5.74 -2.14
CA THR A 62 -6.68 4.29 -1.89
C THR A 62 -7.05 4.06 -0.43
N ASP A 63 -8.27 4.31 -0.06
CA ASP A 63 -8.69 4.10 1.35
C ASP A 63 -8.62 2.61 1.69
N ILE A 64 -9.11 1.77 0.80
CA ILE A 64 -9.06 0.30 1.05
C ILE A 64 -8.25 -0.37 -0.05
N THR A 65 -8.79 -0.40 -1.24
CA THR A 65 -8.07 -1.05 -2.37
C THR A 65 -8.19 -2.57 -2.26
N VAL A 66 -9.39 -3.07 -2.35
CA VAL A 66 -9.60 -4.54 -2.27
C VAL A 66 -9.31 -5.07 -0.86
N ILE A 67 -8.06 -5.15 -0.47
CA ILE A 67 -7.75 -5.69 0.88
C ILE A 67 -6.70 -4.84 1.60
N CYS A 68 -7.11 -4.10 2.58
CA CYS A 68 -6.16 -3.27 3.37
C CYS A 68 -5.85 -3.99 4.69
N PRO A 69 -4.64 -3.90 5.18
CA PRO A 69 -4.22 -4.57 6.44
C PRO A 69 -5.35 -4.75 7.48
N TRP A 70 -6.17 -3.75 7.69
CA TRP A 70 -7.26 -3.94 8.71
C TRP A 70 -8.19 -5.07 8.25
N GLU A 71 -7.85 -5.71 7.17
CA GLU A 71 -8.67 -6.85 6.66
C GLU A 71 -7.77 -7.71 5.77
N ALA A 72 -6.74 -8.27 6.34
CA ALA A 72 -5.79 -9.11 5.54
C ALA A 72 -6.55 -10.22 4.81
N CYS A 73 -6.18 -10.48 3.59
CA CYS A 73 -6.85 -11.55 2.81
C CYS A 73 -6.48 -12.92 3.40
N ASN A 74 -5.23 -13.11 3.72
CA ASN A 74 -4.80 -14.41 4.31
C ASN A 74 -3.35 -14.30 4.78
N HIS A 75 -3.11 -13.60 5.86
CA HIS A 75 -1.71 -13.45 6.36
C HIS A 75 -0.87 -12.74 5.30
N CYS A 76 0.35 -13.19 5.10
CA CYS A 76 1.23 -12.54 4.08
C CYS A 76 2.26 -13.56 3.58
N GLU A 77 1.85 -14.78 3.42
CA GLU A 77 2.79 -15.83 2.94
C GLU A 77 3.09 -15.60 1.45
N LEU A 78 4.35 -15.46 1.12
CA LEU A 78 4.71 -15.23 -0.31
C LEU A 78 6.17 -15.61 -0.52
N HIS A 79 7.08 -14.87 0.05
CA HIS A 79 8.53 -15.18 -0.10
C HIS A 79 9.10 -15.60 1.27
N GLU A 80 8.30 -16.25 2.07
CA GLU A 80 8.77 -16.70 3.41
C GLU A 80 9.03 -15.46 4.29
N LEU A 81 9.61 -14.43 3.74
CA LEU A 81 9.88 -13.21 4.55
C LEU A 81 8.75 -12.21 4.32
N ALA A 82 7.86 -12.52 3.40
CA ALA A 82 6.73 -11.60 3.12
C ALA A 82 5.93 -11.34 4.40
N GLN A 83 6.12 -12.16 5.40
CA GLN A 83 5.37 -11.96 6.68
C GLN A 83 5.46 -10.49 7.07
N TYR A 84 6.40 -9.77 6.54
CA TYR A 84 6.54 -8.33 6.87
C TYR A 84 6.97 -7.58 5.60
N GLY A 85 7.81 -8.18 4.81
CA GLY A 85 8.27 -7.51 3.55
C GLY A 85 8.67 -6.07 3.86
N ILE A 86 9.07 -5.80 5.07
CA ILE A 86 9.47 -4.40 5.46
C ILE A 86 8.63 -3.39 4.68
N CYS A 87 7.37 -3.69 4.48
CA CYS A 87 6.48 -2.74 3.74
C CYS A 87 6.23 -1.50 4.59
C1C RCY B . -2.59 5.19 16.42
O1G RCY B . -2.45 6.17 13.80
O1H RCY B . -3.58 10.10 16.17
O1J RCY B . -0.41 4.82 14.39
C1L RCY B . -4.02 8.01 13.35
C1M RCY B . -0.37 8.15 16.31
C1P RCY B . -2.98 7.22 14.16
C1Q RCY B . -3.65 9.07 15.50
N1R RCY B . -2.67 7.91 15.50
C1S RCY B . -4.75 8.73 14.49
C1U RCY B . -1.64 7.54 16.57
C1V RCY B . -0.53 5.64 17.84
N1V RCY B . -0.45 5.92 15.35
C1W RCY B . 0.36 7.22 15.34
C1X RCY B . -1.32 6.04 16.59
C1Y RCY B . 1.79 6.95 15.83
C1Z RCY B . 0.38 7.79 13.92
H1S RCY B . -5.35 8.55 15.37
H1U RCY B . -2.00 7.85 17.54
C1C RCY C . 4.94 7.78 12.58
O1G RCY C . 7.47 8.90 14.95
O1H RCY C . 8.77 8.62 10.43
O1J RCY C . 4.72 8.96 15.34
C1L RCY C . 9.37 7.85 13.82
C1M RCY C . 6.41 11.19 12.70
C1P RCY C . 8.05 8.63 13.91
C1Q RCY C . 8.55 8.34 11.60
N1R RCY C . 7.54 9.01 12.52
C1S RCY C . 9.24 7.26 12.41
C1U RCY C . 6.32 9.87 12.15
C1V RCY C . 3.79 9.99 12.08
N1V RCY C . 5.15 9.72 14.16
C1W RCY C . 5.83 11.08 14.12
C1X RCY C . 5.01 9.31 12.70
C1Y RCY C . 4.81 12.19 14.38
C1Z RCY C . 6.95 11.11 15.18
H1S RCY C . 8.63 6.58 11.83
H1U RCY C . 6.25 9.93 11.06
C1C RCY D . 5.80 8.50 -11.09
O1G RCY D . 6.72 5.09 -6.84
O1H RCY D . 8.18 7.17 -10.82
O1J RCY D . 3.59 10.16 -9.90
C1L RCY D . 8.77 4.92 -8.17
C1M RCY D . 5.06 7.45 -7.62
C1P RCY D . 7.36 5.42 -7.84
C1Q RCY D . 7.96 6.33 -9.95
N1R RCY D . 6.83 6.38 -8.91
C1S RCY D . 8.75 5.07 -9.69
C1U RCY D . 5.53 7.19 -8.94
C1V RCY D . 6.90 9.32 -8.95
N1V RCY D . 4.40 9.22 -9.14
C1W RCY D . 4.13 8.67 -7.73
C1X RCY D . 5.71 8.57 -9.56
C1Y RCY D . 4.48 9.72 -6.67
C1Z RCY D . 2.67 8.27 -7.63
H1S RCY D . 8.25 4.70 -10.58
H1U RCY D . 4.78 6.63 -9.50
C1C RCY E . 6.78 -0.35 -7.97
O1G RCY E . 6.53 -2.84 -7.03
O1H RCY E . 6.29 -4.76 -11.33
O1J RCY E . 6.32 1.88 -9.94
C1L RCY E . 6.23 -5.14 -7.83
C1M RCY E . 5.98 -1.69 -11.33
C1P RCY E . 6.39 -3.62 -7.97
C1Q RCY E . 6.08 -4.50 -10.15
N1R RCY E . 6.38 -3.19 -9.44
C1S RCY E . 5.48 -5.44 -9.13
C1U RCY E . 6.61 -1.80 -10.04
C1V RCY E . 4.50 -0.99 -8.88
N1V RCY E . 6.04 0.47 -10.22
C1W RCY E . 5.78 -0.19 -11.58
C1X RCY E . 5.96 -0.68 -9.22
C1Y RCY E . 4.35 0.10 -12.04
C1Z RCY E . 6.79 0.35 -12.59
H1S RCY E . 4.55 -5.23 -9.63
H1U RCY E . 7.66 -1.62 -10.14
C1C RCY F . -4.51 -6.45 -5.83
O1G RCY F . -6.33 -5.62 -6.02
O1H RCY F . -6.45 -5.97 -10.72
O1J RCY F . -5.26 -9.31 -6.42
C1L RCY F . -8.09 -5.25 -7.68
C1M RCY F . -4.00 -7.26 -9.41
C1P RCY F . -6.67 -5.59 -7.19
C1Q RCY F . -6.63 -5.58 -9.57
N1R RCY F . -5.73 -5.87 -8.37
C1S RCY F . -7.77 -4.72 -9.08
C1U RCY F . -4.27 -6.33 -8.35
C1V RCY F . -2.39 -7.28 -6.95
N1V RCY F . -4.59 -8.43 -7.37
C1W RCY F . -4.40 -8.64 -8.87
C1X RCY F . -3.90 -7.09 -7.08
C1Y RCY F . -3.28 -9.66 -9.14
C1Z RCY F . -5.72 -9.12 -9.47
H1S RCY F . -7.25 -3.92 -9.58
H1U RCY F . -3.62 -5.47 -8.46
C1C RCY G . 1.53 10.50 -2.57
O1G RCY G . 3.63 7.04 -6.25
O1H RCY G . -0.14 9.11 -4.29
O1J RCY G . 4.14 11.38 -1.32
C1L RCY G . 1.28 7.21 -6.90
C1M RCY G . 4.39 8.56 -3.92
C1P RCY G . 2.49 7.43 -5.99
C1Q RCY G . 0.59 8.31 -4.87
N1R RCY G . 2.10 8.19 -4.72
C1S RCY G . 0.15 7.24 -5.86
C1U RCY G . 3.00 8.71 -3.59
C1V RCY G . 2.92 11.01 -4.63
N1V RCY G . 4.04 10.47 -2.46
C1W RCY G . 5.14 9.57 -3.04
C1X RCY G . 2.82 10.21 -3.34
C1Y RCY G . 6.11 10.40 -3.88
C1Z RCY G . 5.86 8.87 -1.90
H1S RCY G . -0.22 6.73 -4.99
H1U RCY G . 2.78 8.16 -2.68
C1C RCY H . -4.36 4.45 1.26
O1G RCY H . -8.73 3.35 3.95
O1H RCY H . -4.22 2.00 3.56
O1J RCY H . -3.56 7.26 2.00
C1L RCY H . -7.60 1.19 4.19
C1M RCY H . -5.97 5.51 4.42
C1P RCY H . -7.69 2.69 3.89
C1Q RCY H . -5.44 2.02 3.48
N1R RCY H . -6.33 3.27 3.51
C1S RCY H . -6.37 0.83 3.35
C1U RCY H . -5.93 4.72 3.23
C1V RCY H . -3.51 4.10 3.63
N1V RCY H . -4.30 6.36 2.87
C1W RCY H . -5.07 6.73 4.15
C1X RCY H . -4.50 4.86 2.73
C1Y RCY H . -4.08 6.93 5.31
C1Z RCY H . -5.89 7.99 3.91
H1S RCY H . -6.02 0.79 2.33
H1U RCY H . -6.61 5.14 2.49
C1C RCY I . -0.83 -7.08 -0.26
O1G RCY I . -0.70 -9.50 3.08
O1H RCY I . -4.64 -9.22 0.51
O1J RCY I . -0.35 -4.28 0.76
C1L RCY I . -2.31 -11.16 2.30
C1M RCY I . -2.54 -6.53 2.97
C1P RCY I . -1.74 -9.75 2.49
C1Q RCY I . -3.82 -9.54 1.36
N1R RCY I . -2.64 -8.70 1.84
C1S RCY I . -3.79 -10.84 2.14
C1U RCY I . -2.42 -7.19 1.71
C1V RCY I . 0.06 -7.56 2.07
N1V RCY I . -0.99 -5.34 1.53
C1W RCY I . -1.78 -5.20 2.83
C1X RCY I . -1.00 -6.84 1.24
C1Y RCY I . -0.83 -5.00 4.02
C1Z RCY I . -2.74 -4.02 2.70
H1S RCY I . -4.63 -10.41 2.68
H1U RCY I . -3.14 -6.78 1.02
C1C RCY J . 0.53 -6.35 0.62
O1G RCY J . -1.06 -10.73 0.06
O1H RCY J . -0.56 -7.57 3.55
O1J RCY J . 1.13 -7.89 -1.90
C1L RCY J . -0.14 -10.86 2.33
C1M RCY J . -2.44 -8.23 -0.54
C1P RCY J . -0.77 -10.16 1.12
C1Q RCY J . -0.36 -8.49 2.76
N1R RCY J . -0.98 -8.67 1.38
C1S RCY J . 0.57 -9.68 2.98
C1U RCY J . -1.66 -7.62 0.51
C1V RCY J . -1.33 -5.53 -0.90
N1V RCY J . -0.21 -7.73 -1.33
C1W RCY J . -1.48 -8.51 -1.69
C1X RCY J . -0.66 -6.75 -0.26
C1Y RCY J . -2.06 -8.01 -3.02
C1Z RCY J . -1.13 -10.00 -1.78
H1S RCY J . 1.37 -8.96 2.80
H1U RCY J . -2.30 -6.99 1.10
C1C RCY K . -1.42 -2.66 -0.81
O1G RCY K . 1.67 -5.47 -0.43
O1H RCY K . 2.32 -0.93 0.67
O1J RCY K . -2.13 -2.71 -3.73
C1L RCY K . 2.81 -4.34 1.42
C1M RCY K . 1.60 -3.06 -2.92
C1P RCY K . 2.03 -4.42 0.09
C1Q RCY K . 2.50 -2.13 0.50
N1R RCY K . 1.76 -3.03 -0.48
C1S RCY K . 3.52 -2.99 1.23
C1U RCY K . 0.95 -2.64 -1.71
C1V RCY K . -0.32 -4.83 -1.54
N1V RCY K . -0.81 -3.02 -3.20
C1W RCY K . 0.50 -3.13 -3.99
C1X RCY K . -0.42 -3.32 -1.77
C1Y RCY K . 0.56 -4.45 -4.74
C1Z RCY K . 0.60 -1.95 -4.96
H1S RCY K . 4.23 -2.50 0.60
H1U RCY K . 0.82 -1.56 -1.74
N MET A 1 15.67 -19.22 17.18
CA MET A 1 14.61 -18.26 17.58
C MET A 1 15.25 -16.91 17.91
N ASN A 2 14.49 -15.84 17.79
CA ASN A 2 15.07 -14.50 18.10
C ASN A 2 13.97 -13.45 17.95
N LEU A 3 13.09 -13.61 17.00
CA LEU A 3 12.00 -12.62 16.80
C LEU A 3 10.84 -12.93 17.76
N GLU A 4 10.91 -12.45 18.97
CA GLU A 4 9.82 -12.72 19.95
C GLU A 4 8.58 -11.89 19.57
N PRO A 5 7.41 -12.38 19.88
CA PRO A 5 6.14 -11.67 19.57
C PRO A 5 6.27 -10.15 19.68
N PRO A 6 6.45 -9.46 18.58
CA PRO A 6 6.59 -7.99 18.55
C PRO A 6 5.23 -7.28 18.49
N LYS A 7 5.14 -6.08 19.00
CA LYS A 7 3.85 -5.34 18.97
C LYS A 7 3.74 -4.59 17.64
N ALA A 8 2.84 -5.00 16.78
CA ALA A 8 2.67 -4.30 15.47
C ALA A 8 1.41 -4.80 14.79
N GLU A 9 0.55 -5.47 15.50
CA GLU A 9 -0.71 -5.97 14.88
C GLU A 9 -1.72 -4.82 14.76
N CYS A 10 -2.30 -4.42 15.85
CA CYS A 10 -3.29 -3.30 15.81
C CYS A 10 -3.31 -2.59 17.17
N ARG A 11 -3.58 -3.31 18.22
CA ARG A 11 -3.63 -2.66 19.57
C ARG A 11 -2.41 -1.76 19.74
N SER A 12 -1.24 -2.33 19.84
CA SER A 12 -0.01 -1.49 20.00
C SER A 12 -0.26 -0.44 21.10
N ALA A 13 -0.28 0.81 20.72
CA ALA A 13 -0.51 1.88 21.73
C ALA A 13 -0.64 3.24 21.03
N THR A 14 -1.71 3.43 20.30
CA THR A 14 -1.91 4.73 19.59
C THR A 14 -0.67 5.06 18.75
N ARG A 15 -0.78 4.98 17.46
CA ARG A 15 0.39 5.27 16.59
C ARG A 15 0.73 6.77 16.67
N VAL A 16 0.99 7.27 17.85
CA VAL A 16 1.32 8.72 17.99
C VAL A 16 0.21 9.57 17.37
N MET A 17 0.19 9.68 16.07
CA MET A 17 -0.86 10.50 15.40
C MET A 17 -0.76 11.95 15.88
N GLY A 18 -1.38 12.86 15.18
CA GLY A 18 -1.32 14.30 15.59
C GLY A 18 -0.51 15.09 14.55
N GLY A 19 -0.21 16.32 14.84
CA GLY A 19 0.57 17.14 13.87
C GLY A 19 -0.37 17.69 12.79
N PRO A 20 -0.32 18.97 12.52
CA PRO A 20 -1.20 19.61 11.49
C PRO A 20 -1.33 18.76 10.22
N CYS A 21 -2.53 18.37 9.88
CA CYS A 21 -2.73 17.54 8.66
C CYS A 21 -3.96 18.05 7.90
N THR A 22 -3.75 18.87 6.91
CA THR A 22 -4.91 19.40 6.12
C THR A 22 -4.80 18.91 4.67
N PRO A 23 -5.51 17.85 4.34
CA PRO A 23 -5.49 17.27 2.97
C PRO A 23 -6.49 17.96 2.03
N ARG A 24 -6.48 17.61 0.78
CA ARG A 24 -7.43 18.23 -0.18
C ARG A 24 -8.87 17.93 0.25
N LYS A 25 -9.60 17.22 -0.58
CA LYS A 25 -11.02 16.89 -0.22
C LYS A 25 -11.15 15.37 -0.13
N GLY A 26 -10.89 14.81 1.03
CA GLY A 26 -11.00 13.33 1.19
C GLY A 26 -10.03 12.63 0.23
N PRO A 27 -9.59 11.45 0.55
CA PRO A 27 -8.65 10.67 -0.31
C PRO A 27 -9.07 10.69 -1.78
N PRO A 28 -8.13 10.50 -2.68
CA PRO A 28 -8.43 10.48 -4.14
C PRO A 28 -9.68 9.67 -4.47
N LYS A 29 -10.59 10.22 -5.24
CA LYS A 29 -11.82 9.46 -5.59
C LYS A 29 -11.44 8.09 -6.15
N CYS A 30 -12.39 7.23 -6.35
CA CYS A 30 -12.07 5.88 -6.89
C CYS A 30 -11.90 5.96 -8.41
N LYS A 31 -12.97 6.19 -9.12
CA LYS A 31 -12.87 6.28 -10.61
C LYS A 31 -12.17 5.03 -11.15
N GLN A 32 -12.93 4.05 -11.56
CA GLN A 32 -12.31 2.80 -12.09
C GLN A 32 -13.36 2.02 -12.89
N ARG A 33 -13.63 0.80 -12.54
CA ARG A 33 -14.66 0.02 -13.28
C ARG A 33 -14.30 -0.02 -14.77
N GLN A 34 -13.04 -0.14 -15.08
CA GLN A 34 -12.63 -0.18 -16.52
C GLN A 34 -11.17 -0.59 -16.63
N THR A 35 -10.64 -1.24 -15.62
CA THR A 35 -9.20 -1.66 -15.68
C THR A 35 -9.03 -2.99 -14.94
N ARG A 36 -8.93 -2.96 -13.65
CA ARG A 36 -8.76 -4.23 -12.87
C ARG A 36 -7.41 -4.86 -13.21
N GLN A 37 -6.41 -4.07 -13.48
CA GLN A 37 -5.07 -4.65 -13.83
C GLN A 37 -4.00 -3.53 -13.79
N CYS A 38 -3.95 -2.73 -14.81
CA CYS A 38 -2.94 -1.62 -14.86
C CYS A 38 -1.55 -2.21 -15.13
N LYS A 39 -0.53 -1.38 -15.10
CA LYS A 39 0.86 -1.86 -15.39
C LYS A 39 0.99 -3.36 -15.08
N SER A 40 1.68 -4.08 -15.93
CA SER A 40 1.85 -5.54 -15.71
C SER A 40 3.05 -5.80 -14.80
N LYS A 41 2.94 -6.77 -13.93
CA LYS A 41 4.08 -7.10 -13.01
C LYS A 41 4.45 -8.57 -13.21
N PRO A 42 5.42 -9.06 -12.47
CA PRO A 42 5.86 -10.48 -12.57
C PRO A 42 4.95 -11.41 -11.77
N PRO A 43 5.05 -12.70 -12.00
CA PRO A 43 4.23 -13.72 -11.29
C PRO A 43 4.59 -13.83 -9.81
N LYS A 44 3.61 -13.80 -8.94
CA LYS A 44 3.89 -13.90 -7.48
C LYS A 44 2.69 -14.56 -6.79
N LYS A 45 2.64 -14.49 -5.48
CA LYS A 45 1.49 -15.11 -4.75
C LYS A 45 0.21 -14.39 -5.11
N GLY A 46 0.29 -13.11 -5.37
CA GLY A 46 -0.95 -12.34 -5.72
C GLY A 46 -1.47 -12.82 -7.08
N VAL A 47 -2.73 -12.58 -7.36
CA VAL A 47 -3.30 -13.02 -8.66
C VAL A 47 -2.37 -12.59 -9.79
N GLN A 48 -2.41 -13.28 -10.90
CA GLN A 48 -1.52 -12.91 -12.05
C GLN A 48 -2.20 -11.85 -12.90
N GLY A 49 -3.07 -11.07 -12.32
CA GLY A 49 -3.76 -10.00 -13.10
C GLY A 49 -2.74 -8.97 -13.58
N CYS A 50 -3.10 -7.71 -13.56
CA CYS A 50 -2.14 -6.65 -14.00
C CYS A 50 -1.79 -6.89 -15.47
N GLY A 51 -1.99 -5.90 -16.31
CA GLY A 51 -1.67 -6.08 -17.75
C GLY A 51 -2.04 -4.82 -18.54
N ASP A 52 -3.01 -4.08 -18.08
CA ASP A 52 -3.42 -2.85 -18.81
C ASP A 52 -2.32 -1.79 -18.71
N ASP A 53 -2.69 -0.53 -18.69
CA ASP A 53 -1.67 0.56 -18.59
C ASP A 53 -2.05 1.50 -17.44
N ILE A 54 -2.17 2.78 -17.71
CA ILE A 54 -2.52 3.74 -16.63
C ILE A 54 -3.55 4.74 -17.16
N PRO A 55 -4.79 4.35 -17.22
CA PRO A 55 -5.90 5.22 -17.69
C PRO A 55 -6.51 6.03 -16.54
N GLY A 56 -6.68 5.40 -15.40
CA GLY A 56 -7.26 6.13 -14.22
C GLY A 56 -6.41 5.85 -12.99
N MET A 57 -5.31 5.17 -13.17
CA MET A 57 -4.40 4.86 -12.01
C MET A 57 -5.09 3.89 -11.04
N GLU A 58 -6.01 3.09 -11.52
CA GLU A 58 -6.71 2.13 -10.61
C GLU A 58 -6.21 0.71 -10.91
N GLY A 59 -7.11 -0.22 -11.12
CA GLY A 59 -6.68 -1.61 -11.42
C GLY A 59 -6.34 -2.35 -10.13
N CYS A 60 -6.93 -3.49 -9.91
CA CYS A 60 -6.63 -4.26 -8.67
C CYS A 60 -7.34 -5.62 -8.73
N GLY A 61 -7.42 -6.32 -7.63
CA GLY A 61 -8.09 -7.64 -7.64
C GLY A 61 -8.24 -8.15 -6.21
N THR A 62 -7.20 -8.71 -5.66
CA THR A 62 -7.28 -9.23 -4.26
C THR A 62 -5.87 -9.33 -3.67
N ASP A 63 -4.88 -8.96 -4.42
CA ASP A 63 -3.48 -9.04 -3.91
C ASP A 63 -3.28 -7.97 -2.83
N ILE A 64 -4.32 -7.64 -2.11
CA ILE A 64 -4.20 -6.61 -1.03
C ILE A 64 -5.09 -7.01 0.14
N THR A 65 -6.31 -7.38 -0.14
CA THR A 65 -7.24 -7.79 0.95
C THR A 65 -6.70 -9.03 1.66
N VAL A 66 -6.04 -9.89 0.94
CA VAL A 66 -5.51 -11.13 1.57
C VAL A 66 -4.05 -10.90 1.99
N ILE A 67 -3.21 -10.49 1.09
CA ILE A 67 -1.78 -10.26 1.45
C ILE A 67 -1.29 -8.93 0.86
N CYS A 68 -1.12 -7.93 1.68
CA CYS A 68 -0.63 -6.61 1.19
C CYS A 68 0.85 -6.47 1.56
N PRO A 69 1.70 -6.13 0.62
CA PRO A 69 3.17 -5.98 0.86
C PRO A 69 3.48 -5.26 2.19
N TRP A 70 2.55 -4.50 2.69
CA TRP A 70 2.81 -3.77 3.98
C TRP A 70 3.12 -4.77 5.09
N GLU A 71 2.59 -5.97 5.00
CA GLU A 71 2.87 -6.98 6.05
C GLU A 71 4.16 -7.71 5.73
N ALA A 72 4.37 -8.06 4.49
CA ALA A 72 5.62 -8.78 4.12
C ALA A 72 6.79 -7.80 4.06
N CYS A 73 6.77 -6.89 3.13
CA CYS A 73 7.89 -5.91 3.01
C CYS A 73 8.17 -5.28 4.38
N ASN A 74 7.32 -4.39 4.82
CA ASN A 74 7.53 -3.74 6.14
C ASN A 74 6.68 -2.46 6.20
N HIS A 75 6.86 -1.65 7.21
CA HIS A 75 6.08 -0.39 7.31
C HIS A 75 6.16 0.35 5.98
N CYS A 76 7.30 0.85 5.63
CA CYS A 76 7.46 1.57 4.34
C CYS A 76 8.95 1.77 4.04
N GLU A 77 9.75 0.75 4.26
CA GLU A 77 11.21 0.88 4.00
C GLU A 77 11.46 0.93 2.49
N LEU A 78 12.56 1.52 2.08
CA LEU A 78 12.86 1.61 0.63
C LEU A 78 11.75 2.42 -0.05
N HIS A 79 12.08 3.17 -1.06
CA HIS A 79 11.04 3.99 -1.74
C HIS A 79 10.30 4.82 -0.68
N GLU A 80 10.73 6.03 -0.46
CA GLU A 80 10.07 6.87 0.59
C GLU A 80 9.27 8.01 -0.06
N LEU A 81 9.89 9.13 -0.29
CA LEU A 81 9.16 10.28 -0.90
C LEU A 81 9.45 10.40 -2.40
N ALA A 82 10.69 10.31 -2.79
CA ALA A 82 11.01 10.44 -4.25
C ALA A 82 10.09 9.55 -5.08
N GLN A 83 9.32 10.14 -5.95
CA GLN A 83 8.38 9.33 -6.79
C GLN A 83 7.64 8.33 -5.91
N TYR A 84 7.64 8.55 -4.62
CA TYR A 84 6.94 7.63 -3.69
C TYR A 84 6.23 8.46 -2.61
N GLY A 85 6.40 9.75 -2.65
CA GLY A 85 5.74 10.63 -1.64
C GLY A 85 4.42 11.14 -2.22
N ILE A 86 4.32 11.22 -3.52
CA ILE A 86 3.05 11.71 -4.14
C ILE A 86 1.89 10.85 -3.64
N CYS A 87 2.16 9.91 -2.79
CA CYS A 87 1.07 9.04 -2.26
C CYS A 87 -0.02 9.93 -1.63
C1C RCY B . -0.67 -1.69 13.84
O1G RCY B . -3.04 1.06 18.01
O1H RCY B . -3.14 -2.40 14.79
O1J RCY B . 2.20 -0.88 14.30
C1L RCY B . -4.71 -0.63 17.41
C1M RCY B . -0.37 0.49 16.82
C1P RCY B . -3.38 0.12 17.28
C1Q RCY B . -3.47 -1.46 15.52
N1R RCY B . -2.53 -0.42 16.14
C1S RCY B . -4.87 -1.12 15.97
C1U RCY B . -1.11 -0.04 15.71
C1V RCY B . -0.36 -2.40 16.25
N1V RCY B . 1.11 -0.64 15.25
C1W RCY B . 1.12 0.30 16.45
C1X RCY B . -0.29 -1.25 15.25
C1Y RCY B . 1.88 -0.33 17.62
C1Z RCY B . 1.75 1.64 16.05
H1S RCY B . -5.00 -0.76 14.96
H1U RCY B . -1.16 0.68 14.92
C1C RCY C . -1.85 8.98 6.69
O1G RCY C . -1.95 10.41 8.16
O1H RCY C . -3.20 13.80 5.13
O1J RCY C . -4.65 8.63 5.64
C1L RCY C . -2.97 12.62 8.45
C1M RCY C . -2.49 11.21 3.79
C1P RCY C . -2.34 11.46 7.66
C1Q RCY C . -2.77 13.21 6.11
N1R RCY C . -2.27 11.77 6.17
C1S RCY C . -2.63 13.78 7.52
C1U RCY C . -1.80 10.88 5.01
C1V RCY C . -1.41 8.50 4.23
N1V RCY C . -3.62 9.41 4.97
C1W RCY C . -3.80 10.41 3.82
C1X RCY C . -2.13 9.41 5.24
C1Y RCY C . -4.02 9.67 2.50
C1Z RCY C . -4.99 11.32 4.13
H1S RCY C . -1.78 14.32 7.10
H1U RCY C . -0.73 11.00 4.87
C1C RCY D . -7.35 6.10 -8.04
O1G RCY D . -8.16 1.68 -7.29
O1H RCY D . -11.49 4.96 -7.94
O1J RCY D . -6.88 7.02 -10.86
C1L RCY D . -10.31 2.12 -6.20
C1M RCY D . -9.26 4.03 -10.44
C1P RCY D . -9.17 2.39 -7.19
C1Q RCY D . -10.71 4.18 -7.42
N1R RCY D . -9.42 3.64 -8.02
C1S RCY D . -10.85 3.55 -6.04
C1U RCY D . -8.59 4.22 -9.18
C1V RCY D . -9.73 6.45 -8.82
N1V RCY D . -7.89 6.03 -10.48
C1W RCY D . -8.67 5.09 -11.39
C1X RCY D . -8.41 5.73 -9.08
C1Y RCY D . -9.79 5.84 -12.11
C1Z RCY D . -7.72 4.45 -12.39
H1S RCY D . -10.56 4.54 -5.68
H1U RCY D . -7.63 3.73 -9.21
C1C RCY E . -1.77 -5.61 -8.47
O1G RCY E . -4.69 -4.60 -10.51
O1H RCY E . -0.39 -4.06 -12.37
O1J RCY E . -4.70 -6.33 -8.28
C1L RCY E . -3.56 -2.71 -11.58
C1M RCY E . -2.96 -7.26 -11.56
C1P RCY E . -3.68 -4.13 -11.02
C1Q RCY E . -1.44 -3.86 -11.75
N1R RCY E . -2.37 -4.91 -11.18
C1S RCY E . -2.04 -2.50 -11.44
C1U RCY E . -2.07 -6.37 -10.86
C1V RCY E . -1.72 -8.09 -9.03
N1V RCY E . -3.81 -6.76 -9.36
C1W RCY E . -4.22 -7.37 -10.69
C1X RCY E . -2.29 -6.72 -9.39
C1Y RCY E . -4.62 -8.84 -10.52
C1Z RCY E . -5.38 -6.58 -11.28
H1S RCY E . -1.26 -2.45 -10.70
H1U RCY E . -1.05 -6.61 -11.13
C1C RCY F . 3.97 -4.04 -8.28
O1G RCY F . 3.42 -5.58 -10.58
O1H RCY F . -1.22 -4.97 -9.90
O1J RCY F . 3.40 -2.01 -6.12
C1L RCY F . 1.44 -6.75 -11.42
C1M RCY F . 0.38 -3.18 -8.18
C1P RCY F . 2.20 -5.70 -10.58
C1Q RCY F . -0.11 -5.48 -10.06
N1R RCY F . 1.24 -4.83 -9.76
C1S RCY F . 0.17 -6.88 -10.57
C1U RCY F . 1.55 -3.63 -8.88
C1V RCY F . 2.14 -5.21 -6.99
N1V RCY F . 2.37 -2.72 -6.88
C1W RCY F . 0.89 -2.40 -6.96
C1X RCY F . 2.54 -3.95 -7.76
C1Y RCY F . 0.16 -2.85 -5.68
C1Z RCY F . 0.71 -0.89 -7.16
H1S RCY F . -0.17 -7.19 -9.59
H1U RCY F . 1.94 -2.83 -9.48
C1C RCY G . -6.31 2.20 -9.52
O1G RCY G . -10.58 1.60 -8.03
O1H RCY G . -6.91 -1.13 -6.88
O1J RCY G . -4.51 4.06 -7.98
C1L RCY G . -10.30 -0.82 -7.81
C1M RCY G . -7.15 2.20 -5.91
C1P RCY G . -9.84 0.65 -7.81
C1Q RCY G . -7.92 -0.69 -7.43
N1R RCY G . -8.36 0.77 -7.49
C1S RCY G . -8.98 -1.50 -8.16
C1U RCY G . -7.50 2.02 -7.29
C1V RCY G . -5.42 0.65 -7.72
N1V RCY G . -5.44 3.13 -7.36
C1W RCY G . -5.91 3.10 -5.90
C1X RCY G . -6.17 1.95 -8.01
C1Y RCY G . -4.82 2.50 -5.00
C1Z RCY G . -6.25 4.52 -5.46
H1S RCY G . -8.23 -1.57 -8.94
H1U RCY G . -8.06 2.89 -7.63
C1C RCY H . -4.01 -4.12 -1.97
O1G RCY H . -0.52 -0.15 -0.70
O1H RCY H . -2.52 -4.27 0.41
O1J RCY H . -5.14 -2.84 -4.46
C1L RCY H . 0.06 -1.91 0.90
C1M RCY H . -2.78 -0.65 -2.38
C1P RCY H . -0.80 -1.23 -0.17
C1Q RCY H . -1.95 -3.19 0.49
N1R RCY H . -2.04 -2.04 -0.51
C1S RCY H . -1.02 -2.74 1.60
C1U RCY H . -3.11 -1.79 -1.57
C1V RCY H . -1.89 -3.36 -3.14
N1V RCY H . -4.08 -2.25 -3.66
C1W RCY H . -3.56 -0.81 -3.69
C1X RCY H . -3.25 -2.94 -2.57
C1Y RCY H . -2.65 -0.62 -4.90
C1Z RCY H . -4.75 0.14 -3.75
H1S RCY H . -1.93 -2.63 2.18
H1U RCY H . -4.07 -1.61 -1.09
C1C RCY I . 5.11 -0.03 2.55
O1G RCY I . 6.94 -1.09 -2.37
O1H RCY I . 6.40 -2.87 1.96
O1J RCY I . 2.21 0.69 2.15
C1L RCY I . 8.19 -2.75 -1.08
C1M RCY I . 3.91 -1.06 -0.81
C1P RCY I . 7.09 -1.71 -1.32
C1Q RCY I . 6.89 -2.43 0.94
N1R RCY I . 6.21 -1.52 -0.08
C1S RCY I . 8.31 -2.66 0.45
C1U RCY I . 4.96 -0.66 0.09
C1V RCY I . 4.14 -2.27 1.86
N1V RCY I . 2.98 -0.15 1.23
C1W RCY I . 2.60 -0.56 -0.19
C1X RCY I . 4.33 -0.80 1.48
C1Y RCY I . 1.56 -1.67 -0.17
C1Z RCY I . 2.07 0.67 -0.93
H1S RCY I . 8.58 -1.97 1.23
H1U RCY I . 5.21 0.37 -0.08
C1C RCY J . 4.16 -2.17 5.55
O1G RCY J . 6.37 -1.69 1.98
O1H RCY J . 3.76 1.80 3.81
O1J RCY J . 2.27 -4.43 4.94
C1L RCY J . 6.75 0.72 2.28
C1M RCY J . 2.94 -2.00 2.05
C1P RCY J . 5.94 -0.59 2.34
C1Q RCY J . 4.52 1.15 3.09
N1R RCY J . 4.55 -0.36 2.92
C1S RCY J . 5.61 1.73 2.19
C1U RCY J . 3.45 -1.38 3.24
C1V RCY J . 5.24 -3.17 3.47
N1V RCY J . 2.79 -3.52 3.93
C1W RCY J . 2.32 -3.33 2.50
C1X RCY J . 3.97 -2.56 4.07
C1Y RCY J . 2.80 -4.48 1.60
C1Z RCY J . 0.79 -3.24 2.49
H1S RCY J . 4.78 2.02 1.56
H1U RCY J . 2.65 -0.89 3.77
C1C RCY K . -3.96 3.64 0.20
O1G RCY K . -3.75 7.89 0.90
O1H RCY K . -0.55 4.43 0.50
O1J RCY K . -1.57 1.99 0.96
C1L RCY K . -1.72 7.65 -0.42
C1M RCY K . -2.51 4.78 3.41
C1P RCY K . -2.76 7.21 0.61
C1Q RCY K . -1.09 5.55 0.59
N1R RCY K . -2.43 5.86 1.23
C1S RCY K . -0.50 6.86 0.10
C1U RCY K . -3.25 5.01 2.21
C1V RCY K . -4.61 2.90 2.54
N1V RCY K . -2.20 2.95 1.85
C1W RCY K . -1.65 3.53 3.14
C1X RCY K . -3.56 3.61 1.68
C1Y RCY K . -1.78 2.52 4.29
C1Z RCY K . -0.18 3.92 2.93
H1S RCY K . 0.15 6.77 0.96
H1U RCY K . -4.17 5.53 2.44
N MET A 1 -2.87 6.20 16.87
CA MET A 1 -2.85 7.68 17.00
C MET A 1 -2.36 8.06 18.40
N ASN A 2 -3.12 7.74 19.41
CA ASN A 2 -2.70 8.09 20.80
C ASN A 2 -1.65 7.08 21.28
N LEU A 3 -0.91 6.51 20.37
CA LEU A 3 0.14 5.52 20.77
C LEU A 3 1.47 6.24 20.97
N GLU A 4 2.49 5.53 21.38
CA GLU A 4 3.81 6.18 21.60
C GLU A 4 4.49 6.42 20.24
N PRO A 5 5.30 7.45 20.14
CA PRO A 5 6.02 7.78 18.88
C PRO A 5 6.46 6.52 18.12
N PRO A 6 5.75 6.15 17.09
CA PRO A 6 6.09 4.95 16.28
C PRO A 6 7.17 5.23 15.23
N LYS A 7 8.13 4.36 15.10
CA LYS A 7 9.20 4.57 14.10
C LYS A 7 9.72 3.22 13.61
N ALA A 8 9.28 2.15 14.22
CA ALA A 8 9.75 0.80 13.79
C ALA A 8 11.27 0.80 13.69
N GLU A 9 11.84 -0.27 13.22
CA GLU A 9 13.32 -0.34 13.09
C GLU A 9 13.69 -1.27 11.94
N CYS A 10 12.77 -1.53 11.05
CA CYS A 10 13.07 -2.45 9.92
C CYS A 10 13.76 -1.65 8.81
N ARG A 11 13.67 -0.35 8.84
CA ARG A 11 14.32 0.48 7.79
C ARG A 11 14.24 1.95 8.18
N SER A 12 14.61 2.83 7.28
CA SER A 12 14.55 4.29 7.61
C SER A 12 15.16 4.54 8.98
N ALA A 13 14.88 5.67 9.56
CA ALA A 13 15.44 5.98 10.91
C ALA A 13 14.49 6.95 11.63
N THR A 14 13.99 7.92 10.94
CA THR A 14 13.06 8.89 11.59
C THR A 14 12.36 9.72 10.51
N ARG A 15 11.21 9.28 10.07
CA ARG A 15 10.47 10.04 9.01
C ARG A 15 11.38 10.23 7.80
N VAL A 16 11.22 9.39 6.80
CA VAL A 16 12.08 9.53 5.58
C VAL A 16 11.31 9.01 4.37
N MET A 17 11.72 9.38 3.18
CA MET A 17 11.02 8.91 1.95
C MET A 17 11.71 9.53 0.74
N GLY A 18 12.37 10.66 0.92
CA GLY A 18 13.05 11.32 -0.23
C GLY A 18 14.08 10.36 -0.83
N GLY A 19 14.63 10.72 -1.96
CA GLY A 19 15.64 9.84 -2.61
C GLY A 19 15.41 9.83 -4.12
N PRO A 20 16.23 9.14 -4.85
CA PRO A 20 16.12 9.04 -6.34
C PRO A 20 14.67 8.80 -6.79
N CYS A 21 13.89 9.85 -6.92
CA CYS A 21 12.47 9.68 -7.34
C CYS A 21 12.20 10.58 -8.56
N THR A 22 11.54 10.04 -9.55
CA THR A 22 11.24 10.85 -10.77
C THR A 22 9.84 10.48 -11.29
N PRO A 23 8.84 11.26 -10.97
CA PRO A 23 7.44 10.99 -11.42
C PRO A 23 7.36 10.71 -12.92
N ARG A 24 7.24 9.47 -13.31
CA ARG A 24 7.16 9.15 -14.77
C ARG A 24 5.80 9.63 -15.31
N LYS A 25 5.49 9.27 -16.52
CA LYS A 25 4.18 9.70 -17.10
C LYS A 25 3.97 9.01 -18.45
N GLY A 26 4.67 7.94 -18.70
CA GLY A 26 4.52 7.23 -20.00
C GLY A 26 3.38 6.22 -19.89
N PRO A 27 3.55 5.23 -19.06
CA PRO A 27 2.52 4.15 -18.86
C PRO A 27 1.13 4.74 -18.62
N PRO A 28 0.09 4.04 -19.04
CA PRO A 28 -1.31 4.51 -18.85
C PRO A 28 -1.55 5.13 -17.48
N LYS A 29 -2.53 5.98 -17.35
CA LYS A 29 -2.79 6.62 -16.03
C LYS A 29 -3.20 5.52 -15.03
N CYS A 30 -4.43 5.51 -14.62
CA CYS A 30 -4.89 4.48 -13.65
C CYS A 30 -6.41 4.37 -13.68
N LYS A 31 -7.01 4.68 -14.81
CA LYS A 31 -8.49 4.61 -14.91
C LYS A 31 -8.87 3.92 -16.23
N GLN A 32 -10.14 3.83 -16.52
CA GLN A 32 -10.56 3.17 -17.79
C GLN A 32 -9.90 1.80 -17.88
N ARG A 33 -9.25 1.36 -16.84
CA ARG A 33 -8.59 0.03 -16.88
C ARG A 33 -9.63 -1.07 -16.66
N GLN A 34 -9.27 -2.12 -15.98
CA GLN A 34 -10.24 -3.23 -15.73
C GLN A 34 -10.09 -3.71 -14.29
N THR A 35 -11.12 -4.30 -13.73
CA THR A 35 -11.03 -4.79 -12.34
C THR A 35 -10.35 -6.16 -12.32
N ARG A 36 -10.78 -7.06 -13.16
CA ARG A 36 -10.17 -8.42 -13.20
C ARG A 36 -10.55 -9.18 -11.94
N GLN A 37 -10.61 -8.51 -10.82
CA GLN A 37 -10.98 -9.20 -9.55
C GLN A 37 -11.10 -8.17 -8.43
N CYS A 38 -12.29 -7.71 -8.15
CA CYS A 38 -12.47 -6.71 -7.06
C CYS A 38 -13.96 -6.50 -6.81
N LYS A 39 -14.40 -5.27 -6.78
CA LYS A 39 -15.85 -5.00 -6.53
C LYS A 39 -16.70 -5.87 -7.46
N SER A 40 -16.16 -6.23 -8.59
CA SER A 40 -16.94 -7.08 -9.54
C SER A 40 -17.12 -8.48 -8.94
N LYS A 41 -16.05 -9.09 -8.49
CA LYS A 41 -16.17 -10.46 -7.90
C LYS A 41 -16.64 -10.33 -6.44
N PRO A 42 -17.34 -11.32 -5.95
CA PRO A 42 -17.86 -11.32 -4.55
C PRO A 42 -16.72 -11.47 -3.53
N PRO A 43 -16.96 -11.11 -2.30
CA PRO A 43 -15.95 -11.21 -1.20
C PRO A 43 -15.70 -12.66 -0.77
N LYS A 44 -14.48 -13.11 -0.84
CA LYS A 44 -14.16 -14.51 -0.43
C LYS A 44 -13.30 -14.48 0.83
N LYS A 45 -13.19 -13.34 1.46
CA LYS A 45 -12.37 -13.24 2.70
C LYS A 45 -12.66 -11.89 3.37
N GLY A 46 -12.72 -10.83 2.61
CA GLY A 46 -13.00 -9.49 3.22
C GLY A 46 -14.50 -9.21 3.16
N VAL A 47 -15.20 -9.46 4.22
CA VAL A 47 -16.67 -9.20 4.23
C VAL A 47 -16.94 -7.69 4.14
N GLN A 48 -17.30 -7.22 2.98
CA GLN A 48 -17.58 -5.76 2.78
C GLN A 48 -16.91 -4.94 3.89
N GLY A 49 -15.73 -4.46 3.65
CA GLY A 49 -15.02 -3.66 4.68
C GLY A 49 -14.18 -4.59 5.56
N CYS A 50 -14.04 -5.83 5.17
CA CYS A 50 -13.24 -6.80 5.97
C CYS A 50 -13.43 -6.54 7.45
N GLY A 51 -12.57 -5.75 8.05
CA GLY A 51 -12.72 -5.46 9.50
C GLY A 51 -11.94 -6.50 10.31
N ASP A 52 -10.66 -6.63 10.07
CA ASP A 52 -9.86 -7.63 10.83
C ASP A 52 -8.46 -7.07 11.08
N ASP A 53 -7.69 -6.85 10.05
CA ASP A 53 -6.31 -6.31 10.23
C ASP A 53 -6.37 -4.77 10.26
N ILE A 54 -7.16 -4.22 11.15
CA ILE A 54 -7.27 -2.74 11.24
C ILE A 54 -7.04 -2.30 12.69
N PRO A 55 -5.79 -2.23 13.09
CA PRO A 55 -5.42 -1.82 14.47
C PRO A 55 -5.34 -0.30 14.64
N GLY A 56 -5.06 0.41 13.58
CA GLY A 56 -4.96 1.89 13.68
C GLY A 56 -6.37 2.50 13.61
N MET A 57 -7.30 1.81 13.03
CA MET A 57 -8.69 2.36 12.93
C MET A 57 -8.62 3.80 12.43
N GLU A 58 -8.48 3.98 11.15
CA GLU A 58 -8.40 5.36 10.58
C GLU A 58 -9.29 5.45 9.33
N GLY A 59 -8.97 4.70 8.31
CA GLY A 59 -9.81 4.75 7.07
C GLY A 59 -9.58 3.48 6.24
N CYS A 60 -10.64 2.92 5.71
CA CYS A 60 -10.50 1.69 4.88
C CYS A 60 -9.77 0.61 5.69
N GLY A 61 -8.47 0.69 5.75
CA GLY A 61 -7.69 -0.31 6.52
C GLY A 61 -6.44 0.36 7.07
N THR A 62 -6.59 1.53 7.62
CA THR A 62 -5.42 2.26 8.18
C THR A 62 -4.29 2.29 7.15
N ASP A 63 -4.62 2.21 5.89
CA ASP A 63 -3.55 2.25 4.85
C ASP A 63 -2.87 3.61 4.91
N ILE A 64 -2.18 3.89 6.00
CA ILE A 64 -1.48 5.19 6.15
C ILE A 64 -0.21 4.97 6.96
N THR A 65 -0.22 3.99 7.82
CA THR A 65 0.98 3.71 8.65
C THR A 65 1.29 2.21 8.59
N VAL A 66 0.27 1.41 8.48
CA VAL A 66 0.49 -0.07 8.43
C VAL A 66 0.98 -0.46 7.04
N ILE A 67 0.36 0.02 5.99
CA ILE A 67 0.83 -0.37 4.62
C ILE A 67 0.91 0.83 3.68
N CYS A 68 2.01 1.51 3.68
CA CYS A 68 2.21 2.66 2.74
C CYS A 68 3.52 2.41 1.96
N PRO A 69 3.85 3.21 0.97
CA PRO A 69 5.09 3.00 0.16
C PRO A 69 6.28 2.47 0.98
N TRP A 70 6.42 2.88 2.21
CA TRP A 70 7.57 2.37 3.00
C TRP A 70 7.29 0.93 3.43
N GLU A 71 6.27 0.33 2.88
CA GLU A 71 5.92 -1.08 3.22
C GLU A 71 5.49 -1.80 1.94
N ALA A 72 5.60 -1.14 0.82
CA ALA A 72 5.20 -1.76 -0.47
C ALA A 72 6.02 -3.03 -0.71
N CYS A 73 5.62 -4.13 -0.13
CA CYS A 73 6.35 -5.40 -0.34
C CYS A 73 6.29 -5.79 -1.81
N ASN A 74 5.95 -4.87 -2.67
CA ASN A 74 5.86 -5.20 -4.12
C ASN A 74 4.76 -6.24 -4.33
N HIS A 75 5.06 -7.33 -4.99
CA HIS A 75 4.02 -8.38 -5.22
C HIS A 75 4.16 -9.47 -4.16
N CYS A 76 4.89 -9.20 -3.11
CA CYS A 76 5.06 -10.21 -2.03
C CYS A 76 5.94 -11.36 -2.55
N GLU A 77 5.68 -11.83 -3.72
CA GLU A 77 6.50 -12.95 -4.29
C GLU A 77 7.88 -12.42 -4.67
N LEU A 78 7.94 -11.21 -5.16
CA LEU A 78 9.26 -10.62 -5.56
C LEU A 78 9.81 -9.80 -4.40
N HIS A 79 9.27 -8.64 -4.15
CA HIS A 79 9.74 -7.79 -3.02
C HIS A 79 10.97 -6.96 -3.44
N GLU A 80 11.02 -6.53 -4.67
CA GLU A 80 12.19 -5.71 -5.11
C GLU A 80 11.92 -5.12 -6.50
N LEU A 81 10.84 -5.52 -7.12
CA LEU A 81 10.53 -4.99 -8.48
C LEU A 81 9.47 -3.89 -8.35
N ALA A 82 9.28 -3.37 -7.17
CA ALA A 82 8.27 -2.29 -6.98
C ALA A 82 8.73 -1.01 -7.69
N GLN A 83 9.68 -1.13 -8.58
CA GLN A 83 10.16 0.08 -9.31
C GLN A 83 8.98 0.79 -9.97
N TYR A 84 8.03 0.05 -10.45
CA TYR A 84 6.85 0.67 -11.11
C TYR A 84 5.70 -0.34 -11.13
N GLY A 85 5.97 -1.57 -10.80
CA GLY A 85 4.90 -2.60 -10.80
C GLY A 85 4.46 -2.88 -12.24
N ILE A 86 5.12 -3.80 -12.91
CA ILE A 86 4.73 -4.12 -14.31
C ILE A 86 3.61 -5.16 -14.30
N CYS A 87 3.01 -5.39 -13.16
CA CYS A 87 1.91 -6.40 -13.08
C CYS A 87 0.70 -5.88 -13.87
C1C RCY B . 5.55 -1.96 12.18
O1G RCY B . 8.41 0.21 11.58
O1H RCY B . 8.37 -3.91 9.25
O1J RCY B . 5.94 1.01 12.53
C1L RCY B . 10.05 -1.58 11.31
C1M RCY B . 6.32 -0.31 8.94
C1P RCY B . 8.69 -0.90 11.12
C1Q RCY B . 8.55 -3.04 10.11
N1R RCY B . 7.74 -1.77 10.31
C1S RCY B . 9.64 -3.05 11.17
C1U RCY B . 6.32 -1.46 9.81
C1V RCY B . 3.91 -1.06 10.47
N1V RCY B . 5.85 0.34 11.23
C1W RCY B . 6.22 0.92 9.86
C1X RCY B . 5.36 -1.07 10.94
C1Y RCY B . 5.12 1.87 9.36
C1Z RCY B . 7.56 1.64 9.96
H1S RCY B . 9.03 -3.80 11.66
H1U RCY B . 5.93 -2.31 9.28
C1C RCY C . 6.11 8.17 -2.16
O1G RCY C . 11.48 7.68 -1.71
O1H RCY C . 7.92 9.54 -4.18
O1J RCY C . 5.25 9.03 0.59
C1L RCY C . 11.26 8.42 -4.03
C1M RCY C . 9.01 9.18 -0.11
C1P RCY C . 10.77 8.13 -2.61
C1Q RCY C . 8.90 8.87 -3.86
N1R RCY C . 9.29 8.47 -2.44
C1S RCY C . 9.94 8.29 -4.80
C1U RCY C . 8.42 8.43 -1.18
C1V RCY C . 7.17 10.47 -2.02
N1V RCY C . 6.60 9.20 0.06
C1W RCY C . 7.86 9.54 0.85
C1X RCY C . 7.06 9.08 -1.38
C1Y RCY C . 7.89 11.03 1.20
C1Z RCY C . 7.91 8.68 2.11
H1S RCY C . 9.17 7.58 -5.04
H1U RCY C . 8.29 7.40 -0.87
C1C RCY D . -6.86 4.87 -6.23
O1G RCY D . -8.47 2.16 -10.72
O1H RCY D . -6.14 5.76 -8.73
O1J RCY D . -7.94 2.94 -4.18
C1L RCY D . -6.94 3.86 -11.60
C1M RCY D . -8.74 2.11 -7.84
C1P RCY D . -7.78 3.16 -10.53
C1Q RCY D . -6.80 5.07 -9.51
N1R RCY D . -7.66 3.86 -9.17
C1S RCY D . -6.89 5.28 -11.02
C1U RCY D . -8.24 3.47 -7.82
C1V RCY D . -5.95 2.68 -7.10
N1V RCY D . -7.96 2.70 -5.62
C1W RCY D . -8.77 1.64 -6.37
C1X RCY D . -7.20 3.46 -6.70
C1Y RCY D . -8.11 0.27 -6.23
C1Z RCY D . -10.19 1.62 -5.83
H1S RCY D . -7.53 6.10 -10.76
H1U RCY D . -9.05 4.14 -7.56
C1C RCY E . -5.57 -6.76 -4.78
O1G RCY E . -7.57 -7.69 -5.83
O1H RCY E . -8.81 -3.23 -6.71
O1J RCY E . -5.39 -8.47 -7.25
C1L RCY E . -9.72 -6.54 -5.94
C1M RCY E . -5.79 -4.71 -7.84
C1P RCY E . -8.19 -6.64 -5.98
C1Q RCY E . -8.76 -4.35 -6.23
N1R RCY E . -7.55 -5.29 -6.25
C1S RCY E . -9.88 -5.08 -5.52
C1U RCY E . -6.07 -4.94 -6.46
C1V RCY E . -3.68 -5.62 -6.02
N1V RCY E . -5.35 -7.01 -7.26
C1W RCY E . -5.51 -6.08 -8.46
C1X RCY E . -5.13 -6.07 -6.08
C1Y RCY E . -4.23 -6.05 -9.29
C1Z RCY E . -6.69 -6.56 -9.31
H1S RCY E . -9.66 -4.41 -4.70
H1U RCY E . -5.82 -4.05 -5.89
C1C RCY F . -7.13 -7.66 2.68
O1G RCY F . -6.95 -3.44 3.23
O1H RCY F . -8.95 -6.70 5.98
O1J RCY F . -5.79 -5.65 0.89
C1L RCY F . -9.18 -3.65 4.24
C1M RCY F . -4.99 -5.35 4.62
C1P RCY F . -7.75 -4.10 3.90
C1Q RCY F . -8.77 -5.86 5.11
N1R RCY F . -7.43 -5.46 4.51
C1S RCY F . -9.84 -5.02 4.43
C1U RCY F . -6.11 -6.24 4.50
C1V RCY F . -4.70 -7.98 3.32
N1V RCY F . -5.47 -5.83 2.30
C1W RCY F . -4.66 -4.89 3.20
C1X RCY F . -5.86 -6.99 3.20
C1Y RCY F . -3.16 -5.04 2.92
C1Z RCY F . -5.11 -3.44 2.96
H1S RCY F . -10.08 -5.94 3.91
H1U RCY F . -6.11 -6.94 5.33
C1C RCY G . -4.74 1.00 1.72
O1G RCY G . -6.93 4.54 -0.29
O1H RCY G . -8.63 0.52 1.49
O1J RCY G . -2.58 0.48 -0.30
C1L RCY G . -8.90 4.01 1.06
C1M RCY G . -5.88 1.86 -1.70
C1P RCY G . -7.63 3.70 0.26
C1Q RCY G . -8.55 1.62 0.97
N1R RCY G . -7.33 2.20 0.24
C1S RCY G . -9.64 2.68 0.90
C1U RCY G . -6.14 1.45 -0.35
C1V RCY G . -4.62 3.25 0.57
N1V RCY G . -3.82 1.18 -0.60
C1W RCY G . -4.40 1.51 -1.98
C1X RCY G . -4.83 1.75 0.39
C1Y RCY G . -3.68 2.71 -2.59
C1Z RCY G . -4.29 0.28 -2.87
H1S RCY G . -10.09 2.03 0.16
H1U RCY G . -6.32 0.38 -0.33
C1C RCY H . 1.11 0.38 0.03
O1G RCY H . -2.05 4.81 -0.17
O1H RCY H . 1.59 2.64 1.92
O1J RCY H . 1.83 -0.06 -2.85
C1L RCY H . -0.98 5.05 2.02
C1M RCY H . 0.16 3.29 -2.04
C1P RCY H . -1.20 4.43 0.63
C1Q RCY H . 0.51 3.18 1.72
N1R RCY H . -0.21 3.28 0.38
C1S RCY H . -0.37 3.85 2.75
C1U RCY H . -0.01 2.45 -0.89
C1V RCY H . 2.48 2.45 -0.44
N1V RCY H . 1.37 1.20 -2.31
C1W RCY H . 0.89 2.43 -3.08
C1X RCY H . 1.27 1.61 -0.85
C1Y RCY H . 2.07 3.20 -3.67
C1Z RCY H . -0.07 1.98 -4.20
H1S RCY H . -0.60 2.85 3.07
H1U RCY H . -0.86 1.81 -1.04
C1C RCY I . 0.99 -4.61 -0.41
O1G RCY I . 5.11 -1.47 -0.56
O1H RCY I . 2.55 -5.11 1.02
O1J RCY I . 0.04 -3.66 2.28
C1L RCY I . 5.68 -3.52 0.64
C1M RCY I . 1.77 -1.02 0.09
C1P RCY I . 4.74 -2.52 -0.02
C1Q RCY I . 3.39 -4.21 0.93
N1R RCY I . 3.28 -2.95 0.08
C1S RCY I . 4.72 -4.16 1.65
C1U RCY I . 2.03 -2.31 -0.51
C1V RCY I . -0.42 -2.60 -1.07
N1V RCY I . 0.54 -2.78 1.24
C1W RCY I . 0.96 -1.32 1.36
C1X RCY I . 0.76 -3.11 -0.24
C1Y RCY I . -0.27 -0.41 1.44
C1Z RCY I . 1.82 -1.16 2.62
H1S RCY I . 4.13 -3.92 2.51
H1U RCY I . 2.16 -2.18 -1.57
C1C RCY J . -1.97 -7.16 1.11
O1G RCY J . 3.17 -7.62 3.03
O1H RCY J . 0.17 -7.86 -0.60
O1J RCY J . -2.99 -4.88 2.79
C1L RCY J . 3.35 -8.54 0.77
C1M RCY J . 0.74 -5.69 3.16
C1P RCY J . 2.64 -7.87 1.95
C1Q RCY J . 1.03 -8.15 0.23
N1R RCY J . 1.19 -7.54 1.61
C1S RCY J . 2.14 -9.16 0.06
C1U RCY J . 0.15 -6.79 2.45
C1V RCY J . -0.36 -5.32 0.45
N1V RCY J . -1.57 -5.21 2.63
C1W RCY J . -0.41 -4.72 3.48
C1X RCY J . -0.94 -6.13 1.61
C1Y RCY J . -0.04 -3.29 3.09
C1Z RCY J . -0.78 -4.78 4.96
H1S RCY J . 1.36 -9.89 0.20
H1U RCY J . -0.31 -7.47 3.16
C1C RCY K . -1.04 -8.19 -5.12
O1G RCY K . -0.49 -6.40 -6.55
O1H RCY K . -2.31 -8.89 -10.12
O1J RCY K . -2.53 -5.59 -4.83
C1L RCY K . 0.02 -6.52 -8.94
C1M RCY K . -4.09 -8.16 -7.20
C1P RCY K . -0.71 -6.90 -7.65
C1Q RCY K . -1.53 -8.32 -9.37
N1R RCY K . -1.74 -7.99 -7.89
C1S RCY K . -0.13 -7.82 -9.73
C1U RCY K . -2.75 -8.61 -6.93
C1V RCY K . -3.34 -9.03 -4.50
N1V RCY K . -3.05 -6.76 -5.52
C1W RCY K . -4.25 -6.83 -6.46
C1X RCY K . -2.52 -8.18 -5.48
C1Y RCY K . -5.56 -6.81 -5.67
C1Z RCY K . -4.20 -5.64 -7.43
H1S RCY K . 0.14 -8.86 -9.71
H1U RCY K . -2.72 -9.68 -7.01
N MET A 1 4.20 17.16 0.37
CA MET A 1 5.32 16.19 0.35
C MET A 1 6.61 16.90 -0.02
N ASN A 2 6.54 17.87 -0.89
CA ASN A 2 7.77 18.62 -1.30
C ASN A 2 7.55 20.12 -1.10
N LEU A 3 6.94 20.77 -2.05
CA LEU A 3 6.68 22.23 -1.92
C LEU A 3 5.54 22.64 -2.85
N GLU A 4 5.12 21.75 -3.71
CA GLU A 4 4.00 22.09 -4.64
C GLU A 4 2.69 22.13 -3.86
N PRO A 5 1.72 22.89 -4.33
CA PRO A 5 0.40 23.02 -3.65
C PRO A 5 -0.30 21.65 -3.50
N PRO A 6 -0.43 21.17 -2.28
CA PRO A 6 -1.08 19.86 -2.01
C PRO A 6 -2.61 19.97 -1.96
N LYS A 7 -3.31 18.94 -2.37
CA LYS A 7 -4.80 19.00 -2.35
C LYS A 7 -5.28 18.83 -0.91
N ALA A 8 -5.43 19.91 -0.19
CA ALA A 8 -5.90 19.81 1.22
C ALA A 8 -7.35 19.33 1.25
N GLU A 9 -7.59 18.19 1.83
CA GLU A 9 -8.98 17.65 1.91
C GLU A 9 -9.18 16.96 3.27
N CYS A 10 -9.31 17.74 4.32
CA CYS A 10 -9.50 17.14 5.66
C CYS A 10 -8.35 16.18 5.97
N ARG A 11 -8.36 15.56 7.11
CA ARG A 11 -7.26 14.62 7.45
C ARG A 11 -5.91 15.31 7.22
N SER A 12 -5.61 16.31 8.00
CA SER A 12 -4.31 17.02 7.81
C SER A 12 -3.88 17.65 9.15
N ALA A 13 -4.83 18.02 9.97
CA ALA A 13 -4.47 18.63 11.28
C ALA A 13 -3.90 17.55 12.20
N THR A 14 -3.68 16.38 11.67
CA THR A 14 -3.12 15.28 12.52
C THR A 14 -1.61 15.50 12.68
N ARG A 15 -1.16 16.73 12.62
CA ARG A 15 0.30 17.00 12.78
C ARG A 15 1.08 16.14 11.78
N VAL A 16 0.63 16.07 10.56
CA VAL A 16 1.36 15.26 9.54
C VAL A 16 1.64 13.86 10.12
N MET A 17 2.33 13.03 9.39
CA MET A 17 2.63 11.66 9.91
C MET A 17 3.10 11.76 11.37
N GLY A 18 3.51 12.93 11.80
CA GLY A 18 3.97 13.10 13.20
C GLY A 18 5.47 13.38 13.22
N GLY A 19 6.02 13.67 14.38
CA GLY A 19 7.48 13.95 14.47
C GLY A 19 8.27 12.66 14.40
N PRO A 20 7.96 11.71 15.26
CA PRO A 20 8.66 10.39 15.30
C PRO A 20 8.93 9.82 13.90
N CYS A 21 7.94 9.77 13.06
CA CYS A 21 8.14 9.22 11.70
C CYS A 21 9.18 10.07 10.96
N THR A 22 10.24 9.47 10.50
CA THR A 22 11.30 10.23 9.77
C THR A 22 11.33 9.80 8.30
N PRO A 23 10.68 10.53 7.43
CA PRO A 23 10.66 10.20 5.98
C PRO A 23 11.94 10.67 5.25
N ARG A 24 12.78 9.75 4.89
CA ARG A 24 14.04 10.13 4.19
C ARG A 24 14.57 8.93 3.41
N LYS A 25 13.71 8.19 2.77
CA LYS A 25 14.16 7.00 2.00
C LYS A 25 15.14 6.19 2.84
N GLY A 26 15.00 6.23 4.14
CA GLY A 26 15.93 5.45 5.02
C GLY A 26 15.65 3.96 4.87
N PRO A 27 14.40 3.58 4.94
CA PRO A 27 13.99 2.15 4.82
C PRO A 27 14.34 1.58 3.43
N PRO A 28 14.04 0.33 3.20
CA PRO A 28 14.33 -0.35 1.90
C PRO A 28 13.79 0.46 0.71
N LYS A 29 14.61 0.70 -0.28
CA LYS A 29 14.15 1.46 -1.47
C LYS A 29 13.22 0.59 -2.31
N CYS A 30 12.16 1.15 -2.83
CA CYS A 30 11.22 0.33 -3.65
C CYS A 30 10.18 1.26 -4.29
N LYS A 31 10.15 2.50 -3.90
CA LYS A 31 9.15 3.45 -4.49
C LYS A 31 7.76 2.83 -4.39
N GLN A 32 6.75 3.57 -4.80
CA GLN A 32 5.36 3.04 -4.73
C GLN A 32 4.81 2.86 -6.15
N ARG A 33 5.44 2.01 -6.92
CA ARG A 33 4.96 1.79 -8.32
C ARG A 33 5.72 0.62 -8.93
N GLN A 34 5.87 -0.46 -8.22
CA GLN A 34 6.60 -1.63 -8.76
C GLN A 34 5.98 -2.06 -10.10
N THR A 35 4.82 -1.55 -10.40
CA THR A 35 4.16 -1.91 -11.69
C THR A 35 3.53 -0.66 -12.32
N ARG A 36 4.29 0.40 -12.38
CA ARG A 36 3.75 1.66 -12.99
C ARG A 36 2.43 2.04 -12.30
N GLN A 37 2.50 2.89 -11.32
CA GLN A 37 1.25 3.31 -10.61
C GLN A 37 0.47 2.07 -10.15
N CYS A 38 -0.64 2.27 -9.49
CA CYS A 38 -1.45 1.12 -9.01
C CYS A 38 -2.89 1.56 -8.80
N LYS A 39 -3.46 2.24 -9.75
CA LYS A 39 -4.88 2.70 -9.61
C LYS A 39 -5.41 3.04 -11.00
N SER A 40 -4.60 2.95 -12.01
CA SER A 40 -5.07 3.26 -13.38
C SER A 40 -6.01 2.16 -13.87
N LYS A 41 -5.47 1.12 -14.46
CA LYS A 41 -6.34 0.01 -14.93
C LYS A 41 -5.58 -1.31 -14.84
N PRO A 42 -5.53 -1.90 -13.67
CA PRO A 42 -4.85 -3.20 -13.43
C PRO A 42 -5.81 -4.37 -13.52
N PRO A 43 -5.29 -5.57 -13.71
CA PRO A 43 -6.13 -6.79 -13.79
C PRO A 43 -6.85 -7.09 -12.47
N LYS A 44 -8.03 -7.66 -12.53
CA LYS A 44 -8.78 -7.95 -11.27
C LYS A 44 -8.97 -9.46 -11.12
N LYS A 45 -9.96 -9.87 -10.37
CA LYS A 45 -10.21 -11.32 -10.17
C LYS A 45 -8.96 -11.99 -9.60
N GLY A 46 -8.60 -11.66 -8.39
CA GLY A 46 -7.39 -12.27 -7.77
C GLY A 46 -7.78 -13.51 -6.98
N VAL A 47 -7.81 -14.65 -7.62
CA VAL A 47 -8.19 -15.90 -6.92
C VAL A 47 -7.41 -17.08 -7.49
N GLN A 48 -6.20 -16.83 -7.93
CA GLN A 48 -5.36 -17.92 -8.52
C GLN A 48 -3.89 -17.69 -8.17
N GLY A 49 -3.64 -16.83 -7.21
CA GLY A 49 -2.23 -16.55 -6.81
C GLY A 49 -1.88 -15.10 -7.17
N CYS A 50 -2.76 -14.18 -6.90
CA CYS A 50 -2.48 -12.75 -7.21
C CYS A 50 -1.30 -12.27 -6.36
N GLY A 51 -1.27 -12.63 -5.11
CA GLY A 51 -0.15 -12.18 -4.23
C GLY A 51 1.02 -13.15 -4.38
N ASP A 52 1.05 -13.90 -5.45
CA ASP A 52 2.18 -14.86 -5.65
C ASP A 52 3.51 -14.13 -5.47
N ASP A 53 4.55 -14.85 -5.14
CA ASP A 53 5.87 -14.20 -4.95
C ASP A 53 6.23 -13.38 -6.20
N ILE A 54 5.96 -13.92 -7.36
CA ILE A 54 6.29 -13.18 -8.62
C ILE A 54 5.54 -11.83 -8.64
N PRO A 55 6.25 -10.73 -8.59
CA PRO A 55 5.62 -9.37 -8.60
C PRO A 55 5.25 -8.92 -10.02
N GLY A 56 4.22 -8.15 -10.15
CA GLY A 56 3.80 -7.67 -11.51
C GLY A 56 2.57 -8.44 -11.97
N MET A 57 2.63 -9.75 -11.95
CA MET A 57 1.46 -10.56 -12.39
C MET A 57 0.24 -10.17 -11.57
N GLU A 58 0.40 -9.32 -10.60
CA GLU A 58 -0.76 -8.90 -9.77
C GLU A 58 -1.48 -7.72 -10.43
N GLY A 59 -2.28 -7.00 -9.69
CA GLY A 59 -3.01 -5.84 -10.28
C GLY A 59 -3.62 -4.99 -9.17
N CYS A 60 -4.91 -5.09 -8.99
CA CYS A 60 -5.59 -4.30 -7.93
C CYS A 60 -5.34 -2.80 -8.15
N GLY A 61 -6.37 -2.01 -8.06
CA GLY A 61 -6.20 -0.54 -8.27
C GLY A 61 -7.22 0.21 -7.41
N THR A 62 -8.42 -0.30 -7.34
CA THR A 62 -9.46 0.37 -6.52
C THR A 62 -9.00 0.41 -5.05
N ASP A 63 -9.02 1.56 -4.47
CA ASP A 63 -8.59 1.70 -3.04
C ASP A 63 -9.36 0.72 -2.16
N ILE A 64 -10.13 -0.17 -2.74
CA ILE A 64 -10.90 -1.14 -1.93
C ILE A 64 -11.15 -2.39 -2.77
N THR A 65 -10.62 -2.44 -3.96
CA THR A 65 -10.86 -3.63 -4.84
C THR A 65 -12.25 -4.17 -4.50
N VAL A 66 -13.18 -3.27 -4.34
CA VAL A 66 -14.57 -3.66 -3.96
C VAL A 66 -14.54 -4.05 -2.48
N ILE A 67 -13.65 -4.93 -2.11
CA ILE A 67 -13.53 -5.36 -0.70
C ILE A 67 -12.05 -5.51 -0.33
N CYS A 68 -11.41 -4.48 0.16
CA CYS A 68 -9.97 -4.62 0.52
C CYS A 68 -9.84 -5.56 1.72
N PRO A 69 -9.09 -6.64 1.58
CA PRO A 69 -8.89 -7.63 2.68
C PRO A 69 -8.61 -6.98 4.03
N TRP A 70 -8.49 -5.68 4.08
CA TRP A 70 -8.21 -5.03 5.40
C TRP A 70 -9.35 -5.36 6.36
N GLU A 71 -10.57 -5.10 5.98
CA GLU A 71 -11.71 -5.43 6.87
C GLU A 71 -12.09 -6.90 6.67
N ALA A 72 -12.73 -7.21 5.58
CA ALA A 72 -13.11 -8.63 5.33
C ALA A 72 -11.89 -9.41 4.84
N CYS A 73 -11.00 -9.76 5.72
CA CYS A 73 -9.79 -10.51 5.30
C CYS A 73 -10.20 -11.70 4.43
N ASN A 74 -10.07 -11.58 3.14
CA ASN A 74 -10.46 -12.70 2.25
C ASN A 74 -9.39 -13.80 2.28
N HIS A 75 -9.10 -14.32 3.44
CA HIS A 75 -8.07 -15.39 3.55
C HIS A 75 -6.69 -14.82 3.19
N CYS A 76 -5.77 -14.84 4.13
CA CYS A 76 -4.41 -14.30 3.85
C CYS A 76 -3.53 -14.50 5.08
N GLU A 77 -4.10 -14.46 6.25
CA GLU A 77 -3.30 -14.64 7.49
C GLU A 77 -2.54 -15.97 7.41
N LEU A 78 -1.76 -16.29 8.41
CA LEU A 78 -1.01 -17.57 8.40
C LEU A 78 -0.57 -17.92 9.82
N HIS A 79 -1.08 -17.22 10.79
CA HIS A 79 -0.70 -17.50 12.20
C HIS A 79 0.81 -17.38 12.36
N GLU A 80 1.48 -16.78 11.41
CA GLU A 80 2.95 -16.62 11.50
C GLU A 80 3.33 -15.19 11.09
N LEU A 81 2.64 -14.64 10.14
CA LEU A 81 2.96 -13.25 9.69
C LEU A 81 2.26 -12.26 10.63
N ALA A 82 1.31 -12.72 11.39
CA ALA A 82 0.60 -11.80 12.32
C ALA A 82 1.56 -11.34 13.42
N GLN A 83 1.10 -11.28 14.64
CA GLN A 83 1.99 -10.85 15.76
C GLN A 83 2.47 -9.42 15.52
N TYR A 84 2.42 -8.95 14.30
CA TYR A 84 2.88 -7.57 14.01
C TYR A 84 1.72 -6.59 14.27
N GLY A 85 0.51 -7.06 14.14
CA GLY A 85 -0.67 -6.18 14.39
C GLY A 85 -1.59 -6.24 13.16
N ILE A 86 -2.00 -7.41 12.77
CA ILE A 86 -2.89 -7.53 11.58
C ILE A 86 -2.29 -6.73 10.42
N CYS A 87 -1.55 -7.37 9.56
CA CYS A 87 -0.93 -6.66 8.43
C CYS A 87 -2.03 -6.00 7.57
C1C RCY B . -5.27 12.76 8.83
O1G RCY B . -7.90 12.86 9.32
O1H RCY B . -8.68 16.17 6.05
O1J RCY B . -2.62 13.78 7.85
C1L RCY B . -9.89 14.13 8.67
C1M RCY B . -5.71 15.63 6.53
C1P RCY B . -8.41 13.73 8.62
C1Q RCY B . -8.70 15.53 7.10
N1R RCY B . -7.64 14.54 7.58
C1S RCY B . -9.78 15.57 8.15
C1U RCY B . -6.18 14.41 7.14
C1V RCY B . -5.45 15.22 9.42
N1V RCY B . -3.89 14.47 7.62
C1W RCY B . -4.19 15.60 6.64
C1X RCY B . -5.22 14.20 8.31
C1Y RCY B . -3.66 16.93 7.18
C1Z RCY B . -3.53 15.27 5.28
H1S RCY B . -9.36 16.53 8.41
H1U RCY B . -6.09 13.60 6.44
C1C RCY C . 4.05 4.55 6.69
O1G RCY C . 2.68 5.11 8.90
O1H RCY C . 5.45 8.94 8.88
O1J RCY C . 1.05 4.77 6.92
C1L RCY C . 3.82 6.37 10.66
C1M RCY C . 2.92 8.07 6.36
C1P RCY C . 3.43 6.04 9.21
C1Q RCY C . 4.97 7.84 9.13
N1R RCY C . 4.08 6.99 8.23
C1S RCY C . 5.17 7.05 10.42
C1U RCY C . 3.91 7.08 6.71
C1V RCY C . 3.48 5.81 4.56
N1V RCY C . 1.91 5.87 6.52
C1W RCY C . 1.56 7.35 6.43
C1X RCY C . 3.38 5.79 6.09
C1Y RCY C . 0.75 7.63 5.17
C1Z RCY C . 0.79 7.76 7.68
H1S RCY C . 6.15 6.87 10.04
H1U RCY C . 4.85 7.35 6.25
C1C RCY D . 2.68 0.03 -1.83
O1G RCY D . 4.81 -0.71 -0.28
O1H RCY D . 7.80 1.94 -2.78
O1J RCY D . 1.24 1.45 -4.07
C1L RCY D . 7.24 -0.56 -0.36
C1M RCY D . 4.99 2.18 -3.77
C1P RCY D . 5.82 -0.22 -0.79
C1Q RCY D . 7.28 0.99 -2.20
N1R RCY D . 5.80 0.83 -1.90
C1S RCY D . 7.99 -0.23 -1.65
C1U RCY D . 4.61 1.51 -2.56
C1V RCY D . 4.10 -0.62 -3.82
N1V RCY D . 2.69 1.44 -3.90
C1W RCY D . 3.71 2.34 -4.60
C1X RCY D . 3.52 0.53 -3.01
C1Y RCY D . 3.94 1.89 -6.03
C1Z RCY D . 3.21 3.79 -4.56
H1S RCY D . 8.07 -0.52 -2.69
H1U RCY D . 4.17 2.23 -1.87
C1C RCY E . 1.38 -5.78 -5.48
O1G RCY E . -2.36 -4.72 -9.10
O1H RCY E . 1.77 -3.20 -7.40
O1J RCY E . 2.41 -8.53 -6.16
C1L RCY E . -1.35 -2.50 -8.90
C1M RCY E . 0.42 -6.75 -8.92
C1P RCY E . -1.42 -4.02 -8.72
C1Q RCY E . 0.58 -3.29 -7.67
N1R RCY E . -0.18 -4.56 -8.01
C1S RCY E . -0.42 -2.14 -7.74
C1U RCY E . 0.20 -6.01 -7.71
C1V RCY E . 2.63 -5.31 -7.62
N1V RCY E . 1.80 -7.62 -7.12
C1W RCY E . 1.31 -7.94 -8.53
C1X RCY E . 1.53 -6.13 -6.95
C1Y RCY E . 2.49 -8.08 -9.49
C1Z RCY E . 0.50 -9.25 -8.48
H1S RCY E . -0.36 -2.17 -6.66
H1U RCY E . -0.58 -6.48 -7.13
C1C RCY F . -1.00 -9.43 -2.79
O1G RCY F . 1.31 -8.28 -6.97
O1H RCY F . -2.93 -8.69 -4.92
O1J RCY F . 1.74 -10.64 -3.11
C1L RCY F . -0.82 -9.23 -7.70
C1M RCY F . 1.33 -7.04 -4.38
C1P RCY F . 0.14 -8.56 -6.71
C1Q RCY F . -1.91 -8.92 -5.57
N1R RCY F . -0.53 -8.28 -5.37
C1S RCY F . -1.78 -9.91 -6.71
C1U RCY F . 0.00 -7.55 -4.14
C1V RCY F . 0.44 -7.68 -1.65
N1V RCY F . 1.43 -9.23 -3.34
C1W RCY F . 2.29 -8.20 -4.07
C1X RCY F . 0.18 -8.47 -2.94
C1Y RCY F . 3.43 -7.71 -3.15
C1Z RCY F . 2.86 -8.81 -5.35
H1S RCY F . -1.81 -10.65 -5.95
H1U RCY F . -0.65 -6.73 -3.89
C1C RCY G . 0.31 -0.22 -3.44
O1G RCY G . -2.41 0.01 -3.55
O1H RCY G . -2.76 -4.11 -5.84
O1J RCY G . 2.82 -0.26 -5.09
C1L RCY G . -4.29 -1.47 -4.05
C1M RCY G . -0.11 -2.30 -6.48
C1P RCY G . -2.82 -1.01 -4.10
C1Q RCY G . -2.99 -2.97 -5.42
N1R RCY G . -1.95 -1.97 -4.90
C1S RCY G . -4.35 -2.30 -5.34
C1U RCY G . -0.44 -1.96 -5.12
C1V RCY G . -0.58 0.50 -5.70
N1V RCY G . 1.55 -0.80 -5.54
C1W RCY G . 1.29 -1.73 -6.72
C1X RCY G . 0.17 -0.58 -4.92
C1Y RCY G . 1.32 -0.94 -8.04
C1Z RCY G . 2.35 -2.83 -6.74
H1S RCY G . -4.25 -2.20 -6.41
H1U RCY G . 0.03 -2.67 -4.45
C1C RCY H . -2.44 -2.97 -2.24
O1G RCY H . -4.15 -5.74 -0.93
O1H RCY H . -5.65 -1.41 0.20
O1J RCY H . -3.16 -0.07 -1.86
C1L RCY H . -6.34 -4.66 -1.00
C1M RCY H . -2.83 -2.14 1.35
C1P RCY H . -4.84 -4.75 -0.71
C1Q RCY H . -5.58 -2.63 0.06
N1R RCY H . -4.31 -3.45 -0.10
C1S RCY H . -6.74 -3.60 0.03
C1U RCY H . -2.87 -3.07 0.26
C1V RCY H . -0.64 -2.22 -0.61
N1V RCY H . -2.80 -0.97 -0.77
C1W RCY H . -3.00 -0.74 0.73
C1X RCY H . -2.15 -2.34 -0.87
C1Y RCY H . -1.94 0.22 1.28
C1Z RCY H . -4.41 -0.19 0.98
H1S RCY H . -6.79 -3.43 1.09
H1U RCY H . -2.31 -3.96 0.53
C1C RCY I . -7.38 -5.16 6.31
O1G RCY I . -3.74 -8.10 8.15
O1H RCY I . -7.05 -8.56 4.80
O1J RCY I . -6.23 -3.00 4.56
C1L RCY I . -5.17 -9.96 7.44
C1M RCY I . -4.09 -6.16 4.95
C1P RCY I . -4.64 -8.52 7.41
C1Q RCY I . -6.43 -8.63 5.86
N1R RCY I . -5.36 -7.67 6.38
C1S RCY I . -6.59 -9.73 6.90
C1U RCY I . -5.10 -6.23 5.95
C1V RCY I . -6.90 -6.46 4.18
N1V RCY I . -5.66 -4.35 4.67
C1W RCY I . -4.29 -4.82 4.22
C1X RCY I . -6.32 -5.57 5.28
C1Y RCY I . -4.27 -5.02 2.70
C1Z RCY I . -3.24 -3.79 4.64
H1S RCY I . -7.51 -9.23 7.14
H1U RCY I . -4.82 -5.64 6.81
C1C RCY J . -3.55 -6.88 6.53
O1G RCY J . -5.66 -8.07 1.98
O1H RCY J . -2.29 -9.42 4.99
O1J RCY J . -4.12 -3.92 6.45
C1L RCY J . -4.70 -10.25 2.55
C1M RCY J . -4.28 -5.75 3.08
C1P RCY J . -4.84 -8.71 2.62
C1Q RCY J . -3.00 -9.32 4.00
N1R RCY J . -3.82 -8.10 3.58
C1S RCY J . -3.24 -10.40 2.95
C1U RCY J . -3.65 -6.65 4.01
C1V RCY J . -5.80 -6.85 5.36
N1V RCY J . -4.32 -4.82 5.32
C1W RCY J . -4.54 -4.45 3.86
C1X RCY J . -4.35 -6.35 5.34
C1Y RCY J . -5.97 -3.98 3.64
C1Z RCY J . -3.55 -3.36 3.46
H1S RCY J . -2.24 -10.15 2.62
H1U RCY J . -2.60 -6.42 4.10
C1C RCY K . -1.38 -3.98 3.20
O1G RCY K . 0.50 -9.02 2.62
O1H RCY K . 0.33 -5.07 5.21
O1J RCY K . -2.63 -3.72 0.48
C1L RCY K . 1.00 -8.53 4.97
C1M RCY K . -0.46 -6.83 1.04
C1P RCY K . 0.59 -8.19 3.53
C1Q RCY K . 0.68 -6.16 4.73
N1R RCY K . 0.32 -6.70 3.36
C1S RCY K . 1.57 -7.18 5.41
C1U RCY K . -0.20 -5.95 2.14
C1V RCY K . -2.56 -6.21 3.00
N1V RCY K . -1.94 -4.92 0.95
C1W RCY K . -1.44 -6.10 0.12
C1X RCY K . -1.54 -5.26 2.38
C1Y RCY K . -2.62 -7.02 -0.25
C1Z RCY K . -0.75 -5.59 -1.13
H1S RCY K . 2.37 -6.49 5.19
H1U RCY K . 0.54 -5.21 1.83
N MET A 1 -0.31 -7.03 21.16
CA MET A 1 0.89 -6.45 20.48
C MET A 1 2.11 -7.33 20.76
N ASN A 2 3.27 -6.75 20.90
CA ASN A 2 4.50 -7.55 21.17
C ASN A 2 5.52 -6.69 21.90
N LEU A 3 6.38 -7.29 22.67
CA LEU A 3 7.40 -6.51 23.41
C LEU A 3 8.60 -6.23 22.49
N GLU A 4 8.56 -5.13 21.78
CA GLU A 4 9.68 -4.78 20.86
C GLU A 4 10.12 -3.34 21.14
N PRO A 5 11.33 -3.00 20.75
CA PRO A 5 11.88 -1.64 20.96
C PRO A 5 10.81 -0.55 20.76
N PRO A 6 10.50 0.19 21.81
CA PRO A 6 9.47 1.28 21.73
C PRO A 6 10.01 2.54 21.07
N LYS A 7 9.29 3.07 20.11
CA LYS A 7 9.75 4.32 19.42
C LYS A 7 8.59 4.88 18.60
N ALA A 8 7.43 4.32 18.76
CA ALA A 8 6.24 4.81 17.99
C ALA A 8 6.22 6.35 18.00
N GLU A 9 5.51 6.93 18.92
CA GLU A 9 5.45 8.42 18.97
C GLU A 9 5.12 8.95 17.57
N CYS A 10 4.65 8.11 16.71
CA CYS A 10 4.30 8.56 15.33
C CYS A 10 5.49 9.31 14.73
N ARG A 11 5.49 10.61 14.80
CA ARG A 11 6.62 11.40 14.23
C ARG A 11 6.66 12.78 14.88
N SER A 12 6.91 13.80 14.10
CA SER A 12 6.96 15.18 14.67
C SER A 12 6.53 16.20 13.60
N ALA A 13 6.31 15.74 12.39
CA ALA A 13 5.90 16.68 11.30
C ALA A 13 4.91 15.97 10.37
N THR A 14 3.64 16.21 10.55
CA THR A 14 2.63 15.55 9.68
C THR A 14 2.26 16.50 8.53
N ARG A 15 1.69 15.97 7.47
CA ARG A 15 1.32 16.85 6.32
C ARG A 15 -0.02 16.37 5.74
N VAL A 16 -0.71 15.50 6.43
CA VAL A 16 -2.02 15.00 5.92
C VAL A 16 -3.00 16.16 5.83
N MET A 17 -3.64 16.32 4.69
CA MET A 17 -4.61 17.44 4.54
C MET A 17 -5.95 17.04 5.16
N GLY A 18 -6.13 15.78 5.43
CA GLY A 18 -7.41 15.32 6.04
C GLY A 18 -8.58 15.69 5.13
N GLY A 19 -9.32 16.71 5.47
CA GLY A 19 -10.48 17.13 4.62
C GLY A 19 -11.48 15.97 4.54
N PRO A 20 -12.76 16.28 4.48
CA PRO A 20 -13.83 15.25 4.39
C PRO A 20 -13.49 14.13 3.40
N CYS A 21 -13.61 12.89 3.82
CA CYS A 21 -13.29 11.76 2.91
C CYS A 21 -14.57 11.30 2.19
N THR A 22 -14.76 11.70 0.97
CA THR A 22 -16.00 11.30 0.22
C THR A 22 -15.58 10.58 -1.08
N PRO A 23 -15.95 9.32 -1.24
CA PRO A 23 -15.60 8.55 -2.47
C PRO A 23 -15.79 9.36 -3.75
N ARG A 24 -15.23 8.92 -4.84
CA ARG A 24 -15.38 9.67 -6.12
C ARG A 24 -15.50 8.67 -7.27
N LYS A 25 -14.53 8.64 -8.16
CA LYS A 25 -14.60 7.69 -9.30
C LYS A 25 -13.25 7.00 -9.49
N GLY A 26 -12.29 7.68 -10.08
CA GLY A 26 -10.95 7.05 -10.28
C GLY A 26 -10.89 6.42 -11.68
N PRO A 27 -10.18 7.03 -12.59
CA PRO A 27 -10.05 6.51 -13.99
C PRO A 27 -9.46 5.09 -14.02
N PRO A 28 -9.28 4.54 -15.19
CA PRO A 28 -8.72 3.16 -15.36
C PRO A 28 -7.40 2.97 -14.61
N LYS A 29 -6.97 1.75 -14.43
CA LYS A 29 -5.70 1.49 -13.71
C LYS A 29 -4.86 0.47 -14.49
N CYS A 30 -4.90 0.51 -15.80
CA CYS A 30 -4.10 -0.45 -16.60
C CYS A 30 -2.87 0.25 -17.15
N LYS A 31 -1.81 0.29 -16.40
CA LYS A 31 -0.56 0.95 -16.87
C LYS A 31 0.60 0.57 -15.95
N GLN A 32 1.33 1.54 -15.47
CA GLN A 32 2.48 1.23 -14.56
C GLN A 32 3.57 0.48 -15.33
N ARG A 33 4.21 -0.46 -14.69
CA ARG A 33 5.28 -1.24 -15.36
C ARG A 33 5.22 -2.69 -14.88
N GLN A 34 6.22 -3.14 -14.17
CA GLN A 34 6.21 -4.55 -13.67
C GLN A 34 7.49 -4.81 -12.87
N THR A 35 8.28 -3.80 -12.63
CA THR A 35 9.53 -4.00 -11.85
C THR A 35 9.18 -4.56 -10.47
N ARG A 36 7.96 -4.39 -10.05
CA ARG A 36 7.53 -4.94 -8.72
C ARG A 36 8.13 -6.33 -8.52
N GLN A 37 8.05 -7.14 -9.53
CA GLN A 37 8.62 -8.53 -9.45
C GLN A 37 7.93 -9.34 -8.34
N CYS A 38 8.21 -9.02 -7.10
CA CYS A 38 7.60 -9.79 -5.98
C CYS A 38 8.03 -11.26 -6.08
N LYS A 39 7.48 -12.11 -5.25
CA LYS A 39 7.85 -13.55 -5.30
C LYS A 39 9.36 -13.70 -5.14
N SER A 40 10.06 -12.62 -4.93
CA SER A 40 11.54 -12.71 -4.76
C SER A 40 11.88 -13.86 -3.81
N LYS A 41 11.21 -13.95 -2.70
CA LYS A 41 11.49 -15.06 -1.73
C LYS A 41 10.17 -15.58 -1.16
N PRO A 42 10.13 -16.83 -0.77
CA PRO A 42 8.90 -17.45 -0.20
C PRO A 42 8.51 -16.83 1.14
N PRO A 43 7.26 -16.91 1.51
CA PRO A 43 6.76 -16.33 2.79
C PRO A 43 7.13 -17.20 4.00
N LYS A 44 7.71 -16.59 5.01
CA LYS A 44 8.09 -17.38 6.22
C LYS A 44 6.85 -17.58 7.09
N LYS A 45 5.86 -16.74 6.94
CA LYS A 45 4.63 -16.89 7.76
C LYS A 45 3.66 -17.84 7.07
N GLY A 46 3.02 -17.41 6.02
CA GLY A 46 2.06 -18.30 5.29
C GLY A 46 0.86 -17.48 4.82
N VAL A 47 1.00 -16.18 4.75
CA VAL A 47 -0.14 -15.33 4.30
C VAL A 47 -1.42 -15.75 5.04
N GLN A 48 -1.28 -16.48 6.12
CA GLN A 48 -2.49 -16.91 6.87
C GLN A 48 -3.38 -15.71 7.19
N GLY A 49 -2.78 -14.57 7.44
CA GLY A 49 -3.58 -13.36 7.75
C GLY A 49 -2.86 -12.12 7.23
N CYS A 50 -1.56 -12.13 7.24
CA CYS A 50 -0.79 -10.96 6.75
C CYS A 50 0.58 -11.42 6.25
N GLY A 51 0.64 -11.97 5.07
CA GLY A 51 1.95 -12.44 4.53
C GLY A 51 2.97 -11.31 4.61
N ASP A 52 3.67 -11.21 5.71
CA ASP A 52 4.69 -10.13 5.84
C ASP A 52 5.67 -10.21 4.66
N ASP A 53 6.39 -11.29 4.56
CA ASP A 53 7.37 -11.48 3.45
C ASP A 53 7.80 -10.12 2.88
N ILE A 54 8.91 -9.60 3.32
CA ILE A 54 9.38 -8.28 2.80
C ILE A 54 9.24 -8.26 1.27
N PRO A 55 8.24 -7.58 0.76
CA PRO A 55 7.99 -7.50 -0.70
C PRO A 55 8.78 -6.37 -1.37
N GLY A 56 8.69 -6.25 -2.67
CA GLY A 56 9.42 -5.17 -3.39
C GLY A 56 10.85 -5.07 -2.86
N MET A 57 11.36 -6.12 -2.25
CA MET A 57 12.75 -6.07 -1.73
C MET A 57 13.68 -5.52 -2.83
N GLU A 58 13.21 -5.50 -4.05
CA GLU A 58 14.05 -4.97 -5.16
C GLU A 58 13.17 -4.14 -6.10
N GLY A 59 11.88 -4.34 -6.06
CA GLY A 59 10.96 -3.56 -6.94
C GLY A 59 10.33 -2.42 -6.14
N CYS A 60 9.54 -2.74 -5.15
CA CYS A 60 8.88 -1.68 -4.33
C CYS A 60 9.61 -1.57 -2.99
N GLY A 61 8.89 -1.21 -1.96
CA GLY A 61 9.54 -1.08 -0.62
C GLY A 61 8.55 -0.51 0.38
N THR A 62 8.42 0.79 0.42
CA THR A 62 7.45 1.42 1.39
C THR A 62 6.69 2.53 0.69
N ASP A 63 6.80 3.73 1.19
CA ASP A 63 6.07 4.87 0.57
C ASP A 63 6.41 4.92 -0.92
N ILE A 64 7.66 4.79 -1.25
CA ILE A 64 8.07 4.82 -2.67
C ILE A 64 9.55 4.51 -2.78
N THR A 65 10.01 3.48 -2.11
CA THR A 65 11.46 3.14 -2.18
C THR A 65 11.91 3.26 -3.63
N VAL A 66 10.98 3.17 -4.55
CA VAL A 66 11.32 3.29 -5.99
C VAL A 66 10.22 4.08 -6.68
N ILE A 67 9.19 3.40 -7.13
CA ILE A 67 8.06 4.09 -7.83
C ILE A 67 6.73 3.51 -7.33
N CYS A 68 6.13 4.10 -6.34
CA CYS A 68 4.81 3.57 -5.87
C CYS A 68 3.71 4.11 -6.78
N PRO A 69 3.01 3.23 -7.47
CA PRO A 69 1.92 3.62 -8.42
C PRO A 69 0.97 4.69 -7.88
N TRP A 70 1.17 5.17 -6.68
CA TRP A 70 0.25 6.21 -6.15
C TRP A 70 0.51 7.55 -6.85
N GLU A 71 1.73 7.78 -7.26
CA GLU A 71 2.03 9.08 -7.96
C GLU A 71 1.45 9.03 -9.37
N ALA A 72 1.28 7.86 -9.92
CA ALA A 72 0.73 7.75 -11.30
C ALA A 72 -0.79 7.96 -11.26
N CYS A 73 -1.52 7.02 -10.71
CA CYS A 73 -3.00 7.17 -10.66
C CYS A 73 -3.38 8.09 -9.50
N ASN A 74 -2.87 7.83 -8.33
CA ASN A 74 -3.21 8.69 -7.15
C ASN A 74 -4.70 8.50 -6.82
N HIS A 75 -5.24 9.36 -5.99
CA HIS A 75 -6.68 9.25 -5.60
C HIS A 75 -7.05 7.78 -5.35
N CYS A 76 -7.16 7.40 -4.10
CA CYS A 76 -7.50 5.99 -3.78
C CYS A 76 -8.92 5.92 -3.19
N GLU A 77 -9.88 6.53 -3.85
CA GLU A 77 -11.27 6.48 -3.31
C GLU A 77 -11.84 5.09 -3.52
N LEU A 78 -12.70 4.91 -4.49
CA LEU A 78 -13.30 3.57 -4.75
C LEU A 78 -13.77 2.98 -3.42
N HIS A 79 -13.28 1.82 -3.07
CA HIS A 79 -13.71 1.20 -1.79
C HIS A 79 -15.17 0.77 -1.90
N GLU A 80 -15.75 0.85 -3.06
CA GLU A 80 -17.17 0.45 -3.23
C GLU A 80 -17.26 -1.08 -3.20
N LEU A 81 -16.47 -1.75 -3.98
CA LEU A 81 -16.50 -3.24 -3.99
C LEU A 81 -15.78 -3.76 -2.75
N ALA A 82 -15.13 -2.90 -2.01
CA ALA A 82 -14.41 -3.35 -0.79
C ALA A 82 -15.41 -3.89 0.23
N GLN A 83 -14.99 -4.78 1.09
CA GLN A 83 -15.92 -5.34 2.11
C GLN A 83 -15.11 -5.83 3.32
N TYR A 84 -14.66 -7.06 3.29
CA TYR A 84 -13.86 -7.60 4.43
C TYR A 84 -13.20 -8.89 4.00
N GLY A 85 -12.16 -8.80 3.22
CA GLY A 85 -11.46 -10.02 2.73
C GLY A 85 -10.63 -9.64 1.51
N ILE A 86 -10.80 -8.43 1.05
CA ILE A 86 -10.04 -7.97 -0.15
C ILE A 86 -8.54 -8.00 0.14
N CYS A 87 -7.78 -8.61 -0.72
CA CYS A 87 -6.30 -8.67 -0.51
C CYS A 87 -5.74 -7.27 -0.31
C1C RCY B . -2.83 11.90 17.46
O1G RCY B . -2.03 10.07 15.17
O1H RCY B . 1.78 12.85 15.06
O1J RCY B . -4.45 14.43 17.31
C1L RCY B . 0.30 9.70 14.51
C1M RCY B . -1.54 14.17 14.83
C1P RCY B . -0.90 10.52 14.99
C1Q RCY B . 0.94 12.01 14.76
N1R RCY B . -0.51 11.98 15.23
C1S RCY B . 1.14 10.80 13.87
C1U RCY B . -1.36 13.12 15.80
C1V RCY B . -3.44 11.94 15.00
N1V RCY B . -3.44 14.05 16.34
C1W RCY B . -2.78 14.94 15.27
C1X RCY B . -2.78 12.70 16.15
C1Y RCY B . -3.74 15.14 14.09
C1Z RCY B . -2.42 16.29 15.90
H1S RCY B . 1.12 11.52 13.06
H1U RCY B . -0.87 13.52 16.69
C1C RCY C . -10.38 6.14 9.01
O1G RCY C . -10.73 8.99 8.48
O1H RCY C . -12.03 7.86 4.08
O1J RCY C . -11.12 3.23 8.70
C1L RCY C . -10.75 10.23 6.37
C1M RCY C . -12.27 5.57 5.89
C1P RCY C . -10.95 9.00 7.27
C1Q RCY C . -11.41 8.32 5.04
N1R RCY C . -11.43 7.79 6.48
C1S RCY C . -10.50 9.53 5.03
C1U RCY C . -11.84 6.41 6.97
C1V RCY C . -9.45 5.64 6.70
N1V RCY C . -11.29 4.24 7.65
C1W RCY C . -12.12 4.12 6.38
C1X RCY C . -10.69 5.63 7.60
C1Y RCY C . -11.38 3.27 5.34
C1Z RCY C . -13.48 3.50 6.70
H1S RCY C . -9.80 8.87 4.53
H1U RCY C . -12.65 6.50 7.68
C1C RCY D . -3.40 -5.23 -24.07
O1G RCY D . -7.20 -2.54 -22.81
O1H RCY D . -3.57 -4.45 -20.47
O1J RCY D . -4.78 -7.15 -25.92
C1L RCY D . -5.78 -1.75 -20.98
C1M RCY D . -6.97 -5.59 -23.18
C1P RCY D . -6.28 -2.76 -22.01
C1Q RCY D . -4.60 -3.84 -20.74
N1R RCY D . -5.51 -4.08 -21.94
C1S RCY D . -5.21 -2.71 -19.93
C1U RCY D . -5.61 -5.31 -22.84
C1V RCY D . -5.34 -3.81 -24.87
N1V RCY D . -5.47 -6.31 -24.95
C1W RCY D . -6.92 -6.44 -24.47
C1X RCY D . -4.92 -5.11 -24.19
C1Y RCY D . -7.88 -5.88 -25.52
C1Z RCY D . -7.23 -7.91 -24.18
H1S RCY D . -5.50 -3.50 -19.25
H1U RCY D . -5.18 -6.17 -22.33
C1C RCY E . 1.27 -5.87 -3.25
O1G RCY E . 0.76 -8.32 -5.32
O1H RCY E . 5.31 -8.27 -4.07
O1J RCY E . -1.09 -7.69 -3.69
C1L RCY E . 2.84 -8.45 -6.59
C1M RCY E . 2.00 -9.32 -2.12
C1P RCY E . 1.99 -8.30 -5.34
C1Q RCY E . 4.25 -8.07 -4.67
N1R RCY E . 2.85 -8.13 -4.08
C1S RCY E . 4.11 -7.72 -6.14
C1U RCY E . 2.42 -8.03 -2.61
C1V RCY E . 0.96 -6.83 -0.92
N1V RCY E . 0.10 -8.06 -2.93
C1W RCY E . 0.52 -9.46 -2.49
C1X RCY E . 1.20 -7.15 -2.41
C1Y RCY E . -0.30 -9.90 -1.28
C1Z RCY E . 0.34 -10.44 -3.65
H1S RCY E . 4.46 -6.74 -5.83
H1U RCY E . 3.25 -7.67 -2.02
C1C RCY F . -2.22 -3.24 12.28
O1G RCY F . -1.06 -4.08 9.90
O1H RCY F . -2.74 -8.42 10.65
O1J RCY F . -1.80 -3.47 15.26
C1L RCY F . -1.40 -6.02 8.44
C1M RCY F . -1.54 -6.74 13.28
C1P RCY F . -1.40 -5.26 9.78
C1Q RCY F . -2.07 -7.48 10.25
N1R RCY F . -1.88 -6.13 10.93
C1S RCY F . -1.25 -7.45 8.96
C1U RCY F . -2.12 -5.77 12.39
C1V RCY F . 0.03 -4.42 12.37
N1V RCY F . -1.55 -4.55 14.31
C1W RCY F . -1.35 -6.03 14.63
C1X RCY F . -1.44 -4.45 12.79
C1Y RCY F . 0.07 -6.27 15.16
C1Z RCY F . -2.39 -6.48 15.65
H1S RCY F . -0.57 -8.09 9.49
H1U RCY F . -3.18 -5.70 12.59
C1C RCY G . 4.05 1.56 -4.48
O1G RCY G . 1.83 -3.49 -4.56
O1H RCY G . 5.66 -0.72 -4.47
O1J RCY G . 1.95 3.05 -2.92
C1L RCY G . 4.22 -3.93 -4.87
C1M RCY G . 1.43 -0.74 -3.23
C1P RCY G . 2.98 -3.06 -4.64
C1Q RCY G . 4.85 -1.59 -4.79
N1R RCY G . 3.35 -1.57 -4.50
C1S RCY G . 5.16 -2.89 -5.51
C1U RCY G . 2.45 -0.38 -4.18
C1V RCY G . 4.04 0.25 -2.31
N1V RCY G . 2.05 1.60 -2.99
C1W RCY G . 0.98 0.57 -2.57
C1X RCY G . 3.21 0.75 -3.49
C1Y RCY G . 0.96 0.42 -1.05
C1Z RCY G . -0.38 1.02 -3.10
H1S RCY G . 5.24 -2.26 -6.39
H1U RCY G . 1.99 -0.01 -5.08
C1C RCY H . 2.10 6.41 -0.38
O1G RCY H . 0.88 1.87 0.16
O1H RCY H . 4.65 4.46 -1.01
O1J RCY H . -0.81 5.67 -0.26
C1L RCY H . 2.51 1.72 -1.65
C1M RCY H . 1.49 3.84 2.21
C1P RCY H . 1.86 2.34 -0.41
C1Q RCY H . 3.62 3.79 -1.07
N1R RCY H . 2.59 3.61 0.04
C1S RCY H . 3.15 2.97 -2.26
C1U RCY H . 2.33 4.49 1.26
C1V RCY H . 1.61 6.77 2.10
N1V RCY H . 0.18 5.23 0.72
C1W RCY H . 0.05 4.13 1.77
C1X RCY H . 1.59 5.78 0.92
C1Y RCY H . -0.80 4.61 2.95
C1Z RCY H . -0.59 2.91 1.12
H1S RCY H . 2.90 3.93 -2.69
H1U RCY H . 3.28 4.73 1.72
C1C RCY I . -0.34 6.09 -16.99
O1G RCY I . -0.55 3.63 -15.21
O1H RCY I . -3.59 6.18 -12.66
O1J RCY I . -1.69 8.29 -18.54
C1L RCY I . -1.20 3.59 -12.85
C1M RCY I . -3.57 7.03 -15.45
C1P RCY I . -1.21 4.11 -14.30
C1Q RCY I . -2.59 5.55 -13.02
N1R RCY I . -2.14 5.31 -14.45
C1S RCY I . -1.59 4.87 -12.11
C1U RCY I . -2.52 6.09 -15.72
C1V RCY I . -0.75 7.81 -15.16
N1V RCY I . -2.14 7.83 -17.24
C1W RCY I . -3.48 8.08 -16.56
C1X RCY I . -1.38 6.94 -16.25
C1Y RCY I . -3.52 9.51 -15.97
C1Z RCY I . -4.60 7.91 -17.59
H1S RCY I . -1.24 5.87 -11.91
H1U RCY I . -2.85 5.40 -16.48
C1C RCY J . -6.62 -0.53 2.16
O1G RCY J . -7.91 0.91 1.19
O1H RCY J . -4.19 2.66 -1.14
O1J RCY J . -5.08 -2.26 0.24
C1L RCY J . -7.67 2.11 -0.94
C1M RCY J . -3.40 1.04 1.22
C1P RCY J . -7.18 1.49 0.38
C1Q RCY J . -5.31 2.52 -0.65
N1R RCY J . -5.68 1.66 0.56
C1S RCY J . -6.59 3.17 -1.13
C1U RCY J . -4.76 1.13 1.66
C1V RCY J . -4.39 -0.72 3.36
N1V RCY J . -4.54 -1.08 0.88
C1W RCY J . -3.27 -0.31 0.51
C1X RCY J . -5.10 -0.31 2.07
C1Y RCY J . -2.03 -1.06 1.01
C1Z RCY J . -3.21 -0.14 -1.01
H1S RCY J . -6.19 4.06 -0.69
H1U RCY J . -4.82 1.76 2.53
C1C RCY K . -7.96 -5.02 -6.53
O1G RCY K . -3.75 -4.36 -3.78
O1H RCY K . -7.85 -6.51 -4.70
O1J RCY K . -10.04 -4.67 -4.38
C1L RCY K . -4.56 -6.65 -3.42
C1M RCY K . -6.85 -2.57 -4.00
C1P RCY K . -4.67 -5.19 -3.85
C1Q RCY K . -6.81 -6.15 -4.15
N1R RCY K . -6.06 -4.85 -4.39
C1S RCY K . -6.03 -6.93 -3.10
C1U RCY K . -6.58 -3.55 -5.01
C1V RCY K . -8.28 -2.50 -6.57
N1V RCY K . -8.85 -3.83 -4.52
C1W RCY K . -8.28 -2.85 -3.50
C1X RCY K . -7.92 -3.73 -5.72
C1Y RCY K . -9.10 -1.56 -3.48
C1Z RCY K . -8.26 -3.51 -2.12
H1S RCY K . -6.83 -6.64 -2.43
H1U RCY K . -5.85 -3.17 -5.70
N MET A 1 4.05 6.05 22.97
CA MET A 1 3.92 5.02 24.05
C MET A 1 2.73 5.38 24.95
N ASN A 2 2.52 6.64 25.18
CA ASN A 2 1.37 7.05 26.04
C ASN A 2 1.06 8.54 25.82
N LEU A 3 1.54 9.08 24.73
CA LEU A 3 1.28 10.52 24.44
C LEU A 3 1.01 10.69 22.94
N GLU A 4 1.45 9.75 22.14
CA GLU A 4 1.21 9.85 20.68
C GLU A 4 -0.28 9.73 20.39
N PRO A 5 -0.76 10.33 19.34
CA PRO A 5 -2.20 10.28 18.97
C PRO A 5 -2.83 8.92 19.28
N PRO A 6 -4.02 8.90 19.84
CA PRO A 6 -4.72 7.63 20.20
C PRO A 6 -5.32 6.93 18.97
N LYS A 7 -5.07 5.67 18.81
CA LYS A 7 -5.63 4.93 17.65
C LYS A 7 -7.01 4.38 18.01
N ALA A 8 -7.26 4.21 19.29
CA ALA A 8 -8.59 3.70 19.73
C ALA A 8 -9.01 2.53 18.84
N GLU A 9 -10.04 2.71 18.05
CA GLU A 9 -10.51 1.61 17.15
C GLU A 9 -10.70 2.17 15.74
N CYS A 10 -10.58 3.46 15.58
CA CYS A 10 -10.75 4.06 14.22
C CYS A 10 -9.61 3.62 13.32
N ARG A 11 -9.07 4.52 12.54
CA ARG A 11 -7.94 4.15 11.64
C ARG A 11 -7.38 5.41 10.99
N SER A 12 -8.05 6.53 11.16
CA SER A 12 -7.56 7.79 10.56
C SER A 12 -6.16 8.12 11.11
N ALA A 13 -5.98 9.30 11.61
CA ALA A 13 -4.65 9.68 12.15
C ALA A 13 -3.58 9.50 11.08
N THR A 14 -3.66 10.28 10.03
CA THR A 14 -2.65 10.16 8.93
C THR A 14 -2.20 11.55 8.50
N ARG A 15 -1.54 12.27 9.36
CA ARG A 15 -1.08 13.64 9.00
C ARG A 15 0.14 14.00 9.85
N VAL A 16 0.67 13.04 10.59
CA VAL A 16 1.85 13.33 11.45
C VAL A 16 2.82 12.14 11.39
N MET A 17 2.30 10.94 11.42
CA MET A 17 3.18 9.74 11.37
C MET A 17 2.36 8.50 11.75
N GLY A 18 2.24 8.22 13.02
CA GLY A 18 1.46 7.03 13.45
C GLY A 18 2.17 6.33 14.61
N GLY A 19 2.20 6.95 15.75
CA GLY A 19 2.89 6.33 16.93
C GLY A 19 4.35 6.07 16.56
N PRO A 20 5.07 5.44 17.46
CA PRO A 20 6.51 5.11 17.24
C PRO A 20 6.77 4.54 15.84
N CYS A 21 7.33 5.33 14.97
CA CYS A 21 7.60 4.84 13.59
C CYS A 21 8.98 5.32 13.14
N THR A 22 9.94 4.44 13.10
CA THR A 22 11.31 4.85 12.66
C THR A 22 11.38 4.84 11.13
N PRO A 23 12.00 5.83 10.54
CA PRO A 23 12.13 5.92 9.06
C PRO A 23 12.44 4.55 8.42
N ARG A 24 12.37 4.47 7.12
CA ARG A 24 12.66 3.18 6.43
C ARG A 24 14.17 3.07 6.20
N LYS A 25 14.67 1.88 6.03
CA LYS A 25 16.14 1.70 5.79
C LYS A 25 16.37 1.07 4.43
N GLY A 26 17.57 0.58 4.19
CA GLY A 26 17.87 -0.06 2.88
C GLY A 26 18.03 1.02 1.81
N PRO A 27 18.75 0.72 0.75
CA PRO A 27 18.99 1.68 -0.36
C PRO A 27 17.73 2.50 -0.68
N PRO A 28 17.88 3.77 -0.98
CA PRO A 28 16.72 4.66 -1.31
C PRO A 28 16.17 4.41 -2.72
N LYS A 29 14.88 4.19 -2.82
CA LYS A 29 14.26 3.95 -4.15
C LYS A 29 15.12 3.01 -5.00
N CYS A 30 14.64 2.67 -6.17
CA CYS A 30 15.40 1.75 -7.07
C CYS A 30 14.62 1.59 -8.38
N LYS A 31 13.75 2.51 -8.66
CA LYS A 31 12.92 2.45 -9.92
C LYS A 31 13.62 1.61 -10.98
N GLN A 32 13.39 0.32 -10.97
CA GLN A 32 14.02 -0.56 -11.98
C GLN A 32 13.59 -0.11 -13.38
N ARG A 33 12.35 0.26 -13.52
CA ARG A 33 11.84 0.72 -14.85
C ARG A 33 10.39 1.18 -14.70
N GLN A 34 9.85 1.12 -13.52
CA GLN A 34 8.43 1.54 -13.31
C GLN A 34 8.20 2.88 -14.03
N THR A 35 7.05 3.06 -14.63
CA THR A 35 6.77 4.34 -15.35
C THR A 35 5.28 4.44 -15.69
N ARG A 36 4.44 4.51 -14.70
CA ARG A 36 2.98 4.62 -14.97
C ARG A 36 2.57 3.58 -16.01
N GLN A 37 2.19 2.41 -15.58
CA GLN A 37 1.78 1.36 -16.56
C GLN A 37 1.05 0.22 -15.83
N CYS A 38 -0.17 0.44 -15.43
CA CYS A 38 -0.93 -0.64 -14.72
C CYS A 38 -2.35 -0.15 -14.44
N LYS A 39 -2.57 1.13 -14.43
CA LYS A 39 -3.93 1.66 -14.14
C LYS A 39 -4.95 0.95 -15.03
N SER A 40 -6.20 1.31 -14.91
CA SER A 40 -7.26 0.67 -15.74
C SER A 40 -7.43 -0.79 -15.32
N LYS A 41 -7.74 -1.03 -14.07
CA LYS A 41 -7.93 -2.44 -13.61
C LYS A 41 -9.42 -2.80 -13.70
N PRO A 42 -9.72 -4.07 -13.78
CA PRO A 42 -11.13 -4.56 -13.88
C PRO A 42 -11.93 -4.28 -12.60
N PRO A 43 -13.24 -4.35 -12.68
CA PRO A 43 -14.14 -4.10 -11.52
C PRO A 43 -13.92 -5.10 -10.38
N LYS A 44 -13.71 -4.61 -9.18
CA LYS A 44 -13.49 -5.49 -8.00
C LYS A 44 -12.88 -6.83 -8.42
N LYS A 45 -13.53 -7.91 -8.08
CA LYS A 45 -13.00 -9.25 -8.46
C LYS A 45 -12.57 -9.25 -9.93
N GLY A 46 -11.67 -10.13 -10.30
CA GLY A 46 -11.21 -10.19 -11.71
C GLY A 46 -9.71 -9.92 -11.76
N VAL A 47 -8.91 -10.95 -11.88
CA VAL A 47 -7.43 -10.74 -11.94
C VAL A 47 -6.97 -10.75 -13.40
N GLN A 48 -7.71 -11.40 -14.26
CA GLN A 48 -7.32 -11.45 -15.69
C GLN A 48 -6.07 -12.33 -15.84
N GLY A 49 -4.99 -11.94 -15.23
CA GLY A 49 -3.74 -12.75 -15.33
C GLY A 49 -2.79 -12.34 -14.19
N CYS A 50 -1.83 -13.17 -13.88
CA CYS A 50 -0.88 -12.82 -12.78
C CYS A 50 0.45 -13.56 -13.01
N GLY A 51 0.53 -14.78 -12.61
CA GLY A 51 1.80 -15.54 -12.79
C GLY A 51 2.85 -15.00 -11.81
N ASP A 52 3.90 -14.41 -12.31
CA ASP A 52 4.94 -13.86 -11.40
C ASP A 52 5.76 -12.81 -12.16
N ASP A 53 5.56 -12.69 -13.44
CA ASP A 53 6.32 -11.67 -14.22
C ASP A 53 6.01 -10.29 -13.66
N ILE A 54 6.31 -9.25 -14.40
CA ILE A 54 6.03 -7.87 -13.90
C ILE A 54 5.61 -6.97 -15.06
N PRO A 55 4.36 -7.08 -15.47
CA PRO A 55 3.80 -6.27 -16.58
C PRO A 55 3.26 -4.92 -16.11
N GLY A 56 3.30 -4.67 -14.84
CA GLY A 56 2.78 -3.38 -14.31
C GLY A 56 3.37 -3.11 -12.92
N MET A 57 4.28 -2.19 -12.81
CA MET A 57 4.89 -1.89 -11.47
C MET A 57 4.43 -0.52 -10.98
N GLU A 58 4.24 0.42 -11.87
CA GLU A 58 3.79 1.78 -11.44
C GLU A 58 4.79 2.34 -10.43
N GLY A 59 4.73 3.62 -10.18
CA GLY A 59 5.66 4.24 -9.20
C GLY A 59 4.91 4.53 -7.90
N CYS A 60 5.48 5.32 -7.03
CA CYS A 60 4.79 5.63 -5.74
C CYS A 60 4.63 7.15 -5.62
N GLY A 61 5.49 7.80 -4.88
CA GLY A 61 5.38 9.27 -4.71
C GLY A 61 4.11 9.60 -3.92
N THR A 62 2.97 9.18 -4.42
CA THR A 62 1.70 9.45 -3.72
C THR A 62 1.21 8.17 -3.03
N ASP A 63 1.26 8.13 -1.74
CA ASP A 63 0.80 6.92 -1.00
C ASP A 63 -0.72 6.77 -1.13
N ILE A 64 -1.25 7.06 -2.30
CA ILE A 64 -2.71 6.95 -2.51
C ILE A 64 -2.96 6.52 -3.96
N THR A 65 -2.03 6.80 -4.82
CA THR A 65 -2.15 6.44 -6.25
C THR A 65 -3.59 6.67 -6.72
N VAL A 66 -4.29 7.54 -6.05
CA VAL A 66 -5.71 7.81 -6.43
C VAL A 66 -6.56 6.56 -6.19
N ILE A 67 -6.01 5.41 -6.45
CA ILE A 67 -6.77 4.14 -6.22
C ILE A 67 -5.85 3.14 -5.53
N CYS A 68 -5.85 3.12 -4.23
CA CYS A 68 -4.98 2.17 -3.49
C CYS A 68 -5.84 1.09 -2.82
N PRO A 69 -5.27 -0.05 -2.52
CA PRO A 69 -5.98 -1.19 -1.90
C PRO A 69 -7.22 -0.78 -1.09
N TRP A 70 -7.08 0.06 -0.11
CA TRP A 70 -8.26 0.47 0.69
C TRP A 70 -9.23 1.27 -0.20
N GLU A 71 -9.08 1.18 -1.49
CA GLU A 71 -9.98 1.92 -2.42
C GLU A 71 -10.12 1.13 -3.71
N ALA A 72 -9.10 0.42 -4.10
CA ALA A 72 -9.17 -0.38 -5.36
C ALA A 72 -9.99 -1.65 -5.13
N CYS A 73 -9.49 -2.76 -5.60
CA CYS A 73 -10.23 -4.04 -5.44
C CYS A 73 -10.65 -4.23 -3.98
N ASN A 74 -9.97 -3.59 -3.06
CA ASN A 74 -10.34 -3.74 -1.63
C ASN A 74 -10.41 -5.23 -1.28
N HIS A 75 -11.56 -5.70 -0.88
CA HIS A 75 -11.69 -7.15 -0.53
C HIS A 75 -10.52 -7.59 0.35
N CYS A 76 -9.46 -8.05 -0.25
CA CYS A 76 -8.28 -8.50 0.54
C CYS A 76 -8.76 -9.39 1.70
N GLU A 77 -9.50 -10.41 1.40
CA GLU A 77 -10.00 -11.31 2.48
C GLU A 77 -8.85 -12.13 3.04
N LEU A 78 -8.54 -13.25 2.42
CA LEU A 78 -7.43 -14.10 2.91
C LEU A 78 -7.12 -15.17 1.88
N HIS A 79 -5.91 -15.68 1.88
CA HIS A 79 -5.54 -16.73 0.89
C HIS A 79 -4.77 -17.85 1.61
N GLU A 80 -3.52 -17.63 1.91
CA GLU A 80 -2.73 -18.68 2.61
C GLU A 80 -1.74 -18.00 3.57
N LEU A 81 -0.71 -17.38 3.04
CA LEU A 81 0.27 -16.71 3.94
C LEU A 81 -0.37 -15.45 4.52
N ALA A 82 -1.36 -14.92 3.86
CA ALA A 82 -2.03 -13.69 4.37
C ALA A 82 -2.80 -14.03 5.65
N GLN A 83 -2.34 -15.00 6.39
CA GLN A 83 -3.04 -15.36 7.66
C GLN A 83 -3.40 -14.09 8.42
N TYR A 84 -2.46 -13.18 8.54
CA TYR A 84 -2.74 -11.91 9.26
C TYR A 84 -1.52 -10.98 9.17
N GLY A 85 -0.70 -11.17 8.17
CA GLY A 85 0.49 -10.28 8.03
C GLY A 85 0.04 -8.90 7.56
N ILE A 86 -1.04 -8.41 8.12
CA ILE A 86 -1.56 -7.07 7.72
C ILE A 86 -0.43 -6.15 7.27
N CYS A 87 -0.36 -5.86 6.01
CA CYS A 87 0.72 -4.97 5.50
C CYS A 87 0.54 -3.57 6.11
C1C RCY B . -6.94 7.52 9.48
O1G RCY B . -8.09 9.92 14.17
O1H RCY B . -9.50 7.02 10.73
O1J RCY B . -4.46 9.13 8.84
C1L RCY B . -9.78 8.17 14.06
C1M RCY B . -6.57 10.40 11.79
C1P RCY B . -8.68 9.08 13.50
C1Q RCY B . -9.50 7.78 11.69
N1R RCY B . -8.42 8.82 12.02
C1S RCY B . -10.56 7.88 12.77
C1U RCY B . -7.38 9.42 11.10
C1V RCY B . -5.78 7.56 11.74
N1V RCY B . -5.28 9.32 10.03
C1W RCY B . -5.27 10.51 11.00
C1X RCY B . -6.36 8.40 10.60
C1Y RCY B . -4.06 10.42 11.93
C1Z RCY B . -5.21 11.81 10.19
H1S RCY B . -11.14 8.37 12.00
H1U RCY B . -7.85 9.90 10.25
C1C RCY C . 0.96 6.88 14.15
O1G RCY C . 1.25 4.81 9.29
O1H RCY C . 3.70 6.02 13.15
O1J RCY C . -1.67 8.31 13.80
C1L RCY C . 3.33 3.99 10.29
C1M RCY C . 0.03 7.07 10.59
C1P RCY C . 2.11 4.91 10.17
C1Q RCY C . 3.40 5.69 12.01
N1R RCY C . 2.07 5.95 11.30
C1S RCY C . 4.29 4.93 11.04
C1U RCY C . 1.00 6.98 11.63
C1V RCY C . -0.33 5.17 12.80
N1V RCY C . -0.97 7.60 12.73
C1W RCY C . -1.23 7.67 11.23
C1X RCY C . 0.19 6.61 12.87
C1Y RCY C . -2.47 6.85 10.86
C1Z RCY C . -1.42 9.14 10.83
H1S RCY C . 4.81 5.87 10.93
H1U RCY C . 1.47 7.95 11.77
C1C RCY D . 8.55 1.40 -6.51
O1G RCY D . 10.46 0.89 -9.97
O1H RCY D . 12.31 1.68 -5.70
O1J RCY D . 9.96 2.35 -4.02
C1L RCY D . 12.19 -0.25 -8.66
C1M RCY D . 10.81 4.23 -7.25
C1P RCY D . 11.14 0.84 -8.95
C1Q RCY D . 12.19 1.40 -6.89
N1R RCY D . 11.06 1.86 -7.81
C1S RCY D . 13.11 0.53 -7.72
C1U RCY D . 10.10 3.05 -7.64
C1V RCY D . 7.98 3.87 -6.55
N1V RCY D . 9.99 3.06 -5.31
C1W RCY D . 10.95 4.18 -5.73
C1X RCY D . 9.10 2.83 -6.51
C1Y RCY D . 10.52 5.51 -5.10
C1Z RCY D . 12.37 3.81 -5.30
H1S RCY D . 13.78 1.38 -7.68
H1U RCY D . 9.59 3.22 -8.57
C1C RCY E . -1.75 -6.17 -8.21
O1G RCY E . 2.74 -4.38 -10.26
O1H RCY E . -1.94 -4.56 -10.85
O1J RCY E . -0.55 -8.41 -6.60
C1L RCY E . 1.13 -2.88 -11.34
C1M RCY E . 1.71 -6.90 -9.31
C1P RCY E . 1.58 -4.15 -10.61
C1Q RCY E . -0.73 -4.38 -11.04
N1R RCY E . 0.41 -5.09 -10.33
C1S RCY E . -0.12 -3.42 -12.04
C1U RCY E . 0.37 -6.41 -9.55
C1V RCY E . 0.39 -5.08 -7.39
N1V RCY E . 0.20 -7.57 -7.54
C1W RCY E . 1.59 -7.84 -8.10
C1X RCY E . -0.23 -6.26 -8.16
C1Y RCY E . 2.67 -7.51 -7.05
C1Z RCY E . 1.70 -9.30 -8.53
H1S RCY E . -0.44 -4.14 -12.78
H1U RCY E . -0.18 -7.15 -10.12
C1C RCY F . -1.74 -8.06 -6.88
O1G RCY F . 1.17 -11.16 -7.62
O1H RCY F . -1.92 -9.14 -10.56
O1J RCY F . 0.15 -9.26 -4.87
C1L RCY F . -0.49 -12.06 -9.18
C1M RCY F . 1.71 -8.21 -8.20
C1P RCY F . 0.27 -10.95 -8.43
C1Q RCY F . -1.40 -9.89 -9.74
N1R RCY F . -0.24 -9.56 -8.81
C1S RCY F . -1.80 -11.33 -9.45
C1U RCY F . 0.29 -8.19 -8.39
C1V RCY F . 0.04 -6.26 -6.76
N1V RCY F . 0.57 -8.62 -6.10
C1W RCY F . 1.94 -8.70 -6.77
C1X RCY F . -0.26 -7.75 -7.03
C1Y RCY F . 2.93 -7.78 -6.04
C1Z RCY F . 2.44 -10.14 -6.74
H1S RCY F . -2.65 -10.87 -8.95
H1U RCY F . 0.04 -7.46 -9.14
C1C RCY G . 3.43 0.24 -4.16
O1G RCY G . 8.63 -0.13 -3.86
O1H RCY G . 5.21 3.11 -3.62
O1J RCY G . 2.28 -1.23 -1.79
C1L RCY G . 8.49 2.22 -4.54
C1M RCY G . 5.96 -0.19 -1.48
C1P RCY G . 7.96 0.90 -3.97
C1Q RCY G . 6.14 2.43 -4.00
N1R RCY G . 6.49 1.02 -3.55
C1S RCY G . 7.18 2.84 -5.04
C1U RCY G . 5.60 -0.01 -2.86
C1V RCY G . 3.98 1.84 -2.27
N1V RCY G . 3.59 -0.58 -1.79
C1W RCY G . 4.72 -0.75 -0.79
C1X RCY G . 4.13 0.42 -2.80
C1Y RCY G . 4.42 0.03 0.50
C1Z RCY G . 4.90 -2.24 -0.48
H1S RCY G . 6.38 2.68 -5.75
H1U RCY G . 5.67 -0.96 -3.38
C1C RCY H . -3.42 -1.79 -5.15
O1G RCY H . 0.87 0.14 -2.76
O1H RCY H . -3.76 0.91 -3.25
O1J RCY H . -3.85 -4.56 -4.04
C1L RCY H . -0.49 2.17 -2.79
C1M RCY H . -1.58 -2.25 -1.98
C1P RCY H . -0.23 0.65 -2.89
C1Q RCY H . -2.54 1.01 -3.35
N1R RCY H . -1.52 -0.12 -3.17
C1S RCY H . -1.76 2.28 -3.64
C1U RCY H . -1.75 -1.63 -3.25
C1V RCY H . -4.21 -1.25 -2.80
N1V RCY H . -3.18 -3.47 -3.31
C1W RCY H . -2.34 -3.58 -2.04
C1X RCY H . -3.17 -1.99 -3.65
C1Y RCY H . -3.24 -3.75 -0.81
C1Z RCY H . -1.38 -4.76 -2.17
H1S RCY H . -2.11 2.13 -4.65
H1U RCY H . -1.06 -2.06 -3.96
C1C RCY I . -6.25 -3.42 -3.79
O1G RCY I . -5.95 -1.30 -8.45
O1H RCY I . -7.19 -4.71 -5.43
O1J RCY I . -4.67 -5.92 -4.37
C1L RCY I . -7.75 -2.96 -8.44
C1M RCY I . -3.58 -2.78 -6.27
C1P RCY I . -6.49 -2.27 -7.90
C1Q RCY I . -6.95 -4.09 -6.46
N1R RCY I . -6.00 -2.90 -6.60
C1S RCY I . -7.55 -4.35 -7.82
C1U RCY I . -4.86 -2.48 -5.69
C1V RCY I . -3.88 -2.61 -3.35
N1V RCY I . -4.30 -4.59 -4.84
C1W RCY I . -3.27 -4.23 -5.91
C1X RCY I . -4.84 -3.24 -4.37
C1Y RCY I . -1.85 -4.36 -5.35
C1Z RCY I . -3.46 -5.16 -7.11
H1S RCY I . -6.89 -5.21 -7.84
H1U RCY I . -4.93 -1.42 -5.49
C1C RCY J . -3.68 -4.96 3.76
O1G RCY J . -7.93 -2.34 2.52
O1H RCY J . -4.51 -5.48 1.70
O1J RCY J . -1.94 -3.94 1.53
C1L RCY J . -7.80 -4.35 1.14
C1M RCY J . -4.53 -1.46 2.88
C1P RCY J . -7.26 -3.27 2.09
C1Q RCY J . -5.45 -4.71 1.56
N1R RCY J . -5.79 -3.52 2.43
C1S RCY J . -6.50 -4.77 0.46
C1U RCY J . -4.88 -2.75 3.40
C1V RCY J . -2.77 -2.83 4.79
N1V RCY J . -2.84 -3.10 2.30
C1W RCY J . -3.31 -1.68 1.98
C1X RCY J . -3.54 -3.45 3.62
C1Y RCY J . -2.20 -0.67 2.31
C1Z RCY J . -3.69 -1.61 0.50
H1S RCY J . -5.72 -4.40 -0.18
H1U RCY J . -5.39 -2.63 4.35
C1C RCY K . -1.14 -7.23 -1.44
O1G RCY K . 2.35 -5.86 -0.84
O1H RCY K . -1.03 -3.41 1.37
O1J RCY K . -1.94 -6.77 -4.30
C1L RCY K . 2.18 -4.85 1.39
C1M RCY K . -0.20 -3.83 -2.56
C1P RCY K . 1.71 -5.20 -0.03
C1Q RCY K . 0.06 -3.80 0.96
N1R RCY K . 0.32 -4.60 -0.30
C1S RCY K . 1.40 -3.56 1.64
C1U RCY K . -0.57 -4.77 -1.54
C1V RCY K . 1.06 -6.48 -2.44
N1V RCY K . -1.11 -5.85 -3.53
C1W RCY K . -0.74 -4.41 -3.89
C1X RCY K . -0.41 -6.13 -2.21
C1Y RCY K . 0.35 -4.39 -4.96
C1Z RCY K . -1.98 -3.68 -4.36
H1S RCY K . 1.30 -2.56 1.27
H1U RCY K . -1.60 -4.61 -1.26
N MET A 1 19.81 4.55 4.72
CA MET A 1 20.68 4.78 5.91
C MET A 1 20.98 6.28 6.04
N ASN A 2 22.15 6.62 6.49
CA ASN A 2 22.50 8.06 6.64
C ASN A 2 21.45 8.76 7.51
N LEU A 3 21.79 9.05 8.74
CA LEU A 3 20.81 9.72 9.64
C LEU A 3 20.16 10.90 8.91
N GLU A 4 19.04 10.66 8.27
CA GLU A 4 18.34 11.75 7.55
C GLU A 4 17.45 12.51 8.55
N PRO A 5 17.06 13.72 8.22
CA PRO A 5 16.20 14.54 9.10
C PRO A 5 15.16 13.69 9.86
N PRO A 6 15.22 13.68 11.17
CA PRO A 6 14.28 12.86 11.99
C PRO A 6 12.88 13.51 12.10
N LYS A 7 11.85 12.72 12.06
CA LYS A 7 10.48 13.27 12.15
C LYS A 7 9.59 12.27 12.91
N ALA A 8 10.15 11.16 13.30
CA ALA A 8 9.35 10.14 14.04
C ALA A 8 8.15 9.70 13.19
N GLU A 9 8.24 8.55 12.59
CA GLU A 9 7.11 8.06 11.75
C GLU A 9 5.97 7.59 12.65
N CYS A 10 6.09 7.83 13.94
CA CYS A 10 5.03 7.40 14.89
C CYS A 10 4.52 8.60 15.67
N ARG A 11 4.65 8.58 16.97
CA ARG A 11 4.17 9.73 17.80
C ARG A 11 2.78 10.16 17.32
N SER A 12 2.72 11.11 16.42
CA SER A 12 1.40 11.57 15.92
C SER A 12 1.06 10.83 14.62
N ALA A 13 0.03 11.26 13.94
CA ALA A 13 -0.36 10.58 12.66
C ALA A 13 -0.81 9.16 12.96
N THR A 14 -0.64 8.72 14.18
CA THR A 14 -1.07 7.33 14.54
C THR A 14 -1.05 7.16 16.06
N ARG A 15 -1.55 8.13 16.78
CA ARG A 15 -1.55 8.03 18.27
C ARG A 15 -2.77 7.23 18.72
N VAL A 16 -3.87 7.37 18.03
CA VAL A 16 -5.10 6.61 18.42
C VAL A 16 -6.15 6.75 17.32
N MET A 17 -5.72 7.03 16.11
CA MET A 17 -6.69 7.17 14.98
C MET A 17 -7.74 8.23 15.33
N GLY A 18 -8.37 8.81 14.34
CA GLY A 18 -9.40 9.85 14.61
C GLY A 18 -10.79 9.20 14.54
N GLY A 19 -11.63 9.50 15.50
CA GLY A 19 -13.00 8.91 15.48
C GLY A 19 -13.66 9.18 14.12
N PRO A 20 -13.83 10.43 13.79
CA PRO A 20 -14.47 10.83 12.50
C PRO A 20 -13.88 10.09 11.30
N CYS A 21 -14.71 9.57 10.43
CA CYS A 21 -14.19 8.83 9.25
C CYS A 21 -15.00 9.22 8.01
N THR A 22 -14.49 10.16 7.24
CA THR A 22 -15.22 10.60 6.01
C THR A 22 -15.45 9.41 5.07
N PRO A 23 -16.68 8.95 4.94
CA PRO A 23 -17.01 7.80 4.04
C PRO A 23 -16.76 8.14 2.57
N ARG A 24 -15.88 7.43 1.93
CA ARG A 24 -15.59 7.71 0.49
C ARG A 24 -16.91 7.59 -0.31
N LYS A 25 -16.82 7.49 -1.60
CA LYS A 25 -18.06 7.38 -2.43
C LYS A 25 -18.98 6.32 -1.82
N GLY A 26 -18.91 5.11 -2.31
CA GLY A 26 -19.79 4.03 -1.75
C GLY A 26 -20.10 3.01 -2.84
N PRO A 27 -20.88 3.39 -3.82
CA PRO A 27 -21.26 2.48 -4.95
C PRO A 27 -20.04 1.89 -5.66
N PRO A 28 -20.25 0.89 -6.46
CA PRO A 28 -19.15 0.22 -7.21
C PRO A 28 -18.10 1.21 -7.72
N LYS A 29 -16.90 0.76 -7.95
CA LYS A 29 -15.84 1.67 -8.44
C LYS A 29 -14.80 0.88 -9.25
N CYS A 30 -14.43 1.36 -10.40
CA CYS A 30 -13.43 0.63 -11.23
C CYS A 30 -13.97 -0.74 -11.60
N LYS A 31 -13.91 -1.09 -12.87
CA LYS A 31 -14.45 -2.40 -13.31
C LYS A 31 -13.48 -3.02 -14.33
N GLN A 32 -12.90 -2.21 -15.15
CA GLN A 32 -11.95 -2.74 -16.17
C GLN A 32 -10.65 -3.19 -15.47
N ARG A 33 -10.72 -3.49 -14.21
CA ARG A 33 -9.50 -3.94 -13.48
C ARG A 33 -8.34 -3.00 -13.83
N GLN A 34 -8.62 -1.76 -14.06
CA GLN A 34 -7.53 -0.80 -14.40
C GLN A 34 -6.39 -0.94 -13.38
N THR A 35 -5.47 -1.82 -13.62
CA THR A 35 -4.34 -2.01 -12.67
C THR A 35 -3.26 -2.88 -13.33
N ARG A 36 -3.60 -3.55 -14.39
CA ARG A 36 -2.60 -4.40 -15.09
C ARG A 36 -1.52 -3.50 -15.71
N GLN A 37 -0.76 -2.83 -14.89
CA GLN A 37 0.31 -1.95 -15.43
C GLN A 37 1.15 -1.40 -14.27
N CYS A 38 2.26 -2.01 -13.99
CA CYS A 38 3.12 -1.52 -12.88
C CYS A 38 4.47 -2.24 -12.91
N LYS A 39 5.45 -1.72 -12.22
CA LYS A 39 6.80 -2.36 -12.21
C LYS A 39 7.25 -2.60 -10.77
N SER A 40 8.14 -1.78 -10.27
CA SER A 40 8.62 -1.96 -8.88
C SER A 40 9.01 -3.42 -8.66
N LYS A 41 9.97 -3.90 -9.41
CA LYS A 41 10.41 -5.32 -9.28
C LYS A 41 10.40 -5.73 -7.79
N PRO A 42 9.38 -6.44 -7.37
CA PRO A 42 9.25 -6.90 -5.96
C PRO A 42 10.01 -8.21 -5.71
N PRO A 43 10.25 -8.54 -4.46
CA PRO A 43 10.95 -9.79 -4.09
C PRO A 43 10.46 -10.99 -4.91
N LYS A 44 11.17 -12.08 -4.87
CA LYS A 44 10.76 -13.30 -5.64
C LYS A 44 9.25 -13.29 -5.90
N LYS A 45 8.84 -13.77 -7.05
CA LYS A 45 7.39 -13.80 -7.42
C LYS A 45 7.05 -12.59 -8.29
N GLY A 46 6.10 -12.72 -9.17
CA GLY A 46 5.73 -11.58 -10.05
C GLY A 46 4.82 -12.07 -11.17
N VAL A 47 5.00 -13.28 -11.61
CA VAL A 47 4.13 -13.80 -12.71
C VAL A 47 2.66 -13.57 -12.35
N GLN A 48 1.92 -12.91 -13.21
CA GLN A 48 0.49 -12.65 -12.92
C GLN A 48 -0.19 -12.07 -14.15
N GLY A 49 0.13 -10.85 -14.48
CA GLY A 49 -0.50 -10.21 -15.68
C GLY A 49 -0.51 -8.69 -15.49
N CYS A 50 0.56 -8.03 -15.83
CA CYS A 50 0.63 -6.55 -15.67
C CYS A 50 0.94 -5.90 -17.02
N GLY A 51 1.46 -4.71 -17.00
CA GLY A 51 1.80 -4.00 -18.28
C GLY A 51 3.27 -3.59 -18.27
N ASP A 52 3.79 -3.29 -17.11
CA ASP A 52 5.23 -2.87 -17.01
C ASP A 52 5.39 -1.43 -17.52
N ASP A 53 5.47 -0.49 -16.63
CA ASP A 53 5.64 0.93 -17.04
C ASP A 53 6.08 1.76 -15.83
N ILE A 54 5.45 2.88 -15.60
CA ILE A 54 5.84 3.72 -14.43
C ILE A 54 4.61 4.48 -13.92
N PRO A 55 3.77 3.82 -13.17
CA PRO A 55 2.54 4.45 -12.59
C PRO A 55 2.89 5.51 -11.54
N GLY A 56 3.64 5.13 -10.54
CA GLY A 56 4.03 6.10 -9.48
C GLY A 56 5.47 5.83 -9.05
N MET A 57 6.20 5.11 -9.87
CA MET A 57 7.63 4.79 -9.54
C MET A 57 7.69 3.90 -8.29
N GLU A 58 7.04 4.30 -7.23
CA GLU A 58 7.07 3.47 -5.99
C GLU A 58 5.70 3.54 -5.29
N GLY A 59 4.97 4.59 -5.50
CA GLY A 59 3.63 4.71 -4.86
C GLY A 59 3.10 6.13 -5.00
N CYS A 60 3.61 6.87 -5.96
CA CYS A 60 3.13 8.27 -6.16
C CYS A 60 3.46 9.10 -4.91
N GLY A 61 4.22 8.55 -4.00
CA GLY A 61 4.57 9.31 -2.78
C GLY A 61 4.42 8.40 -1.55
N THR A 62 4.90 7.20 -1.62
CA THR A 62 4.78 6.28 -0.47
C THR A 62 5.22 7.02 0.79
N ASP A 63 4.47 6.90 1.85
CA ASP A 63 4.84 7.61 3.11
C ASP A 63 6.31 7.34 3.42
N ILE A 64 6.73 6.10 3.45
CA ILE A 64 8.16 5.83 3.76
C ILE A 64 8.98 6.10 2.49
N THR A 65 8.33 6.27 1.38
CA THR A 65 9.03 6.53 0.09
C THR A 65 9.26 5.21 -0.64
N VAL A 66 9.20 4.11 0.06
CA VAL A 66 9.40 2.80 -0.61
C VAL A 66 8.56 1.73 0.09
N ILE A 67 8.64 1.64 1.39
CA ILE A 67 7.83 0.60 2.12
C ILE A 67 7.16 1.22 3.35
N CYS A 68 5.97 1.72 3.19
CA CYS A 68 5.23 2.31 4.36
C CYS A 68 4.92 1.20 5.37
N PRO A 69 4.67 1.56 6.60
CA PRO A 69 4.36 0.57 7.67
C PRO A 69 3.37 -0.51 7.21
N TRP A 70 2.40 -0.13 6.43
CA TRP A 70 1.40 -1.14 5.96
C TRP A 70 2.06 -2.08 4.94
N GLU A 71 3.36 -2.04 4.86
CA GLU A 71 4.07 -2.94 3.89
C GLU A 71 5.37 -3.43 4.54
N ALA A 72 5.73 -2.90 5.67
CA ALA A 72 6.98 -3.33 6.34
C ALA A 72 6.82 -4.78 6.83
N CYS A 73 5.61 -5.29 6.84
CA CYS A 73 5.40 -6.68 7.30
C CYS A 73 5.76 -7.65 6.17
N ASN A 74 5.67 -7.21 4.94
CA ASN A 74 6.00 -8.09 3.79
C ASN A 74 5.43 -9.50 4.04
N HIS A 75 4.46 -9.61 4.89
CA HIS A 75 3.85 -10.94 5.18
C HIS A 75 2.48 -11.03 4.51
N CYS A 76 2.42 -11.61 3.34
CA CYS A 76 1.12 -11.73 2.62
C CYS A 76 0.54 -13.14 2.85
N GLU A 77 -0.43 -13.25 3.71
CA GLU A 77 -1.03 -14.58 3.98
C GLU A 77 -1.68 -15.11 2.69
N LEU A 78 -1.70 -16.40 2.52
CA LEU A 78 -2.32 -16.97 1.29
C LEU A 78 -3.72 -16.38 1.11
N HIS A 79 -4.46 -16.25 2.18
CA HIS A 79 -5.84 -15.67 2.07
C HIS A 79 -6.62 -16.01 3.35
N GLU A 80 -5.93 -16.27 4.43
CA GLU A 80 -6.63 -16.60 5.70
C GLU A 80 -7.09 -15.32 6.39
N LEU A 81 -6.30 -14.28 6.31
CA LEU A 81 -6.70 -13.00 6.96
C LEU A 81 -7.92 -12.41 6.27
N ALA A 82 -8.56 -13.17 5.41
CA ALA A 82 -9.76 -12.65 4.69
C ALA A 82 -10.91 -12.45 5.68
N GLN A 83 -10.62 -12.03 6.88
CA GLN A 83 -11.70 -11.81 7.88
C GLN A 83 -12.68 -10.76 7.33
N TYR A 84 -12.19 -9.78 6.62
CA TYR A 84 -13.09 -8.73 6.06
C TYR A 84 -12.30 -7.83 5.12
N GLY A 85 -11.02 -8.03 5.01
CA GLY A 85 -10.20 -7.18 4.10
C GLY A 85 -10.54 -7.54 2.65
N ILE A 86 -11.09 -8.70 2.43
CA ILE A 86 -11.46 -9.12 1.06
C ILE A 86 -10.29 -8.89 0.10
N CYS A 87 -10.20 -7.73 -0.48
CA CYS A 87 -9.09 -7.45 -1.43
C CYS A 87 -7.75 -7.75 -0.74
C1C RCY B . -0.04 2.69 13.39
O1G RCY B . 2.09 1.97 14.48
O1H RCY B . 1.35 5.59 17.42
O1J RCY B . 0.31 0.00 14.69
C1L RCY B . 3.59 3.55 15.60
C1M RCY B . -0.88 2.82 16.99
C1P RCY B . 2.23 2.95 15.20
C1Q RCY B . 1.78 4.88 16.51
N1R RCY B . 1.07 3.73 15.83
C1S RCY B . 3.16 5.00 15.88
C1U RCY B . -0.43 3.44 15.78
C1V RCY B . -2.31 2.37 14.46
N1V RCY B . -0.32 1.15 15.34
C1W RCY B . -0.63 1.31 16.83
C1X RCY B . -0.80 2.42 14.69
C1Y RCY B . -1.87 0.51 17.21
C1Z RCY B . 0.58 0.86 17.65
H1S RCY B . 2.75 5.87 15.38
H1U RCY B . -0.98 4.36 15.61
C1C RCY C . -7.95 6.70 7.45
O1G RCY C . -10.75 11.06 7.89
O1H RCY C . -10.05 6.39 7.80
O1J RCY C . -9.05 6.03 4.73
C1L RCY C . -12.06 9.16 8.70
C1M RCY C . -8.69 9.76 5.53
C1P RCY C . -10.88 9.84 8.00
C1Q RCY C . -10.57 7.51 7.75
N1R RCY C . -9.88 8.83 7.45
C1S RCY C . -12.04 7.81 7.97
C1U RCY C . -8.53 9.06 6.77
C1V RCY C . -6.37 8.00 5.96
N1V RCY C . -8.66 7.37 5.15
C1W RCY C . -8.99 8.70 4.47
C1X RCY C . -7.83 7.77 6.37
C1Y RCY C . -8.09 8.91 3.24
C1Z RCY C . -10.46 8.72 4.06
H1S RCY C . -12.18 7.37 6.99
H1U RCY C . -7.89 9.63 7.42
C1C RCY D . -5.02 1.32 -8.83
O1G RCY D . -7.47 -0.19 -7.89
O1H RCY D . -9.81 2.14 -11.27
O1J RCY D . -3.27 2.31 -11.05
C1L RCY D . -9.81 0.49 -8.15
C1M RCY D . -6.98 1.89 -11.92
C1P RCY D . -8.33 0.39 -8.54
C1Q RCY D . -9.42 1.75 -10.17
N1R RCY D . -8.06 1.13 -9.86
C1S RCY D . -10.21 1.78 -8.87
C1U RCY D . -6.76 1.22 -10.66
C1V RCY D . -6.26 3.42 -9.52
N1V RCY D . -4.72 2.27 -11.12
C1W RCY D . -5.61 2.41 -12.36
C1X RCY D . -5.70 2.08 -9.97
C1Y RCY D . -5.70 3.88 -12.78
C1Z RCY D . -5.02 1.56 -13.49
H1S RCY D . -9.99 2.83 -8.89
H1U RCY D . -6.38 0.23 -10.84
C1C RCY E . -1.89 -1.17 -5.92
O1G RCY E . 0.09 1.39 -7.32
O1H RCY E . 0.63 -2.23 -10.30
O1J RCY E . -4.45 -2.60 -6.57
C1L RCY E . 1.99 0.56 -8.63
C1M RCY E . -2.22 -1.73 -9.57
C1P RCY E . 0.55 0.54 -8.09
C1Q RCY E . 0.83 -1.40 -9.42
N1R RCY E . -0.24 -0.64 -8.64
C1S RCY E . 2.18 -0.94 -8.91
C1U RCY E . -1.72 -0.99 -8.45
C1V RCY E . -1.02 -3.13 -7.28
N1V RCY E . -3.38 -2.35 -7.54
C1W RCY E . -3.47 -2.48 -9.06
C1X RCY E . -1.95 -1.92 -7.26
C1Y RCY E . -3.41 -3.95 -9.47
C1Z RCY E . -4.75 -1.83 -9.55
H1S RCY E . 2.21 -1.90 -8.41
H1U RCY E . -2.29 -0.09 -8.32
C1C RCY F . -0.14 -5.15 -8.38
O1G RCY F . 4.29 -5.83 -9.72
O1H RCY F . 0.54 -3.33 -11.14
O1J RCY F . 1.48 -7.41 -7.23
C1L RCY F . 3.21 -5.51 -11.89
C1M RCY F . 3.32 -4.07 -7.61
C1P RCY F . 3.38 -5.34 -10.38
C1Q RCY F . 1.37 -4.23 -11.00
N1R RCY F . 2.27 -4.47 -9.79
C1S RCY F . 1.70 -5.31 -12.01
C1U RCY F . 2.09 -3.96 -8.36
C1V RCY F . 0.71 -4.09 -6.24
N1V RCY F . 1.93 -6.02 -7.27
C1W RCY F . 3.35 -5.49 -7.05
C1X RCY F . 1.09 -4.78 -7.55
C1Y RCY F . 3.68 -5.48 -5.56
C1Z RCY F . 4.33 -6.37 -7.81
H1S RCY F . 0.75 -5.74 -11.71
H1U RCY F . 1.77 -2.92 -8.38
C1C RCY G . -2.09 2.27 -8.29
O1G RCY G . -3.90 7.26 -6.75
O1H RCY G . -0.40 4.44 -8.18
O1J RCY G . -4.69 1.07 -9.18
C1L RCY G . -1.50 7.61 -7.08
C1M RCY G . -4.86 4.71 -8.00
C1P RCY G . -2.81 6.80 -7.04
C1Q RCY G . -1.05 5.29 -7.58
N1R RCY G . -2.57 5.33 -7.42
C1S RCY G . -0.49 6.48 -6.84
C1U RCY G . -3.58 4.20 -7.60
C1V RCY G . -2.85 3.97 -10.02
N1V RCY G . -4.51 2.49 -8.88
C1W RCY G . -5.59 3.54 -8.68
C1X RCY G . -3.20 3.24 -8.72
C1Y RCY G . -6.19 3.97 -10.02
C1Z RCY G . -6.68 2.97 -7.76
H1S RCY G . -0.19 5.76 -6.09
H1U RCY G . -3.68 3.66 -6.67
C1C RCY H . -0.42 5.82 -0.45
O1G RCY H . -0.42 0.93 2.07
O1H RCY H . 1.89 4.79 0.64
O1J RCY H . -3.39 6.04 -0.93
C1L RCY H . 1.83 1.78 2.48
C1M RCY H . -2.18 2.75 0.65
C1P RCY H . 0.43 1.79 1.85
C1Q RCY H . 1.61 3.63 0.94
N1R RCY H . 0.24 2.98 0.93
C1S RCY H . 2.60 2.57 1.43
C1U RCY H . -1.01 3.43 0.18
C1V RCY H . -1.33 5.29 1.87
N1V RCY H . -2.76 4.96 -0.16
C1W RCY H . -3.38 3.64 0.27
C1X RCY H . -1.34 4.91 0.38
C1Y RCY H . -4.31 3.84 1.47
C1Z RCY H . -4.14 3.04 -0.91
H1S RCY H . 2.90 2.53 0.39
H1U RCY H . -0.89 3.24 -0.88
C1C RCY I . -0.05 -4.38 1.58
O1G RCY I . -0.34 -5.56 3.39
O1H RCY I . 4.13 -4.66 4.61
O1J RCY I . 0.87 -1.56 2.09
C1L RCY I . 0.82 -5.48 5.54
C1M RCY I . 3.64 -4.18 1.74
C1P RCY I . 0.71 -5.41 4.01
C1Q RCY I . 3.01 -5.16 4.56
N1R RCY I . 2.07 -5.14 3.36
C1S RCY I . 2.29 -5.89 5.68
C1U RCY I . 2.40 -4.90 1.89
C1V RCY I . 1.57 -4.04 -0.34
N1V RCY I . 1.76 -2.66 1.74
C1W RCY I . 3.28 -2.70 1.85
C1X RCY I . 1.38 -4.02 1.18
C1Y RCY I . 3.92 -1.91 0.70
C1Z RCY I . 3.71 -2.12 3.20
H1S RCY I . 2.97 -6.70 5.45
H1U RCY I . 2.48 -5.85 1.39
C1C RCY J . 3.31 -5.86 0.49
O1G RCY J . 5.65 -7.77 0.20
O1H RCY J . 2.11 -9.91 2.47
O1J RCY J . 0.44 -6.51 1.10
C1L RCY J . 4.58 -9.96 -0.05
C1M RCY J . 2.97 -7.39 3.84
C1P RCY J . 4.81 -8.58 0.59
C1Q RCY J . 3.17 -9.70 1.90
N1R RCY J . 3.89 -8.36 1.78
C1S RCY J . 4.02 -10.72 1.16
C1U RCY J . 3.72 -7.10 2.65
C1V RCY J . 3.01 -4.67 2.71
N1V RCY J . 1.51 -6.58 2.08
C1W RCY J . 1.49 -7.26 3.44
C1X RCY J . 2.92 -6.00 1.96
C1Y RCY J . 0.74 -6.39 4.46
C1Z RCY J . 0.83 -8.63 3.31
H1S RCY J . 4.28 -11.05 2.15
H1U RCY J . 4.69 -6.72 2.93
C1C RCY K . -3.19 -2.65 -0.92
O1G RCY K . -4.36 -7.76 -1.13
O1H RCY K . -6.02 -3.50 0.04
O1J RCY K . -0.19 -2.97 -0.79
C1L RCY K . -6.60 -6.79 -1.10
C1M RCY K . -2.24 -6.12 -0.03
C1P RCY K . -5.08 -6.80 -0.88
C1Q RCY K . -5.89 -4.71 -0.08
N1R RCY K . -4.60 -5.48 -0.30
C1S RCY K . -7.01 -5.74 -0.06
C1U RCY K . -3.16 -5.02 -0.02
C1V RCY K . -2.83 -4.61 -2.49
N1V RCY K . -1.14 -4.08 -0.73
C1W RCY K . -0.86 -5.52 -0.29
C1X RCY K . -2.61 -4.07 -1.08
C1Y RCY K . -0.14 -6.29 -1.42
C1Z RCY K . -0.01 -5.51 0.97
H1S RCY K . -7.02 -5.56 1.01
H1U RCY K . -3.12 -4.53 0.95
N MET A 1 -9.07 17.48 -2.95
CA MET A 1 -8.49 18.18 -1.77
C MET A 1 -9.50 18.21 -0.63
N ASN A 2 -9.10 18.66 0.53
CA ASN A 2 -10.05 18.72 1.67
C ASN A 2 -11.28 19.53 1.29
N LEU A 3 -12.44 18.94 1.32
CA LEU A 3 -13.67 19.69 0.95
C LEU A 3 -14.89 18.93 1.49
N GLU A 4 -14.84 17.63 1.52
CA GLU A 4 -16.00 16.85 2.03
C GLU A 4 -15.99 16.85 3.56
N PRO A 5 -17.13 17.03 4.19
CA PRO A 5 -17.24 17.05 5.68
C PRO A 5 -16.33 16.00 6.34
N PRO A 6 -15.21 16.41 6.88
CA PRO A 6 -14.25 15.49 7.56
C PRO A 6 -14.63 15.24 9.03
N LYS A 7 -14.44 14.05 9.51
CA LYS A 7 -14.78 13.75 10.93
C LYS A 7 -14.15 12.42 11.35
N ALA A 8 -14.94 11.38 11.44
CA ALA A 8 -14.40 10.06 11.85
C ALA A 8 -14.07 10.07 13.34
N GLU A 9 -13.13 9.28 13.77
CA GLU A 9 -12.77 9.24 15.22
C GLU A 9 -11.27 9.01 15.37
N CYS A 10 -10.56 8.87 14.28
CA CYS A 10 -9.09 8.65 14.36
C CYS A 10 -8.38 9.52 13.32
N ARG A 11 -9.01 9.76 12.20
CA ARG A 11 -8.38 10.61 11.16
C ARG A 11 -9.47 11.48 10.50
N SER A 12 -9.40 12.77 10.70
CA SER A 12 -10.44 13.67 10.09
C SER A 12 -9.87 14.33 8.83
N ALA A 13 -8.66 14.81 8.90
CA ALA A 13 -8.05 15.46 7.70
C ALA A 13 -6.61 15.86 8.02
N THR A 14 -5.86 16.23 7.02
CA THR A 14 -4.44 16.63 7.26
C THR A 14 -3.68 15.43 7.83
N ARG A 15 -2.53 15.13 7.27
CA ARG A 15 -1.73 13.98 7.77
C ARG A 15 -0.95 14.41 9.02
N VAL A 16 -0.21 13.51 9.62
CA VAL A 16 0.57 13.88 10.82
C VAL A 16 1.87 13.07 10.87
N MET A 17 1.79 11.78 10.63
CA MET A 17 3.03 10.94 10.66
C MET A 17 3.81 11.24 11.94
N GLY A 18 5.04 10.83 12.01
CA GLY A 18 5.84 11.10 13.24
C GLY A 18 6.84 9.96 13.47
N GLY A 19 8.09 10.29 13.69
CA GLY A 19 9.11 9.22 13.93
C GLY A 19 8.91 8.09 12.91
N PRO A 20 9.17 8.36 11.67
CA PRO A 20 9.03 7.36 10.57
C PRO A 20 9.67 6.01 10.92
N CYS A 21 8.95 5.16 11.59
CA CYS A 21 9.53 3.83 11.96
C CYS A 21 9.74 3.00 10.69
N THR A 22 10.92 3.03 10.14
CA THR A 22 11.19 2.24 8.91
C THR A 22 12.65 1.74 8.93
N PRO A 23 13.04 0.93 7.98
CA PRO A 23 14.42 0.38 7.91
C PRO A 23 15.47 1.36 7.34
N ARG A 24 15.11 2.22 6.42
CA ARG A 24 16.15 3.15 5.85
C ARG A 24 15.55 4.50 5.43
N LYS A 25 14.25 4.66 5.47
CA LYS A 25 13.66 5.98 5.06
C LYS A 25 14.09 6.29 3.63
N GLY A 26 13.46 7.26 3.03
CA GLY A 26 13.81 7.64 1.63
C GLY A 26 12.98 8.86 1.21
N PRO A 27 13.57 9.82 0.55
CA PRO A 27 12.85 11.05 0.11
C PRO A 27 11.54 10.72 -0.64
N PRO A 28 10.41 11.19 -0.16
CA PRO A 28 9.10 10.93 -0.81
C PRO A 28 9.15 11.21 -2.31
N LYS A 29 8.66 10.30 -3.11
CA LYS A 29 8.70 10.53 -4.59
C LYS A 29 7.60 9.69 -5.26
N CYS A 30 7.93 9.05 -6.35
CA CYS A 30 6.90 8.22 -7.05
C CYS A 30 5.61 9.04 -7.21
N LYS A 31 4.55 8.42 -7.65
CA LYS A 31 3.26 9.15 -7.81
C LYS A 31 2.22 8.55 -6.87
N GLN A 32 1.60 9.36 -6.06
CA GLN A 32 0.57 8.84 -5.11
C GLN A 32 -0.63 9.80 -5.08
N ARG A 33 -1.51 9.67 -6.04
CA ARG A 33 -2.69 10.57 -6.07
C ARG A 33 -3.73 10.07 -5.06
N GLN A 34 -4.88 9.67 -5.53
CA GLN A 34 -5.95 9.16 -4.61
C GLN A 34 -6.24 7.70 -4.93
N THR A 35 -5.23 6.88 -5.01
CA THR A 35 -5.45 5.44 -5.34
C THR A 35 -6.28 5.33 -6.62
N ARG A 36 -6.58 6.43 -7.24
CA ARG A 36 -7.39 6.41 -8.50
C ARG A 36 -8.54 5.41 -8.35
N GLN A 37 -9.25 5.47 -7.25
CA GLN A 37 -10.39 4.53 -7.05
C GLN A 37 -9.91 3.09 -7.23
N CYS A 38 -10.72 2.13 -6.88
CA CYS A 38 -10.31 0.71 -7.03
C CYS A 38 -11.52 -0.20 -6.84
N LYS A 39 -11.73 -1.13 -7.73
CA LYS A 39 -12.90 -2.04 -7.58
C LYS A 39 -12.95 -2.59 -6.15
N SER A 40 -14.02 -2.39 -5.46
CA SER A 40 -14.12 -2.90 -4.06
C SER A 40 -14.29 -4.41 -4.09
N LYS A 41 -15.34 -4.91 -4.69
CA LYS A 41 -15.55 -6.38 -4.74
C LYS A 41 -14.26 -7.06 -5.22
N PRO A 42 -14.05 -8.30 -4.85
CA PRO A 42 -12.83 -9.06 -5.25
C PRO A 42 -12.89 -9.49 -6.73
N PRO A 43 -11.76 -9.80 -7.30
CA PRO A 43 -11.67 -10.24 -8.72
C PRO A 43 -12.24 -11.65 -8.92
N LYS A 44 -12.58 -11.99 -10.14
CA LYS A 44 -13.14 -13.35 -10.40
C LYS A 44 -12.22 -14.40 -9.77
N LYS A 45 -11.17 -14.78 -10.45
CA LYS A 45 -10.24 -15.81 -9.89
C LYS A 45 -8.85 -15.21 -9.75
N GLY A 46 -8.71 -13.93 -10.01
CA GLY A 46 -7.37 -13.28 -9.88
C GLY A 46 -6.58 -13.50 -11.18
N VAL A 47 -6.55 -14.71 -11.67
CA VAL A 47 -5.81 -14.99 -12.92
C VAL A 47 -4.38 -14.45 -12.80
N GLN A 48 -3.58 -14.63 -13.81
CA GLN A 48 -2.18 -14.11 -13.76
C GLN A 48 -1.48 -14.69 -12.52
N GLY A 49 -1.19 -13.86 -11.55
CA GLY A 49 -0.52 -14.36 -10.33
C GLY A 49 0.94 -14.68 -10.63
N CYS A 50 1.76 -13.68 -10.79
CA CYS A 50 3.20 -13.92 -11.08
C CYS A 50 3.75 -14.98 -10.13
N GLY A 51 3.81 -14.67 -8.85
CA GLY A 51 4.34 -15.66 -7.87
C GLY A 51 5.32 -14.96 -6.92
N ASP A 52 5.81 -15.65 -5.94
CA ASP A 52 6.77 -15.02 -4.98
C ASP A 52 7.85 -14.28 -5.78
N ASP A 53 8.19 -14.77 -6.93
CA ASP A 53 9.23 -14.10 -7.76
C ASP A 53 10.47 -13.83 -6.91
N ILE A 54 10.81 -12.60 -6.72
CA ILE A 54 12.02 -12.27 -5.90
C ILE A 54 11.70 -12.51 -4.41
N PRO A 55 12.65 -13.02 -3.67
CA PRO A 55 12.45 -13.31 -2.21
C PRO A 55 12.47 -12.02 -1.37
N GLY A 56 11.46 -11.20 -1.49
CA GLY A 56 11.42 -9.94 -0.70
C GLY A 56 12.75 -9.19 -0.87
N MET A 57 12.93 -8.55 -1.99
CA MET A 57 14.20 -7.80 -2.22
C MET A 57 13.91 -6.28 -2.23
N GLU A 58 12.70 -5.91 -1.93
CA GLU A 58 12.36 -4.46 -1.90
C GLU A 58 12.73 -3.83 -3.25
N GLY A 59 12.27 -2.63 -3.50
CA GLY A 59 12.60 -1.95 -4.79
C GLY A 59 12.11 -0.50 -4.75
N CYS A 60 11.72 0.02 -5.87
CA CYS A 60 11.23 1.43 -5.90
C CYS A 60 12.27 2.36 -5.28
N GLY A 61 12.28 2.48 -3.97
CA GLY A 61 13.29 3.36 -3.31
C GLY A 61 12.85 3.65 -1.87
N THR A 62 11.74 4.32 -1.71
CA THR A 62 11.25 4.64 -0.33
C THR A 62 10.95 3.34 0.43
N ASP A 63 11.74 3.04 1.42
CA ASP A 63 11.51 1.79 2.20
C ASP A 63 10.25 1.94 3.05
N ILE A 64 9.19 2.47 2.48
CA ILE A 64 7.93 2.63 3.25
C ILE A 64 6.86 3.31 2.39
N THR A 65 7.06 4.56 2.11
CA THR A 65 6.08 5.33 1.28
C THR A 65 5.46 4.42 0.21
N VAL A 66 6.27 3.66 -0.46
CA VAL A 66 5.73 2.75 -1.53
C VAL A 66 6.02 1.30 -1.15
N ILE A 67 7.16 1.05 -0.57
CA ILE A 67 7.51 -0.34 -0.15
C ILE A 67 7.90 -0.30 1.32
N CYS A 68 7.12 -0.92 2.17
CA CYS A 68 7.43 -0.91 3.62
C CYS A 68 7.68 -2.33 4.11
N PRO A 69 8.40 -2.48 5.20
CA PRO A 69 8.74 -3.81 5.78
C PRO A 69 7.60 -4.82 5.62
N TRP A 70 6.37 -4.38 5.71
CA TRP A 70 5.23 -5.32 5.55
C TRP A 70 5.27 -5.93 4.15
N GLU A 71 6.24 -5.56 3.37
CA GLU A 71 6.34 -6.13 1.99
C GLU A 71 7.15 -7.42 2.02
N ALA A 72 8.30 -7.40 2.64
CA ALA A 72 9.13 -8.63 2.72
C ALA A 72 8.50 -9.60 3.72
N CYS A 73 7.22 -9.86 3.58
CA CYS A 73 6.54 -10.78 4.52
C CYS A 73 7.35 -12.07 4.65
N ASN A 74 8.34 -12.24 3.81
CA ASN A 74 9.19 -13.47 3.89
C ASN A 74 8.35 -14.69 3.49
N HIS A 75 7.10 -14.70 3.85
CA HIS A 75 6.22 -15.84 3.49
C HIS A 75 5.23 -15.39 2.40
N CYS A 76 5.71 -14.76 1.37
CA CYS A 76 4.81 -14.30 0.28
C CYS A 76 3.89 -15.45 -0.14
N GLU A 77 2.78 -15.62 0.52
CA GLU A 77 1.85 -16.72 0.15
C GLU A 77 1.16 -16.39 -1.18
N LEU A 78 0.63 -17.37 -1.85
CA LEU A 78 -0.04 -17.11 -3.15
C LEU A 78 -1.25 -16.21 -2.92
N HIS A 79 -2.39 -16.59 -3.45
CA HIS A 79 -3.61 -15.76 -3.28
C HIS A 79 -4.84 -16.67 -3.19
N GLU A 80 -4.71 -17.79 -2.53
CA GLU A 80 -5.86 -18.73 -2.40
C GLU A 80 -6.65 -18.38 -1.14
N LEU A 81 -6.11 -17.54 -0.30
CA LEU A 81 -6.83 -17.16 0.95
C LEU A 81 -7.50 -15.79 0.75
N ALA A 82 -7.66 -15.36 -0.47
CA ALA A 82 -8.31 -14.05 -0.72
C ALA A 82 -9.73 -14.09 -0.15
N GLN A 83 -10.64 -13.32 -0.71
CA GLN A 83 -12.04 -13.33 -0.21
C GLN A 83 -12.04 -13.10 1.30
N TYR A 84 -10.99 -12.53 1.84
CA TYR A 84 -10.95 -12.28 3.31
C TYR A 84 -10.03 -11.10 3.61
N GLY A 85 -8.77 -11.21 3.28
CA GLY A 85 -7.81 -10.09 3.57
C GLY A 85 -6.91 -9.86 2.37
N ILE A 86 -6.19 -10.88 1.94
CA ILE A 86 -5.28 -10.71 0.77
C ILE A 86 -6.07 -10.13 -0.41
N CYS A 87 -6.23 -8.85 -0.47
CA CYS A 87 -6.99 -8.23 -1.59
C CYS A 87 -6.33 -8.61 -2.92
C1C RCY B . -13.69 8.49 12.81
O1G RCY B . -11.95 10.52 16.38
O1H RCY B . -12.22 6.13 14.66
O1J RCY B . -14.30 5.56 13.18
C1L RCY B . -10.29 8.75 16.01
C1M RCY B . -15.03 7.81 16.20
C1P RCY B . -11.69 9.37 16.02
C1Q RCY B . -11.93 7.11 15.35
N1R RCY B . -12.75 8.38 15.53
C1S RCY B . -10.65 7.27 16.16
C1U RCY B . -14.25 8.58 15.29
C1V RCY B . -16.11 8.59 13.57
N1V RCY B . -14.69 6.59 14.13
C1W RCY B . -15.18 6.42 15.57
C1X RCY B . -14.69 8.11 13.90
C1Y RCY B . -16.64 5.96 15.58
C1Z RCY B . -14.28 5.39 16.27
H1S RCY B . -11.12 6.57 16.84
H1U RCY B . -14.48 9.63 15.40
C1C RCY C . 6.85 8.74 9.55
O1G RCY C . 7.63 5.79 7.83
O1H RCY C . 4.71 5.18 11.50
O1J RCY C . 7.70 8.21 6.71
C1L RCY C . 7.63 4.24 9.73
C1M RCY C . 4.31 6.76 7.75
C1P RCY C . 7.10 5.42 8.88
C1Q RCY C . 5.73 5.27 10.81
N1R RCY C . 5.87 6.04 9.50
C1S RCY C . 7.08 4.65 11.11
C1U RCY C . 4.97 7.16 8.96
C1V RCY C . 4.84 9.59 8.27
N1V RCY C . 6.37 7.92 7.24
C1W RCY C . 5.29 7.05 6.60
C1X RCY C . 5.76 8.40 8.54
C1Y RCY C . 4.59 7.79 5.47
C1Z RCY C . 5.93 5.76 6.08
H1S RCY C . 7.16 5.43 11.85
H1U RCY C . 4.23 7.43 9.69
C1C RCY D . 11.16 9.91 -11.11
O1G RCY D . 8.62 8.60 -10.96
O1H RCY D . 9.35 7.77 -6.37
O1J RCY D . 13.50 11.46 -10.02
C1L RCY D . 7.66 7.00 -9.38
C1M RCY D . 11.24 9.78 -7.42
C1P RCY D . 8.61 8.13 -9.83
C1Q RCY D . 9.15 7.61 -7.57
N1R RCY D . 9.52 8.58 -8.69
C1S RCY D . 8.49 6.41 -8.23
C1U RCY D . 10.53 9.72 -8.67
C1V RCY D . 12.26 8.16 -9.64
N1V RCY D . 12.64 10.59 -9.20
C1W RCY D . 12.54 10.53 -7.68
C1X RCY D . 11.64 9.55 -9.70
C1Y RCY D . 13.74 9.75 -7.11
C1Z RCY D . 12.50 11.94 -7.13
H1S RCY D . 9.42 5.92 -8.02
H1U RCY D . 10.03 10.67 -8.83
C1C RCY E . -4.46 -2.89 -9.08
O1G RCY E . -4.84 -3.44 -3.74
O1H RCY E . -6.71 -1.67 -7.70
O1J RCY E . -1.64 -3.92 -9.36
C1L RCY E . -7.09 -2.69 -4.34
C1M RCY E . -2.84 -3.26 -5.78
C1P RCY E . -5.59 -2.94 -4.57
C1Q RCY E . -6.43 -1.87 -6.52
N1R RCY E . -5.16 -2.51 -5.97
C1S RCY E . -7.32 -1.54 -5.33
C1U RCY E . -3.79 -2.65 -6.65
C1V RCY E . -4.53 -4.90 -7.54
N1V RCY E . -2.35 -3.79 -8.08
C1W RCY E . -1.75 -3.85 -6.68
C1X RCY E . -3.84 -3.58 -7.86
C1Y RCY E . -1.45 -5.30 -6.28
C1Z RCY E . -0.48 -3.01 -6.64
H1S RCY E . -7.03 -0.52 -5.52
H1U RCY E . -3.44 -1.67 -6.95
C1C RCY F . 0.04 -11.77 -6.11
O1G RCY F . -0.57 -9.64 -9.05
O1H RCY F . 3.85 -11.33 -9.06
O1J RCY F . 0.20 -10.15 -3.57
C1L RCY F . 0.91 -10.51 -10.82
C1M RCY F . 2.11 -8.73 -6.57
C1P RCY F . 0.54 -10.09 -9.39
C1Q RCY F . 2.82 -10.73 -9.37
N1R RCY F . 1.71 -10.28 -8.43
C1S RCY F . 2.41 -10.31 -10.77
C1U RCY F . 1.76 -10.08 -6.91
C1V RCY F . -0.70 -9.49 -6.94
N1V RCY F . 0.69 -9.69 -4.87
C1W RCY F . 1.61 -8.49 -5.15
C1X RCY F . 0.41 -10.28 -6.24
C1Y RCY F . 0.83 -7.18 -5.06
C1Z RCY F . 2.76 -8.51 -4.14
H1S RCY F . 3.17 -9.54 -10.64
H1U RCY F . 2.48 -10.76 -6.48
C1C RCY G . 4.98 1.02 -1.97
O1G RCY G . 6.03 -1.78 -5.00
O1H RCY G . 6.02 2.94 -4.81
O1J RCY G . 4.43 3.87 -2.77
C1L RCY G . 7.70 -0.08 -5.53
C1M RCY G . 3.02 1.18 -5.11
C1P RCY G . 6.33 -0.58 -5.08
C1Q RCY G . 6.20 1.78 -5.17
N1R RCY G . 5.37 0.57 -4.78
C1S RCY G . 7.30 1.30 -6.09
C1U RCY G . 3.94 0.52 -4.24
C1V RCY G . 2.45 0.98 -2.24
N1V RCY G . 3.82 2.72 -3.41
C1W RCY G . 3.07 2.66 -4.74
C1X RCY G . 3.79 1.27 -2.91
C1Y RCY G . 1.65 3.22 -4.57
C1Z RCY G . 3.84 3.47 -5.79
H1S RCY G . 6.71 1.76 -6.87
H1U RCY G . 3.64 -0.51 -4.10
C1C RCY H . -1.23 -0.46 3.19
O1G RCY H . 1.48 -0.65 6.60
O1H RCY H . 2.53 1.97 2.82
O1J RCY H . -3.38 1.64 2.99
C1L RCY H . 3.54 -0.29 5.34
C1M RCY H . -0.13 2.72 4.72
C1P RCY H . 2.05 -0.12 5.65
C1Q RCY H . 2.48 1.05 3.63
N1R RCY H . 1.36 0.78 4.63
C1S RCY H . 3.52 -0.03 3.82
C1U RCY H . -0.09 1.30 4.60
C1V RCY H . 0.04 1.43 2.08
N1V RCY H . -2.02 1.91 3.43
C1W RCY H . -1.48 3.15 4.14
C1X RCY H . -0.80 1.00 3.28
C1Y RCY H . -1.31 4.30 3.14
C1Z RCY H . -2.46 3.54 5.25
H1S RCY H . 3.12 -0.44 2.90
H1U RCY H . -0.64 0.85 5.42
C1C RCY I . 3.07 -8.16 -2.96
O1G RCY I . 3.94 -9.97 -1.21
O1H RCY I . 2.85 -7.29 2.51
O1J RCY I . 2.73 -5.35 -3.99
C1L RCY I . 4.12 -10.31 1.20
C1M RCY I . 2.96 -5.73 -0.18
C1P RCY I . 3.81 -9.52 -0.08
C1Q RCY I . 3.42 -8.06 1.75
N1R RCY I . 3.29 -8.12 0.24
C1S RCY I . 4.41 -9.14 2.15
C1U RCY I . 2.76 -7.05 -0.71
C1V RCY I . 5.03 -7.00 -1.84
N1V RCY I . 3.03 -5.68 -2.60
C1W RCY I . 2.93 -4.77 -1.38
C1X RCY I . 3.51 -7.02 -2.04
C1Y RCY I . 4.13 -3.82 -1.33
C1Z RCY I . 1.63 -3.99 -1.43
H1S RCY I . 5.09 -8.32 2.31
H1U RCY I . 1.71 -7.20 -0.89
C1C RCY J . 1.87 -7.42 -1.33
O1G RCY J . 0.67 -12.26 -0.82
O1H RCY J . 4.42 -9.61 0.28
O1J RCY J . 0.39 -5.72 0.67
C1L RCY J . 3.08 -12.66 -0.90
C1M RCY J . 0.86 -9.41 1.62
C1P RCY J . 1.81 -11.84 -0.66
C1Q RCY J . 3.66 -10.40 -0.29
N1R RCY J . 2.14 -10.42 -0.20
C1S RCY J . 4.07 -11.54 -1.21
C1U RCY J . 1.20 -9.29 0.23
C1V RCY J . 3.22 -7.86 0.78
N1V RCY J . 0.84 -7.09 0.93
C1W RCY J . 0.41 -8.01 2.07
C1X RCY J . 1.83 -7.91 0.12
C1Y RCY J . 1.11 -7.61 3.37
C1Z RCY J . -1.11 -7.94 2.23
H1S RCY J . 4.26 -10.75 -1.93
H1U RCY J . 0.30 -9.32 -0.36
C1C RCY K . -2.33 -1.91 0.34
O1G RCY K . -4.59 -1.96 1.58
O1H RCY K . -5.48 -5.02 -1.90
O1J RCY K . -1.04 -4.28 -0.99
C1L RCY K . -5.80 -4.09 1.50
C1M RCY K . -3.99 -2.71 -2.88
C1P RCY K . -5.01 -2.91 0.91
C1Q RCY K . -5.60 -4.31 -0.91
N1R RCY K . -4.80 -3.05 -0.60
C1S RCY K . -6.57 -4.53 0.25
C1U RCY K . -4.01 -2.17 -1.55
C1V RCY K . -1.82 -0.96 -1.95
N1V RCY K . -2.04 -3.43 -1.63
C1W RCY K . -2.83 -3.71 -2.91
C1X RCY K . -2.53 -2.07 -1.17
C1Y RCY K . -1.95 -3.48 -4.15
C1Z RCY K . -3.33 -5.16 -2.87
H1S RCY K . -7.31 -4.17 -0.45
H1U RCY K . -4.44 -1.17 -1.57
N MET A 1 7.41 -7.51 26.54
CA MET A 1 6.15 -6.84 26.12
C MET A 1 5.78 -7.30 24.71
N ASN A 2 5.97 -6.46 23.73
CA ASN A 2 5.63 -6.84 22.34
C ASN A 2 6.14 -5.77 21.37
N LEU A 3 6.96 -4.87 21.85
CA LEU A 3 7.50 -3.80 20.96
C LEU A 3 6.34 -3.11 20.24
N GLU A 4 5.91 -1.98 20.72
CA GLU A 4 4.77 -1.27 20.06
C GLU A 4 5.31 -0.52 18.82
N PRO A 5 4.46 -0.29 17.85
CA PRO A 5 4.84 0.43 16.60
C PRO A 5 5.81 1.59 16.87
N PRO A 6 6.89 1.67 16.14
CA PRO A 6 7.90 2.75 16.32
C PRO A 6 7.44 4.07 15.66
N LYS A 7 7.64 5.18 16.31
CA LYS A 7 7.23 6.48 15.71
C LYS A 7 8.28 6.94 14.70
N ALA A 8 9.06 7.93 15.04
CA ALA A 8 10.10 8.43 14.10
C ALA A 8 9.42 9.12 12.91
N GLU A 9 10.00 10.19 12.43
CA GLU A 9 9.40 10.90 11.28
C GLU A 9 9.78 10.19 9.97
N CYS A 10 11.05 10.02 9.73
CA CYS A 10 11.50 9.33 8.48
C CYS A 10 12.10 7.98 8.83
N ARG A 11 13.34 7.96 9.27
CA ARG A 11 13.97 6.67 9.63
C ARG A 11 15.27 6.94 10.41
N SER A 12 15.29 8.00 11.18
CA SER A 12 16.51 8.32 11.97
C SER A 12 17.70 8.53 11.02
N ALA A 13 17.48 8.38 9.74
CA ALA A 13 18.60 8.59 8.77
C ALA A 13 18.02 8.75 7.36
N THR A 14 18.81 9.24 6.45
CA THR A 14 18.31 9.44 5.05
C THR A 14 18.65 8.21 4.21
N ARG A 15 18.75 7.06 4.83
CA ARG A 15 19.08 5.82 4.06
C ARG A 15 17.81 5.00 3.85
N VAL A 16 16.97 5.41 2.94
CA VAL A 16 15.71 4.66 2.68
C VAL A 16 15.66 4.24 1.21
N MET A 17 16.15 5.06 0.33
CA MET A 17 16.14 4.72 -1.12
C MET A 17 17.37 3.88 -1.45
N GLY A 18 18.29 3.75 -0.53
CA GLY A 18 19.51 2.95 -0.80
C GLY A 18 20.13 3.39 -2.13
N GLY A 19 21.14 2.70 -2.59
CA GLY A 19 21.78 3.09 -3.88
C GLY A 19 21.36 2.11 -4.98
N PRO A 20 22.07 1.02 -5.14
CA PRO A 20 21.75 0.00 -6.17
C PRO A 20 20.24 -0.27 -6.28
N CYS A 21 19.51 0.04 -5.26
CA CYS A 21 18.03 -0.20 -5.31
C CYS A 21 17.40 0.72 -6.35
N THR A 22 16.95 0.17 -7.45
CA THR A 22 16.31 1.00 -8.51
C THR A 22 15.15 0.21 -9.13
N PRO A 23 14.09 0.90 -9.50
CA PRO A 23 12.90 0.24 -10.12
C PRO A 23 13.30 -0.89 -11.08
N ARG A 24 12.47 -1.90 -11.18
CA ARG A 24 12.80 -3.03 -12.09
C ARG A 24 12.44 -2.65 -13.53
N LYS A 25 13.30 -1.94 -14.20
CA LYS A 25 13.01 -1.54 -15.60
C LYS A 25 12.53 -2.75 -16.39
N GLY A 26 11.24 -2.89 -16.56
CA GLY A 26 10.70 -4.06 -17.31
C GLY A 26 9.37 -3.67 -17.95
N PRO A 27 8.75 -4.58 -18.66
CA PRO A 27 7.45 -4.32 -19.34
C PRO A 27 6.48 -3.55 -18.43
N PRO A 28 5.40 -3.08 -18.98
CA PRO A 28 4.38 -2.30 -18.22
C PRO A 28 4.21 -2.80 -16.78
N LYS A 29 4.27 -1.92 -15.82
CA LYS A 29 4.11 -2.35 -14.40
C LYS A 29 3.78 -1.14 -13.53
N CYS A 30 4.22 0.03 -13.92
CA CYS A 30 3.93 1.25 -13.10
C CYS A 30 3.81 2.46 -14.03
N LYS A 31 4.57 2.47 -15.10
CA LYS A 31 4.53 3.60 -16.08
C LYS A 31 4.12 4.91 -15.40
N GLN A 32 4.51 5.09 -14.16
CA GLN A 32 4.18 6.34 -13.41
C GLN A 32 2.85 6.94 -13.91
N ARG A 33 1.76 6.64 -13.23
CA ARG A 33 0.44 7.20 -13.66
C ARG A 33 -0.66 6.67 -12.74
N GLN A 34 -1.47 7.54 -12.20
CA GLN A 34 -2.57 7.09 -11.30
C GLN A 34 -3.63 6.38 -12.14
N THR A 35 -3.87 5.13 -11.88
CA THR A 35 -4.89 4.38 -12.66
C THR A 35 -6.23 5.13 -12.62
N ARG A 36 -6.60 5.66 -11.50
CA ARG A 36 -7.90 6.39 -11.42
C ARG A 36 -9.01 5.50 -11.96
N GLN A 37 -8.71 4.25 -12.22
CA GLN A 37 -9.74 3.32 -12.75
C GLN A 37 -9.94 2.16 -11.76
N CYS A 38 -9.77 0.94 -12.20
CA CYS A 38 -9.96 -0.21 -11.27
C CYS A 38 -11.31 -0.06 -10.55
N LYS A 39 -12.11 0.89 -10.94
CA LYS A 39 -13.42 1.08 -10.25
C LYS A 39 -14.51 0.27 -10.95
N SER A 40 -14.44 -1.03 -10.89
CA SER A 40 -15.49 -1.87 -11.53
C SER A 40 -16.71 -1.88 -10.63
N LYS A 41 -16.52 -2.16 -9.36
CA LYS A 41 -17.66 -2.19 -8.40
C LYS A 41 -17.20 -1.60 -7.06
N PRO A 42 -18.07 -0.94 -6.35
CA PRO A 42 -17.72 -0.33 -5.03
C PRO A 42 -17.48 -1.40 -3.96
N PRO A 43 -16.67 -1.09 -2.97
CA PRO A 43 -16.34 -2.04 -1.87
C PRO A 43 -17.49 -2.20 -0.87
N LYS A 44 -17.96 -3.40 -0.67
CA LYS A 44 -19.08 -3.61 0.30
C LYS A 44 -18.50 -3.74 1.70
N LYS A 45 -17.59 -4.66 1.90
CA LYS A 45 -16.97 -4.84 3.25
C LYS A 45 -15.66 -5.60 3.12
N GLY A 46 -15.53 -6.41 2.10
CA GLY A 46 -14.27 -7.18 1.92
C GLY A 46 -14.08 -8.12 3.11
N VAL A 47 -15.14 -8.43 3.81
CA VAL A 47 -15.04 -9.34 5.00
C VAL A 47 -13.65 -9.29 5.60
N GLN A 48 -13.33 -8.21 6.24
CA GLN A 48 -11.98 -8.08 6.87
C GLN A 48 -10.89 -8.55 5.91
N GLY A 49 -10.57 -9.82 5.92
CA GLY A 49 -9.51 -10.33 5.00
C GLY A 49 -10.08 -10.57 3.60
N CYS A 50 -11.36 -10.36 3.42
CA CYS A 50 -11.96 -10.58 2.07
C CYS A 50 -11.60 -11.97 1.56
N GLY A 51 -10.66 -12.05 0.66
CA GLY A 51 -10.25 -13.38 0.13
C GLY A 51 -9.49 -13.19 -1.19
N ASP A 52 -9.76 -14.02 -2.16
CA ASP A 52 -9.05 -13.88 -3.48
C ASP A 52 -9.67 -14.86 -4.48
N ASP A 53 -10.29 -14.35 -5.51
CA ASP A 53 -10.92 -15.26 -6.52
C ASP A 53 -11.38 -14.43 -7.73
N ILE A 54 -11.81 -13.22 -7.50
CA ILE A 54 -12.26 -12.38 -8.64
C ILE A 54 -11.10 -12.17 -9.63
N PRO A 55 -11.30 -12.48 -10.89
CA PRO A 55 -10.23 -12.32 -11.91
C PRO A 55 -10.07 -10.84 -12.32
N GLY A 56 -9.06 -10.18 -11.80
CA GLY A 56 -8.85 -8.74 -12.14
C GLY A 56 -8.57 -7.96 -10.87
N MET A 57 -9.00 -8.47 -9.74
CA MET A 57 -8.76 -7.75 -8.47
C MET A 57 -9.32 -6.33 -8.55
N GLU A 58 -10.21 -6.10 -9.48
CA GLU A 58 -10.80 -4.75 -9.64
C GLU A 58 -11.81 -4.52 -8.51
N GLY A 59 -12.12 -3.29 -8.23
CA GLY A 59 -13.10 -2.98 -7.15
C GLY A 59 -12.58 -1.82 -6.30
N CYS A 60 -12.21 -0.73 -6.91
CA CYS A 60 -11.71 0.43 -6.12
C CYS A 60 -12.11 1.74 -6.82
N GLY A 61 -11.18 2.66 -6.93
CA GLY A 61 -11.50 3.96 -7.59
C GLY A 61 -10.74 5.08 -6.88
N THR A 62 -9.84 5.74 -7.57
CA THR A 62 -9.05 6.84 -6.95
C THR A 62 -8.70 6.50 -5.50
N ASP A 63 -8.68 5.24 -5.17
CA ASP A 63 -8.33 4.85 -3.78
C ASP A 63 -6.86 5.19 -3.53
N ILE A 64 -6.57 6.44 -3.32
CA ILE A 64 -5.17 6.86 -3.09
C ILE A 64 -5.15 8.35 -2.71
N THR A 65 -6.28 8.98 -2.85
CA THR A 65 -6.40 10.42 -2.51
C THR A 65 -7.79 10.62 -1.92
N VAL A 66 -8.74 9.89 -2.41
CA VAL A 66 -10.13 9.99 -1.89
C VAL A 66 -10.32 8.88 -0.85
N ILE A 67 -9.85 7.71 -1.13
CA ILE A 67 -9.97 6.58 -0.15
C ILE A 67 -8.64 5.86 -0.04
N CYS A 68 -7.83 6.25 0.89
CA CYS A 68 -6.53 5.56 1.07
C CYS A 68 -6.71 4.41 2.08
N PRO A 69 -6.60 3.18 1.62
CA PRO A 69 -6.78 1.99 2.51
C PRO A 69 -6.10 2.14 3.88
N TRP A 70 -5.46 3.24 4.13
CA TRP A 70 -4.79 3.42 5.44
C TRP A 70 -5.85 3.65 6.52
N GLU A 71 -7.10 3.77 6.12
CA GLU A 71 -8.17 3.98 7.14
C GLU A 71 -9.48 3.36 6.63
N ALA A 72 -9.49 2.90 5.41
CA ALA A 72 -10.74 2.29 4.86
C ALA A 72 -10.89 0.87 5.40
N CYS A 73 -10.11 -0.06 4.90
CA CYS A 73 -10.22 -1.47 5.38
C CYS A 73 -9.98 -1.50 6.89
N ASN A 74 -8.75 -1.43 7.31
CA ASN A 74 -8.43 -1.45 8.77
C ASN A 74 -7.36 -0.41 9.07
N HIS A 75 -7.72 0.61 9.80
CA HIS A 75 -6.73 1.68 10.13
C HIS A 75 -5.55 1.06 10.88
N CYS A 76 -4.62 0.46 10.17
CA CYS A 76 -3.45 -0.15 10.87
C CYS A 76 -2.32 0.89 10.95
N GLU A 77 -2.43 1.84 11.83
CA GLU A 77 -1.38 2.88 11.95
C GLU A 77 -0.03 2.22 12.29
N LEU A 78 0.63 1.66 11.31
CA LEU A 78 1.95 1.02 11.57
C LEU A 78 2.68 0.84 10.24
N HIS A 79 3.71 0.03 10.20
CA HIS A 79 4.44 -0.16 8.91
C HIS A 79 5.35 -1.38 9.01
N GLU A 80 5.21 -2.17 10.04
CA GLU A 80 6.07 -3.38 10.18
C GLU A 80 5.24 -4.54 10.76
N LEU A 81 4.06 -4.26 11.24
CA LEU A 81 3.20 -5.34 11.79
C LEU A 81 2.16 -5.72 10.74
N ALA A 82 2.44 -5.41 9.50
CA ALA A 82 1.49 -5.74 8.41
C ALA A 82 1.08 -7.21 8.52
N GLN A 83 0.03 -7.50 9.24
CA GLN A 83 -0.41 -8.92 9.38
C GLN A 83 0.77 -9.77 9.88
N TYR A 84 1.62 -10.20 8.99
CA TYR A 84 2.79 -11.01 9.43
C TYR A 84 3.98 -10.09 9.68
N GLY A 85 4.43 -9.38 8.67
CA GLY A 85 5.58 -8.46 8.85
C GLY A 85 6.38 -8.35 7.55
N ILE A 86 5.75 -8.47 6.42
CA ILE A 86 6.48 -8.36 5.13
C ILE A 86 6.30 -6.96 4.53
N CYS A 87 5.25 -6.74 3.81
CA CYS A 87 5.01 -5.40 3.20
C CYS A 87 4.48 -4.45 4.28
C1C RCY B . 9.64 11.60 12.77
O1G RCY B . 7.48 9.30 8.30
O1H RCY B . 10.80 12.01 10.29
O1J RCY B . 7.71 10.45 14.78
C1L RCY B . 9.60 10.21 7.48
C1M RCY B . 6.93 9.71 11.10
C1P RCY B . 8.47 9.99 8.51
C1Q RCY B . 10.01 11.52 9.48
N1R RCY B . 8.74 10.74 9.81
C1S RCY B . 10.12 11.57 7.97
C1U RCY B . 7.93 10.74 11.11
C1V RCY B . 9.64 9.15 12.10
N1V RCY B . 7.70 10.13 13.36
C1W RCY B . 6.60 9.42 12.57
C1X RCY B . 8.79 10.40 12.33
C1Y RCY B . 6.62 7.91 12.85
C1Z RCY B . 5.25 10.03 12.96
H1S RCY B . 9.82 12.60 8.08
H1U RCY B . 7.46 11.69 11.26
C1C RCY C . 11.22 -1.55 -2.03
O1G RCY C . 12.75 3.09 -4.01
O1H RCY C . 13.13 -1.46 -2.78
O1J RCY C . 12.02 -0.46 0.67
C1L RCY C . 14.55 1.44 -4.20
C1M RCY C . 10.64 2.11 -1.85
C1P RCY C . 13.16 1.95 -3.79
C1Q RCY C . 13.38 -0.26 -2.97
N1R RCY C . 12.36 0.87 -3.08
C1S RCY C . 14.76 0.35 -3.15
C1U RCY C . 10.92 0.90 -2.58
C1V RCY C . 9.09 -0.35 -1.34
N1V RCY C . 11.30 0.31 -0.36
C1W RCY C . 11.08 1.83 -0.40
C1X RCY C . 10.60 -0.22 -1.60
C1Y RCY C . 9.99 2.24 0.59
C1Z RCY C . 12.40 2.53 -0.07
H1S RCY C . 14.85 0.20 -2.08
H1U RCY C . 10.25 0.84 -3.43
C1C RCY D . 0.38 1.88 -11.17
O1G RCY D . 2.28 -2.57 -8.87
O1H RCY D . 3.01 0.88 -12.01
O1J RCY D . -2.47 1.59 -10.24
C1L RCY D . 4.29 -1.61 -9.86
C1M RCY D . -0.22 -1.47 -9.74
C1P RCY D . 2.79 -1.77 -9.65
C1Q RCY D . 3.09 -0.18 -11.39
N1R RCY D . 1.99 -0.83 -10.55
C1S RCY D . 4.31 -1.08 -11.29
C1U RCY D . 0.48 -0.58 -10.61
C1V RCY D . 0.72 1.13 -8.76
N1V RCY D . -1.42 0.61 -9.97
C1W RCY D . -1.57 -0.81 -9.45
C1X RCY D . 0.08 0.80 -10.12
C1Y RCY D . -1.86 -0.81 -7.94
C1Z RCY D . -2.71 -1.50 -10.22
H1S RCY D . 4.05 -1.36 -12.31
H1U RCY D . 0.13 -0.73 -11.62
C1C RCY E . -5.88 -2.73 -5.73
O1G RCY E . -5.90 -5.72 -10.30
O1H RCY E . -5.99 -1.42 -8.35
O1J RCY E . -3.73 -4.07 -4.10
C1L RCY E . -6.60 -3.52 -11.12
C1M RCY E . -4.00 -5.19 -7.75
C1P RCY E . -6.08 -4.53 -10.09
C1Q RCY E . -6.28 -2.43 -9.00
N1R RCY E . -5.80 -3.85 -8.74
C1S RCY E . -7.22 -2.48 -10.19
C1U RCY E . -5.18 -4.43 -7.47
C1V RCY E . -3.84 -2.31 -7.18
N1V RCY E . -3.87 -4.21 -5.55
C1W RCY E . -3.19 -5.24 -6.45
C1X RCY E . -4.71 -3.36 -6.49
C1Y RCY E . -1.74 -4.86 -6.70
C1Z RCY E . -3.30 -6.62 -5.80
H1S RCY E . -8.00 -2.36 -9.46
H1U RCY E . -5.91 -5.08 -6.98
C1C RCY F . -6.59 -9.99 -3.16
O1G RCY F . -8.75 -7.10 -3.35
O1H RCY F . -9.26 -9.83 0.47
O1J RCY F . -6.36 -7.39 -4.67
C1L RCY F . -10.69 -8.12 -2.27
C1M RCY F . -6.44 -7.10 -0.85
C1P RCY F . -9.20 -7.82 -2.46
C1Q RCY F . -9.38 -9.36 -0.66
N1R RCY F . -8.34 -8.53 -1.41
C1S RCY F . -10.59 -9.48 -1.56
C1U RCY F . -6.83 -8.44 -1.17
C1V RCY F . -4.53 -8.98 -2.08
N1V RCY F . -6.21 -7.51 -3.22
C1W RCY F . -6.22 -6.39 -2.18
C1X RCY F . -6.01 -8.78 -2.41
C1Y RCY F . -4.88 -5.65 -2.19
C1Z RCY F . -7.37 -5.43 -2.50
H1S RCY F . -10.25 -10.49 -1.71
H1U RCY F . -6.56 -9.10 -0.36
C1C RCY G . -4.09 -2.61 -8.08
O1G RCY G . -5.08 0.24 -7.20
O1H RCY G . -7.36 -2.92 -4.52
O1J RCY G . -2.64 0.01 -7.78
C1L RCY G . -7.42 -0.03 -6.55
C1M RCY G . -3.61 -1.75 -4.51
C1P RCY G . -5.94 -0.42 -6.61
C1Q RCY G . -7.07 -2.13 -5.43
N1R RCY G . -5.67 -1.71 -5.84
C1S RCY G . -8.04 -1.41 -6.33
C1U RCY G . -4.33 -2.41 -5.56
C1V RCY G . -2.18 -3.29 -6.57
N1V RCY G . -2.92 -0.90 -6.68
C1W RCY G . -2.83 -0.61 -5.17
C1X RCY G . -3.38 -2.36 -6.76
C1Y RCY G . -1.36 -0.63 -4.71
C1Z RCY G . -3.46 0.74 -4.89
H1S RCY G . -8.16 -2.38 -6.81
H1U RCY G . -4.51 -3.43 -5.29
C1C RCY H . -3.19 2.64 -4.91
O1G RCY H . -4.87 4.65 -4.16
O1H RCY H . -2.06 5.90 -0.56
O1J RCY H . -0.78 0.84 -4.78
C1L RCY H . -5.16 6.15 -2.24
C1M RCY H . -0.94 3.62 -2.15
C1P RCY H . -4.41 5.14 -3.12
C1Q RCY H . -3.05 5.58 -1.23
N1R RCY H . -3.04 4.80 -2.55
C1S RCY H . -4.50 5.87 -0.89
C1U RCY H . -1.94 3.92 -3.13
C1V RCY H . -3.28 1.87 -2.49
N1V RCY H . -1.12 1.82 -3.76
C1W RCY H . -0.23 2.35 -2.64
C1X RCY H . -2.45 2.55 -3.58
C1Y RCY H . -0.14 1.32 -1.50
C1Z RCY H . 1.15 2.66 -3.19
H1S RCY H . -4.38 5.09 -0.15
H1U RCY H . -1.48 4.43 -3.96
C1C RCY I . -3.11 -4.95 3.80
O1G RCY I . -4.87 -6.11 4.14
O1H RCY I . -7.17 -2.28 5.67
O1J RCY I . -3.60 -2.71 1.85
C1L RCY I . -7.25 -5.52 4.27
C1M RCY I . -4.23 -1.88 5.54
C1P RCY I . -5.74 -5.30 4.47
C1Q RCY I . -6.85 -3.45 5.44
N1R RCY I . -5.46 -3.97 5.15
C1S RCY I . -7.79 -4.64 5.40
C1U RCY I . -4.11 -3.30 5.45
C1V RCY I . -1.67 -3.12 4.79
N1V RCY I . -3.60 -2.55 3.30
C1W RCY I . -4.11 -1.35 4.10
C1X RCY I . -3.08 -3.52 4.35
C1Y RCY I . -3.11 -0.19 4.03
C1Z RCY I . -5.47 -0.93 3.55
H1S RCY I . -7.80 -4.55 6.47
H1U RCY I . -3.71 -3.69 6.39
C1C RCY J . 2.66 -2.94 5.64
O1G RCY J . -1.30 -5.81 7.42
O1H RCY J . -0.35 -1.35 6.20
O1J RCY J . 3.29 -3.86 2.84
C1L RCY J . -2.05 -3.64 8.27
C1M RCY J . -0.20 -4.75 4.15
C1P RCY J . -1.24 -4.58 7.37
C1Q RCY J . -0.58 -2.36 6.85
N1R RCY J . -0.34 -3.80 6.40
C1S RCY J . -1.15 -2.41 8.25
C1U RCY J . 0.56 -4.32 5.28
C1V RCY J . 0.70 -1.96 4.36
N1V RCY J . 1.96 -3.93 3.44
C1W RCY J . 0.75 -4.71 2.95
C1X RCY J . 1.48 -3.23 4.72
C1Y RCY J . 0.09 -3.99 1.77
C1Z RCY J . 1.19 -6.11 2.55
H1S RCY J . -0.16 -2.09 8.56
H1U RCY J . 1.17 -5.14 5.66
C1C RCY K . -0.67 -8.55 -1.23
O1G RCY K . 1.31 -6.42 -2.67
O1H RCY K . 1.43 -4.98 1.84
O1J RCY K . -3.66 -8.19 -1.30
C1L RCY K . 3.07 -5.44 -1.26
C1M RCY K . -1.63 -5.11 -0.27
C1P RCY K . 1.66 -5.94 -1.58
C1Q RCY K . 1.61 -5.05 0.62
N1R RCY K . 0.72 -5.78 -0.38
C1S RCY K . 2.74 -4.41 -0.17
C1U RCY K . -0.74 -6.23 -0.23
C1V RCY K . -0.89 -6.52 -2.74
N1V RCY K . -2.71 -7.10 -1.13
C1W RCY K . -3.01 -5.67 -0.65
C1X RCY K . -1.22 -7.12 -1.37
C1Y RCY K . -3.62 -4.85 -1.79
C1Z RCY K . -3.95 -5.72 0.55
H1S RCY K . 2.21 -3.49 0.00
H1U RCY K . -0.86 -6.74 0.71
N MET A 1 -0.32 -11.97 24.58
CA MET A 1 0.73 -11.63 23.59
C MET A 1 0.11 -11.57 22.19
N ASN A 2 -0.39 -12.67 21.72
CA ASN A 2 -1.02 -12.68 20.36
C ASN A 2 -0.03 -12.13 19.34
N LEU A 3 -0.42 -11.13 18.60
CA LEU A 3 0.52 -10.55 17.59
C LEU A 3 1.86 -10.23 18.25
N GLU A 4 2.94 -10.61 17.63
CA GLU A 4 4.28 -10.33 18.23
C GLU A 4 4.52 -8.81 18.25
N PRO A 5 4.66 -8.22 19.42
CA PRO A 5 4.90 -6.74 19.54
C PRO A 5 5.93 -6.25 18.52
N PRO A 6 5.82 -5.01 18.11
CA PRO A 6 6.76 -4.41 17.12
C PRO A 6 8.14 -4.12 17.74
N LYS A 7 9.15 -4.00 16.92
CA LYS A 7 10.52 -3.71 17.44
C LYS A 7 11.08 -2.48 16.73
N ALA A 8 10.48 -2.08 15.64
CA ALA A 8 10.98 -0.89 14.90
C ALA A 8 11.02 0.32 15.85
N GLU A 9 11.98 1.18 15.66
CA GLU A 9 12.08 2.38 16.54
C GLU A 9 13.10 3.36 15.96
N CYS A 10 13.03 3.61 14.67
CA CYS A 10 14.00 4.55 14.04
C CYS A 10 13.41 5.96 14.04
N ARG A 11 14.21 6.94 13.75
CA ARG A 11 13.69 8.34 13.74
C ARG A 11 12.99 8.63 15.06
N SER A 12 11.73 8.33 15.15
CA SER A 12 10.98 8.59 16.42
C SER A 12 9.63 7.86 16.37
N ALA A 13 8.64 8.48 15.80
CA ALA A 13 7.30 7.83 15.72
C ALA A 13 6.94 7.25 17.09
N THR A 14 6.53 8.08 18.00
CA THR A 14 6.16 7.57 19.36
C THR A 14 4.89 6.72 19.24
N ARG A 15 4.13 6.91 18.19
CA ARG A 15 2.89 6.11 18.01
C ARG A 15 2.62 5.90 16.53
N VAL A 16 3.24 4.92 15.94
CA VAL A 16 3.02 4.67 14.48
C VAL A 16 1.52 4.64 14.20
N MET A 17 0.72 4.44 15.21
CA MET A 17 -0.75 4.40 14.99
C MET A 17 -1.25 5.82 14.70
N GLY A 18 -0.44 6.63 14.08
CA GLY A 18 -0.86 8.02 13.76
C GLY A 18 0.37 8.86 13.41
N GLY A 19 1.28 9.01 14.34
CA GLY A 19 2.51 9.81 14.06
C GLY A 19 2.16 11.29 14.05
N PRO A 20 3.04 12.12 13.54
CA PRO A 20 2.83 13.59 13.47
C PRO A 20 1.48 13.96 12.86
N CYS A 21 1.03 13.20 11.91
CA CYS A 21 -0.29 13.50 11.26
C CYS A 21 -1.32 12.47 11.72
N THR A 22 -2.57 12.88 11.82
CA THR A 22 -3.63 11.92 12.26
C THR A 22 -4.13 11.13 11.04
N PRO A 23 -4.53 9.90 11.24
CA PRO A 23 -5.05 9.05 10.14
C PRO A 23 -6.13 9.76 9.31
N ARG A 24 -6.77 9.05 8.41
CA ARG A 24 -7.83 9.70 7.58
C ARG A 24 -9.20 9.41 8.20
N LYS A 25 -10.21 10.14 7.81
CA LYS A 25 -11.57 9.90 8.39
C LYS A 25 -12.09 8.55 7.91
N GLY A 26 -12.09 8.31 6.62
CA GLY A 26 -12.60 7.01 6.11
C GLY A 26 -12.00 6.74 4.73
N PRO A 27 -12.07 5.50 4.28
CA PRO A 27 -11.53 5.09 2.96
C PRO A 27 -11.92 6.07 1.84
N PRO A 28 -11.21 6.06 0.75
CA PRO A 28 -11.49 6.95 -0.41
C PRO A 28 -12.98 7.03 -0.74
N LYS A 29 -13.38 8.00 -1.53
CA LYS A 29 -14.81 8.12 -1.89
C LYS A 29 -15.10 7.31 -3.15
N CYS A 30 -15.49 6.07 -3.00
CA CYS A 30 -15.78 5.23 -4.19
C CYS A 30 -16.19 3.83 -3.74
N LYS A 31 -15.46 3.27 -2.80
CA LYS A 31 -15.81 1.91 -2.31
C LYS A 31 -15.73 0.92 -3.48
N GLN A 32 -15.52 1.41 -4.67
CA GLN A 32 -15.46 0.50 -5.86
C GLN A 32 -14.01 0.28 -6.26
N ARG A 33 -13.50 -0.91 -6.04
CA ARG A 33 -12.09 -1.20 -6.43
C ARG A 33 -12.11 -1.88 -7.80
N GLN A 34 -13.28 -2.15 -8.32
CA GLN A 34 -13.39 -2.81 -9.65
C GLN A 34 -12.58 -4.10 -9.66
N THR A 35 -12.76 -4.91 -10.66
CA THR A 35 -12.00 -6.20 -10.73
C THR A 35 -12.16 -6.79 -12.14
N ARG A 36 -12.03 -5.98 -13.15
CA ARG A 36 -12.17 -6.49 -14.54
C ARG A 36 -11.62 -5.46 -15.52
N GLN A 37 -11.37 -4.26 -15.07
CA GLN A 37 -10.84 -3.20 -15.98
C GLN A 37 -9.31 -3.23 -15.94
N CYS A 38 -8.68 -2.15 -16.33
CA CYS A 38 -7.19 -2.11 -16.33
C CYS A 38 -6.65 -3.27 -17.16
N LYS A 39 -6.14 -2.99 -18.33
CA LYS A 39 -5.58 -4.06 -19.20
C LYS A 39 -4.17 -3.69 -19.62
N SER A 40 -3.18 -4.39 -19.12
CA SER A 40 -1.77 -4.07 -19.49
C SER A 40 -0.83 -4.83 -18.56
N LYS A 41 -0.02 -5.71 -19.09
CA LYS A 41 0.91 -6.49 -18.23
C LYS A 41 1.95 -5.55 -17.62
N PRO A 42 2.14 -5.59 -16.32
CA PRO A 42 3.13 -4.72 -15.63
C PRO A 42 4.57 -5.23 -15.82
N PRO A 43 5.54 -4.39 -15.58
CA PRO A 43 6.98 -4.76 -15.73
C PRO A 43 7.33 -6.02 -14.95
N LYS A 44 8.39 -6.68 -15.31
CA LYS A 44 8.78 -7.93 -14.58
C LYS A 44 7.67 -8.97 -14.75
N LYS A 45 7.02 -8.97 -15.88
CA LYS A 45 5.91 -9.96 -16.13
C LYS A 45 5.21 -10.29 -14.81
N GLY A 46 4.27 -9.49 -14.41
CA GLY A 46 3.55 -9.76 -13.12
C GLY A 46 2.21 -10.44 -13.43
N VAL A 47 1.99 -10.84 -14.64
CA VAL A 47 0.71 -11.51 -14.99
C VAL A 47 -0.46 -10.57 -14.69
N GLN A 48 -1.59 -10.76 -15.33
CA GLN A 48 -2.75 -9.88 -15.09
C GLN A 48 -2.47 -8.48 -15.64
N GLY A 49 -3.49 -7.73 -15.94
CA GLY A 49 -3.28 -6.35 -16.48
C GLY A 49 -3.14 -5.37 -15.32
N CYS A 50 -2.51 -4.25 -15.56
CA CYS A 50 -2.33 -3.24 -14.47
C CYS A 50 -2.96 -1.92 -14.91
N GLY A 51 -3.39 -1.83 -16.14
CA GLY A 51 -4.02 -0.56 -16.62
C GLY A 51 -2.93 0.45 -16.99
N ASP A 52 -2.84 0.82 -18.23
CA ASP A 52 -1.81 1.80 -18.65
C ASP A 52 -2.46 3.18 -18.86
N ASP A 53 -3.74 3.21 -19.10
CA ASP A 53 -4.43 4.51 -19.32
C ASP A 53 -4.67 5.17 -17.97
N ILE A 54 -3.71 5.92 -17.47
CA ILE A 54 -3.88 6.59 -16.16
C ILE A 54 -3.08 7.89 -16.15
N PRO A 55 -3.51 8.87 -15.40
CA PRO A 55 -2.81 10.19 -15.31
C PRO A 55 -1.47 10.08 -14.57
N GLY A 56 -1.37 9.17 -13.64
CA GLY A 56 -0.10 9.01 -12.89
C GLY A 56 1.04 8.71 -13.87
N MET A 57 1.18 7.47 -14.27
CA MET A 57 2.28 7.12 -15.23
C MET A 57 3.63 7.27 -14.54
N GLU A 58 3.65 7.94 -13.40
CA GLU A 58 4.94 8.12 -12.67
C GLU A 58 4.73 7.85 -11.18
N GLY A 59 5.74 7.39 -10.51
CA GLY A 59 5.61 7.11 -9.05
C GLY A 59 5.68 8.42 -8.27
N CYS A 60 5.51 9.53 -8.93
CA CYS A 60 5.58 10.84 -8.23
C CYS A 60 6.88 10.93 -7.43
N GLY A 61 7.98 10.52 -8.01
CA GLY A 61 9.28 10.60 -7.28
C GLY A 61 9.51 9.31 -6.50
N THR A 62 9.31 8.17 -7.10
CA THR A 62 9.53 6.88 -6.38
C THR A 62 9.86 5.77 -7.38
N ASP A 63 11.07 5.75 -7.87
CA ASP A 63 11.44 4.69 -8.86
C ASP A 63 11.49 3.33 -8.15
N ILE A 64 11.45 3.33 -6.84
CA ILE A 64 11.49 2.05 -6.09
C ILE A 64 10.14 1.34 -6.20
N THR A 65 9.18 1.98 -6.82
CA THR A 65 7.82 1.37 -6.98
C THR A 65 7.77 -0.04 -6.38
N VAL A 66 8.47 -0.97 -6.97
CA VAL A 66 8.46 -2.37 -6.45
C VAL A 66 8.24 -2.36 -4.94
N ILE A 67 9.23 -1.99 -4.17
CA ILE A 67 9.04 -1.95 -2.68
C ILE A 67 9.65 -0.66 -2.11
N CYS A 68 8.88 0.40 -2.07
CA CYS A 68 9.39 1.68 -1.51
C CYS A 68 9.11 1.71 0.00
N PRO A 69 9.80 2.55 0.73
CA PRO A 69 9.62 2.66 2.20
C PRO A 69 8.14 2.72 2.59
N TRP A 70 7.30 3.24 1.74
CA TRP A 70 5.85 3.30 2.06
C TRP A 70 5.31 1.89 2.21
N GLU A 71 5.92 0.94 1.58
CA GLU A 71 5.45 -0.47 1.69
C GLU A 71 5.97 -1.09 2.99
N ALA A 72 6.68 -0.34 3.77
CA ALA A 72 7.20 -0.89 5.05
C ALA A 72 6.07 -0.96 6.07
N CYS A 73 4.87 -1.24 5.63
CA CYS A 73 3.72 -1.32 6.58
C CYS A 73 3.80 -2.63 7.36
N ASN A 74 4.27 -3.67 6.74
CA ASN A 74 4.37 -4.99 7.44
C ASN A 74 2.97 -5.46 7.83
N HIS A 75 2.35 -4.83 8.80
CA HIS A 75 0.99 -5.25 9.22
C HIS A 75 -0.02 -4.80 8.16
N CYS A 76 -1.23 -5.29 8.24
CA CYS A 76 -2.26 -4.89 7.24
C CYS A 76 -3.57 -5.64 7.53
N GLU A 77 -4.49 -5.00 8.19
CA GLU A 77 -5.78 -5.68 8.51
C GLU A 77 -6.39 -6.22 7.22
N LEU A 78 -5.98 -7.39 6.80
CA LEU A 78 -6.54 -7.97 5.55
C LEU A 78 -6.00 -9.39 5.37
N HIS A 79 -6.88 -10.34 5.17
CA HIS A 79 -6.42 -11.75 5.00
C HIS A 79 -7.34 -12.46 4.00
N GLU A 80 -7.02 -12.40 2.74
CA GLU A 80 -7.87 -13.07 1.72
C GLU A 80 -6.99 -13.61 0.59
N LEU A 81 -7.15 -13.12 -0.60
CA LEU A 81 -6.32 -13.62 -1.73
C LEU A 81 -4.85 -13.25 -1.49
N ALA A 82 -4.61 -12.18 -0.78
CA ALA A 82 -3.19 -11.77 -0.51
C ALA A 82 -2.48 -12.90 0.23
N GLN A 83 -3.11 -13.45 1.23
CA GLN A 83 -2.49 -14.57 2.01
C GLN A 83 -1.17 -14.12 2.66
N TYR A 84 -0.53 -13.12 2.12
CA TYR A 84 0.76 -12.65 2.71
C TYR A 84 0.75 -11.11 2.80
N GLY A 85 0.93 -10.45 1.69
CA GLY A 85 0.93 -8.96 1.73
C GLY A 85 1.00 -8.40 0.30
N ILE A 86 1.57 -9.14 -0.61
CA ILE A 86 1.67 -8.66 -2.02
C ILE A 86 0.51 -9.23 -2.83
N CYS A 87 0.24 -8.66 -3.98
CA CYS A 87 -0.89 -9.18 -4.82
C CYS A 87 -0.45 -10.44 -5.56
C1C RCY B . 10.50 3.48 9.72
O1G RCY B . 12.06 -1.18 12.15
O1H RCY B . 12.97 3.29 10.94
O1J RCY B . 7.72 2.64 8.97
C1L RCY B . 13.83 0.39 12.77
C1M RCY B . 9.90 -0.06 10.57
C1P RCY B . 12.58 -0.08 12.02
C1Q RCY B . 13.10 2.10 11.23
N1R RCY B . 12.05 1.02 11.08
C1S RCY B . 14.35 1.44 11.78
C1U RCY B . 10.78 1.02 10.23
C1V RCY B . 9.68 2.54 11.92
N1V RCY B . 8.64 1.83 9.76
C1W RCY B . 8.51 0.35 10.09
C1X RCY B . 9.92 2.27 10.44
C1Y RCY B . 7.47 0.14 11.20
C1Z RCY B . 8.11 -0.43 8.83
H1S RCY B . 14.73 1.54 10.78
H1U RCY B . 11.05 0.94 9.18
C1C RCY C . 4.09 9.50 6.53
O1G RCY C . 4.31 10.27 11.04
O1H RCY C . 0.89 9.24 7.94
O1J RCY C . 6.59 10.52 7.88
C1L RCY C . 2.11 11.24 10.59
C1M RCY C . 4.75 7.68 9.69
C1P RCY C . 3.28 10.27 10.36
C1Q RCY C . 1.69 9.85 8.66
N1R RCY C . 3.02 9.33 9.19
C1S RCY C . 1.52 11.27 9.18
C1U RCY C . 3.86 8.16 8.67
C1V RCY C . 5.40 7.35 6.84
N1V RCY C . 5.86 9.33 8.30
C1W RCY C . 6.01 8.55 9.61
C1X RCY C . 4.79 8.57 7.53
C1Y RCY C . 7.28 7.70 9.59
C1Z RCY C . 6.05 9.56 10.78
H1S RCY C . 1.75 11.55 8.17
H1U RCY C . 3.22 7.36 8.35
C1C RCY D . -9.16 3.66 -6.42
O1G RCY D . -10.29 8.06 -8.32
O1H RCY D . -12.30 5.39 -4.98
O1J RCY D . -6.89 3.80 -4.45
C1L RCY D . -12.61 7.56 -7.75
C1M RCY D . -8.93 7.02 -4.88
C1P RCY D . -11.09 7.45 -7.62
C1Q RCY D . -12.05 5.94 -6.05
N1R RCY D . -10.69 6.48 -6.50
C1S RCY D . -13.03 6.20 -7.17
C1U RCY D . -9.30 6.15 -5.96
C1V RCY D . -10.37 4.51 -4.35
N1V RCY D . -7.90 4.84 -4.62
C1W RCY D . -7.85 6.28 -4.09
C1X RCY D . -9.23 4.75 -5.35
C1Y RCY D . -8.17 6.31 -2.59
C1Z RCY D . -6.46 6.87 -4.36
H1S RCY D . -12.94 5.14 -7.36
H1U RCY D . -8.58 6.22 -6.75
C1C RCY E . -5.36 -5.02 -11.29
O1G RCY E . -6.77 -0.89 -8.78
O1H RCY E . -7.40 -3.68 -12.53
O1J RCY E . -3.05 -3.75 -9.83
C1L RCY E . -7.25 -0.44 -11.12
C1M RCY E . -6.42 -3.63 -8.03
C1P RCY E . -6.95 -1.32 -9.91
C1Q RCY E . -7.05 -2.76 -11.80
N1R RCY E . -6.88 -2.79 -10.28
C1S RCY E . -6.72 -1.34 -12.25
C1U RCY E . -6.69 -4.03 -9.38
C1V RCY E . -5.48 -6.21 -9.06
N1V RCY E . -4.36 -3.98 -9.24
C1W RCY E . -4.92 -3.39 -7.94
C1X RCY E . -5.48 -4.86 -9.77
C1Y RCY E . -4.33 -4.11 -6.73
C1Z RCY E . -4.59 -1.90 -7.89
H1S RCY E . -5.81 -1.78 -12.61
H1U RCY E . -7.58 -4.63 -9.42
C1C RCY F . -2.75 -7.00 -8.54
O1G RCY F . -1.32 -8.81 -13.56
O1H RCY F . -1.60 -5.33 -10.38
O1J RCY F . -3.28 -9.67 -7.26
C1L RCY F . -0.56 -6.48 -13.54
C1M RCY F . -2.26 -9.77 -10.94
C1P RCY F . -1.26 -7.72 -12.97
C1Q RCY F . -1.60 -5.95 -11.43
N1R RCY F . -1.87 -7.45 -11.60
C1S RCY F . -1.33 -5.39 -12.81
C1U RCY F . -2.58 -8.40 -10.64
C1V RCY F . -0.60 -8.23 -9.07
N1V RCY F . -2.70 -9.50 -8.58
C1W RCY F . -2.53 -10.56 -9.66
C1X RCY F . -2.12 -8.23 -9.19
C1Y RCY F . -1.35 -11.48 -9.34
C1Z RCY F . -3.82 -11.37 -9.78
H1S RCY F . -2.32 -4.97 -12.71
H1U RCY F . -3.65 -8.26 -10.71
C1C RCY G . 4.03 3.81 -8.22
O1G RCY G . 4.11 6.06 -9.73
O1H RCY G . 3.39 8.86 -6.00
O1J RCY G . 3.61 2.14 -5.75
C1L RCY G . 3.63 8.45 -9.50
C1M RCY G . 3.40 5.94 -5.26
C1P RCY G . 3.85 7.01 -9.01
C1Q RCY G . 3.31 8.33 -7.12
N1R RCY G . 3.73 6.92 -7.49
C1S RCY G . 2.75 8.98 -8.36
C1U RCY G . 3.97 5.72 -6.56
C1V RCY G . 1.80 4.70 -7.40
N1V RCY G . 3.39 3.58 -5.81
C1W RCY G . 3.20 4.55 -4.64
C1X RCY G . 3.27 4.45 -7.06
C1Y RCY G . 1.79 4.43 -4.06
C1Z RCY G . 4.25 4.26 -3.57
H1S RCY G . 1.79 8.83 -7.90
H1U RCY G . 5.02 5.54 -6.47
C1C RCY H . 2.70 -1.04 -4.02
O1G RCY H . 4.81 0.62 0.53
O1H RCY H . 4.72 1.59 -4.09
O1J RCY H . -0.27 -0.75 -3.72
C1L RCY H . 6.46 1.56 -1.02
C1M RCY H . 1.85 1.23 -1.22
C1P RCY H . 5.12 0.94 -0.62
C1Q RCY H . 5.08 1.21 -2.97
N1R RCY H . 4.19 0.78 -1.82
C1S RCY H . 6.51 1.13 -2.49
C1U RCY H . 2.73 0.30 -1.87
C1V RCY H . 2.46 1.48 -4.09
N1V RCY H . 0.70 0.07 -3.00
C1W RCY H . 0.46 0.96 -1.79
C1X RCY H . 2.19 0.20 -3.29
C1Y RCY H . -0.21 2.27 -2.22
C1Z RCY H . -0.42 0.22 -0.78
H1S RCY H . 6.56 0.25 -3.11
H1U RCY H . 2.66 -0.66 -1.38
C1C RCY I . -2.41 -1.25 1.63
O1G RCY I . 0.52 -3.50 0.30
O1H RCY I . 0.65 -0.51 3.96
O1J RCY I . -2.02 0.88 3.72
C1L RCY I . 1.24 -3.73 2.63
C1M RCY I . 0.58 0.79 0.90
C1P RCY I . 0.72 -2.98 1.40
C1Q RCY I . 0.95 -1.39 3.15
N1R RCY I . 0.45 -1.51 1.71
C1S RCY I . 1.87 -2.57 3.40
C1U RCY I . -0.16 -0.43 0.82
C1V RCY I . -2.27 0.82 0.19
N1V RCY I . -1.26 0.80 2.48
C1W RCY I . 0.03 1.55 2.12
C1X RCY I . -1.57 -0.03 1.25
C1Y RCY I . -0.28 3.01 1.76
C1Z RCY I . 0.98 1.48 3.30
H1S RCY I . 2.67 -1.83 3.32
H1U RCY I . -0.17 -0.77 -0.21
C1C RCY J . -1.52 1.94 6.34
O1G RCY J . 2.16 -1.70 7.82
O1H RCY J . -1.27 -0.71 4.73
O1J RCY J . 0.06 4.47 5.97
C1L RCY J . 0.65 -3.09 6.50
C1M RCY J . 2.12 1.25 6.22
C1P RCY J . 1.23 -1.78 7.03
C1Q RCY J . -0.62 -1.22 5.65
N1R RCY J . 0.49 -0.57 6.45
C1S RCY J . -0.77 -2.64 6.16
C1U RCY J . 0.79 0.92 6.63
C1V RCY J . -0.12 1.35 4.31
N1V RCY J . 0.63 3.14 5.89
C1W RCY J . 2.12 2.75 5.91
C1X RCY J . -0.11 1.81 5.77
C1Y RCY J . 2.76 3.03 4.55
C1Z RCY J . 2.82 3.54 7.02
H1S RCY J . -1.67 -2.26 6.63
H1U RCY J . 0.66 1.19 7.68
C1C RCY K . -2.30 -3.22 -4.81
O1G RCY K . 2.79 -3.84 -3.72
O1H RCY K . -1.21 -4.69 -6.08
O1J RCY K . -2.39 -4.02 -1.91
C1L RCY K . 2.02 -5.71 -5.08
C1M RCY K . 0.63 -1.92 -2.96
C1P RCY K . 1.90 -4.35 -4.38
C1Q RCY K . -0.20 -4.82 -5.38
N1R RCY K . 0.52 -3.73 -4.61
C1S RCY K . 0.54 -6.12 -5.14
C1U RCY K . -0.01 -2.36 -4.17
C1V RCY K . -2.06 -0.97 -3.68
N1V RCY K . -1.44 -3.07 -2.46
C1W RCY K . -0.16 -2.54 -1.81
C1X RCY K . -1.49 -2.38 -3.82
C1Y RCY K . -0.50 -1.48 -0.75
C1Z RCY K . 0.60 -3.71 -1.17
H1S RCY K . -0.29 -6.36 -4.49
H1U RCY K . 0.17 -1.64 -4.96
N MET A 1 21.14 1.37 23.57
CA MET A 1 20.31 0.13 23.62
C MET A 1 19.41 0.07 22.40
N ASN A 2 19.96 -0.14 21.24
CA ASN A 2 19.12 -0.21 20.00
C ASN A 2 18.42 -1.57 19.94
N LEU A 3 17.74 -1.85 18.85
CA LEU A 3 17.04 -3.15 18.73
C LEU A 3 16.47 -3.27 17.31
N GLU A 4 15.39 -3.99 17.15
CA GLU A 4 14.79 -4.13 15.79
C GLU A 4 14.66 -2.74 15.15
N PRO A 5 14.55 -2.68 13.85
CA PRO A 5 14.42 -1.40 13.11
C PRO A 5 13.64 -0.35 13.91
N PRO A 6 13.88 0.91 13.64
CA PRO A 6 13.21 2.03 14.36
C PRO A 6 11.71 2.11 14.04
N LYS A 7 10.89 2.20 15.05
CA LYS A 7 9.41 2.29 14.82
C LYS A 7 8.91 3.63 15.35
N ALA A 8 7.92 3.61 16.22
CA ALA A 8 7.38 4.88 16.77
C ALA A 8 6.05 4.61 17.46
N GLU A 9 5.57 3.39 17.40
CA GLU A 9 4.27 3.07 18.04
C GLU A 9 3.14 3.79 17.31
N CYS A 10 3.19 5.10 17.30
CA CYS A 10 2.13 5.89 16.60
C CYS A 10 2.78 6.87 15.64
N ARG A 11 2.03 7.83 15.14
CA ARG A 11 2.61 8.83 14.20
C ARG A 11 2.31 10.23 14.71
N SER A 12 3.22 11.15 14.50
CA SER A 12 2.99 12.55 14.99
C SER A 12 1.62 13.03 14.52
N ALA A 13 0.71 13.24 15.44
CA ALA A 13 -0.65 13.72 15.05
C ALA A 13 -1.22 12.79 13.97
N THR A 14 -1.69 11.64 14.37
CA THR A 14 -2.28 10.69 13.38
C THR A 14 -3.73 11.05 13.12
N ARG A 15 -4.05 12.32 13.10
CA ARG A 15 -5.45 12.75 12.86
C ARG A 15 -5.85 12.41 11.41
N VAL A 16 -6.62 13.25 10.79
CA VAL A 16 -7.05 12.97 9.38
C VAL A 16 -7.34 14.29 8.67
N MET A 17 -6.86 14.44 7.46
CA MET A 17 -7.12 15.71 6.72
C MET A 17 -8.63 15.90 6.57
N GLY A 18 -9.17 15.59 5.42
CA GLY A 18 -10.64 15.76 5.19
C GLY A 18 -10.88 16.92 4.24
N GLY A 19 -9.87 17.69 3.94
CA GLY A 19 -10.05 18.84 3.01
C GLY A 19 -10.00 18.33 1.56
N PRO A 20 -10.57 19.07 0.65
CA PRO A 20 -10.58 18.68 -0.80
C PRO A 20 -9.23 18.13 -1.26
N CYS A 21 -9.23 17.40 -2.34
CA CYS A 21 -7.95 16.83 -2.85
C CYS A 21 -7.89 17.00 -4.38
N THR A 22 -6.78 17.43 -4.90
CA THR A 22 -6.65 17.62 -6.37
C THR A 22 -5.70 16.56 -6.95
N PRO A 23 -6.23 15.51 -7.53
CA PRO A 23 -5.40 14.43 -8.13
C PRO A 23 -4.27 14.97 -9.00
N ARG A 24 -3.45 14.10 -9.53
CA ARG A 24 -2.32 14.56 -10.39
C ARG A 24 -2.62 14.25 -11.85
N LYS A 25 -2.63 13.00 -12.20
CA LYS A 25 -2.92 12.61 -13.62
C LYS A 25 -4.16 13.37 -14.12
N GLY A 26 -5.32 13.02 -13.64
CA GLY A 26 -6.56 13.73 -14.09
C GLY A 26 -7.64 12.70 -14.41
N PRO A 27 -7.45 11.95 -15.46
CA PRO A 27 -8.44 10.91 -15.89
C PRO A 27 -8.97 10.10 -14.71
N PRO A 28 -10.27 10.08 -14.50
CA PRO A 28 -10.88 9.32 -13.38
C PRO A 28 -10.30 7.91 -13.23
N LYS A 29 -10.05 7.48 -12.02
CA LYS A 29 -9.47 6.12 -11.83
C LYS A 29 -8.19 5.98 -12.64
N CYS A 30 -7.48 7.07 -12.85
CA CYS A 30 -6.22 7.01 -13.63
C CYS A 30 -6.40 6.12 -14.85
N LYS A 31 -5.32 5.74 -15.49
CA LYS A 31 -5.42 4.87 -16.69
C LYS A 31 -5.78 3.44 -16.25
N GLN A 32 -6.93 2.96 -16.63
CA GLN A 32 -7.32 1.57 -16.24
C GLN A 32 -6.70 0.57 -17.21
N ARG A 33 -5.86 -0.30 -16.73
CA ARG A 33 -5.23 -1.30 -17.64
C ARG A 33 -4.61 -2.42 -16.79
N GLN A 34 -3.34 -2.69 -16.99
CA GLN A 34 -2.68 -3.78 -16.20
C GLN A 34 -3.49 -5.07 -16.33
N THR A 35 -2.99 -6.01 -17.07
CA THR A 35 -3.73 -7.29 -17.24
C THR A 35 -5.21 -7.00 -17.56
N ARG A 36 -6.08 -7.31 -16.65
CA ARG A 36 -7.54 -7.05 -16.88
C ARG A 36 -8.14 -6.42 -15.63
N GLN A 37 -7.69 -5.26 -15.26
CA GLN A 37 -8.25 -4.60 -14.04
C GLN A 37 -7.68 -5.27 -12.79
N CYS A 38 -6.92 -6.32 -12.96
CA CYS A 38 -6.33 -7.02 -11.78
C CYS A 38 -7.46 -7.49 -10.86
N LYS A 39 -7.80 -8.75 -10.90
CA LYS A 39 -8.90 -9.26 -10.03
C LYS A 39 -8.54 -10.67 -9.53
N SER A 40 -7.90 -11.46 -10.35
CA SER A 40 -7.52 -12.83 -9.91
C SER A 40 -6.78 -12.75 -8.57
N LYS A 41 -7.03 -13.67 -7.68
CA LYS A 41 -6.34 -13.63 -6.36
C LYS A 41 -4.86 -14.01 -6.54
N PRO A 42 -3.96 -13.28 -5.94
CA PRO A 42 -2.50 -13.56 -6.04
C PRO A 42 -2.06 -14.74 -5.15
N PRO A 43 -0.93 -15.32 -5.45
CA PRO A 43 -0.38 -16.47 -4.67
C PRO A 43 -0.07 -16.09 -3.21
N LYS A 44 -0.11 -17.04 -2.32
CA LYS A 44 0.19 -16.73 -0.90
C LYS A 44 1.70 -16.72 -0.69
N LYS A 45 2.25 -17.75 -0.11
CA LYS A 45 3.73 -17.79 0.11
C LYS A 45 4.38 -18.56 -1.03
N GLY A 46 4.44 -17.98 -2.20
CA GLY A 46 5.09 -18.69 -3.35
C GLY A 46 4.98 -17.82 -4.61
N VAL A 47 5.25 -16.55 -4.49
CA VAL A 47 5.16 -15.66 -5.69
C VAL A 47 5.99 -16.25 -6.83
N GLN A 48 5.40 -16.44 -7.98
CA GLN A 48 6.15 -17.01 -9.13
C GLN A 48 7.17 -15.97 -9.63
N GLY A 49 7.26 -14.86 -8.97
CA GLY A 49 8.23 -13.81 -9.41
C GLY A 49 7.61 -12.95 -10.50
N CYS A 50 6.31 -12.86 -10.53
CA CYS A 50 5.64 -12.03 -11.57
C CYS A 50 6.23 -10.62 -11.55
N GLY A 51 7.04 -10.32 -10.58
CA GLY A 51 7.65 -8.97 -10.50
C GLY A 51 8.12 -8.71 -9.06
N ASP A 52 8.90 -9.61 -8.51
CA ASP A 52 9.40 -9.42 -7.12
C ASP A 52 10.92 -9.48 -7.11
N ASP A 53 11.54 -8.83 -6.16
CA ASP A 53 13.04 -8.85 -6.09
C ASP A 53 13.49 -7.85 -5.02
N ILE A 54 13.53 -6.59 -5.34
CA ILE A 54 13.97 -5.56 -4.34
C ILE A 54 13.28 -4.23 -4.65
N PRO A 55 12.66 -3.62 -3.68
CA PRO A 55 11.98 -2.31 -3.88
C PRO A 55 13.00 -1.19 -4.06
N GLY A 56 12.57 0.03 -4.11
CA GLY A 56 13.54 1.14 -4.28
C GLY A 56 14.38 1.28 -3.01
N MET A 57 14.72 0.19 -2.38
CA MET A 57 15.54 0.28 -1.13
C MET A 57 15.04 1.44 -0.25
N GLU A 58 13.85 1.90 -0.50
CA GLU A 58 13.31 3.03 0.31
C GLU A 58 11.86 3.32 -0.13
N GLY A 59 10.90 2.90 0.64
CA GLY A 59 9.48 3.15 0.26
C GLY A 59 8.64 1.91 0.60
N CYS A 60 8.98 0.78 0.04
CA CYS A 60 8.20 -0.46 0.33
C CYS A 60 8.72 -1.07 1.64
N GLY A 61 10.01 -1.07 1.83
CA GLY A 61 10.58 -1.64 3.08
C GLY A 61 9.90 -2.97 3.42
N THR A 62 10.31 -4.04 2.80
CA THR A 62 9.68 -5.35 3.09
C THR A 62 10.08 -5.80 4.49
N ASP A 63 10.32 -4.87 5.38
CA ASP A 63 10.71 -5.25 6.77
C ASP A 63 9.69 -6.22 7.33
N ILE A 64 8.48 -6.19 6.82
CA ILE A 64 7.44 -7.14 7.33
C ILE A 64 6.53 -7.58 6.18
N THR A 65 6.60 -6.90 5.07
CA THR A 65 5.74 -7.29 3.92
C THR A 65 4.28 -7.39 4.36
N VAL A 66 3.85 -8.54 4.83
CA VAL A 66 2.42 -8.68 5.26
C VAL A 66 1.97 -7.38 5.94
N ILE A 67 2.64 -6.97 6.98
CA ILE A 67 2.25 -5.70 7.66
C ILE A 67 3.48 -4.84 7.97
N CYS A 68 3.89 -4.00 7.06
CA CYS A 68 5.05 -3.11 7.32
C CYS A 68 4.71 -2.18 8.49
N PRO A 69 5.61 -1.99 9.41
CA PRO A 69 5.37 -1.13 10.61
C PRO A 69 5.28 0.36 10.25
N TRP A 70 6.00 0.78 9.25
CA TRP A 70 5.96 2.21 8.87
C TRP A 70 4.65 2.49 8.13
N GLU A 71 3.80 1.51 8.01
CA GLU A 71 2.51 1.72 7.30
C GLU A 71 1.67 0.44 7.43
N ALA A 72 0.93 0.33 8.50
CA ALA A 72 0.11 -0.90 8.70
C ALA A 72 -0.83 -1.09 7.50
N CYS A 73 -1.12 -2.32 7.18
CA CYS A 73 -2.03 -2.60 6.04
C CYS A 73 -3.30 -1.74 6.17
N ASN A 74 -3.49 -1.14 7.31
CA ASN A 74 -4.70 -0.29 7.51
C ASN A 74 -4.46 1.08 6.87
N HIS A 75 -5.14 2.09 7.35
CA HIS A 75 -4.95 3.45 6.78
C HIS A 75 -5.52 3.48 5.35
N CYS A 76 -5.01 4.33 4.51
CA CYS A 76 -5.52 4.41 3.11
C CYS A 76 -7.03 4.67 3.12
N GLU A 77 -7.48 5.67 2.41
CA GLU A 77 -8.95 5.96 2.39
C GLU A 77 -9.71 4.68 2.05
N LEU A 78 -10.70 4.33 2.83
CA LEU A 78 -11.47 3.10 2.54
C LEU A 78 -12.90 3.24 3.08
N HIS A 79 -13.86 2.73 2.36
CA HIS A 79 -15.28 2.84 2.82
C HIS A 79 -16.18 2.00 1.90
N GLU A 80 -15.69 1.63 0.75
CA GLU A 80 -16.51 0.80 -0.19
C GLU A 80 -15.61 -0.15 -0.97
N LEU A 81 -14.37 0.18 -1.12
CA LEU A 81 -13.44 -0.72 -1.87
C LEU A 81 -13.03 -1.88 -0.95
N ALA A 82 -13.31 -1.77 0.32
CA ALA A 82 -12.93 -2.84 1.28
C ALA A 82 -13.77 -4.10 1.02
N GLN A 83 -13.73 -4.60 -0.18
CA GLN A 83 -14.51 -5.84 -0.49
C GLN A 83 -13.95 -6.99 0.36
N TYR A 84 -12.70 -7.31 0.19
CA TYR A 84 -12.08 -8.41 0.99
C TYR A 84 -10.56 -8.23 1.01
N GLY A 85 -9.99 -8.09 2.19
CA GLY A 85 -8.50 -7.91 2.28
C GLY A 85 -8.20 -6.50 2.79
N ILE A 86 -8.95 -5.51 2.35
CA ILE A 86 -8.71 -4.11 2.79
C ILE A 86 -7.27 -3.71 2.43
N CYS A 87 -7.08 -2.54 1.87
CA CYS A 87 -5.71 -2.11 1.50
C CYS A 87 -4.84 -2.00 2.76
C1C RCY B . -3.02 5.48 12.04
O1G RCY B . -3.86 6.88 15.05
O1H RCY B . 0.81 6.38 15.47
O1J RCY B . -1.49 6.14 9.54
C1L RCY B . -2.40 6.35 16.93
C1M RCY B . 0.02 7.44 12.81
C1P RCY B . -2.73 6.67 15.46
C1Q RCY B . -0.40 6.22 15.58
N1R RCY B . -1.47 6.66 14.59
C1S RCY B . -1.11 5.54 16.74
C1U RCY B . -1.32 7.01 13.12
C1V RCY B . -0.71 4.60 12.64
N1V RCY B . -0.99 6.38 10.89
C1W RCY B . 0.20 7.23 11.31
C1X RCY B . -1.54 5.81 12.20
C1Y RCY B . 1.52 6.49 11.03
C1Z RCY B . 0.16 8.56 10.55
H1S RCY B . -0.73 4.63 16.29
H1U RCY B . -2.02 7.80 12.86
C1C RCY C . -3.77 8.49 -1.99
O1G RCY C . -7.04 9.81 -1.83
O1H RCY C . -4.01 13.30 -0.84
O1J RCY C . -3.00 6.75 0.34
C1L RCY C . -6.98 12.20 -2.40
C1M RCY C . -4.70 10.07 1.23
C1P RCY C . -6.49 10.91 -1.73
C1Q RCY C . -5.04 12.66 -1.02
N1R RCY C . -5.21 11.15 -0.91
C1S RCY C . -6.39 13.23 -1.44
C1U RCY C . -4.34 10.14 -0.16
C1V RCY C . -5.98 8.31 -0.76
N1V RCY C . -3.82 7.95 0.46
C1W RCY C . -4.20 8.71 1.73
C1X RCY C . -4.51 8.72 -0.67
C1Y RCY C . -5.29 7.97 2.49
C1Z RCY C . -2.94 8.87 2.59
H1S RCY C . -6.44 13.57 -0.41
H1U RCY C . -3.31 10.44 -0.24
C1C RCY D . 1.44 4.85 -11.52
O1G RCY D . -1.11 2.52 -10.47
O1H RCY D . -3.13 6.60 -11.72
O1J RCY D . 3.07 5.94 -9.24
C1L RCY D . -3.16 3.06 -11.68
C1M RCY D . -0.73 5.86 -8.68
C1P RCY D . -1.88 3.37 -10.90
C1Q RCY D . -2.95 5.44 -11.32
N1R RCY D . -1.68 4.87 -10.71
C1S RCY D . -3.97 4.32 -11.35
C1U RCY D . -0.50 5.63 -10.08
C1V RCY D . 0.61 3.41 -9.60
N1V RCY D . 1.65 5.64 -9.15
C1W RCY D . 0.66 6.08 -8.06
C1X RCY D . 0.81 4.83 -10.12
C1Y RCY D . 0.84 5.23 -6.81
C1Z RCY D . 0.89 7.56 -7.75
H1S RCY D . -4.42 4.84 -10.52
H1U RCY D . -0.37 6.57 -10.59
C1C RCY E . -1.93 -3.80 -5.85
O1G RCY E . -5.87 -5.40 -5.42
O1H RCY E . -2.20 -7.13 -7.83
O1J RCY E . -4.20 -2.63 -4.25
C1L RCY E . -5.60 -6.19 -7.71
C1M RCY E . -3.51 -6.35 -3.68
C1P RCY E . -5.13 -5.84 -6.30
C1Q RCY E . -3.21 -6.51 -7.52
N1R RCY E . -3.64 -6.10 -6.12
C1S RCY E . -4.28 -6.02 -8.48
C1U RCY E . -2.77 -5.97 -4.86
C1V RCY E . -1.26 -4.46 -3.50
N1V RCY E . -3.65 -3.96 -4.05
C1W RCY E . -4.26 -5.10 -3.23
C1X RCY E . -2.34 -4.54 -4.58
C1Y RCY E . -4.07 -4.86 -1.74
C1Z RCY E . -5.75 -5.21 -3.57
H1S RCY E . -3.55 -5.27 -8.75
H1U RCY E . -1.90 -6.59 -4.96
C1C RCY F . 0.47 -10.81 -7.51
O1G RCY F . 0.90 -6.59 -10.96
O1H RCY F . 1.42 -11.23 -10.21
O1J RCY F . -2.17 -10.24 -6.17
C1L RCY F . 2.16 -8.35 -12.11
C1M RCY F . -1.31 -8.03 -9.18
C1P RCY F . 1.26 -7.76 -11.02
C1Q RCY F . 1.65 -10.04 -10.48
N1R RCY F . 0.85 -8.83 -10.00
C1S RCY F . 2.78 -9.53 -11.35
C1U RCY F . -0.11 -8.73 -8.82
C1V RCY F . -1.11 -10.95 -9.47
N1V RCY F . -1.75 -9.66 -7.44
C1W RCY F . -2.38 -8.46 -8.16
C1X RCY F . -0.60 -10.09 -8.32
C1Y RCY F . -3.66 -8.88 -8.87
C1Z RCY F . -2.65 -7.35 -7.15
H1S RCY F . 3.40 -9.76 -10.50
H1U RCY F . 0.38 -8.20 -8.01
C1C RCY G . 2.06 2.37 -2.96
O1G RCY G . 4.96 1.48 -4.02
O1H RCY G . 3.88 -2.47 -1.68
O1J RCY G . -0.88 1.69 -2.97
C1L RCY G . 6.30 -0.17 -2.82
C1M RCY G . 1.52 -1.29 -2.97
C1P RCY G . 5.00 0.45 -3.34
C1Q RCY G . 4.39 -1.41 -2.01
N1R RCY G . 3.77 -0.33 -2.90
C1S RCY G . 5.76 -0.90 -1.59
C1U RCY G . 2.30 -0.13 -3.27
C1V RCY G . 1.90 0.83 -0.96
N1V RCY G . 0.18 0.72 -2.78
C1W RCY G . 0.07 -0.80 -2.84
C1X RCY G . 1.64 0.99 -2.47
C1Y RCY G . -0.56 -1.35 -1.56
C1Z RCY G . -0.76 -1.20 -4.06
H1S RCY G . 5.29 -0.72 -0.64
H1U RCY G . 2.22 0.09 -4.33
C1C RCY H . 3.10 1.94 0.12
O1G RCY H . 3.02 1.32 2.93
O1H RCY H . 4.02 -3.13 1.70
O1J RCY H . 1.11 1.72 -2.14
C1L RCY H . 4.06 -0.56 4.12
C1M RCY H . 1.54 -1.41 0.03
C1P RCY H . 3.37 0.14 2.94
C1Q RCY H . 3.66 -2.14 2.34
N1R RCY H . 3.17 -0.82 1.76
C1S RCY H . 3.64 -2.01 3.84
C1U RCY H . 2.63 -0.53 0.36
C1V RCY H . 1.04 1.16 1.36
N1V RCY H . 1.27 0.72 -1.09
C1W RCY H . 0.74 -0.71 -1.07
C1X RCY H . 2.01 0.86 0.23
C1Y RCY H . -0.76 -0.73 -0.74
C1Z RCY H . 0.99 -1.35 -2.43
H1S RCY H . 2.76 -2.65 3.78
H1U RCY H . 3.42 -0.65 -0.36
C1C RCY I . 2.35 -5.23 3.93
O1G RCY I . 0.34 -0.65 3.40
O1H RCY I . -0.03 -5.35 3.46
O1J RCY I . 1.43 -6.57 1.39
C1L RCY I . -1.43 -2.18 4.10
C1M RCY I . 2.19 -2.82 1.14
C1P RCY I . -0.07 -1.80 3.52
C1Q RCY I . -0.29 -4.15 3.33
N1R RCY I . 0.72 -3.03 3.09
C1S RCY I . -1.66 -3.51 3.40
C1U RCY I . 2.14 -3.13 2.54
C1V RCY I . 4.21 -4.57 2.33
N1V RCY I . 1.95 -5.20 1.46
C1W RCY I . 1.86 -4.12 0.39
C1X RCY I . 2.71 -4.55 2.60
C1Y RCY I . 2.89 -4.36 -0.72
C1Z RCY I . 0.44 -4.08 -0.17
H1S RCY I . -1.80 -3.95 2.42
H1U RCY I . 2.79 -2.46 3.08
C1C RCY J . -1.17 -2.92 3.13
O1G RCY J . -2.84 -1.79 3.19
O1H RCY J . -0.71 2.11 1.57
O1J RCY J . -1.01 -3.29 0.14
C1L RCY J . -3.67 0.39 2.47
C1M RCY J . 1.05 -0.39 1.59
C1P RCY J . -2.59 -0.66 2.78
C1Q RCY J . -1.47 1.34 2.17
N1R RCY J . -1.19 -0.11 2.54
C1S RCY J . -2.86 1.67 2.69
C1U RCY J . 0.16 -0.83 2.63
C1V RCY J . 1.34 -3.06 2.79
N1V RCY J . -0.16 -2.38 0.90
C1W RCY J . 0.73 -1.26 0.37
C1X RCY J . 0.05 -2.33 2.41
C1Y RCY J . 2.02 -1.83 -0.24
C1Z RCY J . -0.05 -0.46 -0.69
H1S RCY J . -2.33 2.22 3.46
H1U RCY J . 0.61 -0.63 3.59
C1C RCY K . -6.84 -6.42 -2.94
O1G RCY K . -7.48 -4.55 -3.18
O1H RCY K . -5.95 -2.99 1.01
O1J RCY K . -4.06 -5.59 -3.75
C1L RCY K . -7.58 -2.37 -2.07
C1M RCY K . -4.74 -5.70 0.02
C1P RCY K . -7.24 -3.86 -2.19
C1Q RCY K . -6.64 -3.18 0.01
N1R RCY K . -6.59 -4.39 -0.91
C1S RCY K . -7.70 -2.24 -0.55
C1U RCY K . -6.02 -5.78 -0.63
C1V RCY K . -5.44 -8.05 -1.60
N1V RCY K . -4.46 -5.88 -2.37
C1W RCY K . -3.70 -5.55 -1.09
C1X RCY K . -5.73 -6.58 -1.89
C1Y RCY K . -2.54 -6.53 -0.88
C1Z RCY K . -3.18 -4.11 -1.17
H1S RCY K . -8.30 -2.59 0.28
H1U RCY K . -6.70 -6.33 -0.01
N MET A 1 0.86 21.94 13.65
CA MET A 1 -0.14 21.59 12.61
C MET A 1 -1.50 21.35 13.27
N ASN A 2 -2.15 22.38 13.72
CA ASN A 2 -3.48 22.21 14.36
C ASN A 2 -3.35 21.25 15.55
N LEU A 3 -4.44 20.79 16.08
CA LEU A 3 -4.38 19.86 17.24
C LEU A 3 -3.76 18.53 16.80
N GLU A 4 -2.49 18.54 16.47
CA GLU A 4 -1.82 17.28 16.03
C GLU A 4 -0.51 17.11 16.83
N PRO A 5 -0.37 16.04 17.57
CA PRO A 5 0.85 15.78 18.38
C PRO A 5 2.14 16.11 17.60
N PRO A 6 3.10 16.72 18.25
CA PRO A 6 4.40 17.08 17.59
C PRO A 6 5.30 15.85 17.38
N LYS A 7 6.23 15.94 16.48
CA LYS A 7 7.14 14.78 16.23
C LYS A 7 7.91 14.46 17.52
N ALA A 8 7.34 13.66 18.37
CA ALA A 8 8.04 13.29 19.64
C ALA A 8 8.04 11.77 19.81
N GLU A 9 6.90 11.14 19.60
CA GLU A 9 6.84 9.66 19.75
C GLU A 9 7.75 9.01 18.70
N CYS A 10 8.24 9.78 17.78
CA CYS A 10 9.15 9.23 16.73
C CYS A 10 10.41 10.09 16.63
N ARG A 11 10.80 10.47 15.45
CA ARG A 11 12.02 11.33 15.31
C ARG A 11 12.41 11.40 13.83
N SER A 12 13.49 12.07 13.52
CA SER A 12 13.92 12.18 12.10
C SER A 12 13.90 10.80 11.44
N ALA A 13 13.77 10.75 10.15
CA ALA A 13 13.74 9.43 9.45
C ALA A 13 13.46 9.66 7.96
N THR A 14 12.89 10.78 7.62
CA THR A 14 12.59 11.07 6.18
C THR A 14 12.09 12.51 6.04
N ARG A 15 12.79 13.32 5.30
CA ARG A 15 12.36 14.74 5.12
C ARG A 15 11.00 14.76 4.42
N VAL A 16 9.96 14.43 5.13
CA VAL A 16 8.58 14.44 4.52
C VAL A 16 8.65 14.09 3.03
N MET A 17 9.29 13.00 2.70
CA MET A 17 9.40 12.59 1.27
C MET A 17 10.33 13.56 0.54
N GLY A 18 10.03 14.83 0.57
CA GLY A 18 10.89 15.82 -0.13
C GLY A 18 10.06 17.08 -0.41
N GLY A 19 9.85 17.40 -1.65
CA GLY A 19 9.06 18.62 -1.98
C GLY A 19 7.65 18.47 -1.38
N PRO A 20 6.81 19.44 -1.61
CA PRO A 20 5.41 19.41 -1.10
C PRO A 20 4.73 18.07 -1.34
N CYS A 21 3.48 17.94 -0.96
CA CYS A 21 2.76 16.65 -1.18
C CYS A 21 1.42 16.93 -1.87
N THR A 22 1.37 16.80 -3.17
CA THR A 22 0.11 17.06 -3.91
C THR A 22 -0.60 15.73 -4.18
N PRO A 23 -1.89 15.66 -3.96
CA PRO A 23 -2.68 14.42 -4.20
C PRO A 23 -2.23 13.68 -5.46
N ARG A 24 -2.10 12.38 -5.37
CA ARG A 24 -1.66 11.59 -6.56
C ARG A 24 -2.74 10.55 -6.91
N LYS A 25 -3.39 10.70 -8.02
CA LYS A 25 -4.45 9.73 -8.42
C LYS A 25 -5.35 9.44 -7.20
N GLY A 26 -6.42 10.18 -7.06
CA GLY A 26 -7.33 9.95 -5.91
C GLY A 26 -8.33 8.84 -6.26
N PRO A 27 -9.25 9.12 -7.15
CA PRO A 27 -10.28 8.13 -7.58
C PRO A 27 -9.67 6.76 -7.85
N PRO A 28 -10.47 5.71 -7.78
CA PRO A 28 -9.98 4.33 -8.04
C PRO A 28 -9.10 4.26 -9.29
N LYS A 29 -8.33 3.22 -9.44
CA LYS A 29 -7.45 3.11 -10.64
C LYS A 29 -8.12 2.20 -11.67
N CYS A 30 -9.37 1.89 -11.48
CA CYS A 30 -10.08 1.00 -12.45
C CYS A 30 -9.34 -0.33 -12.54
N LYS A 31 -8.74 -0.76 -11.46
CA LYS A 31 -8.00 -2.06 -11.46
C LYS A 31 -8.60 -2.99 -10.41
N GLN A 32 -9.65 -3.69 -10.75
CA GLN A 32 -10.28 -4.62 -9.78
C GLN A 32 -10.79 -5.86 -10.52
N ARG A 33 -10.01 -6.38 -11.43
CA ARG A 33 -10.44 -7.58 -12.19
C ARG A 33 -9.21 -8.38 -12.61
N GLN A 34 -8.56 -9.03 -11.68
CA GLN A 34 -7.35 -9.84 -12.02
C GLN A 34 -7.60 -11.30 -11.68
N THR A 35 -7.57 -11.64 -10.42
CA THR A 35 -7.82 -13.05 -10.02
C THR A 35 -8.48 -13.07 -8.63
N ARG A 36 -8.32 -12.03 -7.86
CA ARG A 36 -8.93 -11.99 -6.51
C ARG A 36 -8.49 -13.23 -5.73
N GLN A 37 -7.22 -13.34 -5.43
CA GLN A 37 -6.73 -14.53 -4.67
C GLN A 37 -5.24 -14.36 -4.37
N CYS A 38 -4.78 -14.85 -3.25
CA CYS A 38 -3.34 -14.73 -2.90
C CYS A 38 -2.75 -16.12 -2.70
N LYS A 39 -3.51 -17.02 -2.12
CA LYS A 39 -2.99 -18.39 -1.90
C LYS A 39 -2.91 -19.11 -3.25
N SER A 40 -2.82 -18.37 -4.32
CA SER A 40 -2.75 -19.01 -5.67
C SER A 40 -1.30 -19.38 -5.99
N LYS A 41 -0.38 -18.47 -5.83
CA LYS A 41 1.04 -18.78 -6.13
C LYS A 41 1.96 -18.00 -5.18
N PRO A 42 3.18 -18.44 -5.02
CA PRO A 42 4.17 -17.78 -4.12
C PRO A 42 4.71 -16.47 -4.70
N PRO A 43 5.27 -15.63 -3.87
CA PRO A 43 5.84 -14.32 -4.31
C PRO A 43 7.14 -14.50 -5.11
N LYS A 44 7.22 -13.91 -6.26
CA LYS A 44 8.45 -14.06 -7.09
C LYS A 44 9.69 -13.75 -6.25
N LYS A 45 9.52 -13.33 -5.03
CA LYS A 45 10.70 -13.02 -4.17
C LYS A 45 11.44 -11.81 -4.74
N GLY A 46 11.15 -10.64 -4.24
CA GLY A 46 11.84 -9.42 -4.76
C GLY A 46 13.09 -9.15 -3.92
N VAL A 47 13.50 -7.91 -3.83
CA VAL A 47 14.71 -7.58 -3.03
C VAL A 47 14.39 -7.69 -1.54
N GLN A 48 13.13 -7.86 -1.20
CA GLN A 48 12.75 -7.98 0.23
C GLN A 48 11.46 -8.78 0.35
N GLY A 49 10.80 -9.02 -0.75
CA GLY A 49 9.52 -9.78 -0.73
C GLY A 49 8.49 -9.04 -1.57
N CYS A 50 8.74 -8.88 -2.84
CA CYS A 50 7.78 -8.15 -3.70
C CYS A 50 8.18 -8.33 -5.17
N GLY A 51 7.76 -7.44 -6.02
CA GLY A 51 8.13 -7.56 -7.47
C GLY A 51 9.44 -6.81 -7.72
N ASP A 52 9.66 -5.73 -7.01
CA ASP A 52 10.92 -4.96 -7.21
C ASP A 52 11.15 -4.71 -8.70
N ASP A 53 10.56 -3.68 -9.24
CA ASP A 53 10.73 -3.40 -10.69
C ASP A 53 10.14 -2.04 -11.02
N ILE A 54 8.84 -1.93 -11.06
CA ILE A 54 8.18 -0.63 -11.38
C ILE A 54 7.60 -0.01 -10.10
N PRO A 55 8.42 0.61 -9.29
CA PRO A 55 7.95 1.23 -8.02
C PRO A 55 6.57 1.86 -8.17
N GLY A 56 5.54 1.15 -7.74
CA GLY A 56 4.14 1.66 -7.85
C GLY A 56 4.10 3.17 -8.08
N MET A 57 4.38 3.61 -9.28
CA MET A 57 4.34 5.06 -9.60
C MET A 57 4.74 5.89 -8.36
N GLU A 58 5.71 5.44 -7.62
CA GLU A 58 6.14 6.20 -6.41
C GLU A 58 7.65 6.02 -6.20
N GLY A 59 8.04 5.01 -5.46
CA GLY A 59 9.49 4.79 -5.22
C GLY A 59 9.67 3.71 -4.15
N CYS A 60 9.06 2.58 -4.34
CA CYS A 60 9.20 1.48 -3.34
C CYS A 60 9.10 0.13 -4.05
N GLY A 61 8.93 -0.93 -3.32
CA GLY A 61 8.84 -2.28 -3.95
C GLY A 61 7.39 -2.77 -3.90
N THR A 62 6.68 -2.66 -4.99
CA THR A 62 5.26 -3.11 -5.00
C THR A 62 4.68 -2.92 -6.40
N ASP A 63 5.43 -3.23 -7.41
CA ASP A 63 4.92 -3.06 -8.80
C ASP A 63 3.84 -4.10 -9.07
N ILE A 64 2.77 -4.08 -8.32
CA ILE A 64 1.69 -5.08 -8.53
C ILE A 64 2.30 -6.48 -8.56
N THR A 65 2.51 -7.04 -7.40
CA THR A 65 3.09 -8.41 -7.35
C THR A 65 1.99 -9.37 -7.79
N VAL A 66 1.31 -9.02 -8.85
CA VAL A 66 0.21 -9.88 -9.35
C VAL A 66 -0.98 -9.79 -8.37
N ILE A 67 -0.73 -9.33 -7.17
CA ILE A 67 -1.84 -9.21 -6.17
C ILE A 67 -1.74 -7.89 -5.41
N CYS A 68 -2.66 -6.98 -5.65
CA CYS A 68 -2.66 -5.70 -4.90
C CYS A 68 -3.97 -5.60 -4.11
N PRO A 69 -4.03 -4.78 -3.09
CA PRO A 69 -5.25 -4.64 -2.25
C PRO A 69 -6.54 -4.54 -3.07
N TRP A 70 -6.47 -3.91 -4.20
CA TRP A 70 -7.69 -3.79 -5.04
C TRP A 70 -7.92 -5.09 -5.83
N GLU A 71 -7.58 -6.22 -5.27
CA GLU A 71 -7.79 -7.50 -6.01
C GLU A 71 -8.03 -8.66 -5.04
N ALA A 72 -7.00 -9.16 -4.42
CA ALA A 72 -7.15 -10.31 -3.48
C ALA A 72 -8.14 -10.00 -2.36
N CYS A 73 -7.84 -10.47 -1.18
CA CYS A 73 -8.75 -10.25 -0.02
C CYS A 73 -9.14 -8.77 0.07
N ASN A 74 -10.25 -8.41 -0.51
CA ASN A 74 -10.68 -6.99 -0.46
C ASN A 74 -11.28 -6.68 0.91
N HIS A 75 -12.13 -7.54 1.41
CA HIS A 75 -12.74 -7.28 2.76
C HIS A 75 -11.71 -7.62 3.85
N CYS A 76 -11.79 -8.80 4.41
CA CYS A 76 -10.82 -9.18 5.48
C CYS A 76 -11.06 -8.30 6.71
N GLU A 77 -11.11 -7.01 6.52
CA GLU A 77 -11.32 -6.08 7.66
C GLU A 77 -12.57 -6.52 8.45
N LEU A 78 -13.67 -5.86 8.25
CA LEU A 78 -14.91 -6.23 8.99
C LEU A 78 -14.77 -5.80 10.45
N HIS A 79 -14.33 -4.59 10.68
CA HIS A 79 -14.16 -4.12 12.08
C HIS A 79 -13.98 -2.60 12.10
N GLU A 80 -13.01 -2.10 11.39
CA GLU A 80 -12.77 -0.62 11.38
C GLU A 80 -13.46 0.00 10.15
N LEU A 81 -12.70 0.57 9.25
CA LEU A 81 -13.31 1.20 8.04
C LEU A 81 -13.95 0.13 7.17
N ALA A 82 -14.34 -0.97 7.75
CA ALA A 82 -14.97 -2.06 6.94
C ALA A 82 -16.10 -1.47 6.10
N GLN A 83 -16.08 -1.71 4.81
CA GLN A 83 -17.14 -1.17 3.92
C GLN A 83 -17.11 -1.93 2.59
N TYR A 84 -16.04 -1.82 1.87
CA TYR A 84 -15.93 -2.55 0.57
C TYR A 84 -14.45 -2.92 0.35
N GLY A 85 -13.66 -2.81 1.37
CA GLY A 85 -12.21 -3.16 1.24
C GLY A 85 -11.41 -1.91 0.93
N ILE A 86 -11.69 -0.82 1.59
CA ILE A 86 -10.92 0.43 1.33
C ILE A 86 -9.42 0.11 1.40
N CYS A 87 -9.06 -0.86 2.19
CA CYS A 87 -7.62 -1.23 2.30
C CYS A 87 -7.23 -2.13 1.13
C1C RCY B . 1.13 9.17 13.52
O1G RCY B . 3.39 8.12 11.81
O1H RCY B . 5.17 10.44 15.52
O1J RCY B . 1.23 10.07 16.40
C1L RCY B . 5.16 7.59 13.42
C1M RCY B . 3.31 12.14 13.93
C1P RCY B . 4.07 8.47 12.78
C1Q RCY B . 5.07 9.76 14.51
N1R RCY B . 3.94 9.81 13.48
C1S RCY B . 6.04 8.70 14.03
C1U RCY B . 2.92 10.94 13.24
C1V RCY B . 0.49 11.62 13.29
N1V RCY B . 1.79 10.83 15.28
C1W RCY B . 2.75 12.02 15.35
C1X RCY B . 1.54 10.63 13.79
C1Y RCY B . 2.00 13.28 15.76
C1Z RCY B . 3.86 11.70 16.36
H1S RCY B . 6.66 9.53 13.76
H1U RCY B . 2.85 11.14 12.19
C1C RCY C . 3.95 13.37 6.25
O1G RCY C . 1.06 11.27 3.93
O1H RCY C . 4.77 13.22 1.74
O1J RCY C . 6.44 12.08 7.35
C1L RCY C . 1.30 12.53 1.85
C1M RCY C . 5.26 10.80 3.93
C1P RCY C . 1.78 11.89 3.15
C1Q RCY C . 3.64 13.02 2.20
N1R RCY C . 3.28 12.12 3.37
C1S RCY C . 2.35 13.64 1.70
C1U RCY C . 4.19 11.58 4.47
C1V RCY C . 5.57 13.71 4.32
N1V RCY C . 5.94 11.88 6.00
C1W RCY C . 6.37 10.80 5.00
C1X RCY C . 4.89 12.69 5.26
C1Y RCY C . 7.72 11.15 4.37
C1Z RCY C . 6.44 9.46 5.72
H1S RCY C . 2.71 14.54 2.18
H1U RCY C . 3.62 10.97 5.16
C1C RCY D . -5.93 6.06 -10.70
O1G RCY D . -9.05 2.71 -8.79
O1H RCY D . -7.64 3.71 -13.19
O1J RCY D . -3.05 5.28 -10.28
C1L RCY D . -10.21 2.79 -10.95
C1M RCY D . -5.57 2.38 -10.34
C1P RCY D . -9.01 2.94 -10.00
C1Q RCY D . -8.30 3.65 -12.16
N1R RCY D . -7.76 3.41 -10.75
C1S RCY D . -9.80 3.79 -12.04
C1U RCY D . -6.33 3.59 -10.22
C1V RCY D . -5.62 4.33 -12.54
N1V RCY D . -4.13 4.32 -10.52
C1W RCY D . -4.10 2.81 -10.33
C1X RCY D . -5.53 4.62 -11.03
C1Y RCY D . -3.34 2.14 -11.47
C1Z RCY D . -3.43 2.50 -8.98
H1S RCY D . -9.61 4.84 -12.21
H1U RCY D . -6.37 3.91 -9.19
C1C RCY E . -3.11 -11.83 -6.45
O1G RCY E . 1.26 -13.22 -5.14
O1H RCY E . -2.62 -12.01 -2.74
O1J RCY E . -2.36 -9.83 -8.58
C1L RCY E . 0.20 -14.11 -3.13
C1M RCY E . 0.22 -10.36 -5.79
C1P RCY E . 0.37 -13.14 -4.30
C1Q RCY E . -1.47 -12.38 -3.03
N1R RCY E . -0.73 -12.07 -4.32
C1S RCY E . -0.55 -13.19 -2.15
C1U RCY E . -1.00 -10.98 -5.35
C1V RCY E . -0.84 -12.72 -7.18
N1V RCY E . -1.44 -10.32 -7.55
C1W RCY E . -0.09 -9.73 -7.14
C1X RCY E . -1.63 -11.52 -6.63
C1Y RCY E . 0.98 -10.10 -8.18
C1Z RCY E . -0.22 -8.20 -7.04
H1S RCY E . -0.44 -12.28 -1.58
H1U RCY E . -1.65 -10.23 -4.92
C1C RCY F . 1.25 -9.77 -5.57
O1G RCY F . 2.11 -9.15 -3.87
O1H RCY F . 5.45 -6.59 -6.00
O1J RCY F . -0.14 -7.17 -6.20
C1L RCY F . 3.82 -7.63 -3.05
C1M RCY F . 3.28 -7.70 -7.88
C1P RCY F . 3.07 -8.42 -4.11
C1Q RCY F . 4.86 -7.31 -5.21
N1R RCY F . 3.65 -8.19 -5.51
C1S RCY F . 5.19 -7.49 -3.73
C1U RCY F . 3.15 -8.70 -6.86
C1V RCY F . 1.25 -9.82 -8.11
N1V RCY F . 1.06 -7.64 -6.88
C1W RCY F . 2.00 -6.84 -7.79
C1X RCY F . 1.66 -9.05 -6.85
C1Y RCY F . 1.38 -6.66 -9.17
C1Z RCY F . 2.29 -5.49 -7.13
H1S RCY F . 6.01 -8.08 -4.11
H1U RCY F . 3.73 -9.58 -7.15
C1C RCY G . 9.43 4.21 -6.14
O1G RCY G . 13.42 3.78 -2.34
O1H RCY G . 8.94 3.13 -3.68
O1J RCY G . 11.15 4.49 -8.60
C1L RCY G . 11.44 2.88 -1.20
C1M RCY G . 13.02 4.03 -5.29
C1P RCY G . 12.21 3.52 -2.36
C1Q RCY G . 9.93 3.40 -3.02
N1R RCY G . 11.30 3.80 -3.56
C1S RCY G . 10.04 3.41 -1.51
C1U RCY G . 11.66 4.34 -4.95
C1V RCY G . 10.88 2.14 -5.95
N1V RCY G . 11.66 4.12 -7.28
C1W RCY G . 13.11 4.09 -6.82
C1X RCY G . 10.86 3.67 -6.06
C1Y RCY G . 13.82 2.86 -7.36
C1Z RCY G . 13.80 5.37 -7.29
H1S RCY G . 9.47 4.33 -1.58
H1U RCY G . 11.50 5.40 -4.99
C1C RCY H . -1.22 -0.64 -1.48
O1G RCY H . 2.22 -1.86 -2.80
O1H RCY H . -1.46 -1.32 -5.69
O1J RCY H . 1.49 -0.65 -0.17
C1L RCY H . 1.17 -3.32 -4.46
C1M RCY H . 1.26 1.16 -3.54
C1P RCY H . 1.32 -2.05 -3.62
C1Q RCY H . -0.65 -1.80 -4.91
N1R RCY H . 0.23 -1.03 -3.93
C1S RCY H . -0.34 -3.27 -4.72
C1U RCY H . 0.06 0.39 -3.40
C1V RCY H . -0.69 1.83 -1.46
N1V RCY H . 1.15 0.14 -1.35
C1W RCY H . 2.11 0.85 -2.31
C1X RCY H . -0.23 0.45 -1.91
C1Y RCY H . 2.63 2.15 -1.68
C1Z RCY H . 3.27 -0.08 -2.64
H1S RCY H . -1.30 -3.30 -4.22
H1U RCY H . -0.74 0.89 -3.94
C1C RCY I . -4.86 -7.21 4.19
O1G RCY I . -5.92 -12.12 1.82
O1H RCY I . -6.33 -11.35 3.96
O1J RCY I . -4.72 -4.86 2.32
C1L RCY I . -5.62 -10.15 3.30
C1M RCY I . -4.70 -8.32 0.66
C1P RCY I . -5.99 -10.92 2.06
C1Q RCY I . -6.17 -10.53 3.09
N1R RCY I . -4.88 -9.92 2.48
C1S RCY I . -5.31 -10.58 1.84
C1U RCY I . -4.47 -8.53 2.07
C1V RCY I . -6.80 -7.71 2.64
N1V RCY I . -4.92 -6.24 1.89
C1W RCY I . -4.79 -6.80 0.47
C1X RCY I . -5.30 -7.44 2.74
C1Y RCY I . -6.03 -6.43 -0.36
C1Z RCY I . -3.53 -6.25 -0.18
H1S RCY I . -5.59 -9.78 1.16
H1U RCY I . -3.43 -8.38 2.29
C1C RCY J . -7.65 -7.57 0.63
O1G RCY J . -4.36 -9.60 3.68
O1H RCY J . -7.99 -6.64 3.08
O1J RCY J . -7.67 -4.64 1.34
C1L RCY J . -6.34 -9.07 5.03
C1M RCY J . -4.28 -6.42 1.66
C1P RCY J . -5.39 -8.92 3.83
C1Q RCY J . -7.07 -7.28 3.58
N1R RCY J . -5.86 -7.85 2.86
C1S RCY J . -6.94 -7.66 5.05
C1U RCY J . -5.27 -7.45 1.50
C1V RCY J . -5.79 -6.70 -0.86
N1V RCY J . -6.46 -5.45 1.21
C1W RCY J . -5.04 -5.10 1.67
C1X RCY J . -6.32 -6.82 0.58
C1Y RCY J . -4.40 -4.09 0.70
C1Z RCY J . -5.11 -4.52 3.08
H1S RCY J . -6.68 -6.62 5.18
H1U RCY J . -4.84 -8.32 1.03
C1C RCY K . -2.47 0.20 1.36
O1G RCY K . -2.26 -1.30 6.18
O1H RCY K . -5.42 -1.54 2.68
O1J RCY K . -0.72 -1.54 -0.36
C1L RCY K . -4.70 -1.11 6.11
C1M RCY K . -1.92 -3.10 2.94
C1P RCY K . -3.30 -1.28 5.51
C1Q RCY K . -4.82 -1.20 3.71
N1R RCY K . -3.34 -1.42 3.99
C1S RCY K . -5.42 -0.49 4.91
C1U RCY K . -2.21 -1.70 3.00
C1V RCY K . -3.91 -1.88 1.15
N1V RCY K . -1.43 -2.02 0.82
C1W RCY K . -1.22 -3.32 1.59
C1X RCY K . -2.56 -1.31 1.57
C1Y RCY K . -1.85 -4.50 0.84
C1Z RCY K . 0.29 -3.55 1.78
H1S RCY K . -5.42 0.37 4.26
H1U RCY K . -1.32 -1.16 3.32
N MET A 1 -0.77 28.26 11.60
CA MET A 1 -0.66 26.82 11.95
C MET A 1 0.08 26.09 10.81
N ASN A 2 0.13 24.78 10.87
CA ASN A 2 0.82 24.01 9.81
C ASN A 2 2.20 24.62 9.55
N LEU A 3 2.75 25.29 10.53
CA LEU A 3 4.09 25.90 10.34
C LEU A 3 5.16 24.80 10.35
N GLU A 4 5.01 23.81 9.51
CA GLU A 4 6.01 22.71 9.47
C GLU A 4 7.26 23.19 8.71
N PRO A 5 8.41 23.21 9.33
CA PRO A 5 9.67 23.66 8.68
C PRO A 5 9.81 23.08 7.26
N PRO A 6 10.58 23.73 6.42
CA PRO A 6 10.79 23.27 5.02
C PRO A 6 11.64 22.00 4.93
N LYS A 7 11.38 21.17 3.97
CA LYS A 7 12.17 19.91 3.83
C LYS A 7 12.30 19.22 5.18
N ALA A 8 11.22 19.11 5.89
CA ALA A 8 11.27 18.45 7.23
C ALA A 8 9.94 17.74 7.51
N GLU A 9 9.70 17.39 8.75
CA GLU A 9 8.42 16.69 9.09
C GLU A 9 8.44 15.26 8.53
N CYS A 10 8.90 15.08 7.33
CA CYS A 10 8.95 13.72 6.73
C CYS A 10 9.75 12.79 7.65
N ARG A 11 9.42 11.53 7.67
CA ARG A 11 10.16 10.57 8.55
C ARG A 11 9.85 10.89 10.02
N SER A 12 8.60 10.94 10.37
CA SER A 12 8.22 11.24 11.77
C SER A 12 9.03 10.35 12.73
N ALA A 13 8.74 9.07 12.76
CA ALA A 13 9.49 8.16 13.67
C ALA A 13 9.42 6.73 13.12
N THR A 14 8.89 5.82 13.90
CA THR A 14 8.81 4.40 13.44
C THR A 14 7.71 4.28 12.38
N ARG A 15 7.53 5.28 11.56
CA ARG A 15 6.47 5.21 10.51
C ARG A 15 5.12 4.96 11.17
N VAL A 16 4.83 5.65 12.24
CA VAL A 16 3.52 5.45 12.93
C VAL A 16 3.01 6.78 13.46
N MET A 17 1.72 7.00 13.43
CA MET A 17 1.17 8.29 13.93
C MET A 17 1.95 9.46 13.30
N GLY A 18 1.51 9.93 12.17
CA GLY A 18 2.23 11.06 11.51
C GLY A 18 1.68 11.25 10.09
N GLY A 19 0.91 12.27 9.87
CA GLY A 19 0.36 12.51 8.50
C GLY A 19 -0.84 13.46 8.60
N PRO A 20 -0.58 14.72 8.79
CA PRO A 20 -1.64 15.76 8.90
C PRO A 20 -2.69 15.65 7.78
N CYS A 21 -2.48 14.77 6.84
CA CYS A 21 -3.46 14.61 5.73
C CYS A 21 -3.93 13.15 5.66
N THR A 22 -5.10 12.88 6.17
CA THR A 22 -5.61 11.49 6.15
C THR A 22 -6.15 11.17 4.75
N PRO A 23 -5.81 10.04 4.18
CA PRO A 23 -6.28 9.64 2.83
C PRO A 23 -7.75 9.99 2.59
N ARG A 24 -8.66 9.13 2.97
CA ARG A 24 -10.11 9.40 2.77
C ARG A 24 -10.90 8.13 3.05
N LYS A 25 -12.01 8.23 3.73
CA LYS A 25 -12.82 7.01 4.02
C LYS A 25 -13.02 6.23 2.72
N GLY A 26 -13.14 6.92 1.62
CA GLY A 26 -13.34 6.23 0.31
C GLY A 26 -12.08 6.43 -0.54
N PRO A 27 -11.33 5.37 -0.77
CA PRO A 27 -10.08 5.44 -1.58
C PRO A 27 -10.33 6.00 -2.99
N PRO A 28 -9.66 7.07 -3.36
CA PRO A 28 -9.83 7.68 -4.69
C PRO A 28 -9.85 6.64 -5.82
N LYS A 29 -10.83 6.69 -6.67
CA LYS A 29 -10.90 5.70 -7.78
C LYS A 29 -9.66 5.85 -8.66
N CYS A 30 -9.30 4.82 -9.39
CA CYS A 30 -8.10 4.90 -10.27
C CYS A 30 -8.44 4.29 -11.63
N LYS A 31 -8.61 3.00 -11.69
CA LYS A 31 -8.95 2.35 -13.00
C LYS A 31 -10.47 2.32 -13.16
N GLN A 32 -11.03 1.16 -13.39
CA GLN A 32 -12.51 1.05 -13.55
C GLN A 32 -12.95 -0.38 -13.26
N ARG A 33 -12.87 -0.81 -12.04
CA ARG A 33 -13.28 -2.20 -11.68
C ARG A 33 -12.49 -3.19 -12.54
N GLN A 34 -12.30 -4.39 -12.07
CA GLN A 34 -11.51 -5.41 -12.85
C GLN A 34 -10.31 -4.73 -13.50
N THR A 35 -9.89 -3.61 -12.97
CA THR A 35 -8.73 -2.86 -13.53
C THR A 35 -8.43 -3.29 -14.95
N ARG A 36 -7.21 -3.62 -15.24
CA ARG A 36 -6.83 -4.07 -16.62
C ARG A 36 -5.69 -5.07 -16.49
N GLN A 37 -5.67 -5.82 -15.43
CA GLN A 37 -4.59 -6.83 -15.23
C GLN A 37 -3.23 -6.13 -15.18
N CYS A 38 -2.86 -5.62 -14.04
CA CYS A 38 -1.55 -4.93 -13.92
C CYS A 38 -0.43 -5.96 -13.79
N LYS A 39 -0.62 -7.12 -14.36
CA LYS A 39 0.43 -8.18 -14.28
C LYS A 39 1.24 -8.20 -15.58
N SER A 40 2.44 -8.70 -15.52
CA SER A 40 3.27 -8.76 -16.76
C SER A 40 4.74 -9.04 -16.39
N LYS A 41 5.15 -8.68 -15.20
CA LYS A 41 6.57 -8.92 -14.80
C LYS A 41 6.77 -10.40 -14.43
N PRO A 42 7.98 -10.90 -14.52
CA PRO A 42 8.30 -12.31 -14.18
C PRO A 42 7.96 -12.63 -12.71
N PRO A 43 7.99 -13.90 -12.34
CA PRO A 43 7.69 -14.33 -10.96
C PRO A 43 8.86 -14.07 -10.00
N LYS A 44 8.61 -14.14 -8.71
CA LYS A 44 9.71 -13.89 -7.74
C LYS A 44 9.34 -14.52 -6.39
N LYS A 45 8.09 -14.49 -6.02
CA LYS A 45 7.67 -15.09 -4.73
C LYS A 45 6.22 -15.57 -4.82
N GLY A 46 5.28 -14.71 -4.55
CA GLY A 46 3.84 -15.12 -4.62
C GLY A 46 3.42 -15.24 -6.08
N VAL A 47 3.65 -16.37 -6.69
CA VAL A 47 3.26 -16.56 -8.11
C VAL A 47 1.85 -17.17 -8.19
N GLN A 48 0.97 -16.55 -8.93
CA GLN A 48 -0.42 -17.09 -9.04
C GLN A 48 -1.18 -16.30 -10.11
N GLY A 49 -2.03 -15.39 -9.71
CA GLY A 49 -2.80 -14.59 -10.70
C GLY A 49 -4.06 -14.04 -10.03
N CYS A 50 -4.89 -13.36 -10.79
CA CYS A 50 -6.14 -12.79 -10.21
C CYS A 50 -5.80 -11.59 -9.34
N GLY A 51 -4.55 -11.39 -9.03
CA GLY A 51 -4.16 -10.22 -8.19
C GLY A 51 -2.87 -10.53 -7.44
N ASP A 52 -1.80 -10.82 -8.14
CA ASP A 52 -0.52 -11.12 -7.47
C ASP A 52 0.57 -11.38 -8.51
N ASP A 53 0.96 -12.61 -8.70
CA ASP A 53 2.02 -12.93 -9.70
C ASP A 53 3.35 -12.32 -9.24
N ILE A 54 3.33 -11.09 -8.79
CA ILE A 54 4.58 -10.45 -8.31
C ILE A 54 4.20 -9.41 -7.25
N PRO A 55 3.93 -9.86 -6.05
CA PRO A 55 3.55 -8.97 -4.93
C PRO A 55 4.77 -8.36 -4.23
N GLY A 56 5.45 -7.47 -4.90
CA GLY A 56 6.65 -6.84 -4.28
C GLY A 56 7.13 -5.68 -5.14
N MET A 57 6.61 -5.56 -6.34
CA MET A 57 7.04 -4.45 -7.23
C MET A 57 5.94 -4.16 -8.26
N GLU A 58 5.04 -5.09 -8.46
CA GLU A 58 3.94 -4.87 -9.45
C GLU A 58 2.85 -5.92 -9.25
N GLY A 59 1.93 -6.03 -10.17
CA GLY A 59 0.85 -7.03 -10.02
C GLY A 59 -0.28 -6.45 -9.18
N CYS A 60 -1.09 -7.29 -8.59
CA CYS A 60 -2.22 -6.78 -7.76
C CYS A 60 -2.85 -5.56 -8.43
N GLY A 61 -3.33 -5.73 -9.64
CA GLY A 61 -3.94 -4.58 -10.36
C GLY A 61 -5.26 -4.18 -9.69
N THR A 62 -6.12 -5.13 -9.45
CA THR A 62 -7.43 -4.80 -8.80
C THR A 62 -7.20 -4.44 -7.33
N ASP A 63 -6.14 -3.72 -7.03
CA ASP A 63 -5.87 -3.35 -5.62
C ASP A 63 -6.90 -2.31 -5.16
N ILE A 64 -7.47 -1.58 -6.07
CA ILE A 64 -8.47 -0.54 -5.68
C ILE A 64 -9.88 -1.12 -5.80
N THR A 65 -9.98 -2.42 -5.86
CA THR A 65 -11.32 -3.09 -5.95
C THR A 65 -12.39 -2.18 -5.34
N VAL A 66 -12.75 -1.13 -6.03
CA VAL A 66 -13.79 -0.21 -5.49
C VAL A 66 -13.24 0.53 -4.26
N ILE A 67 -12.54 -0.18 -3.41
CA ILE A 67 -11.97 0.46 -2.18
C ILE A 67 -10.54 -0.05 -1.99
N CYS A 68 -9.55 0.73 -2.32
CA CYS A 68 -8.16 0.26 -2.11
C CYS A 68 -7.86 0.27 -0.61
N PRO A 69 -7.35 -0.80 -0.07
CA PRO A 69 -7.03 -0.89 1.39
C PRO A 69 -5.81 -0.06 1.77
N TRP A 70 -5.09 0.43 0.80
CA TRP A 70 -3.88 1.25 1.12
C TRP A 70 -4.28 2.68 1.47
N GLU A 71 -5.56 2.96 1.53
CA GLU A 71 -5.99 4.36 1.86
C GLU A 71 -6.84 4.35 3.14
N ALA A 72 -8.03 3.84 3.07
CA ALA A 72 -8.90 3.81 4.28
C ALA A 72 -8.45 2.69 5.22
N CYS A 73 -8.18 1.52 4.70
CA CYS A 73 -7.75 0.39 5.57
C CYS A 73 -6.27 0.53 5.91
N ASN A 74 -5.83 1.71 6.24
CA ASN A 74 -4.40 1.92 6.60
C ASN A 74 -3.49 1.53 5.43
N HIS A 75 -2.35 0.97 5.72
CA HIS A 75 -1.40 0.57 4.64
C HIS A 75 -1.87 -0.74 4.00
N CYS A 76 -0.94 -1.57 3.60
CA CYS A 76 -1.32 -2.86 2.96
C CYS A 76 -0.10 -3.79 2.90
N GLU A 77 1.03 -3.32 3.35
CA GLU A 77 2.25 -4.17 3.31
C GLU A 77 2.00 -5.47 4.10
N LEU A 78 3.05 -6.08 4.60
CA LEU A 78 2.87 -7.34 5.35
C LEU A 78 4.00 -7.50 6.37
N HIS A 79 5.11 -6.84 6.16
CA HIS A 79 6.24 -6.96 7.14
C HIS A 79 7.05 -5.66 7.17
N GLU A 80 7.44 -5.14 6.03
CA GLU A 80 8.23 -3.89 6.02
C GLU A 80 7.41 -2.75 6.64
N LEU A 81 6.44 -2.25 5.92
CA LEU A 81 5.60 -1.15 6.47
C LEU A 81 4.33 -1.72 7.11
N ALA A 82 4.37 -2.95 7.55
CA ALA A 82 3.18 -3.56 8.19
C ALA A 82 2.91 -2.86 9.52
N GLN A 83 3.22 -1.60 9.62
CA GLN A 83 2.98 -0.86 10.88
C GLN A 83 1.59 -1.20 11.41
N TYR A 84 0.57 -0.71 10.76
CA TYR A 84 -0.81 -1.03 11.21
C TYR A 84 -1.02 -2.54 11.13
N GLY A 85 -0.66 -3.15 10.03
CA GLY A 85 -0.84 -4.62 9.88
C GLY A 85 -2.21 -5.00 10.42
N ILE A 86 -3.08 -4.04 10.56
CA ILE A 86 -4.44 -4.30 11.11
C ILE A 86 -5.41 -4.57 9.96
N CYS A 87 -5.81 -5.81 9.81
CA CYS A 87 -6.76 -6.15 8.71
C CYS A 87 -8.00 -5.27 8.81
C1C RCY B . 6.63 8.69 7.28
O1G RCY B . 4.11 11.95 4.46
O1H RCY B . 8.13 9.56 5.04
O1J RCY B . 4.62 10.30 8.85
C1L RCY B . 6.46 12.54 4.18
C1M RCY B . 3.55 9.27 5.32
C1P RCY B . 5.29 11.62 4.55
C1Q RCY B . 7.28 10.44 5.05
N1R RCY B . 5.77 10.26 5.03
C1S RCY B . 7.55 11.93 5.07
C1U RCY B . 4.95 9.01 5.40
C1V RCY B . 4.58 7.20 7.12
N1V RCY B . 4.34 9.65 7.57
C1W RCY B . 3.13 9.89 6.65
C1X RCY B . 5.16 8.58 6.86
C1Y RCY B . 1.89 9.18 7.20
C1Z RCY B . 2.89 11.40 6.52
H1S RCY B . 7.81 11.77 6.11
H1U RCY B . 5.22 8.20 4.75
C1C RCY C . 1.42 12.64 -0.54
O1G RCY C . -2.76 13.43 -0.45
O1H RCY C . 0.67 15.33 2.17
O1J RCY C . -0.69 11.40 -2.29
C1L RCY C . -2.48 13.74 1.96
C1M RCY C . -0.79 15.23 -1.99
C1P RCY C . -2.06 13.82 0.48
C1Q RCY C . -0.23 14.60 1.77
N1R RCY C . -0.67 14.41 0.32
C1S RCY C . -1.10 13.68 2.61
C1U RCY C . 0.10 14.75 -0.96
C1V RCY C . 1.76 13.94 -2.69
N1V RCY C . -0.43 12.84 -2.20
C1W RCY C . -1.32 13.98 -2.70
C1X RCY C . 0.77 13.53 -1.60
C1Y RCY C . -1.21 14.13 -4.22
C1Z RCY C . -2.78 13.69 -2.30
H1S RCY C . -0.21 13.07 2.67
H1U RCY C . 0.84 15.51 -0.75
C1C RCY D . -0.96 1.00 -9.74
O1G RCY D . -0.96 4.41 -7.78
O1H RCY D . -5.24 2.43 -7.89
O1J RCY D . -0.88 -1.81 -8.65
C1L RCY D . -3.22 5.31 -8.11
C1M RCY D . -2.94 0.70 -6.62
C1P RCY D . -2.17 4.21 -7.89
C1Q RCY D . -4.27 3.13 -8.14
N1R RCY D . -2.81 2.82 -7.84
C1S RCY D . -4.31 4.50 -8.81
C1U RCY D . -2.17 1.47 -7.56
C1V RCY D . -3.43 0.49 -9.52
N1V RCY D . -1.76 -0.75 -8.14
C1W RCY D . -2.55 -0.77 -6.83
C1X RCY D . -2.09 0.58 -8.79
C1Y RCY D . -3.79 -1.64 -6.96
C1Z RCY D . -1.65 -1.26 -5.71
H1S RCY D . -4.50 3.94 -9.72
H1U RCY D . -1.17 1.62 -7.16
C1C RCY E . 1.64 -5.09 -6.54
O1G RCY E . 1.62 -3.42 -7.74
O1H RCY E . -1.18 -5.36 -11.02
O1J RCY E . -0.64 -3.52 -5.37
C1L RCY E . 1.02 -2.77 -10.02
C1M RCY E . -1.60 -6.23 -7.92
C1P RCY E . 1.02 -3.68 -8.78
C1Q RCY E . -0.24 -4.79 -10.46
N1R RCY E . 0.17 -4.93 -8.99
C1S RCY E . 0.73 -3.81 -11.11
C1U RCY E . -0.18 -6.05 -8.01
C1V RCY E . 0.17 -6.96 -5.68
N1V RCY E . -0.80 -4.71 -6.19
C1W RCY E . -2.08 -5.21 -6.86
C1X RCY E . 0.25 -5.73 -6.58
C1Y RCY E . -2.99 -5.89 -5.84
C1Z RCY E . -2.80 -4.03 -7.53
H1S RCY E . 1.15 -4.70 -11.56
H1U RCY E . 0.28 -6.97 -8.33
C1C RCY F . -7.53 -9.12 -3.97
O1G RCY F . -10.01 -9.28 -6.47
O1H RCY F . -8.37 -13.70 -6.21
O1J RCY F . -7.15 -10.10 -1.15
C1L RCY F . -9.61 -11.02 -8.14
C1M RCY F . -8.97 -12.51 -3.52
C1P RCY F . -9.60 -10.41 -6.74
C1Q RCY F . -8.58 -12.55 -6.58
N1R RCY F . -9.03 -11.38 -5.71
C1S RCY F . -8.45 -12.02 -8.00
C1U RCY F . -8.92 -11.23 -4.19
C1V RCY F . -6.40 -11.35 -4.39
N1V RCY F . -7.63 -10.93 -2.25
C1W RCY F . -8.31 -12.30 -2.16
C1X RCY F . -7.58 -10.63 -3.74
C1Y RCY F . -7.28 -13.39 -1.88
C1Z RCY F . -9.36 -12.28 -1.04
H1S RCY F . -7.39 -12.08 -7.81
H1U RCY F . -9.73 -10.61 -3.82
C1C RCY G . 0.69 -4.69 -0.03
O1G RCY G . 1.56 -4.40 -1.92
O1H RCY G . -2.07 -6.36 -4.22
O1J RCY G . 0.02 -1.85 -0.80
C1L RCY G . 1.29 -5.28 -4.19
C1M RCY G . -2.67 -4.48 -1.58
C1P RCY G . 0.85 -4.96 -2.76
C1Q RCY G . -0.94 -6.11 -3.79
N1R RCY G . -0.60 -5.41 -2.50
C1S RCY G . 0.36 -6.47 -4.48
C1U RCY G . -1.47 -5.19 -1.26
C1V RCY G . -1.54 -4.38 1.14
N1V RCY G . -0.93 -2.96 -0.83
C1W RCY G . -2.30 -2.99 -1.51
C1X RCY G . -0.79 -4.34 -0.19
C1Y RCY G . -3.33 -2.22 -0.68
C1Z RCY G . -2.18 -2.39 -2.92
H1S RCY G . 0.14 -7.47 -4.16
H1U RCY G . -1.72 -6.15 -0.83
C1C RCY H . -4.22 3.09 1.10
O1G RCY H . -1.89 -1.48 -0.79
O1H RCY H . -4.77 2.16 -1.64
O1J RCY H . -1.92 4.47 2.44
C1L RCY H . -3.67 -1.09 -2.43
C1M RCY H . -1.01 1.42 0.30
C1P RCY H . -2.77 -0.74 -1.23
C1Q RCY H . -4.33 1.02 -1.49
N1R RCY H . -3.12 0.62 -0.66
C1S RCY H . -4.90 -0.25 -2.10
C1U RCY H . -2.43 1.40 0.47
C1V RCY H . -2.70 3.52 -0.88
N1V RCY H . -1.77 3.43 1.44
C1W RCY H . -0.51 2.63 1.10
C1X RCY H . -2.84 2.88 0.50
C1Y RCY H . 0.44 3.48 0.25
C1Z RCY H . 0.17 2.19 2.40
H1S RCY H . -5.67 -0.13 -1.36
H1U RCY H . -2.68 0.94 1.42
C1C RCY I . -4.19 -0.68 2.02
O1G RCY I . -8.58 1.31 -0.56
O1H RCY I . -6.73 -1.07 3.08
O1J RCY I . -2.11 0.32 0.09
C1L RCY I . -9.50 0.56 1.59
C1M RCY I . -5.76 0.90 -0.94
C1P RCY I . -8.42 0.71 0.50
C1Q RCY I . -7.50 -0.67 2.21
N1R RCY I . -7.12 0.01 0.89
C1S RCY I . -9.02 -0.74 2.26
C1U RCY I . -5.78 -0.03 0.16
C1V RCY I . -4.90 1.74 1.75
N1V RCY I . -3.54 0.61 -0.02
C1W RCY I . -4.28 1.18 -1.23
C1X RCY I . -4.61 0.42 1.04
C1Y RCY I . -4.04 2.70 -1.34
C1Z RCY I . -3.81 0.47 -2.49
H1S RCY I . -8.87 -1.79 2.04
H1U RCY I . -5.59 -1.03 -0.21
C1C RCY J . 1.91 -6.23 -3.50
O1G RCY J . -0.70 -5.90 -3.05
O1H RCY J . -0.01 -3.81 1.12
O1J RCY J . 4.72 -6.90 -2.65
C1L RCY J . -2.22 -4.95 -1.39
C1M RCY J . 2.46 -5.38 0.06
C1P RCY J . -0.86 -5.37 -1.95
C1Q RCY J . -0.47 -4.50 0.22
N1R RCY J . 0.28 -5.03 -0.99
C1S RCY J . -1.90 -5.00 0.11
C1U RCY J . 1.79 -5.19 -1.19
C1V RCY J . 1.47 -7.68 -1.47
N1V RCY J . 3.65 -6.51 -1.73
C1W RCY J . 3.80 -6.06 -0.28
C1X RCY J . 2.16 -6.43 -2.01
C1Y RCY J . 4.02 -7.27 0.63
C1Z RCY J . 4.96 -5.08 -0.16
H1S RCY J . -1.62 -5.69 0.89
H1U RCY J . 2.18 -4.31 -1.68
C1C RCY K . -4.37 -3.51 3.63
O1G RCY K . -6.44 -3.76 5.33
O1H RCY K . -5.58 -8.33 6.14
O1J RCY K . -2.27 -4.47 1.69
C1L RCY K . -7.62 -5.49 6.60
C1M RCY K . -3.86 -7.17 3.89
C1P RCY K . -6.52 -4.93 5.69
C1Q RCY K . -6.15 -7.27 5.89
N1R RCY K . -5.53 -6.02 5.28
C1S RCY K . -7.61 -6.95 6.16
C1U RCY K . -4.24 -5.91 4.45
C1V RCY K . -5.63 -5.35 2.42
N1V RCY K . -3.13 -5.36 2.48
C1W RCY K . -2.95 -6.86 2.71
C1X RCY K . -4.39 -5.00 3.24
C1Y RCY K . -3.39 -7.64 1.47
C1Z RCY K . -1.48 -7.14 3.03
H1S RCY K . -7.80 -7.58 5.31
H1U RCY K . -3.44 -5.54 5.09
N MET A 1 -5.12 7.97 28.76
CA MET A 1 -4.44 6.66 28.54
C MET A 1 -4.92 6.05 27.24
N ASN A 2 -6.12 6.37 26.83
CA ASN A 2 -6.66 5.79 25.55
C ASN A 2 -6.04 6.53 24.38
N LEU A 3 -6.22 6.01 23.19
CA LEU A 3 -5.64 6.68 21.99
C LEU A 3 -6.52 7.86 21.58
N GLU A 4 -6.26 9.04 22.10
CA GLU A 4 -7.09 10.21 21.74
C GLU A 4 -6.82 10.58 20.27
N PRO A 5 -7.81 10.50 19.42
CA PRO A 5 -7.66 10.83 17.97
C PRO A 5 -6.78 12.06 17.74
N PRO A 6 -5.53 11.85 17.40
CA PRO A 6 -4.56 12.96 17.16
C PRO A 6 -4.58 13.43 15.69
N LYS A 7 -4.00 14.57 15.43
CA LYS A 7 -3.97 15.10 14.03
C LYS A 7 -2.52 15.30 13.61
N ALA A 8 -1.63 15.39 14.56
CA ALA A 8 -0.19 15.58 14.23
C ALA A 8 0.53 14.23 14.33
N GLU A 9 0.34 13.37 13.37
CA GLU A 9 1.00 12.04 13.40
C GLU A 9 2.48 12.21 13.76
N CYS A 10 2.80 12.09 15.03
CA CYS A 10 4.22 12.24 15.47
C CYS A 10 4.78 10.87 15.86
N ARG A 11 6.08 10.73 15.83
CA ARG A 11 6.69 9.41 16.20
C ARG A 11 6.09 8.92 17.52
N SER A 12 5.40 9.78 18.23
CA SER A 12 4.80 9.36 19.53
C SER A 12 3.35 8.91 19.28
N ALA A 13 2.99 8.68 18.05
CA ALA A 13 1.60 8.25 17.74
C ALA A 13 1.39 6.82 18.24
N THR A 14 0.29 6.22 17.88
CA THR A 14 0.02 4.81 18.34
C THR A 14 0.46 3.84 17.24
N ARG A 15 0.85 2.65 17.61
CA ARG A 15 1.28 1.66 16.57
C ARG A 15 0.05 1.12 15.84
N VAL A 16 -1.10 1.22 16.45
CA VAL A 16 -2.33 0.71 15.79
C VAL A 16 -2.57 1.49 14.49
N MET A 17 -3.79 1.87 14.25
CA MET A 17 -4.10 2.64 13.00
C MET A 17 -5.61 2.86 12.92
N GLY A 18 -6.13 3.76 13.71
CA GLY A 18 -7.60 4.02 13.68
C GLY A 18 -7.85 5.53 13.79
N GLY A 19 -8.60 5.94 14.79
CA GLY A 19 -8.88 7.40 14.95
C GLY A 19 -9.64 7.91 13.71
N PRO A 20 -10.83 8.42 13.88
CA PRO A 20 -11.64 8.94 12.74
C PRO A 20 -10.81 9.77 11.75
N CYS A 21 -10.05 9.12 10.90
CA CYS A 21 -9.23 9.87 9.92
C CYS A 21 -10.08 10.21 8.69
N THR A 22 -9.63 11.11 7.86
CA THR A 22 -10.42 11.48 6.65
C THR A 22 -9.65 11.04 5.39
N PRO A 23 -9.98 9.90 4.85
CA PRO A 23 -9.33 9.37 3.61
C PRO A 23 -9.49 10.32 2.42
N ARG A 24 -9.63 9.80 1.24
CA ARG A 24 -9.80 10.67 0.05
C ARG A 24 -11.29 10.80 -0.28
N LYS A 25 -12.05 9.77 -0.04
CA LYS A 25 -13.52 9.83 -0.32
C LYS A 25 -14.28 9.06 0.76
N GLY A 26 -14.28 7.75 0.68
CA GLY A 26 -15.00 6.95 1.70
C GLY A 26 -14.47 5.50 1.70
N PRO A 27 -14.96 4.68 2.59
CA PRO A 27 -14.54 3.26 2.69
C PRO A 27 -14.40 2.60 1.32
N PRO A 28 -13.88 1.40 1.28
CA PRO A 28 -13.70 0.64 0.01
C PRO A 28 -14.88 0.82 -0.95
N LYS A 29 -14.60 1.16 -2.18
CA LYS A 29 -15.71 1.35 -3.17
C LYS A 29 -15.13 1.22 -4.58
N CYS A 30 -15.52 2.10 -5.47
CA CYS A 30 -15.01 2.03 -6.87
C CYS A 30 -15.17 0.61 -7.40
N LYS A 31 -14.53 0.30 -8.49
CA LYS A 31 -14.63 -1.08 -9.07
C LYS A 31 -13.35 -1.85 -8.73
N GLN A 32 -13.49 -3.06 -8.25
CA GLN A 32 -12.27 -3.86 -7.90
C GLN A 32 -12.43 -5.29 -8.43
N ARG A 33 -13.63 -5.70 -8.70
CA ARG A 33 -13.85 -7.08 -9.23
C ARG A 33 -13.15 -7.21 -10.57
N GLN A 34 -13.46 -6.34 -11.49
CA GLN A 34 -12.82 -6.40 -12.84
C GLN A 34 -12.78 -7.84 -13.33
N THR A 35 -11.73 -8.21 -14.03
CA THR A 35 -11.62 -9.61 -14.54
C THR A 35 -10.43 -10.30 -13.86
N ARG A 36 -9.73 -9.60 -13.01
CA ARG A 36 -8.57 -10.22 -12.32
C ARG A 36 -7.64 -10.86 -13.36
N GLN A 37 -6.63 -10.16 -13.78
CA GLN A 37 -5.70 -10.74 -14.81
C GLN A 37 -4.30 -10.16 -14.59
N CYS A 38 -3.48 -10.14 -15.60
CA CYS A 38 -2.10 -9.61 -15.46
C CYS A 38 -1.34 -10.42 -14.41
N LYS A 39 -1.96 -11.44 -13.88
CA LYS A 39 -1.28 -12.29 -12.86
C LYS A 39 -0.76 -13.56 -13.54
N SER A 40 0.27 -14.16 -13.00
CA SER A 40 0.83 -15.39 -13.62
C SER A 40 1.48 -15.04 -14.96
N LYS A 41 0.99 -14.01 -15.59
CA LYS A 41 1.56 -13.57 -16.90
C LYS A 41 1.68 -12.04 -16.90
N PRO A 42 2.79 -11.50 -16.45
CA PRO A 42 2.99 -10.03 -16.39
C PRO A 42 2.86 -9.37 -17.76
N PRO A 43 2.52 -8.10 -17.79
CA PRO A 43 2.36 -7.32 -19.04
C PRO A 43 3.71 -7.05 -19.73
N LYS A 44 3.68 -6.63 -20.96
CA LYS A 44 4.95 -6.33 -21.70
C LYS A 44 5.96 -5.70 -20.74
N LYS A 45 5.59 -4.64 -20.09
CA LYS A 45 6.53 -3.98 -19.14
C LYS A 45 6.62 -4.80 -17.86
N GLY A 46 6.82 -4.17 -16.74
CA GLY A 46 6.92 -4.93 -15.46
C GLY A 46 7.89 -6.10 -15.64
N VAL A 47 9.03 -5.86 -16.21
CA VAL A 47 10.02 -6.96 -16.41
C VAL A 47 10.44 -7.52 -15.04
N GLN A 48 10.74 -8.79 -14.98
CA GLN A 48 11.15 -9.38 -13.68
C GLN A 48 12.27 -8.55 -13.07
N GLY A 49 12.08 -8.04 -11.88
CA GLY A 49 13.13 -7.21 -11.23
C GLY A 49 12.47 -5.97 -10.62
N CYS A 50 11.33 -5.59 -11.10
CA CYS A 50 10.63 -4.39 -10.56
C CYS A 50 11.54 -3.17 -10.69
N GLY A 51 11.12 -2.18 -11.41
CA GLY A 51 11.95 -0.94 -11.57
C GLY A 51 11.09 0.30 -11.30
N ASP A 52 11.68 1.46 -11.33
CA ASP A 52 10.90 2.69 -11.07
C ASP A 52 9.98 2.98 -12.27
N ASP A 53 9.19 2.02 -12.67
CA ASP A 53 8.29 2.25 -13.83
C ASP A 53 7.54 3.57 -13.65
N ILE A 54 6.84 4.01 -14.65
CA ILE A 54 6.10 5.30 -14.53
C ILE A 54 5.23 5.25 -13.27
N PRO A 55 5.11 6.36 -12.57
CA PRO A 55 4.28 6.43 -11.33
C PRO A 55 2.77 6.43 -11.64
N GLY A 56 2.35 5.55 -12.51
CA GLY A 56 0.90 5.51 -12.86
C GLY A 56 0.52 6.79 -13.60
N MET A 57 1.43 7.34 -14.35
CA MET A 57 1.12 8.59 -15.11
C MET A 57 0.62 9.65 -14.13
N GLU A 58 1.33 9.89 -13.07
CA GLU A 58 0.89 10.91 -12.07
C GLU A 58 2.12 11.66 -11.54
N GLY A 59 2.93 11.01 -10.75
CA GLY A 59 4.14 11.70 -10.19
C GLY A 59 4.39 11.22 -8.77
N CYS A 60 3.50 10.44 -8.22
CA CYS A 60 3.70 9.93 -6.83
C CYS A 60 5.03 9.18 -6.75
N GLY A 61 5.68 8.99 -7.86
CA GLY A 61 6.97 8.24 -7.84
C GLY A 61 7.88 8.80 -6.74
N THR A 62 7.83 10.08 -6.50
CA THR A 62 8.68 10.68 -5.44
C THR A 62 8.34 10.07 -4.09
N ASP A 63 7.08 10.03 -3.74
CA ASP A 63 6.67 9.45 -2.43
C ASP A 63 6.89 7.94 -2.46
N ILE A 64 7.61 7.43 -3.43
CA ILE A 64 7.85 5.97 -3.51
C ILE A 64 9.36 5.71 -3.56
N THR A 65 10.07 6.44 -4.38
CA THR A 65 11.54 6.24 -4.48
C THR A 65 11.85 4.75 -4.58
N VAL A 66 10.91 3.98 -5.07
CA VAL A 66 11.13 2.51 -5.20
C VAL A 66 11.25 1.89 -3.81
N ILE A 67 11.79 2.62 -2.86
CA ILE A 67 11.93 2.08 -1.48
C ILE A 67 11.28 3.04 -0.48
N CYS A 68 10.02 2.83 -0.19
CA CYS A 68 9.32 3.71 0.78
C CYS A 68 9.21 3.00 2.13
N PRO A 69 9.18 3.73 3.21
CA PRO A 69 9.09 3.15 4.58
C PRO A 69 8.27 1.86 4.62
N TRP A 70 7.29 1.72 3.77
CA TRP A 70 6.46 0.49 3.77
C TRP A 70 7.19 -0.63 3.02
N GLU A 71 7.84 -0.31 1.94
CA GLU A 71 8.57 -1.37 1.18
C GLU A 71 9.45 -2.17 2.15
N ALA A 72 9.83 -1.57 3.24
CA ALA A 72 10.67 -2.30 4.23
C ALA A 72 9.78 -3.27 5.02
N CYS A 73 8.57 -3.46 4.57
CA CYS A 73 7.65 -4.38 5.29
C CYS A 73 8.36 -5.72 5.52
N ASN A 74 9.04 -6.22 4.53
CA ASN A 74 9.77 -7.51 4.70
C ASN A 74 10.66 -7.75 3.47
N HIS A 75 11.42 -6.77 3.09
CA HIS A 75 12.32 -6.93 1.91
C HIS A 75 11.49 -7.40 0.71
N CYS A 76 10.25 -7.00 0.65
CA CYS A 76 9.38 -7.41 -0.49
C CYS A 76 9.41 -8.93 -0.62
N GLU A 77 9.05 -9.64 0.42
CA GLU A 77 9.06 -11.12 0.35
C GLU A 77 7.94 -11.60 -0.56
N LEU A 78 7.17 -12.57 -0.16
CA LEU A 78 6.06 -13.07 -1.03
C LEU A 78 4.98 -13.73 -0.16
N HIS A 79 3.84 -14.01 -0.75
CA HIS A 79 2.70 -14.65 -0.02
C HIS A 79 3.02 -14.85 1.47
N GLU A 80 4.07 -15.58 1.76
CA GLU A 80 4.45 -15.84 3.19
C GLU A 80 4.05 -14.66 4.09
N LEU A 81 4.34 -13.46 3.71
CA LEU A 81 3.98 -12.29 4.58
C LEU A 81 2.48 -12.02 4.51
N ALA A 82 1.70 -13.02 4.16
CA ALA A 82 0.22 -12.82 4.07
C ALA A 82 -0.34 -12.60 5.47
N GLN A 83 0.11 -11.58 6.16
CA GLN A 83 -0.41 -11.33 7.53
C GLN A 83 -1.74 -10.59 7.46
N TYR A 84 -1.76 -9.45 6.80
CA TYR A 84 -3.03 -8.70 6.68
C TYR A 84 -3.90 -9.34 5.60
N GLY A 85 -3.53 -9.18 4.35
CA GLY A 85 -4.33 -9.79 3.25
C GLY A 85 -4.23 -8.92 1.99
N ILE A 86 -3.08 -8.89 1.37
CA ILE A 86 -2.93 -8.07 0.14
C ILE A 86 -1.86 -8.70 -0.77
N CYS A 87 -0.66 -8.87 -0.28
CA CYS A 87 0.41 -9.49 -1.12
C CYS A 87 0.25 -11.01 -1.09
C1C RCY B . 6.05 7.03 14.52
O1G RCY B . 6.03 8.40 17.26
O1H RCY B . 7.27 12.18 14.70
O1J RCY B . 8.37 5.62 13.20
C1L RCY B . 5.67 10.81 17.53
C1M RCY B . 9.12 9.11 14.59
C1P RCY B . 6.21 9.55 16.85
C1Q RCY B . 7.04 11.42 15.64
N1R RCY B . 7.03 9.89 15.61
C1S RCY B . 6.69 11.84 17.06
C1U RCY B . 7.69 8.97 14.58
C1V RCY B . 7.80 7.15 16.35
N1V RCY B . 8.49 6.86 13.96
C1W RCY B . 9.67 7.82 13.99
C1X RCY B . 7.47 7.48 14.90
C1Y RCY B . 10.80 7.25 14.87
C1Z RCY B . 10.18 8.04 12.56
H1S RCY B . 7.74 12.09 17.13
H1U RCY B . 7.31 9.19 13.60
C1C RCY C . -4.57 7.78 3.16
O1G RCY C . -5.72 6.88 4.98
O1H RCY C . -4.19 10.67 7.36
O1J RCY C . -4.90 10.69 2.48
C1L RCY C . -6.67 8.22 6.80
C1M RCY C . -2.34 9.91 5.22
C1P RCY C . -5.60 7.81 5.78
C1Q RCY C . -4.70 9.58 7.08
N1R RCY C . -4.37 8.70 5.88
C1S RCY C . -5.79 8.87 7.87
C1U RCY C . -3.10 8.72 5.01
C1V RCY C . -2.16 8.44 2.67
N1V RCY C . -3.85 10.17 3.34
C1W RCY C . -2.94 10.97 4.28
C1X RCY C . -3.41 8.73 3.51
C1Y RCY C . -1.83 11.67 3.49
C1Z RCY C . -3.78 11.99 5.05
H1S RCY C . -4.99 8.64 8.57
H1U RCY C . -2.50 7.85 5.25
C1C RCY D . -8.14 4.87 -9.61
O1G RCY D . -8.39 3.59 -5.03
O1H RCY D . -11.55 3.02 -8.50
O1J RCY D . -6.59 2.97 -11.37
C1L RCY D . -10.82 3.85 -5.14
C1M RCY D . -8.29 1.41 -8.32
C1P RCY D . -9.42 3.56 -5.71
C1Q RCY D . -10.94 3.46 -7.53
N1R RCY D . -9.47 3.24 -7.19
C1S RCY D . -11.52 4.32 -6.42
C1U RCY D . -8.33 2.83 -8.13
C1V RCY D . -9.90 3.10 -10.11
N1V RCY D . -7.46 2.55 -10.28
C1W RCY D . -7.53 1.17 -9.63
C1X RCY D . -8.49 3.38 -9.54
C1Y RCY D . -8.30 0.19 -10.52
C1Z RCY D . -6.11 0.67 -9.37
H1S RCY D . -11.49 5.11 -7.16
H1U RCY D . -7.39 3.16 -7.72
C1C RCY E . -5.11 -9.28 -9.35
O1G RCY E . -2.76 -7.11 -14.05
O1H RCY E . -3.85 -6.64 -14.27
O1J RCY E . -4.33 -7.55 -7.02
C1L RCY E . -4.31 -6.86 -12.08
C1M RCY E . -3.05 -6.41 -10.44
C1P RCY E . -3.75 -7.42 -13.42
C1Q RCY E . -4.21 -6.91 -13.13
N1R RCY E . -3.89 -8.03 -12.06
C1S RCY E . -3.57 -8.13 -12.58
C1U RCY E . -3.53 -7.74 -10.61
C1V RCY E . -5.90 -7.00 -10.14
N1V RCY E . -4.11 -7.19 -8.42
C1W RCY E . -3.21 -6.07 -8.96
C1X RCY E . -4.71 -7.83 -9.65
C1Y RCY E . -3.89 -4.71 -8.78
C1Z RCY E . -1.87 -6.11 -8.23
H1S RCY E . -3.86 -8.76 -13.39
H1U RCY E . -2.77 -8.44 -10.29
C1C RCY F . 5.84 -5.71 -3.34
O1G RCY F . 7.15 -1.79 -5.46
O1H RCY F . 6.03 -5.89 -7.51
O1J RCY F . 2.92 -5.97 -2.64
C1L RCY F . 8.13 -3.07 -7.32
C1M RCY F . 3.72 -3.86 -5.74
C1P RCY F . 7.15 -2.81 -6.17
C1Q RCY F . 6.66 -4.96 -7.02
N1R RCY F . 6.15 -3.95 -6.01
C1S RCY F . 8.10 -4.60 -7.34
C1U RCY F . 4.96 -4.07 -5.05
C1V RCY F . 4.88 -6.56 -5.53
N1V RCY F . 3.42 -5.39 -3.87
C1W RCY F . 2.64 -4.54 -4.88
C1X RCY F . 4.82 -5.48 -4.45
C1Y RCY F . 1.74 -5.43 -5.74
C1Z RCY F . 1.80 -3.51 -4.13
H1S RCY F . 8.34 -5.47 -6.73
H1U RCY F . 5.06 -3.35 -4.25
C1C RCY G . -1.60 4.89 -7.34
O1G RCY G . -0.52 9.42 -7.00
O1H RCY G . -1.62 6.98 -6.77
O1J RCY G . -0.14 2.51 -6.21
C1L RCY G . -0.34 6.94 -6.94
C1M RCY G . 2.01 5.59 -6.98
C1P RCY G . -0.58 8.33 -7.52
C1Q RCY G . -0.90 7.84 -7.25
N1R RCY G . 0.47 7.31 -7.79
C1S RCY G . 0.43 7.89 -7.89
C1U RCY G . 0.75 5.81 -7.61
C1V RCY G . -0.41 5.94 -5.36
N1V RCY G . 0.46 3.83 -6.39
C1W RCY G . 1.94 4.19 -6.34
C1X RCY G . -0.26 5.15 -6.66
C1Y RCY G . 2.43 4.25 -4.89
C1Z RCY G . 2.74 3.16 -7.13
H1S RCY G . 0.06 8.35 -8.80
H1U RCY G . 0.72 5.32 -8.57
C1C RCY H . 2.81 -1.29 -1.20
O1G RCY H . 6.10 1.32 -4.40
O1H RCY H . 4.30 1.09 -0.04
O1J RCY H . 1.14 -2.58 -3.36
C1L RCY H . 6.94 2.00 -2.20
C1M RCY H . 3.41 0.29 -4.49
C1P RCY H . 5.91 1.44 -3.19
C1Q RCY H . 4.89 1.47 -1.06
N1R RCY H . 4.62 1.03 -2.49
C1S RCY H . 6.00 2.50 -1.11
C1U RCY H . 3.38 0.34 -3.05
C1V RCY H . 4.59 -1.88 -2.91
N1V RCY H . 2.20 -1.61 -3.61
C1W RCY H . 2.48 -0.84 -4.91
C1X RCY H . 3.28 -1.13 -2.65
C1Y RCY H . 3.17 -1.76 -5.93
C1Z RCY H . 1.16 -0.31 -5.46
H1S RCY H . 5.21 3.22 -0.93
H1U RCY H . 2.49 0.86 -2.73
C1C RCY I . 0.92 -6.25 4.23
O1G RCY I . 3.54 -5.21 0.24
O1H RCY I . 2.39 -4.02 4.66
O1J RCY I . -0.15 -3.62 5.22
C1L RCY I . 4.83 -4.37 2.15
C1M RCY I . 0.13 -3.98 1.42
C1P RCY I . 3.57 -4.80 1.40
C1Q RCY I . 2.89 -4.03 3.54
N1R RCY I . 2.32 -4.67 2.28
C1S RCY I . 4.23 -3.41 3.16
C1U RCY I . 0.87 -5.07 2.00
C1V RCY I . -1.25 -6.09 2.92
N1V RCY I . -0.15 -4.02 3.82
C1W RCY I . -0.38 -3.15 2.60
C1X RCY I . 0.09 -5.42 3.26
C1Y RCY I . -1.87 -2.84 2.43
C1Z RCY I . 0.42 -1.85 2.75
H1S RCY I . 3.69 -2.47 3.22
H1U RCY I . 0.86 -5.91 1.32
C1C RCY J . 4.88 -7.32 1.99
O1G RCY J . 3.86 -6.21 -2.04
O1H RCY J . 8.27 -6.21 -0.36
O1J RCY J . 3.29 -5.42 3.68
C1L RCY J . 5.99 -6.95 -2.96
C1M RCY J . 4.67 -3.99 0.40
C1P RCY J . 5.07 -6.32 -1.91
C1Q RCY J . 7.29 -6.10 -1.11
N1R RCY J . 5.86 -5.84 -0.69
C1S RCY J . 7.31 -6.23 -2.62
C1U RCY J . 5.34 -5.24 0.63
C1V RCY J . 3.17 -6.51 0.31
N1V RCY J . 3.73 -5.13 2.31
C1W RCY J . 3.75 -3.78 1.61
C1X RCY J . 4.27 -6.11 1.29
C1Y RCY J . 2.35 -3.39 1.15
C1Z RCY J . 4.32 -2.73 2.56
H1S RCY J . 7.75 -5.25 -2.59
H1U RCY J . 6.16 -5.11 1.30
C1C RCY K . -0.77 -5.43 -6.74
O1G RCY K . 0.13 -7.49 -5.25
O1H RCY K . 0.49 -4.84 -1.36
O1J RCY K . -1.24 -2.54 -7.46
C1L RCY K . 1.00 -7.92 -3.01
C1M RCY K . -0.20 -3.21 -3.84
C1P RCY K . 0.39 -7.07 -4.13
C1Q RCY K . 0.74 -5.64 -2.26
N1R RCY K . 0.14 -5.63 -3.66
C1S RCY K . 1.69 -6.83 -2.18
C1U RCY K . -0.55 -4.48 -4.41
C1V RCY K . 1.41 -4.39 -6.00
N1V RCY K . -0.66 -2.99 -6.20
C1W RCY K . -0.45 -2.17 -4.93
C1X RCY K . -0.11 -4.37 -5.86
C1Y RCY K . 0.76 -1.24 -5.08
C1Z RCY K . -1.71 -1.36 -4.64
H1S RCY K . 2.46 -6.07 -2.24
H1U RCY K . -1.62 -4.62 -4.36
N MET A 1 -9.26 2.93 27.25
CA MET A 1 -10.44 3.42 26.47
C MET A 1 -10.01 3.75 25.03
N ASN A 2 -10.31 4.93 24.57
CA ASN A 2 -9.91 5.30 23.18
C ASN A 2 -8.42 5.63 23.14
N LEU A 3 -7.67 5.13 24.08
CA LEU A 3 -6.21 5.41 24.10
C LEU A 3 -5.52 4.63 22.97
N GLU A 4 -4.70 5.30 22.19
CA GLU A 4 -4.01 4.58 21.08
C GLU A 4 -2.90 3.70 21.66
N PRO A 5 -2.85 2.44 21.28
CA PRO A 5 -1.81 1.49 21.78
C PRO A 5 -0.42 2.15 21.87
N PRO A 6 0.01 2.51 23.06
CA PRO A 6 1.34 3.14 23.26
C PRO A 6 2.46 2.11 23.40
N LYS A 7 3.54 2.28 22.67
CA LYS A 7 4.65 1.30 22.76
C LYS A 7 5.99 2.05 22.63
N ALA A 8 5.95 3.27 22.15
CA ALA A 8 7.21 4.05 21.99
C ALA A 8 6.92 5.30 21.15
N GLU A 9 5.71 5.76 21.16
CA GLU A 9 5.37 6.98 20.35
C GLU A 9 5.67 6.71 18.87
N CYS A 10 6.50 7.51 18.26
CA CYS A 10 6.83 7.30 16.83
C CYS A 10 8.26 7.77 16.56
N ARG A 11 9.13 7.62 17.53
CA ARG A 11 10.55 8.04 17.33
C ARG A 11 10.61 9.54 16.99
N SER A 12 10.32 9.90 15.78
CA SER A 12 10.36 11.34 15.38
C SER A 12 9.00 11.99 15.64
N ALA A 13 7.94 11.27 15.41
CA ALA A 13 6.58 11.85 15.63
C ALA A 13 6.28 12.88 14.54
N THR A 14 6.80 12.68 13.36
CA THR A 14 6.54 13.63 12.25
C THR A 14 5.07 13.56 11.85
N ARG A 15 4.19 14.06 12.68
CA ARG A 15 2.74 14.02 12.34
C ARG A 15 2.41 15.15 11.37
N VAL A 16 1.86 14.81 10.23
CA VAL A 16 1.51 15.86 9.23
C VAL A 16 0.36 15.36 8.36
N MET A 17 -0.15 14.20 8.64
CA MET A 17 -1.28 13.65 7.83
C MET A 17 -2.50 14.57 7.95
N GLY A 18 -3.28 14.38 8.98
CA GLY A 18 -4.49 15.23 9.15
C GLY A 18 -5.66 14.64 8.35
N GLY A 19 -6.79 15.28 8.37
CA GLY A 19 -7.95 14.74 7.61
C GLY A 19 -8.59 13.58 8.39
N PRO A 20 -9.44 13.89 9.33
CA PRO A 20 -10.12 12.86 10.17
C PRO A 20 -10.70 11.73 9.32
N CYS A 21 -10.08 10.58 9.35
CA CYS A 21 -10.60 9.42 8.55
C CYS A 21 -11.95 8.97 9.14
N THR A 22 -13.03 9.38 8.54
CA THR A 22 -14.37 8.97 9.06
C THR A 22 -14.41 7.44 9.23
N PRO A 23 -14.41 6.95 10.44
CA PRO A 23 -14.45 5.48 10.71
C PRO A 23 -15.67 4.81 10.04
N ARG A 24 -15.68 4.71 8.74
CA ARG A 24 -16.84 4.07 8.06
C ARG A 24 -16.52 3.88 6.58
N LYS A 25 -16.89 2.77 6.01
CA LYS A 25 -16.62 2.53 4.57
C LYS A 25 -17.67 3.26 3.73
N GLY A 26 -17.29 3.79 2.61
CA GLY A 26 -18.27 4.52 1.75
C GLY A 26 -17.70 4.70 0.34
N PRO A 27 -16.62 5.41 0.23
CA PRO A 27 -15.95 5.67 -1.08
C PRO A 27 -15.87 4.40 -1.95
N PRO A 28 -16.08 4.53 -3.23
CA PRO A 28 -16.01 3.37 -4.17
C PRO A 28 -14.85 2.42 -3.85
N LYS A 29 -14.96 1.17 -4.24
CA LYS A 29 -13.87 0.21 -3.96
C LYS A 29 -12.79 0.35 -5.03
N CYS A 30 -13.07 1.07 -6.08
CA CYS A 30 -12.06 1.25 -7.16
C CYS A 30 -12.27 2.63 -7.81
N LYS A 31 -13.04 2.68 -8.85
CA LYS A 31 -13.28 3.99 -9.54
C LYS A 31 -11.94 4.63 -9.91
N GLN A 32 -11.76 5.88 -9.57
CA GLN A 32 -10.48 6.56 -9.91
C GLN A 32 -10.16 7.62 -8.85
N ARG A 33 -9.53 7.23 -7.79
CA ARG A 33 -9.19 8.21 -6.71
C ARG A 33 -7.92 8.96 -7.11
N GLN A 34 -7.35 8.63 -8.24
CA GLN A 34 -6.11 9.32 -8.69
C GLN A 34 -5.97 9.18 -10.21
N THR A 35 -5.17 8.27 -10.67
CA THR A 35 -4.99 8.08 -12.13
C THR A 35 -5.07 6.59 -12.48
N ARG A 36 -4.10 6.08 -13.18
CA ARG A 36 -4.13 4.63 -13.54
C ARG A 36 -2.73 4.18 -13.97
N GLN A 37 -1.85 5.11 -14.23
CA GLN A 37 -0.47 4.72 -14.65
C GLN A 37 0.43 4.60 -13.42
N CYS A 38 1.01 3.45 -13.21
CA CYS A 38 1.91 3.27 -12.03
C CYS A 38 3.15 4.15 -12.20
N LYS A 39 3.27 4.81 -13.32
CA LYS A 39 4.44 5.68 -13.56
C LYS A 39 5.72 4.97 -13.11
N SER A 40 5.68 3.67 -12.99
CA SER A 40 6.89 2.92 -12.55
C SER A 40 7.83 2.74 -13.74
N LYS A 41 9.10 2.96 -13.53
CA LYS A 41 10.08 2.80 -14.65
C LYS A 41 10.09 1.34 -15.11
N PRO A 42 10.45 1.10 -16.35
CA PRO A 42 10.53 -0.27 -16.91
C PRO A 42 11.01 -1.30 -15.87
N PRO A 43 10.69 -2.56 -16.08
CA PRO A 43 11.10 -3.65 -15.15
C PRO A 43 12.62 -3.83 -15.12
N LYS A 44 13.19 -3.92 -13.94
CA LYS A 44 14.67 -4.10 -13.85
C LYS A 44 14.99 -4.85 -12.54
N LYS A 45 14.18 -5.80 -12.18
CA LYS A 45 14.45 -6.57 -10.93
C LYS A 45 14.69 -5.59 -9.77
N GLY A 46 13.64 -5.13 -9.16
CA GLY A 46 13.81 -4.18 -8.02
C GLY A 46 14.10 -2.78 -8.57
N VAL A 47 14.44 -1.85 -7.72
CA VAL A 47 14.74 -0.48 -8.20
C VAL A 47 13.55 0.06 -8.98
N GLN A 48 12.43 0.17 -8.33
CA GLN A 48 11.20 0.68 -9.03
C GLN A 48 10.93 -0.15 -10.27
N GLY A 49 10.45 -1.36 -10.09
CA GLY A 49 10.17 -2.23 -11.27
C GLY A 49 10.05 -3.69 -10.80
N CYS A 50 8.88 -4.26 -10.92
CA CYS A 50 8.70 -5.67 -10.49
C CYS A 50 9.43 -6.60 -11.46
N GLY A 51 8.90 -7.76 -11.70
CA GLY A 51 9.58 -8.70 -12.64
C GLY A 51 8.76 -9.99 -12.75
N ASP A 52 7.70 -10.09 -11.99
CA ASP A 52 6.86 -11.33 -12.05
C ASP A 52 6.53 -11.63 -13.52
N ASP A 53 5.75 -10.81 -14.15
CA ASP A 53 5.40 -11.05 -15.58
C ASP A 53 4.93 -9.75 -16.22
N ILE A 54 3.97 -9.09 -15.62
CA ILE A 54 3.47 -7.80 -16.19
C ILE A 54 4.22 -6.62 -15.55
N PRO A 55 4.69 -5.69 -16.34
CA PRO A 55 5.42 -4.50 -15.82
C PRO A 55 4.49 -3.49 -15.15
N GLY A 56 4.82 -3.03 -13.97
CA GLY A 56 3.95 -2.04 -13.29
C GLY A 56 3.54 -0.94 -14.26
N MET A 57 2.30 -0.92 -14.68
CA MET A 57 1.85 0.13 -15.63
C MET A 57 0.36 0.39 -15.43
N GLU A 58 -0.24 -0.27 -14.47
CA GLU A 58 -1.69 -0.06 -14.21
C GLU A 58 -1.91 0.21 -12.72
N GLY A 59 -1.81 1.45 -12.32
CA GLY A 59 -2.01 1.79 -10.88
C GLY A 59 -1.71 3.27 -10.65
N CYS A 60 -1.48 3.65 -9.41
CA CYS A 60 -1.18 5.09 -9.13
C CYS A 60 0.31 5.35 -9.29
N GLY A 61 1.10 4.92 -8.35
CA GLY A 61 2.58 5.14 -8.45
C GLY A 61 3.31 4.07 -7.64
N THR A 62 4.58 4.26 -7.42
CA THR A 62 5.39 3.26 -6.64
C THR A 62 4.81 1.86 -6.83
N ASP A 63 5.17 1.20 -7.90
CA ASP A 63 4.63 -0.17 -8.13
C ASP A 63 5.24 -1.16 -7.14
N ILE A 64 6.41 -0.86 -6.63
CA ILE A 64 7.05 -1.80 -5.66
C ILE A 64 8.13 -1.07 -4.85
N THR A 65 8.76 -0.10 -5.45
CA THR A 65 9.84 0.67 -4.75
C THR A 65 10.68 -0.27 -3.87
N VAL A 66 10.81 -1.51 -4.26
CA VAL A 66 11.63 -2.48 -3.48
C VAL A 66 10.89 -2.89 -2.19
N ILE A 67 9.86 -2.18 -1.79
CA ILE A 67 9.14 -2.59 -0.55
C ILE A 67 7.63 -2.54 -0.77
N CYS A 68 7.08 -3.62 -1.22
CA CYS A 68 5.60 -3.71 -1.46
C CYS A 68 5.07 -4.94 -0.71
N PRO A 69 3.81 -4.98 -0.37
CA PRO A 69 3.22 -6.13 0.37
C PRO A 69 3.81 -7.47 -0.07
N TRP A 70 4.47 -7.50 -1.20
CA TRP A 70 5.06 -8.78 -1.68
C TRP A 70 6.38 -9.05 -0.94
N GLU A 71 6.94 -8.05 -0.30
CA GLU A 71 8.22 -8.27 0.43
C GLU A 71 7.94 -8.53 1.92
N ALA A 72 7.07 -7.75 2.51
CA ALA A 72 6.76 -7.95 3.95
C ALA A 72 5.84 -9.16 4.14
N CYS A 73 5.35 -9.72 3.06
CA CYS A 73 4.43 -10.89 3.19
C CYS A 73 5.21 -12.07 3.80
N ASN A 74 6.43 -12.26 3.39
CA ASN A 74 7.22 -13.40 3.95
C ASN A 74 7.53 -13.13 5.42
N HIS A 75 6.93 -12.13 5.99
CA HIS A 75 7.20 -11.84 7.42
C HIS A 75 6.10 -10.93 7.99
N CYS A 76 4.87 -11.35 7.90
CA CYS A 76 3.75 -10.52 8.44
C CYS A 76 2.92 -11.37 9.40
N GLU A 77 1.71 -11.69 9.05
CA GLU A 77 0.85 -12.52 9.95
C GLU A 77 1.35 -13.96 9.94
N LEU A 78 0.46 -14.91 9.83
CA LEU A 78 0.87 -16.34 9.80
C LEU A 78 0.79 -16.86 8.35
N HIS A 79 -0.28 -16.57 7.68
CA HIS A 79 -0.42 -17.03 6.27
C HIS A 79 0.12 -15.94 5.34
N GLU A 80 0.35 -16.23 4.10
CA GLU A 80 0.89 -15.19 3.17
C GLU A 80 -0.29 -14.55 2.43
N LEU A 81 -1.10 -15.36 1.81
CA LEU A 81 -2.27 -14.85 1.05
C LEU A 81 -3.54 -15.00 1.89
N ALA A 82 -3.78 -16.20 2.37
CA ALA A 82 -5.01 -16.46 3.17
C ALA A 82 -4.91 -15.76 4.53
N GLN A 83 -5.60 -14.67 4.70
CA GLN A 83 -5.59 -13.98 6.02
C GLN A 83 -7.01 -13.48 6.32
N TYR A 84 -7.99 -14.13 5.75
CA TYR A 84 -9.41 -13.74 5.98
C TYR A 84 -9.54 -12.22 6.09
N GLY A 85 -9.65 -11.55 4.98
CA GLY A 85 -9.79 -10.07 5.02
C GLY A 85 -8.46 -9.42 5.39
N ILE A 86 -7.38 -9.85 4.79
CA ILE A 86 -6.04 -9.25 5.11
C ILE A 86 -6.21 -7.74 5.36
N CYS A 87 -7.21 -7.15 4.77
CA CYS A 87 -7.43 -5.69 4.98
C CYS A 87 -7.52 -5.39 6.48
C1C RCY B . 5.67 5.71 9.34
O1G RCY B . 4.83 3.05 12.44
O1H RCY B . 6.37 7.42 13.34
O1J RCY B . 7.86 4.39 7.76
C1L RCY B . 4.19 4.74 14.07
C1M RCY B . 8.07 3.97 11.56
C1P RCY B . 5.02 4.16 12.93
C1Q RCY B . 5.96 6.26 13.47
N1R RCY B . 6.11 5.13 12.48
C1S RCY B . 5.21 5.71 14.68
C1U RCY B . 7.10 5.00 11.31
C1V RCY B . 5.54 3.33 10.22
N1V RCY B . 7.65 4.19 9.19
C1W RCY B . 8.61 3.55 10.20
C1X RCY B . 6.42 4.56 10.01
C1Y RCY B . 8.61 2.03 10.06
C1Z RCY B . 10.02 4.11 9.96
H1S RCY B . 6.17 5.73 15.16
H1U RCY B . 7.60 5.94 11.16
C1C RCY C . -4.23 4.65 4.82
O1G RCY C . -6.21 3.89 7.21
O1H RCY C . -5.26 8.50 7.01
O1J RCY C . -3.59 7.38 3.73
C1L RCY C . -7.61 5.89 7.28
C1M RCY C . -2.78 6.81 7.43
C1P RCY C . -6.30 5.11 7.22
C1Q RCY C . -5.75 7.42 7.31
N1R RCY C . -5.09 6.05 7.17
C1S RCY C . -7.13 7.20 7.90
C1U RCY C . -3.61 5.72 7.02
C1V RCY C . -1.80 4.86 5.47
N1V RCY C . -3.18 6.90 5.06
C1W RCY C . -2.65 7.73 6.22
C1X RCY C . -3.20 5.48 5.57
C1Y RCY C . -1.18 8.11 5.98
C1Z RCY C . -3.51 8.99 6.37
H1S RCY C . -6.69 7.58 8.81
H1U RCY C . -3.37 4.85 7.62
C1C RCY D . -9.33 3.33 -7.21
O1G RCY D . -6.58 -0.51 -9.42
O1H RCY D . -10.57 1.56 -8.01
O1J RCY D . -7.23 2.68 -5.15
C1L RCY D . -8.78 -1.38 -8.79
C1M RCY D . -6.14 2.34 -8.81
C1P RCY D . -7.71 -0.29 -9.01
C1Q RCY D . -9.63 0.78 -8.11
N1R RCY D . -8.24 1.10 -8.67
C1S RCY D . -9.64 -0.69 -7.73
C1U RCY D . -7.57 2.47 -8.82
C1V RCY D . -7.43 4.83 -7.96
N1V RCY D . -6.97 2.80 -6.58
C1W RCY D . -5.72 2.35 -7.34
C1X RCY D . -7.86 3.40 -7.65
C1Y RCY D . -4.57 3.34 -7.11
C1Z RCY D . -5.32 0.94 -6.87
H1S RCY D . -9.59 -0.31 -6.71
H1U RCY D . -7.89 2.92 -9.73
C1C RCY E . -0.82 -1.17 -5.86
O1G RCY E . 1.72 -0.27 -6.72
O1H RCY E . -0.52 -1.68 -10.64
O1J RCY E . -3.37 -1.27 -7.46
C1L RCY E . 1.48 0.70 -8.96
C1M RCY E . -0.63 -3.73 -8.53
C1P RCY E . 1.28 -0.37 -7.87
C1Q RCY E . 0.32 -1.21 -9.87
N1R RCY E . 0.49 -1.55 -8.39
C1S RCY E . 1.37 -0.18 -10.21
C1U RCY E . -0.02 -2.79 -7.64
C1V RCY E . -1.40 -3.63 -5.69
N1V RCY E . -2.29 -2.25 -7.58
C1W RCY E . -2.09 -3.29 -8.68
C1X RCY E . -1.12 -2.45 -6.63
C1Y RCY E . -3.04 -4.47 -8.49
C1Z RCY E . -2.33 -2.62 -10.04
H1S RCY E . 1.87 -1.00 -10.71
H1U RCY E . 0.81 -3.26 -7.13
C1C RCY F . 0.55 -7.51 -8.10
O1G RCY F . 4.05 -7.49 -5.79
O1H RCY F . 3.46 -4.00 -8.91
O1J RCY F . -1.97 -6.01 -7.40
C1L RCY F . 5.56 -6.39 -7.37
C1M RCY F . 1.32 -4.29 -6.46
C1P RCY F . 4.21 -6.66 -6.67
C1Q RCY F . 3.82 -5.04 -8.37
N1R RCY F . 3.11 -5.77 -7.24
C1S RCY F . 5.07 -5.85 -8.72
C1U RCY F . 1.65 -5.64 -6.80
C1V RCY F . 0.98 -5.27 -9.21
N1V RCY F . -0.63 -5.45 -7.31
C1W RCY F . -0.21 -4.17 -6.58
C1X RCY F . 0.65 -6.00 -7.91
C1Y RCY F . -0.59 -2.93 -7.41
C1Z RCY F . -0.86 -4.13 -5.21
H1S RCY F . 4.51 -6.15 -9.59
H1U RCY F . 1.47 -6.27 -5.94
C1C RCY G . -6.78 4.29 -1.39
O1G RCY G . -5.14 6.42 -3.00
O1H RCY G . -3.45 2.48 -4.98
O1J RCY G . -5.99 3.19 1.30
C1L RCY G . -4.33 5.90 -5.24
C1M RCY G . -3.27 3.16 -1.40
C1P RCY G . -4.65 5.61 -3.77
C1Q RCY G . -3.63 3.66 -4.66
N1R RCY G . -4.28 4.17 -3.39
C1S RCY G . -3.20 4.88 -5.48
C1U RCY G . -4.50 3.44 -2.07
C1V RCY G . -4.72 5.67 -0.90
N1V RCY G . -5.06 3.45 0.21
C1W RCY G . -3.62 2.95 0.08
C1X RCY G . -5.30 4.26 -1.06
C1Y RCY G . -2.68 3.78 0.96
C1Z RCY G . -3.55 1.47 0.47
H1S RCY G . -2.21 4.63 -5.15
H1U RCY G . -5.03 2.51 -2.26
C1C RCY H . 0.79 1.85 -2.43
O1G RCY H . 4.70 -0.16 0.86
O1H RCY H . 2.06 -0.53 -3.04
O1J RCY H . 0.31 4.44 -0.97
C1L RCY H . 4.77 -1.65 -1.08
C1M RCY H . 2.79 2.01 0.68
C1P RCY H . 4.20 -0.53 -0.21
C1Q RCY H . 2.73 -0.80 -2.05
N1R RCY H . 2.94 0.08 -0.82
C1S RCY H . 3.50 -2.09 -1.81
C1U RCY H . 2.11 1.28 -0.35
C1V RCY H . 3.17 2.69 -2.16
N1V RCY H . 1.35 3.48 -0.61
C1W RCY H . 2.17 3.41 0.68
C1X RCY H . 1.87 2.31 -1.45
C1Y RCY H . 3.26 4.48 0.66
C1Z RCY H . 1.24 3.61 1.87
H1S RCY H . 2.52 -2.51 -1.63
H1U RCY H . 1.16 0.92 0.03
C1C RCY I . 0.96 -8.24 5.73
O1G RCY I . -0.17 -6.71 0.83
O1H RCY I . 1.44 -9.55 4.23
O1J RCY I . 3.64 -6.87 5.43
C1L RCY I . 0.76 -8.97 0.82
C1M RCY I . 0.69 -5.26 3.57
C1P RCY I . 0.33 -7.64 1.45
C1Q RCY I . 1.31 -8.95 3.16
N1R RCY I . 0.60 -7.62 2.95
C1S RCY I . 1.84 -9.40 1.82
C1U RCY I . 0.25 -6.55 3.98
C1V RCY I . 0.38 -5.86 6.42
N1V RCY I . 2.36 -6.31 4.96
C1W RCY I . 2.15 -5.14 4.00
C1X RCY I . 0.96 -6.76 5.33
C1Y RCY I . 2.39 -3.80 4.72
C1Z RCY I . 3.10 -5.28 2.82
H1S RCY I . 2.80 -9.10 2.21
H1U RCY I . -0.82 -6.53 4.14
C1C RCY J . -0.03 -4.89 3.20
O1G RCY J . -0.41 -5.46 8.13
O1H RCY J . 3.11 -5.98 5.02
O1J RCY J . 0.09 -1.98 2.44
C1L RCY J . 1.40 -7.09 7.90
C1M RCY J . 1.27 -2.82 5.99
C1P RCY J . 0.55 -5.88 7.49
C1Q RCY J . 2.18 -6.21 5.79
N1R RCY J . 1.07 -5.25 6.20
C1S RCY J . 1.94 -7.52 6.53
C1U RCY J . 0.59 -3.99 5.49
C1V RCY J . 2.40 -4.34 3.74
N1V RCY J . 0.67 -2.52 3.66
C1W RCY J . 1.16 -1.76 4.89
C1X RCY J . 0.93 -3.99 3.99
C1Y RCY J . 2.52 -1.12 4.61
C1Z RCY J . 0.13 -0.69 5.25
H1S RCY J . 1.61 -7.88 5.57
H1U RCY J . -0.47 -3.87 5.62
C1C RCY K . -2.05 -4.53 1.49
O1G RCY K . -3.72 -4.15 5.25
O1H RCY K . -6.53 -5.95 1.91
O1J RCY K . -0.80 -7.03 0.37
C1L RCY K . -6.07 -3.80 4.67
C1M RCY K . -3.83 -7.56 2.64
C1P RCY K . -4.66 -4.39 4.50
C1Q RCY K . -5.98 -5.18 2.69
N1R RCY K . -4.60 -5.33 3.29
C1S RCY K . -6.57 -3.88 3.22
C1U RCY K . -3.43 -6.20 2.81
C1V RCY K . -4.06 -5.65 0.42
N1V RCY K . -2.07 -7.01 1.09
C1W RCY K . -2.82 -8.19 1.67
C1X RCY K . -2.92 -5.80 1.43
C1Y RCY K . -3.55 -8.96 0.57
C1Z RCY K . -1.84 -9.11 2.40
H1S RCY K . -6.36 -3.50 2.22
H1U RCY K . -2.62 -6.14 3.52
N MET A 1 20.53 -5.01 22.11
CA MET A 1 21.36 -3.79 21.94
C MET A 1 20.45 -2.55 21.92
N ASN A 2 19.33 -2.62 22.60
CA ASN A 2 18.39 -1.46 22.63
C ASN A 2 18.29 -0.83 21.24
N LEU A 3 17.25 -1.14 20.50
CA LEU A 3 17.08 -0.58 19.13
C LEU A 3 17.71 0.81 19.04
N GLU A 4 18.37 1.09 17.96
CA GLU A 4 19.01 2.44 17.80
C GLU A 4 17.97 3.53 18.10
N PRO A 5 18.31 4.50 18.91
CA PRO A 5 17.37 5.60 19.27
C PRO A 5 16.51 6.04 18.08
N PRO A 6 15.36 6.61 18.35
CA PRO A 6 14.43 7.08 17.28
C PRO A 6 14.96 8.33 16.57
N LYS A 7 14.49 8.58 15.38
CA LYS A 7 14.96 9.78 14.64
C LYS A 7 14.59 11.04 15.42
N ALA A 8 13.73 10.92 16.39
CA ALA A 8 13.33 12.10 17.19
C ALA A 8 12.96 13.26 16.27
N GLU A 9 12.42 12.96 15.12
CA GLU A 9 12.04 14.03 14.16
C GLU A 9 10.74 13.66 13.46
N CYS A 10 9.67 13.53 14.21
CA CYS A 10 8.37 13.16 13.58
C CYS A 10 7.22 13.60 14.49
N ARG A 11 7.18 14.85 14.87
CA ARG A 11 6.09 15.31 15.76
C ARG A 11 4.74 14.90 15.15
N SER A 12 3.90 14.26 15.92
CA SER A 12 2.59 13.82 15.38
C SER A 12 1.53 13.88 16.49
N ALA A 13 0.35 14.32 16.17
CA ALA A 13 -0.73 14.40 17.21
C ALA A 13 -2.04 14.81 16.53
N THR A 14 -2.69 15.82 17.03
CA THR A 14 -3.97 16.26 16.41
C THR A 14 -3.71 16.65 14.95
N ARG A 15 -2.48 16.67 14.55
CA ARG A 15 -2.15 17.04 13.14
C ARG A 15 -3.00 16.21 12.18
N VAL A 16 -3.15 14.94 12.45
CA VAL A 16 -3.97 14.08 11.55
C VAL A 16 -4.67 13.00 12.36
N MET A 17 -4.44 12.95 13.65
CA MET A 17 -5.11 11.92 14.49
C MET A 17 -6.63 12.02 14.31
N GLY A 18 -7.14 11.40 13.28
CA GLY A 18 -8.62 11.46 13.05
C GLY A 18 -9.05 12.92 12.93
N GLY A 19 -10.29 13.21 13.24
CA GLY A 19 -10.78 14.61 13.15
C GLY A 19 -11.11 14.95 11.69
N PRO A 20 -11.57 16.14 11.45
CA PRO A 20 -11.94 16.60 10.07
C PRO A 20 -10.86 16.25 9.04
N CYS A 21 -11.05 15.19 8.30
CA CYS A 21 -10.04 14.79 7.28
C CYS A 21 -10.76 14.36 6.00
N THR A 22 -10.59 15.10 4.94
CA THR A 22 -11.26 14.74 3.65
C THR A 22 -10.19 14.41 2.60
N PRO A 23 -9.88 13.14 2.42
CA PRO A 23 -8.86 12.70 1.42
C PRO A 23 -9.16 13.23 0.02
N ARG A 24 -8.29 13.00 -0.91
CA ARG A 24 -8.53 13.48 -2.30
C ARG A 24 -9.62 12.64 -2.95
N LYS A 25 -10.61 12.25 -2.19
CA LYS A 25 -11.72 11.43 -2.75
C LYS A 25 -11.14 10.19 -3.43
N GLY A 26 -10.78 10.31 -4.68
CA GLY A 26 -10.21 9.13 -5.41
C GLY A 26 -9.56 9.59 -6.71
N PRO A 27 -8.32 9.99 -6.63
CA PRO A 27 -7.54 10.48 -7.81
C PRO A 27 -7.45 9.42 -8.91
N PRO A 28 -7.91 9.73 -10.10
CA PRO A 28 -7.88 8.77 -11.24
C PRO A 28 -6.54 8.02 -11.35
N LYS A 29 -6.52 6.94 -12.06
CA LYS A 29 -5.25 6.16 -12.21
C LYS A 29 -4.11 7.11 -12.58
N CYS A 30 -3.17 7.30 -11.70
CA CYS A 30 -2.03 8.21 -11.99
C CYS A 30 -1.49 7.91 -13.40
N LYS A 31 -0.92 6.75 -13.57
CA LYS A 31 -0.37 6.38 -14.90
C LYS A 31 0.07 4.91 -14.85
N GLN A 32 -0.73 4.06 -14.26
CA GLN A 32 -0.36 2.62 -14.18
C GLN A 32 0.12 2.13 -15.55
N ARG A 33 0.74 0.99 -15.60
CA ARG A 33 1.24 0.46 -16.91
C ARG A 33 0.62 -0.92 -17.16
N GLN A 34 1.27 -1.95 -16.72
CA GLN A 34 0.74 -3.34 -16.93
C GLN A 34 1.84 -4.34 -16.58
N THR A 35 2.20 -4.42 -15.31
CA THR A 35 3.27 -5.36 -14.91
C THR A 35 2.65 -6.55 -14.15
N ARG A 36 3.44 -7.52 -13.83
CA ARG A 36 2.92 -8.70 -13.10
C ARG A 36 3.99 -9.17 -12.11
N GLN A 37 4.71 -8.25 -11.53
CA GLN A 37 5.78 -8.65 -10.57
C GLN A 37 5.14 -9.11 -9.25
N CYS A 38 4.00 -9.73 -9.33
CA CYS A 38 3.32 -10.22 -8.09
C CYS A 38 3.18 -11.75 -8.16
N LYS A 39 3.55 -12.33 -9.27
CA LYS A 39 3.45 -13.81 -9.42
C LYS A 39 2.01 -14.26 -9.18
N SER A 40 1.15 -13.38 -8.73
CA SER A 40 -0.27 -13.77 -8.49
C SER A 40 -0.32 -15.13 -7.76
N LYS A 41 0.76 -15.52 -7.15
CA LYS A 41 0.77 -16.82 -6.42
C LYS A 41 -0.34 -16.81 -5.37
N PRO A 42 -0.87 -17.97 -5.04
CA PRO A 42 -1.96 -18.08 -4.02
C PRO A 42 -1.52 -17.56 -2.65
N PRO A 43 -2.46 -17.27 -1.79
CA PRO A 43 -2.17 -16.75 -0.42
C PRO A 43 -1.53 -17.81 0.48
N LYS A 44 -0.39 -17.51 1.05
CA LYS A 44 0.28 -18.50 1.94
C LYS A 44 1.05 -17.74 3.03
N LYS A 45 2.35 -17.84 3.01
CA LYS A 45 3.16 -17.11 4.04
C LYS A 45 4.63 -17.10 3.62
N GLY A 46 5.07 -16.03 3.01
CA GLY A 46 6.50 -15.95 2.56
C GLY A 46 6.56 -15.24 1.21
N VAL A 47 7.39 -14.25 1.08
CA VAL A 47 7.50 -13.51 -0.21
C VAL A 47 8.95 -13.10 -0.44
N GLN A 48 9.86 -14.05 -0.42
CA GLN A 48 11.30 -13.70 -0.64
C GLN A 48 11.55 -13.51 -2.14
N GLY A 49 11.09 -12.43 -2.70
CA GLY A 49 11.31 -12.19 -4.14
C GLY A 49 11.14 -10.70 -4.45
N CYS A 50 11.48 -9.85 -3.52
CA CYS A 50 11.33 -8.39 -3.75
C CYS A 50 12.22 -7.62 -2.76
N GLY A 51 12.85 -8.32 -1.86
CA GLY A 51 13.73 -7.64 -0.86
C GLY A 51 14.68 -6.69 -1.58
N ASP A 52 14.93 -6.91 -2.85
CA ASP A 52 15.86 -6.00 -3.59
C ASP A 52 15.72 -6.25 -5.09
N ASP A 53 14.53 -6.48 -5.56
CA ASP A 53 14.32 -6.72 -7.02
C ASP A 53 14.17 -5.37 -7.73
N ILE A 54 13.11 -5.20 -8.47
CA ILE A 54 12.90 -3.91 -9.19
C ILE A 54 11.39 -3.59 -9.22
N PRO A 55 10.87 -3.10 -8.12
CA PRO A 55 9.43 -2.74 -8.01
C PRO A 55 9.13 -1.32 -8.50
N GLY A 56 9.65 -0.33 -7.82
CA GLY A 56 9.38 1.07 -8.25
C GLY A 56 10.15 1.39 -9.53
N MET A 57 9.81 0.75 -10.62
CA MET A 57 10.51 1.02 -11.90
C MET A 57 9.65 0.56 -13.07
N GLU A 58 8.76 -0.37 -12.84
CA GLU A 58 7.89 -0.88 -13.94
C GLU A 58 6.63 -0.01 -14.03
N GLY A 59 6.04 0.30 -12.91
CA GLY A 59 4.81 1.14 -12.91
C GLY A 59 3.85 0.64 -11.83
N CYS A 60 2.71 0.15 -12.21
CA CYS A 60 1.74 -0.36 -11.20
C CYS A 60 0.56 -1.03 -11.91
N GLY A 61 0.84 -1.99 -12.75
CA GLY A 61 -0.27 -2.69 -13.47
C GLY A 61 -1.36 -3.09 -12.48
N THR A 62 -2.32 -2.23 -12.26
CA THR A 62 -3.41 -2.56 -11.29
C THR A 62 -4.70 -2.84 -12.04
N ASP A 63 -4.95 -4.07 -12.42
CA ASP A 63 -6.21 -4.38 -13.13
C ASP A 63 -7.36 -3.79 -12.32
N ILE A 64 -7.09 -3.46 -11.09
CA ILE A 64 -8.12 -2.85 -10.21
C ILE A 64 -8.46 -1.47 -10.76
N THR A 65 -7.67 -0.48 -10.44
CA THR A 65 -7.90 0.91 -10.94
C THR A 65 -7.71 1.92 -9.81
N VAL A 66 -8.54 1.88 -8.80
CA VAL A 66 -8.40 2.86 -7.68
C VAL A 66 -8.37 2.15 -6.33
N ILE A 67 -9.26 1.22 -6.08
CA ILE A 67 -9.26 0.54 -4.74
C ILE A 67 -9.24 -0.98 -4.87
N CYS A 68 -8.06 -1.54 -4.90
CA CYS A 68 -7.93 -3.03 -4.97
C CYS A 68 -8.52 -3.65 -3.71
N PRO A 69 -8.93 -4.89 -3.76
CA PRO A 69 -9.51 -5.58 -2.58
C PRO A 69 -8.55 -5.53 -1.38
N TRP A 70 -7.27 -5.40 -1.64
CA TRP A 70 -6.29 -5.32 -0.52
C TRP A 70 -6.26 -3.90 0.03
N GLU A 71 -7.40 -3.30 0.28
CA GLU A 71 -7.41 -1.92 0.82
C GLU A 71 -8.60 -1.74 1.76
N ALA A 72 -9.35 -2.78 1.99
CA ALA A 72 -10.53 -2.65 2.89
C ALA A 72 -10.06 -2.44 4.33
N CYS A 73 -9.40 -1.34 4.59
CA CYS A 73 -8.90 -1.06 5.97
C CYS A 73 -10.06 -0.54 6.83
N ASN A 74 -10.74 0.48 6.35
CA ASN A 74 -11.88 1.06 7.12
C ASN A 74 -12.21 2.44 6.57
N HIS A 75 -11.41 3.43 6.89
CA HIS A 75 -11.68 4.80 6.38
C HIS A 75 -11.14 4.91 4.95
N CYS A 76 -11.20 3.84 4.21
CA CYS A 76 -10.69 3.88 2.81
C CYS A 76 -11.24 2.67 2.05
N GLU A 77 -12.09 1.91 2.68
CA GLU A 77 -12.67 0.71 2.01
C GLU A 77 -13.68 1.14 0.95
N LEU A 78 -13.95 0.29 0.00
CA LEU A 78 -14.94 0.61 -1.07
C LEU A 78 -15.88 -0.58 -1.23
N HIS A 79 -15.43 -1.63 -1.87
CA HIS A 79 -16.28 -2.84 -2.06
C HIS A 79 -15.75 -3.67 -3.24
N GLU A 80 -14.87 -4.59 -2.97
CA GLU A 80 -14.31 -5.44 -4.08
C GLU A 80 -14.23 -6.89 -3.59
N LEU A 81 -13.12 -7.53 -3.80
CA LEU A 81 -12.97 -8.95 -3.35
C LEU A 81 -12.25 -8.97 -2.00
N ALA A 82 -12.14 -7.83 -1.35
CA ALA A 82 -11.45 -7.79 -0.04
C ALA A 82 -12.09 -8.79 0.92
N GLN A 83 -11.55 -9.98 0.99
CA GLN A 83 -12.13 -11.00 1.92
C GLN A 83 -12.11 -10.44 3.34
N TYR A 84 -10.97 -9.99 3.79
CA TYR A 84 -10.86 -9.44 5.17
C TYR A 84 -9.62 -8.56 5.26
N GLY A 85 -8.74 -8.68 4.31
CA GLY A 85 -7.48 -7.88 4.34
C GLY A 85 -6.38 -8.74 4.94
N ILE A 86 -5.80 -9.60 4.16
CA ILE A 86 -4.72 -10.49 4.67
C ILE A 86 -3.68 -9.67 5.44
N CYS A 87 -3.82 -8.37 5.41
CA CYS A 87 -2.84 -7.51 6.14
C CYS A 87 -2.81 -7.90 7.62
C1C RCY B . 8.93 8.91 16.54
O1G RCY B . 12.46 7.64 13.32
O1H RCY B . 8.21 9.54 14.13
O1J RCY B . 6.39 7.94 15.28
C1L RCY B . 11.26 9.54 12.35
C1M RCY B . 9.49 5.78 14.65
C1P RCY B . 11.44 8.32 13.27
C1Q RCY B . 9.22 9.12 13.57
N1R RCY B . 10.18 8.06 14.11
C1S RCY B . 9.74 9.55 12.21
C1U RCY B . 9.95 7.02 15.21
C1V RCY B . 8.83 6.53 17.42
N1V RCY B . 7.62 7.17 15.33
C1W RCY B . 7.97 5.92 14.52
C1X RCY B . 8.85 7.43 16.18
C1Y RCY B . 7.27 4.69 15.11
C1Z RCY B . 7.56 6.12 13.06
H1S RCY B . 8.92 8.96 11.83
H1U RCY B . 10.88 6.86 15.74
C1C RCY C . -3.58 8.83 7.00
O1G RCY C . -7.72 7.54 7.45
O1H RCY C . -6.21 11.99 7.85
O1J RCY C . -2.14 7.15 9.04
C1L RCY C . -8.60 9.68 6.66
C1M RCY C . -5.67 8.29 10.00
C1P RCY C . -7.62 8.76 7.41
C1Q RCY C . -6.93 11.00 7.80
N1R RCY C . -6.51 9.56 8.09
C1S RCY C . -8.41 10.98 7.46
C1U RCY C . -5.28 9.06 8.85
C1V RCY C . -5.28 6.98 7.39
N1V RCY C . -3.54 7.52 9.13
C1W RCY C . -4.46 7.41 10.35
C1X RCY C . -4.43 8.09 8.04
C1Y RCY C . -4.90 5.96 10.56
C1Z RCY C . -3.72 7.93 11.58
H1S RCY C . -8.54 11.39 8.45
H1U RCY C . -4.68 9.90 9.16
C1C RCY D . -1.61 7.28 -17.12
O1G RCY D . 0.32 9.09 -16.49
O1H RCY D . -2.27 8.86 -12.55
O1J RCY D . -3.03 5.42 -15.23
C1L RCY D . 0.89 8.99 -14.11
C1M RCY D . -3.97 9.12 -14.93
C1P RCY D . -0.06 9.06 -15.31
C1Q RCY D . -1.40 9.15 -13.36
N1R RCY D . -1.52 9.09 -14.88
C1S RCY D . 0.00 9.64 -13.05
C1U RCY D . -2.78 9.06 -15.74
C1V RCY D . -4.04 7.86 -17.59
N1V RCY D . -3.38 6.82 -15.40
C1W RCY D . -4.27 7.68 -14.51
C1X RCY D . -2.94 7.75 -16.52
C1Y RCY D . -5.75 7.35 -14.76
C1Z RCY D . -3.91 7.43 -13.04
H1S RCY D . -0.49 10.57 -12.80
H1U RCY D . -2.77 9.89 -16.42
C1C RCY E . -2.91 -7.45 -8.14
O1G RCY E . 0.05 -9.31 -9.91
O1H RCY E . -0.61 -7.48 -11.15
O1J RCY E . -2.07 -6.42 -5.44
C1L RCY E . -0.29 -6.83 -10.09
C1M RCY E . -0.47 -4.68 -8.46
C1P RCY E . 0.40 -8.17 -9.74
C1Q RCY E . 0.06 -7.89 -10.19
N1R RCY E . -0.15 -7.08 -8.87
C1S RCY E . 0.23 -7.52 -8.78
C1U RCY E . -1.10 -5.87 -8.95
C1V RCY E . -3.40 -4.97 -8.39
N1V RCY E . -1.73 -5.78 -6.70
C1W RCY E . -0.68 -4.69 -6.94
C1X RCY E . -2.34 -6.04 -8.08
C1Y RCY E . -1.21 -3.33 -6.47
C1Z RCY E . 0.60 -5.06 -6.20
H1S RCY E . -0.01 -8.50 -8.42
H1U RCY E . -1.40 -5.73 -9.98
C1C RCY F . 4.73 -3.24 -3.37
O1G RCY F . 5.17 -8.20 -5.49
O1H RCY F . 7.24 -4.90 -2.82
O1J RCY F . 2.05 -3.29 -2.02
C1L RCY F . 7.50 -7.71 -4.93
C1M RCY F . 3.43 -6.69 -3.12
C1P RCY F . 5.99 -7.49 -4.92
C1Q RCY F . 6.98 -5.68 -3.73
N1R RCY F . 5.62 -6.24 -4.11
C1S RCY F . 8.00 -6.28 -4.70
C1U RCY F . 4.24 -5.70 -3.75
C1V RCY F . 5.15 -4.93 -1.52
N1V RCY F . 2.83 -4.49 -2.33
C1W RCY F . 2.35 -5.94 -2.33
C1X RCY F . 4.29 -4.56 -2.73
C1Y RCY F . 2.25 -6.46 -0.89
C1Z RCY F . 1.00 -6.02 -3.02
H1S RCY F . 7.99 -5.30 -5.15
H1U RCY F . 3.74 -5.36 -4.65
C1C RCY G . -2.89 2.95 -4.62
O1G RCY G . -0.86 4.78 -6.92
O1H RCY G . 0.22 0.31 -5.84
O1J RCY G . -2.50 0.09 -3.76
C1L RCY G . -0.38 2.79 -8.27
C1M RCY G . 0.58 2.36 -3.46
C1P RCY G . -0.54 3.59 -6.97
C1Q RCY G . 0.19 1.42 -6.37
N1R RCY G . -0.26 2.72 -5.74
C1S RCY G . 0.61 1.72 -7.80
C1U RCY G . -0.39 3.08 -4.26
C1V RCY G . -1.96 3.26 -2.28
N1V RCY G . -1.51 1.15 -3.55
C1W RCY G . -0.05 1.00 -3.15
C1X RCY G . -1.73 2.65 -3.67
C1Y RCY G . 0.08 0.68 -1.66
C1Z RCY G . 0.58 -0.11 -4.00
H1S RCY G . 1.61 1.61 -7.42
H1U RCY G . -0.24 4.13 -4.12
C1C RCY H . -6.46 -3.14 -0.35
O1G RCY H . -7.87 0.78 -2.07
O1H RCY H . -4.56 -2.47 -2.91
O1J RCY H . -3.56 -3.76 -0.91
C1L RCY H . -7.17 -0.40 -4.09
C1M RCY H . -4.36 -0.09 -0.16
C1P RCY H . -7.11 -0.02 -2.61
C1Q RCY H . -5.30 -1.49 -3.02
N1R RCY H . -5.98 -0.75 -1.88
C1S RCY H . -5.71 -0.81 -4.31
C1U RCY H . -5.62 -0.75 -0.39
C1V RCY H . -5.34 -2.14 1.70
N1V RCY H . -4.04 -2.47 -0.42
C1W RCY H . -3.28 -1.16 -0.37
C1X RCY H . -5.41 -2.15 0.17
C1Y RCY H . -2.29 -1.14 0.79
C1Z RCY H . -2.56 -0.95 -1.70
H1S RCY H . -4.70 -0.41 -4.29
H1U RCY H . -6.40 -0.25 0.17
C1C RCY I . -5.92 -5.73 3.26
O1G RCY I . -9.60 -2.56 0.70
O1H RCY I . -5.85 -2.89 3.55
O1J RCY I . -5.34 -7.80 1.15
C1L RCY I . -8.56 -1.01 2.27
C1M RCY I . -7.50 -4.84 0.04
C1P RCY I . -8.73 -2.35 1.53
C1Q RCY I . -6.97 -2.63 3.10
N1R RCY I . -7.69 -3.37 1.99
C1S RCY I . -7.88 -1.50 3.56
C1U RCY I . -7.44 -4.79 1.47
C1V RCY I . -4.96 -4.29 1.41
N1V RCY I . -5.97 -6.51 0.87
C1W RCY I . -6.71 -6.09 -0.38
C1X RCY I . -6.03 -5.30 1.80
C1Y RCY I . -5.72 -5.74 -1.51
C1Z RCY I . -7.65 -7.21 -0.82
H1S RCY I . -8.05 -2.13 4.42
H1U RCY I . -8.17 -5.47 1.88
C1C RCY J . -6.71 -1.13 -1.10
O1G RCY J . -4.81 1.16 3.33
O1H RCY J . -7.48 1.66 -0.52
O1J RCY J . -4.82 -3.47 -1.15
C1L RCY J . -6.68 2.64 2.77
C1M RCY J . -3.95 -0.66 1.31
C1P RCY J . -5.62 1.55 2.51
C1Q RCY J . -6.81 1.90 0.48
N1R RCY J . -5.73 1.01 1.09
C1S RCY J . -6.89 3.14 1.34
C1U RCY J . -4.96 -0.14 0.43
C1V RCY J . -6.67 -1.76 1.35
N1V RCY J . -4.76 -2.39 -0.16
C1W RCY J . -3.64 -2.08 0.82
C1X RCY J . -5.84 -1.35 0.13
C1Y RCY J . -3.66 -3.07 1.99
C1Z RCY J . -2.31 -2.14 0.09
H1S RCY J . -6.37 3.62 0.52
H1U RCY J . -4.50 0.21 -0.49
C1C RCY K . 0.85 -8.21 1.20
O1G RCY K . -2.25 -9.03 0.79
O1H RCY K . -2.02 -4.58 2.36
O1J RCY K . -0.51 -9.97 -0.82
C1L RCY K . -3.42 -7.81 2.56
C1M RCY K . -1.16 -6.21 -1.16
C1P RCY K . -2.40 -7.99 1.43
C1Q RCY K . -2.11 -5.81 2.32
N1R RCY K . -1.60 -6.71 1.19
C1S RCY K . -2.74 -6.70 3.36
C1U RCY K . -0.55 -6.40 0.12
C1V RCY K . 1.61 -7.14 -0.96
N1V RCY K . -0.48 -8.51 -0.89
C1W RCY K . -1.32 -7.60 -1.78
C1X RCY K . 0.42 -7.56 -0.11
C1Y RCY K . -0.80 -7.61 -3.22
C1Z RCY K . -2.78 -8.07 -1.73
H1S RCY K . -1.85 -6.50 3.93
H1U RCY K . 0.00 -5.52 0.40
N MET A 1 6.41 -23.69 13.02
CA MET A 1 7.30 -22.70 13.67
C MET A 1 6.66 -21.32 13.62
N ASN A 2 7.13 -20.47 12.75
CA ASN A 2 6.55 -19.09 12.64
C ASN A 2 6.69 -18.37 13.99
N LEU A 3 6.85 -17.08 13.97
CA LEU A 3 6.99 -16.30 15.24
C LEU A 3 5.81 -15.34 15.39
N GLU A 4 5.42 -15.05 16.60
CA GLU A 4 4.28 -14.12 16.80
C GLU A 4 4.50 -12.86 15.95
N PRO A 5 3.56 -12.48 15.12
CA PRO A 5 3.68 -11.28 14.26
C PRO A 5 4.32 -10.10 15.03
N PRO A 6 4.92 -9.17 14.31
CA PRO A 6 5.57 -7.99 14.94
C PRO A 6 4.56 -7.05 15.60
N LYS A 7 4.79 -6.69 16.83
CA LYS A 7 3.85 -5.77 17.55
C LYS A 7 4.40 -5.50 18.95
N ALA A 8 4.03 -4.40 19.55
CA ALA A 8 4.52 -4.10 20.92
C ALA A 8 3.49 -3.22 21.64
N GLU A 9 3.33 -2.00 21.22
CA GLU A 9 2.35 -1.09 21.87
C GLU A 9 2.58 0.33 21.36
N CYS A 10 3.77 0.85 21.52
CA CYS A 10 4.07 2.22 21.03
C CYS A 10 5.28 2.19 20.11
N ARG A 11 5.57 3.27 19.43
CA ARG A 11 6.74 3.28 18.51
C ARG A 11 7.10 4.73 18.19
N SER A 12 8.09 4.93 17.35
CA SER A 12 8.49 6.32 16.99
C SER A 12 7.85 6.72 15.66
N ALA A 13 7.16 7.82 15.62
CA ALA A 13 6.50 8.27 14.36
C ALA A 13 6.95 9.69 14.03
N THR A 14 8.22 9.94 14.03
CA THR A 14 8.73 11.30 13.72
C THR A 14 9.25 11.34 12.28
N ARG A 15 10.18 10.49 11.95
CA ARG A 15 10.75 10.47 10.57
C ARG A 15 10.71 11.87 9.95
N VAL A 16 9.91 12.07 8.95
CA VAL A 16 9.84 13.41 8.31
C VAL A 16 8.60 13.50 7.43
N MET A 17 8.29 12.45 6.72
CA MET A 17 7.07 12.46 5.84
C MET A 17 7.25 13.55 4.78
N GLY A 18 7.06 14.79 5.14
CA GLY A 18 7.21 15.90 4.14
C GLY A 18 6.40 17.11 4.60
N GLY A 19 6.20 18.06 3.72
CA GLY A 19 5.43 19.27 4.10
C GLY A 19 3.98 18.87 4.40
N PRO A 20 3.05 19.78 4.23
CA PRO A 20 1.62 19.52 4.51
C PRO A 20 1.12 18.24 3.81
N CYS A 21 -0.16 18.02 3.80
CA CYS A 21 -0.71 16.79 3.15
C CYS A 21 -1.77 17.19 2.12
N THR A 22 -1.38 17.31 0.88
CA THR A 22 -2.36 17.68 -0.19
C THR A 22 -2.01 16.92 -1.47
N PRO A 23 -2.79 15.94 -1.86
CA PRO A 23 -2.53 15.14 -3.09
C PRO A 23 -2.20 16.04 -4.30
N ARG A 24 -1.02 16.61 -4.32
CA ARG A 24 -0.65 17.48 -5.47
C ARG A 24 -1.79 18.45 -5.77
N LYS A 25 -2.68 18.07 -6.65
CA LYS A 25 -3.82 18.97 -6.99
C LYS A 25 -5.03 18.61 -6.12
N GLY A 26 -5.23 17.36 -5.86
CA GLY A 26 -6.39 16.95 -5.02
C GLY A 26 -6.71 15.47 -5.26
N PRO A 27 -7.79 14.99 -4.71
CA PRO A 27 -8.20 13.57 -4.86
C PRO A 27 -8.12 13.11 -6.33
N PRO A 28 -7.37 12.07 -6.60
CA PRO A 28 -7.22 11.54 -7.98
C PRO A 28 -8.55 11.48 -8.74
N LYS A 29 -8.53 11.74 -10.02
CA LYS A 29 -9.79 11.71 -10.80
C LYS A 29 -10.28 10.26 -10.92
N CYS A 30 -9.68 9.36 -10.20
CA CYS A 30 -10.11 7.93 -10.27
C CYS A 30 -10.29 7.53 -11.74
N LYS A 31 -9.26 7.07 -12.37
CA LYS A 31 -9.37 6.67 -13.81
C LYS A 31 -9.82 5.20 -13.88
N GLN A 32 -10.48 4.72 -12.86
CA GLN A 32 -10.96 3.31 -12.88
C GLN A 32 -12.16 3.16 -11.95
N ARG A 33 -13.28 2.73 -12.48
CA ARG A 33 -14.49 2.55 -11.63
C ARG A 33 -15.18 1.25 -12.01
N GLN A 34 -14.83 0.17 -11.37
CA GLN A 34 -15.48 -1.14 -11.71
C GLN A 34 -15.14 -2.15 -10.62
N THR A 35 -15.98 -3.14 -10.43
CA THR A 35 -15.71 -4.17 -9.40
C THR A 35 -15.06 -5.39 -10.05
N ARG A 36 -14.75 -6.39 -9.27
CA ARG A 36 -14.12 -7.62 -9.85
C ARG A 36 -13.00 -7.21 -10.81
N GLN A 37 -12.31 -6.14 -10.52
CA GLN A 37 -11.22 -5.69 -11.43
C GLN A 37 -9.94 -6.47 -11.11
N CYS A 38 -9.36 -7.10 -12.10
CA CYS A 38 -8.11 -7.88 -11.87
C CYS A 38 -8.37 -8.97 -10.83
N LYS A 39 -8.12 -10.21 -11.17
CA LYS A 39 -8.35 -11.31 -10.21
C LYS A 39 -7.80 -12.63 -10.80
N SER A 40 -8.21 -13.74 -10.27
CA SER A 40 -7.72 -15.05 -10.79
C SER A 40 -6.31 -15.34 -10.27
N LYS A 41 -5.46 -14.34 -10.22
CA LYS A 41 -4.08 -14.57 -9.73
C LYS A 41 -4.13 -15.31 -8.39
N PRO A 42 -3.34 -16.35 -8.22
CA PRO A 42 -3.33 -17.14 -6.96
C PRO A 42 -2.56 -16.41 -5.83
N PRO A 43 -2.91 -16.66 -4.59
CA PRO A 43 -2.26 -16.02 -3.42
C PRO A 43 -0.99 -16.76 -2.99
N LYS A 44 -0.05 -16.07 -2.40
CA LYS A 44 1.20 -16.73 -1.95
C LYS A 44 1.84 -17.50 -3.11
N LYS A 45 2.01 -16.86 -4.23
CA LYS A 45 2.63 -17.55 -5.40
C LYS A 45 2.90 -16.55 -6.52
N GLY A 46 2.31 -15.39 -6.43
CA GLY A 46 2.53 -14.36 -7.50
C GLY A 46 3.66 -13.42 -7.07
N VAL A 47 3.45 -12.14 -7.18
CA VAL A 47 4.50 -11.16 -6.78
C VAL A 47 5.81 -11.52 -7.47
N GLN A 48 6.07 -10.93 -8.61
CA GLN A 48 7.34 -11.22 -9.35
C GLN A 48 7.41 -10.36 -10.60
N GLY A 49 6.37 -9.62 -10.88
CA GLY A 49 6.39 -8.75 -12.09
C GLY A 49 5.01 -8.12 -12.28
N CYS A 50 4.85 -6.89 -11.88
CA CYS A 50 3.53 -6.22 -12.04
C CYS A 50 3.18 -6.12 -13.52
N GLY A 51 2.59 -5.02 -13.93
CA GLY A 51 2.23 -4.87 -15.37
C GLY A 51 2.06 -3.39 -15.70
N ASP A 52 2.91 -2.56 -15.19
CA ASP A 52 2.80 -1.10 -15.47
C ASP A 52 1.41 -0.60 -15.06
N ASP A 53 0.76 0.13 -15.92
CA ASP A 53 -0.60 0.64 -15.59
C ASP A 53 -0.52 1.57 -14.37
N ILE A 54 0.49 2.40 -14.32
CA ILE A 54 0.64 3.33 -13.16
C ILE A 54 0.76 4.77 -13.68
N PRO A 55 -0.35 5.37 -14.05
CA PRO A 55 -0.37 6.76 -14.57
C PRO A 55 -0.40 7.80 -13.45
N GLY A 56 -0.41 7.36 -12.22
CA GLY A 56 -0.44 8.31 -11.08
C GLY A 56 0.60 9.41 -11.30
N MET A 57 1.82 9.18 -10.87
CA MET A 57 2.89 10.21 -11.05
C MET A 57 2.42 11.56 -10.51
N GLU A 58 1.24 11.61 -9.95
CA GLU A 58 0.73 12.90 -9.41
C GLU A 58 1.05 13.00 -7.92
N GLY A 59 0.06 13.22 -7.09
CA GLY A 59 0.31 13.34 -5.62
C GLY A 59 1.03 12.10 -5.11
N CYS A 60 1.30 11.15 -5.97
CA CYS A 60 2.02 9.92 -5.53
C CYS A 60 2.78 9.31 -6.69
N GLY A 61 2.44 8.11 -7.09
CA GLY A 61 3.16 7.48 -8.24
C GLY A 61 4.61 7.21 -7.83
N THR A 62 5.40 8.24 -7.68
CA THR A 62 6.82 8.04 -7.30
C THR A 62 6.88 7.22 -6.00
N ASP A 63 5.97 7.46 -5.10
CA ASP A 63 5.97 6.69 -3.82
C ASP A 63 5.55 5.24 -4.10
N ILE A 64 5.93 4.70 -5.22
CA ILE A 64 5.55 3.30 -5.56
C ILE A 64 6.72 2.60 -6.27
N THR A 65 7.44 3.32 -7.09
CA THR A 65 8.59 2.70 -7.81
C THR A 65 9.86 2.81 -6.96
N VAL A 66 10.05 3.93 -6.31
CA VAL A 66 11.27 4.11 -5.46
C VAL A 66 10.94 3.71 -4.02
N ILE A 67 9.82 4.15 -3.51
CA ILE A 67 9.46 3.80 -2.10
C ILE A 67 8.00 3.34 -2.05
N CYS A 68 7.78 2.06 -2.17
CA CYS A 68 6.39 1.53 -2.12
C CYS A 68 6.05 1.12 -0.68
N PRO A 69 5.06 1.73 -0.08
CA PRO A 69 4.67 1.40 1.32
C PRO A 69 4.77 -0.09 1.61
N TRP A 70 4.79 -0.90 0.60
CA TRP A 70 4.92 -2.37 0.82
C TRP A 70 6.23 -2.64 1.55
N GLU A 71 7.01 -1.61 1.79
CA GLU A 71 8.30 -1.78 2.50
C GLU A 71 8.20 -1.16 3.89
N ALA A 72 7.80 0.09 3.97
CA ALA A 72 7.68 0.75 5.29
C ALA A 72 6.54 0.09 6.09
N CYS A 73 5.34 0.16 5.59
CA CYS A 73 4.20 -0.46 6.30
C CYS A 73 4.30 -1.99 6.19
N ASN A 74 5.44 -2.53 6.51
CA ASN A 74 5.61 -4.01 6.43
C ASN A 74 5.55 -4.43 4.96
N HIS A 75 5.31 -5.69 4.70
CA HIS A 75 5.25 -6.15 3.28
C HIS A 75 4.19 -7.26 3.15
N CYS A 76 2.96 -6.96 3.50
CA CYS A 76 1.88 -7.97 3.39
C CYS A 76 2.41 -9.34 3.82
N GLU A 77 3.08 -9.39 4.93
CA GLU A 77 3.65 -10.69 5.40
C GLU A 77 2.50 -11.67 5.67
N LEU A 78 2.55 -12.38 6.78
CA LEU A 78 1.48 -13.37 7.09
C LEU A 78 0.14 -12.66 7.29
N HIS A 79 0.13 -11.48 7.84
CA HIS A 79 -1.17 -10.78 8.07
C HIS A 79 -0.95 -9.28 8.28
N GLU A 80 0.08 -8.91 8.99
CA GLU A 80 0.33 -7.46 9.23
C GLU A 80 -0.93 -6.82 9.81
N LEU A 81 -1.53 -5.90 9.10
CA LEU A 81 -2.75 -5.22 9.61
C LEU A 81 -3.99 -5.87 8.97
N ALA A 82 -3.87 -7.11 8.56
CA ALA A 82 -5.02 -7.79 7.92
C ALA A 82 -6.16 -7.93 8.93
N GLN A 83 -6.90 -6.87 9.17
CA GLN A 83 -8.03 -6.95 10.14
C GLN A 83 -9.03 -8.00 9.65
N TYR A 84 -9.40 -7.93 8.40
CA TYR A 84 -10.37 -8.92 7.84
C TYR A 84 -10.41 -8.77 6.32
N GLY A 85 -10.72 -7.60 5.84
CA GLY A 85 -10.75 -7.40 4.36
C GLY A 85 -9.31 -7.33 3.85
N ILE A 86 -8.50 -8.29 4.20
CA ILE A 86 -7.09 -8.27 3.75
C ILE A 86 -7.02 -8.01 2.25
N CYS A 87 -6.11 -7.18 1.82
CA CYS A 87 -5.99 -6.87 0.37
C CYS A 87 -5.23 -7.99 -0.33
C1C RCY B . 0.32 7.86 17.87
O1G RCY B . 0.48 6.57 19.45
O1H RCY B . 5.16 6.15 19.00
O1J RCY B . 1.73 10.36 18.79
C1L RCY B . 2.23 5.71 20.92
C1M RCY B . 3.88 7.84 16.85
C1P RCY B . 1.67 6.30 19.63
C1Q RCY B . 3.99 5.93 19.28
N1R RCY B . 2.77 6.51 18.58
C1S RCY B . 3.48 5.00 20.37
C1U RCY B . 2.66 7.16 17.20
C1V RCY B . 1.32 8.68 15.69
N1V RCY B . 2.31 9.38 17.88
C1W RCY B . 3.78 9.25 17.47
C1X RCY B . 1.60 8.26 17.13
C1Y RCY B . 4.14 10.31 16.43
C1Z RCY B . 4.66 9.38 18.70
H1S RCY B . 3.77 4.21 19.70
H1U RCY B . 2.45 6.41 16.46
C1C RCY C . -7.14 12.69 6.43
O1G RCY C . -6.92 15.84 3.96
O1H RCY C . -2.71 14.01 5.07
O1J RCY C . -7.06 9.77 5.70
C1L RCY C . -4.75 16.83 4.53
C1M RCY C . -4.78 12.07 3.64
C1P RCY C . -5.75 15.68 4.30
C1Q RCY C . -3.71 14.71 5.05
N1R RCY C . -5.10 14.33 4.56
C1S RCY C . -3.80 16.16 5.52
C1U RCY C . -5.68 12.92 4.36
C1V RCY C . -4.66 12.24 6.57
N1V RCY C . -6.13 10.77 5.18
C1W RCY C . -5.18 10.64 3.98
C1X RCY C . -5.90 12.19 5.69
C1Y RCY C . -3.95 9.81 4.38
C1Z RCY C . -5.92 9.97 2.82
H1S RCY C . -3.77 15.73 6.50
H1U RCY C . -6.63 12.99 3.84
C1C RCY D . -8.24 4.28 -6.09
O1G RCY D . -8.64 7.10 -4.52
O1H RCY D . -9.24 7.42 -9.19
O1J RCY D . -8.91 3.65 -8.96
C1L RCY D . -10.39 8.09 -5.92
C1M RCY D . -6.43 6.54 -8.41
C1P RCY D . -9.06 7.37 -5.64
C1Q RCY D . -9.21 7.68 -7.98
N1R RCY D . -8.33 7.03 -6.93
C1S RCY D . -10.07 8.71 -7.28
C1U RCY D . -7.02 6.25 -7.14
C1V RCY D . -5.93 3.96 -7.07
N1V RCY D . -7.85 4.57 -8.55
C1W RCY D . -7.10 5.58 -9.42
C1X RCY D . -7.24 4.74 -7.16
C1Y RCY D . -6.05 4.89 -10.28
C1Z RCY D . -8.11 6.33 -10.29
H1S RCY D . -9.41 9.43 -7.75
H1U RCY D . -6.33 6.49 -6.35
C1C RCY E . -1.18 -7.11 -7.99
O1G RCY E . -2.44 -3.70 -10.12
O1H RCY E . -5.49 -7.28 -9.69
O1J RCY E . -1.70 -7.55 -5.06
C1L RCY E . -3.99 -4.78 -11.68
C1M RCY E . -4.48 -5.74 -6.99
C1P RCY E . -3.28 -4.59 -10.34
C1Q RCY E . -4.64 -6.51 -10.13
N1R RCY E . -3.71 -5.63 -9.31
C1S RCY E . -4.31 -6.27 -11.59
C1U RCY E . -3.32 -5.75 -7.83
C1V RCY E . -3.44 -8.27 -8.07
N1V RCY E . -2.71 -7.06 -6.00
C1W RCY E . -4.05 -6.42 -5.68
C1X RCY E . -2.64 -7.09 -7.52
C1Y RCY E . -5.07 -7.48 -5.26
C1Z RCY E . -3.85 -5.39 -4.57
H1S RCY E . -3.84 -7.24 -11.54
H1U RCY E . -2.67 -4.95 -7.56
C1C RCY F . -2.98 -6.88 -9.48
O1G RCY F . -1.29 -4.84 -9.83
O1H RCY F . 2.51 -7.61 -9.30
O1J RCY F . -3.93 -9.35 -8.06
C1L RCY F . 1.12 -4.42 -9.97
C1M RCY F . -0.14 -8.82 -8.17
C1P RCY F . -0.14 -5.27 -9.72
C1Q RCY F . 1.74 -6.66 -9.25
N1R RCY F . 0.21 -6.71 -9.34
C1S RCY F . 2.12 -5.19 -9.10
C1U RCY F . -0.71 -7.90 -9.10
C1V RCY F . -1.84 -6.61 -7.24
N1V RCY F . -2.56 -8.87 -8.04
C1W RCY F . -1.30 -9.63 -7.59
C1X RCY F . -2.03 -7.51 -8.47
C1Y RCY F . -1.24 -9.68 -6.06
C1Z RCY F . -1.34 -11.05 -8.17
H1S RCY F . 2.32 -5.46 -8.07
H1U RCY F . -0.89 -8.41 -10.04
C1C RCY G . -2.82 3.28 -4.40
O1G RCY G . -4.42 5.91 -4.79
O1H RCY G . 0.14 6.82 -3.96
O1J RCY G . 0.17 2.89 -4.49
C1L RCY G . -2.78 7.36 -5.88
C1M RCY G . -1.13 5.24 -1.75
C1P RCY G . -3.28 6.37 -4.82
C1Q RCY G . -1.06 6.94 -4.24
N1R RCY G . -2.19 6.03 -3.80
C1S RCY G . -1.67 8.05 -5.08
C1U RCY G . -2.23 5.02 -2.65
C1V RCY G . -2.35 2.58 -2.01
N1V RCY G . -0.54 3.58 -3.41
C1W RCY G . 0.06 4.47 -2.32
C1X RCY G . -2.03 3.58 -3.13
C1Y RCY G . 0.73 3.62 -1.24
C1Z RCY G . 1.08 5.42 -2.96
H1S RCY G . -1.51 8.67 -4.20
H1U RCY G . -3.15 5.11 -2.12
C1C RCY H . -1.43 2.22 -3.66
O1G RCY H . 0.97 1.66 -4.73
O1H RCY H . 2.32 -0.93 -1.02
O1J RCY H . -3.45 2.56 -1.45
C1L RCY H . 3.07 0.55 -4.13
C1M RCY H . -0.32 0.53 -0.56
C1P RCY H . 1.62 1.00 -3.92
C1Q RCY H . 2.30 -0.13 -1.95
N1R RCY H . 1.07 0.53 -2.57
C1S RCY H . 3.52 0.42 -2.68
C1U RCY H . -0.34 0.66 -1.99
C1V RCY H . 0.02 3.16 -1.81
N1V RCY H . -2.12 1.99 -1.26
C1W RCY H . -1.60 1.21 -0.06
C1X RCY H . -0.93 2.05 -2.22
C1Y RCY H . -1.28 2.16 1.10
C1Z RCY H . -2.65 0.18 0.36
H1S RCY H . 3.68 1.00 -1.78
H1U RCY H . -0.98 -0.09 -2.42
C1C RCY I . 1.59 3.15 -0.74
O1G RCY I . 3.62 4.03 1.51
O1H RCY I . 2.22 0.03 3.58
O1J RCY I . 0.74 1.00 -2.66
C1L RCY I . 3.43 3.34 3.84
C1M RCY I . 2.21 -0.21 0.67
C1P RCY I . 3.30 3.17 2.33
C1Q RCY I . 2.39 1.22 3.32
N1R RCY I . 2.71 1.81 1.96
C1S RCY I . 2.33 2.37 4.31
C1U RCY I . 2.51 1.19 0.58
C1V RCY I . 0.05 1.78 0.73
N1V RCY I . 1.14 0.75 -1.28
C1W RCY I . 1.49 -0.59 -0.63
C1X RCY I . 1.29 1.76 -0.16
C1Y RCY I . 0.22 -1.39 -0.33
C1Z RCY I . 2.41 -1.38 -1.57
H1S RCY I . 1.26 2.21 4.26
H1U RCY I . 3.39 1.33 -0.03
C1C RCY J . 6.17 -3.54 -1.04
O1G RCY J . 3.01 -4.97 -2.92
O1H RCY J . 2.05 -3.77 1.54
O1J RCY J . 6.92 -0.66 -0.51
C1L RCY J . 1.68 -6.01 -1.16
C1M RCY J . 3.18 -1.49 -0.30
C1P RCY J . 2.62 -4.95 -1.76
C1Q RCY J . 2.33 -4.41 0.54
N1R RCY J . 3.00 -3.88 -0.74
C1S RCY J . 2.07 -5.89 0.32
C1U RCY J . 3.82 -2.61 -0.92
C1V RCY J . 5.07 -3.15 1.21
N1V RCY J . 5.59 -1.22 -0.29
C1W RCY J . 4.28 -0.44 -0.06
C1X RCY J . 5.18 -2.68 -0.24
C1Y RCY J . 4.23 0.08 1.38
C1Z RCY J . 4.20 0.70 -1.06
H1S RCY J . 2.90 -6.03 0.99
H1U RCY J . 3.95 -2.42 -1.98
C1C RCY K . 1.59 -4.90 -1.16
O1G RCY K . -0.65 -1.49 0.85
O1H RCY K . -1.55 -5.52 -1.44
O1J RCY K . 0.01 -6.24 -3.36
C1L RCY K . -2.12 -3.40 1.31
C1M RCY K . -0.40 -2.44 -3.09
C1P RCY K . -1.11 -2.58 0.49
C1Q RCY K . -1.67 -4.49 -0.79
N1R RCY K . -0.76 -3.28 -0.82
C1S RCY K . -2.79 -4.19 0.20
C1U RCY K . 0.26 -2.87 -1.89
C1V RCY K . 2.32 -3.56 -3.19
N1V RCY K . 0.15 -4.80 -3.22
C1W RCY K . -0.67 -3.72 -3.90
C1X RCY K . 1.14 -4.04 -2.34
C1Y RCY K . -0.22 -3.54 -5.36
C1Z RCY K . -2.15 -4.10 -3.84
H1S RCY K . -3.39 -4.06 -0.69
H1U RCY K . 0.88 -2.07 -1.51
N MET A 1 16.68 3.75 3.17
CA MET A 1 17.88 4.47 3.70
C MET A 1 18.75 4.92 2.51
N ASN A 2 19.13 6.17 2.49
CA ASN A 2 19.98 6.66 1.37
C ASN A 2 20.64 7.97 1.78
N LEU A 3 19.88 9.03 1.92
CA LEU A 3 20.48 10.33 2.31
C LEU A 3 19.43 11.17 3.05
N GLU A 4 18.19 10.80 2.95
CA GLU A 4 17.12 11.57 3.65
C GLU A 4 17.54 11.80 5.10
N PRO A 5 17.14 12.91 5.68
CA PRO A 5 17.49 13.25 7.10
C PRO A 5 16.72 12.38 8.10
N PRO A 6 17.41 11.53 8.83
CA PRO A 6 16.77 10.63 9.83
C PRO A 6 16.55 11.34 11.18
N LYS A 7 15.73 10.78 12.04
CA LYS A 7 15.48 11.41 13.36
C LYS A 7 15.64 10.37 14.47
N ALA A 8 14.57 10.03 15.14
CA ALA A 8 14.66 9.01 16.23
C ALA A 8 13.30 8.34 16.41
N GLU A 9 12.41 8.55 15.49
CA GLU A 9 11.06 7.92 15.60
C GLU A 9 10.53 7.58 14.20
N CYS A 10 9.26 7.36 14.07
CA CYS A 10 8.69 7.03 12.73
C CYS A 10 7.26 7.55 12.63
N ARG A 11 6.99 8.68 13.22
CA ARG A 11 5.61 9.24 13.15
C ARG A 11 5.62 10.73 13.53
N SER A 12 5.52 11.59 12.56
CA SER A 12 5.53 13.05 12.85
C SER A 12 4.20 13.44 13.50
N ALA A 13 3.20 12.61 13.35
CA ALA A 13 1.87 12.92 13.96
C ALA A 13 1.24 14.12 13.23
N THR A 14 1.22 14.08 11.92
CA THR A 14 0.61 15.21 11.15
C THR A 14 0.58 14.87 9.66
N ARG A 15 0.11 13.69 9.33
CA ARG A 15 0.05 13.30 7.89
C ARG A 15 -0.61 11.93 7.76
N VAL A 16 -0.43 11.27 6.65
CA VAL A 16 -1.05 9.92 6.46
C VAL A 16 -2.56 10.01 6.71
N MET A 17 -2.97 9.97 7.94
CA MET A 17 -4.44 10.06 8.25
C MET A 17 -4.75 11.47 8.74
N GLY A 18 -3.83 12.07 9.45
CA GLY A 18 -4.06 13.45 9.97
C GLY A 18 -5.39 13.52 10.72
N GLY A 19 -5.56 12.70 11.73
CA GLY A 19 -6.83 12.74 12.52
C GLY A 19 -7.72 11.53 12.15
N PRO A 20 -8.99 11.77 11.89
CA PRO A 20 -9.95 10.69 11.54
C PRO A 20 -9.38 9.67 10.56
N CYS A 21 -10.07 8.58 10.37
CA CYS A 21 -9.58 7.52 9.42
C CYS A 21 -10.75 7.00 8.59
N THR A 22 -10.92 7.52 7.40
CA THR A 22 -12.05 7.07 6.54
C THR A 22 -11.50 6.67 5.15
N PRO A 23 -12.16 5.75 4.48
CA PRO A 23 -11.74 5.29 3.14
C PRO A 23 -11.16 6.42 2.29
N ARG A 24 -9.91 6.32 1.91
CA ARG A 24 -9.30 7.41 1.10
C ARG A 24 -9.61 8.76 1.74
N LYS A 25 -9.53 8.83 3.04
CA LYS A 25 -9.82 10.10 3.75
C LYS A 25 -11.30 10.48 3.58
N GLY A 26 -12.00 9.78 2.73
CA GLY A 26 -13.45 10.10 2.54
C GLY A 26 -14.01 9.37 1.31
N PRO A 27 -14.32 10.08 0.26
CA PRO A 27 -14.89 9.48 -0.98
C PRO A 27 -14.24 8.13 -1.34
N PRO A 28 -14.98 7.24 -1.95
CA PRO A 28 -14.46 5.90 -2.36
C PRO A 28 -13.05 5.98 -2.96
N LYS A 29 -12.38 4.87 -3.08
CA LYS A 29 -11.01 4.88 -3.65
C LYS A 29 -11.08 4.73 -5.17
N CYS A 30 -11.27 3.53 -5.66
CA CYS A 30 -11.36 3.32 -7.12
C CYS A 30 -11.75 1.87 -7.42
N LYS A 31 -11.34 0.96 -6.59
CA LYS A 31 -11.69 -0.47 -6.81
C LYS A 31 -11.51 -0.84 -8.29
N GLN A 32 -10.36 -1.36 -8.64
CA GLN A 32 -10.11 -1.73 -10.06
C GLN A 32 -9.15 -2.92 -10.12
N ARG A 33 -9.57 -4.06 -9.64
CA ARG A 33 -8.67 -5.25 -9.66
C ARG A 33 -8.02 -5.38 -11.04
N GLN A 34 -6.75 -5.11 -11.12
CA GLN A 34 -6.04 -5.22 -12.42
C GLN A 34 -4.57 -4.83 -12.22
N THR A 35 -3.81 -5.67 -11.58
CA THR A 35 -2.38 -5.35 -11.32
C THR A 35 -1.54 -6.63 -11.43
N ARG A 36 -1.33 -7.11 -12.64
CA ARG A 36 -0.50 -8.34 -12.80
C ARG A 36 0.97 -7.95 -12.92
N GLN A 37 1.48 -7.25 -11.94
CA GLN A 37 2.91 -6.82 -11.98
C GLN A 37 3.10 -5.81 -13.12
N CYS A 38 4.14 -5.03 -13.05
CA CYS A 38 4.39 -4.01 -14.11
C CYS A 38 5.90 -3.84 -14.30
N LYS A 39 6.57 -3.35 -13.30
CA LYS A 39 8.05 -3.15 -13.40
C LYS A 39 8.76 -4.07 -12.41
N SER A 40 8.13 -4.36 -11.31
CA SER A 40 8.76 -5.26 -10.30
C SER A 40 9.94 -4.55 -9.65
N LYS A 41 9.74 -3.35 -9.15
CA LYS A 41 10.85 -2.59 -8.51
C LYS A 41 10.45 -2.24 -7.08
N PRO A 42 10.62 -3.15 -6.16
CA PRO A 42 10.27 -2.93 -4.73
C PRO A 42 11.37 -2.14 -3.98
N PRO A 43 11.00 -1.40 -2.96
CA PRO A 43 11.96 -0.59 -2.16
C PRO A 43 12.67 -1.38 -1.06
N LYS A 44 13.80 -0.91 -0.60
CA LYS A 44 14.53 -1.61 0.48
C LYS A 44 14.80 -3.07 0.08
N LYS A 45 14.31 -3.49 -1.05
CA LYS A 45 14.55 -4.90 -1.49
C LYS A 45 15.69 -4.93 -2.51
N GLY A 46 15.38 -4.80 -3.77
CA GLY A 46 16.45 -4.82 -4.81
C GLY A 46 15.82 -4.96 -6.20
N VAL A 47 15.79 -6.15 -6.73
CA VAL A 47 15.18 -6.34 -8.08
C VAL A 47 14.61 -7.76 -8.19
N GLN A 48 14.16 -8.30 -7.09
CA GLN A 48 13.59 -9.68 -7.13
C GLN A 48 12.45 -9.73 -8.15
N GLY A 49 11.66 -10.77 -8.12
CA GLY A 49 10.53 -10.88 -9.09
C GLY A 49 9.30 -11.45 -8.37
N CYS A 50 8.74 -10.70 -7.46
CA CYS A 50 7.53 -11.20 -6.74
C CYS A 50 6.33 -11.23 -7.69
N GLY A 51 6.58 -11.11 -8.96
CA GLY A 51 5.46 -11.10 -9.95
C GLY A 51 5.53 -12.34 -10.85
N ASP A 52 5.59 -12.14 -12.14
CA ASP A 52 5.65 -13.30 -13.07
C ASP A 52 4.28 -14.00 -13.07
N ASP A 53 3.40 -13.58 -12.20
CA ASP A 53 2.05 -14.18 -12.11
C ASP A 53 1.42 -13.78 -10.77
N ILE A 54 1.90 -12.73 -10.17
CA ILE A 54 1.36 -12.29 -8.86
C ILE A 54 1.47 -10.76 -8.75
N PRO A 55 0.48 -10.10 -8.20
CA PRO A 55 0.52 -8.62 -8.03
C PRO A 55 1.62 -8.20 -7.05
N GLY A 56 2.70 -8.91 -7.03
CA GLY A 56 3.82 -8.57 -6.09
C GLY A 56 4.21 -7.11 -6.28
N MET A 57 3.76 -6.48 -7.33
CA MET A 57 4.13 -5.05 -7.54
C MET A 57 3.95 -4.28 -6.23
N GLU A 58 4.95 -3.54 -5.82
CA GLU A 58 4.84 -2.79 -4.54
C GLU A 58 4.72 -1.29 -4.82
N GLY A 59 5.80 -0.62 -5.10
CA GLY A 59 5.73 0.84 -5.39
C GLY A 59 7.13 1.44 -5.38
N CYS A 60 7.23 2.74 -5.25
CA CYS A 60 8.55 3.41 -5.23
C CYS A 60 8.57 4.48 -4.15
N GLY A 61 8.06 4.17 -2.99
CA GLY A 61 8.04 5.17 -1.88
C GLY A 61 6.63 5.78 -1.77
N THR A 62 5.83 5.62 -2.78
CA THR A 62 4.45 6.17 -2.73
C THR A 62 3.49 5.12 -2.19
N ASP A 63 3.62 3.90 -2.63
CA ASP A 63 2.72 2.83 -2.14
C ASP A 63 3.00 2.58 -0.66
N ILE A 64 2.78 3.57 0.17
CA ILE A 64 3.05 3.39 1.62
C ILE A 64 2.53 4.61 2.37
N THR A 65 2.09 5.60 1.65
CA THR A 65 1.56 6.82 2.29
C THR A 65 0.61 7.51 1.30
N VAL A 66 0.83 7.27 0.03
CA VAL A 66 -0.05 7.87 -1.01
C VAL A 66 -1.04 6.82 -1.49
N ILE A 67 -0.58 5.63 -1.79
CA ILE A 67 -1.51 4.56 -2.27
C ILE A 67 -1.20 3.24 -1.58
N CYS A 68 -1.84 2.97 -0.46
CA CYS A 68 -1.59 1.68 0.24
C CYS A 68 -2.64 0.67 -0.21
N PRO A 69 -2.30 -0.60 -0.22
CA PRO A 69 -3.23 -1.69 -0.65
C PRO A 69 -4.53 -1.66 0.16
N TRP A 70 -4.60 -0.83 1.17
CA TRP A 70 -5.83 -0.77 1.99
C TRP A 70 -6.88 0.10 1.28
N GLU A 71 -6.45 1.00 0.42
CA GLU A 71 -7.42 1.86 -0.29
C GLU A 71 -8.00 1.10 -1.49
N ALA A 72 -7.19 0.31 -2.13
CA ALA A 72 -7.70 -0.46 -3.32
C ALA A 72 -8.72 -1.49 -2.83
N CYS A 73 -8.76 -2.64 -3.43
CA CYS A 73 -9.72 -3.68 -2.96
C CYS A 73 -9.44 -3.99 -1.49
N ASN A 74 -9.90 -3.14 -0.61
CA ASN A 74 -9.66 -3.33 0.86
C ASN A 74 -9.64 -4.82 1.21
N HIS A 75 -10.45 -5.61 0.56
CA HIS A 75 -10.47 -7.06 0.90
C HIS A 75 -10.65 -7.21 2.41
N CYS A 76 -10.93 -6.13 3.08
CA CYS A 76 -11.13 -6.18 4.57
C CYS A 76 -12.46 -5.52 4.92
N GLU A 77 -12.55 -4.23 4.76
CA GLU A 77 -13.84 -3.54 5.08
C GLU A 77 -14.86 -3.86 4.00
N LEU A 78 -14.42 -4.40 2.89
CA LEU A 78 -15.36 -4.73 1.78
C LEU A 78 -15.02 -6.13 1.26
N HIS A 79 -14.74 -6.27 -0.01
CA HIS A 79 -14.41 -7.61 -0.57
C HIS A 79 -14.07 -7.47 -2.06
N GLU A 80 -13.51 -8.49 -2.65
CA GLU A 80 -13.17 -8.43 -4.10
C GLU A 80 -12.68 -9.80 -4.57
N LEU A 81 -11.75 -9.83 -5.49
CA LEU A 81 -11.24 -11.14 -5.98
C LEU A 81 -10.08 -11.59 -5.08
N ALA A 82 -9.84 -10.89 -4.01
CA ALA A 82 -8.73 -11.29 -3.09
C ALA A 82 -9.08 -12.60 -2.39
N GLN A 83 -9.67 -13.53 -3.10
CA GLN A 83 -10.02 -14.82 -2.46
C GLN A 83 -8.71 -15.54 -2.11
N TYR A 84 -7.92 -14.95 -1.25
CA TYR A 84 -6.63 -15.58 -0.87
C TYR A 84 -5.66 -15.48 -2.05
N GLY A 85 -5.23 -14.28 -2.37
CA GLY A 85 -4.26 -14.12 -3.50
C GLY A 85 -2.95 -14.77 -3.09
N ILE A 86 -2.80 -15.01 -1.81
CA ILE A 86 -1.55 -15.65 -1.30
C ILE A 86 -0.35 -14.74 -1.57
N CYS A 87 0.70 -14.92 -0.81
CA CYS A 87 1.92 -14.08 -0.99
C CYS A 87 2.74 -14.63 -2.17
C1C RCY B . 7.99 10.25 7.55
O1G RCY B . 10.93 8.64 8.55
O1H RCY B . 7.23 5.76 8.07
O1J RCY B . 10.90 10.93 7.18
C1L RCY B . 9.96 6.93 10.00
C1M RCY B . 9.69 7.72 5.46
C1P RCY B . 10.05 7.81 8.74
C1Q RCY B . 8.07 6.53 8.54
N1R RCY B . 8.91 7.54 7.77
C1S RCY B . 8.45 6.66 10.01
C1U RCY B . 8.66 8.12 6.37
C1V RCY B . 8.17 10.20 5.02
N1V RCY B . 10.20 9.87 6.45
C1W RCY B . 10.83 8.74 5.63
C1X RCY B . 8.71 9.64 6.35
C1Y RCY B . 11.29 9.27 4.27
C1Z RCY B . 12.00 8.14 6.40
H1S RCY B . 7.50 7.16 10.11
H1U RCY B . 7.70 7.77 6.01
C1C RCY C . -7.88 8.37 3.69
O1G RCY C . -5.94 8.93 6.17
O1H RCY C . -7.31 4.42 6.35
O1J RCY C . -5.44 10.10 3.98
C1L RCY C . -6.81 7.52 7.96
C1M RCY C . -4.81 6.31 3.95
C1P RCY C . -6.39 7.84 6.53
C1Q RCY C . -7.26 5.63 6.52
N1R RCY C . -6.59 6.65 5.59
C1S RCY C . -7.82 6.41 7.69
C1U RCY C . -6.22 6.49 4.12
C1V RCY C . -6.44 7.49 1.79
N1V RCY C . -5.39 8.66 3.75
C1W RCY C . -4.19 7.71 3.91
C1X RCY C . -6.53 7.75 3.30
C1Y RCY C . -3.25 7.85 2.72
C1Z RCY C . -3.47 8.04 5.21
H1S RCY C . -8.78 6.23 7.21
H1U RCY C . -6.75 5.66 3.70
C1C RCY D . -4.51 2.41 -11.52
O1G RCY D . -5.29 5.26 -9.96
O1H RCY D . -8.20 1.77 -8.69
O1J RCY D . -2.84 4.74 -10.62
C1L RCY D . -7.72 5.08 -9.80
C1M RCY D . -4.35 2.60 -7.82
C1P RCY D . -6.28 4.58 -9.72
C1Q RCY D . -7.71 2.73 -9.27
N1R RCY D . -6.22 3.10 -9.33
C1S RCY D . -8.45 3.77 -10.09
C1U RCY D . -5.01 2.21 -9.04
C1V RCY D . -2.86 1.26 -9.97
N1V RCY D . -3.34 3.70 -9.73
C1W RCY D . -3.38 3.73 -8.20
C1X RCY D . -3.91 2.35 -10.11
C1Y RCY D . -1.99 3.46 -7.61
C1Z RCY D . -3.92 5.08 -7.74
H1S RCY D . -8.54 2.99 -10.82
H1U RCY D . -5.32 1.18 -8.97
C1C RCY E . -2.44 -5.06 -11.69
O1G RCY E . 0.00 -5.94 -12.22
O1H RCY E . 0.94 -1.32 -12.39
O1J RCY E . -0.83 -6.96 -10.00
C1L RCY E . 1.43 -4.57 -13.66
C1M RCY E . -0.15 -3.22 -9.43
C1P RCY E . 0.42 -4.83 -12.53
C1Q RCY E . 0.69 -2.48 -12.70
N1R RCY E . -0.01 -3.53 -11.86
C1S RCY E . 1.04 -3.14 -14.03
C1U RCY E . -0.93 -3.33 -10.64
C1V RCY E . -2.94 -4.17 -9.37
N1V RCY E . -0.87 -5.50 -9.79
C1W RCY E . 0.08 -4.66 -8.96
C1X RCY E . -1.85 -4.50 -10.39
C1Y RCY E . -0.26 -4.80 -7.47
C1Z RCY E . 1.52 -5.10 -9.22
H1S RCY E . 0.23 -2.55 -14.42
H1U RCY E . -1.50 -2.42 -10.78
C1C RCY F . 4.00 -10.98 0.53
O1G RCY F . 5.55 -9.42 -0.15
O1H RCY F . 5.58 -11.37 -4.45
O1J RCY F . 3.03 -8.16 0.22
C1L RCY F . 7.25 -9.58 -1.90
C1M RCY F . 2.66 -10.39 -2.87
C1P RCY F . 5.89 -9.84 -1.26
C1Q RCY F . 5.91 -11.01 -3.32
N1R RCY F . 4.98 -10.67 -2.15
C1S RCY F . 7.33 -10.81 -2.82
C1U RCY F . 3.52 -11.09 -1.96
C1V RCY F . 1.63 -11.37 -0.30
N1V RCY F . 2.80 -9.21 -0.76
C1W RCY F . 2.32 -9.04 -2.21
C1X RCY F . 2.98 -10.70 -0.58
C1Y RCY F . 0.82 -8.78 -2.25
C1Z RCY F . 3.09 -7.90 -2.86
H1S RCY F . 7.37 -11.88 -2.81
H1U RCY F . 3.42 -12.15 -2.11
C1C RCY G . 7.60 -1.95 -2.82
O1G RCY G . 7.37 -1.64 -5.67
O1H RCY G . 7.86 3.01 -4.98
O1J RCY G . 5.71 -1.68 -0.49
C1L RCY G . 8.11 0.20 -7.10
C1M RCY G . 5.70 1.23 -2.99
C1P RCY G . 7.56 -0.43 -5.81
C1Q RCY G . 7.60 1.91 -5.48
N1R RCY G . 7.30 0.62 -4.73
C1S RCY G . 7.52 1.61 -6.96
C1U RCY G . 6.85 0.44 -3.29
C1V RCY G . 5.41 -1.51 -4.02
N1V RCY G . 5.71 -0.79 -1.65
C1W RCY G . 5.03 0.58 -1.77
C1X RCY G . 6.41 -0.99 -2.99
C1Y RCY G . 3.53 0.40 -2.01
C1Z RCY G . 5.29 1.39 -0.50
H1S RCY G . 6.58 2.13 -6.92
H1U RCY G . 7.66 0.70 -2.62
C1C RCY H . 2.33 -3.00 0.11
O1G RCY H . 0.31 -2.81 2.38
O1H RCY H . 2.70 1.25 1.97
O1J RCY H . 3.74 -0.77 -1.34
C1L RCY H . -0.37 -0.46 2.32
C1M RCY H . 4.52 -1.09 2.41
C1P RCY H . 0.63 -1.62 2.32
C1Q RCY H . 1.89 0.40 2.33
N1R RCY H . 2.07 -1.12 2.26
C1S RCY H . 0.50 0.65 2.91
C1U RCY H . 3.37 -1.92 2.15
C1V RCY H . 4.75 -3.49 0.71
N1V RCY H . 4.04 -1.18 0.03
C1W RCY H . 4.86 -0.42 1.08
C1X RCY H . 3.61 -2.46 0.74
C1Y RCY H . 6.36 -0.56 0.79
C1Z RCY H . 4.45 1.05 1.07
H1S RCY H . 1.05 0.92 3.81
H1U RCY H . 3.35 -2.74 2.84
C1C RCY I . -5.53 -3.45 0.59
O1G RCY I . -8.07 -0.25 -2.50
O1H RCY I . -5.93 -4.46 -2.51
O1J RCY I . -4.27 -1.36 2.36
C1L RCY I . -8.50 -2.34 -3.69
C1M RCY I . -5.51 -0.14 -1.05
C1P RCY I . -7.73 -1.41 -2.74
C1Q RCY I . -6.51 -3.43 -2.87
N1R RCY I . -6.51 -2.09 -2.15
C1S RCY I . -7.36 -3.28 -4.12
C1U RCY I . -5.52 -1.57 -1.10
C1V RCY I . -7.35 -1.69 0.63
N1V RCY I . -4.98 -1.06 1.12
C1W RCY I . -4.97 0.24 0.33
C1X RCY I . -5.89 -1.98 0.32
C1Y RCY I . -5.87 1.29 1.00
C1Z RCY I . -3.53 0.76 0.22
H1S RCY I . -6.42 -3.27 -4.63
H1U RCY I . -4.53 -1.92 -1.33
C1C RCY J . -4.94 -1.29 4.98
O1G RCY J . -8.29 -2.46 1.48
O1H RCY J . -5.90 -4.65 4.92
O1J RCY J . -3.33 0.68 3.37
C1L RCY J . -8.87 -4.26 3.04
C1M RCY J . -5.34 -1.88 1.36
C1P RCY J . -7.94 -3.22 2.39
C1Q RCY J . -6.64 -4.42 3.96
N1R RCY J . -6.53 -3.25 3.00
C1S RCY J . -7.82 -5.27 3.52
C1U RCY J . -5.34 -2.34 2.71
C1V RCY J . -6.72 -0.35 3.45
N1V RCY J . -4.31 -0.24 2.80
C1W RCY J . -4.49 -0.60 1.33
C1X RCY J . -5.37 -1.06 3.54
C1Y RCY J . -5.22 0.51 0.59
C1Z RCY J . -3.12 -0.87 0.70
H1S RCY J . -7.06 -5.95 3.16
H1U RCY J . -4.42 -2.88 2.92
C1C RCY K . -1.51 -9.14 -2.06
O1G RCY K . -1.90 -10.83 0.45
O1H RCY K . 2.63 -9.50 0.52
O1J RCY K . -3.77 -9.24 -0.07
C1L RCY K . 0.19 -12.01 0.89
C1M RCY K . -0.60 -7.42 1.09
C1P RCY K . -0.67 -10.80 0.51
C1Q RCY K . 1.59 -10.13 0.33
N1R RCY K . 0.18 -9.58 0.22
C1S RCY K . 1.50 -11.65 0.18
C1U RCY K . -0.25 -8.15 -0.10
C1V RCY K . -1.77 -6.68 -1.51
N1V RCY K . -2.56 -8.43 0.11
C1W RCY K . -2.07 -7.76 1.37
C1X RCY K . -1.52 -8.09 -0.95
C1Y RCY K . -2.87 -6.48 1.64
C1Z RCY K . -2.20 -8.73 2.55
H1S RCY K . 1.90 -11.47 -0.80
H1U RCY K . 0.55 -7.63 -0.61
N MET A 1 12.05 -17.68 8.26
CA MET A 1 13.26 -17.52 7.42
C MET A 1 14.39 -16.91 8.27
N ASN A 2 15.42 -17.67 8.52
CA ASN A 2 16.55 -17.13 9.34
C ASN A 2 17.12 -15.89 8.66
N LEU A 3 17.88 -15.10 9.37
CA LEU A 3 18.46 -13.88 8.77
C LEU A 3 19.72 -14.25 7.97
N GLU A 4 19.55 -14.95 6.88
CA GLU A 4 20.73 -15.33 6.06
C GLU A 4 21.14 -14.16 5.15
N PRO A 5 22.40 -14.04 4.86
CA PRO A 5 22.93 -12.95 3.99
C PRO A 5 21.97 -12.58 2.86
N PRO A 6 21.19 -11.53 3.04
CA PRO A 6 20.22 -11.08 2.01
C PRO A 6 20.86 -10.13 0.99
N LYS A 7 20.27 -10.03 -0.18
CA LYS A 7 20.84 -9.12 -1.21
C LYS A 7 20.66 -7.67 -0.78
N ALA A 8 21.70 -6.89 -0.81
CA ALA A 8 21.57 -5.46 -0.39
C ALA A 8 20.37 -4.83 -1.09
N GLU A 9 19.91 -5.43 -2.17
CA GLU A 9 18.75 -4.87 -2.90
C GLU A 9 18.93 -3.35 -3.07
N CYS A 10 19.88 -2.95 -3.88
CA CYS A 10 20.12 -1.49 -4.09
C CYS A 10 19.93 -0.73 -2.78
N ARG A 11 20.99 -0.45 -2.08
CA ARG A 11 20.89 0.30 -0.79
C ARG A 11 19.68 1.23 -0.81
N SER A 12 19.84 2.43 -1.27
CA SER A 12 18.69 3.37 -1.32
C SER A 12 18.20 3.68 0.10
N ALA A 13 19.07 3.61 1.06
CA ALA A 13 18.67 3.90 2.46
C ALA A 13 18.14 5.33 2.55
N THR A 14 18.76 6.16 3.34
CA THR A 14 18.29 7.57 3.46
C THR A 14 16.83 7.59 3.90
N ARG A 15 16.56 8.15 5.06
CA ARG A 15 15.16 8.20 5.54
C ARG A 15 14.34 9.10 4.61
N VAL A 16 14.66 10.36 4.54
CA VAL A 16 13.91 11.29 3.66
C VAL A 16 12.41 11.06 3.86
N MET A 17 11.61 11.36 2.85
CA MET A 17 10.13 11.16 2.96
C MET A 17 9.67 11.29 4.42
N GLY A 18 9.27 12.47 4.82
CA GLY A 18 8.82 12.65 6.23
C GLY A 18 7.80 13.80 6.29
N GLY A 19 8.26 15.01 6.41
CA GLY A 19 7.33 16.17 6.47
C GLY A 19 6.41 16.16 5.24
N PRO A 20 5.55 17.13 5.12
CA PRO A 20 4.60 17.24 3.98
C PRO A 20 5.30 17.09 2.63
N CYS A 21 4.68 16.38 1.71
CA CYS A 21 5.31 16.18 0.37
C CYS A 21 4.23 16.31 -0.71
N THR A 22 4.63 16.47 -1.94
CA THR A 22 3.64 16.61 -3.05
C THR A 22 3.53 15.26 -3.79
N PRO A 23 2.45 14.55 -3.63
CA PRO A 23 2.25 13.24 -4.31
C PRO A 23 2.60 13.29 -5.80
N ARG A 24 3.03 12.19 -6.36
CA ARG A 24 3.39 12.18 -7.81
C ARG A 24 2.19 11.71 -8.63
N LYS A 25 1.94 12.33 -9.75
CA LYS A 25 0.79 11.92 -10.59
C LYS A 25 1.17 10.68 -11.40
N GLY A 26 0.21 10.01 -11.98
CA GLY A 26 0.53 8.79 -12.78
C GLY A 26 -0.62 8.50 -13.75
N PRO A 27 -0.68 7.30 -14.27
CA PRO A 27 -1.75 6.89 -15.22
C PRO A 27 -3.14 7.22 -14.69
N PRO A 28 -4.12 7.28 -15.56
CA PRO A 28 -5.52 7.58 -15.17
C PRO A 28 -5.91 6.92 -13.85
N LYS A 29 -6.51 7.65 -12.95
CA LYS A 29 -6.92 7.05 -11.65
C LYS A 29 -8.26 6.34 -11.80
N CYS A 30 -8.81 5.86 -10.72
CA CYS A 30 -10.12 5.14 -10.79
C CYS A 30 -11.15 5.88 -9.92
N LYS A 31 -10.70 6.44 -8.81
CA LYS A 31 -11.63 7.17 -7.92
C LYS A 31 -12.80 6.27 -7.54
N GLN A 32 -13.33 6.42 -6.35
CA GLN A 32 -14.46 5.55 -5.92
C GLN A 32 -14.84 5.87 -4.46
N ARG A 33 -14.27 6.91 -3.91
CA ARG A 33 -14.59 7.26 -2.50
C ARG A 33 -14.36 6.05 -1.62
N GLN A 34 -13.20 5.91 -1.04
CA GLN A 34 -12.90 4.74 -0.17
C GLN A 34 -13.74 4.83 1.12
N THR A 35 -14.39 5.94 1.34
CA THR A 35 -15.21 6.08 2.57
C THR A 35 -14.30 6.03 3.80
N ARG A 36 -13.03 5.79 3.59
CA ARG A 36 -12.09 5.72 4.75
C ARG A 36 -12.61 4.71 5.77
N GLN A 37 -13.20 3.65 5.32
CA GLN A 37 -13.72 2.63 6.27
C GLN A 37 -14.22 1.42 5.47
N CYS A 38 -14.60 0.36 6.14
CA CYS A 38 -15.09 -0.84 5.41
C CYS A 38 -15.74 -1.81 6.40
N LYS A 39 -17.03 -2.01 6.31
CA LYS A 39 -17.70 -2.95 7.25
C LYS A 39 -17.05 -4.34 7.10
N SER A 40 -16.47 -4.61 5.96
CA SER A 40 -15.82 -5.94 5.76
C SER A 40 -14.59 -6.04 6.67
N LYS A 41 -14.74 -6.68 7.79
CA LYS A 41 -13.59 -6.81 8.74
C LYS A 41 -12.38 -7.35 7.98
N PRO A 42 -11.19 -6.87 8.28
CA PRO A 42 -9.94 -7.33 7.61
C PRO A 42 -9.51 -8.72 8.11
N PRO A 43 -8.68 -9.39 7.36
CA PRO A 43 -8.17 -10.75 7.73
C PRO A 43 -7.32 -10.71 9.00
N LYS A 44 -7.52 -11.63 9.90
CA LYS A 44 -6.73 -11.65 11.16
C LYS A 44 -5.90 -12.94 11.22
N LYS A 45 -6.38 -13.99 10.58
CA LYS A 45 -5.64 -15.28 10.60
C LYS A 45 -5.45 -15.78 9.16
N GLY A 46 -5.58 -14.91 8.19
CA GLY A 46 -5.42 -15.34 6.78
C GLY A 46 -6.25 -16.60 6.54
N VAL A 47 -7.55 -16.45 6.41
CA VAL A 47 -8.42 -17.64 6.18
C VAL A 47 -8.20 -18.15 4.75
N GLN A 48 -7.05 -17.94 4.19
CA GLN A 48 -6.79 -18.42 2.81
C GLN A 48 -7.70 -17.68 1.83
N GLY A 49 -7.15 -16.92 0.93
CA GLY A 49 -7.98 -16.18 -0.05
C GLY A 49 -7.14 -15.12 -0.75
N CYS A 50 -5.97 -15.48 -1.20
CA CYS A 50 -5.10 -14.49 -1.90
C CYS A 50 -4.28 -15.19 -2.97
N GLY A 51 -3.54 -16.20 -2.61
CA GLY A 51 -2.71 -16.94 -3.60
C GLY A 51 -1.82 -15.94 -4.36
N ASP A 52 -1.28 -16.34 -5.47
CA ASP A 52 -0.40 -15.42 -6.25
C ASP A 52 -0.08 -16.06 -7.61
N ASP A 53 -1.09 -16.48 -8.33
CA ASP A 53 -0.84 -17.11 -9.66
C ASP A 53 -0.97 -16.06 -10.76
N ILE A 54 -0.69 -14.83 -10.46
CA ILE A 54 -0.80 -13.76 -11.51
C ILE A 54 0.22 -12.65 -11.20
N PRO A 55 1.46 -12.89 -11.55
CA PRO A 55 2.56 -11.92 -11.32
C PRO A 55 2.77 -10.97 -12.51
N GLY A 56 2.05 -9.87 -12.54
CA GLY A 56 2.20 -8.92 -13.68
C GLY A 56 0.96 -8.04 -13.80
N MET A 57 -0.12 -8.42 -13.17
CA MET A 57 -1.36 -7.60 -13.25
C MET A 57 -1.65 -7.28 -14.72
N GLU A 58 -1.48 -6.04 -15.12
CA GLU A 58 -1.75 -5.68 -16.54
C GLU A 58 -1.32 -4.22 -16.78
N GLY A 59 -1.15 -3.47 -15.73
CA GLY A 59 -0.74 -2.05 -15.90
C GLY A 59 -1.75 -1.14 -15.19
N CYS A 60 -2.36 -1.61 -14.14
CA CYS A 60 -3.35 -0.79 -13.41
C CYS A 60 -2.79 0.63 -13.19
N GLY A 61 -1.94 0.78 -12.21
CA GLY A 61 -1.35 2.13 -11.94
C GLY A 61 -2.09 2.79 -10.78
N THR A 62 -2.89 3.79 -11.05
CA THR A 62 -3.65 4.48 -9.97
C THR A 62 -2.83 4.50 -8.68
N ASP A 63 -1.57 4.83 -8.77
CA ASP A 63 -0.72 4.86 -7.54
C ASP A 63 -1.22 5.96 -6.60
N ILE A 64 -2.33 6.57 -6.92
CA ILE A 64 -2.87 7.66 -6.04
C ILE A 64 -4.38 7.47 -5.87
N THR A 65 -5.02 6.86 -6.83
CA THR A 65 -6.49 6.65 -6.74
C THR A 65 -7.15 7.89 -6.16
N VAL A 66 -6.57 9.04 -6.41
CA VAL A 66 -7.13 10.31 -5.87
C VAL A 66 -7.02 10.31 -4.34
N ILE A 67 -7.31 9.20 -3.72
CA ILE A 67 -7.23 9.15 -2.23
C ILE A 67 -6.53 7.85 -1.81
N CYS A 68 -5.27 7.92 -1.49
CA CYS A 68 -4.52 6.69 -1.06
C CYS A 68 -3.91 6.96 0.32
N PRO A 69 -3.66 5.92 1.09
CA PRO A 69 -3.07 6.03 2.45
C PRO A 69 -2.24 7.30 2.68
N TRP A 70 -1.29 7.58 1.83
CA TRP A 70 -0.47 8.81 2.03
C TRP A 70 -1.40 10.03 2.01
N GLU A 71 -2.68 9.80 1.84
CA GLU A 71 -3.66 10.93 1.80
C GLU A 71 -4.96 10.46 2.46
N ALA A 72 -5.25 9.19 2.36
CA ALA A 72 -6.51 8.65 2.96
C ALA A 72 -6.35 8.50 4.48
N CYS A 73 -5.99 7.33 4.92
CA CYS A 73 -5.82 7.10 6.39
C CYS A 73 -4.47 7.64 6.84
N ASN A 74 -3.49 7.64 5.97
CA ASN A 74 -2.14 8.14 6.35
C ASN A 74 -1.78 7.63 7.76
N HIS A 75 -2.35 6.53 8.16
CA HIS A 75 -2.04 5.98 9.50
C HIS A 75 -2.42 4.49 9.54
N CYS A 76 -2.46 3.86 8.40
CA CYS A 76 -2.82 2.41 8.38
C CYS A 76 -1.68 1.60 9.00
N GLU A 77 -1.80 1.25 10.25
CA GLU A 77 -0.73 0.46 10.92
C GLU A 77 -0.53 -0.85 10.17
N LEU A 78 0.48 -1.60 10.51
CA LEU A 78 0.73 -2.89 9.82
C LEU A 78 1.54 -3.82 10.73
N HIS A 79 1.62 -3.50 12.00
CA HIS A 79 2.39 -4.36 12.93
C HIS A 79 1.44 -5.35 13.62
N GLU A 80 0.38 -5.72 12.96
CA GLU A 80 -0.58 -6.69 13.57
C GLU A 80 -1.24 -7.52 12.47
N LEU A 81 -1.66 -6.90 11.41
CA LEU A 81 -2.29 -7.67 10.31
C LEU A 81 -1.20 -8.30 9.44
N ALA A 82 -0.04 -8.52 9.99
CA ALA A 82 1.06 -9.14 9.21
C ALA A 82 0.69 -10.58 8.87
N GLN A 83 1.66 -11.44 8.73
CA GLN A 83 1.37 -12.87 8.39
C GLN A 83 0.13 -12.92 7.51
N TYR A 84 0.25 -12.45 6.29
CA TYR A 84 -0.92 -12.44 5.36
C TYR A 84 -0.42 -12.60 3.93
N GLY A 85 0.60 -11.87 3.57
CA GLY A 85 1.15 -11.98 2.18
C GLY A 85 1.45 -10.58 1.65
N ILE A 86 2.25 -9.83 2.34
CA ILE A 86 2.60 -8.45 1.87
C ILE A 86 3.90 -8.51 1.06
N CYS A 87 4.89 -7.76 1.45
CA CYS A 87 6.18 -7.78 0.70
C CYS A 87 7.00 -8.99 1.14
C1C RCY B . 18.32 -0.62 -11.12
O1G RCY B . 13.40 0.25 -7.53
O1H RCY B . 16.21 -3.18 -7.61
O1J RCY B . 17.42 1.59 -13.06
C1L RCY B . 15.39 0.05 -6.20
C1M RCY B . 14.80 -0.47 -11.09
C1P RCY B . 14.61 -0.05 -7.50
C1Q RCY B . 16.07 -1.93 -7.52
N1R RCY B . 15.36 -0.99 -8.60
C1S RCY B . 15.92 -1.39 -6.06
C1U RCY B . 15.98 -0.76 -10.21
C1V RCY B . 17.91 1.39 -9.83
N1V RCY B . 16.61 0.90 -12.07
C1W RCY B . 15.09 0.56 -12.22
C1X RCY B . 17.15 0.30 -10.72
C1Y RCY B . 14.19 1.81 -12.06
C1Z RCY B . 14.78 0.02 -13.68
H1S RCY B . 15.51 -2.38 -5.91
H1U RCY B . 16.38 -1.71 -10.56
C1C RCY C . 6.87 7.92 -4.39
O1G RCY C . 4.02 8.79 -1.48
O1H RCY C . 5.95 10.22 1.29
O1J RCY C . 9.86 7.45 -4.61
C1L RCY C . 4.10 11.13 -0.74
C1M RCY C . 8.65 10.40 -2.35
C1P RCY C . 4.67 9.76 -1.09
C1Q RCY C . 6.12 10.79 0.27
N1R RCY C . 6.18 9.93 -1.13
C1S RCY C . 5.17 11.78 -0.01
C1U RCY C . 7.37 9.60 -2.39
C1V RCY C . 7.66 6.82 -2.25
N1V RCY C . 9.20 8.37 -3.70
C1W RCY C . 9.82 9.72 -3.18
C1X RCY C . 7.72 8.16 -3.11
C1Y RCY C . 11.10 9.49 -2.33
C1Z RCY C . 10.41 10.58 -4.39
H1S RCY C . 5.35 11.65 1.05
H1U RCY C . 6.81 10.02 -3.24
C1C RCY D . -12.07 13.15 -8.81
O1G RCY D . -11.45 1.80 -3.97
O1H RCY D . -9.62 1.49 -6.09
O1J RCY D . -14.72 15.08 -7.51
C1L RCY D . -10.28 1.21 -6.51
C1M RCY D . -13.48 12.14 -7.59
C1P RCY D . -10.73 2.45 -4.96
C1Q RCY D . -10.40 2.53 -6.51
N1R RCY D . -11.25 5.35 -5.00
C1S RCY D . -10.50 1.66 -8.42
C1U RCY D . -12.63 10.08 -5.78
C1V RCY D . -12.52 14.36 -6.80
N1V RCY D . -14.44 13.68 -7.81
C1W RCY D . -15.17 12.86 -8.55
C1X RCY D . -12.88 12.77 -7.34
C1Y RCY D . -16.65 12.42 -8.25
C1Z RCY D . -15.72 13.72 -9.97
H1S RCY D . -11.11 0.74 -8.65
H1U RCY D . -12.42 10.28 -5.22
C1C RCY E . -6.70 -3.43 -1.05
O1G RCY E . -10.51 -0.37 -1.19
O1H RCY E . -10.79 -0.03 2.96
O1J RCY E . -4.46 -2.77 0.94
C1L RCY E . -12.33 -0.65 0.46
C1M RCY E . -7.99 -2.34 1.97
C1P RCY E . -10.85 -0.81 -0.09
C1Q RCY E . -10.82 -1.09 2.21
N1R RCY E . -9.78 -1.30 0.95
C1S RCY E . -12.30 -1.46 1.75
C1U RCY E . -8.45 -2.34 0.45
C1V RCY E . -7.48 -4.74 0.85
N1V RCY E . -5.88 -2.59 1.22
C1W RCY E . -6.49 -1.79 2.29
C1X RCY E . -7.12 -3.27 0.44
C1Y RCY E . -6.10 -0.32 1.95
C1Z RCY E . -6.04 -2.01 3.83
H1S RCY E . -12.04 -2.44 2.06
H1U RCY E . -9.09 -3.19 0.22
C1C RCY F . -2.11 -7.82 -5.66
O1G RCY F . -6.88 -7.27 -2.10
O1H RCY F . -2.95 -9.74 -2.24
O1J RCY F . -3.10 -9.12 -8.14
C1L RCY F . -6.41 -9.46 -1.41
C1M RCY F . -5.96 -8.49 -5.71
C1P RCY F . -6.26 -8.32 -2.40
C1Q RCY F . -4.16 -9.56 -2.33
N1R RCY F . -4.90 -8.36 -3.26
C1S RCY F . -5.23 -10.39 -1.68
C1U RCY F . -4.84 -7.81 -4.94
C1V RCY F . -3.74 -6.34 -6.61
N1V RCY F . -3.96 -8.82 -7.07
C1W RCY F . -5.39 -9.40 -6.83
C1X RCY F . -3.63 -7.75 -6.01
C1Y RCY F . -6.33 -9.47 -8.11
C1Z RCY F . -5.24 -10.86 -6.40
H1S RCY F . -4.79 -10.77 -2.47
H1U RCY F . -5.11 -6.76 -4.92
C1C RCY G . 2.02 0.46 -8.84
O1G RCY G . -1.35 -3.28 -5.84
O1H RCY G . -3.36 -0.94 -7.63
O1J RCY G . 4.25 0.69 -6.53
C1L RCY G . -1.19 -3.22 -8.28
C1M RCY G . 0.53 0.16 -5.49
C1P RCY G . -1.14 -2.70 -6.91
C1Q RCY G . -2.29 -1.27 -8.12
N1R RCY G . -0.96 -1.31 -7.16
C1S RCY G . -2.32 -2.60 -9.09
C1U RCY G . 0.39 -0.29 -6.90
C1V RCY G . 2.90 -1.67 -7.99
N1V RCY G . 2.86 0.30 -6.42
C1W RCY G . 2.03 0.51 -5.12
C1X RCY G . 2.01 -0.38 -7.54
C1Y RCY G . 2.44 -0.36 -3.88
C1Z RCY G . 2.39 1.98 -4.73
H1S RCY G . -3.38 -2.67 -8.91
H1U RCY G . 0.01 0.54 -7.44
C1C RCY H . -4.93 19.11 -4.74
O1G RCY H . -5.35 15.19 -5.84
O1H RCY H . -6.09 13.94 -2.12
O1J RCY H . -3.60 20.93 -2.75
C1L RCY H . -4.03 13.58 -4.78
C1M RCY H . -4.78 17.45 -1.52
C1P RCY H . -4.87 14.71 -4.80
C1Q RCY H . -5.13 13.84 -2.95
N1R RCY H . -4.68 15.34 -3.51
C1S RCY H . -4.28 11.58 -3.63
C1U RCY H . -4.89 17.11 -3.02
C1V RCY H . -2.57 18.31 -4.37
N1V RCY H . -3.93 19.52 -2.53
C1W RCY H . -4.29 18.89 -1.15
C1X RCY H . -4.02 18.42 -3.69
C1Y RCY H . -3.11 18.85 -0.11
C1Z RCY H . -5.37 19.79 -0.39
H1S RCY H . -3.66 11.73 -3.09
H1U RCY H . -5.94 17.30 -3.29
C1C RCY I . -8.71 0.74 12.55
O1G RCY I . -10.12 0.98 8.52
O1H RCY I . -7.19 2.71 9.21
O1J RCY I . -8.49 2.48 15.08
C1L RCY I . -8.99 2.84 7.18
C1M RCY I . -9.59 4.44 11.93
C1P RCY I . -9.59 2.10 8.51
C1Q RCY I . -8.23 3.37 9.06
N1R RCY I . -9.36 2.92 9.76
C1S RCY I . -8.58 4.32 7.63
C1U RCY I . -9.79 3.08 11.39
C1V RCY I . -10.99 1.48 13.10
N1V RCY I . -8.95 2.95 13.77
C1W RCY I . -8.89 4.43 13.30
C1X RCY I . -9.62 2.03 12.65
C1Y RCY I . -9.58 5.43 14.29
C1Z RCY I . -7.43 4.91 13.15
H1S RCY I . -9.13 5.17 8.09
H1U RCY I . -10.83 3.08 11.29
C1C RCY J . 6.01 5.52 6.67
O1G RCY J . 3.54 2.09 4.20
O1H RCY J . 0.90 4.84 7.11
O1J RCY J . 7.71 4.50 9.02
C1L RCY J . 1.18 2.50 4.42
C1M RCY J . 4.10 3.06 8.55
C1P RCY J . 2.67 2.67 4.83
C1Q RCY J . 1.43 3.86 6.51
N1R RCY J . 2.99 3.66 6.08
C1S RCY J . 0.44 3.11 5.58
C1U RCY J . 4.29 3.78 7.22
C1V RCY J . 6.80 3.23 6.04
N1V RCY J . 6.43 3.94 8.56
C1W RCY J . 5.39 3.20 9.50
C1X RCY J . 5.88 4.05 7.04
C1Y RCY J . 5.91 1.82 10.04
C1Z RCY J . 5.18 3.97 10.90
H1S RCY J . 0.20 4.12 5.88
H1U RCY J . 4.15 4.85 7.36
C1C RCY K . 13.08 -2.48 0.20
O1G RCY K . 7.58 -0.22 0.56
O1H RCY K . 9.59 -3.93 -0.98
O1J RCY K . 14.49 -1.34 2.61
C1L RCY K . 6.81 -2.46 0.86
C1M RCY K . 10.63 -1.03 2.82
C1P RCY K . 7.92 -1.39 0.86
C1Q RCY K . 8.88 -3.22 -0.29
N1R RCY K . 9.42 -1.95 0.57
C1S RCY K . 7.33 -3.41 -0.20
C1U RCY K . 10.70 -2.02 1.73
C1V RCY K . 12.48 -3.96 2.17
N1V RCY K . 13.03 -1.43 2.47
C1W RCY K . 12.01 -0.48 3.18
C1X RCY K . 12.28 -2.53 1.59
C1Y RCY K . 12.24 -0.42 4.74
C1Z RCY K . 12.13 0.99 2.69
H1S RCY K . 7.46 -3.39 -1.28
H1U RCY K . 10.40 -2.91 2.27
N MET A 1 20.99 -2.18 12.77
CA MET A 1 20.08 -3.11 12.05
C MET A 1 20.06 -4.46 12.76
N ASN A 2 19.57 -5.48 12.13
CA ASN A 2 19.52 -6.82 12.77
C ASN A 2 18.77 -6.72 14.10
N LEU A 3 17.56 -6.21 14.07
CA LEU A 3 16.77 -6.08 15.33
C LEU A 3 17.62 -5.39 16.40
N GLU A 4 17.42 -4.12 16.58
CA GLU A 4 18.21 -3.36 17.61
C GLU A 4 17.25 -2.57 18.51
N PRO A 5 17.60 -2.39 19.75
CA PRO A 5 16.76 -1.63 20.72
C PRO A 5 16.09 -0.41 20.09
N PRO A 6 14.79 -0.45 19.90
CA PRO A 6 14.03 0.67 19.29
C PRO A 6 13.72 1.79 20.31
N LYS A 7 13.83 3.03 19.89
CA LYS A 7 13.55 4.16 20.82
C LYS A 7 12.39 4.99 20.28
N ALA A 8 11.18 4.64 20.61
CA ALA A 8 10.01 5.41 20.11
C ALA A 8 8.73 4.60 20.37
N GLU A 9 7.59 5.23 20.28
CA GLU A 9 6.32 4.49 20.53
C GLU A 9 6.34 3.17 19.75
N CYS A 10 6.34 2.06 20.44
CA CYS A 10 6.38 0.76 19.74
C CYS A 10 7.72 0.62 19.00
N ARG A 11 7.71 0.03 17.83
CA ARG A 11 8.98 -0.12 17.08
C ARG A 11 9.38 1.23 16.50
N SER A 12 8.42 2.08 16.23
CA SER A 12 8.73 3.42 15.67
C SER A 12 7.43 4.08 15.19
N ALA A 13 7.15 5.26 15.67
CA ALA A 13 5.90 5.96 15.26
C ALA A 13 5.83 7.33 15.94
N THR A 14 4.85 7.54 16.78
CA THR A 14 4.73 8.85 17.48
C THR A 14 3.54 8.80 18.45
N ARG A 15 2.38 8.46 17.95
CA ARG A 15 1.18 8.40 18.84
C ARG A 15 0.12 7.51 18.19
N VAL A 16 -1.07 8.01 18.03
CA VAL A 16 -2.14 7.17 17.41
C VAL A 16 -3.06 8.05 16.57
N MET A 17 -2.58 8.52 15.45
CA MET A 17 -3.43 9.38 14.56
C MET A 17 -4.00 10.55 15.37
N GLY A 18 -3.44 11.72 15.21
CA GLY A 18 -3.94 12.91 15.96
C GLY A 18 -4.62 13.88 15.00
N GLY A 19 -4.84 15.10 15.42
CA GLY A 19 -5.50 16.09 14.53
C GLY A 19 -4.45 16.79 13.65
N PRO A 20 -3.32 17.14 14.21
CA PRO A 20 -2.23 17.84 13.46
C PRO A 20 -1.93 17.17 12.12
N CYS A 21 -2.52 17.66 11.05
CA CYS A 21 -2.26 17.08 9.71
C CYS A 21 -2.10 18.21 8.69
N THR A 22 -1.06 18.19 7.90
CA THR A 22 -0.85 19.28 6.90
C THR A 22 -0.87 18.68 5.48
N PRO A 23 -2.00 18.74 4.81
CA PRO A 23 -2.14 18.21 3.43
C PRO A 23 -1.28 19.00 2.43
N ARG A 24 -0.64 18.31 1.52
CA ARG A 24 0.21 19.02 0.52
C ARG A 24 0.65 18.03 -0.57
N LYS A 25 1.93 17.76 -0.66
CA LYS A 25 2.41 16.81 -1.70
C LYS A 25 1.69 15.47 -1.53
N GLY A 26 0.99 15.31 -0.44
CA GLY A 26 0.26 14.03 -0.20
C GLY A 26 -0.59 13.69 -1.42
N PRO A 27 -1.77 14.25 -1.50
CA PRO A 27 -2.70 14.00 -2.64
C PRO A 27 -1.96 13.90 -3.98
N PRO A 28 -2.29 12.91 -4.79
CA PRO A 28 -1.64 12.73 -6.11
C PRO A 28 -1.45 14.05 -6.86
N LYS A 29 -0.57 14.08 -7.84
CA LYS A 29 -0.34 15.33 -8.61
C LYS A 29 0.56 15.03 -9.80
N CYS A 30 1.03 13.81 -9.92
CA CYS A 30 1.92 13.46 -11.06
C CYS A 30 1.08 12.89 -12.21
N LYS A 31 1.60 11.93 -12.91
CA LYS A 31 0.83 11.33 -14.03
C LYS A 31 -0.16 10.29 -13.48
N GLN A 32 -1.23 10.05 -14.19
CA GLN A 32 -2.23 9.05 -13.70
C GLN A 32 -3.27 8.79 -14.78
N ARG A 33 -3.02 7.83 -15.64
CA ARG A 33 -4.00 7.52 -16.72
C ARG A 33 -4.88 6.34 -16.29
N GLN A 34 -4.83 5.98 -15.04
CA GLN A 34 -5.66 4.84 -14.55
C GLN A 34 -5.12 3.52 -15.11
N THR A 35 -4.29 3.58 -16.10
CA THR A 35 -3.73 2.33 -16.69
C THR A 35 -4.86 1.46 -17.25
N ARG A 36 -5.90 2.09 -17.73
CA ARG A 36 -7.04 1.30 -18.30
C ARG A 36 -7.63 0.38 -17.23
N GLN A 37 -7.63 0.82 -16.01
CA GLN A 37 -8.20 -0.01 -14.90
C GLN A 37 -7.33 -1.25 -14.67
N CYS A 38 -6.95 -1.92 -15.72
CA CYS A 38 -6.11 -3.15 -15.55
C CYS A 38 -6.82 -4.12 -14.60
N LYS A 39 -8.02 -3.81 -14.22
CA LYS A 39 -8.79 -4.70 -13.29
C LYS A 39 -8.37 -6.16 -13.47
N SER A 40 -8.26 -6.62 -14.69
CA SER A 40 -7.84 -8.03 -14.92
C SER A 40 -6.72 -8.41 -13.96
N LYS A 41 -6.92 -9.43 -13.17
CA LYS A 41 -5.87 -9.85 -12.20
C LYS A 41 -5.36 -11.24 -12.56
N PRO A 42 -4.42 -11.33 -13.48
CA PRO A 42 -3.85 -12.63 -13.91
C PRO A 42 -2.80 -13.15 -12.91
N PRO A 43 -2.49 -14.42 -12.97
CA PRO A 43 -1.50 -15.06 -12.06
C PRO A 43 -0.15 -14.33 -12.06
N LYS A 44 0.64 -14.55 -11.05
CA LYS A 44 1.98 -13.88 -10.99
C LYS A 44 1.80 -12.37 -11.18
N LYS A 45 2.86 -11.67 -11.50
CA LYS A 45 2.75 -10.19 -11.70
C LYS A 45 1.51 -9.88 -12.53
N GLY A 46 1.00 -8.68 -12.43
CA GLY A 46 -0.21 -8.30 -13.21
C GLY A 46 0.22 -7.53 -14.46
N VAL A 47 -0.25 -7.94 -15.61
CA VAL A 47 0.12 -7.23 -16.88
C VAL A 47 1.55 -6.71 -16.79
N GLN A 48 1.80 -5.53 -17.30
CA GLN A 48 3.18 -4.97 -17.25
C GLN A 48 3.12 -3.45 -17.40
N GLY A 49 2.25 -2.80 -16.67
CA GLY A 49 2.14 -1.32 -16.75
C GLY A 49 2.40 -0.70 -15.38
N CYS A 50 3.28 -1.27 -14.61
CA CYS A 50 3.57 -0.71 -13.27
C CYS A 50 4.86 -1.33 -12.73
N GLY A 51 4.93 -2.63 -12.68
CA GLY A 51 6.17 -3.30 -12.16
C GLY A 51 7.39 -2.73 -12.88
N ASP A 52 7.18 -2.03 -13.96
CA ASP A 52 8.34 -1.46 -14.71
C ASP A 52 8.92 -0.28 -13.92
N ASP A 53 8.07 0.58 -13.42
CA ASP A 53 8.58 1.76 -12.65
C ASP A 53 8.55 1.42 -11.16
N ILE A 54 9.69 1.19 -10.57
CA ILE A 54 9.72 0.85 -9.11
C ILE A 54 8.98 1.94 -8.33
N PRO A 55 8.27 1.57 -7.29
CA PRO A 55 7.51 2.54 -6.44
C PRO A 55 8.43 3.36 -5.54
N GLY A 56 9.07 2.73 -4.59
CA GLY A 56 9.97 3.49 -3.66
C GLY A 56 11.12 2.57 -3.23
N MET A 57 11.09 1.33 -3.62
CA MET A 57 12.18 0.37 -3.23
C MET A 57 12.20 0.21 -1.71
N GLU A 58 11.61 1.11 -0.98
CA GLU A 58 11.61 0.99 0.50
C GLU A 58 10.44 0.11 0.94
N GLY A 59 9.72 0.52 1.95
CA GLY A 59 8.57 -0.31 2.42
C GLY A 59 7.61 -0.55 1.25
N CYS A 60 7.87 0.04 0.12
CA CYS A 60 6.98 -0.16 -1.05
C CYS A 60 7.51 -1.32 -1.91
N GLY A 61 6.84 -1.63 -2.98
CA GLY A 61 7.31 -2.75 -3.85
C GLY A 61 7.02 -4.09 -3.17
N THR A 62 7.56 -4.30 -2.00
CA THR A 62 7.32 -5.58 -1.28
C THR A 62 5.82 -5.89 -1.29
N ASP A 63 5.42 -6.92 -1.97
CA ASP A 63 3.97 -7.27 -2.02
C ASP A 63 3.40 -7.30 -0.60
N ILE A 64 4.25 -7.24 0.39
CA ILE A 64 3.75 -7.27 1.80
C ILE A 64 3.72 -5.83 2.36
N THR A 65 4.79 -5.11 2.20
CA THR A 65 4.83 -3.71 2.71
C THR A 65 4.47 -3.68 4.20
N VAL A 66 4.77 -4.73 4.90
CA VAL A 66 4.47 -4.78 6.36
C VAL A 66 2.95 -4.78 6.60
N ILE A 67 2.19 -4.05 5.82
CA ILE A 67 0.71 -4.03 6.05
C ILE A 67 -0.02 -4.55 4.82
N CYS A 68 -0.22 -5.85 4.76
CA CYS A 68 -0.96 -6.46 3.61
C CYS A 68 -2.09 -7.32 4.19
N PRO A 69 -3.01 -7.78 3.37
CA PRO A 69 -4.15 -8.62 3.83
C PRO A 69 -3.72 -9.67 4.86
N TRP A 70 -2.44 -9.85 5.04
CA TRP A 70 -1.98 -10.86 6.05
C TRP A 70 -2.05 -10.22 7.44
N GLU A 71 -2.20 -8.93 7.51
CA GLU A 71 -2.29 -8.26 8.85
C GLU A 71 -3.16 -7.01 8.74
N ALA A 72 -3.36 -6.51 7.55
CA ALA A 72 -4.18 -5.28 7.37
C ALA A 72 -5.67 -5.64 7.49
N CYS A 73 -6.52 -4.90 6.83
CA CYS A 73 -7.99 -5.19 6.90
C CYS A 73 -8.23 -6.67 6.63
N ASN A 74 -7.26 -7.35 6.08
CA ASN A 74 -7.42 -8.80 5.79
C ASN A 74 -8.42 -9.00 4.65
N HIS A 75 -8.19 -10.00 3.83
CA HIS A 75 -9.10 -10.29 2.69
C HIS A 75 -9.23 -9.04 1.80
N CYS A 76 -9.17 -9.24 0.50
CA CYS A 76 -9.30 -8.09 -0.44
C CYS A 76 -10.48 -8.34 -1.39
N GLU A 77 -10.32 -9.24 -2.33
CA GLU A 77 -11.43 -9.54 -3.27
C GLU A 77 -12.61 -10.12 -2.48
N LEU A 78 -13.27 -11.10 -3.01
CA LEU A 78 -14.42 -11.71 -2.28
C LEU A 78 -15.59 -10.70 -2.28
N HIS A 79 -15.39 -9.53 -2.82
CA HIS A 79 -16.48 -8.52 -2.86
C HIS A 79 -16.63 -7.88 -1.48
N GLU A 80 -15.91 -8.37 -0.51
CA GLU A 80 -16.01 -7.78 0.86
C GLU A 80 -15.23 -6.47 0.91
N LEU A 81 -14.40 -6.22 -0.06
CA LEU A 81 -13.61 -4.95 -0.06
C LEU A 81 -14.57 -3.77 0.12
N ALA A 82 -15.83 -3.97 -0.13
CA ALA A 82 -16.81 -2.86 0.03
C ALA A 82 -16.83 -2.40 1.50
N GLN A 83 -15.80 -1.72 1.92
CA GLN A 83 -15.75 -1.23 3.32
C GLN A 83 -15.81 0.30 3.34
N TYR A 84 -16.26 0.89 2.26
CA TYR A 84 -16.34 2.37 2.21
C TYR A 84 -17.08 2.79 0.93
N GLY A 85 -16.61 2.33 -0.20
CA GLY A 85 -17.28 2.70 -1.49
C GLY A 85 -16.33 2.41 -2.65
N ILE A 86 -15.05 2.50 -2.42
CA ILE A 86 -14.08 2.23 -3.51
C ILE A 86 -13.75 0.74 -3.53
N CYS A 87 -12.81 0.33 -4.32
CA CYS A 87 -12.46 -1.12 -4.36
C CYS A 87 -12.15 -1.61 -2.95
C1C RCY B . 0.92 2.83 15.94
O1G RCY B . -0.43 -1.11 18.90
O1H RCY B . 3.35 1.63 18.26
O1J RCY B . -0.60 5.29 16.79
C1L RCY B . 1.97 -1.54 18.96
C1M RCY B . -0.27 2.52 19.42
C1P RCY B . 0.71 -0.69 18.76
C1Q RCY B . 2.57 0.68 18.24
N1R RCY B . 1.05 0.75 18.37
C1S RCY B . 2.95 -0.77 18.06
C1U RCY B . 0.13 1.95 18.17
C1V RCY B . 2.16 3.45 18.06
N1V RCY B . -0.20 4.21 17.71
C1W RCY B . -0.70 3.96 19.12
C1X RCY B . 0.81 3.10 17.43
C1Y RCY B . -0.03 4.93 20.11
C1Z RCY B . -2.21 4.11 19.15
H1S RCY B . 3.11 -0.50 17.02
H1U RCY B . -0.74 1.63 17.61
C1C RCY C . -0.24 12.26 4.86
O1G RCY C . 1.79 12.78 9.54
O1H RCY C . -1.84 14.28 6.91
O1J RCY C . 2.34 11.80 3.38
C1L RCY C . -0.53 13.38 10.06
C1M RCY C . 2.67 13.45 6.82
C1P RCY C . 0.70 13.20 9.15
C1Q RCY C . -1.02 14.13 7.82
N1R RCY C . 0.40 13.60 7.71
C1S RCY C . -1.26 14.47 9.28
C1U RCY C . 1.27 13.50 6.47
C1V RCY C . 1.10 10.97 6.59
N1V RCY C . 2.27 12.23 4.77
C1W RCY C . 3.39 12.81 5.62
C1X RCY C . 1.06 12.21 5.68
C1Y RCY C . 4.33 11.70 6.11
C1Z RCY C . 4.16 13.86 4.82
H1S RCY C . -1.17 15.50 8.96
H1U RCY C . 1.10 14.35 5.82
C1C RCY D . -3.58 9.74 -7.73
O1G RCY D . -2.24 11.87 -8.07
O1H RCY D . 1.22 8.70 -8.57
O1J RCY D . -3.13 7.19 -9.25
C1L RCY D . -0.30 11.73 -9.55
C1M RCY D . -0.63 7.93 -6.44
C1P RCY D . -1.23 11.28 -8.41
C1Q RCY D . 0.61 9.76 -8.49
N1R RCY D . -0.72 9.98 -7.77
C1S RCY D . 1.01 11.09 -9.10
C1U RCY D . -1.36 9.14 -6.66
C1V RCY D . -3.51 8.07 -5.83
N1V RCY D . -2.41 7.56 -8.03
C1W RCY D . -1.14 6.91 -7.47
C1X RCY D . -2.76 8.65 -7.04
C1Y RCY D . -1.48 5.58 -6.79
C1Z RCY D . -0.14 6.71 -8.60
H1S RCY D . 1.74 11.11 -8.30
H1U RCY D . -1.41 9.71 -5.75
C1C RCY E . -3.67 -6.36 -8.08
O1G RCY E . -5.45 -5.94 -10.28
O1H RCY E . -1.75 -5.85 -13.20
O1J RCY E . -1.14 -7.32 -6.76
C1L RCY E . -5.13 -5.06 -12.54
C1M RCY E . -1.02 -6.95 -10.58
C1P RCY E . -4.71 -5.74 -11.23
C1Q RCY E . -2.76 -5.54 -12.58
N1R RCY E . -3.22 -6.11 -11.25
C1S RCY E . -3.79 -4.49 -12.99
C1U RCY E . -2.40 -6.87 -10.20
C1V RCY E . -2.00 -4.68 -8.98
N1V RCY E . -1.23 -6.93 -8.17
C1W RCY E . -0.23 -7.20 -9.28
C1X RCY E . -2.36 -6.16 -8.84
C1Y RCY E . 0.95 -6.24 -9.18
C1Z RCY E . 0.23 -8.65 -9.19
H1S RCY E . -3.02 -3.78 -12.70
H1U RCY E . -2.80 -7.86 -10.08
C1C RCY F . 1.73 -7.93 -9.08
O1G RCY F . 0.13 -3.36 -7.54
O1H RCY F . 3.02 -5.30 -10.74
O1J RCY F . 1.69 -9.28 -6.38
C1L RCY F . 0.73 -2.77 -9.84
C1M RCY F . 1.86 -5.44 -6.33
C1P RCY F . 0.80 -3.60 -8.56
C1Q RCY F . 2.42 -4.48 -10.05
N1R RCY F . 1.81 -4.74 -8.67
C1S RCY F . 2.13 -3.04 -10.41
C1U RCY F . 2.13 -5.85 -7.67
C1V RCY F . -0.22 -6.74 -7.95
N1V RCY F . 1.56 -7.83 -6.58
C1W RCY F . 1.67 -6.74 -5.52
C1X RCY F . 1.26 -7.09 -7.87
C1Y RCY F . 0.40 -6.67 -4.67
C1Z RCY F . 2.89 -7.02 -4.65
H1S RCY F . 3.17 -2.89 -10.19
H1U RCY F . 3.17 -6.12 -7.76
C1C RCY G . 2.05 3.71 -4.08
O1G RCY G . 6.69 5.98 -4.61
O1H RCY G . 4.83 1.99 -2.90
O1J RCY G . 1.04 3.02 -6.83
C1L RCY G . 7.25 4.56 -2.70
C1M RCY G . 4.82 3.58 -6.53
C1P RCY G . 6.42 5.00 -3.92
C1Q RCY G . 5.34 3.12 -2.98
N1R RCY G . 5.25 4.06 -4.17
C1S RCY G . 6.17 3.80 -1.91
C1U RCY G . 4.23 4.06 -5.32
C1V RCY G . 3.53 1.72 -4.65
N1V RCY G . 2.46 3.07 -6.47
C1W RCY G . 3.66 3.10 -7.41
C1X RCY G . 3.05 3.12 -5.07
C1Y RCY G . 3.93 1.71 -7.97
C1Z RCY G . 3.38 4.09 -8.55
H1S RCY G . 5.22 3.95 -1.42
H1U RCY G . 3.87 5.06 -5.47
C1C RCY H . 4.31 -1.97 1.96
O1G RCY H . 2.20 -2.23 1.55
O1H RCY H . 2.27 -6.72 3.01
O1J RCY H . 2.66 -0.74 4.15
C1L RCY H . 0.76 -4.17 1.11
C1M RCY H . 3.85 -4.33 4.77
C1P RCY H . 1.96 -3.43 1.72
C1Q RCY H . 2.17 -5.72 2.31
N1R RCY H . 2.84 -4.37 2.54
C1S RCY H . 1.32 -5.58 1.06
C1U RCY H . 4.07 -4.06 3.38
C1V RCY H . 5.82 -2.32 3.96
N1V RCY H . 3.36 -2.01 4.28
C1W RCY H . 3.17 -3.07 5.35
C1X RCY H . 4.44 -2.57 3.36
C1Y RCY H . 3.88 -2.65 6.65
C1Z RCY H . 1.69 -3.30 5.59
H1S RCY H . 2.10 -6.18 0.60
H1U RCY H . 4.91 -4.64 3.03
C1C RCY I . -3.45 -3.15 1.54
O1G RCY I . -4.74 -1.28 5.03
O1H RCY I . -5.46 -5.79 3.79
O1J RCY I . -2.87 -0.34 2.49
C1L RCY I . -6.74 -2.69 4.91
C1M RCY I . -2.21 -3.13 5.03
C1P RCY I . -5.25 -2.37 4.75
C1Q RCY I . -5.58 -4.57 3.92
N1R RCY I . -4.47 -3.56 4.20
C1S RCY I . -6.88 -3.79 3.85
C1U RCY I . -2.97 -3.71 3.97
C1V RCY I . -1.05 -3.38 2.34
N1V RCY I . -2.50 -1.55 3.23
C1W RCY I . -2.06 -1.64 4.69
C1X RCY I . -2.48 -2.98 2.72
C1Y RCY I . -0.61 -1.19 4.83
C1Z RCY I . -2.99 -0.77 5.55
H1S RCY I . -6.80 -3.96 2.79
H1U RCY I . -2.72 -4.76 3.89
C1C RCY J . -2.08 -8.91 -1.26
O1G RCY J . -2.99 -6.34 1.59
O1H RCY J . -6.23 -9.00 -0.58
O1J RCY J . -0.30 -7.39 0.64
C1L RCY J . -5.12 -5.83 0.49
C1M RCY J . -3.06 -9.50 2.26
C1P RCY J . -3.98 -6.73 0.96
C1Q RCY J . -5.47 -8.09 -0.30
N1R RCY J . -4.19 -8.18 0.53
C1S RCY J . -5.62 -6.62 -0.71
C1U RCY J . -3.36 -9.43 0.85
C1V RCY J . -1.30 -10.77 0.27
N1V RCY J . -1.27 -8.39 1.05
C1W RCY J . -1.79 -8.66 2.47
C1X RCY J . -1.99 -9.40 0.18
C1Y RCY J . -0.76 -9.43 3.29
C1Z RCY J . -2.13 -7.32 3.13
H1S RCY J . -5.31 -6.98 -1.68
H1U RCY J . -3.90 -10.31 0.56
C1C RCY K . -4.15 -0.77 -2.94
O1G RCY K . -5.90 0.34 -4.38
O1H RCY K . -7.55 -4.08 -4.46
O1J RCY K . -4.71 -2.95 -0.94
C1L RCY K . -8.16 -0.61 -4.31
C1M RCY K . -4.63 -4.03 -4.62
C1P RCY K . -6.62 -0.66 -4.42
C1Q RCY K . -7.41 -2.87 -4.65
N1R RCY K . -6.11 -2.08 -4.57
C1S RCY K . -8.51 -1.91 -5.04
C1U RCY K . -4.67 -2.60 -4.61
C1V RCY K . -2.37 -2.48 -3.57
N1V RCY K . -4.45 -3.19 -2.36
C1W RCY K . -4.69 -4.47 -3.15
C1X RCY K . -3.86 -2.21 -3.38
C1Y RCY K . -3.60 -5.50 -2.85
C1Z RCY K . -6.07 -5.02 -2.80
H1S RCY K . -8.44 -2.38 -6.01
H1U RCY K . -4.18 -2.21 -5.49
N MET A 1 6.29 23.57 -1.48
CA MET A 1 6.60 24.72 -0.58
C MET A 1 7.81 24.37 0.29
N ASN A 2 8.18 23.11 0.34
CA ASN A 2 9.35 22.70 1.17
C ASN A 2 9.93 21.40 0.61
N LEU A 3 11.23 21.27 0.61
CA LEU A 3 11.85 20.01 0.09
C LEU A 3 13.14 19.73 0.86
N GLU A 4 13.41 20.49 1.89
CA GLU A 4 14.65 20.26 2.68
C GLU A 4 14.69 18.80 3.16
N PRO A 5 15.86 18.23 3.25
CA PRO A 5 16.04 16.81 3.69
C PRO A 5 15.03 16.40 4.77
N PRO A 6 13.97 15.73 4.37
CA PRO A 6 12.91 15.27 5.32
C PRO A 6 13.24 13.91 5.93
N LYS A 7 13.13 13.80 7.23
CA LYS A 7 13.45 12.50 7.90
C LYS A 7 12.14 11.83 8.37
N ALA A 8 11.09 12.59 8.48
CA ALA A 8 9.80 12.00 8.93
C ALA A 8 9.99 11.27 10.26
N GLU A 9 9.54 11.85 11.33
CA GLU A 9 9.71 11.20 12.66
C GLU A 9 8.57 10.19 12.88
N CYS A 10 8.12 10.05 14.10
CA CYS A 10 7.02 9.08 14.36
C CYS A 10 6.39 9.39 15.73
N ARG A 11 6.03 10.61 15.96
CA ARG A 11 5.40 10.97 17.27
C ARG A 11 3.90 10.69 17.20
N SER A 12 3.18 11.43 16.40
CA SER A 12 1.71 11.20 16.30
C SER A 12 1.14 12.08 15.19
N ALA A 13 1.77 13.20 14.93
CA ALA A 13 1.27 14.12 13.87
C ALA A 13 2.09 13.90 12.60
N THR A 14 2.18 14.90 11.76
CA THR A 14 2.96 14.74 10.51
C THR A 14 2.84 16.01 9.66
N ARG A 15 3.60 17.01 9.99
CA ARG A 15 3.54 18.28 9.22
C ARG A 15 4.48 18.17 8.00
N VAL A 16 4.56 17.01 7.42
CA VAL A 16 5.46 16.83 6.24
C VAL A 16 4.89 17.60 5.04
N MET A 17 4.22 16.92 4.14
CA MET A 17 3.66 17.62 2.95
C MET A 17 2.22 18.04 3.26
N GLY A 18 1.30 17.12 3.27
CA GLY A 18 -0.12 17.48 3.55
C GLY A 18 -0.36 17.42 5.06
N GLY A 19 -1.02 18.40 5.61
CA GLY A 19 -1.28 18.40 7.08
C GLY A 19 -2.64 17.73 7.35
N PRO A 20 -3.72 18.42 7.09
CA PRO A 20 -5.10 17.88 7.32
C PRO A 20 -5.31 16.53 6.63
N CYS A 21 -6.53 16.22 6.29
CA CYS A 21 -6.82 14.93 5.60
C CYS A 21 -7.83 15.18 4.47
N THR A 22 -7.35 15.33 3.26
CA THR A 22 -8.26 15.57 2.11
C THR A 22 -7.78 14.76 0.90
N PRO A 23 -8.36 13.62 0.65
CA PRO A 23 -7.98 12.75 -0.49
C PRO A 23 -7.90 13.53 -1.81
N ARG A 24 -6.80 13.42 -2.52
CA ARG A 24 -6.67 14.14 -3.80
C ARG A 24 -5.54 13.53 -4.63
N LYS A 25 -5.71 12.32 -5.10
CA LYS A 25 -4.65 11.67 -5.90
C LYS A 25 -3.34 11.70 -5.12
N GLY A 26 -2.59 12.76 -5.24
CA GLY A 26 -1.29 12.87 -4.51
C GLY A 26 -0.15 12.49 -5.45
N PRO A 27 1.05 12.94 -5.16
CA PRO A 27 2.24 12.65 -6.00
C PRO A 27 2.29 11.17 -6.43
N PRO A 28 2.72 10.91 -7.65
CA PRO A 28 2.82 9.51 -8.17
C PRO A 28 3.36 8.53 -7.12
N LYS A 29 2.68 7.43 -6.91
CA LYS A 29 3.16 6.44 -5.90
C LYS A 29 4.10 5.44 -6.58
N CYS A 30 4.70 5.82 -7.68
CA CYS A 30 5.62 4.88 -8.38
C CYS A 30 7.05 5.13 -7.90
N LYS A 31 7.25 5.23 -6.60
CA LYS A 31 8.61 5.47 -6.05
C LYS A 31 8.93 4.41 -5.00
N GLN A 32 8.21 3.32 -5.00
CA GLN A 32 8.47 2.25 -3.99
C GLN A 32 9.50 1.27 -4.55
N ARG A 33 9.49 1.07 -5.83
CA ARG A 33 10.48 0.12 -6.45
C ARG A 33 10.42 -1.22 -5.73
N GLN A 34 9.49 -1.37 -4.82
CA GLN A 34 9.34 -2.66 -4.06
C GLN A 34 10.69 -3.39 -3.98
N THR A 35 11.75 -2.66 -3.71
CA THR A 35 13.09 -3.31 -3.62
C THR A 35 13.10 -4.28 -2.44
N ARG A 36 12.16 -4.16 -1.54
CA ARG A 36 12.13 -5.08 -0.38
C ARG A 36 11.32 -6.33 -0.74
N GLN A 37 10.44 -6.23 -1.70
CA GLN A 37 9.64 -7.42 -2.08
C GLN A 37 8.90 -7.96 -0.85
N CYS A 38 9.01 -9.23 -0.59
CA CYS A 38 8.31 -9.82 0.59
C CYS A 38 9.26 -10.78 1.31
N LYS A 39 9.44 -11.96 0.79
CA LYS A 39 10.35 -12.95 1.44
C LYS A 39 10.51 -14.17 0.52
N SER A 40 9.60 -15.10 0.60
CA SER A 40 9.70 -16.31 -0.28
C SER A 40 8.78 -17.41 0.26
N LYS A 41 7.52 -17.37 -0.11
CA LYS A 41 6.56 -18.42 0.37
C LYS A 41 5.78 -18.98 -0.82
N PRO A 42 5.34 -20.20 -0.74
CA PRO A 42 4.55 -20.85 -1.83
C PRO A 42 3.13 -20.30 -1.94
N PRO A 43 2.49 -20.52 -3.06
CA PRO A 43 1.10 -20.04 -3.30
C PRO A 43 0.09 -20.69 -2.34
N LYS A 44 -1.10 -20.15 -2.26
CA LYS A 44 -2.16 -20.72 -1.36
C LYS A 44 -2.03 -20.10 0.04
N LYS A 45 -0.96 -20.39 0.75
CA LYS A 45 -0.80 -19.83 2.12
C LYS A 45 0.58 -19.15 2.24
N GLY A 46 0.59 -17.90 2.63
CA GLY A 46 1.90 -17.19 2.77
C GLY A 46 2.42 -17.36 4.20
N VAL A 47 3.59 -17.93 4.35
CA VAL A 47 4.14 -18.14 5.72
C VAL A 47 4.30 -16.78 6.41
N GLN A 48 4.83 -15.80 5.72
CA GLN A 48 5.01 -14.46 6.35
C GLN A 48 5.43 -13.44 5.29
N GLY A 49 4.64 -13.29 4.25
CA GLY A 49 5.01 -12.32 3.19
C GLY A 49 3.86 -12.19 2.18
N CYS A 50 2.89 -13.08 2.27
CA CYS A 50 1.75 -13.00 1.31
C CYS A 50 2.28 -12.92 -0.12
N GLY A 51 2.94 -13.95 -0.57
CA GLY A 51 3.50 -13.94 -1.96
C GLY A 51 2.55 -14.67 -2.91
N ASP A 52 2.98 -14.92 -4.12
CA ASP A 52 2.11 -15.64 -5.09
C ASP A 52 2.96 -16.13 -6.27
N ASP A 53 4.23 -15.84 -6.24
CA ASP A 53 5.12 -16.29 -7.35
C ASP A 53 4.65 -15.67 -8.66
N ILE A 54 3.64 -14.84 -8.61
CA ILE A 54 3.12 -14.19 -9.84
C ILE A 54 2.80 -12.72 -9.55
N PRO A 55 3.66 -11.81 -9.96
CA PRO A 55 3.44 -10.35 -9.72
C PRO A 55 2.47 -9.75 -10.74
N GLY A 56 1.96 -8.57 -10.48
CA GLY A 56 1.01 -7.95 -11.42
C GLY A 56 -0.24 -8.82 -11.53
N MET A 57 -0.31 -9.87 -10.74
CA MET A 57 -1.48 -10.79 -10.77
C MET A 57 -2.17 -10.75 -12.14
N GLU A 58 -3.39 -10.28 -12.20
CA GLU A 58 -4.12 -10.21 -13.50
C GLU A 58 -4.29 -8.75 -13.90
N GLY A 59 -4.33 -7.86 -12.95
CA GLY A 59 -4.50 -6.42 -13.28
C GLY A 59 -4.75 -5.62 -12.00
N CYS A 60 -4.97 -4.34 -12.12
CA CYS A 60 -5.22 -3.51 -10.90
C CYS A 60 -5.67 -2.12 -11.32
N GLY A 61 -5.95 -1.92 -12.59
CA GLY A 61 -6.39 -0.59 -13.06
C GLY A 61 -5.42 0.48 -12.57
N THR A 62 -5.91 1.44 -11.85
CA THR A 62 -5.02 2.52 -11.32
C THR A 62 -5.52 2.97 -9.95
N ASP A 63 -5.86 4.22 -9.81
CA ASP A 63 -6.36 4.71 -8.49
C ASP A 63 -7.75 4.13 -8.21
N ILE A 64 -8.01 2.92 -8.64
CA ILE A 64 -9.35 2.31 -8.39
C ILE A 64 -9.20 0.81 -8.22
N THR A 65 -8.43 0.17 -9.06
CA THR A 65 -8.27 -1.30 -8.96
C THR A 65 -9.63 -1.91 -8.59
N VAL A 66 -10.67 -1.44 -9.21
CA VAL A 66 -12.04 -1.93 -8.90
C VAL A 66 -12.52 -1.29 -7.60
N ILE A 67 -11.81 -1.51 -6.54
CA ILE A 67 -12.20 -0.90 -5.23
C ILE A 67 -10.96 -0.38 -4.50
N CYS A 68 -10.74 0.90 -4.51
CA CYS A 68 -9.56 1.46 -3.80
C CYS A 68 -10.03 2.17 -2.52
N PRO A 69 -9.30 2.05 -1.44
CA PRO A 69 -9.70 2.71 -0.16
C PRO A 69 -10.07 4.18 -0.39
N TRP A 70 -9.79 4.70 -1.56
CA TRP A 70 -10.13 6.11 -1.85
C TRP A 70 -11.65 6.26 -1.79
N GLU A 71 -12.33 5.18 -1.56
CA GLU A 71 -13.81 5.22 -1.48
C GLU A 71 -14.28 4.15 -0.51
N ALA A 72 -14.30 2.92 -0.95
CA ALA A 72 -14.71 1.80 -0.06
C ALA A 72 -13.56 1.42 0.86
N CYS A 73 -13.43 2.08 1.98
CA CYS A 73 -12.30 1.77 2.90
C CYS A 73 -12.64 0.52 3.74
N ASN A 74 -13.49 -0.34 3.25
CA ASN A 74 -13.84 -1.56 4.04
C ASN A 74 -14.67 -2.52 3.20
N HIS A 75 -15.63 -2.02 2.48
CA HIS A 75 -16.49 -2.91 1.64
C HIS A 75 -15.62 -3.91 0.88
N CYS A 76 -15.06 -3.51 -0.23
CA CYS A 76 -14.21 -4.46 -1.02
C CYS A 76 -15.02 -5.72 -1.33
N GLU A 77 -15.72 -5.72 -2.43
CA GLU A 77 -16.55 -6.91 -2.79
C GLU A 77 -15.62 -8.11 -3.06
N LEU A 78 -15.31 -8.36 -4.31
CA LEU A 78 -14.42 -9.53 -4.63
C LEU A 78 -15.01 -10.82 -4.07
N HIS A 79 -14.98 -10.98 -2.78
CA HIS A 79 -15.53 -12.23 -2.17
C HIS A 79 -14.83 -13.44 -2.80
N GLU A 80 -13.54 -13.52 -2.65
CA GLU A 80 -12.80 -14.68 -3.24
C GLU A 80 -11.35 -14.61 -2.77
N LEU A 81 -10.85 -13.43 -2.54
CA LEU A 81 -9.43 -13.29 -2.07
C LEU A 81 -9.44 -13.07 -0.56
N ALA A 82 -10.39 -12.33 -0.06
CA ALA A 82 -10.46 -12.08 1.41
C ALA A 82 -10.83 -13.37 2.14
N GLN A 83 -10.44 -14.50 1.59
CA GLN A 83 -10.77 -15.80 2.24
C GLN A 83 -9.65 -16.18 3.22
N TYR A 84 -8.50 -15.58 3.06
CA TYR A 84 -7.37 -15.90 3.96
C TYR A 84 -7.55 -15.18 5.30
N GLY A 85 -6.98 -14.00 5.43
CA GLY A 85 -7.12 -13.25 6.71
C GLY A 85 -6.97 -11.75 6.43
N ILE A 86 -8.05 -11.08 6.14
CA ILE A 86 -7.96 -9.62 5.84
C ILE A 86 -7.34 -8.88 7.03
N CYS A 87 -7.62 -7.61 7.15
CA CYS A 87 -7.06 -6.82 8.28
C CYS A 87 -7.80 -7.16 9.57
C1C RCY B . 3.36 10.92 13.79
O1G RCY B . 3.13 7.73 9.99
O1H RCY B . 3.92 8.21 14.62
O1J RCY B . 3.95 12.16 11.11
C1L RCY B . 4.79 6.78 11.51
C1M RCY B . 1.19 9.50 11.15
C1P RCY B . 3.60 7.67 11.12
C1Q RCY B . 4.09 8.10 13.40
N1R RCY B . 3.08 8.47 12.32
C1S RCY B . 5.32 7.56 12.72
C1U RCY B . 1.87 9.41 12.41
C1V RCY B . 1.04 11.69 13.09
N1V RCY B . 2.80 11.28 11.37
C1W RCY B . 1.92 10.59 10.35
C1X RCY B . 2.26 10.85 12.72
C1Y RCY B . 0.91 11.58 9.75
C1Z RCY B . 2.79 9.98 9.25
H1S RCY B . 5.76 8.52 12.97
H1U RCY B . 1.19 9.04 13.15
C1C RCY C . -0.73 12.26 9.13
O1G RCY C . -2.15 15.60 7.85
O1H RCY C . -3.57 11.31 6.47
O1J RCY C . -1.49 9.57 7.99
C1L RCY C . -4.35 14.53 7.70
C1M RCY C . -0.63 12.29 5.43
C1P RCY C . -2.83 14.62 7.54
C1Q RCY C . -3.51 12.52 6.64
N1R RCY C . -2.25 13.33 6.94
C1S RCY C . -4.67 13.50 6.60
C1U RCY C . -0.79 12.95 6.70
C1V RCY C . 1.26 11.79 7.63
N1V RCY C . -0.93 10.68 7.21
C1W RCY C . -0.92 10.81 5.68
C1X RCY C . -0.27 11.94 7.72
C1Y RCY C . 0.18 9.93 5.08
C1Z RCY C . -2.29 10.42 5.13
H1S RCY C . -4.62 13.35 5.54
H1U RCY C . -0.17 13.84 6.72
C1C RCY D . 6.39 -0.61 -5.65
O1G RCY D . 8.78 1.49 -6.77
O1H RCY D . 4.88 3.61 -8.38
O1J RCY D . 4.06 -0.70 -3.75
C1L RCY D . 8.29 2.77 -8.79
C1M RCY D . 4.56 2.60 -5.63
C1P RCY D . 7.96 2.09 -7.46
C1Q RCY D . 5.93 2.97 -8.32
N1R RCY D . 6.48 2.26 -7.09
C1S RCY D . 6.91 2.73 -9.46
C1U RCY D . 5.75 1.84 -5.82
C1V RCY D . 4.49 0.11 -7.18
N1V RCY D . 4.30 0.39 -4.70
C1W RCY D . 3.65 1.77 -4.72
C1X RCY D . 5.25 0.39 -5.88
C1Y RCY D . 2.24 1.70 -5.28
C1Z RCY D . 3.63 2.33 -3.29
H1S RCY D . 6.16 2.03 -9.82
H1U RCY D . 6.40 1.96 -4.97
C1C RCY E . 2.34 -11.51 -5.22
O1G RCY E . 1.47 -10.02 -0.18
O1H RCY E . 4.56 -9.74 -3.73
O1J RCY E . 0.03 -10.39 -6.79
C1L RCY E . 3.91 -9.80 -0.27
C1M RCY E . 0.55 -8.90 -3.30
C1P RCY E . 2.50 -9.95 -0.85
C1Q RCY E . 4.02 -10.02 -2.67
N1R RCY E . 2.53 -10.03 -2.38
C1S RCY E . 4.72 -10.44 -1.40
C1U RCY E . 1.36 -10.09 -3.37
C1V RCY E . 2.85 -9.03 -5.12
N1V RCY E . 0.51 -9.83 -5.54
C1W RCY E . -0.20 -8.82 -4.63
C1X RCY E . 1.83 -10.12 -4.83
C1Y RCY E . -0.07 -7.40 -5.21
C1Z RCY E . -1.66 -9.21 -4.48
H1S RCY E . 4.88 -11.38 -1.90
H1U RCY E . 0.75 -10.95 -3.17
C1C RCY F . -0.15 -7.31 -1.07
O1G RCY F . -1.32 -11.37 -4.23
O1H RCY F . -0.49 -9.13 -0.16
O1J RCY F . 2.73 -7.90 -1.71
C1L RCY F . -1.27 -12.10 -1.89
C1M RCY F . 0.21 -8.61 -4.52
C1P RCY F . -1.13 -11.10 -3.04
C1Q RCY F . -0.50 -9.97 -1.05
N1R RCY F . -0.71 -9.71 -2.54
C1S RCY F . -0.31 -11.46 -0.87
C1U RCY F . -0.55 -8.41 -3.32
C1V RCY F . 0.15 -5.98 -3.21
N1V RCY F . 1.65 -7.91 -2.70
C1W RCY F . 1.69 -8.50 -4.11
C1X RCY F . 0.24 -7.35 -2.55
C1Y RCY F . 2.44 -7.56 -5.06
C1Z RCY F . 2.36 -9.88 -4.07
H1S RCY F . 0.72 -11.21 -0.73
H1U RCY F . -1.53 -8.01 -3.57
C1C RCY G . -0.87 -0.85 -5.08
O1G RCY G . -0.98 0.44 -8.23
O1H RCY G . -0.86 -4.25 -8.81
O1J RCY G . 1.76 -0.78 -3.63
C1L RCY G . -2.05 -1.08 -9.82
C1M RCY G . 1.86 -2.09 -7.23
C1P RCY G . -1.13 -0.70 -8.65
C1Q RCY G . -0.88 -3.04 -9.02
N1R RCY G . -0.44 -1.94 -8.07
C1S RCY G . -1.36 -2.37 -10.29
C1U RCY G . 0.48 -2.05 -6.84
C1V RCY G . 0.55 0.48 -6.71
N1V RCY G . 1.62 -1.06 -5.05
C1W RCY G . 2.66 -1.65 -6.00
C1X RCY G . 0.39 -0.83 -5.93
C1Y RCY G . 3.70 -0.58 -6.39
C1Z RCY G . 3.35 -2.84 -5.32
H1S RCY G . -0.42 -2.72 -10.71
H1U RCY G . 0.24 -2.94 -6.29
C1C RCY H . -4.21 -0.76 -2.75
O1G RCY H . -8.01 -0.64 -0.75
O1H RCY H . -5.15 2.63 -2.62
O1J RCY H . -2.60 1.77 -2.89
C1L RCY H . -8.37 1.21 -2.32
C1M RCY H . -4.38 1.10 0.44
C1P RCY H . -7.55 0.33 -1.36
C1Q RCY H . -6.13 2.07 -2.11
N1R RCY H . -6.10 0.80 -1.26
C1S RCY H . -7.58 2.51 -2.22
C1U RCY H . -4.92 0.18 -0.51
C1V RCY H . -2.71 -1.03 -0.72
N1V RCY H . -3.19 1.24 -1.66
C1W RCY H . -3.37 1.96 -0.33
C1X RCY H . -3.75 -0.15 -1.43
C1Y RCY H . -2.03 2.03 0.43
C1Z RCY H . -3.92 3.37 -0.58
H1S RCY H . -7.29 3.28 -1.52
H1U RCY H . -5.25 -0.72 -0.01
C1C RCY I . -8.27 -0.78 1.36
O1G RCY I . -7.68 1.59 6.31
O1H RCY I . -9.60 1.52 1.99
O1J RCY I . -6.97 -3.42 1.98
C1L RCY I . -9.34 2.99 5.19
C1M RCY I . -7.03 -0.88 4.84
C1P RCY I . -8.32 1.85 5.30
C1Q RCY I . -9.10 1.89 3.06
N1R RCY I . -8.20 1.09 3.98
C1S RCY I . -9.28 3.27 3.68
C1U RCY I . -7.39 -0.17 3.65
C1V RCY I . -9.55 -1.47 3.44
N1V RCY I . -7.26 -2.40 2.98
C1W RCY I . -6.74 -2.32 4.41
C1X RCY I . -8.17 -1.18 2.83
C1Y RCY I . -7.48 -3.32 5.31
C1Z RCY I . -5.24 -2.61 4.41
H1S RCY I . -8.60 3.59 2.90
H1U RCY I . -6.48 0.11 3.12
C1C RCY J . -7.29 -7.44 3.30
O1G RCY J . -9.82 -5.51 3.80
O1H RCY J . -8.63 -4.36 -0.63
O1J RCY J . -4.52 -6.71 4.24
C1L RCY J . -11.12 -4.83 1.84
C1M RCY J . -6.39 -3.99 2.31
C1P RCY J . -9.84 -5.14 2.62
C1Q RCY J . -9.17 -4.37 0.48
N1R RCY J . -8.59 -4.93 1.77
C1S RCY J . -10.56 -3.84 0.80
C1U RCY J . -7.12 -5.21 2.11
C1V RCY J . -7.75 -5.30 4.56
N1V RCY J . -5.46 -5.77 3.67
C1W RCY J . -5.17 -4.35 3.15
C1X RCY J . -6.96 -5.96 3.44
C1Y RCY J . -5.02 -3.38 4.33
C1Z RCY J . -3.90 -4.37 2.31
H1S RCY J . -10.09 -2.87 0.72
H1U RCY J . -6.67 -5.78 1.32
C1C RCY K . -3.76 -2.94 2.57
O1G RCY K . -5.90 -7.55 2.28
O1H RCY K . -5.30 -4.00 5.33
O1J RCY K . -1.44 -3.47 0.72
C1L RCY K . -7.29 -6.62 4.07
C1M RCY K . -3.12 -6.58 2.23
C1P RCY K . -6.03 -6.74 3.19
C1Q RCY K . -5.59 -5.08 4.83
N1R RCY K . -4.96 -5.73 3.60
C1S RCY K . -6.67 -6.03 5.33
C1U RCY K . -3.61 -5.44 2.96
C1V RCY K . -4.80 -4.55 0.92
N1V RCY K . -2.33 -4.51 1.24
C1W RCY K . -2.11 -6.02 1.22
C1X RCY K . -3.68 -4.33 1.92
C1Y RCY K . -2.39 -6.58 -0.18
C1Z RCY K . -0.67 -6.33 1.64
H1S RCY K . -5.97 -6.26 6.12
H1U RCY K . -2.89 -5.17 3.73
N MET A 1 24.72 -10.71 12.65
CA MET A 1 23.86 -11.68 11.92
C MET A 1 22.52 -11.02 11.58
N ASN A 2 21.43 -11.71 11.81
CA ASN A 2 20.09 -11.13 11.50
C ASN A 2 19.47 -10.58 12.79
N LEU A 3 18.41 -9.83 12.67
CA LEU A 3 17.74 -9.26 13.88
C LEU A 3 16.23 -9.30 13.69
N GLU A 4 15.49 -8.81 14.66
CA GLU A 4 14.00 -8.82 14.54
C GLU A 4 13.50 -7.38 14.42
N PRO A 5 12.26 -7.20 14.06
CA PRO A 5 11.65 -5.84 13.90
C PRO A 5 12.02 -4.91 15.06
N PRO A 6 12.40 -3.69 14.77
CA PRO A 6 12.78 -2.70 15.82
C PRO A 6 11.56 -2.13 16.54
N LYS A 7 11.56 -2.13 17.85
CA LYS A 7 10.41 -1.58 18.62
C LYS A 7 9.09 -2.01 17.97
N ALA A 8 8.01 -1.38 18.34
CA ALA A 8 6.69 -1.75 17.74
C ALA A 8 5.61 -0.82 18.31
N GLU A 9 6.00 0.19 19.03
CA GLU A 9 4.99 1.12 19.62
C GLU A 9 4.74 2.27 18.64
N CYS A 10 5.66 3.20 18.53
CA CYS A 10 5.48 4.34 17.61
C CYS A 10 6.79 4.64 16.89
N ARG A 11 6.85 5.71 16.15
CA ARG A 11 8.12 6.07 15.43
C ARG A 11 8.39 7.56 15.59
N SER A 12 9.17 7.93 16.56
CA SER A 12 9.47 9.37 16.78
C SER A 12 8.17 10.14 17.02
N ALA A 13 8.03 11.28 16.43
CA ALA A 13 6.78 12.09 16.62
C ALA A 13 6.59 13.03 15.43
N THR A 14 7.64 13.65 14.99
CA THR A 14 7.52 14.59 13.83
C THR A 14 7.38 13.78 12.54
N ARG A 15 6.20 13.27 12.26
CA ARG A 15 6.01 12.47 11.02
C ARG A 15 6.65 13.20 9.84
N VAL A 16 7.73 12.68 9.32
CA VAL A 16 8.39 13.33 8.17
C VAL A 16 7.60 13.05 6.88
N MET A 17 7.16 14.08 6.21
CA MET A 17 6.38 13.86 4.95
C MET A 17 6.21 15.20 4.24
N GLY A 18 5.67 16.19 4.91
CA GLY A 18 5.48 17.52 4.26
C GLY A 18 4.56 18.38 5.12
N GLY A 19 4.89 18.57 6.37
CA GLY A 19 4.03 19.40 7.26
C GLY A 19 2.64 18.76 7.37
N PRO A 20 1.62 19.56 7.52
CA PRO A 20 0.21 19.05 7.64
C PRO A 20 -0.16 18.09 6.51
N CYS A 21 -1.29 18.29 5.88
CA CYS A 21 -1.71 17.40 4.77
C CYS A 21 -2.08 18.24 3.55
N THR A 22 -1.17 18.39 2.62
CA THR A 22 -1.47 19.20 1.40
C THR A 22 -1.98 18.26 0.31
N PRO A 23 -2.77 18.77 -0.60
CA PRO A 23 -3.35 17.97 -1.72
C PRO A 23 -2.26 17.44 -2.66
N ARG A 24 -1.54 16.43 -2.25
CA ARG A 24 -0.47 15.88 -3.12
C ARG A 24 0.47 17.00 -3.56
N LYS A 25 1.55 16.66 -4.21
CA LYS A 25 2.50 17.72 -4.67
C LYS A 25 2.07 18.24 -6.04
N GLY A 26 2.41 17.57 -7.09
CA GLY A 26 2.02 18.04 -8.45
C GLY A 26 0.57 17.61 -8.74
N PRO A 27 -0.07 18.26 -9.67
CA PRO A 27 -1.48 17.93 -10.04
C PRO A 27 -1.70 16.42 -10.20
N PRO A 28 -2.83 15.91 -9.75
CA PRO A 28 -3.13 14.45 -9.86
C PRO A 28 -2.70 13.88 -11.22
N LYS A 29 -2.05 12.75 -11.21
CA LYS A 29 -1.62 12.15 -12.51
C LYS A 29 -1.88 10.64 -12.47
N CYS A 30 -2.26 10.07 -13.59
CA CYS A 30 -2.54 8.61 -13.64
C CYS A 30 -3.76 8.30 -12.77
N LYS A 31 -4.80 9.07 -12.89
CA LYS A 31 -6.02 8.80 -12.08
C LYS A 31 -6.52 7.38 -12.38
N GLN A 32 -7.58 7.27 -13.12
CA GLN A 32 -8.12 5.91 -13.46
C GLN A 32 -8.00 5.69 -14.97
N ARG A 33 -8.98 5.08 -15.58
CA ARG A 33 -8.92 4.83 -17.05
C ARG A 33 -7.77 3.89 -17.38
N GLN A 34 -6.76 3.85 -16.54
CA GLN A 34 -5.60 2.95 -16.81
C GLN A 34 -5.81 1.61 -16.11
N THR A 35 -5.30 0.55 -16.68
CA THR A 35 -5.47 -0.78 -16.03
C THR A 35 -4.38 -0.98 -14.97
N ARG A 36 -3.94 -2.19 -14.78
CA ARG A 36 -2.88 -2.45 -13.77
C ARG A 36 -2.41 -3.89 -13.88
N GLN A 37 -2.53 -4.47 -15.04
CA GLN A 37 -2.08 -5.89 -15.24
C GLN A 37 -3.10 -6.84 -14.59
N CYS A 38 -2.64 -7.77 -13.79
CA CYS A 38 -3.56 -8.73 -13.14
C CYS A 38 -4.84 -8.01 -12.70
N LYS A 39 -5.87 -8.05 -13.50
CA LYS A 39 -7.14 -7.36 -13.13
C LYS A 39 -8.14 -8.39 -12.58
N SER A 40 -7.89 -9.65 -12.84
CA SER A 40 -8.83 -10.70 -12.34
C SER A 40 -8.80 -10.73 -10.81
N LYS A 41 -9.48 -11.67 -10.22
CA LYS A 41 -9.50 -11.77 -8.74
C LYS A 41 -9.37 -13.24 -8.32
N PRO A 42 -8.17 -13.75 -8.25
CA PRO A 42 -7.91 -15.16 -7.87
C PRO A 42 -8.05 -15.39 -6.36
N PRO A 43 -8.34 -16.59 -5.95
CA PRO A 43 -8.51 -16.93 -4.50
C PRO A 43 -7.17 -16.95 -3.75
N LYS A 44 -7.06 -16.16 -2.71
CA LYS A 44 -5.79 -16.13 -1.93
C LYS A 44 -4.59 -16.09 -2.88
N LYS A 45 -3.76 -17.09 -2.83
CA LYS A 45 -2.57 -17.11 -3.74
C LYS A 45 -1.67 -15.92 -3.42
N GLY A 46 -1.45 -15.64 -2.17
CA GLY A 46 -0.58 -14.48 -1.80
C GLY A 46 0.85 -14.97 -1.60
N VAL A 47 1.30 -15.87 -2.43
CA VAL A 47 2.69 -16.39 -2.29
C VAL A 47 3.69 -15.25 -2.49
N GLN A 48 4.54 -15.34 -3.49
CA GLN A 48 5.53 -14.26 -3.73
C GLN A 48 5.52 -13.89 -5.21
N GLY A 49 5.52 -12.62 -5.52
CA GLY A 49 5.50 -12.21 -6.95
C GLY A 49 4.38 -12.93 -7.68
N CYS A 50 3.23 -13.06 -7.07
CA CYS A 50 2.10 -13.75 -7.73
C CYS A 50 1.92 -13.21 -9.15
N GLY A 51 2.05 -11.92 -9.32
CA GLY A 51 1.89 -11.32 -10.67
C GLY A 51 3.26 -11.15 -11.33
N ASP A 52 3.53 -11.86 -12.38
CA ASP A 52 4.84 -11.75 -13.05
C ASP A 52 5.97 -11.92 -12.03
N ASP A 53 6.42 -10.85 -11.44
CA ASP A 53 7.51 -10.95 -10.42
C ASP A 53 7.84 -9.56 -9.88
N ILE A 54 8.84 -9.47 -9.05
CA ILE A 54 9.22 -8.14 -8.48
C ILE A 54 9.32 -7.11 -9.61
N PRO A 55 8.60 -6.02 -9.51
CA PRO A 55 8.63 -4.95 -10.57
C PRO A 55 9.86 -4.05 -10.42
N GLY A 56 10.11 -3.55 -9.25
CA GLY A 56 11.29 -2.67 -9.04
C GLY A 56 11.62 -2.60 -7.55
N MET A 57 10.85 -3.28 -6.73
CA MET A 57 11.12 -3.25 -5.27
C MET A 57 11.27 -1.79 -4.80
N GLU A 58 10.21 -1.22 -4.30
CA GLU A 58 10.28 0.19 -3.82
C GLU A 58 10.67 1.09 -4.99
N GLY A 59 10.29 2.34 -4.96
CA GLY A 59 10.64 3.26 -6.07
C GLY A 59 10.26 4.69 -5.69
N CYS A 60 10.03 4.95 -4.44
CA CYS A 60 9.66 6.32 -4.00
C CYS A 60 10.15 6.56 -2.58
N GLY A 61 10.18 5.53 -1.77
CA GLY A 61 10.65 5.70 -0.36
C GLY A 61 9.86 4.76 0.56
N THR A 62 9.50 3.61 0.06
CA THR A 62 8.73 2.65 0.89
C THR A 62 9.70 1.77 1.70
N ASP A 63 10.41 2.36 2.62
CA ASP A 63 11.37 1.57 3.44
C ASP A 63 10.59 0.63 4.36
N ILE A 64 9.29 0.57 4.22
CA ILE A 64 8.47 -0.32 5.09
C ILE A 64 7.84 -1.41 4.22
N THR A 65 8.40 -1.67 3.08
CA THR A 65 7.83 -2.71 2.19
C THR A 65 8.00 -4.10 2.82
N VAL A 66 9.20 -4.43 3.22
CA VAL A 66 9.44 -5.78 3.83
C VAL A 66 8.32 -6.09 4.84
N ILE A 67 8.09 -5.21 5.78
CA ILE A 67 7.01 -5.45 6.79
C ILE A 67 6.17 -4.19 6.95
N CYS A 68 5.12 -4.06 6.19
CA CYS A 68 4.25 -2.86 6.31
C CYS A 68 2.88 -3.25 6.86
N PRO A 69 2.13 -2.30 7.33
CA PRO A 69 0.77 -2.54 7.91
C PRO A 69 0.04 -3.70 7.24
N TRP A 70 0.27 -3.92 5.97
CA TRP A 70 -0.41 -5.05 5.29
C TRP A 70 -0.04 -6.36 5.99
N GLU A 71 1.19 -6.46 6.41
CA GLU A 71 1.64 -7.70 7.11
C GLU A 71 1.00 -7.75 8.50
N ALA A 72 0.56 -6.64 9.00
CA ALA A 72 -0.07 -6.64 10.36
C ALA A 72 -1.50 -7.19 10.27
N CYS A 73 -2.27 -6.72 9.33
CA CYS A 73 -3.66 -7.22 9.19
C CYS A 73 -3.66 -8.58 8.49
N ASN A 74 -3.05 -8.67 7.35
CA ASN A 74 -3.02 -9.96 6.62
C ASN A 74 -4.44 -10.33 6.18
N HIS A 75 -5.37 -9.42 6.36
CA HIS A 75 -6.78 -9.72 5.97
C HIS A 75 -7.00 -9.32 4.51
N CYS A 76 -7.15 -8.06 4.23
CA CYS A 76 -7.36 -7.60 2.82
C CYS A 76 -8.74 -8.06 2.35
N GLU A 77 -9.21 -9.18 2.83
CA GLU A 77 -10.55 -9.68 2.40
C GLU A 77 -11.63 -8.75 2.97
N LEU A 78 -11.88 -8.82 4.25
CA LEU A 78 -12.92 -7.95 4.86
C LEU A 78 -12.81 -8.02 6.39
N HIS A 79 -12.49 -6.91 7.01
CA HIS A 79 -12.37 -6.92 8.50
C HIS A 79 -12.29 -5.48 9.01
N GLU A 80 -11.16 -4.85 8.85
CA GLU A 80 -11.02 -3.43 9.33
C GLU A 80 -11.71 -2.49 8.34
N LEU A 81 -11.06 -1.44 7.94
CA LEU A 81 -11.69 -0.48 7.00
C LEU A 81 -11.88 -1.15 5.63
N ALA A 82 -11.52 -2.40 5.52
CA ALA A 82 -11.68 -3.12 4.22
C ALA A 82 -13.17 -3.31 3.93
N GLN A 83 -14.01 -2.45 4.46
CA GLN A 83 -15.47 -2.59 4.22
C GLN A 83 -15.77 -2.45 2.72
N TYR A 84 -15.03 -1.62 2.03
CA TYR A 84 -15.27 -1.42 0.58
C TYR A 84 -13.94 -1.47 -0.17
N GLY A 85 -12.86 -1.19 0.50
CA GLY A 85 -11.52 -1.23 -0.17
C GLY A 85 -11.26 0.11 -0.85
N ILE A 86 -12.28 0.91 -1.03
CA ILE A 86 -12.09 2.24 -1.69
C ILE A 86 -11.56 2.05 -3.11
N CYS A 87 -11.18 0.85 -3.48
CA CYS A 87 -10.65 0.63 -4.85
C CYS A 87 -11.80 0.64 -5.85
C1C RCY B . -0.21 4.41 14.25
O1G RCY B . 3.25 8.54 14.65
O1H RCY B . 2.06 4.28 16.29
O1J RCY B . -0.19 3.74 11.31
C1L RCY B . 3.62 7.41 16.78
C1M RCY B . 2.61 6.08 12.52
C1P RCY B . 3.07 7.55 15.36
C1Q RCY B . 2.28 5.48 16.20
N1R RCY B . 2.28 6.32 14.93
C1S RCY B . 2.60 6.42 17.35
C1U RCY B . 1.64 6.00 13.58
C1V RCY B . 2.16 3.55 13.95
N1V RCY B . 0.89 4.45 11.99
C1W RCY B . 2.04 5.23 11.36
C1X RCY B . 1.12 4.57 13.49
C1Y RCY B . 3.11 4.27 10.82
C1Z RCY B . 1.50 6.11 10.24
H1S RCY B . 1.54 6.33 17.58
H1U RCY B . 0.83 6.69 13.39
C1C RCY C . 3.72 12.14 5.03
O1G RCY C . 2.19 15.06 3.41
O1H RCY C . -1.11 12.26 5.29
O1J RCY C . 4.84 10.19 3.04
C1L RCY C . 0.12 15.50 4.63
C1M RCY C . 1.35 11.57 2.25
C1P RCY C . 1.18 14.62 3.96
C1Q RCY C . -0.54 13.18 4.71
N1R RCY C . 0.83 13.14 4.06
C1S RCY C . -1.10 14.58 4.50
C1U RCY C . 1.64 11.92 3.61
C1V RCY C . 3.51 13.47 2.89
N1V RCY C . 3.63 10.97 2.83
C1W RCY C . 2.56 10.76 1.76
C1X RCY C . 3.15 12.17 3.62
C1Y RCY C . 3.04 11.28 0.40
C1Z RCY C . 2.22 9.27 1.68
H1S RCY C . -1.73 14.10 3.77
H1U RCY C . 1.41 11.08 4.25
C1C RCY D . 2.51 3.97 -15.09
O1G RCY D . 3.13 5.58 -10.72
O1H RCY D . -0.15 5.77 -14.13
O1J RCY D . 5.23 3.88 -13.80
C1L RCY D . 1.84 7.41 -11.71
C1M RCY D . 2.28 2.92 -11.54
C1P RCY D . 2.30 5.97 -11.56
C1Q RCY D . 0.82 6.04 -13.42
N1R RCY D . 1.62 5.05 -12.57
C1S RCY D . 1.43 7.41 -13.19
C1U RCY D . 1.72 3.53 -12.72
C1V RCY D . 2.52 1.60 -14.16
N1V RCY D . 4.01 3.36 -13.18
C1W RCY D . 3.79 2.99 -11.70
C1X RCY D . 2.67 3.09 -13.84
C1Y RCY D . 4.43 1.62 -11.41
C1Z RCY D . 4.40 4.06 -10.82
H1S RCY D . 1.84 7.27 -14.18
H1U RCY D . 0.74 3.12 -12.90
C1C RCY E . -1.31 -8.07 -6.14
O1G RCY E . -1.02 -4.96 -8.70
O1H RCY E . -3.12 -9.07 -9.70
O1J RCY E . -0.32 -5.27 -5.64
C1L RCY E . -0.81 -6.54 -10.56
C1M RCY E . -3.79 -5.57 -7.25
C1P RCY E . -1.34 -6.03 -9.22
C1Q RCY E . -2.28 -8.18 -9.57
N1R RCY E . -2.35 -7.01 -8.60
C1S RCY E . -0.98 -8.05 -10.35
C1U RCY E . -3.18 -6.87 -7.33
C1V RCY E . -3.24 -7.11 -4.81
N1V RCY E . -1.68 -5.60 -6.06
C1W RCY E . -2.74 -4.65 -6.61
C1X RCY E . -2.35 -6.96 -6.05
C1Y RCY E . -3.37 -3.84 -5.47
C1Z RCY E . -2.11 -3.72 -7.64
H1S RCY E . -0.64 -8.87 -9.72
H1U RCY E . -3.95 -7.62 -7.32
C1C RCY F . -3.30 -8.32 -4.56
O1G RCY F . -3.39 -12.34 -3.64
O1H RCY F . -2.31 -10.09 -7.66
O1J RCY F . -3.18 -7.41 -7.43
C1L RCY F . -1.49 -12.47 -5.17
C1M RCY F . -5.59 -10.31 -6.68
C1P RCY F . -2.85 -11.97 -4.69
C1Q RCY F . -2.45 -10.96 -6.80
N1R RCY F . -3.46 -10.97 -5.66
C1S RCY F . -1.64 -12.25 -6.68
C1U RCY F . -4.75 -10.15 -5.52
C1V RCY F . -5.76 -7.88 -5.03
N1V RCY F . -4.17 -8.36 -6.91
C1W RCY F . -5.09 -9.28 -7.71
C1X RCY F . -4.50 -8.65 -5.45
C1Y RCY F . -6.27 -8.49 -8.28
C1Z RCY F . -4.29 -9.95 -8.82
H1S RCY F . -2.23 -12.57 -7.52
H1U RCY F . -5.30 -10.47 -4.65
C1C RCY G . 2.84 5.77 -2.52
O1G RCY G . 5.75 2.40 -2.13
O1H RCY G . 4.51 5.62 -5.35
O1J RCY G . 2.05 6.45 -5.34
C1L RCY G . 7.03 3.96 -3.52
C1M RCY G . 2.48 2.72 -4.58
C1P RCY G . 5.77 3.26 -3.01
C1Q RCY G . 5.11 4.72 -4.75
N1R RCY G . 4.51 3.77 -3.72
C1S RCY G . 6.57 4.35 -4.93
C1U RCY G . 3.04 3.43 -3.47
C1V RCY G . 0.78 4.33 -2.80
N1V RCY G . 2.08 5.10 -4.81
C1W RCY G . 2.01 3.78 -5.58
C1X RCY G . 2.16 4.67 -3.34
C1Y RCY G . 0.57 3.50 -6.03
C1Z RCY G . 2.95 3.87 -6.78
H1S RCY G . 6.24 3.91 -5.87
H1U RCY G . 2.96 2.84 -2.57
C1C RCY H . 3.55 -4.44 -2.93
O1G RCY H . 4.51 -1.46 -1.12
O1H RCY H . 2.62 -4.61 1.86
O1J RCY H . 1.11 -4.05 -4.66
C1L RCY H . 5.05 -2.14 1.17
C1M RCY H . 0.89 -2.65 -1.09
C1P RCY H . 4.23 -2.15 -0.13
C1Q RCY H . 3.13 -3.59 1.39
N1R RCY H . 3.05 -3.11 -0.05
C1S RCY H . 3.97 -2.58 2.16
C1U RCY H . 2.04 -3.49 -1.13
C1V RCY H . 3.22 -1.94 -2.74
N1V RCY H . 1.30 -3.43 -3.35
C1W RCY H . 0.25 -2.73 -2.48
C1X RCY H . 2.59 -3.31 -2.55
C1Y RCY H . -0.05 -1.33 -3.03
C1Z RCY H . -1.02 -3.59 -2.46
H1S RCY H . 3.03 -2.26 2.57
H1U RCY H . 1.73 -4.52 -0.99
C1C RCY I . 0.14 -6.50 3.78
O1G RCY I . -4.15 -4.96 7.09
O1H RCY I . -3.97 -7.11 6.27
O1J RCY I . 0.29 -4.35 1.67
C1L RCY I . -2.52 -6.59 6.17
C1M RCY I . -2.19 -3.73 4.54
C1P RCY I . -3.09 -5.55 7.11
C1Q RCY I . -2.97 -6.59 6.71
N1R RCY I . -1.97 -5.63 6.04
C1S RCY I . -2.55 -5.14 6.71
C1U RCY I . -1.79 -5.10 4.63
C1V RCY I . 0.58 -4.45 5.21
N1V RCY I . -0.44 -4.21 2.93
C1W RCY I . -1.47 -3.15 3.30
C1X RCY I . -0.33 -5.09 4.17
C1Y RCY I . -0.79 -1.83 3.64
C1Z RCY I . -2.45 -2.98 2.14
H1S RCY I . -1.72 -4.99 7.39
H1U RCY I . -2.38 -5.69 3.94
C1C RCY J . -1.17 -9.98 -1.93
O1G RCY J . -4.98 -9.14 -3.65
O1H RCY J . -4.29 -8.22 0.94
O1J RCY J . 1.04 -7.95 -1.74
C1L RCY J . -6.34 -9.48 -1.64
C1M RCY J . -2.52 -6.59 -1.32
C1P RCY J . -5.10 -9.06 -2.42
C1Q RCY J . -4.62 -8.77 -0.12
N1R RCY J . -4.01 -8.53 -1.49
C1S RCY J . -5.72 -9.80 -0.29
C1U RCY J . -2.65 -7.92 -1.84
C1V RCY J . -1.71 -8.90 0.30
N1V RCY J . -0.36 -7.66 -1.41
C1W RCY J . -1.02 -6.30 -1.23
C1X RCY J . -1.48 -8.68 -1.20
C1Y RCY J . -0.67 -5.73 0.15
C1Z RCY J . -0.56 -5.36 -2.34
H1S RCY J . -5.01 -10.47 0.18
H1U RCY J . -2.52 -7.91 -2.91
C1C RCY K . -3.67 -1.06 -0.51
O1G RCY K . -4.55 -1.69 -4.82
O1H RCY K . -7.53 -2.33 -1.21
O1J RCY K . -1.23 -2.78 -0.12
C1L RCY K . -6.91 -1.14 -4.47
C1M RCY K . -3.80 -4.08 -2.64
C1P RCY K . -5.54 -1.74 -4.09
C1Q RCY K . -7.05 -2.27 -2.34
N1R RCY K . -5.58 -2.39 -2.72
C1S RCY K . -7.82 -2.03 -3.62
C1U RCY K . -4.44 -3.02 -1.91
C1V RCY K . -2.85 -1.30 -2.89
N1V RCY K . -2.22 -3.00 -1.16
C1W RCY K . -2.40 -4.23 -2.04
C1X RCY K . -3.31 -2.03 -1.63
C1Y RCY K . -1.34 -4.27 -3.14
C1Z RCY K . -2.32 -5.48 -1.17
H1S RCY K . -8.14 -3.06 -3.49
H1U RCY K . -4.83 -3.40 -0.98
N MET A 1 -3.79 18.89 -4.22
CA MET A 1 -2.31 18.77 -4.10
C MET A 1 -1.64 19.95 -4.80
N ASN A 2 -0.60 20.48 -4.21
CA ASN A 2 0.11 21.64 -4.83
C ASN A 2 -0.92 22.72 -5.19
N LEU A 3 -1.59 23.25 -4.20
CA LEU A 3 -2.59 24.31 -4.48
C LEU A 3 -3.09 24.90 -3.16
N GLU A 4 -3.88 24.17 -2.42
CA GLU A 4 -4.39 24.70 -1.12
C GLU A 4 -3.47 24.21 0.01
N PRO A 5 -3.06 25.09 0.90
CA PRO A 5 -2.17 24.72 2.03
C PRO A 5 -2.57 23.38 2.67
N PRO A 6 -1.60 22.57 3.04
CA PRO A 6 -1.86 21.24 3.67
C PRO A 6 -2.29 21.37 5.13
N LYS A 7 -2.84 20.33 5.70
CA LYS A 7 -3.27 20.39 7.13
C LYS A 7 -2.88 19.09 7.84
N ALA A 8 -3.83 18.23 8.11
CA ALA A 8 -3.51 16.95 8.79
C ALA A 8 -2.96 17.25 10.19
N GLU A 9 -1.99 16.49 10.64
CA GLU A 9 -1.42 16.73 11.99
C GLU A 9 0.02 16.21 12.04
N CYS A 10 0.61 16.15 13.21
CA CYS A 10 2.01 15.65 13.30
C CYS A 10 2.00 14.12 13.40
N ARG A 11 2.64 13.56 14.40
CA ARG A 11 2.65 12.07 14.53
C ARG A 11 3.60 11.49 13.48
N SER A 12 4.44 12.31 12.92
CA SER A 12 5.41 11.81 11.89
C SER A 12 6.55 12.82 11.75
N ALA A 13 6.62 13.50 10.63
CA ALA A 13 7.71 14.49 10.42
C ALA A 13 9.05 13.87 10.79
N THR A 14 9.77 13.37 9.83
CA THR A 14 11.09 12.75 10.11
C THR A 14 12.15 13.36 9.18
N ARG A 15 11.90 13.36 7.90
CA ARG A 15 12.87 13.93 6.95
C ARG A 15 12.17 14.31 5.64
N VAL A 16 10.85 14.31 5.65
CA VAL A 16 10.10 14.67 4.42
C VAL A 16 10.49 13.71 3.29
N MET A 17 10.20 12.45 3.44
CA MET A 17 10.55 11.47 2.38
C MET A 17 12.04 11.60 2.04
N GLY A 18 12.48 10.94 1.00
CA GLY A 18 13.92 11.02 0.63
C GLY A 18 14.74 10.15 1.57
N GLY A 19 16.03 10.37 1.62
CA GLY A 19 16.89 9.56 2.54
C GLY A 19 17.45 8.35 1.77
N PRO A 20 18.01 7.41 2.48
CA PRO A 20 18.59 6.18 1.87
C PRO A 20 17.64 5.53 0.86
N CYS A 21 16.40 5.94 0.85
CA CYS A 21 15.42 5.36 -0.11
C CYS A 21 15.31 6.27 -1.34
N THR A 22 15.08 5.69 -2.49
CA THR A 22 14.97 6.51 -3.73
C THR A 22 13.88 5.91 -4.64
N PRO A 23 12.68 6.44 -4.58
CA PRO A 23 11.54 5.95 -5.41
C PRO A 23 11.89 5.96 -6.90
N ARG A 24 11.20 5.17 -7.69
CA ARG A 24 11.48 5.14 -9.15
C ARG A 24 10.31 4.48 -9.88
N LYS A 25 9.14 4.51 -9.30
CA LYS A 25 7.96 3.88 -9.96
C LYS A 25 7.55 4.72 -11.17
N GLY A 26 6.95 4.11 -12.15
CA GLY A 26 6.53 4.86 -13.35
C GLY A 26 5.63 6.03 -12.94
N PRO A 27 4.95 6.62 -13.89
CA PRO A 27 4.04 7.77 -13.63
C PRO A 27 3.13 7.54 -12.42
N PRO A 28 2.89 8.56 -11.62
CA PRO A 28 2.02 8.46 -10.42
C PRO A 28 0.76 7.62 -10.68
N LYS A 29 0.07 7.23 -9.63
CA LYS A 29 -1.17 6.42 -9.80
C LYS A 29 -0.82 5.08 -10.48
N CYS A 30 -1.81 4.43 -11.03
CA CYS A 30 -1.56 3.12 -11.70
C CYS A 30 -0.52 3.33 -12.82
N LYS A 31 0.72 2.99 -12.57
CA LYS A 31 1.76 3.16 -13.61
C LYS A 31 1.47 2.22 -14.78
N GLN A 32 2.29 1.24 -14.99
CA GLN A 32 2.06 0.27 -16.12
C GLN A 32 1.88 -1.13 -15.54
N ARG A 33 2.10 -1.29 -14.26
CA ARG A 33 1.96 -2.62 -13.60
C ARG A 33 2.27 -3.75 -14.60
N GLN A 34 1.58 -4.85 -14.51
CA GLN A 34 1.85 -5.97 -15.46
C GLN A 34 3.32 -6.39 -15.34
N THR A 35 3.88 -6.30 -14.16
CA THR A 35 5.30 -6.68 -13.99
C THR A 35 5.48 -8.15 -14.38
N ARG A 36 4.94 -9.05 -13.59
CA ARG A 36 5.07 -10.50 -13.91
C ARG A 36 4.22 -11.32 -12.95
N GLN A 37 2.98 -10.95 -12.78
CA GLN A 37 2.09 -11.71 -11.86
C GLN A 37 2.67 -11.68 -10.45
N CYS A 38 1.82 -11.72 -9.45
CA CYS A 38 2.33 -11.70 -8.04
C CYS A 38 3.37 -12.80 -7.86
N LYS A 39 2.97 -14.03 -7.99
CA LYS A 39 3.94 -15.15 -7.83
C LYS A 39 3.20 -16.48 -8.00
N SER A 40 2.72 -16.76 -9.17
CA SER A 40 1.98 -18.03 -9.40
C SER A 40 0.82 -18.11 -8.41
N LYS A 41 -0.08 -17.17 -8.46
CA LYS A 41 -1.24 -17.17 -7.53
C LYS A 41 -1.74 -18.61 -7.29
N PRO A 42 -1.39 -19.20 -6.18
CA PRO A 42 -1.81 -20.58 -5.85
C PRO A 42 -3.19 -20.63 -5.18
N PRO A 43 -3.84 -21.76 -5.20
CA PRO A 43 -5.18 -21.94 -4.58
C PRO A 43 -5.14 -21.74 -3.06
N LYS A 44 -5.92 -20.82 -2.55
CA LYS A 44 -5.92 -20.59 -1.08
C LYS A 44 -7.16 -19.79 -0.69
N LYS A 45 -8.09 -20.40 0.00
CA LYS A 45 -9.32 -19.68 0.42
C LYS A 45 -9.89 -18.91 -0.78
N GLY A 46 -9.77 -17.61 -0.79
CA GLY A 46 -10.31 -16.82 -1.94
C GLY A 46 -9.85 -17.45 -3.26
N VAL A 47 -10.74 -18.09 -3.97
CA VAL A 47 -10.35 -18.71 -5.26
C VAL A 47 -9.88 -17.62 -6.22
N GLN A 48 -8.99 -17.95 -7.13
CA GLN A 48 -8.48 -16.93 -8.09
C GLN A 48 -8.12 -15.65 -7.33
N GLY A 49 -7.99 -15.74 -6.04
CA GLY A 49 -7.64 -14.52 -5.25
C GLY A 49 -8.61 -13.39 -5.59
N CYS A 50 -9.68 -13.71 -6.27
CA CYS A 50 -10.67 -12.66 -6.64
C CYS A 50 -9.95 -11.49 -7.33
N GLY A 51 -8.68 -11.66 -7.62
CA GLY A 51 -7.91 -10.58 -8.29
C GLY A 51 -7.64 -10.97 -9.74
N ASP A 52 -7.06 -12.12 -9.96
CA ASP A 52 -6.78 -12.56 -11.36
C ASP A 52 -5.94 -11.50 -12.06
N ASP A 53 -5.41 -10.56 -11.33
CA ASP A 53 -4.59 -9.50 -11.96
C ASP A 53 -4.00 -8.60 -10.87
N ILE A 54 -2.70 -8.48 -10.80
CA ILE A 54 -2.09 -7.62 -9.75
C ILE A 54 -2.11 -6.15 -10.21
N PRO A 55 -2.60 -5.25 -9.38
CA PRO A 55 -2.66 -3.81 -9.73
C PRO A 55 -1.31 -3.11 -9.53
N GLY A 56 -0.27 -3.65 -10.12
CA GLY A 56 1.07 -3.03 -9.96
C GLY A 56 1.66 -3.41 -8.60
N MET A 57 2.38 -4.50 -8.55
CA MET A 57 2.99 -4.95 -7.26
C MET A 57 3.49 -3.73 -6.47
N GLU A 58 3.82 -2.68 -7.17
CA GLU A 58 4.32 -1.45 -6.47
C GLU A 58 3.82 -0.22 -7.22
N GLY A 59 4.22 0.95 -6.78
CA GLY A 59 3.76 2.19 -7.46
C GLY A 59 2.36 2.57 -6.95
N CYS A 60 1.67 3.42 -7.66
CA CYS A 60 0.31 3.81 -7.22
C CYS A 60 0.38 4.39 -5.80
N GLY A 61 1.58 4.53 -5.28
CA GLY A 61 1.72 5.08 -3.90
C GLY A 61 1.56 6.59 -3.92
N THR A 62 1.63 7.21 -5.08
CA THR A 62 1.48 8.69 -5.15
C THR A 62 0.37 9.16 -4.21
N ASP A 63 -0.61 8.32 -3.97
CA ASP A 63 -1.71 8.71 -3.06
C ASP A 63 -1.14 9.06 -1.69
N ILE A 64 0.14 8.87 -1.50
CA ILE A 64 0.77 9.18 -0.19
C ILE A 64 2.29 9.09 -0.31
N THR A 65 2.77 8.25 -1.20
CA THR A 65 4.23 8.08 -1.40
C THR A 65 4.77 6.98 -0.49
N VAL A 66 4.09 6.68 0.59
CA VAL A 66 4.58 5.60 1.50
C VAL A 66 3.41 4.81 2.10
N ILE A 67 2.67 5.40 3.03
CA ILE A 67 1.54 4.65 3.66
C ILE A 67 0.29 5.54 3.74
N CYS A 68 -0.62 5.39 2.82
CA CYS A 68 -1.85 6.22 2.84
C CYS A 68 -2.67 5.89 4.09
N PRO A 69 -3.42 6.83 4.60
CA PRO A 69 -4.25 6.62 5.83
C PRO A 69 -5.21 5.43 5.65
N TRP A 70 -5.35 4.94 4.46
CA TRP A 70 -6.26 3.78 4.23
C TRP A 70 -5.54 2.49 4.64
N GLU A 71 -4.23 2.54 4.71
CA GLU A 71 -3.46 1.33 5.12
C GLU A 71 -3.36 1.27 6.64
N ALA A 72 -3.62 2.36 7.31
CA ALA A 72 -3.54 2.35 8.79
C ALA A 72 -4.51 1.30 9.36
N CYS A 73 -3.99 0.24 9.93
CA CYS A 73 -4.87 -0.81 10.50
C CYS A 73 -5.66 -0.23 11.67
N ASN A 74 -6.56 0.68 11.40
CA ASN A 74 -7.35 1.29 12.52
C ASN A 74 -8.67 1.84 11.97
N HIS A 75 -8.93 1.65 10.70
CA HIS A 75 -10.21 2.17 10.12
C HIS A 75 -10.52 1.41 8.84
N CYS A 76 -11.08 0.23 8.94
CA CYS A 76 -11.41 -0.55 7.72
C CYS A 76 -12.55 -1.52 8.04
N GLU A 77 -12.72 -2.52 7.23
CA GLU A 77 -13.81 -3.50 7.48
C GLU A 77 -13.45 -4.38 8.68
N LEU A 78 -12.68 -5.41 8.47
CA LEU A 78 -12.29 -6.30 9.60
C LEU A 78 -10.80 -6.67 9.46
N HIS A 79 -10.39 -7.78 10.00
CA HIS A 79 -8.96 -8.18 9.90
C HIS A 79 -8.08 -7.05 10.46
N GLU A 80 -8.64 -6.21 11.28
CA GLU A 80 -7.84 -5.08 11.86
C GLU A 80 -7.37 -5.48 13.27
N LEU A 81 -7.77 -6.64 13.73
CA LEU A 81 -7.36 -7.08 15.09
C LEU A 81 -6.09 -7.92 14.98
N ALA A 82 -5.90 -8.58 13.86
CA ALA A 82 -4.69 -9.42 13.67
C ALA A 82 -3.43 -8.56 13.83
N GLN A 83 -3.61 -7.29 14.15
CA GLN A 83 -2.42 -6.40 14.32
C GLN A 83 -1.49 -6.61 13.13
N TYR A 84 -0.62 -7.58 13.22
CA TYR A 84 0.30 -7.84 12.10
C TYR A 84 -0.52 -7.95 10.82
N GLY A 85 -1.77 -8.32 10.94
CA GLY A 85 -2.65 -8.44 9.75
C GLY A 85 -1.86 -8.99 8.57
N ILE A 86 -1.80 -10.29 8.42
CA ILE A 86 -1.03 -10.87 7.28
C ILE A 86 -1.29 -10.01 6.03
N CYS A 87 -2.45 -10.10 5.45
CA CYS A 87 -2.75 -9.26 4.25
C CYS A 87 -3.18 -7.87 4.71
C1C RCY B . -1.20 12.74 17.68
O1G RCY B . -0.73 15.89 19.58
O1H RCY B . 2.08 14.63 16.02
O1J RCY B . 0.61 11.77 15.47
C1L RCY B . 0.02 17.04 17.56
C1M RCY B . 2.35 12.88 18.70
C1P RCY B . -0.05 15.88 18.56
C1Q RCY B . 1.52 15.28 16.90
N1R RCY B . 0.84 14.72 18.14
C1S RCY B . 1.41 16.79 16.96
C1U RCY B . 1.00 13.34 18.79
C1V RCY B . 0.14 10.96 18.89
N1V RCY B . 1.06 12.05 16.83
C1W RCY B . 2.49 12.20 17.33
C1X RCY B . 0.19 12.25 18.07
C1Y RCY B . 3.16 10.83 17.47
C1Z RCY B . 3.27 13.08 16.35
H1S RCY B . 2.45 16.76 17.23
H1U RCY B . 0.70 13.39 19.83
C1C RCY C . 10.36 8.55 2.17
O1G RCY C . 12.17 7.22 5.14
O1H RCY C . 11.21 4.62 1.33
O1J RCY C . 9.57 6.93 -0.25
C1L RCY C . 13.53 5.79 3.69
C1M RCY C . 8.68 5.41 3.17
C1P RCY C . 12.24 6.45 4.19
C1Q RCY C . 11.66 4.99 2.40
N1R RCY C . 11.04 6.02 3.35
C1S RCY C . 12.96 4.54 3.03
C1U RCY C . 9.58 6.49 3.42
C1V RCY C . 7.89 8.19 2.61
N1V RCY C . 9.16 6.62 1.12
C1W RCY C . 8.52 5.33 1.64
C1X RCY C . 9.24 7.52 2.35
C1Y RCY C . 7.05 5.26 1.24
C1Z RCY C . 9.29 4.14 1.06
H1S RCY C . 12.42 3.63 3.26
H1U RCY C . 9.39 6.90 4.39
C1C RCY D . -5.90 6.11 -7.63
O1G RCY D . -8.89 2.95 -10.87
O1H RCY D . -4.61 4.34 -9.44
O1J RCY D . -8.17 7.75 -6.50
C1L RCY D . -6.66 1.97 -11.07
C1M RCY D . -9.07 5.42 -9.41
C1P RCY D . -7.68 3.04 -10.66
C1Q RCY D . -5.53 3.88 -10.11
N1R RCY D . -7.01 4.24 -9.99
C1S RCY D . -5.41 2.84 -11.21
C1U RCY D . -7.64 5.48 -9.36
C1V RCY D . -7.61 4.31 -7.12
N1V RCY D . -8.34 6.67 -7.47
C1W RCY D . -9.58 6.36 -8.31
C1X RCY D . -7.33 5.61 -7.86
C1Y RCY D . -10.64 5.66 -7.45
C1Z RCY D . -10.13 7.66 -8.89
H1S RCY D . -5.00 3.66 -11.79
H1U RCY D . -7.30 6.37 -9.88
C1C RCY E . -3.50 -12.16 -1.34
O1G RCY E . -1.68 -11.35 -1.54
O1H RCY E . -1.47 -11.89 -6.23
O1J RCY E . -4.85 -9.62 -2.22
C1L RCY E . -0.01 -10.74 -3.22
C1M RCY E . -4.29 -12.26 -4.95
C1P RCY E . -1.32 -11.37 -2.71
C1Q RCY E . -1.17 -11.84 -5.04
N1R RCY E . -2.12 -12.01 -3.85
C1S RCY E . 0.21 -11.61 -4.48
C1U RCY E . -3.49 -12.66 -3.82
C1V RCY E . -5.58 -13.08 -2.44
N1V RCY E . -4.73 -10.82 -3.06
C1W RCY E . -4.96 -10.93 -4.56
C1X RCY E . -4.34 -12.22 -2.62
C1Y RCY E . -6.45 -10.96 -4.88
C1Z RCY E . -4.28 -9.75 -5.26
H1S RCY E . 0.41 -12.62 -4.78
H1U RCY E . -3.40 -13.73 -3.81
C1C RCY F . -6.68 -9.92 -5.00
O1G RCY F . -10.44 -6.22 -4.41
O1H RCY F . -9.75 -10.89 -4.48
O1J RCY F . -4.71 -9.44 -2.78
C1L RCY F . -11.84 -8.12 -5.09
C1M RCY F . -8.14 -7.81 -2.34
C1P RCY F . -10.56 -7.44 -4.58
C1Q RCY F . -10.09 -9.76 -4.78
N1R RCY F . -9.45 -8.46 -4.31
C1S RCY F . -11.23 -9.39 -5.71
C1U RCY F . -8.06 -8.24 -3.70
C1V RCY F . -8.03 -10.67 -3.00
N1V RCY F . -6.11 -9.08 -2.71
C1W RCY F . -6.80 -8.15 -1.70
C1X RCY F . -7.24 -9.52 -3.63
C1Y RCY F . -7.00 -8.88 -0.36
C1Z RCY F . -5.93 -6.91 -1.51
H1S RCY F . -10.57 -9.71 -6.49
H1U RCY F . -7.53 -7.50 -4.29
C1C RCY G . 2.55 2.36 -11.38
O1G RCY G . -0.65 6.74 -11.20
O1H RCY G . 0.68 2.76 -9.03
O1J RCY G . 5.27 3.53 -11.94
C1L RCY G . -1.75 5.26 -9.57
C1M RCY G . 2.55 6.04 -10.92
C1P RCY G . -0.62 5.71 -10.52
C1Q RCY G . 0.01 3.61 -9.62
N1R RCY G . 0.54 4.72 -10.52
C1S RCY G . -1.50 3.75 -9.57
C1U RCY G . 1.89 4.81 -11.23
C1V RCY G . 2.97 3.66 -9.24
N1V RCY G . 4.17 4.28 -11.35
C1W RCY G . 4.06 5.80 -11.19
C1X RCY G . 2.87 3.73 -10.77
C1Y RCY G . 4.90 6.28 -10.02
C1Z RCY G . 4.49 6.47 -12.49
H1S RCY G . -1.50 2.90 -10.22
H1U RCY G . 1.74 4.74 -12.29
C1C RCY H . 1.19 0.39 1.88
O1G RCY H . -1.16 0.56 4.35
O1H RCY H . -0.52 4.44 1.73
O1J RCY H . 1.79 2.47 -0.22
C1L RCY H . -2.69 2.05 3.15
C1M RCY H . 1.94 3.67 3.42
C1P RCY H . -1.33 1.57 3.67
C1Q RCY H . -0.97 3.63 2.53
N1R RCY H . -0.21 2.51 3.23
C1S RCY H . -2.41 3.54 3.01
C1U RCY H . 1.31 2.38 3.44
C1V RCY H . 3.44 1.24 2.68
N1V RCY H . 1.98 2.67 1.22
C1W RCY H . 2.22 4.00 1.95
C1X RCY H . 1.99 1.61 2.31
C1Y RCY H . 3.67 4.45 1.77
C1Z RCY H . 1.25 5.05 1.42
H1S RCY H . -2.16 4.42 3.59
H1U RCY H . 1.50 1.89 4.39
C1C RCY I . -7.76 -3.67 5.12
O1G RCY I . -4.53 0.12 5.71
O1H RCY I . -4.68 -4.40 7.07
O1J RCY I . -7.65 -4.75 2.31
C1L RCY I . -3.87 -1.04 7.77
C1M RCY I . -4.49 -2.95 3.55
C1P RCY I . -4.46 -0.93 6.36
C1Q RCY I . -4.75 -3.17 7.07
N1R RCY I . -4.96 -2.28 5.86
C1S RCY I . -4.63 -2.26 8.28
C1U RCY I . -5.53 -2.65 4.49
C1V RCY I . -5.65 -5.07 5.23
N1V RCY I . -6.49 -4.21 3.02
C1W RCY I . -5.14 -3.81 2.45
C1X RCY I . -6.38 -3.92 4.52
C1Y RCY I . -4.28 -5.05 2.18
C1Z RCY I . -5.35 -3.01 1.17
H1S RCY I . -5.62 -2.61 8.51
H1U RCY I . -6.13 -1.83 4.11
C1C RCY J . -4.76 -1.85 4.00
O1G RCY J . -8.34 -6.03 3.64
O1H RCY J . -7.38 -1.53 4.69
O1J RCY J . -2.54 -3.01 2.35
C1L RCY J . -9.72 -4.17 4.42
C1M RCY J . -5.63 -5.23 2.77
C1P RCY J . -8.41 -4.86 4.00
C1Q RCY J . -7.84 -2.68 4.72
N1R RCY J . -7.22 -3.92 4.12
C1S RCY J . -9.16 -3.09 5.35
C1U RCY J . -5.76 -4.16 3.73
C1V RCY J . -6.00 -2.46 1.88
N1V RCY J . -3.86 -3.61 2.47
C1W RCY J . -4.30 -5.02 2.06
C1X RCY J . -5.12 -2.96 3.03
C1Y RCY J . -4.47 -5.11 0.55
C1Z RCY J . -3.24 -6.02 2.54
H1S RCY J . -8.62 -2.97 6.28
H1U RCY J . -5.18 -4.41 4.61
C1C RCY K . -8.17 -8.39 1.93
O1G RCY K . -8.36 -13.41 3.83
O1H RCY K . -5.70 -9.93 2.04
O1J RCY K . -11.15 -8.00 1.62
C1L RCY K . -5.96 -12.91 3.92
C1M RCY K . -9.98 -11.59 2.35
C1P RCY K . -7.42 -12.69 3.50
C1Q RCY K . -6.10 -11.03 2.40
N1R RCY K . -7.55 -11.47 2.58
C1S RCY K . -5.23 -12.23 2.76
C1U RCY K . -8.81 -10.83 2.00
C1V RCY K . -9.03 -9.41 4.08
N1V RCY K . -10.53 -9.23 2.09
C1W RCY K . -11.18 -10.62 2.21
C1X RCY K . -9.10 -9.44 2.56
C1Y RCY K . -12.06 -10.69 3.46
C1Z RCY K . -11.98 -10.91 0.95
H1S RCY K . -5.09 -12.31 1.69
H1U RCY K . -8.74 -10.78 0.92
N MET A 1 -13.99 3.97 10.96
CA MET A 1 -13.58 2.93 11.94
C MET A 1 -12.05 2.85 11.98
N ASN A 2 -11.44 3.35 13.02
CA ASN A 2 -9.95 3.30 13.12
C ASN A 2 -9.54 3.26 14.59
N LEU A 3 -10.45 2.89 15.46
CA LEU A 3 -10.10 2.83 16.91
C LEU A 3 -9.65 1.42 17.29
N GLU A 4 -9.15 0.67 16.34
CA GLU A 4 -8.70 -0.71 16.64
C GLU A 4 -7.27 -0.65 17.22
N PRO A 5 -7.09 -1.05 18.45
CA PRO A 5 -5.73 -1.03 19.11
C PRO A 5 -4.62 -1.48 18.16
N PRO A 6 -3.88 -0.55 17.60
CA PRO A 6 -2.77 -0.86 16.67
C PRO A 6 -1.45 -1.10 17.41
N LYS A 7 -0.76 -2.17 17.10
CA LYS A 7 0.52 -2.45 17.77
C LYS A 7 1.62 -1.56 17.17
N ALA A 8 1.22 -0.51 16.49
CA ALA A 8 2.22 0.40 15.87
C ALA A 8 3.11 0.99 16.95
N GLU A 9 4.09 0.25 17.40
CA GLU A 9 5.00 0.77 18.46
C GLU A 9 6.29 1.26 17.79
N CYS A 10 6.99 0.38 17.11
CA CYS A 10 8.24 0.79 16.42
C CYS A 10 7.95 1.01 14.93
N ARG A 11 6.71 1.27 14.60
CA ARG A 11 6.34 1.50 13.17
C ARG A 11 7.39 2.39 12.50
N SER A 12 7.56 3.59 12.99
CA SER A 12 8.57 4.52 12.40
C SER A 12 9.07 5.48 13.47
N ALA A 13 10.19 5.19 14.07
CA ALA A 13 10.73 6.10 15.12
C ALA A 13 11.65 7.14 14.47
N THR A 14 11.64 7.22 13.16
CA THR A 14 12.50 8.22 12.47
C THR A 14 12.14 8.27 10.99
N ARG A 15 11.13 7.53 10.59
CA ARG A 15 10.73 7.53 9.15
C ARG A 15 11.95 7.24 8.27
N VAL A 16 11.76 7.12 7.00
CA VAL A 16 12.90 6.83 6.09
C VAL A 16 13.40 8.15 5.46
N MET A 17 14.14 8.06 4.39
CA MET A 17 14.65 9.29 3.73
C MET A 17 15.23 8.93 2.37
N GLY A 18 14.41 8.45 1.46
CA GLY A 18 14.94 8.08 0.12
C GLY A 18 15.66 6.74 0.21
N GLY A 19 16.71 6.68 0.98
CA GLY A 19 17.46 5.40 1.12
C GLY A 19 18.47 5.27 -0.02
N PRO A 20 19.25 4.21 -0.02
CA PRO A 20 20.28 3.95 -1.06
C PRO A 20 19.67 3.87 -2.47
N CYS A 21 18.40 4.18 -2.61
CA CYS A 21 17.76 4.12 -3.96
C CYS A 21 16.87 5.35 -4.16
N THR A 22 16.88 5.92 -5.34
CA THR A 22 16.05 7.12 -5.62
C THR A 22 14.90 6.73 -6.56
N PRO A 23 13.71 6.56 -6.04
CA PRO A 23 12.53 6.16 -6.87
C PRO A 23 12.38 7.06 -8.11
N ARG A 24 11.35 6.84 -8.88
CA ARG A 24 11.14 7.67 -10.11
C ARG A 24 10.96 9.13 -9.68
N LYS A 25 11.04 9.41 -8.40
CA LYS A 25 10.86 10.81 -7.93
C LYS A 25 9.53 11.35 -8.44
N GLY A 26 8.52 11.33 -7.62
CA GLY A 26 7.19 11.84 -8.06
C GLY A 26 6.83 11.21 -9.41
N PRO A 27 6.50 9.95 -9.39
CA PRO A 27 6.13 9.19 -10.63
C PRO A 27 4.71 9.54 -11.10
N PRO A 28 4.33 9.06 -12.26
CA PRO A 28 2.99 9.31 -12.84
C PRO A 28 1.88 9.16 -11.79
N LYS A 29 0.84 9.95 -11.90
CA LYS A 29 -0.27 9.85 -10.90
C LYS A 29 -1.07 8.58 -11.16
N CYS A 30 -0.42 7.51 -11.54
CA CYS A 30 -1.17 6.25 -11.80
C CYS A 30 -2.12 6.45 -12.97
N LYS A 31 -3.35 6.05 -12.83
CA LYS A 31 -4.35 6.23 -13.93
C LYS A 31 -4.15 5.16 -15.00
N GLN A 32 -2.96 4.63 -15.11
CA GLN A 32 -2.69 3.58 -16.14
C GLN A 32 -3.37 3.96 -17.46
N ARG A 33 -3.75 2.99 -18.25
CA ARG A 33 -4.42 3.30 -19.54
C ARG A 33 -5.94 3.26 -19.34
N GLN A 34 -6.41 2.49 -18.39
CA GLN A 34 -7.88 2.40 -18.15
C GLN A 34 -8.14 2.45 -16.64
N THR A 35 -7.23 1.97 -15.85
CA THR A 35 -7.42 1.99 -14.36
C THR A 35 -8.51 0.99 -13.97
N ARG A 36 -9.31 0.55 -14.91
CA ARG A 36 -10.39 -0.43 -14.60
C ARG A 36 -10.00 -1.80 -15.16
N GLN A 37 -8.79 -1.96 -15.60
CA GLN A 37 -8.37 -3.27 -16.15
C GLN A 37 -8.33 -4.32 -15.03
N CYS A 38 -9.48 -4.70 -14.53
CA CYS A 38 -9.53 -5.72 -13.45
C CYS A 38 -10.74 -6.63 -13.67
N LYS A 39 -11.01 -7.53 -12.76
CA LYS A 39 -12.18 -8.45 -12.96
C LYS A 39 -12.89 -8.68 -11.61
N SER A 40 -13.09 -9.93 -11.25
CA SER A 40 -13.79 -10.23 -9.97
C SER A 40 -13.30 -9.31 -8.86
N LYS A 41 -14.09 -9.13 -7.84
CA LYS A 41 -13.69 -8.25 -6.71
C LYS A 41 -14.12 -8.90 -5.39
N PRO A 42 -13.20 -9.20 -4.51
CA PRO A 42 -13.53 -9.84 -3.20
C PRO A 42 -14.11 -8.84 -2.19
N PRO A 43 -14.79 -9.33 -1.19
CA PRO A 43 -15.42 -8.47 -0.14
C PRO A 43 -14.37 -7.87 0.81
N LYS A 44 -14.56 -6.63 1.20
CA LYS A 44 -13.58 -5.98 2.12
C LYS A 44 -13.96 -6.31 3.57
N LYS A 45 -14.95 -5.62 4.09
CA LYS A 45 -15.40 -5.86 5.51
C LYS A 45 -14.25 -6.40 6.36
N GLY A 46 -13.06 -5.92 6.14
CA GLY A 46 -11.90 -6.40 6.95
C GLY A 46 -11.92 -5.73 8.33
N VAL A 47 -10.95 -6.02 9.16
CA VAL A 47 -10.92 -5.40 10.51
C VAL A 47 -10.43 -3.95 10.41
N GLN A 48 -9.83 -3.60 9.31
CA GLN A 48 -9.33 -2.21 9.13
C GLN A 48 -8.83 -2.03 7.70
N GLY A 49 -9.03 -3.03 6.88
CA GLY A 49 -8.58 -2.94 5.45
C GLY A 49 -8.94 -1.57 4.88
N CYS A 50 -10.19 -1.23 4.84
CA CYS A 50 -10.58 0.10 4.29
C CYS A 50 -11.83 0.61 5.02
N GLY A 51 -11.95 1.89 5.16
CA GLY A 51 -13.12 2.47 5.87
C GLY A 51 -14.41 2.03 5.17
N ASP A 52 -14.52 2.27 3.88
CA ASP A 52 -15.76 1.87 3.16
C ASP A 52 -15.59 2.12 1.66
N ASP A 53 -14.67 2.96 1.28
CA ASP A 53 -14.47 3.24 -0.18
C ASP A 53 -13.19 4.05 -0.38
N ILE A 54 -12.97 5.04 0.43
CA ILE A 54 -11.74 5.88 0.29
C ILE A 54 -10.68 5.39 1.29
N PRO A 55 -9.62 4.78 0.82
CA PRO A 55 -8.54 4.27 1.70
C PRO A 55 -7.55 5.37 2.11
N GLY A 56 -6.48 5.51 1.39
CA GLY A 56 -5.49 6.57 1.73
C GLY A 56 -5.98 7.92 1.21
N MET A 57 -7.27 8.09 1.10
CA MET A 57 -7.81 9.39 0.60
C MET A 57 -7.05 9.81 -0.65
N GLU A 58 -6.42 8.88 -1.32
CA GLU A 58 -5.66 9.23 -2.55
C GLU A 58 -4.68 10.36 -2.24
N GLY A 59 -3.82 10.17 -1.27
CA GLY A 59 -2.85 11.24 -0.92
C GLY A 59 -1.47 10.61 -0.70
N CYS A 60 -1.43 9.41 -0.21
CA CYS A 60 -0.12 8.74 0.01
C CYS A 60 0.72 9.59 0.98
N GLY A 61 0.96 9.07 2.16
CA GLY A 61 1.75 9.81 3.17
C GLY A 61 1.17 9.51 4.55
N THR A 62 0.04 8.86 4.58
CA THR A 62 -0.59 8.51 5.89
C THR A 62 -0.78 6.98 5.96
N ASP A 63 -1.70 6.45 5.20
CA ASP A 63 -1.92 4.98 5.24
C ASP A 63 -0.73 4.28 4.58
N ILE A 64 -0.25 4.83 3.49
CA ILE A 64 0.91 4.20 2.79
C ILE A 64 2.20 4.83 3.33
N THR A 65 2.09 5.95 3.99
CA THR A 65 3.31 6.63 4.54
C THR A 65 4.50 6.32 3.64
N VAL A 66 4.29 6.37 2.36
CA VAL A 66 5.39 6.06 1.39
C VAL A 66 5.72 4.56 1.48
N ILE A 67 5.72 4.03 2.68
CA ILE A 67 6.02 2.59 2.87
C ILE A 67 5.04 2.00 3.88
N CYS A 68 3.95 1.43 3.44
CA CYS A 68 2.97 0.85 4.40
C CYS A 68 3.63 -0.34 5.10
N PRO A 69 3.58 -0.39 6.42
CA PRO A 69 4.18 -1.50 7.20
C PRO A 69 3.92 -2.88 6.57
N TRP A 70 3.02 -2.94 5.63
CA TRP A 70 2.71 -4.24 4.97
C TRP A 70 3.79 -4.55 3.94
N GLU A 71 4.46 -3.56 3.43
CA GLU A 71 5.52 -3.79 2.41
C GLU A 71 6.55 -4.78 2.95
N ALA A 72 6.45 -5.15 4.19
CA ALA A 72 7.43 -6.11 4.77
C ALA A 72 7.38 -7.45 4.02
N CYS A 73 6.52 -7.56 3.04
CA CYS A 73 6.44 -8.85 2.28
C CYS A 73 7.57 -8.90 1.26
N ASN A 74 8.10 -7.77 0.88
CA ASN A 74 9.21 -7.75 -0.12
C ASN A 74 8.72 -8.32 -1.46
N HIS A 75 7.55 -8.91 -1.48
CA HIS A 75 7.03 -9.47 -2.76
C HIS A 75 6.95 -8.37 -3.82
N CYS A 76 7.57 -8.58 -4.95
CA CYS A 76 7.53 -7.54 -6.02
C CYS A 76 7.65 -8.21 -7.39
N GLU A 77 8.58 -9.12 -7.54
CA GLU A 77 8.76 -9.80 -8.86
C GLU A 77 7.52 -10.63 -9.19
N LEU A 78 7.65 -11.93 -9.20
CA LEU A 78 6.49 -12.80 -9.52
C LEU A 78 5.68 -13.10 -8.26
N HIS A 79 4.74 -14.01 -8.35
CA HIS A 79 3.92 -14.34 -7.16
C HIS A 79 4.43 -15.63 -6.51
N GLU A 80 5.48 -15.52 -5.72
CA GLU A 80 6.03 -16.74 -5.05
C GLU A 80 6.02 -16.51 -3.54
N LEU A 81 6.31 -15.31 -3.11
CA LEU A 81 6.30 -15.02 -1.65
C LEU A 81 4.88 -14.62 -1.26
N ALA A 82 3.91 -14.91 -2.10
CA ALA A 82 2.51 -14.56 -1.79
C ALA A 82 2.01 -15.36 -0.59
N GLN A 83 2.68 -15.27 0.53
CA GLN A 83 2.24 -16.03 1.74
C GLN A 83 0.74 -15.85 1.89
N TYR A 84 0.32 -14.83 2.58
CA TYR A 84 -1.14 -14.59 2.76
C TYR A 84 -1.69 -14.06 1.44
N GLY A 85 -1.00 -13.12 0.84
CA GLY A 85 -1.48 -12.56 -0.45
C GLY A 85 -1.87 -13.70 -1.37
N ILE A 86 -2.87 -13.50 -2.19
CA ILE A 86 -3.30 -14.60 -3.10
C ILE A 86 -4.12 -14.04 -4.28
N CYS A 87 -4.98 -13.07 -4.03
CA CYS A 87 -5.80 -12.53 -5.15
C CYS A 87 -4.88 -12.10 -6.29
C1C RCY B . 2.09 0.21 15.97
O1G RCY B . 4.44 0.61 18.77
O1H RCY B . 7.02 -0.10 14.88
O1J RCY B . 1.25 1.97 13.68
C1L RCY B . 6.49 -0.65 18.33
C1M RCY B . 4.96 2.12 14.63
C1P RCY B . 5.28 0.22 17.97
C1Q RCY B . 6.42 -0.27 15.95
N1R RCY B . 5.25 0.53 16.47
C1S RCY B . 6.73 -1.34 16.98
C1U RCY B . 4.29 1.44 15.70
C1V RCY B . 3.74 -0.51 14.19
N1V RCY B . 2.64 1.74 14.06
C1W RCY B . 3.87 2.52 13.62
C1X RCY B . 3.18 0.66 15.00
C1Y RCY B . 4.29 2.13 12.20
C1Z RCY B . 3.57 4.02 13.70
H1S RCY B . 6.26 -2.02 16.27
H1U RCY B . 3.85 2.16 16.37
C1C RCY C . 13.50 6.44 0.46
O1G RCY C . 15.32 6.07 -0.32
O1H RCY C . 14.16 1.93 -2.27
O1J RCY C . 12.91 7.66 -2.23
C1L RCY C . 16.62 4.34 -1.47
C1M RCY C . 11.80 4.02 -1.77
C1P RCY C . 15.35 4.98 -0.87
C1Q RCY C . 14.75 2.82 -1.66
N1R RCY C . 14.14 4.07 -1.03
C1S RCY C . 16.24 2.86 -1.36
C1U RCY C . 12.68 4.33 -0.67
C1V RCY C . 11.01 6.01 0.26
N1V RCY C . 12.40 6.36 -1.79
C1W RCY C . 11.76 5.27 -2.65
C1X RCY C . 12.39 5.80 -0.38
C1Y RCY C . 10.31 5.65 -2.99
C1Z RCY C . 12.58 5.09 -3.92
H1S RCY C . 16.02 2.10 -0.64
H1U RCY C . 12.40 3.73 0.19
C1C RCY D . 2.31 2.34 -14.93
O1G RCY D . 1.77 4.35 -13.79
O1H RCY D . -0.26 1.72 -10.45
O1J RCY D . 4.53 3.99 -13.76
C1L RCY D . -0.12 4.72 -12.30
C1M RCY D . 3.07 1.30 -11.46
C1P RCY D . 1.03 3.92 -12.92
C1Q RCY D . -0.08 2.49 -11.39
N1R RCY D . 1.13 2.52 -12.32
C1S RCY D . -1.03 3.58 -11.86
C1U RCY D . 2.17 1.43 -12.57
C1V RCY D . 3.92 0.53 -14.17
N1V RCY D . 3.98 2.80 -13.13
C1W RCY D . 4.17 2.35 -11.68
C1X RCY D . 3.09 1.75 -13.75
C1Y RCY D . 5.55 1.71 -11.50
C1Z RCY D . 4.00 3.54 -10.74
H1S RCY D . -1.62 2.75 -12.24
H1U RCY D . 1.67 0.49 -12.74
C1C RCY E . -4.18 -7.14 -9.84
O1G RCY E . -3.94 -3.67 -9.98
O1H RCY E . -8.38 -5.24 -9.64
O1J RCY E . -1.99 -5.23 -9.04
C1L RCY E . -5.98 -3.18 -11.22
C1M RCY E . -5.25 -4.97 -7.03
C1P RCY E . -5.13 -3.89 -10.16
C1Q RCY E . -7.30 -4.86 -10.09
N1R RCY E . -5.95 -4.92 -9.38
C1S RCY E . -7.05 -4.25 -11.46
C1U RCY E . -5.53 -5.77 -8.18
C1V RCY E . -3.99 -7.61 -7.36
N1V RCY E . -3.23 -5.42 -8.28
C1W RCY E . -3.78 -4.54 -7.17
C1X RCY E . -4.23 -6.55 -8.42
C1Y RCY E . -3.02 -4.78 -5.86
C1Z RCY E . -3.67 -3.07 -7.59
H1S RCY E . -7.18 -5.27 -11.82
H1U RCY E . -6.32 -6.48 -7.95
C1C RCY F . -6.31 -4.22 -1.11
O1G RCY F . -11.58 -4.86 0.43
O1H RCY F . -7.66 -2.23 0.19
O1J RCY F . -6.16 -6.38 -3.20
C1L RCY F . -11.01 -2.61 1.23
C1M RCY F . -9.57 -5.93 -1.49
C1P RCY F . -10.74 -3.96 0.56
C1Q RCY F . -8.69 -2.77 0.60
N1R RCY F . -9.30 -4.07 0.08
C1S RCY F . -9.60 -2.26 1.70
C1U RCY F . -8.61 -5.19 -0.71
C1V RCY F . -8.24 -3.56 -2.62
N1V RCY F . -7.41 -5.92 -2.58
C1W RCY F . -8.77 -6.60 -2.61
C1X RCY F . -7.63 -4.66 -1.75
C1Y RCY F . -9.46 -6.37 -3.96
C1Z RCY F . -8.59 -8.10 -2.35
H1S RCY F . -8.81 -2.60 2.36
H1U RCY F . -8.10 -5.86 -0.04
C1C RCY G . 3.18 3.00 -4.20
O1G RCY G . 4.89 7.77 -5.02
O1H RCY G . 1.87 4.58 -3.28
O1J RCY G . 0.57 3.27 -5.67
C1L RCY G . 3.37 7.78 -3.10
C1M RCY G . 3.51 5.29 -7.09
C1P RCY G . 4.03 7.19 -4.36
C1Q RCY G . 2.38 5.64 -3.65
N1R RCY G . 3.48 5.80 -4.69
C1S RCY G . 2.03 7.03 -3.14
C1U RCY G . 3.91 4.83 -5.78
C1V RCY G . 3.89 2.42 -6.56
N1V RCY G . 1.84 3.80 -6.15
C1W RCY G . 2.07 4.80 -7.28
C1X RCY G . 3.23 3.46 -5.65
C1Y RCY G . 1.91 4.12 -8.65
C1Z RCY G . 1.08 5.95 -7.14
H1S RCY G . 1.14 6.91 -3.75
H1U RCY G . 4.98 4.70 -5.76
C1C RCY H . 2.57 -4.33 0.64
O1G RCY H . -1.86 -1.44 0.35
O1H RCY H . 1.60 -2.99 3.17
O1J RCY H . 2.11 -5.95 -1.86
C1L RCY H . -0.85 -0.56 2.42
C1M RCY H . -0.92 -3.99 -0.55
C1P RCY H . -1.05 -1.58 1.28
C1Q RCY H . 0.55 -2.51 2.76
N1R RCY H . -0.13 -2.79 1.43
C1S RCY H . -0.32 -1.49 3.50
C1U RCY H . 0.06 -3.98 0.49
C1V RCY H . 1.62 -2.56 -0.91
N1V RCY H . 1.14 -4.99 -1.32
C1W RCY H . -0.33 -4.83 -1.69
C1X RCY H . 1.39 -3.93 -0.26
C1Y RCY H . -0.47 -4.10 -3.02
C1Z RCY H . -0.98 -6.21 -1.75
H1S RCY H . -0.61 -2.35 4.11
H1U RCY H . 0.01 -4.90 1.06
C1C RCY I . 2.75 -3.88 0.45
O1G RCY I . 4.04 -7.75 4.02
O1H RCY I . 2.67 -5.44 4.24
O1J RCY I . 0.04 -2.61 0.71
C1L RCY I . 2.31 -6.12 3.21
C1M RCY I . 0.53 -5.91 2.59
C1P RCY I . 3.70 -6.75 3.41
C1Q RCY I . 3.32 -6.31 3.66
N1R RCY I . 2.85 -6.58 2.18
C1S RCY I . 3.31 -6.93 2.33
C1U RCY I . 1.64 -5.78 1.70
C1V RCY I . 2.51 -3.77 2.96
N1V RCY I . 0.49 -3.76 1.50
C1W RCY I . -0.36 -4.70 2.34
C1X RCY I . 1.90 -4.28 1.66
C1Y RCY I . -0.75 -4.03 3.67
C1Z RCY I . -1.62 -5.08 1.56
H1S RCY I . 4.35 -6.70 2.13
H1U RCY I . 1.36 -6.12 0.71
C1C RCY J . 3.63 -8.66 -3.69
O1G RCY J . 3.75 -5.89 -6.86
O1H RCY J . 5.99 -6.09 -2.71
O1J RCY J . 4.71 -7.85 -0.99
C1L RCY J . 6.12 -5.71 -6.21
C1M RCY J . 2.64 -5.19 -2.83
C1P RCY J . 4.60 -5.86 -5.97
C1Q RCY J . 5.65 -5.77 -3.84
N1R RCY J . 4.29 -5.98 -4.48
C1S RCY J . 6.54 -5.09 -4.87
C1U RCY J . 2.94 -6.22 -3.79
C1V RCY J . 1.51 -7.89 -2.54
N1V RCY J . 3.74 -7.06 -1.76
C1W RCY J . 3.34 -5.60 -1.53
C1X RCY J . 2.93 -7.50 -2.97
C1Y RCY J . 2.37 -5.50 -0.35
C1Z RCY J . 4.59 -4.77 -1.28
H1S RCY J . 6.39 -4.20 -4.28
H1U RCY J . 2.15 -6.25 -4.53
C1C RCY K . -6.53 -5.24 -2.17
O1G RCY K . -2.83 -7.99 -3.83
O1H RCY K . -6.78 -8.71 -1.35
O1J RCY K . -4.93 -2.84 -1.29
C1L RCY K . -4.49 -9.79 -3.80
C1M RCY K . -3.04 -6.17 -1.41
C1P RCY K . -3.85 -8.48 -3.34
C1Q RCY K . -5.72 -8.89 -1.93
N1R RCY K . -4.65 -7.84 -2.21
C1S RCY K . -5.22 -10.20 -2.51
C1U RCY K . -4.43 -6.49 -1.51
C1V RCY K . -4.58 -5.35 -3.77
N1V RCY K . -4.35 -4.15 -1.58
C1W RCY K . -2.95 -4.65 -1.24
C1X RCY K . -5.01 -5.31 -2.31
C1Y RCY K . -1.92 -4.05 -2.20
C1Z RCY K . -2.62 -4.27 0.21
H1S RCY K . -5.03 -10.46 -1.48
H1U RCY K . -4.87 -6.51 -0.53
N MET A 1 8.10 14.55 15.53
CA MET A 1 7.74 15.86 16.14
C MET A 1 7.45 15.67 17.62
N ASN A 2 6.46 14.86 17.93
CA ASN A 2 6.11 14.62 19.36
C ASN A 2 6.06 15.95 20.11
N LEU A 3 5.71 17.02 19.44
CA LEU A 3 5.64 18.34 20.12
C LEU A 3 4.33 19.04 19.75
N GLU A 4 3.77 18.69 18.62
CA GLU A 4 2.49 19.33 18.20
C GLU A 4 1.32 18.47 18.70
N PRO A 5 0.50 18.98 19.58
CA PRO A 5 -0.65 18.23 20.14
C PRO A 5 -1.41 17.45 19.04
N PRO A 6 -1.24 16.14 19.00
CA PRO A 6 -1.92 15.30 17.98
C PRO A 6 -3.36 14.95 18.38
N LYS A 7 -4.16 14.56 17.44
CA LYS A 7 -5.58 14.21 17.75
C LYS A 7 -5.61 13.03 18.73
N ALA A 8 -6.02 11.88 18.26
CA ALA A 8 -6.08 10.70 19.16
C ALA A 8 -5.83 9.42 18.34
N GLU A 9 -4.78 8.71 18.64
CA GLU A 9 -4.47 7.47 17.88
C GLU A 9 -5.06 6.26 18.60
N CYS A 10 -4.22 5.43 19.18
CA CYS A 10 -4.72 4.23 19.90
C CYS A 10 -4.00 4.13 21.25
N ARG A 11 -4.14 3.02 21.92
CA ARG A 11 -3.47 2.83 23.25
C ARG A 11 -2.52 1.64 23.18
N SER A 12 -1.51 1.71 22.36
CA SER A 12 -0.55 0.58 22.24
C SER A 12 0.85 1.12 21.95
N ALA A 13 1.73 0.29 21.46
CA ALA A 13 3.11 0.77 21.16
C ALA A 13 3.04 2.09 20.38
N THR A 14 4.16 2.73 20.19
CA THR A 14 4.16 4.02 19.43
C THR A 14 5.46 4.11 18.62
N ARG A 15 6.34 3.17 18.77
CA ARG A 15 7.61 3.20 17.99
C ARG A 15 7.38 2.60 16.60
N VAL A 16 7.09 3.41 15.63
CA VAL A 16 6.86 2.88 14.26
C VAL A 16 6.73 4.06 13.27
N MET A 17 6.36 5.21 13.77
CA MET A 17 6.21 6.40 12.87
C MET A 17 7.32 7.41 13.19
N GLY A 18 8.50 6.92 13.47
CA GLY A 18 9.62 7.86 13.78
C GLY A 18 10.23 8.38 12.49
N GLY A 19 11.05 9.41 12.56
CA GLY A 19 11.67 9.96 11.33
C GLY A 19 10.67 10.89 10.63
N PRO A 20 11.01 12.14 10.44
CA PRO A 20 10.12 13.12 9.76
C PRO A 20 9.43 12.53 8.53
N CYS A 21 8.28 11.91 8.72
CA CYS A 21 7.57 11.30 7.56
C CYS A 21 6.46 12.23 7.09
N THR A 22 6.72 13.05 6.10
CA THR A 22 5.67 13.97 5.59
C THR A 22 5.10 13.41 4.28
N PRO A 23 3.85 13.71 3.98
CA PRO A 23 3.20 13.21 2.74
C PRO A 23 4.16 13.18 1.55
N ARG A 24 4.12 12.13 0.77
CA ARG A 24 5.04 12.04 -0.40
C ARG A 24 4.94 13.33 -1.22
N LYS A 25 3.94 14.14 -0.97
CA LYS A 25 3.80 15.40 -1.73
C LYS A 25 3.97 15.13 -3.23
N GLY A 26 3.14 14.29 -3.78
CA GLY A 26 3.24 13.98 -5.23
C GLY A 26 1.86 13.63 -5.79
N PRO A 27 1.67 12.44 -6.29
CA PRO A 27 0.36 12.00 -6.85
C PRO A 27 -0.82 12.42 -5.95
N PRO A 28 -2.00 12.51 -6.52
CA PRO A 28 -3.22 12.90 -5.76
C PRO A 28 -3.28 12.24 -4.38
N LYS A 29 -3.72 12.96 -3.38
CA LYS A 29 -3.80 12.37 -2.01
C LYS A 29 -4.63 11.08 -2.07
N CYS A 30 -5.80 11.14 -2.66
CA CYS A 30 -6.65 9.92 -2.74
C CYS A 30 -7.46 9.96 -4.04
N LYS A 31 -7.10 9.14 -4.99
CA LYS A 31 -7.85 9.13 -6.29
C LYS A 31 -9.08 8.22 -6.15
N GLN A 32 -10.24 8.72 -6.47
CA GLN A 32 -11.49 7.91 -6.36
C GLN A 32 -12.11 7.74 -7.74
N ARG A 33 -11.37 7.27 -8.70
CA ARG A 33 -11.93 7.08 -10.07
C ARG A 33 -10.83 6.56 -11.01
N GLN A 34 -10.06 5.61 -10.55
CA GLN A 34 -8.98 5.06 -11.41
C GLN A 34 -8.72 3.59 -11.03
N THR A 35 -8.95 2.69 -11.94
CA THR A 35 -8.73 1.25 -11.62
C THR A 35 -9.39 0.91 -10.28
N ARG A 36 -10.68 0.73 -10.26
CA ARG A 36 -11.39 0.41 -9.00
C ARG A 36 -12.24 -0.85 -9.19
N GLN A 37 -12.05 -1.54 -10.29
CA GLN A 37 -12.85 -2.77 -10.54
C GLN A 37 -12.23 -3.94 -9.77
N CYS A 38 -11.25 -4.59 -10.34
CA CYS A 38 -10.61 -5.75 -9.66
C CYS A 38 -11.54 -6.96 -9.70
N LYS A 39 -11.23 -7.98 -8.93
CA LYS A 39 -12.07 -9.23 -8.90
C LYS A 39 -12.70 -9.48 -10.28
N SER A 40 -12.01 -9.11 -11.33
CA SER A 40 -12.56 -9.34 -12.70
C SER A 40 -11.42 -9.70 -13.65
N LYS A 41 -10.20 -9.64 -13.19
CA LYS A 41 -9.05 -9.98 -14.08
C LYS A 41 -8.67 -11.45 -13.89
N PRO A 42 -8.32 -12.14 -14.94
CA PRO A 42 -7.92 -13.58 -14.87
C PRO A 42 -6.51 -13.75 -14.28
N PRO A 43 -6.19 -14.92 -13.82
CA PRO A 43 -4.85 -15.22 -13.23
C PRO A 43 -3.74 -15.15 -14.28
N LYS A 44 -2.75 -14.32 -14.05
CA LYS A 44 -1.63 -14.19 -15.04
C LYS A 44 -0.29 -14.35 -14.31
N LYS A 45 -0.28 -14.18 -13.01
CA LYS A 45 1.00 -14.32 -12.25
C LYS A 45 2.00 -13.28 -12.77
N GLY A 46 2.21 -12.23 -12.02
CA GLY A 46 3.18 -11.18 -12.47
C GLY A 46 4.56 -11.82 -12.68
N VAL A 47 5.59 -11.02 -12.68
CA VAL A 47 6.96 -11.57 -12.87
C VAL A 47 7.97 -10.66 -12.16
N GLN A 48 7.56 -9.50 -11.75
CA GLN A 48 8.50 -8.58 -11.04
C GLN A 48 7.70 -7.69 -10.08
N GLY A 49 6.51 -8.09 -9.74
CA GLY A 49 5.69 -7.27 -8.80
C GLY A 49 5.17 -6.02 -9.53
N CYS A 50 5.19 -6.03 -10.83
CA CYS A 50 4.70 -4.86 -11.60
C CYS A 50 4.13 -5.31 -12.94
N GLY A 51 2.84 -5.16 -13.13
CA GLY A 51 2.22 -5.58 -14.41
C GLY A 51 2.82 -4.77 -15.56
N ASP A 52 2.02 -3.98 -16.23
CA ASP A 52 2.56 -3.17 -17.36
C ASP A 52 1.51 -2.15 -17.80
N ASP A 53 0.35 -2.18 -17.19
CA ASP A 53 -0.71 -1.21 -17.57
C ASP A 53 -0.58 0.05 -16.72
N ILE A 54 0.62 0.48 -16.46
CA ILE A 54 0.83 1.70 -15.62
C ILE A 54 -0.14 2.81 -16.07
N PRO A 55 -1.20 3.04 -15.33
CA PRO A 55 -2.21 4.08 -15.67
C PRO A 55 -1.86 5.45 -15.06
N GLY A 56 -1.57 5.48 -13.79
CA GLY A 56 -1.24 6.79 -13.13
C GLY A 56 0.29 6.95 -13.04
N MET A 57 0.94 6.12 -12.28
CA MET A 57 2.42 6.25 -12.16
C MET A 57 2.96 5.13 -11.27
N GLU A 58 2.20 4.70 -10.30
CA GLU A 58 2.68 3.60 -9.41
C GLU A 58 2.78 2.30 -10.19
N GLY A 59 1.69 1.83 -10.75
CA GLY A 59 1.72 0.56 -11.53
C GLY A 59 0.64 -0.37 -11.00
N CYS A 60 -0.28 -0.77 -11.85
CA CYS A 60 -1.37 -1.68 -11.38
C CYS A 60 -1.93 -2.44 -12.60
N GLY A 61 -1.99 -3.74 -12.51
CA GLY A 61 -2.54 -4.53 -13.65
C GLY A 61 -2.89 -5.94 -13.17
N THR A 62 -2.03 -6.55 -12.39
CA THR A 62 -2.32 -7.92 -11.90
C THR A 62 -1.20 -8.37 -10.96
N ASP A 63 -0.34 -7.47 -10.57
CA ASP A 63 0.78 -7.85 -9.66
C ASP A 63 0.23 -8.16 -8.26
N ILE A 64 -0.99 -8.63 -8.19
CA ILE A 64 -1.58 -8.96 -6.86
C ILE A 64 -2.79 -9.89 -7.06
N THR A 65 -2.66 -10.85 -7.91
CA THR A 65 -3.79 -11.79 -8.13
C THR A 65 -3.87 -12.70 -6.91
N VAL A 66 -2.74 -13.16 -6.45
CA VAL A 66 -2.70 -14.03 -5.25
C VAL A 66 -1.30 -13.93 -4.63
N ILE A 67 -0.38 -13.34 -5.33
CA ILE A 67 1.01 -13.20 -4.80
C ILE A 67 1.54 -11.79 -5.10
N CYS A 68 1.63 -10.97 -4.09
CA CYS A 68 2.15 -9.59 -4.30
C CYS A 68 3.38 -9.38 -3.40
N PRO A 69 4.43 -8.76 -3.90
CA PRO A 69 5.68 -8.53 -3.14
C PRO A 69 5.43 -8.27 -1.63
N TRP A 70 4.25 -7.88 -1.27
CA TRP A 70 3.97 -7.64 0.18
C TRP A 70 4.21 -8.92 0.96
N GLU A 71 4.05 -10.06 0.34
CA GLU A 71 4.27 -11.35 1.05
C GLU A 71 5.55 -11.99 0.54
N ALA A 72 5.83 -11.87 -0.73
CA ALA A 72 7.08 -12.48 -1.28
C ALA A 72 8.30 -11.69 -0.80
N CYS A 73 8.21 -10.38 -0.81
CA CYS A 73 9.36 -9.56 -0.33
C CYS A 73 9.56 -9.78 1.16
N ASN A 74 8.49 -9.87 1.90
CA ASN A 74 8.62 -10.08 3.37
C ASN A 74 9.17 -8.81 4.03
N HIS A 75 8.84 -7.66 3.50
CA HIS A 75 9.34 -6.38 4.08
C HIS A 75 8.25 -5.76 4.95
N CYS A 76 7.32 -6.55 5.42
CA CYS A 76 6.23 -6.02 6.27
C CYS A 76 6.06 -6.92 7.49
N GLU A 77 4.97 -6.78 8.19
CA GLU A 77 4.74 -7.64 9.39
C GLU A 77 4.40 -9.06 8.93
N LEU A 78 3.30 -9.59 9.38
CA LEU A 78 2.91 -10.97 8.96
C LEU A 78 3.04 -11.08 7.44
N HIS A 79 3.32 -12.26 6.95
CA HIS A 79 3.47 -12.43 5.48
C HIS A 79 3.21 -13.90 5.11
N GLU A 80 2.56 -14.13 4.01
CA GLU A 80 2.26 -15.53 3.60
C GLU A 80 1.38 -15.49 2.34
N LEU A 81 0.66 -16.53 2.06
CA LEU A 81 -0.22 -16.53 0.85
C LEU A 81 -1.57 -15.92 1.23
N ALA A 82 -1.61 -15.17 2.30
CA ALA A 82 -2.89 -14.55 2.72
C ALA A 82 -3.30 -13.47 1.71
N GLN A 83 -2.58 -13.35 0.63
CA GLN A 83 -2.94 -12.31 -0.38
C GLN A 83 -4.45 -12.36 -0.62
N TYR A 84 -4.96 -13.53 -0.92
CA TYR A 84 -6.43 -13.66 -1.14
C TYR A 84 -7.06 -14.32 0.08
N GLY A 85 -6.41 -14.21 1.21
CA GLY A 85 -6.96 -14.82 2.46
C GLY A 85 -8.09 -13.95 3.00
N ILE A 86 -8.13 -12.70 2.61
CA ILE A 86 -9.21 -11.80 3.11
C ILE A 86 -9.77 -10.98 1.94
N CYS A 87 -9.00 -10.78 0.90
CA CYS A 87 -9.50 -9.99 -0.26
C CYS A 87 -10.36 -10.88 -1.15
C1C RCY B . -1.03 8.44 16.99
O1G RCY B . 1.36 3.48 17.31
O1H RCY B . -2.52 6.16 17.12
O1J RCY B . 1.36 10.04 16.11
C1L RCY B . -1.03 2.96 17.28
C1M RCY B . 1.96 6.30 16.66
C1P RCY B . 0.20 3.89 17.30
C1Q RCY B . -1.72 5.27 17.40
N1R RCY B . -0.20 5.35 17.31
C1S RCY B . -2.05 3.89 17.93
C1U RCY B . 0.69 6.60 17.23
C1V RCY B . -0.29 7.12 14.96
N1V RCY B . 1.33 8.59 16.18
C1W RCY B . 2.52 7.63 16.13
C1X RCY B . 0.12 7.68 16.32
C1Y RCY B . 3.02 7.47 14.69
C1Z RCY B . 3.63 8.17 17.04
H1S RCY B . -2.27 4.40 18.85
H1U RCY B . 0.83 7.00 18.23
C1C RCY C . 0.80 9.50 3.94
O1G RCY C . 4.62 11.13 2.30
O1H RCY C . 3.75 9.90 6.77
O1J RCY C . -1.18 11.60 3.06
C1L RCY C . 5.91 9.91 3.98
C1M RCY C . 2.34 12.87 3.92
C1P RCY C . 4.71 10.70 3.45
C1Q RCY C . 4.30 10.28 5.75
N1R RCY C . 3.64 10.88 4.52
C1S RCY C . 5.80 10.24 5.48
C1U RCY C . 2.25 11.52 4.40
C1V RCY C . 2.08 10.62 2.04
N1V RCY C . 0.25 11.85 3.24
C1W RCY C . 0.95 13.19 3.32
C1X RCY C . 1.36 10.82 3.39
C1Y RCY C . 1.10 13.81 1.93
C1Z RCY C . 0.16 14.12 4.24
H1S RCY C . 5.84 11.07 6.16
H1U RCY C . 1.76 11.52 5.37
C1C RCY D . -4.01 8.87 -4.02
O1G RCY D . -3.83 6.24 0.53
O1H RCY D . -5.52 9.36 -2.58
O1J RCY D . -1.39 9.92 -2.97
C1L RCY D . -5.39 8.12 0.72
C1M RCY D . -2.23 6.30 -2.04
C1P RCY D . -4.42 7.19 0.01
C1Q RCY D . -5.07 8.85 -1.56
N1R RCY D . -4.24 7.57 -1.46
C1S RCY D . -5.25 9.38 -0.15
C1U RCY D . -3.44 6.88 -2.56
C1V RCY D . -2.40 7.10 -4.87
N1V RCY D . -1.80 8.53 -2.90
C1W RCY D . -1.18 7.41 -2.05
C1X RCY D . -2.94 7.85 -3.64
C1Y RCY D . 0.13 6.93 -2.69
C1Z RCY D . -0.92 7.94 -0.64
H1S RCY D . -4.53 10.12 -0.45
H1U RCY D . -4.04 6.10 -3.02
C1C RCY E . -3.09 -4.60 -8.57
O1G RCY E . -4.53 -3.20 -8.54
O1H RCY E . -8.07 -6.24 -7.82
O1J RCY E . -3.03 -4.64 -5.57
C1L RCY E . -6.95 -2.93 -8.28
C1M RCY E . -5.19 -7.34 -7.25
C1P RCY E . -5.64 -3.72 -8.39
C1Q RCY E . -7.40 -5.30 -8.23
N1R RCY E . -5.87 -5.23 -8.29
C1S RCY E . -7.93 -3.99 -8.78
C1U RCY E . -4.86 -6.37 -8.26
C1V RCY E . -2.41 -6.99 -8.15
N1V RCY E . -3.64 -5.69 -6.39
C1W RCY E . -4.57 -6.81 -5.95
C1X RCY E . -3.45 -5.91 -7.88
C1Y RCY E . -3.79 -7.92 -5.24
C1Z RCY E . -5.64 -6.23 -5.01
H1S RCY E . -8.18 -4.57 -9.65
H1U RCY E . -4.84 -6.85 -9.23
C1C RCY F . 4.04 -6.88 -9.70
O1G RCY F . 0.94 -2.88 -8.89
O1H RCY F . 5.07 -4.86 -10.05
O1J RCY F . 6.14 -6.22 -7.64
C1L RCY F . 2.79 -2.18 -10.33
C1M RCY F . 2.54 -5.21 -6.75
C1P RCY F . 2.07 -3.10 -9.35
C1Q RCY F . 4.21 -4.04 -9.74
N1R RCY F . 2.91 -4.33 -9.01
C1S RCY F . 4.25 -2.54 -10.02
C1U RCY F . 2.55 -5.55 -8.15
C1V RCY F . 3.05 -7.97 -7.64
N1V RCY F . 4.70 -6.10 -7.40
C1W RCY F . 3.99 -5.37 -6.27
C1X RCY F . 3.57 -6.68 -8.26
C1Y RCY F . 4.05 -6.19 -4.98
C1Z RCY F . 4.65 -4.00 -6.07
H1S RCY F . 4.98 -2.52 -9.22
H1U RCY F . 1.57 -5.92 -8.44
C1C RCY G . 2.35 3.37 -7.08
O1G RCY G . 0.39 3.98 -8.78
O1H RCY G . -0.68 -0.55 -9.58
O1J RCY G . 4.70 1.74 -6.14
C1L RCY G . -1.31 2.87 -10.17
C1M RCY G . 2.10 -0.12 -8.26
C1P RCY G . -0.10 2.94 -9.21
C1Q RCY G . -0.47 0.65 -9.73
N1R RCY G . 0.40 1.54 -8.86
C1S RCY G . -1.04 1.52 -10.83
C1U RCY G . 1.50 1.12 -7.88
C1V RCY G . 3.17 2.42 -9.27
N1V RCY G . 3.71 1.27 -7.10
C1W RCY G . 3.48 -0.16 -7.59
C1X RCY G . 2.68 2.10 -7.85
C1Y RCY G . 4.56 -0.56 -8.61
C1Z RCY G . 3.50 -1.10 -6.39
H1S RCY G . -0.32 1.01 -11.46
H1U RCY G . 1.09 1.04 -6.88
C1C RCY H . 2.55 -2.45 0.25
O1G RCY H . 0.24 -4.89 -0.22
O1H RCY H . 2.03 -4.07 -4.51
O1J RCY H . 1.57 0.38 0.57
C1L RCY H . 0.75 -6.33 -2.12
C1M RCY H . 0.09 -1.58 -2.37
C1P RCY H . 0.63 -5.00 -1.38
C1Q RCY H . 1.36 -4.51 -3.58
N1R RCY H . 1.08 -3.83 -2.25
C1S RCY H . 0.62 -5.85 -3.56
C1U RCY H . 1.21 -2.35 -1.90
C1V RCY H . 0.05 -2.81 0.31
N1V RCY H . 1.00 -0.59 -0.36
C1W RCY H . 0.04 -0.31 -1.52
C1X RCY H . 1.21 -2.10 -0.39
C1Y RCY H . -1.38 -0.08 -0.99
C1Z RCY H . 0.54 0.90 -2.31
H1S RCY H . -0.07 -5.35 -4.24
H1U RCY H . 2.12 -1.95 -2.33
C1C RCY I . 6.48 -2.97 -3.26
O1G RCY I . 9.01 -2.77 -2.76
O1H RCY I . 7.87 -6.30 0.15
O1J RCY I . 4.93 -5.56 -3.31
C1L RCY I . 10.13 -4.85 -2.13
C1M RCY I . 5.82 -4.21 0.17
C1P RCY I . 9.02 -3.79 -2.08
C1Q RCY I . 8.49 -5.44 -0.46
N1R RCY I . 7.92 -4.17 -1.08
C1S RCY I . 9.98 -5.44 -0.73
C1U RCY I . 6.60 -3.47 -0.78
C1V RCY I . 4.53 -2.40 -1.75
N1V RCY I . 5.20 -4.79 -2.10
C1W RCY I . 5.03 -5.24 -0.65
C1X RCY I . 5.70 -3.35 -1.99
C1Y RCY I . 3.55 -5.22 -0.26
C1Z RCY I . 5.62 -6.64 -0.50
H1S RCY I . 10.07 -5.18 0.32
H1U RCY I . 6.80 -2.48 -0.38
C1C RCY J . 0.51 -3.53 3.15
O1G RCY J . 3.77 -6.96 4.88
O1H RCY J . 3.53 -6.44 3.96
O1J RCY J . -2.31 -4.11 2.26
C1L RCY J . 1.73 -6.17 4.48
C1M RCY J . -0.78 -6.61 4.72
C1P RCY J . 2.87 -6.33 5.46
C1Q RCY J . 2.68 -6.64 4.81
N1R RCY J . 1.47 -5.77 5.23
C1S RCY J . 2.18 -5.75 5.90
C1U RCY J . 0.30 -5.80 4.25
C1V RCY J . -0.67 -3.75 5.39
N1V RCY J . -1.62 -4.82 3.33
C1W RCY J . -2.03 -6.14 3.99
C1X RCY J . -0.35 -4.43 4.05
C1Y RCY J . -3.18 -5.91 4.98
C1Z RCY J . -2.45 -7.13 2.89
H1S RCY J . 2.40 -6.43 6.72
H1U RCY J . 0.64 -6.17 3.29
C1C RCY K . -4.29 -3.56 -3.64
O1G RCY K . -4.85 -7.04 -4.32
O1H RCY K . -5.21 -6.28 0.33
O1J RCY K . -1.42 -2.72 -3.91
C1L RCY K . -6.34 -7.92 -2.58
C1M RCY K . -2.04 -5.95 -1.95
C1P RCY K . -5.17 -7.08 -3.12
C1Q RCY K . -5.18 -6.82 -0.77
N1R RCY K . -4.45 -6.33 -2.01
C1S RCY K . -5.86 -8.12 -1.14
C1U RCY K . -3.31 -5.31 -2.11
C1V RCY K . -3.25 -5.67 -4.62
N1V RCY K . -1.84 -4.01 -3.38
C1W RCY K . -1.01 -5.02 -2.60
C1X RCY K . -3.23 -4.65 -3.48
C1Y RCY K . -0.09 -5.80 -3.54
C1Z RCY K . -0.19 -4.28 -1.53
H1S RCY K . -5.08 -8.59 -0.56
H1U RCY K . -3.43 -4.55 -1.34
N MET A 1 -0.82 -8.57 16.34
CA MET A 1 -0.71 -8.95 17.76
C MET A 1 0.70 -9.48 18.04
N ASN A 2 1.28 -9.10 19.14
CA ASN A 2 2.65 -9.57 19.47
C ASN A 2 3.03 -9.13 20.89
N LEU A 3 4.12 -9.63 21.40
CA LEU A 3 4.53 -9.23 22.78
C LEU A 3 4.49 -7.71 22.91
N GLU A 4 5.59 -7.05 22.63
CA GLU A 4 5.61 -5.56 22.73
C GLU A 4 5.19 -4.96 21.39
N PRO A 5 4.17 -4.14 21.36
CA PRO A 5 3.69 -3.51 20.10
C PRO A 5 4.84 -2.99 19.23
N PRO A 6 4.61 -2.87 17.95
CA PRO A 6 5.65 -2.37 16.99
C PRO A 6 5.88 -0.86 17.15
N LYS A 7 6.95 -0.34 16.62
CA LYS A 7 7.21 1.12 16.73
C LYS A 7 6.35 1.87 15.72
N ALA A 8 5.43 1.19 15.08
CA ALA A 8 4.56 1.86 14.08
C ALA A 8 4.15 3.24 14.59
N GLU A 9 3.28 3.28 15.57
CA GLU A 9 2.85 4.59 16.13
C GLU A 9 2.02 4.35 17.39
N CYS A 10 1.80 5.36 18.17
CA CYS A 10 0.99 5.19 19.41
C CYS A 10 -0.50 5.26 19.06
N ARG A 11 -1.01 4.26 18.38
CA ARG A 11 -2.44 4.26 18.01
C ARG A 11 -2.77 5.56 17.28
N SER A 12 -4.02 5.96 17.28
CA SER A 12 -4.40 7.22 16.59
C SER A 12 -4.13 7.09 15.08
N ALA A 13 -3.99 8.18 14.39
CA ALA A 13 -3.73 8.13 12.93
C ALA A 13 -3.05 9.41 12.48
N THR A 14 -2.44 10.13 13.39
CA THR A 14 -1.75 11.41 13.03
C THR A 14 -2.56 12.14 11.96
N ARG A 15 -3.85 12.19 12.12
CA ARG A 15 -4.72 12.87 11.12
C ARG A 15 -4.57 12.18 9.77
N VAL A 16 -5.52 12.37 8.89
CA VAL A 16 -5.45 11.72 7.56
C VAL A 16 -6.30 12.50 6.56
N MET A 17 -7.33 13.16 7.04
CA MET A 17 -8.21 13.94 6.11
C MET A 17 -7.51 15.24 5.73
N GLY A 18 -6.80 15.24 4.63
CA GLY A 18 -6.09 16.48 4.21
C GLY A 18 -7.08 17.42 3.52
N GLY A 19 -7.89 18.11 4.27
CA GLY A 19 -8.87 19.04 3.66
C GLY A 19 -9.94 18.24 2.91
N PRO A 20 -10.81 18.91 2.20
CA PRO A 20 -11.90 18.25 1.43
C PRO A 20 -11.37 17.19 0.47
N CYS A 21 -12.00 17.02 -0.66
CA CYS A 21 -11.53 16.00 -1.64
C CYS A 21 -11.54 16.60 -3.05
N THR A 22 -10.41 17.07 -3.51
CA THR A 22 -10.36 17.67 -4.88
C THR A 22 -9.86 16.61 -5.87
N PRO A 23 -10.65 16.28 -6.86
CA PRO A 23 -10.25 15.26 -7.89
C PRO A 23 -8.79 15.40 -8.30
N ARG A 24 -8.20 14.35 -8.83
CA ARG A 24 -6.79 14.44 -9.25
C ARG A 24 -5.93 14.87 -8.05
N LYS A 25 -4.63 14.79 -8.18
CA LYS A 25 -3.75 15.19 -7.05
C LYS A 25 -2.46 15.80 -7.61
N GLY A 26 -2.10 15.48 -8.82
CA GLY A 26 -0.86 16.04 -9.42
C GLY A 26 -0.17 14.99 -10.29
N PRO A 27 0.58 14.10 -9.67
CA PRO A 27 1.29 13.02 -10.40
C PRO A 27 0.42 12.39 -11.49
N PRO A 28 1.01 11.52 -12.29
CA PRO A 28 0.28 10.85 -13.40
C PRO A 28 -1.15 10.44 -13.00
N LYS A 29 -2.08 10.57 -13.90
CA LYS A 29 -3.49 10.21 -13.58
C LYS A 29 -3.77 8.78 -14.07
N CYS A 30 -4.98 8.33 -13.93
CA CYS A 30 -5.33 6.94 -14.38
C CYS A 30 -6.75 6.93 -14.95
N LYS A 31 -7.10 5.89 -15.65
CA LYS A 31 -8.48 5.82 -16.23
C LYS A 31 -8.72 4.43 -16.81
N GLN A 32 -7.77 3.54 -16.66
CA GLN A 32 -7.95 2.17 -17.21
C GLN A 32 -8.77 1.33 -16.22
N ARG A 33 -8.56 0.03 -16.20
CA ARG A 33 -9.33 -0.84 -15.26
C ARG A 33 -8.39 -1.92 -14.70
N GLN A 34 -8.15 -2.94 -15.46
CA GLN A 34 -7.25 -4.03 -14.98
C GLN A 34 -7.85 -4.67 -13.72
N THR A 35 -8.62 -5.71 -13.88
CA THR A 35 -9.23 -6.37 -12.69
C THR A 35 -9.86 -7.70 -13.13
N ARG A 36 -9.07 -8.70 -13.36
CA ARG A 36 -9.63 -10.01 -13.80
C ARG A 36 -8.52 -11.06 -13.78
N GLN A 37 -7.41 -10.75 -13.15
CA GLN A 37 -6.28 -11.72 -13.09
C GLN A 37 -5.63 -11.66 -11.71
N CYS A 38 -4.55 -12.38 -11.52
CA CYS A 38 -3.86 -12.38 -10.20
C CYS A 38 -4.90 -12.39 -9.07
N LYS A 39 -5.28 -13.55 -8.62
CA LYS A 39 -6.29 -13.63 -7.52
C LYS A 39 -6.15 -14.98 -6.81
N SER A 40 -5.42 -15.89 -7.40
CA SER A 40 -5.23 -17.23 -6.75
C SER A 40 -3.77 -17.67 -6.92
N LYS A 41 -2.90 -16.76 -7.25
CA LYS A 41 -1.47 -17.11 -7.42
C LYS A 41 -0.60 -16.09 -6.67
N PRO A 42 0.02 -16.48 -5.58
CA PRO A 42 0.88 -15.56 -4.77
C PRO A 42 2.29 -15.43 -5.36
N PRO A 43 2.99 -14.38 -4.99
CA PRO A 43 4.37 -14.14 -5.49
C PRO A 43 5.40 -15.07 -4.85
N LYS A 44 6.57 -15.17 -5.42
CA LYS A 44 7.61 -16.07 -4.85
C LYS A 44 7.86 -15.71 -3.38
N LYS A 45 8.14 -14.45 -3.12
CA LYS A 45 8.41 -13.98 -1.71
C LYS A 45 9.92 -13.88 -1.49
N GLY A 46 10.35 -12.81 -0.85
CA GLY A 46 11.81 -12.64 -0.59
C GLY A 46 12.40 -11.67 -1.60
N VAL A 47 12.92 -10.56 -1.14
CA VAL A 47 13.52 -9.53 -2.04
C VAL A 47 13.02 -9.71 -3.49
N GLN A 48 11.75 -9.59 -3.70
CA GLN A 48 11.20 -9.77 -5.08
C GLN A 48 12.05 -8.97 -6.06
N GLY A 49 11.76 -7.71 -6.23
CA GLY A 49 12.55 -6.87 -7.18
C GLY A 49 11.62 -5.86 -7.85
N CYS A 50 11.18 -4.87 -7.13
CA CYS A 50 10.27 -3.86 -7.73
C CYS A 50 9.84 -2.85 -6.65
N GLY A 51 9.90 -3.24 -5.41
CA GLY A 51 9.50 -2.33 -4.30
C GLY A 51 10.72 -1.98 -3.45
N ASP A 52 11.88 -1.90 -4.05
CA ASP A 52 13.10 -1.56 -3.26
C ASP A 52 14.27 -1.33 -4.22
N ASP A 53 14.00 -0.83 -5.40
CA ASP A 53 15.10 -0.57 -6.37
C ASP A 53 14.66 0.51 -7.37
N ILE A 54 13.83 0.16 -8.31
CA ILE A 54 13.36 1.16 -9.31
C ILE A 54 11.83 1.10 -9.39
N PRO A 55 11.15 1.72 -8.46
CA PRO A 55 9.67 1.74 -8.41
C PRO A 55 9.07 2.86 -9.28
N GLY A 56 8.24 2.51 -10.22
CA GLY A 56 7.63 3.55 -11.09
C GLY A 56 8.70 4.54 -11.54
N MET A 57 9.91 4.10 -11.66
CA MET A 57 11.01 5.01 -12.09
C MET A 57 11.00 6.26 -11.21
N GLU A 58 10.85 6.09 -9.93
CA GLU A 58 10.85 7.27 -9.01
C GLU A 58 9.79 8.26 -9.48
N GLY A 59 8.64 8.28 -8.83
CA GLY A 59 7.57 9.22 -9.24
C GLY A 59 6.20 8.58 -8.99
N CYS A 60 5.50 8.24 -10.04
CA CYS A 60 4.16 7.60 -9.85
C CYS A 60 3.36 8.40 -8.83
N GLY A 61 3.40 8.00 -7.58
CA GLY A 61 2.63 8.72 -6.53
C GLY A 61 3.41 8.67 -5.21
N THR A 62 4.62 9.16 -5.19
CA THR A 62 5.43 9.14 -3.94
C THR A 62 4.60 9.74 -2.79
N ASP A 63 3.85 8.94 -2.10
CA ASP A 63 3.03 9.47 -0.97
C ASP A 63 3.96 9.89 0.18
N ILE A 64 5.07 9.21 0.34
CA ILE A 64 6.02 9.58 1.43
C ILE A 64 7.33 10.07 0.81
N THR A 65 7.86 9.33 -0.12
CA THR A 65 9.14 9.72 -0.78
C THR A 65 9.39 8.75 -1.93
N VAL A 66 8.46 7.86 -2.15
CA VAL A 66 8.55 6.84 -3.23
C VAL A 66 7.69 5.65 -2.80
N ILE A 67 8.09 4.98 -1.74
CA ILE A 67 7.29 3.83 -1.24
C ILE A 67 7.20 3.91 0.28
N CYS A 68 6.10 4.37 0.80
CA CYS A 68 5.97 4.45 2.29
C CYS A 68 6.07 3.05 2.88
N PRO A 69 7.00 2.81 3.78
CA PRO A 69 7.19 1.48 4.41
C PRO A 69 6.10 1.14 5.44
N TRP A 70 5.22 2.07 5.72
CA TRP A 70 4.15 1.79 6.71
C TRP A 70 3.03 0.98 6.04
N GLU A 71 3.14 0.73 4.76
CA GLU A 71 2.09 -0.07 4.06
C GLU A 71 2.75 -1.12 3.17
N ALA A 72 4.04 -1.04 2.99
CA ALA A 72 4.73 -2.04 2.13
C ALA A 72 4.46 -3.45 2.67
N CYS A 73 5.07 -4.44 2.09
CA CYS A 73 4.84 -5.83 2.57
C CYS A 73 5.71 -6.08 3.81
N ASN A 74 5.86 -5.09 4.64
CA ASN A 74 6.69 -5.26 5.88
C ASN A 74 6.21 -6.48 6.65
N HIS A 75 4.93 -6.78 6.57
CA HIS A 75 4.40 -7.96 7.30
C HIS A 75 2.92 -8.14 6.96
N CYS A 76 2.62 -8.32 5.71
CA CYS A 76 1.19 -8.50 5.31
C CYS A 76 0.56 -9.60 6.15
N GLU A 77 -0.02 -9.24 7.28
CA GLU A 77 -0.65 -10.28 8.15
C GLU A 77 -1.70 -11.04 7.33
N LEU A 78 -1.85 -12.31 7.57
CA LEU A 78 -2.85 -13.10 6.80
C LEU A 78 -2.60 -12.86 5.30
N HIS A 79 -3.48 -13.32 4.46
CA HIS A 79 -3.27 -13.12 2.99
C HIS A 79 -4.61 -13.13 2.26
N GLU A 80 -4.59 -13.20 0.95
CA GLU A 80 -5.87 -13.21 0.20
C GLU A 80 -6.53 -11.84 0.31
N LEU A 81 -7.83 -11.77 0.18
CA LEU A 81 -8.53 -10.46 0.29
C LEU A 81 -9.06 -10.31 1.72
N ALA A 82 -8.50 -11.06 2.65
CA ALA A 82 -8.97 -10.97 4.06
C ALA A 82 -8.61 -9.61 4.65
N GLN A 83 -7.74 -9.59 5.64
CA GLN A 83 -7.35 -8.30 6.26
C GLN A 83 -8.59 -7.66 6.91
N TYR A 84 -8.72 -6.36 6.80
CA TYR A 84 -9.90 -5.69 7.42
C TYR A 84 -11.11 -5.82 6.49
N GLY A 85 -10.89 -6.23 5.26
CA GLY A 85 -12.02 -6.38 4.30
C GLY A 85 -11.51 -6.17 2.87
N ILE A 86 -10.35 -5.61 2.71
CA ILE A 86 -9.82 -5.38 1.33
C ILE A 86 -8.37 -4.90 1.41
N CYS A 87 -8.14 -3.78 2.05
CA CYS A 87 -6.74 -3.26 2.16
C CYS A 87 -6.01 -3.99 3.28
C1C RCY B . 1.50 10.18 16.52
O1G RCY B . 3.72 5.78 15.74
O1H RCY B . 3.05 8.80 19.31
O1J RCY B . 2.17 11.46 13.88
C1L RCY B . 3.31 5.48 18.13
C1M RCY B . 4.47 8.58 14.99
C1P RCY B . 3.55 6.28 16.86
C1Q RCY B . 3.42 7.84 18.64
N1R RCY B . 3.56 7.79 17.12
C1S RCY B . 3.83 6.49 19.18
C1U RCY B . 3.68 8.95 16.13
C1V RCY B . 1.55 8.15 15.01
N1V RCY B . 2.79 10.23 14.38
C1W RCY B . 4.06 9.55 13.86
C1X RCY B . 2.32 9.35 15.54
C1Y RCY B . 3.76 8.79 12.58
C1Z RCY B . 5.14 10.61 13.64
H1S RCY B . 4.73 6.99 19.48
H1U RCY B . 4.12 9.80 16.63
C1C RCY C . -6.30 12.13 -0.99
O1G RCY C . -8.22 14.76 -4.43
O1H RCY C . -8.81 13.89 0.18
O1J RCY C . -5.66 11.51 -3.86
C1L RCY C . -10.19 14.24 -3.05
C1M RCY C . -5.78 15.23 -2.95
C1P RCY C . -8.69 14.47 -3.32
C1Q RCY C . -8.90 13.85 -1.05
N1R RCY C . -7.85 14.30 -2.05
C1S RCY C . -10.09 13.33 -1.84
C1U RCY C . -6.36 14.52 -1.85
C1V RCY C . -4.14 13.43 -1.30
N1V RCY C . -5.56 12.85 -3.27
C1W RCY C . -5.42 14.17 -4.00
C1X RCY C . -5.56 13.21 -1.79
C1Y RCY C . -3.98 14.38 -4.50
C1Z RCY C . -6.41 14.22 -5.17
H1S RCY C . -9.73 12.35 -1.53
H1U RCY C . -6.20 15.07 -0.93
C1C RCY D . 0.58 1.03 -12.84
O1G RCY D . 0.11 2.80 -13.69
O1H RCY D . -3.72 3.47 -11.02
O1J RCY D . 1.47 1.89 -10.11
C1L RCY D . -1.34 4.73 -13.30
C1M RCY D . -2.22 0.90 -10.41
C1P RCY D . -0.89 3.28 -13.15
C1Q RCY D . -2.93 3.50 -11.95
N1R RCY D . -1.83 2.48 -12.24
C1S RCY D . -2.84 4.57 -13.02
C1U RCY D . -1.72 1.04 -11.75
C1V RCY D . -0.18 -0.95 -11.44
N1V RCY D . 0.17 1.29 -10.39
C1W RCY D . -1.06 1.27 -9.48
C1X RCY D . -0.27 0.56 -11.65
C1Y RCY D . -0.89 0.20 -8.38
C1Z RCY D . -1.25 2.65 -8.86
H1S RCY D . -3.73 4.09 -13.42
H1U RCY D . -2.26 0.39 -12.41
C1C RCY E . -2.30 -4.55 -8.09
O1G RCY E . -3.69 -5.51 -9.27
O1H RCY E . -1.49 -9.68 -9.12
O1J RCY E . -4.40 -5.39 -6.11
C1L RCY E . -3.91 -7.57 -10.57
C1M RCY E . -1.41 -7.76 -6.47
C1P RCY E . -3.31 -6.66 -9.50
C1Q RCY E . -2.03 -8.65 -9.52
N1R RCY E . -2.16 -7.33 -8.77
C1S RCY E . -2.71 -8.46 -10.87
C1U RCY E . -1.34 -6.84 -7.57
C1V RCY E . -0.89 -4.89 -6.00
N1V RCY E . -3.10 -6.05 -6.25
C1W RCY E . -2.68 -7.40 -5.69
C1X RCY E . -1.88 -5.53 -6.99
C1Y RCY E . -2.38 -7.29 -4.19
C1Z RCY E . -3.79 -8.42 -5.94
H1S RCY E . -1.70 -8.43 -11.25
H1U RCY E . -0.31 -6.71 -7.86
C1C RCY F . 5.54 -9.01 -9.11
O1G RCY F . 5.07 -6.60 -12.51
O1H RCY F . 7.06 -5.80 -8.30
O1J RCY F . 6.24 -7.74 -6.48
C1L RCY F . 7.25 -5.72 -11.83
C1M RCY F . 3.62 -5.89 -8.59
C1P RCY F . 5.83 -6.26 -11.60
C1Q RCY F . 6.71 -5.69 -9.48
N1R RCY F . 5.48 -6.32 -10.12
C1S RCY F . 7.43 -4.89 -10.55
C1U RCY F . 4.22 -6.87 -9.44
C1V RCY F . 3.25 -8.77 -8.08
N1V RCY F . 5.14 -7.30 -7.32
C1W RCY F . 4.33 -6.00 -7.23
C1X RCY F . 4.52 -8.04 -8.51
C1Y RCY F . 3.33 -6.07 -6.09
C1Z RCY F . 5.31 -4.84 -7.03
H1S RCY F . 7.02 -4.03 -10.03
H1U RCY F . 3.51 -7.18 -10.20
C1C RCY G . 4.84 2.41 -4.07
O1G RCY G . 5.63 1.26 -8.87
O1H RCY G . 2.67 3.88 -6.30
O1J RCY G . 5.53 -0.27 -2.90
C1L RCY G . 4.55 3.43 -9.25
C1M RCY G . 4.50 -0.28 -6.58
C1P RCY G . 4.86 2.14 -8.48
C1Q RCY G . 3.22 3.32 -7.24
N1R RCY G . 4.08 2.07 -7.17
C1S RCY G . 3.16 3.73 -8.69
C1U RCY G . 4.15 1.01 -6.06
C1V RCY G . 6.59 1.60 -5.70
N1V RCY G . 5.30 -0.04 -4.31
C1W RCY G . 5.08 -1.08 -5.41
C1X RCY G . 5.25 1.31 -5.04
C1Y RCY G . 6.40 -1.74 -5.80
C1Z RCY G . 4.08 -2.12 -4.91
H1S RCY G . 2.15 3.34 -8.66
H1U RCY G . 3.20 0.96 -5.56
C1C RCY H . 2.75 0.22 1.10
O1G RCY H . 0.43 2.99 -1.57
O1H RCY H . 4.81 3.06 0.20
O1J RCY H . -0.17 -0.12 0.45
C1L RCY H . 1.74 4.69 -0.38
C1M RCY H . 2.11 0.71 -2.51
C1P RCY H . 1.48 3.31 -0.99
C1Q RCY H . 3.60 3.22 0.05
N1R RCY H . 2.67 2.37 -0.80
C1S RCY H . 2.76 4.31 0.69
C1U RCY H . 2.88 0.95 -1.33
C1V RCY H . 2.86 -1.51 -0.74
N1V RCY H . 0.88 0.00 -0.55
C1W RCY H . 0.71 0.28 -2.04
C1X RCY H . 2.38 -0.11 -0.35
C1Y RCY H . 0.26 -0.98 -2.78
C1Z RCY H . -0.30 1.41 -2.24
H1S RCY H . 2.87 3.73 1.59
H1U RCY H . 3.92 0.79 -1.53
C1C RCY I . 3.17 -2.73 -3.52
O1G RCY I . 4.96 -3.65 -3.31
O1H RCY I . 4.20 -4.85 1.20
O1J RCY I . 1.29 -5.08 -3.48
C1L RCY I . 6.11 -5.16 -1.76
C1M RCY I . 1.89 -3.37 -0.11
C1P RCY I . 5.05 -4.13 -2.18
C1Q RCY I . 4.75 -4.54 0.14
N1R RCY I . 4.12 -3.77 -1.02
C1S RCY I . 6.18 -4.86 -0.26
C1U RCY I . 2.89 -2.87 -1.01
C1V RCY I . 1.13 -1.71 -2.42
N1V RCY I . 1.50 -4.19 -2.36
C1W RCY I . 1.07 -4.39 -0.90
C1X RCY I . 2.18 -2.83 -2.36
C1Y RCY I . -0.42 -4.14 -0.74
C1Z RCY I . 1.43 -5.82 -0.48
H1S RCY I . 6.44 -4.08 0.44
H1U RCY I . 3.17 -1.87 -0.72
C1C RCY J . -1.76 -4.88 1.19
O1G RCY J . 0.48 -8.32 3.48
O1H RCY J . 0.86 -7.42 2.98
O1J RCY J . -4.61 -3.98 1.51
C1L RCY J . -1.34 -6.86 2.57
C1M RCY J . -3.91 -7.65 2.38
C1P RCY J . -0.12 -7.77 2.56
C1Q RCY J . -0.27 -7.16 2.57
N1R RCY J . -1.51 -7.97 2.05
C1S RCY J . -1.06 -8.34 2.19
C1U RCY J . -2.76 -7.16 1.69
C1V RCY J . -2.22 -5.58 3.59
N1V RCY J . -4.11 -5.27 1.97
C1W RCY J . -4.92 -6.50 2.40
C1X RCY J . -2.66 -5.70 2.13
C1Y RCY J . -5.48 -6.30 3.81
C1Z RCY J . -6.05 -6.72 1.40
H1S RCY J . -0.32 -8.71 1.50
H1U RCY J . -2.92 -7.21 0.62
C1C RCY K . -3.29 -2.76 -4.02
O1G RCY K . -4.32 -5.55 -0.39
O1H RCY K . -3.41 -0.91 -0.64
O1J RCY K . -1.15 -4.42 -5.34
C1L RCY K . -5.30 -3.58 0.70
C1M RCY K . -1.47 -4.82 -1.54
C1P RCY K . -4.32 -4.33 -0.21
C1Q RCY K . -3.68 -2.04 -0.21
N1R RCY K . -3.32 -3.37 -0.87
C1S RCY K . -4.45 -2.35 1.05
C1U RCY K . -2.23 -3.66 -1.90
C1V RCY K . -3.89 -5.08 -3.19
N1V RCY K . -1.56 -4.57 -3.96
C1W RCY K . -0.84 -5.33 -2.84
C1X RCY K . -2.80 -4.00 -3.28
C1Y RCY K . -1.05 -6.84 -3.00
C1Z RCY K . 0.66 -5.00 -2.90
H1S RCY K . -3.54 -2.07 1.55
H1U RCY K . -1.58 -2.80 -2.00
N MET A 1 14.16 -13.30 12.23
CA MET A 1 13.48 -12.49 13.27
C MET A 1 14.18 -11.13 13.40
N ASN A 2 15.32 -10.98 12.79
CA ASN A 2 16.04 -9.68 12.87
C ASN A 2 15.17 -8.58 12.26
N LEU A 3 15.58 -8.02 11.16
CA LEU A 3 14.78 -6.94 10.52
C LEU A 3 14.70 -5.74 11.47
N GLU A 4 15.43 -4.70 11.19
CA GLU A 4 15.40 -3.50 12.08
C GLU A 4 14.32 -2.52 11.58
N PRO A 5 13.35 -2.20 12.40
CA PRO A 5 12.26 -1.26 12.00
C PRO A 5 12.80 -0.02 11.27
N PRO A 6 11.97 0.62 10.48
CA PRO A 6 12.37 1.83 9.71
C PRO A 6 12.56 3.05 10.62
N LYS A 7 13.26 4.05 10.17
CA LYS A 7 13.47 5.27 10.99
C LYS A 7 12.18 6.10 11.02
N ALA A 8 11.97 6.88 10.00
CA ALA A 8 10.74 7.73 9.95
C ALA A 8 10.90 8.93 10.89
N GLU A 9 11.86 8.87 11.78
CA GLU A 9 12.07 10.01 12.72
C GLU A 9 10.76 10.36 13.40
N CYS A 10 10.04 11.32 12.88
CA CYS A 10 8.74 11.72 13.51
C CYS A 10 7.74 12.06 12.40
N ARG A 11 6.60 12.59 12.76
CA ARG A 11 5.58 12.94 11.74
C ARG A 11 6.17 13.97 10.76
N SER A 12 6.60 13.53 9.61
CA SER A 12 7.17 14.47 8.61
C SER A 12 6.11 14.84 7.58
N ALA A 13 6.39 14.60 6.32
CA ALA A 13 5.39 14.92 5.26
C ALA A 13 4.89 16.36 5.47
N THR A 14 3.62 16.60 5.22
CA THR A 14 3.07 17.97 5.40
C THR A 14 2.39 18.07 6.77
N ARG A 15 1.33 17.35 6.98
CA ARG A 15 0.63 17.43 8.30
C ARG A 15 -0.33 16.24 8.45
N VAL A 16 0.08 15.23 9.16
CA VAL A 16 -0.82 14.05 9.34
C VAL A 16 -1.46 13.66 8.00
N MET A 17 -2.77 13.67 7.93
CA MET A 17 -3.45 13.31 6.65
C MET A 17 -3.22 14.40 5.62
N GLY A 18 -2.06 14.99 5.60
CA GLY A 18 -1.77 16.07 4.61
C GLY A 18 -2.90 17.12 4.65
N GLY A 19 -2.76 18.10 5.49
CA GLY A 19 -3.83 19.15 5.58
C GLY A 19 -5.21 18.49 5.62
N PRO A 20 -6.24 19.25 5.39
CA PRO A 20 -7.64 18.73 5.39
C PRO A 20 -7.79 17.45 4.56
N CYS A 21 -8.95 16.85 4.58
CA CYS A 21 -9.15 15.61 3.80
C CYS A 21 -9.36 15.95 2.32
N THR A 22 -8.31 15.87 1.54
CA THR A 22 -8.44 16.20 0.09
C THR A 22 -7.55 15.25 -0.72
N PRO A 23 -8.11 14.52 -1.65
CA PRO A 23 -7.33 13.56 -2.49
C PRO A 23 -6.49 14.27 -3.56
N ARG A 24 -5.22 13.98 -3.63
CA ARG A 24 -4.36 14.64 -4.66
C ARG A 24 -4.35 13.80 -5.93
N LYS A 25 -3.41 12.91 -6.07
CA LYS A 25 -3.34 12.06 -7.30
C LYS A 25 -3.55 12.94 -8.53
N GLY A 26 -4.15 12.42 -9.57
CA GLY A 26 -4.38 13.22 -10.79
C GLY A 26 -4.45 12.31 -12.02
N PRO A 27 -3.39 11.59 -12.28
CA PRO A 27 -3.32 10.67 -13.45
C PRO A 27 -4.56 9.77 -13.56
N PRO A 28 -5.02 9.50 -14.76
CA PRO A 28 -6.23 8.65 -14.99
C PRO A 28 -6.27 7.45 -14.03
N LYS A 29 -7.43 6.87 -13.85
CA LYS A 29 -7.54 5.71 -12.93
C LYS A 29 -7.04 4.45 -13.65
N CYS A 30 -6.06 4.59 -14.52
CA CYS A 30 -5.55 3.39 -15.24
C CYS A 30 -6.71 2.64 -15.88
N LYS A 31 -7.05 1.50 -15.34
CA LYS A 31 -8.19 0.71 -15.91
C LYS A 31 -9.05 0.19 -14.76
N GLN A 32 -10.12 -0.49 -15.06
CA GLN A 32 -10.99 -1.02 -13.98
C GLN A 32 -10.17 -1.98 -13.11
N ARG A 33 -10.55 -3.24 -13.09
CA ARG A 33 -9.79 -4.22 -12.26
C ARG A 33 -10.05 -5.63 -12.80
N GLN A 34 -9.64 -5.90 -14.01
CA GLN A 34 -9.86 -7.26 -14.59
C GLN A 34 -9.17 -8.31 -13.72
N THR A 35 -9.59 -9.53 -13.79
CA THR A 35 -8.94 -10.59 -12.96
C THR A 35 -8.83 -10.11 -11.52
N ARG A 36 -9.91 -9.71 -10.92
CA ARG A 36 -9.87 -9.22 -9.52
C ARG A 36 -9.04 -10.18 -8.66
N GLN A 37 -8.89 -11.40 -9.10
CA GLN A 37 -8.09 -12.39 -8.32
C GLN A 37 -6.63 -12.31 -8.74
N CYS A 38 -6.37 -12.24 -10.03
CA CYS A 38 -4.96 -12.18 -10.50
C CYS A 38 -4.16 -13.34 -9.89
N LYS A 39 -4.50 -14.54 -10.24
CA LYS A 39 -3.77 -15.73 -9.70
C LYS A 39 -3.37 -16.65 -10.85
N SER A 40 -3.51 -16.18 -12.06
CA SER A 40 -3.14 -17.03 -13.24
C SER A 40 -1.83 -16.52 -13.84
N LYS A 41 -1.41 -15.34 -13.48
CA LYS A 41 -0.13 -14.79 -14.03
C LYS A 41 1.02 -15.19 -13.11
N PRO A 42 2.13 -15.63 -13.66
CA PRO A 42 3.32 -16.05 -12.87
C PRO A 42 4.10 -14.84 -12.32
N PRO A 43 4.91 -15.06 -11.32
CA PRO A 43 5.74 -13.99 -10.69
C PRO A 43 6.93 -13.61 -11.57
N LYS A 44 7.56 -12.49 -11.30
CA LYS A 44 8.73 -12.07 -12.11
C LYS A 44 9.72 -11.29 -11.24
N LYS A 45 9.71 -9.99 -11.33
CA LYS A 45 10.65 -9.16 -10.51
C LYS A 45 10.58 -9.64 -9.06
N GLY A 46 9.44 -9.54 -8.43
CA GLY A 46 9.32 -9.97 -7.02
C GLY A 46 9.92 -11.36 -6.86
N VAL A 47 11.14 -11.46 -6.39
CA VAL A 47 11.77 -12.79 -6.21
C VAL A 47 10.89 -13.65 -5.31
N GLN A 48 10.38 -13.09 -4.24
CA GLN A 48 9.52 -13.87 -3.32
C GLN A 48 8.92 -12.94 -2.27
N GLY A 49 7.75 -12.42 -2.51
CA GLY A 49 7.11 -11.51 -1.51
C GLY A 49 7.35 -10.05 -1.92
N CYS A 50 7.85 -9.82 -3.10
CA CYS A 50 8.10 -8.43 -3.57
C CYS A 50 8.59 -7.57 -2.39
N GLY A 51 9.24 -8.17 -1.44
CA GLY A 51 9.74 -7.40 -0.26
C GLY A 51 11.22 -7.06 -0.46
N ASP A 52 11.78 -6.27 0.42
CA ASP A 52 13.22 -5.90 0.28
C ASP A 52 13.49 -5.38 -1.14
N ASP A 53 12.64 -4.53 -1.64
CA ASP A 53 12.84 -3.98 -3.01
C ASP A 53 13.51 -2.61 -2.91
N ILE A 54 12.91 -1.61 -3.50
CA ILE A 54 13.51 -0.23 -3.45
C ILE A 54 12.59 0.69 -2.63
N PRO A 55 12.85 0.84 -1.36
CA PRO A 55 12.03 1.70 -0.47
C PRO A 55 12.39 3.18 -0.59
N GLY A 56 11.59 3.94 -1.30
CA GLY A 56 11.90 5.39 -1.45
C GLY A 56 10.85 6.04 -2.35
N MET A 57 9.81 5.34 -2.67
CA MET A 57 8.75 5.91 -3.54
C MET A 57 9.33 6.21 -4.93
N GLU A 58 9.58 5.19 -5.71
CA GLU A 58 10.15 5.41 -7.07
C GLU A 58 10.33 4.05 -7.76
N GLY A 59 9.63 3.06 -7.31
CA GLY A 59 9.75 1.70 -7.92
C GLY A 59 9.12 0.67 -7.00
N CYS A 60 7.89 0.87 -6.63
CA CYS A 60 7.22 -0.10 -5.72
C CYS A 60 7.98 -0.16 -4.39
N GLY A 61 7.81 -1.23 -3.66
CA GLY A 61 8.53 -1.34 -2.35
C GLY A 61 8.03 -0.24 -1.41
N THR A 62 8.62 0.93 -1.48
CA THR A 62 8.19 2.07 -0.61
C THR A 62 7.63 1.53 0.70
N ASP A 63 8.47 1.16 1.63
CA ASP A 63 7.98 0.63 2.93
C ASP A 63 7.26 1.75 3.70
N ILE A 64 7.00 2.86 3.06
CA ILE A 64 6.31 3.98 3.75
C ILE A 64 5.25 4.59 2.84
N THR A 65 5.53 4.65 1.56
CA THR A 65 4.55 5.24 0.61
C THR A 65 3.85 6.41 1.31
N VAL A 66 4.61 7.20 2.02
CA VAL A 66 4.02 8.33 2.78
C VAL A 66 3.13 7.76 3.88
N ILE A 67 2.12 7.02 3.51
CA ILE A 67 1.22 6.39 4.52
C ILE A 67 0.91 4.95 4.10
N CYS A 68 1.69 4.00 4.53
CA CYS A 68 1.40 2.58 4.14
C CYS A 68 0.29 2.03 5.04
N PRO A 69 -0.55 1.18 4.53
CA PRO A 69 -1.66 0.58 5.32
C PRO A 69 -1.15 -0.35 6.41
N TRP A 70 0.13 -0.34 6.65
CA TRP A 70 0.70 -1.23 7.70
C TRP A 70 0.50 -0.59 9.07
N GLU A 71 -0.01 0.62 9.11
CA GLU A 71 -0.22 1.30 10.43
C GLU A 71 -1.43 2.24 10.34
N ALA A 72 -1.52 2.99 9.28
CA ALA A 72 -2.68 3.93 9.15
C ALA A 72 -3.93 3.15 8.75
N CYS A 73 -3.93 1.86 8.91
CA CYS A 73 -5.13 1.07 8.54
C CYS A 73 -6.28 1.39 9.50
N ASN A 74 -7.11 2.33 9.15
CA ASN A 74 -8.24 2.70 10.04
C ASN A 74 -9.47 3.08 9.19
N HIS A 75 -10.33 2.13 8.94
CA HIS A 75 -11.55 2.42 8.13
C HIS A 75 -11.15 2.58 6.66
N CYS A 76 -11.78 1.81 5.79
CA CYS A 76 -11.45 1.91 4.34
C CYS A 76 -12.03 0.69 3.62
N GLU A 77 -11.55 -0.49 3.93
CA GLU A 77 -12.08 -1.71 3.26
C GLU A 77 -13.55 -1.91 3.63
N LEU A 78 -14.11 -3.02 3.24
CA LEU A 78 -15.53 -3.29 3.58
C LEU A 78 -15.58 -4.31 4.72
N HIS A 79 -14.63 -5.21 4.74
CA HIS A 79 -14.54 -6.27 5.81
C HIS A 79 -14.93 -7.64 5.23
N GLU A 80 -14.72 -8.67 6.01
CA GLU A 80 -15.04 -10.07 5.58
C GLU A 80 -14.05 -11.00 6.30
N LEU A 81 -13.12 -11.57 5.59
CA LEU A 81 -12.11 -12.45 6.23
C LEU A 81 -10.83 -11.63 6.41
N ALA A 82 -10.51 -10.83 5.44
CA ALA A 82 -9.29 -9.98 5.52
C ALA A 82 -9.51 -8.88 6.57
N GLN A 83 -9.25 -9.16 7.82
CA GLN A 83 -9.44 -8.13 8.87
C GLN A 83 -8.53 -6.93 8.53
N TYR A 84 -7.25 -7.18 8.50
CA TYR A 84 -6.26 -6.10 8.15
C TYR A 84 -5.67 -6.45 6.80
N GLY A 85 -5.89 -7.66 6.37
CA GLY A 85 -5.34 -8.12 5.07
C GLY A 85 -4.62 -9.43 5.31
N ILE A 86 -3.48 -9.60 4.71
CA ILE A 86 -2.69 -10.84 4.90
C ILE A 86 -1.43 -10.71 4.03
N CYS A 87 -1.07 -9.50 3.70
CA CYS A 87 0.14 -9.27 2.86
C CYS A 87 1.40 -9.49 3.71
C1C RCY B . 3.82 12.09 15.82
O1G RCY B . 6.29 8.62 17.97
O1H RCY B . 6.52 12.11 14.80
O1J RCY B . 4.73 12.31 12.96
C1L RCY B . 7.94 10.38 17.53
C1M RCY B . 4.66 8.77 14.43
C1P RCY B . 6.65 9.58 17.29
C1Q RCY B . 6.82 11.18 15.55
N1R RCY B . 5.88 10.10 16.08
C1S RCY B . 8.20 10.89 16.11
C1U RCY B . 4.52 9.67 15.53
C1V RCY B . 2.25 10.45 14.69
N1V RCY B . 4.45 11.05 13.64
C1W RCY B . 4.82 9.64 13.18
C1X RCY B . 3.72 10.84 14.95
C1Y RCY B . 3.89 9.18 12.06
C1Z RCY B . 6.28 9.64 12.70
H1S RCY B . 8.42 10.54 15.11
H1U RCY B . 3.95 9.19 16.32
C1C RCY C . -4.60 13.29 4.13
O1G RCY C . -5.97 14.50 1.76
O1H RCY C . -8.87 11.36 3.77
O1J RCY C . -5.84 11.86 6.47
C1L RCY C . -8.35 14.56 2.38
C1M RCY C . -6.24 10.15 3.06
C1P RCY C . -6.96 13.91 2.22
C1Q RCY C . -8.41 12.23 3.04
N1R RCY C . -6.95 12.46 2.69
C1S RCY C . -9.22 13.31 2.32
C1U RCY C . -5.78 11.49 2.81
C1V RCY C . -3.55 11.00 3.90
N1V RCY C . -5.71 11.28 5.13
C1W RCY C . -6.40 10.04 4.58
C1X RCY C . -4.85 11.79 3.98
C1Y RCY C . -5.73 8.78 5.11
C1Z RCY C . -7.88 10.08 4.98
H1S RCY C . -9.51 12.50 1.66
H1U RCY C . -5.22 11.50 1.89
C1C RCY D . 1.92 1.19 -11.74
O1G RCY D . 0.38 -0.39 -13.44
O1H RCY D . -3.28 2.51 -12.73
O1J RCY D . 2.25 1.72 -8.79
C1L RCY D . -1.71 0.02 -14.66
C1M RCY D . -1.36 1.73 -10.10
C1P RCY D . -0.70 0.20 -13.52
C1Q RCY D . -2.60 1.52 -13.01
N1R RCY D . -1.20 1.21 -12.49
C1S RCY D . -2.99 0.40 -13.94
C1U RCY D . -0.50 1.77 -11.25
C1V RCY D . 0.37 -0.56 -10.75
N1V RCY D . 0.96 1.49 -9.44
C1W RCY D . -0.43 1.76 -8.88
C1X RCY D . 0.71 0.93 -10.83
C1Y RCY D . -0.82 0.67 -7.88
C1Z RCY D . -0.44 3.13 -8.21
H1S RCY D . -3.64 0.09 -13.12
H1U RCY D . -0.18 2.78 -11.44
C1C RCY E . 1.01 -9.15 -9.32
O1G RCY E . -1.90 -5.68 -9.36
O1H RCY E . -2.34 -10.37 -9.16
O1J RCY E . 1.84 -6.30 -9.81
C1L RCY E . -3.26 -7.30 -10.61
C1M RCY E . -0.65 -6.84 -6.94
C1P RCY E . -2.21 -6.85 -9.58
C1Q RCY E . -2.25 -9.23 -9.57
N1R RCY E . -1.60 -8.05 -8.85
C1S RCY E . -2.75 -8.72 -10.91
C1U RCY E . -0.60 -8.07 -7.70
C1V RCY E . 1.81 -8.48 -7.01
N1V RCY E . 1.07 -6.74 -8.66
C1W RCY E . 0.28 -5.86 -7.67
C1X RCY E . 0.85 -8.16 -8.17
C1Y RCY E . 1.24 -5.20 -6.68
C1Z RCY E . -0.51 -4.81 -8.45
H1S RCY E . -1.89 -9.23 -11.32
H1U RCY E . -0.82 -8.90 -7.04
C1C RCY F . 0.51 -7.31 -1.36
O1G RCY F . 2.07 -11.35 -3.81
O1H RCY F . 2.72 -6.81 -2.62
O1J RCY F . 0.79 -5.10 -3.39
C1L RCY F . 4.05 -10.02 -3.27
C1M RCY F . -0.19 -8.53 -4.79
C1P RCY F . 2.56 -10.25 -3.52
C1Q RCY F . 2.85 -7.93 -3.13
N1R RCY F . 1.76 -8.96 -3.37
C1S RCY F . 4.15 -8.54 -3.63
C1U RCY F . 0.24 -8.75 -3.44
C1V RCY F . -1.73 -7.45 -2.53
N1V RCY F . 0.24 -6.42 -3.68
C1W RCY F . -0.01 -7.04 -5.06
C1X RCY F . -0.21 -7.49 -2.70
C1Y RCY F . -1.28 -6.44 -5.69
C1Z RCY F . 1.20 -6.78 -5.96
H1S RCY F . 4.04 -7.85 -4.45
H1U RCY F . -0.26 -9.61 -3.03
C1C RCY G . 0.32 0.04 -7.05
O1G RCY G . 2.03 -1.61 -9.61
O1H RCY G . 4.99 -1.93 -5.95
O1J RCY G . -1.03 -0.64 -4.45
C1L RCY G . 4.47 -1.53 -9.42
C1M RCY G . 2.18 -2.59 -5.22
C1P RCY G . 3.02 -1.62 -8.89
C1Q RCY G . 4.46 -1.58 -7.01
N1R RCY G . 2.98 -1.73 -7.37
C1S RCY G . 5.15 -0.93 -8.18
C1U RCY G . 1.79 -1.93 -6.44
C1V RCY G . 2.23 0.34 -5.42
N1V RCY G . 0.29 -1.13 -4.83
C1W RCY G . 1.09 -2.26 -4.19
C1X RCY G . 1.18 -0.62 -5.97
C1Y RCY G . 1.73 -1.78 -2.88
C1Z RCY G . 0.17 -3.44 -3.94
H1S RCY G . 5.16 -0.05 -7.56
H1U RCY G . 1.04 -2.52 -6.94
C1C RCY H . -0.89 -0.36 -1.61
O1G RCY H . 1.30 -0.96 -0.16
O1H RCY H . 1.07 3.06 2.29
O1J RCY H . -3.14 1.35 -2.67
C1L RCY H . 2.82 0.11 1.43
C1M RCY H . -1.07 2.87 0.18
C1P RCY H . 1.55 -0.01 0.57
C1Q RCY H . 1.49 2.12 1.62
N1R RCY H . 0.66 1.21 0.72
C1S RCY H . 2.92 1.64 1.53
C1U RCY H . -0.74 1.47 0.12
C1V RCY H . 0.35 1.79 -2.15
N1V RCY H . -2.12 1.82 -1.73
C1W RCY H . -2.15 3.09 -0.88
C1X RCY H . -0.81 1.15 -1.37
C1Y RCY H . -1.81 4.31 -1.74
C1Z RCY H . -3.54 3.25 -0.26
H1S RCY H . 3.08 2.52 0.92
H1U RCY H . -1.47 0.89 0.65
C1C RCY I . -8.02 0.21 1.85
O1G RCY I . -5.89 2.28 4.46
O1H RCY I . -5.71 -2.37 5.24
O1J RCY I . -7.08 -1.25 -0.61
C1L RCY I . -5.95 0.92 6.50
C1M RCY I . -4.73 -1.38 2.42
C1P RCY I . -5.90 1.17 4.98
C1Q RCY I . -6.01 -1.18 5.30
N1R RCY I . -5.86 -0.15 4.20
C1S RCY I . -6.60 -0.47 6.51
C1U RCY I . -5.71 -0.36 2.70
C1V RCY I . -7.56 -2.10 2.80
N1V RCY I . -6.42 -1.34 0.69
C1W RCY I . -5.05 -1.90 1.01
C1X RCY I . -6.98 -0.90 2.04
C1Y RCY I . -5.08 -3.43 0.99
C1Z RCY I . -4.04 -1.37 -0.03
H1S RCY I . -7.51 -0.99 6.24
H1U RCY I . -5.41 0.56 2.21
C1C RCY J . -8.56 -5.98 3.01
O1G RCY J . -10.01 -3.88 3.95
O1H RCY J . -7.35 -0.78 1.58
O1J RCY J . -5.86 -7.30 2.93
C1L RCY J . -10.26 -1.50 3.47
C1M RCY J . -5.86 -3.48 2.57
C1P RCY J . -9.54 -2.86 3.45
C1Q RCY J . -8.08 -1.30 2.43
N1R RCY J . -8.20 -2.79 2.73
C1S RCY J . -9.04 -0.58 3.36
C1U RCY J . -7.22 -3.91 2.40
C1V RCY J . -7.34 -4.67 4.82
N1V RCY J . -6.06 -5.85 3.02
C1W RCY J . -5.03 -4.76 2.76
C1X RCY J . -7.34 -5.10 3.35
C1Y RCY J . -4.10 -4.62 3.98
C1Z RCY J . -4.22 -5.09 1.51
H1S RCY J . -8.14 -0.28 3.89
H1U RCY J . -7.37 -4.24 1.39
C1C RCY K . -5.68 -3.96 0.46
O1G RCY K . -4.66 -6.42 0.01
O1H RCY K . -0.48 -5.29 1.90
O1J RCY K . -5.66 -1.04 1.21
C1L RCY K . -2.50 -7.57 0.10
C1M RCY K . -2.40 -2.96 1.84
C1P RCY K . -3.48 -6.41 0.35
C1Q RCY K . -1.35 -5.71 1.13
N1R RCY K . -2.80 -5.25 1.07
C1S RCY K . -1.18 -6.79 0.09
C1U RCY K . -3.42 -3.94 1.58
C1V RCY K . -3.64 -3.14 -0.81
N1V RCY K . -4.47 -1.89 1.19
C1W RCY K . -3.10 -1.60 1.80
C1X RCY K . -4.32 -3.27 0.56
C1Y RCY K . -2.32 -0.61 0.93
C1Z RCY K . -3.30 -1.04 3.21
H1S RCY K . -0.65 -6.03 -0.47
H1U RCY K . -3.98 -4.14 2.48
N MET A 1 -4.99 22.27 11.54
CA MET A 1 -5.89 22.05 12.71
C MET A 1 -6.98 21.04 12.32
N ASN A 2 -6.61 19.81 12.10
CA ASN A 2 -7.63 18.78 11.73
C ASN A 2 -8.81 18.86 12.70
N LEU A 3 -9.95 18.38 12.29
CA LEU A 3 -11.14 18.42 13.19
C LEU A 3 -11.17 17.15 14.05
N GLU A 4 -11.19 16.00 13.43
CA GLU A 4 -11.23 14.74 14.22
C GLU A 4 -10.11 14.75 15.26
N PRO A 5 -10.36 14.21 16.43
CA PRO A 5 -9.34 14.16 17.52
C PRO A 5 -7.93 13.85 17.00
N PRO A 6 -7.07 14.84 16.91
CA PRO A 6 -5.69 14.64 16.42
C PRO A 6 -4.75 14.13 17.52
N LYS A 7 -4.00 13.09 17.25
CA LYS A 7 -3.07 12.54 18.28
C LYS A 7 -1.71 12.27 17.63
N ALA A 8 -0.84 13.25 17.63
CA ALA A 8 0.50 13.06 17.02
C ALA A 8 0.37 12.34 15.67
N GLU A 9 -0.04 13.05 14.65
CA GLU A 9 -0.21 12.41 13.32
C GLU A 9 1.16 12.33 12.62
N CYS A 10 2.22 12.51 13.36
CA CYS A 10 3.58 12.44 12.75
C CYS A 10 3.64 13.41 11.56
N ARG A 11 3.91 14.66 11.83
CA ARG A 11 3.98 15.65 10.71
C ARG A 11 2.66 15.65 9.95
N SER A 12 2.42 16.65 9.16
CA SER A 12 1.15 16.71 8.38
C SER A 12 1.39 17.47 7.08
N ALA A 13 0.75 18.60 6.92
CA ALA A 13 0.94 19.39 5.66
C ALA A 13 0.75 18.48 4.46
N THR A 14 1.08 18.96 3.28
CA THR A 14 0.90 18.12 2.07
C THR A 14 1.71 18.73 0.91
N ARG A 15 1.41 19.94 0.53
CA ARG A 15 2.16 20.58 -0.58
C ARG A 15 2.13 19.65 -1.80
N VAL A 16 3.27 19.23 -2.26
CA VAL A 16 3.30 18.33 -3.45
C VAL A 16 4.60 17.52 -3.43
N MET A 17 5.23 17.41 -2.29
CA MET A 17 6.49 16.64 -2.20
C MET A 17 7.51 17.21 -3.19
N GLY A 18 8.75 16.83 -3.07
CA GLY A 18 9.79 17.35 -4.00
C GLY A 18 11.10 16.60 -3.79
N GLY A 19 12.22 17.22 -4.03
CA GLY A 19 13.52 16.54 -3.84
C GLY A 19 13.76 15.58 -5.01
N PRO A 20 14.72 15.86 -5.86
CA PRO A 20 15.03 14.99 -7.03
C PRO A 20 15.04 13.51 -6.66
N CYS A 21 14.50 12.66 -7.50
CA CYS A 21 14.47 11.20 -7.20
C CYS A 21 14.95 10.43 -8.43
N THR A 22 16.20 10.06 -8.46
CA THR A 22 16.74 9.30 -9.62
C THR A 22 15.86 8.08 -9.92
N PRO A 23 15.12 8.10 -11.00
CA PRO A 23 14.24 6.96 -11.38
C PRO A 23 14.99 5.90 -12.20
N ARG A 24 15.10 4.71 -11.69
CA ARG A 24 15.81 3.63 -12.44
C ARG A 24 16.01 2.42 -11.52
N LYS A 25 17.06 2.41 -10.75
CA LYS A 25 17.29 1.25 -9.83
C LYS A 25 16.09 1.11 -8.89
N GLY A 26 15.11 0.35 -9.29
CA GLY A 26 13.91 0.17 -8.42
C GLY A 26 14.33 -0.48 -7.10
N PRO A 27 13.49 -0.40 -6.10
CA PRO A 27 13.78 -0.99 -4.76
C PRO A 27 14.38 -2.40 -4.86
N PRO A 28 15.56 -2.62 -4.33
CA PRO A 28 16.22 -3.96 -4.37
C PRO A 28 15.25 -5.08 -4.01
N LYS A 29 15.55 -6.29 -4.42
CA LYS A 29 14.65 -7.43 -4.11
C LYS A 29 14.26 -7.37 -2.63
N CYS A 30 15.15 -6.89 -1.79
CA CYS A 30 14.84 -6.80 -0.34
C CYS A 30 14.41 -8.18 0.18
N LYS A 31 14.39 -8.35 1.48
CA LYS A 31 13.99 -9.67 2.04
C LYS A 31 13.87 -9.56 3.56
N GLN A 32 13.82 -10.67 4.25
CA GLN A 32 13.71 -10.62 5.73
C GLN A 32 12.30 -10.19 6.13
N ARG A 33 11.46 -9.92 5.18
CA ARG A 33 10.07 -9.48 5.51
C ARG A 33 9.36 -10.57 6.29
N GLN A 34 8.75 -11.52 5.62
CA GLN A 34 8.04 -12.62 6.34
C GLN A 34 7.47 -13.61 5.32
N THR A 35 6.31 -13.33 4.79
CA THR A 35 5.70 -14.24 3.78
C THR A 35 4.26 -13.78 3.48
N ARG A 36 3.52 -13.44 4.49
CA ARG A 36 2.12 -12.99 4.28
C ARG A 36 1.43 -12.83 5.64
N GLN A 37 2.15 -13.08 6.70
CA GLN A 37 1.56 -12.95 8.06
C GLN A 37 1.23 -11.48 8.35
N CYS A 38 -0.02 -11.12 8.26
CA CYS A 38 -0.41 -9.71 8.54
C CYS A 38 -1.91 -9.62 8.80
N LYS A 39 -2.69 -10.36 8.06
CA LYS A 39 -4.16 -10.31 8.26
C LYS A 39 -4.48 -10.62 9.72
N SER A 40 -5.44 -9.93 10.27
CA SER A 40 -5.81 -10.16 11.70
C SER A 40 -7.32 -9.92 11.87
N LYS A 41 -7.84 -8.90 11.23
CA LYS A 41 -9.29 -8.62 11.35
C LYS A 41 -10.03 -9.25 10.16
N PRO A 42 -11.28 -9.62 10.35
CA PRO A 42 -12.10 -10.24 9.26
C PRO A 42 -12.47 -9.22 8.18
N PRO A 43 -12.85 -9.69 7.02
CA PRO A 43 -13.25 -8.81 5.88
C PRO A 43 -14.56 -8.08 6.16
N LYS A 44 -14.55 -6.77 6.08
CA LYS A 44 -15.79 -5.99 6.34
C LYS A 44 -15.97 -4.94 5.24
N LYS A 45 -14.99 -4.77 4.40
CA LYS A 45 -15.10 -3.78 3.30
C LYS A 45 -13.92 -3.96 2.33
N GLY A 46 -13.71 -3.01 1.46
CA GLY A 46 -12.57 -3.13 0.50
C GLY A 46 -12.63 -4.50 -0.19
N VAL A 47 -13.81 -4.98 -0.49
CA VAL A 47 -13.94 -6.31 -1.16
C VAL A 47 -13.26 -7.38 -0.29
N GLN A 48 -13.64 -8.62 -0.47
CA GLN A 48 -13.02 -9.71 0.33
C GLN A 48 -12.12 -10.56 -0.56
N GLY A 49 -11.78 -10.06 -1.72
CA GLY A 49 -10.90 -10.85 -2.64
C GLY A 49 -9.51 -11.01 -2.01
N CYS A 50 -8.75 -11.97 -2.46
CA CYS A 50 -7.39 -12.17 -1.90
C CYS A 50 -6.50 -12.84 -2.93
N GLY A 51 -6.81 -12.69 -4.19
CA GLY A 51 -5.99 -13.32 -5.25
C GLY A 51 -5.96 -14.84 -5.06
N ASP A 52 -5.16 -15.32 -4.15
CA ASP A 52 -5.10 -16.79 -3.91
C ASP A 52 -4.88 -17.52 -5.25
N ASP A 53 -3.92 -17.09 -6.00
CA ASP A 53 -3.66 -17.75 -7.32
C ASP A 53 -2.28 -17.34 -7.84
N ILE A 54 -2.22 -16.26 -8.57
CA ILE A 54 -0.90 -15.80 -9.11
C ILE A 54 -0.11 -15.10 -7.99
N PRO A 55 1.09 -15.56 -7.71
CA PRO A 55 1.94 -14.95 -6.65
C PRO A 55 2.60 -13.65 -7.15
N GLY A 56 3.73 -13.29 -6.60
CA GLY A 56 4.41 -12.05 -7.05
C GLY A 56 4.96 -12.27 -8.47
N MET A 57 4.31 -13.07 -9.26
CA MET A 57 4.80 -13.32 -10.64
C MET A 57 6.27 -13.70 -10.60
N GLU A 58 7.15 -12.75 -10.68
CA GLU A 58 8.62 -13.05 -10.65
C GLU A 58 9.15 -12.78 -9.24
N GLY A 59 8.45 -12.00 -8.46
CA GLY A 59 8.92 -11.69 -7.08
C GLY A 59 8.96 -10.17 -6.89
N CYS A 60 9.84 -9.69 -6.05
CA CYS A 60 9.92 -8.21 -5.83
C CYS A 60 10.97 -7.62 -6.77
N GLY A 61 11.80 -8.45 -7.35
CA GLY A 61 12.83 -7.94 -8.29
C GLY A 61 12.16 -7.10 -9.36
N THR A 62 11.01 -7.54 -9.83
CA THR A 62 10.29 -6.77 -10.88
C THR A 62 10.16 -5.31 -10.45
N ASP A 63 10.73 -4.42 -11.21
CA ASP A 63 10.65 -2.98 -10.85
C ASP A 63 9.22 -2.48 -11.03
N ILE A 64 8.26 -3.17 -10.46
CA ILE A 64 6.82 -2.75 -10.57
C ILE A 64 6.51 -2.28 -11.99
N THR A 65 7.39 -2.53 -12.93
CA THR A 65 7.16 -2.09 -14.33
C THR A 65 6.14 -0.95 -14.34
N VAL A 66 6.33 0.03 -13.48
CA VAL A 66 5.37 1.16 -13.39
C VAL A 66 4.08 0.64 -12.75
N ILE A 67 3.63 -0.50 -13.17
CA ILE A 67 2.39 -1.11 -12.59
C ILE A 67 2.62 -2.60 -12.38
N CYS A 68 2.78 -3.03 -11.16
CA CYS A 68 2.99 -4.48 -10.92
C CYS A 68 1.73 -5.23 -11.34
N PRO A 69 1.83 -6.20 -12.24
CA PRO A 69 0.65 -6.95 -12.75
C PRO A 69 -0.07 -7.77 -11.68
N TRP A 70 0.64 -8.38 -10.76
CA TRP A 70 -0.06 -9.19 -9.73
C TRP A 70 -0.78 -8.25 -8.75
N GLU A 71 -1.43 -7.24 -9.25
CA GLU A 71 -2.15 -6.30 -8.34
C GLU A 71 -3.12 -5.43 -9.16
N ALA A 72 -3.14 -5.61 -10.45
CA ALA A 72 -4.06 -4.80 -11.31
C ALA A 72 -5.51 -5.17 -11.00
N CYS A 73 -5.82 -5.46 -9.76
CA CYS A 73 -7.21 -5.83 -9.41
C CYS A 73 -8.14 -4.65 -9.75
N ASN A 74 -7.69 -3.45 -9.54
CA ASN A 74 -8.55 -2.27 -9.85
C ASN A 74 -9.82 -2.33 -9.00
N HIS A 75 -9.68 -2.27 -7.70
CA HIS A 75 -10.88 -2.33 -6.82
C HIS A 75 -10.48 -1.88 -5.41
N CYS A 76 -11.26 -2.23 -4.41
CA CYS A 76 -10.96 -1.83 -3.02
C CYS A 76 -10.88 -0.30 -2.93
N GLU A 77 -10.92 0.37 -4.04
CA GLU A 77 -10.87 1.87 -4.01
C GLU A 77 -12.05 2.40 -3.21
N LEU A 78 -11.81 2.90 -2.02
CA LEU A 78 -12.93 3.44 -1.20
C LEU A 78 -13.30 4.84 -1.70
N HIS A 79 -12.84 5.86 -1.03
CA HIS A 79 -13.17 7.24 -1.48
C HIS A 79 -12.35 8.26 -0.66
N GLU A 80 -11.05 8.22 -0.78
CA GLU A 80 -10.21 9.17 -0.02
C GLU A 80 -8.85 9.34 -0.71
N LEU A 81 -8.10 8.27 -0.82
CA LEU A 81 -6.77 8.36 -1.48
C LEU A 81 -6.88 7.88 -2.93
N ALA A 82 -8.01 7.35 -3.29
CA ALA A 82 -8.19 6.86 -4.70
C ALA A 82 -8.17 8.03 -5.67
N GLN A 83 -7.39 9.05 -5.41
CA GLN A 83 -7.35 10.21 -6.34
C GLN A 83 -7.21 9.71 -7.78
N TYR A 84 -6.61 8.56 -7.94
CA TYR A 84 -6.43 7.98 -9.30
C TYR A 84 -5.91 6.55 -9.16
N GLY A 85 -6.10 5.95 -8.02
CA GLY A 85 -5.61 4.56 -7.83
C GLY A 85 -4.10 4.58 -7.55
N ILE A 86 -3.31 4.97 -8.53
CA ILE A 86 -1.83 5.02 -8.34
C ILE A 86 -1.32 3.65 -7.92
N CYS A 87 -2.19 2.71 -7.70
CA CYS A 87 -1.74 1.35 -7.27
C CYS A 87 -0.76 0.81 -8.32
C1C RCY B . -3.38 10.66 11.22
O1G RCY B . -1.78 10.96 13.64
O1H RCY B . 2.09 10.92 10.92
O1J RCY B . -3.97 11.16 8.30
C1L RCY B . 0.57 10.43 14.07
C1M RCY B . -0.31 11.57 9.36
C1P RCY B . -0.64 10.83 13.21
C1Q RCY B . 1.24 10.62 11.76
N1R RCY B . -0.23 11.02 11.75
C1S RCY B . 1.46 9.79 13.01
C1U RCY B . -1.08 11.50 10.57
C1V RCY B . -1.72 9.10 10.11
N1V RCY B . -2.63 11.07 8.86
C1W RCY B . -1.32 11.49 8.20
C1X RCY B . -2.22 10.54 10.22
C1Y RCY B . -0.87 10.46 7.16
C1Z RCY B . -1.51 12.86 7.55
H1S RCY B . 1.49 8.96 12.32
H1U RCY B . -1.49 12.48 10.78
C1C RCY C . 8.02 6.53 -6.87
O1G RCY C . 13.24 8.43 -6.44
O1H RCY C . 12.34 8.57 -8.56
O1J RCY C . 5.70 8.27 -6.08
C1L RCY C . 11.08 8.57 -7.65
C1M RCY C . 9.17 9.92 -5.90
C1P RCY C . 12.14 8.90 -6.61
C1Q RCY C . 11.67 8.97 -7.63
N1R RCY C . 10.75 8.21 -6.65
C1S RCY C . 11.60 8.49 -6.19
C1U RCY C . 9.39 8.50 -6.05
C1V RCY C . 8.39 8.52 -8.38
N1V RCY C . 7.07 8.76 -6.27
C1W RCY C . 7.64 10.11 -5.84
C1X RCY C . 8.23 8.04 -6.94
C1Y RCY C . 7.20 11.21 -6.79
C1Z RCY C . 7.19 10.41 -4.41
H1S RCY C . 11.09 9.22 -5.58
H1U RCY C . 9.31 8.02 -5.08
C1C RCY D . 9.92 -2.49 -5.39
O1G RCY D . 11.00 -2.55 -2.95
O1H RCY D . 10.89 -7.25 -2.72
O1J RCY D . 7.77 -3.34 -7.32
C1L RCY D . 11.85 -4.16 -1.32
C1M RCY D . 8.83 -5.97 -4.75
C1P RCY D . 11.11 -3.71 -2.59
C1Q RCY D . 10.84 -6.07 -2.42
N1R RCY D . 10.53 -4.90 -3.35
C1S RCY D . 11.11 -5.48 -1.04
C1U RCY D . 9.81 -4.94 -4.70
C1V RCY D . 8.12 -3.28 -3.80
N1V RCY D . 8.16 -4.12 -6.16
C1W RCY D . 7.83 -5.57 -5.85
C1X RCY D . 9.01 -3.66 -4.97
C1Y RCY D . 6.39 -5.71 -5.34
C1Z RCY D . 8.04 -6.42 -7.11
H1S RCY D . 10.14 -5.88 -0.80
H1U RCY D . 10.53 -5.08 -5.49
C1C RCY E . -0.86 -7.09 1.40
O1G RCY E . -1.92 -4.07 4.15
O1H RCY E . -1.19 -8.54 5.49
O1J RCY E . -3.15 -7.16 -0.56
C1L RCY E . -0.76 -5.09 6.05
C1M RCY E . -4.10 -6.54 3.11
C1P RCY E . -1.60 -5.09 4.77
C1Q RCY E . -1.44 -7.34 5.50
N1R RCY E . -1.98 -6.51 4.35
C1S RCY E . -1.24 -6.40 6.68
C1U RCY E . -2.73 -6.98 3.10
C1V RCY E . -1.99 -4.88 1.89
N1V RCY E . -3.28 -6.74 0.83
C1W RCY E . -4.56 -6.57 1.65
C1X RCY E . -2.16 -6.40 1.81
C1Y RCY E . -5.25 -5.26 1.27
C1Z RCY E . -5.48 -7.76 1.38
H1S RCY E . -2.12 -6.87 7.07
H1U RCY E . -2.71 -8.06 3.05
C1C RCY F . -0.49 -11.26 -0.15
O1G RCY F . -4.90 -8.02 0.48
O1H RCY F . -3.01 -12.32 0.01
O1J RCY F . 1.64 -9.20 0.36
C1L RCY F . -5.83 -10.28 0.56
C1M RCY F . -1.97 -7.93 0.46
C1P RCY F . -4.74 -9.24 0.37
C1Q RCY F . -3.77 -11.36 -0.07
N1R RCY F . -3.39 -9.89 0.05
C1S RCY F . -5.27 -11.42 -0.29
C1U RCY F . -2.02 -9.24 -0.13
C1V RCY F . -1.28 -10.30 2.06
N1V RCY F . 0.21 -8.97 0.54
C1W RCY F . -0.50 -7.63 0.72
C1X RCY F . -0.91 -10.00 0.60
C1Y RCY F . -0.30 -7.10 2.14
C1Z RCY F . 0.06 -6.63 -0.29
H1S RCY F . -5.00 -11.66 -1.31
H1U RCY F . -1.77 -9.17 -1.18
C1C RCY G . 5.35 -2.89 -1.41
O1G RCY G . 5.43 -7.88 -1.49
O1H RCY G . 7.48 -4.28 -3.77
O1J RCY G . 2.41 -2.54 -0.86
C1L RCY G . 7.69 -7.52 -2.39
C1M RCY G . 3.43 -5.87 -2.46
C1P RCY G . 6.22 -7.16 -2.10
C1Q RCY G . 7.14 -5.41 -3.43
N1R RCY G . 5.86 -5.78 -2.69
C1S RCY G . 7.92 -6.69 -3.66
C1U RCY G . 4.56 -5.00 -2.56
C1V RCY G . 4.85 -4.97 -0.05
N1V RCY G . 3.02 -3.80 -1.28
C1W RCY G . 2.31 -5.04 -1.80
C1X RCY G . 4.50 -4.15 -1.29
C1Y RCY G . 1.67 -5.82 -0.65
C1Z RCY G . 1.26 -4.63 -2.83
H1S RCY G . 7.60 -6.59 -4.67
H1U RCY G . 4.44 -4.36 -3.43
C1C RCY H . 0.76 -3.25 -2.99
O1G RCY H . 2.43 0.39 -6.79
O1H RCY H . 0.84 -3.92 -5.67
O1J RCY H . -0.41 -1.38 -0.94
C1L RCY H . 2.18 -1.68 -8.06
C1M RCY H . 0.80 0.25 -4.19
C1P RCY H . 2.11 -0.80 -6.80
C1Q RCY H . 1.51 -2.99 -6.15
N1R RCY H . 1.62 -1.58 -5.60
C1S RCY H . 2.36 -3.06 -7.40
C1U RCY H . 1.32 -1.09 -4.18
C1V RCY H . -1.00 -2.07 -4.36
N1V RCY H . -0.08 -0.99 -2.31
C1W RCY H . 0.04 0.42 -2.87
C1X RCY H . 0.23 -1.91 -3.48
C1Y RCY H . -1.35 1.02 -3.12
C1Z RCY H . 0.82 1.30 -1.89
H1S RCY H . 3.04 -3.61 -6.79
H1U RCY H . 2.22 -1.11 -3.58
C1C RCY I . -3.89 -2.79 -3.37
O1G RCY I . -3.56 -3.68 -5.14
O1H RCY I . -7.15 -6.72 -4.76
O1J RCY I . -6.31 -1.20 -4.19
C1L RCY I . -4.56 -5.29 -6.69
C1M RCY I . -7.02 -4.59 -2.54
C1P RCY I . -4.38 -4.56 -5.34
C1Q RCY I . -6.06 -6.21 -5.03
N1R RCY I . -5.37 -5.07 -4.29
C1S RCY I . -5.16 -6.61 -6.19
C1U RCY I . -5.62 -4.57 -2.87
C1V RCY I . -5.18 -2.72 -1.19
N1V RCY I . -6.36 -2.42 -3.38
C1W RCY I . -7.59 -3.26 -3.05
C1X RCY I . -5.21 -3.12 -2.67
C1Y RCY I . -8.43 -2.59 -1.97
C1Z RCY I . -8.41 -3.46 -4.32
H1S RCY I . -4.93 -7.47 -5.58
H1U RCY I . -5.07 -5.19 -2.18
C1C RCY J . -2.79 -3.40 0.47
O1G RCY J . -3.82 -1.84 -0.24
O1H RCY J . -8.00 -4.04 -0.24
O1J RCY J . -3.69 -2.94 3.30
C1L RCY J . -6.10 -1.11 -0.78
C1M RCY J . -5.73 -5.49 1.30
C1P RCY J . -5.01 -2.13 -0.37
C1Q RCY J . -7.05 -3.32 -0.54
N1R RCY J . -5.59 -3.52 -0.15
C1S RCY J . -7.12 -2.08 -1.40
C1U RCY J . -4.91 -4.79 0.36
C1V RCY J . -2.80 -5.77 1.36
N1V RCY J . -4.20 -4.01 2.45
C1W RCY J . -5.45 -4.86 2.67
C1X RCY J . -3.63 -4.50 1.13
C1Y RCY J . -5.17 -5.94 3.71
C1Z RCY J . -6.60 -3.97 3.11
H1S RCY J . -7.24 -2.77 -2.22
H1U RCY J . -4.68 -5.43 -0.48
C1C RCY K . -1.32 -4.36 -6.22
O1G RCY K . -2.70 -2.02 -1.53
O1H RCY K . -2.24 -1.67 -6.22
O1J RCY K . -0.19 -6.91 -5.06
C1L RCY K . -3.61 -0.48 -3.19
C1M RCY K . -1.06 -4.15 -2.53
C1P RCY K . -2.76 -1.66 -2.69
C1Q RCY K . -2.33 -1.40 -5.02
N1R RCY K . -1.99 -2.30 -3.84
C1S RCY K . -2.83 -0.07 -4.44
C1U RCY K . -1.10 -3.55 -3.83
C1V RCY K . -3.10 -4.94 -4.50
N1V RCY K . -0.77 -5.82 -4.26
C1W RCY K . -0.64 -5.61 -2.75
C1X RCY K . -1.61 -4.65 -4.74
C1Y RCY K . -1.58 -6.56 -2.01
C1Z RCY K . 0.80 -5.84 -2.33
H1S RCY K . -1.87 0.30 -4.75
H1U RCY K . -0.09 -3.27 -4.13
N MET A 1 4.37 22.75 2.72
CA MET A 1 5.22 23.67 3.53
C MET A 1 5.96 22.89 4.61
N ASN A 2 6.12 21.60 4.41
CA ASN A 2 6.84 20.77 5.42
C ASN A 2 8.34 20.75 5.10
N LEU A 3 9.04 21.80 5.45
CA LEU A 3 10.50 21.83 5.16
C LEU A 3 11.24 20.98 6.19
N GLU A 4 10.81 21.01 7.42
CA GLU A 4 11.48 20.19 8.47
C GLU A 4 11.05 18.72 8.30
N PRO A 5 11.97 17.81 8.14
CA PRO A 5 11.65 16.36 7.96
C PRO A 5 10.51 15.92 8.89
N PRO A 6 9.63 15.06 8.41
CA PRO A 6 8.48 14.55 9.22
C PRO A 6 8.93 13.54 10.28
N LYS A 7 8.08 13.24 11.22
CA LYS A 7 8.44 12.26 12.30
C LYS A 7 9.18 11.07 11.66
N ALA A 8 8.48 10.01 11.40
CA ALA A 8 9.12 8.80 10.79
C ALA A 8 10.27 8.31 11.67
N GLU A 9 11.36 9.04 11.71
CA GLU A 9 12.51 8.61 12.55
C GLU A 9 12.93 7.19 12.16
N CYS A 10 13.54 6.47 13.07
CA CYS A 10 13.98 5.09 12.74
C CYS A 10 14.89 5.11 11.51
N ARG A 11 16.13 4.75 11.68
CA ARG A 11 17.09 4.75 10.54
C ARG A 11 16.90 6.04 9.72
N SER A 12 17.38 6.06 8.51
CA SER A 12 17.24 7.29 7.68
C SER A 12 17.88 7.07 6.31
N ALA A 13 18.54 5.95 6.13
CA ALA A 13 19.20 5.67 4.82
C ALA A 13 18.28 4.80 3.97
N THR A 14 17.22 4.30 4.54
CA THR A 14 16.28 3.43 3.77
C THR A 14 14.93 3.38 4.50
N ARG A 15 14.64 4.35 5.32
CA ARG A 15 13.35 4.35 6.05
C ARG A 15 12.26 4.95 5.16
N VAL A 16 12.23 6.25 5.06
CA VAL A 16 11.19 6.90 4.21
C VAL A 16 11.78 7.20 2.82
N MET A 17 11.78 8.44 2.43
CA MET A 17 12.33 8.80 1.09
C MET A 17 13.80 8.38 1.02
N GLY A 18 14.31 8.15 -0.17
CA GLY A 18 15.73 7.74 -0.32
C GLY A 18 16.34 8.46 -1.53
N GLY A 19 16.28 9.76 -1.53
CA GLY A 19 16.83 10.52 -2.69
C GLY A 19 15.79 10.58 -3.81
N PRO A 20 16.13 11.22 -4.90
CA PRO A 20 15.21 11.35 -6.08
C PRO A 20 14.70 9.99 -6.58
N CYS A 21 13.90 9.32 -5.79
CA CYS A 21 13.37 8.00 -6.24
C CYS A 21 12.37 8.21 -7.37
N THR A 22 12.81 8.10 -8.60
CA THR A 22 11.87 8.29 -9.74
C THR A 22 12.26 7.34 -10.88
N PRO A 23 11.63 6.20 -10.98
CA PRO A 23 11.90 5.22 -12.07
C PRO A 23 11.63 5.82 -13.45
N ARG A 24 10.40 6.17 -13.71
CA ARG A 24 10.05 6.77 -15.03
C ARG A 24 8.72 7.53 -14.88
N LYS A 25 7.71 7.10 -15.58
CA LYS A 25 6.39 7.79 -15.48
C LYS A 25 5.33 6.76 -15.06
N GLY A 26 4.37 7.18 -14.28
CA GLY A 26 3.31 6.23 -13.83
C GLY A 26 2.30 5.99 -14.96
N PRO A 27 1.76 4.80 -15.06
CA PRO A 27 0.76 4.46 -16.10
C PRO A 27 -0.29 5.57 -16.28
N PRO A 28 -0.96 5.60 -17.41
CA PRO A 28 -2.01 6.61 -17.69
C PRO A 28 -2.87 6.91 -16.46
N LYS A 29 -3.38 8.11 -16.35
CA LYS A 29 -4.22 8.45 -15.17
C LYS A 29 -5.25 7.33 -14.93
N CYS A 30 -4.92 6.37 -14.12
CA CYS A 30 -5.87 5.26 -13.84
C CYS A 30 -7.07 5.80 -13.07
N LYS A 31 -6.91 6.89 -12.37
CA LYS A 31 -8.05 7.46 -11.59
C LYS A 31 -9.28 7.59 -12.49
N GLN A 32 -9.10 7.40 -13.78
CA GLN A 32 -10.27 7.50 -14.70
C GLN A 32 -11.15 6.26 -14.53
N ARG A 33 -10.63 5.23 -13.94
CA ARG A 33 -11.44 3.99 -13.74
C ARG A 33 -12.17 4.07 -12.40
N GLN A 34 -12.53 2.96 -11.83
CA GLN A 34 -13.25 2.98 -10.54
C GLN A 34 -13.09 1.62 -9.84
N THR A 35 -14.17 0.98 -9.50
CA THR A 35 -14.08 -0.36 -8.82
C THR A 35 -15.06 -1.33 -9.47
N ARG A 36 -15.93 -1.91 -8.70
CA ARG A 36 -16.92 -2.87 -9.27
C ARG A 36 -16.19 -4.10 -9.83
N GLN A 37 -14.91 -3.98 -10.08
CA GLN A 37 -14.16 -5.14 -10.63
C GLN A 37 -13.79 -6.08 -9.49
N CYS A 38 -14.71 -6.34 -8.60
CA CYS A 38 -14.42 -7.25 -7.46
C CYS A 38 -15.69 -7.98 -7.05
N LYS A 39 -15.65 -9.29 -6.98
CA LYS A 39 -16.87 -10.05 -6.59
C LYS A 39 -16.48 -11.46 -6.17
N SER A 40 -15.33 -11.92 -6.59
CA SER A 40 -14.89 -13.30 -6.22
C SER A 40 -14.33 -13.28 -4.81
N LYS A 41 -14.64 -12.27 -4.04
CA LYS A 41 -14.13 -12.19 -2.64
C LYS A 41 -15.28 -12.49 -1.66
N PRO A 42 -15.29 -13.67 -1.07
CA PRO A 42 -16.35 -14.06 -0.11
C PRO A 42 -16.10 -13.49 1.29
N PRO A 43 -17.13 -13.43 2.10
CA PRO A 43 -17.02 -12.90 3.50
C PRO A 43 -16.24 -13.84 4.41
N LYS A 44 -15.18 -13.35 5.02
CA LYS A 44 -14.37 -14.21 5.92
C LYS A 44 -13.29 -13.35 6.60
N LYS A 45 -13.70 -12.40 7.38
CA LYS A 45 -12.73 -11.51 8.08
C LYS A 45 -11.56 -12.34 8.60
N GLY A 46 -10.39 -12.17 8.04
CA GLY A 46 -9.21 -12.95 8.51
C GLY A 46 -8.09 -12.85 7.47
N VAL A 47 -6.89 -13.22 7.84
CA VAL A 47 -5.76 -13.14 6.87
C VAL A 47 -6.08 -14.00 5.65
N GLN A 48 -7.12 -14.78 5.71
CA GLN A 48 -7.49 -15.63 4.54
C GLN A 48 -8.33 -14.82 3.56
N GLY A 49 -9.47 -14.34 3.99
CA GLY A 49 -10.33 -13.54 3.07
C GLY A 49 -9.99 -12.06 3.20
N CYS A 50 -10.95 -11.20 2.97
CA CYS A 50 -10.69 -9.74 3.09
C CYS A 50 -10.73 -9.32 4.56
N GLY A 51 -9.63 -9.43 5.25
CA GLY A 51 -9.62 -9.03 6.69
C GLY A 51 -9.48 -7.51 6.80
N ASP A 52 -8.86 -7.04 7.85
CA ASP A 52 -8.68 -5.57 8.02
C ASP A 52 -10.06 -4.91 8.17
N ASP A 53 -10.42 -4.56 9.37
CA ASP A 53 -11.74 -3.91 9.59
C ASP A 53 -11.64 -2.42 9.25
N ILE A 54 -10.44 -1.93 9.07
CA ILE A 54 -10.26 -0.48 8.75
C ILE A 54 -9.66 -0.35 7.34
N PRO A 55 -10.50 -0.25 6.33
CA PRO A 55 -10.05 -0.13 4.92
C PRO A 55 -9.67 1.32 4.58
N GLY A 56 -8.80 1.93 5.33
CA GLY A 56 -8.40 3.33 5.04
C GLY A 56 -9.57 4.27 5.31
N MET A 57 -10.53 3.83 6.08
CA MET A 57 -11.72 4.70 6.37
C MET A 57 -12.44 5.07 5.07
N GLU A 58 -11.79 4.88 3.95
CA GLU A 58 -12.44 5.22 2.65
C GLU A 58 -11.52 4.79 1.50
N GLY A 59 -10.26 4.59 1.79
CA GLY A 59 -9.31 4.16 0.72
C GLY A 59 -7.96 4.86 0.93
N CYS A 60 -7.98 6.08 1.39
CA CYS A 60 -6.70 6.82 1.61
C CYS A 60 -6.49 7.02 3.11
N GLY A 61 -5.99 6.03 3.79
CA GLY A 61 -5.74 6.17 5.26
C GLY A 61 -4.33 6.68 5.49
N THR A 62 -4.07 7.92 5.18
CA THR A 62 -2.70 8.48 5.38
C THR A 62 -2.23 8.18 6.80
N ASP A 63 -3.11 7.71 7.65
CA ASP A 63 -2.69 7.40 9.04
C ASP A 63 -1.43 6.54 9.00
N ILE A 64 -1.11 6.02 7.85
CA ILE A 64 0.11 5.18 7.70
C ILE A 64 1.17 5.95 6.91
N THR A 65 1.26 5.70 5.64
CA THR A 65 2.27 6.38 4.76
C THR A 65 2.69 5.40 3.67
N VAL A 66 2.92 4.16 4.05
CA VAL A 66 3.31 3.13 3.05
C VAL A 66 2.57 1.82 3.34
N ILE A 67 3.04 1.03 4.29
CA ILE A 67 2.35 -0.26 4.61
C ILE A 67 1.68 -0.15 5.98
N CYS A 68 0.39 0.06 5.99
CA CYS A 68 -0.37 0.19 7.27
C CYS A 68 -0.30 -1.14 8.04
N PRO A 69 -0.48 -1.09 9.34
CA PRO A 69 -0.42 -2.29 10.21
C PRO A 69 -1.67 -3.19 10.12
N TRP A 70 -2.81 -2.62 9.82
CA TRP A 70 -4.03 -3.48 9.74
C TRP A 70 -3.92 -4.39 8.51
N GLU A 71 -2.77 -4.43 7.88
CA GLU A 71 -2.59 -5.29 6.69
C GLU A 71 -1.18 -5.89 6.72
N ALA A 72 -0.59 -5.98 7.88
CA ALA A 72 0.78 -6.56 7.97
C ALA A 72 0.73 -8.06 7.69
N CYS A 73 0.30 -8.43 6.51
CA CYS A 73 0.23 -9.88 6.17
C CYS A 73 1.61 -10.40 5.78
N ASN A 74 2.49 -9.52 5.38
CA ASN A 74 3.86 -9.97 4.99
C ASN A 74 4.77 -8.75 4.78
N HIS A 75 5.96 -8.97 4.32
CA HIS A 75 6.91 -7.84 4.09
C HIS A 75 6.87 -7.44 2.61
N CYS A 76 6.53 -8.36 1.76
CA CYS A 76 6.47 -8.06 0.30
C CYS A 76 7.79 -7.46 -0.17
N GLU A 77 8.75 -7.33 0.70
CA GLU A 77 10.07 -6.77 0.28
C GLU A 77 10.79 -7.82 -0.57
N LEU A 78 10.94 -9.01 -0.05
CA LEU A 78 11.61 -10.09 -0.82
C LEU A 78 10.53 -10.98 -1.45
N HIS A 79 9.48 -10.38 -1.93
CA HIS A 79 8.37 -11.17 -2.53
C HIS A 79 7.54 -10.25 -3.44
N GLU A 80 8.13 -9.72 -4.47
CA GLU A 80 7.37 -8.83 -5.38
C GLU A 80 6.05 -9.49 -5.74
N LEU A 81 6.07 -10.54 -6.52
CA LEU A 81 4.82 -11.23 -6.90
C LEU A 81 4.61 -12.46 -6.02
N ALA A 82 5.58 -13.35 -6.00
CA ALA A 82 5.44 -14.58 -5.17
C ALA A 82 5.48 -14.21 -3.68
N GLN A 83 4.49 -14.63 -2.93
CA GLN A 83 4.47 -14.32 -1.47
C GLN A 83 3.47 -15.24 -0.78
N TYR A 84 2.42 -15.61 -1.47
CA TYR A 84 1.39 -16.51 -0.87
C TYR A 84 0.60 -17.17 -1.99
N GLY A 85 0.24 -16.41 -3.00
CA GLY A 85 -0.53 -16.99 -4.13
C GLY A 85 -1.48 -15.93 -4.71
N ILE A 86 -0.95 -14.81 -5.12
CA ILE A 86 -1.82 -13.75 -5.70
C ILE A 86 -1.01 -12.93 -6.72
N CYS A 87 -0.35 -11.89 -6.28
CA CYS A 87 0.46 -11.08 -7.23
C CYS A 87 1.81 -11.76 -7.47
C1C RCY B . 6.03 1.00 13.84
O1G RCY B . 7.96 0.52 14.04
O1H RCY B . 9.56 4.96 13.98
O1J RCY B . 5.86 1.56 16.79
C1L RCY B . 10.19 1.51 14.19
C1M RCY B . 6.49 4.61 14.55
C1P RCY B . 8.67 1.53 14.03
C1Q RCY B . 9.44 3.76 13.79
N1R RCY B . 8.15 2.95 13.84
C1S RCY B . 10.56 2.79 13.45
C1U RCY B . 6.70 3.45 13.74
C1V RCY B . 4.26 2.83 13.89
N1V RCY B . 5.90 2.60 15.77
C1W RCY B . 6.16 4.09 15.96
C1X RCY B . 5.69 2.44 14.27
C1Y RCY B . 4.92 4.79 16.52
C1Z RCY B . 7.35 4.27 16.91
H1S RCY B . 10.52 3.25 12.48
H1U RCY B . 6.47 3.69 12.71
C1C RCY C . 5.08 7.21 -3.26
O1G RCY C . 6.51 6.75 -5.68
O1H RCY C . 10.18 5.13 -3.18
O1J RCY C . 4.39 6.76 -0.37
C1L RCY C . 8.89 6.44 -6.19
C1M RCY C . 7.75 5.33 -1.53
C1P RCY C . 7.64 6.42 -5.30
C1Q RCY C . 9.48 5.80 -3.94
N1R RCY C . 7.97 5.95 -3.88
C1S RCY C . 9.97 6.61 -5.12
C1U RCY C . 7.02 5.69 -2.71
C1V RCY C . 7.14 8.15 -2.12
N1V RCY C . 5.70 6.48 -0.94
C1W RCY C . 6.82 5.64 -0.34
C1X RCY C . 6.23 6.93 -2.30
C1Y RCY C . 7.57 6.45 0.72
C1Z RCY C . 6.25 4.36 0.26
H1S RCY C . 10.32 7.30 -4.37
H1U RCY C . 6.34 4.89 -2.96
C1C RCY D . -4.71 -1.52 -14.58
O1G RCY D . -2.32 1.88 -18.04
O1H RCY D . -3.41 1.04 -13.53
O1J RCY D . -3.46 -4.18 -15.21
C1L RCY D . -2.65 3.33 -16.10
C1M RCY D . -1.72 -1.11 -16.72
C1P RCY D . -2.62 1.99 -16.86
C1Q RCY D . -3.35 1.54 -14.65
N1R RCY D . -2.99 0.83 -15.94
C1S RCY D . -3.65 2.99 -15.00
C1U RCY D . -3.00 -0.67 -16.24
C1V RCY D . -2.33 -1.12 -13.84
N1V RCY D . -2.85 -2.90 -15.52
C1W RCY D . -1.66 -2.63 -16.45
C1X RCY D . -3.24 -1.52 -15.00
C1Y RCY D . -0.35 -3.01 -15.76
C1Z RCY D . -1.85 -3.43 -17.74
H1S RCY D . -4.69 2.70 -14.85
H1U RCY D . -3.75 -0.89 -16.98
C1C RCY E . -8.73 -6.82 -8.23
O1G RCY E . -9.38 -4.96 -3.63
O1H RCY E . -11.39 -6.97 -7.39
O1J RCY E . -6.77 -4.63 -7.58
C1L RCY E . -11.50 -4.59 -4.79
C1M RCY E . -7.67 -6.99 -4.69
C1P RCY E . -10.13 -5.24 -4.56
C1Q RCY E . -11.01 -6.14 -6.57
N1R RCY E . -9.82 -6.29 -5.63
C1S RCY E . -11.63 -4.78 -6.30
C1U RCY E . -8.62 -7.23 -5.74
C1V RCY E . -6.82 -8.16 -7.25
N1V RCY E . -7.09 -5.74 -6.69
C1W RCY E . -6.76 -5.86 -5.20
C1X RCY E . -7.82 -7.03 -7.03
C1Y RCY E . -5.29 -6.22 -5.00
C1Z RCY E . -7.08 -4.54 -4.51
H1S RCY E . -11.17 -4.51 -7.24
H1U RCY E . -8.96 -8.25 -5.67
C1C RCY F . -5.28 -5.97 0.32
O1G RCY F . -6.38 -10.14 1.97
O1H RCY F . -8.87 -7.64 -1.17
O1J RCY F . -3.42 -5.88 -2.06
C1L RCY F . -8.78 -9.70 1.69
C1M RCY F . -5.69 -8.96 -1.84
C1P RCY F . -7.29 -9.57 1.36
C1Q RCY F . -8.47 -8.14 -0.12
N1R RCY F . -7.06 -8.64 0.17
C1S RCY F . -9.29 -8.37 1.13
C1U RCY F . -5.76 -8.30 -0.56
C1V RCY F . -6.91 -6.29 -1.59
N1V RCY F . -4.48 -6.86 -1.90
C1W RCY F . -4.69 -8.15 -2.68
C1X RCY F . -5.65 -6.81 -0.90
C1Y RCY F . -5.28 -7.85 -4.06
C1Z RCY F . -3.35 -8.88 -2.80
H1S RCY F . -9.20 -7.30 1.26
H1U RCY F . -4.92 -8.60 0.04
C1C RCY G . -0.87 5.24 -0.24
O1G RCY G . -4.32 3.23 -0.35
O1H RCY G . -3.67 7.40 -2.47
O1J RCY G . -1.49 2.44 0.64
C1L RCY G . -5.56 5.34 -0.31
C1M RCY G . -2.46 3.30 -2.97
C1P RCY G . -4.41 4.41 -0.71
C1Q RCY G . -3.93 6.54 -1.63
N1R RCY G . -3.40 5.11 -1.61
C1S RCY G . -4.84 6.69 -0.44
C1U RCY G . -2.16 4.54 -2.31
C1V RCY G . 0.28 3.89 -2.06
N1V RCY G . -1.60 2.90 -0.73
C1W RCY G . -2.30 2.21 -1.90
C1X RCY G . -1.04 4.18 -1.34
C1Y RCY G . -1.45 1.05 -2.43
C1Z RCY G . -3.67 1.69 -1.43
H1S RCY G . -4.03 7.26 -0.01
H1U RCY G . -1.80 5.25 -3.03
C1C RCY H . -3.10 1.70 0.40
O1G RCY H . -5.84 -1.37 3.54
O1H RCY H . -2.19 1.40 2.38
O1J RCY H . -0.79 -0.21 0.07
C1L RCY H . -4.23 -0.09 4.85
C1M RCY H . -4.25 -1.82 0.50
C1P RCY H . -4.85 -0.64 3.56
C1Q RCY H . -2.91 0.57 2.94
N1R RCY H . -4.08 -0.19 2.33
C1S RCY H . -2.78 0.12 4.38
C1U RCY H . -4.40 -0.42 0.85
C1V RCY H . -3.91 0.28 -1.54
N1V RCY H . -2.20 -0.61 0.06
C1W RCY H . -2.77 -2.02 0.16
C1X RCY H . -3.42 0.29 -0.09
C1Y RCY H . -2.61 -2.77 -1.15
C1Z RCY H . -2.05 -2.76 1.30
H1S RCY H . -1.93 -0.43 4.02
H1U RCY H . -5.41 -0.10 0.63
C1C RCY I . -4.92 -4.24 2.31
O1G RCY I . -1.65 -7.33 0.12
O1H RCY I . -2.87 -5.96 4.47
O1J RCY I . -4.85 -2.05 0.25
C1L RCY I . -1.79 -8.50 2.27
C1M RCY I . -1.79 -4.36 0.34
C1P RCY I . -1.87 -7.29 1.33
C1Q RCY I . -2.30 -6.50 3.53
N1R RCY I . -2.26 -6.02 2.08
C1S RCY I . -1.49 -7.78 3.60
C1U RCY I . -2.55 -4.62 1.54
C1V RCY I . -4.47 -5.57 0.20
N1V RCY I . -3.88 -3.13 0.31
C1W RCY I . -2.53 -3.24 -0.39
C1X RCY I . -4.00 -4.44 1.11
C1Y RCY I . -2.72 -3.60 -1.87
C1Z RCY I . -1.79 -1.91 -0.26
H1S RCY I . -0.74 -7.17 4.08
H1U RCY I . -2.29 -3.88 2.29
C1C RCY J . 1.49 -3.48 2.17
O1G RCY J . 1.93 -3.98 -2.77
O1H RCY J . 3.29 -5.56 1.46
O1J RCY J . 1.01 -0.91 0.67
C1L RCY J . 4.09 -4.67 -1.86
C1M RCY J . -0.31 -4.10 -0.99
C1P RCY J . 2.58 -4.37 -1.81
C1Q RCY J . 3.26 -4.96 0.39
N1R RCY J . 2.01 -4.61 -0.42
C1S RCY J . 4.45 -4.45 -0.39
C1U RCY J . 0.56 -4.52 0.06
C1V RCY J . -1.01 -3.59 1.81
N1V RCY J . 0.42 -2.19 0.31
C1W RCY J . -0.26 -2.56 -1.00
C1X RCY J . 0.36 -3.46 1.15
C1Y RCY J . -1.69 -1.99 -1.04
C1Z RCY J . 0.56 -2.03 -2.17
H1S RCY J . 4.49 -3.67 0.37
H1U RCY J . 0.24 -5.48 0.43
C1C RCY K . -1.38 -8.85 -2.17
O1G RCY K . -3.74 -5.63 -4.82
O1H RCY K . -1.71 -9.88 -5.16
O1J RCY K . -1.55 -6.02 -1.16
C1L RCY K . -2.21 -6.63 -6.46
C1M RCY K . -4.73 -7.41 -2.79
C1P RCY K . -3.06 -6.59 -5.17
C1Q RCY K . -1.91 -8.67 -5.19
N1R RCY K . -2.94 -7.89 -4.38
C1S RCY K . -1.15 -7.66 -6.05
C1U RCY K . -3.66 -8.32 -3.10
C1V RCY K . -3.42 -9.00 -0.68
N1V RCY K . -2.69 -6.79 -1.63
C1W RCY K . -4.09 -6.28 -1.98
C1X RCY K . -2.76 -8.29 -1.88
C1Y RCY K . -4.89 -6.00 -0.71
C1Z RCY K . -3.95 -5.01 -2.83
H1S RCY K . -0.35 -7.81 -5.34
H1U RCY K . -4.07 -9.31 -3.23
N MET A 1 15.36 -24.35 0.52
CA MET A 1 13.92 -24.00 0.40
C MET A 1 13.77 -22.69 -0.38
N ASN A 2 12.96 -21.79 0.10
CA ASN A 2 12.76 -20.50 -0.60
C ASN A 2 13.31 -19.36 0.26
N LEU A 3 14.43 -18.80 -0.11
CA LEU A 3 15.01 -17.69 0.70
C LEU A 3 14.11 -16.45 0.57
N GLU A 4 13.18 -16.30 1.46
CA GLU A 4 12.27 -15.12 1.40
C GLU A 4 12.86 -13.98 2.24
N PRO A 5 12.89 -12.77 1.72
CA PRO A 5 13.43 -11.59 2.44
C PRO A 5 13.09 -11.64 3.95
N PRO A 6 14.07 -11.90 4.78
CA PRO A 6 13.86 -11.97 6.26
C PRO A 6 13.84 -10.58 6.91
N LYS A 7 13.21 -10.46 8.05
CA LYS A 7 13.15 -9.14 8.73
C LYS A 7 14.33 -9.01 9.70
N ALA A 8 15.16 -8.01 9.49
CA ALA A 8 16.33 -7.83 10.40
C ALA A 8 16.96 -6.46 10.16
N GLU A 9 16.33 -5.65 9.35
CA GLU A 9 16.87 -4.29 9.05
C GLU A 9 18.30 -4.40 8.51
N CYS A 10 18.72 -3.46 7.72
CA CYS A 10 20.09 -3.51 7.15
C CYS A 10 20.21 -4.72 6.21
N ARG A 11 19.18 -4.98 5.44
CA ARG A 11 19.23 -6.14 4.50
C ARG A 11 18.80 -5.66 3.11
N SER A 12 18.11 -4.57 3.03
CA SER A 12 17.66 -4.04 1.71
C SER A 12 18.57 -2.90 1.27
N ALA A 13 18.62 -1.84 2.03
CA ALA A 13 19.49 -0.68 1.66
C ALA A 13 19.04 -0.13 0.31
N THR A 14 19.39 -0.77 -0.77
CA THR A 14 18.99 -0.27 -2.12
C THR A 14 19.21 -1.38 -3.15
N ARG A 15 20.14 -1.17 -4.05
CA ARG A 15 20.41 -2.21 -5.09
C ARG A 15 19.12 -2.49 -5.89
N VAL A 16 18.06 -1.81 -5.58
CA VAL A 16 16.79 -2.05 -6.32
C VAL A 16 16.02 -0.72 -6.45
N MET A 17 16.56 0.35 -5.95
CA MET A 17 15.86 1.67 -6.06
C MET A 17 16.88 2.75 -6.42
N GLY A 18 16.45 3.76 -7.14
CA GLY A 18 17.39 4.86 -7.52
C GLY A 18 17.04 5.38 -8.91
N GLY A 19 17.66 4.86 -9.92
CA GLY A 19 17.37 5.33 -11.31
C GLY A 19 16.05 4.72 -11.81
N PRO A 20 15.84 3.46 -11.55
CA PRO A 20 14.61 2.74 -11.99
C PRO A 20 13.32 3.39 -11.47
N CYS A 21 13.36 4.65 -11.15
CA CYS A 21 12.13 5.32 -10.63
C CYS A 21 11.99 6.70 -11.28
N THR A 22 10.96 6.91 -12.07
CA THR A 22 10.78 8.23 -12.73
C THR A 22 9.81 9.08 -11.90
N PRO A 23 10.07 10.36 -11.77
CA PRO A 23 9.19 11.29 -10.99
C PRO A 23 7.70 11.09 -11.29
N ARG A 24 7.11 10.04 -10.78
CA ARG A 24 5.66 9.80 -11.03
C ARG A 24 5.33 10.06 -12.50
N LYS A 25 5.32 9.03 -13.32
CA LYS A 25 5.00 9.23 -14.76
C LYS A 25 3.48 9.12 -14.97
N GLY A 26 2.76 8.68 -13.97
CA GLY A 26 1.28 8.56 -14.13
C GLY A 26 0.61 9.86 -13.69
N PRO A 27 -0.28 10.40 -14.50
CA PRO A 27 -0.99 11.67 -14.16
C PRO A 27 -1.68 11.61 -12.80
N PRO A 28 -1.87 12.73 -12.16
CA PRO A 28 -2.53 12.80 -10.82
C PRO A 28 -3.77 11.90 -10.75
N LYS A 29 -4.25 11.65 -9.57
CA LYS A 29 -5.47 10.77 -9.43
C LYS A 29 -6.61 11.36 -10.25
N CYS A 30 -7.11 10.62 -11.21
CA CYS A 30 -8.23 11.14 -12.05
C CYS A 30 -9.54 11.05 -11.26
N LYS A 31 -10.32 10.04 -11.51
CA LYS A 31 -11.61 9.89 -10.78
C LYS A 31 -11.85 8.40 -10.50
N GLN A 32 -11.22 7.87 -9.49
CA GLN A 32 -11.41 6.42 -9.17
C GLN A 32 -12.78 6.21 -8.53
N ARG A 33 -13.54 5.28 -9.03
CA ARG A 33 -14.89 5.01 -8.45
C ARG A 33 -15.28 3.56 -8.73
N GLN A 34 -14.42 2.63 -8.43
CA GLN A 34 -14.74 1.20 -8.67
C GLN A 34 -15.00 0.98 -10.17
N THR A 35 -14.17 0.19 -10.81
CA THR A 35 -14.37 -0.06 -12.26
C THR A 35 -13.34 -1.09 -12.74
N ARG A 36 -12.37 -1.42 -11.91
CA ARG A 36 -11.34 -2.41 -12.31
C ARG A 36 -11.74 -3.80 -11.81
N GLN A 37 -13.02 -4.05 -11.70
CA GLN A 37 -13.47 -5.38 -11.22
C GLN A 37 -12.84 -5.69 -9.86
N CYS A 38 -13.61 -5.67 -8.82
CA CYS A 38 -13.05 -5.95 -7.47
C CYS A 38 -14.17 -6.45 -6.55
N LYS A 39 -15.29 -6.83 -7.10
CA LYS A 39 -16.41 -7.31 -6.25
C LYS A 39 -15.99 -8.62 -5.56
N SER A 40 -15.04 -9.32 -6.13
CA SER A 40 -14.59 -10.60 -5.52
C SER A 40 -14.14 -10.34 -4.08
N LYS A 41 -15.05 -10.33 -3.15
CA LYS A 41 -14.67 -10.08 -1.73
C LYS A 41 -13.65 -11.14 -1.29
N PRO A 42 -12.47 -10.73 -0.88
CA PRO A 42 -11.41 -11.68 -0.44
C PRO A 42 -11.66 -12.19 0.99
N PRO A 43 -11.04 -13.29 1.35
CA PRO A 43 -11.21 -13.89 2.71
C PRO A 43 -10.76 -12.92 3.82
N LYS A 44 -11.63 -12.64 4.74
CA LYS A 44 -11.28 -11.70 5.84
C LYS A 44 -12.22 -11.92 7.03
N LYS A 45 -12.99 -10.92 7.37
CA LYS A 45 -13.94 -11.07 8.51
C LYS A 45 -14.92 -9.89 8.51
N GLY A 46 -14.77 -8.99 7.59
CA GLY A 46 -15.70 -7.82 7.55
C GLY A 46 -15.96 -7.43 6.09
N VAL A 47 -17.00 -6.68 5.85
CA VAL A 47 -17.31 -6.26 4.45
C VAL A 47 -17.78 -4.81 4.44
N GLN A 48 -18.39 -4.37 5.51
CA GLN A 48 -18.88 -2.96 5.57
C GLN A 48 -17.68 -2.01 5.52
N GLY A 49 -16.64 -2.30 6.27
CA GLY A 49 -15.45 -1.43 6.27
C GLY A 49 -14.54 -1.81 5.09
N CYS A 50 -15.11 -1.97 3.93
CA CYS A 50 -14.30 -2.34 2.73
C CYS A 50 -14.77 -1.53 1.53
N GLY A 51 -15.74 -0.68 1.71
CA GLY A 51 -16.24 0.15 0.58
C GLY A 51 -16.72 1.50 1.10
N ASP A 52 -17.44 1.50 2.19
CA ASP A 52 -17.94 2.80 2.75
C ASP A 52 -16.86 3.42 3.64
N ASP A 53 -15.82 3.92 3.05
CA ASP A 53 -14.73 4.55 3.85
C ASP A 53 -15.11 6.00 4.17
N ILE A 54 -14.33 6.66 4.98
CA ILE A 54 -14.64 8.07 5.34
C ILE A 54 -14.24 8.98 4.16
N PRO A 55 -15.07 9.93 3.82
CA PRO A 55 -14.79 10.88 2.69
C PRO A 55 -13.78 11.95 3.08
N GLY A 56 -12.52 11.60 3.17
CA GLY A 56 -11.48 12.60 3.54
C GLY A 56 -11.47 12.81 5.05
N MET A 57 -11.00 11.84 5.79
CA MET A 57 -10.96 11.99 7.27
C MET A 57 -10.23 10.80 7.89
N GLU A 58 -8.92 10.78 7.81
CA GLU A 58 -8.15 9.64 8.39
C GLU A 58 -8.39 8.38 7.57
N GLY A 59 -7.34 7.82 7.00
CA GLY A 59 -7.51 6.58 6.19
C GLY A 59 -7.92 6.93 4.76
N CYS A 60 -8.10 8.19 4.48
CA CYS A 60 -8.50 8.59 3.09
C CYS A 60 -8.52 10.12 2.98
N GLY A 61 -7.73 10.78 3.81
CA GLY A 61 -7.69 12.27 3.76
C GLY A 61 -7.79 12.75 2.31
N THR A 62 -7.05 12.14 1.43
CA THR A 62 -7.10 12.56 -0.01
C THR A 62 -6.05 11.76 -0.79
N ASP A 63 -5.13 12.45 -1.42
CA ASP A 63 -4.07 11.73 -2.20
C ASP A 63 -3.12 11.03 -1.22
N ILE A 64 -2.51 11.77 -0.34
CA ILE A 64 -1.57 11.15 0.64
C ILE A 64 -2.34 10.15 1.50
N THR A 65 -3.65 10.22 1.48
CA THR A 65 -4.46 9.27 2.30
C THR A 65 -3.79 9.05 3.65
N VAL A 66 -3.05 10.01 4.11
CA VAL A 66 -2.36 9.88 5.43
C VAL A 66 -1.30 8.77 5.33
N ILE A 67 -1.56 7.75 4.57
CA ILE A 67 -0.57 6.63 4.44
C ILE A 67 -0.41 6.22 2.97
N CYS A 68 0.52 6.84 2.29
CA CYS A 68 0.76 6.50 0.86
C CYS A 68 2.23 6.10 0.69
N PRO A 69 2.59 5.47 -0.40
CA PRO A 69 3.98 5.03 -0.66
C PRO A 69 5.04 5.87 0.07
N TRP A 70 4.94 7.16 0.05
CA TRP A 70 5.95 8.00 0.76
C TRP A 70 5.74 7.89 2.28
N GLU A 71 4.55 7.61 2.70
CA GLU A 71 4.26 7.47 4.15
C GLU A 71 3.67 6.09 4.41
N ALA A 72 4.50 5.08 4.41
CA ALA A 72 4.00 3.70 4.63
C ALA A 72 3.25 3.61 5.96
N CYS A 73 2.46 2.59 6.14
CA CYS A 73 1.70 2.45 7.42
C CYS A 73 2.63 1.88 8.50
N ASN A 74 3.88 1.71 8.19
CA ASN A 74 4.82 1.16 9.20
C ASN A 74 4.27 -0.18 9.71
N HIS A 75 5.04 -0.89 10.48
CA HIS A 75 4.57 -2.21 11.02
C HIS A 75 3.82 -2.97 9.92
N CYS A 76 4.05 -2.63 8.68
CA CYS A 76 3.35 -3.34 7.56
C CYS A 76 3.99 -4.72 7.38
N GLU A 77 5.28 -4.80 7.50
CA GLU A 77 5.96 -6.12 7.33
C GLU A 77 5.28 -7.16 8.23
N LEU A 78 5.78 -8.36 8.27
CA LEU A 78 5.14 -9.40 9.13
C LEU A 78 3.63 -9.35 8.92
N HIS A 79 3.17 -9.66 7.73
CA HIS A 79 1.71 -9.61 7.45
C HIS A 79 1.23 -11.00 6.99
N GLU A 80 0.50 -11.69 7.84
CA GLU A 80 0.00 -13.03 7.44
C GLU A 80 -0.82 -12.90 6.15
N LEU A 81 -1.35 -11.74 5.91
CA LEU A 81 -2.15 -11.52 4.68
C LEU A 81 -1.21 -11.15 3.54
N ALA A 82 0.07 -11.27 3.77
CA ALA A 82 1.06 -10.92 2.72
C ALA A 82 0.66 -11.57 1.39
N GLN A 83 0.03 -10.82 0.53
CA GLN A 83 -0.39 -11.39 -0.79
C GLN A 83 0.69 -12.34 -1.30
N TYR A 84 0.31 -13.51 -1.76
CA TYR A 84 1.34 -14.48 -2.26
C TYR A 84 2.40 -13.74 -3.08
N GLY A 85 3.43 -13.24 -2.44
CA GLY A 85 4.50 -12.52 -3.18
C GLY A 85 4.26 -11.02 -3.10
N ILE A 86 3.81 -10.54 -1.97
CA ILE A 86 3.57 -9.07 -1.80
C ILE A 86 3.05 -8.47 -3.10
N CYS A 87 3.30 -7.20 -3.32
CA CYS A 87 2.83 -6.55 -4.58
C CYS A 87 3.44 -7.26 -5.78
C1C RCY B . 15.76 -0.31 10.57
O1G RCY B . 15.79 -4.81 8.82
O1H RCY B . 18.25 -1.88 11.59
O1J RCY B . 14.10 -0.85 8.12
C1L RCY B . 18.17 -4.28 8.99
C1M RCY B . 14.08 -3.59 10.80
C1P RCY B . 16.69 -4.15 9.35
C1Q RCY B . 17.85 -2.52 10.61
N1R RCY B . 16.45 -3.09 10.42
C1S RCY B . 18.66 -2.88 9.39
C1U RCY B . 15.16 -2.70 11.13
C1V RCY B . 13.52 -0.83 11.62
N1V RCY B . 14.07 -1.67 9.33
C1W RCY B . 13.48 -3.08 9.49
C1X RCY B . 14.64 -1.33 10.70
C1Y RCY B . 11.95 -2.99 9.60
C1Z RCY B . 13.89 -3.94 8.30
H1S RCY B . 18.53 -1.84 9.12
H1U RCY B . 15.31 -2.71 12.19
C1C RCY C . 11.81 8.80 -2.33
O1G RCY C . 11.79 9.43 -4.25
O1H RCY C . 11.36 5.09 -6.04
O1J RCY C . 8.96 7.91 -1.96
C1L RCY C . 11.25 8.59 -6.48
C1M RCY C . 11.45 5.18 -2.99
C1P RCY C . 11.64 8.47 -5.00
C1Q RCY C . 11.64 6.28 -5.89
N1R RCY C . 11.82 7.01 -4.58
C1S RCY C . 11.86 7.28 -7.01
C1U RCY C . 12.11 6.44 -3.19
C1V RCY C . 12.11 6.89 -0.70
N1V RCY C . 10.08 6.99 -2.16
C1W RCY C . 10.02 5.51 -2.52
C1X RCY C . 11.56 7.32 -2.06
C1Y RCY C . 9.66 4.68 -1.28
C1Z RCY C . 9.00 5.30 -3.63
H1S RCY C . 12.81 6.78 -7.13
H1U RCY C . 13.17 6.31 -3.07
C1C RCY D . -1.44 11.93 -11.52
O1G RCY D . -5.79 13.50 -10.31
O1H RCY D . -4.52 9.51 -12.49
O1J RCY D . 0.09 10.61 -9.28
C1L RCY D . -6.72 12.26 -12.19
C1M RCY D . -3.73 10.38 -9.06
C1P RCY D . -5.71 12.55 -11.08
C1Q RCY D . -4.91 10.65 -12.27
N1R RCY D . -4.59 11.51 -11.05
C1S RCY D . -5.83 11.47 -13.16
C1U RCY D . -3.44 11.36 -10.06
C1V RCY D . -2.42 9.59 -11.57
N1V RCY D . -1.35 10.47 -9.49
C1W RCY D . -2.38 9.92 -8.50
C1X RCY D . -2.15 10.83 -10.72
C1Y RCY D . -2.31 8.39 -8.45
C1Z RCY D . -2.12 10.51 -7.11
H1S RCY D . -4.95 11.58 -13.78
H1U RCY D . -3.23 12.31 -9.60
C1C RCY E . -6.89 -6.72 -7.06
O1G RCY E . -11.56 -4.56 -4.66
O1H RCY E . -9.53 -3.80 -3.88
O1J RCY E . -5.00 -7.92 -5.04
C1L RCY E . -9.06 -4.51 -4.84
C1M RCY E . -8.15 -6.28 -3.60
C1P RCY E . -10.53 -4.48 -5.30
C1Q RCY E . -10.15 -4.27 -4.83
N1R RCY E . -9.43 -5.48 -5.53
C1S RCY E . -9.95 -5.35 -5.80
C1U RCY E . -8.05 -5.87 -4.98
C1V RCY E . -8.45 -8.24 -5.77
N1V RCY E . -6.34 -7.43 -4.72
C1W RCY E . -6.92 -7.14 -3.33
C1X RCY E . -7.46 -7.08 -5.68
C1Y RCY E . -7.32 -8.45 -2.64
C1Z RCY E . -5.87 -6.38 -2.50
H1S RCY E . -10.89 -5.84 -5.57
H1U RCY E . -7.39 -5.03 -5.06
C1C RCY F . -8.26 -6.72 2.26
O1G RCY F . -12.43 -9.24 1.08
O1H RCY F . -10.80 -4.90 0.20
O1J RCY F . -5.92 -7.68 0.62
C1L RCY F . -13.49 -7.03 0.98
C1M RCY F . -9.39 -8.25 -0.92
C1P RCY F . -12.32 -8.03 0.93
C1Q RCY F . -11.42 -5.84 0.68
N1R RCY F . -10.99 -7.31 0.68
C1S RCY F . -12.75 -5.76 1.40
C1U RCY F . -9.60 -7.90 0.45
C1V RCY F . -8.72 -5.56 0.06
N1V RCY F . -7.29 -7.63 0.13
C1W RCY F . -7.87 -8.29 -1.12
C1X RCY F . -8.48 -6.90 0.75
C1Y RCY F . -7.48 -7.50 -2.38
C1Z RCY F . -7.35 -9.72 -1.21
H1S RCY F . -12.17 -5.36 2.21
H1U RCY F . -9.48 -8.78 1.07
C1C RCY G . -6.29 3.70 -2.14
O1G RCY G . -8.09 2.55 0.61
O1H RCY G . -7.05 7.15 0.36
O1J RCY G . -5.55 6.56 -2.76
C1L RCY G . -9.44 4.58 0.83
C1M RCY G . -4.57 5.29 0.72
C1P RCY G . -8.15 3.78 0.63
C1Q RCY G . -7.54 6.07 0.69
N1R RCY G . -6.93 4.69 0.47
C1S RCY G . -8.85 5.86 1.43
C1U RCY G . -5.47 4.32 0.17
C1V RCY G . -3.80 3.68 -1.62
N1V RCY G . -5.10 5.83 -1.58
C1W RCY G . -4.45 6.41 -0.32
C1X RCY G . -5.16 4.33 -1.33
C1Y RCY G . -2.98 6.75 -0.58
C1Z RCY G . -5.23 7.65 0.12
H1S RCY G . -8.31 6.24 2.29
H1U RCY G . -5.25 3.35 0.58
C1C RCY H . -2.18 1.72 -2.19
O1G RCY H . -2.90 3.58 -2.33
O1H RCY H . 0.42 5.56 0.37
O1J RCY H . -0.12 2.30 -4.31
C1L RCY H . -2.48 5.88 -1.63
C1M RCY H . 1.06 2.70 -0.68
C1P RCY H . -2.22 4.36 -1.68
C1Q RCY H . -0.66 5.29 -0.16
N1R RCY H . -1.03 3.97 -0.81
C1S RCY H . -1.87 6.19 -0.26
C1U RCY H . -0.37 2.60 -0.64
C1V RCY H . -0.29 0.20 -1.46
N1V RCY H . 0.18 2.21 -2.88
C1W RCY H . 1.45 2.65 -2.16
C1X RCY H . -0.70 1.63 -1.79
C1Y RCY H . 2.58 1.65 -2.39
C1Z RCY H . 1.86 4.04 -2.66
H1S RCY H . -1.99 5.99 0.80
H1U RCY H . -0.68 2.16 0.29
C1C RCY I . 1.47 -1.79 2.46
O1G RCY I . 4.39 -3.33 6.48
O1H RCY I . 1.27 -0.06 5.13
O1J RCY I . 3.22 -2.91 0.28
C1L RCY I . 2.68 -2.06 7.68
C1M RCY I . 4.87 -2.55 3.72
C1P RCY I . 3.52 -2.47 6.46
C1Q RCY I . 2.11 -0.68 5.77
N1R RCY I . 3.13 -1.67 5.22
C1S RCY I . 2.32 -0.63 7.28
C1U RCY I . 3.63 -1.81 3.78
C1V RCY I . 2.28 -3.93 3.55
N1V RCY I . 3.59 -2.87 1.70
C1W RCY I . 4.98 -3.10 2.29
C1X RCY I . 2.69 -2.61 2.89
C1Y RCY I . 5.32 -4.59 2.31
C1Z RCY I . 6.00 -2.32 1.48
H1S RCY I . 2.77 0.34 7.07
H1U RCY I . 3.79 -0.83 3.35
C1C RCY J . 4.46 -0.13 -1.06
O1G RCY J . 5.86 -1.41 1.27
O1H RCY J . 1.81 -3.70 2.08
O1J RCY J . 2.66 -0.28 -3.46
C1L RCY J . 4.86 -2.39 3.28
C1M RCY J . 2.02 -2.89 -0.72
C1P RCY J . 4.91 -1.99 1.80
C1Q RCY J . 2.78 -2.96 2.19
N1R RCY J . 3.63 -2.40 1.06
C1S RCY J . 3.35 -2.42 3.49
C1U RCY J . 3.30 -2.28 -0.42
C1V RCY J . 2.18 -0.05 0.04
N1V RCY J . 2.46 -1.05 -2.24
C1W RCY J . 1.54 -2.25 -2.02
C1X RCY J . 3.12 -0.83 -0.88
C1Y RCY J . 0.09 -1.79 -1.90
C1Z RCY J . 1.69 -3.21 -3.21
H1S RCY J . 2.48 -1.76 3.48
H1U RCY J . 4.07 -2.75 -1.01
C1C RCY K . -0.36 0.26 -1.98
O1G RCY K . -0.31 -0.39 -3.91
O1H RCY K . 3.17 -3.48 -3.15
O1J RCY K . -1.47 -2.14 -0.53
C1L RCY K . 0.61 -2.24 -5.22
C1M RCY K . 2.35 -1.91 -0.68
C1P RCY K . 0.52 -1.29 -4.02
C1Q RCY K . 2.41 -2.68 -3.69
N1R RCY K . 1.61 -1.58 -2.99
C1S RCY K . 2.09 -2.61 -5.16
C1U RCY K . 1.84 -0.95 -1.62
C1V RCY K . 0.84 0.44 0.24
N1V RCY K . -0.06 -1.77 -0.54
C1W RCY K . 1.13 -2.62 -0.09
C1X RCY K . 0.55 -0.45 -0.97
C1Y RCY K . 1.22 -2.66 1.44
C1Z RCY K . 0.97 -4.03 -0.66
H1S RCY K . 3.08 -2.17 -5.25
H1U RCY K . 2.54 -0.12 -1.71
N MET A 1 18.00 5.57 17.07
CA MET A 1 16.75 5.64 16.27
C MET A 1 16.08 7.01 16.49
N ASN A 2 16.34 7.63 17.60
CA ASN A 2 15.72 8.97 17.86
C ASN A 2 14.19 8.85 17.77
N LEU A 3 13.55 9.84 17.19
CA LEU A 3 12.07 9.78 17.07
C LEU A 3 11.68 9.03 15.80
N GLU A 4 10.44 8.69 15.64
CA GLU A 4 10.01 7.97 14.42
C GLU A 4 9.89 8.95 13.26
N PRO A 5 10.17 8.51 12.05
CA PRO A 5 10.10 9.37 10.84
C PRO A 5 8.97 10.40 10.92
N PRO A 6 9.28 11.61 11.32
CA PRO A 6 8.29 12.70 11.45
C PRO A 6 8.16 13.52 10.16
N LYS A 7 6.96 13.73 9.69
CA LYS A 7 6.76 14.52 8.44
C LYS A 7 6.29 15.93 8.80
N ALA A 8 5.03 16.20 8.65
CA ALA A 8 4.50 17.55 8.98
C ALA A 8 3.02 17.45 9.36
N GLU A 9 2.13 17.78 8.46
CA GLU A 9 0.68 17.71 8.78
C GLU A 9 0.40 18.46 10.08
N CYS A 10 -0.86 18.64 10.41
CA CYS A 10 -1.21 19.36 11.66
C CYS A 10 -2.08 18.44 12.53
N ARG A 11 -2.05 17.16 12.28
CA ARG A 11 -2.85 16.20 13.08
C ARG A 11 -2.19 14.84 13.07
N SER A 12 -0.88 14.80 13.13
CA SER A 12 -0.16 13.49 13.11
C SER A 12 1.21 13.66 13.75
N ALA A 13 2.24 13.17 13.10
CA ALA A 13 3.62 13.30 13.66
C ALA A 13 3.64 12.76 15.10
N THR A 14 2.54 12.21 15.56
CA THR A 14 2.51 11.68 16.95
C THR A 14 1.15 11.02 17.20
N ARG A 15 0.09 11.79 17.11
CA ARG A 15 -1.26 11.21 17.34
C ARG A 15 -1.66 10.38 16.11
N VAL A 16 -0.79 10.30 15.14
CA VAL A 16 -1.09 9.50 13.92
C VAL A 16 -1.83 8.21 14.29
N MET A 17 -2.99 7.99 13.72
CA MET A 17 -3.78 6.77 14.03
C MET A 17 -3.63 6.40 15.51
N GLY A 18 -3.69 5.14 15.82
CA GLY A 18 -3.55 4.69 17.24
C GLY A 18 -4.81 3.94 17.66
N GLY A 19 -5.45 4.37 18.72
CA GLY A 19 -6.69 3.67 19.17
C GLY A 19 -7.78 3.87 18.11
N PRO A 20 -8.61 4.88 18.27
CA PRO A 20 -9.70 5.16 17.29
C PRO A 20 -9.21 5.04 15.84
N CYS A 21 -10.05 4.53 14.96
CA CYS A 21 -9.63 4.39 13.54
C CYS A 21 -10.80 4.81 12.64
N THR A 22 -10.78 6.02 12.15
CA THR A 22 -11.88 6.50 11.26
C THR A 22 -11.80 5.75 9.93
N PRO A 23 -12.90 5.66 9.22
CA PRO A 23 -12.94 4.96 7.90
C PRO A 23 -12.23 5.75 6.80
N ARG A 24 -12.03 5.16 5.66
CA ARG A 24 -11.34 5.87 4.55
C ARG A 24 -11.99 5.50 3.22
N LYS A 25 -12.43 6.47 2.46
CA LYS A 25 -13.07 6.17 1.15
C LYS A 25 -12.02 5.70 0.15
N GLY A 26 -12.04 6.25 -1.05
CA GLY A 26 -11.04 5.83 -2.07
C GLY A 26 -11.34 6.54 -3.40
N PRO A 27 -10.69 7.64 -3.65
CA PRO A 27 -10.89 8.44 -4.90
C PRO A 27 -10.66 7.61 -6.17
N PRO A 28 -10.79 8.22 -7.32
CA PRO A 28 -10.60 7.54 -8.64
C PRO A 28 -9.14 7.13 -8.89
N LYS A 29 -8.94 6.08 -9.64
CA LYS A 29 -7.55 5.63 -9.95
C LYS A 29 -7.55 4.94 -11.31
N CYS A 30 -6.41 4.48 -11.77
CA CYS A 30 -6.35 3.81 -13.09
C CYS A 30 -6.68 2.33 -12.92
N LYS A 31 -6.63 1.84 -11.72
CA LYS A 31 -6.93 0.40 -11.47
C LYS A 31 -8.30 0.06 -12.08
N GLN A 32 -8.36 -0.95 -12.91
CA GLN A 32 -9.66 -1.33 -13.54
C GLN A 32 -9.85 -2.85 -13.42
N ARG A 33 -10.38 -3.30 -12.31
CA ARG A 33 -10.60 -4.76 -12.10
C ARG A 33 -9.40 -5.56 -12.59
N GLN A 34 -9.44 -6.87 -12.46
CA GLN A 34 -8.30 -7.72 -12.91
C GLN A 34 -6.99 -7.18 -12.36
N THR A 35 -5.90 -7.85 -12.64
CA THR A 35 -4.58 -7.39 -12.13
C THR A 35 -3.48 -7.93 -13.04
N ARG A 36 -3.86 -8.68 -14.04
CA ARG A 36 -2.83 -9.25 -14.97
C ARG A 36 -1.87 -10.16 -14.20
N GLN A 37 -2.00 -10.23 -12.90
CA GLN A 37 -1.09 -11.09 -12.11
C GLN A 37 -1.56 -11.17 -10.66
N CYS A 38 -2.69 -11.80 -10.42
CA CYS A 38 -3.19 -11.91 -9.02
C CYS A 38 -4.61 -12.49 -9.04
N LYS A 39 -4.79 -13.62 -9.66
CA LYS A 39 -6.15 -14.24 -9.70
C LYS A 39 -6.29 -15.24 -8.56
N SER A 40 -5.59 -16.35 -8.63
CA SER A 40 -5.70 -17.35 -7.54
C SER A 40 -4.60 -18.41 -7.73
N LYS A 41 -3.49 -18.04 -8.31
CA LYS A 41 -2.40 -19.03 -8.53
C LYS A 41 -2.10 -19.75 -7.22
N PRO A 42 -1.56 -20.94 -7.30
CA PRO A 42 -1.22 -21.75 -6.09
C PRO A 42 -0.05 -21.14 -5.29
N PRO A 43 0.11 -21.55 -4.06
CA PRO A 43 1.20 -21.03 -3.19
C PRO A 43 2.58 -21.20 -3.84
N LYS A 44 3.50 -20.33 -3.51
CA LYS A 44 4.87 -20.41 -4.11
C LYS A 44 5.91 -20.33 -3.00
N LYS A 45 7.17 -20.40 -3.35
CA LYS A 45 8.24 -20.32 -2.31
C LYS A 45 8.48 -18.86 -1.96
N GLY A 46 7.56 -18.24 -1.27
CA GLY A 46 7.74 -16.81 -0.91
C GLY A 46 8.95 -16.66 0.02
N VAL A 47 10.09 -16.36 -0.53
CA VAL A 47 11.31 -16.19 0.31
C VAL A 47 11.32 -14.78 0.90
N GLN A 48 12.43 -14.36 1.43
CA GLN A 48 12.51 -12.99 2.02
C GLN A 48 12.67 -11.96 0.90
N GLY A 49 11.71 -11.87 0.02
CA GLY A 49 11.81 -10.87 -1.09
C GLY A 49 10.96 -11.33 -2.28
N CYS A 50 10.64 -12.60 -2.35
CA CYS A 50 9.81 -13.10 -3.48
C CYS A 50 10.43 -12.65 -4.80
N GLY A 51 11.62 -12.09 -4.75
CA GLY A 51 12.28 -11.62 -6.00
C GLY A 51 12.77 -10.18 -5.82
N ASP A 52 13.22 -9.56 -6.87
CA ASP A 52 13.71 -8.15 -6.75
C ASP A 52 14.83 -8.10 -5.71
N ASP A 53 15.62 -7.05 -5.72
CA ASP A 53 16.72 -6.94 -4.73
C ASP A 53 17.26 -5.50 -4.74
N ILE A 54 16.47 -4.58 -5.23
CA ILE A 54 16.90 -3.15 -5.27
C ILE A 54 15.78 -2.26 -4.75
N PRO A 55 15.87 -1.81 -3.51
CA PRO A 55 14.82 -0.93 -2.91
C PRO A 55 14.93 0.52 -3.38
N GLY A 56 13.82 1.22 -3.43
CA GLY A 56 13.86 2.64 -3.88
C GLY A 56 12.61 2.94 -4.70
N MET A 57 12.32 2.12 -5.68
CA MET A 57 11.11 2.34 -6.53
C MET A 57 10.48 0.98 -6.82
N GLU A 58 9.50 0.59 -6.05
CA GLU A 58 8.85 -0.73 -6.29
C GLU A 58 9.91 -1.82 -6.25
N GLY A 59 10.59 -1.98 -5.15
CA GLY A 59 11.64 -3.02 -5.04
C GLY A 59 11.59 -3.67 -3.66
N CYS A 60 10.65 -3.26 -2.85
CA CYS A 60 10.51 -3.84 -1.47
C CYS A 60 11.89 -3.96 -0.81
N GLY A 61 11.94 -3.84 0.49
CA GLY A 61 13.25 -3.95 1.20
C GLY A 61 13.29 -2.96 2.36
N THR A 62 13.16 -1.69 2.08
CA THR A 62 13.19 -0.68 3.17
C THR A 62 12.74 0.68 2.63
N ASP A 63 12.70 0.82 1.33
CA ASP A 63 12.27 2.12 0.73
C ASP A 63 10.88 2.49 1.24
N ILE A 64 10.06 1.52 1.51
CA ILE A 64 8.68 1.81 2.02
C ILE A 64 8.78 2.76 3.21
N THR A 65 9.95 2.89 3.76
CA THR A 65 10.14 3.79 4.95
C THR A 65 8.82 3.93 5.70
N VAL A 66 8.14 2.83 5.94
CA VAL A 66 6.83 2.89 6.64
C VAL A 66 5.82 3.58 5.71
N ILE A 67 6.29 4.55 4.98
CA ILE A 67 5.40 5.29 4.02
C ILE A 67 6.17 5.45 2.72
N CYS A 68 5.99 4.55 1.79
CA CYS A 68 6.73 4.66 0.50
C CYS A 68 6.27 5.92 -0.24
N PRO A 69 7.19 6.68 -0.80
CA PRO A 69 6.85 7.93 -1.53
C PRO A 69 5.99 7.66 -2.77
N TRP A 70 6.30 6.66 -3.54
CA TRP A 70 5.48 6.38 -4.75
C TRP A 70 4.14 5.78 -4.31
N GLU A 71 3.77 5.98 -3.08
CA GLU A 71 2.47 5.43 -2.58
C GLU A 71 2.17 6.00 -1.21
N ALA A 72 1.76 7.24 -1.15
CA ALA A 72 1.45 7.85 0.17
C ALA A 72 0.25 7.14 0.78
N CYS A 73 0.44 6.47 1.90
CA CYS A 73 -0.69 5.76 2.54
C CYS A 73 -1.90 6.69 2.64
N ASN A 74 -2.83 6.57 1.72
CA ASN A 74 -4.04 7.45 1.75
C ASN A 74 -5.30 6.60 1.62
N HIS A 75 -5.80 6.44 0.43
CA HIS A 75 -7.03 5.61 0.24
C HIS A 75 -7.33 5.48 -1.25
N CYS A 76 -7.92 4.38 -1.66
CA CYS A 76 -8.24 4.18 -3.09
C CYS A 76 -8.78 2.76 -3.30
N GLU A 77 -9.65 2.58 -4.24
CA GLU A 77 -10.21 1.22 -4.49
C GLU A 77 -9.09 0.29 -4.94
N LEU A 78 -9.23 -0.99 -4.69
CA LEU A 78 -8.16 -1.96 -5.08
C LEU A 78 -8.77 -3.05 -5.96
N HIS A 79 -10.06 -3.23 -5.90
CA HIS A 79 -10.70 -4.29 -6.74
C HIS A 79 -12.19 -3.98 -6.92
N GLU A 80 -12.96 -4.92 -7.39
CA GLU A 80 -14.41 -4.67 -7.58
C GLU A 80 -15.11 -4.62 -6.22
N LEU A 81 -15.04 -5.69 -5.47
CA LEU A 81 -15.70 -5.70 -4.13
C LEU A 81 -14.74 -5.14 -3.07
N ALA A 82 -13.80 -4.34 -3.48
CA ALA A 82 -12.83 -3.77 -2.50
C ALA A 82 -13.55 -2.80 -1.54
N GLN A 83 -14.37 -3.32 -0.66
CA GLN A 83 -15.09 -2.43 0.29
C GLN A 83 -14.08 -1.82 1.27
N TYR A 84 -12.92 -2.42 1.38
CA TYR A 84 -11.90 -1.87 2.31
C TYR A 84 -10.51 -2.38 1.91
N GLY A 85 -10.33 -2.73 0.66
CA GLY A 85 -8.99 -3.23 0.23
C GLY A 85 -8.74 -4.63 0.80
N ILE A 86 -9.12 -5.66 0.10
CA ILE A 86 -8.90 -7.03 0.62
C ILE A 86 -7.52 -7.52 0.16
N CYS A 87 -6.75 -8.09 1.06
CA CYS A 87 -5.40 -8.59 0.67
C CYS A 87 -5.56 -9.84 -0.20
C1C RCY B . -4.28 15.02 11.61
O1G RCY B . -6.20 17.45 7.93
O1H RCY B . -1.87 17.66 9.82
O1J RCY B . -3.33 12.26 10.92
C1L RCY B . -4.68 19.31 8.44
C1M RCY B . -3.30 14.81 8.05
C1P RCY B . -5.12 17.83 8.40
C1Q RCY B . -3.05 17.91 9.54
N1R RCY B . -4.08 16.91 9.03
C1S RCY B . -3.74 19.26 9.64
C1U RCY B . -4.07 15.39 9.12
C1V RCY B . -2.02 15.53 10.59
N1V RCY B . -3.21 13.41 10.03
C1W RCY B . -2.89 13.41 8.53
C1X RCY B . -3.38 14.87 10.39
C1Y RCY B . -1.39 13.17 8.31
C1Z RCY B . -3.72 12.32 7.85
H1S RCY B . -3.72 19.06 10.70
H1U RCY B . -5.08 15.01 9.09
C1C RCY C . -5.11 3.93 7.44
O1G RCY C . -7.60 7.62 10.59
O1H RCY C . -5.68 3.33 10.28
O1J RCY C . -3.03 5.57 6.02
C1L RCY C . -7.83 5.59 11.93
C1M RCY C . -4.84 7.30 8.93
C1P RCY C . -7.30 6.45 10.76
C1Q RCY C . -6.47 4.25 10.44
N1R RCY C . -6.38 5.64 9.84
C1S RCY C . -7.73 4.20 11.28
C1U RCY C . -5.58 6.11 8.63
C1V RCY C . -3.65 4.65 9.39
N1V RCY C . -3.69 5.98 7.26
C1W RCY C . -3.69 7.36 7.91
C1X RCY C . -4.51 5.10 8.20
C1Y RCY C . -2.36 7.63 8.61
C1Z RCY C . -3.95 8.42 6.83
H1S RCY C . -8.13 3.61 10.47
H1U RCY C . -6.25 6.30 7.81
C1C RCY D . 1.87 4.35 -11.33
O1G RCY D . 0.29 5.59 -14.18
O1H RCY D . -1.17 1.48 -12.39
O1J RCY D . 1.15 1.86 -9.80
C1L RCY D . -1.91 4.72 -13.58
C1M RCY D . 1.73 1.40 -13.56
C1P RCY D . -0.39 4.65 -13.77
C1Q RCY D . -1.10 2.50 -13.05
N1R RCY D . 0.17 3.28 -13.37
C1S RCY D . -2.25 3.22 -13.71
C1U RCY D . 1.63 2.82 -13.32
C1V RCY D . 3.78 2.82 -11.99
N1V RCY D . 1.60 1.86 -11.18
C1W RCY D . 1.51 0.73 -12.20
C1X RCY D . 2.26 3.00 -11.95
C1Y RCY D . 2.60 -0.31 -11.94
C1Z RCY D . 0.12 0.09 -12.12
H1S RCY D . -2.22 2.41 -14.42
H1U RCY D . 2.20 3.35 -14.06
C1C RCY E . 3.61 -7.72 -7.08
O1G RCY E . 1.52 -7.67 -10.06
O1H RCY E . 1.09 -11.06 -6.81
O1J RCY E . 3.53 -9.81 -4.92
C1L RCY E . -0.39 -8.57 -8.84
C1M RCY E . 3.78 -11.14 -8.50
C1P RCY E . 1.08 -8.49 -9.25
C1Q RCY E . 0.88 -10.33 -7.78
N1R RCY E . 1.94 -9.53 -8.55
C1S RCY E . -0.46 -10.05 -8.42
C1U RCY E . 3.45 -9.75 -8.60
C1V RCY E . 5.69 -9.07 -7.63
N1V RCY E . 3.82 -10.10 -6.32
C1W RCY E . 3.83 -11.47 -7.00
C1X RCY E . 4.17 -9.11 -7.41
C1Y RCY E . 5.12 -12.22 -6.65
C1Z RCY E . 2.61 -12.26 -6.56
H1S RCY E . -0.35 -11.04 -8.83
H1U RCY E . 3.84 -9.34 -9.52
C1C RCY F . 1.72 -10.46 -2.91
O1G RCY F . 2.90 -11.46 -1.23
O1H RCY F . 6.83 -11.12 -3.82
O1J RCY F . 2.17 -8.79 -0.46
C1L RCY F . 4.96 -12.77 -1.33
C1M RCY F . 4.78 -8.41 -3.23
C1P RCY F . 4.00 -11.66 -1.75
C1Q RCY F . 5.86 -11.57 -3.21
N1R RCY F . 4.57 -10.82 -2.90
C1S RCY F . 5.73 -12.97 -2.64
C1U RCY F . 4.00 -9.57 -3.56
C1V RCY F . 1.94 -8.15 -3.93
N1V RCY F . 2.93 -8.64 -1.69
C1W RCY F . 4.24 -7.89 -1.90
C1X RCY F . 2.60 -9.21 -3.06
C1Y RCY F . 3.99 -6.38 -1.98
C1Z RCY F . 5.20 -8.22 -0.75
H1S RCY F . 5.59 -13.26 -3.67
H1U RCY F . 3.98 -9.70 -4.63
C1C RCY G . 4.40 -3.35 -2.79
O1G RCY G . 5.16 -5.67 -4.07
O1H RCY G . 9.17 -3.21 -3.66
O1J RCY G . 6.09 -1.63 -0.98
C1L RCY G . 7.44 -6.28 -3.44
C1M RCY G . 7.00 -1.54 -4.71
C1P RCY G . 6.33 -5.34 -3.91
C1Q RCY G . 8.36 -4.10 -3.91
N1R RCY G . 6.86 -3.92 -4.14
C1S RCY G . 8.66 -5.58 -4.04
C1U RCY G . 6.10 -2.65 -4.52
C1V RCY G . 4.19 -1.10 -3.93
N1V RCY G . 6.15 -1.58 -2.44
C1W RCY G . 7.22 -0.94 -3.30
C1X RCY G . 5.15 -2.18 -3.43
C1Y RCY G . 7.03 0.58 -3.35
C1Z RCY G . 8.60 -1.30 -2.76
H1S RCY G . 9.09 -5.30 -4.99
H1U RCY G . 5.55 -2.82 -5.44
C1C RCY H . 0.33 1.80 -0.71
O1G RCY H . 2.12 6.02 0.73
O1H RCY H . 3.40 2.03 -1.43
O1J RCY H . -1.19 3.35 1.38
C1L RCY H . 4.04 4.52 0.98
C1M RCY H . 0.34 5.42 -1.47
C1P RCY H . 2.70 4.99 0.40
C1Q RCY H . 3.19 2.88 -0.58
N1R RCY H . 2.17 4.00 -0.65
C1S RCY H . 3.92 3.02 0.75
C1U RCY H . 0.93 4.12 -1.54
C1V RCY H . -1.30 3.08 -2.16
N1V RCY H . -0.71 3.92 0.12
C1W RCY H . -0.59 5.40 -0.25
C1X RCY H . -0.19 3.17 -1.11
C1Y RCY H . -1.96 5.97 -0.62
C1Z RCY H . 0.02 6.17 0.93
H1S RCY H . 3.32 2.16 1.04
H1U RCY H . 1.20 3.90 -2.56
C1C RCY I . -4.22 5.04 -1.34
O1G RCY I . -4.05 5.96 0.43
O1H RCY I . -1.60 2.49 2.48
O1J RCY I . -1.40 5.52 -2.25
C1L RCY I . -2.94 5.75 2.60
C1M RCY I . -2.05 2.15 -0.55
C1P RCY I . -3.42 5.26 1.22
C1Q RCY I . -2.37 3.42 2.29
N1R RCY I . -3.01 3.81 0.97
C1S RCY I . -2.85 4.41 3.33
C1U RCY I . -3.20 2.96 -0.30
C1V RCY I . -3.81 2.97 -2.76
N1V RCY I . -1.89 4.23 -1.77
C1W RCY I . -1.06 3.02 -1.34
C1X RCY I . -3.34 3.81 -1.56
C1Y RCY I . -0.55 2.27 -2.56
C1Z RCY I . 0.09 3.49 -0.46
H1S RCY I . -3.47 3.58 3.67
H1U RCY I . -4.07 2.34 -0.18
C1C RCY J . -2.42 2.05 -2.79
O1G RCY J . -7.36 2.00 -2.02
O1H RCY J . -5.71 0.70 -1.08
O1J RCY J . -2.93 0.95 -0.03
C1L RCY J . -5.02 1.13 -2.07
C1M RCY J . -4.80 -0.79 -2.88
C1P RCY J . -6.16 2.15 -2.16
C1Q RCY J . -5.97 1.64 -1.83
N1R RCY J . -5.23 1.60 -3.21
C1S RCY J . -5.57 2.08 -3.17
C1U RCY J . -4.26 0.43 -3.42
C1V RCY J . -1.89 -0.41 -3.13
N1V RCY J . -3.38 0.32 -1.25
C1W RCY J . -4.42 -0.80 -1.40
C1X RCY J . -2.94 0.62 -2.67
C1Y RCY J . -3.80 -2.15 -1.01
C1Z RCY J . -5.62 -0.49 -0.51
H1S RCY J . -6.59 2.14 -3.54
H1U RCY J . -4.08 0.31 -4.47
C1C RCY K . -5.46 -2.63 -1.48
O1G RCY K . -6.45 -2.93 1.81
O1H RCY K . -2.91 -6.03 1.49
O1J RCY K . -3.10 -1.62 -3.06
C1L RCY K . -6.05 -5.14 2.81
C1M RCY K . -2.27 -3.41 0.22
C1P RCY K . -5.74 -3.93 1.91
C1Q RCY K . -4.03 -5.54 1.56
N1R RCY K . -4.42 -4.12 1.16
C1S RCY K . -5.28 -6.22 2.06
C1U RCY K . -3.68 -3.15 0.24
C1V RCY K . -4.08 -4.73 -1.70
N1V RCY K . -3.00 -2.49 -1.90
C1W RCY K . -1.74 -2.81 -1.09
C1X RCY K . -4.11 -3.29 -1.22
C1Y RCY K . -0.87 -3.82 -1.83
C1Z RCY K . -0.97 -1.52 -0.82
H1S RCY K . -5.25 -6.75 1.12
H1U RCY K . -3.85 -2.13 0.57
N MET A 1 11.64 -0.23 25.96
CA MET A 1 13.07 -0.26 26.41
C MET A 1 13.99 -0.11 25.19
N ASN A 2 13.60 0.71 24.24
CA ASN A 2 14.44 0.90 23.03
C ASN A 2 13.84 2.00 22.15
N LEU A 3 13.41 1.66 20.97
CA LEU A 3 12.81 2.69 20.08
C LEU A 3 11.51 3.19 20.68
N GLU A 4 11.50 4.40 21.20
CA GLU A 4 10.26 4.94 21.80
C GLU A 4 9.24 5.26 20.70
N PRO A 5 7.97 5.12 20.98
CA PRO A 5 6.89 5.40 19.99
C PRO A 5 7.20 6.65 19.14
N PRO A 6 7.05 6.55 17.84
CA PRO A 6 7.32 7.70 16.92
C PRO A 6 6.17 8.72 16.93
N LYS A 7 6.42 9.91 16.47
CA LYS A 7 5.34 10.95 16.45
C LYS A 7 5.82 12.15 15.63
N ALA A 8 6.67 12.96 16.20
CA ALA A 8 7.16 14.14 15.46
C ALA A 8 8.22 13.71 14.44
N GLU A 9 8.07 14.11 13.22
CA GLU A 9 9.06 13.71 12.17
C GLU A 9 9.07 14.76 11.06
N CYS A 10 7.93 15.28 10.71
CA CYS A 10 7.87 16.31 9.63
C CYS A 10 6.47 16.91 9.58
N ARG A 11 5.81 17.01 10.71
CA ARG A 11 4.45 17.59 10.74
C ARG A 11 4.12 18.07 12.14
N SER A 12 2.86 18.20 12.47
CA SER A 12 2.48 18.67 13.83
C SER A 12 0.97 18.80 13.92
N ALA A 13 0.33 19.11 12.82
CA ALA A 13 -1.16 19.25 12.85
C ALA A 13 -1.67 19.40 11.41
N THR A 14 -2.27 18.38 10.87
CA THR A 14 -2.79 18.47 9.47
C THR A 14 -4.02 17.58 9.32
N ARG A 15 -5.09 17.91 10.01
CA ARG A 15 -6.32 17.08 9.91
C ARG A 15 -7.03 17.39 8.58
N VAL A 16 -6.28 17.69 7.56
CA VAL A 16 -6.90 18.01 6.24
C VAL A 16 -7.96 16.96 5.91
N MET A 17 -9.04 17.35 5.29
CA MET A 17 -10.10 16.36 4.94
C MET A 17 -11.12 17.02 4.01
N GLY A 18 -10.77 17.23 2.78
CA GLY A 18 -11.73 17.86 1.82
C GLY A 18 -12.87 16.88 1.52
N GLY A 19 -14.09 17.30 1.72
CA GLY A 19 -15.24 16.38 1.44
C GLY A 19 -15.32 16.10 -0.05
N PRO A 20 -15.68 17.09 -0.83
CA PRO A 20 -15.80 16.95 -2.31
C PRO A 20 -14.62 16.17 -2.92
N CYS A 21 -14.77 14.88 -3.07
CA CYS A 21 -13.68 14.07 -3.66
C CYS A 21 -14.27 13.07 -4.66
N THR A 22 -14.11 13.32 -5.92
CA THR A 22 -14.66 12.40 -6.95
C THR A 22 -13.87 11.08 -6.90
N PRO A 23 -14.31 10.07 -7.63
CA PRO A 23 -13.62 8.75 -7.64
C PRO A 23 -12.19 8.85 -8.18
N ARG A 24 -11.50 9.90 -7.86
CA ARG A 24 -10.09 10.07 -8.34
C ARG A 24 -9.96 9.55 -9.78
N LYS A 25 -11.02 9.56 -10.53
CA LYS A 25 -10.94 9.07 -11.93
C LYS A 25 -10.16 10.07 -12.78
N GLY A 26 -9.76 9.67 -13.96
CA GLY A 26 -9.00 10.61 -14.85
C GLY A 26 -8.34 9.82 -15.98
N PRO A 27 -7.48 10.47 -16.72
CA PRO A 27 -6.76 9.83 -17.87
C PRO A 27 -6.14 8.48 -17.48
N PRO A 28 -5.91 7.63 -18.44
CA PRO A 28 -5.32 6.29 -18.20
C PRO A 28 -4.21 6.32 -17.14
N LYS A 29 -3.90 5.20 -16.55
CA LYS A 29 -2.84 5.16 -15.50
C LYS A 29 -1.60 5.91 -16.00
N CYS A 30 -1.20 6.95 -15.31
CA CYS A 30 0.00 7.72 -15.75
C CYS A 30 1.12 6.76 -16.13
N LYS A 31 1.77 6.18 -15.17
CA LYS A 31 2.88 5.22 -15.48
C LYS A 31 2.94 4.14 -14.40
N GLN A 32 3.89 4.23 -13.52
CA GLN A 32 4.01 3.22 -12.44
C GLN A 32 4.89 3.78 -11.31
N ARG A 33 6.16 3.53 -11.38
CA ARG A 33 7.08 4.04 -10.33
C ARG A 33 8.52 3.81 -10.76
N GLN A 34 8.75 3.65 -12.04
CA GLN A 34 10.13 3.43 -12.53
C GLN A 34 10.79 2.29 -11.75
N THR A 35 10.06 1.23 -11.50
CA THR A 35 10.63 0.09 -10.74
C THR A 35 11.06 -1.02 -11.70
N ARG A 36 10.68 -2.24 -11.44
CA ARG A 36 11.06 -3.36 -12.35
C ARG A 36 10.20 -4.57 -12.05
N GLN A 37 8.92 -4.48 -12.28
CA GLN A 37 8.01 -5.64 -12.03
C GLN A 37 7.85 -5.85 -10.52
N CYS A 38 8.81 -5.43 -9.73
CA CYS A 38 8.71 -5.63 -8.26
C CYS A 38 8.56 -7.12 -7.96
N LYS A 39 9.54 -7.70 -7.31
CA LYS A 39 9.47 -9.16 -6.99
C LYS A 39 8.58 -9.38 -5.77
N SER A 40 8.95 -10.30 -4.92
CA SER A 40 8.13 -10.57 -3.70
C SER A 40 6.77 -11.16 -4.12
N LYS A 41 6.72 -12.44 -4.36
CA LYS A 41 5.43 -13.06 -4.77
C LYS A 41 5.34 -14.49 -4.21
N PRO A 42 4.93 -14.61 -2.97
CA PRO A 42 4.79 -15.93 -2.29
C PRO A 42 3.40 -16.53 -2.49
N PRO A 43 3.26 -17.80 -2.25
CA PRO A 43 1.94 -18.50 -2.40
C PRO A 43 0.85 -17.81 -1.55
N LYS A 44 -0.22 -17.39 -2.19
CA LYS A 44 -1.31 -16.71 -1.44
C LYS A 44 -2.65 -17.34 -1.82
N LYS A 45 -2.86 -17.59 -3.08
CA LYS A 45 -4.15 -18.20 -3.52
C LYS A 45 -4.17 -18.30 -5.05
N GLY A 46 -4.37 -17.20 -5.73
CA GLY A 46 -4.40 -17.23 -7.22
C GLY A 46 -4.15 -15.83 -7.77
N VAL A 47 -4.14 -15.68 -9.07
CA VAL A 47 -3.90 -14.34 -9.67
C VAL A 47 -2.68 -13.71 -9.00
N GLN A 48 -1.52 -13.85 -9.59
CA GLN A 48 -0.29 -13.27 -8.98
C GLN A 48 -0.05 -11.86 -9.51
N GLY A 49 -1.00 -10.98 -9.34
CA GLY A 49 -0.83 -9.56 -9.81
C GLY A 49 0.03 -9.51 -11.09
N CYS A 50 0.75 -8.43 -11.28
CA CYS A 50 1.60 -8.26 -12.49
C CYS A 50 0.92 -8.94 -13.69
N GLY A 51 -0.28 -8.53 -14.00
CA GLY A 51 -1.00 -9.14 -15.15
C GLY A 51 -0.16 -8.99 -16.41
N ASP A 52 0.50 -7.88 -16.56
CA ASP A 52 1.34 -7.67 -17.78
C ASP A 52 2.29 -6.49 -17.55
N ASP A 53 2.65 -6.23 -16.31
CA ASP A 53 3.57 -5.10 -16.00
C ASP A 53 2.78 -3.80 -15.88
N ILE A 54 1.51 -3.81 -16.21
CA ILE A 54 0.67 -2.58 -16.10
C ILE A 54 -0.47 -2.83 -15.10
N PRO A 55 -0.21 -2.65 -13.83
CA PRO A 55 -1.22 -2.87 -12.76
C PRO A 55 -2.12 -1.63 -12.57
N GLY A 56 -2.94 -1.34 -13.53
CA GLY A 56 -3.85 -0.17 -13.41
C GLY A 56 -5.09 -0.38 -14.27
N MET A 57 -5.20 -1.51 -14.89
CA MET A 57 -6.39 -1.79 -15.75
C MET A 57 -7.66 -1.62 -14.92
N GLU A 58 -7.53 -1.35 -13.65
CA GLU A 58 -8.73 -1.18 -12.79
C GLU A 58 -9.57 -2.45 -12.84
N GLY A 59 -9.13 -3.49 -12.19
CA GLY A 59 -9.90 -4.77 -12.19
C GLY A 59 -9.52 -5.59 -10.96
N CYS A 60 -8.80 -5.00 -10.05
CA CYS A 60 -8.39 -5.74 -8.82
C CYS A 60 -9.59 -5.84 -7.88
N GLY A 61 -10.24 -6.96 -7.85
CA GLY A 61 -11.42 -7.12 -6.94
C GLY A 61 -10.92 -7.47 -5.54
N THR A 62 -10.70 -8.73 -5.28
CA THR A 62 -10.20 -9.14 -3.93
C THR A 62 -8.78 -9.71 -4.06
N ASP A 63 -7.87 -8.92 -4.54
CA ASP A 63 -6.46 -9.42 -4.68
C ASP A 63 -5.86 -9.64 -3.30
N ILE A 64 -6.42 -10.54 -2.54
CA ILE A 64 -5.89 -10.81 -1.18
C ILE A 64 -5.68 -9.50 -0.45
N THR A 65 -6.69 -9.03 0.22
CA THR A 65 -6.57 -7.75 0.97
C THR A 65 -6.18 -8.06 2.42
N VAL A 66 -6.95 -8.88 3.07
CA VAL A 66 -6.64 -9.24 4.48
C VAL A 66 -5.14 -9.49 4.66
N ILE A 67 -4.60 -10.44 3.94
CA ILE A 67 -3.14 -10.73 4.06
C ILE A 67 -2.54 -10.92 2.67
N CYS A 68 -2.11 -9.86 2.05
CA CYS A 68 -1.51 -9.94 0.69
C CYS A 68 0.01 -10.03 0.81
N PRO A 69 0.69 -10.29 -0.28
CA PRO A 69 2.18 -10.40 -0.29
C PRO A 69 2.87 -9.28 0.52
N TRP A 70 2.32 -8.11 0.52
CA TRP A 70 2.96 -7.00 1.28
C TRP A 70 3.06 -7.37 2.76
N GLU A 71 2.03 -7.96 3.32
CA GLU A 71 2.09 -8.35 4.76
C GLU A 71 3.25 -9.33 4.97
N ALA A 72 3.84 -9.79 3.91
CA ALA A 72 4.99 -10.74 4.05
C ALA A 72 6.22 -9.97 4.54
N CYS A 73 6.35 -8.73 4.13
CA CYS A 73 7.52 -7.92 4.57
C CYS A 73 7.46 -7.73 6.09
N ASN A 74 6.34 -7.31 6.60
CA ASN A 74 6.21 -7.09 8.07
C ASN A 74 7.16 -5.97 8.50
N HIS A 75 6.78 -4.75 8.26
CA HIS A 75 7.65 -3.60 8.66
C HIS A 75 6.80 -2.33 8.75
N CYS A 76 5.69 -2.40 9.44
CA CYS A 76 4.82 -1.20 9.57
C CYS A 76 3.99 -1.30 10.85
N GLU A 77 3.92 -0.23 11.61
CA GLU A 77 3.13 -0.26 12.87
C GLU A 77 1.64 -0.28 12.55
N LEU A 78 0.83 0.28 13.41
CA LEU A 78 -0.64 0.29 13.16
C LEU A 78 -1.15 -1.15 13.05
N HIS A 79 -2.44 -1.34 13.13
CA HIS A 79 -3.00 -2.72 13.04
C HIS A 79 -3.15 -3.13 11.57
N GLU A 80 -4.28 -3.66 11.21
CA GLU A 80 -4.50 -4.09 9.80
C GLU A 80 -5.96 -3.85 9.43
N LEU A 81 -6.86 -4.66 9.94
CA LEU A 81 -8.30 -4.47 9.62
C LEU A 81 -8.70 -3.02 9.89
N ALA A 82 -7.85 -2.26 10.51
CA ALA A 82 -8.18 -0.85 10.81
C ALA A 82 -8.26 -0.06 9.49
N GLN A 83 -7.79 1.15 9.49
CA GLN A 83 -7.83 1.95 8.23
C GLN A 83 -9.29 2.12 7.78
N TYR A 84 -10.21 1.52 8.50
CA TYR A 84 -11.65 1.63 8.13
C TYR A 84 -11.92 0.90 6.82
N GLY A 85 -10.93 0.21 6.30
CA GLY A 85 -11.14 -0.53 5.02
C GLY A 85 -9.98 -1.49 4.77
N ILE A 86 -9.22 -1.80 5.79
CA ILE A 86 -8.06 -2.75 5.63
C ILE A 86 -7.25 -2.41 4.36
N CYS A 87 -6.03 -2.85 4.29
CA CYS A 87 -5.20 -2.56 3.09
C CYS A 87 -5.88 -3.14 1.85
C1C RCY B . 2.59 15.01 12.31
O1G RCY B . 7.15 14.20 13.12
O1H RCY B . 4.44 13.52 9.30
O1J RCY B . 1.41 13.78 14.79
C1L RCY B . 7.52 14.53 10.72
C1M RCY B . 4.70 12.25 13.57
C1P RCY B . 6.72 14.10 11.96
C1Q RCY B . 5.41 13.55 10.07
N1R RCY B . 5.35 13.54 11.60
C1S RCY B . 6.86 13.62 9.67
C1U RCY B . 4.21 13.08 12.51
C1V RCY B . 4.55 15.16 13.91
N1V RCY B . 2.74 13.47 14.28
C1W RCY B . 3.64 12.31 14.68
C1X RCY B . 3.53 14.24 13.24
C1Y RCY B . 4.31 12.59 16.03
C1Z RCY B . 2.82 11.03 14.74
H1S RCY B . 6.74 12.58 9.42
H1U RCY B . 3.48 12.54 11.94
C1C RCY C . -11.03 8.71 -0.13
O1G RCY C . -10.14 13.46 1.86
O1H RCY C . -11.83 10.45 -1.36
O1J RCY C . -8.05 8.71 0.29
C1L RCY C . -10.68 13.68 -0.51
C1M RCY C . -10.10 10.67 2.87
C1P RCY C . -10.52 12.93 0.82
C1Q RCY C . -11.18 11.34 -0.80
N1R RCY C . -10.90 11.46 0.69
C1S RCY C . -10.50 12.51 -1.49
C1U RCY C . -10.98 10.38 1.77
C1V RCY C . -10.87 7.89 2.26
N1V RCY C . -9.01 9.23 1.26
C1W RCY C . -8.73 10.11 2.47
C1X RCY C . -10.52 9.01 1.28
C1Y RCY C . -8.14 9.28 3.62
C1Z RCY C . -7.76 11.23 2.08
H1S RCY C . -9.78 11.76 -1.81
H1U RCY C . -12.00 10.31 2.14
C1C RCY D . -5.60 4.51 -12.34
O1G RCY D . -3.79 5.21 -11.58
O1H RCY D . -3.03 7.92 -15.37
O1J RCY D . -7.45 6.88 -12.46
C1L RCY D . -2.31 7.10 -12.01
C1M RCY D . -5.44 6.15 -15.64
C1P RCY D . -3.36 6.04 -12.37
C1Q RCY D . -2.87 7.25 -14.36
N1R RCY D . -3.78 6.15 -13.84
C1S RCY D . -1.70 7.35 -13.39
C1U RCY D . -4.85 5.36 -14.60
C1V RCY D . -6.95 3.96 -14.40
N1V RCY D . -6.75 6.33 -13.61
C1W RCY D . -6.57 6.96 -14.99
C1X RCY D . -6.04 4.98 -13.72
C1Y RCY D . -7.85 6.86 -15.80
C1Z RCY D . -6.16 8.43 -14.81
H1S RCY D . -1.15 6.85 -14.17
H1U RCY D . -4.41 4.47 -15.02
C1C RCY E . 1.87 -3.68 -6.50
O1G RCY E . 4.77 -1.72 -3.24
O1H RCY E . 5.42 -4.84 -6.72
O1J RCY E . -0.46 -4.35 -4.73
C1L RCY E . 6.56 -2.06 -4.87
C1M RCY E . 2.97 -4.24 -3.02
C1P RCY E . 5.24 -2.37 -4.17
C1Q RCY E . 5.61 -4.09 -5.77
N1R RCY E . 4.57 -3.62 -4.76
C1S RCY E . 6.93 -3.46 -5.38
C1U RCY E . 3.21 -4.24 -4.43
C1V RCY E . 2.16 -1.95 -4.67
N1V RCY E . 0.88 -4.07 -4.24
C1W RCY E . 1.45 -4.34 -2.84
C1X RCY E . 2.04 -3.45 -5.00
C1Y RCY E . 0.95 -3.28 -1.84
C1Z RCY E . 1.03 -5.74 -2.39
H1S RCY E . 7.18 -4.45 -5.03
H1U RCY E . 3.18 -5.25 -4.80
C1C RCY F . 5.31 -8.10 -5.03
O1G RCY F . 2.62 -7.12 -6.98
O1H RCY F . 3.40 -11.55 -8.40
O1J RCY F . 5.92 -10.02 -2.79
C1L RCY F . 2.45 -8.23 -9.15
C1M RCY F . 3.45 -11.27 -5.45
C1P RCY F . 2.76 -8.14 -7.64
C1Q RCY F . 3.36 -10.32 -8.35
N1R RCY F . 3.27 -9.47 -7.10
C1S RCY F . 3.39 -9.38 -9.54
C1U RCY F . 3.59 -9.86 -5.66
C1V RCY F . 6.02 -10.16 -6.34
N1V RCY F . 5.16 -10.37 -3.99
C1W RCY F . 4.30 -11.61 -4.22
C1X RCY F . 5.05 -9.58 -5.29
C1Y RCY F . 5.18 -12.83 -4.51
C1Z RCY F . 3.43 -11.86 -2.99
H1S RCY F . 4.44 -9.63 -9.58
H1U RCY F . 2.95 -9.31 -4.98
C1C RCY G . -1.85 -1.21 -6.69
O1G RCY G . -4.29 -3.95 -4.10
O1H RCY G . -5.86 -0.99 -7.41
O1J RCY G . -0.26 0.29 -4.63
C1L RCY G . -5.99 -4.14 -5.84
C1M RCY G . -3.80 -0.74 -3.57
C1P RCY G . -4.92 -3.42 -5.02
C1Q RCY G . -5.81 -1.84 -6.53
N1R RCY G . -4.73 -1.98 -5.47
C1S RCY G . -6.83 -2.94 -6.29
C1U RCY G . -3.71 -0.94 -4.99
C1V RCY G . -2.01 -2.79 -4.70
N1V RCY G . -1.54 -0.35 -4.36
C1W RCY G . -2.45 -0.16 -3.14
C1X RCY G . -2.27 -1.37 -5.22
C1Y RCY G . -1.89 -0.92 -1.94
C1Z RCY G . -2.55 1.33 -2.83
H1S RCY G . -7.44 -2.14 -5.90
H1U RCY G . -3.89 0.00 -5.49
C1C RCY H . -5.42 -3.21 -0.82
O1G RCY H . -3.89 -5.51 -3.57
O1H RCY H . -1.17 -4.76 0.21
O1J RCY H . -5.69 -0.43 -1.96
C1L RCY H . -2.46 -6.97 -2.22
C1M RCY H . -2.44 -2.28 -2.78
C1P RCY H . -3.10 -5.64 -2.64
C1Q RCY H . -1.59 -5.17 -0.87
N1R RCY H . -2.63 -4.49 -1.75
C1S RCY H . -1.17 -6.45 -1.58
C1U RCY H . -3.08 -3.02 -1.74
C1V RCY H . -4.99 -3.65 -3.28
N1V RCY H . -4.63 -1.36 -2.31
C1W RCY H . -3.32 -1.06 -3.05
C1X RCY H . -4.57 -2.87 -2.03
C1Y RCY H . -3.59 -0.89 -4.55
C1Z RCY H . -2.71 0.22 -2.46
H1S RCY H . -0.27 -5.90 -1.79
H1U RCY H . -2.84 -2.58 -0.79
C1C RCY I . 2.43 -7.17 -1.77
O1G RCY I . 5.07 -6.00 -1.80
O1H RCY I . 5.26 -7.02 2.80
O1J RCY I . -0.30 -6.11 -1.06
C1L RCY I . 6.92 -6.38 -0.24
C1M RCY I . 2.48 -5.44 1.50
C1P RCY I . 5.46 -6.23 -0.65
C1Q RCY I . 5.50 -6.54 1.70
N1R RCY I . 4.52 -6.39 0.54
C1S RCY I . 6.83 -5.97 1.23
C1U RCY I . 2.99 -6.42 0.58
C1V RCY I . 2.96 -4.73 -1.32
N1V RCY I . 0.92 -5.79 -0.32
C1W RCY I . 1.04 -5.16 1.06
C1X RCY I . 2.36 -6.02 -0.75
C1Y RCY I . 0.78 -3.65 0.99
C1Z RCY I . 0.04 -5.82 2.01
H1S RCY I . 6.58 -5.14 1.87
H1U RCY I . 2.65 -7.39 0.86
C1C RCY J . -0.53 -3.17 8.01
O1G RCY J . 2.48 -4.57 3.95
O1H RCY J . 1.91 -1.34 7.35
O1J RCY J . -3.03 -4.59 7.12
C1L RCY J . 4.04 -3.14 5.18
C1M RCY J . -0.33 -4.10 4.44
C1P RCY J . 2.66 -3.68 4.78
C1Q RCY J . 2.30 -1.93 6.35
N1R RCY J . 1.54 -2.99 5.55
C1S RCY J . 3.65 -1.74 5.66
C1U RCY J . 0.03 -3.27 5.55
C1V RCY J . 0.45 -5.29 7.01
N1V RCY J . -1.82 -4.48 6.31
C1W RCY J . -1.66 -4.77 4.82
C1X RCY J . -0.42 -4.06 6.77
C1Y RCY J . -1.61 -6.27 4.57
C1Z RCY J . -2.83 -4.13 4.06
H1S RCY J . 3.21 -0.81 5.31
H1U RCY J . -0.51 -2.34 5.49
C1C RCY K . 0.46 -5.52 -1.54
O1G RCY K . 0.49 -6.90 3.38
O1H RCY K . -0.88 -4.17 -0.22
O1J RCY K . 1.46 -2.70 -1.21
C1L RCY K . -1.55 -5.62 2.94
C1M RCY K . 2.85 -5.26 1.29
C1P RCY K . -0.13 -6.13 2.65
C1Q RCY K . -0.69 -4.61 0.92
N1R RCY K . 0.42 -5.57 1.33
C1S RCY K . -1.50 -4.30 2.15
C1U RCY K . 1.74 -5.88 0.63
C1V RCY K . 2.97 -5.89 -1.58
N1V RCY K . 2.01 -3.84 -0.50
C1W RCY K . 2.93 -3.83 0.72
C1X RCY K . 1.79 -5.32 -0.79
C1Y RCY K . 4.36 -3.50 0.30
C1Z RCY K . 2.42 -2.81 1.73
H1S RCY K . -1.00 -3.35 2.13
H1U RCY K . 1.89 -6.95 0.60
N MET A 1 5.94 -23.93 -6.92
CA MET A 1 5.38 -22.85 -7.78
C MET A 1 6.39 -21.70 -7.89
N ASN A 2 7.11 -21.64 -8.97
CA ASN A 2 8.12 -20.55 -9.14
C ASN A 2 9.15 -20.64 -8.02
N LEU A 3 10.36 -20.25 -8.28
CA LEU A 3 11.42 -20.31 -7.23
C LEU A 3 10.97 -19.53 -5.99
N GLU A 4 11.44 -19.91 -4.83
CA GLU A 4 11.04 -19.21 -3.59
C GLU A 4 11.37 -17.72 -3.73
N PRO A 5 10.74 -16.88 -2.94
CA PRO A 5 10.97 -15.41 -2.98
C PRO A 5 12.43 -15.05 -3.27
N PRO A 6 12.68 -13.88 -3.78
CA PRO A 6 14.06 -13.42 -4.13
C PRO A 6 14.95 -13.30 -2.89
N LYS A 7 16.25 -13.38 -3.08
CA LYS A 7 17.18 -13.27 -1.92
C LYS A 7 17.60 -11.81 -1.74
N ALA A 8 16.83 -11.04 -1.01
CA ALA A 8 17.20 -9.60 -0.80
C ALA A 8 16.07 -8.91 -0.04
N GLU A 9 16.05 -9.03 1.26
CA GLU A 9 14.98 -8.36 2.06
C GLU A 9 15.57 -7.85 3.38
N CYS A 10 16.18 -8.71 4.14
CA CYS A 10 16.78 -8.27 5.43
C CYS A 10 15.71 -7.60 6.29
N ARG A 11 15.17 -8.32 7.24
CA ARG A 11 14.12 -7.71 8.11
C ARG A 11 14.77 -6.76 9.12
N SER A 12 15.75 -6.02 8.69
CA SER A 12 16.43 -5.06 9.61
C SER A 12 15.62 -3.76 9.69
N ALA A 13 16.24 -2.68 10.03
CA ALA A 13 15.50 -1.39 10.12
C ALA A 13 15.17 -0.89 8.72
N THR A 14 14.62 0.29 8.61
CA THR A 14 14.27 0.82 7.27
C THR A 14 14.20 2.35 7.34
N ARG A 15 15.31 2.99 7.59
CA ARG A 15 15.31 4.48 7.68
C ARG A 15 15.32 5.06 6.26
N VAL A 16 14.50 6.05 6.00
CA VAL A 16 14.47 6.66 4.64
C VAL A 16 15.88 7.05 4.22
N MET A 17 16.13 7.09 2.94
CA MET A 17 17.50 7.48 2.46
C MET A 17 17.37 8.30 1.18
N GLY A 18 16.18 8.40 0.65
CA GLY A 18 15.98 9.20 -0.61
C GLY A 18 17.03 8.78 -1.64
N GLY A 19 17.62 9.73 -2.32
CA GLY A 19 18.65 9.38 -3.35
C GLY A 19 17.95 9.04 -4.67
N PRO A 20 18.71 8.59 -5.63
CA PRO A 20 18.17 8.21 -6.97
C PRO A 20 16.88 7.39 -6.88
N CYS A 21 15.76 8.04 -6.76
CA CYS A 21 14.47 7.30 -6.67
C CYS A 21 13.42 8.00 -7.54
N THR A 22 13.21 7.52 -8.74
CA THR A 22 12.21 8.16 -9.63
C THR A 22 10.85 7.49 -9.43
N PRO A 23 9.78 8.24 -9.50
CA PRO A 23 8.41 7.70 -9.33
C PRO A 23 8.23 6.32 -10.00
N ARG A 24 8.98 6.07 -11.04
CA ARG A 24 8.84 4.76 -11.74
C ARG A 24 7.41 4.61 -12.26
N LYS A 25 7.20 4.89 -13.52
CA LYS A 25 5.83 4.77 -14.10
C LYS A 25 5.53 3.30 -14.39
N GLY A 26 6.36 2.66 -15.19
CA GLY A 26 6.13 1.22 -15.53
C GLY A 26 4.64 0.89 -15.50
N PRO A 27 4.15 0.41 -14.38
CA PRO A 27 2.71 0.05 -14.22
C PRO A 27 1.78 1.00 -14.99
N PRO A 28 0.57 0.58 -15.25
CA PRO A 28 -0.42 1.40 -16.00
C PRO A 28 -0.34 2.89 -15.65
N LYS A 29 -0.94 3.73 -16.45
CA LYS A 29 -0.90 5.19 -16.19
C LYS A 29 -1.74 5.52 -14.94
N CYS A 30 -2.92 6.04 -15.14
CA CYS A 30 -3.78 6.39 -13.97
C CYS A 30 -5.19 6.71 -14.45
N LYS A 31 -6.17 5.99 -13.95
CA LYS A 31 -7.58 6.26 -14.38
C LYS A 31 -8.07 7.57 -13.77
N GLN A 32 -9.32 7.89 -13.97
CA GLN A 32 -9.86 9.16 -13.40
C GLN A 32 -10.49 8.87 -12.05
N ARG A 33 -9.73 8.97 -10.99
CA ARG A 33 -10.28 8.70 -9.63
C ARG A 33 -11.60 9.46 -9.46
N GLN A 34 -12.39 9.08 -8.50
CA GLN A 34 -13.69 9.78 -8.27
C GLN A 34 -14.18 9.49 -6.86
N THR A 35 -14.50 8.26 -6.58
CA THR A 35 -14.99 7.90 -5.22
C THR A 35 -14.69 6.42 -4.95
N ARG A 36 -14.91 5.98 -3.74
CA ARG A 36 -14.64 4.55 -3.41
C ARG A 36 -15.84 3.70 -3.82
N GLN A 37 -16.09 3.60 -5.10
CA GLN A 37 -17.24 2.78 -5.57
C GLN A 37 -16.99 1.31 -5.25
N CYS A 38 -16.19 0.65 -6.04
CA CYS A 38 -15.90 -0.78 -5.78
C CYS A 38 -17.21 -1.54 -5.55
N LYS A 39 -17.14 -2.76 -5.12
CA LYS A 39 -18.38 -3.54 -4.87
C LYS A 39 -18.04 -4.79 -4.05
N SER A 40 -16.84 -5.28 -4.19
CA SER A 40 -16.44 -6.50 -3.40
C SER A 40 -15.86 -6.06 -2.05
N LYS A 41 -16.58 -5.23 -1.33
CA LYS A 41 -16.06 -4.77 -0.01
C LYS A 41 -17.24 -4.56 0.95
N PRO A 42 -17.41 -5.42 1.93
CA PRO A 42 -18.53 -5.29 2.91
C PRO A 42 -18.20 -4.27 4.00
N PRO A 43 -19.21 -3.66 4.58
CA PRO A 43 -19.01 -2.64 5.65
C PRO A 43 -18.59 -3.27 6.98
N LYS A 44 -17.44 -2.87 7.49
CA LYS A 44 -16.95 -3.43 8.79
C LYS A 44 -15.43 -3.21 8.86
N LYS A 45 -14.66 -4.23 8.60
CA LYS A 45 -13.18 -4.09 8.65
C LYS A 45 -12.77 -3.31 9.91
N GLY A 46 -11.56 -2.84 9.95
CA GLY A 46 -11.10 -2.08 11.15
C GLY A 46 -12.09 -0.96 11.47
N VAL A 47 -11.78 -0.15 12.44
CA VAL A 47 -12.71 0.97 12.80
C VAL A 47 -12.75 1.99 11.66
N GLN A 48 -12.26 3.18 11.90
CA GLN A 48 -12.26 4.22 10.83
C GLN A 48 -10.89 4.87 10.76
N GLY A 49 -9.95 4.23 10.11
CA GLY A 49 -8.57 4.81 10.00
C GLY A 49 -8.65 6.18 9.33
N CYS A 50 -9.76 6.50 8.72
CA CYS A 50 -9.88 7.83 8.05
C CYS A 50 -11.19 7.87 7.24
N GLY A 51 -11.92 6.79 7.24
CA GLY A 51 -13.20 6.76 6.48
C GLY A 51 -14.08 7.95 6.88
N ASP A 52 -13.63 8.75 7.81
CA ASP A 52 -14.45 9.93 8.24
C ASP A 52 -13.54 11.15 8.43
N ASP A 53 -12.32 11.06 7.96
CA ASP A 53 -11.39 12.23 8.11
C ASP A 53 -11.56 13.17 6.92
N ILE A 54 -10.47 13.66 6.38
CA ILE A 54 -10.57 14.58 5.21
C ILE A 54 -9.48 14.24 4.19
N PRO A 55 -9.72 13.22 3.40
CA PRO A 55 -8.75 12.78 2.36
C PRO A 55 -8.95 13.52 1.03
N GLY A 56 -8.03 13.38 0.12
CA GLY A 56 -8.16 14.07 -1.19
C GLY A 56 -7.51 15.45 -1.12
N MET A 57 -7.27 15.95 0.06
CA MET A 57 -6.63 17.30 0.17
C MET A 57 -5.20 17.24 -0.36
N GLU A 58 -4.33 16.51 0.29
CA GLU A 58 -2.92 16.41 -0.17
C GLU A 58 -2.03 15.99 1.02
N GLY A 59 -1.55 14.78 1.01
CA GLY A 59 -0.69 14.30 2.13
C GLY A 59 -1.53 13.47 3.11
N CYS A 60 -2.43 12.67 2.59
CA CYS A 60 -3.28 11.83 3.48
C CYS A 60 -2.40 11.12 4.51
N GLY A 61 -2.96 10.73 5.62
CA GLY A 61 -2.17 10.02 6.66
C GLY A 61 -0.92 10.83 6.98
N THR A 62 -1.08 12.08 7.33
CA THR A 62 0.12 12.92 7.64
C THR A 62 1.04 12.18 8.60
N ASP A 63 0.55 11.14 9.23
CA ASP A 63 1.43 10.38 10.16
C ASP A 63 2.49 9.67 9.33
N ILE A 64 3.06 10.38 8.40
CA ILE A 64 4.09 9.81 7.49
C ILE A 64 3.40 9.01 6.40
N THR A 65 3.02 9.68 5.35
CA THR A 65 2.32 9.01 4.24
C THR A 65 3.20 7.92 3.64
N VAL A 66 4.12 8.28 2.78
CA VAL A 66 5.00 7.27 2.17
C VAL A 66 5.16 6.10 3.13
N ILE A 67 5.30 6.39 4.40
CA ILE A 67 5.41 5.28 5.40
C ILE A 67 4.62 5.63 6.66
N CYS A 68 3.37 5.34 6.69
CA CYS A 68 2.56 5.62 7.92
C CYS A 68 2.58 4.39 8.82
N PRO A 69 2.51 4.56 10.12
CA PRO A 69 2.52 3.41 11.06
C PRO A 69 1.51 2.34 10.66
N TRP A 70 0.44 2.74 10.05
CA TRP A 70 -0.60 1.75 9.62
C TRP A 70 -0.15 1.10 8.30
N GLU A 71 0.90 1.59 7.71
CA GLU A 71 1.36 1.00 6.41
C GLU A 71 2.14 -0.29 6.70
N ALA A 72 2.86 -0.34 7.79
CA ALA A 72 3.63 -1.56 8.11
C ALA A 72 2.68 -2.70 8.49
N CYS A 73 1.80 -3.05 7.60
CA CYS A 73 0.85 -4.16 7.91
C CYS A 73 1.62 -5.48 8.01
N ASN A 74 2.93 -5.41 7.94
CA ASN A 74 3.75 -6.65 8.03
C ASN A 74 3.49 -7.52 6.80
N HIS A 75 2.88 -8.66 6.98
CA HIS A 75 2.60 -9.56 5.82
C HIS A 75 2.06 -8.72 4.66
N CYS A 76 2.48 -9.03 3.46
CA CYS A 76 1.98 -8.25 2.28
C CYS A 76 2.57 -8.86 1.00
N GLU A 77 3.85 -8.75 0.80
CA GLU A 77 4.48 -9.32 -0.42
C GLU A 77 4.50 -10.85 -0.32
N LEU A 78 3.98 -11.52 -1.31
CA LEU A 78 3.97 -13.01 -1.27
C LEU A 78 3.49 -13.49 0.09
N HIS A 79 2.39 -12.96 0.56
CA HIS A 79 1.86 -13.39 1.89
C HIS A 79 1.05 -14.67 1.73
N GLU A 80 -0.25 -14.59 1.81
CA GLU A 80 -1.11 -15.81 1.67
C GLU A 80 -2.29 -15.47 0.76
N LEU A 81 -2.84 -14.31 0.89
CA LEU A 81 -4.00 -13.92 0.03
C LEU A 81 -3.48 -13.15 -1.19
N ALA A 82 -2.25 -12.71 -1.15
CA ALA A 82 -1.68 -11.96 -2.30
C ALA A 82 -1.60 -12.88 -3.52
N GLN A 83 -0.43 -13.02 -4.10
CA GLN A 83 -0.28 -13.90 -5.30
C GLN A 83 -1.16 -13.35 -6.44
N TYR A 84 -2.44 -13.37 -6.25
CA TYR A 84 -3.37 -12.85 -7.28
C TYR A 84 -4.69 -12.47 -6.62
N GLY A 85 -4.70 -12.39 -5.31
CA GLY A 85 -5.94 -12.02 -4.58
C GLY A 85 -5.98 -10.51 -4.43
N ILE A 86 -6.42 -9.82 -5.46
CA ILE A 86 -6.47 -8.33 -5.43
C ILE A 86 -5.15 -7.76 -4.92
N CYS A 87 -4.76 -6.62 -5.41
CA CYS A 87 -3.47 -6.01 -4.96
C CYS A 87 -3.47 -5.91 -3.43
C1C RCY B . 13.39 -8.10 2.33
O1G RCY B . 16.55 -12.43 3.38
O1H RCY B . 15.97 -7.75 3.75
O1J RCY B . 10.67 -9.06 3.16
C1L RCY B . 18.10 -10.57 3.74
C1M RCY B . 13.61 -11.30 4.17
C1P RCY B . 16.73 -11.21 3.49
C1Q RCY B . 16.42 -8.85 3.46
N1R RCY B . 15.63 -10.16 3.38
C1S RCY B . 17.86 -9.18 3.12
C1U RCY B . 14.12 -10.35 3.22
C1V RCY B . 13.74 -8.43 4.82
N1V RCY B . 11.92 -9.66 3.61
C1W RCY B . 12.11 -11.01 4.30
C1X RCY B . 13.33 -9.08 3.50
C1Y RCY B . 11.71 -10.92 5.77
C1Z RCY B . 11.27 -12.06 3.58
H1S RCY B . 17.64 -8.71 2.18
H1U RCY B . 13.90 -10.71 2.21
C1C RCY C . 10.52 7.97 1.42
O1G RCY C . 13.39 6.83 -0.14
O1H RCY C . 11.26 9.32 -3.55
O1J RCY C . 9.33 10.56 2.37
C1L RCY C . 13.21 6.54 -2.57
C1M RCY C . 11.29 10.73 -0.92
C1P RCY C . 12.93 7.22 -1.23
C1Q RCY C . 11.68 8.39 -2.86
N1R RCY C . 12.04 8.44 -1.37
C1S RCY C . 11.95 6.97 -3.34
C1U RCY C . 11.60 9.46 -0.33
C1V RCY C . 9.20 8.68 -0.63
N1V RCY C . 9.94 10.38 1.06
C1W RCY C . 10.37 11.45 0.06
C1X RCY C . 10.29 9.06 0.37
C1Y RCY C . 9.14 12.02 -0.68
C1Z RCY C . 11.11 12.56 0.81
H1S RCY C . 10.88 6.88 -3.33
H1U RCY C . 12.38 9.59 0.41
C1C RCY D . -8.97 4.50 -15.61
O1G RCY D . -8.82 5.90 -12.87
O1H RCY D . -4.20 5.77 -13.78
O1J RCY D . -9.00 1.53 -16.11
C1L RCY D . -6.95 7.36 -12.25
C1M RCY D . -6.24 2.81 -13.78
C1P RCY D . -7.61 6.13 -12.90
C1Q RCY D . -5.27 5.91 -13.22
N1R RCY D . -6.59 5.23 -13.58
C1S RCY D . -5.55 6.80 -12.01
C1U RCY D . -6.80 3.97 -14.42
C1V RCY D . -9.02 3.62 -13.24
N1V RCY D . -8.16 2.19 -15.11
C1W RCY D . -6.97 1.60 -14.36
C1X RCY D . -8.28 3.61 -14.57
C1Y RCY D . -7.45 0.66 -13.24
C1Z RCY D . -6.09 0.84 -15.34
H1S RCY D . -5.02 6.03 -11.46
H1U RCY D . -6.35 4.09 -15.39
C1C RCY E . -8.22 -0.73 -5.04
O1G RCY E . -11.03 -1.97 -8.89
O1H RCY E . -10.71 -1.10 -4.26
O1J RCY E . -9.04 -2.64 -2.85
C1L RCY E . -12.49 -0.83 -7.29
C1M RCY E . -9.11 -4.05 -6.41
C1P RCY E . -11.26 -1.63 -7.74
C1Q RCY E . -11.14 -1.39 -5.37
N1R RCY E . -10.34 -1.94 -6.54
C1S RCY E . -12.58 -1.27 -5.82
C1U RCY E . -8.97 -2.63 -6.54
C1V RCY E . -6.67 -2.69 -5.48
N1V RCY E . -8.81 -3.03 -4.23
C1W RCY E . -9.21 -4.34 -4.91
C1X RCY E . -8.12 -2.22 -5.33
C1Y RCY E . -8.25 -5.47 -4.51
C1Z RCY E . -10.65 -4.69 -4.51
H1S RCY E . -12.74 -2.14 -5.21
H1U RCY E . -8.44 -2.39 -7.44
C1C RCY F . -5.63 5.25 5.33
O1G RCY F . -8.54 6.40 1.11
O1H RCY F . -6.75 7.11 5.42
O1J RCY F . -7.53 2.91 5.34
C1L RCY F . -9.19 7.85 2.97
C1M RCY F . -6.55 4.26 1.88
C1P RCY F . -8.35 6.77 2.26
C1Q RCY F . -7.53 6.95 4.48
N1R RCY F . -7.24 6.24 3.17
C1S RCY F . -8.97 7.43 4.43
C1U RCY F . -6.12 5.24 2.85
C1V RCY F . -4.41 3.64 3.80
N1V RCY F . -6.89 3.45 4.14
C1W RCY F . -7.25 3.16 2.68
C1X RCY F . -5.71 4.40 4.06
C1Y RCY F . -6.73 1.79 2.26
C1Z RCY F . -8.77 3.23 2.52
H1S RCY F . -9.16 6.61 5.11
H1U RCY F . -5.26 5.77 2.46
C1C RCY G . -2.25 7.27 1.47
O1G RCY G . -1.38 10.64 -2.48
O1H RCY G . -3.35 9.02 1.50
O1J RCY G . -4.38 5.99 -0.22
C1L RCY G . -2.97 11.60 -0.88
C1M RCY G . -1.37 7.43 -2.12
C1P RCY G . -2.07 10.51 -1.46
C1Q RCY G . -3.17 9.57 0.41
N1R RCY G . -2.12 9.23 -0.63
C1S RCY G . -3.99 10.72 -0.14
C1U RCY G . -1.30 7.94 -0.78
C1V RCY G . -0.87 5.62 0.14
N1V RCY G . -3.08 6.41 -0.73
C1W RCY G . -2.66 6.60 -2.19
C1X RCY G . -1.85 6.80 0.07
C1Y RCY G . -2.37 5.23 -2.82
C1Z RCY G . -3.76 7.31 -2.95
H1S RCY G . -4.74 9.97 -0.31
H1U RCY G . -0.27 8.13 -0.51
C1C RCY H . 2.51 0.77 2.59
O1G RCY H . 1.65 5.20 2.35
O1H RCY H . -0.09 2.05 5.40
O1J RCY H . 1.95 -0.09 -0.24
C1L RCY H . 1.25 5.26 4.76
C1M RCY H . -0.18 2.81 1.09
C1P RCY H . 1.23 4.65 3.36
C1Q RCY H . 0.16 3.10 4.82
N1R RCY H . 0.62 3.24 3.37
C1S RCY H . 0.07 4.51 5.39
C1U RCY H . 0.48 2.24 2.22
C1V RCY H . 2.75 2.97 1.36
N1V RCY H . 1.39 1.11 0.38
C1W RCY H . 0.24 1.97 -0.13
C1X RCY H . 1.83 1.78 1.67
C1Y RCY H . 0.70 2.86 -1.28
C1Z RCY H . -0.91 1.05 -0.58
H1S RCY H . -1.00 4.36 5.30
H1U RCY H . -0.08 1.38 2.56
C1C RCY I . -1.41 -2.35 2.85
O1G RCY I . -4.28 -0.79 6.44
O1H RCY I . -2.03 -4.47 4.51
O1J RCY I . -2.44 -5.05 2.01
C1L RCY I . -2.98 -2.64 7.38
C1M RCY I . -5.10 -2.51 3.11
C1P RCY I . -3.65 -1.83 6.26
C1Q RCY I . -2.71 -3.78 5.26
N1R RCY I . -3.42 -2.48 4.89
C1S RCY I . -2.97 -4.04 6.74
C1U RCY I . -3.83 -1.98 3.51
C1V RCY I . -3.12 -1.69 1.09
N1V RCY I . -3.30 -3.89 2.27
C1W RCY I . -4.81 -3.87 2.47
C1X RCY I . -2.87 -2.43 2.40
C1Y RCY I . -5.53 -4.01 1.13
C1Z RCY I . -5.21 -5.02 3.41
H1S RCY I . -3.64 -4.80 6.37
H1U RCY I . -3.87 -0.89 3.52
C1C RCY J . -1.51 -7.11 -2.07
O1G RCY J . -3.56 -7.89 2.72
O1H RCY J . -0.50 -6.24 -0.48
O1J RCY J . -0.62 -9.97 -1.81
C1L RCY J . -1.41 -6.73 2.90
C1M RCY J . -3.95 -9.10 -0.12
C1P RCY J . -2.57 -7.40 2.17
C1Q RCY J . -0.98 -6.77 0.53
N1R RCY J . -2.38 -7.38 0.66
C1S RCY J . -0.30 -6.93 1.87
C1U RCY J . -3.31 -7.85 -0.46
C1V RCY J . -3.56 -8.33 -2.93
N1V RCY J . -1.94 -9.49 -1.41
C1W RCY J . -2.97 -10.20 -0.54
C1X RCY J . -2.58 -8.15 -1.77
C1Y RCY J . -3.70 -11.28 -1.35
C1Z RCY J . -2.27 -10.81 0.67
H1S RCY J . 0.26 -7.71 1.37
H1U RCY J . -4.07 -7.10 -0.63
C1C RCY K . 0.25 -2.64 -2.49
O1G RCY K . -4.58 -3.22 -0.05
O1H RCY K . -2.04 -3.85 -3.97
O1J RCY K . 2.17 -3.71 -0.43
C1L RCY K . -5.17 -3.50 -2.40
C1M RCY K . -1.55 -4.35 0.24
C1P RCY K . -4.22 -3.36 -1.21
C1Q RCY K . -2.89 -3.47 -3.18
N1R RCY K . -2.75 -3.40 -1.66
C1S RCY K . -4.28 -2.97 -3.53
C1U RCY K . -1.48 -3.39 -0.81
C1V RCY K . -0.45 -5.08 -2.40
N1V RCY K . 0.75 -4.02 -0.47
C1W RCY K . -0.10 -4.64 0.65
C1X RCY K . -0.24 -3.78 -1.60
C1Y RCY K . 0.15 -6.16 0.72
C1Z RCY K . 0.25 -3.99 1.98
H1S RCY K . -3.77 -2.08 -3.86
H1U RCY K . -1.35 -2.41 -0.38
N MET A 1 6.70 -24.93 -3.15
CA MET A 1 7.98 -24.18 -3.05
C MET A 1 8.67 -24.17 -4.41
N ASN A 2 8.07 -24.78 -5.40
CA ASN A 2 8.70 -24.81 -6.75
C ASN A 2 8.90 -23.37 -7.25
N LEU A 3 9.96 -22.73 -6.83
CA LEU A 3 10.21 -21.34 -7.29
C LEU A 3 11.70 -21.02 -7.15
N GLU A 4 12.40 -20.93 -8.25
CA GLU A 4 13.86 -20.63 -8.17
C GLU A 4 14.06 -19.13 -7.94
N PRO A 5 14.95 -18.75 -7.06
CA PRO A 5 15.23 -17.32 -6.76
C PRO A 5 15.26 -16.46 -8.03
N PRO A 6 14.37 -15.51 -8.15
CA PRO A 6 14.29 -14.62 -9.35
C PRO A 6 15.36 -13.51 -9.30
N LYS A 7 16.10 -13.35 -10.36
CA LYS A 7 17.15 -12.28 -10.38
C LYS A 7 16.49 -10.94 -10.76
N ALA A 8 15.38 -10.63 -10.14
CA ALA A 8 14.70 -9.35 -10.45
C ALA A 8 15.71 -8.20 -10.42
N GLU A 9 15.89 -7.60 -9.27
CA GLU A 9 16.87 -6.49 -9.16
C GLU A 9 16.57 -5.42 -10.21
N CYS A 10 17.09 -5.58 -11.40
CA CYS A 10 16.85 -4.57 -12.48
C CYS A 10 17.02 -3.17 -11.91
N ARG A 11 16.40 -2.19 -12.51
CA ARG A 11 16.54 -0.80 -12.01
C ARG A 11 15.38 0.06 -12.52
N SER A 12 15.02 -0.09 -13.76
CA SER A 12 13.88 0.71 -14.31
C SER A 12 14.14 2.19 -14.06
N ALA A 13 13.11 3.00 -14.09
CA ALA A 13 13.29 4.47 -13.84
C ALA A 13 12.67 4.83 -12.50
N THR A 14 11.69 5.70 -12.51
CA THR A 14 11.03 6.11 -11.23
C THR A 14 12.07 6.69 -10.28
N ARG A 15 11.98 7.96 -9.99
CA ARG A 15 12.97 8.60 -9.07
C ARG A 15 12.81 8.00 -7.66
N VAL A 16 13.20 6.77 -7.49
CA VAL A 16 13.07 6.12 -6.14
C VAL A 16 14.41 6.20 -5.41
N MET A 17 14.38 6.34 -4.12
CA MET A 17 15.65 6.41 -3.34
C MET A 17 15.38 6.05 -1.88
N GLY A 18 14.23 6.41 -1.37
CA GLY A 18 13.90 6.09 0.04
C GLY A 18 14.40 7.21 0.96
N GLY A 19 15.40 6.94 1.76
CA GLY A 19 15.93 8.00 2.68
C GLY A 19 15.24 7.86 4.05
N PRO A 20 15.76 8.54 5.04
CA PRO A 20 15.19 8.51 6.42
C PRO A 20 13.66 8.60 6.42
N CYS A 21 12.99 7.52 6.75
CA CYS A 21 11.49 7.55 6.78
C CYS A 21 11.02 7.57 8.23
N THR A 22 10.52 8.69 8.68
CA THR A 22 10.03 8.79 10.08
C THR A 22 8.76 9.66 10.12
N PRO A 23 7.61 9.06 10.12
CA PRO A 23 6.31 9.81 10.16
C PRO A 23 6.24 10.77 11.34
N ARG A 24 5.05 11.25 11.64
CA ARG A 24 4.89 12.19 12.79
C ARG A 24 3.62 11.84 13.55
N LYS A 25 3.42 10.59 13.85
CA LYS A 25 2.20 10.16 14.59
C LYS A 25 0.96 10.53 13.78
N GLY A 26 0.59 11.78 13.76
CA GLY A 26 -0.61 12.20 12.99
C GLY A 26 -1.87 11.65 13.67
N PRO A 27 -2.93 11.50 12.92
CA PRO A 27 -4.23 10.98 13.47
C PRO A 27 -4.02 9.72 14.32
N PRO A 28 -4.98 9.41 15.17
CA PRO A 28 -4.90 8.22 16.06
C PRO A 28 -4.24 7.02 15.36
N LYS A 29 -3.80 6.05 16.12
CA LYS A 29 -3.16 4.85 15.50
C LYS A 29 -4.10 4.24 14.45
N CYS A 30 -3.79 3.06 14.00
CA CYS A 30 -4.66 2.41 12.98
C CYS A 30 -4.36 0.91 12.95
N LYS A 31 -5.30 0.12 12.49
CA LYS A 31 -5.09 -1.36 12.44
C LYS A 31 -5.83 -1.93 11.24
N GLN A 32 -6.72 -2.88 11.45
CA GLN A 32 -7.47 -3.47 10.32
C GLN A 32 -8.77 -4.10 10.84
N ARG A 33 -9.64 -4.52 9.96
CA ARG A 33 -10.91 -5.14 10.41
C ARG A 33 -10.65 -6.57 10.89
N GLN A 34 -9.41 -6.87 11.20
CA GLN A 34 -9.09 -8.25 11.67
C GLN A 34 -9.57 -9.27 10.64
N THR A 35 -9.58 -8.90 9.39
CA THR A 35 -10.04 -9.86 8.34
C THR A 35 -8.92 -10.86 8.05
N ARG A 36 -8.16 -10.63 7.01
CA ARG A 36 -7.05 -11.57 6.68
C ARG A 36 -6.25 -11.01 5.49
N GLN A 37 -6.93 -10.41 4.54
CA GLN A 37 -6.22 -9.85 3.36
C GLN A 37 -7.22 -9.13 2.46
N CYS A 38 -8.48 -9.18 2.80
CA CYS A 38 -9.52 -8.52 1.97
C CYS A 38 -9.77 -9.35 0.71
N LYS A 39 -10.89 -10.03 0.64
CA LYS A 39 -11.19 -10.86 -0.56
C LYS A 39 -12.71 -10.98 -0.70
N SER A 40 -13.43 -9.95 -0.34
CA SER A 40 -14.91 -9.99 -0.45
C SER A 40 -15.33 -10.59 -1.80
N LYS A 41 -15.26 -9.81 -2.85
CA LYS A 41 -15.67 -10.33 -4.19
C LYS A 41 -14.69 -11.42 -4.64
N PRO A 42 -15.12 -12.32 -5.50
CA PRO A 42 -14.26 -13.42 -6.02
C PRO A 42 -13.08 -12.88 -6.85
N PRO A 43 -12.11 -13.70 -7.12
CA PRO A 43 -10.92 -13.29 -7.93
C PRO A 43 -11.26 -13.14 -9.41
N LYS A 44 -11.00 -11.98 -9.97
CA LYS A 44 -11.31 -11.75 -11.41
C LYS A 44 -10.11 -11.07 -12.08
N LYS A 45 -9.73 -9.92 -11.61
CA LYS A 45 -8.58 -9.17 -12.20
C LYS A 45 -9.04 -8.36 -13.41
N GLY A 46 -8.51 -7.18 -13.58
CA GLY A 46 -8.91 -6.33 -14.75
C GLY A 46 -9.33 -4.95 -14.23
N VAL A 47 -8.82 -3.91 -14.82
CA VAL A 47 -9.19 -2.53 -14.36
C VAL A 47 -10.56 -2.17 -14.90
N GLN A 48 -11.44 -3.13 -15.02
CA GLN A 48 -12.81 -2.84 -15.52
C GLN A 48 -13.37 -1.60 -14.84
N GLY A 49 -13.37 -1.59 -13.53
CA GLY A 49 -13.90 -0.41 -12.79
C GLY A 49 -13.27 -0.35 -11.40
N CYS A 50 -12.00 -0.05 -11.32
CA CYS A 50 -11.32 0.02 -10.00
C CYS A 50 -11.40 -1.34 -9.31
N GLY A 51 -10.30 -1.83 -8.81
CA GLY A 51 -10.32 -3.16 -8.13
C GLY A 51 -8.91 -3.76 -8.13
N ASP A 52 -8.76 -4.97 -7.69
CA ASP A 52 -7.42 -5.60 -7.66
C ASP A 52 -7.54 -7.03 -7.15
N ASP A 53 -7.40 -8.01 -8.00
CA ASP A 53 -7.50 -9.43 -7.55
C ASP A 53 -6.47 -9.66 -6.44
N ILE A 54 -5.22 -9.44 -6.73
CA ILE A 54 -4.17 -9.66 -5.69
C ILE A 54 -4.62 -9.02 -4.36
N PRO A 55 -4.97 -9.81 -3.38
CA PRO A 55 -5.43 -9.29 -2.06
C PRO A 55 -4.27 -8.85 -1.18
N GLY A 56 -3.40 -8.01 -1.69
CA GLY A 56 -2.24 -7.55 -0.88
C GLY A 56 -1.25 -8.70 -0.72
N MET A 57 -1.22 -9.61 -1.65
CA MET A 57 -0.28 -10.77 -1.58
C MET A 57 -0.60 -11.62 -0.34
N GLU A 58 -0.80 -11.01 0.79
CA GLU A 58 -1.12 -11.79 2.02
C GLU A 58 -1.38 -10.83 3.18
N GLY A 59 -1.82 -9.64 2.89
CA GLY A 59 -2.10 -8.66 3.98
C GLY A 59 -0.81 -8.37 4.73
N CYS A 60 0.18 -7.83 4.06
CA CYS A 60 1.46 -7.52 4.75
C CYS A 60 1.29 -6.27 5.61
N GLY A 61 0.05 -5.89 5.86
CA GLY A 61 -0.23 -4.68 6.68
C GLY A 61 0.90 -4.44 7.70
N THR A 62 1.44 -5.48 8.27
CA THR A 62 2.53 -5.29 9.26
C THR A 62 3.50 -4.21 8.78
N ASP A 63 3.71 -4.11 7.50
CA ASP A 63 4.64 -3.07 6.96
C ASP A 63 4.00 -1.68 7.12
N ILE A 64 2.93 -1.59 7.85
CA ILE A 64 2.27 -0.26 8.04
C ILE A 64 2.84 0.42 9.28
N THR A 65 3.43 -0.32 10.16
CA THR A 65 3.96 0.30 11.41
C THR A 65 2.89 1.23 11.94
N VAL A 66 1.65 0.94 11.62
CA VAL A 66 0.51 1.80 12.07
C VAL A 66 0.53 3.09 11.23
N ILE A 67 1.71 3.57 10.93
CA ILE A 67 1.83 4.82 10.11
C ILE A 67 2.95 4.63 9.09
N CYS A 68 2.63 4.38 7.85
CA CYS A 68 3.69 4.19 6.82
C CYS A 68 3.83 5.47 5.99
N PRO A 69 4.99 5.71 5.44
CA PRO A 69 5.25 6.92 4.61
C PRO A 69 4.04 7.33 3.78
N TRP A 70 3.26 6.38 3.33
CA TRP A 70 2.06 6.73 2.52
C TRP A 70 0.92 7.17 3.43
N GLU A 71 0.78 6.54 4.58
CA GLU A 71 -0.31 6.93 5.51
C GLU A 71 -0.32 8.46 5.67
N ALA A 72 0.82 9.05 5.86
CA ALA A 72 0.88 10.53 6.02
C ALA A 72 0.32 11.19 4.75
N CYS A 73 -0.94 11.54 4.76
CA CYS A 73 -1.54 12.19 3.56
C CYS A 73 -0.63 13.33 3.10
N ASN A 74 0.28 13.06 2.20
CA ASN A 74 1.19 14.13 1.70
C ASN A 74 0.87 14.44 0.24
N HIS A 75 1.33 13.62 -0.67
CA HIS A 75 1.06 13.88 -2.11
C HIS A 75 1.70 12.77 -2.95
N CYS A 76 0.92 11.87 -3.49
CA CYS A 76 1.50 10.77 -4.31
C CYS A 76 1.34 11.11 -5.80
N GLU A 77 1.16 10.11 -6.63
CA GLU A 77 1.02 10.37 -8.09
C GLU A 77 -0.34 10.99 -8.38
N LEU A 78 -0.84 10.80 -9.58
CA LEU A 78 -2.16 11.40 -9.94
C LEU A 78 -2.15 12.89 -9.64
N HIS A 79 -3.20 13.59 -9.98
CA HIS A 79 -3.22 15.06 -9.72
C HIS A 79 -4.68 15.53 -9.56
N GLU A 80 -5.62 14.72 -10.00
CA GLU A 80 -7.05 15.13 -9.87
C GLU A 80 -7.53 14.85 -8.44
N LEU A 81 -7.41 13.63 -8.00
CA LEU A 81 -7.85 13.29 -6.61
C LEU A 81 -6.62 13.24 -5.70
N ALA A 82 -5.53 13.84 -6.11
CA ALA A 82 -4.29 13.82 -5.28
C ALA A 82 -4.50 14.53 -3.94
N GLN A 83 -5.01 15.74 -3.96
CA GLN A 83 -5.22 16.51 -2.69
C GLN A 83 -5.63 15.55 -1.57
N TYR A 84 -4.70 15.20 -0.72
CA TYR A 84 -5.00 14.27 0.42
C TYR A 84 -5.41 12.89 -0.12
N GLY A 85 -6.21 12.86 -1.15
CA GLY A 85 -6.63 11.55 -1.71
C GLY A 85 -7.92 11.09 -1.01
N ILE A 86 -9.06 11.38 -1.59
CA ILE A 86 -10.34 10.95 -0.96
C ILE A 86 -10.22 9.47 -0.60
N CYS A 87 -10.35 8.59 -1.56
CA CYS A 87 -10.22 7.13 -1.26
C CYS A 87 -8.73 6.77 -1.22
C1C RCY B . 14.79 -6.62 -6.16
O1G RCY B . 16.27 -4.95 -7.37
O1H RCY B . 12.31 -3.84 -9.71
O1J RCY B . 16.29 -4.38 -4.80
C1L RCY B . 15.81 -4.32 -9.69
C1M RCY B . 12.81 -3.49 -6.14
C1P RCY B . 15.45 -4.66 -8.24
C1Q RCY B . 13.41 -4.31 -9.40
N1R RCY B . 13.94 -4.59 -8.01
C1S RCY B . 14.49 -4.72 -10.39
C1U RCY B . 13.15 -4.75 -6.71
C1V RCY B . 13.08 -5.87 -4.43
N1V RCY B . 14.89 -4.30 -5.20
C1W RCY B . 14.02 -3.05 -5.30
C1X RCY B . 13.97 -5.43 -5.61
C1Y RCY B . 13.57 -2.59 -3.91
C1Z RCY B . 14.80 -1.95 -6.00
H1S RCY B . 13.86 -5.57 -10.58
H1U RCY B . 12.25 -5.32 -6.90
C1C RCY C . 4.94 10.26 3.02
O1G RCY C . 7.62 10.08 2.38
O1H RCY C . 7.96 5.80 4.36
O1J RCY C . 2.26 9.31 4.02
C1L RCY C . 9.52 8.68 3.04
C1M RCY C . 5.15 6.80 4.35
C1P RCY C . 8.03 9.04 2.90
C1Q RCY C . 8.15 6.99 4.08
N1R RCY C . 7.13 7.96 3.48
C1S RCY C . 9.45 7.75 4.25
C1U RCY C . 5.61 7.86 3.49
C1V RCY C . 5.53 9.53 5.37
N1V RCY C . 3.51 8.59 4.23
C1W RCY C . 3.70 7.14 4.70
C1X RCY C . 4.93 9.10 4.03
C1Y RCY C . 3.47 7.04 6.22
C1Z RCY C . 2.72 6.24 3.94
H1S RCY C . 9.20 7.74 5.31
H1U RCY C . 5.27 7.67 2.48
C1C RCY D . -3.73 0.29 4.61
O1G RCY D . -1.55 -0.45 7.34
O1H RCY D . -4.57 3.18 7.63
O1J RCY D . -5.78 2.51 4.51
C1L RCY D . -3.20 0.23 9.02
C1M RCY D . -2.23 3.55 5.53
C1P RCY D . -2.39 0.37 7.72
C1Q RCY D . -3.74 2.31 7.91
N1R RCY D . -2.75 1.64 6.96
C1S RCY D . -3.51 1.71 9.28
C1U RCY D . -2.27 2.12 5.59
C1V RCY D . -2.58 1.95 3.08
N1V RCY D . -4.35 2.72 4.68
C1W RCY D . -3.64 4.00 5.13
C1X RCY D . -3.22 1.73 4.45
C1Y RCY D . -3.59 5.01 3.98
C1Z RCY D . -4.39 4.59 6.33
H1S RCY D . -3.03 2.65 9.50
H1U RCY D . -1.29 1.72 5.39
C1C RCY E . -6.67 -6.03 -3.19
O1G RCY E . -8.87 -1.80 -1.07
O1H RCY E . -7.80 -6.27 0.04
O1J RCY E . -3.76 -5.40 -3.66
C1L RCY E . -9.96 -3.49 0.33
C1M RCY E . -5.56 -3.17 -1.10
C1P RCY E . -8.89 -2.96 -0.63
C1Q RCY E . -8.42 -5.26 -0.27
N1R RCY E . -7.86 -4.02 -0.98
C1S RCY E . -9.89 -4.98 -0.01
C1U RCY E . -6.57 -3.91 -1.81
C1V RCY E . -5.77 -6.10 -0.82
N1V RCY E . -4.56 -4.80 -2.60
C1W RCY E . -4.22 -3.58 -1.74
C1X RCY E . -5.93 -5.26 -2.09
C1Y RCY E . -3.21 -3.95 -0.66
C1Z RCY E . -3.68 -2.48 -2.64
H1S RCY E . -10.05 -5.67 -0.82
H1U RCY E . -6.79 -3.41 -2.74
C1C RCY F . -11.09 -2.17 -1.79
O1G RCY F . -10.19 -0.58 -3.97
O1H RCY F . -13.98 -2.05 -6.38
O1J RCY F . -10.96 -5.08 -1.03
C1L RCY F . -11.41 0.32 -5.89
C1M RCY F . -12.15 -4.33 -4.60
C1P RCY F . -11.10 -0.69 -4.79
C1Q RCY F . -12.87 -1.59 -6.08
N1R RCY F . -12.05 -1.89 -4.84
C1S RCY F . -12.08 -0.59 -6.92
C1U RCY F . -12.17 -3.08 -3.89
C1V RCY F . -9.65 -3.09 -3.66
N1V RCY F . -11.20 -4.59 -2.39
C1W RCY F . -11.71 -5.39 -3.59
C1X RCY F . -10.99 -3.19 -2.93
C1Y RCY F . -10.59 -6.26 -4.18
C1Z RCY F . -12.89 -6.26 -3.15
H1S RCY F . -11.88 -1.45 -7.55
H1U RCY F . -13.09 -3.00 -3.33
C1C RCY G . 1.87 -3.25 -2.45
O1G RCY G . 1.08 -4.36 -0.97
O1H RCY G . 4.40 -3.31 2.22
O1J RCY G . 0.26 -1.01 -1.23
C1L RCY G . 1.55 -5.17 1.31
C1M RCY G . 3.94 -1.22 -0.14
C1P RCY G . 1.80 -4.34 0.03
C1Q RCY G . 3.61 -3.92 1.51
N1R RCY G . 3.06 -3.48 0.16
C1S RCY G . 2.98 -5.26 1.84
C1U RCY G . 3.63 -2.45 -0.81
C1V RCY G . 3.32 -1.24 -3.02
N1V RCY G . 1.72 -1.14 -1.10
C1W RCY G . 2.64 -0.40 -0.13
C1X RCY G . 2.64 -2.04 -1.90
C1Y RCY G . 2.89 1.02 -0.61
C1Z RCY G . 2.00 -0.41 1.27
H1S RCY G . 3.95 -5.66 1.59
H1U RCY G . 4.53 -2.85 -1.27
C1C RCY H . 3.19 1.13 -0.90
O1G RCY H . 3.16 3.39 0.83
O1H RCY H . 0.61 0.80 3.84
O1J RCY H . 1.30 -0.08 -2.90
C1L RCY H . 2.76 3.53 3.25
C1M RCY H . -0.21 0.79 0.52
C1P RCY H . 2.59 2.96 1.83
C1Q RCY H . 1.14 1.75 3.27
N1R RCY H . 1.62 1.78 1.82
C1S RCY H . 1.43 3.11 3.87
C1U RCY H . 1.22 0.86 0.66
C1V RCY H . 1.34 2.85 -0.91
N1V RCY H . 0.88 0.50 -1.62
C1W RCY H . -0.46 0.34 -0.93
C1X RCY H . 1.70 1.38 -0.69
C1Y RCY H . -1.51 1.24 -1.59
C1Z RCY H . -0.90 -1.13 -0.99
H1S RCY H . 0.36 3.27 3.77
H1U RCY H . 1.62 -0.13 0.83
C1C RCY I . -4.68 6.62 4.02
O1G RCY I . -0.13 8.60 2.94
O1H RCY I . -4.48 9.17 4.68
O1J RCY I . -3.60 5.42 1.48
C1L RCY I . -1.73 10.45 2.86
C1M RCY I . -1.01 6.18 4.20
C1P RCY I . -1.24 9.03 3.22
C1Q RCY I . -3.49 9.20 3.94
N1R RCY I . -2.31 8.24 3.96
C1S RCY I . -3.24 10.20 2.83
C1U RCY I . -2.22 6.84 4.58
C1V RCY I . -3.40 4.63 4.93
N1V RCY I . -2.82 5.59 2.69
C1W RCY I . -1.30 5.51 2.85
C1X RCY I . -3.33 5.91 4.09
C1Y RCY I . -0.85 4.05 2.85
C1Z RCY I . -0.64 6.28 1.69
H1S RCY I . -3.99 9.64 2.30
H1U RCY I . -2.26 6.92 5.66
C1C RCY J . -1.82 3.89 -4.90
O1G RCY J . -4.41 6.28 -2.66
O1H RCY J . 0.11 6.83 -3.90
O1J RCY J . 1.14 4.39 -4.78
C1L RCY J . -3.18 8.11 -3.71
C1M RCY J . -0.72 4.57 -1.44
C1P RCY J . -3.34 6.74 -3.06
C1Q RCY J . -1.03 7.03 -3.48
N1R RCY J . -2.01 5.99 -2.97
C1S RCY J . -1.71 8.39 -3.36
C1U RCY J . -1.72 4.57 -2.47
C1V RCY J . -1.12 2.21 -3.15
N1V RCY J . 0.29 4.22 -3.61
C1W RCY J . 0.63 4.55 -2.15
C1X RCY J . -1.13 3.68 -3.56
C1Y RCY J . 1.53 3.47 -1.56
C1Z RCY J . 1.32 5.92 -2.09
H1S RCY J . -1.05 8.54 -2.53
H1U RCY J . -2.63 4.13 -2.10
C1C RCY K . -5.98 2.33 1.55
O1G RCY K . -6.57 5.39 1.13
O1H RCY K . -7.83 2.83 -2.62
O1J RCY K . -7.00 0.00 -0.06
C1L RCY K . -8.60 5.31 -0.23
C1M RCY K . -4.90 2.56 -1.99
C1P RCY K . -7.17 4.93 0.16
C1Q RCY K . -7.68 3.76 -1.84
N1R RCY K . -6.58 3.89 -0.80
C1S RCY K . -8.54 5.01 -1.73
C1U RCY K . -5.23 3.16 -0.73
C1V RCY K . -3.83 1.47 0.53
N1V RCY K . -6.04 0.98 -0.55
C1W RCY K . -5.59 1.19 -1.99
C1X RCY K . -5.24 2.00 0.25
C1Y RCY K . -4.60 0.10 -2.43
C1Z RCY K . -6.82 1.20 -2.91
H1S RCY K . -8.04 5.31 -2.64
H1U RCY K . -4.46 3.86 -0.44
N MET A 1 -5.94 -1.99 18.16
CA MET A 1 -4.60 -2.24 18.74
C MET A 1 -4.24 -1.09 19.68
N ASN A 2 -3.01 -1.04 20.13
CA ASN A 2 -2.59 0.05 21.06
C ASN A 2 -1.08 0.27 20.95
N LEU A 3 -0.65 1.49 20.97
CA LEU A 3 0.81 1.77 20.86
C LEU A 3 1.06 3.27 21.05
N GLU A 4 1.96 3.62 21.93
CA GLU A 4 2.25 5.08 22.15
C GLU A 4 2.63 5.73 20.82
N PRO A 5 1.93 6.77 20.40
CA PRO A 5 2.23 7.47 19.13
C PRO A 5 3.73 7.68 18.91
N PRO A 6 4.19 7.67 17.68
CA PRO A 6 5.63 7.88 17.36
C PRO A 6 6.05 9.34 17.50
N LYS A 7 7.34 9.60 17.57
CA LYS A 7 7.81 11.00 17.70
C LYS A 7 7.42 11.79 16.45
N ALA A 8 7.97 12.96 16.27
CA ALA A 8 7.63 13.79 15.07
C ALA A 8 8.92 14.17 14.34
N GLU A 9 9.04 13.76 13.10
CA GLU A 9 10.27 14.09 12.33
C GLU A 9 9.93 14.06 10.83
N CYS A 10 10.43 15.01 10.07
CA CYS A 10 10.13 15.01 8.61
C CYS A 10 10.99 16.07 7.93
N ARG A 11 10.51 16.64 6.85
CA ARG A 11 11.27 17.68 6.10
C ARG A 11 12.78 17.51 6.31
N SER A 12 13.25 16.29 6.31
CA SER A 12 14.71 16.05 6.51
C SER A 12 15.00 14.55 6.36
N ALA A 13 14.13 13.83 5.73
CA ALA A 13 14.36 12.36 5.56
C ALA A 13 15.30 12.13 4.37
N THR A 14 16.58 12.06 4.62
CA THR A 14 17.54 11.83 3.49
C THR A 14 17.48 10.36 3.06
N ARG A 15 16.38 9.71 3.32
CA ARG A 15 16.26 8.27 2.92
C ARG A 15 17.39 7.47 3.58
N VAL A 16 17.08 6.72 4.60
CA VAL A 16 18.13 5.92 5.29
C VAL A 16 17.71 4.45 5.34
N MET A 17 16.45 4.18 5.13
CA MET A 17 15.97 2.78 5.15
C MET A 17 16.90 1.91 4.29
N GLY A 18 17.19 2.35 3.10
CA GLY A 18 18.08 1.56 2.21
C GLY A 18 18.73 2.49 1.18
N GLY A 19 20.00 2.75 1.31
CA GLY A 19 20.69 3.65 0.35
C GLY A 19 20.31 3.25 -1.07
N PRO A 20 20.68 2.06 -1.49
CA PRO A 20 20.37 1.55 -2.85
C PRO A 20 18.88 1.71 -3.19
N CYS A 21 18.50 2.84 -3.71
CA CYS A 21 17.06 3.07 -4.05
C CYS A 21 16.96 3.51 -5.52
N THR A 22 16.71 2.58 -6.41
CA THR A 22 16.58 2.94 -7.85
C THR A 22 15.51 2.05 -8.50
N PRO A 23 14.73 2.59 -9.40
CA PRO A 23 13.66 1.81 -10.09
C PRO A 23 14.11 0.37 -10.39
N ARG A 24 13.21 -0.57 -10.35
CA ARG A 24 13.58 -1.99 -10.63
C ARG A 24 12.41 -2.70 -11.31
N LYS A 25 12.69 -3.59 -12.22
CA LYS A 25 11.59 -4.32 -12.91
C LYS A 25 11.26 -5.59 -12.13
N GLY A 26 12.17 -6.53 -12.08
CA GLY A 26 11.92 -7.81 -11.33
C GLY A 26 10.47 -8.25 -11.56
N PRO A 27 9.60 -8.06 -10.58
CA PRO A 27 8.17 -8.46 -10.70
C PRO A 27 7.61 -8.20 -12.10
N PRO A 28 6.53 -8.85 -12.45
CA PRO A 28 5.88 -8.70 -13.79
C PRO A 28 5.91 -7.24 -14.29
N LYS A 29 5.64 -7.04 -15.55
CA LYS A 29 5.63 -5.66 -16.11
C LYS A 29 4.74 -4.76 -15.25
N CYS A 30 4.42 -3.59 -15.73
CA CYS A 30 3.55 -2.68 -14.93
C CYS A 30 2.94 -1.62 -15.86
N LYS A 31 3.64 -0.57 -16.11
CA LYS A 31 3.09 0.50 -17.00
C LYS A 31 1.69 0.88 -16.53
N GLN A 32 0.69 0.49 -17.27
CA GLN A 32 -0.71 0.82 -16.87
C GLN A 32 -1.64 -0.34 -17.24
N ARG A 33 -1.09 -1.42 -17.73
CA ARG A 33 -1.95 -2.58 -18.10
C ARG A 33 -1.11 -3.86 -18.09
N GLN A 34 -1.71 -4.98 -18.40
CA GLN A 34 -0.95 -6.26 -18.41
C GLN A 34 -0.53 -6.61 -16.98
N THR A 35 -1.41 -6.40 -16.03
CA THR A 35 -1.07 -6.74 -14.62
C THR A 35 -1.29 -8.23 -14.39
N ARG A 36 -2.45 -8.60 -13.92
CA ARG A 36 -2.74 -10.05 -13.67
C ARG A 36 -4.13 -10.37 -14.23
N GLN A 37 -4.60 -9.58 -15.17
CA GLN A 37 -5.95 -9.84 -15.75
C GLN A 37 -6.97 -9.98 -14.63
N CYS A 38 -7.15 -11.16 -14.10
CA CYS A 38 -8.13 -11.37 -13.00
C CYS A 38 -9.35 -10.47 -13.21
N LYS A 39 -9.47 -9.44 -12.40
CA LYS A 39 -10.62 -8.51 -12.52
C LYS A 39 -11.92 -9.30 -12.70
N SER A 40 -13.00 -8.61 -12.94
CA SER A 40 -14.30 -9.30 -13.13
C SER A 40 -14.64 -10.12 -11.89
N LYS A 41 -14.52 -9.53 -10.72
CA LYS A 41 -14.84 -10.26 -9.46
C LYS A 41 -15.74 -9.39 -8.58
N PRO A 42 -16.82 -9.95 -8.07
CA PRO A 42 -17.77 -9.20 -7.20
C PRO A 42 -17.22 -9.01 -5.77
N PRO A 43 -17.75 -8.06 -5.05
CA PRO A 43 -17.32 -7.77 -3.66
C PRO A 43 -17.80 -8.85 -2.68
N LYS A 44 -16.89 -9.48 -1.97
CA LYS A 44 -17.31 -10.54 -1.01
C LYS A 44 -16.36 -10.56 0.19
N LYS A 45 -15.13 -10.93 -0.03
CA LYS A 45 -14.15 -10.99 1.10
C LYS A 45 -14.31 -9.76 1.99
N GLY A 46 -13.58 -8.71 1.72
CA GLY A 46 -13.69 -7.49 2.57
C GLY A 46 -15.14 -6.99 2.54
N VAL A 47 -15.70 -6.74 3.70
CA VAL A 47 -17.12 -6.24 3.75
C VAL A 47 -17.12 -4.80 4.24
N GLN A 48 -16.05 -4.36 4.85
CA GLN A 48 -16.00 -2.96 5.35
C GLN A 48 -15.65 -2.03 4.19
N GLY A 49 -14.72 -2.41 3.36
CA GLY A 49 -14.35 -1.55 2.20
C GLY A 49 -13.74 -2.42 1.11
N CYS A 50 -14.52 -2.82 0.14
CA CYS A 50 -13.98 -3.67 -0.95
C CYS A 50 -14.86 -3.54 -2.19
N GLY A 51 -14.40 -2.83 -3.18
CA GLY A 51 -15.21 -2.68 -4.43
C GLY A 51 -16.24 -1.56 -4.25
N ASP A 52 -15.85 -0.45 -3.68
CA ASP A 52 -16.82 0.67 -3.50
C ASP A 52 -17.31 1.11 -4.88
N ASP A 53 -16.81 0.50 -5.93
CA ASP A 53 -17.24 0.88 -7.30
C ASP A 53 -16.65 2.24 -7.68
N ILE A 54 -15.92 2.85 -6.77
CA ILE A 54 -15.30 4.17 -7.06
C ILE A 54 -13.81 4.12 -6.70
N PRO A 55 -12.93 4.51 -7.60
CA PRO A 55 -11.47 4.49 -7.34
C PRO A 55 -11.04 5.64 -6.42
N GLY A 56 -9.76 5.84 -6.25
CA GLY A 56 -9.28 6.93 -5.37
C GLY A 56 -9.69 8.28 -5.97
N MET A 57 -10.44 8.26 -7.04
CA MET A 57 -10.88 9.54 -7.68
C MET A 57 -9.66 10.47 -7.82
N GLU A 58 -8.49 9.92 -7.92
CA GLU A 58 -7.28 10.78 -8.06
C GLU A 58 -7.18 11.72 -6.86
N GLY A 59 -7.08 11.18 -5.68
CA GLY A 59 -6.99 12.02 -4.46
C GLY A 59 -7.13 11.14 -3.23
N CYS A 60 -6.03 10.74 -2.64
CA CYS A 60 -6.11 9.86 -1.44
C CYS A 60 -7.13 10.44 -0.45
N GLY A 61 -8.37 10.05 -0.56
CA GLY A 61 -9.40 10.58 0.37
C GLY A 61 -10.57 9.60 0.40
N THR A 62 -10.67 8.77 -0.60
CA THR A 62 -11.76 7.77 -0.65
C THR A 62 -11.19 6.38 -0.41
N ASP A 63 -10.05 6.08 -0.99
CA ASP A 63 -9.44 4.74 -0.78
C ASP A 63 -9.38 4.45 0.71
N ILE A 64 -9.14 5.44 1.52
CA ILE A 64 -9.10 5.20 3.00
C ILE A 64 -10.54 5.11 3.50
N THR A 65 -11.41 4.53 2.73
CA THR A 65 -12.82 4.40 3.17
C THR A 65 -12.84 4.13 4.67
N VAL A 66 -11.81 3.51 5.16
CA VAL A 66 -11.73 3.22 6.62
C VAL A 66 -10.25 3.24 7.04
N ILE A 67 -9.47 2.31 6.56
CA ILE A 67 -8.03 2.26 6.92
C ILE A 67 -7.20 1.95 5.67
N CYS A 68 -6.62 2.94 5.06
CA CYS A 68 -5.80 2.67 3.85
C CYS A 68 -4.45 2.07 4.27
N PRO A 69 -3.98 1.07 3.57
CA PRO A 69 -2.69 0.40 3.89
C PRO A 69 -1.56 1.36 4.30
N TRP A 70 -1.69 2.64 4.01
CA TRP A 70 -0.60 3.58 4.39
C TRP A 70 -0.61 3.84 5.90
N GLU A 71 -1.08 2.88 6.66
CA GLU A 71 -1.12 3.04 8.14
C GLU A 71 -0.82 1.68 8.78
N ALA A 72 -1.80 0.82 8.87
CA ALA A 72 -1.57 -0.52 9.47
C ALA A 72 -0.86 -1.41 8.44
N CYS A 73 0.19 -0.91 7.84
CA CYS A 73 0.93 -1.72 6.83
C CYS A 73 1.21 -3.11 7.38
N ASN A 74 1.99 -3.19 8.43
CA ASN A 74 2.31 -4.54 9.01
C ASN A 74 1.30 -4.87 10.10
N HIS A 75 0.37 -5.73 9.82
CA HIS A 75 -0.64 -6.10 10.85
C HIS A 75 -1.50 -7.26 10.34
N CYS A 76 -2.58 -6.96 9.69
CA CYS A 76 -3.46 -8.04 9.16
C CYS A 76 -2.64 -9.02 8.33
N GLU A 77 -1.52 -8.59 7.81
CA GLU A 77 -0.68 -9.51 6.99
C GLU A 77 -0.44 -10.81 7.75
N LEU A 78 -0.74 -11.92 7.15
CA LEU A 78 -0.52 -13.23 7.84
C LEU A 78 0.97 -13.56 7.81
N HIS A 79 1.75 -12.77 7.11
CA HIS A 79 3.22 -13.03 7.04
C HIS A 79 3.49 -14.22 6.13
N GLU A 80 2.73 -14.39 5.09
CA GLU A 80 2.98 -15.54 4.17
C GLU A 80 4.23 -15.25 3.34
N LEU A 81 4.07 -14.72 2.15
CA LEU A 81 5.25 -14.41 1.30
C LEU A 81 5.67 -12.97 1.56
N ALA A 82 5.11 -12.35 2.56
CA ALA A 82 5.45 -10.93 2.87
C ALA A 82 6.89 -10.85 3.36
N GLN A 83 7.13 -10.16 4.44
CA GLN A 83 8.52 -10.03 4.96
C GLN A 83 9.43 -9.46 3.88
N TYR A 84 9.50 -8.16 3.77
CA TYR A 84 10.38 -7.54 2.73
C TYR A 84 10.04 -8.15 1.37
N GLY A 85 8.90 -8.75 1.25
CA GLY A 85 8.48 -9.36 -0.04
C GLY A 85 7.12 -8.78 -0.42
N ILE A 86 6.93 -7.52 -0.14
CA ILE A 86 5.62 -6.88 -0.43
C ILE A 86 4.52 -7.61 0.34
N CYS A 87 3.62 -6.89 0.92
CA CYS A 87 2.54 -7.54 1.71
C CYS A 87 1.88 -8.63 0.86
C1C RCY B . 1.66 15.84 6.31
O1G RCY B . 3.44 15.65 5.02
O1H RCY B . 6.14 15.75 8.90
O1J RCY B . 1.43 13.75 8.47
C1L RCY B . 5.65 14.74 5.55
C1M RCY B . 3.45 16.88 9.38
C1P RCY B . 4.36 15.53 5.82
C1Q RCY B . 5.76 15.78 7.73
N1R RCY B . 4.36 16.14 7.23
C1S RCY B . 6.60 15.46 6.50
C1U RCY B . 3.26 16.91 7.95
C1V RCY B . 0.77 17.22 8.24
N1V RCY B . 1.98 15.08 8.67
C1W RCY B . 2.81 15.58 9.87
C1X RCY B . 1.88 16.29 7.75
C1Y RCY B . 1.89 15.86 11.07
C1Z RCY B . 3.86 14.54 10.22
H1S RCY B . 7.05 16.42 6.69
H1U RCY B . 3.26 17.94 7.61
C1C RCY C . 8.94 6.37 -3.72
O1G RCY C . 10.59 3.42 -5.15
O1H RCY C . 13.74 6.24 -3.03
O1J RCY C . 8.02 8.30 -5.82
C1L RCY C . 12.55 2.99 -3.75
C1M RCY C . 11.55 6.90 -6.28
C1P RCY C . 11.55 3.86 -4.53
C1Q RCY C . 13.22 5.31 -3.65
N1R RCY C . 11.91 5.35 -4.42
C1S RCY C . 13.78 3.91 -3.78
C1U RCY C . 11.14 6.56 -4.95
C1V RCY C . 9.34 5.02 -5.82
N1V RCY C . 9.24 7.51 -5.92
C1W RCY C . 10.40 7.71 -6.89
C1X RCY C . 9.64 6.32 -5.07
C1Y RCY C . 10.04 7.17 -8.27
C1Z RCY C . 10.76 9.20 -6.96
H1S RCY C . 14.48 4.37 -4.47
H1U RCY C . 11.32 7.41 -4.30
C1C RCY D . 4.78 3.64 -9.00
O1G RCY D . 3.28 0.98 -8.42
O1H RCY D . 6.19 -0.82 -11.68
O1J RCY D . 7.41 5.09 -9.22
C1L RCY D . 3.08 -0.87 -10.02
C1M RCY D . 7.45 1.38 -10.22
C1P RCY D . 3.77 0.32 -9.34
C1Q RCY D . 5.18 -0.41 -11.10
N1R RCY D . 5.14 0.60 -9.96
C1S RCY D . 3.75 -0.83 -11.39
C1U RCY D . 6.20 1.62 -9.54
C1V RCY D . 5.41 3.14 -11.40
N1V RCY D . 7.17 3.74 -9.73
C1W RCY D . 8.21 2.71 -10.18
C1X RCY D . 5.83 3.05 -9.94
C1Y RCY D . 8.74 3.06 -11.57
C1Z RCY D . 9.34 2.67 -9.16
H1S RCY D . 3.86 -0.20 -12.26
H1U RCY D . 6.35 1.57 -8.47
C1C RCY E . -5.46 -9.23 -5.87
O1G RCY E . -1.98 -8.97 -9.45
O1H RCY E . -6.45 -10.42 -8.95
O1J RCY E . -3.63 -9.92 -3.57
C1L RCY E . -3.94 -8.89 -10.92
C1M RCY E . -2.31 -10.75 -7.07
C1P RCY E . -3.16 -9.24 -9.64
C1Q RCY E . -5.34 -10.18 -9.42
N1R RCY E . -4.04 -9.99 -8.64
C1S RCY E . -5.00 -9.99 -10.89
C1U RCY E . -3.71 -10.45 -7.22
C1V RCY E . -3.34 -8.04 -6.57
N1V RCY E . -3.24 -9.97 -4.98
C1W RCY E . -2.00 -10.64 -5.58
C1X RCY E . -3.97 -9.37 -6.17
C1Y RCY E . -0.76 -9.78 -5.33
C1Z RCY E . -1.82 -12.03 -4.95
H1S RCY E . -5.11 -11.07 -10.94
H1U RCY E . -4.28 -11.34 -6.98
C1C RCY F . -8.21 -5.23 -4.00
O1G RCY F . -10.73 -1.98 -2.92
O1H RCY F . -10.56 -6.32 -1.09
O1J RCY F . -8.22 -2.47 -5.20
C1L RCY F . -12.43 -3.67 -2.47
C1M RCY F . -8.16 -2.63 -1.38
C1P RCY F . -11.01 -3.10 -2.53
C1Q RCY F . -10.84 -5.35 -1.79
N1R RCY F . -9.98 -4.12 -2.04
C1S RCY F . -12.13 -5.17 -2.58
C1U RCY F . -8.48 -3.95 -1.83
C1V RCY F . -6.19 -4.21 -2.88
N1V RCY F . -8.01 -2.74 -3.78
C1W RCY F . -8.04 -1.75 -2.62
C1X RCY F . -7.69 -4.09 -3.14
C1Y RCY F . -6.75 -0.93 -2.59
C1Z RCY F . -9.26 -0.84 -2.78
H1S RCY F . -11.71 -5.90 -3.25
H1U RCY F . -8.12 -4.68 -1.12
C1C RCY G . 1.63 13.33 -3.14
O1G RCY G . 1.23 9.61 0.06
O1H RCY G . -1.72 12.57 -2.14
O1J RCY G . 4.06 14.65 -1.95
C1L RCY G . -0.99 9.33 -0.93
C1M RCY G . 1.98 12.52 0.46
C1P RCY G . 0.26 10.11 -0.51
C1Q RCY G . -1.27 11.68 -1.42
N1R RCY G . 0.15 11.59 -0.87
C1S RCY G . -2.03 10.46 -0.91
C1U RCY G . 1.18 12.71 -0.71
C1V RCY G . 2.80 11.34 -2.09
N1V RCY G . 3.25 13.66 -1.26
C1W RCY G . 3.28 13.31 0.23
C1X RCY G . 2.21 12.72 -1.86
C1Y RCY G . 4.50 12.45 0.57
C1Z RCY G . 3.29 14.60 1.04
H1S RCY G . -2.50 11.17 -0.25
H1U RCY G . 0.68 13.67 -0.67
C1C RCY H . -4.13 9.88 1.54
O1G RCY H . -7.03 8.01 -1.26
O1H RCY H . -6.11 6.20 3.00
O1J RCY H . -5.04 11.97 3.50
C1L RCY H . -6.67 5.73 -0.45
C1M RCY H . -7.60 9.24 2.66
C1P RCY H . -6.77 7.26 -0.33
C1Q RCY H . -6.10 6.41 1.79
N1R RCY H . -6.47 7.72 1.10
C1S RCY H . -5.71 5.43 0.70
C1U RCY H . -6.55 9.13 1.69
C1V RCY H . -4.89 8.42 3.47
N1V RCY H . -5.79 10.74 3.20
C1W RCY H . -7.24 10.43 3.55
C1X RCY H . -5.29 9.51 2.47
C1Y RCY H . -7.36 10.05 5.03
C1Z RCY H . -8.11 11.65 3.23
H1S RCY H . -4.70 5.61 1.04
H1U RCY H . -6.71 9.84 0.90
C1C RCY I . 6.61 1.41 6.88
O1G RCY I . 7.97 -3.19 5.13
O1H RCY I . 4.94 0.44 5.15
O1J RCY I . 7.83 -0.18 9.12
C1L RCY I . 5.53 -3.04 4.94
C1M RCY I . 9.37 -0.73 5.65
C1P RCY I . 6.95 -2.50 5.12
C1Q RCY I . 5.47 -0.66 5.35
N1R RCY I . 6.96 -0.98 5.32
C1S RCY I . 4.74 -1.95 5.66
C1U RCY I . 8.14 -0.01 5.45
C1V RCY I . 9.05 2.02 6.64
N1V RCY I . 8.39 -0.11 7.78
C1W RCY I . 9.47 -0.99 7.16
C1X RCY I . 8.03 0.89 6.68
C1Y RCY I . 10.85 -0.59 7.69
C1Z RCY I . 9.17 -2.45 7.49
H1S RCY I . 4.60 -1.52 6.64
H1U RCY I . 8.21 0.59 4.57
C1C RCY J . -7.97 -3.21 6.96
O1G RCY J . -8.06 -6.67 3.86
O1H RCY J . -6.30 -5.91 8.17
O1J RCY J . -8.88 -2.73 4.13
C1L RCY J . -5.86 -7.04 4.86
C1M RCY J . -10.15 -5.96 5.78
C1P RCY J . -7.32 -6.57 4.83
C1Q RCY J . -6.43 -5.98 6.96
N1R RCY J . -7.74 -5.96 6.17
C1S RCY J . -5.30 -6.11 5.95
C1U RCY J . -9.10 -5.45 6.62
C1V RCY J . -10.49 -3.41 7.22
N1V RCY J . -9.41 -3.79 4.99
C1W RCY J . -10.24 -5.00 4.58
C1X RCY J . -9.24 -3.93 6.50
C1Y RCY J . -11.69 -4.58 4.32
C1Z RCY J . -9.63 -5.63 3.33
H1S RCY J . -5.12 -5.07 6.16
H1U RCY J . -9.28 -5.75 7.64
C1C RCY K . -1.18 -3.76 -3.13
O1G RCY K . -2.53 -2.70 1.26
O1H RCY K . 1.07 -5.46 -0.10
O1J RCY K . 0.59 -1.75 -4.49
C1L RCY K . -1.65 -4.85 2.06
C1M RCY K . 0.89 -1.94 -0.67
C1P RCY K . -1.72 -3.64 1.13
C1Q RCY K . -0.04 -5.07 0.29
N1R RCY K . -0.65 -3.69 0.04
C1S RCY K . -1.03 -5.87 1.11
C1U RCY K . -0.29 -2.67 -1.03
C1V RCY K . 1.08 -4.44 -2.21
N1V RCY K . 0.69 -2.11 -3.08
C1W RCY K . 1.46 -1.38 -1.98
C1X RCY K . 0.06 -3.31 -2.37
C1Y RCY K . 2.95 -1.67 -2.09
C1Z RCY K . 1.19 0.12 -2.10
H1S RCY K . -1.22 -6.39 0.18
H1U RCY K . -1.12 -1.98 -1.16
N MET A 1 14.87 25.45 3.93
CA MET A 1 15.20 25.18 2.51
C MET A 1 15.65 23.73 2.35
N ASN A 2 15.23 22.87 3.23
CA ASN A 2 15.64 21.45 3.13
C ASN A 2 14.64 20.58 3.92
N LEU A 3 14.86 19.29 3.94
CA LEU A 3 13.92 18.39 4.67
C LEU A 3 14.43 18.20 6.11
N GLU A 4 13.56 18.37 7.07
CA GLU A 4 13.99 18.20 8.50
C GLU A 4 13.83 16.73 8.90
N PRO A 5 14.85 16.13 9.47
CA PRO A 5 14.80 14.71 9.89
C PRO A 5 13.45 14.35 10.54
N PRO A 6 13.10 13.08 10.51
CA PRO A 6 11.81 12.60 11.09
C PRO A 6 11.83 12.61 12.63
N LYS A 7 10.77 13.06 13.25
CA LYS A 7 10.73 13.10 14.73
C LYS A 7 10.44 11.69 15.27
N ALA A 8 9.74 11.60 16.37
CA ALA A 8 9.43 10.27 16.94
C ALA A 8 8.21 9.68 16.24
N GLU A 9 8.41 8.77 15.33
CA GLU A 9 7.26 8.15 14.61
C GLU A 9 6.58 7.13 15.52
N CYS A 10 5.99 7.57 16.59
CA CYS A 10 5.32 6.63 17.52
C CYS A 10 3.87 6.41 17.06
N ARG A 11 3.16 5.51 17.69
CA ARG A 11 1.76 5.26 17.29
C ARG A 11 0.86 6.40 17.81
N SER A 12 1.35 7.16 18.74
CA SER A 12 0.54 8.29 19.29
C SER A 12 0.79 9.55 18.46
N ALA A 13 1.85 9.57 17.69
CA ALA A 13 2.15 10.76 16.86
C ALA A 13 0.89 11.18 16.08
N THR A 14 0.75 12.45 15.80
CA THR A 14 -0.46 12.91 15.05
C THR A 14 -0.09 13.11 13.57
N ARG A 15 0.12 14.33 13.16
CA ARG A 15 0.47 14.60 11.74
C ARG A 15 1.99 14.50 11.56
N VAL A 16 2.43 13.93 10.47
CA VAL A 16 3.89 13.80 10.22
C VAL A 16 4.21 14.19 8.77
N MET A 17 4.72 13.27 8.00
CA MET A 17 5.05 13.60 6.57
C MET A 17 5.78 14.94 6.52
N GLY A 18 5.38 15.81 5.64
CA GLY A 18 6.05 17.14 5.53
C GLY A 18 5.13 18.23 6.09
N GLY A 19 4.25 18.75 5.28
CA GLY A 19 3.32 19.81 5.77
C GLY A 19 2.08 19.84 4.87
N PRO A 20 2.15 20.54 3.77
CA PRO A 20 1.00 20.63 2.80
C PRO A 20 0.41 19.25 2.47
N CYS A 21 -0.34 18.68 3.36
CA CYS A 21 -0.92 17.33 3.08
C CYS A 21 -2.26 17.51 2.36
N THR A 22 -2.37 16.97 1.17
CA THR A 22 -3.64 17.11 0.41
C THR A 22 -4.78 16.46 1.20
N PRO A 23 -6.00 16.90 1.01
CA PRO A 23 -7.17 16.33 1.71
C PRO A 23 -7.26 14.81 1.56
N ARG A 24 -8.46 14.27 1.60
CA ARG A 24 -8.61 12.79 1.45
C ARG A 24 -9.88 12.50 0.64
N LYS A 25 -9.96 13.02 -0.55
CA LYS A 25 -11.16 12.76 -1.40
C LYS A 25 -11.11 11.29 -1.86
N GLY A 26 -12.04 10.88 -2.67
CA GLY A 26 -12.05 9.46 -3.15
C GLY A 26 -10.62 9.01 -3.47
N PRO A 27 -10.44 7.73 -3.67
CA PRO A 27 -9.11 7.14 -3.99
C PRO A 27 -8.24 8.07 -4.85
N PRO A 28 -6.94 7.87 -4.81
CA PRO A 28 -5.98 8.70 -5.60
C PRO A 28 -6.51 9.07 -6.99
N LYS A 29 -5.88 10.01 -7.62
CA LYS A 29 -6.33 10.45 -8.98
C LYS A 29 -6.66 9.22 -9.84
N CYS A 30 -7.26 9.43 -10.97
CA CYS A 30 -7.63 8.29 -11.88
C CYS A 30 -8.90 7.63 -11.35
N LYS A 31 -9.55 8.24 -10.41
CA LYS A 31 -10.82 7.65 -9.86
C LYS A 31 -10.63 6.15 -9.62
N GLN A 32 -11.69 5.47 -9.30
CA GLN A 32 -11.60 4.00 -9.06
C GLN A 32 -12.08 3.23 -10.30
N ARG A 33 -11.17 2.91 -11.18
CA ARG A 33 -11.56 2.16 -12.41
C ARG A 33 -10.66 0.94 -12.56
N GLN A 34 -10.96 -0.11 -11.85
CA GLN A 34 -10.12 -1.35 -11.93
C GLN A 34 -10.02 -1.83 -13.37
N THR A 35 -11.02 -1.57 -14.17
CA THR A 35 -10.96 -2.03 -15.59
C THR A 35 -10.94 -3.56 -15.59
N ARG A 36 -11.09 -4.16 -14.43
CA ARG A 36 -11.07 -5.64 -14.30
C ARG A 36 -10.23 -6.29 -15.40
N GLN A 37 -9.18 -5.63 -15.82
CA GLN A 37 -8.31 -6.20 -16.88
C GLN A 37 -6.97 -6.62 -16.28
N CYS A 38 -6.62 -6.05 -15.15
CA CYS A 38 -5.34 -6.41 -14.49
C CYS A 38 -5.48 -7.78 -13.82
N LYS A 39 -6.55 -8.48 -14.11
CA LYS A 39 -6.76 -9.82 -13.49
C LYS A 39 -6.32 -10.90 -14.49
N SER A 40 -5.57 -11.87 -14.06
CA SER A 40 -5.12 -12.94 -14.99
C SER A 40 -4.30 -13.99 -14.24
N LYS A 41 -3.58 -13.58 -13.24
CA LYS A 41 -2.75 -14.56 -12.46
C LYS A 41 -3.49 -14.94 -11.17
N PRO A 42 -3.93 -16.17 -11.06
CA PRO A 42 -4.65 -16.65 -9.85
C PRO A 42 -3.68 -17.00 -8.70
N PRO A 43 -4.17 -17.06 -7.50
CA PRO A 43 -3.34 -17.40 -6.31
C PRO A 43 -2.74 -18.81 -6.39
N LYS A 44 -1.48 -18.94 -6.07
CA LYS A 44 -0.83 -20.29 -6.14
C LYS A 44 0.37 -20.33 -5.19
N LYS A 45 0.44 -19.38 -4.29
CA LYS A 45 1.59 -19.36 -3.34
C LYS A 45 2.85 -18.87 -4.06
N GLY A 46 2.93 -17.59 -4.33
CA GLY A 46 4.14 -17.06 -5.02
C GLY A 46 5.15 -16.56 -4.00
N VAL A 47 4.82 -15.51 -3.29
CA VAL A 47 5.75 -14.97 -2.27
C VAL A 47 7.07 -14.55 -2.95
N GLN A 48 7.16 -14.73 -4.24
CA GLN A 48 8.41 -14.34 -4.96
C GLN A 48 8.30 -12.89 -5.42
N GLY A 49 7.30 -12.19 -4.97
CA GLY A 49 7.13 -10.76 -5.38
C GLY A 49 6.14 -10.68 -6.55
N CYS A 50 5.07 -11.43 -6.49
CA CYS A 50 4.08 -11.40 -7.60
C CYS A 50 4.72 -11.92 -8.88
N GLY A 51 5.61 -11.16 -9.45
CA GLY A 51 6.28 -11.60 -10.71
C GLY A 51 7.44 -10.66 -11.02
N ASP A 52 8.07 -10.12 -10.01
CA ASP A 52 9.22 -9.20 -10.24
C ASP A 52 8.72 -7.97 -11.01
N ASP A 53 7.51 -7.56 -10.76
CA ASP A 53 6.96 -6.36 -11.48
C ASP A 53 6.95 -5.16 -10.53
N ILE A 54 7.80 -4.21 -10.77
CA ILE A 54 7.86 -3.00 -9.89
C ILE A 54 7.65 -1.74 -10.74
N PRO A 55 6.41 -1.44 -11.07
CA PRO A 55 6.07 -0.25 -11.90
C PRO A 55 5.89 1.02 -11.06
N GLY A 56 5.21 0.93 -9.95
CA GLY A 56 5.00 2.14 -9.09
C GLY A 56 6.19 2.34 -8.15
N MET A 57 7.32 1.80 -8.49
CA MET A 57 8.51 1.97 -7.60
C MET A 57 9.01 3.42 -7.71
N GLU A 58 8.44 4.19 -8.60
CA GLU A 58 8.88 5.61 -8.77
C GLU A 58 7.68 6.53 -8.56
N GLY A 59 6.53 5.97 -8.30
CA GLY A 59 5.32 6.83 -8.10
C GLY A 59 5.21 7.22 -6.63
N CYS A 60 6.21 6.91 -5.85
CA CYS A 60 6.17 7.27 -4.40
C CYS A 60 7.59 7.46 -3.88
N GLY A 61 8.24 6.41 -3.49
CA GLY A 61 9.64 6.53 -2.98
C GLY A 61 10.36 5.20 -3.11
N THR A 62 10.81 4.64 -2.00
CA THR A 62 11.51 3.33 -2.06
C THR A 62 11.11 2.48 -0.85
N ASP A 63 10.11 2.90 -0.13
CA ASP A 63 9.66 2.12 1.05
C ASP A 63 9.01 0.83 0.57
N ILE A 64 9.25 0.45 -0.65
CA ILE A 64 8.64 -0.80 -1.19
C ILE A 64 9.71 -1.57 -1.99
N THR A 65 9.71 -1.40 -3.29
CA THR A 65 10.71 -2.11 -4.15
C THR A 65 10.46 -3.60 -4.10
N VAL A 66 10.56 -4.19 -2.94
CA VAL A 66 10.34 -5.66 -2.83
C VAL A 66 9.87 -6.00 -1.41
N ILE A 67 10.21 -5.20 -0.44
CA ILE A 67 9.79 -5.50 0.97
C ILE A 67 9.26 -4.22 1.64
N CYS A 68 7.96 -4.06 1.66
CA CYS A 68 7.37 -2.85 2.32
C CYS A 68 6.99 -3.21 3.76
N PRO A 69 7.22 -2.34 4.70
CA PRO A 69 6.89 -2.60 6.13
C PRO A 69 5.65 -3.47 6.30
N TRP A 70 4.59 -3.17 5.59
CA TRP A 70 3.36 -3.99 5.72
C TRP A 70 3.52 -5.28 4.91
N GLU A 71 4.40 -5.28 3.94
CA GLU A 71 4.61 -6.51 3.12
C GLU A 71 4.74 -7.71 4.05
N ALA A 72 4.96 -7.46 5.31
CA ALA A 72 5.09 -8.57 6.29
C ALA A 72 3.83 -9.45 6.26
N CYS A 73 2.93 -9.19 5.36
CA CYS A 73 1.69 -10.02 5.28
C CYS A 73 2.03 -11.35 4.61
N ASN A 74 2.87 -11.33 3.61
CA ASN A 74 3.27 -12.60 2.94
C ASN A 74 2.03 -13.35 2.45
N HIS A 75 1.87 -13.48 1.15
CA HIS A 75 0.70 -14.21 0.61
C HIS A 75 -0.58 -13.40 0.85
N CYS A 76 -0.71 -12.82 2.02
CA CYS A 76 -1.92 -12.02 2.33
C CYS A 76 -3.14 -12.93 2.39
N GLU A 77 -3.17 -13.97 1.62
CA GLU A 77 -4.33 -14.90 1.65
C GLU A 77 -4.60 -15.32 3.08
N LEU A 78 -5.28 -14.49 3.83
CA LEU A 78 -5.57 -14.83 5.26
C LEU A 78 -7.08 -15.09 5.42
N HIS A 79 -7.64 -14.74 6.54
CA HIS A 79 -9.10 -14.98 6.74
C HIS A 79 -9.62 -14.09 7.86
N GLU A 80 -8.78 -13.34 8.51
CA GLU A 80 -9.25 -12.47 9.62
C GLU A 80 -8.47 -11.15 9.61
N LEU A 81 -7.52 -11.01 8.72
CA LEU A 81 -6.74 -9.75 8.65
C LEU A 81 -7.34 -8.86 7.55
N ALA A 82 -7.51 -9.38 6.37
CA ALA A 82 -8.08 -8.57 5.26
C ALA A 82 -9.40 -7.95 5.74
N GLN A 83 -10.34 -8.76 6.15
CA GLN A 83 -11.63 -8.21 6.63
C GLN A 83 -12.12 -7.15 5.63
N TYR A 84 -12.44 -5.97 6.11
CA TYR A 84 -12.90 -4.89 5.20
C TYR A 84 -12.93 -3.57 5.97
N GLY A 85 -12.07 -3.43 6.94
CA GLY A 85 -12.04 -2.16 7.74
C GLY A 85 -10.58 -1.70 7.87
N ILE A 86 -9.66 -2.44 7.33
CA ILE A 86 -8.22 -2.03 7.44
C ILE A 86 -7.92 -0.98 6.36
N CYS A 87 -7.30 -1.37 5.28
CA CYS A 87 -6.98 -0.39 4.20
C CYS A 87 -8.23 -0.13 3.37
C1C RCY B . 9.13 7.15 12.64
O1G RCY B . 7.73 5.98 14.60
O1H RCY B . 8.85 9.37 17.70
O1J RCY B . 11.79 8.20 11.65
C1L RCY B . 6.97 6.49 16.86
C1M RCY B . 10.96 8.90 15.34
C1P RCY B . 7.82 6.69 15.60
C1Q RCY B . 8.56 8.28 17.20
N1R RCY B . 8.79 7.85 15.75
C1S RCY B . 7.90 7.11 17.91
C1U RCY B . 9.75 8.45 14.72
C1V RCY B . 10.72 6.14 14.33
N1V RCY B . 11.38 8.18 13.06
C1W RCY B . 12.02 8.93 14.22
C1X RCY B . 10.21 7.43 13.68
C1Y RCY B . 13.31 8.23 14.67
C1Z RCY B . 12.32 10.38 13.79
H1S RCY B . 8.87 6.97 18.36
H1U RCY B . 9.27 9.28 14.22
C1C RCY C . -4.26 9.53 4.62
O1G RCY C . -3.98 11.24 2.97
O1H RCY C . -2.14 13.71 6.55
O1J RCY C . -2.09 8.86 6.59
C1L RCY C . -2.17 12.87 3.12
C1M RCY C . -4.26 11.90 7.45
C1P RCY C . -3.32 12.03 3.65
C1Q RCY C . -2.57 13.39 5.44
N1R RCY C . -3.56 12.26 5.14
C1S RCY C . -2.21 14.04 4.12
C1U RCY C . -4.54 11.57 6.09
C1V RCY C . -5.59 9.37 6.78
N1V RCY C . -3.13 9.85 6.83
C1W RCY C . -3.18 10.92 7.92
C1X RCY C . -4.43 10.05 6.05
C1Y RCY C . -3.56 10.29 9.27
C1Z RCY C . -1.81 11.60 8.02
H1S RCY C . -2.86 14.84 4.46
H1U RCY C . -5.55 11.87 5.85
C1C RCY D . -7.18 2.01 -17.02
O1G RCY D . -10.69 3.71 -13.19
O1H RCY D . -6.49 4.09 -15.32
O1J RCY D . -8.89 -0.17 -18.20
C1L RCY D . -8.94 5.42 -13.14
C1M RCY D . -10.29 1.57 -15.07
C1P RCY D . -9.58 4.08 -13.55
C1Q RCY D . -7.39 4.14 -14.49
N1R RCY D . -8.65 3.27 -14.47
C1S RCY D . -7.45 5.05 -13.28
C1U RCY D . -8.92 1.95 -15.18
C1V RCY D . -9.37 3.23 -17.31
N1V RCY D . -9.33 0.74 -17.13
C1W RCY D . -10.56 0.59 -16.24
C1X RCY D . -8.67 2.03 -16.68
C1Y RCY D . -11.83 0.99 -16.99
C1Z RCY D . -10.65 -0.85 -15.74
H1S RCY D . -6.70 4.39 -12.87
H1U RCY D . -8.29 1.18 -14.75
C1C RCY E . -5.51 -7.29 -6.31
O1G RCY E . -5.62 -8.28 -9.18
O1H RCY E . -4.85 -3.79 -10.41
O1J RCY E . -4.17 -5.65 -4.17
C1L RCY E . -6.17 -6.97 -11.18
C1M RCY E . -3.77 -4.36 -7.76
C1P RCY E . -5.60 -7.20 -9.77
C1Q RCY E . -5.37 -4.89 -10.25
N1R RCY E . -5.03 -5.92 -9.18
C1S RCY E . -6.49 -5.48 -11.08
C1U RCY E . -4.29 -5.70 -7.85
C1V RCY E . -6.47 -4.99 -6.79
N1V RCY E . -4.30 -5.23 -5.56
C1W RCY E . -3.56 -4.09 -6.26
C1X RCY E . -5.20 -5.82 -6.63
C1Y RCY E . -4.17 -2.74 -5.87
C1Z RCY E . -2.08 -4.14 -5.89
H1S RCY E . -7.12 -4.78 -10.56
H1U RCY E . -3.47 -6.41 -7.78
C1C RCY F . 7.34 -8.08 -1.89
O1G RCY F . 7.81 -11.13 -4.34
O1H RCY F . 3.76 -8.97 -3.22
O1J RCY F . 4.63 -7.12 -1.01
C1L RCY F . 6.00 -10.18 -5.68
C1M RCY F . 5.16 -10.92 -0.92
C1P RCY F . 6.71 -10.59 -4.38
C1Q RCY F . 4.60 -9.68 -3.77
N1R RCY F . 5.89 -10.22 -3.15
C1S RCY F . 4.55 -10.20 -5.20
C1U RCY F . 6.25 -10.36 -1.67
C1V RCY F . 7.15 -9.18 0.38
N1V RCY F . 5.09 -8.49 -0.87
C1W RCY F . 4.26 -9.73 -0.55
C1X RCY F . 6.52 -9.01 -1.00
C1Y RCY F . 3.91 -9.77 0.95
C1Z RCY F . 2.99 -9.72 -1.40
H1S RCY F . 3.79 -10.87 -4.82
H1U RCY F . 7.12 -10.99 -1.57
C1C RCY G . 3.24 -0.84 -4.22
O1G RCY G . 0.99 3.48 -2.31
O1H RCY G . 4.11 2.12 -5.57
O1J RCY G . 1.05 -2.50 -5.47
C1L RCY G . 3.01 4.51 -3.22
C1M RCY G . 0.24 1.21 -4.91
C1P RCY G . 1.96 3.41 -3.06
C1Q RCY G . 3.60 2.59 -4.56
N1R RCY G . 2.27 2.21 -3.94
C1S RCY G . 4.21 3.67 -3.67
C1U RCY G . 1.44 0.94 -4.17
C1V RCY G . 2.75 0.51 -6.30
N1V RCY G . 1.02 -1.04 -5.36
C1W RCY G . -0.18 -0.11 -5.55
C1X RCY G . 2.17 -0.11 -5.03
C1Y RCY G . -0.48 0.06 -7.04
C1Z RCY G . -1.39 -0.71 -4.83
H1S RCY G . 4.87 2.87 -3.34
H1U RCY G . 1.18 0.50 -3.23
C1C RCY H . -0.08 -2.17 0.11
O1G RCY H . 4.02 0.28 -2.24
O1H RCY H . 2.25 -1.37 1.82
O1J RCY H . -2.09 -1.70 -2.08
C1L RCY H . 5.04 -0.49 -0.15
C1M RCY H . 1.16 0.33 -2.31
C1P RCY H . 3.89 -0.14 -1.09
C1Q RCY H . 2.94 -0.77 1.00
N1R RCY H . 2.53 -0.37 -0.42
C1S RCY H . 4.37 -0.29 1.20
C1U RCY H . 1.12 -0.25 -1.00
C1V RCY H . 1.34 -2.58 -1.95
N1V RCY H . -0.72 -1.17 -2.09
C1W RCY H . -0.15 -0.08 -3.00
C1X RCY H . 0.45 -1.59 -1.21
C1Y RCY H . 0.13 -0.65 -4.39
C1Z RCY H . -1.14 1.08 -3.07
H1S RCY H . 3.90 0.48 1.82
H1U RCY H . 0.52 0.37 -0.36
C1C RCY I . -2.67 -6.06 -1.09
O1G RCY I . -4.10 -7.92 2.87
O1H RCY I . 0.39 -7.02 1.71
O1J RCY I . -2.63 -3.06 -1.29
C1L RCY I . -2.01 -9.18 3.15
C1M RCY I . -1.99 -4.51 2.21
C1P RCY I . -2.89 -8.00 2.68
C1Q RCY I . -0.68 -7.60 1.90
N1R RCY I . -2.06 -6.95 1.95
C1S RCY I . -0.88 -9.09 2.12
C1U RCY I . -2.49 -5.59 1.40
C1V RCY I . -0.42 -5.55 -0.04
N1V RCY I . -2.22 -3.81 -0.10
C1W RCY I . -2.00 -3.26 1.32
C1X RCY I . -1.93 -5.30 0.01
C1Y RCY I . -0.65 -2.54 1.40
C1Z RCY I . -3.14 -2.32 1.68
H1S RCY I . -0.68 -9.16 1.06
H1U RCY I . -3.58 -5.54 1.36
C1C RCY J . -7.41 -6.13 1.36
O1G RCY J . -6.33 -8.93 -1.96
O1H RCY J . -4.19 -6.80 1.67
O1J RCY J . -5.12 -4.49 2.43
C1L RCY J . -4.85 -9.73 -0.19
C1M RCY J . -5.15 -5.05 -1.37
C1P RCY J . -5.63 -8.68 -0.98
C1Q RCY J . -4.42 -7.53 0.70
N1R RCY J . -5.45 -7.27 -0.39
C1S RCY J . -3.74 -8.84 0.40
C1U RCY J . -6.10 -5.96 -0.81
C1V RCY J . -7.59 -4.05 -0.07
N1V RCY J . -5.42 -4.65 1.01
C1W RCY J . -4.52 -4.31 -0.18
C1X RCY J . -6.69 -5.19 0.38
C1Y RCY J . -4.51 -2.80 -0.43
C1Z RCY J . -3.10 -4.81 0.10
H1S RCY J . -2.91 -8.23 0.10
H1U RCY J . -6.89 -6.15 -1.53
C1C RCY K . -5.29 -2.72 -4.21
O1G RCY K . -3.66 -3.06 -1.63
O1H RCY K . -7.82 -3.92 0.44
O1J RCY K . -7.41 -3.76 -6.08
C1L RCY K . -4.49 -2.76 0.64
C1M RCY K . -7.86 -4.66 -2.39
C1P RCY K . -4.60 -3.14 -0.84
C1Q RCY K . -6.75 -3.40 0.11
N1R RCY K . -6.00 -3.61 -1.20
C1S RCY K . -5.95 -2.41 0.93
C1U RCY K . -6.53 -4.16 -2.52
C1V RCY K . -7.39 -1.85 -3.10
N1V RCY K . -7.50 -3.83 -4.63
C1W RCY K . -8.47 -4.66 -3.80
C1X RCY K . -6.66 -3.09 -3.61
C1Y RCY K . -9.86 -4.01 -3.78
C1Z RCY K . -8.55 -6.07 -4.37
H1S RCY K . -6.72 -1.71 0.65
H1U RCY K . -5.88 -4.95 -2.88
N MET A 1 12.15 -8.16 13.08
CA MET A 1 12.21 -8.59 11.65
C MET A 1 12.13 -10.12 11.58
N ASN A 2 12.27 -10.79 12.69
CA ASN A 2 12.20 -12.27 12.67
C ASN A 2 11.82 -12.78 14.07
N LEU A 3 10.54 -12.96 14.30
CA LEU A 3 10.07 -13.46 15.64
C LEU A 3 10.41 -12.41 16.72
N GLU A 4 11.50 -11.71 16.58
CA GLU A 4 11.87 -10.69 17.60
C GLU A 4 11.26 -9.34 17.19
N PRO A 5 10.96 -8.50 18.14
CA PRO A 5 10.37 -7.15 17.86
C PRO A 5 10.99 -6.50 16.62
N PRO A 6 10.19 -6.01 15.71
CA PRO A 6 10.70 -5.35 14.47
C PRO A 6 11.19 -3.92 14.73
N LYS A 7 12.14 -3.46 13.97
CA LYS A 7 12.66 -2.07 14.17
C LYS A 7 11.61 -1.06 13.70
N ALA A 8 10.37 -1.31 13.96
CA ALA A 8 9.30 -0.38 13.53
C ALA A 8 8.08 -0.50 14.45
N GLU A 9 7.76 0.52 15.18
CA GLU A 9 6.59 0.45 16.10
C GLU A 9 6.72 -0.80 16.98
N CYS A 10 7.52 -0.74 17.99
CA CYS A 10 7.69 -1.93 18.88
C CYS A 10 6.65 -1.88 19.99
N ARG A 11 5.39 -1.73 19.65
CA ARG A 11 4.34 -1.68 20.70
C ARG A 11 2.96 -1.81 20.03
N SER A 12 2.93 -2.11 18.77
CA SER A 12 1.63 -2.26 18.05
C SER A 12 0.68 -3.09 18.91
N ALA A 13 -0.33 -2.48 19.48
CA ALA A 13 -1.29 -3.22 20.33
C ALA A 13 -2.64 -2.50 20.34
N THR A 14 -2.63 -1.23 20.05
CA THR A 14 -3.92 -0.47 20.04
C THR A 14 -3.74 0.80 19.19
N ARG A 15 -4.80 1.54 18.99
CA ARG A 15 -4.71 2.77 18.18
C ARG A 15 -3.55 3.62 18.69
N VAL A 16 -2.47 3.71 17.94
CA VAL A 16 -1.30 4.52 18.38
C VAL A 16 -0.99 5.58 17.33
N MET A 17 -1.76 5.61 16.26
CA MET A 17 -1.51 6.63 15.20
C MET A 17 -2.11 7.97 15.61
N GLY A 18 -2.95 8.54 14.79
CA GLY A 18 -3.57 9.85 15.13
C GLY A 18 -4.72 9.63 16.11
N GLY A 19 -5.56 10.61 16.28
CA GLY A 19 -6.70 10.45 17.22
C GLY A 19 -7.70 9.45 16.65
N PRO A 20 -8.94 9.53 17.05
CA PRO A 20 -10.02 8.61 16.56
C PRO A 20 -9.99 8.45 15.04
N CYS A 21 -10.88 7.66 14.51
CA CYS A 21 -10.91 7.45 13.04
C CYS A 21 -12.35 7.59 12.52
N THR A 22 -12.53 8.33 11.46
CA THR A 22 -13.90 8.52 10.90
C THR A 22 -13.99 7.83 9.53
N PRO A 23 -14.53 6.64 9.50
CA PRO A 23 -14.68 5.87 8.22
C PRO A 23 -15.28 6.71 7.09
N ARG A 24 -14.47 7.52 6.45
CA ARG A 24 -14.99 8.36 5.34
C ARG A 24 -13.83 9.08 4.66
N LYS A 25 -13.35 8.55 3.56
CA LYS A 25 -12.21 9.21 2.84
C LYS A 25 -12.57 10.67 2.55
N GLY A 26 -13.46 10.89 1.62
CA GLY A 26 -13.85 12.28 1.27
C GLY A 26 -14.95 12.25 0.21
N PRO A 27 -15.17 13.36 -0.45
CA PRO A 27 -16.22 13.47 -1.51
C PRO A 27 -16.12 12.33 -2.53
N PRO A 28 -17.20 12.03 -3.21
CA PRO A 28 -17.22 10.95 -4.24
C PRO A 28 -15.93 10.89 -5.05
N LYS A 29 -15.34 9.73 -5.16
CA LYS A 29 -14.08 9.60 -5.94
C LYS A 29 -13.69 8.13 -6.04
N CYS A 30 -14.08 7.47 -7.11
CA CYS A 30 -13.74 6.04 -7.25
C CYS A 30 -13.94 5.62 -8.71
N LYS A 31 -12.91 5.16 -9.36
CA LYS A 31 -13.05 4.73 -10.78
C LYS A 31 -14.30 3.85 -10.94
N GLN A 32 -15.39 4.41 -11.36
CA GLN A 32 -16.62 3.61 -11.54
C GLN A 32 -16.33 2.45 -12.51
N ARG A 33 -16.28 1.25 -12.02
CA ARG A 33 -16.00 0.09 -12.92
C ARG A 33 -14.51 0.12 -13.30
N GLN A 34 -13.82 -0.97 -13.11
CA GLN A 34 -12.38 -1.00 -13.47
C GLN A 34 -12.19 -0.54 -14.91
N THR A 35 -10.98 -0.66 -15.43
CA THR A 35 -10.73 -0.22 -16.83
C THR A 35 -9.76 -1.20 -17.50
N ARG A 36 -9.34 -2.22 -16.79
CA ARG A 36 -8.40 -3.21 -17.37
C ARG A 36 -7.21 -2.48 -17.99
N GLN A 37 -7.03 -1.23 -17.67
CA GLN A 37 -5.88 -0.46 -18.24
C GLN A 37 -5.47 0.64 -17.26
N CYS A 38 -4.41 0.42 -16.53
CA CYS A 38 -3.96 1.46 -15.56
C CYS A 38 -3.53 2.72 -16.32
N LYS A 39 -2.28 3.09 -16.24
CA LYS A 39 -1.82 4.31 -16.97
C LYS A 39 -1.80 4.02 -18.47
N SER A 40 -2.56 3.06 -18.91
CA SER A 40 -2.59 2.72 -20.36
C SER A 40 -1.34 1.92 -20.72
N LYS A 41 -0.83 1.16 -19.80
CA LYS A 41 0.39 0.35 -20.10
C LYS A 41 -0.01 -0.92 -20.86
N PRO A 42 0.86 -1.43 -21.69
CA PRO A 42 0.58 -2.67 -22.48
C PRO A 42 0.33 -3.89 -21.58
N PRO A 43 -0.23 -4.93 -22.13
CA PRO A 43 -0.53 -6.18 -21.36
C PRO A 43 0.72 -6.78 -20.72
N LYS A 44 0.56 -7.51 -19.66
CA LYS A 44 1.74 -8.12 -18.98
C LYS A 44 2.75 -7.03 -18.63
N LYS A 45 2.50 -6.32 -17.56
CA LYS A 45 3.44 -5.24 -17.15
C LYS A 45 4.55 -5.83 -16.26
N GLY A 46 4.34 -5.84 -14.98
CA GLY A 46 5.38 -6.39 -14.06
C GLY A 46 5.05 -7.86 -13.77
N VAL A 47 6.02 -8.73 -13.89
CA VAL A 47 5.78 -10.17 -13.62
C VAL A 47 6.05 -10.47 -12.15
N GLN A 48 7.29 -10.49 -11.75
CA GLN A 48 7.62 -10.78 -10.32
C GLN A 48 7.24 -9.57 -9.46
N GLY A 49 7.71 -9.52 -8.25
CA GLY A 49 7.37 -8.37 -7.37
C GLY A 49 7.99 -7.10 -7.94
N CYS A 50 7.39 -6.54 -8.95
CA CYS A 50 7.94 -5.30 -9.58
C CYS A 50 8.40 -4.35 -8.47
N GLY A 51 7.54 -3.50 -7.99
CA GLY A 51 7.93 -2.55 -6.91
C GLY A 51 8.89 -1.50 -7.45
N ASP A 52 10.17 -1.71 -7.30
CA ASP A 52 11.16 -0.72 -7.80
C ASP A 52 10.81 -0.28 -9.22
N ASP A 53 9.90 -0.95 -9.86
CA ASP A 53 9.52 -0.57 -11.25
C ASP A 53 8.98 0.86 -11.25
N ILE A 54 7.73 1.05 -11.56
CA ILE A 54 7.16 2.43 -11.58
C ILE A 54 7.57 3.17 -10.30
N PRO A 55 8.15 4.35 -10.43
CA PRO A 55 8.58 5.15 -9.26
C PRO A 55 7.43 5.93 -8.64
N GLY A 56 6.33 5.28 -8.36
CA GLY A 56 5.17 5.99 -7.77
C GLY A 56 4.81 7.17 -8.64
N MET A 57 3.93 6.98 -9.60
CA MET A 57 3.52 8.09 -10.51
C MET A 57 3.45 9.40 -9.71
N GLU A 58 3.19 9.33 -8.44
CA GLU A 58 3.11 10.57 -7.62
C GLU A 58 1.92 11.42 -8.08
N GLY A 59 0.91 11.53 -7.27
CA GLY A 59 -0.28 12.34 -7.66
C GLY A 59 -1.32 12.32 -6.54
N CYS A 60 -1.87 11.16 -6.27
CA CYS A 60 -2.89 11.05 -5.18
C CYS A 60 -2.20 10.67 -3.87
N GLY A 61 -1.77 9.44 -3.76
CA GLY A 61 -1.09 8.99 -2.51
C GLY A 61 -0.16 7.83 -2.84
N THR A 62 0.92 8.08 -3.54
CA THR A 62 1.86 6.98 -3.88
C THR A 62 3.27 7.55 -4.05
N ASP A 63 3.48 8.77 -3.65
CA ASP A 63 4.84 9.36 -3.79
C ASP A 63 5.86 8.43 -3.15
N ILE A 64 5.42 7.48 -2.38
CA ILE A 64 6.38 6.53 -1.72
C ILE A 64 6.30 5.16 -2.40
N THR A 65 5.12 4.60 -2.49
CA THR A 65 4.99 3.25 -3.13
C THR A 65 5.73 2.23 -2.27
N VAL A 66 7.03 2.34 -2.20
CA VAL A 66 7.80 1.37 -1.37
C VAL A 66 7.11 1.23 -0.01
N ILE A 67 7.32 2.18 0.87
CA ILE A 67 6.65 2.11 2.21
C ILE A 67 6.06 3.46 2.60
N CYS A 68 4.85 3.74 2.20
CA CYS A 68 4.20 5.02 2.57
C CYS A 68 3.88 5.00 4.07
N PRO A 69 3.74 6.16 4.67
CA PRO A 69 3.42 6.25 6.13
C PRO A 69 2.00 5.76 6.42
N TRP A 70 1.04 6.18 5.65
CA TRP A 70 -0.36 5.71 5.88
C TRP A 70 -0.41 4.21 5.60
N GLU A 71 0.71 3.60 5.35
CA GLU A 71 0.74 2.14 5.06
C GLU A 71 2.17 1.64 5.29
N ALA A 72 2.45 1.15 6.46
CA ALA A 72 3.83 0.65 6.75
C ALA A 72 4.02 -0.73 6.12
N CYS A 73 4.19 -0.78 4.82
CA CYS A 73 4.37 -2.09 4.13
C CYS A 73 5.67 -2.74 4.62
N ASN A 74 6.57 -1.96 5.14
CA ASN A 74 7.86 -2.55 5.63
C ASN A 74 7.58 -3.80 6.47
N HIS A 75 6.35 -3.98 6.89
CA HIS A 75 6.01 -5.17 7.71
C HIS A 75 5.22 -6.18 6.87
N CYS A 76 4.20 -5.74 6.20
CA CYS A 76 3.39 -6.69 5.37
C CYS A 76 4.22 -7.14 4.16
N GLU A 77 5.50 -6.85 4.17
CA GLU A 77 6.37 -7.29 3.03
C GLU A 77 6.56 -8.80 3.12
N LEU A 78 7.51 -9.34 2.40
CA LEU A 78 7.76 -10.80 2.43
C LEU A 78 6.46 -11.55 2.12
N HIS A 79 5.59 -11.69 3.09
CA HIS A 79 4.31 -12.41 2.86
C HIS A 79 3.72 -12.00 1.51
N GLU A 80 3.15 -12.94 0.79
CA GLU A 80 2.56 -12.60 -0.55
C GLU A 80 1.04 -12.52 -0.42
N LEU A 81 0.36 -13.62 -0.54
CA LEU A 81 -1.13 -13.61 -0.43
C LEU A 81 -1.53 -13.55 1.05
N ALA A 82 -0.73 -14.11 1.91
CA ALA A 82 -1.08 -14.08 3.36
C ALA A 82 -1.23 -12.64 3.82
N GLN A 83 -0.24 -12.09 4.47
CA GLN A 83 -0.34 -10.69 4.96
C GLN A 83 -1.62 -10.52 5.77
N TYR A 84 -2.31 -11.61 6.03
CA TYR A 84 -3.58 -11.53 6.81
C TYR A 84 -4.43 -10.38 6.26
N GLY A 85 -4.08 -9.86 5.11
CA GLY A 85 -4.87 -8.75 4.50
C GLY A 85 -5.01 -8.99 2.99
N ILE A 86 -5.08 -10.23 2.58
CA ILE A 86 -5.23 -10.53 1.12
C ILE A 86 -4.34 -9.58 0.32
N CYS A 87 -4.70 -9.29 -0.90
CA CYS A 87 -3.87 -8.37 -1.72
C CYS A 87 -3.64 -7.08 -0.95
C1C RCY B . 3.61 0.71 18.52
O1G RCY B . 7.75 1.72 16.19
O1H RCY B . 6.56 0.79 20.67
O1J RCY B . 1.83 2.75 17.19
C1L RCY B . 8.81 0.43 17.97
C1M RCY B . 5.57 3.60 17.28
C1P RCY B . 7.73 1.34 17.36
C1Q RCY B . 7.20 1.07 19.66
N1R RCY B . 6.66 1.71 18.38
C1S RCY B . 8.68 0.83 19.45
C1U RCY B . 5.37 2.50 18.19
C1V RCY B . 4.75 0.96 16.28
N1V RCY B . 3.29 2.80 17.15
C1W RCY B . 4.18 3.96 16.74
C1X RCY B . 4.26 1.68 17.53
C1Y RCY B . 4.21 4.09 15.21
C1Z RCY B . 3.64 5.24 17.37
H1S RCY B . 8.80 1.68 20.10
H1U RCY B . 5.02 2.88 19.14
C1C RCY C . -4.45 6.90 10.62
O1G RCY C . -8.02 10.34 11.36
O1H RCY C . -7.63 5.92 9.74
O1J RCY C . -2.26 8.77 9.75
C1L RCY C . -9.45 8.36 11.52
C1M RCY C . -5.83 10.08 9.34
C1P RCY C . -8.23 9.16 11.06
C1Q RCY C . -8.08 7.01 10.06
N1R RCY C . -7.30 8.32 10.19
C1S RCY C . -9.53 7.32 10.39
C1U RCY C . -5.94 8.67 9.60
C1V RCY C . -5.04 8.98 11.95
N1V RCY C . -3.66 9.15 9.86
C1W RCY C . -4.33 10.40 9.30
C1X RCY C . -4.78 8.39 10.56
C1Y RCY C . -4.02 11.62 10.17
C1Z RCY C . -3.85 10.62 7.86
H1S RCY C . -9.69 7.25 9.33
H1U RCY C . -5.79 8.13 8.68
C1C RCY D . -9.37 0.53 -6.26
O1G RCY D . -10.02 5.40 -8.67
O1H RCY D . -11.94 1.63 -6.54
O1J RCY D . -6.39 0.34 -6.57
C1L RCY D . -12.23 4.95 -7.71
C1M RCY D . -8.06 3.32 -8.31
C1P RCY D . -10.79 4.60 -8.12
C1Q RCY D . -11.77 2.63 -7.25
N1R RCY D . -10.44 3.16 -7.78
C1S RCY D . -12.86 3.55 -7.76
C1U RCY D . -9.11 2.42 -7.93
C1V RCY D . -8.66 2.84 -5.47
N1V RCY D . -7.18 1.49 -6.98
C1W RCY D . -6.75 2.64 -7.89
C1X RCY D . -8.62 1.82 -6.62
C1Y RCY D . -5.85 3.62 -7.12
C1Z RCY D . -6.00 2.07 -9.10
H1S RCY D . -13.09 2.75 -8.44
H1U RCY D . -9.21 1.64 -8.67
C1C RCY E . -2.49 -0.51 -7.72
O1G RCY E . -5.35 -2.22 -11.67
O1H RCY E . -1.41 0.28 -10.95
O1J RCY E . -1.22 -2.88 -6.38
C1L RCY E . -4.34 -0.32 -12.83
C1M RCY E . -2.40 -3.43 -9.98
C1P RCY E . -4.45 -1.38 -11.73
C1Q RCY E . -2.58 -0.04 -11.21
N1R RCY E . -3.31 -1.29 -10.73
C1S RCY E . -3.54 0.75 -12.07
C1U RCY E . -2.98 -2.19 -9.55
C1V RCY E . -0.69 -1.11 -9.40
N1V RCY E . -1.55 -2.83 -7.80
C1W RCY E . -1.62 -3.99 -8.78
C1X RCY E . -1.91 -1.60 -8.62
C1Y RCY E . -0.21 -4.42 -9.21
C1Z RCY E . -2.36 -5.16 -8.14
H1S RCY E . -3.61 1.41 -11.23
H1U RCY E . -3.87 -2.40 -8.98
C1C RCY F . -0.42 -3.49 -11.14
O1G RCY F . 1.40 -4.56 -13.52
O1H RCY F . 3.93 -3.12 -9.81
O1J RCY F . 0.39 -2.92 -8.30
C1L RCY F . 3.24 -5.57 -12.26
C1M RCY F . 2.23 -0.91 -11.00
C1P RCY F . 2.22 -4.47 -12.62
C1Q RCY F . 3.60 -3.61 -10.88
N1R RCY F . 2.38 -3.25 -11.72
C1S RCY F . 4.35 -4.71 -11.64
C1U RCY F . 1.54 -1.98 -11.67
C1V RCY F . -0.71 -0.98 -11.05
N1V RCY F . 0.83 -2.13 -9.44
C1W RCY F . 1.96 -1.11 -9.50
C1X RCY F . 0.25 -2.15 -10.85
C1Y RCY F . 1.52 0.21 -8.86
C1Z RCY F . 3.18 -1.68 -8.78
H1S RCY F . 5.05 -3.93 -11.87
H1U RCY F . 1.28 -1.66 -12.67
C1C RCY G . -4.51 3.43 -3.60
O1G RCY G . -4.61 4.09 -7.51
O1H RCY G . -1.83 7.14 -5.21
O1J RCY G . -2.44 1.97 -1.99
C1L RCY G . -4.24 6.50 -7.71
C1M RCY G . -1.11 4.08 -4.90
C1P RCY G . -4.05 5.11 -7.10
C1Q RCY G . -2.78 6.63 -5.78
N1R RCY G . -3.07 5.14 -5.91
C1S RCY G . -3.90 7.37 -6.49
C1U RCY G . -2.53 3.97 -5.08
C1V RCY G . -2.97 5.34 -2.99
N1V RCY G . -2.13 2.97 -3.00
C1W RCY G . -0.77 3.26 -3.65
C1X RCY G . -3.08 3.97 -3.66
C1Y RCY G . 0.12 4.07 -2.70
C1Z RCY G . -0.11 1.93 -4.03
H1S RCY G . -4.25 7.60 -5.49
H1U RCY G . -2.77 3.04 -5.56
C1C RCY H . -1.28 4.54 -4.31
O1G RCY H . 2.53 3.96 -3.88
O1H RCY H . 0.12 2.15 -0.24
O1J RCY H . -3.45 2.66 -5.23
C1L RCY H . 2.92 3.91 -1.47
C1M RCY H . -0.70 1.10 -3.05
C1P RCY H . 2.14 3.64 -2.75
C1Q RCY H . 0.80 2.90 -0.94
N1R RCY H . 0.82 2.93 -2.46
C1S RCY H . 1.77 3.95 -0.46
C1U RCY H . -0.23 2.39 -3.45
C1V RCY H . -2.04 3.54 -2.10
N1V RCY H . -2.43 2.31 -4.24
C1W RCY H . -2.07 0.91 -3.74
C1X RCY H . -1.49 3.25 -3.49
C1Y RCY H . -3.10 0.43 -2.72
C1Z RCY H . -1.98 -0.05 -4.92
H1S RCY H . 0.88 4.52 -0.22
H1U RCY H . 0.20 2.33 -4.44
C1C RCY I . -1.16 -3.69 -1.66
O1G RCY I . 2.08 -4.61 -2.44
O1H RCY I . 2.07 -4.69 2.28
O1J RCY I . -3.64 -4.91 -0.47
C1L RCY I . 3.75 -4.03 -0.75
C1M RCY I . -0.33 -6.00 1.10
C1P RCY I . 2.37 -4.49 -1.25
C1Q RCY I . 2.25 -4.35 1.11
N1R RCY I . 1.42 -4.77 -0.09
C1S RCY I . 3.36 -3.44 0.60
C1U RCY I . 0.00 -5.33 -0.13
C1V RCY I . -0.84 -3.12 0.79
N1V RCY I . -2.31 -5.04 0.11
C1W RCY I . -1.86 -6.02 1.19
C1X RCY I . -1.06 -4.24 -0.24
C1Y RCY I . -2.32 -5.54 2.57
C1Z RCY I . -2.42 -7.41 0.88
H1S RCY I . 2.76 -2.64 1.05
H1U RCY I . -0.10 -6.02 -0.95
C1C RCY J . -0.81 -2.36 3.19
O1G RCY J . -3.81 -6.24 3.17
O1H RCY J . 0.60 -4.59 3.63
O1J RCY J . 1.61 -3.23 1.61
C1L RCY J . -1.95 -6.81 4.67
C1M RCY J . -1.75 -4.65 0.43
C1P RCY J . -2.64 -6.06 3.51
C1Q RCY J . -0.38 -5.34 3.56
N1R RCY J . -1.69 -5.07 2.84
C1S RCY J . -0.50 -6.71 4.20
C1U RCY J . -1.97 -4.07 1.72
C1V RCY J . -1.51 -1.75 0.83
N1V RCY J . 0.24 -3.50 1.21
C1W RCY J . -0.25 -4.47 0.14
C1X RCY J . -1.03 -2.87 1.75
C1Y RCY J . -0.03 -3.90 -1.26
C1Z RCY J . 0.51 -5.80 0.30
H1S RCY J . 0.16 -7.03 3.41
H1U RCY J . -2.99 -3.73 1.79
C1C RCY K . -5.33 -2.36 -4.73
O1G RCY K . -4.25 -4.05 0.37
O1H RCY K . -5.36 -5.14 -4.09
O1J RCY K . -3.33 -0.13 -5.06
C1L RCY K . -5.15 -6.07 -0.68
C1M RCY K . -2.97 -2.26 -1.88
C1P RCY K . -4.66 -4.62 -0.64
C1Q RCY K . -5.39 -5.05 -2.86
N1R RCY K . -4.73 -3.96 -2.02
C1S RCY K . -6.09 -6.00 -1.89
C1U RCY K . -4.25 -2.58 -2.45
C1V RCY K . -3.15 -3.63 -4.48
N1V RCY K . -3.24 -1.16 -4.03
C1W RCY K . -2.37 -1.17 -2.78
C1X RCY K . -4.01 -2.48 -3.97
C1Y RCY K . -0.92 -1.53 -3.14
C1Z RCY K . -2.43 0.21 -2.11
H1S RCY K . -6.99 -5.52 -2.25
H1U RCY K . -4.98 -1.83 -2.16
N MET A 1 -16.93 15.37 -2.89
CA MET A 1 -16.89 14.82 -1.50
C MET A 1 -15.76 15.47 -0.73
N ASN A 2 -15.15 16.49 -1.28
CA ASN A 2 -14.03 17.16 -0.56
C ASN A 2 -14.46 17.48 0.87
N LEU A 3 -13.88 16.82 1.84
CA LEU A 3 -14.25 17.09 3.26
C LEU A 3 -13.44 18.27 3.78
N GLU A 4 -13.49 18.53 5.05
CA GLU A 4 -12.72 19.68 5.62
C GLU A 4 -11.23 19.30 5.65
N PRO A 5 -10.37 20.18 5.20
CA PRO A 5 -8.90 19.92 5.20
C PRO A 5 -8.43 19.23 6.49
N PRO A 6 -7.43 18.39 6.39
CA PRO A 6 -6.87 17.66 7.57
C PRO A 6 -6.07 18.58 8.49
N LYS A 7 -6.06 18.30 9.77
CA LYS A 7 -5.29 19.16 10.71
C LYS A 7 -5.22 18.47 12.08
N ALA A 8 -4.13 18.67 12.79
CA ALA A 8 -4.00 18.04 14.13
C ALA A 8 -2.64 18.40 14.72
N GLU A 9 -1.73 17.46 14.77
CA GLU A 9 -0.38 17.74 15.33
C GLU A 9 0.68 17.02 14.49
N CYS A 10 1.69 17.72 14.06
CA CYS A 10 2.75 17.08 13.24
C CYS A 10 4.07 17.84 13.41
N ARG A 11 5.15 17.29 12.93
CA ARG A 11 6.47 17.98 13.06
C ARG A 11 7.51 17.25 12.22
N SER A 12 7.11 16.23 11.50
CA SER A 12 8.09 15.47 10.67
C SER A 12 8.10 16.05 9.25
N ALA A 13 6.95 16.43 8.74
CA ALA A 13 6.90 16.99 7.36
C ALA A 13 7.56 16.01 6.38
N THR A 14 8.86 16.09 6.24
CA THR A 14 9.55 15.16 5.30
C THR A 14 10.05 13.94 6.07
N ARG A 15 11.28 13.95 6.47
CA ARG A 15 11.83 12.78 7.24
C ARG A 15 11.51 11.49 6.49
N VAL A 16 12.38 11.08 5.61
CA VAL A 16 12.16 9.82 4.83
C VAL A 16 13.10 9.83 3.62
N MET A 17 12.92 10.76 2.71
CA MET A 17 13.83 10.81 1.52
C MET A 17 13.51 12.06 0.70
N GLY A 18 12.40 12.71 0.97
CA GLY A 18 12.02 13.92 0.19
C GLY A 18 11.05 13.53 -0.93
N GLY A 19 11.07 14.24 -2.01
CA GLY A 19 10.15 13.90 -3.13
C GLY A 19 8.72 14.32 -2.76
N PRO A 20 8.24 15.43 -3.26
CA PRO A 20 6.87 15.92 -2.94
C PRO A 20 5.81 14.81 -3.09
N CYS A 21 4.62 15.07 -2.64
CA CYS A 21 3.53 14.05 -2.76
C CYS A 21 2.33 14.66 -3.49
N THR A 22 2.22 14.42 -4.76
CA THR A 22 1.08 14.98 -5.54
C THR A 22 -0.07 13.95 -5.58
N PRO A 23 -1.24 14.31 -5.13
CA PRO A 23 -2.40 13.39 -5.13
C PRO A 23 -2.53 12.61 -6.45
N ARG A 24 -3.47 11.71 -6.53
CA ARG A 24 -3.65 10.93 -7.79
C ARG A 24 -3.75 11.90 -8.97
N LYS A 25 -3.41 11.43 -10.15
CA LYS A 25 -3.48 12.33 -11.35
C LYS A 25 -4.05 11.55 -12.54
N GLY A 26 -3.79 10.26 -12.61
CA GLY A 26 -4.30 9.45 -13.74
C GLY A 26 -5.64 8.81 -13.34
N PRO A 27 -6.58 8.73 -14.25
CA PRO A 27 -7.91 8.11 -13.97
C PRO A 27 -7.78 6.77 -13.26
N PRO A 28 -8.82 6.33 -12.58
CA PRO A 28 -8.81 5.03 -11.86
C PRO A 28 -8.12 3.92 -12.65
N LYS A 29 -7.45 3.03 -11.98
CA LYS A 29 -6.75 1.92 -12.71
C LYS A 29 -6.72 0.67 -11.83
N CYS A 30 -6.74 -0.49 -12.43
CA CYS A 30 -6.71 -1.75 -11.62
C CYS A 30 -5.32 -1.94 -11.02
N LYS A 31 -4.37 -1.14 -11.43
CA LYS A 31 -2.99 -1.29 -10.88
C LYS A 31 -2.55 -2.74 -11.03
N GLN A 32 -3.17 -3.46 -11.92
CA GLN A 32 -2.79 -4.89 -12.13
C GLN A 32 -2.96 -5.25 -13.60
N ARG A 33 -1.88 -5.43 -14.32
CA ARG A 33 -1.98 -5.77 -15.77
C ARG A 33 -0.91 -6.81 -16.11
N GLN A 34 0.14 -6.88 -15.33
CA GLN A 34 1.22 -7.87 -15.62
C GLN A 34 0.93 -9.17 -14.88
N THR A 35 0.45 -9.09 -13.67
CA THR A 35 0.14 -10.32 -12.88
C THR A 35 1.09 -11.45 -13.26
N ARG A 36 2.24 -11.52 -12.63
CA ARG A 36 3.21 -12.59 -12.97
C ARG A 36 3.85 -13.12 -11.67
N GLN A 37 3.83 -12.33 -10.63
CA GLN A 37 4.42 -12.79 -9.34
C GLN A 37 3.32 -13.27 -8.40
N CYS A 38 3.64 -13.48 -7.15
CA CYS A 38 2.62 -13.96 -6.17
C CYS A 38 2.49 -15.48 -6.26
N LYS A 39 3.57 -16.17 -6.52
CA LYS A 39 3.50 -17.66 -6.61
C LYS A 39 4.77 -18.25 -5.99
N SER A 40 5.78 -17.43 -5.80
CA SER A 40 7.05 -17.92 -5.20
C SER A 40 7.13 -17.46 -3.74
N LYS A 41 6.52 -16.35 -3.43
CA LYS A 41 6.56 -15.85 -2.02
C LYS A 41 6.22 -17.00 -1.06
N PRO A 42 7.17 -17.47 -0.29
CA PRO A 42 6.93 -18.59 0.66
C PRO A 42 6.24 -18.12 1.96
N PRO A 43 5.62 -19.03 2.66
CA PRO A 43 4.92 -18.70 3.94
C PRO A 43 5.89 -18.50 5.10
N LYS A 44 5.42 -17.94 6.19
CA LYS A 44 6.31 -17.71 7.36
C LYS A 44 7.37 -16.66 7.01
N LYS A 45 8.43 -17.06 6.36
CA LYS A 45 9.50 -16.07 5.98
C LYS A 45 9.32 -15.67 4.52
N GLY A 46 9.96 -14.60 4.11
CA GLY A 46 9.83 -14.16 2.69
C GLY A 46 11.12 -13.46 2.26
N VAL A 47 11.84 -14.03 1.34
CA VAL A 47 13.10 -13.39 0.88
C VAL A 47 12.76 -12.19 -0.03
N GLN A 48 12.78 -12.38 -1.32
CA GLN A 48 12.45 -11.26 -2.23
C GLN A 48 12.00 -11.82 -3.58
N GLY A 49 11.22 -11.07 -4.32
CA GLY A 49 10.74 -11.56 -5.64
C GLY A 49 9.66 -10.61 -6.17
N CYS A 50 9.81 -9.34 -5.92
CA CYS A 50 8.79 -8.36 -6.40
C CYS A 50 9.46 -7.00 -6.63
N GLY A 51 10.66 -6.83 -6.13
CA GLY A 51 11.38 -5.53 -6.31
C GLY A 51 12.49 -5.71 -7.36
N ASP A 52 12.37 -6.69 -8.21
CA ASP A 52 13.42 -6.90 -9.25
C ASP A 52 13.66 -5.61 -10.02
N ASP A 53 12.69 -4.73 -10.04
CA ASP A 53 12.87 -3.44 -10.77
C ASP A 53 11.92 -2.39 -10.18
N ILE A 54 11.05 -1.84 -10.99
CA ILE A 54 10.10 -0.81 -10.49
C ILE A 54 8.66 -1.27 -10.75
N PRO A 55 7.81 -1.25 -9.76
CA PRO A 55 6.38 -1.67 -9.91
C PRO A 55 5.54 -0.59 -10.61
N GLY A 56 4.24 -0.67 -10.46
CA GLY A 56 3.37 0.36 -11.12
C GLY A 56 3.49 1.68 -10.36
N MET A 57 4.67 2.04 -9.95
CA MET A 57 4.85 3.31 -9.21
C MET A 57 4.97 4.48 -10.20
N GLU A 58 4.43 4.31 -11.38
CA GLU A 58 4.51 5.41 -12.39
C GLU A 58 3.27 6.28 -12.30
N GLY A 59 2.26 5.83 -11.61
CA GLY A 59 1.02 6.65 -11.47
C GLY A 59 0.04 5.95 -10.53
N CYS A 60 0.32 5.96 -9.25
CA CYS A 60 -0.58 5.29 -8.29
C CYS A 60 -1.86 6.12 -8.13
N GLY A 61 -2.72 6.11 -9.12
CA GLY A 61 -3.98 6.90 -9.02
C GLY A 61 -5.08 6.01 -8.45
N THR A 62 -5.50 6.27 -7.24
CA THR A 62 -6.58 5.43 -6.63
C THR A 62 -6.88 5.93 -5.21
N ASP A 63 -7.73 6.91 -5.08
CA ASP A 63 -8.07 7.42 -3.73
C ASP A 63 -8.91 6.39 -2.97
N ILE A 64 -8.34 5.74 -1.99
CA ILE A 64 -9.10 4.73 -1.20
C ILE A 64 -9.67 3.67 -2.14
N THR A 65 -9.35 3.77 -3.41
CA THR A 65 -9.90 2.78 -4.39
C THR A 65 -11.36 2.49 -4.07
N VAL A 66 -12.10 3.52 -3.72
CA VAL A 66 -13.54 3.33 -3.37
C VAL A 66 -13.64 2.54 -2.07
N ILE A 67 -12.97 1.42 -1.99
CA ILE A 67 -12.99 0.61 -0.74
C ILE A 67 -11.58 0.12 -0.44
N CYS A 68 -10.83 0.87 0.32
CA CYS A 68 -9.44 0.43 0.63
C CYS A 68 -9.50 -0.66 1.71
N PRO A 69 -8.89 -1.80 1.45
CA PRO A 69 -8.91 -2.95 2.41
C PRO A 69 -8.74 -2.53 3.87
N TRP A 70 -8.34 -1.32 4.13
CA TRP A 70 -8.16 -0.89 5.54
C TRP A 70 -9.52 -0.86 6.25
N GLU A 71 -10.57 -0.54 5.54
CA GLU A 71 -11.92 -0.50 6.18
C GLU A 71 -12.70 -1.77 5.81
N ALA A 72 -12.19 -2.54 4.89
CA ALA A 72 -12.91 -3.79 4.49
C ALA A 72 -12.68 -4.87 5.55
N CYS A 73 -11.49 -5.41 5.62
CA CYS A 73 -11.21 -6.48 6.61
C CYS A 73 -11.15 -5.88 8.02
N ASN A 74 -10.96 -4.59 8.12
CA ASN A 74 -10.89 -3.95 9.46
C ASN A 74 -9.70 -4.51 10.24
N HIS A 75 -9.78 -5.74 10.66
CA HIS A 75 -8.65 -6.35 11.41
C HIS A 75 -7.34 -6.03 10.71
N CYS A 76 -6.69 -4.96 11.10
CA CYS A 76 -5.40 -4.58 10.44
C CYS A 76 -4.57 -3.73 11.40
N GLU A 77 -5.19 -2.79 12.06
CA GLU A 77 -4.43 -1.93 13.00
C GLU A 77 -4.04 -2.72 14.24
N LEU A 78 -4.86 -3.67 14.63
CA LEU A 78 -4.54 -4.48 15.84
C LEU A 78 -3.08 -4.92 15.80
N HIS A 79 -2.53 -5.05 14.63
CA HIS A 79 -1.10 -5.48 14.52
C HIS A 79 -0.89 -6.78 15.28
N GLU A 80 -0.75 -7.87 14.58
CA GLU A 80 -0.54 -9.18 15.26
C GLU A 80 0.24 -10.10 14.33
N LEU A 81 -0.02 -10.03 13.06
CA LEU A 81 0.71 -10.90 12.09
C LEU A 81 2.03 -10.22 11.69
N ALA A 82 2.54 -9.37 12.53
CA ALA A 82 3.81 -8.68 12.20
C ALA A 82 4.96 -9.69 12.13
N GLN A 83 4.67 -10.92 11.81
CA GLN A 83 5.76 -11.94 11.73
C GLN A 83 6.86 -11.44 10.77
N TYR A 84 6.50 -10.60 9.84
CA TYR A 84 7.51 -10.08 8.89
C TYR A 84 8.20 -8.85 9.51
N GLY A 85 7.43 -7.89 9.91
CA GLY A 85 8.03 -6.67 10.52
C GLY A 85 7.26 -5.42 10.05
N ILE A 86 6.85 -5.41 8.81
CA ILE A 86 6.10 -4.23 8.28
C ILE A 86 4.63 -4.62 8.07
N CYS A 87 4.37 -5.65 7.31
CA CYS A 87 2.96 -6.07 7.08
C CYS A 87 2.47 -6.88 8.28
C1C RCY B . 6.76 11.91 12.57
O1G RCY B . 3.45 13.48 15.41
O1H RCY B . 4.04 12.95 10.75
O1J RCY B . 7.30 12.42 15.49
C1L RCY B . 3.11 14.97 13.49
C1M RCY B . 3.96 10.69 14.68
C1P RCY B . 3.52 13.67 14.20
C1Q RCY B . 4.03 13.42 11.89
N1R RCY B . 4.05 12.64 13.20
C1S RCY B . 3.99 14.89 12.25
C1U RCY B . 4.49 11.19 13.44
C1V RCY B . 6.44 9.58 13.53
N1V RCY B . 6.19 11.60 15.00
C1W RCY B . 4.96 11.12 15.76
C1X RCY B . 6.00 11.05 13.59
C1Y RCY B . 5.32 9.94 16.67
C1Z RCY B . 4.40 12.28 16.60
H1S RCY B . 5.02 14.89 11.94
H1U RCY B . 4.14 10.57 12.62
C1C RCY C . 0.21 11.16 4.32
O1G RCY C . 1.63 12.63 3.64
O1H RCY C . 1.43 11.06 -0.81
O1J RCY C . -1.18 13.80 3.97
C1L RCY C . 3.14 12.83 1.72
C1M RCY C . -1.38 11.39 0.99
C1P RCY C . 1.88 12.35 2.48
C1Q RCY C . 1.84 11.36 0.32
N1R RCY C . 1.00 11.48 1.59
C1S RCY C . 3.26 11.71 0.69
C1U RCY C . -0.37 10.87 1.88
C1V RCY C . -2.11 10.40 3.66
N1V RCY C . -1.30 12.68 3.04
C1W RCY C . -1.87 12.71 1.62
C1X RCY C . -0.90 11.24 3.26
C1Y RCY C . -3.40 12.74 1.65
C1Z RCY C . -1.31 13.92 0.87
H1S RCY C . 3.44 10.64 0.60
H1U RCY C . -0.33 9.80 1.78
C1C RCY D . -10.70 2.36 -12.83
O1G RCY D . -10.64 0.62 -9.69
O1H RCY D . -7.44 -0.78 -12.86
O1J RCY D . -11.69 3.12 -10.09
C1L RCY D . -10.01 -1.57 -10.57
C1M RCY D . -7.91 2.52 -10.41
C1P RCY D . -9.96 -0.04 -10.45
C1Q RCY D . -8.47 -0.67 -12.20
N1R RCY D . -8.95 0.56 -11.44
C1S RCY D . -9.53 -1.75 -12.01
C1U RCY D . -8.51 2.01 -11.60
C1V RCY D . -9.20 4.34 -12.32
N1V RCY D . -10.28 3.04 -10.46
C1W RCY D . -9.06 3.02 -9.53
C1X RCY D . -9.68 2.95 -11.86
C1Y RCY D . -8.77 4.43 -9.00
C1Z RCY D . -9.34 2.06 -8.38
H1S RCY D . -9.81 -1.52 -13.03
H1U RCY D . -7.80 2.08 -12.42
C1C RCY E . -0.66 -8.46 -7.52
O1G RCY E . 1.64 -8.41 -3.36
O1H RCY E . 1.03 -11.21 -7.11
O1J RCY E . -1.47 -6.47 -5.42
C1L RCY E . 1.12 -10.79 -3.60
C1M RCY E . 2.30 -7.03 -5.82
C1P RCY E . 1.40 -9.36 -4.10
C1Q RCY E . 0.91 -10.68 -6.01
N1R RCY E . 1.35 -9.27 -5.62
C1S RCY E . 0.28 -11.31 -4.77
C1U RCY E . 1.64 -8.09 -6.53
C1V RCY E . 0.70 -6.44 -8.22
N1V RCY E . -0.10 -6.68 -5.85
C1W RCY E . 1.19 -6.19 -5.17
C1X RCY E . 0.39 -7.43 -7.09
C1Y RCY E . 1.40 -4.70 -5.44
C1Z RCY E . 1.08 -6.46 -3.67
H1S RCY E . -0.66 -11.14 -5.29
H1U RCY E . 2.27 -8.41 -7.35
C1C RCY F . 1.29 -7.84 -2.15
O1G RCY F . 2.44 -5.86 -2.94
O1H RCY F . 4.15 -8.56 -6.41
O1J RCY F . -0.24 -5.45 -3.17
C1L RCY F . 4.57 -5.88 -4.16
C1M RCY F . 0.69 -8.08 -5.79
C1P RCY F . 3.16 -6.38 -3.79
C1Q RCY F . 4.05 -7.89 -5.39
N1R RCY F . 2.78 -7.62 -4.60
C1S RCY F . 5.19 -7.18 -4.68
C1U RCY F . 1.45 -8.38 -4.62
C1V RCY F . -0.65 -8.97 -3.34
N1V RCY F . 0.04 -6.64 -3.96
C1W RCY F . -0.10 -6.80 -5.47
C1X RCY F . 0.53 -8.00 -3.48
C1Y RCY F . -1.57 -6.98 -5.86
C1Z RCY F . 0.50 -5.59 -6.17
H1S RCY F . 5.46 -8.18 -4.35
H1U RCY F . 1.66 -9.44 -4.59
C1C RCY G . -2.87 0.78 -5.46
O1G RCY G . 2.00 -0.67 -5.96
O1H RCY G . -0.35 3.35 -5.17
O1J RCY G . -3.94 -0.23 -2.84
C1L RCY G . 2.34 1.64 -6.70
C1M RCY G . -0.13 0.10 -3.06
C1P RCY G . 1.62 0.50 -5.98
C1Q RCY G . 0.29 2.45 -5.72
N1R RCY G . 0.34 0.99 -5.29
C1S RCY G . 1.16 2.59 -6.96
C1U RCY G . -0.64 0.22 -4.40
C1V RCY G . -1.78 2.41 -3.83
N1V RCY G . -2.56 0.15 -3.05
C1W RCY G . -1.35 -0.16 -2.17
C1X RCY G . -1.97 0.94 -4.23
C1Y RCY G . -1.33 0.78 -0.94
C1Z RCY G . -1.41 -1.62 -1.72
H1S RCY G . 0.22 2.65 -7.48
H1U RCY G . -0.80 -0.76 -4.80
C1C RCY H . -2.14 0.99 0.22
O1G RCY H . -4.87 1.14 4.69
O1H RCY H . -4.35 0.74 0.01
O1J RCY H . -1.33 3.66 1.35
C1L RCY H . -6.38 1.48 2.80
C1M RCY H . -2.00 0.88 3.92
C1P RCY H . -5.05 1.16 3.47
C1Q RCY H . -4.67 1.14 1.12
N1R RCY H . -3.95 0.87 2.43
C1S RCY H . -5.88 2.00 1.45
C1U RCY H . -2.51 0.42 2.66
C1V RCY H . -0.17 0.32 1.68
N1V RCY H . -1.44 2.44 2.14
C1W RCY H . -1.48 2.30 3.67
C1X RCY H . -1.54 1.00 1.62
C1Y RCY H . -0.06 2.46 4.24
C1Z RCY H . -2.42 3.36 4.23
H1S RCY H . -5.30 2.80 1.01
H1U RCY H . -2.46 -0.66 2.62
C1C RCY I . -6.79 -6.90 1.16
O1G RCY I . -8.70 -8.72 1.35
O1H RCY I . -7.13 -8.51 5.81
O1J RCY I . -6.02 -4.93 3.29
C1L RCY I . -9.82 -8.74 3.53
C1M RCY I . -4.92 -8.55 3.89
C1P RCY I . -8.62 -8.72 2.58
C1Q RCY I . -7.76 -8.82 4.80
N1R RCY I . -7.29 -8.70 3.35
C1S RCY I . -9.17 -9.38 4.76
C1U RCY I . -5.87 -8.57 2.82
C1V RCY I . -4.30 -7.30 1.30
N1V RCY I . -5.53 -6.29 3.24
C1W RCY I . -4.82 -7.08 4.33
C1X RCY I . -5.61 -7.27 2.06
C1Y RCY I . -3.35 -6.64 4.44
C1Z RCY I . -5.54 -6.86 5.66
H1S RCY I . -8.71 -10.30 5.10
H1U RCY I . -5.65 -9.41 2.17
C1C RCY J . -1.20 -5.84 4.25
O1G RCY J . -3.65 -5.76 3.73
O1H RCY J . -4.00 -3.18 7.67
O1J RCY J . -2.29 -4.57 1.75
C1L RCY J . -5.35 -5.59 5.47
C1M RCY J . -2.03 -2.28 4.80
C1P RCY J . -4.02 -5.27 4.80
C1Q RCY J . -4.04 -4.11 6.86
N1R RCY J . -3.19 -4.28 5.62
C1S RCY J . -4.99 -5.30 6.93
C1U RCY J . -1.85 -3.63 5.28
C1V RCY J . 0.33 -3.84 4.02
N1V RCY J . -1.94 -3.83 2.95
C1W RCY J . -2.30 -2.39 3.30
C1X RCY J . -1.12 -4.32 4.14
C1Y RCY J . -1.41 -1.41 2.53
C1Z RCY J . -3.77 -2.15 2.99
H1S RCY J . -4.34 -5.64 7.73
H1U RCY J . -1.22 -3.62 6.16
C1C RCY K . 4.45 -3.94 -1.45
O1G RCY K . 2.67 -2.23 1.89
O1H RCY K . 3.50 -6.88 1.72
O1J RCY K . 2.56 -3.37 -3.72
C1L RCY K . 3.53 -3.85 3.52
C1M RCY K . 0.92 -4.25 -0.36
C1P RCY K . 2.95 -3.40 2.17
C1Q RCY K . 3.16 -5.76 2.10
N1R RCY K . 2.77 -4.58 1.22
C1S RCY K . 3.05 -5.30 3.55
C1U RCY K . 2.32 -4.58 -0.24
C1V RCY K . 2.98 -2.14 -0.42
N1V RCY K . 2.15 -3.53 -2.33
C1W RCY K . 0.73 -3.75 -1.80
C1X RCY K . 3.02 -3.52 -1.08
C1Y RCY K . -0.05 -2.43 -1.80
C1Z RCY K . 0.02 -4.80 -2.66
H1S RCY K . 2.15 -5.90 3.55
H1U RCY K . 2.49 -5.56 -0.68
N MET A 1 6.90 19.18 10.74
CA MET A 1 6.24 18.67 11.98
C MET A 1 5.00 17.86 11.60
N ASN A 2 4.22 18.35 10.67
CA ASN A 2 2.99 17.60 10.26
C ASN A 2 2.28 18.37 9.15
N LEU A 3 2.46 19.66 9.08
CA LEU A 3 1.79 20.45 8.02
C LEU A 3 2.55 20.28 6.70
N GLU A 4 3.84 20.49 6.74
CA GLU A 4 4.66 20.35 5.49
C GLU A 4 5.30 18.97 5.46
N PRO A 5 5.56 18.44 4.28
CA PRO A 5 6.18 17.11 4.10
C PRO A 5 7.21 16.78 5.20
N PRO A 6 6.80 16.05 6.21
CA PRO A 6 7.70 15.67 7.33
C PRO A 6 8.94 14.90 6.86
N LYS A 7 9.94 14.78 7.69
CA LYS A 7 11.17 14.04 7.29
C LYS A 7 11.73 14.66 6.00
N ALA A 8 12.78 14.07 5.47
CA ALA A 8 13.38 14.62 4.22
C ALA A 8 12.33 14.64 3.11
N GLU A 9 12.75 14.76 1.88
CA GLU A 9 11.78 14.79 0.75
C GLU A 9 11.48 13.36 0.29
N CYS A 10 12.38 12.75 -0.43
CA CYS A 10 12.16 11.36 -0.91
C CYS A 10 13.05 10.39 -0.12
N ARG A 11 13.04 10.51 1.18
CA ARG A 11 13.88 9.60 2.03
C ARG A 11 15.35 9.71 1.63
N SER A 12 16.24 9.70 2.60
CA SER A 12 17.69 9.79 2.28
C SER A 12 18.24 8.39 2.05
N ALA A 13 19.40 8.28 1.45
CA ALA A 13 19.98 6.93 1.20
C ALA A 13 18.90 6.03 0.61
N THR A 14 18.35 6.40 -0.52
CA THR A 14 17.29 5.58 -1.15
C THR A 14 17.81 4.16 -1.41
N ARG A 15 18.70 4.01 -2.36
CA ARG A 15 19.24 2.66 -2.67
C ARG A 15 18.15 1.85 -3.37
N VAL A 16 16.94 1.90 -2.86
CA VAL A 16 15.83 1.14 -3.48
C VAL A 16 16.30 -0.26 -3.88
N MET A 17 15.87 -0.74 -5.00
CA MET A 17 16.29 -2.10 -5.46
C MET A 17 16.20 -2.16 -6.99
N GLY A 18 15.11 -1.73 -7.54
CA GLY A 18 14.96 -1.77 -9.03
C GLY A 18 15.30 -3.17 -9.54
N GLY A 19 16.42 -3.32 -10.19
CA GLY A 19 16.79 -4.67 -10.71
C GLY A 19 16.06 -4.93 -12.03
N PRO A 20 16.11 -6.14 -12.51
CA PRO A 20 15.45 -6.54 -13.78
C PRO A 20 13.92 -6.36 -13.72
N CYS A 21 13.44 -5.46 -12.91
CA CYS A 21 11.98 -5.24 -12.80
C CYS A 21 11.65 -3.80 -13.19
N THR A 22 10.52 -3.59 -13.82
CA THR A 22 10.12 -2.21 -14.23
C THR A 22 8.78 -1.85 -13.57
N PRO A 23 8.81 -0.99 -12.58
CA PRO A 23 7.56 -0.57 -11.86
C PRO A 23 6.76 0.47 -12.66
N ARG A 24 5.92 1.22 -11.99
CA ARG A 24 5.10 2.24 -12.69
C ARG A 24 4.09 1.55 -13.61
N LYS A 25 4.56 0.67 -14.45
CA LYS A 25 3.63 -0.06 -15.37
C LYS A 25 2.68 0.95 -16.04
N GLY A 26 1.45 0.58 -16.24
CA GLY A 26 0.49 1.51 -16.89
C GLY A 26 0.40 2.82 -16.10
N PRO A 27 -0.09 3.86 -16.72
CA PRO A 27 -0.22 5.20 -16.06
C PRO A 27 -0.99 5.12 -14.74
N PRO A 28 -0.89 6.13 -13.91
CA PRO A 28 -1.59 6.17 -12.59
C PRO A 28 -3.07 5.76 -12.70
N LYS A 29 -3.69 5.48 -11.59
CA LYS A 29 -5.13 5.07 -11.63
C LYS A 29 -5.71 5.13 -10.21
N CYS A 30 -4.86 5.22 -9.22
CA CYS A 30 -5.35 5.29 -7.81
C CYS A 30 -5.96 3.94 -7.40
N LYS A 31 -7.01 3.54 -8.05
CA LYS A 31 -7.66 2.23 -7.70
C LYS A 31 -7.81 1.38 -8.96
N GLN A 32 -9.02 0.97 -9.27
CA GLN A 32 -9.23 0.13 -10.48
C GLN A 32 -10.72 -0.16 -10.65
N ARG A 33 -11.11 -1.40 -10.65
CA ARG A 33 -12.56 -1.73 -10.80
C ARG A 33 -12.93 -2.87 -9.83
N GLN A 34 -11.95 -3.63 -9.42
CA GLN A 34 -12.23 -4.75 -8.47
C GLN A 34 -11.06 -4.90 -7.50
N THR A 35 -11.31 -4.74 -6.23
CA THR A 35 -10.21 -4.87 -5.23
C THR A 35 -10.81 -4.99 -3.83
N ARG A 36 -12.10 -4.88 -3.72
CA ARG A 36 -12.76 -4.98 -2.39
C ARG A 36 -13.12 -6.44 -2.10
N GLN A 37 -12.29 -7.36 -2.50
CA GLN A 37 -12.58 -8.80 -2.26
C GLN A 37 -11.38 -9.47 -1.57
N CYS A 38 -11.60 -10.10 -0.45
CA CYS A 38 -10.48 -10.79 0.26
C CYS A 38 -10.26 -12.17 -0.36
N LYS A 39 -9.70 -13.09 0.38
CA LYS A 39 -9.47 -14.47 -0.17
C LYS A 39 -10.00 -15.53 0.79
N SER A 40 -9.14 -16.39 1.26
CA SER A 40 -9.57 -17.48 2.18
C SER A 40 -10.29 -16.89 3.40
N LYS A 41 -9.59 -16.18 4.23
CA LYS A 41 -10.23 -15.58 5.45
C LYS A 41 -11.62 -15.02 5.07
N PRO A 42 -12.57 -15.12 5.97
CA PRO A 42 -13.96 -14.62 5.73
C PRO A 42 -14.02 -13.09 5.74
N PRO A 43 -15.08 -12.53 5.20
CA PRO A 43 -15.26 -11.05 5.14
C PRO A 43 -15.52 -10.45 6.53
N LYS A 44 -14.71 -9.51 6.94
CA LYS A 44 -14.91 -8.89 8.27
C LYS A 44 -13.91 -7.74 8.45
N LYS A 45 -13.51 -7.45 9.67
CA LYS A 45 -12.53 -6.36 9.90
C LYS A 45 -11.51 -6.81 10.94
N GLY A 46 -10.89 -7.93 10.73
CA GLY A 46 -9.87 -8.42 11.71
C GLY A 46 -10.53 -9.36 12.72
N VAL A 47 -10.11 -10.59 12.77
CA VAL A 47 -10.70 -11.56 13.74
C VAL A 47 -9.66 -12.61 14.12
N GLN A 48 -8.60 -12.70 13.35
CA GLN A 48 -7.54 -13.70 13.65
C GLN A 48 -6.52 -13.08 14.62
N GLY A 49 -5.68 -12.20 14.13
CA GLY A 49 -4.66 -11.56 15.02
C GLY A 49 -4.42 -10.12 14.56
N CYS A 50 -5.46 -9.39 14.29
CA CYS A 50 -5.29 -7.97 13.85
C CYS A 50 -6.64 -7.27 13.85
N GLY A 51 -6.65 -5.98 13.96
CA GLY A 51 -7.93 -5.23 13.97
C GLY A 51 -8.60 -5.39 15.34
N ASP A 52 -8.14 -6.33 16.12
CA ASP A 52 -8.74 -6.53 17.47
C ASP A 52 -8.53 -5.28 18.32
N ASP A 53 -7.62 -4.42 17.92
CA ASP A 53 -7.37 -3.19 18.70
C ASP A 53 -6.66 -2.17 17.81
N ILE A 54 -5.38 -2.35 17.57
CA ILE A 54 -4.63 -1.40 16.72
C ILE A 54 -4.26 -2.09 15.40
N PRO A 55 -4.89 -1.73 14.31
CA PRO A 55 -4.60 -2.35 12.98
C PRO A 55 -3.32 -1.78 12.36
N GLY A 56 -2.26 -2.54 12.40
CA GLY A 56 -0.96 -2.07 11.82
C GLY A 56 0.05 -1.85 12.95
N MET A 57 -0.27 -1.00 13.88
CA MET A 57 0.67 -0.73 15.02
C MET A 57 2.09 -0.57 14.47
N GLU A 58 2.23 -0.01 13.31
CA GLU A 58 3.59 0.17 12.72
C GLU A 58 3.63 1.48 11.93
N GLY A 59 2.50 2.01 11.58
CA GLY A 59 2.47 3.28 10.80
C GLY A 59 1.04 3.67 10.48
N CYS A 60 0.08 2.93 10.97
CA CYS A 60 -1.35 3.27 10.69
C CYS A 60 -1.67 4.65 11.27
N GLY A 61 -1.17 5.69 10.64
CA GLY A 61 -1.43 7.07 11.14
C GLY A 61 -0.11 7.78 11.40
N THR A 62 1.00 7.19 11.00
CA THR A 62 2.32 7.84 11.23
C THR A 62 3.26 7.52 10.07
N ASP A 63 3.73 6.30 9.99
CA ASP A 63 4.67 5.93 8.89
C ASP A 63 3.89 5.89 7.56
N ILE A 64 2.70 5.37 7.57
CA ILE A 64 1.90 5.29 6.32
C ILE A 64 1.60 6.71 5.84
N THR A 65 1.77 7.70 6.69
CA THR A 65 1.48 9.11 6.31
C THR A 65 0.37 9.13 5.26
N VAL A 66 -0.67 8.37 5.47
CA VAL A 66 -1.78 8.31 4.49
C VAL A 66 -1.27 7.63 3.22
N ILE A 67 -0.14 8.06 2.73
CA ILE A 67 0.45 7.42 1.51
C ILE A 67 1.95 7.23 1.74
N CYS A 68 2.37 6.06 2.11
CA CYS A 68 3.82 5.84 2.34
C CYS A 68 4.55 5.98 1.00
N PRO A 69 5.53 6.83 0.91
CA PRO A 69 6.29 7.06 -0.36
C PRO A 69 7.11 5.84 -0.77
N TRP A 70 7.52 5.05 0.18
CA TRP A 70 8.33 3.85 -0.16
C TRP A 70 7.41 2.73 -0.65
N GLU A 71 6.14 3.00 -0.83
CA GLU A 71 5.21 1.93 -1.30
C GLU A 71 4.16 2.54 -2.22
N ALA A 72 4.04 3.83 -2.24
CA ALA A 72 3.02 4.47 -3.13
C ALA A 72 3.25 4.02 -4.57
N CYS A 73 2.63 2.93 -4.96
CA CYS A 73 2.81 2.42 -6.35
C CYS A 73 2.14 3.38 -7.33
N ASN A 74 1.08 4.02 -6.93
CA ASN A 74 0.38 4.98 -7.84
C ASN A 74 -0.36 4.22 -8.94
N HIS A 75 0.31 3.39 -9.68
CA HIS A 75 -0.38 2.64 -10.76
C HIS A 75 -1.34 1.62 -10.16
N CYS A 76 -0.82 0.60 -9.51
CA CYS A 76 -1.71 -0.43 -8.89
C CYS A 76 -2.59 -1.06 -9.96
N GLU A 77 -2.73 -0.43 -11.10
CA GLU A 77 -3.58 -0.99 -12.18
C GLU A 77 -2.87 -2.20 -12.81
N LEU A 78 -2.08 -2.91 -12.04
CA LEU A 78 -1.38 -4.09 -12.61
C LEU A 78 -2.35 -4.89 -13.46
N HIS A 79 -3.62 -4.81 -13.17
CA HIS A 79 -4.63 -5.55 -13.96
C HIS A 79 -6.04 -5.15 -13.49
N GLU A 80 -6.52 -5.78 -12.47
CA GLU A 80 -7.87 -5.49 -11.92
C GLU A 80 -8.27 -6.68 -11.07
N LEU A 81 -7.90 -7.86 -11.52
CA LEU A 81 -8.19 -9.11 -10.77
C LEU A 81 -6.89 -9.52 -10.08
N ALA A 82 -5.87 -8.71 -10.20
CA ALA A 82 -4.57 -9.03 -9.58
C ALA A 82 -4.80 -9.47 -8.13
N GLN A 83 -4.81 -10.76 -7.91
CA GLN A 83 -5.05 -11.29 -6.52
C GLN A 83 -4.64 -10.24 -5.48
N TYR A 84 -3.42 -9.77 -5.54
CA TYR A 84 -2.98 -8.74 -4.55
C TYR A 84 -1.50 -8.40 -4.80
N GLY A 85 -1.12 -8.09 -6.00
CA GLY A 85 0.31 -7.78 -6.27
C GLY A 85 1.18 -8.79 -5.52
N ILE A 86 0.84 -10.06 -5.63
CA ILE A 86 1.61 -11.13 -4.93
C ILE A 86 1.31 -11.08 -3.42
N CYS A 87 0.87 -9.95 -2.93
CA CYS A 87 0.56 -9.85 -1.47
C CYS A 87 -0.70 -10.63 -1.15
C1C RCY B . 12.62 11.96 2.27
O1G RCY B . 17.60 12.23 1.11
O1H RCY B . 13.09 12.94 -0.05
O1J RCY B . 14.00 9.51 3.33
C1L RCY B . 16.38 12.07 -1.00
C1M RCY B . 16.04 12.76 3.48
C1P RCY B . 16.54 12.31 0.51
C1Q RCY B . 14.22 12.48 0.02
N1R RCY B . 15.20 12.63 1.17
C1S RCY B . 14.91 11.63 -1.04
C1U RCY B . 14.90 13.01 2.62
C1V RCY B . 13.31 12.75 4.57
N1V RCY B . 14.53 10.86 3.47
C1W RCY B . 15.93 11.28 3.89
C1X RCY B . 13.79 12.18 3.25
C1Y RCY B . 16.11 11.14 5.40
C1Z RCY B . 16.96 10.42 3.14
H1S RCY B . 14.26 10.85 -0.71
H1U RCY B . 14.64 14.05 2.67
C1C RCY C . 6.41 -7.69 -6.87
O1G RCY C . 6.42 -8.56 -9.51
O1H RCY C . 9.80 -5.26 -9.33
O1J RCY C . 8.71 -6.54 -5.31
C1L RCY C . 8.69 -8.43 -10.40
C1M RCY C . 7.30 -4.32 -8.10
C1P RCY C . 7.45 -7.91 -9.67
C1Q RCY C . 9.04 -6.14 -9.72
N1R RCY C . 7.67 -6.49 -9.16
C1S RCY C . 9.31 -7.10 -10.86
C1U RCY C . 6.74 -5.63 -8.29
C1V RCY C . 5.43 -5.46 -6.13
N1V RCY C . 7.91 -5.78 -6.27
C1W RCY C . 8.24 -4.42 -6.90
C1X RCY C . 6.57 -6.17 -6.87
C1Y RCY C . 7.97 -3.30 -5.89
C1Z RCY C . 9.71 -4.41 -7.33
H1S RCY C . 9.10 -6.25 -11.49
H1U RCY C . 5.78 -5.54 -8.77
C1C RCY D . -9.76 2.56 -7.31
O1G RCY D . -11.49 7.34 -5.23
O1H RCY D . -8.04 4.83 -7.24
O1J RCY D . -12.24 1.60 -8.73
C1L RCY D . -9.08 7.70 -5.46
C1M RCY D . -12.38 5.16 -7.33
C1P RCY D . -10.40 6.92 -5.61
C1Q RCY D . -8.68 5.53 -6.46
N1R RCY D . -10.19 5.59 -6.32
C1S RCY D . -8.10 6.53 -5.47
C1U RCY D . -11.22 4.54 -6.75
C1V RCY D . -10.09 4.42 -9.01
N1V RCY D . -12.02 2.98 -8.30
C1W RCY D . -13.06 4.10 -8.20
C1X RCY D . -10.71 3.62 -7.86
C1Y RCY D . -13.38 4.66 -9.59
C1Z RCY D . -14.32 3.56 -7.53
H1S RCY D . -7.82 5.64 -4.91
H1U RCY D . -11.53 3.94 -5.90
C1C RCY E . -5.73 -6.50 -0.10
O1G RCY E . -6.78 -11.49 -1.34
O1H RCY E . -8.67 -7.79 0.91
O1J RCY E . -5.55 -4.98 -2.69
C1L RCY E . -8.25 -11.28 0.61
C1M RCY E . -7.35 -8.35 -2.86
C1P RCY E . -7.38 -10.77 -0.54
C1Q RCY E . -8.13 -8.87 0.67
N1R RCY E . -7.34 -9.24 -0.58
C1S RCY E . -8.15 -10.09 1.57
C1U RCY E . -6.68 -8.31 -1.59
C1V RCY E . -8.17 -6.43 -0.80
N1V RCY E . -6.36 -6.18 -2.50
C1W RCY E . -6.99 -7.05 -3.58
C1X RCY E . -6.75 -6.84 -1.19
C1Y RCY E . -8.25 -6.38 -4.14
C1Z RCY E . -5.98 -7.30 -4.70
H1S RCY E . -7.43 -9.54 2.16
H1U RCY E . -5.64 -8.60 -1.73
C1C RCY F . 0.95 -8.88 7.72
O1G RCY F . -0.48 -9.44 10.02
O1H RCY F . -3.47 -5.88 9.20
O1J RCY F . 1.58 -7.51 5.11
C1L RCY F . -2.15 -8.31 11.40
C1M RCY F . -1.53 -6.24 6.97
C1P RCY F . -1.32 -8.55 10.13
C1Q RCY F . -2.66 -6.63 9.74
N1R RCY F . -1.66 -7.55 9.03
C1S RCY F . -2.45 -6.81 11.23
C1U RCY F . -1.16 -7.48 7.59
C1V RCY F . 1.00 -6.44 8.44
N1V RCY F . 0.56 -7.04 6.05
C1W RCY F . -0.54 -6.03 5.80
C1X RCY F . 0.37 -7.48 7.50
C1Y RCY F . 0.02 -4.61 5.83
C1Z RCY F . -1.21 -6.33 4.45
H1S RCY F . -1.97 -5.85 11.17
H1U RCY F . -1.54 -8.31 7.03
C1C RCY G . 1.57 1.64 6.34
O1G RCY G . -0.85 4.30 6.82
O1H RCY G . -2.60 0.22 8.42
O1J RCY G . 1.86 0.82 3.46
C1L RCY G . -2.19 3.72 8.77
C1M RCY G . -1.74 1.27 4.71
C1P RCY G . -1.45 3.44 7.46
C1Q RCY G . -2.48 1.41 8.11
N1R RCY G . -1.55 1.98 7.05
C1S RCY G . -3.22 2.58 8.73
C1U RCY G . -0.89 1.25 5.87
C1V RCY G . 0.20 3.44 5.19
N1V RCY G . 0.60 1.23 4.07
C1W RCY G . -0.82 1.05 3.51
C1X RCY G . 0.40 1.94 5.40
C1Y RCY G . -1.09 2.08 2.41
C1Z RCY G . -0.95 -0.37 2.95
H1S RCY G . -4.06 2.21 8.17
H1U RCY G . -0.68 0.23 6.14
C1C RCY H . 0.46 -0.25 -1.86
O1G RCY H . 5.46 1.20 -1.54
O1H RCY H . 1.11 2.22 0.01
O1J RCY H . 0.62 -1.50 -4.59
C1L RCY H . 4.60 2.15 0.55
C1M RCY H . 3.50 0.84 -3.66
C1P RCY H . 4.49 1.60 -0.88
C1Q RCY H . 2.32 2.28 -0.23
N1R RCY H . 3.05 1.59 -1.38
C1S RCY H . 3.35 3.05 0.57
C1U RCY H . 2.48 1.05 -2.68
C1V RCY H . 2.77 -1.31 -1.79
N1V RCY H . 1.71 -0.74 -3.98
C1W RCY H . 2.94 -0.19 -4.65
C1X RCY H . 1.84 -0.34 -2.51
C1Y RCY H . 3.97 -1.31 -4.91
C1Z RCY H . 2.55 0.48 -5.97
H1S RCY H . 2.92 3.91 0.10
H1U RCY H . 1.74 1.73 -3.07
C1C RCY I . -1.54 -4.76 -2.29
O1G RCY I . -0.20 -4.11 -4.52
O1H RCY I . 2.10 -0.55 -2.42
O1J RCY I . -2.83 -4.25 0.38
C1L RCY I . 1.38 -2.42 -5.33
C1M RCY I . -0.19 -1.70 -0.71
C1P RCY I . 0.49 -3.12 -4.28
C1Q RCY I . 1.46 -1.22 -3.22
N1R RCY I . 0.58 -2.43 -2.93
C1S RCY I . 1.42 -1.01 -4.73
C1U RCY I . -0.06 -2.82 -1.59
C1V RCY I . -2.35 -2.37 -2.59
N1V RCY I . -1.95 -3.30 -0.29
C1W RCY I . -1.28 -2.06 0.30
C1X RCY I . -1.50 -3.33 -1.74
C1Y RCY I . -2.29 -0.92 0.43
C1Z RCY I . -0.69 -2.42 1.67
H1S RCY I . 0.79 -0.17 -4.50
H1U RCY I . 0.54 -3.59 -1.12
C1C RCY J . -7.10 -2.43 -2.55
O1G RCY J . -6.81 1.38 -3.83
O1H RCY J . -3.67 -2.14 -4.20
O1J RCY J . -4.71 -4.27 -2.49
C1L RCY J . -5.54 0.45 -5.71
C1M RCY J . -4.13 -0.71 -1.18
C1P RCY J . -5.97 0.58 -4.23
C1Q RCY J . -4.24 -1.06 -4.34
N1R RCY J . -5.22 -0.42 -3.35
C1S RCY J . -4.13 -0.13 -5.53
C1U RCY J . -5.39 -0.70 -1.85
C1V RCY J . -6.39 -2.24 -0.12
N1V RCY J . -4.74 -2.95 -1.86
C1W RCY J . -3.56 -2.13 -1.34
C1X RCY J . -5.96 -2.08 -1.58
C1Y RCY J . -3.09 -2.67 0.01
C1Z RCY J . -2.44 -2.17 -2.36
H1S RCY J . -3.17 0.12 -5.11
H1U RCY J . -6.03 0.05 -1.42
C1C RCY K . -1.54 -1.95 -3.78
O1G RCY K . 0.64 -4.04 -5.00
O1H RCY K . -1.00 -6.70 -1.46
O1J RCY K . -4.46 -1.55 -3.20
C1L RCY K . 1.66 -5.73 -3.55
C1M RCY K . -3.13 -5.12 -2.72
C1P RCY K . 0.53 -4.83 -4.05
C1Q RCY K . -0.29 -5.98 -2.15
N1R RCY K . -0.74 -5.01 -3.23
C1S RCY K . 1.23 -5.92 -2.10
C1U RCY K . -2.12 -4.39 -3.44
C1V RCY K . -1.70 -2.89 -1.44
N1V RCY K . -3.73 -2.77 -2.89
C1W RCY K . -4.31 -4.14 -2.53
C1X RCY K . -2.22 -2.98 -2.87
C1Y RCY K . -4.78 -4.15 -1.07
C1Z RCY K . -5.46 -4.46 -3.48
H1S RCY K . 1.06 -5.37 -1.19
H1U RCY K . -2.35 -4.37 -4.49
N MET A 1 28.81 1.07 0.22
CA MET A 1 28.34 -0.32 0.43
C MET A 1 26.82 -0.38 0.26
N ASN A 2 26.10 0.45 0.95
CA ASN A 2 24.61 0.44 0.82
C ASN A 2 24.04 1.71 1.46
N LEU A 3 22.76 1.93 1.30
CA LEU A 3 22.15 3.15 1.90
C LEU A 3 21.74 2.85 3.35
N GLU A 4 21.28 3.86 4.06
CA GLU A 4 20.86 3.65 5.48
C GLU A 4 19.46 4.23 5.68
N PRO A 5 18.60 3.53 6.38
CA PRO A 5 17.21 4.00 6.64
C PRO A 5 17.16 5.50 6.98
N PRO A 6 16.13 6.18 6.56
CA PRO A 6 15.96 7.64 6.82
C PRO A 6 15.55 7.91 8.27
N LYS A 7 15.93 9.05 8.80
CA LYS A 7 15.55 9.37 10.20
C LYS A 7 14.03 9.52 10.30
N ALA A 8 13.41 8.81 11.21
CA ALA A 8 11.93 8.91 11.34
C ALA A 8 11.53 8.72 12.81
N GLU A 9 11.76 7.55 13.34
CA GLU A 9 11.39 7.30 14.76
C GLU A 9 9.91 7.64 14.97
N CYS A 10 9.63 8.79 15.53
CA CYS A 10 8.22 9.19 15.75
C CYS A 10 7.86 10.37 14.83
N ARG A 11 7.10 10.11 13.81
CA ARG A 11 6.72 11.22 12.87
C ARG A 11 5.80 12.19 13.58
N SER A 12 4.82 12.72 12.89
CA SER A 12 3.88 13.68 13.54
C SER A 12 3.25 13.03 14.77
N ALA A 13 2.37 13.72 15.44
CA ALA A 13 1.72 13.15 16.65
C ALA A 13 0.27 13.61 16.70
N THR A 14 -0.56 13.12 15.83
CA THR A 14 -2.00 13.53 15.82
C THR A 14 -2.09 15.00 15.40
N ARG A 15 -1.61 15.32 14.23
CA ARG A 15 -1.66 16.73 13.75
C ARG A 15 -2.31 16.77 12.36
N VAL A 16 -2.78 15.65 11.89
CA VAL A 16 -3.42 15.62 10.55
C VAL A 16 -4.67 16.50 10.55
N MET A 17 -5.76 16.00 10.03
CA MET A 17 -7.01 16.82 10.01
C MET A 17 -8.21 15.89 9.79
N GLY A 18 -8.00 14.61 9.80
CA GLY A 18 -9.13 13.67 9.58
C GLY A 18 -9.92 13.51 10.88
N GLY A 19 -10.64 14.52 11.27
CA GLY A 19 -11.45 14.42 12.52
C GLY A 19 -12.42 13.24 12.42
N PRO A 20 -13.42 13.21 13.25
CA PRO A 20 -14.43 12.12 13.27
C PRO A 20 -14.92 11.78 11.85
N CYS A 21 -14.20 10.97 11.14
CA CYS A 21 -14.61 10.60 9.76
C CYS A 21 -15.82 9.67 9.82
N THR A 22 -16.50 9.50 8.72
CA THR A 22 -17.69 8.60 8.70
C THR A 22 -17.75 7.86 7.36
N PRO A 23 -18.15 6.62 7.35
CA PRO A 23 -18.24 5.81 6.10
C PRO A 23 -18.73 6.64 4.92
N ARG A 24 -18.19 6.42 3.75
CA ARG A 24 -18.63 7.20 2.56
C ARG A 24 -18.12 6.52 1.28
N LYS A 25 -18.72 5.43 0.89
CA LYS A 25 -18.27 4.73 -0.35
C LYS A 25 -18.97 5.36 -1.56
N GLY A 26 -19.41 6.58 -1.41
CA GLY A 26 -20.10 7.27 -2.54
C GLY A 26 -19.25 7.19 -3.80
N PRO A 27 -18.09 7.79 -3.79
CA PRO A 27 -17.16 7.79 -4.94
C PRO A 27 -17.07 6.41 -5.63
N PRO A 28 -17.11 6.37 -6.94
CA PRO A 28 -17.03 5.09 -7.70
C PRO A 28 -16.00 4.13 -7.11
N LYS A 29 -16.36 2.88 -6.95
CA LYS A 29 -15.40 1.90 -6.38
C LYS A 29 -14.41 1.50 -7.47
N CYS A 30 -14.11 2.39 -8.37
CA CYS A 30 -13.15 2.06 -9.46
C CYS A 30 -13.67 0.87 -10.26
N LYS A 31 -14.82 1.01 -10.87
CA LYS A 31 -15.38 -0.11 -11.68
C LYS A 31 -14.29 -0.65 -12.61
N GLN A 32 -14.03 -1.94 -12.56
CA GLN A 32 -12.98 -2.52 -13.43
C GLN A 32 -12.88 -4.02 -13.17
N ARG A 33 -13.22 -4.44 -11.98
CA ARG A 33 -13.16 -5.90 -11.65
C ARG A 33 -14.53 -6.36 -11.16
N GLN A 34 -14.99 -7.49 -11.61
CA GLN A 34 -16.32 -7.98 -11.17
C GLN A 34 -16.39 -7.93 -9.64
N THR A 35 -15.63 -8.76 -8.98
CA THR A 35 -15.63 -8.76 -7.49
C THR A 35 -14.19 -8.60 -6.98
N ARG A 36 -13.32 -9.49 -7.36
CA ARG A 36 -11.90 -9.38 -6.91
C ARG A 36 -11.08 -10.52 -7.52
N GLN A 37 -11.57 -11.12 -8.56
CA GLN A 37 -10.82 -12.24 -9.20
C GLN A 37 -9.42 -11.75 -9.59
N CYS A 38 -8.44 -12.62 -9.54
CA CYS A 38 -7.06 -12.20 -9.90
C CYS A 38 -6.14 -13.42 -9.90
N LYS A 39 -5.05 -13.35 -9.18
CA LYS A 39 -4.11 -14.51 -9.12
C LYS A 39 -3.63 -14.85 -10.53
N SER A 40 -2.35 -14.74 -10.78
CA SER A 40 -1.83 -15.06 -12.14
C SER A 40 -0.44 -15.70 -12.02
N LYS A 41 0.60 -14.93 -12.28
CA LYS A 41 1.98 -15.49 -12.19
C LYS A 41 2.40 -15.60 -10.71
N PRO A 42 3.40 -16.39 -10.42
CA PRO A 42 3.91 -16.57 -9.02
C PRO A 42 4.63 -15.32 -8.52
N PRO A 43 5.02 -15.32 -7.27
CA PRO A 43 5.74 -14.17 -6.64
C PRO A 43 7.23 -14.17 -6.96
N LYS A 44 7.78 -13.04 -7.27
CA LYS A 44 9.24 -12.97 -7.59
C LYS A 44 10.02 -12.57 -6.33
N LYS A 45 10.41 -11.33 -6.24
CA LYS A 45 11.16 -10.89 -5.03
C LYS A 45 11.29 -9.36 -5.01
N GLY A 46 10.32 -8.68 -4.46
CA GLY A 46 10.38 -7.20 -4.39
C GLY A 46 10.33 -6.59 -5.80
N VAL A 47 11.30 -6.89 -6.62
CA VAL A 47 11.32 -6.33 -8.00
C VAL A 47 9.90 -6.24 -8.57
N GLN A 48 9.49 -5.06 -8.98
CA GLN A 48 8.12 -4.91 -9.54
C GLN A 48 7.88 -5.96 -10.62
N GLY A 49 6.84 -6.73 -10.50
CA GLY A 49 6.55 -7.77 -11.53
C GLY A 49 5.63 -7.20 -12.60
N CYS A 50 4.78 -6.28 -12.25
CA CYS A 50 3.85 -5.68 -13.26
C CYS A 50 4.66 -4.82 -14.24
N GLY A 51 4.47 -3.53 -14.21
CA GLY A 51 5.21 -2.64 -15.13
C GLY A 51 5.39 -1.26 -14.49
N ASP A 52 5.32 -1.20 -13.19
CA ASP A 52 5.48 0.13 -12.50
C ASP A 52 6.97 0.43 -12.33
N ASP A 53 7.29 1.53 -11.71
CA ASP A 53 8.73 1.89 -11.51
C ASP A 53 8.82 3.12 -10.61
N ILE A 54 7.89 4.02 -10.70
CA ILE A 54 7.93 5.24 -9.86
C ILE A 54 6.60 5.40 -9.11
N PRO A 55 6.43 4.67 -8.04
CA PRO A 55 5.19 4.71 -7.22
C PRO A 55 5.21 5.85 -6.20
N GLY A 56 4.06 6.27 -5.74
CA GLY A 56 4.01 7.37 -4.74
C GLY A 56 4.25 8.72 -5.44
N MET A 57 3.94 8.79 -6.71
CA MET A 57 4.14 10.07 -7.46
C MET A 57 2.82 10.84 -7.52
N GLU A 58 1.72 10.16 -7.34
CA GLU A 58 0.41 10.86 -7.39
C GLU A 58 -0.71 9.91 -6.95
N GLY A 59 -0.56 9.27 -5.83
CA GLY A 59 -1.62 8.33 -5.36
C GLY A 59 -2.70 9.13 -4.62
N CYS A 60 -2.41 9.57 -3.43
CA CYS A 60 -3.40 10.37 -2.66
C CYS A 60 -2.66 11.36 -1.76
N GLY A 61 -1.41 11.60 -2.03
CA GLY A 61 -0.62 12.56 -1.21
C GLY A 61 0.84 12.49 -1.64
N THR A 62 1.21 11.48 -2.36
CA THR A 62 2.62 11.34 -2.83
C THR A 62 3.51 10.99 -1.64
N ASP A 63 3.38 11.69 -0.55
CA ASP A 63 4.22 11.39 0.64
C ASP A 63 3.84 10.01 1.18
N ILE A 64 4.51 8.97 0.73
CA ILE A 64 4.17 7.62 1.22
C ILE A 64 2.69 7.34 0.94
N THR A 65 2.03 8.26 0.30
CA THR A 65 0.59 8.08 0.02
C THR A 65 -0.09 7.49 1.26
N VAL A 66 0.14 8.09 2.38
CA VAL A 66 -0.47 7.60 3.66
C VAL A 66 0.18 6.27 4.06
N ILE A 67 0.03 5.24 3.28
CA ILE A 67 0.63 3.93 3.65
C ILE A 67 1.29 3.27 2.43
N CYS A 68 2.59 3.36 2.32
CA CYS A 68 3.30 2.72 1.17
C CYS A 68 4.18 1.59 1.72
N PRO A 69 4.45 0.57 0.94
CA PRO A 69 5.29 -0.57 1.38
C PRO A 69 6.61 -0.10 2.02
N TRP A 70 6.88 1.17 1.95
CA TRP A 70 8.13 1.70 2.55
C TRP A 70 7.93 1.85 4.07
N GLU A 71 6.72 2.10 4.49
CA GLU A 71 6.45 2.25 5.95
C GLU A 71 5.97 0.91 6.51
N ALA A 72 5.05 0.28 5.84
CA ALA A 72 4.54 -1.03 6.32
C ALA A 72 5.56 -2.12 6.01
N CYS A 73 5.11 -3.33 5.81
CA CYS A 73 6.06 -4.44 5.51
C CYS A 73 6.41 -4.41 4.02
N ASN A 74 7.57 -3.90 3.68
CA ASN A 74 7.97 -3.86 2.24
C ASN A 74 7.74 -5.23 1.62
N HIS A 75 8.20 -6.27 2.28
CA HIS A 75 7.99 -7.64 1.74
C HIS A 75 6.53 -7.81 1.34
N CYS A 76 6.25 -8.69 0.42
CA CYS A 76 4.84 -8.89 0.00
C CYS A 76 4.68 -10.22 -0.73
N GLU A 77 4.93 -11.32 -0.05
CA GLU A 77 4.78 -12.64 -0.70
C GLU A 77 3.30 -12.88 -1.03
N LEU A 78 3.01 -13.31 -2.22
CA LEU A 78 1.59 -13.54 -2.60
C LEU A 78 1.06 -14.80 -1.90
N HIS A 79 1.36 -14.95 -0.63
CA HIS A 79 0.87 -16.15 0.11
C HIS A 79 1.58 -16.22 1.47
N GLU A 80 1.25 -15.33 2.38
CA GLU A 80 1.90 -15.35 3.71
C GLU A 80 1.26 -14.31 4.62
N LEU A 81 1.22 -13.08 4.19
CA LEU A 81 0.62 -12.00 5.04
C LEU A 81 -0.90 -11.99 4.85
N ALA A 82 -1.36 -12.18 3.65
CA ALA A 82 -2.83 -12.16 3.40
C ALA A 82 -3.48 -13.36 4.11
N GLN A 83 -4.74 -13.60 3.84
CA GLN A 83 -5.44 -14.74 4.48
C GLN A 83 -5.78 -14.42 5.93
N TYR A 84 -6.38 -13.29 6.19
CA TYR A 84 -6.73 -12.94 7.60
C TYR A 84 -7.61 -11.68 7.62
N GLY A 85 -7.24 -10.66 6.90
CA GLY A 85 -8.07 -9.42 6.91
C GLY A 85 -7.72 -8.55 5.71
N ILE A 86 -6.61 -8.79 5.07
CA ILE A 86 -6.23 -7.96 3.90
C ILE A 86 -6.13 -6.50 4.34
N CYS A 87 -5.00 -5.88 4.13
CA CYS A 87 -4.84 -4.46 4.53
C CYS A 87 -5.96 -3.62 3.92
C1C RCY B . 1.28 8.79 17.79
O1G RCY B . 2.75 8.15 18.99
O1H RCY B . 6.22 9.21 15.96
O1J RCY B . 1.74 11.72 18.25
C1L RCY B . 5.19 8.10 19.15
C1M RCY B . 3.43 10.23 15.15
C1P RCY B . 3.85 8.30 18.45
C1Q RCY B . 5.55 8.66 16.83
N1R RCY B . 4.04 8.73 16.99
C1S RCY B . 6.07 7.77 17.94
C1U RCY B . 2.99 9.12 15.95
C1V RCY B . 0.56 9.73 15.56
N1V RCY B . 2.13 11.01 17.04
C1W RCY B . 3.06 11.50 15.94
C1X RCY B . 1.69 9.63 16.59
C1Y RCY B . 2.35 12.50 15.03
C1Z RCY B . 4.30 12.13 16.57
H1S RCY B . 6.21 7.04 17.16
H1U RCY B . 2.77 8.28 15.32
C1C RCY C . -9.70 7.46 5.09
O1G RCY C . -9.92 12.88 4.86
O1H RCY C . -10.19 9.04 7.60
O1J RCY C . -7.16 6.82 3.60
C1L RCY C . -10.98 12.44 7.03
C1M RCY C . -7.68 10.51 4.52
C1P RCY C . -10.19 12.09 5.75
C1Q RCY C . -10.48 10.08 7.00
N1R RCY C . -9.79 10.61 5.74
C1S RCY C . -11.56 11.07 7.37
C1U RCY C . -8.93 9.85 4.73
C1V RCY C . -7.96 8.49 6.63
N1V RCY C . -7.45 8.12 4.21
C1W RCY C . -6.72 9.45 3.96
C1X RCY C . -8.54 8.46 5.21
C1Y RCY C . -5.39 9.47 4.73
C1Z RCY C . -6.49 9.62 2.47
H1S RCY C . -12.24 10.31 6.98
H1U RCY C . -9.47 9.77 3.79
C1C RCY D . -5.25 -1.56 -8.04
O1G RCY D . -7.15 -1.94 -9.03
O1H RCY D . -7.63 2.59 -10.24
O1J RCY D . -4.79 -2.78 -10.75
C1L RCY D . -9.08 -0.56 -9.63
C1M RCY D . -4.67 1.05 -10.59
C1P RCY D . -7.60 -0.84 -9.34
C1Q RCY D . -7.82 1.49 -9.74
N1R RCY D . -6.76 0.42 -9.47
C1S RCY D . -9.14 0.93 -9.28
C1U RCY D . -5.23 0.59 -9.36
C1V RCY D . -3.05 -0.49 -8.68
N1V RCY D . -4.59 -1.37 -10.45
C1W RCY D . -4.42 -0.21 -11.43
C1X RCY D . -4.51 -0.72 -9.08
C1Y RCY D . -3.01 -0.21 -12.01
C1Z RCY D . -5.46 -0.35 -12.55
H1S RCY D . -9.03 1.61 -8.44
H1U RCY D . -5.01 1.31 -8.58
C1C RCY E . -2.98 -5.79 -4.51
O1G RCY E . -2.23 -7.24 -6.63
O1H RCY E . -6.65 -8.44 -7.73
O1J RCY E . -4.81 -4.92 -2.28
C1L RCY E . -3.18 -8.74 -8.32
C1M RCY E . -6.44 -6.98 -5.07
C1P RCY E . -3.22 -7.77 -7.13
C1Q RCY E . -5.45 -8.49 -7.51
N1R RCY E . -4.64 -7.53 -6.64
C1S RCY E . -4.47 -9.52 -8.05
C1U RCY E . -5.15 -6.58 -5.55
C1V RCY E . -3.99 -8.01 -3.82
N1V RCY E . -5.18 -5.86 -3.32
C1W RCY E . -6.59 -6.35 -3.68
C1X RCY E . -4.27 -6.59 -4.30
C1Y RCY E . -7.07 -7.39 -2.66
C1Z RCY E . -7.54 -5.15 -3.71
H1S RCY E . -4.93 -10.18 -7.33
H1U RCY E . -5.21 -5.58 -5.94
C1C RCY F . -3.24 -6.84 -10.21
O1G RCY F . -1.68 -8.15 -13.78
O1H RCY F . 1.20 -5.53 -11.11
O1J RCY F . -2.88 -8.18 -7.53
C1L RCY F . -0.10 -6.35 -14.29
C1M RCY F . 0.14 -8.31 -9.89
C1P RCY F . -0.88 -7.31 -13.38
C1Q RCY F . 0.40 -5.89 -11.97
N1R RCY F . -0.53 -7.10 -11.90
C1S RCY F . 0.15 -5.21 -13.30
C1U RCY F . -0.98 -7.89 -10.68
C1V RCY F . -1.13 -5.72 -9.39
N1V RCY F . -1.81 -7.95 -8.49
C1W RCY F . -0.41 -8.58 -8.48
C1X RCY F . -1.81 -7.04 -9.71
C1Y RCY F . 0.48 -7.89 -7.43
C1Z RCY F . -0.53 -10.07 -8.19
H1S RCY F . -0.36 -4.46 -12.71
H1U RCY F . -1.56 -8.74 -10.99
C1C RCY G . -3.23 3.08 -4.31
O1G RCY G . -3.87 4.86 -5.19
O1H RCY G . -3.84 7.25 -1.10
O1J RCY G . -0.73 4.37 -5.39
C1L RCY G . -4.88 6.98 -4.47
C1M RCY G . -1.48 5.02 -1.69
C1P RCY G . -4.08 5.69 -4.29
C1Q RCY G . -4.20 6.74 -2.17
N1R RCY G . -3.57 5.53 -2.86
C1S RCY G . -5.36 7.19 -3.04
C1U RCY G . -2.67 4.46 -2.26
C1V RCY G . -1.49 2.25 -2.65
N1V RCY G . -1.09 4.34 -3.97
C1W RCY G . -0.48 5.16 -2.83
C1X RCY G . -2.14 3.47 -3.30
C1Y RCY G . 0.88 4.59 -2.43
C1Z RCY G . -0.35 6.61 -3.29
H1S RCY G . -5.98 6.74 -2.27
H1U RCY G . -3.21 3.92 -1.49
C1C RCY H . -1.78 1.45 -3.18
O1G RCY H . 2.26 0.44 -3.03
O1H RCY H . 0.66 3.39 0.30
O1J RCY H . -3.96 0.05 -1.63
C1L RCY H . 3.16 2.48 -2.02
C1M RCY H . -0.58 0.38 0.15
C1P RCY H . 2.12 1.38 -2.25
C1Q RCY H . 1.18 2.94 -0.72
N1R RCY H . 0.87 1.60 -1.39
C1S RCY H . 2.25 3.62 -1.56
C1U RCY H . -0.35 0.72 -1.22
C1V RCY H . -1.79 2.79 -1.02
N1V RCY H . -2.67 0.45 -1.06
C1W RCY H . -2.06 0.00 0.27
C1X RCY H . -1.65 1.41 -1.65
C1Y RCY H . -2.72 0.74 1.44
C1Z RCY H . -2.24 -1.51 0.41
H1S RCY H . 1.44 4.25 -1.89
H1U RCY H . -0.22 -0.20 -1.79
C1C RCY I . 2.37 -1.04 1.33
O1G RCY I . 4.76 -0.90 4.23
O1H RCY I . 1.34 -4.11 4.82
O1J RCY I . 0.69 1.46 1.21
C1L RCY I . 4.74 -3.17 5.13
C1M RCY I . 1.15 -0.10 4.69
C1P RCY I . 4.11 -1.91 4.54
C1Q RCY I . 2.33 -3.40 5.00
N1R RCY I . 2.60 -2.05 4.37
C1S RCY I . 3.52 -3.73 5.88
C1U RCY I . 1.60 -1.07 3.73
C1V RCY I . 3.54 0.41 3.05
N1V RCY I . 1.15 0.83 2.45
C1W RCY I . 0.64 1.09 3.87
C1X RCY I . 2.22 -0.24 2.62
C1Y RCY I . 1.22 2.41 4.40
C1Z RCY I . -0.89 1.14 3.86
H1S RCY I . 2.85 -3.50 6.69
H1U RCY I . 0.76 -1.62 3.35
C1C RCY J . 6.73 -1.70 -1.59
O1G RCY J . 3.76 -3.46 -4.58
O1H RCY J . 5.12 -5.53 -0.56
O1J RCY J . 5.70 0.16 0.53
C1L RCY J . 4.36 -5.75 -4.00
C1M RCY J . 3.27 -2.57 -0.62
C1P RCY J . 4.15 -4.26 -3.73
C1Q RCY J . 5.02 -5.21 -1.74
N1R RCY J . 4.49 -3.90 -2.29
C1S RCY J . 5.41 -6.06 -2.94
C1U RCY J . 4.36 -2.55 -1.57
C1V RCY J . 6.00 -3.35 0.18
N1V RCY J . 5.01 -1.05 0.10
C1W RCY J . 3.57 -1.46 0.39
C1X RCY J . 5.58 -2.19 -0.73
C1Y RCY J . 3.42 -1.98 1.81
C1Z RCY J . 2.65 -0.26 0.16
H1S RCY J . 6.43 -5.83 -2.65
H1U RCY J . 4.17 -1.77 -2.29
C1C RCY K . -1.67 -6.02 1.06
O1G RCY K . 0.34 -1.26 0.58
O1H RCY K . -2.84 -4.45 2.02
O1J RCY K . -4.03 -5.47 -0.73
C1L RCY K . -1.34 -1.27 2.37
C1M RCY K . -0.79 -3.63 -1.63
C1P RCY K . -0.57 -1.83 1.16
C1Q RCY K . -2.30 -3.38 1.71
N1R RCY K . -1.11 -3.21 0.76
C1S RCY K . -2.67 -2.00 2.22
C1U RCY K . -0.60 -4.17 -0.31
C1V RCY K . -0.68 -6.54 -1.21
N1V RCY K . -2.67 -5.03 -1.02
C1W RCY K . -2.22 -3.99 -2.05
C1X RCY K . -1.37 -5.49 -0.35
C1Y RCY K . -2.23 -4.60 -3.46
C1Z RCY K . -3.14 -2.78 -1.98
H1S RCY K . -3.51 -2.10 1.55
H1U RCY K . 0.44 -4.38 -0.16
#